data_8BFP
#
_entry.id   8BFP
#
_cell.length_a   1.00
_cell.length_b   1.00
_cell.length_c   1.00
_cell.angle_alpha   90.00
_cell.angle_beta   90.00
_cell.angle_gamma   90.00
#
_symmetry.space_group_name_H-M   'P 1'
#
_entity_poly.entity_id   1
_entity_poly.type   'polypeptide(L)'
_entity_poly.pdbx_seq_one_letter_code
;HEFAELFYRTYIVTPDQAGFQLSIRRNLVWEGWTGEGLSGEKQEISKRNILQGLLDYTTLETNSTELIPVIQSGENDEQF
IDPSVLPAQTVKQGKDTFDTNFLKFSENGEGFNLLMLAQTPSRLKKGSMTFTDSLDSRIALKQLLISVTKGGTTELFALD
VNRDQYAAYTATREYNFRLMQLKFHTSLGLGEESTTVAGAESALLKDLFDLGYRIELDVKVDGEMNVENGNGDTSLRALR
LARVFDKEGKEIALTDSRVSAALSGLTVTGVGYSLEARLTNINQLEMGLLIDSDVQKQGFMIPTLPPLVIVKPAMVEDDK
TYPRLEALTTAYRIQQMRNNAVTTLLNRADTLKSYLGVGVPHPIESNLGLEGVGQYYVRPYYNEATIDVLNDLNNLTSAA
KQTDIQGLIVSKINEMVYTADQLTGYTAALEAAFSGRSPKPHVAIGTDMRLPQYIQINGDDRTVGIGYDYTIARISDLRM
KDKIVMTFILPNESEPHPLQHGVLGFIPEYLVDFNMIRNQRIGREIRLTPRYRYFNFLPIMLVINVINLEEAIAQRTALD
VNETQVTPAS
;
_entity_poly.pdbx_strand_id   A,B,C,D,E,G,H,I,J,K,L,M,N,O,P,Q,R,S,T,U,V,W,X,Y,Z,a,b,c,d,e,f,g,h,i,j
#
# COMPACT_ATOMS: atom_id res chain seq x y z
N HIS A 1 -33.76 24.39 19.29
CA HIS A 1 -34.19 25.38 18.31
C HIS A 1 -33.15 26.46 18.12
N GLU A 2 -32.79 26.73 16.87
CA GLU A 2 -31.58 27.51 16.56
C GLU A 2 -31.54 28.83 17.33
N PHE A 3 -32.67 29.54 17.37
CA PHE A 3 -32.68 30.85 18.01
C PHE A 3 -32.36 30.73 19.50
N ALA A 4 -32.63 29.56 20.09
CA ALA A 4 -32.35 29.37 21.51
C ALA A 4 -30.87 29.22 21.78
N GLU A 5 -30.25 28.15 21.26
CA GLU A 5 -28.86 27.90 21.59
C GLU A 5 -27.91 28.86 20.90
N LEU A 6 -28.36 29.57 19.86
CA LEU A 6 -27.50 30.57 19.25
C LEU A 6 -27.25 31.72 20.21
N PHE A 7 -28.12 31.89 21.20
CA PHE A 7 -27.95 32.92 22.21
C PHE A 7 -27.46 32.37 23.54
N TYR A 8 -27.94 31.21 23.96
CA TYR A 8 -27.56 30.61 25.25
C TYR A 8 -27.01 29.22 25.00
N ARG A 9 -25.77 28.99 25.41
CA ARG A 9 -25.19 27.65 25.30
C ARG A 9 -25.78 26.73 26.37
N THR A 10 -26.24 25.57 25.94
CA THR A 10 -26.83 24.61 26.86
C THR A 10 -25.73 23.94 27.67
N TYR A 11 -25.43 24.50 28.84
CA TYR A 11 -24.42 23.95 29.74
C TYR A 11 -25.09 22.91 30.62
N ILE A 12 -24.67 21.66 30.50
CA ILE A 12 -25.20 20.56 31.31
C ILE A 12 -24.83 20.82 32.77
N VAL A 13 -25.70 20.43 33.69
CA VAL A 13 -25.46 20.53 35.12
C VAL A 13 -25.85 19.21 35.75
N THR A 14 -25.03 18.71 36.66
CA THR A 14 -25.31 17.46 37.33
C THR A 14 -26.58 17.59 38.18
N PRO A 15 -27.36 16.51 38.28
CA PRO A 15 -28.59 16.55 39.10
C PRO A 15 -28.34 16.62 40.60
N ASP A 16 -27.13 16.30 41.06
CA ASP A 16 -26.83 16.36 42.48
C ASP A 16 -26.68 17.80 42.99
N GLN A 17 -25.97 18.64 42.24
CA GLN A 17 -25.86 20.03 42.63
C GLN A 17 -27.20 20.75 42.45
N ALA A 18 -27.40 21.79 43.25
CA ALA A 18 -28.53 22.69 43.06
C ALA A 18 -28.22 23.83 42.10
N GLY A 19 -26.99 23.90 41.61
CA GLY A 19 -26.64 24.95 40.68
C GLY A 19 -25.14 25.02 40.49
N PHE A 20 -24.71 26.03 39.74
CA PHE A 20 -23.30 26.24 39.41
C PHE A 20 -22.90 27.63 39.85
N GLN A 21 -21.64 27.76 40.26
CA GLN A 21 -21.08 29.03 40.69
C GLN A 21 -19.79 29.31 39.94
N LEU A 22 -19.51 30.59 39.72
CA LEU A 22 -18.31 31.02 39.01
C LEU A 22 -17.45 31.86 39.94
N SER A 23 -16.14 31.66 39.87
CA SER A 23 -15.16 32.48 40.57
C SER A 23 -14.36 33.25 39.53
N ILE A 24 -14.38 34.57 39.63
CA ILE A 24 -13.70 35.44 38.67
C ILE A 24 -12.49 36.05 39.36
N ARG A 25 -11.30 35.53 39.02
CA ARG A 25 -10.07 36.04 39.58
C ARG A 25 -9.71 37.35 38.88
N ARG A 26 -9.65 38.43 39.65
CA ARG A 26 -9.55 39.77 39.11
C ARG A 26 -8.15 40.33 39.37
N ASN A 27 -7.59 40.99 38.37
CA ASN A 27 -6.32 41.68 38.49
C ASN A 27 -6.59 43.15 38.81
N LEU A 28 -5.99 43.65 39.89
CA LEU A 28 -6.14 45.04 40.26
C LEU A 28 -4.78 45.66 40.53
N VAL A 29 -4.60 46.88 40.02
CA VAL A 29 -3.37 47.65 40.22
C VAL A 29 -3.58 48.61 41.38
N TRP A 30 -2.71 48.51 42.38
CA TRP A 30 -2.78 49.36 43.56
C TRP A 30 -2.28 50.76 43.24
N GLU A 31 -2.97 51.77 43.77
CA GLU A 31 -2.54 53.15 43.62
C GLU A 31 -2.26 53.84 44.94
N GLY A 32 -3.17 53.75 45.91
CA GLY A 32 -3.01 54.43 47.18
C GLY A 32 -4.23 54.32 48.07
N TRP A 33 -4.01 54.24 49.38
CA TRP A 33 -5.09 54.20 50.35
C TRP A 33 -5.08 55.50 51.15
N THR A 34 -6.27 56.05 51.39
CA THR A 34 -6.41 57.31 52.10
C THR A 34 -7.00 57.06 53.47
N GLY A 35 -6.40 57.65 54.50
CA GLY A 35 -6.94 57.54 55.84
C GLY A 35 -5.99 57.00 56.88
N GLU A 36 -4.68 57.14 56.66
CA GLU A 36 -3.71 56.80 57.69
C GLU A 36 -3.73 57.80 58.83
N GLY A 37 -4.42 58.92 58.65
CA GLY A 37 -4.76 59.76 59.78
C GLY A 37 -5.74 59.07 60.69
N LEU A 38 -5.73 59.49 61.95
CA LEU A 38 -6.49 58.84 63.01
C LEU A 38 -7.90 59.41 63.08
N SER A 39 -8.86 58.72 62.44
CA SER A 39 -10.23 59.22 62.40
C SER A 39 -11.26 58.13 62.68
N GLY A 40 -10.92 56.87 62.42
CA GLY A 40 -11.84 55.79 62.71
C GLY A 40 -13.01 55.63 61.75
N GLU A 41 -12.83 55.98 60.49
CA GLU A 41 -13.86 55.84 59.47
C GLU A 41 -13.41 54.86 58.40
N LYS A 42 -14.36 54.42 57.56
CA LYS A 42 -14.06 53.51 56.46
C LYS A 42 -12.89 54.01 55.64
N GLN A 43 -11.86 53.18 55.53
CA GLN A 43 -10.81 53.44 54.58
C GLN A 43 -11.26 52.99 53.19
N GLU A 44 -11.09 53.85 52.20
CA GLU A 44 -11.44 53.51 50.82
C GLU A 44 -10.15 53.28 50.05
N ILE A 45 -10.03 52.09 49.48
CA ILE A 45 -8.82 51.67 48.77
C ILE A 45 -9.07 51.89 47.28
N SER A 46 -8.24 52.74 46.68
CA SER A 46 -8.38 53.07 45.26
C SER A 46 -7.82 51.93 44.43
N LYS A 47 -8.71 51.04 43.98
CA LYS A 47 -8.35 49.94 43.11
C LYS A 47 -9.01 50.16 41.76
N ARG A 48 -8.24 49.99 40.69
CA ARG A 48 -8.70 50.22 39.34
C ARG A 48 -8.21 49.10 38.42
N ASN A 49 -9.10 48.66 37.54
CA ASN A 49 -8.85 47.45 36.77
C ASN A 49 -7.80 47.68 35.70
N ILE A 50 -6.85 46.74 35.58
CA ILE A 50 -5.86 46.82 34.53
C ILE A 50 -6.50 46.69 33.17
N LEU A 51 -7.56 45.87 33.07
CA LEU A 51 -8.26 45.70 31.80
C LEU A 51 -8.77 47.02 31.25
N GLN A 52 -8.98 48.02 32.11
CA GLN A 52 -9.25 49.37 31.62
C GLN A 52 -8.03 49.94 30.89
N GLY A 53 -6.86 49.34 31.07
CA GLY A 53 -5.68 49.76 30.33
C GLY A 53 -5.73 49.46 28.85
N LEU A 54 -6.68 48.62 28.42
CA LEU A 54 -6.86 48.39 27.00
C LEU A 54 -7.21 49.67 26.27
N LEU A 55 -7.94 50.57 26.92
CA LEU A 55 -8.33 51.82 26.31
C LEU A 55 -7.26 52.88 26.52
N ASP A 56 -6.90 53.13 27.78
CA ASP A 56 -6.02 54.25 28.10
C ASP A 56 -4.60 53.74 28.36
N TYR A 57 -3.62 54.62 28.09
CA TYR A 57 -2.22 54.31 28.31
C TYR A 57 -1.70 54.85 29.64
N THR A 58 -2.40 55.81 30.24
CA THR A 58 -1.98 56.38 31.52
C THR A 58 -2.33 55.46 32.68
N THR A 59 -2.65 54.19 32.39
CA THR A 59 -3.05 53.28 33.44
C THR A 59 -1.84 52.67 34.13
N LEU A 60 -0.87 52.19 33.36
CA LEU A 60 0.33 51.59 33.91
C LEU A 60 1.54 52.19 33.20
N GLU A 61 2.22 53.11 33.88
CA GLU A 61 3.46 53.68 33.37
C GLU A 61 4.24 54.31 34.52
N THR A 62 5.57 54.21 34.48
CA THR A 62 6.40 54.83 35.49
C THR A 62 7.73 55.24 34.88
N ASN A 63 8.33 56.25 35.49
CA ASN A 63 9.68 56.67 35.14
C ASN A 63 10.50 56.96 36.38
N SER A 64 10.17 56.31 37.51
CA SER A 64 10.81 56.63 38.78
C SER A 64 12.29 56.27 38.78
N THR A 65 12.64 55.07 38.34
CA THR A 65 14.02 54.64 38.44
C THR A 65 14.93 55.42 37.50
N GLU A 66 14.40 55.97 36.42
CA GLU A 66 15.23 56.72 35.49
C GLU A 66 15.61 58.06 36.10
N LEU A 67 16.90 58.37 36.04
CA LEU A 67 17.46 59.53 36.73
C LEU A 67 17.15 60.79 35.96
N ILE A 68 16.78 61.85 36.68
CA ILE A 68 16.45 63.14 36.09
C ILE A 68 17.19 64.23 36.85
N PRO A 69 17.96 65.07 36.18
CA PRO A 69 18.62 66.18 36.88
C PRO A 69 17.63 67.09 37.61
N VAL A 70 17.82 67.25 38.91
CA VAL A 70 16.91 68.04 39.74
C VAL A 70 17.63 69.32 40.13
N ILE A 71 16.92 70.44 40.07
CA ILE A 71 17.47 71.72 40.48
C ILE A 71 17.40 71.82 42.00
N GLN A 72 18.52 72.18 42.63
CA GLN A 72 18.56 72.46 44.05
C GLN A 72 19.13 73.85 44.21
N SER A 73 18.24 74.84 44.35
CA SER A 73 18.63 76.24 44.26
C SER A 73 19.69 76.59 45.29
N GLY A 74 20.71 77.31 44.85
CA GLY A 74 21.74 77.80 45.75
C GLY A 74 22.84 76.83 46.10
N GLU A 75 22.81 75.61 45.55
CA GLU A 75 23.84 74.65 45.88
C GLU A 75 24.52 74.08 44.65
N ASN A 76 23.76 73.84 43.57
CA ASN A 76 24.30 73.21 42.38
C ASN A 76 23.89 73.93 41.11
N ASP A 77 23.39 75.17 41.21
CA ASP A 77 22.99 75.89 40.02
C ASP A 77 24.16 76.16 39.09
N GLU A 78 25.39 76.12 39.63
CA GLU A 78 26.58 76.31 38.81
C GLU A 78 26.65 75.30 37.67
N GLN A 79 26.17 74.07 37.88
CA GLN A 79 26.18 73.06 36.83
C GLN A 79 25.03 73.22 35.85
N PHE A 80 24.11 74.13 36.09
CA PHE A 80 22.96 74.32 35.21
C PHE A 80 23.10 75.61 34.41
N ILE A 81 22.42 75.63 33.27
CA ILE A 81 22.34 76.83 32.44
C ILE A 81 21.62 77.91 33.23
N ASP A 82 22.01 79.15 33.04
CA ASP A 82 21.36 80.27 33.70
C ASP A 82 19.90 80.34 33.26
N PRO A 83 18.96 80.30 34.20
CA PRO A 83 17.54 80.32 33.82
C PRO A 83 17.09 81.66 33.26
N SER A 84 18.01 82.61 33.13
CA SER A 84 17.73 83.84 32.39
C SER A 84 17.66 83.60 30.88
N VAL A 85 18.17 82.46 30.42
CA VAL A 85 18.09 82.10 29.00
C VAL A 85 16.82 81.31 28.76
N LEU A 86 16.47 80.43 29.69
CA LEU A 86 15.25 79.64 29.60
C LEU A 86 14.69 79.38 31.00
N PRO A 87 13.45 79.79 31.28
CA PRO A 87 12.89 79.58 32.62
C PRO A 87 12.80 78.10 33.01
N ALA A 88 12.89 77.84 34.31
CA ALA A 88 12.85 76.46 34.80
C ALA A 88 11.51 75.81 34.47
N GLN A 89 11.56 74.52 34.17
CA GLN A 89 10.39 73.74 33.82
C GLN A 89 10.16 72.66 34.87
N THR A 90 8.89 72.35 35.13
CA THR A 90 8.55 71.34 36.11
C THR A 90 8.13 70.05 35.43
N VAL A 91 8.49 68.92 36.03
CA VAL A 91 8.10 67.60 35.56
C VAL A 91 7.57 66.81 36.74
N LYS A 92 6.82 65.75 36.45
CA LYS A 92 6.21 64.90 37.46
C LYS A 92 6.72 63.48 37.30
N GLN A 93 7.30 62.94 38.36
CA GLN A 93 7.67 61.53 38.43
C GLN A 93 7.19 61.01 39.78
N GLY A 94 6.55 59.84 39.76
CA GLY A 94 6.00 59.29 40.99
C GLY A 94 5.05 60.28 41.63
N LYS A 95 5.20 60.47 42.94
CA LYS A 95 4.45 61.48 43.66
C LYS A 95 5.27 62.74 43.92
N ASP A 96 6.47 62.83 43.36
CA ASP A 96 7.34 63.98 43.60
C ASP A 96 7.27 64.95 42.42
N THR A 97 7.39 66.24 42.73
CA THR A 97 7.45 67.29 41.72
C THR A 97 8.72 68.11 41.95
N PHE A 98 9.39 68.47 40.87
CA PHE A 98 10.62 69.24 40.95
C PHE A 98 10.86 69.92 39.62
N ASP A 99 11.75 70.91 39.62
CA ASP A 99 12.06 71.68 38.43
C ASP A 99 13.35 71.19 37.78
N THR A 100 13.38 71.24 36.46
CA THR A 100 14.50 70.70 35.69
C THR A 100 14.93 71.72 34.65
N ASN A 101 16.16 71.57 34.17
CA ASN A 101 16.68 72.46 33.15
C ASN A 101 17.90 71.79 32.51
N PHE A 102 18.34 72.36 31.40
CA PHE A 102 19.42 71.75 30.63
C PHE A 102 20.76 71.95 31.32
N LEU A 103 21.61 70.93 31.27
CA LEU A 103 22.96 71.06 31.79
C LEU A 103 23.83 71.86 30.83
N LYS A 104 24.74 72.64 31.40
CA LYS A 104 25.56 73.55 30.60
C LYS A 104 26.73 72.80 29.97
N PHE A 105 27.08 73.20 28.75
CA PHE A 105 28.26 72.69 28.08
C PHE A 105 29.52 73.18 28.79
N SER A 106 30.14 72.30 29.57
CA SER A 106 31.31 72.68 30.35
C SER A 106 32.56 72.53 29.49
N GLU A 107 33.15 73.67 29.12
CA GLU A 107 34.41 73.71 28.39
C GLU A 107 35.57 73.98 29.35
N ASN A 108 35.23 74.23 30.61
CA ASN A 108 36.25 74.54 31.60
C ASN A 108 36.79 73.28 32.26
N GLY A 109 36.36 72.11 31.80
CA GLY A 109 36.96 70.84 32.17
C GLY A 109 36.46 70.21 33.45
N GLU A 110 35.72 70.94 34.27
CA GLU A 110 35.17 70.35 35.47
C GLU A 110 33.77 69.83 35.17
N GLY A 111 33.49 68.61 35.62
CA GLY A 111 32.33 67.90 35.15
C GLY A 111 31.17 67.93 36.12
N PHE A 112 30.42 66.83 36.10
CA PHE A 112 29.24 66.66 36.94
C PHE A 112 29.08 65.19 37.29
N ASN A 113 28.59 64.94 38.50
CA ASN A 113 28.21 63.60 38.92
C ASN A 113 26.71 63.45 38.75
N LEU A 114 26.32 62.70 37.71
CA LEU A 114 24.91 62.59 37.37
C LEU A 114 24.09 61.99 38.52
N LEU A 115 24.68 61.04 39.25
CA LEU A 115 24.00 60.49 40.41
C LEU A 115 23.65 61.57 41.42
N MET A 116 24.63 62.41 41.76
CA MET A 116 24.42 63.40 42.81
C MET A 116 23.84 64.68 42.24
N LEU A 117 23.86 64.86 40.93
CA LEU A 117 23.01 65.86 40.27
C LEU A 117 21.61 65.33 40.05
N ALA A 118 21.24 64.27 40.75
CA ALA A 118 19.87 63.76 40.77
C ALA A 118 19.56 63.49 42.24
N GLN A 119 18.45 62.79 42.47
CA GLN A 119 17.79 62.37 43.71
C GLN A 119 16.52 63.21 43.91
N THR A 120 15.40 62.52 44.03
CA THR A 120 14.13 63.14 44.33
C THR A 120 13.92 63.18 45.83
N PRO A 121 12.91 63.90 46.32
CA PRO A 121 12.61 63.85 47.76
C PRO A 121 12.37 62.45 48.27
N SER A 122 11.72 61.59 47.48
CA SER A 122 11.51 60.21 47.92
C SER A 122 12.83 59.47 48.09
N ARG A 123 13.76 59.64 47.16
CA ARG A 123 15.05 58.98 47.28
C ARG A 123 15.82 59.48 48.49
N LEU A 124 15.76 60.78 48.75
CA LEU A 124 16.39 61.31 49.96
C LEU A 124 15.76 60.74 51.22
N LYS A 125 14.43 60.65 51.27
CA LYS A 125 13.77 60.09 52.44
C LYS A 125 14.17 58.64 52.64
N LYS A 126 14.27 57.87 51.56
CA LYS A 126 14.73 56.50 51.67
C LYS A 126 16.21 56.41 52.01
N GLY A 127 16.97 57.49 51.80
CA GLY A 127 18.38 57.48 52.13
C GLY A 127 19.26 57.91 50.98
N SER A 128 20.18 58.85 51.23
CA SER A 128 21.06 59.35 50.19
C SER A 128 21.96 58.24 49.66
N MET A 129 22.06 58.15 48.34
CA MET A 129 22.75 57.04 47.69
C MET A 129 24.24 57.04 47.98
N THR A 130 24.83 55.84 48.06
CA THR A 130 26.22 55.69 48.44
C THR A 130 26.94 54.69 47.54
N PHE A 131 26.84 54.88 46.23
CA PHE A 131 27.41 53.94 45.25
C PHE A 131 26.94 52.53 45.54
N THR A 132 25.68 52.42 45.98
CA THR A 132 25.06 51.11 46.08
C THR A 132 24.66 50.61 44.70
N ASP A 133 24.38 51.54 43.78
CA ASP A 133 23.82 51.25 42.49
C ASP A 133 24.70 51.79 41.37
N SER A 134 24.75 51.09 40.25
CA SER A 134 25.48 51.56 39.08
C SER A 134 24.51 52.14 38.06
N LEU A 135 25.07 52.62 36.95
CA LEU A 135 24.29 53.22 35.89
C LEU A 135 24.09 52.24 34.74
N ASP A 136 23.01 52.44 33.98
CA ASP A 136 22.69 51.53 32.90
C ASP A 136 23.71 51.63 31.77
N SER A 137 23.77 50.57 30.97
CA SER A 137 24.66 50.55 29.82
C SER A 137 24.27 51.54 28.75
N ARG A 138 23.00 51.89 28.63
CA ARG A 138 22.55 52.84 27.61
C ARG A 138 22.39 54.22 28.23
N ILE A 139 23.17 55.19 27.74
CA ILE A 139 22.94 56.60 28.00
C ILE A 139 23.06 57.33 26.67
N ALA A 140 22.20 58.33 26.47
CA ALA A 140 22.19 59.03 25.18
C ALA A 140 21.70 60.45 25.38
N LEU A 141 22.00 61.30 24.40
CA LEU A 141 21.53 62.68 24.43
C LEU A 141 20.05 62.73 24.10
N LYS A 142 19.31 63.57 24.83
CA LYS A 142 17.88 63.71 24.59
C LYS A 142 17.55 64.98 23.82
N GLN A 143 18.04 66.12 24.28
CA GLN A 143 17.72 67.40 23.65
C GLN A 143 18.97 68.25 23.54
N LEU A 144 19.10 68.95 22.41
CA LEU A 144 20.12 69.95 22.20
C LEU A 144 19.45 71.31 21.99
N LEU A 145 19.87 72.30 22.75
CA LEU A 145 19.33 73.65 22.62
C LEU A 145 20.39 74.55 21.99
N ILE A 146 20.07 75.08 20.82
CA ILE A 146 20.98 75.94 20.07
C ILE A 146 20.35 77.31 19.90
N SER A 147 21.17 78.34 20.11
CA SER A 147 20.72 79.73 20.03
C SER A 147 21.11 80.29 18.67
N VAL A 148 20.14 80.88 17.97
CA VAL A 148 20.35 81.49 16.66
C VAL A 148 20.30 83.00 16.86
N THR A 149 21.44 83.67 16.65
CA THR A 149 21.54 85.11 16.80
C THR A 149 21.89 85.73 15.45
N LYS A 150 21.09 86.71 15.03
CA LYS A 150 21.31 87.41 13.77
C LYS A 150 20.77 88.82 13.90
N GLY A 151 21.66 89.80 13.91
CA GLY A 151 21.23 91.19 14.03
C GLY A 151 20.70 91.55 15.40
N GLY A 152 21.07 90.81 16.44
CA GLY A 152 20.60 91.06 17.78
C GLY A 152 19.35 90.32 18.18
N THR A 153 18.70 89.62 17.25
CA THR A 153 17.50 88.85 17.55
C THR A 153 17.88 87.40 17.78
N THR A 154 17.41 86.84 18.90
CA THR A 154 17.75 85.49 19.32
C THR A 154 16.52 84.61 19.31
N GLU A 155 16.65 83.44 18.68
CA GLU A 155 15.60 82.42 18.65
C GLU A 155 16.17 81.11 19.16
N LEU A 156 15.38 80.40 19.97
CA LEU A 156 15.80 79.15 20.58
C LEU A 156 15.10 77.98 19.91
N PHE A 157 15.87 76.91 19.66
CA PHE A 157 15.36 75.71 19.02
C PHE A 157 15.63 74.51 19.92
N ALA A 158 14.56 73.80 20.28
CA ALA A 158 14.66 72.59 21.06
C ALA A 158 14.59 71.40 20.11
N LEU A 159 15.75 70.88 19.73
CA LEU A 159 15.84 69.80 18.74
C LEU A 159 15.79 68.45 19.45
N ASP A 160 14.93 67.56 18.96
CA ASP A 160 14.88 66.19 19.45
C ASP A 160 15.99 65.39 18.76
N VAL A 161 16.92 64.86 19.56
CA VAL A 161 18.11 64.21 19.04
C VAL A 161 18.14 62.73 19.37
N ASN A 162 17.25 62.27 20.23
CA ASN A 162 17.29 60.89 20.74
C ASN A 162 17.05 59.85 19.65
N ARG A 163 16.60 60.27 18.46
CA ARG A 163 16.33 59.37 17.36
C ARG A 163 17.48 59.25 16.36
N ASP A 164 18.69 59.64 16.77
CA ASP A 164 19.88 59.32 16.01
C ASP A 164 20.79 58.40 16.83
N GLN A 165 21.33 57.40 16.15
CA GLN A 165 22.14 56.37 16.78
C GLN A 165 23.59 56.76 17.02
N TYR A 166 23.99 57.97 16.63
CA TYR A 166 25.32 58.44 16.97
C TYR A 166 25.32 59.15 18.32
N ALA A 167 24.15 59.46 18.86
CA ALA A 167 24.04 60.01 20.20
C ALA A 167 23.95 58.94 21.26
N ALA A 168 23.77 57.68 20.88
CA ALA A 168 23.78 56.59 21.82
C ALA A 168 25.21 56.21 22.16
N TYR A 169 25.55 56.31 23.45
CA TYR A 169 26.92 56.09 23.89
C TYR A 169 27.38 54.69 23.51
N THR A 170 28.52 54.62 22.85
CA THR A 170 29.08 53.36 22.38
C THR A 170 30.17 52.91 23.33
N ALA A 171 30.07 51.65 23.76
CA ALA A 171 31.04 51.10 24.69
C ALA A 171 32.38 50.91 24.00
N THR A 172 33.37 51.69 24.43
CA THR A 172 34.72 51.57 23.89
C THR A 172 35.72 51.93 24.97
N ARG A 173 36.33 50.91 25.57
CA ARG A 173 37.23 51.09 26.70
C ARG A 173 38.57 51.57 26.17
N GLU A 174 39.18 52.54 26.86
CA GLU A 174 40.63 52.73 26.77
C GLU A 174 41.26 53.04 28.12
N TYR A 175 40.47 53.44 29.12
CA TYR A 175 41.04 53.75 30.43
C TYR A 175 40.47 52.77 31.47
N ASN A 176 39.16 52.72 31.59
CA ASN A 176 38.49 51.81 32.49
C ASN A 176 37.58 50.89 31.70
N PHE A 177 37.09 49.83 32.32
CA PHE A 177 36.20 48.90 31.64
C PHE A 177 34.74 49.30 31.79
N ARG A 178 34.47 50.43 32.43
CA ARG A 178 33.12 50.94 32.56
C ARG A 178 33.01 52.36 32.02
N LEU A 179 33.99 52.78 31.23
CA LEU A 179 34.03 54.14 30.71
C LEU A 179 33.63 54.15 29.23
N MET A 180 32.61 54.94 28.91
CA MET A 180 32.14 55.11 27.54
C MET A 180 32.24 56.57 27.13
N GLN A 181 32.54 56.79 25.86
CA GLN A 181 32.61 58.14 25.31
C GLN A 181 31.47 58.33 24.32
N LEU A 182 31.29 59.56 23.88
CA LEU A 182 30.27 59.91 22.91
C LEU A 182 30.89 60.67 21.75
N LYS A 183 30.53 60.28 20.54
CA LYS A 183 30.92 61.03 19.34
C LYS A 183 29.62 61.31 18.58
N PHE A 184 29.29 62.59 18.46
CA PHE A 184 28.14 63.02 17.68
C PHE A 184 28.67 63.72 16.44
N HIS A 185 28.64 63.01 15.32
CA HIS A 185 29.28 63.47 14.08
C HIS A 185 28.27 63.34 12.95
N THR A 186 27.48 64.39 12.75
CA THR A 186 26.45 64.37 11.73
C THR A 186 25.97 65.80 11.51
N SER A 187 24.90 65.94 10.73
CA SER A 187 24.30 67.22 10.41
C SER A 187 22.90 67.29 10.97
N LEU A 188 22.55 68.43 11.55
CA LEU A 188 21.18 68.71 11.98
C LEU A 188 20.54 69.67 11.00
N GLY A 189 19.32 69.37 10.60
CA GLY A 189 18.59 70.19 9.64
C GLY A 189 17.36 70.82 10.27
N LEU A 190 17.06 72.04 9.85
CA LEU A 190 15.87 72.75 10.29
C LEU A 190 14.94 72.93 9.09
N GLY A 191 13.74 72.38 9.20
CA GLY A 191 12.80 72.38 8.10
C GLY A 191 12.04 73.69 8.00
N GLU A 192 11.24 73.77 6.94
CA GLU A 192 10.40 74.94 6.70
C GLU A 192 9.27 75.07 7.70
N GLU A 193 9.03 74.06 8.55
CA GLU A 193 7.93 74.07 9.49
C GLU A 193 8.38 73.71 10.91
N SER A 194 9.68 73.63 11.15
CA SER A 194 10.19 73.26 12.47
C SER A 194 9.82 74.34 13.48
N THR A 195 8.95 74.01 14.42
CA THR A 195 8.50 74.96 15.43
C THR A 195 9.62 75.26 16.42
N THR A 196 9.62 76.50 16.91
CA THR A 196 10.63 76.95 17.86
C THR A 196 10.20 76.60 19.28
N VAL A 197 11.01 77.02 20.25
CA VAL A 197 10.68 76.80 21.66
C VAL A 197 9.43 77.58 22.06
N ALA A 198 9.28 78.80 21.53
CA ALA A 198 8.10 79.60 21.85
C ALA A 198 6.82 78.93 21.35
N GLY A 199 6.92 78.08 20.32
CA GLY A 199 5.77 77.36 19.82
C GLY A 199 5.16 77.97 18.57
N ALA A 200 6.01 78.44 17.67
CA ALA A 200 5.54 79.08 16.45
C ALA A 200 6.64 79.01 15.40
N GLU A 201 6.29 79.41 14.18
CA GLU A 201 7.25 79.42 13.09
C GLU A 201 8.28 80.53 13.31
N SER A 202 9.47 80.34 12.73
CA SER A 202 10.57 81.27 12.93
C SER A 202 10.31 82.60 12.23
N ALA A 203 11.06 83.63 12.63
CA ALA A 203 10.94 84.95 12.00
C ALA A 203 12.20 85.39 11.27
N LEU A 204 13.38 84.84 11.58
CA LEU A 204 14.60 85.15 10.86
C LEU A 204 14.91 84.15 9.76
N LEU A 205 14.45 82.90 9.89
CA LEU A 205 14.56 81.91 8.82
C LEU A 205 13.29 81.82 7.98
N LYS A 206 12.31 82.69 8.22
CA LYS A 206 11.06 82.63 7.49
C LYS A 206 11.26 82.87 6.00
N ASP A 207 12.22 83.74 5.65
CA ASP A 207 12.47 84.05 4.25
C ASP A 207 12.88 82.79 3.47
N LEU A 208 13.75 81.98 4.05
CA LEU A 208 14.15 80.75 3.38
C LEU A 208 13.05 79.70 3.43
N PHE A 209 12.38 79.58 4.58
CA PHE A 209 11.37 78.53 4.75
C PHE A 209 10.18 78.72 3.82
N ASP A 210 9.73 79.97 3.66
CA ASP A 210 8.57 80.24 2.80
C ASP A 210 8.82 79.85 1.35
N LEU A 211 10.07 79.86 0.91
CA LEU A 211 10.42 79.45 -0.45
C LEU A 211 10.71 77.95 -0.53
N GLY A 212 10.52 77.21 0.55
CA GLY A 212 10.78 75.79 0.54
C GLY A 212 12.23 75.42 0.71
N TYR A 213 13.03 76.27 1.36
CA TYR A 213 14.43 75.98 1.58
C TYR A 213 14.64 75.35 2.95
N ARG A 214 15.74 74.62 3.08
CA ARG A 214 16.11 74.00 4.34
C ARG A 214 17.56 74.29 4.65
N ILE A 215 17.88 74.37 5.94
CA ILE A 215 19.21 74.73 6.40
C ILE A 215 19.77 73.54 7.18
N GLU A 216 21.00 73.17 6.87
CA GLU A 216 21.67 72.03 7.50
C GLU A 216 22.80 72.53 8.37
N LEU A 217 22.81 72.12 9.64
CA LEU A 217 23.85 72.49 10.58
C LEU A 217 24.68 71.27 10.92
N ASP A 218 25.99 71.37 10.71
CA ASP A 218 26.91 70.31 11.06
C ASP A 218 27.28 70.48 12.54
N VAL A 219 27.13 69.41 13.31
CA VAL A 219 27.32 69.44 14.75
C VAL A 219 28.40 68.43 15.12
N LYS A 220 29.31 68.83 16.00
CA LYS A 220 30.44 68.01 16.39
C LYS A 220 30.54 68.00 17.91
N VAL A 221 29.87 67.03 18.54
CA VAL A 221 29.76 66.95 19.98
C VAL A 221 30.49 65.71 20.47
N ASP A 222 31.34 65.88 21.49
CA ASP A 222 32.01 64.77 22.14
C ASP A 222 31.75 64.82 23.64
N GLY A 223 31.75 63.66 24.26
CA GLY A 223 31.51 63.57 25.70
C GLY A 223 32.05 62.28 26.25
N GLU A 224 32.30 62.30 27.56
CA GLU A 224 32.89 61.16 28.26
C GLU A 224 32.14 60.96 29.56
N MET A 225 31.91 59.70 29.94
CA MET A 225 31.20 59.41 31.17
C MET A 225 31.51 58.00 31.62
N ASN A 226 31.60 57.79 32.93
CA ASN A 226 31.89 56.50 33.52
C ASN A 226 30.74 56.07 34.42
N VAL A 227 30.17 54.89 34.15
CA VAL A 227 29.06 54.40 34.96
C VAL A 227 29.50 53.91 36.33
N GLU A 228 30.81 53.77 36.56
CA GLU A 228 31.25 53.23 37.84
C GLU A 228 30.87 54.14 39.00
N ASN A 229 31.10 55.43 38.87
CA ASN A 229 30.83 56.33 39.99
C ASN A 229 30.19 57.62 39.55
N GLY A 230 29.57 57.63 38.38
CA GLY A 230 28.89 58.83 37.92
C GLY A 230 29.81 59.94 37.48
N ASN A 231 31.06 59.64 37.17
CA ASN A 231 31.97 60.64 36.64
C ASN A 231 31.70 60.80 35.15
N GLY A 232 31.74 62.04 34.68
CA GLY A 232 31.42 62.28 33.27
C GLY A 232 31.70 63.70 32.85
N ASP A 233 31.72 63.89 31.53
CA ASP A 233 32.05 65.16 30.92
C ASP A 233 31.38 65.25 29.56
N THR A 234 31.26 66.47 29.04
CA THR A 234 30.79 66.71 27.68
C THR A 234 31.19 68.12 27.28
N SER A 235 31.70 68.26 26.07
CA SER A 235 32.12 69.57 25.55
C SER A 235 31.65 69.75 24.12
N LEU A 236 31.33 70.99 23.76
CA LEU A 236 31.05 71.32 22.38
C LEU A 236 32.38 71.57 21.67
N ARG A 237 32.51 71.05 20.46
CA ARG A 237 33.78 71.10 19.75
C ARG A 237 33.71 71.88 18.44
N ALA A 238 32.53 71.97 17.84
CA ALA A 238 32.38 72.68 16.57
C ALA A 238 30.91 72.91 16.28
N LEU A 239 30.62 74.01 15.57
CA LEU A 239 29.28 74.27 15.07
C LEU A 239 29.33 75.38 14.02
N ARG A 240 28.76 75.12 12.85
CA ARG A 240 28.68 76.09 11.78
C ARG A 240 27.53 75.71 10.84
N LEU A 241 27.23 76.61 9.91
CA LEU A 241 26.30 76.31 8.85
C LEU A 241 27.03 75.56 7.74
N ALA A 242 26.49 74.40 7.35
CA ALA A 242 27.17 73.52 6.41
C ALA A 242 26.73 73.77 4.96
N ARG A 243 25.45 73.59 4.67
CA ARG A 243 24.95 73.83 3.32
C ARG A 243 23.47 74.15 3.39
N VAL A 244 22.90 74.49 2.23
CA VAL A 244 21.50 74.85 2.11
C VAL A 244 20.88 74.02 0.99
N PHE A 245 19.68 73.50 1.24
CA PHE A 245 18.96 72.68 0.28
C PHE A 245 17.74 73.44 -0.23
N ASP A 246 17.44 73.28 -1.52
CA ASP A 246 16.22 73.82 -2.09
C ASP A 246 15.07 72.83 -1.87
N LYS A 247 13.93 73.08 -2.49
CA LYS A 247 12.78 72.20 -2.36
C LYS A 247 12.90 70.96 -3.22
N GLU A 248 14.09 70.67 -3.75
CA GLU A 248 14.30 69.50 -4.58
C GLU A 248 15.51 68.67 -4.15
N GLY A 249 16.51 69.29 -3.53
CA GLY A 249 17.70 68.58 -3.13
C GLY A 249 18.98 69.00 -3.83
N LYS A 250 18.95 70.07 -4.63
CA LYS A 250 20.15 70.59 -5.26
C LYS A 250 20.83 71.57 -4.33
N GLU A 251 22.15 71.43 -4.21
CA GLU A 251 22.91 72.23 -3.26
C GLU A 251 23.03 73.68 -3.75
N ILE A 252 22.91 74.61 -2.81
CA ILE A 252 23.08 76.03 -3.08
C ILE A 252 24.03 76.60 -2.03
N ALA A 253 25.05 77.32 -2.48
CA ALA A 253 26.10 77.81 -1.59
C ALA A 253 25.66 79.04 -0.82
N LEU A 254 26.43 79.38 0.21
CA LEU A 254 26.15 80.56 1.01
C LEU A 254 26.32 81.84 0.21
N THR A 255 27.29 81.85 -0.71
CA THR A 255 27.58 83.07 -1.48
C THR A 255 26.40 83.45 -2.37
N ASP A 256 25.57 82.48 -2.76
CA ASP A 256 24.44 82.76 -3.62
C ASP A 256 23.48 83.74 -2.96
N SER A 257 22.97 84.68 -3.76
CA SER A 257 22.14 85.76 -3.24
C SER A 257 20.80 85.28 -2.71
N ARG A 258 20.34 84.10 -3.13
CA ARG A 258 19.03 83.62 -2.71
C ARG A 258 18.99 83.30 -1.21
N VAL A 259 20.13 82.89 -0.64
CA VAL A 259 20.19 82.51 0.76
C VAL A 259 21.12 83.38 1.58
N SER A 260 21.97 84.20 0.95
CA SER A 260 22.94 84.98 1.71
C SER A 260 22.27 86.08 2.53
N ALA A 261 21.09 86.54 2.09
CA ALA A 261 20.42 87.64 2.77
C ALA A 261 20.01 87.25 4.19
N ALA A 262 19.51 86.03 4.37
CA ALA A 262 19.00 85.60 5.66
C ALA A 262 20.06 84.93 6.53
N LEU A 263 21.31 84.86 6.06
CA LEU A 263 22.38 84.25 6.83
C LEU A 263 23.53 85.20 7.11
N SER A 264 23.36 86.50 6.86
CA SER A 264 24.40 87.47 7.14
C SER A 264 24.42 87.77 8.63
N GLY A 265 25.59 87.59 9.26
CA GLY A 265 25.69 87.78 10.69
C GLY A 265 24.93 86.78 11.51
N LEU A 266 24.61 85.63 10.94
CA LEU A 266 23.84 84.60 11.62
C LEU A 266 24.81 83.66 12.35
N THR A 267 24.79 83.71 13.67
CA THR A 267 25.66 82.91 14.51
C THR A 267 24.84 81.92 15.31
N VAL A 268 25.21 80.65 15.27
CA VAL A 268 24.50 79.59 15.97
C VAL A 268 25.48 78.93 16.94
N THR A 269 25.10 78.86 18.21
CA THR A 269 25.91 78.23 19.24
C THR A 269 25.02 77.39 20.14
N GLY A 270 25.45 76.16 20.42
CA GLY A 270 24.73 75.32 21.36
C GLY A 270 25.01 75.76 22.77
N VAL A 271 23.99 75.72 23.62
CA VAL A 271 24.07 76.23 24.98
C VAL A 271 23.92 75.12 26.01
N GLY A 272 23.05 74.15 25.74
CA GLY A 272 22.79 73.14 26.75
C GLY A 272 22.36 71.83 26.12
N TYR A 273 22.23 70.83 26.98
CA TYR A 273 21.79 69.50 26.58
C TYR A 273 21.26 68.77 27.80
N SER A 274 20.50 67.70 27.55
CA SER A 274 19.95 66.87 28.60
C SER A 274 20.44 65.44 28.43
N LEU A 275 20.20 64.61 29.44
CA LEU A 275 20.73 63.26 29.47
C LEU A 275 19.62 62.24 29.64
N GLU A 276 19.73 61.14 28.89
CA GLU A 276 18.90 59.96 29.05
C GLU A 276 19.75 58.88 29.73
N ALA A 277 19.66 58.81 31.05
CA ALA A 277 20.42 57.85 31.83
C ALA A 277 19.60 57.37 33.00
N ARG A 278 19.91 56.17 33.48
CA ARG A 278 19.06 55.52 34.46
C ARG A 278 19.85 54.49 35.25
N LEU A 279 19.29 54.11 36.39
CA LEU A 279 19.94 53.16 37.29
C LEU A 279 19.65 51.73 36.86
N THR A 280 20.65 50.86 37.06
CA THR A 280 20.47 49.45 36.77
C THR A 280 19.52 48.80 37.76
N ASN A 281 19.41 49.37 38.97
CA ASN A 281 18.55 48.84 40.02
C ASN A 281 18.91 47.39 40.34
N ILE A 282 20.21 47.09 40.27
CA ILE A 282 20.70 45.80 40.72
C ILE A 282 20.42 45.61 42.20
N ASN A 283 20.43 46.71 42.95
CA ASN A 283 20.15 46.69 44.37
C ASN A 283 18.69 46.89 44.72
N GLN A 284 17.83 47.07 43.72
CA GLN A 284 16.40 47.32 43.88
C GLN A 284 16.10 48.36 44.95
N LEU A 285 16.61 49.57 44.76
CA LEU A 285 16.27 50.69 45.62
C LEU A 285 14.84 51.16 45.49
N GLU A 286 14.21 51.01 44.33
CA GLU A 286 12.97 51.70 44.01
C GLU A 286 11.81 50.72 44.02
N MET A 287 10.66 51.19 44.49
CA MET A 287 9.44 50.42 44.48
C MET A 287 8.66 50.74 43.21
N GLY A 288 8.07 49.72 42.61
CA GLY A 288 7.25 49.90 41.43
C GLY A 288 5.77 49.96 41.80
N LEU A 289 4.93 50.01 40.77
CA LEU A 289 3.50 49.95 41.01
C LEU A 289 3.11 48.52 41.41
N LEU A 290 2.00 48.41 42.13
CA LEU A 290 1.65 47.15 42.78
C LEU A 290 0.48 46.50 42.07
N ILE A 291 0.51 45.18 42.01
CA ILE A 291 -0.55 44.37 41.43
C ILE A 291 -0.98 43.34 42.47
N ASP A 292 -2.29 43.22 42.68
CA ASP A 292 -2.82 42.23 43.60
C ASP A 292 -3.98 41.48 42.94
N SER A 293 -4.26 40.29 43.46
CA SER A 293 -5.36 39.47 42.99
C SER A 293 -6.47 39.46 44.03
N ASP A 294 -7.68 39.74 43.58
CA ASP A 294 -8.86 39.62 44.41
C ASP A 294 -9.84 38.67 43.73
N VAL A 295 -10.54 37.88 44.54
CA VAL A 295 -11.43 36.85 44.04
C VAL A 295 -12.87 37.26 44.30
N GLN A 296 -13.72 37.08 43.29
CA GLN A 296 -15.15 37.34 43.39
C GLN A 296 -15.90 36.04 43.21
N LYS A 297 -17.08 35.94 43.83
CA LYS A 297 -17.86 34.72 43.79
C LYS A 297 -19.32 35.05 43.54
N GLN A 298 -19.95 34.28 42.65
CA GLN A 298 -21.38 34.39 42.39
C GLN A 298 -21.97 32.99 42.34
N GLY A 299 -23.09 32.79 43.04
CA GLY A 299 -23.79 31.52 43.03
C GLY A 299 -25.12 31.63 42.30
N PHE A 300 -25.46 30.59 41.56
CA PHE A 300 -26.68 30.55 40.76
C PHE A 300 -27.46 29.29 41.09
N MET A 301 -28.78 29.44 41.24
CA MET A 301 -29.65 28.34 41.65
C MET A 301 -30.51 27.87 40.48
N ILE A 302 -30.77 26.57 40.45
CA ILE A 302 -31.59 25.95 39.42
C ILE A 302 -32.93 25.56 40.05
N PRO A 303 -34.03 26.20 39.68
CA PRO A 303 -35.29 25.95 40.39
C PRO A 303 -36.14 24.90 39.70
N THR A 304 -37.16 24.46 40.43
CA THR A 304 -38.17 23.56 39.87
C THR A 304 -39.23 24.39 39.15
N LEU A 305 -40.00 23.74 38.28
CA LEU A 305 -40.97 24.44 37.44
C LEU A 305 -42.30 23.69 37.38
N PRO A 306 -43.35 24.31 36.84
CA PRO A 306 -44.65 23.63 36.74
C PRO A 306 -44.55 22.34 35.97
N PRO A 307 -45.38 21.35 36.30
CA PRO A 307 -45.33 20.05 35.62
C PRO A 307 -46.29 19.97 34.44
N LEU A 308 -46.20 18.85 33.73
CA LEU A 308 -47.14 18.48 32.68
C LEU A 308 -47.62 17.07 32.93
N VAL A 309 -48.88 16.78 32.60
CA VAL A 309 -49.53 15.53 32.99
C VAL A 309 -50.29 14.97 31.80
N ILE A 310 -50.26 13.65 31.63
CA ILE A 310 -51.13 12.92 30.72
C ILE A 310 -51.93 11.93 31.54
N VAL A 311 -53.24 11.92 31.34
CA VAL A 311 -54.10 10.92 31.96
C VAL A 311 -54.12 9.68 31.09
N LYS A 312 -54.12 8.52 31.71
CA LYS A 312 -54.11 7.26 31.00
C LYS A 312 -54.91 6.23 31.78
N PRO A 313 -55.92 5.61 31.17
CA PRO A 313 -56.55 4.44 31.80
C PRO A 313 -55.54 3.40 32.24
N ALA A 314 -55.70 2.87 33.45
CA ALA A 314 -54.60 2.25 34.17
C ALA A 314 -54.52 0.73 34.04
N MET A 315 -55.62 0.01 34.16
CA MET A 315 -55.57 -1.44 34.35
C MET A 315 -55.09 -2.18 33.10
N VAL A 316 -54.81 -1.48 32.02
CA VAL A 316 -54.30 -2.07 30.80
C VAL A 316 -52.84 -1.64 30.64
N GLU A 317 -52.18 -2.18 29.63
CA GLU A 317 -50.76 -1.92 29.42
C GLU A 317 -50.55 -0.48 28.94
N ASP A 318 -49.41 0.09 29.34
CA ASP A 318 -49.03 1.45 29.00
C ASP A 318 -48.31 1.55 27.66
N ASP A 319 -48.35 0.49 26.85
CA ASP A 319 -47.50 0.41 25.68
C ASP A 319 -48.16 0.95 24.43
N LYS A 320 -49.27 0.36 24.00
CA LYS A 320 -49.82 0.67 22.68
C LYS A 320 -51.26 1.17 22.74
N THR A 321 -51.56 2.02 23.73
CA THR A 321 -52.85 2.71 23.81
C THR A 321 -52.66 4.01 24.58
N TYR A 322 -53.07 5.13 23.97
CA TYR A 322 -52.98 6.48 24.54
C TYR A 322 -51.53 6.95 24.47
N PRO A 323 -51.28 8.28 24.46
CA PRO A 323 -49.94 8.81 24.14
C PRO A 323 -48.78 8.08 24.77
N ARG A 324 -47.89 7.54 23.94
CA ARG A 324 -46.66 6.92 24.41
C ARG A 324 -45.57 7.98 24.48
N LEU A 325 -45.87 9.04 25.23
CA LEU A 325 -44.92 10.08 25.64
C LEU A 325 -44.53 11.03 24.53
N GLU A 326 -44.96 10.79 23.29
CA GLU A 326 -44.57 11.69 22.20
C GLU A 326 -45.13 13.09 22.43
N ALA A 327 -46.38 13.17 22.88
CA ALA A 327 -46.96 14.47 23.20
C ALA A 327 -46.18 15.14 24.32
N LEU A 328 -45.73 14.36 25.31
CA LEU A 328 -44.91 14.92 26.36
C LEU A 328 -43.64 15.55 25.81
N THR A 329 -42.94 14.84 24.92
CA THR A 329 -41.69 15.38 24.39
C THR A 329 -41.95 16.65 23.58
N THR A 330 -42.99 16.64 22.74
CA THR A 330 -43.25 17.83 21.93
C THR A 330 -43.62 19.03 22.79
N ALA A 331 -44.53 18.84 23.75
CA ALA A 331 -44.91 19.93 24.63
C ALA A 331 -43.73 20.42 25.44
N TYR A 332 -42.92 19.48 25.94
CA TYR A 332 -41.74 19.85 26.71
C TYR A 332 -40.83 20.75 25.90
N ARG A 333 -40.37 20.26 24.74
CA ARG A 333 -39.59 21.09 23.83
C ARG A 333 -40.20 22.47 23.65
N ILE A 334 -41.39 22.54 23.06
CA ILE A 334 -41.96 23.84 22.69
C ILE A 334 -42.07 24.75 23.89
N GLN A 335 -42.88 24.35 24.88
CA GLN A 335 -43.20 25.18 26.02
C GLN A 335 -41.96 25.58 26.80
N GLN A 336 -41.11 24.63 27.17
CA GLN A 336 -40.02 24.93 28.07
C GLN A 336 -38.80 25.55 27.39
N MET A 337 -38.64 25.43 26.07
CA MET A 337 -37.53 26.14 25.43
C MET A 337 -37.95 27.42 24.73
N ARG A 338 -38.84 27.34 23.74
CA ARG A 338 -38.91 28.39 22.74
C ARG A 338 -39.57 29.66 23.28
N ASN A 339 -40.72 29.52 23.94
CA ASN A 339 -41.38 30.71 24.47
C ASN A 339 -40.53 31.36 25.56
N ASN A 340 -39.96 30.55 26.44
CA ASN A 340 -39.18 31.09 27.55
C ASN A 340 -37.93 31.80 27.04
N ALA A 341 -37.35 31.33 25.94
CA ALA A 341 -36.18 32.00 25.39
C ALA A 341 -36.50 33.44 25.02
N VAL A 342 -37.55 33.65 24.23
CA VAL A 342 -37.88 35.01 23.80
C VAL A 342 -38.33 35.84 24.99
N THR A 343 -39.04 35.21 25.94
CA THR A 343 -39.46 35.92 27.14
C THR A 343 -38.27 36.50 27.89
N THR A 344 -37.28 35.66 28.19
CA THR A 344 -36.10 36.12 28.90
C THR A 344 -35.33 37.14 28.10
N LEU A 345 -35.21 36.93 26.78
CA LEU A 345 -34.45 37.86 25.96
C LEU A 345 -35.07 39.25 25.98
N LEU A 346 -36.38 39.33 25.78
CA LEU A 346 -37.03 40.64 25.76
C LEU A 346 -37.00 41.30 27.13
N ASN A 347 -37.20 40.52 28.19
CA ASN A 347 -37.11 41.10 29.53
C ASN A 347 -35.71 41.62 29.82
N ARG A 348 -34.68 40.90 29.39
CA ARG A 348 -33.31 41.36 29.55
C ARG A 348 -33.07 42.65 28.76
N ALA A 349 -33.64 42.73 27.55
CA ALA A 349 -33.50 43.94 26.75
C ALA A 349 -34.08 45.14 27.48
N ASP A 350 -35.32 45.02 27.95
CA ASP A 350 -35.92 46.15 28.66
C ASP A 350 -35.18 46.44 29.96
N THR A 351 -34.64 45.41 30.61
CA THR A 351 -33.86 45.62 31.82
C THR A 351 -32.62 46.45 31.55
N LEU A 352 -31.91 46.13 30.47
CA LEU A 352 -30.75 46.94 30.10
C LEU A 352 -31.16 48.37 29.78
N LYS A 353 -32.26 48.54 29.06
CA LYS A 353 -32.71 49.89 28.73
C LYS A 353 -33.03 50.68 29.99
N SER A 354 -33.59 50.01 31.00
CA SER A 354 -33.98 50.68 32.23
C SER A 354 -32.77 51.27 32.94
N TYR A 355 -31.65 50.54 32.96
CA TYR A 355 -30.52 50.99 33.75
C TYR A 355 -29.57 51.86 32.94
N LEU A 356 -29.08 51.36 31.80
CA LEU A 356 -28.00 52.03 31.10
C LEU A 356 -28.45 53.20 30.24
N GLY A 357 -29.71 53.27 29.85
CA GLY A 357 -30.13 54.33 28.96
C GLY A 357 -29.64 54.10 27.55
N VAL A 358 -29.88 55.05 26.66
CA VAL A 358 -29.53 54.88 25.26
C VAL A 358 -28.18 55.53 24.98
N GLY A 359 -27.27 54.76 24.40
CA GLY A 359 -26.02 55.30 23.89
C GLY A 359 -25.06 55.83 24.92
N VAL A 360 -25.22 55.48 26.19
CA VAL A 360 -24.39 56.01 27.27
C VAL A 360 -23.43 54.93 27.73
N PRO A 361 -22.14 55.04 27.43
CA PRO A 361 -21.18 54.04 27.91
C PRO A 361 -20.93 54.20 29.40
N HIS A 362 -20.53 53.10 30.04
CA HIS A 362 -20.21 53.30 31.44
C HIS A 362 -18.79 52.81 31.75
N PRO A 363 -18.14 53.41 32.74
CA PRO A 363 -16.80 52.95 33.10
C PRO A 363 -16.83 51.54 33.66
N ILE A 364 -15.68 50.88 33.61
CA ILE A 364 -15.59 49.45 33.88
C ILE A 364 -15.74 49.24 35.39
N GLU A 365 -16.52 48.21 35.78
CA GLU A 365 -16.95 47.94 37.16
C GLU A 365 -17.79 49.05 37.77
N SER A 366 -18.46 49.88 36.98
CA SER A 366 -19.24 50.97 37.54
C SER A 366 -20.67 50.57 37.89
N ASN A 367 -21.10 49.36 37.56
CA ASN A 367 -22.44 48.91 37.89
C ASN A 367 -22.38 47.48 38.41
N LEU A 368 -23.16 47.22 39.46
CA LEU A 368 -23.22 45.88 40.04
C LEU A 368 -24.66 45.39 40.08
N GLY A 369 -25.61 46.31 39.86
CA GLY A 369 -27.01 45.93 39.90
C GLY A 369 -27.45 45.08 38.72
N LEU A 370 -26.70 45.11 37.63
CA LEU A 370 -27.05 44.34 36.46
C LEU A 370 -26.76 42.86 36.68
N GLU A 371 -27.53 42.02 36.00
CA GLU A 371 -27.24 40.59 35.99
C GLU A 371 -25.95 40.32 35.26
N GLY A 372 -25.27 39.25 35.66
CA GLY A 372 -24.11 38.78 34.94
C GLY A 372 -22.77 39.15 35.55
N VAL A 373 -21.71 38.51 35.05
CA VAL A 373 -20.35 38.83 35.47
C VAL A 373 -19.56 39.55 34.39
N GLY A 374 -20.20 39.90 33.27
CA GLY A 374 -19.50 40.58 32.19
C GLY A 374 -19.03 41.97 32.56
N GLN A 375 -19.61 42.57 33.60
CA GLN A 375 -19.20 43.90 34.04
C GLN A 375 -17.78 43.92 34.56
N TYR A 376 -17.18 42.75 34.83
CA TYR A 376 -15.82 42.69 35.31
C TYR A 376 -14.80 42.72 34.19
N TYR A 377 -15.22 42.71 32.94
CA TYR A 377 -14.28 42.66 31.84
C TYR A 377 -14.45 43.76 30.81
N VAL A 378 -15.69 44.17 30.54
CA VAL A 378 -15.97 45.11 29.46
C VAL A 378 -16.87 46.22 29.97
N ARG A 379 -16.87 47.33 29.23
CA ARG A 379 -17.73 48.45 29.55
C ARG A 379 -19.18 48.09 29.25
N PRO A 380 -20.10 48.26 30.21
CA PRO A 380 -21.52 48.11 29.91
C PRO A 380 -21.96 49.15 28.89
N TYR A 381 -22.88 48.74 28.01
CA TYR A 381 -23.34 49.63 26.95
C TYR A 381 -24.66 49.11 26.41
N TYR A 382 -25.60 50.03 26.15
CA TYR A 382 -26.87 49.72 25.51
C TYR A 382 -27.24 50.87 24.60
N ASN A 383 -27.67 50.55 23.38
CA ASN A 383 -28.07 51.57 22.42
C ASN A 383 -29.35 51.13 21.75
N GLU A 384 -30.12 52.11 21.27
CA GLU A 384 -31.39 51.86 20.62
C GLU A 384 -31.53 52.79 19.43
N ALA A 385 -31.94 52.24 18.29
CA ALA A 385 -32.15 53.02 17.08
C ALA A 385 -33.35 52.48 16.33
N THR A 386 -34.06 53.38 15.66
CA THR A 386 -35.27 53.05 14.94
C THR A 386 -35.12 53.52 13.49
N ILE A 387 -35.45 52.63 12.56
CA ILE A 387 -35.39 52.95 11.13
C ILE A 387 -36.82 53.15 10.65
N ASP A 388 -37.13 54.36 10.21
CA ASP A 388 -38.41 54.66 9.57
C ASP A 388 -38.21 54.48 8.07
N VAL A 389 -38.56 53.28 7.57
CA VAL A 389 -38.21 52.90 6.20
C VAL A 389 -38.83 53.84 5.18
N LEU A 390 -40.11 54.16 5.34
CA LEU A 390 -40.78 55.01 4.35
C LEU A 390 -40.26 56.44 4.40
N ASN A 391 -40.00 56.96 5.60
CA ASN A 391 -39.62 58.36 5.78
C ASN A 391 -38.16 58.63 5.47
N ASP A 392 -37.31 57.61 5.40
CA ASP A 392 -35.90 57.79 5.11
C ASP A 392 -35.56 57.61 3.64
N LEU A 393 -36.57 57.34 2.81
CA LEU A 393 -36.33 57.01 1.41
C LEU A 393 -37.42 57.63 0.54
N ASN A 394 -37.12 57.79 -0.74
CA ASN A 394 -38.07 58.32 -1.71
C ASN A 394 -37.79 57.67 -3.07
N ASN A 395 -38.55 56.62 -3.39
CA ASN A 395 -38.47 55.94 -4.67
C ASN A 395 -39.85 55.42 -5.03
N LEU A 396 -40.14 55.35 -6.33
CA LEU A 396 -41.46 54.90 -6.78
C LEU A 396 -41.40 53.52 -7.39
N THR A 397 -40.43 53.28 -8.27
CA THR A 397 -40.37 52.03 -9.02
C THR A 397 -40.22 50.84 -8.09
N SER A 398 -40.90 49.75 -8.44
CA SER A 398 -40.92 48.57 -7.58
C SER A 398 -39.64 47.75 -7.72
N ALA A 399 -38.88 47.97 -8.79
CA ALA A 399 -37.78 47.06 -9.11
C ALA A 399 -36.60 47.23 -8.17
N ALA A 400 -36.21 48.47 -7.88
CA ALA A 400 -34.98 48.73 -7.14
C ALA A 400 -35.20 48.82 -5.63
N LYS A 401 -36.43 48.64 -5.17
CA LYS A 401 -36.71 48.77 -3.74
C LYS A 401 -35.96 47.72 -2.92
N GLN A 402 -35.89 46.49 -3.44
CA GLN A 402 -35.18 45.42 -2.73
C GLN A 402 -33.75 45.83 -2.41
N THR A 403 -33.01 46.26 -3.43
CA THR A 403 -31.62 46.63 -3.25
C THR A 403 -31.48 47.81 -2.30
N ASP A 404 -32.36 48.80 -2.44
CA ASP A 404 -32.27 49.99 -1.62
C ASP A 404 -32.50 49.66 -0.14
N ILE A 405 -33.52 48.87 0.14
CA ILE A 405 -33.78 48.47 1.52
C ILE A 405 -32.62 47.66 2.07
N GLN A 406 -32.08 46.74 1.25
CA GLN A 406 -30.94 45.95 1.69
C GLN A 406 -29.78 46.84 2.06
N GLY A 407 -29.45 47.80 1.19
CA GLY A 407 -28.35 48.70 1.48
C GLY A 407 -28.56 49.50 2.75
N LEU A 408 -29.77 50.04 2.94
CA LEU A 408 -30.03 50.82 4.14
C LEU A 408 -29.85 49.98 5.40
N ILE A 409 -30.48 48.81 5.44
CA ILE A 409 -30.40 47.98 6.65
C ILE A 409 -28.96 47.56 6.92
N VAL A 410 -28.23 47.14 5.89
CA VAL A 410 -26.86 46.70 6.10
C VAL A 410 -26.00 47.85 6.61
N SER A 411 -26.14 49.02 6.00
CA SER A 411 -25.37 50.19 6.44
C SER A 411 -25.63 50.47 7.92
N LYS A 412 -26.90 50.58 8.30
CA LYS A 412 -27.21 50.93 9.67
C LYS A 412 -26.72 49.87 10.65
N ILE A 413 -26.95 48.59 10.35
CA ILE A 413 -26.58 47.54 11.28
C ILE A 413 -25.07 47.48 11.45
N ASN A 414 -24.31 47.59 10.36
CA ASN A 414 -22.86 47.53 10.47
C ASN A 414 -22.32 48.73 11.23
N GLU A 415 -22.86 49.93 10.98
CA GLU A 415 -22.40 51.10 11.70
C GLU A 415 -22.64 50.94 13.19
N MET A 416 -23.82 50.44 13.57
CA MET A 416 -24.11 50.25 14.98
C MET A 416 -23.16 49.24 15.61
N VAL A 417 -22.90 48.14 14.91
CA VAL A 417 -21.99 47.13 15.44
C VAL A 417 -20.62 47.73 15.71
N TYR A 418 -20.07 48.44 14.73
CA TYR A 418 -18.72 48.98 14.91
C TYR A 418 -18.66 50.04 15.99
N THR A 419 -19.66 50.92 16.05
CA THR A 419 -19.66 51.92 17.11
C THR A 419 -19.71 51.27 18.48
N ALA A 420 -20.58 50.28 18.66
CA ALA A 420 -20.66 49.61 19.96
C ALA A 420 -19.35 48.92 20.31
N ASP A 421 -18.74 48.22 19.35
CA ASP A 421 -17.50 47.51 19.66
C ASP A 421 -16.39 48.49 20.01
N GLN A 422 -16.32 49.62 19.32
CA GLN A 422 -15.31 50.61 19.67
C GLN A 422 -15.55 51.17 21.06
N LEU A 423 -16.81 51.43 21.41
CA LEU A 423 -17.07 52.07 22.70
C LEU A 423 -16.95 51.07 23.85
N THR A 424 -17.01 49.78 23.58
CA THR A 424 -16.94 48.80 24.67
C THR A 424 -15.55 48.20 24.85
N GLY A 425 -14.74 48.16 23.80
CA GLY A 425 -13.47 47.46 23.89
C GLY A 425 -13.62 45.97 24.08
N TYR A 426 -14.70 45.40 23.53
CA TYR A 426 -14.92 43.97 23.67
C TYR A 426 -13.83 43.15 22.99
N THR A 427 -13.42 43.56 21.79
CA THR A 427 -12.44 42.77 21.04
C THR A 427 -11.09 42.73 21.76
N ALA A 428 -10.67 43.85 22.33
CA ALA A 428 -9.42 43.85 23.08
C ALA A 428 -9.51 42.94 24.29
N ALA A 429 -10.65 42.95 24.97
CA ALA A 429 -10.83 42.06 26.11
C ALA A 429 -10.77 40.60 25.68
N LEU A 430 -11.40 40.26 24.56
CA LEU A 430 -11.31 38.89 24.04
C LEU A 430 -9.88 38.52 23.72
N GLU A 431 -9.14 39.43 23.08
CA GLU A 431 -7.74 39.15 22.75
C GLU A 431 -6.91 38.94 24.00
N ALA A 432 -7.15 39.75 25.04
CA ALA A 432 -6.38 39.60 26.28
C ALA A 432 -6.83 38.37 27.05
N ALA A 433 -8.02 37.83 26.75
CA ALA A 433 -8.52 36.68 27.48
C ALA A 433 -7.69 35.43 27.23
N PHE A 434 -7.25 35.21 25.99
CA PHE A 434 -6.52 34.01 25.63
C PHE A 434 -5.18 34.36 25.01
N SER A 435 -4.24 33.43 25.11
CA SER A 435 -2.92 33.57 24.52
C SER A 435 -2.67 32.39 23.59
N GLY A 436 -2.09 32.67 22.42
CA GLY A 436 -1.84 31.65 21.41
C GLY A 436 -2.84 31.62 20.28
N ARG A 437 -4.05 32.14 20.49
CA ARG A 437 -5.04 32.28 19.43
C ARG A 437 -6.08 33.29 19.87
N SER A 438 -6.51 34.12 18.91
CA SER A 438 -7.47 35.16 19.18
C SER A 438 -8.62 34.96 18.20
N PRO A 439 -9.66 34.24 18.58
CA PRO A 439 -10.80 34.04 17.69
C PRO A 439 -11.44 35.37 17.30
N LYS A 440 -11.85 35.44 16.04
CA LYS A 440 -12.50 36.62 15.51
C LYS A 440 -13.83 36.81 16.22
N PRO A 441 -14.11 37.98 16.78
CA PRO A 441 -15.37 38.17 17.51
C PRO A 441 -16.58 37.89 16.64
N HIS A 442 -17.59 37.24 17.21
CA HIS A 442 -18.75 36.79 16.45
C HIS A 442 -19.97 37.60 16.84
N VAL A 443 -20.72 38.06 15.85
CA VAL A 443 -21.96 38.79 16.07
C VAL A 443 -23.13 37.88 15.73
N ALA A 444 -24.12 37.86 16.61
CA ALA A 444 -25.30 37.04 16.41
C ALA A 444 -26.45 37.92 15.92
N ILE A 445 -27.16 37.44 14.90
CA ILE A 445 -28.30 38.13 14.33
C ILE A 445 -29.51 37.23 14.46
N GLY A 446 -30.29 37.44 15.52
CA GLY A 446 -31.56 36.77 15.71
C GLY A 446 -32.70 37.76 15.55
N THR A 447 -33.51 37.53 14.53
CA THR A 447 -34.61 38.44 14.22
C THR A 447 -35.77 37.63 13.70
N ASP A 448 -36.90 38.30 13.49
CA ASP A 448 -38.06 37.59 12.99
C ASP A 448 -37.85 37.20 11.53
N MET A 449 -38.79 36.44 10.99
CA MET A 449 -38.61 35.76 9.71
C MET A 449 -39.18 36.56 8.55
N ARG A 450 -39.49 37.83 8.77
CA ARG A 450 -39.78 38.80 7.71
C ARG A 450 -38.53 39.42 7.10
N LEU A 451 -37.70 40.07 7.90
CA LEU A 451 -36.54 40.87 7.47
C LEU A 451 -35.46 40.13 6.68
N PRO A 452 -35.07 38.88 7.03
CA PRO A 452 -33.80 38.34 6.51
C PRO A 452 -33.56 38.49 5.02
N GLN A 453 -34.58 38.83 4.22
CA GLN A 453 -34.33 39.11 2.82
C GLN A 453 -33.58 40.42 2.62
N TYR A 454 -33.41 41.22 3.67
CA TYR A 454 -32.77 42.53 3.55
C TYR A 454 -31.34 42.55 4.09
N ILE A 455 -31.02 41.72 5.09
CA ILE A 455 -29.67 41.68 5.65
C ILE A 455 -28.64 41.21 4.64
N GLN A 456 -29.03 40.41 3.65
CA GLN A 456 -28.15 39.99 2.58
C GLN A 456 -28.26 40.94 1.39
N ILE A 457 -27.12 41.39 0.89
CA ILE A 457 -27.07 42.22 -0.31
C ILE A 457 -26.53 41.38 -1.45
N ASN A 458 -27.26 41.37 -2.57
CA ASN A 458 -26.89 40.56 -3.72
C ASN A 458 -25.51 40.94 -4.24
N GLY A 459 -24.75 39.93 -4.64
CA GLY A 459 -23.43 40.14 -5.16
C GLY A 459 -22.37 40.48 -4.14
N ASP A 460 -22.63 40.25 -2.86
CA ASP A 460 -21.68 40.55 -1.80
C ASP A 460 -21.12 39.26 -1.24
N ASP A 461 -19.80 39.10 -1.34
CA ASP A 461 -19.15 38.01 -0.61
C ASP A 461 -19.12 38.30 0.88
N ARG A 462 -18.75 39.53 1.25
CA ARG A 462 -18.73 40.00 2.62
C ARG A 462 -20.03 40.76 2.85
N THR A 463 -20.94 40.18 3.63
CA THR A 463 -22.29 40.71 3.73
C THR A 463 -22.45 41.72 4.87
N VAL A 464 -22.26 41.29 6.11
CA VAL A 464 -22.37 42.19 7.23
C VAL A 464 -21.08 42.06 8.04
N GLY A 465 -20.35 41.00 7.78
CA GLY A 465 -19.08 40.80 8.43
C GLY A 465 -17.94 41.36 7.60
N ILE A 466 -17.49 42.57 7.95
CA ILE A 466 -16.32 43.12 7.30
C ILE A 466 -15.05 42.77 8.08
N GLY A 467 -15.12 42.81 9.40
CA GLY A 467 -14.02 42.37 10.25
C GLY A 467 -14.51 41.41 11.30
N TYR A 468 -15.66 40.80 11.06
CA TYR A 468 -16.22 39.79 11.96
C TYR A 468 -16.89 38.70 11.13
N ASP A 469 -17.32 37.64 11.81
CA ASP A 469 -18.18 36.64 11.20
C ASP A 469 -19.55 36.71 11.85
N TYR A 470 -20.55 36.12 11.19
CA TYR A 470 -21.92 36.25 11.62
C TYR A 470 -22.66 34.95 11.39
N THR A 471 -23.81 34.81 12.04
CA THR A 471 -24.72 33.70 11.82
C THR A 471 -26.14 34.22 11.89
N ILE A 472 -26.98 33.82 10.94
CA ILE A 472 -28.34 34.34 10.82
C ILE A 472 -29.31 33.27 11.30
N ALA A 473 -30.21 33.65 12.20
CA ALA A 473 -31.23 32.76 12.72
C ALA A 473 -32.61 33.40 12.56
N ARG A 474 -33.63 32.56 12.51
CA ARG A 474 -35.00 33.02 12.37
C ARG A 474 -35.90 32.28 13.38
N ILE A 475 -36.97 32.95 13.78
CA ILE A 475 -37.95 32.37 14.68
C ILE A 475 -39.32 32.88 14.28
N SER A 476 -40.35 32.08 14.58
CA SER A 476 -41.70 32.36 14.12
C SER A 476 -42.58 33.03 15.16
N ASP A 477 -42.02 33.50 16.27
CA ASP A 477 -42.84 34.13 17.30
C ASP A 477 -43.45 35.42 16.79
N LEU A 478 -44.63 35.75 17.32
CA LEU A 478 -45.31 36.97 16.92
C LEU A 478 -44.80 38.18 17.68
N ARG A 479 -44.26 37.96 18.88
CA ARG A 479 -43.76 39.10 19.68
C ARG A 479 -42.59 39.78 19.00
N MET A 480 -41.71 39.01 18.37
CA MET A 480 -40.52 39.56 17.72
C MET A 480 -40.82 40.15 16.34
N LYS A 481 -42.09 40.40 16.04
CA LYS A 481 -42.48 40.90 14.73
C LYS A 481 -41.77 42.22 14.41
N ASP A 482 -40.90 42.19 13.40
CA ASP A 482 -40.13 43.36 12.97
C ASP A 482 -39.24 43.90 14.08
N LYS A 483 -38.39 43.04 14.63
CA LYS A 483 -37.41 43.43 15.63
C LYS A 483 -36.13 42.65 15.43
N ILE A 484 -35.00 43.28 15.74
CA ILE A 484 -33.68 42.66 15.64
C ILE A 484 -33.01 42.80 17.00
N VAL A 485 -32.47 41.69 17.52
CA VAL A 485 -31.74 41.69 18.77
C VAL A 485 -30.31 41.22 18.49
N MET A 486 -29.33 41.85 19.13
CA MET A 486 -27.93 41.69 18.79
C MET A 486 -27.08 41.54 20.06
N THR A 487 -25.95 40.85 19.92
CA THR A 487 -24.93 40.79 20.96
C THR A 487 -23.67 40.19 20.36
N PHE A 488 -22.70 39.93 21.24
CA PHE A 488 -21.51 39.17 20.89
C PHE A 488 -21.50 37.85 21.66
N ILE A 489 -21.09 36.78 20.98
CA ILE A 489 -21.08 35.44 21.54
C ILE A 489 -19.78 34.75 21.19
N LEU A 490 -19.53 33.62 21.84
CA LEU A 490 -18.37 32.75 21.66
C LEU A 490 -18.79 31.38 21.15
N PRO A 491 -18.60 31.11 19.86
CA PRO A 491 -19.14 29.87 19.29
C PRO A 491 -18.27 28.65 19.51
N ASN A 492 -16.97 28.85 19.67
CA ASN A 492 -16.02 27.74 19.73
C ASN A 492 -15.83 27.18 21.12
N GLU A 493 -16.49 27.76 22.13
CA GLU A 493 -16.44 27.25 23.49
C GLU A 493 -17.86 27.06 23.98
N SER A 494 -18.04 26.07 24.86
CA SER A 494 -19.35 25.73 25.38
C SER A 494 -19.45 25.82 26.89
N GLU A 495 -18.50 26.47 27.56
CA GLU A 495 -18.50 26.45 29.01
C GLU A 495 -18.78 27.84 29.58
N PRO A 496 -19.22 27.94 30.83
CA PRO A 496 -19.43 29.25 31.42
C PRO A 496 -18.15 30.06 31.46
N HIS A 497 -18.27 31.36 31.19
CA HIS A 497 -17.13 32.25 31.09
C HIS A 497 -17.64 33.67 31.17
N PRO A 498 -16.89 34.59 31.80
CA PRO A 498 -17.35 35.98 31.89
C PRO A 498 -17.58 36.66 30.56
N LEU A 499 -17.00 36.15 29.47
CA LEU A 499 -17.23 36.72 28.14
C LEU A 499 -18.32 35.99 27.38
N GLN A 500 -18.96 35.00 27.98
CA GLN A 500 -20.11 34.37 27.35
C GLN A 500 -21.35 35.22 27.56
N HIS A 501 -22.18 35.34 26.51
CA HIS A 501 -23.37 36.17 26.62
C HIS A 501 -24.40 35.59 27.58
N GLY A 502 -24.71 34.31 27.42
CA GLY A 502 -25.71 33.70 28.28
C GLY A 502 -25.65 32.20 28.18
N VAL A 503 -26.09 31.53 29.25
CA VAL A 503 -26.00 30.09 29.37
C VAL A 503 -27.29 29.52 29.96
N LEU A 504 -27.67 28.36 29.44
CA LEU A 504 -28.75 27.56 29.99
C LEU A 504 -28.18 26.53 30.95
N GLY A 505 -28.29 26.80 32.25
CA GLY A 505 -28.06 25.77 33.22
C GLY A 505 -29.20 24.78 33.15
N PHE A 506 -28.96 23.60 32.59
CA PHE A 506 -30.01 22.63 32.33
C PHE A 506 -29.78 21.40 33.19
N ILE A 507 -30.87 20.76 33.60
CA ILE A 507 -30.82 19.53 34.37
C ILE A 507 -31.54 18.45 33.57
N PRO A 508 -30.96 17.26 33.43
CA PRO A 508 -31.73 16.13 32.87
C PRO A 508 -32.92 15.83 33.76
N GLU A 509 -34.04 15.49 33.13
CA GLU A 509 -35.29 15.32 33.86
C GLU A 509 -35.69 13.86 33.86
N TYR A 510 -36.02 13.35 35.05
CA TYR A 510 -36.40 11.96 35.22
C TYR A 510 -37.92 11.81 35.19
N LEU A 511 -38.36 10.87 34.37
CA LEU A 511 -39.77 10.56 34.23
C LEU A 511 -40.30 9.98 35.53
N VAL A 512 -41.49 10.42 35.94
CA VAL A 512 -42.10 9.98 37.18
C VAL A 512 -43.36 9.19 36.86
N ASP A 513 -43.47 8.00 37.43
CA ASP A 513 -44.63 7.13 37.21
C ASP A 513 -45.17 6.66 38.55
N PHE A 514 -46.04 7.47 39.14
CA PHE A 514 -46.81 7.06 40.31
C PHE A 514 -48.29 7.16 39.95
N ASN A 515 -49.11 6.32 40.56
CA ASN A 515 -50.55 6.32 40.31
C ASN A 515 -51.24 7.15 41.39
N MET A 516 -51.89 8.24 40.98
CA MET A 516 -52.62 9.12 41.89
C MET A 516 -54.10 8.94 41.64
N ILE A 517 -54.86 8.71 42.71
CA ILE A 517 -56.30 8.58 42.58
C ILE A 517 -56.93 9.95 42.68
N ARG A 518 -57.71 10.31 41.67
CA ARG A 518 -58.25 11.66 41.54
C ARG A 518 -59.75 11.61 41.29
N ASN A 519 -60.52 11.99 42.31
CA ASN A 519 -61.97 11.92 42.26
C ASN A 519 -62.42 10.52 41.89
N GLN A 520 -61.92 9.53 42.63
CA GLN A 520 -62.27 8.12 42.48
C GLN A 520 -61.95 7.62 41.07
N ARG A 521 -60.89 8.16 40.49
CA ARG A 521 -60.41 7.69 39.19
C ARG A 521 -59.12 6.92 39.40
N ILE A 522 -59.04 5.74 38.80
CA ILE A 522 -57.83 4.94 38.80
C ILE A 522 -57.21 5.05 37.43
N GLY A 523 -56.27 5.97 37.27
CA GLY A 523 -55.67 6.27 35.97
C GLY A 523 -54.16 6.27 36.05
N ARG A 524 -53.54 5.69 35.04
CA ARG A 524 -52.09 5.73 34.87
C ARG A 524 -51.63 7.14 34.52
N GLU A 525 -50.59 7.59 35.19
CA GLU A 525 -50.10 8.95 35.01
C GLU A 525 -48.61 8.92 34.71
N ILE A 526 -48.17 9.92 33.96
CA ILE A 526 -46.76 10.09 33.62
C ILE A 526 -46.42 11.55 33.87
N ARG A 527 -45.26 11.80 34.46
CA ARG A 527 -44.82 13.15 34.77
C ARG A 527 -43.50 13.47 34.09
N LEU A 528 -43.41 14.66 33.51
CA LEU A 528 -42.17 15.21 32.99
C LEU A 528 -42.05 16.64 33.47
N THR A 529 -41.47 16.82 34.65
CA THR A 529 -41.37 18.15 35.25
C THR A 529 -40.03 18.77 34.89
N PRO A 530 -40.00 19.88 34.15
CA PRO A 530 -38.74 20.51 33.81
C PRO A 530 -38.10 21.22 35.00
N ARG A 531 -36.79 21.43 34.89
CA ARG A 531 -36.08 22.37 35.76
C ARG A 531 -34.91 22.94 34.97
N TYR A 532 -34.88 24.27 34.86
CA TYR A 532 -33.87 25.00 34.10
C TYR A 532 -34.15 26.48 34.29
N ARG A 533 -33.21 27.31 33.84
CA ARG A 533 -33.39 28.74 33.90
C ARG A 533 -32.39 29.44 32.99
N TYR A 534 -32.84 30.49 32.31
CA TYR A 534 -32.02 31.28 31.41
C TYR A 534 -31.32 32.39 32.17
N PHE A 535 -30.04 32.59 31.88
CA PHE A 535 -29.22 33.57 32.59
C PHE A 535 -28.57 34.53 31.59
N ASN A 536 -28.16 35.68 32.07
CA ASN A 536 -27.46 36.68 31.26
C ASN A 536 -26.14 37.02 31.93
N PHE A 537 -25.07 37.08 31.14
CA PHE A 537 -23.76 37.44 31.64
C PHE A 537 -23.27 38.77 31.06
N LEU A 538 -23.17 38.89 29.75
CA LEU A 538 -22.63 40.09 29.14
C LEU A 538 -23.66 41.21 29.17
N PRO A 539 -23.32 42.38 29.68
CA PRO A 539 -24.25 43.52 29.63
C PRO A 539 -24.11 44.30 28.33
N ILE A 540 -24.13 43.60 27.20
CA ILE A 540 -24.03 44.22 25.89
C ILE A 540 -25.20 43.76 25.04
N MET A 541 -25.91 44.71 24.42
CA MET A 541 -27.02 44.37 23.55
C MET A 541 -27.33 45.53 22.62
N LEU A 542 -27.74 45.21 21.41
CA LEU A 542 -28.14 46.19 20.42
C LEU A 542 -29.45 45.75 19.79
N VAL A 543 -30.40 46.66 19.67
CA VAL A 543 -31.73 46.35 19.16
C VAL A 543 -32.06 47.30 18.04
N ILE A 544 -32.51 46.76 16.91
CA ILE A 544 -32.96 47.54 15.77
C ILE A 544 -34.47 47.41 15.68
N ASN A 545 -35.17 48.53 15.82
CA ASN A 545 -36.63 48.55 15.78
C ASN A 545 -37.06 49.10 14.43
N VAL A 546 -37.39 48.22 13.51
CA VAL A 546 -37.84 48.60 12.17
C VAL A 546 -39.36 48.68 12.19
N ILE A 547 -39.88 49.87 11.93
CA ILE A 547 -41.32 50.13 11.94
C ILE A 547 -41.71 50.67 10.58
N ASN A 548 -43.02 50.62 10.29
CA ASN A 548 -43.61 51.24 9.11
C ASN A 548 -43.07 50.62 7.82
N LEU A 549 -42.39 49.48 7.95
CA LEU A 549 -41.81 48.82 6.78
C LEU A 549 -42.88 48.39 5.80
N GLU A 550 -44.03 47.92 6.31
CA GLU A 550 -45.07 47.40 5.43
C GLU A 550 -45.56 48.46 4.46
N GLU A 551 -45.66 49.71 4.91
CA GLU A 551 -46.13 50.77 4.03
C GLU A 551 -45.14 51.04 2.90
N ALA A 552 -43.84 51.05 3.22
CA ALA A 552 -42.84 51.22 2.16
C ALA A 552 -42.83 50.04 1.21
N ILE A 553 -43.12 48.85 1.74
CA ILE A 553 -43.30 47.67 0.90
C ILE A 553 -44.46 47.89 -0.08
N ALA A 554 -45.60 48.33 0.45
CA ALA A 554 -46.76 48.56 -0.41
C ALA A 554 -46.51 49.73 -1.37
N GLN A 555 -45.53 50.58 -1.03
CA GLN A 555 -45.16 51.67 -1.93
C GLN A 555 -44.67 51.15 -3.28
N ARG A 556 -44.23 49.88 -3.31
CA ARG A 556 -44.03 49.21 -4.59
C ARG A 556 -45.31 49.16 -5.41
N THR A 557 -46.45 49.01 -4.75
CA THR A 557 -47.74 49.04 -5.42
C THR A 557 -48.42 50.40 -5.34
N ALA A 558 -47.65 51.48 -5.14
CA ALA A 558 -48.24 52.80 -4.97
C ALA A 558 -47.67 53.84 -5.94
N LEU A 559 -46.81 53.43 -6.87
CA LEU A 559 -46.25 54.36 -7.85
C LEU A 559 -47.34 54.87 -8.79
N ASP A 560 -47.19 56.10 -9.24
CA ASP A 560 -48.21 56.79 -10.02
C ASP A 560 -47.88 56.68 -11.51
N VAL A 561 -48.12 55.50 -12.08
CA VAL A 561 -48.12 55.18 -13.51
C VAL A 561 -47.24 56.09 -14.36
N ASN A 562 -46.08 55.59 -14.77
CA ASN A 562 -45.19 56.30 -15.69
C ASN A 562 -45.09 55.52 -16.99
N GLU A 563 -46.00 55.79 -17.91
CA GLU A 563 -46.04 55.09 -19.18
C GLU A 563 -45.52 55.97 -20.31
N THR A 564 -44.79 55.35 -21.23
CA THR A 564 -44.26 56.02 -22.41
C THR A 564 -44.61 55.19 -23.65
N GLN A 565 -45.77 55.46 -24.23
CA GLN A 565 -46.23 54.73 -25.40
C GLN A 565 -46.16 55.62 -26.64
N VAL A 566 -45.08 55.46 -27.41
CA VAL A 566 -44.88 56.19 -28.64
C VAL A 566 -44.51 55.21 -29.74
N THR A 567 -44.71 55.65 -30.98
CA THR A 567 -44.41 54.82 -32.15
C THR A 567 -42.92 54.49 -32.20
N PRO A 568 -42.56 53.25 -32.52
CA PRO A 568 -41.13 52.88 -32.61
C PRO A 568 -40.38 53.70 -33.65
N ALA A 569 -39.13 54.04 -33.34
CA ALA A 569 -38.30 54.81 -34.26
C ALA A 569 -36.90 54.21 -34.29
N SER A 570 -36.33 54.11 -35.49
CA SER A 570 -34.99 53.57 -35.66
C SER A 570 -34.37 54.06 -36.96
N HIS B 1 -40.94 14.01 -17.41
CA HIS B 1 -40.71 15.42 -17.69
C HIS B 1 -40.37 16.14 -16.40
N GLU B 2 -39.23 16.86 -16.41
CA GLU B 2 -38.64 17.35 -15.17
C GLU B 2 -39.62 18.16 -14.34
N PHE B 3 -40.51 18.91 -15.00
CA PHE B 3 -41.50 19.69 -14.26
C PHE B 3 -42.42 18.78 -13.45
N ALA B 4 -42.91 17.70 -14.07
CA ALA B 4 -43.87 16.84 -13.41
C ALA B 4 -43.25 16.16 -12.20
N GLU B 5 -42.04 15.62 -12.34
CA GLU B 5 -41.43 14.90 -11.22
C GLU B 5 -40.96 15.85 -10.14
N LEU B 6 -40.86 17.15 -10.43
CA LEU B 6 -40.38 18.10 -9.42
C LEU B 6 -41.39 18.28 -8.31
N PHE B 7 -42.66 18.48 -8.68
CA PHE B 7 -43.69 18.79 -7.68
C PHE B 7 -44.28 17.54 -7.06
N TYR B 8 -44.51 16.50 -7.86
CA TYR B 8 -45.15 15.28 -7.40
C TYR B 8 -44.09 14.20 -7.32
N ARG B 9 -43.86 13.67 -6.12
CA ARG B 9 -42.82 12.65 -5.97
C ARG B 9 -43.40 11.27 -6.24
N THR B 10 -42.72 10.54 -7.13
CA THR B 10 -43.22 9.26 -7.59
C THR B 10 -43.24 8.27 -6.44
N TYR B 11 -44.40 7.66 -6.19
CA TYR B 11 -44.59 6.66 -5.15
C TYR B 11 -45.04 5.37 -5.82
N ILE B 12 -44.34 4.28 -5.56
CA ILE B 12 -44.63 3.00 -6.20
C ILE B 12 -45.51 2.16 -5.28
N VAL B 13 -46.58 1.61 -5.84
CA VAL B 13 -47.49 0.72 -5.12
C VAL B 13 -47.65 -0.56 -5.93
N THR B 14 -47.51 -1.71 -5.27
CA THR B 14 -47.70 -2.97 -5.94
C THR B 14 -49.15 -3.12 -6.40
N PRO B 15 -49.39 -3.78 -7.54
CA PRO B 15 -50.76 -3.85 -8.08
C PRO B 15 -51.63 -4.93 -7.43
N ASP B 16 -51.97 -4.70 -6.17
CA ASP B 16 -52.82 -5.63 -5.44
C ASP B 16 -53.86 -4.90 -4.58
N GLN B 17 -53.66 -3.61 -4.35
CA GLN B 17 -54.53 -2.83 -3.49
C GLN B 17 -54.98 -1.57 -4.23
N ALA B 18 -56.15 -1.08 -3.85
CA ALA B 18 -56.74 0.10 -4.47
C ALA B 18 -56.03 1.39 -4.09
N GLY B 19 -55.21 1.39 -3.04
CA GLY B 19 -54.50 2.59 -2.68
C GLY B 19 -53.91 2.47 -1.29
N PHE B 20 -53.51 3.62 -0.75
CA PHE B 20 -52.82 3.71 0.52
C PHE B 20 -53.57 4.68 1.43
N GLN B 21 -53.47 4.44 2.73
CA GLN B 21 -54.10 5.28 3.72
C GLN B 21 -53.04 5.81 4.69
N LEU B 22 -53.16 7.09 5.05
CA LEU B 22 -52.21 7.74 5.94
C LEU B 22 -52.87 7.95 7.29
N SER B 23 -52.25 7.41 8.33
CA SER B 23 -52.68 7.64 9.70
C SER B 23 -51.89 8.79 10.28
N ILE B 24 -52.55 9.94 10.45
CA ILE B 24 -51.90 11.14 10.94
C ILE B 24 -52.13 11.21 12.44
N ARG B 25 -51.06 11.40 13.19
CA ARG B 25 -51.12 11.40 14.64
C ARG B 25 -51.04 12.83 15.15
N ARG B 26 -52.09 13.27 15.81
CA ARG B 26 -52.19 14.63 16.33
C ARG B 26 -52.11 14.62 17.84
N ASN B 27 -51.51 15.66 18.40
CA ASN B 27 -51.52 15.89 19.84
C ASN B 27 -52.25 17.20 20.13
N LEU B 28 -52.97 17.25 21.24
CA LEU B 28 -53.86 18.36 21.55
C LEU B 28 -53.78 18.72 23.03
N VAL B 29 -54.05 19.99 23.35
CA VAL B 29 -54.12 20.47 24.72
C VAL B 29 -55.58 20.61 25.13
N TRP B 30 -56.00 19.80 26.09
CA TRP B 30 -57.35 19.87 26.63
C TRP B 30 -57.47 21.11 27.52
N GLU B 31 -58.56 21.86 27.34
CA GLU B 31 -58.84 23.02 28.18
C GLU B 31 -60.08 22.83 29.03
N GLY B 32 -61.12 22.22 28.50
CA GLY B 32 -62.38 22.09 29.19
C GLY B 32 -63.48 21.77 28.21
N TRP B 33 -64.55 21.16 28.73
CA TRP B 33 -65.67 20.73 27.93
C TRP B 33 -66.85 21.67 28.14
N THR B 34 -67.48 22.05 27.03
CA THR B 34 -68.55 23.03 27.03
C THR B 34 -69.81 22.43 26.41
N GLY B 35 -70.95 22.77 27.00
CA GLY B 35 -72.23 22.29 26.53
C GLY B 35 -72.61 20.96 27.14
N GLU B 36 -73.86 20.86 27.58
CA GLU B 36 -74.38 19.65 28.17
C GLU B 36 -75.70 19.29 27.49
N GLY B 37 -76.05 18.01 27.56
CA GLY B 37 -77.27 17.52 26.96
C GLY B 37 -78.44 17.53 27.91
N LEU B 38 -78.31 18.29 29.00
CA LEU B 38 -79.42 18.55 29.89
C LEU B 38 -80.26 19.71 29.39
N SER B 39 -79.88 20.31 28.27
CA SER B 39 -80.59 21.44 27.70
C SER B 39 -80.72 21.38 26.18
N GLY B 40 -80.51 20.22 25.57
CA GLY B 40 -80.71 20.08 24.14
C GLY B 40 -79.48 20.31 23.28
N GLU B 41 -78.30 20.21 23.88
CA GLU B 41 -77.05 20.41 23.13
C GLU B 41 -76.13 19.23 23.35
N LYS B 42 -75.05 19.14 22.59
CA LYS B 42 -74.09 18.05 22.74
C LYS B 42 -72.82 18.63 23.35
N GLN B 43 -71.97 17.77 23.90
CA GLN B 43 -70.68 18.24 24.36
C GLN B 43 -69.79 18.57 23.16
N GLU B 44 -69.09 19.71 23.26
CA GLU B 44 -68.05 20.07 22.31
C GLU B 44 -66.74 20.12 23.04
N ILE B 45 -65.92 19.08 22.89
CA ILE B 45 -64.65 19.01 23.58
C ILE B 45 -63.69 20.03 22.95
N SER B 46 -63.33 21.04 23.73
CA SER B 46 -62.49 22.13 23.24
C SER B 46 -61.05 21.67 23.25
N LYS B 47 -60.53 21.35 22.07
CA LYS B 47 -59.16 20.89 21.90
C LYS B 47 -58.43 21.84 20.97
N ARG B 48 -57.21 22.22 21.34
CA ARG B 48 -56.42 23.16 20.57
C ARG B 48 -55.04 22.55 20.32
N ASN B 49 -54.55 22.69 19.10
CA ASN B 49 -53.31 22.04 18.70
C ASN B 49 -52.10 22.72 19.32
N ILE B 50 -51.14 21.91 19.80
CA ILE B 50 -49.91 22.45 20.36
C ILE B 50 -49.12 23.21 19.31
N LEU B 51 -49.14 22.75 18.07
CA LEU B 51 -48.27 23.31 17.05
C LEU B 51 -48.55 24.80 16.82
N GLN B 52 -49.72 25.29 17.21
CA GLN B 52 -49.94 26.73 17.21
C GLN B 52 -49.16 27.42 18.31
N GLY B 53 -48.64 26.66 19.27
CA GLY B 53 -47.66 27.22 20.19
C GLY B 53 -46.45 27.77 19.47
N LEU B 54 -46.23 27.33 18.23
CA LEU B 54 -45.19 27.95 17.40
C LEU B 54 -45.48 29.42 17.14
N LEU B 55 -46.75 29.82 17.14
CA LEU B 55 -47.11 31.16 16.75
C LEU B 55 -47.75 32.00 17.84
N ASP B 56 -48.22 31.40 18.93
CA ASP B 56 -48.76 32.15 20.05
C ASP B 56 -47.99 31.80 21.31
N TYR B 57 -48.35 32.47 22.42
CA TYR B 57 -47.52 32.31 23.63
C TYR B 57 -48.33 32.13 24.90
N THR B 58 -49.65 31.87 24.84
CA THR B 58 -50.44 31.80 26.05
C THR B 58 -51.14 30.47 26.27
N THR B 59 -51.52 29.77 25.20
CA THR B 59 -52.31 28.55 25.35
C THR B 59 -51.58 27.52 26.19
N LEU B 60 -50.26 27.47 26.09
CA LEU B 60 -49.46 26.47 26.77
C LEU B 60 -48.60 27.07 27.89
N GLU B 61 -48.96 28.23 28.42
CA GLU B 61 -48.34 28.71 29.66
C GLU B 61 -48.93 28.01 30.86
N THR B 62 -48.19 28.01 31.97
CA THR B 62 -48.68 27.42 33.21
C THR B 62 -47.88 27.93 34.39
N ASN B 63 -48.60 28.35 35.45
CA ASN B 63 -47.97 28.75 36.70
C ASN B 63 -48.75 28.23 37.91
N SER B 64 -49.27 27.01 37.82
CA SER B 64 -50.19 26.52 38.85
C SER B 64 -49.50 26.41 40.20
N THR B 65 -48.27 25.89 40.25
CA THR B 65 -47.61 25.60 41.50
C THR B 65 -46.82 26.78 42.06
N GLU B 66 -46.85 27.93 41.40
CA GLU B 66 -46.16 29.10 41.94
C GLU B 66 -46.98 29.71 43.06
N LEU B 67 -46.29 30.11 44.13
CA LEU B 67 -46.95 30.61 45.33
C LEU B 67 -47.11 32.12 45.24
N ILE B 68 -48.32 32.60 45.50
CA ILE B 68 -48.62 34.02 45.51
C ILE B 68 -49.52 34.30 46.71
N PRO B 69 -49.22 35.31 47.53
CA PRO B 69 -50.07 35.60 48.69
C PRO B 69 -51.50 35.97 48.30
N VAL B 70 -52.47 35.55 49.10
CA VAL B 70 -53.87 35.88 48.86
C VAL B 70 -54.33 36.91 49.88
N ILE B 71 -55.34 37.70 49.50
CA ILE B 71 -55.84 38.79 50.34
C ILE B 71 -57.27 38.45 50.77
N GLN B 72 -57.52 38.52 52.08
CA GLN B 72 -58.88 38.57 52.60
C GLN B 72 -58.86 39.24 53.96
N SER B 73 -60.02 39.75 54.36
CA SER B 73 -60.14 40.67 55.49
C SER B 73 -60.10 39.92 56.81
N GLY B 74 -59.35 40.45 57.77
CA GLY B 74 -59.42 40.02 59.15
C GLY B 74 -58.67 38.75 59.48
N GLU B 75 -58.15 38.03 58.50
CA GLU B 75 -57.47 36.78 58.75
C GLU B 75 -56.01 36.80 58.34
N ASN B 76 -55.64 37.62 57.35
CA ASN B 76 -54.24 37.77 56.98
C ASN B 76 -53.96 39.23 56.65
N ASP B 77 -54.88 40.11 57.04
CA ASP B 77 -54.68 41.54 56.79
C ASP B 77 -53.47 42.07 57.53
N GLU B 78 -53.15 41.50 58.69
CA GLU B 78 -52.04 41.99 59.49
C GLU B 78 -50.70 41.85 58.79
N GLN B 79 -50.45 40.73 58.12
CA GLN B 79 -49.15 40.49 57.51
C GLN B 79 -48.93 41.28 56.23
N PHE B 80 -49.88 42.11 55.82
CA PHE B 80 -49.75 42.88 54.59
C PHE B 80 -49.58 44.36 54.87
N ILE B 81 -49.15 45.08 53.84
CA ILE B 81 -49.03 46.53 53.93
C ILE B 81 -50.41 47.15 53.99
N ASP B 82 -50.46 48.42 54.37
CA ASP B 82 -51.71 49.16 54.43
C ASP B 82 -52.30 49.25 53.03
N PRO B 83 -53.59 49.01 52.87
CA PRO B 83 -54.18 48.97 51.52
C PRO B 83 -54.36 50.36 50.93
N SER B 84 -54.25 51.40 51.75
CA SER B 84 -54.43 52.76 51.27
C SER B 84 -53.13 53.38 50.77
N VAL B 85 -52.02 52.67 50.82
CA VAL B 85 -50.77 53.15 50.24
C VAL B 85 -50.74 52.76 48.77
N LEU B 86 -51.07 51.50 48.49
CA LEU B 86 -51.20 51.01 47.12
C LEU B 86 -52.36 50.01 47.08
N PRO B 87 -53.49 50.36 46.45
CA PRO B 87 -54.61 49.42 46.36
C PRO B 87 -54.23 48.03 45.87
N ALA B 88 -55.05 47.04 46.22
CA ALA B 88 -54.80 45.67 45.79
C ALA B 88 -54.95 45.55 44.28
N GLN B 89 -54.27 44.55 43.72
CA GLN B 89 -54.30 44.27 42.29
C GLN B 89 -54.84 42.87 42.07
N THR B 90 -55.56 42.69 40.97
CA THR B 90 -56.18 41.41 40.62
C THR B 90 -55.27 40.67 39.65
N VAL B 91 -54.74 39.53 40.08
CA VAL B 91 -53.88 38.69 39.26
C VAL B 91 -54.52 37.32 39.12
N LYS B 92 -54.40 36.73 37.93
CA LYS B 92 -55.14 35.54 37.56
C LYS B 92 -54.18 34.37 37.39
N GLN B 93 -54.39 33.31 38.15
CA GLN B 93 -53.64 32.07 37.98
C GLN B 93 -54.63 30.91 37.90
N GLY B 94 -54.36 29.95 37.04
CA GLY B 94 -55.21 28.79 36.90
C GLY B 94 -56.64 29.17 36.59
N LYS B 95 -57.58 28.64 37.36
CA LYS B 95 -58.98 29.05 37.28
C LYS B 95 -59.41 29.86 38.50
N ASP B 96 -58.50 30.24 39.39
CA ASP B 96 -58.84 30.99 40.58
C ASP B 96 -58.42 32.45 40.42
N THR B 97 -59.30 33.35 40.83
CA THR B 97 -59.05 34.79 40.81
C THR B 97 -58.89 35.26 42.25
N PHE B 98 -57.91 36.13 42.49
CA PHE B 98 -57.57 36.52 43.84
C PHE B 98 -56.77 37.82 43.81
N ASP B 99 -56.45 38.32 45.01
CA ASP B 99 -55.75 39.59 45.15
C ASP B 99 -54.46 39.39 45.93
N THR B 100 -53.51 40.30 45.73
CA THR B 100 -52.22 40.24 46.38
C THR B 100 -51.70 41.65 46.64
N ASN B 101 -50.67 41.74 47.46
CA ASN B 101 -50.01 43.00 47.74
C ASN B 101 -48.67 42.72 48.42
N PHE B 102 -47.88 43.77 48.58
CA PHE B 102 -46.54 43.62 49.14
C PHE B 102 -46.62 43.24 50.62
N LEU B 103 -45.61 42.51 51.09
CA LEU B 103 -45.53 42.19 52.51
C LEU B 103 -44.82 43.30 53.26
N LYS B 104 -45.36 43.67 54.42
CA LYS B 104 -44.80 44.74 55.21
C LYS B 104 -43.58 44.23 55.99
N PHE B 105 -42.58 45.10 56.11
CA PHE B 105 -41.32 44.70 56.72
C PHE B 105 -41.47 44.48 58.22
N SER B 106 -40.92 43.37 58.69
CA SER B 106 -40.86 43.10 60.12
C SER B 106 -40.00 44.13 60.82
N GLU B 107 -40.39 44.47 62.05
CA GLU B 107 -39.66 45.49 62.80
C GLU B 107 -39.32 45.00 64.21
N ASN B 108 -40.11 44.07 64.73
CA ASN B 108 -39.88 43.53 66.07
C ASN B 108 -39.37 42.10 66.06
N GLY B 109 -38.92 41.60 64.91
CA GLY B 109 -38.53 40.21 64.81
C GLY B 109 -39.68 39.26 64.55
N GLU B 110 -40.90 39.77 64.42
CA GLU B 110 -42.04 38.94 64.12
C GLU B 110 -42.25 38.91 62.61
N GLY B 111 -42.30 37.69 62.05
CA GLY B 111 -42.41 37.48 60.63
C GLY B 111 -43.73 36.86 60.20
N PHE B 112 -43.64 36.02 59.18
CA PHE B 112 -44.79 35.52 58.45
C PHE B 112 -44.59 34.04 58.11
N ASN B 113 -45.71 33.37 57.85
CA ASN B 113 -45.72 32.00 57.33
C ASN B 113 -46.18 32.04 55.88
N LEU B 114 -45.24 31.97 54.94
CA LEU B 114 -45.58 32.11 53.53
C LEU B 114 -46.48 30.98 53.06
N LEU B 115 -46.17 29.74 53.45
CA LEU B 115 -46.87 28.59 52.88
C LEU B 115 -48.36 28.65 53.16
N MET B 116 -48.75 28.83 54.42
CA MET B 116 -50.15 28.90 54.75
C MET B 116 -50.77 30.20 54.26
N LEU B 117 -49.96 31.22 54.02
CA LEU B 117 -50.46 32.48 53.49
C LEU B 117 -50.84 32.36 52.03
N ALA B 118 -50.43 31.27 51.37
CA ALA B 118 -50.53 31.20 49.92
C ALA B 118 -51.43 30.07 49.45
N GLN B 119 -52.61 29.95 50.04
CA GLN B 119 -53.57 28.92 49.66
C GLN B 119 -54.67 29.52 48.79
N THR B 120 -54.72 29.06 47.54
CA THR B 120 -55.71 29.52 46.58
C THR B 120 -56.92 28.57 46.61
N PRO B 121 -58.09 29.02 46.12
CA PRO B 121 -59.31 28.21 46.29
C PRO B 121 -59.20 26.79 45.76
N SER B 122 -58.47 26.58 44.66
CA SER B 122 -58.28 25.22 44.19
C SER B 122 -57.62 24.34 45.25
N ARG B 123 -56.65 24.89 45.97
CA ARG B 123 -56.05 24.13 47.07
C ARG B 123 -57.03 23.96 48.22
N LEU B 124 -57.92 24.93 48.42
CA LEU B 124 -58.95 24.77 49.45
C LEU B 124 -59.87 23.60 49.14
N LYS B 125 -60.23 23.41 47.88
CA LYS B 125 -61.10 22.30 47.53
C LYS B 125 -60.45 20.96 47.84
N LYS B 126 -59.12 20.89 47.73
CA LYS B 126 -58.40 19.64 47.91
C LYS B 126 -58.18 19.28 49.38
N GLY B 127 -58.42 20.21 50.29
CA GLY B 127 -58.06 20.00 51.69
C GLY B 127 -56.86 20.84 52.08
N SER B 128 -56.86 21.37 53.30
CA SER B 128 -55.83 22.31 53.71
C SER B 128 -54.47 21.64 53.86
N MET B 129 -53.42 22.45 53.86
CA MET B 129 -52.06 21.94 53.88
C MET B 129 -51.81 21.17 55.17
N THR B 130 -51.23 19.99 55.07
CA THR B 130 -51.12 19.12 56.22
C THR B 130 -49.73 19.15 56.87
N PHE B 131 -48.72 18.62 56.19
CA PHE B 131 -47.33 19.06 56.34
C PHE B 131 -46.70 18.82 54.97
N THR B 132 -47.57 18.50 54.02
CA THR B 132 -47.13 17.81 52.81
C THR B 132 -46.28 18.70 51.93
N ASP B 133 -46.57 19.99 51.88
CA ASP B 133 -45.91 20.88 50.95
C ASP B 133 -44.48 21.14 51.39
N SER B 134 -43.68 21.64 50.45
CA SER B 134 -42.28 21.96 50.71
C SER B 134 -41.87 23.09 49.81
N LEU B 135 -41.33 24.16 50.40
CA LEU B 135 -40.81 25.26 49.60
C LEU B 135 -39.60 24.77 48.82
N ASP B 136 -39.55 25.12 47.53
CA ASP B 136 -38.53 24.56 46.66
C ASP B 136 -37.15 25.13 47.02
N SER B 137 -36.13 24.65 46.32
CA SER B 137 -34.76 24.99 46.66
C SER B 137 -34.47 26.47 46.42
N ARG B 138 -35.18 27.08 45.47
CA ARG B 138 -34.88 28.47 45.10
C ARG B 138 -35.90 29.42 45.72
N ILE B 139 -35.40 30.41 46.43
CA ILE B 139 -36.20 31.53 46.91
C ILE B 139 -35.47 32.81 46.53
N ALA B 140 -36.20 33.77 45.96
CA ALA B 140 -35.59 35.01 45.52
C ALA B 140 -36.58 36.15 45.69
N LEU B 141 -36.04 37.36 45.85
CA LEU B 141 -36.88 38.53 45.96
C LEU B 141 -37.39 38.96 44.60
N LYS B 142 -38.64 39.44 44.55
CA LYS B 142 -39.25 39.82 43.28
C LYS B 142 -39.10 41.32 43.00
N GLN B 143 -39.58 42.15 43.92
CA GLN B 143 -39.55 43.59 43.73
C GLN B 143 -39.61 44.29 45.08
N LEU B 144 -38.88 45.40 45.17
CA LEU B 144 -38.87 46.24 46.37
C LEU B 144 -39.58 47.55 46.06
N LEU B 145 -40.57 47.88 46.88
CA LEU B 145 -41.30 49.12 46.73
C LEU B 145 -40.69 50.15 47.67
N ILE B 146 -40.02 51.15 47.10
CA ILE B 146 -39.40 52.20 47.88
C ILE B 146 -40.08 53.52 47.56
N SER B 147 -40.38 54.28 48.60
CA SER B 147 -41.09 55.54 48.48
C SER B 147 -40.14 56.71 48.64
N VAL B 148 -40.03 57.52 47.59
CA VAL B 148 -39.20 58.72 47.61
C VAL B 148 -40.07 59.88 48.04
N THR B 149 -39.92 60.31 49.29
CA THR B 149 -40.75 61.36 49.87
C THR B 149 -39.89 62.60 50.11
N LYS B 150 -40.34 63.73 49.58
CA LYS B 150 -39.69 65.02 49.80
C LYS B 150 -40.75 66.01 50.26
N GLY B 151 -40.62 66.47 51.50
CA GLY B 151 -41.65 67.31 52.08
C GLY B 151 -42.92 66.52 52.29
N GLY B 152 -44.03 67.00 51.73
CA GLY B 152 -45.31 66.34 51.83
C GLY B 152 -45.71 65.50 50.63
N THR B 153 -44.85 65.39 49.63
CA THR B 153 -45.16 64.64 48.41
C THR B 153 -44.52 63.26 48.46
N THR B 154 -45.30 62.23 48.14
CA THR B 154 -44.85 60.86 48.15
C THR B 154 -44.91 60.28 46.74
N GLU B 155 -43.83 59.64 46.31
CA GLU B 155 -43.75 58.98 45.02
C GLU B 155 -43.43 57.51 45.22
N LEU B 156 -43.94 56.67 44.32
CA LEU B 156 -43.78 55.22 44.41
C LEU B 156 -43.01 54.70 43.21
N PHE B 157 -42.12 53.74 43.45
CA PHE B 157 -41.33 53.10 42.41
C PHE B 157 -41.46 51.59 42.54
N ALA B 158 -41.44 50.90 41.40
CA ALA B 158 -41.52 49.44 41.36
C ALA B 158 -40.28 48.91 40.66
N LEU B 159 -39.26 48.57 41.44
CA LEU B 159 -37.99 48.10 40.90
C LEU B 159 -37.96 46.59 40.88
N ASP B 160 -37.63 46.01 39.73
CA ASP B 160 -37.53 44.57 39.60
C ASP B 160 -36.15 44.12 40.07
N VAL B 161 -36.12 43.31 41.13
CA VAL B 161 -34.87 42.85 41.71
C VAL B 161 -34.55 41.41 41.35
N ASN B 162 -35.50 40.68 40.76
CA ASN B 162 -35.29 39.27 40.43
C ASN B 162 -34.21 39.05 39.39
N ARG B 163 -33.77 40.11 38.70
CA ARG B 163 -32.70 40.05 37.72
C ARG B 163 -31.37 40.46 38.33
N ASP B 164 -31.33 40.60 39.65
CA ASP B 164 -30.12 41.00 40.34
C ASP B 164 -29.23 39.79 40.55
N GLN B 165 -27.94 40.05 40.70
CA GLN B 165 -26.98 39.00 41.02
C GLN B 165 -27.24 38.36 42.38
N TYR B 166 -27.59 39.15 43.39
CA TYR B 166 -27.59 38.69 44.77
C TYR B 166 -28.97 38.74 45.41
N ALA B 167 -30.02 38.73 44.60
CA ALA B 167 -31.39 38.77 45.12
C ALA B 167 -31.93 37.38 45.40
N ALA B 168 -31.14 36.34 45.19
CA ALA B 168 -31.58 34.98 45.39
C ALA B 168 -31.03 34.45 46.72
N TYR B 169 -31.89 33.77 47.46
CA TYR B 169 -31.49 33.19 48.73
C TYR B 169 -30.34 32.21 48.51
N THR B 170 -29.35 32.26 49.39
CA THR B 170 -28.20 31.37 49.33
C THR B 170 -28.24 30.43 50.53
N ALA B 171 -28.13 29.13 50.24
CA ALA B 171 -28.22 28.13 51.30
C ALA B 171 -26.98 28.17 52.18
N THR B 172 -27.18 28.02 53.48
CA THR B 172 -26.07 28.09 54.43
C THR B 172 -26.50 27.41 55.71
N ARG B 173 -25.62 26.57 56.26
CA ARG B 173 -25.89 25.88 57.51
C ARG B 173 -25.15 26.54 58.67
N GLU B 174 -25.92 27.15 59.56
CA GLU B 174 -25.45 27.62 60.85
C GLU B 174 -26.54 27.29 61.85
N TYR B 175 -27.55 26.57 61.37
CA TYR B 175 -28.78 26.30 62.11
C TYR B 175 -29.33 24.96 61.62
N ASN B 176 -30.64 24.74 61.80
CA ASN B 176 -31.26 23.55 61.24
C ASN B 176 -31.00 23.52 59.73
N PHE B 177 -30.75 22.31 59.22
CA PHE B 177 -30.22 22.11 57.89
C PHE B 177 -31.23 22.37 56.79
N ARG B 178 -32.43 22.84 57.14
CA ARG B 178 -33.42 23.25 56.16
C ARG B 178 -33.64 24.76 56.18
N LEU B 179 -32.94 25.48 57.04
CA LEU B 179 -33.05 26.93 57.10
C LEU B 179 -32.36 27.52 55.88
N MET B 180 -32.87 28.64 55.39
CA MET B 180 -32.46 29.20 54.12
C MET B 180 -32.19 30.69 54.32
N GLN B 181 -31.04 31.17 53.85
CA GLN B 181 -30.54 32.49 54.20
C GLN B 181 -30.66 33.45 53.03
N LEU B 182 -30.84 34.73 53.35
CA LEU B 182 -30.80 35.82 52.39
C LEU B 182 -29.87 36.91 52.90
N LYS B 183 -28.94 37.36 52.05
CA LYS B 183 -28.00 38.43 52.38
C LYS B 183 -27.89 39.32 51.16
N PHE B 184 -28.60 40.45 51.20
CA PHE B 184 -28.73 41.33 50.04
C PHE B 184 -28.25 42.72 50.45
N HIS B 185 -26.98 43.00 50.20
CA HIS B 185 -26.37 44.28 50.55
C HIS B 185 -25.70 44.83 49.29
N THR B 186 -26.43 45.63 48.53
CA THR B 186 -25.91 46.22 47.31
C THR B 186 -26.58 47.56 47.06
N SER B 187 -26.25 48.15 45.92
CA SER B 187 -26.78 49.45 45.52
C SER B 187 -27.60 49.32 44.25
N LEU B 188 -28.85 49.77 44.30
CA LEU B 188 -29.72 49.79 43.13
C LEU B 188 -29.78 51.21 42.59
N GLY B 189 -29.77 51.34 41.28
CA GLY B 189 -29.72 52.63 40.62
C GLY B 189 -31.07 53.02 40.03
N LEU B 190 -31.53 54.22 40.40
CA LEU B 190 -32.76 54.79 39.87
C LEU B 190 -32.36 55.83 38.84
N GLY B 191 -32.42 55.44 37.57
CA GLY B 191 -31.86 56.24 36.50
C GLY B 191 -32.78 57.31 35.96
N GLU B 192 -32.34 57.93 34.88
CA GLU B 192 -33.07 59.01 34.23
C GLU B 192 -34.22 58.50 33.37
N GLU B 193 -34.41 57.19 33.29
CA GLU B 193 -35.49 56.59 32.50
C GLU B 193 -36.41 55.74 33.36
N SER B 194 -36.10 55.59 34.65
CA SER B 194 -36.96 54.86 35.56
C SER B 194 -38.34 55.51 35.61
N THR B 195 -39.38 54.69 35.55
CA THR B 195 -40.74 55.16 35.43
C THR B 195 -41.55 54.71 36.64
N THR B 196 -42.42 55.60 37.11
CA THR B 196 -43.23 55.33 38.29
C THR B 196 -44.27 54.26 37.98
N VAL B 197 -45.06 53.91 39.00
CA VAL B 197 -46.10 52.89 38.84
C VAL B 197 -47.20 53.34 37.88
N ALA B 198 -47.63 54.60 37.93
CA ALA B 198 -48.68 55.12 37.07
C ALA B 198 -48.12 55.75 35.80
N GLY B 199 -46.83 55.60 35.53
CA GLY B 199 -46.23 56.17 34.33
C GLY B 199 -45.56 57.49 34.57
N ALA B 200 -44.76 57.93 33.58
CA ALA B 200 -44.07 59.22 33.58
C ALA B 200 -42.96 59.28 34.62
N GLU B 201 -41.89 60.01 34.32
CA GLU B 201 -40.77 60.15 35.26
C GLU B 201 -41.21 60.93 36.48
N SER B 202 -40.55 60.68 37.62
CA SER B 202 -40.92 61.28 38.89
C SER B 202 -40.70 62.79 38.86
N ALA B 203 -41.66 63.54 39.41
CA ALA B 203 -41.54 65.00 39.45
C ALA B 203 -40.42 65.44 40.38
N LEU B 204 -40.24 64.75 41.50
CA LEU B 204 -39.22 65.14 42.47
C LEU B 204 -37.81 65.02 41.90
N LEU B 205 -37.55 63.96 41.13
CA LEU B 205 -36.24 63.73 40.55
C LEU B 205 -36.14 64.14 39.09
N LYS B 206 -37.12 64.89 38.59
CA LYS B 206 -37.07 65.35 37.20
C LYS B 206 -35.89 66.28 36.97
N ASP B 207 -35.54 67.09 37.97
CA ASP B 207 -34.44 68.04 37.82
C ASP B 207 -33.12 67.34 37.55
N LEU B 208 -32.84 66.25 38.26
CA LEU B 208 -31.59 65.54 38.06
C LEU B 208 -31.55 64.85 36.71
N PHE B 209 -32.69 64.31 36.27
CA PHE B 209 -32.72 63.62 34.97
C PHE B 209 -32.61 64.59 33.81
N ASP B 210 -33.21 65.78 33.94
CA ASP B 210 -33.06 66.80 32.91
C ASP B 210 -31.59 67.18 32.72
N LEU B 211 -30.80 67.11 33.78
CA LEU B 211 -29.36 67.26 33.68
C LEU B 211 -28.65 65.92 33.49
N GLY B 212 -29.40 64.84 33.34
CA GLY B 212 -28.80 63.55 33.06
C GLY B 212 -27.96 62.96 34.17
N TYR B 213 -28.43 63.04 35.40
CA TYR B 213 -27.73 62.45 36.54
C TYR B 213 -28.44 61.18 36.98
N ARG B 214 -27.75 60.41 37.82
CA ARG B 214 -28.27 59.15 38.33
C ARG B 214 -28.10 59.09 39.83
N ILE B 215 -28.94 58.30 40.48
CA ILE B 215 -29.00 58.23 41.94
C ILE B 215 -28.74 56.80 42.37
N GLU B 216 -27.79 56.63 43.29
CA GLU B 216 -27.44 55.33 43.82
C GLU B 216 -27.87 55.23 45.27
N LEU B 217 -28.56 54.15 45.62
CA LEU B 217 -29.01 53.91 46.99
C LEU B 217 -28.48 52.58 47.48
N ASP B 218 -27.73 52.61 48.57
CA ASP B 218 -27.27 51.39 49.23
C ASP B 218 -28.46 50.72 49.89
N VAL B 219 -28.61 49.41 49.66
CA VAL B 219 -29.75 48.66 50.14
C VAL B 219 -29.23 47.52 51.01
N LYS B 220 -29.79 47.38 52.21
CA LYS B 220 -29.43 46.32 53.14
C LYS B 220 -30.68 45.60 53.58
N VAL B 221 -30.92 44.43 52.99
CA VAL B 221 -32.11 43.64 53.27
C VAL B 221 -31.68 42.23 53.65
N ASP B 222 -32.18 41.74 54.78
CA ASP B 222 -31.89 40.41 55.26
C ASP B 222 -33.18 39.70 55.66
N GLY B 223 -33.20 38.38 55.49
CA GLY B 223 -34.36 37.59 55.83
C GLY B 223 -34.02 36.13 55.91
N GLU B 224 -34.79 35.41 56.73
CA GLU B 224 -34.61 33.98 56.94
C GLU B 224 -35.94 33.28 56.73
N MET B 225 -35.88 32.04 56.24
CA MET B 225 -37.07 31.25 55.98
C MET B 225 -36.67 29.78 55.98
N ASN B 226 -37.60 28.92 56.39
CA ASN B 226 -37.34 27.49 56.52
C ASN B 226 -38.16 26.72 55.50
N VAL B 227 -37.54 25.76 54.84
CA VAL B 227 -38.16 25.06 53.72
C VAL B 227 -38.89 23.81 54.17
N GLU B 228 -39.16 23.69 55.47
CA GLU B 228 -39.88 22.53 55.97
C GLU B 228 -41.32 22.84 56.35
N ASN B 229 -41.59 23.99 56.97
CA ASN B 229 -42.94 24.30 57.40
C ASN B 229 -43.32 25.75 57.11
N GLY B 230 -42.38 26.52 56.59
CA GLY B 230 -42.69 27.87 56.17
C GLY B 230 -42.62 28.94 57.23
N ASN B 231 -41.92 28.71 58.35
CA ASN B 231 -41.61 29.80 59.25
C ASN B 231 -40.57 30.70 58.60
N GLY B 232 -40.80 32.00 58.64
CA GLY B 232 -39.87 32.91 57.99
C GLY B 232 -40.11 34.34 58.41
N ASP B 233 -39.15 35.19 58.06
CA ASP B 233 -39.23 36.61 58.35
C ASP B 233 -38.20 37.34 57.50
N THR B 234 -38.46 38.62 57.25
CA THR B 234 -37.52 39.48 56.54
C THR B 234 -37.53 40.84 57.21
N SER B 235 -36.35 41.43 57.37
CA SER B 235 -36.21 42.72 58.02
C SER B 235 -35.34 43.63 57.18
N LEU B 236 -35.81 44.87 56.99
CA LEU B 236 -35.01 45.88 56.32
C LEU B 236 -34.08 46.51 57.36
N ARG B 237 -32.79 46.56 57.03
CA ARG B 237 -31.83 47.00 58.02
C ARG B 237 -31.28 48.40 57.73
N ALA B 238 -31.18 48.77 56.45
CA ALA B 238 -30.61 50.07 56.11
C ALA B 238 -31.00 50.46 54.70
N LEU B 239 -31.29 51.75 54.51
CA LEU B 239 -31.56 52.30 53.19
C LEU B 239 -31.31 53.81 53.26
N ARG B 240 -30.45 54.31 52.38
CA ARG B 240 -29.96 55.66 52.52
C ARG B 240 -29.40 56.14 51.19
N LEU B 241 -29.63 57.42 50.89
CA LEU B 241 -29.19 58.02 49.64
C LEU B 241 -27.67 58.08 49.60
N ALA B 242 -27.05 57.31 48.71
CA ALA B 242 -25.62 57.03 48.78
C ALA B 242 -24.79 57.89 47.84
N ARG B 243 -24.99 57.78 46.53
CA ARG B 243 -24.16 58.48 45.57
C ARG B 243 -25.02 59.19 44.54
N VAL B 244 -24.38 60.11 43.81
CA VAL B 244 -24.95 60.75 42.63
C VAL B 244 -23.90 60.71 41.52
N PHE B 245 -24.31 60.28 40.34
CA PHE B 245 -23.44 60.15 39.19
C PHE B 245 -23.81 61.17 38.12
N ASP B 246 -22.81 61.61 37.36
CA ASP B 246 -23.00 62.54 36.27
C ASP B 246 -23.22 61.76 34.96
N LYS B 247 -23.18 62.46 33.83
CA LYS B 247 -23.46 61.85 32.54
C LYS B 247 -22.31 60.99 32.03
N GLU B 248 -21.08 61.27 32.44
CA GLU B 248 -19.92 60.57 31.91
C GLU B 248 -19.46 59.40 32.78
N GLY B 249 -19.98 59.27 34.00
CA GLY B 249 -19.54 58.23 34.90
C GLY B 249 -18.53 58.69 35.92
N LYS B 250 -18.78 59.84 36.54
CA LYS B 250 -17.92 60.38 37.57
C LYS B 250 -18.76 60.72 38.78
N GLU B 251 -18.17 60.56 39.96
CA GLU B 251 -18.91 60.71 41.21
C GLU B 251 -19.14 62.19 41.52
N ILE B 252 -20.36 62.50 41.94
CA ILE B 252 -20.71 63.81 42.46
C ILE B 252 -21.24 63.64 43.88
N ALA B 253 -20.71 64.42 44.82
CA ALA B 253 -21.03 64.23 46.22
C ALA B 253 -22.49 64.61 46.50
N LEU B 254 -22.97 64.16 47.67
CA LEU B 254 -24.33 64.43 48.12
C LEU B 254 -24.51 65.86 48.59
N THR B 255 -23.43 66.61 48.72
CA THR B 255 -23.50 67.98 49.23
C THR B 255 -23.20 69.02 48.15
N ASP B 256 -22.67 68.63 46.99
CA ASP B 256 -22.33 69.59 45.96
C ASP B 256 -23.57 70.33 45.48
N SER B 257 -23.38 71.59 45.07
CA SER B 257 -24.50 72.45 44.71
C SER B 257 -25.26 71.95 43.49
N ARG B 258 -24.66 71.06 42.70
CA ARG B 258 -25.35 70.54 41.51
C ARG B 258 -26.56 69.70 41.89
N VAL B 259 -26.50 69.01 43.03
CA VAL B 259 -27.59 68.12 43.43
C VAL B 259 -28.07 68.39 44.86
N SER B 260 -27.51 69.36 45.57
CA SER B 260 -27.88 69.58 46.96
C SER B 260 -29.34 70.02 47.10
N ALA B 261 -29.79 70.90 46.19
CA ALA B 261 -31.14 71.44 46.30
C ALA B 261 -32.21 70.36 46.14
N ALA B 262 -32.05 69.45 45.19
CA ALA B 262 -33.04 68.42 44.95
C ALA B 262 -32.95 67.27 45.93
N LEU B 263 -31.92 67.22 46.78
CA LEU B 263 -31.75 66.14 47.73
C LEU B 263 -31.76 66.61 49.18
N SER B 264 -32.16 67.85 49.44
CA SER B 264 -32.24 68.39 50.79
C SER B 264 -33.60 68.01 51.38
N GLY B 265 -33.58 67.28 52.49
CA GLY B 265 -34.81 66.79 53.07
C GLY B 265 -35.43 65.61 52.34
N LEU B 266 -34.72 65.05 51.37
CA LEU B 266 -35.22 63.94 50.58
C LEU B 266 -35.12 62.66 51.41
N THR B 267 -36.23 61.96 51.55
CA THR B 267 -36.30 60.74 52.34
C THR B 267 -36.74 59.58 51.46
N VAL B 268 -36.03 58.46 51.57
CA VAL B 268 -36.39 57.23 50.87
C VAL B 268 -36.61 56.15 51.92
N THR B 269 -37.75 55.46 51.82
CA THR B 269 -38.11 54.40 52.75
C THR B 269 -38.55 53.16 51.98
N GLY B 270 -38.21 52.00 52.54
CA GLY B 270 -38.66 50.74 51.98
C GLY B 270 -39.97 50.32 52.61
N VAL B 271 -40.95 50.02 51.77
CA VAL B 271 -42.30 49.72 52.23
C VAL B 271 -42.60 48.23 52.14
N GLY B 272 -42.41 47.63 50.97
CA GLY B 272 -42.84 46.24 50.83
C GLY B 272 -41.96 45.48 49.87
N TYR B 273 -42.27 44.19 49.75
CA TYR B 273 -41.55 43.31 48.84
C TYR B 273 -42.46 42.15 48.47
N SER B 274 -42.02 41.35 47.51
CA SER B 274 -42.67 40.10 47.16
C SER B 274 -41.64 38.98 47.14
N LEU B 275 -42.11 37.77 46.82
CA LEU B 275 -41.25 36.60 46.76
C LEU B 275 -41.60 35.75 45.55
N GLU B 276 -40.58 35.12 44.97
CA GLU B 276 -40.77 34.03 44.02
C GLU B 276 -40.55 32.72 44.77
N ALA B 277 -41.65 32.06 45.11
CA ALA B 277 -41.60 30.77 45.76
C ALA B 277 -42.62 29.86 45.09
N ARG B 278 -42.33 28.57 45.12
CA ARG B 278 -43.26 27.58 44.58
C ARG B 278 -43.06 26.29 45.37
N LEU B 279 -44.09 25.46 45.35
CA LEU B 279 -44.02 24.18 46.03
C LEU B 279 -42.98 23.31 45.37
N THR B 280 -42.28 22.51 46.17
CA THR B 280 -41.33 21.56 45.63
C THR B 280 -42.01 20.56 44.72
N ASN B 281 -43.31 20.35 44.91
CA ASN B 281 -44.14 19.48 44.08
C ASN B 281 -43.54 18.07 44.02
N ILE B 282 -43.06 17.62 45.17
CA ILE B 282 -42.97 16.19 45.42
C ILE B 282 -44.37 15.65 45.63
N ASN B 283 -45.39 16.49 45.45
CA ASN B 283 -46.66 16.29 46.12
C ASN B 283 -47.76 15.71 45.22
N GLN B 284 -47.71 16.06 43.93
CA GLN B 284 -48.77 15.71 42.99
C GLN B 284 -50.09 16.25 43.53
N LEU B 285 -50.18 17.56 43.72
CA LEU B 285 -51.35 18.16 44.33
C LEU B 285 -52.00 19.16 43.39
N GLU B 286 -51.26 19.58 42.37
CA GLU B 286 -51.78 20.47 41.34
C GLU B 286 -51.29 19.99 39.99
N MET B 287 -52.21 19.84 39.05
CA MET B 287 -51.92 19.26 37.76
C MET B 287 -51.82 20.34 36.70
N GLY B 288 -50.83 20.23 35.84
CA GLY B 288 -50.61 21.20 34.78
C GLY B 288 -51.59 20.99 33.64
N LEU B 289 -51.09 21.21 32.43
CA LEU B 289 -51.91 21.02 31.25
C LEU B 289 -52.19 19.54 31.04
N LEU B 290 -53.40 19.24 30.59
CA LEU B 290 -53.79 17.88 30.22
C LEU B 290 -53.70 17.75 28.71
N ILE B 291 -52.92 16.79 28.24
CA ILE B 291 -52.63 16.65 26.82
C ILE B 291 -53.13 15.30 26.32
N ASP B 292 -53.85 15.31 25.21
CA ASP B 292 -54.45 14.13 24.62
C ASP B 292 -54.03 14.00 23.17
N SER B 293 -53.97 12.77 22.67
CA SER B 293 -53.66 12.50 21.28
C SER B 293 -54.85 11.85 20.61
N ASP B 294 -55.23 12.36 19.44
CA ASP B 294 -56.27 11.78 18.63
C ASP B 294 -55.66 11.23 17.35
N VAL B 295 -56.31 10.23 16.76
CA VAL B 295 -55.83 9.59 15.55
C VAL B 295 -56.83 9.84 14.44
N GLN B 296 -56.41 10.61 13.44
CA GLN B 296 -57.18 10.84 12.24
C GLN B 296 -56.49 10.16 11.07
N LYS B 297 -57.26 9.91 10.01
CA LYS B 297 -56.72 9.18 8.87
C LYS B 297 -57.60 9.40 7.66
N GLN B 298 -57.02 9.12 6.50
CA GLN B 298 -57.65 9.40 5.21
C GLN B 298 -57.36 8.23 4.28
N GLY B 299 -58.27 7.95 3.36
CA GLY B 299 -58.08 6.91 2.37
C GLY B 299 -57.75 7.50 1.00
N PHE B 300 -56.56 7.15 0.51
CA PHE B 300 -56.07 7.64 -0.78
C PHE B 300 -56.02 6.46 -1.74
N MET B 301 -56.92 6.44 -2.73
CA MET B 301 -57.07 5.29 -3.59
C MET B 301 -56.80 5.66 -5.05
N ILE B 302 -56.65 4.63 -5.89
CA ILE B 302 -56.03 4.77 -7.20
C ILE B 302 -57.02 4.33 -8.28
N PRO B 303 -57.27 5.14 -9.30
CA PRO B 303 -58.09 4.71 -10.43
C PRO B 303 -57.29 4.11 -11.58
N THR B 304 -57.97 3.89 -12.69
CA THR B 304 -57.35 3.45 -13.95
C THR B 304 -57.69 4.47 -15.04
N LEU B 305 -56.99 4.42 -16.17
CA LEU B 305 -57.25 5.42 -17.21
C LEU B 305 -57.61 4.77 -18.55
N PRO B 306 -58.24 5.52 -19.45
CA PRO B 306 -58.58 4.97 -20.78
C PRO B 306 -57.35 4.53 -21.54
N PRO B 307 -57.48 3.51 -22.39
CA PRO B 307 -56.29 2.86 -22.96
C PRO B 307 -55.81 3.48 -24.27
N LEU B 308 -54.75 2.88 -24.80
CA LEU B 308 -54.21 3.20 -26.12
C LEU B 308 -54.12 1.92 -26.95
N VAL B 309 -54.08 2.07 -28.27
CA VAL B 309 -54.33 0.95 -29.18
C VAL B 309 -53.28 0.93 -30.28
N ILE B 310 -52.90 -0.27 -30.70
CA ILE B 310 -52.08 -0.50 -31.90
C ILE B 310 -52.82 -1.51 -32.77
N VAL B 311 -52.65 -1.39 -34.08
CA VAL B 311 -53.16 -2.37 -35.04
C VAL B 311 -51.99 -3.00 -35.76
N LYS B 312 -51.99 -4.33 -35.83
CA LYS B 312 -50.86 -5.08 -36.36
C LYS B 312 -51.38 -6.27 -37.15
N PRO B 313 -50.72 -6.67 -38.24
CA PRO B 313 -51.12 -7.89 -38.92
C PRO B 313 -51.00 -9.11 -38.03
N ALA B 314 -51.88 -10.08 -38.25
CA ALA B 314 -52.09 -11.14 -37.26
C ALA B 314 -51.28 -12.39 -37.55
N MET B 315 -51.19 -12.80 -38.82
CA MET B 315 -50.64 -14.11 -39.17
C MET B 315 -49.13 -14.17 -39.04
N VAL B 316 -48.51 -13.21 -38.36
CA VAL B 316 -47.08 -13.21 -38.14
C VAL B 316 -46.82 -13.15 -36.63
N GLU B 317 -45.55 -13.29 -36.27
CA GLU B 317 -45.18 -13.32 -34.86
C GLU B 317 -45.03 -11.91 -34.31
N ASP B 318 -45.47 -11.71 -33.06
CA ASP B 318 -45.24 -10.47 -32.34
C ASP B 318 -44.11 -10.58 -31.33
N ASP B 319 -43.63 -11.78 -31.05
CA ASP B 319 -42.63 -12.02 -30.02
C ASP B 319 -41.19 -11.82 -30.51
N LYS B 320 -40.93 -12.04 -31.80
CA LYS B 320 -39.57 -12.04 -32.29
C LYS B 320 -39.46 -11.18 -33.55
N THR B 321 -40.61 -10.83 -34.13
CA THR B 321 -40.64 -10.02 -35.33
C THR B 321 -41.34 -8.70 -35.03
N TYR B 322 -40.70 -7.60 -35.41
CA TYR B 322 -41.21 -6.23 -35.34
C TYR B 322 -41.04 -5.69 -33.93
N PRO B 323 -40.78 -4.37 -33.78
CA PRO B 323 -40.49 -3.82 -32.46
C PRO B 323 -41.67 -3.93 -31.50
N ARG B 324 -41.43 -3.53 -30.25
CA ARG B 324 -42.49 -3.42 -29.27
C ARG B 324 -43.24 -2.10 -29.40
N LEU B 325 -43.16 -1.45 -30.57
CA LEU B 325 -43.90 -0.24 -30.86
C LEU B 325 -43.57 0.87 -29.86
N GLU B 326 -42.33 1.36 -29.91
CA GLU B 326 -41.92 2.45 -29.02
C GLU B 326 -42.83 3.65 -29.16
N ALA B 327 -43.45 3.83 -30.32
CA ALA B 327 -44.44 4.88 -30.49
C ALA B 327 -45.52 4.80 -29.43
N LEU B 328 -45.95 3.57 -29.09
CA LEU B 328 -46.93 3.40 -28.03
C LEU B 328 -46.42 3.96 -26.71
N THR B 329 -45.19 3.64 -26.34
CA THR B 329 -44.66 4.10 -25.06
C THR B 329 -44.52 5.62 -25.03
N THR B 330 -44.04 6.21 -26.13
CA THR B 330 -43.91 7.66 -26.17
C THR B 330 -45.27 8.34 -26.08
N ALA B 331 -46.26 7.81 -26.80
CA ALA B 331 -47.61 8.36 -26.72
C ALA B 331 -48.16 8.24 -25.31
N TYR B 332 -47.96 7.10 -24.67
CA TYR B 332 -48.36 6.93 -23.28
C TYR B 332 -47.72 8.01 -22.40
N ARG B 333 -46.40 8.16 -22.50
CA ARG B 333 -45.70 9.14 -21.70
C ARG B 333 -46.32 10.53 -21.86
N ILE B 334 -46.28 11.05 -23.08
CA ILE B 334 -46.72 12.43 -23.32
C ILE B 334 -48.17 12.62 -22.94
N GLN B 335 -49.03 11.66 -23.32
CA GLN B 335 -50.45 11.79 -23.05
C GLN B 335 -50.73 11.79 -21.55
N GLN B 336 -50.09 10.90 -20.81
CA GLN B 336 -50.53 10.62 -19.46
C GLN B 336 -49.74 11.34 -18.38
N MET B 337 -48.41 11.24 -18.37
CA MET B 337 -47.64 11.84 -17.28
C MET B 337 -47.65 13.36 -17.28
N ARG B 338 -47.56 14.01 -18.45
CA ARG B 338 -47.30 15.44 -18.42
C ARG B 338 -48.58 16.26 -18.35
N ASN B 339 -49.46 16.11 -19.34
CA ASN B 339 -50.59 17.04 -19.45
C ASN B 339 -51.53 16.95 -18.25
N ASN B 340 -51.80 15.72 -17.79
CA ASN B 340 -52.62 15.57 -16.60
C ASN B 340 -52.02 16.32 -15.42
N ALA B 341 -50.69 16.34 -15.30
CA ALA B 341 -50.05 17.02 -14.19
C ALA B 341 -50.34 18.52 -14.21
N VAL B 342 -50.11 19.17 -15.35
CA VAL B 342 -50.32 20.61 -15.41
C VAL B 342 -51.81 20.93 -15.24
N THR B 343 -52.68 20.08 -15.77
CA THR B 343 -54.11 20.30 -15.59
C THR B 343 -54.48 20.26 -14.11
N THR B 344 -53.97 19.26 -13.38
CA THR B 344 -54.26 19.17 -11.95
C THR B 344 -53.69 20.36 -11.20
N LEU B 345 -52.49 20.82 -11.58
CA LEU B 345 -51.88 21.95 -10.89
C LEU B 345 -52.73 23.22 -11.07
N LEU B 346 -53.16 23.48 -12.30
CA LEU B 346 -53.98 24.66 -12.53
C LEU B 346 -55.33 24.55 -11.83
N ASN B 347 -55.92 23.36 -11.81
CA ASN B 347 -57.18 23.19 -11.09
C ASN B 347 -56.98 23.41 -9.60
N ARG B 348 -55.85 22.98 -9.05
CA ARG B 348 -55.55 23.27 -7.64
C ARG B 348 -55.45 24.77 -7.41
N ALA B 349 -54.79 25.47 -8.33
CA ALA B 349 -54.69 26.93 -8.21
C ALA B 349 -56.07 27.56 -8.16
N ASP B 350 -56.94 27.21 -9.11
CA ASP B 350 -58.27 27.79 -9.13
C ASP B 350 -59.08 27.40 -7.90
N THR B 351 -58.92 26.17 -7.42
CA THR B 351 -59.70 25.72 -6.28
C THR B 351 -59.31 26.48 -5.01
N LEU B 352 -58.00 26.65 -4.78
CA LEU B 352 -57.57 27.46 -3.64
C LEU B 352 -58.06 28.90 -3.77
N LYS B 353 -57.92 29.48 -4.97
CA LYS B 353 -58.42 30.83 -5.20
C LYS B 353 -59.89 30.93 -4.85
N SER B 354 -60.66 29.89 -5.19
CA SER B 354 -62.10 29.92 -4.93
C SER B 354 -62.40 29.80 -3.44
N TYR B 355 -61.73 28.87 -2.75
CA TYR B 355 -62.11 28.60 -1.37
C TYR B 355 -61.55 29.60 -0.38
N LEU B 356 -60.25 29.89 -0.41
CA LEU B 356 -59.63 30.61 0.70
C LEU B 356 -59.62 32.12 0.54
N GLY B 357 -59.92 32.64 -0.65
CA GLY B 357 -59.79 34.07 -0.88
C GLY B 357 -58.32 34.45 -1.00
N VAL B 358 -58.05 35.70 -1.32
CA VAL B 358 -56.67 36.12 -1.55
C VAL B 358 -56.12 36.75 -0.27
N GLY B 359 -54.91 36.33 0.12
CA GLY B 359 -54.21 36.93 1.23
C GLY B 359 -54.95 36.88 2.55
N VAL B 360 -55.67 35.80 2.82
CA VAL B 360 -56.41 35.66 4.07
C VAL B 360 -55.99 34.38 4.78
N PRO B 361 -55.10 34.46 5.76
CA PRO B 361 -54.76 33.27 6.54
C PRO B 361 -55.93 32.80 7.40
N HIS B 362 -56.01 31.50 7.61
CA HIS B 362 -57.01 30.90 8.47
C HIS B 362 -56.32 30.10 9.58
N PRO B 363 -56.98 29.96 10.74
CA PRO B 363 -56.39 29.13 11.80
C PRO B 363 -56.33 27.67 11.38
N ILE B 364 -55.51 26.92 12.11
CA ILE B 364 -55.28 25.52 11.76
C ILE B 364 -56.57 24.74 11.88
N GLU B 365 -56.75 23.75 10.99
CA GLU B 365 -57.86 22.80 11.08
C GLU B 365 -59.20 23.53 11.01
N SER B 366 -59.18 24.75 10.51
CA SER B 366 -60.40 25.55 10.42
C SER B 366 -61.19 25.29 9.15
N ASN B 367 -60.72 24.39 8.29
CA ASN B 367 -61.46 23.97 7.11
C ASN B 367 -61.09 22.54 6.78
N LEU B 368 -62.02 21.82 6.16
CA LEU B 368 -61.82 20.42 5.82
C LEU B 368 -61.98 20.16 4.33
N GLY B 369 -62.56 21.10 3.58
CA GLY B 369 -62.82 20.87 2.17
C GLY B 369 -61.58 20.67 1.32
N LEU B 370 -60.46 21.28 1.70
CA LEU B 370 -59.25 21.15 0.90
C LEU B 370 -58.72 19.72 0.95
N GLU B 371 -58.24 19.24 -0.18
CA GLU B 371 -57.67 17.90 -0.27
C GLU B 371 -56.26 17.94 0.30
N GLY B 372 -55.92 16.94 1.10
CA GLY B 372 -54.61 16.86 1.71
C GLY B 372 -54.70 16.79 3.22
N VAL B 373 -53.53 16.74 3.85
CA VAL B 373 -53.41 16.61 5.29
C VAL B 373 -52.68 17.79 5.91
N GLY B 374 -51.78 18.45 5.16
CA GLY B 374 -50.97 19.52 5.69
C GLY B 374 -51.73 20.59 6.45
N GLN B 375 -53.04 20.69 6.21
CA GLN B 375 -53.86 21.60 7.00
C GLN B 375 -53.90 21.21 8.47
N TYR B 376 -53.52 19.98 8.81
CA TYR B 376 -53.31 19.60 10.19
C TYR B 376 -52.00 20.12 10.76
N TYR B 377 -51.16 20.73 9.92
CA TYR B 377 -49.84 21.18 10.35
C TYR B 377 -49.59 22.65 10.05
N VAL B 378 -50.03 23.15 8.91
CA VAL B 378 -49.64 24.47 8.43
C VAL B 378 -50.88 25.27 8.12
N ARG B 379 -50.88 26.54 8.50
CA ARG B 379 -52.01 27.43 8.26
C ARG B 379 -52.27 27.57 6.76
N PRO B 380 -53.50 27.34 6.33
CA PRO B 380 -53.84 27.55 4.91
C PRO B 380 -53.64 29.01 4.52
N TYR B 381 -53.19 29.23 3.28
CA TYR B 381 -52.89 30.57 2.80
C TYR B 381 -52.76 30.55 1.30
N TYR B 382 -53.49 31.43 0.62
CA TYR B 382 -53.38 31.58 -0.82
C TYR B 382 -53.38 33.05 -1.18
N ASN B 383 -52.32 33.51 -1.83
CA ASN B 383 -52.21 34.89 -2.29
C ASN B 383 -51.64 34.91 -3.69
N GLU B 384 -52.26 35.71 -4.54
CA GLU B 384 -51.79 35.88 -5.91
C GLU B 384 -51.59 37.36 -6.16
N ALA B 385 -50.60 37.69 -6.98
CA ALA B 385 -50.33 39.07 -7.36
C ALA B 385 -50.06 39.12 -8.85
N THR B 386 -50.57 40.17 -9.49
CA THR B 386 -50.26 40.45 -10.89
C THR B 386 -49.30 41.63 -10.93
N ILE B 387 -48.27 41.53 -11.74
CA ILE B 387 -47.30 42.59 -11.91
C ILE B 387 -47.45 43.13 -13.32
N ASP B 388 -47.61 44.44 -13.44
CA ASP B 388 -47.74 45.09 -14.74
C ASP B 388 -46.38 45.69 -15.08
N VAL B 389 -45.73 45.12 -16.10
CA VAL B 389 -44.35 45.47 -16.39
C VAL B 389 -44.24 46.93 -16.82
N LEU B 390 -45.14 47.36 -17.70
CA LEU B 390 -45.02 48.72 -18.25
C LEU B 390 -45.41 49.79 -17.25
N ASN B 391 -46.47 49.55 -16.47
CA ASN B 391 -46.94 50.56 -15.52
C ASN B 391 -45.97 50.77 -14.37
N ASP B 392 -45.43 49.69 -13.79
CA ASP B 392 -44.61 49.81 -12.60
C ASP B 392 -43.16 50.18 -12.91
N LEU B 393 -42.78 50.23 -14.18
CA LEU B 393 -41.41 50.55 -14.56
C LEU B 393 -41.39 51.70 -15.55
N ASN B 394 -40.20 52.30 -15.70
CA ASN B 394 -40.01 53.44 -16.57
C ASN B 394 -38.62 53.37 -17.18
N ASN B 395 -38.53 52.87 -18.40
CA ASN B 395 -37.26 52.77 -19.09
C ASN B 395 -37.51 52.77 -20.59
N LEU B 396 -36.52 53.23 -21.35
CA LEU B 396 -36.57 53.21 -22.80
C LEU B 396 -35.29 52.68 -23.43
N THR B 397 -34.17 52.69 -22.71
CA THR B 397 -32.89 52.22 -23.23
C THR B 397 -32.88 50.70 -23.19
N SER B 398 -32.49 50.08 -24.30
CA SER B 398 -32.52 48.62 -24.40
C SER B 398 -31.52 47.98 -23.43
N ALA B 399 -30.39 48.64 -23.18
CA ALA B 399 -29.30 48.01 -22.44
C ALA B 399 -29.71 47.67 -21.01
N ALA B 400 -30.41 48.59 -20.34
CA ALA B 400 -30.73 48.44 -18.93
C ALA B 400 -32.09 47.80 -18.69
N LYS B 401 -32.78 47.37 -19.75
CA LYS B 401 -34.14 46.89 -19.58
C LYS B 401 -34.18 45.62 -18.73
N GLN B 402 -33.37 44.61 -19.07
CA GLN B 402 -33.40 43.39 -18.30
C GLN B 402 -32.95 43.62 -16.86
N THR B 403 -32.05 44.57 -16.63
CA THR B 403 -31.68 44.86 -15.25
C THR B 403 -32.89 45.31 -14.43
N ASP B 404 -33.67 46.24 -14.97
CA ASP B 404 -34.87 46.71 -14.30
C ASP B 404 -35.87 45.57 -14.12
N ILE B 405 -36.04 44.76 -15.16
CA ILE B 405 -37.01 43.66 -15.09
C ILE B 405 -36.60 42.66 -14.02
N GLN B 406 -35.31 42.33 -13.96
CA GLN B 406 -34.81 41.42 -12.93
C GLN B 406 -35.08 41.97 -11.55
N GLY B 407 -34.78 43.26 -11.35
CA GLY B 407 -35.07 43.85 -10.06
C GLY B 407 -36.52 43.70 -9.69
N LEU B 408 -37.42 44.02 -10.63
CA LEU B 408 -38.86 43.92 -10.36
C LEU B 408 -39.25 42.51 -9.96
N ILE B 409 -38.90 41.53 -10.80
CA ILE B 409 -39.41 40.17 -10.59
C ILE B 409 -38.80 39.56 -9.33
N VAL B 410 -37.51 39.74 -9.13
CA VAL B 410 -36.86 39.15 -7.96
C VAL B 410 -37.41 39.77 -6.68
N SER B 411 -37.61 41.10 -6.70
CA SER B 411 -38.20 41.77 -5.55
C SER B 411 -39.56 41.17 -5.23
N LYS B 412 -40.41 41.00 -6.25
CA LYS B 412 -41.73 40.46 -6.00
C LYS B 412 -41.68 39.03 -5.48
N ILE B 413 -40.77 38.21 -6.03
CA ILE B 413 -40.68 36.82 -5.59
C ILE B 413 -40.26 36.75 -4.13
N ASN B 414 -39.24 37.54 -3.75
CA ASN B 414 -38.80 37.53 -2.37
C ASN B 414 -39.91 38.00 -1.44
N GLU B 415 -40.60 39.08 -1.82
CA GLU B 415 -41.75 39.53 -1.04
C GLU B 415 -42.74 38.41 -0.81
N MET B 416 -43.14 37.75 -1.90
CA MET B 416 -44.22 36.78 -1.79
C MET B 416 -43.80 35.62 -0.91
N VAL B 417 -42.58 35.09 -1.11
CA VAL B 417 -42.14 33.93 -0.35
C VAL B 417 -42.06 34.28 1.14
N TYR B 418 -41.42 35.41 1.46
CA TYR B 418 -41.22 35.72 2.87
C TYR B 418 -42.55 36.00 3.57
N THR B 419 -43.42 36.80 2.95
CA THR B 419 -44.70 37.09 3.59
C THR B 419 -45.54 35.84 3.76
N ALA B 420 -45.58 34.98 2.74
CA ALA B 420 -46.37 33.76 2.84
C ALA B 420 -45.85 32.88 3.96
N ASP B 421 -44.53 32.71 4.05
CA ASP B 421 -44.00 31.89 5.13
C ASP B 421 -44.35 32.51 6.49
N GLN B 422 -44.21 33.84 6.59
CA GLN B 422 -44.55 34.52 7.84
C GLN B 422 -45.96 34.20 8.28
N LEU B 423 -46.91 34.28 7.35
CA LEU B 423 -48.30 34.02 7.72
C LEU B 423 -48.54 32.54 7.99
N THR B 424 -47.73 31.66 7.41
CA THR B 424 -47.94 30.23 7.64
C THR B 424 -47.08 29.65 8.75
N GLY B 425 -45.89 30.18 8.97
CA GLY B 425 -44.97 29.56 9.92
C GLY B 425 -44.47 28.22 9.47
N TYR B 426 -44.08 28.11 8.19
CA TYR B 426 -43.74 26.81 7.61
C TYR B 426 -42.49 26.21 8.24
N THR B 427 -41.42 26.99 8.32
CA THR B 427 -40.14 26.45 8.79
C THR B 427 -40.25 26.00 10.23
N ALA B 428 -41.07 26.66 11.04
CA ALA B 428 -41.31 26.19 12.39
C ALA B 428 -41.97 24.82 12.39
N ALA B 429 -42.91 24.60 11.48
CA ALA B 429 -43.54 23.30 11.37
C ALA B 429 -42.51 22.24 10.97
N LEU B 430 -41.62 22.56 10.02
CA LEU B 430 -40.57 21.62 9.66
C LEU B 430 -39.67 21.31 10.85
N GLU B 431 -39.29 22.34 11.61
CA GLU B 431 -38.43 22.12 12.75
C GLU B 431 -39.09 21.24 13.80
N ALA B 432 -40.38 21.45 14.05
CA ALA B 432 -41.06 20.68 15.09
C ALA B 432 -41.33 19.25 14.63
N ALA B 433 -41.62 19.05 13.34
CA ALA B 433 -41.99 17.73 12.86
C ALA B 433 -40.81 16.79 12.76
N PHE B 434 -39.61 17.30 12.50
CA PHE B 434 -38.42 16.48 12.29
C PHE B 434 -37.53 16.57 13.52
N SER B 435 -37.24 15.42 14.12
CA SER B 435 -36.36 15.34 15.27
C SER B 435 -35.07 14.64 14.87
N GLY B 436 -33.92 15.24 15.20
CA GLY B 436 -32.62 14.71 14.84
C GLY B 436 -32.01 15.33 13.61
N ARG B 437 -32.80 15.96 12.74
CA ARG B 437 -32.26 16.69 11.60
C ARG B 437 -33.26 17.77 11.22
N SER B 438 -32.77 18.79 10.52
CA SER B 438 -33.62 19.86 10.09
C SER B 438 -33.26 20.20 8.65
N PRO B 439 -34.02 19.72 7.68
CA PRO B 439 -33.75 20.07 6.29
C PRO B 439 -34.13 21.52 6.01
N LYS B 440 -33.21 22.22 5.37
CA LYS B 440 -33.38 23.61 5.03
C LYS B 440 -34.50 23.74 3.99
N PRO B 441 -35.50 24.58 4.26
CA PRO B 441 -36.70 24.59 3.42
C PRO B 441 -36.37 24.94 1.97
N HIS B 442 -37.00 24.22 1.06
CA HIS B 442 -36.75 24.35 -0.37
C HIS B 442 -37.95 25.01 -1.03
N VAL B 443 -37.71 26.10 -1.75
CA VAL B 443 -38.76 26.83 -2.46
C VAL B 443 -38.69 26.42 -3.93
N ALA B 444 -39.84 26.01 -4.49
CA ALA B 444 -39.90 25.56 -5.86
C ALA B 444 -40.51 26.63 -6.75
N ILE B 445 -39.93 26.84 -7.92
CA ILE B 445 -40.43 27.79 -8.90
C ILE B 445 -40.59 27.06 -10.22
N GLY B 446 -41.83 26.95 -10.69
CA GLY B 446 -42.13 26.33 -11.96
C GLY B 446 -42.85 27.32 -12.87
N THR B 447 -42.31 27.49 -14.07
CA THR B 447 -42.81 28.50 -14.98
C THR B 447 -42.64 28.01 -16.41
N ASP B 448 -43.08 28.83 -17.36
CA ASP B 448 -42.91 28.51 -18.77
C ASP B 448 -41.49 28.84 -19.22
N MET B 449 -41.23 28.80 -20.52
CA MET B 449 -39.89 28.91 -21.05
C MET B 449 -39.50 30.35 -21.38
N ARG B 450 -40.35 31.31 -21.04
CA ARG B 450 -40.12 32.71 -21.38
C ARG B 450 -39.46 33.53 -20.28
N LEU B 451 -40.04 33.54 -19.09
CA LEU B 451 -39.54 34.31 -17.96
C LEU B 451 -38.14 33.96 -17.46
N PRO B 452 -37.77 32.67 -17.34
CA PRO B 452 -36.62 32.31 -16.47
C PRO B 452 -35.38 33.17 -16.64
N GLN B 453 -35.28 33.97 -17.71
CA GLN B 453 -34.14 34.87 -17.85
C GLN B 453 -34.11 35.90 -16.74
N TYR B 454 -35.24 36.13 -16.09
CA TYR B 454 -35.41 37.24 -15.19
C TYR B 454 -35.50 36.78 -13.75
N ILE B 455 -35.68 35.48 -13.52
CA ILE B 455 -35.74 34.94 -12.17
C ILE B 455 -34.38 35.04 -11.50
N GLN B 456 -33.31 34.89 -12.27
CA GLN B 456 -31.96 34.79 -11.73
C GLN B 456 -31.22 36.10 -11.98
N ILE B 457 -30.70 36.71 -10.92
CA ILE B 457 -30.03 37.99 -11.03
C ILE B 457 -28.65 37.79 -11.62
N ASN B 458 -28.23 38.74 -12.46
CA ASN B 458 -26.86 38.75 -12.94
C ASN B 458 -25.94 39.39 -11.90
N GLY B 459 -24.77 38.79 -11.71
CA GLY B 459 -23.78 39.32 -10.81
C GLY B 459 -23.72 38.70 -9.43
N ASP B 460 -24.71 37.90 -9.06
CA ASP B 460 -24.76 37.33 -7.73
C ASP B 460 -24.91 35.82 -7.77
N ASP B 461 -24.94 35.22 -6.58
CA ASP B 461 -25.13 33.79 -6.40
C ASP B 461 -26.47 33.45 -5.76
N ARG B 462 -27.13 34.44 -5.15
CA ARG B 462 -28.36 34.23 -4.41
C ARG B 462 -29.47 34.99 -5.10
N THR B 463 -30.24 34.29 -5.94
CA THR B 463 -31.17 34.97 -6.82
C THR B 463 -32.53 35.14 -6.17
N VAL B 464 -33.17 34.04 -5.81
CA VAL B 464 -34.45 34.10 -5.12
C VAL B 464 -34.24 33.55 -3.73
N GLY B 465 -33.17 32.79 -3.56
CA GLY B 465 -32.84 32.22 -2.28
C GLY B 465 -31.88 33.09 -1.50
N ILE B 466 -32.38 33.78 -0.49
CA ILE B 466 -31.55 34.46 0.49
C ILE B 466 -31.38 33.62 1.74
N GLY B 467 -32.42 32.90 2.13
CA GLY B 467 -32.34 31.90 3.18
C GLY B 467 -33.09 30.66 2.75
N TYR B 468 -33.06 30.35 1.45
CA TYR B 468 -33.81 29.24 0.89
C TYR B 468 -33.03 28.62 -0.25
N ASP B 469 -33.40 27.39 -0.61
CA ASP B 469 -32.85 26.72 -1.76
C ASP B 469 -33.92 26.57 -2.84
N TYR B 470 -33.56 26.92 -4.07
CA TYR B 470 -34.53 26.99 -5.15
C TYR B 470 -34.12 26.05 -6.27
N THR B 471 -35.11 25.57 -7.01
CA THR B 471 -34.90 24.78 -8.21
C THR B 471 -35.88 25.27 -9.27
N ILE B 472 -35.35 25.63 -10.44
CA ILE B 472 -36.15 26.21 -11.52
C ILE B 472 -36.41 25.14 -12.57
N ALA B 473 -37.68 24.87 -12.85
CA ALA B 473 -38.08 23.92 -13.86
C ALA B 473 -38.80 24.66 -14.98
N ARG B 474 -38.77 24.09 -16.18
CA ARG B 474 -39.39 24.70 -17.34
C ARG B 474 -40.28 23.70 -18.05
N ILE B 475 -41.45 24.17 -18.49
CA ILE B 475 -42.39 23.37 -19.25
C ILE B 475 -42.71 24.12 -20.54
N SER B 476 -43.00 23.35 -21.59
CA SER B 476 -43.30 23.93 -22.90
C SER B 476 -44.78 23.98 -23.21
N ASP B 477 -45.64 23.70 -22.23
CA ASP B 477 -47.08 23.70 -22.48
C ASP B 477 -47.58 25.12 -22.72
N LEU B 478 -48.69 25.23 -23.45
CA LEU B 478 -49.25 26.54 -23.74
C LEU B 478 -50.23 27.03 -22.68
N ARG B 479 -50.65 26.17 -21.75
CA ARG B 479 -51.45 26.66 -20.64
C ARG B 479 -50.71 27.70 -19.82
N MET B 480 -49.45 27.43 -19.47
CA MET B 480 -48.70 28.24 -18.53
C MET B 480 -47.99 29.40 -19.20
N LYS B 481 -48.52 29.90 -20.31
CA LYS B 481 -47.91 31.04 -21.01
C LYS B 481 -47.65 32.16 -20.04
N ASP B 482 -46.37 32.55 -19.91
CA ASP B 482 -45.89 33.61 -19.02
C ASP B 482 -46.61 33.62 -17.67
N LYS B 483 -46.50 32.52 -16.94
CA LYS B 483 -47.05 32.40 -15.59
C LYS B 483 -46.02 31.70 -14.71
N ILE B 484 -46.12 31.93 -13.39
CA ILE B 484 -45.24 31.28 -12.42
C ILE B 484 -46.10 30.71 -11.29
N VAL B 485 -45.87 29.44 -10.98
CA VAL B 485 -46.55 28.75 -9.88
C VAL B 485 -45.52 28.38 -8.84
N MET B 486 -45.80 28.69 -7.58
CA MET B 486 -44.81 28.56 -6.52
C MET B 486 -45.40 27.86 -5.31
N THR B 487 -44.63 26.93 -4.74
CA THR B 487 -45.01 26.26 -3.50
C THR B 487 -43.79 25.54 -2.94
N PHE B 488 -43.96 24.96 -1.76
CA PHE B 488 -42.87 24.32 -1.05
C PHE B 488 -42.84 22.82 -1.30
N ILE B 489 -41.63 22.26 -1.29
CA ILE B 489 -41.41 20.82 -1.47
C ILE B 489 -40.32 20.38 -0.49
N LEU B 490 -40.10 19.06 -0.45
CA LEU B 490 -39.02 18.48 0.34
C LEU B 490 -38.03 17.77 -0.58
N PRO B 491 -36.73 18.02 -0.45
CA PRO B 491 -35.77 17.58 -1.47
C PRO B 491 -35.48 16.09 -1.48
N ASN B 492 -35.27 15.49 -0.31
CA ASN B 492 -34.62 14.18 -0.23
C ASN B 492 -35.51 13.10 0.37
N GLU B 493 -36.80 13.10 0.08
CA GLU B 493 -37.75 12.19 0.68
C GLU B 493 -38.56 11.50 -0.41
N SER B 494 -39.02 10.27 -0.14
CA SER B 494 -39.63 9.47 -1.19
C SER B 494 -40.92 8.76 -0.80
N GLU B 495 -41.63 9.21 0.23
CA GLU B 495 -42.83 8.58 0.75
C GLU B 495 -43.94 9.62 0.92
N PRO B 496 -45.20 9.19 1.01
CA PRO B 496 -46.25 10.17 1.33
C PRO B 496 -46.14 10.62 2.79
N HIS B 497 -46.14 11.92 2.99
CA HIS B 497 -45.89 12.52 4.29
C HIS B 497 -46.62 13.85 4.34
N PRO B 498 -47.14 14.24 5.50
CA PRO B 498 -48.04 15.41 5.54
C PRO B 498 -47.39 16.71 5.06
N LEU B 499 -46.07 16.82 5.06
CA LEU B 499 -45.41 18.01 4.58
C LEU B 499 -44.97 17.92 3.12
N GLN B 500 -45.22 16.79 2.47
CA GLN B 500 -45.00 16.71 1.02
C GLN B 500 -46.02 17.57 0.29
N HIS B 501 -45.61 18.12 -0.85
CA HIS B 501 -46.54 18.93 -1.63
C HIS B 501 -47.62 18.06 -2.27
N GLY B 502 -47.21 16.93 -2.84
CA GLY B 502 -48.15 16.04 -3.50
C GLY B 502 -47.41 14.83 -4.03
N VAL B 503 -48.16 13.75 -4.21
CA VAL B 503 -47.59 12.48 -4.63
C VAL B 503 -48.33 11.99 -5.87
N LEU B 504 -47.58 11.30 -6.72
CA LEU B 504 -48.15 10.62 -7.88
C LEU B 504 -48.27 9.15 -7.52
N GLY B 505 -49.47 8.73 -7.11
CA GLY B 505 -49.67 7.33 -6.78
C GLY B 505 -49.59 6.49 -8.02
N PHE B 506 -48.50 5.74 -8.16
CA PHE B 506 -48.23 5.02 -9.40
C PHE B 506 -48.25 3.53 -9.13
N ILE B 507 -48.98 2.81 -9.96
CA ILE B 507 -48.91 1.35 -10.04
C ILE B 507 -48.68 0.98 -11.49
N PRO B 508 -47.56 0.33 -11.82
CA PRO B 508 -47.24 0.06 -13.24
C PRO B 508 -48.26 -0.88 -13.84
N GLU B 509 -48.50 -0.73 -15.14
CA GLU B 509 -49.49 -1.53 -15.83
C GLU B 509 -48.81 -2.58 -16.71
N TYR B 510 -49.62 -3.58 -17.07
CA TYR B 510 -49.19 -4.76 -17.79
C TYR B 510 -49.48 -4.64 -19.28
N LEU B 511 -48.44 -4.79 -20.09
CA LEU B 511 -48.60 -4.80 -21.54
C LEU B 511 -49.37 -6.05 -21.95
N VAL B 512 -50.41 -5.87 -22.75
CA VAL B 512 -51.34 -6.93 -23.12
C VAL B 512 -51.38 -7.08 -24.63
N ASP B 513 -51.15 -8.29 -25.11
CA ASP B 513 -51.10 -8.59 -26.54
C ASP B 513 -52.03 -9.78 -26.82
N PHE B 514 -53.10 -9.54 -27.57
CA PHE B 514 -54.04 -10.59 -27.92
C PHE B 514 -54.72 -10.26 -29.24
N ASN B 515 -55.23 -11.30 -29.89
CA ASN B 515 -56.04 -11.13 -31.10
C ASN B 515 -57.46 -10.75 -30.70
N MET B 516 -58.05 -9.79 -31.42
CA MET B 516 -59.43 -9.38 -31.19
C MET B 516 -60.10 -9.11 -32.52
N ILE B 517 -61.31 -9.63 -32.68
CA ILE B 517 -62.06 -9.51 -33.93
C ILE B 517 -62.76 -8.16 -33.94
N ARG B 518 -62.41 -7.32 -34.90
CA ARG B 518 -62.89 -5.94 -34.92
C ARG B 518 -63.48 -5.64 -36.28
N ASN B 519 -64.80 -5.72 -36.39
CA ASN B 519 -65.51 -5.41 -37.63
C ASN B 519 -65.02 -6.26 -38.80
N GLN B 520 -65.10 -7.57 -38.66
CA GLN B 520 -64.61 -8.54 -39.63
C GLN B 520 -63.14 -8.36 -39.96
N ARG B 521 -62.33 -7.94 -38.98
CA ARG B 521 -60.89 -7.87 -39.16
C ARG B 521 -60.21 -8.71 -38.09
N ILE B 522 -59.21 -9.48 -38.50
CA ILE B 522 -58.43 -10.30 -37.59
C ILE B 522 -57.05 -9.66 -37.47
N GLY B 523 -56.81 -8.96 -36.38
CA GLY B 523 -55.53 -8.30 -36.15
C GLY B 523 -55.11 -8.45 -34.70
N ARG B 524 -53.80 -8.36 -34.48
CA ARG B 524 -53.25 -8.36 -33.13
C ARG B 524 -53.52 -7.01 -32.49
N GLU B 525 -53.75 -7.02 -31.19
CA GLU B 525 -53.97 -5.79 -30.42
C GLU B 525 -52.94 -5.73 -29.30
N ILE B 526 -52.38 -4.54 -29.10
CA ILE B 526 -51.47 -4.28 -28.00
C ILE B 526 -51.99 -3.06 -27.25
N ARG B 527 -52.58 -3.29 -26.09
CA ARG B 527 -53.22 -2.24 -25.30
C ARG B 527 -52.42 -2.01 -24.03
N LEU B 528 -52.19 -0.74 -23.70
CA LEU B 528 -51.64 -0.36 -22.40
C LEU B 528 -52.65 0.51 -21.70
N THR B 529 -53.08 0.08 -20.51
CA THR B 529 -54.15 0.76 -19.80
C THR B 529 -53.55 1.55 -18.65
N PRO B 530 -53.15 2.80 -18.85
CA PRO B 530 -52.50 3.56 -17.78
C PRO B 530 -53.41 3.73 -16.58
N ARG B 531 -52.78 3.87 -15.41
CA ARG B 531 -53.53 4.00 -14.17
C ARG B 531 -52.68 4.71 -13.12
N TYR B 532 -53.13 5.91 -12.76
CA TYR B 532 -52.42 6.83 -11.87
C TYR B 532 -53.39 7.92 -11.46
N ARG B 533 -52.95 8.75 -10.51
CA ARG B 533 -53.71 9.94 -10.13
C ARG B 533 -52.78 10.92 -9.45
N TYR B 534 -52.98 12.20 -9.73
CA TYR B 534 -52.21 13.25 -9.07
C TYR B 534 -52.93 13.71 -7.81
N PHE B 535 -52.33 13.44 -6.66
CA PHE B 535 -52.87 13.82 -5.37
C PHE B 535 -52.28 15.15 -4.96
N ASN B 536 -52.86 15.76 -3.92
CA ASN B 536 -52.47 17.09 -3.48
C ASN B 536 -52.59 17.17 -1.97
N PHE B 537 -51.47 17.45 -1.30
CA PHE B 537 -51.45 17.53 0.16
C PHE B 537 -51.36 18.97 0.65
N LEU B 538 -50.35 19.71 0.24
CA LEU B 538 -50.03 20.96 0.92
C LEU B 538 -51.01 22.06 0.49
N PRO B 539 -51.77 22.64 1.42
CA PRO B 539 -52.77 23.65 1.02
C PRO B 539 -52.22 25.06 1.05
N ILE B 540 -51.08 25.29 0.41
CA ILE B 540 -50.52 26.62 0.24
C ILE B 540 -49.91 26.70 -1.15
N MET B 541 -50.17 27.80 -1.85
CA MET B 541 -49.69 27.95 -3.22
C MET B 541 -49.66 29.42 -3.57
N LEU B 542 -48.66 29.81 -4.34
CA LEU B 542 -48.43 31.20 -4.71
C LEU B 542 -48.29 31.28 -6.22
N VAL B 543 -49.07 32.16 -6.85
CA VAL B 543 -49.08 32.29 -8.30
C VAL B 543 -48.97 33.76 -8.67
N ILE B 544 -48.07 34.06 -9.62
CA ILE B 544 -47.87 35.39 -10.16
C ILE B 544 -47.96 35.29 -11.67
N ASN B 545 -48.63 36.25 -12.31
CA ASN B 545 -48.78 36.26 -13.75
C ASN B 545 -48.30 37.61 -14.30
N VAL B 546 -47.37 37.56 -15.25
CA VAL B 546 -46.85 38.75 -15.91
C VAL B 546 -47.69 39.00 -17.15
N ILE B 547 -48.07 40.26 -17.36
CA ILE B 547 -48.83 40.65 -18.54
C ILE B 547 -48.17 41.88 -19.13
N ASN B 548 -48.49 42.15 -20.40
CA ASN B 548 -48.13 43.37 -21.10
C ASN B 548 -46.60 43.48 -21.20
N LEU B 549 -45.91 42.36 -20.98
CA LEU B 549 -44.45 42.35 -21.07
C LEU B 549 -43.98 42.61 -22.50
N GLU B 550 -44.80 42.24 -23.49
CA GLU B 550 -44.38 42.40 -24.88
C GLU B 550 -44.19 43.87 -25.22
N GLU B 551 -45.11 44.73 -24.77
CA GLU B 551 -44.96 46.16 -25.03
C GLU B 551 -43.72 46.72 -24.34
N ALA B 552 -43.43 46.24 -23.13
CA ALA B 552 -42.22 46.68 -22.44
C ALA B 552 -40.96 46.27 -23.18
N ILE B 553 -40.93 45.05 -23.72
CA ILE B 553 -39.79 44.62 -24.52
C ILE B 553 -39.68 45.47 -25.78
N ALA B 554 -40.82 45.77 -26.40
CA ALA B 554 -40.85 46.61 -27.60
C ALA B 554 -40.36 48.01 -27.28
N GLN B 555 -40.52 48.43 -26.01
CA GLN B 555 -40.00 49.72 -25.59
C GLN B 555 -38.50 49.83 -25.76
N ARG B 556 -37.80 48.69 -25.87
CA ARG B 556 -36.41 48.71 -26.32
C ARG B 556 -36.28 49.30 -27.71
N THR B 557 -37.34 49.26 -28.51
CA THR B 557 -37.35 49.80 -29.87
C THR B 557 -38.06 51.14 -29.96
N ALA B 558 -38.99 51.42 -29.05
CA ALA B 558 -39.84 52.60 -29.13
C ALA B 558 -39.20 53.78 -28.39
N LEU B 559 -37.88 53.80 -28.32
CA LEU B 559 -37.19 54.92 -27.69
C LEU B 559 -37.02 56.05 -28.69
N ASP B 560 -37.03 57.28 -28.18
CA ASP B 560 -36.75 58.45 -29.01
C ASP B 560 -35.23 58.66 -29.07
N VAL B 561 -34.71 58.77 -30.29
CA VAL B 561 -33.28 58.82 -30.51
C VAL B 561 -32.67 60.07 -29.87
N ASN B 562 -31.76 59.86 -28.93
CA ASN B 562 -31.02 60.94 -28.29
C ASN B 562 -29.62 61.01 -28.91
N GLU B 563 -29.54 61.56 -30.12
CA GLU B 563 -28.27 61.62 -30.83
C GLU B 563 -27.60 62.98 -30.64
N THR B 564 -26.37 62.94 -30.15
CA THR B 564 -25.56 64.15 -29.96
C THR B 564 -24.25 64.01 -30.71
N GLN B 565 -24.18 64.63 -31.88
CA GLN B 565 -22.97 64.61 -32.70
C GLN B 565 -22.27 65.96 -32.58
N VAL B 566 -21.39 66.08 -31.60
CA VAL B 566 -20.66 67.31 -31.35
C VAL B 566 -19.20 67.10 -31.71
N THR B 567 -18.54 68.19 -32.08
CA THR B 567 -17.13 68.16 -32.49
C THR B 567 -16.26 67.71 -31.33
N PRO B 568 -15.30 66.82 -31.57
CA PRO B 568 -14.39 66.40 -30.50
C PRO B 568 -13.56 67.56 -29.98
N ALA B 569 -13.62 67.77 -28.67
CA ALA B 569 -12.88 68.84 -28.01
C ALA B 569 -12.00 68.25 -26.91
N SER B 570 -10.78 68.75 -26.81
CA SER B 570 -9.85 68.30 -25.79
C SER B 570 -8.78 69.36 -25.51
N HIS C 1 -10.45 23.05 -38.27
CA HIS C 1 -10.47 24.36 -37.62
C HIS C 1 -11.58 24.38 -36.56
N GLU C 2 -11.54 25.38 -35.66
CA GLU C 2 -12.51 25.42 -34.57
C GLU C 2 -13.89 25.84 -35.05
N PHE C 3 -13.97 26.83 -35.94
CA PHE C 3 -15.26 27.34 -36.36
C PHE C 3 -16.06 26.27 -37.10
N ALA C 4 -15.43 25.58 -38.05
CA ALA C 4 -16.10 24.51 -38.77
C ALA C 4 -16.49 23.39 -37.82
N GLU C 5 -15.65 23.11 -36.82
CA GLU C 5 -15.95 22.08 -35.85
C GLU C 5 -17.19 22.44 -35.04
N LEU C 6 -17.35 23.71 -34.69
CA LEU C 6 -18.42 24.09 -33.78
C LEU C 6 -19.79 23.88 -34.41
N PHE C 7 -19.95 24.24 -35.69
CA PHE C 7 -21.28 24.17 -36.30
C PHE C 7 -21.58 22.84 -36.96
N TYR C 8 -20.66 22.31 -37.76
CA TYR C 8 -20.85 21.02 -38.40
C TYR C 8 -19.82 20.04 -37.86
N ARG C 9 -20.27 19.00 -37.18
CA ARG C 9 -19.36 18.04 -36.57
C ARG C 9 -18.92 17.01 -37.58
N THR C 10 -17.64 16.65 -37.52
CA THR C 10 -17.03 15.81 -38.54
C THR C 10 -17.50 14.36 -38.39
N TYR C 11 -17.91 13.76 -39.50
CA TYR C 11 -18.33 12.36 -39.56
C TYR C 11 -17.64 11.71 -40.75
N ILE C 12 -16.84 10.68 -40.49
CA ILE C 12 -15.96 10.09 -41.50
C ILE C 12 -16.60 8.84 -42.07
N VAL C 13 -16.57 8.72 -43.40
CA VAL C 13 -17.09 7.54 -44.09
C VAL C 13 -15.97 6.93 -44.92
N THR C 14 -15.84 5.61 -44.85
CA THR C 14 -14.83 4.88 -45.59
C THR C 14 -15.04 5.07 -47.09
N PRO C 15 -13.96 5.30 -47.85
CA PRO C 15 -14.11 5.56 -49.30
C PRO C 15 -14.55 4.35 -50.11
N ASP C 16 -15.76 3.88 -49.83
CA ASP C 16 -16.36 2.79 -50.59
C ASP C 16 -17.82 3.09 -50.91
N GLN C 17 -18.35 4.19 -50.38
CA GLN C 17 -19.73 4.57 -50.57
C GLN C 17 -19.81 6.00 -51.04
N ALA C 18 -20.92 6.33 -51.71
CA ALA C 18 -21.14 7.65 -52.26
C ALA C 18 -21.77 8.61 -51.27
N GLY C 19 -22.07 8.16 -50.06
CA GLY C 19 -22.64 9.05 -49.06
C GLY C 19 -23.27 8.25 -47.93
N PHE C 20 -24.15 8.91 -47.18
CA PHE C 20 -24.84 8.27 -46.08
C PHE C 20 -26.32 8.57 -46.18
N GLN C 21 -27.12 7.67 -45.61
CA GLN C 21 -28.57 7.80 -45.59
C GLN C 21 -29.07 7.83 -44.16
N LEU C 22 -30.11 8.61 -43.93
CA LEU C 22 -30.75 8.71 -42.62
C LEU C 22 -32.15 8.14 -42.71
N SER C 23 -32.51 7.32 -41.74
CA SER C 23 -33.88 6.82 -41.60
C SER C 23 -34.49 7.43 -40.36
N ILE C 24 -35.59 8.15 -40.53
CA ILE C 24 -36.24 8.87 -39.45
C ILE C 24 -37.60 8.23 -39.19
N ARG C 25 -37.82 7.80 -37.96
CA ARG C 25 -39.09 7.21 -37.57
C ARG C 25 -39.96 8.26 -36.91
N ARG C 26 -41.24 8.25 -37.25
CA ARG C 26 -42.20 9.20 -36.71
C ARG C 26 -43.29 8.44 -35.98
N ASN C 27 -43.90 9.08 -34.99
CA ASN C 27 -45.05 8.52 -34.28
C ASN C 27 -46.22 9.47 -34.49
N LEU C 28 -47.39 8.91 -34.77
CA LEU C 28 -48.52 9.73 -35.16
C LEU C 28 -49.82 9.09 -34.71
N VAL C 29 -50.84 9.92 -34.53
CA VAL C 29 -52.16 9.50 -34.06
C VAL C 29 -53.09 9.38 -35.27
N TRP C 30 -53.73 8.23 -35.40
CA TRP C 30 -54.62 7.98 -36.53
C TRP C 30 -56.06 7.97 -36.04
N GLU C 31 -56.79 9.03 -36.36
CA GLU C 31 -58.18 9.18 -35.93
C GLU C 31 -59.16 8.44 -36.83
N GLY C 32 -58.68 7.91 -37.95
CA GLY C 32 -59.54 7.33 -38.96
C GLY C 32 -59.01 7.72 -40.32
N TRP C 33 -59.76 7.42 -41.37
CA TRP C 33 -59.39 7.81 -42.73
C TRP C 33 -60.62 8.29 -43.46
N THR C 34 -60.42 9.18 -44.43
CA THR C 34 -61.48 9.65 -45.32
C THR C 34 -61.47 8.81 -46.58
N GLY C 35 -62.65 8.35 -47.01
CA GLY C 35 -62.75 7.56 -48.22
C GLY C 35 -63.57 6.29 -48.09
N GLU C 36 -64.39 6.19 -47.04
CA GLU C 36 -65.38 5.13 -46.93
C GLU C 36 -66.57 5.37 -47.85
N GLY C 37 -66.72 6.58 -48.35
CA GLY C 37 -67.51 6.78 -49.55
C GLY C 37 -66.63 6.65 -50.77
N LEU C 38 -67.27 6.40 -51.92
CA LEU C 38 -66.55 6.10 -53.15
C LEU C 38 -66.71 7.27 -54.11
N SER C 39 -65.58 7.80 -54.59
CA SER C 39 -65.60 8.90 -55.55
C SER C 39 -64.50 8.75 -56.60
N GLY C 40 -63.73 7.66 -56.52
CA GLY C 40 -62.61 7.47 -57.42
C GLY C 40 -61.58 8.58 -57.28
N GLU C 41 -61.41 9.06 -56.06
CA GLU C 41 -60.61 10.23 -55.76
C GLU C 41 -59.42 9.80 -54.89
N LYS C 42 -58.53 10.73 -54.58
CA LYS C 42 -57.51 10.48 -53.56
C LYS C 42 -58.13 10.07 -52.24
N GLN C 43 -57.62 8.97 -51.68
CA GLN C 43 -57.84 8.73 -50.27
C GLN C 43 -56.91 9.64 -49.48
N GLU C 44 -57.51 10.53 -48.69
CA GLU C 44 -56.76 11.51 -47.92
C GLU C 44 -56.75 11.08 -46.47
N ILE C 45 -55.55 10.93 -45.90
CA ILE C 45 -55.39 10.43 -44.55
C ILE C 45 -55.18 11.60 -43.60
N SER C 46 -55.99 11.67 -42.56
CA SER C 46 -55.82 12.66 -41.50
C SER C 46 -54.67 12.21 -40.62
N LYS C 47 -53.49 12.77 -40.85
CA LYS C 47 -52.28 12.36 -40.17
C LYS C 47 -51.62 13.58 -39.53
N ARG C 48 -51.15 13.40 -38.29
CA ARG C 48 -50.49 14.47 -37.56
C ARG C 48 -49.49 13.90 -36.56
N ASN C 49 -48.42 14.65 -36.34
CA ASN C 49 -47.30 14.15 -35.54
C ASN C 49 -47.61 14.25 -34.05
N ILE C 50 -47.20 13.22 -33.31
CA ILE C 50 -47.43 13.22 -31.87
C ILE C 50 -46.54 14.25 -31.19
N LEU C 51 -45.38 14.55 -31.77
CA LEU C 51 -44.48 15.53 -31.17
C LEU C 51 -45.10 16.92 -31.09
N GLN C 52 -46.09 17.20 -31.93
CA GLN C 52 -46.88 18.40 -31.73
C GLN C 52 -47.60 18.38 -30.40
N GLY C 53 -47.80 17.20 -29.82
CA GLY C 53 -48.42 17.11 -28.51
C GLY C 53 -47.57 17.69 -27.40
N LEU C 54 -46.29 17.95 -27.67
CA LEU C 54 -45.46 18.61 -26.68
C LEU C 54 -45.94 20.02 -26.39
N LEU C 55 -46.60 20.66 -27.34
CA LEU C 55 -47.07 22.03 -27.12
C LEU C 55 -48.56 22.07 -26.86
N ASP C 56 -49.37 21.55 -27.77
CA ASP C 56 -50.81 21.61 -27.62
C ASP C 56 -51.29 20.55 -26.64
N TYR C 57 -52.51 20.74 -26.15
CA TYR C 57 -53.08 19.90 -25.12
C TYR C 57 -54.32 19.12 -25.57
N THR C 58 -55.07 19.63 -26.54
CA THR C 58 -56.23 18.92 -27.06
C THR C 58 -55.85 17.75 -27.93
N THR C 59 -54.57 17.60 -28.27
CA THR C 59 -54.09 16.52 -29.12
C THR C 59 -54.38 15.14 -28.57
N LEU C 60 -54.47 15.00 -27.24
CA LEU C 60 -54.69 13.70 -26.63
C LEU C 60 -55.54 13.95 -25.38
N GLU C 61 -56.84 13.86 -25.55
CA GLU C 61 -57.79 14.05 -24.46
C GLU C 61 -58.87 13.00 -24.63
N THR C 62 -58.72 11.88 -23.93
CA THR C 62 -59.50 10.70 -24.24
C THR C 62 -60.37 10.34 -23.05
N ASN C 63 -61.67 10.26 -23.29
CA ASN C 63 -62.61 9.73 -22.32
C ASN C 63 -63.73 9.05 -23.07
N SER C 64 -63.52 7.75 -23.35
CA SER C 64 -64.49 6.96 -24.08
C SER C 64 -65.05 5.89 -23.16
N THR C 65 -64.24 5.47 -22.20
CA THR C 65 -64.67 4.51 -21.20
C THR C 65 -65.39 5.13 -20.02
N GLU C 66 -65.38 6.46 -19.91
CA GLU C 66 -65.97 7.13 -18.77
C GLU C 66 -67.49 7.05 -18.82
N LEU C 67 -68.09 6.89 -17.65
CA LEU C 67 -69.54 6.77 -17.53
C LEU C 67 -70.14 8.12 -17.19
N ILE C 68 -71.04 8.60 -18.03
CA ILE C 68 -71.77 9.83 -17.81
C ILE C 68 -73.22 9.59 -18.21
N PRO C 69 -74.18 10.25 -17.58
CA PRO C 69 -75.59 10.01 -17.94
C PRO C 69 -75.88 10.47 -19.36
N VAL C 70 -76.84 9.81 -19.99
CA VAL C 70 -77.31 10.16 -21.32
C VAL C 70 -78.79 10.48 -21.25
N ILE C 71 -79.17 11.62 -21.81
CA ILE C 71 -80.55 12.09 -21.79
C ILE C 71 -81.35 11.32 -22.83
N GLN C 72 -82.53 10.85 -22.44
CA GLN C 72 -83.47 10.26 -23.38
C GLN C 72 -84.85 10.82 -23.10
N SER C 73 -85.46 11.44 -24.10
CA SER C 73 -86.74 12.10 -23.93
C SER C 73 -87.84 11.04 -23.82
N GLY C 74 -88.51 11.01 -22.66
CA GLY C 74 -89.62 10.11 -22.47
C GLY C 74 -89.27 8.71 -22.04
N GLU C 75 -88.00 8.43 -21.80
CA GLU C 75 -87.63 7.11 -21.31
C GLU C 75 -87.19 7.13 -19.86
N ASN C 76 -86.26 8.02 -19.48
CA ASN C 76 -85.78 8.07 -18.11
C ASN C 76 -85.88 9.48 -17.54
N ASP C 77 -86.89 10.24 -17.95
CA ASP C 77 -87.05 11.59 -17.43
C ASP C 77 -87.29 11.59 -15.93
N GLU C 78 -88.04 10.61 -15.42
CA GLU C 78 -88.42 10.61 -14.01
C GLU C 78 -87.24 10.44 -13.07
N GLN C 79 -86.13 9.89 -13.54
CA GLN C 79 -84.94 9.75 -12.70
C GLN C 79 -84.06 10.98 -12.72
N PHE C 80 -84.39 12.00 -13.51
CA PHE C 80 -83.59 13.20 -13.61
C PHE C 80 -84.31 14.38 -12.97
N ILE C 81 -83.55 15.45 -12.71
CA ILE C 81 -84.14 16.67 -12.22
C ILE C 81 -84.96 17.31 -13.33
N ASP C 82 -85.95 18.10 -12.95
CA ASP C 82 -86.79 18.75 -13.94
C ASP C 82 -85.96 19.74 -14.75
N PRO C 83 -86.29 19.96 -16.01
CA PRO C 83 -85.53 20.92 -16.81
C PRO C 83 -85.96 22.36 -16.54
N SER C 84 -86.78 22.55 -15.50
CA SER C 84 -87.28 23.88 -15.15
C SER C 84 -86.34 24.65 -14.22
N VAL C 85 -85.30 24.02 -13.69
CA VAL C 85 -84.31 24.72 -12.87
C VAL C 85 -82.94 24.75 -13.51
N LEU C 86 -82.62 23.81 -14.40
CA LEU C 86 -81.34 23.79 -15.08
C LEU C 86 -81.49 23.04 -16.40
N PRO C 87 -81.65 23.75 -17.52
CA PRO C 87 -81.83 23.08 -18.81
C PRO C 87 -80.66 22.18 -19.16
N ALA C 88 -80.85 21.36 -20.18
CA ALA C 88 -79.84 20.39 -20.59
C ALA C 88 -78.57 21.09 -21.07
N GLN C 89 -77.44 20.44 -20.84
CA GLN C 89 -76.14 20.96 -21.25
C GLN C 89 -75.53 20.06 -22.30
N THR C 90 -74.75 20.65 -23.21
CA THR C 90 -74.13 19.91 -24.29
C THR C 90 -72.73 19.46 -23.90
N VAL C 91 -72.43 18.18 -24.12
CA VAL C 91 -71.12 17.62 -23.84
C VAL C 91 -70.72 16.73 -25.01
N LYS C 92 -69.40 16.58 -25.19
CA LYS C 92 -68.85 15.76 -26.25
C LYS C 92 -68.02 14.65 -25.65
N GLN C 93 -68.46 13.41 -25.84
CA GLN C 93 -67.69 12.22 -25.46
C GLN C 93 -67.32 11.50 -26.74
N GLY C 94 -66.02 11.29 -26.95
CA GLY C 94 -65.59 10.71 -28.21
C GLY C 94 -66.01 11.61 -29.35
N LYS C 95 -66.63 11.01 -30.36
CA LYS C 95 -67.18 11.76 -31.48
C LYS C 95 -68.69 11.92 -31.40
N ASP C 96 -69.32 11.44 -30.34
CA ASP C 96 -70.77 11.52 -30.20
C ASP C 96 -71.16 12.82 -29.49
N THR C 97 -72.26 13.42 -29.93
CA THR C 97 -72.82 14.61 -29.28
C THR C 97 -74.13 14.22 -28.61
N PHE C 98 -74.28 14.63 -27.35
CA PHE C 98 -75.46 14.28 -26.57
C PHE C 98 -75.49 15.15 -25.32
N ASP C 99 -76.64 15.14 -24.65
CA ASP C 99 -76.85 16.01 -23.50
C ASP C 99 -76.98 15.18 -22.23
N THR C 100 -76.76 15.84 -21.09
CA THR C 100 -76.87 15.20 -19.78
C THR C 100 -77.29 16.24 -18.75
N ASN C 101 -77.76 15.73 -17.61
CA ASN C 101 -78.14 16.59 -16.50
C ASN C 101 -78.00 15.80 -15.20
N PHE C 102 -78.16 16.51 -14.09
CA PHE C 102 -77.81 15.96 -12.78
C PHE C 102 -78.83 14.95 -12.31
N LEU C 103 -78.37 13.96 -11.54
CA LEU C 103 -79.25 12.93 -11.02
C LEU C 103 -80.11 13.47 -9.90
N LYS C 104 -81.24 12.80 -9.67
CA LYS C 104 -82.16 13.20 -8.62
C LYS C 104 -81.98 12.33 -7.39
N PHE C 105 -82.02 12.96 -6.21
CA PHE C 105 -81.92 12.23 -4.96
C PHE C 105 -83.14 11.33 -4.79
N SER C 106 -82.91 10.12 -4.30
CA SER C 106 -84.01 9.19 -4.08
C SER C 106 -84.89 9.67 -2.93
N GLU C 107 -86.05 10.23 -3.27
CA GLU C 107 -86.95 10.76 -2.25
C GLU C 107 -87.47 9.66 -1.34
N ASN C 108 -87.80 8.50 -1.92
CA ASN C 108 -88.37 7.40 -1.16
C ASN C 108 -87.38 6.26 -0.95
N GLY C 109 -86.44 6.06 -1.86
CA GLY C 109 -85.47 5.00 -1.73
C GLY C 109 -85.41 4.02 -2.88
N GLU C 110 -86.13 4.27 -3.97
CA GLU C 110 -85.97 3.46 -5.16
C GLU C 110 -84.67 3.80 -5.86
N GLY C 111 -84.03 2.79 -6.43
CA GLY C 111 -82.69 2.95 -6.96
C GLY C 111 -82.58 3.33 -8.43
N PHE C 112 -81.35 3.43 -8.91
CA PHE C 112 -81.06 3.72 -10.31
C PHE C 112 -79.99 2.75 -10.81
N ASN C 113 -80.02 2.49 -12.10
CA ASN C 113 -79.00 1.66 -12.75
C ASN C 113 -78.10 2.57 -13.57
N LEU C 114 -76.79 2.53 -13.29
CA LEU C 114 -75.87 3.38 -14.00
C LEU C 114 -75.62 2.87 -15.42
N LEU C 115 -75.53 1.55 -15.59
CA LEU C 115 -75.27 0.99 -16.90
C LEU C 115 -76.38 1.35 -17.88
N MET C 116 -77.63 1.22 -17.45
CA MET C 116 -78.74 1.66 -18.29
C MET C 116 -78.73 3.16 -18.50
N LEU C 117 -78.32 3.92 -17.47
CA LEU C 117 -78.37 5.37 -17.58
C LEU C 117 -77.35 5.90 -18.56
N ALA C 118 -76.28 5.15 -18.84
CA ALA C 118 -75.23 5.59 -19.75
C ALA C 118 -75.24 4.72 -21.00
N GLN C 119 -76.04 5.15 -21.99
CA GLN C 119 -76.14 4.48 -23.28
C GLN C 119 -75.76 5.48 -24.36
N THR C 120 -74.47 5.59 -24.64
CA THR C 120 -74.01 6.50 -25.68
C THR C 120 -74.43 5.99 -27.05
N PRO C 121 -74.66 6.89 -28.00
CA PRO C 121 -75.05 6.45 -29.34
C PRO C 121 -74.05 5.49 -29.97
N SER C 122 -72.76 5.68 -29.69
CA SER C 122 -71.75 4.76 -30.23
C SER C 122 -71.94 3.35 -29.66
N ARG C 123 -72.18 3.25 -28.35
CA ARG C 123 -72.33 1.93 -27.74
C ARG C 123 -73.66 1.29 -28.11
N LEU C 124 -74.66 2.10 -28.48
CA LEU C 124 -75.91 1.52 -28.94
C LEU C 124 -75.70 0.75 -30.23
N LYS C 125 -74.90 1.30 -31.16
CA LYS C 125 -74.56 0.58 -32.38
C LYS C 125 -73.63 -0.58 -32.09
N LYS C 126 -73.00 -0.58 -30.91
CA LYS C 126 -72.07 -1.62 -30.52
C LYS C 126 -72.75 -2.93 -30.13
N GLY C 127 -74.00 -2.87 -29.67
CA GLY C 127 -74.64 -4.03 -29.09
C GLY C 127 -74.98 -3.80 -27.63
N SER C 128 -76.19 -4.20 -27.22
CA SER C 128 -76.69 -3.93 -25.89
C SER C 128 -75.73 -4.38 -24.80
N MET C 129 -75.71 -3.66 -23.68
CA MET C 129 -74.81 -3.95 -22.57
C MET C 129 -75.10 -5.33 -21.99
N THR C 130 -74.05 -6.09 -21.69
CA THR C 130 -74.16 -7.41 -21.09
C THR C 130 -73.76 -7.36 -19.63
N PHE C 131 -73.68 -8.55 -19.03
CA PHE C 131 -73.29 -8.66 -17.63
C PHE C 131 -71.79 -8.59 -17.44
N THR C 132 -71.01 -8.79 -18.50
CA THR C 132 -69.56 -8.86 -18.34
C THR C 132 -68.96 -7.51 -17.96
N ASP C 133 -69.67 -6.42 -18.28
CA ASP C 133 -69.20 -5.10 -17.91
C ASP C 133 -69.13 -4.97 -16.39
N SER C 134 -68.13 -4.24 -15.90
CA SER C 134 -67.96 -4.09 -14.47
C SER C 134 -67.48 -2.69 -14.15
N LEU C 135 -68.07 -2.08 -13.13
CA LEU C 135 -67.76 -0.72 -12.74
C LEU C 135 -66.39 -0.65 -12.09
N ASP C 136 -65.67 0.46 -12.34
CA ASP C 136 -64.31 0.61 -11.85
C ASP C 136 -64.25 0.61 -10.33
N SER C 137 -63.05 0.43 -9.77
CA SER C 137 -62.86 0.54 -8.34
C SER C 137 -63.16 1.96 -7.87
N ARG C 138 -62.84 2.96 -8.69
CA ARG C 138 -63.07 4.35 -8.28
C ARG C 138 -64.44 4.79 -8.73
N ILE C 139 -65.27 5.19 -7.76
CA ILE C 139 -66.54 5.84 -8.01
C ILE C 139 -66.64 6.97 -7.00
N ALA C 140 -67.06 8.15 -7.45
CA ALA C 140 -67.09 9.30 -6.55
C ALA C 140 -68.06 10.36 -7.06
N LEU C 141 -68.47 11.22 -6.14
CA LEU C 141 -69.22 12.42 -6.51
C LEU C 141 -68.26 13.46 -7.05
N LYS C 142 -68.56 14.04 -8.21
CA LYS C 142 -67.64 14.99 -8.82
C LYS C 142 -68.14 16.42 -8.67
N GLN C 143 -69.45 16.63 -8.74
CA GLN C 143 -70.01 17.96 -8.58
C GLN C 143 -71.37 17.86 -7.91
N LEU C 144 -71.59 18.72 -6.92
CA LEU C 144 -72.82 18.75 -6.13
C LEU C 144 -73.49 20.10 -6.32
N LEU C 145 -74.82 20.10 -6.40
CA LEU C 145 -75.58 21.32 -6.64
C LEU C 145 -76.47 21.63 -5.44
N ILE C 146 -76.49 22.89 -5.03
CA ILE C 146 -77.35 23.36 -3.96
C ILE C 146 -78.17 24.52 -4.50
N SER C 147 -79.30 24.78 -3.85
CA SER C 147 -80.21 25.84 -4.23
C SER C 147 -80.34 26.84 -3.09
N VAL C 148 -79.89 28.08 -3.34
CA VAL C 148 -79.99 29.15 -2.36
C VAL C 148 -81.19 30.01 -2.71
N THR C 149 -82.18 30.04 -1.82
CA THR C 149 -83.41 30.77 -2.05
C THR C 149 -83.71 31.65 -0.83
N LYS C 150 -83.99 32.93 -1.09
CA LYS C 150 -84.34 33.87 -0.04
C LYS C 150 -85.34 34.88 -0.59
N GLY C 151 -86.60 34.72 -0.23
CA GLY C 151 -87.66 35.61 -0.65
C GLY C 151 -88.33 35.24 -1.96
N GLY C 152 -87.82 34.22 -2.65
CA GLY C 152 -88.41 33.79 -3.90
C GLY C 152 -87.45 33.76 -5.06
N THR C 153 -86.22 34.20 -4.82
CA THR C 153 -85.18 34.21 -5.84
C THR C 153 -84.23 33.04 -5.60
N THR C 154 -84.02 32.23 -6.63
CA THR C 154 -83.22 31.02 -6.52
C THR C 154 -81.92 31.18 -7.30
N GLU C 155 -80.80 30.99 -6.63
CA GLU C 155 -79.47 31.00 -7.23
C GLU C 155 -78.81 29.65 -7.03
N LEU C 156 -78.21 29.13 -8.10
CA LEU C 156 -77.59 27.81 -8.09
C LEU C 156 -76.08 27.94 -8.05
N PHE C 157 -75.44 27.02 -7.33
CA PHE C 157 -73.99 26.97 -7.23
C PHE C 157 -73.51 25.62 -7.75
N ALA C 158 -72.51 25.65 -8.61
CA ALA C 158 -71.85 24.45 -9.11
C ALA C 158 -70.57 24.26 -8.30
N LEU C 159 -70.67 23.49 -7.21
CA LEU C 159 -69.57 23.34 -6.28
C LEU C 159 -68.82 22.03 -6.55
N ASP C 160 -67.53 22.13 -6.80
CA ASP C 160 -66.70 20.96 -7.07
C ASP C 160 -66.41 20.25 -5.76
N VAL C 161 -66.94 19.03 -5.62
CA VAL C 161 -66.72 18.21 -4.44
C VAL C 161 -65.67 17.14 -4.67
N ASN C 162 -65.28 16.90 -5.91
CA ASN C 162 -64.36 15.80 -6.21
C ASN C 162 -63.02 15.95 -5.52
N ARG C 163 -62.66 17.16 -5.10
CA ARG C 163 -61.36 17.33 -4.45
C ARG C 163 -61.35 16.74 -3.05
N ASP C 164 -62.41 16.94 -2.28
CA ASP C 164 -62.48 16.34 -0.95
C ASP C 164 -62.42 14.82 -1.06
N GLN C 165 -61.76 14.20 -0.09
CA GLN C 165 -61.46 12.78 -0.15
C GLN C 165 -62.53 11.92 0.51
N TYR C 166 -63.55 12.55 1.10
CA TYR C 166 -64.69 11.80 1.60
C TYR C 166 -65.71 11.53 0.51
N ALA C 167 -65.54 12.14 -0.66
CA ALA C 167 -66.35 11.80 -1.82
C ALA C 167 -65.91 10.50 -2.46
N ALA C 168 -64.77 9.95 -2.04
CA ALA C 168 -64.30 8.68 -2.56
C ALA C 168 -65.12 7.55 -1.95
N TYR C 169 -65.77 6.78 -2.80
CA TYR C 169 -66.50 5.60 -2.37
C TYR C 169 -65.55 4.62 -1.69
N THR C 170 -65.93 4.15 -0.51
CA THR C 170 -65.13 3.22 0.28
C THR C 170 -65.83 1.88 0.37
N ALA C 171 -65.03 0.82 0.36
CA ALA C 171 -65.58 -0.53 0.35
C ALA C 171 -66.24 -0.85 1.68
N THR C 172 -67.41 -1.48 1.59
CA THR C 172 -68.12 -2.00 2.75
C THR C 172 -68.39 -3.47 2.55
N ARG C 173 -68.72 -4.14 3.66
CA ARG C 173 -68.97 -5.58 3.63
C ARG C 173 -70.45 -5.93 3.63
N GLU C 174 -71.33 -4.96 3.85
CA GLU C 174 -72.68 -5.19 4.37
C GLU C 174 -73.48 -6.22 3.61
N TYR C 175 -73.37 -6.34 2.29
CA TYR C 175 -74.35 -7.18 1.62
C TYR C 175 -73.76 -8.49 1.16
N ASN C 176 -72.80 -8.48 0.23
CA ASN C 176 -72.08 -9.73 0.04
C ASN C 176 -70.58 -9.55 0.24
N PHE C 177 -69.90 -8.94 -0.74
CA PHE C 177 -68.62 -8.28 -0.54
C PHE C 177 -68.44 -7.20 -1.60
N ARG C 178 -69.52 -6.86 -2.30
CA ARG C 178 -69.40 -6.10 -3.56
C ARG C 178 -69.81 -4.65 -3.41
N LEU C 179 -70.80 -4.33 -2.58
CA LEU C 179 -71.33 -2.97 -2.54
C LEU C 179 -70.23 -1.99 -2.14
N MET C 180 -70.27 -0.82 -2.73
CA MET C 180 -69.28 0.22 -2.48
C MET C 180 -69.97 1.40 -1.80
N GLN C 181 -69.47 1.79 -0.63
CA GLN C 181 -70.16 2.71 0.25
C GLN C 181 -69.58 4.11 0.16
N LEU C 182 -70.47 5.11 0.24
CA LEU C 182 -70.10 6.52 0.30
C LEU C 182 -70.38 7.05 1.70
N LYS C 183 -69.35 7.58 2.35
CA LYS C 183 -69.48 8.29 3.61
C LYS C 183 -69.08 9.73 3.35
N PHE C 184 -70.05 10.62 3.24
CA PHE C 184 -69.81 12.03 3.00
C PHE C 184 -70.41 12.78 4.18
N HIS C 185 -69.63 12.92 5.25
CA HIS C 185 -70.03 13.62 6.46
C HIS C 185 -69.00 14.69 6.76
N THR C 186 -69.20 15.87 6.18
CA THR C 186 -68.30 17.00 6.41
C THR C 186 -69.09 18.29 6.25
N SER C 187 -68.40 19.40 6.42
CA SER C 187 -68.99 20.72 6.26
C SER C 187 -68.54 21.31 4.93
N LEU C 188 -69.51 21.71 4.11
CA LEU C 188 -69.24 22.30 2.81
C LEU C 188 -69.14 23.81 2.95
N GLY C 189 -68.07 24.37 2.40
CA GLY C 189 -67.79 25.79 2.52
C GLY C 189 -68.09 26.52 1.21
N LEU C 190 -68.96 27.50 1.29
CA LEU C 190 -69.26 28.39 0.18
C LEU C 190 -68.59 29.73 0.46
N GLY C 191 -67.58 30.07 -0.34
CA GLY C 191 -66.73 31.21 -0.08
C GLY C 191 -67.24 32.48 -0.72
N GLU C 192 -66.44 33.54 -0.60
CA GLU C 192 -66.73 34.82 -1.20
C GLU C 192 -66.60 34.82 -2.72
N GLU C 193 -65.67 34.05 -3.27
CA GLU C 193 -65.43 34.04 -4.70
C GLU C 193 -66.30 33.01 -5.42
N SER C 194 -67.03 32.17 -4.68
CA SER C 194 -67.87 31.16 -5.29
C SER C 194 -68.85 31.80 -6.27
N THR C 195 -68.93 31.24 -7.47
CA THR C 195 -69.68 31.83 -8.55
C THR C 195 -70.85 30.94 -8.92
N THR C 196 -71.88 31.55 -9.49
CA THR C 196 -73.07 30.83 -9.90
C THR C 196 -72.78 29.96 -11.10
N VAL C 197 -73.75 29.11 -11.49
CA VAL C 197 -73.57 28.23 -12.62
C VAL C 197 -73.37 29.01 -13.92
N ALA C 198 -73.97 30.21 -14.02
CA ALA C 198 -73.80 31.04 -15.20
C ALA C 198 -72.48 31.79 -15.22
N GLY C 199 -71.76 31.83 -14.11
CA GLY C 199 -70.47 32.50 -14.05
C GLY C 199 -70.48 33.87 -13.41
N ALA C 200 -71.29 34.08 -12.37
CA ALA C 200 -71.39 35.37 -11.71
C ALA C 200 -71.43 35.19 -10.20
N GLU C 201 -71.09 36.27 -9.49
CA GLU C 201 -71.15 36.25 -8.04
C GLU C 201 -72.60 36.24 -7.56
N SER C 202 -72.81 35.67 -6.38
CA SER C 202 -74.14 35.60 -5.81
C SER C 202 -74.58 36.98 -5.30
N ALA C 203 -75.90 37.15 -5.19
CA ALA C 203 -76.48 38.40 -4.71
C ALA C 203 -77.29 38.24 -3.43
N LEU C 204 -77.88 37.07 -3.16
CA LEU C 204 -78.62 36.88 -1.92
C LEU C 204 -77.70 36.92 -0.71
N LEU C 205 -76.52 36.32 -0.82
CA LEU C 205 -75.52 36.35 0.24
C LEU C 205 -74.51 37.48 0.08
N LYS C 206 -74.70 38.35 -0.93
CA LYS C 206 -73.71 39.38 -1.21
C LYS C 206 -73.52 40.33 -0.03
N ASP C 207 -74.56 40.48 0.81
CA ASP C 207 -74.43 41.34 1.98
C ASP C 207 -73.35 40.86 2.93
N LEU C 208 -73.25 39.54 3.12
CA LEU C 208 -72.22 38.99 3.99
C LEU C 208 -70.84 39.12 3.38
N PHE C 209 -70.72 38.95 2.06
CA PHE C 209 -69.42 39.04 1.41
C PHE C 209 -68.93 40.47 1.32
N ASP C 210 -69.83 41.45 1.24
CA ASP C 210 -69.41 42.84 1.36
C ASP C 210 -68.76 43.09 2.70
N LEU C 211 -69.20 42.39 3.73
CA LEU C 211 -68.50 42.34 5.01
C LEU C 211 -67.43 41.25 5.01
N GLY C 212 -67.26 40.55 3.90
CA GLY C 212 -66.26 39.51 3.78
C GLY C 212 -66.45 38.33 4.72
N TYR C 213 -67.67 37.85 4.83
CA TYR C 213 -67.96 36.67 5.65
C TYR C 213 -68.08 35.44 4.77
N ARG C 214 -67.64 34.31 5.31
CA ARG C 214 -67.80 33.03 4.65
C ARG C 214 -68.81 32.20 5.44
N ILE C 215 -69.63 31.46 4.71
CA ILE C 215 -70.73 30.70 5.30
C ILE C 215 -70.39 29.22 5.20
N GLU C 216 -70.53 28.51 6.32
CA GLU C 216 -70.31 27.07 6.37
C GLU C 216 -71.66 26.37 6.29
N LEU C 217 -71.71 25.31 5.50
CA LEU C 217 -72.90 24.47 5.39
C LEU C 217 -72.53 23.02 5.69
N ASP C 218 -73.29 22.41 6.59
CA ASP C 218 -73.08 21.01 6.95
C ASP C 218 -73.91 20.16 6.00
N VAL C 219 -73.26 19.20 5.34
CA VAL C 219 -73.89 18.38 4.32
C VAL C 219 -73.83 16.91 4.74
N LYS C 220 -74.98 16.24 4.72
CA LYS C 220 -75.09 14.82 5.05
C LYS C 220 -75.71 14.12 3.86
N VAL C 221 -74.89 13.43 3.05
CA VAL C 221 -75.40 12.65 1.93
C VAL C 221 -74.82 11.24 2.02
N ASP C 222 -75.66 10.25 1.76
CA ASP C 222 -75.27 8.85 1.85
C ASP C 222 -75.84 8.08 0.65
N GLY C 223 -75.15 7.00 0.28
CA GLY C 223 -75.57 6.19 -0.85
C GLY C 223 -74.76 4.93 -0.95
N GLU C 224 -75.21 4.05 -1.84
CA GLU C 224 -74.56 2.76 -2.07
C GLU C 224 -74.48 2.49 -3.56
N MET C 225 -73.53 1.63 -3.93
CA MET C 225 -73.28 1.31 -5.32
C MET C 225 -72.77 -0.13 -5.42
N ASN C 226 -73.23 -0.85 -6.42
CA ASN C 226 -72.79 -2.22 -6.65
C ASN C 226 -71.94 -2.29 -7.92
N VAL C 227 -70.81 -2.98 -7.83
CA VAL C 227 -69.81 -2.98 -8.90
C VAL C 227 -69.97 -4.15 -9.85
N GLU C 228 -71.10 -4.85 -9.83
CA GLU C 228 -71.33 -5.97 -10.72
C GLU C 228 -72.36 -5.69 -11.80
N ASN C 229 -73.36 -4.86 -11.50
CA ASN C 229 -74.47 -4.66 -12.42
C ASN C 229 -74.95 -3.22 -12.46
N GLY C 230 -74.19 -2.30 -11.85
CA GLY C 230 -74.57 -0.91 -11.89
C GLY C 230 -75.75 -0.53 -11.03
N ASN C 231 -76.19 -1.43 -10.14
CA ASN C 231 -77.36 -1.20 -9.32
C ASN C 231 -76.95 -0.38 -8.10
N GLY C 232 -77.77 0.62 -7.75
CA GLY C 232 -77.47 1.41 -6.57
C GLY C 232 -78.41 2.58 -6.43
N ASP C 233 -78.21 3.34 -5.35
CA ASP C 233 -78.99 4.53 -5.10
C ASP C 233 -78.24 5.40 -4.09
N THR C 234 -78.57 6.70 -4.10
CA THR C 234 -77.99 7.65 -3.17
C THR C 234 -79.12 8.55 -2.70
N SER C 235 -79.08 8.95 -1.42
CA SER C 235 -80.14 9.74 -0.84
C SER C 235 -79.57 10.89 -0.03
N LEU C 236 -80.35 11.96 0.10
CA LEU C 236 -80.01 13.07 0.97
C LEU C 236 -80.52 12.78 2.37
N ARG C 237 -79.70 13.07 3.37
CA ARG C 237 -80.02 12.77 4.76
C ARG C 237 -80.24 14.03 5.58
N ALA C 238 -79.34 14.99 5.52
CA ALA C 238 -79.44 16.20 6.32
C ALA C 238 -78.61 17.31 5.70
N LEU C 239 -79.01 18.55 5.94
CA LEU C 239 -78.27 19.73 5.52
C LEU C 239 -78.81 20.93 6.27
N ARG C 240 -77.92 21.77 6.79
CA ARG C 240 -78.34 22.90 7.60
C ARG C 240 -77.20 23.91 7.65
N LEU C 241 -77.57 25.19 7.79
CA LEU C 241 -76.62 26.30 7.80
C LEU C 241 -75.68 26.15 9.00
N ALA C 242 -74.40 25.87 8.74
CA ALA C 242 -73.49 25.36 9.76
C ALA C 242 -72.84 26.46 10.60
N ARG C 243 -71.98 27.29 10.01
CA ARG C 243 -71.31 28.34 10.76
C ARG C 243 -70.96 29.49 9.83
N VAL C 244 -70.56 30.62 10.44
CA VAL C 244 -70.11 31.80 9.72
C VAL C 244 -68.81 32.27 10.34
N PHE C 245 -67.85 32.67 9.51
CA PHE C 245 -66.55 33.14 9.96
C PHE C 245 -66.32 34.57 9.50
N ASP C 246 -65.57 35.32 10.30
CA ASP C 246 -65.19 36.69 10.00
C ASP C 246 -63.87 36.69 9.23
N LYS C 247 -63.21 37.87 9.13
CA LYS C 247 -61.95 37.96 8.41
C LYS C 247 -60.92 36.98 8.92
N GLU C 248 -60.68 36.95 10.24
CA GLU C 248 -59.60 36.15 10.80
C GLU C 248 -59.97 34.68 10.94
N GLY C 249 -61.23 34.32 10.72
CA GLY C 249 -61.67 32.95 10.88
C GLY C 249 -62.27 32.63 12.24
N LYS C 250 -62.39 33.61 13.13
CA LYS C 250 -63.00 33.35 14.42
C LYS C 250 -64.49 33.08 14.28
N GLU C 251 -64.98 32.15 15.10
CA GLU C 251 -66.36 31.71 14.99
C GLU C 251 -67.32 32.82 15.40
N ILE C 252 -68.35 33.03 14.59
CA ILE C 252 -69.45 33.92 14.91
C ILE C 252 -70.73 33.10 14.88
N ALA C 253 -71.46 33.07 15.99
CA ALA C 253 -72.59 32.18 16.14
C ALA C 253 -73.75 32.60 15.24
N LEU C 254 -74.65 31.65 15.00
CA LEU C 254 -75.80 31.92 14.13
C LEU C 254 -76.76 32.92 14.75
N THR C 255 -76.87 32.91 16.09
CA THR C 255 -77.81 33.81 16.76
C THR C 255 -77.33 35.25 16.75
N ASP C 256 -76.05 35.47 16.42
CA ASP C 256 -75.52 36.83 16.38
C ASP C 256 -76.21 37.65 15.30
N SER C 257 -76.46 38.93 15.61
CA SER C 257 -77.19 39.80 14.69
C SER C 257 -76.36 40.18 13.48
N ARG C 258 -75.05 39.92 13.52
CA ARG C 258 -74.20 40.28 12.38
C ARG C 258 -74.56 39.50 11.13
N VAL C 259 -75.13 38.31 11.29
CA VAL C 259 -75.45 37.46 10.14
C VAL C 259 -76.91 37.05 10.10
N SER C 260 -77.66 37.18 11.20
CA SER C 260 -79.05 36.74 11.20
C SER C 260 -79.91 37.59 10.28
N ALA C 261 -79.56 38.88 10.13
CA ALA C 261 -80.33 39.75 9.25
C ALA C 261 -80.26 39.28 7.80
N ALA C 262 -79.06 38.91 7.34
CA ALA C 262 -78.88 38.41 5.99
C ALA C 262 -79.22 36.93 5.85
N LEU C 263 -79.37 36.22 6.96
CA LEU C 263 -79.68 34.79 6.91
C LEU C 263 -81.13 34.49 7.29
N SER C 264 -81.95 35.51 7.57
CA SER C 264 -83.35 35.32 7.91
C SER C 264 -84.13 34.97 6.64
N GLY C 265 -84.94 33.91 6.72
CA GLY C 265 -85.71 33.48 5.57
C GLY C 265 -84.89 32.81 4.49
N LEU C 266 -83.63 32.49 4.76
CA LEU C 266 -82.73 31.94 3.75
C LEU C 266 -82.75 30.42 3.84
N THR C 267 -83.12 29.77 2.75
CA THR C 267 -83.26 28.32 2.71
C THR C 267 -82.22 27.75 1.75
N VAL C 268 -81.48 26.74 2.23
CA VAL C 268 -80.53 26.00 1.40
C VAL C 268 -80.92 24.53 1.41
N THR C 269 -81.09 23.96 0.23
CA THR C 269 -81.51 22.57 0.11
C THR C 269 -80.74 21.91 -1.02
N GLY C 270 -80.52 20.60 -0.88
CA GLY C 270 -79.86 19.82 -1.91
C GLY C 270 -80.83 19.49 -3.04
N VAL C 271 -80.32 19.54 -4.26
CA VAL C 271 -81.15 19.33 -5.44
C VAL C 271 -80.67 18.13 -6.25
N GLY C 272 -79.42 18.14 -6.69
CA GLY C 272 -78.96 17.08 -7.57
C GLY C 272 -77.47 16.85 -7.43
N TYR C 273 -77.02 15.75 -8.04
CA TYR C 273 -75.62 15.38 -7.97
C TYR C 273 -75.26 14.60 -9.23
N SER C 274 -73.95 14.53 -9.49
CA SER C 274 -73.40 13.83 -10.64
C SER C 274 -72.42 12.78 -10.15
N LEU C 275 -72.36 11.66 -10.85
CA LEU C 275 -71.53 10.55 -10.43
C LEU C 275 -70.40 10.33 -11.43
N GLU C 276 -69.17 10.34 -10.92
CA GLU C 276 -67.98 10.13 -11.72
C GLU C 276 -67.48 8.71 -11.51
N ALA C 277 -67.62 7.88 -12.54
CA ALA C 277 -67.23 6.49 -12.47
C ALA C 277 -66.92 5.98 -13.87
N ARG C 278 -66.18 4.89 -13.93
CA ARG C 278 -65.81 4.27 -15.20
C ARG C 278 -66.16 2.78 -15.14
N LEU C 279 -65.86 2.09 -16.23
CA LEU C 279 -65.88 0.63 -16.27
C LEU C 279 -64.54 0.09 -15.79
N THR C 280 -64.40 -1.23 -15.90
CA THR C 280 -63.15 -1.95 -15.64
C THR C 280 -62.67 -2.55 -16.94
N ASN C 281 -62.63 -1.71 -17.98
CA ASN C 281 -62.64 -2.20 -19.34
C ASN C 281 -61.55 -3.23 -19.56
N ILE C 282 -61.97 -4.49 -19.66
CA ILE C 282 -61.13 -5.64 -19.99
C ILE C 282 -61.89 -6.42 -21.05
N ASN C 283 -63.13 -6.02 -21.30
CA ASN C 283 -63.91 -6.51 -22.42
C ASN C 283 -63.45 -5.91 -23.74
N GLN C 284 -62.70 -4.81 -23.69
CA GLN C 284 -62.25 -4.09 -24.87
C GLN C 284 -63.40 -3.64 -25.74
N LEU C 285 -64.48 -3.20 -25.12
CA LEU C 285 -65.58 -2.59 -25.86
C LEU C 285 -65.22 -1.24 -26.43
N GLU C 286 -64.25 -0.55 -25.86
CA GLU C 286 -63.92 0.80 -26.24
C GLU C 286 -62.60 0.83 -26.99
N MET C 287 -62.60 1.57 -28.09
CA MET C 287 -61.44 1.69 -28.95
C MET C 287 -60.70 2.96 -28.55
N GLY C 288 -59.39 2.84 -28.38
CA GLY C 288 -58.61 3.99 -27.94
C GLY C 288 -58.24 4.87 -29.12
N LEU C 289 -56.96 5.21 -29.23
CA LEU C 289 -56.48 5.95 -30.39
C LEU C 289 -55.37 5.16 -31.06
N LEU C 290 -55.45 5.08 -32.38
CA LEU C 290 -54.46 4.36 -33.16
C LEU C 290 -53.15 5.12 -33.17
N ILE C 291 -52.08 4.43 -32.82
CA ILE C 291 -50.73 5.00 -32.82
C ILE C 291 -49.95 4.27 -33.91
N ASP C 292 -49.43 5.02 -34.87
CA ASP C 292 -48.79 4.45 -36.04
C ASP C 292 -47.44 5.09 -36.26
N SER C 293 -46.54 4.32 -36.88
CA SER C 293 -45.17 4.75 -37.11
C SER C 293 -44.82 4.55 -38.58
N ASP C 294 -44.24 5.58 -39.20
CA ASP C 294 -43.79 5.54 -40.58
C ASP C 294 -42.30 5.82 -40.65
N VAL C 295 -41.65 5.23 -41.63
CA VAL C 295 -40.22 5.42 -41.86
C VAL C 295 -40.06 6.48 -42.96
N GLN C 296 -39.36 7.54 -42.64
CA GLN C 296 -38.99 8.57 -43.60
C GLN C 296 -37.49 8.60 -43.74
N LYS C 297 -37.00 8.64 -44.98
CA LYS C 297 -35.58 8.56 -45.27
C LYS C 297 -35.19 9.63 -46.28
N GLN C 298 -33.90 10.02 -46.24
CA GLN C 298 -33.34 10.98 -47.19
C GLN C 298 -31.90 10.56 -47.46
N GLY C 299 -31.48 10.65 -48.71
CA GLY C 299 -30.14 10.23 -49.12
C GLY C 299 -29.22 11.43 -49.29
N PHE C 300 -27.97 11.25 -48.91
CA PHE C 300 -26.96 12.31 -48.98
C PHE C 300 -25.82 11.83 -49.87
N MET C 301 -25.37 12.70 -50.77
CA MET C 301 -24.34 12.38 -51.74
C MET C 301 -23.10 13.22 -51.49
N ILE C 302 -21.94 12.63 -51.72
CA ILE C 302 -20.65 13.27 -51.47
C ILE C 302 -19.90 13.39 -52.78
N PRO C 303 -19.58 14.60 -53.24
CA PRO C 303 -18.95 14.76 -54.55
C PRO C 303 -17.43 14.68 -54.52
N THR C 304 -16.82 14.90 -55.69
CA THR C 304 -15.39 15.09 -55.83
C THR C 304 -15.12 16.53 -56.25
N LEU C 305 -14.05 17.11 -55.72
CA LEU C 305 -13.81 18.54 -55.88
C LEU C 305 -12.69 18.79 -56.88
N PRO C 306 -12.51 20.04 -57.33
CA PRO C 306 -11.40 20.34 -58.24
C PRO C 306 -10.05 20.02 -57.61
N PRO C 307 -9.08 19.58 -58.41
CA PRO C 307 -7.82 19.10 -57.85
C PRO C 307 -6.83 20.21 -57.58
N LEU C 308 -5.77 19.88 -56.86
CA LEU C 308 -4.69 20.80 -56.52
C LEU C 308 -3.36 20.11 -56.79
N VAL C 309 -2.47 20.77 -57.52
CA VAL C 309 -1.32 20.10 -58.14
C VAL C 309 -0.05 20.89 -57.87
N ILE C 310 1.10 20.21 -57.95
CA ILE C 310 2.43 20.79 -57.74
C ILE C 310 3.31 20.42 -58.93
N VAL C 311 4.14 21.35 -59.36
CA VAL C 311 5.20 21.07 -60.31
C VAL C 311 6.47 20.76 -59.55
N LYS C 312 7.29 19.86 -60.09
CA LYS C 312 8.50 19.39 -59.44
C LYS C 312 9.49 18.84 -60.45
N PRO C 313 10.78 19.13 -60.31
CA PRO C 313 11.78 18.44 -61.13
C PRO C 313 11.74 16.94 -60.85
N ALA C 314 11.53 16.16 -61.91
CA ALA C 314 11.22 14.74 -61.74
C ALA C 314 12.42 13.94 -61.30
N MET C 315 13.58 14.16 -61.93
CA MET C 315 14.74 13.31 -61.66
C MET C 315 15.30 13.53 -60.27
N VAL C 316 15.55 14.79 -59.90
CA VAL C 316 16.21 15.13 -58.64
C VAL C 316 15.54 16.35 -58.02
N GLU C 317 16.13 16.81 -56.91
CA GLU C 317 15.68 18.00 -56.18
C GLU C 317 14.24 17.87 -55.71
N ASP C 318 13.97 16.89 -54.85
CA ASP C 318 12.63 16.65 -54.33
C ASP C 318 12.52 16.90 -52.83
N ASP C 319 13.54 17.51 -52.23
CA ASP C 319 13.55 17.68 -50.78
C ASP C 319 13.75 19.13 -50.35
N LYS C 320 14.59 19.88 -51.07
CA LYS C 320 14.87 21.27 -50.68
C LYS C 320 14.58 22.31 -51.75
N THR C 321 14.75 22.03 -53.04
CA THR C 321 14.37 22.95 -54.10
C THR C 321 12.97 22.61 -54.56
N TYR C 322 12.05 23.60 -54.46
CA TYR C 322 10.65 23.52 -54.86
C TYR C 322 9.85 22.80 -53.77
N PRO C 323 8.57 23.12 -53.61
CA PRO C 323 7.87 22.85 -52.34
C PRO C 323 7.88 21.38 -51.92
N ARG C 324 8.06 21.19 -50.61
CA ARG C 324 7.85 19.90 -49.97
C ARG C 324 6.36 19.71 -49.75
N LEU C 325 5.99 18.56 -49.18
CA LEU C 325 4.58 18.17 -49.08
C LEU C 325 3.72 19.09 -48.23
N GLU C 326 4.29 19.67 -47.16
CA GLU C 326 3.46 20.33 -46.15
C GLU C 326 2.65 21.49 -46.75
N ALA C 327 3.17 22.13 -47.79
CA ALA C 327 2.43 23.22 -48.42
C ALA C 327 1.08 22.73 -48.94
N LEU C 328 1.02 21.48 -49.41
CA LEU C 328 -0.23 20.93 -49.90
C LEU C 328 -1.29 20.91 -48.81
N THR C 329 -0.94 20.35 -47.65
CA THR C 329 -1.88 20.30 -46.55
C THR C 329 -2.23 21.71 -46.07
N THR C 330 -1.26 22.63 -46.09
CA THR C 330 -1.58 23.99 -45.67
C THR C 330 -2.66 24.58 -46.56
N ALA C 331 -2.50 24.47 -47.88
CA ALA C 331 -3.53 24.96 -48.80
C ALA C 331 -4.85 24.25 -48.58
N TYR C 332 -4.80 22.93 -48.40
CA TYR C 332 -6.00 22.15 -48.17
C TYR C 332 -6.77 22.66 -46.96
N ARG C 333 -6.08 22.75 -45.81
CA ARG C 333 -6.69 23.25 -44.58
C ARG C 333 -7.21 24.66 -44.74
N ILE C 334 -6.41 25.55 -45.31
CA ILE C 334 -6.84 26.95 -45.35
C ILE C 334 -8.08 27.09 -46.22
N GLN C 335 -8.07 26.53 -47.42
CA GLN C 335 -9.18 26.84 -48.32
C GLN C 335 -10.35 25.89 -48.12
N GLN C 336 -10.16 24.58 -48.31
CA GLN C 336 -11.30 23.68 -48.43
C GLN C 336 -12.22 23.66 -47.22
N MET C 337 -11.68 23.82 -46.01
CA MET C 337 -12.54 23.67 -44.84
C MET C 337 -13.14 24.99 -44.37
N ARG C 338 -12.28 25.90 -43.92
CA ARG C 338 -12.74 27.16 -43.33
C ARG C 338 -13.51 27.98 -44.35
N ASN C 339 -12.91 28.19 -45.52
CA ASN C 339 -13.50 29.08 -46.50
C ASN C 339 -14.85 28.57 -46.98
N ASN C 340 -14.96 27.27 -47.22
CA ASN C 340 -16.22 26.72 -47.70
C ASN C 340 -17.28 26.72 -46.60
N ALA C 341 -16.87 26.54 -45.35
CA ALA C 341 -17.85 26.51 -44.26
C ALA C 341 -18.59 27.83 -44.15
N VAL C 342 -17.88 28.95 -44.26
CA VAL C 342 -18.51 30.25 -44.12
C VAL C 342 -19.53 30.47 -45.23
N THR C 343 -19.18 30.11 -46.46
CA THR C 343 -20.11 30.25 -47.56
C THR C 343 -21.34 29.39 -47.35
N THR C 344 -21.15 28.16 -46.86
CA THR C 344 -22.30 27.31 -46.58
C THR C 344 -23.20 27.93 -45.54
N LEU C 345 -22.61 28.50 -44.48
CA LEU C 345 -23.41 29.11 -43.42
C LEU C 345 -24.24 30.27 -43.96
N LEU C 346 -23.60 31.13 -44.77
CA LEU C 346 -24.33 32.29 -45.29
C LEU C 346 -25.42 31.85 -46.27
N ASN C 347 -25.15 30.80 -47.05
CA ASN C 347 -26.18 30.25 -47.92
C ASN C 347 -27.36 29.74 -47.10
N ARG C 348 -27.09 29.08 -45.98
CA ARG C 348 -28.17 28.62 -45.11
C ARG C 348 -28.98 29.80 -44.60
N ALA C 349 -28.29 30.87 -44.20
CA ALA C 349 -28.99 32.05 -43.71
C ALA C 349 -29.93 32.62 -44.77
N ASP C 350 -29.43 32.81 -45.99
CA ASP C 350 -30.28 33.38 -47.01
C ASP C 350 -31.43 32.44 -47.37
N THR C 351 -31.17 31.14 -47.41
CA THR C 351 -32.23 30.19 -47.72
C THR C 351 -33.34 30.24 -46.68
N LEU C 352 -32.98 30.27 -45.39
CA LEU C 352 -34.00 30.39 -44.36
C LEU C 352 -34.80 31.68 -44.51
N LYS C 353 -34.10 32.82 -44.60
CA LYS C 353 -34.84 34.09 -44.65
C LYS C 353 -35.74 34.14 -45.87
N SER C 354 -35.32 33.51 -46.96
CA SER C 354 -36.14 33.50 -48.16
C SER C 354 -37.37 32.61 -47.98
N TYR C 355 -37.16 31.32 -47.74
CA TYR C 355 -38.29 30.38 -47.71
C TYR C 355 -39.26 30.66 -46.57
N LEU C 356 -38.76 30.96 -45.37
CA LEU C 356 -39.58 30.83 -44.18
C LEU C 356 -40.24 32.12 -43.73
N GLY C 357 -39.67 33.28 -44.04
CA GLY C 357 -40.21 34.52 -43.54
C GLY C 357 -39.65 34.89 -42.19
N VAL C 358 -39.83 36.15 -41.78
CA VAL C 358 -39.17 36.65 -40.58
C VAL C 358 -40.11 36.49 -39.39
N GLY C 359 -39.63 35.85 -38.32
CA GLY C 359 -40.35 35.82 -37.07
C GLY C 359 -41.66 35.08 -37.09
N VAL C 360 -41.84 34.11 -37.98
CA VAL C 360 -43.11 33.41 -38.12
C VAL C 360 -42.89 31.91 -38.00
N PRO C 361 -43.59 31.23 -37.11
CA PRO C 361 -43.46 29.78 -36.98
C PRO C 361 -44.22 29.04 -38.07
N HIS C 362 -44.14 27.72 -38.00
CA HIS C 362 -44.86 26.84 -38.90
C HIS C 362 -45.28 25.55 -38.18
N PRO C 363 -46.32 24.88 -38.65
CA PRO C 363 -46.68 23.58 -38.07
C PRO C 363 -45.56 22.57 -38.28
N ILE C 364 -45.49 21.60 -37.35
CA ILE C 364 -44.49 20.55 -37.44
C ILE C 364 -44.73 19.77 -38.73
N GLU C 365 -43.67 19.62 -39.54
CA GLU C 365 -43.77 19.03 -40.86
C GLU C 365 -44.81 19.76 -41.69
N SER C 366 -44.54 21.03 -41.99
CA SER C 366 -45.41 21.81 -42.85
C SER C 366 -44.61 22.37 -44.02
N ASN C 367 -43.31 22.12 -44.02
CA ASN C 367 -42.41 22.57 -45.08
C ASN C 367 -41.67 21.37 -45.66
N LEU C 368 -41.52 21.36 -46.99
CA LEU C 368 -40.76 20.28 -47.61
C LEU C 368 -39.63 20.79 -48.50
N GLY C 369 -39.48 22.11 -48.65
CA GLY C 369 -38.47 22.65 -49.55
C GLY C 369 -37.20 23.04 -48.83
N LEU C 370 -37.04 22.61 -47.59
CA LEU C 370 -35.87 22.99 -46.82
C LEU C 370 -34.86 21.85 -46.72
N GLU C 371 -33.67 22.19 -46.23
CA GLU C 371 -32.66 21.20 -45.94
C GLU C 371 -33.05 20.32 -44.77
N GLY C 372 -32.34 19.21 -44.63
CA GLY C 372 -32.32 18.46 -43.39
C GLY C 372 -33.60 17.73 -43.10
N VAL C 373 -33.59 17.06 -41.94
CA VAL C 373 -34.73 16.29 -41.48
C VAL C 373 -35.24 16.75 -40.13
N GLY C 374 -34.80 17.91 -39.67
CA GLY C 374 -35.28 18.42 -38.39
C GLY C 374 -36.72 18.86 -38.40
N GLN C 375 -37.31 19.04 -39.59
CA GLN C 375 -38.70 19.46 -39.67
C GLN C 375 -39.64 18.42 -39.07
N TYR C 376 -39.19 17.17 -38.96
CA TYR C 376 -39.97 16.15 -38.27
C TYR C 376 -40.05 16.37 -36.77
N TYR C 377 -39.12 17.13 -36.19
CA TYR C 377 -39.00 17.24 -34.75
C TYR C 377 -39.22 18.65 -34.21
N VAL C 378 -38.80 19.68 -34.94
CA VAL C 378 -38.87 21.05 -34.45
C VAL C 378 -39.70 21.88 -35.41
N ARG C 379 -40.25 22.97 -34.89
CA ARG C 379 -41.08 23.86 -35.69
C ARG C 379 -40.18 24.76 -36.52
N PRO C 380 -40.46 24.96 -37.80
CA PRO C 380 -39.67 25.90 -38.59
C PRO C 380 -39.84 27.32 -38.08
N TYR C 381 -38.71 28.04 -37.97
CA TYR C 381 -38.72 29.42 -37.49
C TYR C 381 -37.42 30.08 -37.89
N TYR C 382 -37.47 31.39 -38.13
CA TYR C 382 -36.30 32.21 -38.39
C TYR C 382 -36.60 33.62 -37.92
N ASN C 383 -35.55 34.38 -37.62
CA ASN C 383 -35.72 35.78 -37.23
C ASN C 383 -34.46 36.56 -37.55
N GLU C 384 -34.61 37.88 -37.68
CA GLU C 384 -33.51 38.78 -37.94
C GLU C 384 -33.72 40.04 -37.11
N ALA C 385 -32.74 40.35 -36.27
CA ALA C 385 -32.80 41.55 -35.45
C ALA C 385 -31.61 42.44 -35.77
N THR C 386 -31.87 43.73 -35.91
CA THR C 386 -30.84 44.72 -36.22
C THR C 386 -30.66 45.63 -35.02
N ILE C 387 -29.42 45.78 -34.56
CA ILE C 387 -29.10 46.63 -33.43
C ILE C 387 -28.46 47.90 -33.94
N ASP C 388 -29.15 49.02 -33.74
CA ASP C 388 -28.59 50.34 -34.04
C ASP C 388 -27.98 50.92 -32.76
N VAL C 389 -26.68 50.66 -32.58
CA VAL C 389 -26.00 51.03 -31.34
C VAL C 389 -26.06 52.53 -31.10
N LEU C 390 -25.84 53.32 -32.16
CA LEU C 390 -25.82 54.77 -31.99
C LEU C 390 -27.18 55.31 -31.55
N ASN C 391 -28.27 54.75 -32.09
CA ASN C 391 -29.59 55.31 -31.81
C ASN C 391 -30.04 55.01 -30.38
N ASP C 392 -29.86 53.77 -29.93
CA ASP C 392 -30.39 53.34 -28.63
C ASP C 392 -29.51 53.74 -27.46
N LEU C 393 -28.30 54.25 -27.71
CA LEU C 393 -27.36 54.53 -26.63
C LEU C 393 -26.81 55.94 -26.79
N ASN C 394 -26.56 56.58 -25.66
CA ASN C 394 -25.98 57.91 -25.64
C ASN C 394 -25.44 58.21 -24.25
N ASN C 395 -24.16 58.55 -24.19
CA ASN C 395 -23.51 58.93 -22.94
C ASN C 395 -22.26 59.74 -23.27
N LEU C 396 -22.16 60.90 -22.63
CA LEU C 396 -20.96 61.72 -22.78
C LEU C 396 -19.73 61.02 -22.21
N THR C 397 -19.90 60.35 -21.06
CA THR C 397 -18.77 59.70 -20.41
C THR C 397 -18.22 58.57 -21.27
N SER C 398 -16.88 58.48 -21.31
CA SER C 398 -16.19 57.45 -22.05
C SER C 398 -15.70 56.31 -21.18
N ALA C 399 -16.21 56.19 -19.95
CA ALA C 399 -15.71 55.19 -19.01
C ALA C 399 -16.62 53.99 -18.85
N ALA C 400 -17.94 54.19 -18.76
CA ALA C 400 -18.88 53.09 -18.63
C ALA C 400 -19.45 52.66 -19.98
N LYS C 401 -18.83 53.11 -21.08
CA LYS C 401 -19.34 52.81 -22.40
C LYS C 401 -19.38 51.31 -22.65
N GLN C 402 -18.35 50.59 -22.18
CA GLN C 402 -18.34 49.14 -22.29
C GLN C 402 -19.61 48.55 -21.70
N THR C 403 -19.94 48.98 -20.48
CA THR C 403 -21.06 48.39 -19.77
C THR C 403 -22.36 48.61 -20.51
N ASP C 404 -22.56 49.82 -21.04
CA ASP C 404 -23.79 50.10 -21.79
C ASP C 404 -23.86 49.26 -23.05
N ILE C 405 -22.76 49.15 -23.79
CA ILE C 405 -22.74 48.32 -24.99
C ILE C 405 -23.04 46.87 -24.64
N GLN C 406 -22.40 46.35 -23.59
CA GLN C 406 -22.58 44.97 -23.20
C GLN C 406 -24.02 44.71 -22.77
N GLY C 407 -24.60 45.64 -22.00
CA GLY C 407 -25.98 45.50 -21.63
C GLY C 407 -26.90 45.40 -22.84
N LEU C 408 -26.71 46.29 -23.81
CA LEU C 408 -27.55 46.25 -25.01
C LEU C 408 -27.40 44.92 -25.74
N ILE C 409 -26.15 44.53 -26.03
CA ILE C 409 -25.93 43.34 -26.86
C ILE C 409 -26.43 42.09 -26.16
N VAL C 410 -26.06 41.92 -24.88
CA VAL C 410 -26.48 40.73 -24.14
C VAL C 410 -28.00 40.70 -23.99
N SER C 411 -28.60 41.87 -23.76
CA SER C 411 -30.06 41.91 -23.68
C SER C 411 -30.69 41.38 -24.96
N LYS C 412 -30.24 41.88 -26.10
CA LYS C 412 -30.80 41.40 -27.36
C LYS C 412 -30.58 39.91 -27.55
N ILE C 413 -29.36 39.44 -27.26
CA ILE C 413 -29.05 38.03 -27.50
C ILE C 413 -29.93 37.14 -26.65
N ASN C 414 -30.00 37.41 -25.35
CA ASN C 414 -30.80 36.56 -24.47
C ASN C 414 -32.27 36.59 -24.88
N GLU C 415 -32.84 37.78 -25.06
CA GLU C 415 -34.27 37.84 -25.34
C GLU C 415 -34.60 37.12 -26.65
N MET C 416 -33.77 37.31 -27.68
CA MET C 416 -34.08 36.69 -28.97
C MET C 416 -33.91 35.18 -28.92
N VAL C 417 -32.82 34.70 -28.30
CA VAL C 417 -32.62 33.27 -28.16
C VAL C 417 -33.82 32.63 -27.46
N TYR C 418 -34.28 33.24 -26.38
CA TYR C 418 -35.30 32.59 -25.57
C TYR C 418 -36.68 32.71 -26.21
N THR C 419 -36.95 33.81 -26.93
CA THR C 419 -38.17 33.87 -27.72
C THR C 419 -38.18 32.76 -28.77
N ALA C 420 -37.06 32.56 -29.45
CA ALA C 420 -36.98 31.48 -30.43
C ALA C 420 -37.20 30.13 -29.76
N ASP C 421 -36.60 29.93 -28.59
CA ASP C 421 -36.78 28.66 -27.88
C ASP C 421 -38.26 28.44 -27.54
N GLN C 422 -38.94 29.48 -27.05
CA GLN C 422 -40.35 29.34 -26.73
C GLN C 422 -41.15 28.97 -27.98
N LEU C 423 -40.83 29.60 -29.11
CA LEU C 423 -41.63 29.35 -30.31
C LEU C 423 -41.28 28.04 -30.99
N THR C 424 -40.15 27.41 -30.64
CA THR C 424 -39.75 26.17 -31.28
C THR C 424 -40.09 24.92 -30.47
N GLY C 425 -40.09 25.00 -29.14
CA GLY C 425 -40.23 23.80 -28.33
C GLY C 425 -39.05 22.86 -28.46
N TYR C 426 -37.85 23.40 -28.64
CA TYR C 426 -36.67 22.57 -28.89
C TYR C 426 -36.32 21.73 -27.67
N THR C 427 -36.34 22.34 -26.48
CA THR C 427 -35.95 21.63 -25.27
C THR C 427 -36.87 20.45 -25.01
N ALA C 428 -38.16 20.59 -25.32
CA ALA C 428 -39.07 19.46 -25.18
C ALA C 428 -38.67 18.31 -26.09
N ALA C 429 -38.27 18.63 -27.32
CA ALA C 429 -37.81 17.58 -28.23
C ALA C 429 -36.56 16.90 -27.69
N LEU C 430 -35.62 17.67 -27.15
CA LEU C 430 -34.43 17.06 -26.55
C LEU C 430 -34.80 16.15 -25.40
N GLU C 431 -35.71 16.60 -24.53
CA GLU C 431 -36.10 15.78 -23.39
C GLU C 431 -36.82 14.51 -23.84
N ALA C 432 -37.60 14.60 -24.93
CA ALA C 432 -38.35 13.44 -25.38
C ALA C 432 -37.45 12.44 -26.08
N ALA C 433 -36.44 12.91 -26.81
CA ALA C 433 -35.62 11.99 -27.60
C ALA C 433 -34.65 11.20 -26.72
N PHE C 434 -34.16 11.80 -25.65
CA PHE C 434 -33.13 11.18 -24.82
C PHE C 434 -33.73 10.61 -23.54
N SER C 435 -33.07 9.59 -23.01
CA SER C 435 -33.52 8.90 -21.81
C SER C 435 -32.38 8.81 -20.80
N GLY C 436 -32.74 8.79 -19.52
CA GLY C 436 -31.76 8.69 -18.46
C GLY C 436 -31.13 10.01 -18.06
N ARG C 437 -31.12 10.98 -18.97
CA ARG C 437 -30.62 12.32 -18.68
C ARG C 437 -31.11 13.30 -19.73
N SER C 438 -31.21 14.58 -19.35
CA SER C 438 -31.66 15.62 -20.26
C SER C 438 -30.56 16.68 -20.31
N PRO C 439 -29.52 16.50 -21.13
CA PRO C 439 -28.48 17.52 -21.21
C PRO C 439 -29.06 18.87 -21.61
N LYS C 440 -28.54 19.91 -20.98
CA LYS C 440 -29.03 21.26 -21.28
C LYS C 440 -28.75 21.58 -22.74
N PRO C 441 -29.70 22.20 -23.43
CA PRO C 441 -29.44 22.61 -24.82
C PRO C 441 -28.27 23.57 -24.88
N HIS C 442 -27.46 23.44 -25.92
CA HIS C 442 -26.27 24.26 -26.11
C HIS C 442 -26.54 25.31 -27.18
N VAL C 443 -26.20 26.56 -26.88
CA VAL C 443 -26.36 27.67 -27.82
C VAL C 443 -25.00 27.97 -28.42
N ALA C 444 -24.96 28.05 -29.75
CA ALA C 444 -23.73 28.31 -30.48
C ALA C 444 -23.64 29.80 -30.75
N ILE C 445 -22.48 30.39 -30.48
CA ILE C 445 -22.22 31.80 -30.74
C ILE C 445 -20.95 31.89 -31.57
N GLY C 446 -21.11 31.86 -32.89
CA GLY C 446 -20.00 32.03 -33.81
C GLY C 446 -20.06 33.42 -34.43
N THR C 447 -18.98 34.17 -34.24
CA THR C 447 -18.95 35.56 -34.65
C THR C 447 -17.54 35.92 -35.13
N ASP C 448 -17.39 37.17 -35.53
CA ASP C 448 -16.07 37.67 -35.90
C ASP C 448 -15.32 38.12 -34.66
N MET C 449 -14.14 38.71 -34.85
CA MET C 449 -13.28 39.07 -33.74
C MET C 449 -13.44 40.54 -33.31
N ARG C 450 -14.36 41.27 -33.93
CA ARG C 450 -14.71 42.60 -33.43
C ARG C 450 -15.52 42.54 -32.14
N LEU C 451 -16.65 41.83 -32.16
CA LEU C 451 -17.63 41.91 -31.08
C LEU C 451 -17.29 41.23 -29.75
N PRO C 452 -16.61 40.08 -29.73
CA PRO C 452 -16.67 39.20 -28.54
C PRO C 452 -16.49 39.86 -27.18
N GLN C 453 -15.86 41.03 -27.10
CA GLN C 453 -15.74 41.69 -25.80
C GLN C 453 -17.08 42.19 -25.29
N TYR C 454 -18.06 42.38 -26.17
CA TYR C 454 -19.38 42.83 -25.71
C TYR C 454 -20.33 41.69 -25.41
N ILE C 455 -19.86 40.44 -25.46
CA ILE C 455 -20.72 39.31 -25.12
C ILE C 455 -20.58 38.93 -23.65
N GLN C 456 -19.36 38.89 -23.12
CA GLN C 456 -19.16 38.56 -21.72
C GLN C 456 -19.38 39.78 -20.87
N ILE C 457 -20.19 39.65 -19.85
CA ILE C 457 -20.57 40.76 -18.98
C ILE C 457 -19.69 40.77 -17.73
N ASN C 458 -19.06 41.92 -17.48
CA ASN C 458 -18.11 42.04 -16.38
C ASN C 458 -18.81 41.94 -15.03
N GLY C 459 -18.09 41.43 -14.04
CA GLY C 459 -18.60 41.30 -12.69
C GLY C 459 -19.58 40.17 -12.50
N ASP C 460 -19.90 39.43 -13.56
CA ASP C 460 -20.90 38.38 -13.52
C ASP C 460 -20.25 37.04 -13.88
N ASP C 461 -21.03 35.97 -13.75
CA ASP C 461 -20.59 34.64 -14.14
C ASP C 461 -21.45 33.99 -15.22
N ARG C 462 -22.76 34.17 -15.16
CA ARG C 462 -23.69 33.64 -16.16
C ARG C 462 -23.82 34.70 -17.24
N THR C 463 -23.46 34.35 -18.48
CA THR C 463 -23.29 35.39 -19.48
C THR C 463 -24.51 35.53 -20.37
N VAL C 464 -24.88 34.47 -21.06
CA VAL C 464 -25.88 34.55 -22.11
C VAL C 464 -27.06 33.63 -21.83
N GLY C 465 -27.06 32.96 -20.68
CA GLY C 465 -28.15 32.06 -20.36
C GLY C 465 -28.12 31.66 -18.90
N ILE C 466 -29.29 31.26 -18.41
CA ILE C 466 -29.39 30.63 -17.10
C ILE C 466 -29.88 29.19 -17.22
N GLY C 467 -30.39 28.81 -18.37
CA GLY C 467 -30.71 27.42 -18.63
C GLY C 467 -29.89 26.90 -19.79
N TYR C 468 -28.84 27.64 -20.15
CA TYR C 468 -28.00 27.31 -21.29
C TYR C 468 -26.53 27.39 -20.94
N ASP C 469 -25.75 26.56 -21.61
CA ASP C 469 -24.31 26.75 -21.75
C ASP C 469 -23.99 27.27 -23.15
N TYR C 470 -22.79 27.80 -23.31
CA TYR C 470 -22.46 28.53 -24.52
C TYR C 470 -21.04 28.22 -24.95
N THR C 471 -20.73 28.54 -26.20
CA THR C 471 -19.38 28.51 -26.73
C THR C 471 -19.21 29.61 -27.75
N ILE C 472 -18.19 30.44 -27.59
CA ILE C 472 -17.95 31.59 -28.44
C ILE C 472 -16.78 31.27 -29.35
N ALA C 473 -16.97 31.47 -30.65
CA ALA C 473 -15.92 31.24 -31.64
C ALA C 473 -15.67 32.53 -32.42
N ARG C 474 -14.46 32.63 -32.97
CA ARG C 474 -14.07 33.78 -33.77
C ARG C 474 -13.53 33.30 -35.12
N ILE C 475 -13.93 34.00 -36.18
CA ILE C 475 -13.47 33.68 -37.52
C ILE C 475 -13.00 34.96 -38.18
N SER C 476 -12.03 34.84 -39.07
CA SER C 476 -11.33 36.00 -39.62
C SER C 476 -11.76 36.35 -41.03
N ASP C 477 -12.88 35.81 -41.52
CA ASP C 477 -13.33 36.17 -42.85
C ASP C 477 -13.79 37.62 -42.86
N LEU C 478 -13.72 38.23 -44.05
CA LEU C 478 -14.15 39.61 -44.20
C LEU C 478 -15.65 39.75 -44.43
N ARG C 479 -16.35 38.65 -44.71
CA ARG C 479 -17.79 38.71 -44.92
C ARG C 479 -18.57 38.87 -43.63
N MET C 480 -18.15 38.22 -42.55
CA MET C 480 -18.91 38.21 -41.31
C MET C 480 -18.59 39.38 -40.39
N LYS C 481 -18.19 40.53 -40.92
CA LYS C 481 -18.00 41.68 -40.05
C LYS C 481 -19.30 42.06 -39.36
N ASP C 482 -19.23 42.27 -38.05
CA ASP C 482 -20.36 42.82 -37.31
C ASP C 482 -21.61 41.96 -37.47
N LYS C 483 -21.44 40.65 -37.47
CA LYS C 483 -22.55 39.72 -37.65
C LYS C 483 -22.53 38.69 -36.53
N ILE C 484 -23.71 38.34 -36.03
CA ILE C 484 -23.84 37.36 -34.97
C ILE C 484 -24.75 36.25 -35.48
N VAL C 485 -24.23 35.03 -35.51
CA VAL C 485 -24.97 33.87 -35.97
C VAL C 485 -25.06 32.88 -34.82
N MET C 486 -26.28 32.41 -34.54
CA MET C 486 -26.52 31.52 -33.42
C MET C 486 -27.50 30.43 -33.82
N THR C 487 -27.28 29.23 -33.29
CA THR C 487 -28.16 28.10 -33.52
C THR C 487 -27.90 27.05 -32.44
N PHE C 488 -28.74 26.02 -32.43
CA PHE C 488 -28.68 24.98 -31.43
C PHE C 488 -27.90 23.78 -31.95
N ILE C 489 -26.94 23.32 -31.14
CA ILE C 489 -26.10 22.18 -31.48
C ILE C 489 -25.96 21.29 -30.25
N LEU C 490 -25.52 20.05 -30.49
CA LEU C 490 -25.20 19.13 -29.41
C LEU C 490 -23.69 19.02 -29.22
N PRO C 491 -23.23 19.00 -27.98
CA PRO C 491 -21.79 19.10 -27.74
C PRO C 491 -21.06 17.77 -27.70
N ASN C 492 -21.78 16.66 -27.50
CA ASN C 492 -21.13 15.40 -27.18
C ASN C 492 -21.26 14.33 -28.26
N GLU C 493 -22.47 13.96 -28.65
CA GLU C 493 -22.70 12.82 -29.51
C GLU C 493 -22.22 13.13 -30.92
N SER C 494 -21.47 12.21 -31.50
CA SER C 494 -20.85 12.39 -32.80
C SER C 494 -21.59 11.68 -33.93
N GLU C 495 -22.89 11.46 -33.79
CA GLU C 495 -23.45 10.79 -34.95
C GLU C 495 -24.64 11.58 -35.49
N PRO C 496 -24.93 11.49 -36.79
CA PRO C 496 -25.97 12.36 -37.37
C PRO C 496 -27.35 12.06 -36.80
N HIS C 497 -27.99 13.12 -36.30
CA HIS C 497 -29.38 13.08 -35.88
C HIS C 497 -30.07 14.32 -36.41
N PRO C 498 -31.40 14.28 -36.59
CA PRO C 498 -32.11 15.50 -36.96
C PRO C 498 -31.96 16.63 -35.95
N LEU C 499 -31.61 16.30 -34.71
CA LEU C 499 -31.44 17.33 -33.69
C LEU C 499 -30.10 18.04 -33.85
N GLN C 500 -29.13 17.38 -34.47
CA GLN C 500 -27.82 18.00 -34.67
C GLN C 500 -27.88 19.01 -35.81
N HIS C 501 -27.21 20.15 -35.62
CA HIS C 501 -27.34 21.25 -36.58
C HIS C 501 -26.69 20.92 -37.92
N GLY C 502 -25.47 20.43 -37.91
CA GLY C 502 -24.77 20.26 -39.18
C GLY C 502 -23.75 19.15 -39.09
N VAL C 503 -23.40 18.62 -40.26
CA VAL C 503 -22.47 17.52 -40.39
C VAL C 503 -21.47 17.81 -41.51
N LEU C 504 -20.32 17.17 -41.41
CA LEU C 504 -19.26 17.30 -42.40
C LEU C 504 -19.01 15.94 -43.02
N GLY C 505 -19.63 15.68 -44.16
CA GLY C 505 -19.38 14.44 -44.88
C GLY C 505 -17.95 14.38 -45.35
N PHE C 506 -17.14 13.51 -44.76
CA PHE C 506 -15.71 13.51 -44.98
C PHE C 506 -15.28 12.15 -45.53
N ILE C 507 -14.59 12.17 -46.65
CA ILE C 507 -13.97 10.97 -47.23
C ILE C 507 -12.46 11.18 -47.24
N PRO C 508 -11.69 10.32 -46.58
CA PRO C 508 -10.23 10.48 -46.62
C PRO C 508 -9.71 10.18 -48.02
N GLU C 509 -9.06 11.18 -48.61
CA GLU C 509 -8.55 11.06 -49.97
C GLU C 509 -7.06 10.84 -49.92
N TYR C 510 -6.58 9.85 -50.65
CA TYR C 510 -5.17 9.51 -50.61
C TYR C 510 -4.39 10.33 -51.62
N LEU C 511 -3.21 10.76 -51.19
CA LEU C 511 -2.37 11.64 -51.99
C LEU C 511 -1.79 10.86 -53.16
N VAL C 512 -2.03 11.37 -54.37
CA VAL C 512 -1.61 10.69 -55.61
C VAL C 512 -0.37 11.38 -56.14
N ASP C 513 0.73 10.65 -56.17
CA ASP C 513 2.00 11.16 -56.71
C ASP C 513 2.42 10.25 -57.86
N PHE C 514 2.80 10.88 -58.98
CA PHE C 514 3.21 10.18 -60.18
C PHE C 514 3.77 11.19 -61.18
N ASN C 515 4.55 10.69 -62.13
CA ASN C 515 5.14 11.53 -63.15
C ASN C 515 4.25 11.59 -64.38
N MET C 516 3.89 12.79 -64.80
CA MET C 516 3.10 13.03 -66.00
C MET C 516 3.82 14.06 -66.85
N ILE C 517 3.72 13.91 -68.18
CA ILE C 517 4.35 14.86 -69.07
C ILE C 517 3.38 16.00 -69.35
N ARG C 518 3.91 17.22 -69.42
CA ARG C 518 3.18 18.37 -69.91
C ARG C 518 3.83 18.80 -71.22
N ASN C 519 3.34 19.89 -71.80
CA ASN C 519 3.87 20.32 -73.10
C ASN C 519 5.34 20.69 -72.94
N GLN C 520 6.21 19.81 -73.45
CA GLN C 520 7.65 19.99 -73.34
C GLN C 520 8.09 20.21 -71.90
N ARG C 521 7.89 19.19 -71.07
CA ARG C 521 8.29 19.22 -69.67
C ARG C 521 8.27 17.80 -69.14
N ILE C 522 9.13 17.53 -68.16
CA ILE C 522 9.10 16.27 -67.43
C ILE C 522 9.16 16.61 -65.94
N GLY C 523 8.05 16.41 -65.25
CA GLY C 523 7.97 16.71 -63.84
C GLY C 523 7.02 15.76 -63.11
N ARG C 524 7.37 15.43 -61.88
CA ARG C 524 6.48 14.68 -61.01
C ARG C 524 5.39 15.59 -60.50
N GLU C 525 4.19 15.04 -60.37
CA GLU C 525 3.05 15.76 -59.81
C GLU C 525 2.57 15.06 -58.56
N ILE C 526 2.23 15.85 -57.55
CA ILE C 526 1.58 15.36 -56.34
C ILE C 526 0.23 16.05 -56.24
N ARG C 527 -0.81 15.26 -56.02
CA ARG C 527 -2.18 15.74 -56.18
C ARG C 527 -3.00 15.49 -54.92
N LEU C 528 -3.86 16.44 -54.58
CA LEU C 528 -4.81 16.32 -53.48
C LEU C 528 -6.20 16.54 -54.01
N THR C 529 -6.99 15.48 -54.07
CA THR C 529 -8.34 15.55 -54.59
C THR C 529 -9.33 15.42 -53.46
N PRO C 530 -9.77 16.51 -52.83
CA PRO C 530 -10.67 16.42 -51.69
C PRO C 530 -12.05 15.90 -52.06
N ARG C 531 -12.69 15.24 -51.11
CA ARG C 531 -14.07 14.82 -51.21
C ARG C 531 -14.78 15.14 -49.90
N TYR C 532 -15.40 16.31 -49.84
CA TYR C 532 -16.04 16.78 -48.63
C TYR C 532 -17.19 17.71 -49.01
N ARG C 533 -18.12 17.89 -48.08
CA ARG C 533 -19.21 18.83 -48.27
C ARG C 533 -19.93 19.05 -46.94
N TYR C 534 -20.61 20.18 -46.82
CA TYR C 534 -21.34 20.51 -45.61
C TYR C 534 -22.83 20.34 -45.83
N PHE C 535 -23.50 19.68 -44.88
CA PHE C 535 -24.94 19.49 -44.89
C PHE C 535 -25.53 20.06 -43.62
N ASN C 536 -26.81 20.41 -43.67
CA ASN C 536 -27.49 21.06 -42.56
C ASN C 536 -28.83 20.38 -42.30
N PHE C 537 -29.24 20.36 -41.04
CA PHE C 537 -30.49 19.71 -40.64
C PHE C 537 -31.47 20.67 -39.98
N LEU C 538 -31.02 21.46 -39.02
CA LEU C 538 -31.94 22.32 -38.29
C LEU C 538 -32.46 23.45 -39.19
N PRO C 539 -33.76 23.63 -39.32
CA PRO C 539 -34.26 24.83 -39.97
C PRO C 539 -34.40 25.97 -38.98
N ILE C 540 -33.37 26.18 -38.15
CA ILE C 540 -33.38 27.21 -37.12
C ILE C 540 -32.07 27.97 -37.20
N MET C 541 -32.15 29.29 -37.23
CA MET C 541 -30.97 30.15 -37.28
C MET C 541 -31.39 31.58 -37.00
N LEU C 542 -30.64 32.24 -36.12
CA LEU C 542 -30.94 33.61 -35.70
C LEU C 542 -29.72 34.49 -35.94
N VAL C 543 -29.95 35.66 -36.51
CA VAL C 543 -28.87 36.54 -36.96
C VAL C 543 -29.05 37.92 -36.34
N ILE C 544 -27.95 38.49 -35.83
CA ILE C 544 -27.90 39.86 -35.34
C ILE C 544 -27.00 40.67 -36.26
N ASN C 545 -27.50 41.81 -36.72
CA ASN C 545 -26.75 42.71 -37.58
C ASN C 545 -26.57 44.05 -36.87
N VAL C 546 -25.32 44.42 -36.63
CA VAL C 546 -24.99 45.66 -35.94
C VAL C 546 -24.23 46.58 -36.89
N ILE C 547 -24.56 47.86 -36.86
CA ILE C 547 -23.92 48.86 -37.70
C ILE C 547 -23.58 50.08 -36.84
N ASN C 548 -22.66 50.91 -37.35
CA ASN C 548 -22.34 52.21 -36.78
C ASN C 548 -21.74 52.10 -35.37
N LEU C 549 -21.23 50.93 -35.00
CA LEU C 549 -20.57 50.79 -33.72
C LEU C 549 -19.36 51.70 -33.63
N GLU C 550 -18.67 51.89 -34.76
CA GLU C 550 -17.49 52.75 -34.77
C GLU C 550 -17.83 54.18 -34.38
N GLU C 551 -18.96 54.69 -34.87
CA GLU C 551 -19.36 56.05 -34.51
C GLU C 551 -19.63 56.17 -33.02
N ALA C 552 -20.32 55.18 -32.43
CA ALA C 552 -20.58 55.22 -31.00
C ALA C 552 -19.30 55.15 -30.19
N ILE C 553 -18.36 54.30 -30.58
CA ILE C 553 -17.10 54.20 -29.85
C ILE C 553 -16.28 55.47 -30.02
N ALA C 554 -16.38 56.11 -31.18
CA ALA C 554 -15.67 57.37 -31.42
C ALA C 554 -16.30 58.49 -30.61
N GLN C 555 -17.59 58.37 -30.31
CA GLN C 555 -18.26 59.34 -29.45
C GLN C 555 -17.61 59.40 -28.06
N ARG C 556 -16.91 58.35 -27.66
CA ARG C 556 -16.13 58.37 -26.41
C ARG C 556 -15.17 59.54 -26.38
N THR C 557 -14.48 59.81 -27.49
CA THR C 557 -13.53 60.91 -27.57
C THR C 557 -14.12 62.16 -28.19
N ALA C 558 -15.41 62.14 -28.56
CA ALA C 558 -16.07 63.28 -29.18
C ALA C 558 -16.85 64.13 -28.18
N LEU C 559 -16.73 63.84 -26.89
CA LEU C 559 -17.49 64.57 -25.87
C LEU C 559 -17.05 66.02 -25.77
N ASP C 560 -17.92 66.85 -25.19
CA ASP C 560 -17.56 68.25 -24.96
C ASP C 560 -16.87 68.40 -23.60
N VAL C 561 -15.72 69.07 -23.61
CA VAL C 561 -14.87 69.22 -22.43
C VAL C 561 -15.65 69.74 -21.24
N ASN C 562 -15.44 69.13 -20.08
CA ASN C 562 -16.04 69.56 -18.82
C ASN C 562 -14.94 69.60 -17.77
N GLU C 563 -14.22 70.71 -17.69
CA GLU C 563 -13.12 70.82 -16.73
C GLU C 563 -13.57 71.55 -15.47
N THR C 564 -13.03 71.09 -14.34
CA THR C 564 -13.23 71.73 -13.06
C THR C 564 -11.89 71.90 -12.35
N GLN C 565 -11.50 73.15 -12.12
CA GLN C 565 -10.24 73.48 -11.50
C GLN C 565 -10.39 74.73 -10.64
N VAL C 566 -10.61 74.52 -9.35
CA VAL C 566 -10.72 75.61 -8.38
C VAL C 566 -9.81 75.31 -7.20
N THR C 567 -9.63 76.30 -6.34
CA THR C 567 -8.81 76.16 -5.15
C THR C 567 -9.38 75.08 -4.24
N PRO C 568 -8.55 74.15 -3.77
CA PRO C 568 -9.05 73.10 -2.88
C PRO C 568 -9.68 73.69 -1.61
N ALA C 569 -10.77 73.07 -1.18
CA ALA C 569 -11.50 73.51 0.00
C ALA C 569 -11.51 72.41 1.05
N SER C 570 -11.16 72.76 2.27
CA SER C 570 -11.16 71.80 3.38
C SER C 570 -11.19 72.53 4.72
N HIS D 1 14.07 42.28 -14.67
CA HIS D 1 12.91 42.11 -13.81
C HIS D 1 12.03 41.00 -14.33
N GLU D 2 10.73 41.26 -14.31
CA GLU D 2 9.78 40.50 -15.10
C GLU D 2 9.54 41.19 -16.44
N PHE D 3 9.57 42.53 -16.42
CA PHE D 3 9.25 43.31 -17.62
C PHE D 3 10.21 42.99 -18.76
N ALA D 4 11.50 42.86 -18.46
CA ALA D 4 12.48 42.65 -19.51
C ALA D 4 12.20 41.38 -20.29
N GLU D 5 12.26 40.22 -19.63
CA GLU D 5 12.07 38.97 -20.34
C GLU D 5 10.63 38.80 -20.80
N LEU D 6 9.70 39.54 -20.20
CA LEU D 6 8.31 39.41 -20.60
C LEU D 6 8.11 39.81 -22.06
N PHE D 7 8.94 40.72 -22.55
CA PHE D 7 8.88 41.15 -23.93
C PHE D 7 10.01 40.61 -24.80
N TYR D 8 11.09 40.13 -24.19
CA TYR D 8 12.22 39.58 -24.92
C TYR D 8 12.62 38.28 -24.25
N ARG D 9 12.11 37.16 -24.78
CA ARG D 9 12.44 35.86 -24.23
C ARG D 9 13.93 35.58 -24.39
N THR D 10 14.60 35.36 -23.28
CA THR D 10 16.05 35.18 -23.29
C THR D 10 16.41 33.88 -23.99
N TYR D 11 17.35 33.95 -24.92
CA TYR D 11 17.83 32.79 -25.67
C TYR D 11 19.34 32.73 -25.58
N ILE D 12 19.86 31.65 -24.99
CA ILE D 12 21.29 31.46 -24.85
C ILE D 12 21.85 30.83 -26.12
N VAL D 13 23.00 31.32 -26.56
CA VAL D 13 23.69 30.79 -27.73
C VAL D 13 25.14 30.51 -27.37
N THR D 14 25.68 29.42 -27.91
CA THR D 14 27.04 28.96 -27.68
C THR D 14 28.04 30.06 -28.06
N PRO D 15 29.10 30.27 -27.26
CA PRO D 15 30.02 31.37 -27.55
C PRO D 15 30.97 31.09 -28.70
N ASP D 16 30.70 30.05 -29.48
CA ASP D 16 31.53 29.69 -30.63
C ASP D 16 31.15 30.42 -31.90
N GLN D 17 30.01 31.09 -31.93
CA GLN D 17 29.52 31.74 -33.14
C GLN D 17 29.13 33.17 -32.82
N ALA D 18 29.26 34.04 -33.82
CA ALA D 18 28.98 35.47 -33.67
C ALA D 18 27.49 35.78 -33.63
N GLY D 19 26.63 34.75 -33.60
CA GLY D 19 25.20 34.99 -33.50
C GLY D 19 24.43 33.74 -33.89
N PHE D 20 23.15 33.96 -34.22
CA PHE D 20 22.29 32.87 -34.65
C PHE D 20 21.67 33.22 -35.98
N GLN D 21 21.65 32.24 -36.88
CA GLN D 21 21.12 32.39 -38.22
C GLN D 21 19.72 31.80 -38.29
N LEU D 22 18.82 32.52 -38.93
CA LEU D 22 17.40 32.19 -38.93
C LEU D 22 16.93 31.98 -40.36
N SER D 23 16.15 30.92 -40.57
CA SER D 23 15.58 30.58 -41.87
C SER D 23 14.09 30.33 -41.72
N ILE D 24 13.30 30.87 -42.64
CA ILE D 24 11.85 30.71 -42.62
C ILE D 24 11.41 30.14 -43.96
N ARG D 25 10.24 29.50 -43.97
CA ARG D 25 9.66 28.94 -45.17
C ARG D 25 8.39 29.71 -45.53
N ARG D 26 8.13 29.87 -46.82
CA ARG D 26 6.97 30.59 -47.31
C ARG D 26 6.19 29.70 -48.27
N ASN D 27 4.86 29.75 -48.15
CA ASN D 27 3.97 29.05 -49.06
C ASN D 27 3.19 30.08 -49.86
N LEU D 28 3.47 30.17 -51.15
CA LEU D 28 2.87 31.18 -52.01
C LEU D 28 2.12 30.50 -53.15
N VAL D 29 1.05 31.13 -53.60
CA VAL D 29 0.16 30.55 -54.61
C VAL D 29 0.39 31.30 -55.92
N TRP D 30 0.52 30.54 -57.01
CA TRP D 30 0.93 31.10 -58.29
C TRP D 30 -0.30 31.47 -59.13
N GLU D 31 -0.29 32.67 -59.70
CA GLU D 31 -1.27 33.07 -60.70
C GLU D 31 -0.71 33.09 -62.12
N GLY D 32 0.40 33.80 -62.33
CA GLY D 32 0.98 33.98 -63.65
C GLY D 32 2.03 35.07 -63.64
N TRP D 33 2.96 35.04 -64.58
CA TRP D 33 4.03 36.02 -64.65
C TRP D 33 3.60 37.13 -65.59
N THR D 34 3.70 38.38 -65.11
CA THR D 34 3.18 39.54 -65.83
C THR D 34 4.29 40.14 -66.69
N GLY D 35 4.30 39.77 -67.97
CA GLY D 35 5.16 40.43 -68.93
C GLY D 35 6.33 39.61 -69.43
N GLU D 36 6.44 39.50 -70.75
CA GLU D 36 7.65 39.01 -71.40
C GLU D 36 8.39 40.19 -72.00
N GLY D 37 9.62 40.38 -71.56
CA GLY D 37 10.39 41.48 -72.09
C GLY D 37 11.30 41.13 -73.25
N LEU D 38 10.80 41.32 -74.47
CA LEU D 38 11.66 41.20 -75.65
C LEU D 38 12.67 42.31 -75.73
N SER D 39 12.60 43.29 -74.84
CA SER D 39 13.67 44.24 -74.59
C SER D 39 14.60 43.78 -73.47
N GLY D 40 14.45 42.54 -73.00
CA GLY D 40 15.30 42.01 -71.96
C GLY D 40 14.93 42.41 -70.56
N GLU D 41 13.86 43.18 -70.38
CA GLU D 41 13.49 43.69 -69.07
C GLU D 41 12.96 42.55 -68.20
N LYS D 42 12.97 42.79 -66.88
CA LYS D 42 12.69 41.73 -65.90
C LYS D 42 11.29 41.15 -66.08
N GLN D 43 11.09 40.01 -65.44
CA GLN D 43 9.78 39.41 -65.27
C GLN D 43 9.41 39.44 -63.80
N GLU D 44 8.13 39.66 -63.52
CA GLU D 44 7.61 39.69 -62.16
C GLU D 44 6.60 38.57 -61.99
N ILE D 45 7.00 37.53 -61.27
CA ILE D 45 6.12 36.41 -60.98
C ILE D 45 5.21 36.81 -59.83
N SER D 46 3.93 37.05 -60.14
CA SER D 46 2.97 37.58 -59.20
C SER D 46 2.68 36.51 -58.14
N LYS D 47 3.28 36.66 -56.98
CA LYS D 47 3.12 35.72 -55.89
C LYS D 47 2.49 36.43 -54.69
N ARG D 48 1.60 35.73 -54.00
CA ARG D 48 1.04 36.22 -52.75
C ARG D 48 1.12 35.10 -51.71
N ASN D 49 1.26 35.50 -50.45
CA ASN D 49 1.39 34.51 -49.40
C ASN D 49 0.06 33.79 -49.20
N ILE D 50 0.13 32.51 -48.86
CA ILE D 50 -1.08 31.73 -48.69
C ILE D 50 -1.84 32.16 -47.44
N LEU D 51 -1.13 32.52 -46.37
CA LEU D 51 -1.79 32.91 -45.14
C LEU D 51 -2.58 34.19 -45.30
N GLN D 52 -2.36 34.93 -46.40
CA GLN D 52 -3.29 35.97 -46.80
C GLN D 52 -4.69 35.41 -47.00
N GLY D 53 -4.81 34.13 -47.35
CA GLY D 53 -6.11 33.51 -47.47
C GLY D 53 -6.82 33.33 -46.14
N LEU D 54 -6.13 33.54 -45.03
CA LEU D 54 -6.79 33.55 -43.74
C LEU D 54 -7.78 34.70 -43.60
N LEU D 55 -7.49 35.84 -44.21
CA LEU D 55 -8.35 37.01 -44.10
C LEU D 55 -9.26 37.22 -45.29
N ASP D 56 -8.95 36.65 -46.45
CA ASP D 56 -9.78 36.82 -47.64
C ASP D 56 -10.33 35.45 -48.03
N TYR D 57 -11.17 35.41 -49.06
CA TYR D 57 -11.73 34.15 -49.52
C TYR D 57 -11.46 33.97 -51.00
N THR D 58 -10.99 35.04 -51.65
CA THR D 58 -10.94 35.12 -53.09
C THR D 58 -9.59 34.76 -53.68
N THR D 59 -8.50 35.15 -53.03
CA THR D 59 -7.19 35.05 -53.64
C THR D 59 -6.80 33.59 -53.92
N LEU D 60 -7.48 32.64 -53.31
CA LEU D 60 -7.32 31.24 -53.71
C LEU D 60 -8.72 30.66 -53.87
N GLU D 61 -9.14 30.49 -55.12
CA GLU D 61 -10.44 29.93 -55.43
C GLU D 61 -10.27 28.99 -56.61
N THR D 62 -11.06 27.92 -56.65
CA THR D 62 -10.93 26.94 -57.71
C THR D 62 -12.27 26.64 -58.33
N ASN D 63 -12.32 26.72 -59.66
CA ASN D 63 -13.46 26.25 -60.44
C ASN D 63 -12.97 25.81 -61.81
N SER D 64 -12.61 24.53 -61.94
CA SER D 64 -11.97 24.07 -63.18
C SER D 64 -12.48 22.70 -63.60
N THR D 65 -13.45 22.16 -62.87
CA THR D 65 -14.03 20.88 -63.21
C THR D 65 -15.54 20.91 -63.25
N GLU D 66 -16.18 22.04 -62.96
CA GLU D 66 -17.60 22.16 -63.18
C GLU D 66 -17.92 22.08 -64.66
N LEU D 67 -19.01 21.40 -64.99
CA LEU D 67 -19.44 21.25 -66.38
C LEU D 67 -20.52 22.30 -66.63
N ILE D 68 -20.17 23.34 -67.36
CA ILE D 68 -21.06 24.48 -67.53
C ILE D 68 -21.42 24.64 -69.00
N PRO D 69 -22.70 24.72 -69.34
CA PRO D 69 -23.09 24.87 -70.75
C PRO D 69 -22.48 26.12 -71.37
N VAL D 70 -22.07 26.01 -72.63
CA VAL D 70 -21.49 27.11 -73.37
C VAL D 70 -22.32 27.34 -74.63
N ILE D 71 -22.73 28.58 -74.85
CA ILE D 71 -23.59 28.89 -75.99
C ILE D 71 -22.73 29.01 -77.24
N GLN D 72 -23.22 28.47 -78.35
CA GLN D 72 -22.55 28.55 -79.64
C GLN D 72 -23.57 28.84 -80.72
N SER D 73 -23.32 29.87 -81.50
CA SER D 73 -24.24 30.19 -82.60
C SER D 73 -24.13 29.15 -83.70
N GLY D 74 -25.27 28.63 -84.13
CA GLY D 74 -25.28 27.68 -85.24
C GLY D 74 -24.78 26.30 -84.91
N GLU D 75 -24.50 26.02 -83.63
CA GLU D 75 -24.08 24.68 -83.23
C GLU D 75 -24.96 24.06 -82.15
N ASN D 76 -25.42 24.82 -81.17
CA ASN D 76 -26.31 24.22 -80.15
C ASN D 76 -27.47 25.14 -79.79
N ASP D 77 -27.95 25.99 -80.70
CA ASP D 77 -29.04 26.89 -80.38
C ASP D 77 -30.30 26.12 -80.01
N GLU D 78 -30.62 25.07 -80.75
CA GLU D 78 -31.85 24.32 -80.50
C GLU D 78 -31.84 23.58 -79.18
N GLN D 79 -30.68 23.44 -78.54
CA GLN D 79 -30.61 22.83 -77.22
C GLN D 79 -30.77 23.82 -76.07
N PHE D 80 -30.74 25.13 -76.35
CA PHE D 80 -30.87 26.12 -75.31
C PHE D 80 -32.27 26.75 -75.35
N ILE D 81 -32.61 27.50 -74.31
CA ILE D 81 -33.91 28.16 -74.26
C ILE D 81 -33.87 29.35 -75.21
N ASP D 82 -35.03 29.91 -75.50
CA ASP D 82 -35.10 31.09 -76.34
C ASP D 82 -34.36 32.24 -75.66
N PRO D 83 -33.36 32.82 -76.31
CA PRO D 83 -32.64 33.96 -75.70
C PRO D 83 -33.52 35.17 -75.46
N SER D 84 -34.67 35.28 -76.12
CA SER D 84 -35.59 36.39 -75.90
C SER D 84 -36.12 36.38 -74.47
N VAL D 85 -36.45 35.19 -73.96
CA VAL D 85 -36.98 35.09 -72.61
C VAL D 85 -35.93 35.48 -71.57
N LEU D 86 -34.71 34.98 -71.73
CA LEU D 86 -33.62 35.29 -70.82
C LEU D 86 -32.34 35.50 -71.62
N PRO D 87 -31.73 36.68 -71.57
CA PRO D 87 -30.50 36.92 -72.33
C PRO D 87 -29.35 36.07 -71.81
N ALA D 88 -28.25 36.12 -72.56
CA ALA D 88 -27.06 35.37 -72.17
C ALA D 88 -26.49 35.92 -70.87
N GLN D 89 -25.88 35.03 -70.09
CA GLN D 89 -25.27 35.38 -68.81
C GLN D 89 -23.77 35.14 -68.88
N THR D 90 -23.01 36.04 -68.27
CA THR D 90 -21.55 35.95 -68.28
C THR D 90 -21.07 35.19 -67.05
N VAL D 91 -20.22 34.20 -67.27
CA VAL D 91 -19.69 33.36 -66.20
C VAL D 91 -18.20 33.16 -66.44
N LYS D 92 -17.42 33.25 -65.37
CA LYS D 92 -15.96 33.06 -65.40
C LYS D 92 -15.59 31.74 -64.75
N GLN D 93 -14.86 30.91 -65.49
CA GLN D 93 -14.14 29.77 -64.93
C GLN D 93 -12.77 29.78 -65.58
N GLY D 94 -11.73 29.52 -64.78
CA GLY D 94 -10.38 29.56 -65.30
C GLY D 94 -10.09 30.94 -65.88
N LYS D 95 -9.64 30.96 -67.13
CA LYS D 95 -9.31 32.21 -67.82
C LYS D 95 -10.17 32.46 -69.04
N ASP D 96 -11.23 31.68 -69.26
CA ASP D 96 -12.08 31.84 -70.44
C ASP D 96 -13.35 32.58 -70.09
N THR D 97 -13.73 33.52 -70.96
CA THR D 97 -15.00 34.22 -70.86
C THR D 97 -15.97 33.60 -71.87
N PHE D 98 -17.18 33.32 -71.42
CA PHE D 98 -18.19 32.75 -72.29
C PHE D 98 -19.56 33.07 -71.71
N ASP D 99 -20.58 32.72 -72.48
CA ASP D 99 -21.95 32.99 -72.08
C ASP D 99 -22.71 31.68 -71.90
N THR D 100 -23.53 31.62 -70.85
CA THR D 100 -24.26 30.41 -70.52
C THR D 100 -25.72 30.76 -70.29
N ASN D 101 -26.58 29.78 -70.49
CA ASN D 101 -28.01 29.98 -70.31
C ASN D 101 -28.66 28.63 -70.05
N PHE D 102 -29.89 28.68 -69.55
CA PHE D 102 -30.53 27.51 -68.98
C PHE D 102 -30.95 26.53 -70.08
N LEU D 103 -31.11 25.27 -69.72
CA LEU D 103 -31.43 24.23 -70.70
C LEU D 103 -32.92 23.89 -70.64
N LYS D 104 -33.57 23.98 -71.80
CA LYS D 104 -35.01 23.81 -71.88
C LYS D 104 -35.42 22.35 -71.72
N PHE D 105 -36.59 22.15 -71.13
CA PHE D 105 -37.16 20.82 -70.96
C PHE D 105 -37.40 20.21 -72.33
N SER D 106 -36.79 19.06 -72.58
CA SER D 106 -36.88 18.41 -73.87
C SER D 106 -38.10 17.51 -73.90
N GLU D 107 -39.27 18.11 -74.16
CA GLU D 107 -40.50 17.36 -74.30
C GLU D 107 -40.60 16.70 -75.67
N ASN D 108 -39.76 17.09 -76.62
CA ASN D 108 -39.70 16.39 -77.89
C ASN D 108 -39.08 15.00 -77.72
N GLY D 109 -38.47 14.76 -76.55
CA GLY D 109 -38.02 13.42 -76.21
C GLY D 109 -36.63 13.07 -76.69
N GLU D 110 -36.00 13.99 -77.42
CA GLU D 110 -34.63 13.76 -77.88
C GLU D 110 -33.70 14.44 -76.89
N GLY D 111 -32.68 13.71 -76.46
CA GLY D 111 -31.93 14.11 -75.31
C GLY D 111 -30.80 15.06 -75.63
N PHE D 112 -29.89 15.17 -74.69
CA PHE D 112 -28.70 16.01 -74.79
C PHE D 112 -27.49 15.20 -74.36
N ASN D 113 -26.33 15.57 -74.88
CA ASN D 113 -25.07 14.96 -74.47
C ASN D 113 -24.29 16.01 -73.68
N LEU D 114 -24.27 15.84 -72.35
CA LEU D 114 -23.79 16.89 -71.48
C LEU D 114 -22.31 17.22 -71.73
N LEU D 115 -21.53 16.21 -72.09
CA LEU D 115 -20.10 16.44 -72.30
C LEU D 115 -19.83 17.33 -73.50
N MET D 116 -20.81 17.56 -74.37
CA MET D 116 -20.69 18.52 -75.45
C MET D 116 -20.95 19.96 -75.04
N LEU D 117 -22.08 20.23 -74.39
CA LEU D 117 -22.46 21.60 -74.10
C LEU D 117 -21.46 22.30 -73.20
N ALA D 118 -20.65 21.55 -72.46
CA ALA D 118 -19.79 22.11 -71.43
C ALA D 118 -18.30 22.04 -71.78
N GLN D 119 -17.96 21.95 -73.06
CA GLN D 119 -16.56 21.95 -73.44
C GLN D 119 -16.09 23.40 -73.53
N THR D 120 -15.14 23.75 -72.67
CA THR D 120 -14.69 25.12 -72.52
C THR D 120 -13.62 25.47 -73.55
N PRO D 121 -13.44 26.76 -73.84
CA PRO D 121 -12.38 27.16 -74.78
C PRO D 121 -11.00 26.70 -74.37
N SER D 122 -10.73 26.60 -73.07
CA SER D 122 -9.48 26.00 -72.63
C SER D 122 -9.35 24.57 -73.14
N ARG D 123 -10.44 23.81 -73.09
CA ARG D 123 -10.42 22.46 -73.62
C ARG D 123 -10.24 22.45 -75.13
N LEU D 124 -10.86 23.41 -75.84
CA LEU D 124 -10.61 23.53 -77.27
C LEU D 124 -9.13 23.73 -77.56
N LYS D 125 -8.48 24.65 -76.84
CA LYS D 125 -7.03 24.78 -76.98
C LYS D 125 -6.32 23.52 -76.51
N LYS D 126 -6.82 22.93 -75.43
CA LYS D 126 -6.32 21.67 -74.88
C LYS D 126 -6.47 20.52 -75.88
N GLY D 127 -7.37 20.64 -76.84
CA GLY D 127 -7.65 19.59 -77.80
C GLY D 127 -9.11 19.56 -78.18
N SER D 128 -9.60 18.39 -78.63
CA SER D 128 -11.02 18.22 -78.91
C SER D 128 -11.36 16.76 -78.70
N MET D 129 -11.81 16.42 -77.49
CA MET D 129 -12.11 15.04 -77.14
C MET D 129 -12.84 15.05 -75.80
N THR D 130 -13.95 14.33 -75.73
CA THR D 130 -14.71 14.21 -74.50
C THR D 130 -15.19 12.78 -74.28
N PHE D 131 -14.30 11.80 -74.47
CA PHE D 131 -14.81 10.43 -74.43
C PHE D 131 -13.96 9.47 -73.58
N THR D 132 -12.88 9.94 -72.99
CA THR D 132 -12.23 9.19 -71.92
C THR D 132 -12.59 9.73 -70.55
N ASP D 133 -13.41 10.77 -70.49
CA ASP D 133 -13.79 11.41 -69.24
C ASP D 133 -14.90 10.61 -68.57
N SER D 134 -15.16 10.95 -67.31
CA SER D 134 -16.23 10.31 -66.56
C SER D 134 -16.81 11.32 -65.58
N LEU D 135 -18.13 11.37 -65.53
CA LEU D 135 -18.83 12.26 -64.62
C LEU D 135 -18.83 11.69 -63.21
N ASP D 136 -18.67 12.58 -62.23
CA ASP D 136 -18.72 12.16 -60.84
C ASP D 136 -20.09 11.63 -60.49
N SER D 137 -20.17 10.89 -59.39
CA SER D 137 -21.45 10.36 -58.93
C SER D 137 -22.42 11.46 -58.53
N ARG D 138 -21.95 12.66 -58.25
CA ARG D 138 -22.80 13.75 -57.77
C ARG D 138 -23.35 14.53 -58.95
N ILE D 139 -24.67 14.47 -59.13
CA ILE D 139 -25.37 15.30 -60.10
C ILE D 139 -26.65 15.81 -59.45
N ALA D 140 -26.89 17.12 -59.56
CA ALA D 140 -28.09 17.73 -59.03
C ALA D 140 -28.34 19.04 -59.77
N LEU D 141 -29.61 19.44 -59.81
CA LEU D 141 -29.99 20.65 -60.53
C LEU D 141 -29.61 21.88 -59.72
N LYS D 142 -29.11 22.92 -60.41
CA LYS D 142 -28.90 24.20 -59.73
C LYS D 142 -30.22 24.93 -59.49
N GLN D 143 -30.93 25.26 -60.57
CA GLN D 143 -32.08 26.14 -60.49
C GLN D 143 -33.17 25.67 -61.44
N LEU D 144 -34.42 25.86 -61.02
CA LEU D 144 -35.58 25.69 -61.88
C LEU D 144 -36.13 27.05 -62.24
N LEU D 145 -36.16 27.36 -63.54
CA LEU D 145 -36.66 28.64 -64.01
C LEU D 145 -38.12 28.49 -64.41
N ILE D 146 -39.03 28.89 -63.52
CA ILE D 146 -40.45 28.79 -63.76
C ILE D 146 -41.00 30.17 -64.11
N SER D 147 -41.81 30.20 -65.17
CA SER D 147 -42.36 31.45 -65.69
C SER D 147 -43.76 31.65 -65.15
N VAL D 148 -43.94 32.70 -64.36
CA VAL D 148 -45.23 33.10 -63.85
C VAL D 148 -45.79 34.15 -64.80
N THR D 149 -46.77 33.75 -65.60
CA THR D 149 -47.35 34.62 -66.62
C THR D 149 -48.86 34.73 -66.42
N LYS D 150 -49.38 35.93 -66.67
CA LYS D 150 -50.81 36.19 -66.56
C LYS D 150 -51.13 37.41 -67.41
N GLY D 151 -51.81 37.18 -68.53
CA GLY D 151 -52.17 38.27 -69.42
C GLY D 151 -51.05 38.84 -70.25
N GLY D 152 -49.89 38.19 -70.30
CA GLY D 152 -48.77 38.67 -71.07
C GLY D 152 -47.58 39.19 -70.28
N THR D 153 -47.68 39.24 -68.95
CA THR D 153 -46.57 39.70 -68.12
C THR D 153 -45.81 38.50 -67.58
N THR D 154 -44.50 38.47 -67.83
CA THR D 154 -43.66 37.33 -67.51
C THR D 154 -42.69 37.69 -66.39
N GLU D 155 -42.65 36.86 -65.35
CA GLU D 155 -41.69 36.98 -64.27
C GLU D 155 -40.88 35.69 -64.17
N LEU D 156 -39.59 35.83 -63.90
CA LEU D 156 -38.69 34.69 -63.79
C LEU D 156 -38.18 34.57 -62.37
N PHE D 157 -38.27 33.36 -61.82
CA PHE D 157 -37.83 33.08 -60.46
C PHE D 157 -36.64 32.14 -60.49
N ALA D 158 -35.47 32.66 -60.14
CA ALA D 158 -34.26 31.86 -60.03
C ALA D 158 -34.28 31.14 -58.68
N LEU D 159 -34.85 29.94 -58.67
CA LEU D 159 -35.04 29.18 -57.44
C LEU D 159 -33.91 28.18 -57.26
N ASP D 160 -33.16 28.32 -56.17
CA ASP D 160 -32.11 27.37 -55.87
C ASP D 160 -32.70 26.03 -55.41
N VAL D 161 -32.69 25.05 -56.30
CA VAL D 161 -33.26 23.74 -56.03
C VAL D 161 -32.23 22.80 -55.42
N ASN D 162 -30.95 23.15 -55.50
CA ASN D 162 -29.87 22.32 -54.99
C ASN D 162 -29.99 22.03 -53.51
N ARG D 163 -30.79 22.80 -52.79
CA ARG D 163 -30.96 22.64 -51.36
C ARG D 163 -32.20 21.84 -50.98
N ASP D 164 -32.78 21.10 -51.91
CA ASP D 164 -33.78 20.09 -51.59
C ASP D 164 -33.21 18.72 -51.93
N GLN D 165 -33.28 17.81 -50.97
CA GLN D 165 -32.58 16.53 -51.09
C GLN D 165 -33.16 15.62 -52.16
N TYR D 166 -34.34 15.92 -52.68
CA TYR D 166 -34.91 15.14 -53.77
C TYR D 166 -34.43 15.61 -55.14
N ALA D 167 -33.55 16.60 -55.19
CA ALA D 167 -32.98 17.05 -56.44
C ALA D 167 -31.65 16.37 -56.75
N ALA D 168 -31.24 15.40 -55.93
CA ALA D 168 -29.97 14.73 -56.11
C ALA D 168 -30.16 13.44 -56.89
N TYR D 169 -29.35 13.28 -57.94
CA TYR D 169 -29.44 12.10 -58.77
C TYR D 169 -29.08 10.86 -57.96
N THR D 170 -29.85 9.80 -58.13
CA THR D 170 -29.65 8.56 -57.40
C THR D 170 -29.46 7.41 -58.38
N ALA D 171 -28.56 6.50 -58.04
CA ALA D 171 -28.23 5.40 -58.94
C ALA D 171 -29.29 4.31 -58.88
N THR D 172 -29.83 3.99 -60.05
CA THR D 172 -30.75 2.87 -60.20
C THR D 172 -30.23 2.05 -61.37
N ARG D 173 -29.32 1.13 -61.07
CA ARG D 173 -28.72 0.30 -62.11
C ARG D 173 -29.75 -0.72 -62.59
N GLU D 174 -30.58 -0.32 -63.55
CA GLU D 174 -31.59 -1.23 -64.05
C GLU D 174 -31.54 -1.33 -65.56
N TYR D 175 -30.82 -0.42 -66.22
CA TYR D 175 -30.64 -0.52 -67.66
C TYR D 175 -29.19 -0.80 -67.99
N ASN D 176 -28.28 0.01 -67.48
CA ASN D 176 -26.86 -0.27 -67.64
C ASN D 176 -26.12 0.04 -66.34
N PHE D 177 -24.85 -0.35 -66.30
CA PHE D 177 -24.06 -0.36 -65.08
C PHE D 177 -23.56 1.05 -64.76
N ARG D 178 -24.03 2.04 -65.50
CA ARG D 178 -23.55 3.40 -65.28
C ARG D 178 -24.64 4.46 -65.35
N LEU D 179 -25.92 4.09 -65.43
CA LEU D 179 -27.00 5.07 -65.43
C LEU D 179 -27.37 5.44 -64.01
N MET D 180 -27.80 6.69 -63.83
CA MET D 180 -28.36 7.15 -62.57
C MET D 180 -29.63 7.92 -62.83
N GLN D 181 -30.50 7.97 -61.83
CA GLN D 181 -31.87 8.43 -61.98
C GLN D 181 -32.07 9.74 -61.24
N LEU D 182 -32.97 10.57 -61.76
CA LEU D 182 -33.39 11.81 -61.12
C LEU D 182 -34.89 11.77 -60.91
N LYS D 183 -35.33 12.00 -59.69
CA LYS D 183 -36.74 12.09 -59.36
C LYS D 183 -36.94 13.18 -58.30
N PHE D 184 -37.19 14.39 -58.76
CA PHE D 184 -37.49 15.52 -57.88
C PHE D 184 -39.00 15.69 -57.88
N HIS D 185 -39.66 15.14 -56.86
CA HIS D 185 -41.12 15.06 -56.79
C HIS D 185 -41.60 15.66 -55.45
N THR D 186 -41.76 16.98 -55.42
CA THR D 186 -42.15 17.66 -54.19
C THR D 186 -42.80 18.99 -54.53
N SER D 187 -42.96 19.82 -53.49
CA SER D 187 -43.57 21.13 -53.62
C SER D 187 -42.56 22.22 -53.25
N LEU D 188 -42.46 23.25 -54.09
CA LEU D 188 -41.67 24.43 -53.80
C LEU D 188 -42.59 25.61 -53.52
N GLY D 189 -42.22 26.42 -52.55
CA GLY D 189 -43.01 27.57 -52.15
C GLY D 189 -42.41 28.89 -52.58
N LEU D 190 -43.27 29.79 -53.04
CA LEU D 190 -42.89 31.16 -53.39
C LEU D 190 -43.41 32.08 -52.31
N GLY D 191 -42.53 32.47 -51.39
CA GLY D 191 -42.92 33.31 -50.28
C GLY D 191 -43.06 34.76 -50.67
N GLU D 192 -43.51 35.55 -49.70
CA GLU D 192 -43.65 36.99 -49.86
C GLU D 192 -42.33 37.68 -50.20
N GLU D 193 -41.20 37.12 -49.77
CA GLU D 193 -39.90 37.73 -49.98
C GLU D 193 -39.23 37.17 -51.22
N SER D 194 -39.98 36.42 -52.02
CA SER D 194 -39.46 35.88 -53.27
C SER D 194 -39.04 37.03 -54.18
N THR D 195 -37.85 36.93 -54.74
CA THR D 195 -37.28 37.99 -55.56
C THR D 195 -37.02 37.49 -56.98
N THR D 196 -37.24 38.37 -57.95
CA THR D 196 -37.00 38.03 -59.34
C THR D 196 -35.50 37.90 -59.60
N VAL D 197 -35.17 37.43 -60.80
CA VAL D 197 -33.77 37.27 -61.18
C VAL D 197 -33.06 38.62 -61.23
N ALA D 198 -33.73 39.65 -61.76
CA ALA D 198 -33.14 40.98 -61.81
C ALA D 198 -33.00 41.58 -60.42
N GLY D 199 -33.66 40.98 -59.43
CA GLY D 199 -33.61 41.46 -58.07
C GLY D 199 -34.85 42.16 -57.58
N ALA D 200 -35.83 42.41 -58.46
CA ALA D 200 -37.05 43.09 -58.05
C ALA D 200 -38.00 42.12 -57.35
N GLU D 201 -38.94 42.67 -56.59
CA GLU D 201 -39.93 41.86 -55.91
C GLU D 201 -41.00 41.40 -56.89
N SER D 202 -41.79 40.42 -56.46
CA SER D 202 -42.83 39.86 -57.32
C SER D 202 -43.90 40.89 -57.63
N ALA D 203 -44.46 40.81 -58.83
CA ALA D 203 -45.51 41.70 -59.28
C ALA D 203 -46.84 41.00 -59.51
N LEU D 204 -46.86 39.87 -60.21
CA LEU D 204 -48.08 39.10 -60.41
C LEU D 204 -48.58 38.45 -59.14
N LEU D 205 -47.68 38.01 -58.26
CA LEU D 205 -48.04 37.48 -56.95
C LEU D 205 -48.00 38.54 -55.86
N LYS D 206 -47.85 39.82 -56.24
CA LYS D 206 -47.79 40.88 -55.24
C LYS D 206 -49.12 41.02 -54.49
N ASP D 207 -50.23 40.76 -55.17
CA ASP D 207 -51.54 40.90 -54.53
C ASP D 207 -51.67 39.92 -53.36
N LEU D 208 -51.27 38.67 -53.56
CA LEU D 208 -51.34 37.69 -52.48
C LEU D 208 -50.26 37.95 -51.44
N PHE D 209 -49.05 38.31 -51.87
CA PHE D 209 -47.95 38.51 -50.93
C PHE D 209 -48.23 39.68 -49.99
N ASP D 210 -48.79 40.78 -50.51
CA ASP D 210 -49.18 41.87 -49.63
C ASP D 210 -50.26 41.45 -48.65
N LEU D 211 -51.03 40.42 -49.00
CA LEU D 211 -51.96 39.79 -48.09
C LEU D 211 -51.30 38.62 -47.34
N GLY D 212 -49.98 38.54 -47.36
CA GLY D 212 -49.26 37.61 -46.51
C GLY D 212 -49.48 36.14 -46.79
N TYR D 213 -50.09 35.82 -47.93
CA TYR D 213 -50.31 34.44 -48.32
C TYR D 213 -49.02 33.87 -48.91
N ARG D 214 -48.95 32.54 -48.93
CA ARG D 214 -47.80 31.84 -49.49
C ARG D 214 -48.28 30.84 -50.53
N ILE D 215 -47.65 30.89 -51.69
CA ILE D 215 -48.04 30.07 -52.83
C ILE D 215 -46.96 29.03 -53.07
N GLU D 216 -47.37 27.76 -53.08
CA GLU D 216 -46.46 26.65 -53.32
C GLU D 216 -47.02 25.75 -54.41
N LEU D 217 -46.14 25.32 -55.31
CA LEU D 217 -46.51 24.53 -56.46
C LEU D 217 -45.84 23.16 -56.39
N ASP D 218 -46.57 22.14 -56.85
CA ASP D 218 -46.05 20.79 -56.88
C ASP D 218 -45.25 20.58 -58.16
N VAL D 219 -44.01 20.11 -58.01
CA VAL D 219 -43.10 19.95 -59.14
C VAL D 219 -42.81 18.48 -59.32
N LYS D 220 -43.05 17.97 -60.52
CA LYS D 220 -42.89 16.56 -60.85
C LYS D 220 -41.97 16.47 -62.05
N VAL D 221 -40.66 16.41 -61.82
CA VAL D 221 -39.68 16.41 -62.90
C VAL D 221 -38.90 15.10 -62.85
N ASP D 222 -38.62 14.54 -64.03
CA ASP D 222 -37.95 13.25 -64.15
C ASP D 222 -36.81 13.36 -65.16
N GLY D 223 -35.80 12.51 -65.00
CA GLY D 223 -34.68 12.49 -65.92
C GLY D 223 -33.77 11.33 -65.70
N GLU D 224 -32.77 11.21 -66.59
CA GLU D 224 -31.74 10.18 -66.51
C GLU D 224 -30.40 10.74 -66.95
N MET D 225 -29.33 10.09 -66.51
CA MET D 225 -27.98 10.48 -66.91
C MET D 225 -27.07 9.27 -66.91
N ASN D 226 -26.15 9.21 -67.88
CA ASN D 226 -25.13 8.18 -67.94
C ASN D 226 -23.75 8.82 -67.83
N VAL D 227 -22.94 8.32 -66.90
CA VAL D 227 -21.61 8.90 -66.72
C VAL D 227 -20.68 8.55 -67.88
N GLU D 228 -20.66 7.28 -68.32
CA GLU D 228 -19.68 6.85 -69.31
C GLU D 228 -19.93 7.51 -70.66
N ASN D 229 -21.19 7.59 -71.08
CA ASN D 229 -21.53 8.04 -72.41
C ASN D 229 -21.81 9.53 -72.50
N GLY D 230 -22.29 10.14 -71.42
CA GLY D 230 -22.78 11.50 -71.47
C GLY D 230 -24.19 11.64 -71.99
N ASN D 231 -24.83 10.55 -72.37
CA ASN D 231 -26.21 10.60 -72.81
C ASN D 231 -27.13 10.82 -71.61
N GLY D 232 -28.21 11.55 -71.84
CA GLY D 232 -29.18 11.78 -70.78
C GLY D 232 -30.25 12.74 -71.24
N ASP D 233 -31.37 12.68 -70.54
CA ASP D 233 -32.50 13.56 -70.80
C ASP D 233 -33.24 13.83 -69.51
N THR D 234 -33.86 15.00 -69.42
CA THR D 234 -34.67 15.39 -68.27
C THR D 234 -35.81 16.25 -68.77
N SER D 235 -37.05 15.77 -68.56
CA SER D 235 -38.23 16.41 -69.11
C SER D 235 -39.26 16.66 -68.02
N LEU D 236 -39.94 17.79 -68.12
CA LEU D 236 -41.01 18.13 -67.18
C LEU D 236 -42.20 17.22 -67.37
N ARG D 237 -42.77 16.75 -66.27
CA ARG D 237 -43.88 15.81 -66.31
C ARG D 237 -45.17 16.40 -65.76
N ALA D 238 -45.12 17.06 -64.61
CA ALA D 238 -46.34 17.61 -64.03
C ALA D 238 -46.01 18.81 -63.14
N LEU D 239 -46.56 19.96 -63.51
CA LEU D 239 -46.44 21.18 -62.70
C LEU D 239 -47.79 21.87 -62.68
N ARG D 240 -48.17 22.40 -61.53
CA ARG D 240 -49.50 22.98 -61.36
C ARG D 240 -49.56 23.75 -60.05
N LEU D 241 -50.45 24.74 -59.99
CA LEU D 241 -50.77 25.38 -58.72
C LEU D 241 -51.32 24.34 -57.76
N ALA D 242 -50.91 24.38 -56.49
CA ALA D 242 -51.23 23.30 -55.56
C ALA D 242 -52.11 23.72 -54.39
N ARG D 243 -51.65 24.64 -53.55
CA ARG D 243 -52.48 25.09 -52.44
C ARG D 243 -51.95 26.43 -51.94
N VAL D 244 -52.69 27.01 -50.99
CA VAL D 244 -52.44 28.35 -50.47
C VAL D 244 -52.43 28.30 -48.96
N PHE D 245 -51.45 28.96 -48.34
CA PHE D 245 -51.33 29.04 -46.89
C PHE D 245 -51.61 30.46 -46.41
N ASP D 246 -52.02 30.59 -45.15
CA ASP D 246 -52.17 31.89 -44.50
C ASP D 246 -51.04 32.09 -43.49
N LYS D 247 -51.15 33.17 -42.70
CA LYS D 247 -50.10 33.46 -41.72
C LYS D 247 -50.00 32.35 -40.68
N GLU D 248 -51.14 31.90 -40.18
CA GLU D 248 -51.18 30.96 -39.06
C GLU D 248 -50.86 29.53 -39.48
N GLY D 249 -50.43 29.32 -40.72
CA GLY D 249 -50.17 27.98 -41.19
C GLY D 249 -51.43 27.15 -41.33
N LYS D 250 -52.52 27.78 -41.75
CA LYS D 250 -53.78 27.10 -42.00
C LYS D 250 -54.07 27.13 -43.49
N GLU D 251 -54.32 25.96 -44.05
CA GLU D 251 -54.50 25.82 -45.49
C GLU D 251 -55.74 26.57 -45.96
N ILE D 252 -55.61 27.25 -47.09
CA ILE D 252 -56.72 27.98 -47.71
C ILE D 252 -56.96 27.38 -49.08
N ALA D 253 -58.21 26.98 -49.34
CA ALA D 253 -58.52 26.24 -50.56
C ALA D 253 -58.34 27.12 -51.79
N LEU D 254 -58.04 26.46 -52.92
CA LEU D 254 -57.89 27.17 -54.19
C LEU D 254 -59.20 27.77 -54.67
N THR D 255 -60.34 27.21 -54.29
CA THR D 255 -61.63 27.68 -54.76
C THR D 255 -62.15 28.88 -53.97
N ASP D 256 -61.45 29.29 -52.91
CA ASP D 256 -61.88 30.43 -52.13
C ASP D 256 -61.84 31.70 -52.96
N SER D 257 -62.86 32.54 -52.78
CA SER D 257 -63.02 33.73 -53.62
C SER D 257 -61.86 34.72 -53.43
N ARG D 258 -61.25 34.75 -52.25
CA ARG D 258 -60.17 35.70 -52.00
C ARG D 258 -58.92 35.35 -52.81
N VAL D 259 -58.79 34.10 -53.22
CA VAL D 259 -57.61 33.67 -53.97
C VAL D 259 -57.94 33.14 -55.36
N SER D 260 -59.18 32.71 -55.62
CA SER D 260 -59.51 32.14 -56.93
C SER D 260 -59.36 33.17 -58.03
N ALA D 261 -59.77 34.42 -57.77
CA ALA D 261 -59.67 35.45 -58.80
C ALA D 261 -58.22 35.74 -59.16
N ALA D 262 -57.33 35.76 -58.18
CA ALA D 262 -55.91 36.03 -58.41
C ALA D 262 -55.13 34.79 -58.84
N LEU D 263 -55.77 33.63 -58.89
CA LEU D 263 -55.11 32.40 -59.29
C LEU D 263 -55.73 31.75 -60.52
N SER D 264 -56.82 32.30 -61.05
CA SER D 264 -57.45 31.80 -62.26
C SER D 264 -56.83 32.52 -63.45
N GLY D 265 -56.38 31.74 -64.44
CA GLY D 265 -55.66 32.29 -65.58
C GLY D 265 -54.18 32.44 -65.36
N LEU D 266 -53.68 32.14 -64.17
CA LEU D 266 -52.25 32.20 -63.87
C LEU D 266 -51.61 30.88 -64.27
N THR D 267 -50.79 30.92 -65.31
CA THR D 267 -50.16 29.72 -65.85
C THR D 267 -48.70 29.70 -65.43
N VAL D 268 -48.27 28.58 -64.86
CA VAL D 268 -46.88 28.41 -64.43
C VAL D 268 -46.23 27.41 -65.39
N THR D 269 -45.19 27.86 -66.09
CA THR D 269 -44.54 27.07 -67.10
C THR D 269 -43.06 26.92 -66.78
N GLY D 270 -42.55 25.70 -66.95
CA GLY D 270 -41.14 25.44 -66.75
C GLY D 270 -40.36 25.74 -68.01
N VAL D 271 -39.43 26.67 -67.91
CA VAL D 271 -38.63 27.11 -69.05
C VAL D 271 -37.34 26.33 -69.17
N GLY D 272 -36.46 26.44 -68.18
CA GLY D 272 -35.16 25.81 -68.31
C GLY D 272 -34.65 25.30 -66.98
N TYR D 273 -33.63 24.45 -67.07
CA TYR D 273 -32.99 23.87 -65.89
C TYR D 273 -31.52 23.69 -66.21
N SER D 274 -30.72 23.62 -65.14
CA SER D 274 -29.28 23.44 -65.26
C SER D 274 -28.84 22.30 -64.36
N LEU D 275 -27.64 21.79 -64.61
CA LEU D 275 -27.15 20.62 -63.91
C LEU D 275 -25.82 20.92 -63.23
N GLU D 276 -25.52 20.14 -62.20
CA GLU D 276 -24.22 20.16 -61.54
C GLU D 276 -23.50 18.88 -61.90
N ALA D 277 -22.46 19.00 -62.72
CA ALA D 277 -21.69 17.85 -63.16
C ALA D 277 -20.22 18.13 -62.94
N ARG D 278 -19.50 17.11 -62.48
CA ARG D 278 -18.08 17.22 -62.22
C ARG D 278 -17.36 16.01 -62.81
N LEU D 279 -16.23 16.28 -63.46
CA LEU D 279 -15.39 15.23 -63.99
C LEU D 279 -14.67 14.53 -62.87
N THR D 280 -14.63 13.20 -62.94
CA THR D 280 -13.91 12.42 -61.94
C THR D 280 -12.42 12.73 -61.97
N ASN D 281 -11.96 13.31 -63.08
CA ASN D 281 -10.56 13.70 -63.25
C ASN D 281 -9.64 12.50 -63.03
N ILE D 282 -10.08 11.33 -63.46
CA ILE D 282 -9.23 10.14 -63.49
C ILE D 282 -8.19 10.24 -64.59
N ASN D 283 -8.37 11.18 -65.51
CA ASN D 283 -7.55 11.24 -66.72
C ASN D 283 -6.62 12.45 -66.71
N GLN D 284 -6.58 13.23 -65.64
CA GLN D 284 -5.64 14.34 -65.48
C GLN D 284 -5.75 15.36 -66.60
N LEU D 285 -6.87 16.06 -66.68
CA LEU D 285 -7.03 17.11 -67.68
C LEU D 285 -6.80 18.53 -67.17
N GLU D 286 -6.90 18.79 -65.86
CA GLU D 286 -6.81 20.15 -65.36
C GLU D 286 -5.78 20.23 -64.25
N MET D 287 -5.00 21.30 -64.28
CA MET D 287 -4.07 21.61 -63.20
C MET D 287 -4.68 22.73 -62.36
N GLY D 288 -4.90 22.45 -61.08
CA GLY D 288 -5.43 23.45 -60.17
C GLY D 288 -4.43 24.56 -59.93
N LEU D 289 -4.66 25.29 -58.85
CA LEU D 289 -3.74 26.37 -58.50
C LEU D 289 -2.39 25.78 -58.11
N LEU D 290 -1.32 26.35 -58.65
CA LEU D 290 0.03 25.92 -58.36
C LEU D 290 0.57 26.70 -57.18
N ILE D 291 1.14 26.00 -56.21
CA ILE D 291 1.72 26.62 -55.03
C ILE D 291 3.17 26.18 -54.89
N ASP D 292 4.04 27.13 -54.57
CA ASP D 292 5.47 26.90 -54.54
C ASP D 292 6.04 27.35 -53.20
N SER D 293 7.20 26.80 -52.85
CA SER D 293 7.88 27.15 -51.60
C SER D 293 9.20 27.82 -51.91
N ASP D 294 9.40 29.00 -51.35
CA ASP D 294 10.69 29.68 -51.38
C ASP D 294 11.11 30.03 -49.96
N VAL D 295 12.42 30.09 -49.74
CA VAL D 295 13.00 30.23 -48.42
C VAL D 295 13.64 31.60 -48.31
N GLN D 296 13.31 32.31 -47.24
CA GLN D 296 13.96 33.56 -46.90
C GLN D 296 14.77 33.32 -45.63
N LYS D 297 15.92 33.96 -45.52
CA LYS D 297 16.80 33.75 -44.37
C LYS D 297 17.48 35.05 -43.98
N GLN D 298 17.73 35.22 -42.69
CA GLN D 298 18.45 36.38 -42.18
C GLN D 298 19.41 35.90 -41.08
N GLY D 299 20.53 36.61 -40.93
CA GLY D 299 21.48 36.32 -39.89
C GLY D 299 21.44 37.39 -38.81
N PHE D 300 21.46 36.96 -37.57
CA PHE D 300 21.38 37.84 -36.41
C PHE D 300 22.65 37.68 -35.60
N MET D 301 23.39 38.76 -35.44
CA MET D 301 24.72 38.73 -34.82
C MET D 301 24.73 39.54 -33.53
N ILE D 302 25.66 39.21 -32.64
CA ILE D 302 25.74 39.81 -31.31
C ILE D 302 26.96 40.71 -31.25
N PRO D 303 26.87 41.89 -30.65
CA PRO D 303 28.03 42.77 -30.52
C PRO D 303 28.82 42.49 -29.24
N THR D 304 29.79 43.36 -28.99
CA THR D 304 30.49 43.43 -27.72
C THR D 304 30.43 44.87 -27.20
N LEU D 305 30.34 45.03 -25.90
CA LEU D 305 30.03 46.32 -25.30
C LEU D 305 31.15 46.82 -24.40
N PRO D 306 31.16 48.10 -24.06
CA PRO D 306 32.22 48.65 -23.21
C PRO D 306 32.27 47.94 -21.87
N PRO D 307 33.45 47.79 -21.28
CA PRO D 307 33.62 46.96 -20.10
C PRO D 307 33.46 47.71 -18.79
N LEU D 308 33.45 46.92 -17.71
CA LEU D 308 33.38 47.43 -16.35
C LEU D 308 34.67 47.06 -15.63
N VAL D 309 35.07 47.87 -14.64
CA VAL D 309 36.40 47.77 -14.06
C VAL D 309 36.31 47.83 -12.55
N ILE D 310 37.11 47.01 -11.87
CA ILE D 310 37.36 47.11 -10.44
C ILE D 310 38.84 47.33 -10.22
N VAL D 311 39.18 48.31 -9.40
CA VAL D 311 40.56 48.54 -8.97
C VAL D 311 40.77 47.81 -7.66
N LYS D 312 41.98 47.29 -7.45
CA LYS D 312 42.26 46.35 -6.38
C LYS D 312 43.76 46.22 -6.12
N PRO D 313 44.17 46.21 -4.84
CA PRO D 313 45.56 45.90 -4.52
C PRO D 313 45.96 44.52 -4.99
N ALA D 314 47.22 44.38 -5.39
CA ALA D 314 47.66 43.29 -6.24
C ALA D 314 48.57 42.29 -5.55
N MET D 315 49.11 42.62 -4.38
CA MET D 315 50.08 41.76 -3.73
C MET D 315 49.50 40.55 -3.03
N VAL D 316 48.18 40.47 -2.88
CA VAL D 316 47.59 39.44 -2.04
C VAL D 316 46.43 38.78 -2.77
N GLU D 317 45.73 37.87 -2.08
CA GLU D 317 44.60 37.14 -2.61
C GLU D 317 43.51 38.05 -3.16
N ASP D 318 42.94 37.69 -4.31
CA ASP D 318 41.80 38.40 -4.90
C ASP D 318 40.48 37.82 -4.43
N ASP D 319 40.51 36.85 -3.50
CA ASP D 319 39.35 36.04 -3.17
C ASP D 319 38.60 36.53 -1.94
N LYS D 320 39.26 36.69 -0.80
CA LYS D 320 38.50 36.84 0.45
C LYS D 320 38.55 38.23 1.06
N THR D 321 39.22 39.21 0.44
CA THR D 321 39.31 40.55 0.99
C THR D 321 38.99 41.59 -0.07
N TYR D 322 38.38 42.71 0.37
CA TYR D 322 38.17 43.89 -0.48
C TYR D 322 37.08 43.64 -1.51
N PRO D 323 36.60 44.69 -2.24
CA PRO D 323 35.42 44.53 -3.12
C PRO D 323 35.34 43.23 -3.91
N ARG D 324 34.29 42.47 -3.65
CA ARG D 324 34.08 41.17 -4.26
C ARG D 324 33.30 41.27 -5.55
N LEU D 325 32.81 40.13 -6.04
CA LEU D 325 32.17 40.03 -7.35
C LEU D 325 30.71 40.49 -7.36
N GLU D 326 30.02 40.43 -6.21
CA GLU D 326 28.63 40.84 -6.21
C GLU D 326 28.48 42.28 -6.66
N ALA D 327 29.47 43.13 -6.39
CA ALA D 327 29.49 44.45 -6.98
C ALA D 327 29.42 44.37 -8.49
N LEU D 328 30.21 43.48 -9.08
CA LEU D 328 30.26 43.36 -10.54
C LEU D 328 28.91 42.92 -11.06
N THR D 329 28.33 41.88 -10.45
CA THR D 329 27.08 41.33 -10.94
C THR D 329 25.94 42.32 -10.79
N THR D 330 25.91 43.05 -9.69
CA THR D 330 24.86 44.06 -9.51
C THR D 330 24.98 45.15 -10.57
N ALA D 331 26.20 45.66 -10.80
CA ALA D 331 26.37 46.69 -11.81
C ALA D 331 25.96 46.18 -13.18
N TYR D 332 26.40 44.98 -13.53
CA TYR D 332 26.02 44.37 -14.80
C TYR D 332 24.51 44.27 -14.95
N ARG D 333 23.85 43.66 -13.97
CA ARG D 333 22.41 43.41 -14.07
C ARG D 333 21.64 44.71 -14.19
N ILE D 334 21.97 45.71 -13.38
CA ILE D 334 21.22 46.95 -13.43
C ILE D 334 21.49 47.69 -14.73
N GLN D 335 22.75 47.69 -15.19
CA GLN D 335 23.09 48.56 -16.30
C GLN D 335 22.69 47.93 -17.63
N GLN D 336 23.26 46.77 -17.95
CA GLN D 336 23.21 46.28 -19.31
C GLN D 336 21.86 45.70 -19.71
N MET D 337 21.13 45.07 -18.78
CA MET D 337 19.78 44.61 -19.11
C MET D 337 18.75 45.74 -19.12
N ARG D 338 18.49 46.37 -17.98
CA ARG D 338 17.34 47.28 -17.88
C ARG D 338 17.45 48.43 -18.87
N ASN D 339 18.52 49.21 -18.76
CA ASN D 339 18.56 50.50 -19.45
C ASN D 339 18.51 50.30 -20.96
N ASN D 340 19.30 49.36 -21.48
CA ASN D 340 19.25 49.06 -22.89
C ASN D 340 17.90 48.48 -23.29
N ALA D 341 17.24 47.74 -22.39
CA ALA D 341 15.93 47.20 -22.72
C ALA D 341 14.92 48.31 -22.98
N VAL D 342 14.80 49.24 -22.04
CA VAL D 342 13.81 50.30 -22.21
C VAL D 342 14.19 51.20 -23.38
N THR D 343 15.49 51.44 -23.57
CA THR D 343 15.90 52.25 -24.71
C THR D 343 15.50 51.59 -26.02
N THR D 344 15.73 50.28 -26.14
CA THR D 344 15.36 49.58 -27.35
C THR D 344 13.85 49.57 -27.55
N LEU D 345 13.09 49.38 -26.48
CA LEU D 345 11.63 49.37 -26.59
C LEU D 345 11.12 50.71 -27.11
N LEU D 346 11.57 51.79 -26.49
CA LEU D 346 11.11 53.11 -26.92
C LEU D 346 11.55 53.43 -28.34
N ASN D 347 12.80 53.10 -28.68
CA ASN D 347 13.29 53.36 -30.02
C ASN D 347 12.50 52.58 -31.06
N ARG D 348 12.18 51.32 -30.77
CA ARG D 348 11.37 50.54 -31.70
C ARG D 348 9.98 51.12 -31.85
N ALA D 349 9.37 51.54 -30.74
CA ALA D 349 8.05 52.14 -30.82
C ALA D 349 8.06 53.35 -31.74
N ASP D 350 9.02 54.24 -31.54
CA ASP D 350 9.08 55.44 -32.36
C ASP D 350 9.42 55.10 -33.81
N THR D 351 10.26 54.09 -34.02
CA THR D 351 10.64 53.70 -35.38
C THR D 351 9.43 53.17 -36.14
N LEU D 352 8.62 52.33 -35.49
CA LEU D 352 7.40 51.85 -36.11
C LEU D 352 6.45 52.99 -36.41
N LYS D 353 6.31 53.93 -35.46
CA LYS D 353 5.47 55.09 -35.71
C LYS D 353 5.96 55.85 -36.94
N SER D 354 7.28 56.00 -37.07
CA SER D 354 7.82 56.79 -38.16
C SER D 354 7.60 56.13 -39.51
N TYR D 355 7.97 54.86 -39.65
CA TYR D 355 7.86 54.23 -40.96
C TYR D 355 6.43 53.88 -41.34
N LEU D 356 5.61 53.46 -40.37
CA LEU D 356 4.36 52.81 -40.72
C LEU D 356 3.15 53.73 -40.77
N GLY D 357 3.14 54.81 -40.00
CA GLY D 357 1.95 55.64 -39.90
C GLY D 357 0.94 55.04 -38.95
N VAL D 358 -0.03 55.86 -38.58
CA VAL D 358 -0.98 55.52 -37.53
C VAL D 358 -2.30 55.11 -38.19
N GLY D 359 -2.79 53.93 -37.84
CA GLY D 359 -4.10 53.48 -38.27
C GLY D 359 -4.16 52.90 -39.67
N VAL D 360 -3.05 52.87 -40.38
CA VAL D 360 -3.05 52.39 -41.76
C VAL D 360 -2.32 51.05 -41.87
N PRO D 361 -3.07 49.95 -42.01
CA PRO D 361 -2.42 48.65 -42.17
C PRO D 361 -1.78 48.51 -43.55
N HIS D 362 -0.84 47.58 -43.64
CA HIS D 362 -0.21 47.25 -44.91
C HIS D 362 -0.35 45.77 -45.21
N PRO D 363 -0.39 45.37 -46.48
CA PRO D 363 -0.66 43.96 -46.80
C PRO D 363 0.47 43.04 -46.37
N ILE D 364 0.22 41.73 -46.40
CA ILE D 364 1.24 40.76 -46.03
C ILE D 364 2.43 40.96 -46.97
N GLU D 365 3.61 41.13 -46.37
CA GLU D 365 4.83 41.57 -47.04
C GLU D 365 4.71 43.06 -47.34
N SER D 366 5.72 43.83 -46.94
CA SER D 366 5.66 45.29 -47.02
C SER D 366 7.07 45.83 -47.11
N ASN D 367 7.22 47.12 -46.83
CA ASN D 367 8.55 47.71 -46.71
C ASN D 367 9.43 46.85 -45.81
N LEU D 368 10.64 46.54 -46.29
CA LEU D 368 11.55 45.67 -45.59
C LEU D 368 12.42 46.42 -44.58
N GLY D 369 12.26 47.74 -44.49
CA GLY D 369 13.13 48.52 -43.63
C GLY D 369 12.86 48.37 -42.16
N LEU D 370 11.86 47.56 -41.81
CA LEU D 370 11.54 47.28 -40.41
C LEU D 370 12.16 45.93 -40.06
N GLU D 371 12.90 45.89 -38.95
CA GLU D 371 13.41 44.59 -38.51
C GLU D 371 12.26 43.67 -38.13
N GLY D 372 12.54 42.37 -38.05
CA GLY D 372 11.54 41.39 -37.75
C GLY D 372 11.33 40.43 -38.90
N VAL D 373 10.63 39.34 -38.59
CA VAL D 373 10.30 38.32 -39.57
C VAL D 373 8.80 38.04 -39.62
N GLY D 374 8.04 38.51 -38.63
CA GLY D 374 6.60 38.31 -38.64
C GLY D 374 5.89 39.02 -39.78
N GLN D 375 6.54 40.02 -40.39
CA GLN D 375 5.95 40.69 -41.55
C GLN D 375 5.67 39.72 -42.67
N TYR D 376 6.38 38.60 -42.71
CA TYR D 376 6.15 37.55 -43.69
C TYR D 376 4.96 36.70 -43.31
N TYR D 377 4.39 36.92 -42.13
CA TYR D 377 3.28 36.13 -41.63
C TYR D 377 2.02 36.93 -41.36
N VAL D 378 2.15 38.18 -40.89
CA VAL D 378 1.02 38.97 -40.43
C VAL D 378 1.07 40.33 -41.10
N ARG D 379 -0.03 41.05 -40.99
CA ARG D 379 -0.12 42.40 -41.53
C ARG D 379 0.51 43.40 -40.56
N PRO D 380 1.44 44.23 -41.02
CA PRO D 380 1.95 45.31 -40.15
C PRO D 380 0.85 46.29 -39.80
N TYR D 381 0.86 46.76 -38.55
CA TYR D 381 -0.13 47.74 -38.09
C TYR D 381 0.43 48.47 -36.89
N TYR D 382 0.28 49.79 -36.90
CA TYR D 382 0.65 50.65 -35.77
C TYR D 382 -0.49 51.62 -35.50
N ASN D 383 -0.78 51.85 -34.22
CA ASN D 383 -1.81 52.79 -33.83
C ASN D 383 -1.52 53.33 -32.44
N GLU D 384 -1.76 54.62 -32.26
CA GLU D 384 -1.56 55.27 -30.97
C GLU D 384 -2.75 56.17 -30.70
N ALA D 385 -3.17 56.21 -29.44
CA ALA D 385 -4.26 57.07 -29.00
C ALA D 385 -3.87 57.74 -27.69
N THR D 386 -4.27 59.00 -27.55
CA THR D 386 -4.00 59.77 -26.35
C THR D 386 -5.30 59.98 -25.61
N ILE D 387 -5.40 59.43 -24.40
CA ILE D 387 -6.57 59.58 -23.55
C ILE D 387 -6.35 60.83 -22.70
N ASP D 388 -7.36 61.68 -22.64
CA ASP D 388 -7.30 62.89 -21.83
C ASP D 388 -8.15 62.66 -20.59
N VAL D 389 -7.49 62.37 -19.47
CA VAL D 389 -8.18 61.99 -18.25
C VAL D 389 -9.07 63.12 -17.75
N LEU D 390 -8.57 64.36 -17.76
CA LEU D 390 -9.33 65.46 -17.19
C LEU D 390 -10.56 65.80 -18.04
N ASN D 391 -10.37 65.90 -19.36
CA ASN D 391 -11.45 66.33 -20.25
C ASN D 391 -12.54 65.29 -20.43
N ASP D 392 -12.18 64.01 -20.56
CA ASP D 392 -13.16 62.97 -20.88
C ASP D 392 -14.12 62.67 -19.75
N LEU D 393 -13.79 63.05 -18.52
CA LEU D 393 -14.56 62.68 -17.34
C LEU D 393 -14.96 63.94 -16.57
N ASN D 394 -16.12 63.90 -15.93
CA ASN D 394 -16.61 65.02 -15.13
C ASN D 394 -17.35 64.46 -13.91
N ASN D 395 -16.65 64.42 -12.78
CA ASN D 395 -17.23 64.02 -11.51
C ASN D 395 -16.73 64.96 -10.43
N LEU D 396 -17.65 65.47 -9.61
CA LEU D 396 -17.28 66.44 -8.57
C LEU D 396 -17.06 65.73 -7.23
N THR D 397 -18.08 65.06 -6.72
CA THR D 397 -18.03 64.43 -5.41
C THR D 397 -17.22 63.14 -5.50
N SER D 398 -16.10 63.08 -4.78
CA SER D 398 -15.28 61.88 -4.74
C SER D 398 -16.07 60.71 -4.17
N ALA D 399 -15.91 59.54 -4.81
CA ALA D 399 -16.66 58.33 -4.48
C ALA D 399 -16.37 57.24 -5.49
N ALA D 400 -16.76 57.46 -6.74
CA ALA D 400 -16.52 56.49 -7.82
C ALA D 400 -15.56 57.06 -8.87
N LYS D 401 -14.83 58.13 -8.53
CA LYS D 401 -13.91 58.73 -9.48
C LYS D 401 -12.85 57.73 -9.92
N GLN D 402 -12.27 57.00 -8.96
CA GLN D 402 -11.28 55.97 -9.29
C GLN D 402 -11.91 54.86 -10.13
N THR D 403 -13.15 54.48 -9.81
CA THR D 403 -13.86 53.51 -10.64
C THR D 403 -14.05 54.06 -12.05
N ASP D 404 -14.39 55.34 -12.17
CA ASP D 404 -14.60 55.94 -13.48
C ASP D 404 -13.29 55.98 -14.26
N ILE D 405 -12.17 56.24 -13.58
CA ILE D 405 -10.88 56.21 -14.26
C ILE D 405 -10.59 54.82 -14.80
N GLN D 406 -10.87 53.79 -14.00
CA GLN D 406 -10.71 52.43 -14.51
C GLN D 406 -11.57 52.19 -15.72
N GLY D 407 -12.81 52.68 -15.70
CA GLY D 407 -13.66 52.53 -16.86
C GLY D 407 -13.05 53.13 -18.11
N LEU D 408 -12.54 54.36 -17.99
CA LEU D 408 -11.85 54.99 -19.11
C LEU D 408 -10.72 54.11 -19.64
N ILE D 409 -9.82 53.70 -18.73
CA ILE D 409 -8.61 53.01 -19.15
C ILE D 409 -8.96 51.68 -19.81
N VAL D 410 -9.87 50.93 -19.20
CA VAL D 410 -10.26 49.64 -19.76
C VAL D 410 -10.90 49.82 -21.12
N SER D 411 -11.76 50.84 -21.27
CA SER D 411 -12.37 51.08 -22.57
C SER D 411 -11.32 51.26 -23.63
N LYS D 412 -10.37 52.16 -23.37
CA LYS D 412 -9.35 52.43 -24.38
C LYS D 412 -8.53 51.18 -24.68
N ILE D 413 -8.09 50.46 -23.65
CA ILE D 413 -7.17 49.35 -23.89
C ILE D 413 -7.88 48.24 -24.65
N ASN D 414 -9.10 47.89 -24.26
CA ASN D 414 -9.83 46.84 -24.94
C ASN D 414 -10.08 47.21 -26.39
N GLU D 415 -10.53 48.44 -26.65
CA GLU D 415 -10.84 48.80 -28.03
C GLU D 415 -9.60 48.77 -28.90
N MET D 416 -8.48 49.31 -28.39
CA MET D 416 -7.24 49.28 -29.17
C MET D 416 -6.82 47.85 -29.47
N VAL D 417 -6.80 46.99 -28.46
CA VAL D 417 -6.34 45.62 -28.67
C VAL D 417 -7.20 44.90 -29.69
N TYR D 418 -8.53 45.03 -29.57
CA TYR D 418 -9.41 44.26 -30.45
C TYR D 418 -9.40 44.79 -31.87
N THR D 419 -9.40 46.12 -32.04
CA THR D 419 -9.33 46.67 -33.39
C THR D 419 -8.01 46.31 -34.05
N ALA D 420 -6.92 46.34 -33.30
CA ALA D 420 -5.63 45.92 -33.84
C ALA D 420 -5.68 44.46 -34.25
N ASP D 421 -6.27 43.61 -33.43
CA ASP D 421 -6.39 42.20 -33.78
C ASP D 421 -7.16 42.02 -35.08
N GLN D 422 -8.28 42.73 -35.24
CA GLN D 422 -9.05 42.59 -36.47
C GLN D 422 -8.27 43.08 -37.69
N LEU D 423 -7.56 44.20 -37.56
CA LEU D 423 -6.88 44.70 -38.74
C LEU D 423 -5.57 43.97 -39.00
N THR D 424 -5.12 43.14 -38.07
CA THR D 424 -3.91 42.35 -38.30
C THR D 424 -4.20 40.89 -38.63
N GLY D 425 -5.25 40.32 -38.07
CA GLY D 425 -5.47 38.89 -38.21
C GLY D 425 -4.43 38.05 -37.51
N TYR D 426 -4.03 38.48 -36.30
CA TYR D 426 -2.98 37.78 -35.58
C TYR D 426 -3.41 36.36 -35.21
N THR D 427 -4.63 36.20 -34.73
CA THR D 427 -5.05 34.91 -34.19
C THR D 427 -5.10 33.85 -35.27
N ALA D 428 -5.52 34.22 -36.49
CA ALA D 428 -5.52 33.26 -37.59
C ALA D 428 -4.11 32.77 -37.88
N ALA D 429 -3.14 33.69 -37.93
CA ALA D 429 -1.77 33.27 -38.16
C ALA D 429 -1.28 32.37 -37.03
N LEU D 430 -1.65 32.69 -35.79
CA LEU D 430 -1.22 31.86 -34.67
C LEU D 430 -1.78 30.45 -34.78
N GLU D 431 -3.07 30.32 -35.09
CA GLU D 431 -3.66 28.98 -35.13
C GLU D 431 -3.16 28.22 -36.35
N ALA D 432 -2.83 28.93 -37.43
CA ALA D 432 -2.29 28.25 -38.60
C ALA D 432 -0.85 27.79 -38.36
N ALA D 433 -0.11 28.52 -37.52
CA ALA D 433 1.29 28.18 -37.29
C ALA D 433 1.46 26.84 -36.58
N PHE D 434 0.63 26.55 -35.58
CA PHE D 434 0.78 25.37 -34.76
C PHE D 434 -0.35 24.39 -35.04
N SER D 435 0.01 23.11 -35.17
CA SER D 435 -0.95 22.02 -35.32
C SER D 435 -0.85 21.12 -34.08
N GLY D 436 -1.99 20.88 -33.44
CA GLY D 436 -2.07 20.10 -32.22
C GLY D 436 -2.18 20.97 -30.97
N ARG D 437 -1.74 22.22 -31.05
CA ARG D 437 -1.91 23.18 -29.97
C ARG D 437 -2.25 24.53 -30.56
N SER D 438 -2.98 25.33 -29.79
CA SER D 438 -3.35 26.67 -30.22
C SER D 438 -3.74 27.50 -29.02
N PRO D 439 -2.78 27.96 -28.22
CA PRO D 439 -3.10 28.79 -27.06
C PRO D 439 -3.75 30.10 -27.50
N LYS D 440 -4.66 30.57 -26.65
CA LYS D 440 -5.27 31.87 -26.91
C LYS D 440 -4.19 32.94 -26.88
N PRO D 441 -4.21 33.87 -27.83
CA PRO D 441 -3.14 34.86 -27.94
C PRO D 441 -2.97 35.65 -26.65
N HIS D 442 -1.72 35.88 -26.25
CA HIS D 442 -1.41 36.50 -24.98
C HIS D 442 -0.99 37.95 -25.19
N VAL D 443 -1.58 38.86 -24.43
CA VAL D 443 -1.33 40.29 -24.55
C VAL D 443 -0.49 40.74 -23.37
N ALA D 444 0.63 41.41 -23.67
CA ALA D 444 1.53 41.91 -22.63
C ALA D 444 1.27 43.40 -22.44
N ILE D 445 1.08 43.81 -21.19
CA ILE D 445 0.78 45.19 -20.85
C ILE D 445 1.71 45.59 -19.72
N GLY D 446 2.78 46.32 -20.04
CA GLY D 446 3.74 46.79 -19.07
C GLY D 446 3.77 48.30 -19.03
N THR D 447 3.90 48.85 -17.83
CA THR D 447 3.83 50.29 -17.64
C THR D 447 4.56 50.67 -16.37
N ASP D 448 4.47 51.94 -15.99
CA ASP D 448 5.14 52.45 -14.80
C ASP D 448 4.35 52.11 -13.55
N MET D 449 4.73 52.75 -12.44
CA MET D 449 4.26 52.31 -11.13
C MET D 449 2.82 52.74 -10.86
N ARG D 450 2.43 53.92 -11.33
CA ARG D 450 1.19 54.55 -10.88
C ARG D 450 -0.06 53.98 -11.54
N LEU D 451 0.00 53.64 -12.82
CA LEU D 451 -1.21 53.32 -13.58
C LEU D 451 -1.92 52.01 -13.23
N PRO D 452 -1.23 50.94 -12.83
CA PRO D 452 -1.95 49.66 -12.61
C PRO D 452 -3.15 49.74 -11.68
N GLN D 453 -3.35 50.85 -10.96
CA GLN D 453 -4.57 51.01 -10.19
C GLN D 453 -5.80 51.16 -11.07
N TYR D 454 -5.64 51.39 -12.36
CA TYR D 454 -6.78 51.55 -13.26
C TYR D 454 -6.89 50.44 -14.29
N ILE D 455 -5.84 49.61 -14.45
CA ILE D 455 -5.86 48.59 -15.49
C ILE D 455 -6.94 47.55 -15.26
N GLN D 456 -7.15 47.11 -14.02
CA GLN D 456 -8.19 46.14 -13.69
C GLN D 456 -9.40 46.85 -13.13
N ILE D 457 -10.59 46.31 -13.40
CA ILE D 457 -11.80 46.88 -12.83
C ILE D 457 -12.26 46.03 -11.65
N ASN D 458 -12.89 46.67 -10.68
CA ASN D 458 -13.35 45.97 -9.49
C ASN D 458 -14.53 45.06 -9.81
N GLY D 459 -14.53 43.88 -9.19
CA GLY D 459 -15.67 42.99 -9.22
C GLY D 459 -15.59 41.82 -10.16
N ASP D 460 -14.46 41.60 -10.83
CA ASP D 460 -14.37 40.52 -11.81
C ASP D 460 -12.95 39.96 -11.89
N ASP D 461 -12.84 38.81 -12.55
CA ASP D 461 -11.57 38.16 -12.83
C ASP D 461 -11.12 38.40 -14.27
N ARG D 462 -12.05 38.62 -15.20
CA ARG D 462 -11.75 38.95 -16.59
C ARG D 462 -11.54 40.45 -16.68
N THR D 463 -10.28 40.88 -16.64
CA THR D 463 -10.00 42.30 -16.50
C THR D 463 -9.84 42.99 -17.84
N VAL D 464 -8.85 42.58 -18.61
CA VAL D 464 -8.52 43.26 -19.85
C VAL D 464 -8.74 42.32 -21.01
N GLY D 465 -9.17 41.11 -20.72
CA GLY D 465 -9.26 40.06 -21.72
C GLY D 465 -10.58 39.32 -21.65
N ILE D 466 -11.18 39.11 -22.82
CA ILE D 466 -12.38 38.30 -22.90
C ILE D 466 -12.06 36.98 -23.59
N GLY D 467 -11.07 37.00 -24.48
CA GLY D 467 -10.57 35.82 -25.13
C GLY D 467 -9.06 35.80 -25.17
N TYR D 468 -8.43 36.50 -24.23
CA TYR D 468 -6.99 36.65 -24.21
C TYR D 468 -6.47 36.43 -22.79
N ASP D 469 -5.18 36.09 -22.71
CA ASP D 469 -4.47 36.02 -21.46
C ASP D 469 -3.47 37.16 -21.38
N TYR D 470 -3.23 37.66 -20.17
CA TYR D 470 -2.50 38.89 -19.99
C TYR D 470 -1.55 38.78 -18.81
N THR D 471 -0.49 39.59 -18.85
CA THR D 471 0.43 39.75 -17.73
C THR D 471 0.76 41.22 -17.57
N ILE D 472 0.60 41.73 -16.34
CA ILE D 472 0.85 43.14 -16.04
C ILE D 472 2.18 43.24 -15.32
N ALA D 473 3.09 44.05 -15.87
CA ALA D 473 4.41 44.23 -15.29
C ALA D 473 4.60 45.70 -14.94
N ARG D 474 5.55 45.97 -14.05
CA ARG D 474 5.88 47.32 -13.65
C ARG D 474 7.36 47.59 -13.87
N ILE D 475 7.66 48.81 -14.35
CA ILE D 475 9.02 49.27 -14.55
C ILE D 475 9.16 50.62 -13.86
N SER D 476 10.40 50.96 -13.51
CA SER D 476 10.64 52.11 -12.66
C SER D 476 11.28 53.29 -13.38
N ASP D 477 11.61 53.16 -14.66
CA ASP D 477 12.27 54.24 -15.37
C ASP D 477 11.37 55.46 -15.45
N LEU D 478 11.98 56.64 -15.43
CA LEU D 478 11.21 57.87 -15.62
C LEU D 478 10.76 58.05 -17.05
N ARG D 479 11.46 57.45 -18.03
CA ARG D 479 11.03 57.62 -19.42
C ARG D 479 9.65 57.05 -19.65
N MET D 480 9.35 55.91 -19.03
CA MET D 480 8.04 55.26 -19.17
C MET D 480 6.99 55.88 -18.26
N LYS D 481 7.17 57.12 -17.83
CA LYS D 481 6.18 57.79 -16.98
C LYS D 481 4.83 57.80 -17.68
N ASP D 482 3.77 57.51 -16.92
CA ASP D 482 2.36 57.61 -17.28
C ASP D 482 2.10 57.30 -18.76
N LYS D 483 2.61 56.17 -19.23
CA LYS D 483 2.36 55.69 -20.58
C LYS D 483 2.26 54.16 -20.56
N ILE D 484 1.52 53.61 -21.52
CA ILE D 484 1.25 52.18 -21.57
C ILE D 484 1.70 51.64 -22.93
N VAL D 485 2.38 50.50 -22.91
CA VAL D 485 2.86 49.83 -24.11
C VAL D 485 2.19 48.47 -24.22
N MET D 486 1.70 48.14 -25.41
CA MET D 486 1.02 46.86 -25.63
C MET D 486 1.47 46.19 -26.92
N THR D 487 1.64 44.87 -26.84
CA THR D 487 1.94 44.03 -27.99
C THR D 487 1.62 42.59 -27.63
N PHE D 488 1.80 41.70 -28.61
CA PHE D 488 1.54 40.29 -28.44
C PHE D 488 2.82 39.52 -28.14
N ILE D 489 2.73 38.58 -27.21
CA ILE D 489 3.83 37.68 -26.87
C ILE D 489 3.29 36.26 -26.77
N LEU D 490 4.21 35.30 -26.73
CA LEU D 490 3.89 33.89 -26.63
C LEU D 490 4.72 33.23 -25.52
N PRO D 491 4.10 32.90 -24.39
CA PRO D 491 4.88 32.46 -23.22
C PRO D 491 5.46 31.06 -23.32
N ASN D 492 4.68 30.12 -23.86
CA ASN D 492 5.07 28.70 -23.83
C ASN D 492 6.40 28.48 -24.55
N GLU D 493 6.53 28.99 -25.77
CA GLU D 493 7.76 28.82 -26.52
C GLU D 493 8.90 29.61 -25.88
N SER D 494 10.12 29.08 -26.00
CA SER D 494 11.28 29.77 -25.48
C SER D 494 12.39 29.90 -26.52
N GLU D 495 12.12 29.60 -27.78
CA GLU D 495 13.11 29.64 -28.84
C GLU D 495 12.65 30.60 -29.94
N PRO D 496 13.59 31.14 -30.72
CA PRO D 496 13.20 32.10 -31.76
C PRO D 496 12.12 31.57 -32.69
N HIS D 497 11.12 32.40 -32.96
CA HIS D 497 9.97 31.99 -33.75
C HIS D 497 9.43 33.24 -34.44
N PRO D 498 8.92 33.09 -35.67
CA PRO D 498 8.41 34.28 -36.38
C PRO D 498 7.29 35.00 -35.66
N LEU D 499 6.53 34.32 -34.80
CA LEU D 499 5.45 34.97 -34.08
C LEU D 499 5.86 35.50 -32.72
N GLN D 500 7.07 35.21 -32.26
CA GLN D 500 7.52 35.73 -30.98
C GLN D 500 7.84 37.21 -31.10
N HIS D 501 7.80 37.94 -29.98
CA HIS D 501 7.96 39.38 -30.04
C HIS D 501 9.42 39.77 -30.26
N GLY D 502 10.32 39.28 -29.41
CA GLY D 502 11.72 39.65 -29.53
C GLY D 502 12.57 38.71 -28.71
N VAL D 503 13.84 38.64 -29.06
CA VAL D 503 14.77 37.71 -28.44
C VAL D 503 15.94 38.48 -27.86
N LEU D 504 16.36 38.06 -26.66
CA LEU D 504 17.52 38.62 -25.98
C LEU D 504 18.72 37.76 -26.35
N GLY D 505 19.43 38.15 -27.40
CA GLY D 505 20.62 37.42 -27.80
C GLY D 505 21.70 37.53 -26.74
N PHE D 506 22.01 36.43 -26.07
CA PHE D 506 22.90 36.44 -24.93
C PHE D 506 24.09 35.53 -25.20
N ILE D 507 25.28 36.02 -24.88
CA ILE D 507 26.50 35.20 -24.86
C ILE D 507 27.20 35.47 -23.53
N PRO D 508 27.37 34.47 -22.67
CA PRO D 508 28.09 34.71 -21.42
C PRO D 508 29.57 35.00 -21.69
N GLU D 509 30.11 35.93 -20.91
CA GLU D 509 31.54 36.24 -20.96
C GLU D 509 32.17 35.98 -19.60
N TYR D 510 33.30 35.29 -19.62
CA TYR D 510 34.08 35.03 -18.42
C TYR D 510 34.86 36.28 -18.04
N LEU D 511 35.02 36.49 -16.74
CA LEU D 511 35.82 37.60 -16.25
C LEU D 511 37.29 37.20 -16.26
N VAL D 512 38.15 38.14 -16.59
CA VAL D 512 39.57 37.88 -16.79
C VAL D 512 40.35 38.40 -15.60
N ASP D 513 41.41 37.69 -15.24
CA ASP D 513 42.34 38.10 -14.19
C ASP D 513 43.74 38.10 -14.78
N PHE D 514 44.47 39.20 -14.61
CA PHE D 514 45.80 39.33 -15.17
C PHE D 514 46.63 40.26 -14.30
N ASN D 515 47.74 40.71 -14.87
CA ASN D 515 48.60 41.69 -14.22
C ASN D 515 48.55 42.97 -15.05
N MET D 516 48.30 44.10 -14.40
CA MET D 516 48.07 45.36 -15.09
C MET D 516 48.90 46.47 -14.46
N ILE D 517 49.42 47.36 -15.30
CA ILE D 517 50.07 48.57 -14.85
C ILE D 517 49.28 49.75 -15.40
N ARG D 518 48.89 50.66 -14.52
CA ARG D 518 48.07 51.80 -14.90
C ARG D 518 48.65 53.05 -14.26
N ASN D 519 49.13 53.98 -15.09
CA ASN D 519 49.71 55.23 -14.63
C ASN D 519 50.80 54.98 -13.59
N GLN D 520 51.67 54.01 -13.88
CA GLN D 520 52.79 53.64 -13.02
C GLN D 520 52.31 53.19 -11.64
N ARG D 521 51.23 52.41 -11.62
CA ARG D 521 50.75 51.74 -10.41
C ARG D 521 50.69 50.24 -10.65
N ILE D 522 50.75 49.47 -9.58
CA ILE D 522 50.49 48.03 -9.63
C ILE D 522 49.16 47.78 -8.95
N GLY D 523 48.11 47.55 -9.75
CA GLY D 523 46.79 47.28 -9.23
C GLY D 523 46.15 46.11 -9.95
N ARG D 524 45.02 45.63 -9.41
CA ARG D 524 44.27 44.55 -10.02
C ARG D 524 43.06 45.12 -10.73
N GLU D 525 42.89 44.75 -11.99
CA GLU D 525 41.72 45.12 -12.76
C GLU D 525 40.93 43.87 -13.11
N ILE D 526 39.83 43.66 -12.40
CA ILE D 526 38.89 42.59 -12.69
C ILE D 526 37.94 43.12 -13.75
N ARG D 527 37.89 42.43 -14.89
CA ARG D 527 37.29 42.96 -16.09
C ARG D 527 36.22 41.99 -16.58
N LEU D 528 35.13 42.53 -17.11
CA LEU D 528 34.13 41.72 -17.80
C LEU D 528 33.62 42.52 -18.99
N THR D 529 33.72 41.94 -20.18
CA THR D 529 33.17 42.56 -21.36
C THR D 529 31.81 41.97 -21.62
N PRO D 530 30.74 42.73 -21.45
CA PRO D 530 29.40 42.19 -21.69
C PRO D 530 29.12 42.03 -23.17
N ARG D 531 28.34 41.01 -23.52
CA ARG D 531 27.83 40.84 -24.87
C ARG D 531 26.38 40.40 -24.80
N TYR D 532 25.50 41.22 -25.36
CA TYR D 532 24.08 40.95 -25.40
C TYR D 532 23.45 41.86 -26.44
N ARG D 533 22.27 41.47 -26.91
CA ARG D 533 21.60 42.23 -27.95
C ARG D 533 20.10 41.98 -27.86
N TYR D 534 19.32 42.99 -28.24
CA TYR D 534 17.87 42.85 -28.30
C TYR D 534 17.42 42.92 -29.75
N PHE D 535 16.67 41.92 -30.18
CA PHE D 535 16.20 41.82 -31.54
C PHE D 535 14.68 41.97 -31.58
N ASN D 536 14.17 42.50 -32.67
CA ASN D 536 12.76 42.82 -32.81
C ASN D 536 12.14 41.93 -33.88
N PHE D 537 10.93 41.43 -33.63
CA PHE D 537 10.28 40.60 -34.63
C PHE D 537 8.93 41.12 -35.09
N LEU D 538 8.01 41.34 -34.16
CA LEU D 538 6.64 41.70 -34.55
C LEU D 538 6.53 43.20 -34.78
N PRO D 539 6.10 43.65 -35.95
CA PRO D 539 5.90 45.08 -36.20
C PRO D 539 4.52 45.57 -35.77
N ILE D 540 4.12 45.20 -34.56
CA ILE D 540 2.81 45.57 -34.02
C ILE D 540 3.03 46.14 -32.62
N MET D 541 2.57 47.36 -32.40
CA MET D 541 2.67 47.96 -31.06
C MET D 541 1.53 48.93 -30.86
N LEU D 542 1.08 49.06 -29.61
CA LEU D 542 -0.02 49.96 -29.25
C LEU D 542 0.42 50.79 -28.06
N VAL D 543 0.27 52.11 -28.17
CA VAL D 543 0.81 53.04 -27.18
C VAL D 543 -0.31 53.96 -26.70
N ILE D 544 -0.37 54.17 -25.39
CA ILE D 544 -1.33 55.07 -24.76
C ILE D 544 -0.57 56.14 -24.01
N ASN D 545 -0.92 57.40 -24.25
CA ASN D 545 -0.30 58.53 -23.56
C ASN D 545 -1.32 59.13 -22.60
N VAL D 546 -1.05 59.01 -21.31
CA VAL D 546 -1.94 59.50 -20.26
C VAL D 546 -1.40 60.84 -19.79
N ILE D 547 -2.22 61.89 -19.93
CA ILE D 547 -1.82 63.25 -19.56
C ILE D 547 -2.93 63.85 -18.73
N ASN D 548 -2.58 64.92 -18.00
CA ASN D 548 -3.52 65.64 -17.14
C ASN D 548 -4.13 64.74 -16.06
N LEU D 549 -3.53 63.58 -15.82
CA LEU D 549 -4.04 62.69 -14.79
C LEU D 549 -3.93 63.34 -13.42
N GLU D 550 -2.85 64.07 -13.17
CA GLU D 550 -2.66 64.71 -11.88
C GLU D 550 -3.75 65.73 -11.59
N GLU D 551 -4.17 66.48 -12.62
CA GLU D 551 -5.25 67.44 -12.44
C GLU D 551 -6.55 66.75 -12.05
N ALA D 552 -6.86 65.61 -12.70
CA ALA D 552 -8.07 64.88 -12.36
C ALA D 552 -8.00 64.27 -10.97
N ILE D 553 -6.82 63.82 -10.55
CA ILE D 553 -6.63 63.27 -9.22
C ILE D 553 -6.84 64.38 -8.19
N ALA D 554 -6.31 65.56 -8.49
CA ALA D 554 -6.50 66.71 -7.61
C ALA D 554 -7.95 67.14 -7.58
N GLN D 555 -8.68 66.86 -8.67
CA GLN D 555 -10.10 67.16 -8.71
C GLN D 555 -10.87 66.39 -7.64
N ARG D 556 -10.27 65.32 -7.10
CA ARG D 556 -10.86 64.64 -5.96
C ARG D 556 -10.97 65.57 -4.76
N THR D 557 -9.93 66.36 -4.51
CA THR D 557 -9.91 67.32 -3.41
C THR D 557 -10.20 68.75 -3.85
N ALA D 558 -10.58 68.94 -5.12
CA ALA D 558 -10.86 70.27 -5.66
C ALA D 558 -12.37 70.49 -5.82
N LEU D 559 -13.18 69.63 -5.22
CA LEU D 559 -14.63 69.77 -5.31
C LEU D 559 -15.13 70.91 -4.42
N ASP D 560 -16.18 71.58 -4.88
CA ASP D 560 -16.79 72.64 -4.10
C ASP D 560 -17.61 72.06 -2.95
N VAL D 561 -17.90 72.89 -1.96
CA VAL D 561 -18.56 72.47 -0.74
C VAL D 561 -19.98 71.96 -1.04
N ASN D 562 -20.30 70.79 -0.52
CA ASN D 562 -21.64 70.21 -0.62
C ASN D 562 -22.04 69.71 0.75
N GLU D 563 -22.61 70.59 1.57
CA GLU D 563 -23.00 70.24 2.93
C GLU D 563 -24.42 70.71 3.21
N THR D 564 -25.19 69.85 3.88
CA THR D 564 -26.57 70.13 4.24
C THR D 564 -26.80 69.71 5.68
N GLN D 565 -26.62 70.65 6.61
CA GLN D 565 -26.87 70.39 8.02
C GLN D 565 -28.32 70.71 8.35
N VAL D 566 -29.21 69.76 8.12
CA VAL D 566 -30.64 69.92 8.35
C VAL D 566 -31.04 69.17 9.61
N THR D 567 -32.06 69.67 10.31
CA THR D 567 -32.52 69.09 11.56
C THR D 567 -33.04 67.67 11.36
N PRO D 568 -32.82 66.77 12.32
CA PRO D 568 -33.33 65.40 12.19
C PRO D 568 -34.85 65.34 12.06
N ALA D 569 -35.35 64.41 11.26
CA ALA D 569 -36.78 64.25 11.08
C ALA D 569 -37.08 62.76 10.91
N SER D 570 -38.07 62.27 11.64
CA SER D 570 -38.46 60.86 11.56
C SER D 570 -39.90 60.67 12.01
N HIS E 1 0.55 41.05 20.96
CA HIS E 1 -0.56 41.85 20.48
C HIS E 1 -0.42 42.08 18.98
N GLU E 2 -1.51 41.87 18.23
CA GLU E 2 -1.42 41.79 16.78
C GLU E 2 -0.83 43.05 16.17
N PHE E 3 -1.29 44.22 16.62
CA PHE E 3 -0.82 45.47 16.04
C PHE E 3 0.68 45.62 16.19
N ALA E 4 1.24 45.04 17.25
CA ALA E 4 2.68 45.21 17.50
C ALA E 4 3.53 44.52 16.45
N GLU E 5 3.24 43.25 16.14
CA GLU E 5 4.14 42.50 15.28
C GLU E 5 4.01 42.93 13.82
N LEU E 6 2.89 43.53 13.44
CA LEU E 6 2.72 43.91 12.03
C LEU E 6 3.68 45.02 11.63
N PHE E 7 4.06 45.89 12.57
CA PHE E 7 5.02 46.93 12.24
C PHE E 7 6.41 46.66 12.79
N TYR E 8 6.53 45.89 13.87
CA TYR E 8 7.82 45.59 14.48
C TYR E 8 7.85 44.10 14.81
N ARG E 9 8.82 43.39 14.25
CA ARG E 9 8.85 41.95 14.44
C ARG E 9 9.77 41.55 15.57
N THR E 10 9.36 40.51 16.30
CA THR E 10 10.11 40.03 17.45
C THR E 10 11.42 39.40 16.98
N TYR E 11 12.54 39.97 17.43
CA TYR E 11 13.86 39.43 17.18
C TYR E 11 14.56 39.23 18.52
N ILE E 12 14.68 37.98 18.94
CA ILE E 12 15.23 37.65 20.25
C ILE E 12 16.70 38.00 20.27
N VAL E 13 17.11 38.82 21.24
CA VAL E 13 18.50 39.17 21.44
C VAL E 13 19.00 38.46 22.69
N THR E 14 20.17 37.83 22.57
CA THR E 14 20.71 37.06 23.68
C THR E 14 21.05 37.99 24.85
N PRO E 15 20.88 37.51 26.08
CA PRO E 15 21.16 38.37 27.24
C PRO E 15 22.63 38.65 27.46
N ASP E 16 23.54 37.92 26.80
CA ASP E 16 24.96 38.13 27.03
C ASP E 16 25.43 39.49 26.54
N GLN E 17 25.10 39.86 25.31
CA GLN E 17 25.50 41.14 24.77
C GLN E 17 24.44 42.18 25.13
N ALA E 18 24.81 43.46 25.03
CA ALA E 18 23.91 44.56 25.32
C ALA E 18 23.28 45.15 24.06
N GLY E 19 23.46 44.51 22.91
CA GLY E 19 22.82 44.98 21.70
C GLY E 19 23.32 44.21 20.49
N PHE E 20 22.84 44.63 19.32
CA PHE E 20 23.23 44.02 18.07
C PHE E 20 23.59 45.11 17.08
N GLN E 21 24.57 44.82 16.23
CA GLN E 21 24.99 45.74 15.19
C GLN E 21 24.62 45.17 13.83
N LEU E 22 24.48 46.04 12.84
CA LEU E 22 24.11 45.67 11.49
C LEU E 22 25.17 46.16 10.54
N SER E 23 25.44 45.38 9.50
CA SER E 23 26.44 45.73 8.48
C SER E 23 25.71 46.06 7.18
N ILE E 24 26.08 47.18 6.57
CA ILE E 24 25.48 47.64 5.32
C ILE E 24 26.52 47.51 4.23
N ARG E 25 26.18 46.80 3.17
CA ARG E 25 27.02 46.72 1.98
C ARG E 25 26.55 47.75 0.96
N ARG E 26 27.24 48.88 0.89
CA ARG E 26 26.90 49.93 -0.06
C ARG E 26 27.83 49.85 -1.25
N ASN E 27 27.26 49.81 -2.45
CA ASN E 27 28.02 49.76 -3.69
C ASN E 27 27.89 51.11 -4.36
N LEU E 28 29.01 51.66 -4.83
CA LEU E 28 29.04 53.01 -5.37
C LEU E 28 29.79 53.02 -6.70
N VAL E 29 29.49 54.04 -7.51
CA VAL E 29 30.04 54.19 -8.85
C VAL E 29 31.04 55.34 -8.85
N TRP E 30 32.30 55.03 -9.09
CA TRP E 30 33.36 56.02 -9.09
C TRP E 30 33.27 56.90 -10.34
N GLU E 31 33.71 58.15 -10.21
CA GLU E 31 33.73 59.09 -11.33
C GLU E 31 35.11 59.69 -11.58
N GLY E 32 36.02 59.52 -10.65
CA GLY E 32 37.26 60.26 -10.61
C GLY E 32 37.66 60.50 -9.18
N TRP E 33 38.80 61.17 -9.01
CA TRP E 33 39.38 61.37 -7.69
C TRP E 33 40.34 62.55 -7.69
N THR E 34 40.76 62.93 -6.48
CA THR E 34 41.47 64.18 -6.27
C THR E 34 42.84 64.20 -6.90
N GLY E 35 42.99 64.94 -8.00
CA GLY E 35 44.27 65.06 -8.65
C GLY E 35 45.16 66.07 -7.96
N GLU E 36 46.00 66.72 -8.76
CA GLU E 36 47.04 67.56 -8.18
C GLU E 36 46.53 68.99 -7.97
N GLY E 37 46.56 69.42 -6.72
CA GLY E 37 46.33 70.80 -6.36
C GLY E 37 47.20 71.16 -5.16
N LEU E 38 46.96 72.30 -4.55
CA LEU E 38 47.69 72.66 -3.34
C LEU E 38 46.77 73.47 -2.44
N SER E 39 46.03 72.77 -1.58
CA SER E 39 45.08 73.43 -0.70
C SER E 39 45.37 73.11 0.76
N GLY E 40 45.42 71.83 1.10
CA GLY E 40 45.61 71.39 2.46
C GLY E 40 44.33 71.22 3.26
N GLU E 41 43.18 71.27 2.62
CA GLU E 41 41.90 71.06 3.30
C GLU E 41 41.19 69.85 2.71
N LYS E 42 39.94 69.63 3.17
CA LYS E 42 39.15 68.49 2.74
C LYS E 42 39.14 68.34 1.22
N GLN E 43 39.52 67.17 0.72
CA GLN E 43 39.27 66.86 -0.66
C GLN E 43 38.02 65.98 -0.76
N GLU E 44 37.22 66.23 -1.78
CA GLU E 44 35.92 65.59 -1.90
C GLU E 44 35.97 64.50 -2.95
N ILE E 45 35.49 63.34 -2.60
CA ILE E 45 35.38 62.23 -3.53
C ILE E 45 33.94 62.09 -3.98
N SER E 46 33.73 62.16 -5.30
CA SER E 46 32.40 62.13 -5.89
C SER E 46 31.90 60.70 -5.88
N LYS E 47 30.79 60.46 -5.20
CA LYS E 47 30.24 59.12 -5.06
C LYS E 47 28.73 59.14 -5.23
N ARG E 48 28.23 58.23 -6.05
CA ARG E 48 26.81 57.87 -6.07
C ARG E 48 26.69 56.36 -6.06
N ASN E 49 25.65 55.85 -5.40
CA ASN E 49 25.40 54.42 -5.42
C ASN E 49 24.69 54.01 -6.69
N ILE E 50 24.75 52.72 -7.01
CA ILE E 50 24.04 52.17 -8.16
C ILE E 50 22.53 52.32 -8.00
N LEU E 51 22.03 52.20 -6.78
CA LEU E 51 20.58 52.26 -6.56
C LEU E 51 19.95 53.55 -7.07
N GLN E 52 20.75 54.62 -7.21
CA GLN E 52 20.31 55.78 -7.97
C GLN E 52 20.01 55.43 -9.41
N GLY E 53 20.68 54.41 -9.96
CA GLY E 53 20.40 53.97 -11.31
C GLY E 53 19.02 53.37 -11.49
N LEU E 54 18.37 52.98 -10.40
CA LEU E 54 16.99 52.53 -10.50
C LEU E 54 16.06 53.68 -10.86
N LEU E 55 16.39 54.89 -10.44
CA LEU E 55 15.56 56.05 -10.70
C LEU E 55 15.75 56.59 -12.12
N ASP E 56 16.95 56.48 -12.65
CA ASP E 56 17.27 57.06 -13.95
C ASP E 56 18.41 56.30 -14.59
N TYR E 57 18.61 56.53 -15.89
CA TYR E 57 19.51 55.72 -16.68
C TYR E 57 20.85 56.38 -16.97
N THR E 58 20.89 57.69 -17.11
CA THR E 58 22.11 58.38 -17.52
C THR E 58 23.22 58.34 -16.48
N THR E 59 22.90 58.00 -15.23
CA THR E 59 23.93 58.01 -14.19
C THR E 59 24.88 56.83 -14.34
N LEU E 60 24.48 55.81 -15.08
CA LEU E 60 25.30 54.63 -15.29
C LEU E 60 25.28 54.30 -16.79
N GLU E 61 26.18 54.94 -17.53
CA GLU E 61 26.25 54.77 -18.98
C GLU E 61 27.67 55.07 -19.43
N THR E 62 28.15 54.27 -20.38
CA THR E 62 29.51 54.43 -20.89
C THR E 62 29.57 53.92 -22.32
N ASN E 63 30.29 54.64 -23.17
CA ASN E 63 30.56 54.22 -24.53
C ASN E 63 32.02 54.49 -24.88
N SER E 64 32.91 54.13 -23.96
CA SER E 64 34.33 54.44 -24.13
C SER E 64 34.91 53.74 -25.35
N THR E 65 34.49 52.50 -25.60
CA THR E 65 35.04 51.69 -26.68
C THR E 65 34.57 52.11 -28.06
N GLU E 66 33.40 52.72 -28.16
CA GLU E 66 32.77 52.93 -29.46
C GLU E 66 33.65 53.78 -30.37
N LEU E 67 33.86 53.30 -31.60
CA LEU E 67 34.70 53.99 -32.57
C LEU E 67 33.88 55.08 -33.23
N ILE E 68 34.37 56.31 -33.16
CA ILE E 68 33.65 57.47 -33.67
C ILE E 68 34.57 58.26 -34.59
N PRO E 69 34.17 58.56 -35.81
CA PRO E 69 35.01 59.41 -36.67
C PRO E 69 35.25 60.77 -36.05
N VAL E 70 36.47 61.29 -36.18
CA VAL E 70 36.83 62.57 -35.59
C VAL E 70 37.46 63.45 -36.65
N ILE E 71 37.03 64.71 -36.68
CA ILE E 71 37.46 65.66 -37.70
C ILE E 71 38.59 66.52 -37.14
N GLN E 72 39.62 66.72 -37.97
CA GLN E 72 40.72 67.61 -37.65
C GLN E 72 40.94 68.55 -38.82
N SER E 73 41.27 69.80 -38.52
CA SER E 73 41.44 70.82 -39.54
C SER E 73 42.65 70.52 -40.44
N GLY E 74 42.38 70.18 -41.69
CA GLY E 74 43.43 70.01 -42.68
C GLY E 74 44.28 68.77 -42.53
N GLU E 75 43.75 67.72 -41.91
CA GLU E 75 44.45 66.45 -41.87
C GLU E 75 43.63 65.29 -42.42
N ASN E 76 42.32 65.28 -42.23
CA ASN E 76 41.47 64.25 -42.79
C ASN E 76 40.19 64.87 -43.33
N ASP E 77 40.25 66.18 -43.62
CA ASP E 77 39.08 66.86 -44.17
C ASP E 77 38.69 66.30 -45.52
N GLU E 78 39.61 65.62 -46.20
CA GLU E 78 39.33 65.08 -47.52
C GLU E 78 38.28 63.99 -47.49
N GLN E 79 38.32 63.08 -46.50
CA GLN E 79 37.39 61.97 -46.49
C GLN E 79 36.03 62.32 -45.91
N PHE E 80 35.86 63.52 -45.36
CA PHE E 80 34.57 63.94 -44.84
C PHE E 80 33.90 64.89 -45.83
N ILE E 81 32.57 64.92 -45.78
CA ILE E 81 31.82 65.88 -46.58
C ILE E 81 32.10 67.29 -46.05
N ASP E 82 32.24 68.24 -46.96
CA ASP E 82 32.53 69.60 -46.54
C ASP E 82 31.35 70.19 -45.75
N PRO E 83 31.61 71.14 -44.87
CA PRO E 83 30.54 71.64 -44.00
C PRO E 83 29.51 72.48 -44.74
N SER E 84 29.70 72.66 -46.05
CA SER E 84 28.74 73.39 -46.87
C SER E 84 27.48 72.58 -47.16
N VAL E 85 27.48 71.28 -46.83
CA VAL E 85 26.32 70.43 -47.03
C VAL E 85 25.57 70.32 -45.70
N LEU E 86 26.31 70.02 -44.63
CA LEU E 86 25.74 69.92 -43.31
C LEU E 86 26.81 70.36 -42.32
N PRO E 87 26.51 71.31 -41.43
CA PRO E 87 27.52 71.78 -40.47
C PRO E 87 27.98 70.69 -39.52
N ALA E 88 29.14 70.91 -38.89
CA ALA E 88 29.68 69.91 -37.97
C ALA E 88 28.76 69.73 -36.76
N GLN E 89 28.75 68.52 -36.23
CA GLN E 89 27.93 68.16 -35.09
C GLN E 89 28.80 67.93 -33.87
N THR E 90 28.27 68.24 -32.70
CA THR E 90 28.98 68.03 -31.45
C THR E 90 28.48 66.77 -30.76
N VAL E 91 29.41 65.89 -30.39
CA VAL E 91 29.09 64.68 -29.65
C VAL E 91 30.05 64.57 -28.48
N LYS E 92 29.52 64.17 -27.33
CA LYS E 92 30.31 64.06 -26.12
C LYS E 92 30.62 62.58 -25.85
N GLN E 93 31.90 62.27 -25.70
CA GLN E 93 32.38 60.92 -25.48
C GLN E 93 33.43 60.95 -24.38
N GLY E 94 33.18 60.20 -23.31
CA GLY E 94 34.11 60.15 -22.20
C GLY E 94 34.37 61.51 -21.60
N LYS E 95 35.65 61.88 -21.50
CA LYS E 95 36.03 63.20 -21.02
C LYS E 95 36.38 64.16 -22.15
N ASP E 96 36.42 63.69 -23.39
CA ASP E 96 36.80 64.53 -24.52
C ASP E 96 35.56 65.13 -25.18
N THR E 97 35.74 66.27 -25.82
CA THR E 97 34.72 66.90 -26.65
C THR E 97 35.30 67.08 -28.04
N PHE E 98 34.64 66.51 -29.05
CA PHE E 98 35.13 66.56 -30.41
C PHE E 98 33.96 66.48 -31.37
N ASP E 99 34.19 66.91 -32.60
CA ASP E 99 33.14 66.97 -33.61
C ASP E 99 33.30 65.85 -34.64
N THR E 100 32.17 65.48 -35.24
CA THR E 100 32.12 64.39 -36.20
C THR E 100 31.16 64.76 -37.32
N ASN E 101 31.22 64.00 -38.41
CA ASN E 101 30.38 64.26 -39.57
C ASN E 101 30.30 63.01 -40.42
N PHE E 102 29.35 63.00 -41.35
CA PHE E 102 29.14 61.85 -42.23
C PHE E 102 30.33 61.61 -43.12
N LEU E 103 30.65 60.34 -43.35
CA LEU E 103 31.74 59.99 -44.23
C LEU E 103 31.33 60.14 -45.69
N LYS E 104 32.24 60.63 -46.51
CA LYS E 104 31.97 60.86 -47.91
C LYS E 104 32.00 59.56 -48.70
N PHE E 105 31.13 59.48 -49.71
CA PHE E 105 31.10 58.33 -50.58
C PHE E 105 32.32 58.32 -51.48
N SER E 106 33.09 57.24 -51.40
CA SER E 106 34.27 57.06 -52.24
C SER E 106 33.85 56.27 -53.47
N GLU E 107 33.71 56.95 -54.61
CA GLU E 107 33.24 56.33 -55.83
C GLU E 107 34.36 55.99 -56.80
N ASN E 108 35.57 56.50 -56.60
CA ASN E 108 36.63 56.28 -57.57
C ASN E 108 37.50 55.08 -57.23
N GLY E 109 37.23 54.42 -56.10
CA GLY E 109 38.06 53.33 -55.63
C GLY E 109 39.01 53.69 -54.52
N GLU E 110 39.16 54.98 -54.20
CA GLU E 110 40.04 55.39 -53.11
C GLU E 110 39.52 54.84 -51.80
N GLY E 111 40.44 54.42 -50.94
CA GLY E 111 40.07 53.81 -49.68
C GLY E 111 40.13 54.76 -48.50
N PHE E 112 39.56 54.29 -47.39
CA PHE E 112 39.60 55.00 -46.12
C PHE E 112 39.91 53.99 -45.02
N ASN E 113 40.67 54.44 -44.03
CA ASN E 113 41.00 53.60 -42.89
C ASN E 113 40.24 54.13 -41.68
N LEU E 114 39.43 53.28 -41.07
CA LEU E 114 38.62 53.71 -39.94
C LEU E 114 39.46 53.89 -38.68
N LEU E 115 40.54 53.11 -38.56
CA LEU E 115 41.37 53.20 -37.37
C LEU E 115 42.09 54.55 -37.31
N MET E 116 42.53 55.06 -38.46
CA MET E 116 43.13 56.39 -38.50
C MET E 116 42.13 57.47 -38.07
N LEU E 117 40.90 57.35 -38.53
CA LEU E 117 39.90 58.36 -38.21
C LEU E 117 39.41 58.26 -36.77
N ALA E 118 39.70 57.15 -36.09
CA ALA E 118 39.13 56.87 -34.78
C ALA E 118 40.07 57.24 -33.64
N GLN E 119 40.91 58.25 -33.82
CA GLN E 119 41.79 58.71 -32.77
C GLN E 119 41.14 59.87 -32.03
N THR E 120 40.82 59.65 -30.76
CA THR E 120 40.25 60.66 -29.88
C THR E 120 41.32 61.18 -28.94
N PRO E 121 41.13 62.38 -28.37
CA PRO E 121 42.16 62.94 -27.49
C PRO E 121 42.52 62.03 -26.32
N SER E 122 41.56 61.24 -25.82
CA SER E 122 41.89 60.31 -24.75
C SER E 122 42.89 59.25 -25.21
N ARG E 123 42.65 58.66 -26.39
CA ARG E 123 43.52 57.59 -26.85
C ARG E 123 44.88 58.12 -27.30
N LEU E 124 44.92 59.36 -27.79
CA LEU E 124 46.19 59.93 -28.23
C LEU E 124 47.18 60.06 -27.09
N LYS E 125 46.71 60.49 -25.92
CA LYS E 125 47.61 60.61 -24.77
C LYS E 125 48.16 59.26 -24.36
N LYS E 126 47.38 58.20 -24.52
CA LYS E 126 47.82 56.85 -24.21
C LYS E 126 48.94 56.37 -25.12
N GLY E 127 49.15 57.03 -26.25
CA GLY E 127 50.10 56.61 -27.27
C GLY E 127 49.41 56.53 -28.61
N SER E 128 49.79 55.54 -29.40
CA SER E 128 49.13 55.24 -30.66
C SER E 128 48.88 53.74 -30.76
N MET E 129 47.68 53.40 -31.25
CA MET E 129 47.35 52.00 -31.45
C MET E 129 48.18 51.43 -32.59
N THR E 130 48.72 50.23 -32.38
CA THR E 130 49.67 49.68 -33.33
C THR E 130 49.07 48.71 -34.34
N PHE E 131 48.68 47.50 -33.95
CA PHE E 131 47.89 46.62 -34.79
C PHE E 131 47.03 45.73 -33.91
N THR E 132 47.14 45.94 -32.59
CA THR E 132 46.47 45.05 -31.65
C THR E 132 44.98 45.34 -31.57
N ASP E 133 44.58 46.60 -31.70
CA ASP E 133 43.18 46.97 -31.63
C ASP E 133 42.42 46.27 -32.76
N SER E 134 41.54 45.36 -32.39
CA SER E 134 40.80 44.55 -33.36
C SER E 134 39.34 44.96 -33.34
N LEU E 135 38.79 45.13 -34.55
CA LEU E 135 37.40 45.53 -34.68
C LEU E 135 36.49 44.31 -34.45
N ASP E 136 35.46 44.52 -33.63
CA ASP E 136 34.54 43.44 -33.29
C ASP E 136 33.80 42.94 -34.53
N SER E 137 33.06 41.85 -34.35
CA SER E 137 32.30 41.24 -35.42
C SER E 137 31.08 42.05 -35.85
N ARG E 138 30.69 43.06 -35.09
CA ARG E 138 29.49 43.84 -35.38
C ARG E 138 29.89 45.18 -35.98
N ILE E 139 29.66 45.35 -37.28
CA ILE E 139 29.82 46.64 -37.94
C ILE E 139 28.57 46.89 -38.77
N ALA E 140 28.00 48.08 -38.63
CA ALA E 140 26.78 48.43 -39.36
C ALA E 140 26.72 49.94 -39.51
N LEU E 141 25.80 50.39 -40.35
CA LEU E 141 25.68 51.81 -40.67
C LEU E 141 24.69 52.50 -39.73
N LYS E 142 25.05 53.68 -39.24
CA LYS E 142 24.06 54.44 -38.47
C LYS E 142 22.92 54.93 -39.35
N GLN E 143 23.21 55.86 -40.26
CA GLN E 143 22.19 56.43 -41.12
C GLN E 143 22.72 56.50 -42.53
N LEU E 144 21.81 56.44 -43.51
CA LEU E 144 22.09 56.83 -44.87
C LEU E 144 21.49 58.21 -45.10
N LEU E 145 22.29 59.12 -45.65
CA LEU E 145 21.84 60.46 -45.97
C LEU E 145 21.54 60.53 -47.46
N ILE E 146 20.28 60.81 -47.79
CA ILE E 146 19.88 60.99 -49.18
C ILE E 146 19.47 62.44 -49.37
N SER E 147 19.91 63.01 -50.49
CA SER E 147 19.69 64.42 -50.79
C SER E 147 18.51 64.54 -51.75
N VAL E 148 17.44 65.16 -51.30
CA VAL E 148 16.27 65.44 -52.13
C VAL E 148 16.36 66.89 -52.57
N THR E 149 16.64 67.09 -53.86
CA THR E 149 16.81 68.42 -54.42
C THR E 149 15.91 68.60 -55.62
N LYS E 150 15.15 69.70 -55.62
CA LYS E 150 14.26 70.02 -56.72
C LYS E 150 14.17 71.53 -56.84
N GLY E 151 14.66 72.08 -57.94
CA GLY E 151 14.66 73.52 -58.13
C GLY E 151 15.70 74.27 -57.34
N GLY E 152 16.75 73.60 -56.88
CA GLY E 152 17.80 74.25 -56.11
C GLY E 152 17.62 74.21 -54.61
N THR E 153 16.50 73.68 -54.12
CA THR E 153 16.26 73.58 -52.68
C THR E 153 16.74 72.23 -52.18
N THR E 154 17.55 72.25 -51.12
CA THR E 154 18.17 71.05 -50.58
C THR E 154 17.53 70.69 -49.25
N GLU E 155 17.04 69.46 -49.14
CA GLU E 155 16.51 68.92 -47.90
C GLU E 155 17.20 67.59 -47.59
N LEU E 156 17.55 67.40 -46.33
CA LEU E 156 18.28 66.22 -45.87
C LEU E 156 17.41 65.39 -44.96
N PHE E 157 17.45 64.08 -45.14
CA PHE E 157 16.71 63.14 -44.31
C PHE E 157 17.70 62.20 -43.62
N ALA E 158 17.68 62.20 -42.30
CA ALA E 158 18.52 61.31 -41.50
C ALA E 158 17.74 60.01 -41.33
N LEU E 159 17.90 59.09 -42.28
CA LEU E 159 17.17 57.84 -42.26
C LEU E 159 17.93 56.80 -41.46
N ASP E 160 17.33 56.35 -40.35
CA ASP E 160 17.94 55.30 -39.54
C ASP E 160 17.86 53.99 -40.28
N VAL E 161 18.98 53.53 -40.82
CA VAL E 161 19.04 52.28 -41.54
C VAL E 161 19.61 51.16 -40.68
N ASN E 162 20.10 51.49 -39.48
CA ASN E 162 20.63 50.46 -38.60
C ASN E 162 19.57 49.43 -38.21
N ARG E 163 18.30 49.81 -38.23
CA ARG E 163 17.20 48.90 -37.99
C ARG E 163 16.82 48.24 -39.31
N ASP E 164 17.63 47.27 -39.73
CA ASP E 164 17.34 46.44 -40.90
C ASP E 164 18.17 45.18 -40.85
N GLN E 165 17.66 44.10 -41.43
CA GLN E 165 18.34 42.81 -41.41
C GLN E 165 19.30 42.64 -42.58
N TYR E 166 19.45 43.66 -43.43
CA TYR E 166 20.48 43.67 -44.46
C TYR E 166 21.51 44.77 -44.23
N ALA E 167 21.46 45.44 -43.07
CA ALA E 167 22.33 46.56 -42.78
C ALA E 167 23.53 46.18 -41.93
N ALA E 168 23.73 44.91 -41.64
CA ALA E 168 24.85 44.46 -40.83
C ALA E 168 25.91 43.81 -41.73
N TYR E 169 27.17 44.17 -41.49
CA TYR E 169 28.28 43.56 -42.19
C TYR E 169 28.28 42.05 -41.94
N THR E 170 28.58 41.28 -42.98
CA THR E 170 28.61 39.83 -42.91
C THR E 170 29.93 39.31 -43.45
N ALA E 171 30.48 38.32 -42.75
CA ALA E 171 31.71 37.69 -43.21
C ALA E 171 31.44 36.87 -44.46
N THR E 172 32.34 36.96 -45.44
CA THR E 172 32.20 36.22 -46.68
C THR E 172 33.59 36.08 -47.28
N ARG E 173 34.06 34.83 -47.34
CA ARG E 173 35.47 34.53 -47.51
C ARG E 173 35.83 34.54 -48.99
N GLU E 174 36.49 35.61 -49.42
CA GLU E 174 36.93 35.75 -50.81
C GLU E 174 38.44 35.77 -50.92
N TYR E 175 39.09 36.64 -50.16
CA TYR E 175 40.54 36.73 -50.21
C TYR E 175 41.16 36.42 -48.86
N ASN E 176 40.69 37.07 -47.82
CA ASN E 176 41.22 36.90 -46.48
C ASN E 176 40.09 36.53 -45.52
N PHE E 177 40.47 35.96 -44.37
CA PHE E 177 39.50 35.52 -43.39
C PHE E 177 39.04 36.64 -42.48
N ARG E 178 39.71 37.80 -42.50
CA ARG E 178 39.33 38.90 -41.64
C ARG E 178 38.68 40.02 -42.44
N LEU E 179 38.12 39.71 -43.61
CA LEU E 179 37.48 40.72 -44.44
C LEU E 179 35.98 40.64 -44.29
N MET E 180 35.35 41.77 -43.97
CA MET E 180 33.92 41.85 -43.79
C MET E 180 33.32 42.62 -44.97
N GLN E 181 32.25 42.09 -45.53
CA GLN E 181 31.62 42.66 -46.71
C GLN E 181 30.20 43.10 -46.40
N LEU E 182 29.74 44.10 -47.14
CA LEU E 182 28.44 44.72 -46.94
C LEU E 182 27.60 44.61 -48.21
N LYS E 183 26.37 44.15 -48.05
CA LYS E 183 25.50 43.95 -49.20
C LYS E 183 24.13 44.48 -48.79
N PHE E 184 23.80 45.68 -49.25
CA PHE E 184 22.62 46.41 -48.80
C PHE E 184 21.76 46.77 -50.01
N HIS E 185 20.71 45.98 -50.25
CA HIS E 185 19.78 46.24 -51.35
C HIS E 185 18.36 46.11 -50.83
N THR E 186 17.80 47.22 -50.36
CA THR E 186 16.42 47.25 -49.90
C THR E 186 15.70 48.41 -50.57
N SER E 187 14.41 48.51 -50.30
CA SER E 187 13.59 49.62 -50.75
C SER E 187 13.30 50.52 -49.56
N LEU E 188 14.09 51.58 -49.41
CA LEU E 188 13.93 52.53 -48.32
C LEU E 188 12.69 53.37 -48.59
N GLY E 189 11.77 53.38 -47.63
CA GLY E 189 10.52 54.12 -47.75
C GLY E 189 10.60 55.41 -46.96
N LEU E 190 10.33 56.51 -47.64
CA LEU E 190 10.25 57.83 -47.01
C LEU E 190 8.79 58.11 -46.74
N GLY E 191 8.42 58.21 -45.47
CA GLY E 191 7.03 58.32 -45.07
C GLY E 191 6.39 59.65 -45.41
N GLU E 192 5.29 59.98 -44.72
CA GLU E 192 4.62 61.25 -44.96
C GLU E 192 4.62 62.15 -43.73
N GLU E 193 4.99 61.62 -42.55
CA GLU E 193 5.13 62.48 -41.39
C GLU E 193 6.60 62.72 -41.04
N SER E 194 7.53 62.26 -41.88
CA SER E 194 8.94 62.44 -41.60
C SER E 194 9.31 63.91 -41.68
N THR E 195 10.40 64.26 -40.99
CA THR E 195 10.91 65.63 -40.97
C THR E 195 12.39 65.61 -41.33
N THR E 196 12.90 66.79 -41.66
CA THR E 196 14.31 66.91 -42.03
C THR E 196 15.19 66.76 -40.79
N VAL E 197 16.49 66.96 -41.01
CA VAL E 197 17.46 66.78 -39.93
C VAL E 197 17.18 67.76 -38.79
N ALA E 198 16.90 69.02 -39.13
CA ALA E 198 16.60 70.01 -38.10
C ALA E 198 15.29 69.73 -37.38
N GLY E 199 14.32 69.12 -38.06
CA GLY E 199 13.03 68.80 -37.49
C GLY E 199 11.85 69.41 -38.24
N ALA E 200 12.10 70.29 -39.19
CA ALA E 200 11.02 70.93 -39.92
C ALA E 200 10.36 69.95 -40.90
N GLU E 201 9.11 70.24 -41.23
CA GLU E 201 8.38 69.42 -42.19
C GLU E 201 8.98 69.56 -43.58
N SER E 202 9.00 68.44 -44.31
CA SER E 202 9.52 68.45 -45.67
C SER E 202 8.58 69.24 -46.59
N ALA E 203 9.16 70.07 -47.45
CA ALA E 203 8.38 70.91 -48.35
C ALA E 203 8.41 70.42 -49.80
N LEU E 204 9.41 69.66 -50.20
CA LEU E 204 9.49 69.16 -51.58
C LEU E 204 8.54 68.00 -51.84
N LEU E 205 8.04 67.34 -50.80
CA LEU E 205 7.10 66.23 -50.94
C LEU E 205 5.80 66.47 -50.18
N LYS E 206 5.48 67.74 -49.87
CA LYS E 206 4.29 68.03 -49.08
C LYS E 206 3.02 67.65 -49.83
N ASP E 207 2.99 67.90 -51.14
CA ASP E 207 1.77 67.64 -51.92
C ASP E 207 1.40 66.17 -51.89
N LEU E 208 2.37 65.28 -52.09
CA LEU E 208 2.09 63.85 -52.04
C LEU E 208 1.64 63.43 -50.65
N PHE E 209 2.27 64.00 -49.62
CA PHE E 209 1.91 63.67 -48.24
C PHE E 209 0.48 64.07 -47.92
N ASP E 210 0.05 65.23 -48.38
CA ASP E 210 -1.32 65.68 -48.12
C ASP E 210 -2.34 64.73 -48.72
N LEU E 211 -2.00 64.04 -49.80
CA LEU E 211 -2.87 63.04 -50.39
C LEU E 211 -2.70 61.66 -49.76
N GLY E 212 -1.84 61.53 -48.75
CA GLY E 212 -1.65 60.26 -48.08
C GLY E 212 -0.85 59.28 -48.91
N TYR E 213 0.30 59.72 -49.40
CA TYR E 213 1.16 58.90 -50.25
C TYR E 213 2.50 58.71 -49.55
N ARG E 214 3.10 57.55 -49.73
CA ARG E 214 4.49 57.37 -49.32
C ARG E 214 5.30 56.87 -50.50
N ILE E 215 6.56 57.30 -50.55
CA ILE E 215 7.41 57.14 -51.72
C ILE E 215 8.51 56.12 -51.39
N GLU E 216 8.79 55.23 -52.33
CA GLU E 216 9.79 54.19 -52.16
C GLU E 216 11.04 54.56 -52.93
N LEU E 217 12.18 54.51 -52.23
CA LEU E 217 13.49 54.68 -52.85
C LEU E 217 14.20 53.35 -52.84
N ASP E 218 14.67 52.92 -54.01
CA ASP E 218 15.46 51.71 -54.13
C ASP E 218 16.93 52.08 -54.00
N VAL E 219 17.61 51.48 -53.03
CA VAL E 219 18.97 51.85 -52.68
C VAL E 219 19.87 50.66 -52.92
N LYS E 220 21.07 50.92 -53.44
CA LYS E 220 22.05 49.87 -53.71
C LYS E 220 23.39 50.33 -53.18
N VAL E 221 23.85 49.72 -52.09
CA VAL E 221 25.08 50.12 -51.41
C VAL E 221 26.01 48.94 -51.33
N ASP E 222 27.28 49.16 -51.67
CA ASP E 222 28.32 48.15 -51.57
C ASP E 222 29.48 48.67 -50.74
N GLY E 223 30.03 47.79 -49.92
CA GLY E 223 31.16 48.17 -49.08
C GLY E 223 31.85 46.96 -48.50
N GLU E 224 33.13 47.16 -48.13
CA GLU E 224 33.93 46.13 -47.51
C GLU E 224 35.00 46.78 -46.64
N MET E 225 35.35 46.09 -45.55
CA MET E 225 36.25 46.63 -44.54
C MET E 225 36.96 45.47 -43.85
N ASN E 226 38.25 45.66 -43.56
CA ASN E 226 39.10 44.64 -42.96
C ASN E 226 39.23 44.91 -41.47
N VAL E 227 39.07 43.86 -40.65
CA VAL E 227 39.05 44.01 -39.21
C VAL E 227 40.43 43.87 -38.57
N GLU E 228 41.48 43.73 -39.36
CA GLU E 228 42.83 43.64 -38.81
C GLU E 228 43.58 44.96 -38.83
N ASN E 229 43.46 45.74 -39.90
CA ASN E 229 44.20 46.99 -40.02
C ASN E 229 43.25 48.15 -40.23
N GLY E 230 41.98 47.85 -40.43
CA GLY E 230 40.96 48.87 -40.52
C GLY E 230 40.86 49.57 -41.85
N ASN E 231 41.61 49.15 -42.86
CA ASN E 231 41.49 49.76 -44.18
C ASN E 231 40.28 49.19 -44.90
N GLY E 232 39.77 49.95 -45.87
CA GLY E 232 38.61 49.51 -46.62
C GLY E 232 38.01 50.67 -47.36
N ASP E 233 36.82 50.44 -47.91
CA ASP E 233 36.10 51.45 -48.65
C ASP E 233 34.65 51.06 -48.80
N THR E 234 33.81 52.05 -49.08
CA THR E 234 32.39 51.84 -49.30
C THR E 234 31.98 52.68 -50.51
N SER E 235 31.08 52.14 -51.34
CA SER E 235 30.67 52.80 -52.55
C SER E 235 29.15 52.80 -52.66
N LEU E 236 28.61 53.83 -53.30
CA LEU E 236 27.20 53.86 -53.65
C LEU E 236 27.04 53.43 -55.10
N ARG E 237 26.12 52.51 -55.34
CA ARG E 237 25.98 51.88 -56.64
C ARG E 237 24.72 52.32 -57.38
N ALA E 238 23.56 52.35 -56.71
CA ALA E 238 22.33 52.70 -57.39
C ALA E 238 21.32 53.21 -56.37
N LEU E 239 20.69 54.33 -56.70
CA LEU E 239 19.62 54.90 -55.88
C LEU E 239 18.71 55.69 -56.81
N ARG E 240 17.43 55.33 -56.84
CA ARG E 240 16.51 55.94 -57.79
C ARG E 240 15.09 55.77 -57.28
N LEU E 241 14.25 56.76 -57.55
CA LEU E 241 12.88 56.75 -57.05
C LEU E 241 12.08 55.66 -57.73
N ALA E 242 11.66 54.65 -56.96
CA ALA E 242 11.16 53.40 -57.51
C ALA E 242 9.64 53.39 -57.69
N ARG E 243 8.87 53.58 -56.61
CA ARG E 243 7.44 53.42 -56.66
C ARG E 243 6.74 54.48 -55.82
N VAL E 244 5.45 54.69 -56.10
CA VAL E 244 4.61 55.59 -55.30
C VAL E 244 3.33 54.85 -54.95
N PHE E 245 2.96 54.88 -53.68
CA PHE E 245 1.81 54.14 -53.18
C PHE E 245 0.74 55.07 -52.62
N ASP E 246 -0.52 54.63 -52.70
CA ASP E 246 -1.66 55.37 -52.13
C ASP E 246 -1.87 55.02 -50.66
N LYS E 247 -3.02 55.43 -50.13
CA LYS E 247 -3.32 55.19 -48.72
C LYS E 247 -3.28 53.71 -48.38
N GLU E 248 -3.99 52.88 -49.13
CA GLU E 248 -4.10 51.48 -48.79
C GLU E 248 -2.93 50.66 -49.29
N GLY E 249 -2.26 51.08 -50.36
CA GLY E 249 -1.12 50.38 -50.89
C GLY E 249 -1.20 49.91 -52.34
N LYS E 250 -1.94 50.61 -53.20
CA LYS E 250 -1.92 50.35 -54.63
C LYS E 250 -0.80 51.13 -55.30
N GLU E 251 -0.11 50.49 -56.23
CA GLU E 251 0.99 51.12 -56.93
C GLU E 251 0.48 52.20 -57.87
N ILE E 252 1.23 53.30 -57.98
CA ILE E 252 0.95 54.37 -58.93
C ILE E 252 2.20 54.60 -59.78
N ALA E 253 2.02 54.64 -61.09
CA ALA E 253 3.15 54.75 -62.01
C ALA E 253 3.80 56.12 -61.91
N LEU E 254 5.10 56.15 -62.21
CA LEU E 254 5.86 57.41 -62.17
C LEU E 254 5.36 58.40 -63.21
N THR E 255 5.05 57.93 -64.43
CA THR E 255 4.61 58.80 -65.49
C THR E 255 3.18 59.30 -65.30
N ASP E 256 2.45 58.75 -64.33
CA ASP E 256 1.10 59.20 -64.06
C ASP E 256 1.09 60.65 -63.57
N SER E 257 0.06 61.39 -63.96
CA SER E 257 -0.03 62.79 -63.61
C SER E 257 -0.28 63.01 -62.12
N ARG E 258 -0.68 61.97 -61.40
CA ARG E 258 -0.92 62.12 -59.96
C ARG E 258 0.36 62.39 -59.20
N VAL E 259 1.50 61.94 -59.72
CA VAL E 259 2.79 62.11 -59.05
C VAL E 259 3.84 62.77 -59.93
N SER E 260 3.57 62.95 -61.23
CA SER E 260 4.58 63.53 -62.12
C SER E 260 4.87 64.98 -61.76
N ALA E 261 3.83 65.75 -61.42
CA ALA E 261 4.01 67.16 -61.12
C ALA E 261 4.87 67.37 -59.88
N ALA E 262 4.63 66.57 -58.83
CA ALA E 262 5.41 66.72 -57.60
C ALA E 262 6.81 66.18 -57.73
N LEU E 263 7.03 65.20 -58.61
CA LEU E 263 8.33 64.58 -58.79
C LEU E 263 9.05 65.08 -60.04
N SER E 264 8.55 66.14 -60.67
CA SER E 264 9.16 66.72 -61.86
C SER E 264 10.43 67.45 -61.45
N GLY E 265 11.55 67.09 -62.07
CA GLY E 265 12.81 67.72 -61.75
C GLY E 265 13.32 67.39 -60.36
N LEU E 266 12.90 66.25 -59.81
CA LEU E 266 13.30 65.82 -58.48
C LEU E 266 14.36 64.74 -58.60
N THR E 267 15.49 64.96 -57.96
CA THR E 267 16.62 64.04 -58.01
C THR E 267 17.00 63.62 -56.60
N VAL E 268 17.35 62.35 -56.43
CA VAL E 268 17.82 61.81 -55.16
C VAL E 268 19.28 61.44 -55.31
N THR E 269 20.09 61.78 -54.31
CA THR E 269 21.52 61.53 -54.39
C THR E 269 22.06 61.21 -53.00
N GLY E 270 22.97 60.23 -52.95
CA GLY E 270 23.61 59.86 -51.70
C GLY E 270 24.71 60.84 -51.37
N VAL E 271 24.85 61.15 -50.08
CA VAL E 271 25.83 62.12 -49.61
C VAL E 271 26.79 61.51 -48.60
N GLY E 272 26.28 60.90 -47.55
CA GLY E 272 27.15 60.43 -46.48
C GLY E 272 26.53 59.29 -45.70
N TYR E 273 27.30 58.82 -44.71
CA TYR E 273 26.92 57.70 -43.89
C TYR E 273 27.89 57.61 -42.71
N SER E 274 27.54 56.77 -41.74
CA SER E 274 28.37 56.50 -40.57
C SER E 274 28.49 54.99 -40.37
N LEU E 275 29.38 54.59 -39.48
CA LEU E 275 29.61 53.18 -39.19
C LEU E 275 29.49 52.92 -37.69
N GLU E 276 28.89 51.78 -37.35
CA GLU E 276 28.83 51.30 -35.97
C GLU E 276 30.06 50.42 -35.73
N ALA E 277 31.12 51.04 -35.22
CA ALA E 277 32.40 50.36 -35.05
C ALA E 277 32.82 50.38 -33.58
N ARG E 278 33.49 49.31 -33.18
CA ARG E 278 33.82 49.06 -31.78
C ARG E 278 35.02 48.13 -31.71
N LEU E 279 35.86 48.34 -30.70
CA LEU E 279 37.11 47.62 -30.57
C LEU E 279 36.95 46.43 -29.64
N THR E 280 37.54 45.29 -30.02
CA THR E 280 37.47 44.10 -29.18
C THR E 280 38.18 44.32 -27.85
N ASN E 281 39.32 45.01 -27.89
CA ASN E 281 40.17 45.19 -26.72
C ASN E 281 40.59 43.86 -26.14
N ILE E 282 41.28 43.06 -26.96
CA ILE E 282 41.84 41.81 -26.46
C ILE E 282 42.91 42.11 -25.41
N ASN E 283 43.67 43.18 -25.62
CA ASN E 283 44.70 43.61 -24.69
C ASN E 283 44.22 44.66 -23.69
N GLN E 284 43.05 45.25 -23.94
CA GLN E 284 42.46 46.31 -23.11
C GLN E 284 43.29 47.58 -23.11
N LEU E 285 42.64 48.70 -23.39
CA LEU E 285 43.28 50.00 -23.40
C LEU E 285 42.39 51.01 -22.70
N GLU E 286 41.13 50.66 -22.51
CA GLU E 286 40.12 51.54 -21.95
C GLU E 286 39.87 51.16 -20.50
N MET E 287 39.28 52.08 -19.76
CA MET E 287 38.94 51.79 -18.38
C MET E 287 37.44 51.93 -18.16
N GLY E 288 36.88 53.06 -18.58
CA GLY E 288 35.49 53.34 -18.29
C GLY E 288 35.29 53.64 -16.83
N LEU E 289 34.04 53.51 -16.39
CA LEU E 289 33.71 53.83 -15.02
C LEU E 289 34.20 52.73 -14.09
N LEU E 290 34.45 53.11 -12.83
CA LEU E 290 34.92 52.21 -11.80
C LEU E 290 33.80 51.95 -10.80
N ILE E 291 34.00 50.93 -9.96
CA ILE E 291 33.05 50.55 -8.93
C ILE E 291 33.82 50.33 -7.64
N ASP E 292 33.25 50.79 -6.53
CA ASP E 292 33.88 50.67 -5.22
C ASP E 292 32.89 50.05 -4.24
N SER E 293 33.44 49.42 -3.20
CA SER E 293 32.65 48.80 -2.15
C SER E 293 33.02 49.42 -0.81
N ASP E 294 32.00 49.91 -0.10
CA ASP E 294 32.17 50.52 1.20
C ASP E 294 31.10 49.98 2.13
N VAL E 295 31.40 49.92 3.42
CA VAL E 295 30.44 49.48 4.43
C VAL E 295 30.28 50.58 5.47
N GLN E 296 29.06 51.12 5.56
CA GLN E 296 28.67 52.07 6.59
C GLN E 296 27.79 51.34 7.60
N LYS E 297 28.32 51.11 8.80
CA LYS E 297 27.66 50.21 9.75
C LYS E 297 27.43 50.90 11.08
N GLN E 298 26.27 50.64 11.68
CA GLN E 298 25.77 51.34 12.85
C GLN E 298 25.48 50.34 13.95
N GLY E 299 25.62 50.77 15.20
CA GLY E 299 25.33 49.93 16.35
C GLY E 299 23.98 50.27 16.96
N PHE E 300 23.35 49.26 17.56
CA PHE E 300 22.04 49.39 18.19
C PHE E 300 22.11 48.84 19.61
N MET E 301 21.29 49.39 20.51
CA MET E 301 21.45 49.20 21.94
C MET E 301 20.19 48.64 22.56
N ILE E 302 20.33 47.89 23.65
CA ILE E 302 19.20 47.30 24.36
C ILE E 302 19.09 47.93 25.74
N PRO E 303 18.12 48.79 25.99
CA PRO E 303 17.96 49.40 27.32
C PRO E 303 17.52 48.43 28.39
N THR E 304 17.22 48.98 29.56
CA THR E 304 16.38 48.35 30.56
C THR E 304 15.19 49.28 30.82
N LEU E 305 14.16 48.76 31.47
CA LEU E 305 12.96 49.53 31.76
C LEU E 305 12.56 49.38 33.21
N PRO E 306 11.85 50.35 33.78
CA PRO E 306 11.56 50.35 35.21
C PRO E 306 10.77 49.11 35.61
N PRO E 307 11.02 48.58 36.81
CA PRO E 307 10.54 47.24 37.13
C PRO E 307 9.09 47.22 37.62
N LEU E 308 8.53 46.02 37.62
CA LEU E 308 7.24 45.76 38.24
C LEU E 308 7.47 44.98 39.52
N VAL E 309 6.51 45.01 40.42
CA VAL E 309 6.68 44.45 41.76
C VAL E 309 5.35 43.88 42.26
N ILE E 310 5.42 42.81 43.03
CA ILE E 310 4.26 42.21 43.68
C ILE E 310 4.60 42.03 45.15
N VAL E 311 3.60 42.15 46.02
CA VAL E 311 3.79 42.02 47.46
C VAL E 311 3.25 40.66 47.90
N LYS E 312 3.89 40.06 48.92
CA LYS E 312 3.49 38.74 49.39
C LYS E 312 4.11 38.43 50.75
N PRO E 313 3.33 37.89 51.69
CA PRO E 313 3.91 37.39 52.94
C PRO E 313 4.77 36.15 52.69
N ALA E 314 5.75 35.92 53.59
CA ALA E 314 6.85 35.03 53.26
C ALA E 314 6.73 33.67 53.94
N MET E 315 6.36 33.63 55.22
CA MET E 315 6.46 32.41 56.01
C MET E 315 5.53 31.30 55.53
N VAL E 316 4.57 31.61 54.68
CA VAL E 316 3.66 30.59 54.15
C VAL E 316 4.07 30.27 52.73
N GLU E 317 3.51 29.19 52.20
CA GLU E 317 3.76 28.81 50.82
C GLU E 317 2.91 29.65 49.88
N ASP E 318 3.51 30.08 48.78
CA ASP E 318 2.85 30.93 47.79
C ASP E 318 2.09 30.11 46.76
N ASP E 319 2.01 28.80 46.95
CA ASP E 319 1.43 27.90 45.97
C ASP E 319 -0.06 28.11 45.76
N LYS E 320 -0.81 28.46 46.81
CA LYS E 320 -2.27 28.48 46.71
C LYS E 320 -2.88 29.69 47.40
N THR E 321 -2.05 30.65 47.81
CA THR E 321 -2.52 31.87 48.45
C THR E 321 -1.81 33.08 47.86
N TYR E 322 -2.60 34.07 47.41
CA TYR E 322 -2.13 35.35 46.85
C TYR E 322 -1.66 35.13 45.42
N PRO E 323 -1.62 36.18 44.59
CA PRO E 323 -1.49 35.99 43.13
C PRO E 323 -0.21 35.27 42.74
N ARG E 324 -0.35 34.37 41.76
CA ARG E 324 0.79 33.70 41.15
C ARG E 324 0.84 34.01 39.65
N LEU E 325 2.01 34.47 39.21
CA LEU E 325 2.37 34.43 37.79
C LEU E 325 1.47 35.29 36.93
N GLU E 326 0.23 34.83 36.71
CA GLU E 326 -0.63 35.42 35.69
C GLU E 326 -0.84 36.90 35.91
N ALA E 327 -0.90 37.34 37.17
CA ALA E 327 -1.01 38.77 37.44
C ALA E 327 0.16 39.53 36.84
N LEU E 328 1.38 39.09 37.14
CA LEU E 328 2.56 39.77 36.61
C LEU E 328 2.62 39.68 35.10
N THR E 329 2.28 38.52 34.53
CA THR E 329 2.36 38.37 33.09
C THR E 329 1.37 39.29 32.38
N THR E 330 0.14 39.36 32.87
CA THR E 330 -0.85 40.25 32.26
C THR E 330 -0.44 41.70 32.40
N ALA E 331 0.02 42.09 33.59
CA ALA E 331 0.46 43.47 33.77
C ALA E 331 1.61 43.80 32.84
N TYR E 332 2.59 42.90 32.73
CA TYR E 332 3.71 43.13 31.83
C TYR E 332 3.25 43.28 30.39
N ARG E 333 2.46 42.32 29.90
CA ARG E 333 1.99 42.39 28.53
C ARG E 333 1.31 43.73 28.25
N ILE E 334 0.23 44.02 28.99
CA ILE E 334 -0.56 45.20 28.69
C ILE E 334 0.27 46.47 28.83
N GLN E 335 1.02 46.59 29.93
CA GLN E 335 1.77 47.82 30.17
C GLN E 335 2.87 48.02 29.15
N GLN E 336 3.56 46.95 28.75
CA GLN E 336 4.83 47.09 28.06
C GLN E 336 4.76 46.87 26.57
N MET E 337 4.03 45.87 26.09
CA MET E 337 4.14 45.50 24.68
C MET E 337 3.27 46.35 23.76
N ARG E 338 2.19 46.92 24.28
CA ARG E 338 1.24 47.63 23.43
C ARG E 338 1.44 49.13 23.48
N ASN E 339 1.31 49.72 24.67
CA ASN E 339 1.26 51.18 24.77
C ASN E 339 2.57 51.81 24.29
N ASN E 340 3.71 51.22 24.65
CA ASN E 340 4.98 51.75 24.20
C ASN E 340 5.09 51.71 22.68
N ALA E 341 4.56 50.65 22.06
CA ALA E 341 4.60 50.57 20.61
C ALA E 341 3.81 51.69 19.95
N VAL E 342 2.61 51.96 20.46
CA VAL E 342 1.79 53.04 19.90
C VAL E 342 2.48 54.37 20.08
N THR E 343 3.08 54.59 21.26
CA THR E 343 3.81 55.83 21.49
C THR E 343 4.97 55.97 20.51
N THR E 344 5.70 54.88 20.27
CA THR E 344 6.80 54.92 19.32
C THR E 344 6.31 55.24 17.91
N LEU E 345 5.19 54.65 17.50
CA LEU E 345 4.66 54.92 16.17
C LEU E 345 4.29 56.39 16.02
N LEU E 346 3.61 56.94 17.02
CA LEU E 346 3.22 58.34 16.93
C LEU E 346 4.44 59.26 16.91
N ASN E 347 5.42 58.97 17.76
CA ASN E 347 6.64 59.77 17.77
C ASN E 347 7.37 59.69 16.44
N ARG E 348 7.38 58.51 15.82
CA ARG E 348 8.02 58.37 14.52
C ARG E 348 7.30 59.19 13.46
N ALA E 349 5.96 59.15 13.47
CA ALA E 349 5.21 59.94 12.50
C ALA E 349 5.53 61.42 12.66
N ASP E 350 5.51 61.91 13.90
CA ASP E 350 5.79 63.33 14.12
C ASP E 350 7.24 63.67 13.79
N THR E 351 8.16 62.74 14.04
CA THR E 351 9.55 62.97 13.72
C THR E 351 9.75 63.12 12.22
N LEU E 352 9.10 62.25 11.43
CA LEU E 352 9.17 62.39 9.99
C LEU E 352 8.54 63.70 9.54
N LYS E 353 7.41 64.07 10.13
CA LYS E 353 6.82 65.38 9.87
C LYS E 353 7.85 66.48 10.08
N SER E 354 8.56 66.43 11.20
CA SER E 354 9.50 67.49 11.54
C SER E 354 10.67 67.54 10.58
N TYR E 355 11.25 66.39 10.26
CA TYR E 355 12.49 66.37 9.50
C TYR E 355 12.31 66.47 8.00
N LEU E 356 11.36 65.73 7.43
CA LEU E 356 11.38 65.46 6.00
C LEU E 356 10.43 66.33 5.19
N GLY E 357 9.44 66.96 5.80
CA GLY E 357 8.50 67.73 5.02
C GLY E 357 7.42 66.83 4.43
N VAL E 358 6.43 67.50 3.82
CA VAL E 358 5.25 66.83 3.31
C VAL E 358 5.35 66.73 1.79
N GLY E 359 5.12 65.54 1.26
CA GLY E 359 5.01 65.35 -0.17
C GLY E 359 6.25 65.67 -0.98
N VAL E 360 7.38 65.91 -0.32
CA VAL E 360 8.59 66.32 -1.04
C VAL E 360 9.64 65.23 -0.92
N PRO E 361 9.98 64.54 -2.01
CA PRO E 361 11.02 63.51 -1.95
C PRO E 361 12.38 64.12 -1.70
N HIS E 362 13.28 63.30 -1.14
CA HIS E 362 14.67 63.68 -1.00
C HIS E 362 15.55 62.62 -1.65
N PRO E 363 16.67 63.01 -2.27
CA PRO E 363 17.53 62.02 -2.93
C PRO E 363 18.17 61.09 -1.92
N ILE E 364 18.58 59.93 -2.41
CA ILE E 364 19.23 58.93 -1.57
C ILE E 364 20.45 59.56 -0.91
N GLU E 365 20.83 59.05 0.26
CA GLU E 365 21.85 59.66 1.10
C GLU E 365 21.37 61.01 1.59
N SER E 366 20.12 61.08 2.01
CA SER E 366 19.54 62.33 2.49
C SER E 366 19.99 62.60 3.91
N ASN E 367 19.31 63.53 4.58
CA ASN E 367 19.62 63.87 5.95
C ASN E 367 19.76 62.62 6.80
N LEU E 368 20.87 62.54 7.54
CA LEU E 368 21.17 61.36 8.34
C LEU E 368 20.48 61.38 9.70
N GLY E 369 19.78 62.47 10.03
CA GLY E 369 19.13 62.57 11.32
C GLY E 369 17.98 61.60 11.46
N LEU E 370 17.51 61.06 10.35
CA LEU E 370 16.44 60.08 10.38
C LEU E 370 16.89 58.81 11.07
N GLU E 371 16.00 58.22 11.85
CA GLU E 371 16.26 56.92 12.45
C GLU E 371 16.41 55.84 11.39
N GLY E 372 17.31 54.90 11.66
CA GLY E 372 17.40 53.70 10.85
C GLY E 372 18.34 53.82 9.69
N VAL E 373 18.45 52.70 8.96
CA VAL E 373 19.38 52.56 7.86
C VAL E 373 18.65 52.38 6.54
N GLY E 374 17.38 52.75 6.48
CA GLY E 374 16.65 52.63 5.22
C GLY E 374 17.07 53.60 4.15
N GLN E 375 17.82 54.63 4.51
CA GLN E 375 18.19 55.69 3.57
C GLN E 375 19.36 55.30 2.68
N TYR E 376 19.91 54.10 2.84
CA TYR E 376 20.91 53.57 1.92
C TYR E 376 20.28 52.69 0.83
N TYR E 377 18.95 52.60 0.79
CA TYR E 377 18.32 51.70 -0.15
C TYR E 377 17.09 52.27 -0.84
N VAL E 378 16.65 53.48 -0.49
CA VAL E 378 15.40 54.00 -1.02
C VAL E 378 15.31 55.50 -0.76
N ARG E 379 14.59 56.22 -1.62
CA ARG E 379 14.34 57.63 -1.38
C ARG E 379 13.47 57.79 -0.14
N PRO E 380 13.85 58.64 0.81
CA PRO E 380 12.93 59.01 1.88
C PRO E 380 11.77 59.82 1.34
N TYR E 381 10.60 59.64 1.96
CA TYR E 381 9.38 60.30 1.48
C TYR E 381 8.32 60.20 2.55
N TYR E 382 7.65 61.32 2.83
CA TYR E 382 6.55 61.37 3.78
C TYR E 382 5.45 62.27 3.22
N ASN E 383 4.22 61.78 3.26
CA ASN E 383 3.07 62.51 2.73
C ASN E 383 1.93 62.50 3.74
N GLU E 384 1.16 63.59 3.74
CA GLU E 384 0.05 63.74 4.68
C GLU E 384 -1.17 64.24 3.93
N ALA E 385 -2.33 63.69 4.28
CA ALA E 385 -3.60 64.11 3.70
C ALA E 385 -4.67 64.08 4.78
N THR E 386 -5.70 64.90 4.58
CA THR E 386 -6.84 64.97 5.49
C THR E 386 -8.12 64.88 4.67
N ILE E 387 -9.03 64.00 5.08
CA ILE E 387 -10.30 63.80 4.39
C ILE E 387 -11.43 64.27 5.29
N ASP E 388 -12.20 65.23 4.81
CA ASP E 388 -13.41 65.68 5.51
C ASP E 388 -14.59 65.05 4.80
N VAL E 389 -15.17 64.01 5.42
CA VAL E 389 -16.21 63.22 4.76
C VAL E 389 -17.45 64.06 4.52
N LEU E 390 -17.73 65.02 5.41
CA LEU E 390 -18.93 65.83 5.27
C LEU E 390 -18.84 66.76 4.06
N ASN E 391 -17.64 67.30 3.80
CA ASN E 391 -17.48 68.26 2.71
C ASN E 391 -17.60 67.63 1.34
N ASP E 392 -17.02 66.44 1.14
CA ASP E 392 -16.96 65.82 -0.17
C ASP E 392 -18.25 65.12 -0.57
N LEU E 393 -19.17 64.91 0.35
CA LEU E 393 -20.38 64.14 0.05
C LEU E 393 -21.60 64.88 0.57
N ASN E 394 -22.70 64.78 -0.18
CA ASN E 394 -23.98 65.36 0.22
C ASN E 394 -25.09 64.43 -0.24
N ASN E 395 -25.63 63.65 0.69
CA ASN E 395 -26.70 62.72 0.42
C ASN E 395 -27.54 62.54 1.67
N LEU E 396 -28.80 63.01 1.62
CA LEU E 396 -29.67 62.88 2.79
C LEU E 396 -29.94 61.42 3.12
N THR E 397 -30.09 60.59 2.10
CA THR E 397 -30.45 59.19 2.30
C THR E 397 -29.36 58.44 3.06
N SER E 398 -29.79 57.45 3.84
CA SER E 398 -28.87 56.56 4.55
C SER E 398 -28.70 55.21 3.86
N ALA E 399 -29.35 55.01 2.71
CA ALA E 399 -29.35 53.68 2.08
C ALA E 399 -27.96 53.28 1.60
N ALA E 400 -27.31 54.16 0.83
CA ALA E 400 -26.02 53.85 0.23
C ALA E 400 -24.89 54.71 0.79
N LYS E 401 -25.14 55.43 1.88
CA LYS E 401 -24.15 56.34 2.44
C LYS E 401 -22.86 55.61 2.79
N GLN E 402 -22.99 54.47 3.47
CA GLN E 402 -21.80 53.74 3.93
C GLN E 402 -20.99 53.24 2.76
N THR E 403 -21.66 52.77 1.71
CA THR E 403 -20.97 52.34 0.50
C THR E 403 -20.21 53.49 -0.14
N ASP E 404 -20.82 54.67 -0.19
CA ASP E 404 -20.16 55.84 -0.75
C ASP E 404 -18.92 56.20 0.06
N ILE E 405 -19.01 56.12 1.38
CA ILE E 405 -17.85 56.41 2.22
C ILE E 405 -16.75 55.38 1.95
N GLN E 406 -17.12 54.11 1.81
CA GLN E 406 -16.15 53.10 1.40
C GLN E 406 -15.44 53.52 0.12
N GLY E 407 -16.21 53.90 -0.89
CA GLY E 407 -15.62 54.28 -2.16
C GLY E 407 -14.63 55.42 -2.01
N LEU E 408 -15.03 56.46 -1.28
CA LEU E 408 -14.15 57.62 -1.12
C LEU E 408 -12.85 57.25 -0.41
N ILE E 409 -12.96 56.53 0.72
CA ILE E 409 -11.77 56.23 1.50
C ILE E 409 -10.83 55.31 0.73
N VAL E 410 -11.37 54.29 0.05
CA VAL E 410 -10.50 53.38 -0.69
C VAL E 410 -9.86 54.12 -1.86
N SER E 411 -10.60 55.04 -2.49
CA SER E 411 -10.02 55.83 -3.56
C SER E 411 -8.84 56.65 -3.05
N LYS E 412 -8.99 57.26 -1.89
CA LYS E 412 -7.89 58.04 -1.34
C LYS E 412 -6.69 57.15 -1.02
N ILE E 413 -6.92 56.03 -0.33
CA ILE E 413 -5.81 55.23 0.16
C ILE E 413 -5.02 54.63 -0.99
N ASN E 414 -5.71 54.08 -2.01
CA ASN E 414 -4.99 53.48 -3.12
C ASN E 414 -4.20 54.51 -3.90
N GLU E 415 -4.81 55.66 -4.17
CA GLU E 415 -4.12 56.70 -4.94
C GLU E 415 -2.86 57.14 -4.22
N MET E 416 -2.98 57.41 -2.92
CA MET E 416 -1.84 57.92 -2.18
C MET E 416 -0.74 56.87 -2.07
N VAL E 417 -1.11 55.59 -1.88
CA VAL E 417 -0.09 54.56 -1.75
C VAL E 417 0.67 54.38 -3.06
N TYR E 418 -0.03 54.43 -4.20
CA TYR E 418 0.69 54.32 -5.47
C TYR E 418 1.57 55.53 -5.74
N THR E 419 1.08 56.74 -5.44
CA THR E 419 1.94 57.90 -5.66
C THR E 419 3.21 57.79 -4.83
N ALA E 420 3.08 57.40 -3.55
CA ALA E 420 4.25 57.22 -2.72
C ALA E 420 5.17 56.15 -3.27
N ASP E 421 4.60 55.03 -3.73
CA ASP E 421 5.41 53.94 -4.23
C ASP E 421 6.21 54.36 -5.46
N GLN E 422 5.58 55.08 -6.40
CA GLN E 422 6.33 55.52 -7.57
C GLN E 422 7.40 56.52 -7.18
N LEU E 423 7.11 57.41 -6.24
CA LEU E 423 8.11 58.41 -5.88
C LEU E 423 9.27 57.81 -5.09
N THR E 424 9.05 56.67 -4.43
CA THR E 424 10.11 56.05 -3.64
C THR E 424 10.88 54.96 -4.37
N GLY E 425 10.21 54.18 -5.23
CA GLY E 425 10.85 53.06 -5.87
C GLY E 425 11.22 51.96 -4.90
N TYR E 426 10.35 51.73 -3.91
CA TYR E 426 10.61 50.68 -2.92
C TYR E 426 10.61 49.30 -3.56
N THR E 427 9.70 49.06 -4.50
CA THR E 427 9.68 47.77 -5.18
C THR E 427 10.98 47.55 -5.96
N ALA E 428 11.52 48.61 -6.56
CA ALA E 428 12.80 48.52 -7.22
C ALA E 428 13.90 48.15 -6.22
N ALA E 429 13.78 48.62 -4.98
CA ALA E 429 14.76 48.26 -3.96
C ALA E 429 14.64 46.78 -3.60
N LEU E 430 13.42 46.28 -3.40
CA LEU E 430 13.26 44.87 -3.08
C LEU E 430 13.77 43.98 -4.19
N GLU E 431 13.40 44.30 -5.44
CA GLU E 431 13.79 43.44 -6.55
C GLU E 431 15.27 43.51 -6.84
N ALA E 432 15.94 44.59 -6.41
CA ALA E 432 17.40 44.64 -6.52
C ALA E 432 18.07 43.91 -5.36
N ALA E 433 17.44 43.89 -4.19
CA ALA E 433 18.07 43.27 -3.02
C ALA E 433 18.00 41.75 -3.08
N PHE E 434 16.96 41.19 -3.68
CA PHE E 434 16.79 39.74 -3.78
C PHE E 434 16.94 39.33 -5.24
N SER E 435 17.76 38.32 -5.50
CA SER E 435 17.90 37.71 -6.81
C SER E 435 17.43 36.27 -6.72
N GLY E 436 16.48 35.90 -7.58
CA GLY E 436 15.88 34.58 -7.58
C GLY E 436 14.43 34.56 -7.16
N ARG E 437 14.06 35.33 -6.14
CA ARG E 437 12.67 35.47 -5.74
C ARG E 437 12.35 36.94 -5.54
N SER E 438 11.14 37.33 -5.94
CA SER E 438 10.73 38.72 -5.85
C SER E 438 9.36 38.74 -5.19
N PRO E 439 9.30 38.64 -3.86
CA PRO E 439 8.01 38.68 -3.18
C PRO E 439 7.28 39.99 -3.44
N LYS E 440 5.98 39.88 -3.57
CA LYS E 440 5.14 41.04 -3.84
C LYS E 440 5.18 41.98 -2.65
N PRO E 441 5.45 43.27 -2.86
CA PRO E 441 5.56 44.19 -1.72
C PRO E 441 4.27 44.24 -0.92
N HIS E 442 4.40 44.39 0.39
CA HIS E 442 3.28 44.25 1.32
C HIS E 442 3.01 45.57 2.03
N VAL E 443 1.76 46.01 1.99
CA VAL E 443 1.34 47.24 2.65
C VAL E 443 0.48 46.87 3.85
N ALA E 444 0.85 47.37 5.02
CA ALA E 444 0.12 47.10 6.25
C ALA E 444 -0.69 48.33 6.64
N ILE E 445 -1.91 48.11 7.11
CA ILE E 445 -2.84 49.19 7.45
C ILE E 445 -3.29 48.99 8.88
N GLY E 446 -2.95 49.94 9.75
CA GLY E 446 -3.33 49.90 11.15
C GLY E 446 -4.33 51.01 11.46
N THR E 447 -5.38 50.65 12.21
CA THR E 447 -6.43 51.60 12.55
C THR E 447 -7.20 51.08 13.75
N ASP E 448 -8.14 51.90 14.23
CA ASP E 448 -8.99 51.57 15.37
C ASP E 448 -10.25 50.82 14.93
N MET E 449 -11.26 50.74 15.80
CA MET E 449 -12.43 49.92 15.52
C MET E 449 -13.53 50.67 14.77
N ARG E 450 -13.22 51.76 14.08
CA ARG E 450 -14.25 52.50 13.37
C ARG E 450 -14.06 52.50 11.87
N LEU E 451 -12.84 52.70 11.40
CA LEU E 451 -12.57 52.78 9.97
C LEU E 451 -12.88 51.50 9.20
N PRO E 452 -12.50 50.28 9.70
CA PRO E 452 -12.60 49.08 8.85
C PRO E 452 -13.93 48.87 8.12
N GLN E 453 -14.98 49.60 8.49
CA GLN E 453 -16.21 49.55 7.71
C GLN E 453 -16.08 50.30 6.38
N TYR E 454 -14.99 51.00 6.16
CA TYR E 454 -14.82 51.78 4.94
C TYR E 454 -13.60 51.41 4.12
N ILE E 455 -12.83 50.39 4.53
CA ILE E 455 -11.72 49.93 3.70
C ILE E 455 -12.14 48.77 2.80
N GLN E 456 -13.26 48.12 3.09
CA GLN E 456 -13.79 47.05 2.25
C GLN E 456 -14.61 47.65 1.11
N ILE E 457 -14.68 46.89 0.01
CA ILE E 457 -15.55 47.21 -1.11
C ILE E 457 -16.48 46.02 -1.33
N ASN E 458 -17.78 46.28 -1.28
CA ASN E 458 -18.75 45.20 -1.45
C ASN E 458 -18.61 44.55 -2.82
N GLY E 459 -18.76 43.23 -2.84
CA GLY E 459 -18.58 42.50 -4.08
C GLY E 459 -17.15 42.39 -4.54
N ASP E 460 -16.18 42.75 -3.70
CA ASP E 460 -14.80 42.84 -4.12
C ASP E 460 -13.88 42.28 -3.05
N ASP E 461 -12.73 41.75 -3.50
CA ASP E 461 -11.68 41.26 -2.62
C ASP E 461 -10.32 41.85 -2.98
N ARG E 462 -10.30 42.87 -3.83
CA ARG E 462 -9.08 43.49 -4.35
C ARG E 462 -8.88 44.88 -3.77
N THR E 463 -9.42 45.12 -2.56
CA THR E 463 -9.75 46.48 -2.14
C THR E 463 -8.57 47.42 -2.25
N VAL E 464 -7.52 47.17 -1.48
CA VAL E 464 -6.29 47.93 -1.63
C VAL E 464 -5.31 47.05 -2.38
N GLY E 465 -5.71 45.79 -2.58
CA GLY E 465 -4.84 44.86 -3.27
C GLY E 465 -5.14 44.79 -4.74
N ILE E 466 -4.33 45.52 -5.51
CA ILE E 466 -4.43 45.57 -6.95
C ILE E 466 -3.11 45.06 -7.52
N GLY E 467 -2.01 45.49 -6.91
CA GLY E 467 -0.71 44.94 -7.18
C GLY E 467 0.05 44.67 -5.89
N TYR E 468 -0.67 44.54 -4.78
CA TYR E 468 -0.05 44.35 -3.47
C TYR E 468 -0.93 43.47 -2.59
N ASP E 469 -0.32 42.96 -1.53
CA ASP E 469 -1.04 42.24 -0.49
C ASP E 469 -1.26 43.16 0.71
N TYR E 470 -2.32 42.90 1.46
CA TYR E 470 -2.67 43.75 2.59
C TYR E 470 -2.93 42.91 3.82
N THR E 471 -2.78 43.53 4.98
CA THR E 471 -3.19 42.96 6.26
C THR E 471 -3.55 44.08 7.20
N ILE E 472 -4.83 44.15 7.57
CA ILE E 472 -5.35 45.25 8.39
C ILE E 472 -5.31 44.81 9.85
N ALA E 473 -5.11 45.78 10.74
CA ALA E 473 -5.01 45.54 12.17
C ALA E 473 -6.13 46.27 12.90
N ARG E 474 -6.21 46.03 14.20
CA ARG E 474 -7.20 46.68 15.05
C ARG E 474 -6.58 46.96 16.42
N ILE E 475 -6.90 48.13 16.98
CA ILE E 475 -6.32 48.55 18.24
C ILE E 475 -7.29 49.50 18.93
N SER E 476 -7.25 49.50 20.26
CA SER E 476 -8.25 50.19 21.08
C SER E 476 -7.73 51.47 21.70
N ASP E 477 -6.48 51.85 21.44
CA ASP E 477 -5.92 53.03 22.09
C ASP E 477 -6.66 54.29 21.64
N LEU E 478 -6.75 55.25 22.57
CA LEU E 478 -7.47 56.48 22.26
C LEU E 478 -6.65 57.41 21.37
N ARG E 479 -5.33 57.47 21.58
CA ARG E 479 -4.51 58.31 20.72
C ARG E 479 -4.56 57.87 19.27
N MET E 480 -4.88 56.60 19.01
CA MET E 480 -5.00 56.07 17.67
C MET E 480 -6.42 56.26 17.11
N LYS E 481 -7.17 57.23 17.63
CA LYS E 481 -8.56 57.39 17.22
C LYS E 481 -8.65 57.81 15.76
N ASP E 482 -9.60 57.21 15.04
CA ASP E 482 -10.03 57.61 13.70
C ASP E 482 -8.90 58.07 12.80
N LYS E 483 -7.77 57.36 12.81
CA LYS E 483 -6.63 57.67 11.96
C LYS E 483 -6.01 56.39 11.45
N ILE E 484 -5.41 56.45 10.27
CA ILE E 484 -4.83 55.29 9.61
C ILE E 484 -3.36 55.57 9.35
N VAL E 485 -2.48 54.71 9.87
CA VAL E 485 -1.05 54.80 9.66
C VAL E 485 -0.61 53.58 8.87
N MET E 486 0.08 53.81 7.76
CA MET E 486 0.42 52.73 6.84
C MET E 486 1.88 52.84 6.39
N THR E 487 2.49 51.68 6.14
CA THR E 487 3.88 51.62 5.71
C THR E 487 4.14 50.26 5.08
N PHE E 488 5.39 50.05 4.70
CA PHE E 488 5.81 48.83 4.02
C PHE E 488 6.54 47.89 4.98
N ILE E 489 6.21 46.60 4.88
CA ILE E 489 6.86 45.55 5.66
C ILE E 489 7.11 44.35 4.74
N LEU E 490 7.89 43.39 5.25
CA LEU E 490 8.20 42.19 4.47
C LEU E 490 7.78 40.93 5.22
N PRO E 491 6.69 40.29 4.80
CA PRO E 491 6.14 39.14 5.54
C PRO E 491 7.10 38.00 5.85
N ASN E 492 8.02 37.72 4.95
CA ASN E 492 8.77 36.46 4.99
C ASN E 492 9.81 36.38 6.10
N GLU E 493 10.60 37.43 6.28
CA GLU E 493 11.85 37.30 7.03
C GLU E 493 11.66 37.87 8.44
N SER E 494 12.48 37.38 9.38
CA SER E 494 12.27 37.75 10.77
C SER E 494 13.56 38.12 11.48
N GLU E 495 14.51 38.67 10.74
CA GLU E 495 15.79 39.10 11.27
C GLU E 495 16.18 40.45 10.66
N PRO E 496 17.05 41.23 11.31
CA PRO E 496 17.26 42.61 10.84
C PRO E 496 17.74 42.69 9.41
N HIS E 497 17.17 43.63 8.67
CA HIS E 497 17.45 43.86 7.27
C HIS E 497 17.01 45.28 6.94
N PRO E 498 17.77 46.01 6.12
CA PRO E 498 17.49 47.44 5.94
C PRO E 498 16.19 47.78 5.25
N LEU E 499 15.33 46.79 4.96
CA LEU E 499 14.03 47.06 4.34
C LEU E 499 12.86 46.69 5.25
N GLN E 500 13.11 46.09 6.40
CA GLN E 500 12.07 45.92 7.41
C GLN E 500 11.67 47.29 7.95
N HIS E 501 10.36 47.47 8.18
CA HIS E 501 9.90 48.74 8.73
C HIS E 501 10.45 48.97 10.12
N GLY E 502 10.42 47.97 10.98
CA GLY E 502 10.88 48.15 12.34
C GLY E 502 11.12 46.80 12.99
N VAL E 503 12.08 46.80 13.91
CA VAL E 503 12.47 45.60 14.62
C VAL E 503 12.49 45.89 16.11
N LEU E 504 11.91 44.98 16.87
CA LEU E 504 11.84 45.11 18.32
C LEU E 504 12.96 44.25 18.94
N GLY E 505 14.06 44.90 19.28
CA GLY E 505 15.14 44.22 19.97
C GLY E 505 14.70 43.79 21.34
N PHE E 506 14.49 42.49 21.54
CA PHE E 506 13.91 41.97 22.77
C PHE E 506 14.91 41.10 23.49
N ILE E 507 14.95 41.22 24.80
CA ILE E 507 15.71 40.31 25.67
C ILE E 507 14.78 39.87 26.79
N PRO E 508 14.56 38.57 26.98
CA PRO E 508 13.72 38.12 28.09
C PRO E 508 14.45 38.22 29.42
N GLU E 509 13.77 38.72 30.45
CA GLU E 509 14.36 38.84 31.77
C GLU E 509 13.65 37.90 32.73
N TYR E 510 14.42 37.36 33.68
CA TYR E 510 13.97 36.26 34.51
C TYR E 510 13.28 36.75 35.78
N LEU E 511 12.45 35.88 36.33
CA LEU E 511 11.79 36.13 37.61
C LEU E 511 12.85 36.22 38.72
N VAL E 512 12.61 37.06 39.71
CA VAL E 512 13.55 37.31 40.79
C VAL E 512 12.81 37.13 42.12
N ASP E 513 13.45 36.45 43.07
CA ASP E 513 12.87 36.17 44.39
C ASP E 513 13.84 36.64 45.46
N PHE E 514 13.52 37.76 46.11
CA PHE E 514 14.27 38.26 47.25
C PHE E 514 13.30 38.82 48.28
N ASN E 515 13.68 38.72 49.55
CA ASN E 515 12.85 39.22 50.64
C ASN E 515 13.43 40.54 51.14
N MET E 516 12.70 41.63 50.94
CA MET E 516 13.17 42.97 51.26
C MET E 516 12.45 43.46 52.51
N ILE E 517 13.22 43.90 53.51
CA ILE E 517 12.66 44.52 54.70
C ILE E 517 12.05 45.87 54.32
N ARG E 518 10.91 46.20 54.92
CA ARG E 518 10.27 47.50 54.73
C ARG E 518 9.60 47.90 56.03
N ASN E 519 10.15 48.91 56.70
CA ASN E 519 9.56 49.45 57.92
C ASN E 519 9.31 48.35 58.95
N GLN E 520 10.29 47.48 59.14
CA GLN E 520 10.24 46.38 60.09
C GLN E 520 9.16 45.36 59.76
N ARG E 521 8.71 45.31 58.50
CA ARG E 521 7.76 44.30 58.05
C ARG E 521 8.38 43.58 56.87
N ILE E 522 8.57 42.26 57.01
CA ILE E 522 9.13 41.49 55.90
C ILE E 522 8.00 41.08 54.97
N GLY E 523 8.20 41.25 53.68
CA GLY E 523 7.31 40.71 52.67
C GLY E 523 8.10 40.24 51.47
N ARG E 524 7.99 38.96 51.17
CA ARG E 524 8.68 38.44 49.99
C ARG E 524 8.04 39.00 48.73
N GLU E 525 8.88 39.25 47.73
CA GLU E 525 8.41 39.94 46.55
C GLU E 525 8.95 39.25 45.31
N ILE E 526 8.24 39.44 44.20
CA ILE E 526 8.66 38.94 42.90
C ILE E 526 8.76 40.14 41.97
N ARG E 527 9.96 40.40 41.46
CA ARG E 527 10.22 41.55 40.61
C ARG E 527 10.41 41.07 39.18
N LEU E 528 9.74 41.73 38.25
CA LEU E 528 9.88 41.47 36.83
C LEU E 528 10.42 42.73 36.16
N THR E 529 11.61 42.64 35.59
CA THR E 529 12.29 43.81 35.05
C THR E 529 12.23 43.80 33.54
N PRO E 530 11.48 44.70 32.92
CA PRO E 530 11.41 44.71 31.45
C PRO E 530 12.73 45.09 30.82
N ARG E 531 13.01 44.46 29.67
CA ARG E 531 14.12 44.87 28.81
C ARG E 531 13.65 44.71 27.37
N TYR E 532 13.37 45.83 26.71
CA TYR E 532 12.98 45.82 25.31
C TYR E 532 12.97 47.25 24.81
N ARG E 533 13.04 47.41 23.50
CA ARG E 533 12.91 48.72 22.89
C ARG E 533 12.58 48.57 21.41
N TYR E 534 11.65 49.39 20.94
CA TYR E 534 11.23 49.38 19.55
C TYR E 534 12.19 50.23 18.72
N PHE E 535 12.59 49.71 17.56
CA PHE E 535 13.50 50.40 16.66
C PHE E 535 12.80 50.68 15.35
N ASN E 536 13.45 51.49 14.52
CA ASN E 536 12.83 52.00 13.30
C ASN E 536 13.86 52.05 12.18
N PHE E 537 13.61 51.33 11.10
CA PHE E 537 14.52 51.34 9.95
C PHE E 537 14.01 52.22 8.82
N LEU E 538 12.83 51.91 8.30
CA LEU E 538 12.36 52.54 7.08
C LEU E 538 11.94 53.98 7.35
N PRO E 539 12.47 54.95 6.63
CA PRO E 539 12.00 56.33 6.77
C PRO E 539 10.86 56.65 5.82
N ILE E 540 9.81 55.84 5.84
CA ILE E 540 8.62 56.04 5.03
C ILE E 540 7.40 55.82 5.90
N MET E 541 6.44 56.74 5.84
CA MET E 541 5.20 56.61 6.58
C MET E 541 4.13 57.46 5.91
N LEU E 542 2.89 57.01 6.00
CA LEU E 542 1.76 57.66 5.35
C LEU E 542 0.56 57.62 6.29
N VAL E 543 -0.02 58.79 6.57
CA VAL E 543 -1.09 58.91 7.54
C VAL E 543 -2.29 59.60 6.92
N ILE E 544 -3.46 58.96 7.04
CA ILE E 544 -4.73 59.53 6.64
C ILE E 544 -5.51 59.85 7.89
N ASN E 545 -5.78 61.13 8.12
CA ASN E 545 -6.51 61.60 9.29
C ASN E 545 -7.93 61.97 8.87
N VAL E 546 -8.90 61.13 9.23
CA VAL E 546 -10.29 61.31 8.85
C VAL E 546 -11.00 62.07 9.95
N ILE E 547 -11.51 63.25 9.62
CA ILE E 547 -12.11 64.16 10.59
C ILE E 547 -13.57 64.37 10.21
N ASN E 548 -14.38 64.72 11.22
CA ASN E 548 -15.78 65.05 11.06
C ASN E 548 -16.59 63.88 10.49
N LEU E 549 -16.22 62.65 10.84
CA LEU E 549 -16.96 61.50 10.38
C LEU E 549 -18.32 61.41 11.05
N GLU E 550 -18.40 61.87 12.31
CA GLU E 550 -19.62 61.67 13.09
C GLU E 550 -20.81 62.37 12.45
N GLU E 551 -20.62 63.60 11.97
CA GLU E 551 -21.75 64.36 11.43
C GLU E 551 -22.27 63.75 10.14
N ALA E 552 -21.38 63.21 9.30
CA ALA E 552 -21.84 62.55 8.09
C ALA E 552 -22.70 61.33 8.41
N ILE E 553 -22.30 60.53 9.39
CA ILE E 553 -23.10 59.39 9.80
C ILE E 553 -24.40 59.85 10.45
N ALA E 554 -24.35 60.99 11.14
CA ALA E 554 -25.56 61.57 11.72
C ALA E 554 -26.53 61.98 10.62
N GLN E 555 -25.99 62.39 9.47
CA GLN E 555 -26.83 62.75 8.33
C GLN E 555 -27.73 61.58 7.92
N ARG E 556 -27.29 60.35 8.21
CA ARG E 556 -28.12 59.17 8.01
C ARG E 556 -29.37 59.27 8.87
N THR E 557 -29.22 59.81 10.08
CA THR E 557 -30.31 59.97 11.04
C THR E 557 -30.77 61.41 11.16
N ALA E 558 -30.32 62.27 10.25
CA ALA E 558 -30.70 63.68 10.30
C ALA E 558 -31.30 64.14 8.98
N LEU E 559 -31.73 63.18 8.16
CA LEU E 559 -32.31 63.49 6.86
C LEU E 559 -33.65 64.18 7.00
N ASP E 560 -33.93 65.12 6.10
CA ASP E 560 -35.27 65.70 6.00
C ASP E 560 -36.18 64.70 5.30
N VAL E 561 -37.22 64.25 6.00
CA VAL E 561 -38.08 63.16 5.54
C VAL E 561 -38.63 63.45 4.15
N ASN E 562 -38.32 62.56 3.20
CA ASN E 562 -38.87 62.60 1.85
C ASN E 562 -39.98 61.56 1.78
N GLU E 563 -41.11 61.86 2.41
CA GLU E 563 -42.21 60.89 2.50
C GLU E 563 -43.34 61.26 1.55
N THR E 564 -43.82 60.26 0.83
CA THR E 564 -44.92 60.41 -0.12
C THR E 564 -45.98 59.35 0.17
N GLN E 565 -47.07 59.78 0.79
CA GLN E 565 -48.18 58.88 1.11
C GLN E 565 -49.35 59.17 0.17
N VAL E 566 -49.35 58.51 -0.98
CA VAL E 566 -50.41 58.64 -1.97
C VAL E 566 -51.19 57.34 -2.04
N THR E 567 -52.44 57.43 -2.49
CA THR E 567 -53.29 56.26 -2.62
C THR E 567 -52.71 55.31 -3.66
N PRO E 568 -52.70 54.00 -3.40
CA PRO E 568 -52.18 53.05 -4.39
C PRO E 568 -52.89 53.13 -5.73
N ALA E 569 -52.14 53.05 -6.82
CA ALA E 569 -52.68 53.12 -8.17
C ALA E 569 -52.21 51.91 -8.96
N SER E 570 -53.13 51.23 -9.61
CA SER E 570 -52.81 50.05 -10.42
C SER E 570 -53.89 49.76 -11.44
N HIS F 1 12.53 -7.48 154.57
CA HIS F 1 11.24 -7.32 153.90
C HIS F 1 11.39 -6.58 152.58
N GLU F 2 10.41 -6.74 151.70
CA GLU F 2 10.50 -6.17 150.36
C GLU F 2 10.61 -4.65 150.37
N PHE F 3 9.78 -3.98 151.18
CA PHE F 3 9.68 -2.53 151.08
C PHE F 3 11.01 -1.85 151.44
N ALA F 4 11.57 -2.18 152.60
CA ALA F 4 12.82 -1.56 153.00
C ALA F 4 13.96 -1.92 152.05
N GLU F 5 14.02 -3.19 151.64
CA GLU F 5 15.06 -3.63 150.72
C GLU F 5 14.96 -2.89 149.38
N LEU F 6 13.75 -2.47 149.00
CA LEU F 6 13.57 -1.84 147.70
C LEU F 6 14.18 -0.44 147.68
N PHE F 7 14.07 0.30 148.78
CA PHE F 7 14.51 1.69 148.78
C PHE F 7 15.91 1.90 149.33
N TYR F 8 16.30 1.16 150.37
CA TYR F 8 17.66 1.27 150.92
C TYR F 8 18.26 -0.12 150.92
N ARG F 9 19.23 -0.33 150.02
CA ARG F 9 19.90 -1.62 149.94
C ARG F 9 20.74 -1.87 151.18
N THR F 10 20.71 -3.11 151.66
CA THR F 10 21.50 -3.46 152.84
C THR F 10 22.97 -3.54 152.47
N TYR F 11 23.82 -3.00 153.35
CA TYR F 11 25.27 -3.00 153.16
C TYR F 11 25.92 -3.44 154.46
N ILE F 12 26.33 -4.70 154.52
CA ILE F 12 26.91 -5.28 155.73
C ILE F 12 28.31 -4.75 155.91
N VAL F 13 28.66 -4.40 157.14
CA VAL F 13 30.00 -3.94 157.48
C VAL F 13 30.47 -4.67 158.72
N THR F 14 31.72 -5.12 158.71
CA THR F 14 32.27 -5.82 159.86
C THR F 14 32.40 -4.85 161.03
N PRO F 15 32.24 -5.32 162.26
CA PRO F 15 32.25 -4.40 163.40
C PRO F 15 33.65 -3.99 163.84
N ASP F 16 34.45 -3.47 162.91
CA ASP F 16 35.80 -3.01 163.25
C ASP F 16 36.08 -1.64 162.64
N GLN F 17 35.06 -0.95 162.19
CA GLN F 17 35.20 0.41 161.69
C GLN F 17 34.01 1.24 162.14
N ALA F 18 34.23 2.54 162.26
CA ALA F 18 33.20 3.48 162.67
C ALA F 18 32.33 3.93 161.51
N GLY F 19 32.61 3.47 160.30
CA GLY F 19 31.78 3.84 159.16
C GLY F 19 32.54 3.68 157.86
N PHE F 20 31.98 4.27 156.81
CA PHE F 20 32.55 4.18 155.49
C PHE F 20 32.60 5.58 154.89
N GLN F 21 33.65 5.82 154.09
CA GLN F 21 33.84 7.10 153.44
C GLN F 21 33.86 6.90 151.93
N LEU F 22 33.29 7.85 151.21
CA LEU F 22 33.13 7.76 149.76
C LEU F 22 33.83 8.92 149.08
N SER F 23 34.68 8.61 148.11
CA SER F 23 35.42 9.62 147.35
C SER F 23 35.12 9.43 145.87
N ILE F 24 34.65 10.49 145.22
CA ILE F 24 34.30 10.45 143.81
C ILE F 24 35.17 11.45 143.07
N ARG F 25 35.34 11.25 141.77
CA ARG F 25 36.11 12.15 140.93
C ARG F 25 35.15 13.09 140.22
N ARG F 26 35.53 14.37 140.14
CA ARG F 26 34.76 15.35 139.41
C ARG F 26 35.66 15.95 138.33
N ASN F 27 35.30 15.71 137.07
CA ASN F 27 36.09 16.20 135.94
C ASN F 27 35.57 17.57 135.55
N LEU F 28 36.44 18.58 135.67
CA LEU F 28 36.02 19.98 135.59
C LEU F 28 36.71 20.66 134.41
N VAL F 29 36.07 21.70 133.89
CA VAL F 29 36.65 22.58 132.89
C VAL F 29 36.58 24.00 133.43
N TRP F 30 37.71 24.72 133.39
CA TRP F 30 37.78 26.02 134.03
C TRP F 30 38.84 26.85 133.33
N GLU F 31 38.60 28.17 133.32
CA GLU F 31 39.26 29.08 132.39
C GLU F 31 40.72 29.39 132.71
N GLY F 32 41.23 28.98 133.88
CA GLY F 32 42.62 29.23 134.20
C GLY F 32 42.79 30.18 135.39
N TRP F 33 43.93 30.05 136.06
CA TRP F 33 44.14 30.91 137.22
C TRP F 33 44.55 32.31 136.77
N THR F 34 44.58 33.23 137.72
CA THR F 34 44.64 34.66 137.44
C THR F 34 45.94 35.30 137.89
N GLY F 35 46.59 34.76 138.91
CA GLY F 35 47.71 35.48 139.47
C GLY F 35 47.24 36.74 140.19
N GLU F 36 48.11 37.74 140.20
CA GLU F 36 47.84 39.05 140.78
C GLU F 36 47.56 38.97 142.29
N GLY F 37 48.25 38.06 142.97
CA GLY F 37 48.17 37.95 144.42
C GLY F 37 49.40 37.24 144.92
N LEU F 38 49.53 37.03 146.24
CA LEU F 38 50.72 36.32 146.70
C LEU F 38 50.36 34.98 147.31
N SER F 39 49.61 34.98 148.42
CA SER F 39 49.03 33.76 148.95
C SER F 39 47.57 33.93 149.33
N GLY F 40 47.20 35.07 149.91
CA GLY F 40 45.88 35.30 150.41
C GLY F 40 44.98 35.94 149.39
N GLU F 41 43.81 36.41 149.85
CA GLU F 41 42.74 36.94 149.03
C GLU F 41 42.19 35.81 148.14
N LYS F 42 40.92 35.89 147.77
CA LYS F 42 40.26 34.70 147.26
C LYS F 42 40.34 34.56 145.74
N GLN F 43 40.63 35.63 145.03
CA GLN F 43 40.64 35.63 143.56
C GLN F 43 39.31 35.08 143.07
N GLU F 44 39.31 34.42 141.91
CA GLU F 44 38.11 33.85 141.33
C GLU F 44 38.32 32.36 141.09
N ILE F 45 37.32 31.56 141.48
CA ILE F 45 37.33 30.14 141.17
C ILE F 45 36.00 29.81 140.50
N SER F 46 36.09 29.22 139.31
CA SER F 46 34.90 28.98 138.51
C SER F 46 34.75 27.50 138.19
N LYS F 47 34.91 26.65 139.19
CA LYS F 47 34.76 25.21 139.01
C LYS F 47 33.35 24.94 138.49
N ARG F 48 33.23 24.23 137.37
CA ARG F 48 31.91 23.81 136.89
C ARG F 48 31.99 22.43 136.25
N ASN F 49 31.04 21.58 136.60
CA ASN F 49 31.00 20.22 136.08
C ASN F 49 30.78 20.23 134.57
N ILE F 50 31.42 19.29 133.88
CA ILE F 50 31.25 19.20 132.43
C ILE F 50 29.83 18.81 132.08
N LEU F 51 29.17 18.01 132.93
CA LEU F 51 27.83 17.55 132.63
C LEU F 51 26.82 18.69 132.61
N GLN F 52 27.13 19.83 133.25
CA GLN F 52 26.28 20.99 133.11
C GLN F 52 26.30 21.53 131.70
N GLY F 53 27.37 21.25 130.95
CA GLY F 53 27.42 21.64 129.55
C GLY F 53 26.38 20.99 128.69
N LEU F 54 25.87 19.83 129.11
CA LEU F 54 24.81 19.19 128.34
C LEU F 54 23.47 19.87 128.55
N LEU F 55 23.34 20.70 129.58
CA LEU F 55 22.09 21.40 129.86
C LEU F 55 22.18 22.89 129.65
N ASP F 56 23.38 23.43 129.43
CA ASP F 56 23.57 24.85 129.17
C ASP F 56 24.53 25.03 128.01
N TYR F 57 24.68 26.25 127.50
CA TYR F 57 25.55 26.44 126.34
C TYR F 57 26.65 27.44 126.64
N THR F 58 26.69 27.97 127.86
CA THR F 58 27.72 28.94 128.24
C THR F 58 28.93 28.25 128.86
N THR F 59 28.86 26.94 129.08
CA THR F 59 29.93 26.23 129.74
C THR F 59 31.14 25.98 128.84
N LEU F 60 30.92 25.79 127.54
CA LEU F 60 32.00 25.48 126.62
C LEU F 60 32.07 26.54 125.52
N GLU F 61 31.98 27.80 125.91
CA GLU F 61 32.11 28.92 124.97
C GLU F 61 33.54 29.44 125.12
N THR F 62 34.31 29.37 124.04
CA THR F 62 35.70 29.78 124.04
C THR F 62 35.92 30.82 122.94
N ASN F 63 36.60 31.91 123.28
CA ASN F 63 37.00 32.90 122.31
C ASN F 63 38.25 33.64 122.80
N SER F 64 39.38 33.34 122.18
CA SER F 64 40.60 34.11 122.43
C SER F 64 41.39 34.43 121.17
N THR F 65 41.10 33.78 120.05
CA THR F 65 41.80 34.01 118.80
C THR F 65 41.23 35.22 118.06
N GLU F 66 40.05 35.69 118.44
CA GLU F 66 39.41 36.78 117.74
C GLU F 66 40.16 38.08 117.97
N LEU F 67 40.36 38.85 116.91
CA LEU F 67 41.05 40.13 116.98
C LEU F 67 40.03 41.25 116.98
N ILE F 68 39.62 41.67 118.17
CA ILE F 68 38.69 42.79 118.36
C ILE F 68 39.53 44.05 118.55
N PRO F 69 39.29 45.10 117.76
CA PRO F 69 40.06 46.34 117.93
C PRO F 69 39.92 46.89 119.34
N VAL F 70 41.02 47.41 119.87
CA VAL F 70 41.06 48.01 121.20
C VAL F 70 41.46 49.47 121.04
N ILE F 71 41.04 50.30 122.00
CA ILE F 71 41.26 51.74 121.92
C ILE F 71 42.11 52.19 123.11
N GLN F 72 43.18 52.93 122.81
CA GLN F 72 43.97 53.63 123.80
C GLN F 72 43.89 55.12 123.55
N SER F 73 43.30 55.87 124.47
CA SER F 73 43.18 57.31 124.32
C SER F 73 44.56 57.93 124.31
N GLY F 74 44.83 58.77 123.31
CA GLY F 74 46.10 59.45 123.19
C GLY F 74 47.11 58.80 122.27
N GLU F 75 46.92 57.54 121.89
CA GLU F 75 47.86 56.90 120.99
C GLU F 75 47.23 56.69 119.61
N ASN F 76 46.08 56.03 119.56
CA ASN F 76 45.46 55.64 118.30
C ASN F 76 44.04 56.18 118.20
N ASP F 77 43.89 57.31 117.52
CA ASP F 77 42.61 57.71 116.96
C ASP F 77 42.64 57.68 115.44
N GLU F 78 43.54 56.89 114.85
CA GLU F 78 43.72 56.87 113.41
C GLU F 78 42.46 56.40 112.69
N GLN F 79 41.83 55.33 113.16
CA GLN F 79 40.59 54.83 112.57
C GLN F 79 39.57 54.49 113.65
N PHE F 80 39.34 55.44 114.56
CA PHE F 80 38.22 55.31 115.48
C PHE F 80 37.36 56.56 115.38
N ILE F 81 36.05 56.35 115.23
CA ILE F 81 35.13 57.46 115.06
C ILE F 81 35.20 58.38 116.27
N ASP F 82 34.92 59.67 116.03
CA ASP F 82 34.98 60.63 117.11
C ASP F 82 33.99 60.26 118.22
N PRO F 83 34.44 60.23 119.47
CA PRO F 83 33.57 59.80 120.57
C PRO F 83 32.40 60.73 120.85
N SER F 84 32.26 61.82 120.11
CA SER F 84 31.12 62.71 120.25
C SER F 84 29.91 62.22 119.47
N VAL F 85 30.03 61.10 118.77
CA VAL F 85 28.92 60.54 118.00
C VAL F 85 28.44 59.27 118.68
N LEU F 86 29.38 58.49 119.20
CA LEU F 86 29.02 57.22 119.85
C LEU F 86 30.03 56.89 120.95
N PRO F 87 29.58 56.70 122.19
CA PRO F 87 30.51 56.33 123.27
C PRO F 87 31.06 54.92 123.11
N ALA F 88 31.88 54.50 124.07
CA ALA F 88 32.49 53.18 124.00
C ALA F 88 31.56 52.12 124.58
N GLN F 89 31.79 50.88 124.17
CA GLN F 89 31.11 49.72 124.74
C GLN F 89 32.14 48.79 125.35
N THR F 90 31.90 48.35 126.58
CA THR F 90 32.82 47.49 127.29
C THR F 90 32.59 46.05 126.87
N VAL F 91 33.59 45.44 126.25
CA VAL F 91 33.48 44.08 125.76
C VAL F 91 34.52 43.22 126.48
N LYS F 92 34.14 41.99 126.77
CA LYS F 92 34.92 41.07 127.58
C LYS F 92 35.57 40.04 126.66
N GLN F 93 36.89 39.89 126.77
CA GLN F 93 37.63 38.89 126.04
C GLN F 93 38.64 38.26 127.00
N GLY F 94 38.57 36.94 127.16
CA GLY F 94 39.49 36.25 128.03
C GLY F 94 39.39 36.72 129.46
N LYS F 95 40.38 37.47 129.92
CA LYS F 95 40.33 38.09 131.23
C LYS F 95 40.45 39.61 131.16
N ASP F 96 41.04 40.16 130.10
CA ASP F 96 41.21 41.60 129.96
C ASP F 96 39.85 42.25 129.83
N THR F 97 39.77 43.52 130.23
CA THR F 97 38.59 44.34 130.02
C THR F 97 39.00 45.62 129.30
N PHE F 98 38.32 45.93 128.20
CA PHE F 98 38.76 47.00 127.32
C PHE F 98 37.58 47.53 126.52
N ASP F 99 37.86 48.56 125.73
CA ASP F 99 36.81 49.26 125.00
C ASP F 99 37.06 49.21 123.49
N THR F 100 35.98 49.26 122.72
CA THR F 100 36.06 49.18 121.27
C THR F 100 35.01 50.08 120.64
N ASN F 101 35.24 50.42 119.38
CA ASN F 101 34.32 51.23 118.58
C ASN F 101 34.53 50.90 117.12
N PHE F 102 33.58 51.35 116.29
CA PHE F 102 33.64 51.03 114.87
C PHE F 102 34.67 51.91 114.17
N LEU F 103 35.43 51.29 113.25
CA LEU F 103 36.46 52.00 112.52
C LEU F 103 35.83 52.97 111.52
N LYS F 104 36.42 54.16 111.43
CA LYS F 104 35.97 55.15 110.47
C LYS F 104 36.41 54.76 109.06
N PHE F 105 35.54 55.02 108.08
CA PHE F 105 35.84 54.66 106.70
C PHE F 105 36.98 55.50 106.19
N SER F 106 37.98 54.85 105.61
CA SER F 106 39.19 55.54 105.19
C SER F 106 38.91 56.47 104.03
N GLU F 107 39.44 57.70 104.12
CA GLU F 107 39.49 58.59 102.98
C GLU F 107 40.68 58.22 102.12
N ASN F 108 41.07 59.11 101.21
CA ASN F 108 42.23 58.90 100.35
C ASN F 108 43.52 58.58 101.09
N GLY F 109 43.57 58.85 102.39
CA GLY F 109 44.81 58.73 103.13
C GLY F 109 45.16 57.33 103.57
N GLU F 110 46.07 57.26 104.56
CA GLU F 110 46.56 56.00 105.08
C GLU F 110 45.42 55.14 105.60
N GLY F 111 45.51 53.84 105.34
CA GLY F 111 44.53 52.89 105.83
C GLY F 111 44.73 52.56 107.30
N PHE F 112 44.43 51.33 107.68
CA PHE F 112 44.60 50.88 109.05
C PHE F 112 45.39 49.58 109.08
N ASN F 113 46.13 49.38 110.16
CA ASN F 113 46.85 48.12 110.38
C ASN F 113 46.11 47.35 111.45
N LEU F 114 45.34 46.35 111.03
CA LEU F 114 44.48 45.61 111.95
C LEU F 114 45.29 44.90 113.03
N LEU F 115 46.36 44.23 112.64
CA LEU F 115 47.12 43.43 113.61
C LEU F 115 47.75 44.29 114.68
N MET F 116 48.28 45.45 114.31
CA MET F 116 48.93 46.29 115.29
C MET F 116 47.95 46.86 116.31
N LEU F 117 46.79 47.35 115.86
CA LEU F 117 45.88 48.04 116.76
C LEU F 117 44.95 47.09 117.50
N ALA F 118 45.10 45.78 117.32
CA ALA F 118 44.25 44.79 117.97
C ALA F 118 44.94 44.15 119.17
N GLN F 119 45.70 44.93 119.91
CA GLN F 119 46.47 44.40 121.04
C GLN F 119 45.70 44.61 122.35
N THR F 120 45.13 43.53 122.87
CA THR F 120 44.58 43.53 124.21
C THR F 120 45.71 43.47 125.23
N PRO F 121 45.44 43.83 126.50
CA PRO F 121 46.50 43.82 127.51
C PRO F 121 47.26 42.50 127.64
N SER F 122 46.55 41.39 127.48
CA SER F 122 47.21 40.08 127.59
C SER F 122 48.27 39.91 126.51
N ARG F 123 48.01 40.45 125.31
CA ARG F 123 49.03 40.41 124.27
C ARG F 123 50.20 41.32 124.60
N LEU F 124 49.92 42.46 125.26
CA LEU F 124 51.00 43.32 125.73
C LEU F 124 51.89 42.59 126.72
N LYS F 125 51.30 41.84 127.64
CA LYS F 125 52.10 41.10 128.62
C LYS F 125 53.04 40.11 127.95
N LYS F 126 52.70 39.64 126.76
CA LYS F 126 53.60 38.77 126.01
C LYS F 126 54.68 39.55 125.28
N GLY F 127 54.80 40.85 125.53
CA GLY F 127 55.84 41.65 124.94
C GLY F 127 55.33 42.53 123.82
N SER F 128 55.90 42.37 122.63
CA SER F 128 55.45 43.13 121.47
C SER F 128 54.72 42.15 120.56
N MET F 129 54.41 42.59 119.34
CA MET F 129 53.74 41.71 118.40
C MET F 129 54.75 40.69 117.88
N THR F 130 54.37 39.92 116.87
CA THR F 130 55.19 38.80 116.43
C THR F 130 55.97 39.05 115.15
N PHE F 131 56.59 37.98 114.66
CA PHE F 131 57.25 37.95 113.37
C PHE F 131 56.46 37.16 112.32
N THR F 132 55.66 36.16 112.73
CA THR F 132 55.02 35.25 111.80
C THR F 132 53.50 35.16 111.95
N ASP F 133 52.90 35.85 112.91
CA ASP F 133 51.47 35.72 113.18
C ASP F 133 50.70 36.23 111.97
N SER F 134 49.79 35.42 111.48
CA SER F 134 49.05 35.73 110.26
C SER F 134 47.55 35.74 110.54
N LEU F 135 46.84 36.54 109.76
CA LEU F 135 45.38 36.53 109.83
C LEU F 135 44.86 35.22 109.28
N ASP F 136 43.61 34.90 109.60
CA ASP F 136 43.06 33.60 109.25
C ASP F 136 42.63 33.57 107.79
N SER F 137 42.32 32.37 107.30
CA SER F 137 41.84 32.21 105.93
C SER F 137 40.58 33.02 105.68
N ARG F 138 39.83 33.31 106.74
CA ARG F 138 38.61 34.10 106.60
C ARG F 138 38.80 35.50 107.16
N ILE F 139 38.33 36.50 106.43
CA ILE F 139 38.10 37.84 106.95
C ILE F 139 36.70 38.26 106.52
N ALA F 140 35.94 38.85 107.44
CA ALA F 140 34.57 39.20 107.14
C ALA F 140 34.11 40.35 108.02
N LEU F 141 33.04 41.00 107.57
CA LEU F 141 32.45 42.12 108.30
C LEU F 141 31.56 41.60 109.43
N LYS F 142 31.59 42.28 110.59
CA LYS F 142 30.60 41.94 111.61
C LYS F 142 29.36 42.81 111.49
N GLN F 143 29.54 44.12 111.63
CA GLN F 143 28.41 45.04 111.69
C GLN F 143 28.71 46.26 110.83
N LEU F 144 27.67 46.80 110.22
CA LEU F 144 27.72 48.08 109.53
C LEU F 144 26.88 49.10 110.28
N LEU F 145 27.54 50.13 110.79
CA LEU F 145 26.86 51.20 111.52
C LEU F 145 26.50 52.31 110.54
N ILE F 146 25.20 52.52 110.34
CA ILE F 146 24.71 53.58 109.47
C ILE F 146 23.83 54.51 110.30
N SER F 147 23.73 55.75 109.85
CA SER F 147 22.91 56.75 110.51
C SER F 147 21.90 57.30 109.54
N VAL F 148 20.66 57.46 110.00
CA VAL F 148 19.59 58.08 109.23
C VAL F 148 19.38 59.48 109.79
N THR F 149 19.27 60.46 108.90
CA THR F 149 19.21 61.87 109.28
C THR F 149 17.91 62.48 108.78
N LYS F 150 17.18 63.13 109.68
CA LYS F 150 15.99 63.89 109.31
C LYS F 150 15.97 65.16 110.18
N GLY F 151 16.13 66.30 109.53
CA GLY F 151 16.09 67.58 110.23
C GLY F 151 17.23 67.82 111.20
N GLY F 152 18.35 67.12 111.04
CA GLY F 152 19.48 67.25 111.95
C GLY F 152 19.54 66.23 113.07
N THR F 153 18.51 65.41 113.24
CA THR F 153 18.51 64.37 114.27
C THR F 153 19.08 63.09 113.69
N THR F 154 20.00 62.48 114.44
CA THR F 154 20.71 61.28 113.99
C THR F 154 20.27 60.08 114.82
N GLU F 155 19.81 59.04 114.11
CA GLU F 155 19.49 57.76 114.73
C GLU F 155 20.45 56.70 114.22
N LEU F 156 21.11 56.03 115.15
CA LEU F 156 22.16 55.07 114.82
C LEU F 156 21.57 53.67 114.70
N PHE F 157 21.83 53.02 113.57
CA PHE F 157 21.35 51.67 113.31
C PHE F 157 22.53 50.73 113.11
N ALA F 158 22.48 49.60 113.79
CA ALA F 158 23.49 48.55 113.64
C ALA F 158 22.89 47.44 112.80
N LEU F 159 23.41 47.26 111.58
CA LEU F 159 22.93 46.22 110.69
C LEU F 159 23.84 44.99 110.80
N ASP F 160 23.22 43.83 111.02
CA ASP F 160 23.96 42.58 111.11
C ASP F 160 24.30 42.11 109.71
N VAL F 161 25.40 42.61 109.16
CA VAL F 161 25.79 42.29 107.79
C VAL F 161 26.46 40.93 107.69
N ASN F 162 26.88 40.35 108.81
CA ASN F 162 27.42 38.99 108.77
C ASN F 162 26.28 38.03 108.46
N ARG F 163 26.64 36.84 107.97
CA ARG F 163 25.67 35.84 107.54
C ARG F 163 24.81 36.35 106.37
N ASP F 164 25.27 37.43 105.74
CA ASP F 164 24.69 37.90 104.49
C ASP F 164 25.39 37.19 103.34
N GLN F 165 24.74 37.19 102.18
CA GLN F 165 25.24 36.40 101.08
C GLN F 165 26.61 36.87 100.62
N TYR F 166 26.79 38.18 100.48
CA TYR F 166 28.02 38.72 99.91
C TYR F 166 28.83 39.37 101.02
N ALA F 167 29.58 38.56 101.75
CA ALA F 167 30.55 39.07 102.70
C ALA F 167 31.61 38.02 103.00
N ALA F 168 32.74 38.11 102.30
CA ALA F 168 33.88 37.24 102.54
C ALA F 168 35.08 37.77 101.77
N TYR F 169 36.23 37.86 102.42
CA TYR F 169 37.44 38.33 101.77
C TYR F 169 37.99 37.18 100.94
N THR F 170 37.85 37.27 99.63
CA THR F 170 38.18 36.18 98.72
C THR F 170 39.64 36.23 98.32
N ALA F 171 40.20 35.06 98.02
CA ALA F 171 41.53 35.00 97.45
C ALA F 171 41.52 35.65 96.08
N THR F 172 42.53 36.47 95.81
CA THR F 172 42.55 37.23 94.57
C THR F 172 43.97 37.39 94.09
N ARG F 173 44.18 37.14 92.80
CA ARG F 173 45.40 37.52 92.13
C ARG F 173 45.56 39.04 92.11
N GLU F 174 46.59 39.50 91.40
CA GLU F 174 46.83 40.92 91.13
C GLU F 174 47.50 41.59 92.32
N TYR F 175 48.46 42.46 92.03
CA TYR F 175 49.17 43.31 92.99
C TYR F 175 50.04 42.49 93.94
N ASN F 176 49.45 41.98 95.02
CA ASN F 176 50.17 41.16 95.99
C ASN F 176 49.43 39.84 96.14
N PHE F 177 50.16 38.79 96.50
CA PHE F 177 49.69 37.45 96.19
C PHE F 177 49.55 36.57 97.42
N ARG F 178 49.54 37.21 98.59
CA ARG F 178 48.87 36.67 99.77
C ARG F 178 47.72 37.59 100.18
N LEU F 179 47.07 38.21 99.20
CA LEU F 179 46.12 39.30 99.44
C LEU F 179 44.70 38.75 99.37
N MET F 180 43.79 39.39 100.12
CA MET F 180 42.37 39.05 100.10
C MET F 180 41.57 40.27 99.70
N GLN F 181 40.44 40.05 99.03
CA GLN F 181 39.61 41.13 98.50
C GLN F 181 38.17 40.99 99.00
N LEU F 182 37.57 42.12 99.36
CA LEU F 182 36.16 42.19 99.71
C LEU F 182 35.45 43.16 98.79
N LYS F 183 34.34 42.71 98.20
CA LYS F 183 33.55 43.52 97.28
C LYS F 183 32.09 43.37 97.66
N PHE F 184 31.57 44.35 98.41
CA PHE F 184 30.24 44.28 98.98
C PHE F 184 29.25 44.92 98.02
N HIS F 185 28.34 44.11 97.46
CA HIS F 185 27.27 44.59 96.60
C HIS F 185 25.99 43.84 96.94
N THR F 186 25.10 44.50 97.68
CA THR F 186 23.80 43.95 97.99
C THR F 186 22.92 45.04 98.57
N SER F 187 21.68 44.66 98.86
CA SER F 187 20.73 45.55 99.52
C SER F 187 20.61 45.14 100.98
N LEU F 188 20.78 46.10 101.88
CA LEU F 188 20.63 45.87 103.31
C LEU F 188 19.22 46.20 103.73
N GLY F 189 18.63 45.34 104.56
CA GLY F 189 17.29 45.55 105.05
C GLY F 189 17.31 46.32 106.36
N LEU F 190 16.35 47.21 106.52
CA LEU F 190 16.22 48.03 107.72
C LEU F 190 14.95 47.61 108.42
N GLY F 191 15.09 46.84 109.50
CA GLY F 191 13.96 46.18 110.10
C GLY F 191 12.93 47.13 110.69
N GLU F 192 11.67 46.80 110.40
CA GLU F 192 10.56 47.49 111.03
C GLU F 192 10.39 47.10 112.49
N GLU F 193 10.59 45.82 112.82
CA GLU F 193 10.64 45.37 114.20
C GLU F 193 12.07 45.32 114.71
N SER F 194 12.98 46.02 114.05
CA SER F 194 14.36 46.14 114.48
C SER F 194 14.46 47.15 115.63
N THR F 195 15.58 47.09 116.35
CA THR F 195 15.82 47.95 117.48
C THR F 195 16.95 48.92 117.17
N THR F 196 16.76 50.18 117.56
CA THR F 196 17.80 51.18 117.40
C THR F 196 18.96 50.87 118.35
N VAL F 197 20.16 51.34 117.98
CA VAL F 197 21.30 51.20 118.87
C VAL F 197 21.05 51.93 120.18
N ALA F 198 20.45 53.11 120.10
CA ALA F 198 20.03 53.88 121.28
C ALA F 198 18.50 53.92 121.29
N GLY F 199 17.90 53.14 122.17
CA GLY F 199 16.45 53.07 122.29
C GLY F 199 15.84 51.96 121.46
N ALA F 200 14.55 51.76 121.67
CA ALA F 200 13.77 50.71 120.99
C ALA F 200 12.97 51.37 119.88
N GLU F 201 13.32 51.05 118.63
CA GLU F 201 12.65 51.52 117.42
C GLU F 201 12.91 53.01 117.19
N SER F 202 13.08 53.40 115.93
CA SER F 202 13.41 54.77 115.60
C SER F 202 12.19 55.68 115.72
N ALA F 203 12.44 56.98 115.70
CA ALA F 203 11.38 57.98 115.74
C ALA F 203 11.29 58.81 114.46
N LEU F 204 12.31 58.76 113.59
CA LEU F 204 12.33 59.54 112.37
C LEU F 204 11.67 58.84 111.18
N LEU F 205 11.24 57.59 111.35
CA LEU F 205 10.64 56.83 110.26
C LEU F 205 9.40 56.06 110.72
N LYS F 206 8.83 56.44 111.87
CA LYS F 206 7.69 55.70 112.42
C LYS F 206 6.50 55.69 111.46
N ASP F 207 6.41 56.69 110.59
CA ASP F 207 5.28 56.76 109.67
C ASP F 207 5.22 55.52 108.78
N LEU F 208 6.33 55.19 108.11
CA LEU F 208 6.35 54.04 107.23
C LEU F 208 6.21 52.75 108.03
N PHE F 209 6.72 52.74 109.26
CA PHE F 209 6.56 51.61 110.15
C PHE F 209 5.10 51.36 110.47
N ASP F 210 4.30 52.41 110.60
CA ASP F 210 2.91 52.25 111.01
C ASP F 210 2.10 51.45 110.00
N LEU F 211 2.29 51.71 108.71
CA LEU F 211 1.54 51.00 107.69
C LEU F 211 2.16 49.66 107.33
N GLY F 212 3.29 49.31 107.92
CA GLY F 212 3.90 48.01 107.68
C GLY F 212 4.53 47.86 106.31
N TYR F 213 5.63 48.56 106.07
CA TYR F 213 6.42 48.35 104.87
C TYR F 213 7.89 48.19 105.23
N ARG F 214 8.71 48.06 104.18
CA ARG F 214 10.12 47.77 104.29
C ARG F 214 10.90 48.84 103.54
N ILE F 215 12.15 49.02 103.93
CA ILE F 215 13.08 49.88 103.20
C ILE F 215 14.30 49.05 102.83
N GLU F 216 14.65 49.06 101.55
CA GLU F 216 15.85 48.38 101.08
C GLU F 216 16.88 49.43 100.67
N LEU F 217 18.04 49.37 101.29
CA LEU F 217 19.11 50.33 101.06
C LEU F 217 20.13 49.68 100.13
N ASP F 218 20.39 50.33 98.99
CA ASP F 218 21.47 49.87 98.14
C ASP F 218 22.78 50.40 98.70
N VAL F 219 23.71 49.49 98.99
CA VAL F 219 25.01 49.84 99.56
C VAL F 219 26.08 49.24 98.67
N LYS F 220 27.24 49.89 98.64
CA LYS F 220 28.35 49.49 97.77
C LYS F 220 29.65 49.83 98.46
N VAL F 221 30.28 48.82 99.06
CA VAL F 221 31.46 49.01 99.90
C VAL F 221 32.58 48.13 99.38
N ASP F 222 33.76 48.71 99.19
CA ASP F 222 34.92 48.02 98.68
C ASP F 222 36.12 48.27 99.57
N GLY F 223 37.08 47.35 99.52
CA GLY F 223 38.30 47.50 100.30
C GLY F 223 39.16 46.26 100.21
N GLU F 224 40.38 46.40 100.68
CA GLU F 224 41.39 45.34 100.55
C GLU F 224 41.94 44.99 101.92
N MET F 225 42.45 43.75 102.02
CA MET F 225 43.03 43.24 103.25
C MET F 225 44.13 42.25 102.89
N ASN F 226 45.31 42.45 103.43
CA ASN F 226 46.45 41.57 103.19
C ASN F 226 46.81 40.84 104.47
N VAL F 227 46.87 39.51 104.40
CA VAL F 227 47.22 38.71 105.56
C VAL F 227 48.72 38.65 105.79
N GLU F 228 49.51 39.32 104.94
CA GLU F 228 50.95 39.29 105.11
C GLU F 228 51.38 40.02 106.38
N ASN F 229 50.89 41.25 106.56
CA ASN F 229 51.34 42.06 107.67
C ASN F 229 50.19 42.81 108.35
N GLY F 230 48.99 42.66 107.83
CA GLY F 230 47.83 43.30 108.41
C GLY F 230 47.52 44.69 107.91
N ASN F 231 48.18 45.16 106.87
CA ASN F 231 47.80 46.42 106.25
C ASN F 231 46.44 46.27 105.58
N GLY F 232 45.58 47.27 105.75
CA GLY F 232 44.25 47.18 105.17
C GLY F 232 43.57 48.53 105.11
N ASP F 233 42.52 48.58 104.29
CA ASP F 233 41.73 49.79 104.10
C ASP F 233 40.48 49.45 103.29
N THR F 234 39.38 50.09 103.66
CA THR F 234 38.11 49.97 102.96
C THR F 234 37.45 51.34 102.92
N SER F 235 36.80 51.67 101.82
CA SER F 235 36.12 52.95 101.71
C SER F 235 34.66 52.73 101.35
N LEU F 236 33.79 53.55 101.93
CA LEU F 236 32.38 53.58 101.54
C LEU F 236 32.26 54.34 100.23
N ARG F 237 31.63 53.71 99.24
CA ARG F 237 31.51 54.31 97.93
C ARG F 237 30.14 54.90 97.67
N ALA F 238 29.08 54.10 97.77
CA ALA F 238 27.74 54.60 97.47
C ALA F 238 26.76 54.06 98.50
N LEU F 239 26.01 54.96 99.12
CA LEU F 239 24.98 54.59 100.08
C LEU F 239 23.76 55.44 99.84
N ARG F 240 22.62 54.80 99.60
CA ARG F 240 21.39 55.49 99.25
C ARG F 240 20.21 54.56 99.46
N LEU F 241 19.05 55.14 99.78
CA LEU F 241 17.82 54.35 99.80
C LEU F 241 17.33 54.16 98.38
N ALA F 242 16.78 52.97 98.09
CA ALA F 242 16.40 52.62 96.74
C ALA F 242 14.90 52.40 96.57
N ARG F 243 14.31 51.48 97.33
CA ARG F 243 12.96 51.02 97.05
C ARG F 243 12.17 50.90 98.35
N VAL F 244 10.86 50.78 98.21
CA VAL F 244 9.95 50.50 99.31
C VAL F 244 9.29 49.16 99.05
N PHE F 245 9.24 48.31 100.08
CA PHE F 245 8.98 46.90 99.91
C PHE F 245 7.84 46.50 100.85
N ASP F 246 6.82 45.84 100.30
CA ASP F 246 5.53 45.69 100.97
C ASP F 246 5.50 44.43 101.82
N LYS F 247 4.30 44.16 102.38
CA LYS F 247 4.13 43.00 103.25
C LYS F 247 4.24 41.69 102.49
N GLU F 248 3.56 41.56 101.35
CA GLU F 248 3.63 40.30 100.61
C GLU F 248 4.98 40.12 99.92
N GLY F 249 5.64 41.21 99.55
CA GLY F 249 6.94 41.12 98.93
C GLY F 249 6.99 41.63 97.49
N LYS F 250 6.07 42.52 97.14
CA LYS F 250 6.03 43.09 95.80
C LYS F 250 6.30 44.58 95.87
N GLU F 251 7.03 45.05 94.87
CA GLU F 251 7.57 46.41 94.87
C GLU F 251 6.45 47.44 94.89
N ILE F 252 6.70 48.55 95.57
CA ILE F 252 5.81 49.70 95.56
C ILE F 252 6.57 50.87 94.98
N ALA F 253 5.97 51.55 94.01
CA ALA F 253 6.64 52.67 93.35
C ALA F 253 6.88 53.80 94.33
N LEU F 254 7.83 54.67 93.98
CA LEU F 254 8.17 55.83 94.80
C LEU F 254 7.37 57.07 94.40
N THR F 255 6.16 56.87 93.88
CA THR F 255 5.27 57.97 93.54
C THR F 255 4.00 58.02 94.38
N ASP F 256 3.64 56.96 95.08
CA ASP F 256 2.47 56.98 95.95
C ASP F 256 2.65 58.04 97.03
N SER F 257 1.54 58.71 97.37
CA SER F 257 1.60 59.78 98.36
C SER F 257 2.08 59.27 99.70
N ARG F 258 1.61 58.08 100.11
CA ARG F 258 1.95 57.58 101.43
C ARG F 258 3.44 57.36 101.59
N VAL F 259 4.08 56.74 100.60
CA VAL F 259 5.52 56.53 100.67
C VAL F 259 6.28 57.83 100.39
N SER F 260 5.76 58.64 99.47
CA SER F 260 6.47 59.87 99.10
C SER F 260 6.56 60.84 100.27
N ALA F 261 5.47 61.04 101.00
CA ALA F 261 5.50 61.91 102.16
C ALA F 261 6.37 61.33 103.26
N ALA F 262 6.29 60.02 103.46
CA ALA F 262 7.06 59.38 104.52
C ALA F 262 8.55 59.48 104.29
N LEU F 263 9.00 59.29 103.05
CA LEU F 263 10.43 59.32 102.74
C LEU F 263 10.99 60.71 102.54
N SER F 264 10.14 61.74 102.50
CA SER F 264 10.59 63.10 102.26
C SER F 264 11.38 63.57 103.49
N GLY F 265 12.65 63.90 103.29
CA GLY F 265 13.52 64.37 104.36
C GLY F 265 14.46 63.32 104.90
N LEU F 266 14.56 62.14 104.30
CA LEU F 266 15.37 61.05 104.82
C LEU F 266 16.73 61.06 104.14
N THR F 267 17.78 60.94 104.94
CA THR F 267 19.16 60.93 104.45
C THR F 267 19.91 59.78 105.12
N VAL F 268 20.71 59.07 104.34
CA VAL F 268 21.49 57.94 104.83
C VAL F 268 22.96 58.21 104.54
N THR F 269 23.83 57.87 105.48
CA THR F 269 25.25 58.15 105.38
C THR F 269 26.06 57.04 106.05
N GLY F 270 27.36 57.02 105.76
CA GLY F 270 28.23 56.03 106.36
C GLY F 270 28.95 56.57 107.58
N VAL F 271 29.05 55.74 108.60
CA VAL F 271 29.63 56.12 109.89
C VAL F 271 30.80 55.21 110.25
N GLY F 272 30.57 53.91 110.37
CA GLY F 272 31.62 53.03 110.80
C GLY F 272 31.28 51.59 110.50
N TYR F 273 32.20 50.71 110.87
CA TYR F 273 32.06 49.30 110.58
C TYR F 273 33.02 48.49 111.45
N SER F 274 32.82 47.18 111.46
CA SER F 274 33.63 46.27 112.25
C SER F 274 34.08 45.09 111.41
N LEU F 275 35.16 44.43 111.85
CA LEU F 275 35.75 43.30 111.15
C LEU F 275 35.82 42.08 112.05
N GLU F 276 35.52 40.92 111.47
CA GLU F 276 35.78 39.63 112.12
C GLU F 276 37.08 39.07 111.57
N ALA F 277 38.03 38.81 112.44
CA ALA F 277 39.33 38.28 112.04
C ALA F 277 39.85 37.36 113.12
N ARG F 278 40.63 36.37 112.68
CA ARG F 278 41.23 35.43 113.61
C ARG F 278 42.73 35.36 113.37
N LEU F 279 43.44 35.04 114.44
CA LEU F 279 44.88 34.90 114.38
C LEU F 279 45.24 33.43 114.20
N THR F 280 45.49 33.02 112.96
CA THR F 280 45.92 31.65 112.70
C THR F 280 47.38 31.59 113.17
N ASN F 281 47.56 31.70 114.48
CA ASN F 281 48.89 31.67 115.06
C ASN F 281 49.36 30.22 115.01
N ILE F 282 50.40 29.99 114.22
CA ILE F 282 51.00 28.66 114.21
C ILE F 282 51.61 28.37 115.57
N ASN F 283 51.83 29.41 116.37
CA ASN F 283 52.40 29.23 117.70
C ASN F 283 51.30 29.08 118.74
N GLN F 284 50.27 29.93 118.64
CA GLN F 284 49.09 29.92 119.51
C GLN F 284 49.40 30.43 120.91
N LEU F 285 48.60 31.39 121.39
CA LEU F 285 48.86 32.07 122.65
C LEU F 285 47.68 31.98 123.60
N GLU F 286 46.74 31.07 123.34
CA GLU F 286 45.52 31.02 124.13
C GLU F 286 45.68 30.02 125.27
N MET F 287 44.96 30.26 126.37
CA MET F 287 44.81 29.24 127.40
C MET F 287 43.59 28.38 127.16
N GLY F 288 42.71 28.78 126.23
CA GLY F 288 41.52 28.02 125.92
C GLY F 288 40.71 27.72 127.14
N LEU F 289 40.37 26.44 127.33
CA LEU F 289 39.75 25.98 128.57
C LEU F 289 40.57 24.81 129.11
N LEU F 290 41.05 24.95 130.35
CA LEU F 290 41.77 23.88 131.02
C LEU F 290 40.79 22.81 131.47
N ILE F 291 41.29 21.60 131.66
CA ILE F 291 40.51 20.49 132.19
C ILE F 291 41.26 19.86 133.34
N ASP F 292 40.65 19.86 134.53
CA ASP F 292 41.25 19.31 135.74
C ASP F 292 40.26 18.35 136.39
N SER F 293 40.71 17.70 137.47
CA SER F 293 39.83 16.87 138.27
C SER F 293 40.13 17.04 139.74
N ASP F 294 39.09 16.93 140.55
CA ASP F 294 39.19 17.00 142.00
C ASP F 294 38.48 15.79 142.61
N VAL F 295 38.58 15.69 143.93
CA VAL F 295 37.96 14.61 144.68
C VAL F 295 37.35 15.21 145.94
N GLN F 296 36.19 14.69 146.35
CA GLN F 296 35.54 15.11 147.58
C GLN F 296 35.56 13.94 148.55
N LYS F 297 35.79 14.23 149.83
CA LYS F 297 35.80 13.21 150.87
C LYS F 297 34.57 13.39 151.75
N GLN F 298 33.84 12.30 151.96
CA GLN F 298 32.55 12.31 152.65
C GLN F 298 32.65 11.44 153.89
N GLY F 299 31.89 11.80 154.92
CA GLY F 299 31.87 11.06 156.17
C GLY F 299 30.51 10.44 156.44
N PHE F 300 30.53 9.20 156.93
CA PHE F 300 29.33 8.49 157.35
C PHE F 300 29.67 7.61 158.54
N MET F 301 29.09 7.92 159.70
CA MET F 301 29.33 7.19 160.94
C MET F 301 28.10 6.38 161.32
N ILE F 302 28.33 5.26 162.00
CA ILE F 302 27.27 4.35 162.42
C ILE F 302 27.11 4.45 163.92
N PRO F 303 25.99 4.95 164.42
CA PRO F 303 25.81 5.07 165.87
C PRO F 303 25.26 3.80 166.52
N THR F 304 25.12 3.83 167.85
CA THR F 304 24.51 2.75 168.60
C THR F 304 23.11 3.15 169.03
N LEU F 305 22.14 2.25 168.88
CA LEU F 305 20.76 2.60 169.10
C LEU F 305 20.24 2.00 170.41
N PRO F 306 19.29 2.65 171.07
CA PRO F 306 18.85 2.21 172.41
C PRO F 306 18.33 0.78 172.39
N PRO F 307 18.56 0.03 173.47
CA PRO F 307 18.26 -1.40 173.47
C PRO F 307 16.86 -1.72 173.98
N LEU F 308 16.47 -2.97 173.73
CA LEU F 308 15.19 -3.53 174.15
C LEU F 308 15.45 -4.75 175.02
N VAL F 309 14.50 -5.10 175.89
CA VAL F 309 14.77 -5.98 177.02
C VAL F 309 13.78 -7.14 177.03
N ILE F 310 14.17 -8.23 177.70
CA ILE F 310 13.23 -9.12 178.37
C ILE F 310 13.72 -9.30 179.80
N VAL F 311 12.78 -9.30 180.75
CA VAL F 311 13.10 -9.45 182.17
C VAL F 311 12.19 -10.53 182.77
N LYS F 312 12.80 -11.40 183.56
CA LYS F 312 12.14 -12.61 184.02
C LYS F 312 12.65 -12.98 185.40
N PRO F 313 11.77 -13.21 186.36
CA PRO F 313 12.21 -13.74 187.66
C PRO F 313 12.65 -15.18 187.53
N ALA F 314 13.79 -15.48 188.15
CA ALA F 314 14.54 -16.68 187.81
C ALA F 314 14.73 -17.59 189.02
N MET F 315 13.70 -18.38 189.32
CA MET F 315 13.78 -19.60 190.12
C MET F 315 13.15 -20.72 189.32
N VAL F 316 12.40 -20.35 188.29
CA VAL F 316 11.62 -21.26 187.47
C VAL F 316 11.83 -20.88 186.01
N GLU F 317 11.65 -21.85 185.11
CA GLU F 317 11.82 -21.66 183.68
C GLU F 317 10.45 -21.59 183.03
N ASP F 318 10.27 -20.62 182.14
CA ASP F 318 8.97 -20.34 181.54
C ASP F 318 9.09 -20.28 180.03
N ASP F 319 8.18 -20.95 179.33
CA ASP F 319 8.09 -20.88 177.87
C ASP F 319 6.71 -20.46 177.37
N LYS F 320 5.70 -20.55 178.22
CA LYS F 320 4.39 -19.95 177.94
C LYS F 320 4.30 -18.53 178.47
N THR F 321 5.11 -18.20 179.46
CA THR F 321 5.24 -16.81 179.90
C THR F 321 6.08 -16.07 178.88
N TYR F 322 7.15 -16.69 178.41
CA TYR F 322 8.03 -16.05 177.45
C TYR F 322 8.58 -17.08 176.49
N PRO F 323 8.52 -16.85 175.18
CA PRO F 323 9.12 -17.82 174.25
C PRO F 323 10.62 -17.70 174.28
N ARG F 324 11.32 -18.46 173.43
CA ARG F 324 12.75 -18.35 173.34
C ARG F 324 13.14 -16.97 172.81
N LEU F 325 14.44 -16.78 172.63
CA LEU F 325 15.01 -15.51 172.19
C LEU F 325 14.33 -14.96 170.96
N GLU F 326 13.60 -15.80 170.22
CA GLU F 326 13.00 -15.40 168.96
C GLU F 326 12.07 -14.21 169.12
N ALA F 327 11.46 -14.04 170.30
CA ALA F 327 10.60 -12.89 170.51
C ALA F 327 11.40 -11.60 170.41
N LEU F 328 12.58 -11.58 171.03
CA LEU F 328 13.47 -10.45 170.89
C LEU F 328 13.83 -10.21 169.42
N THR F 329 14.12 -11.30 168.69
CA THR F 329 14.51 -11.16 167.30
C THR F 329 13.38 -10.56 166.46
N THR F 330 12.15 -11.02 166.67
CA THR F 330 11.04 -10.52 165.85
C THR F 330 10.72 -9.07 166.22
N ALA F 331 10.79 -8.73 167.51
CA ALA F 331 10.60 -7.34 167.89
C ALA F 331 11.67 -6.45 167.25
N TYR F 332 12.92 -6.90 167.28
CA TYR F 332 14.00 -6.14 166.68
C TYR F 332 13.80 -5.96 165.19
N ARG F 333 13.46 -7.05 164.48
CA ARG F 333 13.30 -6.97 163.04
C ARG F 333 12.16 -6.05 162.65
N ILE F 334 11.01 -6.16 163.32
CA ILE F 334 9.91 -5.26 163.01
C ILE F 334 10.31 -3.82 163.29
N GLN F 335 10.84 -3.56 164.49
CA GLN F 335 11.15 -2.20 164.89
C GLN F 335 12.12 -1.55 163.92
N GLN F 336 13.14 -2.28 163.50
CA GLN F 336 14.06 -1.72 162.52
C GLN F 336 13.40 -1.56 161.16
N MET F 337 12.98 -2.66 160.57
CA MET F 337 12.73 -2.73 159.14
C MET F 337 11.39 -2.14 158.72
N ARG F 338 10.50 -1.78 159.65
CA ARG F 338 9.27 -1.10 159.25
C ARG F 338 9.29 0.36 159.69
N ASN F 339 9.36 0.61 160.99
CA ASN F 339 9.04 1.94 161.49
C ASN F 339 10.14 2.93 161.17
N ASN F 340 11.39 2.54 161.40
CA ASN F 340 12.48 3.46 161.16
C ASN F 340 12.64 3.78 159.68
N ALA F 341 12.48 2.76 158.81
CA ALA F 341 12.57 3.01 157.38
C ALA F 341 11.46 3.94 156.90
N VAL F 342 10.22 3.69 157.31
CA VAL F 342 9.13 4.56 156.89
C VAL F 342 9.36 5.98 157.38
N THR F 343 9.79 6.12 158.65
CA THR F 343 10.03 7.45 159.20
C THR F 343 11.11 8.19 158.44
N THR F 344 12.21 7.49 158.12
CA THR F 344 13.30 8.15 157.40
C THR F 344 12.87 8.58 156.02
N LEU F 345 12.11 7.74 155.31
CA LEU F 345 11.68 8.12 153.96
C LEU F 345 10.75 9.32 154.00
N LEU F 346 9.77 9.31 154.90
CA LEU F 346 8.85 10.45 154.98
C LEU F 346 9.59 11.71 155.40
N ASN F 347 10.56 11.59 156.30
CA ASN F 347 11.33 12.75 156.71
C ASN F 347 12.16 13.29 155.55
N ARG F 348 12.70 12.39 154.72
CA ARG F 348 13.40 12.83 153.51
C ARG F 348 12.48 13.63 152.61
N ALA F 349 11.26 13.14 152.41
CA ALA F 349 10.32 13.88 151.57
C ALA F 349 10.04 15.26 152.14
N ASP F 350 9.79 15.33 153.44
CA ASP F 350 9.51 16.63 154.06
C ASP F 350 10.71 17.57 153.94
N THR F 351 11.92 17.04 154.12
CA THR F 351 13.11 17.88 154.02
C THR F 351 13.26 18.46 152.61
N LEU F 352 13.10 17.62 151.58
CA LEU F 352 13.19 18.13 150.22
C LEU F 352 12.12 19.18 149.94
N LYS F 353 10.89 18.93 150.40
CA LYS F 353 9.84 19.94 150.25
C LYS F 353 10.27 21.25 150.90
N SER F 354 10.77 21.18 152.12
CA SER F 354 11.12 22.40 152.85
C SER F 354 12.28 23.14 152.19
N TYR F 355 13.18 22.41 151.54
CA TYR F 355 14.40 23.07 151.05
C TYR F 355 14.24 23.56 149.62
N LEU F 356 13.84 22.68 148.70
CA LEU F 356 13.91 23.01 147.27
C LEU F 356 12.64 23.67 146.72
N GLY F 357 11.55 23.71 147.49
CA GLY F 357 10.32 24.17 146.91
C GLY F 357 9.70 23.09 146.03
N VAL F 358 8.71 23.50 145.24
CA VAL F 358 7.97 22.59 144.38
C VAL F 358 8.20 23.03 142.93
N GLY F 359 8.80 22.14 142.14
CA GLY F 359 8.95 22.37 140.72
C GLY F 359 10.10 23.26 140.30
N VAL F 360 11.10 23.46 141.16
CA VAL F 360 12.20 24.37 140.88
C VAL F 360 13.49 23.54 140.84
N PRO F 361 14.04 23.30 139.66
CA PRO F 361 15.30 22.53 139.59
C PRO F 361 16.52 23.42 139.80
N HIS F 362 17.35 23.08 140.78
CA HIS F 362 18.55 23.85 141.04
C HIS F 362 19.73 23.31 140.22
N PRO F 363 20.74 24.13 139.94
CA PRO F 363 21.85 23.68 139.11
C PRO F 363 22.69 22.59 139.78
N ILE F 364 23.41 21.85 138.94
CA ILE F 364 24.28 20.78 139.42
C ILE F 364 25.28 21.34 140.41
N GLU F 365 25.43 20.66 141.56
CA GLU F 365 26.48 20.95 142.53
C GLU F 365 26.23 22.30 143.20
N SER F 366 25.24 23.05 142.72
CA SER F 366 25.00 24.39 143.23
C SER F 366 24.66 24.39 144.71
N ASN F 367 23.78 23.48 145.13
CA ASN F 367 23.43 23.38 146.54
C ASN F 367 24.54 22.71 147.33
N LEU F 368 24.59 23.00 148.62
CA LEU F 368 25.61 22.42 149.49
C LEU F 368 25.00 21.85 150.76
N GLY F 369 23.82 22.32 151.12
CA GLY F 369 23.24 21.95 152.40
C GLY F 369 22.28 20.79 152.32
N LEU F 370 22.37 20.01 151.27
CA LEU F 370 21.42 18.93 151.02
C LEU F 370 22.14 17.59 151.10
N GLU F 371 21.52 16.65 151.81
CA GLU F 371 22.11 15.36 152.10
C GLU F 371 22.36 14.54 150.84
N GLY F 372 23.46 13.79 150.81
CA GLY F 372 23.73 12.90 149.69
C GLY F 372 24.89 13.33 148.82
N VAL F 373 25.19 12.52 147.80
CA VAL F 373 26.24 12.84 146.83
C VAL F 373 25.68 12.90 145.41
N GLY F 374 24.41 12.55 145.22
CA GLY F 374 23.82 12.63 143.90
C GLY F 374 23.80 14.02 143.31
N GLN F 375 23.87 15.05 144.17
CA GLN F 375 23.96 16.42 143.69
C GLN F 375 25.19 16.65 142.82
N TYR F 376 26.20 15.79 142.93
CA TYR F 376 27.39 15.91 142.09
C TYR F 376 27.20 15.29 140.72
N TYR F 377 26.06 14.63 140.47
CA TYR F 377 25.80 13.96 139.21
C TYR F 377 24.51 14.40 138.52
N VAL F 378 23.48 14.78 139.27
CA VAL F 378 22.16 15.03 138.73
C VAL F 378 21.65 16.37 139.26
N ARG F 379 20.60 16.87 138.64
CA ARG F 379 19.95 18.10 139.07
C ARG F 379 18.93 17.79 140.15
N PRO F 380 18.98 18.45 141.31
CA PRO F 380 18.00 18.18 142.36
C PRO F 380 16.59 18.54 141.89
N TYR F 381 15.61 17.74 142.31
CA TYR F 381 14.23 17.94 141.89
C TYR F 381 13.29 17.15 142.79
N TYR F 382 12.28 17.83 143.29
CA TYR F 382 11.18 17.21 144.02
C TYR F 382 9.87 17.76 143.50
N ASN F 383 8.86 16.90 143.38
CA ASN F 383 7.57 17.31 142.85
C ASN F 383 6.45 16.71 143.68
N GLU F 384 5.29 17.34 143.63
CA GLU F 384 4.12 16.94 144.39
C GLU F 384 2.88 17.15 143.53
N ALA F 385 1.90 16.26 143.67
CA ALA F 385 0.68 16.35 142.89
C ALA F 385 -0.45 15.66 143.62
N THR F 386 -1.67 16.16 143.44
CA THR F 386 -2.86 15.56 144.02
C THR F 386 -3.88 15.31 142.92
N ILE F 387 -4.38 14.08 142.87
CA ILE F 387 -5.40 13.68 141.89
C ILE F 387 -6.69 13.44 142.66
N ASP F 388 -7.77 14.05 142.20
CA ASP F 388 -9.07 13.96 142.88
C ASP F 388 -9.97 13.05 142.06
N VAL F 389 -10.41 11.95 142.68
CA VAL F 389 -11.17 10.95 141.94
C VAL F 389 -12.60 11.43 141.69
N LEU F 390 -13.10 12.32 142.54
CA LEU F 390 -14.50 12.72 142.45
C LEU F 390 -14.83 13.38 141.12
N ASN F 391 -13.96 14.27 140.65
CA ASN F 391 -14.28 15.08 139.49
C ASN F 391 -13.48 14.72 138.24
N ASP F 392 -12.40 13.95 138.36
CA ASP F 392 -11.53 13.66 137.23
C ASP F 392 -11.79 12.31 136.59
N LEU F 393 -12.81 11.59 137.02
CA LEU F 393 -13.11 10.27 136.48
C LEU F 393 -14.15 10.40 135.37
N ASN F 394 -13.83 9.86 134.20
CA ASN F 394 -14.76 9.85 133.07
C ASN F 394 -15.35 8.45 132.92
N ASN F 395 -16.66 8.38 132.71
CA ASN F 395 -17.35 7.11 132.56
C ASN F 395 -18.53 7.27 131.60
N LEU F 396 -18.85 6.16 130.93
CA LEU F 396 -20.09 6.03 130.19
C LEU F 396 -20.86 4.84 130.72
N THR F 397 -20.13 3.78 131.07
CA THR F 397 -20.74 2.55 131.56
C THR F 397 -20.02 2.12 132.83
N SER F 398 -20.79 1.55 133.75
CA SER F 398 -20.18 0.97 134.93
C SER F 398 -19.27 -0.20 134.58
N ALA F 399 -19.40 -0.76 133.37
CA ALA F 399 -18.64 -1.92 132.98
C ALA F 399 -17.14 -1.68 132.93
N ALA F 400 -16.71 -0.45 132.68
CA ALA F 400 -15.30 -0.13 132.57
C ALA F 400 -14.82 0.84 133.63
N LYS F 401 -15.62 1.09 134.67
CA LYS F 401 -15.27 2.13 135.64
C LYS F 401 -13.97 1.79 136.36
N GLN F 402 -13.78 0.51 136.70
CA GLN F 402 -12.50 0.09 137.25
C GLN F 402 -11.36 0.41 136.29
N THR F 403 -11.55 0.08 135.02
CA THR F 403 -10.54 0.39 134.00
C THR F 403 -10.30 1.89 133.90
N ASP F 404 -11.36 2.69 134.01
CA ASP F 404 -11.20 4.13 133.94
C ASP F 404 -10.37 4.66 135.11
N ILE F 405 -10.63 4.16 136.33
CA ILE F 405 -9.82 4.56 137.47
C ILE F 405 -8.36 4.16 137.25
N GLN F 406 -8.15 2.94 136.75
CA GLN F 406 -6.80 2.45 136.52
C GLN F 406 -6.06 3.36 135.54
N GLY F 407 -6.70 3.68 134.42
CA GLY F 407 -6.08 4.58 133.46
C GLY F 407 -5.83 5.96 134.02
N LEU F 408 -6.76 6.47 134.83
CA LEU F 408 -6.61 7.80 135.39
C LEU F 408 -5.38 7.87 136.30
N ILE F 409 -5.17 6.86 137.14
CA ILE F 409 -4.00 6.85 138.00
C ILE F 409 -2.71 6.68 137.19
N VAL F 410 -2.73 5.74 136.25
CA VAL F 410 -1.50 5.42 135.53
C VAL F 410 -1.07 6.61 134.68
N SER F 411 -2.03 7.34 134.10
CA SER F 411 -1.69 8.50 133.30
C SER F 411 -0.92 9.52 134.13
N LYS F 412 -1.42 9.82 135.32
CA LYS F 412 -0.78 10.82 136.17
C LYS F 412 0.61 10.38 136.60
N ILE F 413 0.75 9.12 137.01
CA ILE F 413 2.07 8.68 137.47
C ILE F 413 3.05 8.66 136.31
N ASN F 414 2.60 8.25 135.12
CA ASN F 414 3.48 8.23 133.95
C ASN F 414 3.94 9.62 133.60
N GLU F 415 3.03 10.61 133.65
CA GLU F 415 3.42 11.96 133.27
C GLU F 415 4.35 12.57 134.30
N MET F 416 4.14 12.30 135.59
CA MET F 416 5.17 12.60 136.59
C MET F 416 6.52 12.00 136.23
N VAL F 417 6.57 10.72 135.89
CA VAL F 417 7.86 10.09 135.60
C VAL F 417 8.54 10.78 134.43
N TYR F 418 7.79 11.04 133.36
CA TYR F 418 8.37 11.69 132.20
C TYR F 418 8.88 13.08 132.53
N THR F 419 8.10 13.85 133.29
CA THR F 419 8.52 15.21 133.63
C THR F 419 9.80 15.18 134.46
N ALA F 420 9.89 14.27 135.43
CA ALA F 420 11.09 14.19 136.25
C ALA F 420 12.30 13.80 135.40
N ASP F 421 12.14 12.81 134.52
CA ASP F 421 13.25 12.40 133.67
C ASP F 421 13.71 13.55 132.78
N GLN F 422 12.77 14.31 132.24
CA GLN F 422 13.12 15.45 131.40
C GLN F 422 13.88 16.50 132.19
N LEU F 423 13.39 16.83 133.38
CA LEU F 423 13.90 17.99 134.10
C LEU F 423 15.24 17.73 134.77
N THR F 424 15.44 16.54 135.35
CA THR F 424 16.65 16.34 136.13
C THR F 424 17.84 15.84 135.33
N GLY F 425 17.65 15.47 134.08
CA GLY F 425 18.75 14.93 133.29
C GLY F 425 19.30 13.61 133.81
N TYR F 426 18.43 12.73 134.30
CA TYR F 426 18.88 11.50 134.92
C TYR F 426 19.53 10.56 133.91
N THR F 427 18.99 10.48 132.70
CA THR F 427 19.50 9.52 131.72
C THR F 427 20.96 9.80 131.38
N ALA F 428 21.31 11.07 131.18
CA ALA F 428 22.69 11.41 130.87
C ALA F 428 23.61 11.05 132.03
N ALA F 429 23.17 11.28 133.27
CA ALA F 429 24.00 10.93 134.41
C ALA F 429 24.22 9.42 134.49
N LEU F 430 23.16 8.63 134.29
CA LEU F 430 23.32 7.18 134.31
C LEU F 430 24.22 6.72 133.17
N GLU F 431 24.18 7.42 132.05
CA GLU F 431 25.10 7.12 130.95
C GLU F 431 26.53 7.44 131.34
N ALA F 432 26.74 8.56 132.03
CA ALA F 432 28.10 8.98 132.37
C ALA F 432 28.72 8.06 133.41
N ALA F 433 27.97 7.70 134.45
CA ALA F 433 28.53 6.87 135.51
C ALA F 433 28.86 5.47 135.02
N PHE F 434 28.04 4.90 134.14
CA PHE F 434 28.23 3.54 133.66
C PHE F 434 28.59 3.62 132.18
N SER F 435 29.78 3.16 131.82
CA SER F 435 30.23 3.21 130.44
C SER F 435 29.90 1.94 129.67
N GLY F 436 29.24 0.97 130.30
CA GLY F 436 28.90 -0.26 129.62
C GLY F 436 27.53 -0.20 128.98
N ARG F 437 26.63 -1.07 129.43
CA ARG F 437 25.25 -1.03 128.93
C ARG F 437 24.56 0.24 129.43
N SER F 438 23.44 0.55 128.79
CA SER F 438 22.64 1.72 129.17
C SER F 438 21.31 1.25 129.73
N PRO F 439 21.25 0.87 131.01
CA PRO F 439 19.98 0.38 131.57
C PRO F 439 18.90 1.44 131.51
N LYS F 440 17.69 1.00 131.26
CA LYS F 440 16.57 1.91 131.37
C LYS F 440 16.38 2.29 132.84
N PRO F 441 16.08 3.56 133.12
CA PRO F 441 15.84 3.94 134.52
C PRO F 441 14.68 3.15 135.10
N HIS F 442 14.82 2.75 136.35
CA HIS F 442 13.78 2.00 137.06
C HIS F 442 13.04 2.95 137.98
N VAL F 443 11.72 3.01 137.81
CA VAL F 443 10.86 3.78 138.69
C VAL F 443 10.34 2.85 139.78
N ALA F 444 10.59 3.21 141.04
CA ALA F 444 10.18 2.40 142.17
C ALA F 444 8.83 2.89 142.68
N ILE F 445 7.88 1.97 142.85
CA ILE F 445 6.54 2.32 143.32
C ILE F 445 6.28 1.56 144.61
N GLY F 446 6.22 2.29 145.71
CA GLY F 446 5.82 1.73 146.99
C GLY F 446 4.61 2.47 147.53
N THR F 447 3.70 1.73 148.13
CA THR F 447 2.47 2.28 148.68
C THR F 447 1.85 1.26 149.61
N ASP F 448 0.69 1.60 150.17
CA ASP F 448 0.00 0.70 151.08
C ASP F 448 -0.74 -0.37 150.30
N MET F 449 -1.65 -1.09 150.98
CA MET F 449 -2.35 -2.21 150.36
C MET F 449 -3.73 -1.77 149.88
N ARG F 450 -3.83 -0.53 149.42
CA ARG F 450 -5.02 0.03 148.81
C ARG F 450 -4.92 0.20 147.30
N LEU F 451 -3.95 0.96 146.85
CA LEU F 451 -3.84 1.36 145.47
C LEU F 451 -3.33 0.28 144.51
N PRO F 452 -2.44 -0.64 144.91
CA PRO F 452 -1.91 -1.59 143.92
C PRO F 452 -2.97 -2.40 143.21
N GLN F 453 -4.12 -2.60 143.83
CA GLN F 453 -5.23 -3.21 143.11
C GLN F 453 -5.81 -2.29 142.05
N TYR F 454 -5.40 -1.02 142.04
CA TYR F 454 -5.77 -0.11 140.97
C TYR F 454 -4.57 0.51 140.28
N ILE F 455 -3.38 0.45 140.89
CA ILE F 455 -2.20 0.96 140.20
C ILE F 455 -1.89 0.13 138.97
N GLN F 456 -1.84 -1.18 139.11
CA GLN F 456 -1.74 -2.04 137.93
C GLN F 456 -3.03 -1.93 137.13
N ILE F 457 -2.92 -2.10 135.82
CA ILE F 457 -4.10 -2.04 134.96
C ILE F 457 -4.38 -3.43 134.40
N ASN F 458 -5.65 -3.82 134.48
CA ASN F 458 -6.12 -5.10 133.95
C ASN F 458 -6.94 -4.85 132.70
N GLY F 459 -6.27 -4.71 131.55
CA GLY F 459 -6.94 -4.56 130.28
C GLY F 459 -6.52 -3.39 129.42
N ASP F 460 -5.55 -2.56 129.82
CA ASP F 460 -5.07 -1.47 128.99
C ASP F 460 -3.59 -1.64 128.67
N ASP F 461 -3.14 -0.84 127.70
CA ASP F 461 -1.77 -0.93 127.22
C ASP F 461 -0.78 -0.15 128.06
N ARG F 462 -1.25 0.78 128.89
CA ARG F 462 -0.36 1.68 129.62
C ARG F 462 -0.16 1.18 131.05
N THR F 463 1.08 0.82 131.37
CA THR F 463 1.37 0.27 132.70
C THR F 463 2.00 1.31 133.62
N VAL F 464 3.21 1.75 133.27
CA VAL F 464 3.86 2.84 133.99
C VAL F 464 4.49 3.76 132.96
N GLY F 465 4.51 3.33 131.71
CA GLY F 465 5.20 4.06 130.67
C GLY F 465 6.13 3.18 129.86
N ILE F 466 6.20 3.47 128.56
CA ILE F 466 6.98 2.67 127.62
C ILE F 466 8.46 2.84 127.92
N GLY F 467 9.23 1.76 127.75
CA GLY F 467 10.64 1.81 128.02
C GLY F 467 11.00 1.95 129.48
N TYR F 468 10.03 1.75 130.37
CA TYR F 468 10.26 1.84 131.80
C TYR F 468 9.93 0.53 132.48
N ASP F 469 10.69 0.23 133.52
CA ASP F 469 10.44 -0.94 134.36
C ASP F 469 10.02 -0.47 135.76
N TYR F 470 9.27 -1.33 136.44
CA TYR F 470 8.71 -0.95 137.73
C TYR F 470 8.70 -2.16 138.65
N THR F 471 8.50 -1.88 139.94
CA THR F 471 8.38 -2.90 140.95
C THR F 471 7.41 -2.41 142.01
N ILE F 472 6.57 -3.29 142.52
CA ILE F 472 5.48 -2.93 143.42
C ILE F 472 5.71 -3.56 144.78
N ALA F 473 5.65 -2.75 145.83
CA ALA F 473 5.77 -3.21 147.20
C ALA F 473 4.70 -2.55 148.06
N ARG F 474 4.18 -3.30 149.02
CA ARG F 474 3.11 -2.81 149.88
C ARG F 474 3.53 -2.82 151.34
N ILE F 475 3.11 -1.79 152.07
CA ILE F 475 3.38 -1.67 153.49
C ILE F 475 2.09 -1.34 154.21
N SER F 476 1.92 -1.90 155.40
CA SER F 476 0.68 -1.78 156.14
C SER F 476 0.64 -0.59 157.08
N ASP F 477 1.71 0.21 157.16
CA ASP F 477 1.70 1.36 158.03
C ASP F 477 0.64 2.37 157.61
N LEU F 478 0.04 3.03 158.59
CA LEU F 478 -0.98 4.03 158.35
C LEU F 478 -0.41 5.38 157.98
N ARG F 479 0.91 5.52 158.01
CA ARG F 479 1.56 6.72 157.48
C ARG F 479 1.65 6.70 155.97
N MET F 480 1.27 5.58 155.34
CA MET F 480 1.17 5.50 153.90
C MET F 480 -0.26 5.25 153.44
N LYS F 481 -1.25 5.83 154.12
CA LYS F 481 -2.64 5.65 153.74
C LYS F 481 -3.00 6.48 152.52
N ASP F 482 -3.34 5.81 151.42
CA ASP F 482 -3.72 6.47 150.18
C ASP F 482 -2.62 7.43 149.72
N LYS F 483 -1.40 6.93 149.61
CA LYS F 483 -0.26 7.74 149.20
C LYS F 483 0.63 6.90 148.29
N ILE F 484 1.16 7.53 147.24
CA ILE F 484 2.11 6.88 146.34
C ILE F 484 3.41 7.66 146.38
N VAL F 485 4.50 6.96 146.72
CA VAL F 485 5.83 7.52 146.72
C VAL F 485 6.65 6.80 145.67
N MET F 486 7.32 7.56 144.81
CA MET F 486 8.13 6.97 143.76
C MET F 486 9.44 7.73 143.58
N THR F 487 10.44 7.01 143.08
CA THR F 487 11.78 7.54 142.83
C THR F 487 12.47 6.66 141.81
N PHE F 488 13.77 6.87 141.64
CA PHE F 488 14.58 6.08 140.74
C PHE F 488 15.57 5.24 141.52
N ILE F 489 15.70 3.97 141.12
CA ILE F 489 16.51 3.00 141.85
C ILE F 489 17.34 2.21 140.86
N LEU F 490 18.40 1.59 141.35
CA LEU F 490 19.28 0.75 140.55
C LEU F 490 19.35 -0.64 141.16
N PRO F 491 18.65 -1.63 140.64
CA PRO F 491 18.62 -2.95 141.26
C PRO F 491 19.80 -3.85 140.91
N ASN F 492 20.57 -3.51 139.88
CA ASN F 492 21.65 -4.37 139.41
C ASN F 492 22.87 -4.35 140.33
N GLU F 493 22.99 -3.36 141.20
CA GLU F 493 24.21 -3.11 141.95
C GLU F 493 24.03 -3.60 143.38
N SER F 494 25.16 -3.76 144.09
CA SER F 494 25.10 -4.27 145.46
C SER F 494 25.92 -3.47 146.47
N GLU F 495 26.86 -2.64 146.05
CA GLU F 495 27.62 -1.80 146.97
C GLU F 495 27.22 -0.34 146.80
N PRO F 496 27.63 0.54 147.72
CA PRO F 496 27.22 1.95 147.60
C PRO F 496 27.63 2.57 146.27
N HIS F 497 26.77 3.43 145.75
CA HIS F 497 27.03 4.14 144.50
C HIS F 497 26.32 5.48 144.57
N PRO F 498 26.89 6.52 143.96
CA PRO F 498 26.27 7.86 144.05
C PRO F 498 24.88 7.94 143.45
N LEU F 499 24.54 7.13 142.45
CA LEU F 499 23.24 7.21 141.80
C LEU F 499 22.17 6.42 142.53
N GLN F 500 22.50 5.73 143.60
CA GLN F 500 21.54 4.93 144.34
C GLN F 500 20.84 5.80 145.38
N HIS F 501 19.57 5.48 145.65
CA HIS F 501 18.75 6.36 146.49
C HIS F 501 19.27 6.45 147.91
N GLY F 502 19.49 5.31 148.57
CA GLY F 502 19.91 5.33 149.95
C GLY F 502 20.39 3.97 150.39
N VAL F 503 21.20 3.97 151.45
CA VAL F 503 21.93 2.78 151.86
C VAL F 503 21.77 2.58 153.36
N LEU F 504 21.59 1.31 153.74
CA LEU F 504 21.36 0.93 155.13
C LEU F 504 22.68 0.45 155.73
N GLY F 505 23.37 1.34 156.43
CA GLY F 505 24.56 0.94 157.17
C GLY F 505 24.16 0.01 158.30
N PHE F 506 24.58 -1.25 158.20
CA PHE F 506 24.07 -2.31 159.05
C PHE F 506 25.22 -2.97 159.80
N ILE F 507 25.08 -3.08 161.11
CA ILE F 507 26.06 -3.73 161.97
C ILE F 507 25.42 -4.96 162.60
N PRO F 508 26.01 -6.14 162.48
CA PRO F 508 25.49 -7.28 163.23
C PRO F 508 25.57 -7.00 164.72
N GLU F 509 24.56 -7.43 165.46
CA GLU F 509 24.46 -7.15 166.88
C GLU F 509 24.31 -8.45 167.64
N TYR F 510 24.86 -8.50 168.84
CA TYR F 510 24.89 -9.71 169.65
C TYR F 510 24.13 -9.52 170.95
N LEU F 511 23.43 -10.58 171.35
CA LEU F 511 22.77 -10.62 172.65
C LEU F 511 23.80 -10.83 173.74
N VAL F 512 23.51 -10.32 174.94
CA VAL F 512 24.30 -10.62 176.13
C VAL F 512 23.35 -11.09 177.21
N ASP F 513 23.73 -12.18 177.90
CA ASP F 513 22.88 -12.83 178.87
C ASP F 513 23.62 -12.92 180.20
N PHE F 514 23.04 -12.33 181.25
CA PHE F 514 23.65 -12.36 182.56
C PHE F 514 22.62 -11.95 183.60
N ASN F 515 22.95 -12.23 184.85
CA ASN F 515 22.12 -11.79 185.97
C ASN F 515 22.59 -10.41 186.41
N MET F 516 21.62 -9.51 186.66
CA MET F 516 21.92 -8.15 187.07
C MET F 516 20.96 -7.75 188.18
N ILE F 517 21.51 -7.19 189.25
CA ILE F 517 20.73 -6.76 190.40
C ILE F 517 20.62 -5.25 190.36
N ARG F 518 19.41 -4.73 190.20
CA ARG F 518 19.19 -3.30 190.21
C ARG F 518 18.15 -2.99 191.27
N ASN F 519 18.47 -2.05 192.15
CA ASN F 519 17.60 -1.66 193.25
C ASN F 519 17.24 -2.87 194.12
N GLN F 520 18.19 -3.76 194.31
CA GLN F 520 18.12 -4.91 195.21
C GLN F 520 16.94 -5.84 194.93
N ARG F 521 16.64 -6.05 193.65
CA ARG F 521 15.82 -7.17 193.20
C ARG F 521 16.65 -7.98 192.20
N ILE F 522 16.30 -9.25 192.03
CA ILE F 522 17.13 -10.16 191.24
C ILE F 522 16.29 -10.78 190.12
N GLY F 523 16.83 -10.77 188.91
CA GLY F 523 16.21 -11.48 187.80
C GLY F 523 17.15 -11.57 186.62
N ARG F 524 16.81 -12.45 185.68
CA ARG F 524 17.61 -12.61 184.47
C ARG F 524 17.21 -11.55 183.43
N GLU F 525 18.18 -11.14 182.62
CA GLU F 525 17.94 -10.20 181.54
C GLU F 525 18.61 -10.68 180.26
N ILE F 526 17.92 -10.50 179.14
CA ILE F 526 18.46 -10.77 177.82
C ILE F 526 18.38 -9.47 177.01
N ARG F 527 19.47 -9.14 176.34
CA ARG F 527 19.72 -7.76 175.94
C ARG F 527 20.12 -7.74 174.47
N LEU F 528 19.54 -6.82 173.70
CA LEU F 528 19.95 -6.63 172.31
C LEU F 528 20.17 -5.14 172.07
N THR F 529 21.33 -4.81 171.51
CA THR F 529 21.63 -3.43 171.16
C THR F 529 21.78 -3.34 169.65
N PRO F 530 20.76 -2.95 168.92
CA PRO F 530 20.90 -2.82 167.46
C PRO F 530 21.80 -1.66 167.07
N ARG F 531 22.54 -1.80 165.98
CA ARG F 531 23.32 -0.71 165.41
C ARG F 531 23.04 -0.63 163.92
N TYR F 532 22.29 0.40 163.51
CA TYR F 532 22.02 0.61 162.10
C TYR F 532 21.64 2.06 161.87
N ARG F 533 21.71 2.48 160.61
CA ARG F 533 21.44 3.86 160.25
C ARG F 533 21.02 3.92 158.79
N TYR F 534 20.13 4.85 158.48
CA TYR F 534 19.63 5.04 157.12
C TYR F 534 20.27 6.29 156.53
N PHE F 535 20.98 6.11 155.42
CA PHE F 535 21.57 7.23 154.69
C PHE F 535 20.79 7.44 153.39
N ASN F 536 20.96 8.61 152.79
CA ASN F 536 20.37 8.91 151.49
C ASN F 536 21.45 9.47 150.57
N PHE F 537 21.31 9.20 149.28
CA PHE F 537 22.28 9.68 148.28
C PHE F 537 21.61 10.35 147.09
N LEU F 538 20.28 10.39 147.01
CA LEU F 538 19.60 10.85 145.80
C LEU F 538 18.51 11.86 146.15
N PRO F 539 18.58 13.07 145.63
CA PRO F 539 17.54 14.09 145.89
C PRO F 539 16.46 14.14 144.81
N ILE F 540 15.79 13.01 144.57
CA ILE F 540 14.72 12.94 143.59
C ILE F 540 13.60 12.06 144.15
N MET F 541 12.42 12.66 144.36
CA MET F 541 11.25 11.94 144.83
C MET F 541 9.99 12.60 144.29
N LEU F 542 8.95 11.79 144.07
CA LEU F 542 7.66 12.26 143.59
C LEU F 542 6.56 11.64 144.45
N VAL F 543 5.61 12.48 144.90
CA VAL F 543 4.60 12.08 145.87
C VAL F 543 3.22 12.34 145.28
N ILE F 544 2.34 11.35 145.35
CA ILE F 544 0.98 11.46 144.84
C ILE F 544 0.01 11.15 145.96
N ASN F 545 -0.97 12.04 146.14
CA ASN F 545 -2.04 11.82 147.12
C ASN F 545 -3.34 11.55 146.37
N VAL F 546 -3.96 10.41 146.65
CA VAL F 546 -5.23 10.03 146.06
C VAL F 546 -6.28 10.12 147.15
N ILE F 547 -7.31 10.92 146.90
CA ILE F 547 -8.33 11.22 147.90
C ILE F 547 -9.71 11.00 147.29
N ASN F 548 -10.64 10.56 148.12
CA ASN F 548 -12.05 10.33 147.77
C ASN F 548 -12.22 9.21 146.76
N LEU F 549 -11.28 8.26 146.70
CA LEU F 549 -11.44 7.13 145.79
C LEU F 549 -12.64 6.27 146.18
N GLU F 550 -12.84 6.06 147.48
CA GLU F 550 -13.92 5.19 147.93
C GLU F 550 -15.28 5.77 147.59
N GLU F 551 -15.43 7.09 147.71
CA GLU F 551 -16.75 7.69 147.52
C GLU F 551 -17.19 7.62 146.07
N ALA F 552 -16.26 7.88 145.13
CA ALA F 552 -16.65 7.96 143.73
C ALA F 552 -17.11 6.61 143.20
N ILE F 553 -16.47 5.52 143.62
CA ILE F 553 -16.78 4.22 143.05
C ILE F 553 -18.23 3.81 143.30
N ALA F 554 -18.81 4.21 144.43
CA ALA F 554 -20.21 3.93 144.69
C ALA F 554 -21.11 5.04 144.16
N GLN F 555 -20.65 6.28 144.20
CA GLN F 555 -21.40 7.41 143.68
C GLN F 555 -21.56 7.28 142.17
N ARG F 556 -22.64 7.83 141.64
CA ARG F 556 -22.88 7.85 140.20
C ARG F 556 -22.01 8.93 139.58
N THR F 557 -21.06 8.52 138.75
CA THR F 557 -20.21 9.45 138.03
C THR F 557 -20.25 9.13 136.53
N ALA F 558 -21.21 9.74 135.86
CA ALA F 558 -21.38 9.60 134.42
C ALA F 558 -20.60 10.70 133.71
N LEU F 559 -20.87 10.88 132.42
CA LEU F 559 -20.21 11.91 131.63
C LEU F 559 -20.29 13.28 132.29
N ASP F 560 -19.15 13.93 132.44
CA ASP F 560 -19.15 15.34 132.79
C ASP F 560 -19.55 16.15 131.57
N VAL F 561 -20.85 16.29 131.35
CA VAL F 561 -21.33 16.95 130.14
C VAL F 561 -21.31 18.45 130.40
N ASN F 562 -20.13 19.04 130.26
CA ASN F 562 -19.94 20.47 130.38
C ASN F 562 -20.65 21.22 129.25
N GLU F 563 -21.32 22.31 129.60
CA GLU F 563 -21.95 23.16 128.59
C GLU F 563 -20.88 23.83 127.74
N THR F 564 -21.12 23.94 126.43
CA THR F 564 -20.23 24.66 125.54
C THR F 564 -20.87 26.00 125.20
N GLN F 565 -21.86 26.38 126.02
CA GLN F 565 -22.35 27.76 126.11
C GLN F 565 -22.87 28.26 124.77
N VAL F 566 -23.95 27.64 124.29
CA VAL F 566 -24.61 28.07 123.07
C VAL F 566 -25.94 28.71 123.39
N THR F 567 -25.93 30.00 123.61
CA THR F 567 -27.06 30.81 123.97
C THR F 567 -26.65 32.28 123.97
N PRO F 568 -27.57 33.20 123.70
CA PRO F 568 -27.19 34.62 123.69
C PRO F 568 -26.87 35.13 125.09
N ALA F 569 -25.77 34.65 125.64
CA ALA F 569 -25.30 35.06 126.95
C ALA F 569 -23.78 35.23 126.96
N SER F 570 -23.17 35.07 125.78
CA SER F 570 -21.73 35.25 125.64
C SER F 570 -21.37 35.64 124.21
N HIS G 1 -26.91 -29.32 153.36
CA HIS G 1 -27.19 -28.07 152.69
C HIS G 1 -25.98 -27.14 152.69
N GLU G 2 -25.95 -26.21 151.74
CA GLU G 2 -24.75 -25.42 151.51
C GLU G 2 -24.67 -24.20 152.43
N PHE G 3 -25.77 -23.49 152.62
CA PHE G 3 -25.69 -22.17 153.24
C PHE G 3 -25.21 -22.25 154.68
N ALA G 4 -25.76 -23.18 155.46
CA ALA G 4 -25.36 -23.30 156.85
C ALA G 4 -23.93 -23.80 156.98
N GLU G 5 -23.54 -24.74 156.12
CA GLU G 5 -22.18 -25.25 156.14
C GLU G 5 -21.16 -24.16 155.81
N LEU G 6 -21.47 -23.30 154.86
CA LEU G 6 -20.47 -22.35 154.36
C LEU G 6 -20.03 -21.38 155.44
N PHE G 7 -20.98 -20.85 156.21
CA PHE G 7 -20.65 -19.82 157.19
C PHE G 7 -20.31 -20.38 158.55
N TYR G 8 -20.85 -21.52 158.92
CA TYR G 8 -20.65 -22.11 160.23
C TYR G 8 -20.09 -23.52 160.05
N ARG G 9 -18.92 -23.77 160.63
CA ARG G 9 -18.31 -25.09 160.52
C ARG G 9 -18.92 -26.06 161.51
N THR G 10 -19.16 -27.29 161.04
CA THR G 10 -19.74 -28.32 161.88
C THR G 10 -18.67 -28.84 162.84
N TYR G 11 -19.05 -29.03 164.10
CA TYR G 11 -18.14 -29.46 165.15
C TYR G 11 -18.90 -30.41 166.07
N ILE G 12 -18.54 -31.68 166.05
CA ILE G 12 -19.26 -32.71 166.80
C ILE G 12 -18.51 -32.97 168.11
N VAL G 13 -19.26 -33.21 169.18
CA VAL G 13 -18.71 -33.48 170.49
C VAL G 13 -19.37 -34.76 171.02
N THR G 14 -18.69 -35.44 171.93
CA THR G 14 -19.22 -36.63 172.57
C THR G 14 -20.45 -36.26 173.39
N PRO G 15 -21.43 -37.16 173.54
CA PRO G 15 -22.62 -36.80 174.31
C PRO G 15 -22.38 -36.58 175.79
N ASP G 16 -21.27 -37.05 176.34
CA ASP G 16 -21.02 -36.92 177.76
C ASP G 16 -20.61 -35.51 178.19
N GLN G 17 -19.94 -34.77 177.32
CA GLN G 17 -19.53 -33.40 177.61
C GLN G 17 -20.70 -32.46 177.39
N ALA G 18 -20.58 -31.25 177.94
CA ALA G 18 -21.61 -30.23 177.81
C ALA G 18 -21.11 -28.96 177.15
N GLY G 19 -19.82 -28.86 176.85
CA GLY G 19 -19.29 -27.67 176.23
C GLY G 19 -17.78 -27.74 176.13
N PHE G 20 -17.18 -26.65 175.69
CA PHE G 20 -15.74 -26.61 175.48
C PHE G 20 -15.20 -25.23 175.79
N GLN G 21 -14.04 -25.21 176.44
CA GLN G 21 -13.35 -24.00 176.82
C GLN G 21 -12.12 -23.85 175.94
N LEU G 22 -11.86 -22.63 175.49
CA LEU G 22 -10.86 -22.37 174.46
C LEU G 22 -9.69 -21.61 175.05
N SER G 23 -8.48 -22.07 174.77
CA SER G 23 -7.26 -21.49 175.31
C SER G 23 -6.57 -20.66 174.23
N ILE G 24 -6.32 -19.39 174.52
CA ILE G 24 -5.70 -18.47 173.59
C ILE G 24 -4.50 -17.83 174.26
N ARG G 25 -3.44 -17.60 173.48
CA ARG G 25 -2.21 -17.00 174.00
C ARG G 25 -1.98 -15.66 173.31
N ARG G 26 -1.29 -14.77 174.01
CA ARG G 26 -1.03 -13.42 173.51
C ARG G 26 0.35 -12.96 173.94
N ASN G 27 1.08 -12.33 173.02
CA ASN G 27 2.35 -11.68 173.33
C ASN G 27 2.12 -10.19 173.45
N LEU G 28 2.67 -9.58 174.50
CA LEU G 28 2.39 -8.19 174.81
C LEU G 28 3.69 -7.40 174.87
N VAL G 29 3.64 -6.17 174.36
CA VAL G 29 4.72 -5.21 174.54
C VAL G 29 4.17 -3.99 175.26
N TRP G 30 4.81 -3.66 176.38
CA TRP G 30 4.29 -2.62 177.25
C TRP G 30 5.45 -1.92 177.91
N GLU G 31 5.23 -0.65 178.24
CA GLU G 31 6.17 0.07 179.10
C GLU G 31 5.97 -0.50 180.50
N GLY G 32 6.95 -1.26 180.97
CA GLY G 32 6.77 -2.08 182.14
C GLY G 32 6.72 -1.37 183.48
N TRP G 33 6.90 -2.15 184.55
CA TRP G 33 7.06 -1.63 185.90
C TRP G 33 5.87 -0.79 186.36
N THR G 34 4.72 -1.44 186.52
CA THR G 34 3.57 -0.82 187.18
C THR G 34 3.99 -0.09 188.45
N GLY G 35 3.63 1.18 188.55
CA GLY G 35 4.07 2.00 189.65
C GLY G 35 5.58 2.17 189.62
N GLU G 36 6.15 2.31 190.81
CA GLU G 36 7.60 2.44 190.95
C GLU G 36 8.16 1.65 192.13
N GLY G 37 7.41 0.66 192.63
CA GLY G 37 7.88 -0.18 193.72
C GLY G 37 7.00 -1.40 193.90
N LEU G 38 6.80 -1.80 195.14
CA LEU G 38 5.80 -2.82 195.45
C LEU G 38 4.79 -2.26 196.44
N SER G 39 3.51 -2.50 196.17
CA SER G 39 2.44 -2.04 197.07
C SER G 39 1.22 -2.93 196.88
N GLY G 40 0.12 -2.50 197.47
CA GLY G 40 -1.15 -3.19 197.37
C GLY G 40 -2.02 -2.63 196.27
N GLU G 41 -3.26 -3.12 196.24
CA GLU G 41 -4.26 -2.70 195.25
C GLU G 41 -3.80 -3.03 193.84
N LYS G 42 -4.55 -2.61 192.83
CA LYS G 42 -4.32 -3.04 191.46
C LYS G 42 -3.85 -1.92 190.52
N GLN G 43 -3.84 -0.65 190.97
CA GLN G 43 -3.44 0.48 190.15
C GLN G 43 -4.18 0.54 188.82
N GLU G 44 -3.48 0.95 187.77
CA GLU G 44 -4.02 1.03 186.42
C GLU G 44 -2.90 0.79 185.42
N ILE G 45 -3.06 -0.21 184.55
CA ILE G 45 -2.00 -0.68 183.68
C ILE G 45 -2.53 -0.80 182.27
N SER G 46 -1.63 -0.66 181.29
CA SER G 46 -1.96 -0.86 179.88
C SER G 46 -1.02 -1.90 179.28
N LYS G 47 -1.56 -2.64 178.31
CA LYS G 47 -0.79 -3.61 177.54
C LYS G 47 -1.14 -3.48 176.07
N ARG G 48 -0.14 -3.64 175.22
CA ARG G 48 -0.30 -3.50 173.77
C ARG G 48 0.06 -4.80 173.07
N ASN G 49 -0.83 -5.26 172.21
CA ASN G 49 -0.54 -6.43 171.39
C ASN G 49 0.55 -6.09 170.38
N ILE G 50 1.50 -7.02 170.20
CA ILE G 50 2.62 -6.76 169.31
C ILE G 50 2.14 -6.63 167.87
N LEU G 51 1.12 -7.39 167.48
CA LEU G 51 0.55 -7.27 166.15
C LEU G 51 0.02 -5.87 165.90
N GLN G 52 -0.57 -5.24 166.92
CA GLN G 52 -1.00 -3.85 166.79
C GLN G 52 0.20 -2.94 166.54
N GLY G 53 1.41 -3.39 166.90
CA GLY G 53 2.59 -2.65 166.55
C GLY G 53 2.87 -2.60 165.06
N LEU G 54 2.28 -3.52 164.29
CA LEU G 54 2.42 -3.47 162.84
C LEU G 54 1.72 -2.27 162.23
N LEU G 55 0.56 -1.89 162.76
CA LEU G 55 -0.22 -0.81 162.16
C LEU G 55 0.25 0.55 162.65
N ASP G 56 0.16 0.78 163.96
CA ASP G 56 0.66 2.02 164.51
C ASP G 56 2.18 1.95 164.69
N TYR G 57 2.84 3.08 164.50
CA TYR G 57 4.30 3.11 164.47
C TYR G 57 4.91 3.65 165.75
N THR G 58 4.10 3.98 166.75
CA THR G 58 4.59 4.54 168.01
C THR G 58 4.48 3.57 169.17
N THR G 59 4.17 2.31 168.91
CA THR G 59 3.93 1.37 170.00
C THR G 59 5.22 1.00 170.72
N LEU G 60 6.29 0.71 169.96
CA LEU G 60 7.51 0.15 170.53
C LEU G 60 8.73 1.01 170.26
N GLU G 61 8.56 2.33 170.13
CA GLU G 61 9.65 3.24 169.84
C GLU G 61 10.01 4.01 171.10
N THR G 62 11.24 3.85 171.56
CA THR G 62 11.70 4.45 172.80
C THR G 62 13.14 4.91 172.67
N ASN G 63 13.41 6.10 173.22
CA ASN G 63 14.75 6.63 173.34
C ASN G 63 15.10 6.93 174.80
N SER G 64 15.95 6.09 175.35
CA SER G 64 16.27 6.18 176.78
C SER G 64 17.77 6.38 176.97
N THR G 65 18.49 6.60 175.89
CA THR G 65 19.90 6.93 175.95
C THR G 65 20.25 8.24 175.25
N GLU G 66 19.28 8.94 174.69
CA GLU G 66 19.54 10.24 174.10
C GLU G 66 19.86 11.24 175.20
N LEU G 67 20.96 11.97 175.03
CA LEU G 67 21.43 12.93 176.02
C LEU G 67 20.93 14.32 175.62
N ILE G 68 19.74 14.67 176.10
CA ILE G 68 19.16 15.99 175.91
C ILE G 68 19.55 16.81 177.13
N PRO G 69 20.24 17.94 176.96
CA PRO G 69 20.57 18.78 178.11
C PRO G 69 19.34 19.16 178.91
N VAL G 70 19.43 19.08 180.23
CA VAL G 70 18.29 19.29 181.12
C VAL G 70 18.56 20.52 181.97
N ILE G 71 17.63 21.46 181.97
CA ILE G 71 17.80 22.70 182.71
C ILE G 71 17.63 22.44 184.19
N GLN G 72 18.57 22.97 184.98
CA GLN G 72 18.47 22.98 186.44
C GLN G 72 18.53 24.43 186.90
N SER G 73 17.43 24.93 187.44
CA SER G 73 17.33 26.35 187.75
C SER G 73 18.34 26.72 188.84
N GLY G 74 19.10 27.77 188.60
CA GLY G 74 20.03 28.27 189.59
C GLY G 74 21.30 27.46 189.75
N GLU G 75 21.55 26.50 188.86
CA GLU G 75 22.80 25.74 188.93
C GLU G 75 23.53 25.67 187.60
N ASN G 76 22.84 25.77 186.47
CA ASN G 76 23.52 25.69 185.18
C ASN G 76 22.95 26.68 184.17
N ASP G 77 22.44 27.81 184.66
CA ASP G 77 21.81 28.77 183.76
C ASP G 77 22.81 29.47 182.85
N GLU G 78 24.08 29.51 183.23
CA GLU G 78 25.05 30.23 182.41
C GLU G 78 25.42 29.47 181.14
N GLN G 79 25.34 28.14 181.14
CA GLN G 79 25.62 27.39 179.92
C GLN G 79 24.43 27.35 178.97
N PHE G 80 23.24 27.71 179.41
CA PHE G 80 22.10 27.87 178.53
C PHE G 80 21.94 29.33 178.12
N ILE G 81 21.39 29.52 176.92
CA ILE G 81 21.18 30.87 176.42
C ILE G 81 20.16 31.58 177.31
N ASP G 82 20.18 32.91 177.24
CA ASP G 82 19.21 33.70 177.99
C ASP G 82 17.80 33.34 177.55
N PRO G 83 16.87 33.17 178.50
CA PRO G 83 15.51 32.75 178.12
C PRO G 83 14.68 33.84 177.47
N SER G 84 15.22 35.04 177.31
CA SER G 84 14.49 36.15 176.68
C SER G 84 14.43 36.02 175.17
N VAL G 85 15.15 35.06 174.58
CA VAL G 85 15.15 34.88 173.14
C VAL G 85 14.14 33.79 172.76
N LEU G 86 14.33 32.59 173.31
CA LEU G 86 13.43 31.49 173.04
C LEU G 86 13.08 30.79 174.35
N PRO G 87 11.79 30.66 174.69
CA PRO G 87 11.42 29.98 175.94
C PRO G 87 11.79 28.51 175.91
N ALA G 88 11.82 27.92 177.10
CA ALA G 88 12.21 26.51 177.24
C ALA G 88 11.18 25.60 176.59
N GLN G 89 11.65 24.43 176.15
CA GLN G 89 10.81 23.46 175.47
C GLN G 89 10.62 22.23 176.36
N THR G 90 9.39 21.76 176.46
CA THR G 90 9.11 20.55 177.21
C THR G 90 9.29 19.34 176.30
N VAL G 91 10.19 18.44 176.68
CA VAL G 91 10.51 17.26 175.88
C VAL G 91 10.33 16.03 176.74
N LYS G 92 9.64 15.03 176.18
CA LYS G 92 9.24 13.84 176.91
C LYS G 92 10.21 12.71 176.65
N GLN G 93 10.87 12.26 177.71
CA GLN G 93 11.74 11.08 177.67
C GLN G 93 11.34 10.18 178.83
N GLY G 94 10.92 8.96 178.52
CA GLY G 94 10.48 8.03 179.54
C GLY G 94 9.32 8.59 180.35
N LYS G 95 9.58 9.00 181.59
CA LYS G 95 8.56 9.62 182.41
C LYS G 95 8.88 11.07 182.74
N ASP G 96 10.15 11.44 182.79
CA ASP G 96 10.56 12.77 183.18
C ASP G 96 10.07 13.78 182.15
N THR G 97 9.49 14.88 182.63
CA THR G 97 9.06 15.97 181.78
C THR G 97 9.82 17.21 182.19
N PHE G 98 10.88 17.53 181.45
CA PHE G 98 11.77 18.62 181.80
C PHE G 98 11.83 19.61 180.65
N ASP G 99 12.61 20.67 180.86
CA ASP G 99 12.75 21.74 179.89
C ASP G 99 14.15 21.76 179.30
N THR G 100 14.25 22.09 178.02
CA THR G 100 15.52 22.12 177.32
C THR G 100 15.64 23.41 176.51
N ASN G 101 16.86 23.73 176.12
CA ASN G 101 17.13 24.92 175.33
C ASN G 101 18.50 24.79 174.70
N PHE G 102 18.83 25.74 173.82
CA PHE G 102 20.07 25.65 173.05
C PHE G 102 21.26 26.09 173.88
N LEU G 103 22.35 25.36 173.77
CA LEU G 103 23.58 25.70 174.48
C LEU G 103 24.25 26.90 173.85
N LYS G 104 24.79 27.78 174.69
CA LYS G 104 25.34 29.04 174.22
C LYS G 104 26.79 28.88 173.77
N PHE G 105 27.19 29.69 172.79
CA PHE G 105 28.57 29.71 172.33
C PHE G 105 29.44 30.51 173.29
N SER G 106 30.75 30.34 173.14
CA SER G 106 31.74 31.17 173.81
C SER G 106 33.07 30.94 173.11
N GLU G 107 33.91 31.96 173.11
CA GLU G 107 35.18 31.84 172.40
C GLU G 107 36.37 31.84 173.35
N ASN G 108 36.53 32.91 174.13
CA ASN G 108 37.61 32.94 175.11
C ASN G 108 37.22 32.28 176.42
N GLY G 109 35.97 31.85 176.55
CA GLY G 109 35.53 31.20 177.76
C GLY G 109 35.95 29.75 177.83
N GLU G 110 35.73 29.14 178.97
CA GLU G 110 36.04 27.74 179.21
C GLU G 110 34.95 26.85 178.62
N GLY G 111 35.30 25.59 178.41
CA GLY G 111 34.38 24.66 177.79
C GLY G 111 33.24 24.23 178.71
N PHE G 112 32.29 23.50 178.15
CA PHE G 112 31.15 22.98 178.90
C PHE G 112 31.28 21.49 179.04
N ASN G 113 30.82 20.97 180.18
CA ASN G 113 30.83 19.53 180.44
C ASN G 113 29.47 18.97 180.03
N LEU G 114 29.42 18.38 178.83
CA LEU G 114 28.15 17.94 178.28
C LEU G 114 27.50 16.87 179.16
N LEU G 115 28.28 15.90 179.62
CA LEU G 115 27.70 14.76 180.32
C LEU G 115 27.02 15.18 181.61
N MET G 116 27.66 16.06 182.38
CA MET G 116 27.08 16.48 183.66
C MET G 116 25.81 17.30 183.45
N LEU G 117 25.67 17.97 182.31
CA LEU G 117 24.50 18.82 182.09
C LEU G 117 23.25 17.99 181.82
N ALA G 118 23.38 16.89 181.09
CA ALA G 118 22.23 16.16 180.57
C ALA G 118 21.69 15.13 181.56
N GLN G 119 21.90 15.37 182.85
CA GLN G 119 21.51 14.40 183.88
C GLN G 119 20.00 14.50 184.11
N THR G 120 19.27 13.51 183.61
CA THR G 120 17.82 13.48 183.63
C THR G 120 17.29 13.10 185.00
N PRO G 121 16.08 13.54 185.34
CA PRO G 121 15.53 13.22 186.68
C PRO G 121 15.46 11.74 186.97
N SER G 122 15.20 10.92 185.94
CA SER G 122 15.27 9.48 186.15
C SER G 122 16.66 9.05 186.59
N ARG G 123 17.69 9.61 185.97
CA ARG G 123 19.05 9.33 186.42
C ARG G 123 19.33 9.99 187.76
N LEU G 124 18.67 11.11 188.07
CA LEU G 124 18.82 11.71 189.39
C LEU G 124 18.41 10.75 190.49
N LYS G 125 17.28 10.07 190.33
CA LYS G 125 16.81 9.15 191.35
C LYS G 125 17.74 7.97 191.55
N LYS G 126 18.44 7.53 190.51
CA LYS G 126 19.29 6.35 190.63
C LYS G 126 20.70 6.70 191.10
N GLY G 127 21.02 7.97 191.24
CA GLY G 127 22.33 8.38 191.70
C GLY G 127 23.08 9.19 190.67
N SER G 128 24.17 9.78 191.12
CA SER G 128 24.94 10.66 190.26
C SER G 128 25.61 9.88 189.13
N MET G 129 26.25 10.62 188.23
CA MET G 129 26.92 10.02 187.09
C MET G 129 28.05 9.10 187.54
N THR G 130 28.26 8.03 186.79
CA THR G 130 29.42 7.18 186.99
C THR G 130 30.57 7.65 186.12
N PHE G 131 31.77 7.20 186.45
CA PHE G 131 32.94 7.56 185.66
C PHE G 131 33.13 6.67 184.45
N THR G 132 32.36 5.58 184.32
CA THR G 132 32.51 4.63 183.22
C THR G 132 31.54 4.87 182.08
N ASP G 133 30.64 5.84 182.19
CA ASP G 133 29.67 6.11 181.13
C ASP G 133 30.31 7.00 180.07
N SER G 134 30.42 6.48 178.85
CA SER G 134 31.16 7.15 177.79
C SER G 134 30.23 7.42 176.62
N LEU G 135 30.55 8.48 175.88
CA LEU G 135 29.71 8.90 174.78
C LEU G 135 29.89 7.97 173.58
N ASP G 136 28.87 7.93 172.72
CA ASP G 136 28.85 7.02 171.58
C ASP G 136 29.77 7.60 170.50
N SER G 137 30.06 6.83 169.46
CA SER G 137 30.97 7.28 168.42
C SER G 137 30.46 8.52 167.70
N ARG G 138 29.16 8.54 167.37
CA ARG G 138 28.60 9.61 166.55
C ARG G 138 28.10 10.73 167.43
N ILE G 139 28.73 11.90 167.33
CA ILE G 139 28.26 13.11 167.98
C ILE G 139 28.16 14.19 166.91
N ALA G 140 26.95 14.72 166.71
CA ALA G 140 26.71 15.61 165.58
C ALA G 140 25.79 16.74 166.00
N LEU G 141 25.88 17.84 165.26
CA LEU G 141 24.99 18.97 165.49
C LEU G 141 23.56 18.58 165.15
N LYS G 142 22.61 19.03 165.98
CA LYS G 142 21.21 18.76 165.70
C LYS G 142 20.51 19.99 165.13
N GLN G 143 20.72 21.16 165.74
CA GLN G 143 19.99 22.34 165.33
C GLN G 143 20.86 23.58 165.49
N LEU G 144 20.75 24.50 164.54
CA LEU G 144 21.39 25.80 164.61
C LEU G 144 20.34 26.89 164.68
N LEU G 145 20.52 27.83 165.60
CA LEU G 145 19.59 28.93 165.81
C LEU G 145 20.29 30.25 165.52
N ILE G 146 19.86 30.93 164.46
CA ILE G 146 20.45 32.21 164.08
C ILE G 146 19.38 33.27 164.14
N SER G 147 19.81 34.51 164.41
CA SER G 147 18.91 35.65 164.55
C SER G 147 19.23 36.67 163.48
N VAL G 148 18.24 37.00 162.66
CA VAL G 148 18.33 38.09 161.70
C VAL G 148 17.62 39.28 162.32
N THR G 149 18.36 40.36 162.53
CA THR G 149 17.87 41.52 163.27
C THR G 149 17.91 42.75 162.37
N LYS G 150 16.80 43.48 162.32
CA LYS G 150 16.71 44.73 161.59
C LYS G 150 15.83 45.68 162.38
N GLY G 151 16.43 46.70 162.97
CA GLY G 151 15.71 47.62 163.83
C GLY G 151 15.51 47.06 165.23
N GLY G 152 14.25 46.87 165.63
CA GLY G 152 13.94 46.34 166.93
C GLY G 152 13.26 44.99 166.89
N THR G 153 13.08 44.44 165.69
CA THR G 153 12.38 43.17 165.51
C THR G 153 13.40 42.03 165.43
N THR G 154 13.16 40.99 166.21
CA THR G 154 14.04 39.82 166.25
C THR G 154 13.30 38.64 165.63
N GLU G 155 13.92 38.02 164.64
CA GLU G 155 13.37 36.84 163.97
C GLU G 155 14.26 35.64 164.26
N LEU G 156 13.63 34.53 164.64
CA LEU G 156 14.34 33.31 164.99
C LEU G 156 14.06 32.26 163.93
N PHE G 157 15.12 31.58 163.49
CA PHE G 157 15.01 30.55 162.47
C PHE G 157 15.55 29.24 163.01
N ALA G 158 14.83 28.16 162.72
CA ALA G 158 15.29 26.82 163.05
C ALA G 158 15.77 26.15 161.77
N LEU G 159 17.05 26.34 161.46
CA LEU G 159 17.68 25.74 160.28
C LEU G 159 18.23 24.37 160.66
N ASP G 160 17.58 23.32 160.17
CA ASP G 160 18.06 21.96 160.43
C ASP G 160 19.39 21.76 159.76
N VAL G 161 20.36 21.22 160.50
CA VAL G 161 21.69 20.95 159.97
C VAL G 161 22.08 19.50 160.14
N ASN G 162 21.25 18.70 160.78
CA ASN G 162 21.57 17.30 161.01
C ASN G 162 21.62 16.56 159.67
N ARG G 163 22.38 15.46 159.65
CA ARG G 163 22.62 14.65 158.45
C ARG G 163 22.84 15.50 157.21
N ASP G 164 23.64 16.55 157.33
CA ASP G 164 24.12 17.23 156.15
C ASP G 164 25.51 16.74 155.77
N GLN G 165 26.11 17.42 154.79
CA GLN G 165 27.37 16.94 154.24
C GLN G 165 28.49 16.96 155.28
N TYR G 166 28.69 18.10 155.94
CA TYR G 166 29.75 18.25 156.95
C TYR G 166 29.07 18.55 158.28
N ALA G 167 28.68 17.50 159.01
CA ALA G 167 28.01 17.71 160.28
C ALA G 167 28.36 16.65 161.32
N ALA G 168 29.31 15.79 161.00
CA ALA G 168 29.66 14.67 161.86
C ALA G 168 31.07 14.85 162.42
N TYR G 169 31.18 14.71 163.74
CA TYR G 169 32.50 14.76 164.37
C TYR G 169 33.35 13.61 163.84
N THR G 170 34.64 13.86 163.66
CA THR G 170 35.56 12.85 163.17
C THR G 170 36.76 12.75 164.12
N ALA G 171 37.35 11.57 164.17
CA ALA G 171 38.43 11.33 165.11
C ALA G 171 39.77 11.79 164.53
N THR G 172 40.56 12.45 165.35
CA THR G 172 41.93 12.81 165.01
C THR G 172 42.73 13.04 166.29
N ARG G 173 44.00 12.65 166.28
CA ARG G 173 44.80 12.71 167.50
C ARG G 173 45.83 13.83 167.45
N GLU G 174 45.71 14.75 168.40
CA GLU G 174 46.67 15.83 168.61
C GLU G 174 47.06 15.90 170.07
N TYR G 175 46.12 15.56 170.95
CA TYR G 175 46.34 15.71 172.38
C TYR G 175 46.19 14.37 173.09
N ASN G 176 45.12 13.64 172.77
CA ASN G 176 44.79 12.44 173.50
C ASN G 176 44.46 11.31 172.52
N PHE G 177 44.14 10.14 173.07
CA PHE G 177 43.72 8.99 172.30
C PHE G 177 42.20 8.90 172.20
N ARG G 178 41.51 9.99 172.53
CA ARG G 178 40.05 9.99 172.55
C ARG G 178 39.39 11.25 172.03
N LEU G 179 40.14 12.20 171.46
CA LEU G 179 39.61 13.51 171.10
C LEU G 179 38.78 13.40 169.83
N MET G 180 37.74 14.22 169.71
CA MET G 180 36.95 14.34 168.49
C MET G 180 36.90 15.78 168.03
N GLN G 181 37.18 16.00 166.75
CA GLN G 181 37.29 17.33 166.17
C GLN G 181 36.13 17.59 165.22
N LEU G 182 35.68 18.84 165.17
CA LEU G 182 34.57 19.26 164.34
C LEU G 182 35.03 20.32 163.36
N LYS G 183 34.77 20.11 162.07
CA LYS G 183 35.03 21.08 161.02
C LYS G 183 33.74 21.28 160.23
N PHE G 184 32.92 22.22 160.66
CA PHE G 184 31.65 22.53 160.00
C PHE G 184 31.94 23.63 158.98
N HIS G 185 32.46 23.24 157.82
CA HIS G 185 32.75 24.17 156.74
C HIS G 185 31.77 23.94 155.61
N THR G 186 30.84 24.88 155.44
CA THR G 186 29.77 24.81 154.44
C THR G 186 28.98 26.10 154.53
N SER G 187 28.30 26.45 153.45
CA SER G 187 27.35 27.55 153.45
C SER G 187 25.94 26.99 153.46
N LEU G 188 25.11 27.50 154.36
CA LEU G 188 23.74 27.05 154.52
C LEU G 188 22.80 27.92 153.69
N GLY G 189 21.69 27.34 153.27
CA GLY G 189 20.70 28.05 152.49
C GLY G 189 19.46 28.36 153.32
N LEU G 190 18.83 29.49 153.03
CA LEU G 190 17.59 29.90 153.67
C LEU G 190 16.56 30.11 152.57
N GLY G 191 15.70 29.12 152.37
CA GLY G 191 14.88 29.02 151.19
C GLY G 191 13.84 30.11 150.99
N GLU G 192 13.07 30.01 149.91
CA GLU G 192 12.06 30.99 149.57
C GLU G 192 10.68 30.65 150.12
N GLU G 193 10.56 29.60 150.92
CA GLU G 193 9.30 29.29 151.59
C GLU G 193 9.52 28.75 153.01
N SER G 194 10.76 28.77 153.48
CA SER G 194 11.04 28.32 154.84
C SER G 194 10.36 29.24 155.85
N THR G 195 10.02 28.69 157.00
CA THR G 195 9.22 29.38 158.00
C THR G 195 10.03 29.56 159.29
N THR G 196 9.65 30.57 160.07
CA THR G 196 10.30 30.84 161.33
C THR G 196 9.87 29.83 162.40
N VAL G 197 10.46 29.94 163.59
CA VAL G 197 10.14 29.00 164.67
C VAL G 197 8.68 29.12 165.07
N ALA G 198 8.18 30.35 165.16
CA ALA G 198 6.80 30.60 165.56
C ALA G 198 5.81 30.38 164.42
N GLY G 199 6.27 29.90 163.27
CA GLY G 199 5.40 29.64 162.14
C GLY G 199 5.19 30.87 161.28
N ALA G 200 4.75 30.61 160.05
CA ALA G 200 4.45 31.64 159.05
C ALA G 200 5.70 32.36 158.58
N GLU G 201 5.61 33.00 157.41
CA GLU G 201 6.74 33.69 156.83
C GLU G 201 7.24 34.82 157.72
N SER G 202 8.56 34.94 157.79
CA SER G 202 9.20 36.07 158.46
C SER G 202 8.97 37.34 157.65
N ALA G 203 8.92 38.48 158.35
CA ALA G 203 8.60 39.75 157.70
C ALA G 203 9.82 40.50 157.18
N LEU G 204 11.00 40.29 157.77
CA LEU G 204 12.17 41.07 157.42
C LEU G 204 12.75 40.71 156.05
N LEU G 205 12.39 39.56 155.49
CA LEU G 205 12.93 39.12 154.22
C LEU G 205 11.89 39.08 153.11
N LYS G 206 10.71 39.69 153.31
CA LYS G 206 9.60 39.49 152.39
C LYS G 206 9.95 39.95 150.97
N ASP G 207 10.82 40.95 150.84
CA ASP G 207 11.13 41.49 149.51
C ASP G 207 11.76 40.43 148.62
N LEU G 208 12.75 39.70 149.13
CA LEU G 208 13.40 38.67 148.32
C LEU G 208 12.48 37.46 148.14
N PHE G 209 11.69 37.15 149.16
CA PHE G 209 10.77 36.02 149.07
C PHE G 209 9.74 36.21 147.98
N ASP G 210 9.18 37.42 147.86
CA ASP G 210 8.18 37.67 146.83
C ASP G 210 8.72 37.46 145.43
N LEU G 211 9.90 38.01 145.14
CA LEU G 211 10.51 37.89 143.83
C LEU G 211 11.21 36.55 143.61
N GLY G 212 10.97 35.58 144.49
CA GLY G 212 11.56 34.27 144.33
C GLY G 212 13.07 34.25 144.47
N TYR G 213 13.60 35.01 145.42
CA TYR G 213 15.03 35.02 145.68
C TYR G 213 15.34 34.33 147.00
N ARG G 214 16.52 33.72 147.06
CA ARG G 214 17.02 33.09 148.26
C ARG G 214 18.37 33.68 148.60
N ILE G 215 18.77 33.51 149.85
CA ILE G 215 20.04 34.04 150.35
C ILE G 215 20.94 32.89 150.76
N GLU G 216 22.22 33.02 150.47
CA GLU G 216 23.23 32.08 150.90
C GLU G 216 24.04 32.69 152.03
N LEU G 217 24.16 31.98 153.14
CA LEU G 217 24.96 32.40 154.27
C LEU G 217 26.12 31.43 154.46
N ASP G 218 27.33 31.94 154.42
CA ASP G 218 28.49 31.11 154.70
C ASP G 218 28.74 31.05 156.20
N VAL G 219 28.77 29.84 156.75
CA VAL G 219 28.95 29.64 158.18
C VAL G 219 30.20 28.83 158.41
N LYS G 220 31.01 29.25 159.37
CA LYS G 220 32.19 28.50 159.80
C LYS G 220 32.11 28.32 161.30
N VAL G 221 31.88 27.10 161.74
CA VAL G 221 31.82 26.75 163.15
C VAL G 221 32.79 25.62 163.41
N ASP G 222 33.58 25.75 164.46
CA ASP G 222 34.54 24.74 164.86
C ASP G 222 34.16 24.18 166.22
N GLY G 223 34.64 22.99 166.53
CA GLY G 223 34.30 22.38 167.80
C GLY G 223 35.26 21.28 168.20
N GLU G 224 35.42 21.13 169.51
CA GLU G 224 36.22 20.07 170.10
C GLU G 224 35.38 19.37 171.16
N MET G 225 35.45 18.05 171.18
CA MET G 225 34.62 17.24 172.07
C MET G 225 35.36 15.96 172.44
N ASN G 226 35.39 15.65 173.73
CA ASN G 226 36.07 14.47 174.24
C ASN G 226 35.03 13.44 174.67
N VAL G 227 35.22 12.19 174.23
CA VAL G 227 34.22 11.16 174.42
C VAL G 227 34.47 10.36 175.69
N GLU G 228 35.29 10.90 176.59
CA GLU G 228 35.57 10.19 177.84
C GLU G 228 35.23 10.99 179.08
N ASN G 229 35.42 12.30 179.06
CA ASN G 229 35.11 13.11 180.23
C ASN G 229 34.00 14.12 180.00
N GLY G 230 33.26 14.06 178.90
CA GLY G 230 32.16 14.97 178.66
C GLY G 230 32.55 16.43 178.53
N ASN G 231 33.84 16.74 178.58
CA ASN G 231 34.27 18.12 178.44
C ASN G 231 34.38 18.48 176.97
N GLY G 232 33.76 19.60 176.58
CA GLY G 232 33.81 20.03 175.20
C GLY G 232 33.53 21.51 175.08
N ASP G 233 33.73 22.02 173.87
CA ASP G 233 33.52 23.43 173.56
C ASP G 233 33.34 23.61 172.06
N THR G 234 32.69 24.71 171.70
CA THR G 234 32.38 25.01 170.31
C THR G 234 32.58 26.50 170.08
N SER G 235 33.14 26.85 168.92
CA SER G 235 33.46 28.24 168.60
C SER G 235 32.75 28.66 167.32
N LEU G 236 32.19 29.86 167.33
CA LEU G 236 31.61 30.45 166.13
C LEU G 236 32.65 31.34 165.47
N ARG G 237 32.99 31.05 164.22
CA ARG G 237 34.09 31.74 163.58
C ARG G 237 33.66 32.67 162.46
N ALA G 238 32.70 32.28 161.64
CA ALA G 238 32.29 33.09 160.52
C ALA G 238 30.82 32.92 160.24
N LEU G 239 30.13 34.05 160.03
CA LEU G 239 28.71 34.05 159.69
C LEU G 239 28.41 35.37 158.98
N ARG G 240 27.79 35.30 157.80
CA ARG G 240 27.62 36.48 156.97
C ARG G 240 26.72 36.13 155.79
N LEU G 241 26.05 37.15 155.26
CA LEU G 241 25.31 37.00 154.00
C LEU G 241 26.31 36.94 152.85
N ALA G 242 26.18 35.91 152.01
CA ALA G 242 27.17 35.65 150.98
C ALA G 242 26.62 35.81 149.56
N ARG G 243 25.56 35.09 149.22
CA ARG G 243 25.10 35.08 147.84
C ARG G 243 23.57 35.12 147.81
N VAL G 244 23.05 35.65 146.71
CA VAL G 244 21.61 35.70 146.46
C VAL G 244 21.35 35.07 145.10
N PHE G 245 20.48 34.06 145.06
CA PHE G 245 20.14 33.37 143.83
C PHE G 245 18.74 33.77 143.39
N ASP G 246 18.50 33.69 142.09
CA ASP G 246 17.18 33.92 141.53
C ASP G 246 16.39 32.61 141.56
N LYS G 247 15.10 32.65 141.22
CA LYS G 247 14.26 31.48 141.30
C LYS G 247 14.60 30.42 140.26
N GLU G 248 15.34 30.78 139.22
CA GLU G 248 15.66 29.82 138.17
C GLU G 248 17.12 29.34 138.20
N GLY G 249 17.99 30.02 138.94
CA GLY G 249 19.29 29.46 139.26
C GLY G 249 20.52 30.14 138.70
N LYS G 250 20.54 31.47 138.60
CA LYS G 250 21.76 32.22 138.29
C LYS G 250 22.03 33.22 139.39
N GLU G 251 23.31 33.43 139.70
CA GLU G 251 23.71 34.36 140.74
C GLU G 251 23.36 35.79 140.33
N ILE G 252 22.88 36.56 141.29
CA ILE G 252 22.61 37.97 141.10
C ILE G 252 23.53 38.76 142.02
N ALA G 253 24.19 39.77 141.48
CA ALA G 253 25.21 40.50 142.22
C ALA G 253 24.59 41.28 143.38
N LEU G 254 25.39 41.46 144.43
CA LEU G 254 24.99 42.27 145.57
C LEU G 254 24.72 43.72 145.20
N THR G 255 25.34 44.23 144.14
CA THR G 255 25.22 45.61 143.73
C THR G 255 23.89 45.94 143.06
N ASP G 256 23.07 44.94 142.77
CA ASP G 256 21.76 45.17 142.16
C ASP G 256 20.91 46.03 143.10
N SER G 257 20.12 46.93 142.52
CA SER G 257 19.32 47.85 143.33
C SER G 257 18.33 47.11 144.22
N ARG G 258 17.63 46.11 143.66
CA ARG G 258 16.66 45.37 144.46
C ARG G 258 17.34 44.60 145.59
N VAL G 259 18.42 43.90 145.27
CA VAL G 259 19.13 43.11 146.28
C VAL G 259 19.73 44.03 147.36
N SER G 260 20.34 45.13 146.92
CA SER G 260 20.94 46.07 147.87
C SER G 260 19.88 46.68 148.79
N ALA G 261 18.72 47.03 148.22
CA ALA G 261 17.65 47.57 149.05
C ALA G 261 17.13 46.53 150.03
N ALA G 262 16.98 45.28 149.58
CA ALA G 262 16.46 44.25 150.46
C ALA G 262 17.43 43.92 151.60
N LEU G 263 18.72 43.88 151.32
CA LEU G 263 19.71 43.47 152.31
C LEU G 263 20.26 44.62 153.13
N SER G 264 19.75 45.84 152.95
CA SER G 264 20.22 46.97 153.75
C SER G 264 19.76 46.84 155.19
N GLY G 265 20.70 46.97 156.12
CA GLY G 265 20.39 46.94 157.53
C GLY G 265 20.30 45.57 158.16
N LEU G 266 20.46 44.50 157.39
CA LEU G 266 20.35 43.15 157.91
C LEU G 266 21.61 42.75 158.67
N THR G 267 21.43 42.11 159.82
CA THR G 267 22.53 41.56 160.60
C THR G 267 22.17 40.14 161.00
N VAL G 268 23.14 39.24 160.87
CA VAL G 268 22.96 37.85 161.26
C VAL G 268 23.96 37.52 162.37
N THR G 269 23.44 37.02 163.50
CA THR G 269 24.26 36.74 164.66
C THR G 269 23.94 35.35 165.19
N GLY G 270 24.99 34.60 165.52
CA GLY G 270 24.81 33.29 166.11
C GLY G 270 24.33 33.41 167.56
N VAL G 271 23.45 32.49 167.95
CA VAL G 271 22.87 32.47 169.28
C VAL G 271 23.12 31.14 169.98
N GLY G 272 22.63 30.05 169.41
CA GLY G 272 22.73 28.77 170.09
C GLY G 272 22.81 27.63 169.10
N TYR G 273 23.02 26.43 169.65
CA TYR G 273 23.07 25.21 168.87
C TYR G 273 22.79 24.05 169.81
N SER G 274 22.38 22.92 169.22
CA SER G 274 22.06 21.73 170.00
C SER G 274 22.92 20.57 169.52
N LEU G 275 23.34 19.74 170.47
CA LEU G 275 24.12 18.56 170.19
C LEU G 275 23.24 17.33 170.37
N GLU G 276 23.35 16.40 169.43
CA GLU G 276 22.73 15.08 169.55
C GLU G 276 23.84 14.09 169.88
N ALA G 277 23.84 13.60 171.11
CA ALA G 277 24.84 12.64 171.55
C ALA G 277 24.14 11.51 172.29
N ARG G 278 24.68 10.31 172.16
CA ARG G 278 24.04 9.13 172.72
C ARG G 278 25.00 8.42 173.65
N LEU G 279 24.45 7.68 174.61
CA LEU G 279 25.26 7.01 175.62
C LEU G 279 25.45 5.54 175.27
N THR G 280 26.62 5.21 174.74
CA THR G 280 26.96 3.81 174.44
C THR G 280 27.33 3.13 175.76
N ASN G 281 26.32 2.87 176.59
CA ASN G 281 26.57 2.51 177.98
C ASN G 281 26.70 0.99 178.03
N ILE G 282 27.94 0.54 178.28
CA ILE G 282 28.22 -0.90 178.32
C ILE G 282 27.62 -1.52 179.58
N ASN G 283 27.86 -0.90 180.74
CA ASN G 283 27.34 -1.47 181.97
C ASN G 283 25.84 -1.27 182.10
N GLN G 284 25.30 -0.26 181.44
CA GLN G 284 23.87 -0.03 181.24
C GLN G 284 23.13 0.43 182.47
N LEU G 285 22.26 1.43 182.29
CA LEU G 285 21.34 1.87 183.32
C LEU G 285 19.92 1.92 182.79
N GLU G 286 19.74 1.81 181.47
CA GLU G 286 18.43 1.94 180.87
C GLU G 286 17.68 0.60 180.91
N MET G 287 16.35 0.67 180.92
CA MET G 287 15.54 -0.51 181.22
C MET G 287 14.78 -1.04 180.00
N GLY G 288 14.85 -0.35 178.86
CA GLY G 288 14.27 -0.86 177.65
C GLY G 288 12.77 -1.02 177.62
N LEU G 289 12.28 -2.06 176.95
CA LEU G 289 10.85 -2.33 176.79
C LEU G 289 10.52 -3.76 177.16
N LEU G 290 9.76 -3.91 178.24
CA LEU G 290 9.38 -5.22 178.71
C LEU G 290 8.46 -5.92 177.72
N ILE G 291 8.43 -7.25 177.77
CA ILE G 291 7.50 -8.07 177.03
C ILE G 291 6.69 -8.87 178.04
N ASP G 292 5.40 -9.07 177.77
CA ASP G 292 4.53 -9.83 178.65
C ASP G 292 3.72 -10.87 177.88
N SER G 293 3.19 -11.86 178.62
CA SER G 293 2.24 -12.82 178.07
C SER G 293 1.08 -12.99 179.03
N ASP G 294 -0.10 -13.27 178.46
CA ASP G 294 -1.27 -13.61 179.27
C ASP G 294 -2.19 -14.51 178.45
N VAL G 295 -2.99 -15.29 179.16
CA VAL G 295 -3.92 -16.23 178.54
C VAL G 295 -5.35 -15.81 178.89
N GLN G 296 -6.28 -16.10 178.00
CA GLN G 296 -7.68 -15.80 178.20
C GLN G 296 -8.51 -17.07 177.99
N LYS G 297 -9.41 -17.35 178.92
CA LYS G 297 -10.31 -18.49 178.82
C LYS G 297 -11.69 -18.02 178.38
N GLN G 298 -12.35 -18.83 177.56
CA GLN G 298 -13.70 -18.54 177.09
C GLN G 298 -14.58 -19.77 177.26
N GLY G 299 -15.74 -19.59 177.89
CA GLY G 299 -16.67 -20.68 178.13
C GLY G 299 -17.72 -20.76 177.04
N PHE G 300 -18.22 -21.98 176.81
CA PHE G 300 -19.19 -22.24 175.77
C PHE G 300 -20.12 -23.36 176.23
N MET G 301 -21.42 -23.13 176.14
CA MET G 301 -22.43 -24.06 176.65
C MET G 301 -23.35 -24.48 175.51
N ILE G 302 -23.82 -25.72 175.54
CA ILE G 302 -24.67 -26.28 174.51
C ILE G 302 -26.00 -26.69 175.13
N PRO G 303 -27.11 -26.06 174.78
CA PRO G 303 -28.38 -26.32 175.45
C PRO G 303 -29.21 -27.37 174.70
N THR G 304 -30.33 -27.74 175.31
CA THR G 304 -31.30 -28.66 174.75
C THR G 304 -32.44 -27.89 174.10
N LEU G 305 -33.09 -28.53 173.13
CA LEU G 305 -34.15 -27.90 172.35
C LEU G 305 -35.44 -28.70 172.46
N PRO G 306 -36.59 -28.08 172.22
CA PRO G 306 -37.87 -28.77 172.41
C PRO G 306 -38.06 -29.91 171.42
N PRO G 307 -38.86 -30.92 171.76
CA PRO G 307 -38.99 -32.11 170.90
C PRO G 307 -40.05 -31.98 169.84
N LEU G 308 -40.03 -32.90 168.88
CA LEU G 308 -41.05 -32.99 167.83
C LEU G 308 -41.67 -34.39 167.89
N VAL G 309 -42.99 -34.44 168.01
CA VAL G 309 -43.70 -35.67 168.37
C VAL G 309 -44.66 -36.05 167.27
N ILE G 310 -44.78 -37.36 167.00
CA ILE G 310 -45.80 -37.92 166.12
C ILE G 310 -46.53 -39.00 166.92
N VAL G 311 -47.84 -39.09 166.73
CA VAL G 311 -48.67 -40.01 167.49
C VAL G 311 -49.45 -40.90 166.52
N LYS G 312 -49.44 -42.20 166.78
CA LYS G 312 -50.17 -43.18 165.99
C LYS G 312 -50.76 -44.24 166.90
N PRO G 313 -51.96 -44.73 166.57
CA PRO G 313 -52.64 -45.68 167.46
C PRO G 313 -51.85 -46.96 167.64
N ALA G 314 -52.04 -47.57 168.81
CA ALA G 314 -51.25 -48.73 169.22
C ALA G 314 -52.05 -50.03 169.12
N MET G 315 -52.97 -50.11 168.18
CA MET G 315 -53.66 -51.35 167.84
C MET G 315 -53.69 -51.61 166.34
N VAL G 316 -53.61 -50.57 165.52
CA VAL G 316 -53.54 -50.69 164.08
C VAL G 316 -52.26 -50.02 163.60
N GLU G 317 -51.56 -50.67 162.68
CA GLU G 317 -50.31 -50.17 162.14
C GLU G 317 -50.59 -49.27 160.95
N ASP G 318 -49.85 -48.17 160.85
CA ASP G 318 -50.07 -47.18 159.81
C ASP G 318 -48.77 -46.82 159.12
N ASP G 319 -48.85 -46.57 157.82
CA ASP G 319 -47.77 -45.98 157.06
C ASP G 319 -48.18 -44.73 156.31
N LYS G 320 -49.44 -44.31 156.44
CA LYS G 320 -49.92 -43.11 155.79
C LYS G 320 -50.27 -42.00 156.77
N THR G 321 -50.98 -42.29 157.86
CA THR G 321 -51.11 -41.32 158.95
C THR G 321 -49.81 -41.10 159.68
N TYR G 322 -49.00 -42.14 159.89
CA TYR G 322 -47.60 -41.99 160.24
C TYR G 322 -46.81 -42.18 158.96
N PRO G 323 -46.35 -41.12 158.34
CA PRO G 323 -45.27 -41.27 157.36
C PRO G 323 -44.04 -41.78 158.09
N ARG G 324 -43.27 -42.62 157.41
CA ARG G 324 -42.08 -43.19 158.01
C ARG G 324 -41.16 -42.12 158.57
N LEU G 325 -40.32 -42.50 159.55
CA LEU G 325 -39.52 -41.58 160.35
C LEU G 325 -38.81 -40.50 159.54
N GLU G 326 -38.59 -40.77 158.25
CA GLU G 326 -37.95 -39.79 157.39
C GLU G 326 -38.69 -38.47 157.40
N ALA G 327 -40.01 -38.50 157.60
CA ALA G 327 -40.76 -37.25 157.73
C ALA G 327 -40.28 -36.46 158.94
N LEU G 328 -40.13 -37.11 160.10
CA LEU G 328 -39.62 -36.42 161.27
C LEU G 328 -38.19 -35.94 161.06
N THR G 329 -37.37 -36.75 160.39
CA THR G 329 -35.99 -36.33 160.15
C THR G 329 -35.95 -35.09 159.27
N THR G 330 -36.78 -35.05 158.23
CA THR G 330 -36.83 -33.88 157.36
C THR G 330 -37.33 -32.66 158.12
N ALA G 331 -38.35 -32.84 158.97
CA ALA G 331 -38.83 -31.74 159.78
C ALA G 331 -37.71 -31.23 160.70
N TYR G 332 -36.94 -32.14 161.27
CA TYR G 332 -35.80 -31.76 162.10
C TYR G 332 -34.77 -30.96 161.31
N ARG G 333 -34.45 -31.42 160.09
CA ARG G 333 -33.50 -30.70 159.25
C ARG G 333 -33.99 -29.28 158.97
N ILE G 334 -35.25 -29.16 158.54
CA ILE G 334 -35.78 -27.85 158.17
C ILE G 334 -35.85 -26.94 159.39
N GLN G 335 -36.24 -27.49 160.53
CA GLN G 335 -36.28 -26.68 161.75
C GLN G 335 -34.88 -26.18 162.10
N GLN G 336 -33.90 -27.08 162.11
CA GLN G 336 -32.60 -26.73 162.68
C GLN G 336 -31.75 -25.96 161.69
N MET G 337 -31.35 -26.59 160.59
CA MET G 337 -30.24 -26.02 159.84
C MET G 337 -30.71 -25.01 158.79
N ARG G 338 -32.01 -24.80 158.67
CA ARG G 338 -32.57 -23.78 157.78
C ARG G 338 -32.77 -22.46 158.53
N ASN G 339 -33.45 -22.48 159.67
CA ASN G 339 -33.93 -21.23 160.25
C ASN G 339 -32.94 -20.67 161.27
N ASN G 340 -32.37 -21.53 162.10
CA ASN G 340 -31.49 -21.05 163.17
C ASN G 340 -30.24 -20.40 162.62
N ALA G 341 -29.65 -20.94 161.55
CA ALA G 341 -28.49 -20.29 160.96
C ALA G 341 -28.80 -18.86 160.55
N VAL G 342 -29.91 -18.66 159.83
CA VAL G 342 -30.28 -17.33 159.37
C VAL G 342 -30.55 -16.42 160.56
N THR G 343 -31.28 -16.92 161.56
CA THR G 343 -31.62 -16.08 162.70
C THR G 343 -30.37 -15.63 163.44
N THR G 344 -29.44 -16.56 163.67
CA THR G 344 -28.19 -16.20 164.33
C THR G 344 -27.39 -15.21 163.50
N LEU G 345 -27.35 -15.40 162.18
CA LEU G 345 -26.57 -14.50 161.34
C LEU G 345 -27.13 -13.08 161.39
N LEU G 346 -28.46 -12.94 161.25
CA LEU G 346 -29.04 -11.60 161.27
C LEU G 346 -28.96 -10.99 162.67
N ASN G 347 -29.06 -11.81 163.71
CA ASN G 347 -28.87 -11.28 165.06
C ASN G 347 -27.45 -10.74 165.23
N ARG G 348 -26.46 -11.46 164.69
CA ARG G 348 -25.10 -10.95 164.73
C ARG G 348 -24.99 -9.63 163.97
N ALA G 349 -25.65 -9.53 162.82
CA ALA G 349 -25.61 -8.28 162.06
C ALA G 349 -26.16 -7.13 162.89
N ASP G 350 -27.33 -7.31 163.50
CA ASP G 350 -27.93 -6.23 164.28
C ASP G 350 -27.09 -5.90 165.52
N THR G 351 -26.54 -6.91 166.17
CA THR G 351 -25.69 -6.65 167.33
C THR G 351 -24.45 -5.85 166.94
N LEU G 352 -23.83 -6.21 165.82
CA LEU G 352 -22.67 -5.46 165.35
C LEU G 352 -23.07 -4.02 165.03
N LYS G 353 -24.22 -3.85 164.37
CA LYS G 353 -24.76 -2.50 164.16
C LYS G 353 -24.82 -1.73 165.45
N SER G 354 -25.41 -2.32 166.49
CA SER G 354 -25.59 -1.61 167.75
C SER G 354 -24.25 -1.26 168.39
N TYR G 355 -23.29 -2.18 168.32
CA TYR G 355 -22.10 -2.00 169.16
C TYR G 355 -20.99 -1.26 168.42
N LEU G 356 -20.55 -1.78 167.28
CA LEU G 356 -19.32 -1.30 166.66
C LEU G 356 -19.50 -0.02 165.86
N GLY G 357 -20.67 0.60 165.90
CA GLY G 357 -20.86 1.76 165.05
C GLY G 357 -20.98 1.33 163.59
N VAL G 358 -20.83 2.30 162.71
CA VAL G 358 -20.95 2.09 161.27
C VAL G 358 -19.64 2.47 160.62
N GLY G 359 -18.85 1.48 160.22
CA GLY G 359 -17.65 1.72 159.45
C GLY G 359 -16.46 2.27 160.20
N VAL G 360 -16.54 2.35 161.54
CA VAL G 360 -15.46 2.92 162.35
C VAL G 360 -14.64 1.78 162.93
N PRO G 361 -13.34 1.71 162.66
CA PRO G 361 -12.54 0.59 163.19
C PRO G 361 -12.33 0.69 164.69
N HIS G 362 -11.63 -0.27 165.27
CA HIS G 362 -11.44 -0.29 166.71
C HIS G 362 -10.10 -0.95 167.03
N PRO G 363 -9.41 -0.48 168.08
CA PRO G 363 -8.13 -1.09 168.43
C PRO G 363 -8.28 -2.57 168.78
N ILE G 364 -7.17 -3.30 168.76
CA ILE G 364 -7.20 -4.73 169.03
C ILE G 364 -7.68 -4.94 170.45
N GLU G 365 -8.56 -5.94 170.64
CA GLU G 365 -9.20 -6.29 171.92
C GLU G 365 -9.61 -5.06 172.72
N SER G 366 -10.16 -4.05 172.05
CA SER G 366 -10.50 -2.81 172.73
C SER G 366 -11.96 -2.78 173.16
N ASN G 367 -12.76 -3.73 172.66
CA ASN G 367 -14.17 -3.81 173.02
C ASN G 367 -14.45 -5.17 173.61
N LEU G 368 -15.41 -5.22 174.55
CA LEU G 368 -15.77 -6.46 175.22
C LEU G 368 -17.20 -6.91 174.94
N GLY G 369 -17.90 -6.25 174.01
CA GLY G 369 -19.32 -6.52 173.85
C GLY G 369 -19.65 -7.81 173.13
N LEU G 370 -18.71 -8.37 172.37
CA LEU G 370 -19.03 -9.45 171.45
C LEU G 370 -18.39 -10.76 171.86
N GLU G 371 -19.04 -11.86 171.51
CA GLU G 371 -18.39 -13.15 171.40
C GLU G 371 -17.28 -13.03 170.37
N GLY G 372 -16.11 -13.55 170.70
CA GLY G 372 -15.06 -13.66 169.72
C GLY G 372 -13.71 -14.02 170.29
N VAL G 373 -13.04 -14.99 169.68
CA VAL G 373 -11.66 -15.28 169.96
C VAL G 373 -10.74 -14.80 168.86
N GLY G 374 -11.26 -14.65 167.63
CA GLY G 374 -10.58 -13.82 166.67
C GLY G 374 -10.55 -12.36 167.06
N GLN G 375 -11.30 -11.99 168.11
CA GLN G 375 -11.29 -10.64 168.62
C GLN G 375 -9.95 -10.28 169.23
N TYR G 376 -9.07 -11.26 169.44
CA TYR G 376 -7.71 -11.04 169.91
C TYR G 376 -6.71 -10.91 168.78
N TYR G 377 -7.15 -10.95 167.52
CA TYR G 377 -6.22 -11.01 166.39
C TYR G 377 -6.38 -9.87 165.40
N VAL G 378 -7.60 -9.42 165.13
CA VAL G 378 -7.84 -8.39 164.13
C VAL G 378 -8.70 -7.30 164.74
N ARG G 379 -8.63 -6.13 164.14
CA ARG G 379 -9.49 -5.03 164.58
C ARG G 379 -10.95 -5.38 164.32
N PRO G 380 -11.84 -5.11 165.26
CA PRO G 380 -13.27 -5.22 164.97
C PRO G 380 -13.67 -4.20 163.92
N TYR G 381 -14.65 -4.56 163.09
CA TYR G 381 -15.02 -3.73 161.94
C TYR G 381 -16.37 -4.16 161.42
N TYR G 382 -17.23 -3.20 161.13
CA TYR G 382 -18.56 -3.45 160.57
C TYR G 382 -18.96 -2.32 159.64
N ASN G 383 -19.29 -2.65 158.40
CA ASN G 383 -19.61 -1.65 157.40
C ASN G 383 -20.69 -2.15 156.47
N GLU G 384 -21.55 -1.23 156.04
CA GLU G 384 -22.67 -1.53 155.17
C GLU G 384 -22.80 -0.41 154.14
N ALA G 385 -23.45 -0.71 153.02
CA ALA G 385 -23.79 0.29 152.03
C ALA G 385 -25.01 -0.17 151.24
N THR G 386 -25.84 0.79 150.87
CA THR G 386 -27.04 0.52 150.08
C THR G 386 -26.75 0.91 148.64
N ILE G 387 -27.41 0.23 147.71
CA ILE G 387 -27.21 0.45 146.29
C ILE G 387 -28.54 0.88 145.68
N ASP G 388 -28.61 2.13 145.25
CA ASP G 388 -29.79 2.64 144.57
C ASP G 388 -29.56 2.49 143.08
N VAL G 389 -29.88 1.31 142.56
CA VAL G 389 -29.61 0.99 141.15
C VAL G 389 -30.39 1.95 140.25
N LEU G 390 -31.48 2.51 140.75
CA LEU G 390 -32.23 3.49 139.97
C LEU G 390 -31.36 4.70 139.66
N ASN G 391 -30.55 5.12 140.62
CA ASN G 391 -29.76 6.34 140.49
C ASN G 391 -28.30 6.08 140.16
N ASP G 392 -27.86 4.83 140.04
CA ASP G 392 -26.44 4.53 139.97
C ASP G 392 -26.14 3.52 138.88
N LEU G 393 -26.87 3.58 137.77
CA LEU G 393 -26.69 2.62 136.67
C LEU G 393 -26.41 3.41 135.39
N ASN G 394 -25.20 3.27 134.87
CA ASN G 394 -24.84 3.90 133.61
C ASN G 394 -25.33 3.05 132.44
N ASN G 395 -25.83 3.70 131.40
CA ASN G 395 -26.36 2.98 130.24
C ASN G 395 -26.48 3.89 129.04
N LEU G 396 -26.02 3.40 127.89
CA LEU G 396 -26.31 4.02 126.61
C LEU G 396 -26.91 3.05 125.61
N THR G 397 -27.06 1.78 125.97
CA THR G 397 -27.64 0.79 125.07
C THR G 397 -28.30 -0.29 125.90
N SER G 398 -29.60 -0.50 125.66
CA SER G 398 -30.36 -1.49 126.39
C SER G 398 -29.82 -2.91 126.21
N ALA G 399 -29.04 -3.16 125.16
CA ALA G 399 -28.39 -4.46 125.03
C ALA G 399 -27.25 -4.60 126.02
N ALA G 400 -26.62 -3.49 126.39
CA ALA G 400 -25.50 -3.48 127.31
C ALA G 400 -25.93 -3.23 128.75
N LYS G 401 -27.24 -3.23 129.02
CA LYS G 401 -27.72 -2.93 130.35
C LYS G 401 -27.38 -4.05 131.33
N GLN G 402 -27.45 -5.30 130.86
CA GLN G 402 -27.14 -6.43 131.72
C GLN G 402 -25.69 -6.40 132.19
N THR G 403 -24.76 -6.13 131.27
CA THR G 403 -23.35 -6.05 131.64
C THR G 403 -23.12 -4.94 132.65
N ASP G 404 -23.84 -3.83 132.51
CA ASP G 404 -23.65 -2.71 133.43
C ASP G 404 -24.18 -3.02 134.81
N ILE G 405 -25.35 -3.66 134.90
CA ILE G 405 -25.89 -4.03 136.20
C ILE G 405 -24.98 -5.08 136.86
N GLN G 406 -24.32 -5.90 136.06
CA GLN G 406 -23.27 -6.76 136.60
C GLN G 406 -22.13 -5.94 137.18
N GLY G 407 -21.61 -5.00 136.39
CA GLY G 407 -20.39 -4.30 136.76
C GLY G 407 -20.54 -3.42 137.99
N LEU G 408 -21.70 -2.77 138.12
CA LEU G 408 -21.91 -1.94 139.31
C LEU G 408 -21.77 -2.74 140.59
N ILE G 409 -22.49 -3.85 140.69
CA ILE G 409 -22.44 -4.68 141.89
C ILE G 409 -21.03 -5.25 142.08
N VAL G 410 -20.40 -5.70 141.00
CA VAL G 410 -19.07 -6.28 141.15
C VAL G 410 -18.07 -5.25 141.68
N SER G 411 -18.07 -4.04 141.13
CA SER G 411 -17.14 -3.02 141.61
C SER G 411 -17.42 -2.68 143.07
N LYS G 412 -18.69 -2.51 143.43
CA LYS G 412 -19.00 -2.15 144.81
C LYS G 412 -18.57 -3.25 145.78
N ILE G 413 -18.81 -4.51 145.44
CA ILE G 413 -18.47 -5.60 146.34
C ILE G 413 -16.96 -5.74 146.46
N ASN G 414 -16.24 -5.53 145.35
CA ASN G 414 -14.78 -5.52 145.45
C ASN G 414 -14.31 -4.41 146.37
N GLU G 415 -14.92 -3.23 146.28
CA GLU G 415 -14.52 -2.13 147.14
C GLU G 415 -14.72 -2.47 148.61
N MET G 416 -15.86 -3.07 148.94
CA MET G 416 -16.10 -3.45 150.34
C MET G 416 -15.11 -4.50 150.81
N VAL G 417 -14.82 -5.51 149.98
CA VAL G 417 -13.86 -6.52 150.40
C VAL G 417 -12.50 -5.89 150.64
N TYR G 418 -12.07 -5.01 149.75
CA TYR G 418 -10.76 -4.37 149.90
C TYR G 418 -10.71 -3.52 151.16
N THR G 419 -11.78 -2.77 151.43
CA THR G 419 -11.73 -1.88 152.59
C THR G 419 -11.70 -2.67 153.89
N ALA G 420 -12.48 -3.76 153.96
CA ALA G 420 -12.40 -4.61 155.14
C ALA G 420 -11.00 -5.16 155.32
N ASP G 421 -10.44 -5.74 154.25
CA ASP G 421 -9.12 -6.35 154.33
C ASP G 421 -8.08 -5.32 154.76
N GLN G 422 -8.13 -4.12 154.20
CA GLN G 422 -7.11 -3.13 154.49
C GLN G 422 -7.24 -2.60 155.92
N LEU G 423 -8.45 -2.26 156.34
CA LEU G 423 -8.61 -1.64 157.65
C LEU G 423 -8.43 -2.62 158.80
N THR G 424 -8.71 -3.91 158.60
CA THR G 424 -8.51 -4.83 159.72
C THR G 424 -7.17 -5.56 159.70
N GLY G 425 -6.39 -5.41 158.64
CA GLY G 425 -5.10 -6.10 158.57
C GLY G 425 -5.22 -7.60 158.62
N TYR G 426 -6.25 -8.16 158.00
CA TYR G 426 -6.60 -9.57 158.21
C TYR G 426 -5.54 -10.49 157.64
N THR G 427 -4.98 -10.15 156.47
CA THR G 427 -3.95 -10.97 155.85
C THR G 427 -2.72 -11.08 156.75
N ALA G 428 -2.36 -9.98 157.41
CA ALA G 428 -1.25 -10.04 158.36
C ALA G 428 -1.55 -11.04 159.47
N ALA G 429 -2.78 -11.05 159.96
CA ALA G 429 -3.15 -12.01 160.98
C ALA G 429 -3.02 -13.44 160.48
N LEU G 430 -3.44 -13.69 159.23
CA LEU G 430 -3.29 -15.04 158.69
C LEU G 430 -1.83 -15.42 158.56
N GLU G 431 -1.00 -14.49 158.09
CA GLU G 431 0.43 -14.78 157.97
C GLU G 431 1.06 -15.01 159.34
N ALA G 432 0.50 -14.40 160.38
CA ALA G 432 1.01 -14.62 161.72
C ALA G 432 0.57 -15.97 162.29
N ALA G 433 -0.71 -16.30 162.14
CA ALA G 433 -1.23 -17.52 162.75
C ALA G 433 -0.66 -18.77 162.10
N PHE G 434 -0.52 -18.77 160.78
CA PHE G 434 0.03 -19.92 160.06
C PHE G 434 1.44 -19.59 159.59
N SER G 435 2.29 -20.61 159.57
CA SER G 435 3.67 -20.48 159.15
C SER G 435 3.86 -21.27 157.86
N GLY G 436 4.58 -20.67 156.91
CA GLY G 436 4.91 -21.38 155.69
C GLY G 436 3.82 -21.41 154.65
N ARG G 437 2.70 -20.73 154.90
CA ARG G 437 1.61 -20.70 153.93
C ARG G 437 0.80 -19.44 154.14
N SER G 438 0.86 -18.52 153.18
CA SER G 438 0.10 -17.28 153.27
C SER G 438 -1.13 -17.39 152.38
N PRO G 439 -2.30 -17.70 152.93
CA PRO G 439 -3.47 -17.93 152.07
C PRO G 439 -4.21 -16.65 151.75
N LYS G 440 -4.46 -16.46 150.46
CA LYS G 440 -5.33 -15.38 150.04
C LYS G 440 -6.73 -15.60 150.61
N PRO G 441 -7.34 -14.56 151.17
CA PRO G 441 -8.61 -14.73 151.88
C PRO G 441 -9.69 -15.31 150.97
N HIS G 442 -10.48 -16.22 151.53
CA HIS G 442 -11.63 -16.81 150.85
C HIS G 442 -12.88 -16.11 151.38
N VAL G 443 -13.63 -15.48 150.49
CA VAL G 443 -14.77 -14.67 150.88
C VAL G 443 -16.05 -15.36 150.43
N ALA G 444 -16.94 -15.63 151.37
CA ALA G 444 -18.22 -16.26 151.05
C ALA G 444 -19.25 -15.19 150.69
N ILE G 445 -20.21 -15.56 149.85
CA ILE G 445 -21.28 -14.66 149.42
C ILE G 445 -22.59 -15.33 149.76
N GLY G 446 -23.39 -14.69 150.60
CA GLY G 446 -24.71 -15.20 150.96
C GLY G 446 -25.78 -14.28 150.40
N THR G 447 -26.64 -14.85 149.55
CA THR G 447 -27.67 -14.09 148.86
C THR G 447 -28.92 -14.94 148.75
N ASP G 448 -29.94 -14.41 148.08
CA ASP G 448 -31.17 -15.13 147.82
C ASP G 448 -31.08 -15.74 146.41
N MET G 449 -32.20 -16.28 145.93
CA MET G 449 -32.17 -17.17 144.78
C MET G 449 -32.21 -16.46 143.42
N ARG G 450 -32.57 -15.18 143.35
CA ARG G 450 -32.64 -14.56 142.04
C ARG G 450 -31.55 -13.53 141.82
N LEU G 451 -30.96 -13.03 142.88
CA LEU G 451 -29.88 -12.06 142.76
C LEU G 451 -28.59 -12.63 142.13
N PRO G 452 -28.26 -13.92 142.29
CA PRO G 452 -27.00 -14.40 141.68
C PRO G 452 -26.95 -14.26 140.19
N GLN G 453 -28.09 -14.33 139.49
CA GLN G 453 -28.07 -14.27 138.03
C GLN G 453 -27.53 -12.94 137.53
N TYR G 454 -27.46 -11.92 138.39
CA TYR G 454 -26.92 -10.64 138.01
C TYR G 454 -25.56 -10.34 138.64
N ILE G 455 -25.18 -11.06 139.69
CA ILE G 455 -23.90 -10.79 140.36
C ILE G 455 -22.84 -11.81 139.96
N GLN G 456 -23.25 -12.99 139.52
CA GLN G 456 -22.28 -14.01 139.15
C GLN G 456 -21.51 -13.58 137.91
N ILE G 457 -20.26 -13.98 137.82
CA ILE G 457 -19.47 -13.82 136.60
C ILE G 457 -18.73 -15.11 136.32
N ASN G 458 -18.89 -15.61 135.09
CA ASN G 458 -18.02 -16.66 134.55
C ASN G 458 -17.23 -16.05 133.41
N GLY G 459 -15.96 -15.75 133.67
CA GLY G 459 -15.12 -15.07 132.71
C GLY G 459 -14.21 -14.06 133.37
N ASP G 460 -14.62 -13.54 134.51
CA ASP G 460 -13.81 -12.65 135.34
C ASP G 460 -13.53 -13.32 136.68
N ASP G 461 -12.33 -13.10 137.19
CA ASP G 461 -12.01 -13.41 138.58
C ASP G 461 -12.32 -12.24 139.51
N ARG G 462 -12.91 -11.18 138.97
CA ARG G 462 -13.20 -9.95 139.71
C ARG G 462 -14.52 -10.05 140.47
N THR G 463 -15.16 -11.21 140.45
CA THR G 463 -16.46 -11.37 141.11
C THR G 463 -16.39 -10.96 142.57
N VAL G 464 -15.26 -11.20 143.22
CA VAL G 464 -15.00 -10.62 144.53
C VAL G 464 -13.62 -9.99 144.50
N GLY G 465 -12.98 -10.02 143.33
CA GLY G 465 -11.66 -9.46 143.19
C GLY G 465 -10.61 -10.49 142.82
N ILE G 466 -9.57 -10.04 142.10
CA ILE G 466 -8.51 -10.95 141.69
C ILE G 466 -7.80 -11.50 142.92
N GLY G 467 -7.30 -12.72 142.80
CA GLY G 467 -6.63 -13.38 143.90
C GLY G 467 -7.54 -13.60 145.09
N TYR G 468 -8.82 -13.82 144.83
CA TYR G 468 -9.78 -14.08 145.89
C TYR G 468 -10.64 -15.27 145.50
N ASP G 469 -10.91 -16.12 146.48
CA ASP G 469 -11.74 -17.28 146.28
C ASP G 469 -13.13 -17.04 146.89
N TYR G 470 -14.14 -17.27 146.07
CA TYR G 470 -15.52 -16.99 146.46
C TYR G 470 -16.41 -18.17 146.10
N THR G 471 -17.37 -18.43 146.97
CA THR G 471 -18.37 -19.45 146.74
C THR G 471 -19.74 -18.87 147.07
N ILE G 472 -20.67 -18.92 146.12
CA ILE G 472 -22.00 -18.38 146.31
C ILE G 472 -22.90 -19.49 146.82
N ALA G 473 -23.58 -19.23 147.93
CA ALA G 473 -24.55 -20.15 148.50
C ALA G 473 -25.92 -19.50 148.43
N ARG G 474 -26.91 -20.27 147.99
CA ARG G 474 -28.26 -19.76 147.83
C ARG G 474 -29.20 -20.37 148.87
N ILE G 475 -29.95 -19.51 149.54
CA ILE G 475 -30.95 -19.93 150.51
C ILE G 475 -32.26 -19.22 150.21
N SER G 476 -33.36 -19.95 150.37
CA SER G 476 -34.67 -19.48 149.93
C SER G 476 -35.44 -18.72 150.99
N ASP G 477 -34.92 -18.59 152.20
CA ASP G 477 -35.65 -17.91 153.26
C ASP G 477 -35.90 -16.45 152.88
N LEU G 478 -37.13 -15.99 153.13
CA LEU G 478 -37.50 -14.64 152.72
C LEU G 478 -36.89 -13.57 153.61
N ARG G 479 -36.36 -13.94 154.77
CA ARG G 479 -35.56 -12.97 155.52
C ARG G 479 -34.30 -12.58 154.78
N MET G 480 -33.86 -13.42 153.84
CA MET G 480 -32.67 -13.14 153.05
C MET G 480 -32.99 -12.47 151.72
N LYS G 481 -34.24 -12.07 151.52
CA LYS G 481 -34.62 -11.38 150.29
C LYS G 481 -33.84 -10.08 150.14
N ASP G 482 -33.28 -9.88 148.95
CA ASP G 482 -32.63 -8.62 148.58
C ASP G 482 -31.54 -8.23 149.57
N LYS G 483 -30.76 -9.19 150.05
CA LYS G 483 -29.71 -8.90 151.02
C LYS G 483 -28.47 -9.72 150.70
N ILE G 484 -27.31 -9.12 150.91
CA ILE G 484 -26.03 -9.77 150.65
C ILE G 484 -25.24 -9.77 151.95
N VAL G 485 -24.75 -10.93 152.35
CA VAL G 485 -23.97 -11.10 153.57
C VAL G 485 -22.62 -11.70 153.19
N MET G 486 -21.55 -11.15 153.76
CA MET G 486 -20.21 -11.57 153.44
C MET G 486 -19.35 -11.65 154.70
N THR G 487 -18.34 -12.50 154.65
CA THR G 487 -17.36 -12.64 155.73
C THR G 487 -16.21 -13.49 155.23
N PHE G 488 -15.14 -13.53 156.03
CA PHE G 488 -13.96 -14.32 155.70
C PHE G 488 -14.03 -15.68 156.36
N ILE G 489 -13.61 -16.71 155.62
CA ILE G 489 -13.68 -18.10 156.06
C ILE G 489 -12.39 -18.81 155.68
N LEU G 490 -11.98 -19.75 156.53
CA LEU G 490 -10.96 -20.71 156.18
C LEU G 490 -11.62 -22.00 155.75
N PRO G 491 -11.46 -22.42 154.50
CA PRO G 491 -12.23 -23.59 154.02
C PRO G 491 -11.63 -24.92 154.43
N ASN G 492 -10.31 -25.04 154.52
CA ASN G 492 -9.68 -26.34 154.68
C ASN G 492 -9.69 -26.83 156.12
N GLU G 493 -9.96 -25.97 157.09
CA GLU G 493 -9.92 -26.32 158.50
C GLU G 493 -11.30 -26.73 158.99
N SER G 494 -11.34 -27.75 159.85
CA SER G 494 -12.57 -28.20 160.46
C SER G 494 -12.52 -28.23 161.98
N GLU G 495 -11.60 -27.51 162.58
CA GLU G 495 -11.36 -27.52 164.00
C GLU G 495 -11.67 -26.16 164.60
N PRO G 496 -11.91 -26.08 165.91
CA PRO G 496 -12.20 -24.77 166.52
C PRO G 496 -10.98 -23.85 166.52
N HIS G 497 -10.63 -23.38 165.34
CA HIS G 497 -9.55 -22.42 165.15
C HIS G 497 -10.12 -21.01 165.19
N PRO G 498 -9.59 -20.13 166.04
CA PRO G 498 -10.28 -18.87 166.34
C PRO G 498 -10.55 -17.98 165.13
N LEU G 499 -9.95 -18.23 163.97
CA LEU G 499 -10.24 -17.43 162.80
C LEU G 499 -11.44 -17.95 162.01
N GLN G 500 -12.08 -19.01 162.47
CA GLN G 500 -13.36 -19.43 161.91
C GLN G 500 -14.41 -18.36 162.15
N HIS G 501 -15.28 -18.16 161.16
CA HIS G 501 -16.36 -17.21 161.37
C HIS G 501 -17.35 -17.71 162.40
N GLY G 502 -17.60 -19.00 162.40
CA GLY G 502 -18.49 -19.58 163.39
C GLY G 502 -18.43 -21.10 163.33
N VAL G 503 -18.71 -21.71 164.47
CA VAL G 503 -18.71 -23.17 164.59
C VAL G 503 -20.04 -23.61 165.16
N LEU G 504 -20.61 -24.63 164.54
CA LEU G 504 -21.91 -25.16 164.94
C LEU G 504 -21.69 -26.33 165.89
N GLY G 505 -21.81 -26.07 167.18
CA GLY G 505 -21.72 -27.16 168.15
C GLY G 505 -22.92 -28.07 168.01
N PHE G 506 -22.70 -29.26 167.47
CA PHE G 506 -23.80 -30.18 167.15
C PHE G 506 -23.57 -31.48 167.89
N ILE G 507 -24.62 -32.00 168.52
CA ILE G 507 -24.52 -33.28 169.21
C ILE G 507 -25.30 -34.33 168.41
N PRO G 508 -24.90 -35.59 168.41
CA PRO G 508 -25.77 -36.63 167.89
C PRO G 508 -26.77 -37.07 168.95
N GLU G 509 -28.05 -36.92 168.63
CA GLU G 509 -29.12 -37.38 169.52
C GLU G 509 -30.14 -38.13 168.69
N TYR G 510 -30.72 -39.17 169.26
CA TYR G 510 -31.62 -40.06 168.56
C TYR G 510 -32.97 -40.13 169.24
N LEU G 511 -33.97 -40.55 168.47
CA LEU G 511 -35.35 -40.63 168.91
C LEU G 511 -35.50 -41.60 170.07
N VAL G 512 -36.63 -41.48 170.77
CA VAL G 512 -36.96 -42.35 171.90
C VAL G 512 -38.36 -42.90 171.67
N ASP G 513 -38.45 -44.18 171.31
CA ASP G 513 -39.70 -44.83 170.91
C ASP G 513 -40.24 -45.64 172.07
N PHE G 514 -41.48 -45.37 172.46
CA PHE G 514 -42.09 -46.06 173.58
C PHE G 514 -43.57 -45.74 173.63
N ASN G 515 -44.31 -46.53 174.40
CA ASN G 515 -45.72 -46.28 174.62
C ASN G 515 -45.90 -45.47 175.91
N MET G 516 -46.89 -44.59 175.93
CA MET G 516 -47.05 -43.67 177.06
C MET G 516 -48.48 -43.17 177.11
N ILE G 517 -49.03 -43.10 178.31
CA ILE G 517 -50.42 -42.65 178.48
C ILE G 517 -50.42 -41.18 178.88
N ARG G 518 -51.26 -40.39 178.22
CA ARG G 518 -51.40 -38.97 178.53
C ARG G 518 -52.88 -38.63 178.52
N ASN G 519 -53.42 -38.34 179.70
CA ASN G 519 -54.84 -38.03 179.90
C ASN G 519 -55.74 -39.14 179.37
N GLN G 520 -55.36 -40.40 179.62
CA GLN G 520 -56.20 -41.57 179.40
C GLN G 520 -56.53 -41.81 177.93
N ARG G 521 -55.52 -41.82 177.07
CA ARG G 521 -55.63 -42.25 175.68
C ARG G 521 -54.49 -43.21 175.38
N ILE G 522 -54.69 -44.05 174.37
CA ILE G 522 -53.67 -45.04 174.03
C ILE G 522 -53.00 -44.68 172.71
N GLY G 523 -51.67 -44.73 172.69
CA GLY G 523 -50.96 -44.56 171.44
C GLY G 523 -49.47 -44.69 171.65
N ARG G 524 -48.75 -44.80 170.54
CA ARG G 524 -47.29 -44.79 170.55
C ARG G 524 -46.81 -43.40 170.16
N GLU G 525 -45.70 -42.99 170.77
CA GLU G 525 -45.14 -41.68 170.52
C GLU G 525 -43.69 -41.81 170.09
N ILE G 526 -43.25 -40.91 169.22
CA ILE G 526 -41.85 -40.79 168.84
C ILE G 526 -41.41 -39.36 169.10
N ARG G 527 -40.45 -39.20 170.02
CA ARG G 527 -39.91 -37.90 170.37
C ARG G 527 -38.53 -37.75 169.76
N LEU G 528 -38.28 -36.59 169.16
CA LEU G 528 -36.96 -36.29 168.61
C LEU G 528 -36.47 -35.02 169.28
N THR G 529 -35.44 -35.15 170.12
CA THR G 529 -35.00 -34.06 170.97
C THR G 529 -33.69 -33.51 170.44
N PRO G 530 -33.68 -32.34 169.81
CA PRO G 530 -32.43 -31.79 169.28
C PRO G 530 -31.64 -31.02 170.32
N ARG G 531 -30.33 -31.01 170.13
CA ARG G 531 -29.43 -30.14 170.87
C ARG G 531 -28.37 -29.62 169.92
N TYR G 532 -28.28 -28.30 169.79
CA TYR G 532 -27.34 -27.68 168.88
C TYR G 532 -27.31 -26.19 169.15
N ARG G 533 -26.19 -25.55 168.83
CA ARG G 533 -26.03 -24.14 169.08
C ARG G 533 -25.03 -23.55 168.10
N TYR G 534 -25.31 -22.32 167.67
CA TYR G 534 -24.45 -21.58 166.75
C TYR G 534 -23.58 -20.63 167.56
N PHE G 535 -22.27 -20.70 167.38
CA PHE G 535 -21.32 -19.84 168.07
C PHE G 535 -20.59 -18.96 167.07
N ASN G 536 -20.16 -17.79 167.52
CA ASN G 536 -19.57 -16.79 166.65
C ASN G 536 -18.19 -16.41 167.15
N PHE G 537 -17.23 -16.36 166.23
CA PHE G 537 -15.86 -16.04 166.60
C PHE G 537 -15.37 -14.76 165.93
N LEU G 538 -15.62 -14.63 164.63
CA LEU G 538 -15.02 -13.54 163.88
C LEU G 538 -15.90 -12.29 163.94
N PRO G 539 -15.38 -11.17 164.45
CA PRO G 539 -16.18 -9.93 164.46
C PRO G 539 -15.97 -9.08 163.22
N ILE G 540 -16.13 -9.64 162.03
CA ILE G 540 -16.03 -8.89 160.78
C ILE G 540 -17.23 -9.25 159.91
N MET G 541 -17.92 -8.23 159.42
CA MET G 541 -19.12 -8.44 158.62
C MET G 541 -19.37 -7.23 157.73
N LEU G 542 -19.76 -7.50 156.50
CA LEU G 542 -20.08 -6.45 155.54
C LEU G 542 -21.46 -6.74 154.95
N VAL G 543 -22.26 -5.69 154.78
CA VAL G 543 -23.63 -5.85 154.30
C VAL G 543 -23.82 -5.01 153.05
N ILE G 544 -24.36 -5.63 152.01
CA ILE G 544 -24.71 -4.95 150.77
C ILE G 544 -26.21 -5.06 150.57
N ASN G 545 -26.89 -3.93 150.49
CA ASN G 545 -28.33 -3.89 150.26
C ASN G 545 -28.61 -3.43 148.85
N VAL G 546 -29.28 -4.28 148.08
CA VAL G 546 -29.66 -3.97 146.71
C VAL G 546 -31.15 -3.73 146.69
N ILE G 547 -31.56 -2.61 146.09
CA ILE G 547 -32.95 -2.18 146.13
C ILE G 547 -33.29 -1.51 144.82
N ASN G 548 -34.58 -1.49 144.49
CA ASN G 548 -35.13 -0.75 143.35
C ASN G 548 -34.74 -1.34 142.01
N LEU G 549 -34.35 -2.62 141.99
CA LEU G 549 -33.92 -3.24 140.74
C LEU G 549 -35.09 -3.44 139.78
N GLU G 550 -36.26 -3.73 140.32
CA GLU G 550 -37.43 -3.99 139.49
C GLU G 550 -37.74 -2.82 138.58
N GLU G 551 -38.00 -1.65 139.15
CA GLU G 551 -38.24 -0.47 138.32
C GLU G 551 -36.96 -0.06 137.58
N ALA G 552 -35.80 -0.47 138.08
CA ALA G 552 -34.56 -0.17 137.37
C ALA G 552 -34.56 -0.77 135.98
N ILE G 553 -34.86 -2.06 135.87
CA ILE G 553 -35.01 -2.63 134.54
C ILE G 553 -36.28 -2.11 133.87
N ALA G 554 -37.39 -2.04 134.61
CA ALA G 554 -38.67 -1.66 134.04
C ALA G 554 -38.72 -0.24 133.51
N GLN G 555 -38.12 0.72 134.21
CA GLN G 555 -38.17 2.12 133.83
C GLN G 555 -36.91 2.49 133.06
N ARG G 556 -36.99 3.58 132.31
CA ARG G 556 -35.84 4.09 131.58
C ARG G 556 -34.70 4.40 132.54
N THR G 557 -33.50 3.98 132.17
CA THR G 557 -32.30 4.25 132.94
C THR G 557 -31.48 5.30 132.20
N ALA G 558 -31.82 6.56 132.45
CA ALA G 558 -31.20 7.66 131.74
C ALA G 558 -29.77 7.89 132.21
N LEU G 559 -28.94 8.34 131.29
CA LEU G 559 -27.58 8.76 131.63
C LEU G 559 -27.66 9.96 132.56
N ASP G 560 -27.13 9.83 133.77
CA ASP G 560 -27.19 10.91 134.75
C ASP G 560 -26.22 11.99 134.32
N VAL G 561 -26.71 12.92 133.50
CA VAL G 561 -25.86 13.90 132.83
C VAL G 561 -25.25 14.84 133.88
N ASN G 562 -23.96 14.69 134.12
CA ASN G 562 -23.25 15.62 135.00
C ASN G 562 -22.78 16.84 134.22
N GLU G 563 -23.51 17.95 134.30
CA GLU G 563 -22.96 19.21 133.82
C GLU G 563 -21.90 19.70 134.80
N THR G 564 -20.95 20.50 134.32
CA THR G 564 -20.20 21.41 135.18
C THR G 564 -20.22 22.82 134.60
N GLN G 565 -21.34 23.50 134.84
CA GLN G 565 -21.42 24.94 135.03
C GLN G 565 -20.55 25.74 134.06
N VAL G 566 -20.84 25.62 132.76
CA VAL G 566 -20.25 26.56 131.82
C VAL G 566 -21.36 27.35 131.18
N THR G 567 -21.76 28.30 131.80
CA THR G 567 -22.84 29.25 131.62
C THR G 567 -22.79 30.28 132.74
N PRO G 568 -23.41 31.44 132.60
CA PRO G 568 -23.42 32.40 133.72
C PRO G 568 -24.21 31.89 134.92
N ALA G 569 -23.70 30.84 135.57
CA ALA G 569 -24.33 30.31 136.77
C ALA G 569 -23.30 29.85 137.79
N SER G 570 -22.02 30.15 137.56
CA SER G 570 -20.96 29.82 138.48
C SER G 570 -19.66 30.53 138.09
N HIS H 1 -50.67 -29.74 115.47
CA HIS H 1 -50.04 -28.43 115.54
C HIS H 1 -49.17 -28.32 116.78
N GLU H 2 -48.23 -27.37 116.77
CA GLU H 2 -47.23 -27.31 117.83
C GLU H 2 -47.80 -26.69 119.11
N PHE H 3 -48.68 -25.70 118.97
CA PHE H 3 -49.09 -24.91 120.13
C PHE H 3 -49.84 -25.74 121.16
N ALA H 4 -50.91 -26.42 120.77
CA ALA H 4 -51.65 -27.20 121.75
C ALA H 4 -50.79 -28.33 122.31
N GLU H 5 -49.83 -28.81 121.51
CA GLU H 5 -48.87 -29.79 122.02
C GLU H 5 -48.01 -29.20 123.12
N LEU H 6 -47.59 -27.94 122.97
CA LEU H 6 -46.65 -27.35 123.92
C LEU H 6 -47.29 -27.13 125.27
N PHE H 7 -48.53 -26.64 125.30
CA PHE H 7 -49.17 -26.24 126.54
C PHE H 7 -50.04 -27.32 127.16
N TYR H 8 -50.51 -28.29 126.38
CA TYR H 8 -51.37 -29.35 126.88
C TYR H 8 -50.98 -30.66 126.23
N ARG H 9 -50.26 -31.50 126.96
CA ARG H 9 -49.75 -32.73 126.38
C ARG H 9 -50.88 -33.73 126.18
N THR H 10 -50.83 -34.44 125.05
CA THR H 10 -51.86 -35.40 124.72
C THR H 10 -51.66 -36.68 125.51
N TYR H 11 -52.65 -37.02 126.34
CA TYR H 11 -52.63 -38.26 127.12
C TYR H 11 -53.74 -39.15 126.59
N ILE H 12 -53.40 -40.05 125.68
CA ILE H 12 -54.36 -40.96 125.07
C ILE H 12 -54.86 -41.91 126.16
N VAL H 13 -56.12 -42.31 126.05
CA VAL H 13 -56.75 -43.23 126.99
C VAL H 13 -57.48 -44.29 126.19
N THR H 14 -57.46 -45.53 126.68
CA THR H 14 -58.20 -46.60 126.04
C THR H 14 -59.69 -46.28 126.02
N PRO H 15 -60.40 -46.64 124.95
CA PRO H 15 -61.76 -46.13 124.74
C PRO H 15 -62.85 -46.78 125.58
N ASP H 16 -62.51 -47.52 126.64
CA ASP H 16 -63.54 -48.10 127.51
C ASP H 16 -63.58 -47.41 128.87
N GLN H 17 -62.96 -46.24 129.00
CA GLN H 17 -62.91 -45.52 130.25
C GLN H 17 -63.55 -44.16 130.06
N ALA H 18 -64.35 -43.74 131.03
CA ALA H 18 -65.03 -42.45 130.96
C ALA H 18 -64.15 -41.30 131.44
N GLY H 19 -63.06 -41.59 132.13
CA GLY H 19 -62.19 -40.54 132.65
C GLY H 19 -61.06 -41.16 133.47
N PHE H 20 -60.43 -40.31 134.28
CA PHE H 20 -59.34 -40.76 135.13
C PHE H 20 -59.44 -40.08 136.48
N GLN H 21 -59.28 -40.89 137.53
CA GLN H 21 -59.27 -40.42 138.92
C GLN H 21 -57.84 -40.14 139.32
N LEU H 22 -57.60 -38.97 139.90
CA LEU H 22 -56.25 -38.55 140.28
C LEU H 22 -56.13 -38.53 141.79
N SER H 23 -55.22 -39.36 142.30
CA SER H 23 -54.98 -39.46 143.74
C SER H 23 -53.74 -38.63 144.09
N ILE H 24 -53.94 -37.58 144.87
CA ILE H 24 -52.85 -36.70 145.28
C ILE H 24 -52.58 -36.94 146.77
N ARG H 25 -51.32 -36.80 147.16
CA ARG H 25 -50.89 -37.00 148.54
C ARG H 25 -50.26 -35.73 149.09
N ARG H 26 -50.60 -35.37 150.33
CA ARG H 26 -50.10 -34.17 150.96
C ARG H 26 -49.63 -34.54 152.36
N ASN H 27 -48.44 -34.07 152.74
CA ASN H 27 -47.88 -34.41 154.04
C ASN H 27 -48.00 -33.19 154.96
N LEU H 28 -48.59 -33.39 156.13
CA LEU H 28 -49.07 -32.30 156.97
C LEU H 28 -48.31 -32.22 158.29
N VAL H 29 -48.05 -30.99 158.71
CA VAL H 29 -47.48 -30.71 160.03
C VAL H 29 -48.35 -29.68 160.72
N TRP H 30 -48.85 -30.03 161.89
CA TRP H 30 -49.87 -29.22 162.55
C TRP H 30 -49.96 -29.59 164.02
N GLU H 31 -50.37 -28.60 164.81
CA GLU H 31 -50.31 -28.66 166.27
C GLU H 31 -51.56 -29.32 166.83
N GLY H 32 -51.42 -29.95 167.99
CA GLY H 32 -52.39 -30.86 168.57
C GLY H 32 -53.86 -30.54 168.36
N TRP H 33 -54.62 -31.58 168.02
CA TRP H 33 -56.00 -31.39 167.61
C TRP H 33 -56.86 -30.80 168.72
N THR H 34 -57.84 -30.01 168.31
CA THR H 34 -58.61 -29.16 169.20
C THR H 34 -59.26 -30.00 170.30
N GLY H 35 -58.76 -29.85 171.51
CA GLY H 35 -59.27 -30.64 172.61
C GLY H 35 -58.98 -32.11 172.42
N GLU H 36 -59.60 -32.93 173.28
CA GLU H 36 -59.46 -34.38 173.20
C GLU H 36 -60.81 -35.06 173.43
N GLY H 37 -61.88 -34.38 173.06
CA GLY H 37 -63.22 -34.79 173.45
C GLY H 37 -63.83 -33.71 174.30
N LEU H 38 -63.04 -32.66 174.56
CA LEU H 38 -63.46 -31.50 175.33
C LEU H 38 -63.04 -30.23 174.61
N SER H 39 -64.02 -29.37 174.32
CA SER H 39 -63.81 -28.18 173.50
C SER H 39 -63.17 -28.53 172.16
N GLY H 40 -63.72 -29.54 171.48
CA GLY H 40 -63.26 -29.89 170.15
C GLY H 40 -63.60 -28.83 169.12
N GLU H 41 -64.79 -28.25 169.23
CA GLU H 41 -65.22 -27.09 168.45
C GLU H 41 -65.47 -27.40 166.98
N LYS H 42 -66.44 -26.71 166.38
CA LYS H 42 -66.76 -26.82 164.97
C LYS H 42 -65.76 -26.09 164.09
N GLN H 43 -64.75 -25.47 164.69
CA GLN H 43 -63.77 -24.70 163.95
C GLN H 43 -62.94 -25.60 163.05
N GLU H 44 -62.53 -25.06 161.91
CA GLU H 44 -61.59 -25.76 161.04
C GLU H 44 -60.31 -26.05 161.82
N ILE H 45 -59.73 -27.20 161.56
CA ILE H 45 -58.48 -27.60 162.21
C ILE H 45 -57.33 -27.18 161.32
N SER H 46 -56.45 -26.34 161.87
CA SER H 46 -55.38 -25.75 161.09
C SER H 46 -54.44 -26.82 160.54
N LYS H 47 -54.15 -26.72 159.24
CA LYS H 47 -53.24 -27.63 158.55
C LYS H 47 -52.34 -26.82 157.63
N ARG H 48 -51.07 -27.19 157.57
CA ARG H 48 -50.10 -26.52 156.72
C ARG H 48 -49.36 -27.55 155.90
N ASN H 49 -49.01 -27.18 154.66
CA ASN H 49 -48.09 -28.01 153.91
C ASN H 49 -46.67 -27.76 154.39
N ILE H 50 -45.87 -28.84 154.45
CA ILE H 50 -44.53 -28.72 155.01
C ILE H 50 -43.64 -27.88 154.13
N LEU H 51 -43.91 -27.84 152.82
CA LEU H 51 -43.09 -27.03 151.92
C LEU H 51 -43.10 -25.56 152.31
N GLN H 52 -44.15 -25.08 152.96
CA GLN H 52 -44.16 -23.71 153.46
C GLN H 52 -43.10 -23.50 154.52
N GLY H 53 -42.69 -24.55 155.22
CA GLY H 53 -41.58 -24.44 156.15
C GLY H 53 -40.26 -24.11 155.49
N LEU H 54 -40.03 -24.60 154.28
CA LEU H 54 -38.83 -24.26 153.54
C LEU H 54 -38.82 -22.80 153.12
N LEU H 55 -39.98 -22.24 152.79
CA LEU H 55 -40.05 -20.88 152.27
C LEU H 55 -40.30 -19.90 153.42
N ASP H 56 -41.41 -20.08 154.13
CA ASP H 56 -41.68 -19.25 155.30
C ASP H 56 -40.85 -19.74 156.48
N TYR H 57 -40.76 -18.92 157.53
CA TYR H 57 -40.08 -19.32 158.76
C TYR H 57 -41.01 -19.30 159.96
N THR H 58 -42.26 -18.88 159.78
CA THR H 58 -43.20 -18.75 160.88
C THR H 58 -44.09 -19.98 161.03
N THR H 59 -43.82 -21.04 160.26
CA THR H 59 -44.63 -22.24 160.29
C THR H 59 -44.07 -23.32 161.20
N LEU H 60 -42.82 -23.19 161.65
CA LEU H 60 -42.22 -24.17 162.53
C LEU H 60 -41.45 -23.46 163.63
N GLU H 61 -41.84 -23.68 164.88
CA GLU H 61 -41.15 -23.14 166.02
C GLU H 61 -41.12 -24.19 167.12
N THR H 62 -40.13 -24.07 168.00
CA THR H 62 -39.97 -24.96 169.14
C THR H 62 -39.70 -24.11 170.38
N ASN H 63 -40.76 -23.69 171.07
CA ASN H 63 -40.61 -23.01 172.34
C ASN H 63 -41.64 -23.54 173.32
N SER H 64 -42.10 -24.78 173.10
CA SER H 64 -43.10 -25.37 173.98
C SER H 64 -42.55 -25.55 175.39
N THR H 65 -41.32 -26.04 175.50
CA THR H 65 -40.67 -26.25 176.80
C THR H 65 -39.74 -25.07 177.08
N GLU H 66 -40.33 -23.93 177.41
CA GLU H 66 -39.54 -22.74 177.69
C GLU H 66 -40.06 -22.12 178.98
N LEU H 67 -39.12 -21.75 179.85
CA LEU H 67 -39.44 -21.23 181.17
C LEU H 67 -39.42 -19.72 181.10
N ILE H 68 -40.56 -19.14 180.74
CA ILE H 68 -40.68 -17.69 180.59
C ILE H 68 -41.56 -17.17 181.73
N PRO H 69 -41.17 -16.09 182.40
CA PRO H 69 -41.96 -15.60 183.52
C PRO H 69 -43.37 -15.20 183.11
N VAL H 70 -44.32 -15.43 184.01
CA VAL H 70 -45.72 -15.14 183.78
C VAL H 70 -46.21 -14.21 184.87
N ILE H 71 -46.85 -13.11 184.48
CA ILE H 71 -47.36 -12.13 185.42
C ILE H 71 -48.65 -12.70 186.00
N GLN H 72 -48.99 -12.29 187.22
CA GLN H 72 -50.27 -12.61 187.83
C GLN H 72 -50.50 -11.61 188.94
N SER H 73 -51.43 -10.68 188.71
CA SER H 73 -51.66 -9.57 189.63
C SER H 73 -52.23 -10.09 190.94
N GLY H 74 -51.67 -9.62 192.05
CA GLY H 74 -52.18 -9.96 193.36
C GLY H 74 -51.54 -11.14 194.05
N GLU H 75 -50.71 -11.92 193.36
CA GLU H 75 -50.02 -13.04 193.99
C GLU H 75 -48.51 -12.95 193.90
N ASN H 76 -47.95 -12.37 192.83
CA ASN H 76 -46.51 -12.25 192.72
C ASN H 76 -46.10 -10.99 191.96
N ASP H 77 -45.86 -9.91 192.70
CA ASP H 77 -45.31 -8.69 192.10
C ASP H 77 -44.11 -8.16 192.87
N GLU H 78 -43.65 -8.84 193.90
CA GLU H 78 -42.36 -8.55 194.52
C GLU H 78 -41.21 -9.22 193.78
N GLN H 79 -41.47 -9.80 192.61
CA GLN H 79 -40.44 -10.36 191.75
C GLN H 79 -40.35 -9.65 190.41
N PHE H 80 -41.40 -8.96 189.99
CA PHE H 80 -41.38 -8.18 188.76
C PHE H 80 -41.11 -6.72 189.09
N ILE H 81 -40.54 -6.01 188.12
CA ILE H 81 -40.41 -4.57 188.26
C ILE H 81 -41.80 -3.95 188.30
N ASP H 82 -41.91 -2.81 188.97
CA ASP H 82 -43.21 -2.15 189.05
C ASP H 82 -43.70 -1.75 187.66
N PRO H 83 -45.00 -1.78 187.43
CA PRO H 83 -45.51 -1.43 186.10
C PRO H 83 -45.54 0.07 185.85
N SER H 84 -44.89 0.84 186.73
CA SER H 84 -44.80 2.28 186.59
C SER H 84 -43.58 2.73 185.79
N VAL H 85 -42.74 1.80 185.35
CA VAL H 85 -41.58 2.11 184.54
C VAL H 85 -41.68 1.55 183.12
N LEU H 86 -42.05 0.27 182.99
CA LEU H 86 -42.27 -0.30 181.67
C LEU H 86 -43.51 -1.18 181.74
N PRO H 87 -44.62 -0.74 181.14
CA PRO H 87 -45.87 -1.52 181.21
C PRO H 87 -45.73 -2.92 180.64
N ALA H 88 -46.43 -3.88 181.23
CA ALA H 88 -46.35 -5.27 180.79
C ALA H 88 -46.84 -5.40 179.36
N GLN H 89 -46.13 -6.21 178.57
CA GLN H 89 -46.51 -6.52 177.20
C GLN H 89 -46.65 -8.02 177.01
N THR H 90 -47.61 -8.40 176.17
CA THR H 90 -47.96 -9.80 175.99
C THR H 90 -47.06 -10.47 174.94
N VAL H 91 -46.74 -11.73 175.18
CA VAL H 91 -46.02 -12.54 174.22
C VAL H 91 -46.74 -13.87 174.07
N LYS H 92 -46.98 -14.27 172.82
CA LYS H 92 -47.64 -15.54 172.56
C LYS H 92 -46.72 -16.69 172.91
N GLN H 93 -47.29 -17.73 173.52
CA GLN H 93 -46.54 -18.96 173.78
C GLN H 93 -47.55 -20.08 174.02
N GLY H 94 -47.21 -21.27 173.53
CA GLY H 94 -48.12 -22.38 173.69
C GLY H 94 -49.40 -22.14 172.93
N LYS H 95 -50.53 -22.16 173.63
CA LYS H 95 -51.82 -21.92 173.04
C LYS H 95 -52.61 -20.81 173.74
N ASP H 96 -51.97 -20.02 174.60
CA ASP H 96 -52.64 -18.98 175.36
C ASP H 96 -51.76 -17.75 175.48
N THR H 97 -52.37 -16.65 175.88
CA THR H 97 -51.66 -15.38 176.05
C THR H 97 -51.44 -15.09 177.53
N PHE H 98 -50.39 -14.33 177.80
CA PHE H 98 -50.01 -13.93 179.15
C PHE H 98 -48.90 -12.89 179.10
N ASP H 99 -48.89 -11.96 180.06
CA ASP H 99 -47.93 -10.87 180.02
C ASP H 99 -46.65 -11.26 180.73
N THR H 100 -45.51 -10.84 180.15
CA THR H 100 -44.21 -11.07 180.74
C THR H 100 -43.47 -9.74 180.89
N ASN H 101 -42.46 -9.73 181.76
CA ASN H 101 -41.81 -8.48 182.13
C ASN H 101 -40.40 -8.76 182.64
N PHE H 102 -39.60 -7.70 182.73
CA PHE H 102 -38.28 -7.83 183.32
C PHE H 102 -38.37 -8.04 184.83
N LEU H 103 -37.55 -8.96 185.33
CA LEU H 103 -37.56 -9.25 186.75
C LEU H 103 -36.75 -8.22 187.53
N LYS H 104 -37.16 -7.98 188.77
CA LYS H 104 -36.48 -7.03 189.64
C LYS H 104 -35.15 -7.60 190.13
N PHE H 105 -34.13 -6.76 190.20
CA PHE H 105 -32.85 -7.19 190.75
C PHE H 105 -33.02 -7.56 192.21
N SER H 106 -32.38 -8.65 192.62
CA SER H 106 -32.51 -9.17 193.97
C SER H 106 -31.34 -8.67 194.80
N GLU H 107 -31.65 -8.00 195.91
CA GLU H 107 -30.59 -7.52 196.81
C GLU H 107 -30.66 -8.10 198.21
N ASN H 108 -31.85 -8.45 198.72
CA ASN H 108 -31.96 -9.03 200.05
C ASN H 108 -33.12 -10.01 200.03
N GLY H 109 -33.08 -10.94 200.99
CA GLY H 109 -34.21 -11.83 201.19
C GLY H 109 -34.41 -12.80 200.04
N GLU H 110 -35.65 -13.25 199.91
CA GLU H 110 -35.99 -14.22 198.88
C GLU H 110 -35.71 -13.64 197.50
N GLY H 111 -34.95 -14.38 196.71
CA GLY H 111 -34.75 -14.03 195.32
C GLY H 111 -35.89 -14.54 194.49
N PHE H 112 -35.59 -15.22 193.39
CA PHE H 112 -36.63 -15.81 192.56
C PHE H 112 -36.61 -17.32 192.73
N ASN H 113 -37.79 -17.85 193.04
CA ASN H 113 -38.02 -19.29 193.11
C ASN H 113 -38.65 -19.69 191.77
N LEU H 114 -37.80 -20.02 190.80
CA LEU H 114 -38.18 -19.92 189.39
C LEU H 114 -39.41 -20.73 189.07
N LEU H 115 -39.54 -21.92 189.64
CA LEU H 115 -40.68 -22.76 189.30
C LEU H 115 -41.91 -22.40 190.13
N MET H 116 -42.17 -21.10 190.22
CA MET H 116 -43.43 -20.58 190.74
C MET H 116 -43.86 -19.44 189.82
N LEU H 117 -42.92 -18.95 189.01
CA LEU H 117 -43.17 -17.88 188.07
C LEU H 117 -43.25 -18.37 186.62
N ALA H 118 -42.91 -19.62 186.35
CA ALA H 118 -42.87 -20.13 184.99
C ALA H 118 -43.99 -21.11 184.73
N GLN H 119 -45.09 -21.00 185.47
CA GLN H 119 -46.24 -21.87 185.28
C GLN H 119 -47.17 -21.21 184.26
N THR H 120 -47.01 -21.59 183.00
CA THR H 120 -47.96 -21.19 181.99
C THR H 120 -49.30 -21.87 182.28
N PRO H 121 -50.41 -21.17 182.03
CA PRO H 121 -51.72 -21.78 182.34
C PRO H 121 -51.97 -23.06 181.57
N SER H 122 -51.21 -23.31 180.51
CA SER H 122 -51.30 -24.59 179.83
C SER H 122 -50.88 -25.73 180.74
N ARG H 123 -49.76 -25.58 181.45
CA ARG H 123 -49.32 -26.62 182.37
C ARG H 123 -50.30 -26.79 183.51
N LEU H 124 -50.84 -25.69 184.03
CA LEU H 124 -51.72 -25.78 185.20
C LEU H 124 -52.97 -26.59 184.92
N LYS H 125 -53.56 -26.42 183.73
CA LYS H 125 -54.72 -27.22 183.38
C LYS H 125 -54.37 -28.70 183.30
N LYS H 126 -53.13 -29.02 182.94
CA LYS H 126 -52.71 -30.41 182.85
C LYS H 126 -52.50 -31.04 184.22
N GLY H 127 -52.34 -30.24 185.26
CA GLY H 127 -52.11 -30.73 186.60
C GLY H 127 -51.15 -29.84 187.37
N SER H 128 -51.16 -30.02 188.70
CA SER H 128 -50.33 -29.21 189.58
C SER H 128 -48.85 -29.41 189.27
N MET H 129 -48.01 -28.54 189.81
CA MET H 129 -46.59 -28.52 189.44
C MET H 129 -45.89 -29.84 189.70
N THR H 130 -45.20 -30.35 188.68
CA THR H 130 -44.49 -31.61 188.75
C THR H 130 -43.21 -31.44 189.57
N PHE H 131 -42.88 -32.48 190.34
CA PHE H 131 -41.68 -32.50 191.16
C PHE H 131 -40.41 -32.77 190.36
N THR H 132 -40.46 -33.63 189.35
CA THR H 132 -39.26 -34.10 188.67
C THR H 132 -38.75 -33.13 187.61
N ASP H 133 -39.42 -32.01 187.40
CA ASP H 133 -38.95 -31.06 186.41
C ASP H 133 -37.62 -30.45 186.85
N SER H 134 -36.71 -30.32 185.89
CA SER H 134 -35.35 -29.90 186.17
C SER H 134 -34.96 -28.80 185.20
N LEU H 135 -33.71 -28.39 185.27
CA LEU H 135 -33.19 -27.27 184.48
C LEU H 135 -32.14 -27.75 183.50
N ASP H 136 -32.03 -27.05 182.37
CA ASP H 136 -31.05 -27.36 181.34
C ASP H 136 -29.68 -26.80 181.70
N SER H 137 -28.66 -27.18 180.94
CA SER H 137 -27.30 -26.73 181.23
C SER H 137 -27.15 -25.22 181.03
N ARG H 138 -27.62 -24.70 179.89
CA ARG H 138 -27.37 -23.31 179.52
C ARG H 138 -28.47 -22.43 180.09
N ILE H 139 -28.10 -21.55 181.02
CA ILE H 139 -29.00 -20.53 181.54
C ILE H 139 -28.23 -19.20 181.53
N ALA H 140 -28.81 -18.20 180.88
CA ALA H 140 -28.08 -16.95 180.65
C ALA H 140 -29.05 -15.77 180.64
N LEU H 141 -28.49 -14.59 180.80
CA LEU H 141 -29.27 -13.35 180.73
C LEU H 141 -29.76 -13.14 179.31
N LYS H 142 -31.03 -12.73 179.18
CA LYS H 142 -31.59 -12.47 177.85
C LYS H 142 -31.50 -11.00 177.48
N GLN H 143 -32.15 -10.14 178.26
CA GLN H 143 -32.15 -8.71 178.00
C GLN H 143 -31.86 -7.97 179.29
N LEU H 144 -31.08 -6.90 179.18
CA LEU H 144 -30.66 -6.10 180.32
C LEU H 144 -31.15 -4.67 180.15
N LEU H 145 -31.85 -4.16 181.15
CA LEU H 145 -32.53 -2.88 181.04
C LEU H 145 -31.87 -1.86 181.96
N ILE H 146 -31.50 -0.71 181.40
CA ILE H 146 -30.94 0.40 182.16
C ILE H 146 -31.82 1.62 181.95
N SER H 147 -31.70 2.57 182.87
CA SER H 147 -32.40 3.83 182.78
C SER H 147 -31.39 4.97 182.88
N VAL H 148 -31.27 5.74 181.81
CA VAL H 148 -30.41 6.91 181.76
C VAL H 148 -31.21 8.10 182.26
N THR H 149 -30.73 8.73 183.32
CA THR H 149 -31.41 9.87 183.93
C THR H 149 -30.55 11.11 183.79
N LYS H 150 -31.06 12.10 183.06
CA LYS H 150 -30.38 13.38 182.91
C LYS H 150 -31.32 14.51 183.30
N GLY H 151 -32.60 14.36 182.98
CA GLY H 151 -33.60 15.34 183.36
C GLY H 151 -34.76 14.70 184.12
N GLY H 152 -35.98 15.09 183.80
CA GLY H 152 -37.15 14.50 184.42
C GLY H 152 -37.68 13.31 183.66
N THR H 153 -37.27 13.18 182.39
CA THR H 153 -37.68 12.06 181.57
C THR H 153 -36.72 10.89 181.74
N THR H 154 -37.23 9.68 181.52
CA THR H 154 -36.46 8.46 181.66
C THR H 154 -36.36 7.76 180.31
N GLU H 155 -35.15 7.39 179.92
CA GLU H 155 -34.91 6.64 178.70
C GLU H 155 -34.45 5.24 179.04
N LEU H 156 -35.06 4.24 178.39
CA LEU H 156 -34.78 2.85 178.65
C LEU H 156 -34.10 2.21 177.44
N PHE H 157 -33.04 1.45 177.70
CA PHE H 157 -32.30 0.76 176.66
C PHE H 157 -32.37 -0.73 176.90
N ALA H 158 -32.99 -1.46 175.98
CA ALA H 158 -33.02 -2.91 176.01
C ALA H 158 -31.74 -3.42 175.38
N LEU H 159 -30.68 -3.50 176.16
CA LEU H 159 -29.37 -3.90 175.66
C LEU H 159 -29.30 -5.43 175.63
N ASP H 160 -29.31 -5.98 174.42
CA ASP H 160 -29.24 -7.43 174.25
C ASP H 160 -27.84 -7.88 174.64
N VAL H 161 -27.71 -8.46 175.83
CA VAL H 161 -26.43 -8.88 176.36
C VAL H 161 -26.12 -10.34 176.02
N ASN H 162 -27.03 -11.01 175.34
CA ASN H 162 -26.80 -12.39 174.95
C ASN H 162 -25.58 -12.47 174.05
N ARG H 163 -24.84 -13.57 174.17
CA ARG H 163 -23.59 -13.77 173.45
C ARG H 163 -22.55 -12.70 173.82
N ASP H 164 -22.18 -12.66 175.08
CA ASP H 164 -21.03 -11.92 175.56
C ASP H 164 -20.12 -12.85 176.36
N GLN H 165 -18.85 -12.46 176.48
CA GLN H 165 -17.81 -13.40 176.94
C GLN H 165 -18.18 -14.03 178.28
N TYR H 166 -18.49 -13.21 179.28
CA TYR H 166 -19.02 -13.71 180.55
C TYR H 166 -20.51 -13.46 180.57
N ALA H 167 -21.29 -14.42 180.09
CA ALA H 167 -22.74 -14.26 180.10
C ALA H 167 -23.48 -15.54 180.43
N ALA H 168 -22.76 -16.62 180.72
CA ALA H 168 -23.35 -17.94 180.89
C ALA H 168 -22.98 -18.50 182.25
N TYR H 169 -23.96 -19.07 182.94
CA TYR H 169 -23.72 -19.69 184.24
C TYR H 169 -22.80 -20.88 184.09
N THR H 170 -21.96 -21.12 185.10
CA THR H 170 -20.99 -22.21 185.10
C THR H 170 -21.03 -22.93 186.43
N ALA H 171 -20.58 -24.19 186.42
CA ALA H 171 -20.61 -25.01 187.62
C ALA H 171 -19.57 -24.54 188.63
N THR H 172 -19.83 -24.81 189.91
CA THR H 172 -18.95 -24.40 190.99
C THR H 172 -18.98 -25.46 192.08
N ARG H 173 -17.81 -25.88 192.56
CA ARG H 173 -17.75 -26.81 193.68
C ARG H 173 -17.82 -26.04 194.99
N GLU H 174 -19.03 -25.86 195.50
CA GLU H 174 -19.27 -25.20 196.78
C GLU H 174 -20.75 -25.35 197.13
N TYR H 175 -21.03 -25.45 198.43
CA TYR H 175 -22.39 -25.42 198.94
C TYR H 175 -23.15 -26.67 198.46
N ASN H 176 -24.05 -26.52 197.49
CA ASN H 176 -24.73 -27.69 196.97
C ASN H 176 -23.89 -28.38 195.90
N PHE H 177 -24.38 -29.54 195.46
CA PHE H 177 -23.67 -30.36 194.50
C PHE H 177 -24.06 -30.06 193.06
N ARG H 178 -25.04 -29.19 192.83
CA ARG H 178 -25.46 -28.82 191.49
C ARG H 178 -25.74 -27.32 191.39
N LEU H 179 -24.85 -26.49 191.90
CA LEU H 179 -25.05 -25.04 191.89
C LEU H 179 -24.31 -24.43 190.70
N MET H 180 -24.90 -23.40 190.09
CA MET H 180 -24.27 -22.66 189.01
C MET H 180 -24.04 -21.22 189.42
N GLN H 181 -22.84 -20.72 189.15
CA GLN H 181 -22.43 -19.38 189.53
C GLN H 181 -22.50 -18.45 188.33
N LEU H 182 -22.61 -17.16 188.58
CA LEU H 182 -22.66 -16.15 187.53
C LEU H 182 -21.55 -15.12 187.73
N LYS H 183 -20.77 -14.90 186.68
CA LYS H 183 -19.74 -13.89 186.66
C LYS H 183 -19.97 -12.94 185.50
N PHE H 184 -19.95 -11.65 185.79
CA PHE H 184 -20.27 -10.66 184.76
C PHE H 184 -19.53 -9.35 185.05
N HIS H 185 -18.37 -9.17 184.45
CA HIS H 185 -17.57 -7.95 184.59
C HIS H 185 -17.09 -7.57 183.19
N THR H 186 -17.88 -6.77 182.48
CA THR H 186 -17.54 -6.45 181.10
C THR H 186 -17.80 -4.97 180.84
N SER H 187 -17.35 -4.53 179.68
CA SER H 187 -17.59 -3.17 179.20
C SER H 187 -18.79 -3.18 178.27
N LEU H 188 -19.90 -2.60 178.73
CA LEU H 188 -21.14 -2.58 177.97
C LEU H 188 -21.25 -1.23 177.26
N GLY H 189 -21.49 -1.27 175.96
CA GLY H 189 -21.39 -0.10 175.12
C GLY H 189 -22.73 0.49 174.68
N LEU H 190 -22.75 1.82 174.56
CA LEU H 190 -23.83 2.54 173.91
C LEU H 190 -23.25 3.21 172.67
N GLY H 191 -23.63 2.71 171.50
CA GLY H 191 -23.07 3.19 170.26
C GLY H 191 -23.44 4.61 169.92
N GLU H 192 -22.72 5.20 168.96
CA GLU H 192 -22.96 6.56 168.52
C GLU H 192 -24.13 6.67 167.54
N GLU H 193 -24.93 5.61 167.43
CA GLU H 193 -26.13 5.65 166.60
C GLU H 193 -27.24 4.80 167.21
N SER H 194 -27.01 4.26 168.40
CA SER H 194 -27.96 3.33 169.00
C SER H 194 -29.29 4.01 169.29
N THR H 195 -30.37 3.36 168.91
CA THR H 195 -31.71 3.88 169.20
C THR H 195 -32.24 3.30 170.50
N THR H 196 -33.23 3.97 171.07
CA THR H 196 -33.84 3.50 172.31
C THR H 196 -34.81 2.37 172.03
N VAL H 197 -35.17 1.63 173.09
CA VAL H 197 -36.27 0.69 173.01
C VAL H 197 -37.61 1.38 173.15
N ALA H 198 -37.62 2.63 173.59
CA ALA H 198 -38.83 3.44 173.66
C ALA H 198 -39.11 4.15 172.34
N GLY H 199 -38.37 3.83 171.29
CA GLY H 199 -38.54 4.47 169.99
C GLY H 199 -37.59 5.62 169.77
N ALA H 200 -37.24 5.86 168.50
CA ALA H 200 -36.41 6.99 168.10
C ALA H 200 -35.02 6.95 168.74
N GLU H 201 -34.27 8.03 168.57
CA GLU H 201 -32.90 8.10 169.07
C GLU H 201 -32.87 8.72 170.47
N SER H 202 -31.74 8.54 171.14
CA SER H 202 -31.58 9.06 172.49
C SER H 202 -31.48 10.57 172.47
N ALA H 203 -32.44 11.23 173.13
CA ALA H 203 -32.48 12.68 173.23
C ALA H 203 -31.50 13.23 174.25
N LEU H 204 -31.29 12.51 175.37
CA LEU H 204 -30.35 12.97 176.39
C LEU H 204 -28.91 12.89 175.94
N LEU H 205 -28.62 12.17 174.87
CA LEU H 205 -27.28 12.05 174.32
C LEU H 205 -27.12 12.78 173.00
N LYS H 206 -28.11 13.56 172.58
CA LYS H 206 -28.08 14.17 171.26
C LYS H 206 -26.86 15.08 171.10
N ASP H 207 -26.55 15.87 172.12
CA ASP H 207 -25.37 16.73 172.06
C ASP H 207 -24.11 15.90 171.92
N LEU H 208 -24.02 14.80 172.68
CA LEU H 208 -22.84 13.96 172.62
C LEU H 208 -22.76 13.20 171.30
N PHE H 209 -23.92 12.90 170.70
CA PHE H 209 -23.94 12.19 169.42
C PHE H 209 -23.59 13.11 168.26
N ASP H 210 -23.98 14.38 168.33
CA ASP H 210 -23.64 15.31 167.25
C ASP H 210 -22.14 15.46 167.10
N LEU H 211 -21.38 15.23 168.18
CA LEU H 211 -19.94 15.17 168.11
C LEU H 211 -19.43 13.79 167.76
N GLY H 212 -20.33 12.84 167.47
CA GLY H 212 -19.91 11.50 167.11
C GLY H 212 -19.21 10.74 168.22
N TYR H 213 -19.60 10.97 169.47
CA TYR H 213 -18.96 10.29 170.58
C TYR H 213 -19.83 9.15 171.08
N ARG H 214 -19.23 8.26 171.86
CA ARG H 214 -19.92 7.12 172.43
C ARG H 214 -19.52 6.93 173.88
N ILE H 215 -20.29 6.14 174.61
CA ILE H 215 -20.02 5.87 176.02
C ILE H 215 -19.72 4.38 176.20
N GLU H 216 -18.69 4.11 176.99
CA GLU H 216 -18.40 2.76 177.47
C GLU H 216 -18.83 2.64 178.93
N LEU H 217 -19.64 1.64 179.22
CA LEU H 217 -20.11 1.38 180.57
C LEU H 217 -19.52 0.07 181.05
N ASP H 218 -18.77 0.13 182.14
CA ASP H 218 -18.34 -1.09 182.82
C ASP H 218 -19.42 -1.52 183.80
N VAL H 219 -19.82 -2.78 183.72
CA VAL H 219 -20.93 -3.31 184.49
C VAL H 219 -20.43 -4.43 185.38
N LYS H 220 -20.93 -4.49 186.60
CA LYS H 220 -20.65 -5.57 187.53
C LYS H 220 -21.96 -6.10 188.08
N VAL H 221 -22.42 -7.23 187.55
CA VAL H 221 -23.62 -7.90 188.00
C VAL H 221 -23.25 -9.33 188.38
N ASP H 222 -23.70 -9.78 189.54
CA ASP H 222 -23.41 -11.12 190.02
C ASP H 222 -24.71 -11.82 190.40
N GLY H 223 -24.66 -13.14 190.43
CA GLY H 223 -25.86 -13.90 190.77
C GLY H 223 -25.53 -15.33 191.11
N GLU H 224 -26.52 -16.00 191.68
CA GLU H 224 -26.43 -17.40 192.06
C GLU H 224 -27.71 -18.11 191.64
N MET H 225 -27.59 -19.34 191.17
CA MET H 225 -28.74 -20.11 190.73
C MET H 225 -28.52 -21.59 190.97
N ASN H 226 -29.57 -22.30 191.37
CA ASN H 226 -29.53 -23.74 191.60
C ASN H 226 -30.46 -24.43 190.62
N VAL H 227 -30.04 -25.58 190.09
CA VAL H 227 -30.75 -26.25 189.01
C VAL H 227 -31.62 -27.39 189.53
N GLU H 228 -32.05 -27.35 190.78
CA GLU H 228 -32.87 -28.42 191.33
C GLU H 228 -34.23 -27.95 191.80
N ASN H 229 -34.35 -26.71 192.27
CA ASN H 229 -35.59 -26.27 192.88
C ASN H 229 -36.02 -24.89 192.39
N GLY H 230 -35.20 -24.27 191.54
CA GLY H 230 -35.55 -23.00 190.94
C GLY H 230 -35.31 -21.79 191.82
N ASN H 231 -34.85 -21.96 193.04
CA ASN H 231 -34.47 -20.82 193.87
C ASN H 231 -33.17 -20.21 193.35
N GLY H 232 -33.12 -18.88 193.32
CA GLY H 232 -31.93 -18.18 192.85
C GLY H 232 -32.10 -16.69 193.02
N ASP H 233 -31.01 -15.97 192.83
CA ASP H 233 -31.01 -14.52 192.94
C ASP H 233 -29.83 -13.93 192.17
N THR H 234 -29.92 -12.64 191.88
CA THR H 234 -28.90 -11.93 191.11
C THR H 234 -28.66 -10.57 191.74
N SER H 235 -27.41 -10.25 192.02
CA SER H 235 -27.05 -9.03 192.72
C SER H 235 -26.37 -8.04 191.79
N LEU H 236 -26.71 -6.75 191.98
CA LEU H 236 -26.06 -5.66 191.27
C LEU H 236 -25.01 -5.03 192.18
N ARG H 237 -23.74 -5.29 191.88
CA ARG H 237 -22.64 -4.73 192.65
C ARG H 237 -22.20 -3.37 192.16
N ALA H 238 -22.11 -3.16 190.85
CA ALA H 238 -21.61 -1.89 190.34
C ALA H 238 -22.07 -1.62 188.91
N LEU H 239 -22.35 -0.34 188.61
CA LEU H 239 -22.71 0.10 187.27
C LEU H 239 -22.44 1.59 187.18
N ARG H 240 -21.37 1.97 186.49
CA ARG H 240 -20.93 3.35 186.47
C ARG H 240 -20.42 3.71 185.08
N LEU H 241 -20.39 5.01 184.81
CA LEU H 241 -19.76 5.50 183.58
C LEU H 241 -18.28 5.20 183.62
N ALA H 242 -17.71 4.75 182.50
CA ALA H 242 -16.31 4.39 182.49
C ALA H 242 -15.46 5.29 181.60
N ARG H 243 -15.77 5.37 180.31
CA ARG H 243 -14.90 6.05 179.37
C ARG H 243 -15.76 6.68 178.28
N VAL H 244 -15.17 7.67 177.60
CA VAL H 244 -15.80 8.35 176.48
C VAL H 244 -14.85 8.28 175.29
N PHE H 245 -15.36 7.88 174.14
CA PHE H 245 -14.55 7.71 172.94
C PHE H 245 -15.01 8.68 171.86
N ASP H 246 -14.07 9.06 171.00
CA ASP H 246 -14.33 9.92 169.86
C ASP H 246 -14.30 9.11 168.57
N LYS H 247 -14.70 9.73 167.46
CA LYS H 247 -14.68 9.07 166.16
C LYS H 247 -13.28 8.68 165.73
N GLU H 248 -12.26 9.42 166.15
CA GLU H 248 -10.89 9.07 165.83
C GLU H 248 -10.40 7.85 166.57
N GLY H 249 -11.16 7.37 167.54
CA GLY H 249 -10.77 6.18 168.27
C GLY H 249 -9.73 6.40 169.34
N LYS H 250 -9.62 7.62 169.85
CA LYS H 250 -8.69 7.94 170.93
C LYS H 250 -9.44 8.37 172.18
N GLU H 251 -8.96 7.91 173.33
CA GLU H 251 -9.64 8.16 174.58
C GLU H 251 -9.63 9.64 174.93
N ILE H 252 -10.75 10.14 175.41
CA ILE H 252 -10.88 11.52 175.87
C ILE H 252 -11.30 11.52 177.33
N ALA H 253 -10.68 12.38 178.12
CA ALA H 253 -10.93 12.42 179.55
C ALA H 253 -12.32 12.99 179.85
N LEU H 254 -12.85 12.67 181.02
CA LEU H 254 -14.15 13.19 181.46
C LEU H 254 -14.09 14.66 181.85
N THR H 255 -12.91 15.17 182.15
CA THR H 255 -12.75 16.55 182.61
C THR H 255 -12.88 17.57 181.49
N ASP H 256 -12.63 17.16 180.24
CA ASP H 256 -12.65 18.10 179.13
C ASP H 256 -14.01 18.75 179.01
N SER H 257 -14.02 20.01 178.55
CA SER H 257 -15.23 20.82 178.56
C SER H 257 -16.34 20.20 177.73
N ARG H 258 -15.99 19.64 176.58
CA ARG H 258 -17.00 19.08 175.67
C ARG H 258 -17.78 17.95 176.34
N VAL H 259 -17.07 16.96 176.88
CA VAL H 259 -17.76 15.85 177.54
C VAL H 259 -18.47 16.33 178.79
N SER H 260 -17.85 17.27 179.52
CA SER H 260 -18.47 17.77 180.74
C SER H 260 -19.82 18.41 180.46
N ALA H 261 -19.90 19.23 179.41
CA ALA H 261 -21.18 19.76 178.99
C ALA H 261 -22.11 18.63 178.55
N ALA H 262 -21.57 17.65 177.82
CA ALA H 262 -22.40 16.53 177.39
C ALA H 262 -22.93 15.71 178.57
N LEU H 263 -22.09 15.44 179.58
CA LEU H 263 -22.49 14.60 180.70
C LEU H 263 -22.78 15.42 181.96
N SER H 264 -23.38 16.60 181.79
CA SER H 264 -23.73 17.44 182.94
C SER H 264 -24.93 16.84 183.66
N GLY H 265 -24.67 16.10 184.72
CA GLY H 265 -25.73 15.53 185.54
C GLY H 265 -26.32 14.23 185.03
N LEU H 266 -25.76 13.64 183.98
CA LEU H 266 -26.28 12.41 183.42
C LEU H 266 -25.91 11.25 184.34
N THR H 267 -26.92 10.58 184.90
CA THR H 267 -26.71 9.47 185.81
C THR H 267 -27.32 8.21 185.22
N VAL H 268 -26.67 7.08 185.50
CA VAL H 268 -27.09 5.78 185.00
C VAL H 268 -27.36 4.86 186.18
N THR H 269 -28.40 4.03 186.06
CA THR H 269 -28.73 3.06 187.07
C THR H 269 -29.48 1.90 186.44
N GLY H 270 -29.25 0.69 186.96
CA GLY H 270 -29.95 -0.48 186.49
C GLY H 270 -31.33 -0.61 187.12
N VAL H 271 -32.23 -1.28 186.41
CA VAL H 271 -33.61 -1.41 186.84
C VAL H 271 -34.07 -2.86 186.90
N GLY H 272 -33.48 -3.75 186.10
CA GLY H 272 -33.96 -5.12 186.07
C GLY H 272 -33.39 -5.85 184.86
N TYR H 273 -33.88 -7.07 184.68
CA TYR H 273 -33.37 -7.93 183.62
C TYR H 273 -34.36 -9.03 183.35
N SER H 274 -33.99 -9.91 182.42
CA SER H 274 -34.76 -11.10 182.09
C SER H 274 -33.82 -12.29 182.07
N LEU H 275 -34.38 -13.48 182.28
CA LEU H 275 -33.60 -14.70 182.31
C LEU H 275 -34.15 -15.70 181.31
N GLU H 276 -33.24 -16.38 180.61
CA GLU H 276 -33.60 -17.41 179.63
C GLU H 276 -33.20 -18.76 180.21
N ALA H 277 -34.19 -19.55 180.60
CA ALA H 277 -33.96 -20.88 181.12
C ALA H 277 -34.91 -21.84 180.43
N ARG H 278 -34.46 -23.05 180.18
CA ARG H 278 -35.25 -24.04 179.48
C ARG H 278 -35.63 -25.16 180.42
N LEU H 279 -36.66 -25.90 180.06
CA LEU H 279 -37.15 -27.01 180.88
C LEU H 279 -36.89 -28.32 180.17
N THR H 280 -36.11 -29.19 180.80
CA THR H 280 -35.86 -30.53 180.28
C THR H 280 -36.52 -31.55 181.19
N ASN H 281 -37.66 -32.08 180.76
CA ASN H 281 -38.36 -33.07 181.56
C ASN H 281 -38.13 -34.44 180.96
N ILE H 282 -38.13 -35.44 181.83
CA ILE H 282 -38.05 -36.82 181.36
C ILE H 282 -39.45 -37.44 181.34
N ASN H 283 -40.32 -36.98 182.23
CA ASN H 283 -41.71 -37.43 182.22
C ASN H 283 -42.50 -36.86 181.05
N GLN H 284 -42.02 -35.76 180.45
CA GLN H 284 -42.67 -35.04 179.36
C GLN H 284 -43.97 -34.40 179.84
N LEU H 285 -44.24 -33.19 179.38
CA LEU H 285 -45.48 -32.49 179.76
C LEU H 285 -46.09 -31.83 178.54
N GLU H 286 -45.38 -31.83 177.42
CA GLU H 286 -45.78 -31.09 176.24
C GLU H 286 -45.56 -31.93 174.99
N MET H 287 -46.33 -31.64 173.96
CA MET H 287 -46.18 -32.23 172.65
C MET H 287 -45.83 -31.14 171.65
N GLY H 288 -44.81 -31.40 170.83
CA GLY H 288 -44.42 -30.50 169.77
C GLY H 288 -45.30 -30.67 168.55
N LEU H 289 -44.84 -30.11 167.44
CA LEU H 289 -45.58 -30.20 166.20
C LEU H 289 -45.80 -31.66 165.82
N LEU H 290 -47.04 -32.01 165.54
CA LEU H 290 -47.41 -33.35 165.08
C LEU H 290 -47.23 -33.45 163.57
N ILE H 291 -47.17 -34.67 163.07
CA ILE H 291 -47.08 -34.93 161.64
C ILE H 291 -48.13 -35.96 161.27
N ASP H 292 -49.02 -35.60 160.36
CA ASP H 292 -50.04 -36.51 159.86
C ASP H 292 -50.10 -36.40 158.34
N SER H 293 -50.97 -37.20 157.74
CA SER H 293 -51.19 -37.15 156.30
C SER H 293 -52.55 -37.72 155.95
N ASP H 294 -53.23 -37.06 155.03
CA ASP H 294 -54.53 -37.48 154.54
C ASP H 294 -54.56 -37.37 153.03
N VAL H 295 -55.46 -38.13 152.41
CA VAL H 295 -55.52 -38.28 150.96
C VAL H 295 -56.57 -37.32 150.41
N GLN H 296 -56.33 -36.83 149.19
CA GLN H 296 -57.31 -36.02 148.47
C GLN H 296 -57.55 -36.61 147.09
N LYS H 297 -58.79 -36.51 146.61
CA LYS H 297 -59.20 -37.10 145.35
C LYS H 297 -59.80 -36.03 144.45
N GLN H 298 -59.51 -36.13 143.15
CA GLN H 298 -60.05 -35.24 142.13
C GLN H 298 -60.70 -36.06 141.03
N GLY H 299 -61.74 -35.51 140.42
CA GLY H 299 -62.50 -36.20 139.40
C GLY H 299 -62.38 -35.51 138.05
N PHE H 300 -61.94 -36.27 137.05
CA PHE H 300 -61.77 -35.79 135.68
C PHE H 300 -62.55 -36.72 134.76
N MET H 301 -63.49 -36.14 134.01
CA MET H 301 -64.36 -36.90 133.12
C MET H 301 -64.20 -36.40 131.69
N ILE H 302 -64.03 -37.32 130.75
CA ILE H 302 -63.76 -36.99 129.35
C ILE H 302 -65.02 -37.21 128.54
N PRO H 303 -65.66 -36.15 128.04
CA PRO H 303 -66.95 -36.29 127.35
C PRO H 303 -66.85 -36.37 125.83
N THR H 304 -68.00 -36.45 125.17
CA THR H 304 -68.10 -36.40 123.71
C THR H 304 -68.52 -35.01 123.25
N LEU H 305 -68.45 -34.80 121.92
CA LEU H 305 -68.67 -33.49 121.30
C LEU H 305 -69.54 -33.58 120.04
N PRO H 306 -70.01 -32.46 119.50
CA PRO H 306 -70.81 -32.48 118.26
C PRO H 306 -70.01 -33.04 117.11
N PRO H 307 -70.68 -33.67 116.14
CA PRO H 307 -69.97 -34.43 115.11
C PRO H 307 -69.70 -33.64 113.85
N LEU H 308 -68.87 -34.24 112.98
CA LEU H 308 -68.65 -33.74 111.63
C LEU H 308 -69.34 -34.67 110.65
N VAL H 309 -70.12 -34.10 109.73
CA VAL H 309 -71.04 -34.85 108.88
C VAL H 309 -70.81 -34.43 107.44
N ILE H 310 -70.93 -35.38 106.52
CA ILE H 310 -70.85 -35.12 105.09
C ILE H 310 -71.77 -36.10 104.36
N VAL H 311 -72.35 -35.66 103.25
CA VAL H 311 -73.26 -36.46 102.45
C VAL H 311 -72.75 -36.47 101.02
N LYS H 312 -73.03 -37.55 100.30
CA LYS H 312 -72.61 -37.72 98.91
C LYS H 312 -73.36 -38.89 98.30
N PRO H 313 -73.94 -38.69 97.09
CA PRO H 313 -74.77 -39.74 96.48
C PRO H 313 -74.05 -41.05 96.24
N ALA H 314 -74.79 -42.17 96.29
CA ALA H 314 -74.20 -43.50 96.39
C ALA H 314 -74.44 -44.29 95.10
N MET H 315 -74.66 -43.60 93.99
CA MET H 315 -74.74 -44.27 92.70
C MET H 315 -73.82 -43.59 91.69
N VAL H 316 -73.08 -42.57 92.14
CA VAL H 316 -72.07 -41.91 91.33
C VAL H 316 -70.94 -41.47 92.26
N GLU H 317 -69.71 -41.77 91.88
CA GLU H 317 -68.53 -41.37 92.64
C GLU H 317 -68.09 -39.98 92.22
N ASP H 318 -67.70 -39.16 93.19
CA ASP H 318 -67.40 -37.75 92.97
C ASP H 318 -66.08 -37.39 93.62
N ASP H 319 -65.30 -36.54 92.96
CA ASP H 319 -64.09 -35.95 93.52
C ASP H 319 -64.02 -34.45 93.24
N LYS H 320 -64.96 -33.92 92.46
CA LYS H 320 -64.97 -32.50 92.11
C LYS H 320 -65.99 -31.71 92.91
N THR H 321 -66.96 -32.37 93.55
CA THR H 321 -67.94 -31.71 94.40
C THR H 321 -67.53 -31.91 95.85
N TYR H 322 -67.10 -33.12 96.17
CA TYR H 322 -66.42 -33.38 97.43
C TYR H 322 -64.97 -33.76 97.15
N PRO H 323 -64.00 -33.09 97.75
CA PRO H 323 -62.62 -33.55 97.66
C PRO H 323 -62.41 -34.83 98.43
N ARG H 324 -61.16 -35.28 98.52
CA ARG H 324 -60.82 -36.50 99.24
C ARG H 324 -61.13 -36.35 100.73
N LEU H 325 -60.95 -37.42 101.48
CA LEU H 325 -61.33 -37.46 102.89
C LEU H 325 -60.50 -36.49 103.74
N GLU H 326 -59.42 -35.96 103.17
CA GLU H 326 -58.51 -35.11 103.93
C GLU H 326 -59.23 -33.89 104.50
N ALA H 327 -60.28 -33.41 103.83
CA ALA H 327 -60.97 -32.23 104.30
C ALA H 327 -61.54 -32.44 105.70
N LEU H 328 -62.11 -33.62 105.94
CA LEU H 328 -62.68 -33.93 107.26
C LEU H 328 -61.62 -33.85 108.34
N THR H 329 -60.49 -34.53 108.13
CA THR H 329 -59.47 -34.57 109.17
C THR H 329 -58.82 -33.22 109.35
N THR H 330 -58.72 -32.42 108.30
CA THR H 330 -58.18 -31.07 108.45
C THR H 330 -59.12 -30.20 109.27
N ALA H 331 -60.41 -30.26 108.98
CA ALA H 331 -61.37 -29.48 109.76
C ALA H 331 -61.33 -29.89 111.22
N TYR H 332 -61.28 -31.21 111.47
CA TYR H 332 -61.19 -31.70 112.84
C TYR H 332 -59.92 -31.21 113.52
N ARG H 333 -58.78 -31.29 112.83
CA ARG H 333 -57.52 -30.88 113.42
C ARG H 333 -57.56 -29.40 113.78
N ILE H 334 -58.07 -28.57 112.87
CA ILE H 334 -58.23 -27.15 113.18
C ILE H 334 -59.07 -26.99 114.44
N GLN H 335 -60.33 -27.43 114.37
CA GLN H 335 -61.27 -27.20 115.48
C GLN H 335 -60.69 -27.64 116.81
N GLN H 336 -60.17 -28.87 116.88
CA GLN H 336 -59.67 -29.35 118.14
C GLN H 336 -58.39 -28.64 118.56
N MET H 337 -57.34 -28.75 117.76
CA MET H 337 -56.02 -28.43 118.27
C MET H 337 -55.67 -26.95 118.17
N ARG H 338 -56.53 -26.09 117.61
CA ARG H 338 -56.15 -24.69 117.75
C ARG H 338 -57.16 -23.84 118.51
N ASN H 339 -58.40 -23.82 118.04
CA ASN H 339 -59.31 -22.76 118.45
C ASN H 339 -59.74 -22.93 119.91
N ASN H 340 -60.17 -24.12 120.29
CA ASN H 340 -60.62 -24.31 121.66
C ASN H 340 -59.46 -24.23 122.63
N ALA H 341 -58.26 -24.66 122.21
CA ALA H 341 -57.09 -24.51 123.07
C ALA H 341 -56.77 -23.05 123.36
N VAL H 342 -56.81 -22.20 122.32
CA VAL H 342 -56.61 -20.79 122.55
C VAL H 342 -57.69 -20.24 123.47
N THR H 343 -58.94 -20.68 123.26
CA THR H 343 -60.03 -20.22 124.11
C THR H 343 -59.77 -20.55 125.58
N THR H 344 -59.36 -21.79 125.86
CA THR H 344 -59.16 -22.18 127.25
C THR H 344 -57.95 -21.48 127.85
N LEU H 345 -56.93 -21.19 127.02
CA LEU H 345 -55.79 -20.43 127.53
C LEU H 345 -56.22 -19.03 127.97
N LEU H 346 -56.97 -18.32 127.11
CA LEU H 346 -57.39 -16.97 127.49
C LEU H 346 -58.35 -17.00 128.67
N ASN H 347 -59.26 -17.97 128.72
CA ASN H 347 -60.15 -18.06 129.86
C ASN H 347 -59.37 -18.33 131.15
N ARG H 348 -58.34 -19.17 131.07
CA ARG H 348 -57.51 -19.42 132.24
C ARG H 348 -56.81 -18.15 132.69
N ALA H 349 -56.28 -17.38 131.75
CA ALA H 349 -55.62 -16.13 132.12
C ALA H 349 -56.60 -15.18 132.81
N ASP H 350 -57.80 -15.04 132.26
CA ASP H 350 -58.79 -14.15 132.86
C ASP H 350 -59.21 -14.65 134.25
N THR H 351 -59.38 -15.96 134.40
CA THR H 351 -59.79 -16.50 135.69
C THR H 351 -58.73 -16.24 136.75
N LEU H 352 -57.46 -16.41 136.38
CA LEU H 352 -56.39 -16.11 137.32
C LEU H 352 -56.36 -14.63 137.67
N LYS H 353 -56.56 -13.77 136.68
CA LYS H 353 -56.67 -12.34 136.95
C LYS H 353 -57.76 -12.07 137.97
N SER H 354 -58.92 -12.70 137.80
CA SER H 354 -60.04 -12.45 138.70
C SER H 354 -59.75 -12.94 140.11
N TYR H 355 -59.17 -14.13 140.24
CA TYR H 355 -59.01 -14.71 141.57
C TYR H 355 -57.83 -14.11 142.32
N LEU H 356 -56.65 -14.09 141.72
CA LEU H 356 -55.44 -13.82 142.48
C LEU H 356 -54.91 -12.39 142.35
N GLY H 357 -55.66 -11.49 141.73
CA GLY H 357 -55.17 -10.13 141.61
C GLY H 357 -53.92 -10.06 140.74
N VAL H 358 -53.13 -9.02 141.01
CA VAL H 358 -51.92 -8.75 140.25
C VAL H 358 -50.73 -8.82 141.19
N GLY H 359 -49.74 -9.64 140.83
CA GLY H 359 -48.45 -9.63 141.48
C GLY H 359 -48.44 -9.91 142.97
N VAL H 360 -49.40 -10.67 143.48
CA VAL H 360 -49.46 -11.00 144.89
C VAL H 360 -49.67 -12.51 145.03
N PRO H 361 -48.73 -13.23 145.63
CA PRO H 361 -48.92 -14.67 145.82
C PRO H 361 -49.76 -14.97 147.06
N HIS H 362 -50.05 -16.25 147.26
CA HIS H 362 -50.86 -16.73 148.35
C HIS H 362 -50.27 -18.01 148.94
N PRO H 363 -50.62 -18.33 150.18
CA PRO H 363 -50.07 -19.55 150.80
C PRO H 363 -50.59 -20.81 150.12
N ILE H 364 -49.80 -21.88 150.19
CA ILE H 364 -50.25 -23.15 149.67
C ILE H 364 -51.48 -23.62 150.44
N GLU H 365 -52.41 -24.24 149.73
CA GLU H 365 -53.69 -24.68 150.29
C GLU H 365 -54.48 -23.48 150.83
N SER H 366 -54.58 -22.43 150.01
CA SER H 366 -55.39 -21.27 150.34
C SER H 366 -56.48 -21.02 149.30
N ASN H 367 -56.65 -21.94 148.36
CA ASN H 367 -57.68 -21.80 147.34
C ASN H 367 -58.25 -23.18 147.02
N LEU H 368 -59.57 -23.22 146.83
CA LEU H 368 -60.26 -24.45 146.46
C LEU H 368 -61.04 -24.24 145.17
N GLY H 369 -61.54 -23.01 144.98
CA GLY H 369 -62.32 -22.70 143.81
C GLY H 369 -61.51 -22.49 142.55
N LEU H 370 -60.20 -22.71 142.61
CA LEU H 370 -59.34 -22.56 141.46
C LEU H 370 -59.03 -23.94 140.89
N GLU H 371 -59.27 -24.11 139.60
CA GLU H 371 -59.08 -25.41 138.99
C GLU H 371 -57.61 -25.77 138.94
N GLY H 372 -57.29 -27.00 139.31
CA GLY H 372 -55.92 -27.46 139.25
C GLY H 372 -55.39 -27.95 140.57
N VAL H 373 -55.00 -29.23 140.59
CA VAL H 373 -54.38 -29.83 141.77
C VAL H 373 -52.99 -29.24 141.92
N GLY H 374 -52.49 -28.57 140.87
CA GLY H 374 -51.16 -27.99 140.91
C GLY H 374 -50.97 -26.98 142.02
N GLN H 375 -52.04 -26.37 142.52
CA GLN H 375 -51.94 -25.51 143.69
C GLN H 375 -51.40 -26.25 144.90
N TYR H 376 -51.68 -27.55 145.00
CA TYR H 376 -51.38 -28.33 146.19
C TYR H 376 -49.89 -28.42 146.46
N TYR H 377 -49.06 -28.15 145.45
CA TYR H 377 -47.62 -28.30 145.57
C TYR H 377 -46.84 -27.00 145.46
N VAL H 378 -47.48 -25.87 145.19
CA VAL H 378 -46.79 -24.62 144.91
C VAL H 378 -47.71 -23.44 145.20
N ARG H 379 -47.13 -22.38 145.75
CA ARG H 379 -47.88 -21.15 146.00
C ARG H 379 -48.37 -20.56 144.70
N PRO H 380 -49.63 -20.13 144.61
CA PRO H 380 -50.13 -19.58 143.34
C PRO H 380 -49.76 -18.11 143.20
N TYR H 381 -49.61 -17.67 141.95
CA TYR H 381 -49.11 -16.33 141.67
C TYR H 381 -49.36 -16.01 140.21
N TYR H 382 -49.88 -14.82 139.93
CA TYR H 382 -50.12 -14.37 138.57
C TYR H 382 -49.82 -12.88 138.45
N ASN H 383 -49.08 -12.51 137.41
CA ASN H 383 -48.59 -11.15 137.24
C ASN H 383 -48.49 -10.82 135.76
N GLU H 384 -48.71 -9.54 135.44
CA GLU H 384 -48.56 -9.04 134.07
C GLU H 384 -47.92 -7.66 134.12
N ALA H 385 -47.29 -7.27 133.02
CA ALA H 385 -46.65 -5.97 132.92
C ALA H 385 -46.85 -5.41 131.52
N THR H 386 -46.59 -4.11 131.37
CA THR H 386 -46.74 -3.43 130.10
C THR H 386 -45.41 -2.80 129.70
N ILE H 387 -45.01 -3.00 128.44
CA ILE H 387 -43.79 -2.42 127.90
C ILE H 387 -44.19 -1.30 126.95
N ASP H 388 -43.85 -0.07 127.31
CA ASP H 388 -44.13 1.10 126.49
C ASP H 388 -42.85 1.45 125.74
N VAL H 389 -42.70 0.88 124.55
CA VAL H 389 -41.43 0.98 123.83
C VAL H 389 -41.11 2.41 123.41
N LEU H 390 -42.12 3.25 123.20
CA LEU H 390 -41.85 4.63 122.78
C LEU H 390 -41.17 5.42 123.88
N ASN H 391 -41.66 5.31 125.11
CA ASN H 391 -41.11 6.06 126.22
C ASN H 391 -39.93 5.39 126.89
N ASP H 392 -39.86 4.07 126.86
CA ASP H 392 -38.74 3.33 127.41
C ASP H 392 -37.98 2.66 126.29
N LEU H 393 -36.90 3.28 125.82
CA LEU H 393 -35.98 2.64 124.90
C LEU H 393 -34.66 3.41 124.84
N ASN H 394 -33.59 2.80 125.31
CA ASN H 394 -32.29 3.47 125.29
C ASN H 394 -31.58 3.16 123.99
N ASN H 395 -31.55 4.13 123.08
CA ASN H 395 -30.89 3.97 121.79
C ASN H 395 -29.90 5.09 121.56
N LEU H 396 -28.86 4.77 120.79
CA LEU H 396 -27.83 5.74 120.44
C LEU H 396 -27.70 6.00 118.94
N THR H 397 -27.64 4.97 118.11
CA THR H 397 -27.50 5.17 116.68
C THR H 397 -28.72 4.58 115.98
N SER H 398 -29.13 5.25 114.90
CA SER H 398 -30.29 4.82 114.14
C SER H 398 -30.00 3.59 113.29
N ALA H 399 -28.84 2.96 113.47
CA ALA H 399 -28.53 1.71 112.80
C ALA H 399 -28.53 0.51 113.73
N ALA H 400 -28.85 0.72 115.01
CA ALA H 400 -28.88 -0.35 115.99
C ALA H 400 -30.21 -0.43 116.72
N LYS H 401 -31.33 -0.25 116.02
CA LYS H 401 -32.62 -0.23 116.69
C LYS H 401 -33.05 -1.65 117.11
N GLN H 402 -32.85 -2.62 116.22
CA GLN H 402 -33.30 -3.98 116.51
C GLN H 402 -32.61 -4.55 117.73
N THR H 403 -31.30 -4.34 117.87
CA THR H 403 -30.61 -4.87 119.03
C THR H 403 -31.13 -4.24 120.31
N ASP H 404 -31.46 -2.94 120.26
CA ASP H 404 -32.02 -2.27 121.42
C ASP H 404 -33.36 -2.86 121.82
N ILE H 405 -34.26 -3.04 120.84
CA ILE H 405 -35.57 -3.60 121.15
C ILE H 405 -35.42 -5.03 121.68
N GLN H 406 -34.54 -5.80 121.05
CA GLN H 406 -34.28 -7.17 121.48
C GLN H 406 -33.85 -7.20 122.93
N GLY H 407 -32.85 -6.40 123.29
CA GLY H 407 -32.37 -6.38 124.66
C GLY H 407 -33.44 -5.94 125.64
N LEU H 408 -34.22 -4.92 125.26
CA LEU H 408 -35.21 -4.39 126.18
C LEU H 408 -36.30 -5.43 126.48
N ILE H 409 -36.76 -6.15 125.47
CA ILE H 409 -37.77 -7.16 125.74
C ILE H 409 -37.17 -8.34 126.48
N VAL H 410 -35.94 -8.73 126.14
CA VAL H 410 -35.32 -9.90 126.75
C VAL H 410 -35.10 -9.67 128.24
N SER H 411 -34.63 -8.48 128.63
CA SER H 411 -34.38 -8.21 130.03
C SER H 411 -35.66 -8.29 130.85
N LYS H 412 -36.76 -7.74 130.32
CA LYS H 412 -38.04 -7.87 131.01
C LYS H 412 -38.44 -9.32 131.16
N ILE H 413 -38.24 -10.13 130.12
CA ILE H 413 -38.51 -11.56 130.23
C ILE H 413 -37.71 -12.18 131.36
N ASN H 414 -36.41 -11.89 131.40
CA ASN H 414 -35.54 -12.42 132.45
C ASN H 414 -36.09 -12.08 133.82
N GLU H 415 -36.38 -10.80 134.04
CA GLU H 415 -36.77 -10.36 135.37
C GLU H 415 -38.08 -10.99 135.80
N MET H 416 -39.05 -11.05 134.88
CA MET H 416 -40.34 -11.64 135.24
C MET H 416 -40.18 -13.12 135.59
N VAL H 417 -39.41 -13.87 134.80
CA VAL H 417 -39.25 -15.28 135.09
C VAL H 417 -38.56 -15.48 136.44
N TYR H 418 -37.53 -14.69 136.70
CA TYR H 418 -36.82 -14.82 137.98
C TYR H 418 -37.73 -14.49 139.15
N THR H 419 -38.54 -13.44 139.03
CA THR H 419 -39.43 -13.05 140.12
C THR H 419 -40.48 -14.12 140.37
N ALA H 420 -41.03 -14.71 139.30
CA ALA H 420 -41.99 -15.79 139.48
C ALA H 420 -41.34 -16.99 140.17
N ASP H 421 -40.11 -17.32 139.79
CA ASP H 421 -39.40 -18.40 140.45
C ASP H 421 -39.24 -18.10 141.94
N GLN H 422 -38.90 -16.86 142.26
CA GLN H 422 -38.77 -16.48 143.67
C GLN H 422 -40.07 -16.65 144.43
N LEU H 423 -41.14 -16.06 143.94
CA LEU H 423 -42.35 -16.00 144.74
C LEU H 423 -43.14 -17.30 144.73
N THR H 424 -42.85 -18.21 143.81
CA THR H 424 -43.60 -19.46 143.78
C THR H 424 -42.88 -20.64 144.43
N GLY H 425 -41.55 -20.64 144.45
CA GLY H 425 -40.85 -21.80 144.96
C GLY H 425 -40.99 -23.02 144.07
N TYR H 426 -41.01 -22.81 142.76
CA TYR H 426 -41.16 -23.91 141.82
C TYR H 426 -39.94 -24.83 141.87
N THR H 427 -38.74 -24.25 141.97
CA THR H 427 -37.51 -25.03 141.91
C THR H 427 -37.43 -26.04 143.04
N ALA H 428 -37.76 -25.62 144.26
CA ALA H 428 -37.74 -26.55 145.38
C ALA H 428 -38.76 -27.67 145.18
N ALA H 429 -39.92 -27.34 144.63
CA ALA H 429 -40.93 -28.36 144.35
C ALA H 429 -40.40 -29.39 143.39
N LEU H 430 -39.74 -28.97 142.31
CA LEU H 430 -39.16 -29.92 141.37
C LEU H 430 -38.07 -30.76 142.05
N GLU H 431 -37.22 -30.11 142.84
CA GLU H 431 -36.15 -30.85 143.50
C GLU H 431 -36.70 -31.93 144.40
N ALA H 432 -37.75 -31.62 145.16
CA ALA H 432 -38.32 -32.60 146.08
C ALA H 432 -39.08 -33.69 145.35
N ALA H 433 -39.90 -33.31 144.36
CA ALA H 433 -40.79 -34.29 143.73
C ALA H 433 -40.02 -35.37 142.99
N PHE H 434 -38.96 -34.99 142.27
CA PHE H 434 -38.19 -35.93 141.46
C PHE H 434 -36.89 -36.23 142.17
N SER H 435 -36.63 -37.51 142.41
CA SER H 435 -35.39 -37.92 143.04
C SER H 435 -34.28 -38.07 142.01
N GLY H 436 -33.07 -37.68 142.39
CA GLY H 436 -31.93 -37.81 141.52
C GLY H 436 -31.71 -36.61 140.64
N ARG H 437 -32.09 -36.71 139.37
CA ARG H 437 -31.99 -35.56 138.48
C ARG H 437 -32.87 -34.43 138.97
N SER H 438 -32.30 -33.22 138.98
CA SER H 438 -33.02 -32.01 139.39
C SER H 438 -33.18 -31.14 138.15
N PRO H 439 -34.20 -31.40 137.34
CA PRO H 439 -34.32 -30.67 136.07
C PRO H 439 -34.48 -29.18 136.29
N LYS H 440 -33.74 -28.42 135.50
CA LYS H 440 -33.93 -26.98 135.49
C LYS H 440 -35.28 -26.66 134.86
N PRO H 441 -35.96 -25.60 135.30
CA PRO H 441 -37.30 -25.32 134.78
C PRO H 441 -37.25 -24.90 133.32
N HIS H 442 -38.32 -25.20 132.59
CA HIS H 442 -38.50 -24.74 131.22
C HIS H 442 -39.49 -23.58 131.21
N VAL H 443 -39.33 -22.68 130.27
CA VAL H 443 -40.27 -21.59 130.07
C VAL H 443 -40.82 -21.68 128.66
N ALA H 444 -42.14 -21.83 128.55
CA ALA H 444 -42.80 -21.86 127.26
C ALA H 444 -43.07 -20.42 126.81
N ILE H 445 -42.75 -20.13 125.56
CA ILE H 445 -42.89 -18.78 125.01
C ILE H 445 -43.91 -18.86 123.89
N GLY H 446 -45.08 -18.26 124.11
CA GLY H 446 -46.16 -18.28 123.12
C GLY H 446 -46.55 -16.88 122.70
N THR H 447 -46.58 -16.66 121.39
CA THR H 447 -46.98 -15.38 120.83
C THR H 447 -47.38 -15.58 119.37
N ASP H 448 -47.75 -14.48 118.73
CA ASP H 448 -48.31 -14.48 117.39
C ASP H 448 -47.18 -14.47 116.35
N MET H 449 -47.53 -14.21 115.09
CA MET H 449 -46.56 -14.16 114.00
C MET H 449 -45.58 -13.00 114.09
N ARG H 450 -45.98 -11.90 114.72
CA ARG H 450 -45.24 -10.64 114.58
C ARG H 450 -43.99 -10.61 115.45
N LEU H 451 -44.16 -10.72 116.76
CA LEU H 451 -43.08 -10.55 117.74
C LEU H 451 -41.89 -11.50 117.61
N PRO H 452 -42.07 -12.80 117.38
CA PRO H 452 -40.99 -13.76 117.68
C PRO H 452 -39.67 -13.44 117.04
N GLN H 453 -39.69 -12.91 115.81
CA GLN H 453 -38.45 -12.55 115.16
C GLN H 453 -37.68 -11.49 115.93
N TYR H 454 -38.35 -10.74 116.81
CA TYR H 454 -37.65 -9.83 117.70
C TYR H 454 -37.19 -10.48 118.99
N ILE H 455 -37.91 -11.47 119.51
CA ILE H 455 -37.39 -12.19 120.68
C ILE H 455 -36.15 -12.98 120.32
N GLN H 456 -36.17 -13.67 119.18
CA GLN H 456 -35.00 -14.42 118.71
C GLN H 456 -33.83 -13.47 118.51
N ILE H 457 -32.67 -13.86 119.02
CA ILE H 457 -31.49 -12.99 119.03
C ILE H 457 -30.93 -12.82 117.63
N ASN H 458 -30.28 -11.68 117.39
CA ASN H 458 -29.57 -11.41 116.15
C ASN H 458 -28.13 -10.97 116.44
N GLY H 459 -27.61 -11.40 117.57
CA GLY H 459 -26.33 -10.92 118.09
C GLY H 459 -26.42 -10.21 119.43
N ASP H 460 -27.35 -10.61 120.30
CA ASP H 460 -27.68 -9.82 121.48
C ASP H 460 -27.57 -10.65 122.75
N ASP H 461 -27.35 -9.97 123.88
CA ASP H 461 -27.03 -10.65 125.13
C ASP H 461 -28.15 -11.52 125.65
N ARG H 462 -27.84 -12.80 125.85
CA ARG H 462 -28.72 -13.83 126.41
C ARG H 462 -30.03 -13.98 125.65
N THR H 463 -30.77 -15.04 125.94
CA THR H 463 -32.03 -15.30 125.26
C THR H 463 -33.19 -15.25 126.23
N VAL H 464 -33.14 -16.11 127.24
CA VAL H 464 -34.13 -16.13 128.31
C VAL H 464 -33.37 -16.21 129.61
N GLY H 465 -32.04 -16.15 129.52
CA GLY H 465 -31.17 -16.28 130.66
C GLY H 465 -30.63 -17.69 130.78
N ILE H 466 -29.35 -17.75 131.16
CA ILE H 466 -28.63 -19.02 131.29
C ILE H 466 -29.33 -19.83 132.37
N GLY H 467 -29.59 -21.09 132.07
CA GLY H 467 -30.28 -21.97 132.98
C GLY H 467 -31.76 -22.21 132.69
N TYR H 468 -32.23 -21.90 131.49
CA TYR H 468 -33.60 -22.19 131.11
C TYR H 468 -33.68 -22.56 129.64
N ASP H 469 -34.42 -23.63 129.37
CA ASP H 469 -34.76 -23.99 128.00
C ASP H 469 -36.08 -23.33 127.62
N TYR H 470 -36.10 -22.73 126.44
CA TYR H 470 -37.28 -22.00 125.98
C TYR H 470 -37.73 -22.58 124.66
N THR H 471 -39.05 -22.62 124.47
CA THR H 471 -39.64 -23.12 123.25
C THR H 471 -40.50 -22.02 122.66
N ILE H 472 -40.29 -21.73 121.37
CA ILE H 472 -40.93 -20.61 120.70
C ILE H 472 -42.11 -21.14 119.88
N ALA H 473 -43.29 -20.58 120.11
CA ALA H 473 -44.50 -20.97 119.41
C ALA H 473 -45.09 -19.77 118.70
N ARG H 474 -45.63 -20.00 117.51
CA ARG H 474 -46.29 -18.96 116.73
C ARG H 474 -47.68 -19.43 116.31
N ILE H 475 -48.64 -18.52 116.44
CA ILE H 475 -50.05 -18.83 116.18
C ILE H 475 -50.60 -17.75 115.26
N SER H 476 -51.32 -18.17 114.22
CA SER H 476 -51.93 -17.23 113.30
C SER H 476 -53.25 -16.67 113.82
N ASP H 477 -53.79 -17.24 114.90
CA ASP H 477 -55.08 -16.78 115.40
C ASP H 477 -55.00 -15.34 115.88
N LEU H 478 -56.07 -14.59 115.67
CA LEU H 478 -56.10 -13.16 115.90
C LEU H 478 -56.38 -12.79 117.35
N ARG H 479 -56.78 -13.75 118.18
CA ARG H 479 -56.91 -13.47 119.60
C ARG H 479 -55.58 -13.15 120.26
N MET H 480 -54.47 -13.60 119.68
CA MET H 480 -53.14 -13.41 120.27
C MET H 480 -52.42 -12.22 119.68
N LYS H 481 -53.14 -11.18 119.28
CA LYS H 481 -52.53 -10.00 118.69
C LYS H 481 -51.69 -9.25 119.71
N ASP H 482 -50.37 -9.32 119.55
CA ASP H 482 -49.43 -8.62 120.44
C ASP H 482 -49.61 -9.06 121.90
N LYS H 483 -49.39 -10.34 122.15
CA LYS H 483 -49.43 -10.89 123.50
C LYS H 483 -48.24 -11.80 123.72
N ILE H 484 -47.90 -12.02 124.99
CA ILE H 484 -46.86 -12.95 125.39
C ILE H 484 -47.43 -13.84 126.49
N VAL H 485 -47.16 -15.14 126.40
CA VAL H 485 -47.64 -16.12 127.36
C VAL H 485 -46.46 -16.90 127.90
N MET H 486 -46.37 -16.99 129.23
CA MET H 486 -45.26 -17.68 129.88
C MET H 486 -45.79 -18.58 131.00
N THR H 487 -45.09 -19.69 131.22
CA THR H 487 -45.43 -20.65 132.26
C THR H 487 -44.27 -21.62 132.43
N PHE H 488 -44.53 -22.68 133.18
CA PHE H 488 -43.54 -23.73 133.39
C PHE H 488 -44.07 -25.07 132.86
N ILE H 489 -43.20 -25.81 132.18
CA ILE H 489 -43.59 -26.99 131.41
C ILE H 489 -42.61 -28.12 131.68
N LEU H 490 -43.12 -29.34 131.66
CA LEU H 490 -42.31 -30.55 131.74
C LEU H 490 -42.43 -31.32 130.44
N PRO H 491 -41.52 -31.15 129.50
CA PRO H 491 -41.63 -31.85 128.21
C PRO H 491 -41.05 -33.25 128.26
N ASN H 492 -40.66 -33.69 129.46
CA ASN H 492 -40.02 -34.98 129.63
C ASN H 492 -40.91 -36.01 130.32
N GLU H 493 -42.19 -35.69 130.49
CA GLU H 493 -43.13 -36.57 131.17
C GLU H 493 -44.21 -37.02 130.18
N SER H 494 -44.80 -38.19 130.46
CA SER H 494 -45.84 -38.70 129.58
C SER H 494 -47.14 -39.04 130.31
N GLU H 495 -47.27 -38.70 131.58
CA GLU H 495 -48.45 -39.03 132.37
C GLU H 495 -48.72 -37.88 133.30
N PRO H 496 -49.98 -37.54 133.54
CA PRO H 496 -50.32 -36.31 134.27
C PRO H 496 -49.61 -36.19 135.61
N HIS H 497 -49.06 -34.99 135.85
CA HIS H 497 -48.48 -34.61 137.13
C HIS H 497 -49.09 -33.30 137.56
N PRO H 498 -49.22 -33.06 138.86
CA PRO H 498 -49.66 -31.73 139.31
C PRO H 498 -48.68 -30.64 138.93
N LEU H 499 -47.42 -30.98 138.67
CA LEU H 499 -46.43 -30.00 138.26
C LEU H 499 -46.47 -29.70 136.76
N GLN H 500 -47.17 -30.51 135.98
CA GLN H 500 -47.35 -30.20 134.57
C GLN H 500 -48.46 -29.17 134.40
N HIS H 501 -48.38 -28.35 133.36
CA HIS H 501 -49.33 -27.25 133.22
C HIS H 501 -50.73 -27.75 132.95
N GLY H 502 -50.87 -28.71 132.05
CA GLY H 502 -52.18 -29.24 131.73
C GLY H 502 -52.06 -30.41 130.78
N VAL H 503 -53.07 -31.27 130.83
CA VAL H 503 -53.06 -32.51 130.06
C VAL H 503 -54.29 -32.55 129.16
N LEU H 504 -54.10 -33.06 127.96
CA LEU H 504 -55.17 -33.15 126.96
C LEU H 504 -55.78 -34.53 127.03
N GLY H 505 -56.98 -34.62 127.59
CA GLY H 505 -57.72 -35.87 127.54
C GLY H 505 -58.08 -36.20 126.11
N PHE H 506 -57.67 -37.36 125.63
CA PHE H 506 -57.79 -37.70 124.21
C PHE H 506 -58.26 -39.13 124.07
N ILE H 507 -59.56 -39.31 123.85
CA ILE H 507 -60.14 -40.60 123.52
C ILE H 507 -60.10 -40.74 121.99
N PRO H 508 -59.29 -41.62 121.45
CA PRO H 508 -59.24 -41.77 119.98
C PRO H 508 -60.55 -42.33 119.46
N GLU H 509 -61.05 -41.73 118.40
CA GLU H 509 -62.25 -42.22 117.74
C GLU H 509 -62.03 -42.24 116.24
N TYR H 510 -62.74 -43.16 115.58
CA TYR H 510 -62.61 -43.37 114.14
C TYR H 510 -63.98 -43.30 113.48
N LEU H 511 -63.97 -42.96 112.20
CA LEU H 511 -65.18 -42.63 111.47
C LEU H 511 -66.06 -43.87 111.27
N VAL H 512 -67.34 -43.60 110.96
CA VAL H 512 -68.29 -44.61 110.54
C VAL H 512 -68.89 -44.17 109.21
N ASP H 513 -68.94 -45.10 108.26
CA ASP H 513 -69.41 -44.82 106.91
C ASP H 513 -70.46 -45.86 106.53
N PHE H 514 -71.72 -45.42 106.45
CA PHE H 514 -72.80 -46.36 106.19
C PHE H 514 -73.87 -45.71 105.32
N ASN H 515 -74.34 -46.48 104.35
CA ASN H 515 -75.38 -46.02 103.43
C ASN H 515 -76.70 -45.90 104.19
N MET H 516 -77.26 -44.70 104.23
CA MET H 516 -78.36 -44.39 105.12
C MET H 516 -79.46 -43.67 104.39
N ILE H 517 -80.70 -44.08 104.66
CA ILE H 517 -81.90 -43.49 104.06
C ILE H 517 -82.57 -42.61 105.11
N ARG H 518 -82.62 -41.30 104.84
CA ARG H 518 -83.30 -40.36 105.70
C ARG H 518 -84.31 -39.57 104.89
N ASN H 519 -85.53 -39.47 105.42
CA ASN H 519 -86.60 -38.71 104.80
C ASN H 519 -86.85 -39.11 103.35
N GLN H 520 -86.75 -40.41 103.06
CA GLN H 520 -87.01 -40.97 101.74
C GLN H 520 -85.95 -40.54 100.73
N ARG H 521 -84.68 -40.48 101.18
CA ARG H 521 -83.57 -39.98 100.40
C ARG H 521 -82.36 -40.89 100.57
N ILE H 522 -81.62 -41.11 99.49
CA ILE H 522 -80.44 -41.97 99.52
C ILE H 522 -79.19 -41.12 99.51
N GLY H 523 -78.37 -41.26 100.54
CA GLY H 523 -77.07 -40.61 100.58
C GLY H 523 -76.15 -41.30 101.57
N ARG H 524 -74.91 -41.51 101.14
CA ARG H 524 -73.90 -42.03 102.05
C ARG H 524 -73.54 -41.00 103.10
N GLU H 525 -73.38 -41.46 104.33
CA GLU H 525 -73.04 -40.61 105.46
C GLU H 525 -71.66 -40.99 105.98
N ILE H 526 -70.90 -39.99 106.41
CA ILE H 526 -69.58 -40.20 106.99
C ILE H 526 -69.47 -39.31 108.23
N ARG H 527 -69.38 -39.94 109.39
CA ARG H 527 -69.37 -39.23 110.67
C ARG H 527 -68.01 -39.40 111.33
N LEU H 528 -67.42 -38.31 111.78
CA LEU H 528 -66.19 -38.34 112.56
C LEU H 528 -66.47 -37.70 113.91
N THR H 529 -66.74 -38.52 114.92
CA THR H 529 -67.14 -38.01 116.23
C THR H 529 -65.91 -37.77 117.08
N PRO H 530 -65.62 -36.53 117.44
CA PRO H 530 -64.43 -36.26 118.27
C PRO H 530 -64.75 -36.32 119.74
N ARG H 531 -63.81 -36.85 120.53
CA ARG H 531 -63.94 -36.85 121.99
C ARG H 531 -62.65 -36.30 122.58
N TYR H 532 -62.72 -35.12 123.17
CA TYR H 532 -61.55 -34.53 123.81
C TYR H 532 -61.99 -33.45 124.77
N ARG H 533 -61.08 -33.09 125.67
CA ARG H 533 -61.33 -32.04 126.65
C ARG H 533 -59.98 -31.52 127.14
N TYR H 534 -59.89 -30.21 127.35
CA TYR H 534 -58.67 -29.57 127.81
C TYR H 534 -58.71 -29.41 129.31
N PHE H 535 -57.63 -29.81 129.98
CA PHE H 535 -57.50 -29.71 131.42
C PHE H 535 -56.35 -28.79 131.77
N ASN H 536 -56.49 -28.10 132.91
CA ASN H 536 -55.51 -27.14 133.37
C ASN H 536 -55.09 -27.46 134.80
N PHE H 537 -53.78 -27.41 135.06
CA PHE H 537 -53.26 -27.82 136.36
C PHE H 537 -52.59 -26.66 137.10
N LEU H 538 -51.53 -26.08 136.54
CA LEU H 538 -50.70 -25.16 137.31
C LEU H 538 -51.40 -23.81 137.51
N PRO H 539 -51.43 -23.28 138.72
CA PRO H 539 -51.92 -21.92 138.92
C PRO H 539 -50.80 -20.89 138.75
N ILE H 540 -50.05 -20.96 137.66
CA ILE H 540 -48.97 -20.03 137.39
C ILE H 540 -49.00 -19.69 135.91
N MET H 541 -49.20 -18.41 135.60
CA MET H 541 -49.04 -17.89 134.25
C MET H 541 -48.47 -16.48 134.33
N LEU H 542 -47.61 -16.15 133.37
CA LEU H 542 -47.08 -14.80 133.24
C LEU H 542 -47.38 -14.30 131.84
N VAL H 543 -48.14 -13.22 131.73
CA VAL H 543 -48.53 -12.64 130.45
C VAL H 543 -47.92 -11.25 130.35
N ILE H 544 -47.32 -10.96 129.20
CA ILE H 544 -46.64 -9.70 128.97
C ILE H 544 -47.25 -9.03 127.76
N ASN H 545 -47.63 -7.76 127.91
CA ASN H 545 -48.31 -7.01 126.87
C ASN H 545 -47.38 -5.95 126.30
N VAL H 546 -47.16 -6.01 124.98
CA VAL H 546 -46.27 -5.08 124.29
C VAL H 546 -47.12 -4.21 123.38
N ILE H 547 -46.97 -2.89 123.51
CA ILE H 547 -47.78 -1.93 122.77
C ILE H 547 -46.89 -0.84 122.19
N ASN H 548 -47.42 -0.16 121.18
CA ASN H 548 -46.88 1.08 120.64
C ASN H 548 -45.50 0.89 120.01
N LEU H 549 -45.19 -0.32 119.55
CA LEU H 549 -43.91 -0.57 118.89
C LEU H 549 -43.84 0.15 117.55
N GLU H 550 -44.99 0.29 116.89
CA GLU H 550 -45.02 0.88 115.55
C GLU H 550 -44.46 2.29 115.55
N GLU H 551 -45.01 3.16 116.41
CA GLU H 551 -44.51 4.52 116.49
C GLU H 551 -43.08 4.55 116.98
N ALA H 552 -42.71 3.60 117.83
CA ALA H 552 -41.35 3.56 118.37
C ALA H 552 -40.33 3.34 117.26
N ILE H 553 -40.62 2.43 116.33
CA ILE H 553 -39.72 2.30 115.20
C ILE H 553 -39.84 3.50 114.27
N ALA H 554 -41.06 3.98 114.04
CA ALA H 554 -41.27 5.06 113.06
C ALA H 554 -40.70 6.39 113.52
N GLN H 555 -40.92 6.78 114.77
CA GLN H 555 -40.58 8.11 115.26
C GLN H 555 -39.12 8.13 115.71
N ARG H 556 -38.75 9.23 116.37
CA ARG H 556 -37.41 9.40 116.89
C ARG H 556 -37.42 9.09 118.39
N THR H 557 -36.79 7.99 118.78
CA THR H 557 -36.64 7.62 120.18
C THR H 557 -35.14 7.53 120.47
N ALA H 558 -34.56 8.64 120.89
CA ALA H 558 -33.13 8.70 121.06
C ALA H 558 -32.76 9.35 122.39
N LEU H 559 -31.88 8.67 123.13
CA LEU H 559 -31.13 9.22 124.26
C LEU H 559 -31.97 10.04 125.24
N ASP H 560 -32.93 9.40 125.90
CA ASP H 560 -33.63 10.06 127.00
C ASP H 560 -32.63 10.36 128.10
N VAL H 561 -32.25 11.63 128.23
CA VAL H 561 -31.11 12.01 129.05
C VAL H 561 -31.58 12.81 130.26
N ASN H 562 -30.98 12.49 131.41
CA ASN H 562 -31.37 13.10 132.67
C ASN H 562 -30.24 13.99 133.18
N GLU H 563 -30.41 15.30 133.03
CA GLU H 563 -29.51 16.27 133.64
C GLU H 563 -29.58 16.19 135.16
N THR H 564 -28.47 16.45 135.83
CA THR H 564 -28.33 16.12 137.24
C THR H 564 -28.30 17.40 138.08
N GLN H 565 -29.15 18.36 137.74
CA GLN H 565 -29.49 19.46 138.63
C GLN H 565 -28.28 20.28 139.05
N VAL H 566 -27.19 20.13 138.29
CA VAL H 566 -25.99 20.89 138.59
C VAL H 566 -26.06 22.24 137.89
N THR H 567 -26.80 23.13 138.51
CA THR H 567 -27.23 24.50 138.25
C THR H 567 -27.96 25.02 139.48
N PRO H 568 -28.12 26.32 139.63
CA PRO H 568 -28.80 26.84 140.83
C PRO H 568 -30.29 26.47 140.84
N ALA H 569 -30.56 25.17 140.97
CA ALA H 569 -31.92 24.67 141.06
C ALA H 569 -32.03 23.63 142.17
N SER H 570 -30.90 23.20 142.70
CA SER H 570 -30.86 22.28 143.84
C SER H 570 -29.42 22.12 144.32
N HIS I 1 0.02 17.53 80.46
CA HIS I 1 -0.26 17.47 81.89
C HIS I 1 -1.43 16.51 82.14
N GLU I 2 -1.74 16.30 83.42
CA GLU I 2 -2.78 15.33 83.78
C GLU I 2 -4.14 15.99 83.86
N PHE I 3 -4.21 17.17 84.49
CA PHE I 3 -5.52 17.76 84.79
C PHE I 3 -6.29 18.09 83.54
N ALA I 4 -5.69 18.83 82.61
CA ALA I 4 -6.40 19.21 81.40
C ALA I 4 -6.76 18.00 80.56
N GLU I 5 -5.90 16.97 80.58
CA GLU I 5 -6.22 15.73 79.89
C GLU I 5 -7.44 15.06 80.50
N LEU I 6 -7.58 15.13 81.83
CA LEU I 6 -8.71 14.50 82.50
C LEU I 6 -10.02 15.15 82.10
N PHE I 7 -10.04 16.47 82.00
CA PHE I 7 -11.28 17.18 81.72
C PHE I 7 -11.48 17.49 80.24
N TYR I 8 -10.44 17.35 79.42
CA TYR I 8 -10.52 17.71 78.01
C TYR I 8 -9.72 16.71 77.20
N ARG I 9 -10.38 16.05 76.26
CA ARG I 9 -9.68 15.07 75.43
C ARG I 9 -8.99 15.76 74.27
N THR I 10 -7.78 15.30 73.96
CA THR I 10 -7.03 15.85 72.84
C THR I 10 -7.59 15.33 71.53
N TYR I 11 -7.83 16.22 70.59
CA TYR I 11 -8.30 15.87 69.26
C TYR I 11 -7.38 16.51 68.23
N ILE I 12 -6.78 15.69 67.37
CA ILE I 12 -5.87 16.18 66.35
C ILE I 12 -6.67 16.64 65.14
N VAL I 13 -6.21 17.70 64.50
CA VAL I 13 -6.83 18.24 63.30
C VAL I 13 -5.73 18.66 62.33
N THR I 14 -5.92 18.33 61.05
CA THR I 14 -4.93 18.64 60.04
C THR I 14 -4.73 20.15 59.95
N PRO I 15 -3.48 20.62 59.92
CA PRO I 15 -3.23 22.07 59.98
C PRO I 15 -3.51 22.76 58.65
N ASP I 16 -4.68 22.47 58.08
CA ASP I 16 -5.11 23.10 56.85
C ASP I 16 -6.57 23.53 56.96
N GLN I 17 -7.19 23.26 58.10
CA GLN I 17 -8.57 23.63 58.34
C GLN I 17 -8.65 24.69 59.44
N ALA I 18 -9.60 25.60 59.29
CA ALA I 18 -9.87 26.57 60.33
C ALA I 18 -10.53 25.93 61.54
N GLY I 19 -11.25 24.83 61.37
CA GLY I 19 -11.91 24.17 62.47
C GLY I 19 -12.86 23.11 61.95
N PHE I 20 -13.49 22.41 62.90
CA PHE I 20 -14.33 21.28 62.57
C PHE I 20 -15.73 21.51 63.14
N GLN I 21 -16.70 20.86 62.50
CA GLN I 21 -18.10 20.98 62.88
C GLN I 21 -18.71 19.59 63.05
N LEU I 22 -19.68 19.48 63.94
CA LEU I 22 -20.34 18.22 64.26
C LEU I 22 -21.68 18.16 63.55
N SER I 23 -22.03 16.97 63.07
CA SER I 23 -23.32 16.72 62.43
C SER I 23 -24.08 15.74 63.31
N ILE I 24 -25.05 16.24 64.08
CA ILE I 24 -25.75 15.46 65.08
C ILE I 24 -27.14 15.13 64.58
N ARG I 25 -27.57 13.88 64.81
CA ARG I 25 -28.89 13.41 64.40
C ARG I 25 -29.80 13.30 65.62
N ARG I 26 -31.09 13.58 65.40
CA ARG I 26 -32.09 13.49 66.46
C ARG I 26 -33.38 12.93 65.88
N ASN I 27 -33.92 11.89 66.51
CA ASN I 27 -35.13 11.22 66.07
C ASN I 27 -36.33 11.76 66.83
N LEU I 28 -37.14 12.57 66.16
CA LEU I 28 -38.17 13.37 66.80
C LEU I 28 -39.55 12.79 66.56
N VAL I 29 -40.46 13.07 67.49
CA VAL I 29 -41.85 12.66 67.39
C VAL I 29 -42.73 13.89 67.59
N TRP I 30 -43.75 14.02 66.75
CA TRP I 30 -44.77 15.03 67.00
C TRP I 30 -46.10 14.51 66.49
N GLU I 31 -47.17 15.06 67.06
CA GLU I 31 -48.52 14.57 66.85
C GLU I 31 -49.21 15.41 65.78
N GLY I 32 -49.94 14.75 64.89
CA GLY I 32 -50.77 15.46 63.96
C GLY I 32 -49.97 16.24 62.93
N TRP I 33 -50.60 17.28 62.41
CA TRP I 33 -50.14 18.00 61.23
C TRP I 33 -49.65 19.40 61.62
N THR I 34 -49.25 20.17 60.60
CA THR I 34 -48.63 21.47 60.88
C THR I 34 -49.66 22.50 61.30
N GLY I 35 -50.91 22.30 60.91
CA GLY I 35 -51.97 23.20 61.34
C GLY I 35 -52.87 23.60 60.19
N GLU I 36 -54.15 23.78 60.52
CA GLU I 36 -55.18 24.13 59.55
C GLU I 36 -56.07 25.23 60.13
N GLY I 37 -56.28 26.27 59.35
CA GLY I 37 -57.01 27.45 59.80
C GLY I 37 -56.13 28.68 59.75
N LEU I 38 -56.49 29.58 58.84
CA LEU I 38 -55.56 30.61 58.40
C LEU I 38 -55.68 31.89 59.22
N SER I 39 -54.57 32.27 59.85
CA SER I 39 -54.48 33.50 60.63
C SER I 39 -53.14 34.19 60.42
N GLY I 40 -52.40 33.77 59.40
CA GLY I 40 -51.03 34.25 59.27
C GLY I 40 -50.18 33.76 60.43
N GLU I 41 -49.49 34.70 61.08
CA GLU I 41 -48.68 34.40 62.26
C GLU I 41 -47.61 33.36 62.01
N LYS I 42 -47.24 32.61 63.04
CA LYS I 42 -46.17 31.63 62.98
C LYS I 42 -46.70 30.28 62.53
N GLN I 43 -47.75 29.79 63.20
CA GLN I 43 -48.33 28.48 62.99
C GLN I 43 -47.24 27.42 63.16
N GLU I 44 -46.74 27.33 64.39
CA GLU I 44 -45.58 26.52 64.73
C GLU I 44 -46.06 25.29 65.49
N ILE I 45 -45.46 24.14 65.18
CA ILE I 45 -45.75 22.92 65.92
C ILE I 45 -44.60 22.67 66.88
N SER I 46 -44.84 21.84 67.89
CA SER I 46 -43.88 21.62 68.97
C SER I 46 -43.20 20.27 68.77
N LYS I 47 -42.00 20.29 68.19
CA LYS I 47 -41.18 19.10 68.17
C LYS I 47 -40.72 18.76 69.59
N ARG I 48 -40.77 17.47 69.92
CA ARG I 48 -40.36 16.98 71.22
C ARG I 48 -39.42 15.79 71.05
N ASN I 49 -38.30 15.82 71.76
CA ASN I 49 -37.29 14.79 71.60
C ASN I 49 -37.79 13.47 72.16
N ILE I 50 -37.44 12.37 71.48
CA ILE I 50 -37.90 11.07 71.94
C ILE I 50 -37.25 10.68 73.26
N LEU I 51 -35.98 11.04 73.45
CA LEU I 51 -35.32 10.75 74.72
C LEU I 51 -35.96 11.50 75.88
N GLN I 52 -36.62 12.64 75.60
CA GLN I 52 -37.38 13.31 76.65
C GLN I 52 -38.52 12.43 77.14
N GLY I 53 -39.13 11.67 76.25
CA GLY I 53 -40.19 10.75 76.66
C GLY I 53 -39.71 9.63 77.55
N LEU I 54 -38.40 9.40 77.60
CA LEU I 54 -37.87 8.41 78.53
C LEU I 54 -38.12 8.82 79.97
N LEU I 55 -38.21 10.13 80.24
CA LEU I 55 -38.37 10.65 81.59
C LEU I 55 -39.75 11.26 81.81
N ASP I 56 -40.69 11.00 80.93
CA ASP I 56 -42.03 11.59 81.02
C ASP I 56 -43.00 10.65 80.31
N TYR I 57 -44.28 11.06 80.23
CA TYR I 57 -45.28 10.23 79.58
C TYR I 57 -46.14 11.03 78.60
N THR I 58 -46.25 12.35 78.84
CA THR I 58 -47.03 13.21 77.97
C THR I 58 -46.42 13.36 76.59
N THR I 59 -45.17 12.94 76.41
CA THR I 59 -44.57 12.89 75.08
C THR I 59 -45.36 11.96 74.17
N LEU I 60 -45.75 10.80 74.68
CA LEU I 60 -46.30 9.73 73.86
C LEU I 60 -47.62 9.30 74.48
N GLU I 61 -48.12 8.15 74.07
CA GLU I 61 -49.41 7.60 74.47
C GLU I 61 -50.54 8.47 73.95
N THR I 62 -50.75 8.42 72.64
CA THR I 62 -51.95 8.93 71.99
C THR I 62 -52.99 7.82 71.90
N ASN I 63 -54.20 8.21 71.50
CA ASN I 63 -55.28 7.28 71.23
C ASN I 63 -56.11 7.82 70.09
N SER I 64 -56.30 7.01 69.05
CA SER I 64 -57.02 7.48 67.88
C SER I 64 -58.13 6.54 67.46
N THR I 65 -57.95 5.24 67.69
CA THR I 65 -58.83 4.22 67.13
C THR I 65 -60.05 3.95 68.01
N GLU I 66 -60.13 4.55 69.19
CA GLU I 66 -61.29 4.34 70.04
C GLU I 66 -62.53 4.95 69.41
N LEU I 67 -63.64 4.22 69.48
CA LEU I 67 -64.90 4.66 68.91
C LEU I 67 -65.72 5.31 70.03
N ILE I 68 -65.85 6.63 69.97
CA ILE I 68 -66.54 7.41 70.98
C ILE I 68 -67.81 7.97 70.36
N PRO I 69 -68.92 8.03 71.09
CA PRO I 69 -70.14 8.64 70.54
C PRO I 69 -69.98 10.12 70.28
N VAL I 70 -70.64 10.63 69.23
CA VAL I 70 -70.51 12.02 68.81
C VAL I 70 -71.89 12.54 68.44
N ILE I 71 -72.19 13.77 68.86
CA ILE I 71 -73.52 14.35 68.74
C ILE I 71 -73.63 15.09 67.41
N GLN I 72 -74.70 14.79 66.66
CA GLN I 72 -75.18 15.64 65.58
C GLN I 72 -76.62 16.01 65.87
N SER I 73 -76.84 17.21 66.38
CA SER I 73 -78.16 17.61 66.83
C SER I 73 -79.19 17.44 65.72
N GLY I 74 -80.32 16.84 66.07
CA GLY I 74 -81.38 16.60 65.10
C GLY I 74 -81.14 15.38 64.23
N GLU I 75 -80.14 14.56 64.58
CA GLU I 75 -79.89 13.36 63.81
C GLU I 75 -79.74 12.14 64.71
N ASN I 76 -79.29 12.33 65.95
CA ASN I 76 -79.01 11.19 66.80
C ASN I 76 -79.46 11.42 68.24
N ASP I 77 -80.42 12.32 68.44
CA ASP I 77 -80.87 12.61 69.79
C ASP I 77 -81.49 11.40 70.47
N GLU I 78 -82.28 10.62 69.74
CA GLU I 78 -83.06 9.58 70.40
C GLU I 78 -82.22 8.37 70.80
N GLN I 79 -81.00 8.24 70.31
CA GLN I 79 -80.09 7.26 70.88
C GLN I 79 -79.40 7.73 72.14
N PHE I 80 -79.50 9.02 72.48
CA PHE I 80 -78.83 9.59 73.63
C PHE I 80 -79.85 10.02 74.67
N ILE I 81 -79.39 10.18 75.90
CA ILE I 81 -80.23 10.76 76.93
C ILE I 81 -80.52 12.22 76.57
N ASP I 82 -81.70 12.67 76.95
CA ASP I 82 -82.10 14.04 76.63
C ASP I 82 -81.20 15.02 77.38
N PRO I 83 -80.95 16.20 76.80
CA PRO I 83 -80.03 17.15 77.45
C PRO I 83 -80.53 17.64 78.80
N SER I 84 -81.83 17.51 79.08
CA SER I 84 -82.37 18.04 80.32
C SER I 84 -81.75 17.37 81.53
N VAL I 85 -81.57 16.05 81.47
CA VAL I 85 -80.99 15.32 82.59
C VAL I 85 -79.55 15.77 82.82
N LEU I 86 -78.79 15.92 81.75
CA LEU I 86 -77.40 16.32 81.88
C LEU I 86 -76.93 17.06 80.63
N PRO I 87 -76.24 18.19 80.76
CA PRO I 87 -75.72 18.88 79.59
C PRO I 87 -74.67 18.06 78.87
N ALA I 88 -74.48 18.35 77.59
CA ALA I 88 -73.50 17.64 76.79
C ALA I 88 -72.10 17.83 77.34
N GLN I 89 -71.31 16.76 77.27
CA GLN I 89 -69.94 16.75 77.78
C GLN I 89 -68.97 16.87 76.61
N THR I 90 -68.00 17.77 76.73
CA THR I 90 -67.00 18.00 75.70
C THR I 90 -65.75 17.18 76.00
N VAL I 91 -65.25 16.47 75.00
CA VAL I 91 -64.06 15.65 75.13
C VAL I 91 -63.10 16.00 73.99
N LYS I 92 -61.83 15.65 74.18
CA LYS I 92 -60.79 15.92 73.21
C LYS I 92 -60.03 14.64 72.90
N GLN I 93 -60.27 14.09 71.71
CA GLN I 93 -59.55 12.93 71.21
C GLN I 93 -59.02 13.29 69.83
N GLY I 94 -57.74 13.04 69.60
CA GLY I 94 -57.14 13.53 68.37
C GLY I 94 -57.08 15.04 68.38
N LYS I 95 -57.23 15.64 67.21
CA LYS I 95 -57.18 17.10 67.08
C LYS I 95 -58.55 17.75 67.09
N ASP I 96 -59.63 16.98 67.03
CA ASP I 96 -60.98 17.53 66.97
C ASP I 96 -61.57 17.70 68.37
N THR I 97 -62.45 18.67 68.51
CA THR I 97 -63.22 18.85 69.73
C THR I 97 -64.70 18.66 69.39
N PHE I 98 -65.37 17.77 70.11
CA PHE I 98 -66.76 17.43 69.83
C PHE I 98 -67.47 17.03 71.12
N ASP I 99 -68.79 17.02 71.07
CA ASP I 99 -69.61 16.77 72.25
C ASP I 99 -69.98 15.30 72.34
N THR I 100 -70.16 14.82 73.57
CA THR I 100 -70.56 13.45 73.82
C THR I 100 -71.48 13.38 75.04
N ASN I 101 -72.25 12.30 75.11
CA ASN I 101 -73.13 12.10 76.26
C ASN I 101 -73.51 10.63 76.34
N PHE I 102 -74.01 10.22 77.50
CA PHE I 102 -74.24 8.81 77.79
C PHE I 102 -75.35 8.24 76.92
N LEU I 103 -75.19 6.97 76.52
CA LEU I 103 -76.19 6.28 75.73
C LEU I 103 -77.34 5.82 76.60
N LYS I 104 -78.57 6.11 76.17
CA LYS I 104 -79.74 5.72 76.94
C LYS I 104 -80.05 4.25 76.75
N PHE I 105 -80.48 3.60 77.83
CA PHE I 105 -80.95 2.23 77.74
C PHE I 105 -82.30 2.19 77.03
N SER I 106 -82.41 1.27 76.07
CA SER I 106 -83.62 1.10 75.29
C SER I 106 -84.10 -0.33 75.47
N GLU I 107 -85.42 -0.49 75.62
CA GLU I 107 -85.95 -1.82 75.88
C GLU I 107 -86.70 -2.36 74.66
N ASN I 108 -87.75 -1.65 74.23
CA ASN I 108 -88.51 -2.12 73.09
C ASN I 108 -88.05 -1.48 71.79
N GLY I 109 -87.17 -0.49 71.87
CA GLY I 109 -86.79 0.27 70.69
C GLY I 109 -85.77 -0.47 69.85
N GLU I 110 -85.47 0.14 68.71
CA GLU I 110 -84.46 -0.39 67.82
C GLU I 110 -83.09 -0.33 68.49
N GLY I 111 -82.27 -1.34 68.22
CA GLY I 111 -80.92 -1.33 68.72
C GLY I 111 -80.08 -0.24 68.10
N PHE I 112 -78.97 0.11 68.74
CA PHE I 112 -78.09 1.15 68.26
C PHE I 112 -76.99 0.55 67.40
N ASN I 113 -76.54 1.31 66.41
CA ASN I 113 -75.38 0.92 65.61
C ASN I 113 -74.24 1.87 65.97
N LEU I 114 -73.26 1.36 66.70
CA LEU I 114 -72.16 2.20 67.16
C LEU I 114 -71.33 2.72 66.00
N LEU I 115 -71.10 1.88 64.99
CA LEU I 115 -70.17 2.25 63.92
C LEU I 115 -70.63 3.51 63.20
N MET I 116 -71.93 3.59 62.90
CA MET I 116 -72.50 4.80 62.33
C MET I 116 -72.50 5.95 63.33
N LEU I 117 -72.50 5.65 64.63
CA LEU I 117 -72.66 6.66 65.67
C LEU I 117 -71.33 7.22 66.15
N ALA I 118 -70.22 6.74 65.60
CA ALA I 118 -68.90 7.08 66.13
C ALA I 118 -68.03 7.70 65.05
N GLN I 119 -68.54 8.71 64.36
CA GLN I 119 -67.78 9.42 63.34
C GLN I 119 -67.52 10.84 63.81
N THR I 120 -66.28 11.29 63.65
CA THR I 120 -65.86 12.61 64.10
C THR I 120 -65.73 13.54 62.90
N PRO I 121 -65.50 14.84 63.14
CA PRO I 121 -65.22 15.74 62.01
C PRO I 121 -64.05 15.27 61.16
N SER I 122 -63.02 14.70 61.78
CA SER I 122 -61.94 14.11 61.00
C SER I 122 -62.44 13.01 60.09
N ARG I 123 -63.29 12.12 60.62
CA ARG I 123 -63.84 11.06 59.79
C ARG I 123 -64.88 11.60 58.81
N LEU I 124 -65.67 12.59 59.21
CA LEU I 124 -66.68 13.13 58.31
C LEU I 124 -66.03 13.79 57.10
N LYS I 125 -64.96 14.56 57.29
CA LYS I 125 -64.23 15.11 56.16
C LYS I 125 -63.72 14.03 55.24
N LYS I 126 -63.38 12.87 55.79
CA LYS I 126 -62.93 11.74 55.00
C LYS I 126 -64.00 11.23 54.05
N GLY I 127 -65.27 11.53 54.31
CA GLY I 127 -66.33 11.16 53.39
C GLY I 127 -67.22 10.04 53.87
N SER I 128 -67.42 9.05 53.01
CA SER I 128 -68.36 7.95 53.28
C SER I 128 -67.92 7.16 54.51
N MET I 129 -68.90 6.63 55.24
CA MET I 129 -68.62 5.86 56.44
C MET I 129 -68.14 4.46 56.04
N THR I 130 -67.75 3.65 57.01
CA THR I 130 -66.86 2.53 56.73
C THR I 130 -67.63 1.26 56.41
N PHE I 131 -66.93 0.28 55.83
CA PHE I 131 -67.61 -0.97 55.47
C PHE I 131 -66.82 -2.20 55.88
N THR I 132 -65.49 -2.11 55.87
CA THR I 132 -64.65 -3.27 56.07
C THR I 132 -64.05 -3.38 57.46
N ASP I 133 -63.81 -2.26 58.14
CA ASP I 133 -63.23 -2.29 59.47
C ASP I 133 -64.18 -2.97 60.44
N SER I 134 -63.61 -3.81 61.31
CA SER I 134 -64.40 -4.60 62.25
C SER I 134 -64.10 -4.11 63.66
N LEU I 135 -64.93 -4.55 64.59
CA LEU I 135 -64.76 -4.15 65.98
C LEU I 135 -63.72 -5.03 66.66
N ASP I 136 -63.29 -4.59 67.83
CA ASP I 136 -62.30 -5.33 68.62
C ASP I 136 -62.88 -6.64 69.13
N SER I 137 -62.01 -7.55 69.55
CA SER I 137 -62.44 -8.72 70.29
C SER I 137 -62.76 -8.41 71.74
N ARG I 138 -62.35 -7.24 72.24
CA ARG I 138 -62.59 -6.84 73.62
C ARG I 138 -63.39 -5.55 73.62
N ILE I 139 -64.56 -5.59 74.26
CA ILE I 139 -65.40 -4.42 74.47
C ILE I 139 -65.93 -4.47 75.89
N ALA I 140 -66.03 -3.32 76.54
CA ALA I 140 -66.45 -3.30 77.94
C ALA I 140 -67.15 -1.99 78.27
N LEU I 141 -67.94 -2.02 79.34
CA LEU I 141 -68.63 -0.83 79.81
C LEU I 141 -67.65 0.14 80.46
N LYS I 142 -67.78 1.42 80.13
CA LYS I 142 -66.88 2.43 80.69
C LYS I 142 -67.42 3.03 81.98
N GLN I 143 -68.65 3.52 81.97
CA GLN I 143 -69.24 4.19 83.12
C GLN I 143 -70.73 3.96 83.12
N LEU I 144 -71.31 3.83 84.30
CA LEU I 144 -72.75 3.69 84.47
C LEU I 144 -73.30 4.91 85.18
N LEU I 145 -74.27 5.57 84.56
CA LEU I 145 -74.87 6.77 85.12
C LEU I 145 -76.16 6.39 85.83
N ILE I 146 -76.16 6.50 87.15
CA ILE I 146 -77.32 6.10 87.96
C ILE I 146 -77.86 7.33 88.67
N SER I 147 -79.12 7.28 89.03
CA SER I 147 -79.80 8.39 89.68
C SER I 147 -80.27 7.97 91.06
N VAL I 148 -79.86 8.72 92.08
CA VAL I 148 -80.31 8.53 93.45
C VAL I 148 -81.25 9.69 93.78
N THR I 149 -82.50 9.38 94.09
CA THR I 149 -83.53 10.38 94.36
C THR I 149 -84.09 10.13 95.75
N LYS I 150 -84.27 11.21 96.51
CA LYS I 150 -84.85 11.14 97.84
C LYS I 150 -85.73 12.36 98.05
N GLY I 151 -87.04 12.16 98.01
CA GLY I 151 -87.96 13.27 98.17
C GLY I 151 -88.11 14.18 96.97
N GLY I 152 -87.63 13.75 95.80
CA GLY I 152 -87.71 14.56 94.60
C GLY I 152 -86.42 15.21 94.16
N THR I 153 -85.35 15.10 94.95
CA THR I 153 -84.06 15.66 94.61
C THR I 153 -83.18 14.56 94.03
N THR I 154 -82.60 14.82 92.85
CA THR I 154 -81.82 13.82 92.12
C THR I 154 -80.36 14.22 92.09
N GLU I 155 -79.49 13.34 92.58
CA GLU I 155 -78.05 13.47 92.46
C GLU I 155 -77.50 12.25 91.73
N LEU I 156 -76.68 12.51 90.71
CA LEU I 156 -76.22 11.47 89.81
C LEU I 156 -74.76 11.13 90.07
N PHE I 157 -74.43 9.85 89.94
CA PHE I 157 -73.10 9.32 90.23
C PHE I 157 -72.45 8.85 88.95
N ALA I 158 -71.12 8.86 88.92
CA ALA I 158 -70.36 8.34 87.79
C ALA I 158 -69.58 7.12 88.28
N LEU I 159 -70.21 5.95 88.26
CA LEU I 159 -69.58 4.72 88.69
C LEU I 159 -68.57 4.27 87.64
N ASP I 160 -67.34 3.99 88.08
CA ASP I 160 -66.32 3.44 87.20
C ASP I 160 -66.40 1.92 87.22
N VAL I 161 -67.11 1.34 86.27
CA VAL I 161 -67.30 -0.11 86.21
C VAL I 161 -66.22 -0.77 85.37
N ASN I 162 -65.25 0.00 84.89
CA ASN I 162 -64.17 -0.59 84.12
C ASN I 162 -63.34 -1.52 84.98
N ARG I 163 -62.70 -2.49 84.33
CA ARG I 163 -61.82 -3.47 84.95
C ARG I 163 -62.56 -4.34 85.97
N ASP I 164 -63.89 -4.33 85.97
CA ASP I 164 -64.63 -5.31 86.75
C ASP I 164 -64.39 -6.70 86.19
N GLN I 165 -64.49 -7.69 87.07
CA GLN I 165 -64.24 -9.07 86.67
C GLN I 165 -65.42 -9.72 85.96
N TYR I 166 -66.45 -8.95 85.61
CA TYR I 166 -67.52 -9.45 84.76
C TYR I 166 -68.00 -8.43 83.73
N ALA I 167 -67.37 -7.26 83.63
CA ALA I 167 -67.84 -6.19 82.76
C ALA I 167 -67.21 -6.25 81.37
N ALA I 168 -66.74 -7.41 80.96
CA ALA I 168 -66.11 -7.58 79.65
C ALA I 168 -66.96 -8.48 78.77
N TYR I 169 -67.11 -8.09 77.50
CA TYR I 169 -67.89 -8.85 76.55
C TYR I 169 -67.27 -10.24 76.35
N THR I 170 -68.12 -11.24 76.20
CA THR I 170 -67.71 -12.63 76.07
C THR I 170 -68.34 -13.25 74.84
N ALA I 171 -67.75 -14.35 74.38
CA ALA I 171 -68.22 -14.98 73.14
C ALA I 171 -69.31 -15.98 73.45
N THR I 172 -70.42 -15.86 72.74
CA THR I 172 -71.54 -16.78 72.89
C THR I 172 -72.30 -16.83 71.58
N ARG I 173 -72.57 -18.05 71.15
CA ARG I 173 -73.22 -18.29 69.87
C ARG I 173 -74.62 -18.81 70.08
N GLU I 174 -75.61 -17.93 69.89
CA GLU I 174 -77.02 -18.28 69.99
C GLU I 174 -77.79 -17.59 68.86
N TYR I 175 -77.07 -17.06 67.89
CA TYR I 175 -77.66 -16.60 66.64
C TYR I 175 -76.58 -16.45 65.56
N ASN I 176 -76.03 -15.26 65.41
CA ASN I 176 -75.15 -14.97 64.29
C ASN I 176 -73.75 -15.56 64.54
N PHE I 177 -72.87 -15.34 63.56
CA PHE I 177 -71.53 -15.89 63.61
C PHE I 177 -70.65 -15.19 64.63
N ARG I 178 -70.77 -13.86 64.74
CA ARG I 178 -69.85 -13.06 65.53
C ARG I 178 -70.63 -12.19 66.51
N LEU I 179 -71.55 -12.80 67.24
CA LEU I 179 -72.18 -12.12 68.36
C LEU I 179 -71.18 -12.03 69.51
N MET I 180 -71.14 -10.86 70.15
CA MET I 180 -70.35 -10.64 71.35
C MET I 180 -71.32 -10.35 72.48
N GLN I 181 -71.22 -11.09 73.57
CA GLN I 181 -72.27 -11.09 74.58
C GLN I 181 -71.77 -10.50 75.88
N LEU I 182 -72.70 -9.90 76.62
CA LEU I 182 -72.40 -9.20 77.87
C LEU I 182 -73.42 -9.62 78.92
N LYS I 183 -72.92 -10.12 80.05
CA LYS I 183 -73.76 -10.54 81.16
C LYS I 183 -73.13 -9.96 82.43
N PHE I 184 -73.48 -8.71 82.72
CA PHE I 184 -72.89 -7.98 83.84
C PHE I 184 -73.77 -8.20 85.05
N HIS I 185 -73.28 -8.99 86.01
CA HIS I 185 -74.06 -9.40 87.18
C HIS I 185 -73.15 -9.40 88.40
N THR I 186 -73.23 -8.34 89.19
CA THR I 186 -72.38 -8.21 90.36
C THR I 186 -72.94 -7.11 91.24
N SER I 187 -72.15 -6.73 92.23
CA SER I 187 -72.50 -5.66 93.15
C SER I 187 -71.62 -4.45 92.88
N LEU I 188 -72.24 -3.35 92.49
CA LEU I 188 -71.55 -2.08 92.39
C LEU I 188 -71.67 -1.33 93.71
N GLY I 189 -70.52 -1.00 94.28
CA GLY I 189 -70.46 -0.29 95.55
C GLY I 189 -69.85 1.09 95.36
N LEU I 190 -70.44 2.07 96.02
CA LEU I 190 -69.93 3.44 96.04
C LEU I 190 -69.28 3.68 97.39
N GLY I 191 -68.06 4.22 97.36
CA GLY I 191 -67.28 4.33 98.57
C GLY I 191 -67.83 5.32 99.57
N GLU I 192 -67.47 5.16 100.85
CA GLU I 192 -67.87 6.06 101.91
C GLU I 192 -67.23 7.43 101.77
N GLU I 193 -66.25 7.57 100.88
CA GLU I 193 -65.75 8.91 100.54
C GLU I 193 -65.61 9.08 99.04
N SER I 194 -66.39 8.39 98.23
CA SER I 194 -66.32 8.55 96.78
C SER I 194 -66.70 9.97 96.38
N THR I 195 -66.03 10.46 95.34
CA THR I 195 -66.35 11.79 94.82
C THR I 195 -67.69 11.76 94.11
N THR I 196 -68.29 12.94 93.96
CA THR I 196 -69.52 13.13 93.20
C THR I 196 -69.24 14.01 92.00
N VAL I 197 -69.53 13.50 90.80
CA VAL I 197 -69.34 14.29 89.59
C VAL I 197 -70.26 15.50 89.54
N ALA I 198 -71.42 15.44 90.22
CA ALA I 198 -72.33 16.57 90.26
C ALA I 198 -71.84 17.70 91.17
N GLY I 199 -70.80 17.47 91.95
CA GLY I 199 -70.26 18.49 92.83
C GLY I 199 -70.30 18.06 94.29
N ALA I 200 -69.18 18.29 94.98
CA ALA I 200 -69.02 17.99 96.39
C ALA I 200 -69.26 16.51 96.68
N GLU I 201 -70.01 16.21 97.73
CA GLU I 201 -70.34 14.84 98.09
C GLU I 201 -71.85 14.70 98.18
N SER I 202 -72.32 13.46 98.20
CA SER I 202 -73.75 13.21 98.18
C SER I 202 -74.38 13.51 99.54
N ALA I 203 -75.28 14.50 99.53
CA ALA I 203 -76.08 14.81 100.71
C ALA I 203 -77.20 13.81 100.95
N LEU I 204 -77.71 13.19 99.89
CA LEU I 204 -78.72 12.14 100.04
C LEU I 204 -78.17 10.94 100.80
N LEU I 205 -76.88 10.65 100.62
CA LEU I 205 -76.19 9.62 101.39
C LEU I 205 -75.35 10.21 102.50
N LYS I 206 -75.60 11.47 102.88
CA LYS I 206 -74.71 12.13 103.84
C LYS I 206 -74.72 11.42 105.19
N ASP I 207 -75.89 10.95 105.63
CA ASP I 207 -75.99 10.37 106.97
C ASP I 207 -75.13 9.11 107.09
N LEU I 208 -75.23 8.20 106.13
CA LEU I 208 -74.39 7.01 106.16
C LEU I 208 -72.92 7.36 106.04
N PHE I 209 -72.60 8.32 105.17
CA PHE I 209 -71.21 8.73 105.00
C PHE I 209 -70.67 9.35 106.27
N ASP I 210 -71.56 9.85 107.14
CA ASP I 210 -71.14 10.37 108.42
C ASP I 210 -70.56 9.29 109.32
N LEU I 211 -71.26 8.16 109.45
CA LEU I 211 -70.83 7.08 110.32
C LEU I 211 -69.99 6.05 109.58
N GLY I 212 -69.42 6.41 108.44
CA GLY I 212 -68.52 5.51 107.73
C GLY I 212 -69.14 4.25 107.20
N TYR I 213 -70.31 4.33 106.58
CA TYR I 213 -70.93 3.17 105.96
C TYR I 213 -70.90 3.30 104.44
N ARG I 214 -71.21 2.19 103.78
CA ARG I 214 -71.18 2.12 102.33
C ARG I 214 -72.41 1.37 101.85
N ILE I 215 -72.73 1.52 100.56
CA ILE I 215 -73.90 0.91 99.97
C ILE I 215 -73.47 0.04 98.80
N GLU I 216 -73.96 -1.19 98.78
CA GLU I 216 -73.70 -2.13 97.69
C GLU I 216 -74.98 -2.30 96.89
N LEU I 217 -74.86 -2.15 95.57
CA LEU I 217 -76.01 -2.19 94.67
C LEU I 217 -75.91 -3.42 93.77
N ASP I 218 -76.97 -4.21 93.72
CA ASP I 218 -77.08 -5.28 92.74
C ASP I 218 -77.42 -4.66 91.39
N VAL I 219 -76.54 -4.86 90.42
CA VAL I 219 -76.71 -4.29 89.09
C VAL I 219 -76.69 -5.44 88.10
N LYS I 220 -77.68 -5.47 87.22
CA LYS I 220 -77.89 -6.57 86.29
C LYS I 220 -78.14 -5.97 84.92
N VAL I 221 -77.11 -5.99 84.07
CA VAL I 221 -77.11 -5.27 82.80
C VAL I 221 -76.68 -6.23 81.70
N ASP I 222 -77.43 -6.26 80.60
CA ASP I 222 -77.20 -7.17 79.50
C ASP I 222 -77.31 -6.46 78.16
N GLY I 223 -76.69 -7.05 77.14
CA GLY I 223 -76.77 -6.50 75.80
C GLY I 223 -76.20 -7.45 74.78
N GLU I 224 -76.46 -7.14 73.51
CA GLU I 224 -75.95 -7.92 72.39
C GLU I 224 -75.08 -7.03 71.51
N MET I 225 -74.04 -7.61 70.94
CA MET I 225 -73.13 -6.88 70.08
C MET I 225 -72.60 -7.78 68.97
N ASN I 226 -72.54 -7.24 67.75
CA ASN I 226 -71.93 -7.92 66.62
C ASN I 226 -70.77 -7.08 66.12
N VAL I 227 -69.60 -7.71 65.99
CA VAL I 227 -68.38 -7.01 65.58
C VAL I 227 -68.24 -6.92 64.07
N GLU I 228 -69.27 -7.30 63.32
CA GLU I 228 -69.17 -7.26 61.87
C GLU I 228 -69.75 -6.00 61.25
N ASN I 229 -70.89 -5.53 61.73
CA ASN I 229 -71.52 -4.36 61.12
C ASN I 229 -72.01 -3.37 62.18
N GLY I 230 -71.56 -3.55 63.42
CA GLY I 230 -71.82 -2.55 64.44
C GLY I 230 -73.22 -2.54 65.00
N ASN I 231 -74.09 -3.45 64.56
CA ASN I 231 -75.43 -3.53 65.12
C ASN I 231 -75.38 -4.17 66.51
N GLY I 232 -76.33 -3.78 67.36
CA GLY I 232 -76.41 -4.32 68.70
C GLY I 232 -77.43 -3.57 69.51
N ASP I 233 -77.71 -4.12 70.70
CA ASP I 233 -78.65 -3.48 71.61
C ASP I 233 -78.33 -3.90 73.04
N THR I 234 -78.55 -2.98 73.97
CA THR I 234 -78.40 -3.22 75.40
C THR I 234 -79.60 -2.61 76.11
N SER I 235 -79.91 -3.13 77.29
CA SER I 235 -81.04 -2.65 78.08
C SER I 235 -80.74 -2.81 79.57
N LEU I 236 -81.47 -2.05 80.39
CA LEU I 236 -81.40 -2.18 81.83
C LEU I 236 -82.34 -3.28 82.28
N ARG I 237 -81.91 -4.07 83.25
CA ARG I 237 -82.73 -5.19 83.72
C ARG I 237 -83.12 -5.11 85.18
N ALA I 238 -82.16 -4.95 86.09
CA ALA I 238 -82.49 -4.98 87.51
C ALA I 238 -81.47 -4.15 88.29
N LEU I 239 -81.97 -3.40 89.27
CA LEU I 239 -81.14 -2.50 90.07
C LEU I 239 -81.87 -2.18 91.36
N ARG I 240 -81.20 -2.38 92.49
CA ARG I 240 -81.80 -2.15 93.79
C ARG I 240 -80.72 -2.19 94.86
N LEU I 241 -81.03 -1.63 96.02
CA LEU I 241 -80.12 -1.71 97.15
C LEU I 241 -80.09 -3.13 97.69
N ALA I 242 -78.90 -3.59 98.08
CA ALA I 242 -78.73 -4.96 98.54
C ALA I 242 -78.29 -5.04 100.00
N ARG I 243 -77.19 -4.38 100.35
CA ARG I 243 -76.58 -4.58 101.65
C ARG I 243 -75.69 -3.40 101.98
N VAL I 244 -75.30 -3.32 103.25
CA VAL I 244 -74.53 -2.19 103.78
C VAL I 244 -73.26 -2.72 104.43
N PHE I 245 -72.12 -2.17 104.04
CA PHE I 245 -70.84 -2.51 104.64
C PHE I 245 -70.47 -1.45 105.68
N ASP I 246 -69.78 -1.89 106.73
CA ASP I 246 -69.28 -0.98 107.75
C ASP I 246 -67.86 -0.55 107.38
N LYS I 247 -67.16 0.07 108.32
CA LYS I 247 -65.77 0.45 108.09
C LYS I 247 -64.85 -0.75 107.96
N GLU I 248 -65.22 -1.90 108.51
CA GLU I 248 -64.40 -3.09 108.45
C GLU I 248 -64.89 -4.14 107.47
N GLY I 249 -65.96 -3.85 106.73
CA GLY I 249 -66.53 -4.80 105.80
C GLY I 249 -67.58 -5.73 106.39
N LYS I 250 -67.87 -5.61 107.68
CA LYS I 250 -68.88 -6.45 108.30
C LYS I 250 -70.27 -6.00 107.87
N GLU I 251 -71.06 -6.94 107.37
CA GLU I 251 -72.39 -6.63 106.87
C GLU I 251 -73.27 -6.12 108.01
N ILE I 252 -74.03 -5.06 107.74
CA ILE I 252 -74.98 -4.50 108.68
C ILE I 252 -76.36 -4.54 108.06
N ALA I 253 -77.33 -5.04 108.83
CA ALA I 253 -78.64 -5.34 108.27
C ALA I 253 -79.34 -4.10 107.75
N LEU I 254 -80.14 -4.29 106.71
CA LEU I 254 -80.98 -3.24 106.14
C LEU I 254 -82.05 -2.76 107.11
N THR I 255 -82.51 -3.62 108.02
CA THR I 255 -83.60 -3.30 108.91
C THR I 255 -83.16 -2.56 110.17
N ASP I 256 -81.88 -2.26 110.30
CA ASP I 256 -81.41 -1.50 111.47
C ASP I 256 -82.07 -0.13 111.49
N SER I 257 -82.38 0.34 112.70
CA SER I 257 -83.05 1.63 112.84
C SER I 257 -82.25 2.75 112.19
N ARG I 258 -80.95 2.84 112.51
CA ARG I 258 -80.13 3.90 111.92
C ARG I 258 -79.98 3.71 110.43
N VAL I 259 -79.74 2.48 109.98
CA VAL I 259 -79.56 2.22 108.56
C VAL I 259 -80.86 2.50 107.80
N SER I 260 -81.99 2.01 108.32
CA SER I 260 -83.26 2.24 107.64
C SER I 260 -83.60 3.72 107.60
N ALA I 261 -83.39 4.43 108.71
CA ALA I 261 -83.66 5.86 108.73
C ALA I 261 -82.79 6.60 107.73
N ALA I 262 -81.51 6.24 107.65
CA ALA I 262 -80.63 6.86 106.68
C ALA I 262 -80.93 6.41 105.25
N LEU I 263 -81.67 5.32 105.08
CA LEU I 263 -82.04 4.83 103.76
C LEU I 263 -83.51 5.05 103.44
N SER I 264 -84.21 5.88 104.21
CA SER I 264 -85.63 6.15 103.96
C SER I 264 -85.82 6.97 102.68
N GLY I 265 -86.55 6.42 101.72
CA GLY I 265 -86.93 7.18 100.54
C GLY I 265 -85.96 7.14 99.38
N LEU I 266 -84.91 6.34 99.47
CA LEU I 266 -83.94 6.25 98.37
C LEU I 266 -84.48 5.31 97.29
N THR I 267 -84.41 5.76 96.05
CA THR I 267 -84.71 4.95 94.89
C THR I 267 -83.64 5.16 93.84
N VAL I 268 -83.12 4.07 93.28
CA VAL I 268 -82.03 4.13 92.32
C VAL I 268 -82.58 3.77 90.95
N THR I 269 -82.31 4.62 89.97
CA THR I 269 -82.73 4.39 88.60
C THR I 269 -81.55 4.58 87.66
N GLY I 270 -81.45 3.70 86.67
CA GLY I 270 -80.38 3.79 85.70
C GLY I 270 -80.73 4.76 84.59
N VAL I 271 -79.75 5.59 84.22
CA VAL I 271 -79.94 6.60 83.19
C VAL I 271 -79.25 6.21 81.89
N GLY I 272 -77.95 5.96 81.93
CA GLY I 272 -77.23 5.67 80.71
C GLY I 272 -75.86 5.13 81.00
N TYR I 273 -75.07 5.01 79.94
CA TYR I 273 -73.73 4.45 80.07
C TYR I 273 -72.88 4.86 78.86
N SER I 274 -71.60 4.50 78.94
CA SER I 274 -70.65 4.68 77.85
C SER I 274 -69.85 3.41 77.67
N LEU I 275 -69.35 3.21 76.45
CA LEU I 275 -68.81 1.92 76.05
C LEU I 275 -67.37 2.10 75.56
N GLU I 276 -66.55 1.09 75.81
CA GLU I 276 -65.16 1.08 75.35
C GLU I 276 -65.07 0.19 74.12
N ALA I 277 -65.25 0.77 72.94
CA ALA I 277 -65.11 0.03 71.71
C ALA I 277 -64.03 0.68 70.87
N ARG I 278 -63.05 -0.12 70.48
CA ARG I 278 -61.93 0.38 69.70
C ARG I 278 -61.97 -0.22 68.30
N LEU I 279 -61.71 0.64 67.32
CA LEU I 279 -61.81 0.24 65.92
C LEU I 279 -60.55 -0.47 65.49
N THR I 280 -60.65 -1.78 65.27
CA THR I 280 -59.53 -2.57 64.74
C THR I 280 -59.30 -2.07 63.33
N ASN I 281 -58.21 -1.35 63.13
CA ASN I 281 -57.93 -0.82 61.80
C ASN I 281 -57.34 -1.91 60.92
N ILE I 282 -58.02 -2.18 59.82
CA ILE I 282 -57.44 -2.83 58.66
C ILE I 282 -57.20 -1.82 57.56
N ASN I 283 -58.03 -0.78 57.53
CA ASN I 283 -57.88 0.32 56.59
C ASN I 283 -56.96 1.43 57.08
N GLN I 284 -56.53 1.36 58.33
CA GLN I 284 -55.55 2.29 58.91
C GLN I 284 -55.89 3.76 58.65
N LEU I 285 -57.05 4.22 59.11
CA LEU I 285 -57.44 5.61 58.92
C LEU I 285 -56.75 6.55 59.91
N GLU I 286 -55.59 6.16 60.43
CA GLU I 286 -54.95 6.86 61.54
C GLU I 286 -53.50 7.16 61.19
N MET I 287 -53.03 8.34 61.59
CA MET I 287 -51.66 8.76 61.36
C MET I 287 -50.73 8.42 62.52
N GLY I 288 -51.24 7.78 63.56
CA GLY I 288 -50.39 7.37 64.67
C GLY I 288 -49.59 8.50 65.29
N LEU I 289 -48.29 8.31 65.37
CA LEU I 289 -47.36 9.35 65.84
C LEU I 289 -46.27 9.53 64.80
N LEU I 290 -46.13 10.75 64.31
CA LEU I 290 -45.16 11.05 63.27
C LEU I 290 -43.74 10.99 63.83
N ILE I 291 -42.81 10.52 63.01
CA ILE I 291 -41.40 10.39 63.40
C ILE I 291 -40.55 11.15 62.40
N ASP I 292 -39.89 12.21 62.83
CA ASP I 292 -39.07 13.01 61.95
C ASP I 292 -37.65 13.07 62.49
N SER I 293 -36.71 13.33 61.58
CA SER I 293 -35.31 13.50 61.96
C SER I 293 -34.76 14.75 61.30
N ASP I 294 -34.24 15.64 62.14
CA ASP I 294 -33.49 16.80 61.69
C ASP I 294 -32.07 16.66 62.20
N VAL I 295 -31.15 17.35 61.54
CA VAL I 295 -29.74 17.33 61.91
C VAL I 295 -29.29 18.74 62.22
N GLN I 296 -28.63 18.91 63.36
CA GLN I 296 -28.06 20.19 63.76
C GLN I 296 -26.56 20.13 63.56
N LYS I 297 -25.96 21.26 63.23
CA LYS I 297 -24.51 21.37 63.12
C LYS I 297 -24.00 22.57 63.91
N GLN I 298 -22.88 22.38 64.60
CA GLN I 298 -22.26 23.41 65.42
C GLN I 298 -20.90 23.74 64.82
N GLY I 299 -20.65 25.03 64.59
CA GLY I 299 -19.42 25.47 63.97
C GLY I 299 -18.36 25.78 65.02
N PHE I 300 -17.27 25.03 64.96
CA PHE I 300 -16.19 25.09 65.94
C PHE I 300 -14.88 25.31 65.20
N MET I 301 -14.33 26.52 65.28
CA MET I 301 -13.11 26.85 64.57
C MET I 301 -12.13 27.59 65.48
N ILE I 302 -10.84 27.50 65.13
CA ILE I 302 -9.75 27.73 66.07
C ILE I 302 -8.96 29.00 65.77
N PRO I 303 -8.68 29.83 66.77
CA PRO I 303 -7.81 31.00 66.55
C PRO I 303 -6.34 30.67 66.68
N THR I 304 -5.49 31.70 66.63
CA THR I 304 -4.06 31.57 66.89
C THR I 304 -3.71 32.34 68.16
N LEU I 305 -2.49 32.15 68.64
CA LEU I 305 -2.01 32.75 69.88
C LEU I 305 -0.71 33.50 69.67
N PRO I 306 -0.36 34.42 70.57
CA PRO I 306 0.91 35.16 70.46
C PRO I 306 2.09 34.21 70.54
N PRO I 307 3.19 34.54 69.88
CA PRO I 307 4.30 33.58 69.73
C PRO I 307 5.31 33.64 70.87
N LEU I 308 5.99 32.50 71.04
CA LEU I 308 7.11 32.38 71.97
C LEU I 308 8.39 32.24 71.14
N VAL I 309 9.40 33.04 71.48
CA VAL I 309 10.60 33.16 70.64
C VAL I 309 11.84 33.04 71.53
N ILE I 310 12.90 32.50 70.96
CA ILE I 310 14.22 32.47 71.58
C ILE I 310 15.19 33.15 70.64
N VAL I 311 15.98 34.08 71.15
CA VAL I 311 16.97 34.79 70.36
C VAL I 311 18.34 34.17 70.61
N LYS I 312 19.08 33.92 69.54
CA LYS I 312 20.45 33.42 69.69
C LYS I 312 21.37 34.13 68.72
N PRO I 313 22.57 34.52 69.15
CA PRO I 313 23.57 35.02 68.21
C PRO I 313 23.84 34.00 67.12
N ALA I 314 23.71 34.45 65.88
CA ALA I 314 23.65 33.53 64.75
C ALA I 314 25.04 33.02 64.38
N MET I 315 25.09 32.31 63.25
CA MET I 315 26.31 31.87 62.55
C MET I 315 27.26 31.04 63.41
N VAL I 316 26.85 30.70 64.63
CA VAL I 316 27.53 29.72 65.47
C VAL I 316 26.48 28.92 66.22
N GLU I 317 26.91 27.77 66.75
CA GLU I 317 26.11 26.97 67.66
C GLU I 317 26.82 26.85 69.00
N ASP I 318 26.05 27.03 70.07
CA ASP I 318 26.61 27.06 71.42
C ASP I 318 25.58 26.55 72.41
N ASP I 319 26.04 26.21 73.61
CA ASP I 319 25.18 25.66 74.63
C ASP I 319 25.33 26.33 75.98
N LYS I 320 26.30 27.25 76.13
CA LYS I 320 26.54 27.91 77.41
C LYS I 320 25.66 29.15 77.60
N THR I 321 25.38 29.90 76.52
CA THR I 321 24.47 31.03 76.64
C THR I 321 23.16 30.81 75.89
N TYR I 322 22.96 29.67 75.25
CA TYR I 322 21.70 29.37 74.59
C TYR I 322 20.91 28.35 75.39
N PRO I 323 19.80 28.74 75.98
CA PRO I 323 18.90 27.75 76.60
C PRO I 323 18.37 26.77 75.58
N ARG I 324 18.22 25.50 75.97
CA ARG I 324 17.79 24.44 75.08
C ARG I 324 16.39 24.70 74.52
N LEU I 325 16.02 23.96 73.47
CA LEU I 325 14.66 23.99 72.96
C LEU I 325 13.69 23.45 74.00
N GLU I 326 14.22 22.65 74.93
CA GLU I 326 13.39 22.03 75.95
C GLU I 326 12.71 23.07 76.85
N ALA I 327 13.41 24.14 77.18
CA ALA I 327 12.81 25.18 78.01
C ALA I 327 11.62 25.84 77.30
N LEU I 328 11.79 26.14 76.02
CA LEU I 328 10.69 26.69 75.23
C LEU I 328 9.52 25.72 75.19
N THR I 329 9.82 24.44 75.00
CA THR I 329 8.76 23.44 74.94
C THR I 329 8.03 23.36 76.27
N THR I 330 8.76 23.42 77.39
CA THR I 330 8.11 23.36 78.69
C THR I 330 7.22 24.57 78.91
N ALA I 331 7.70 25.76 78.52
CA ALA I 331 6.86 26.95 78.67
C ALA I 331 5.58 26.81 77.86
N TYR I 332 5.68 26.37 76.61
CA TYR I 332 4.50 26.17 75.80
C TYR I 332 3.57 25.14 76.43
N ARG I 333 4.13 24.02 76.87
CA ARG I 333 3.32 22.94 77.42
C ARG I 333 2.56 23.40 78.65
N ILE I 334 3.23 24.12 79.56
CA ILE I 334 2.55 24.55 80.79
C ILE I 334 1.50 25.61 80.47
N GLN I 335 1.83 26.56 79.58
CA GLN I 335 0.88 27.59 79.23
C GLN I 335 -0.39 26.98 78.66
N GLN I 336 -0.25 26.01 77.76
CA GLN I 336 -1.42 25.33 77.23
C GLN I 336 -2.15 24.55 78.32
N MET I 337 -1.46 23.64 78.99
CA MET I 337 -2.09 22.60 79.79
C MET I 337 -2.62 23.08 81.12
N ARG I 338 -2.17 24.23 81.65
CA ARG I 338 -2.71 24.58 82.95
C ARG I 338 -3.54 25.86 82.95
N ASN I 339 -2.93 26.97 82.53
CA ASN I 339 -3.56 28.26 82.74
C ASN I 339 -4.81 28.42 81.88
N ASN I 340 -4.70 28.10 80.60
CA ASN I 340 -5.85 28.20 79.72
C ASN I 340 -6.94 27.23 80.12
N ALA I 341 -6.56 26.02 80.54
CA ALA I 341 -7.55 25.05 80.99
C ALA I 341 -8.33 25.56 82.19
N VAL I 342 -7.61 26.09 83.20
CA VAL I 342 -8.28 26.58 84.39
C VAL I 342 -9.20 27.75 84.05
N THR I 343 -8.72 28.65 83.18
CA THR I 343 -9.55 29.79 82.80
C THR I 343 -10.82 29.33 82.10
N THR I 344 -10.69 28.38 81.18
CA THR I 344 -11.88 27.87 80.48
C THR I 344 -12.84 27.21 81.45
N LEU I 345 -12.33 26.38 82.36
CA LEU I 345 -13.20 25.71 83.30
C LEU I 345 -13.95 26.70 84.18
N LEU I 346 -13.25 27.72 84.66
CA LEU I 346 -13.89 28.68 85.56
C LEU I 346 -14.90 29.54 84.82
N ASN I 347 -14.59 29.93 83.58
CA ASN I 347 -15.57 30.66 82.79
C ASN I 347 -16.81 29.82 82.54
N ARG I 348 -16.63 28.54 82.25
CA ARG I 348 -17.79 27.67 82.09
C ARG I 348 -18.59 27.59 83.39
N ALA I 349 -17.92 27.51 84.52
CA ALA I 349 -18.62 27.44 85.79
C ALA I 349 -19.46 28.69 86.01
N ASP I 350 -18.87 29.87 85.82
CA ASP I 350 -19.60 31.10 86.06
C ASP I 350 -20.72 31.29 85.04
N THR I 351 -20.50 30.88 83.79
CA THR I 351 -21.55 30.97 82.79
C THR I 351 -22.73 30.08 83.18
N LEU I 352 -22.44 28.86 83.64
CA LEU I 352 -23.50 27.97 84.08
C LEU I 352 -24.29 28.60 85.21
N LYS I 353 -23.59 29.10 86.22
CA LYS I 353 -24.26 29.70 87.37
C LYS I 353 -25.10 30.90 86.94
N SER I 354 -24.60 31.67 85.96
CA SER I 354 -25.32 32.83 85.49
C SER I 354 -26.60 32.44 84.77
N TYR I 355 -26.52 31.44 83.90
CA TYR I 355 -27.66 31.16 83.04
C TYR I 355 -28.71 30.30 83.74
N LEU I 356 -28.31 29.14 84.28
CA LEU I 356 -29.29 28.16 84.70
C LEU I 356 -29.76 28.30 86.13
N GLY I 357 -29.14 29.16 86.94
CA GLY I 357 -29.50 29.20 88.34
C GLY I 357 -28.95 28.02 89.10
N VAL I 358 -29.41 27.81 90.33
CA VAL I 358 -28.87 26.77 91.20
C VAL I 358 -29.91 25.66 91.35
N GLY I 359 -29.56 24.47 90.90
CA GLY I 359 -30.35 23.28 91.17
C GLY I 359 -31.73 23.24 90.57
N VAL I 360 -31.89 23.62 89.30
CA VAL I 360 -33.18 23.46 88.62
C VAL I 360 -32.97 22.83 87.25
N PRO I 361 -33.65 21.72 86.95
CA PRO I 361 -33.51 21.11 85.62
C PRO I 361 -34.09 22.01 84.55
N HIS I 362 -33.57 21.87 83.33
CA HIS I 362 -34.12 22.59 82.20
C HIS I 362 -34.43 21.62 81.07
N PRO I 363 -35.58 21.76 80.43
CA PRO I 363 -36.01 20.77 79.42
C PRO I 363 -35.05 20.67 78.24
N ILE I 364 -35.04 19.51 77.59
CA ILE I 364 -34.18 19.26 76.43
C ILE I 364 -34.50 20.30 75.36
N GLU I 365 -33.45 20.82 74.72
CA GLU I 365 -33.58 21.75 73.60
C GLU I 365 -34.33 23.02 74.01
N SER I 366 -34.16 23.41 75.27
CA SER I 366 -34.85 24.58 75.77
C SER I 366 -33.85 25.62 76.25
N ASN I 367 -32.57 25.30 76.14
CA ASN I 367 -31.50 26.21 76.50
C ASN I 367 -30.75 26.62 75.25
N LEU I 368 -30.46 27.90 75.12
CA LEU I 368 -29.75 28.43 73.97
C LEU I 368 -28.55 29.29 74.32
N GLY I 369 -27.92 29.09 75.48
CA GLY I 369 -26.76 29.87 75.86
C GLY I 369 -25.46 29.11 76.02
N LEU I 370 -25.48 27.80 75.85
CA LEU I 370 -24.33 26.94 76.12
C LEU I 370 -23.89 26.24 74.84
N GLU I 371 -22.59 26.18 74.62
CA GLU I 371 -22.08 25.49 73.44
C GLU I 371 -22.13 23.98 73.68
N GLY I 372 -21.69 23.24 72.67
CA GLY I 372 -21.65 21.81 72.75
C GLY I 372 -22.89 21.21 72.15
N VAL I 373 -22.93 19.88 72.10
CA VAL I 373 -24.07 19.16 71.56
C VAL I 373 -24.62 18.24 72.63
N GLY I 374 -24.02 18.29 73.81
CA GLY I 374 -24.52 17.49 74.91
C GLY I 374 -25.93 17.83 75.35
N GLN I 375 -26.39 19.03 75.04
CA GLN I 375 -27.73 19.47 75.40
C GLN I 375 -28.80 18.95 74.45
N TYR I 376 -28.48 17.95 73.64
CA TYR I 376 -29.45 17.25 72.82
C TYR I 376 -29.70 15.86 73.36
N TYR I 377 -29.00 15.50 74.44
CA TYR I 377 -29.13 14.17 75.01
C TYR I 377 -29.61 14.23 76.47
N VAL I 378 -29.10 15.19 77.23
CA VAL I 378 -29.33 15.23 78.67
C VAL I 378 -29.88 16.59 79.06
N ARG I 379 -30.61 16.60 80.17
CA ARG I 379 -31.13 17.84 80.72
C ARG I 379 -29.99 18.66 81.31
N PRO I 380 -29.84 19.93 80.97
CA PRO I 380 -28.80 20.76 81.62
C PRO I 380 -29.05 20.87 83.11
N TYR I 381 -27.95 20.88 83.87
CA TYR I 381 -28.05 20.92 85.33
C TYR I 381 -26.75 21.43 85.92
N TYR I 382 -26.84 22.40 86.83
CA TYR I 382 -25.70 22.93 87.57
C TYR I 382 -26.09 23.15 89.02
N ASN I 383 -25.21 22.78 89.94
CA ASN I 383 -25.52 22.83 91.35
C ASN I 383 -24.26 23.18 92.15
N GLU I 384 -24.49 23.68 93.36
CA GLU I 384 -23.43 24.18 94.24
C GLU I 384 -23.69 23.70 95.65
N ALA I 385 -22.62 23.61 96.45
CA ALA I 385 -22.74 23.24 97.85
C ALA I 385 -21.56 23.78 98.63
N THR I 386 -21.84 24.27 99.84
CA THR I 386 -20.82 24.81 100.73
C THR I 386 -20.74 23.93 101.97
N ILE I 387 -19.53 23.46 102.28
CA ILE I 387 -19.30 22.60 103.43
C ILE I 387 -18.51 23.42 104.45
N ASP I 388 -19.19 23.86 105.50
CA ASP I 388 -18.54 24.57 106.60
C ASP I 388 -18.19 23.55 107.66
N VAL I 389 -16.94 23.08 107.65
CA VAL I 389 -16.55 21.99 108.52
C VAL I 389 -16.55 22.40 109.98
N LEU I 390 -16.30 23.68 110.27
CA LEU I 390 -16.25 24.12 111.66
C LEU I 390 -17.59 24.00 112.35
N ASN I 391 -18.68 24.37 111.66
CA ASN I 391 -20.02 24.30 112.23
C ASN I 391 -20.64 22.93 111.98
N ASP I 392 -19.85 21.95 111.59
CA ASP I 392 -20.26 20.60 111.23
C ASP I 392 -19.42 19.59 112.03
N LEU I 393 -19.35 18.37 111.51
CA LEU I 393 -18.48 17.34 112.07
C LEU I 393 -18.90 16.84 113.44
N ASN I 394 -19.94 16.02 113.49
CA ASN I 394 -20.38 15.35 114.71
C ASN I 394 -19.26 14.40 115.12
N ASN I 395 -18.41 14.86 116.05
CA ASN I 395 -17.21 14.14 116.43
C ASN I 395 -17.18 13.91 117.94
N LEU I 396 -16.66 12.74 118.33
CA LEU I 396 -16.58 12.42 119.75
C LEU I 396 -15.14 12.50 120.24
N THR I 397 -14.26 11.72 119.62
CA THR I 397 -12.89 11.63 120.08
C THR I 397 -11.95 12.41 119.17
N SER I 398 -11.11 13.23 119.79
CA SER I 398 -10.17 14.04 119.02
C SER I 398 -9.17 13.16 118.29
N ALA I 399 -9.09 11.88 118.64
CA ALA I 399 -8.20 10.97 117.93
C ALA I 399 -8.62 10.82 116.47
N ALA I 400 -9.92 10.73 116.22
CA ALA I 400 -10.43 10.46 114.89
C ALA I 400 -10.98 11.69 114.18
N LYS I 401 -10.44 12.88 114.45
CA LYS I 401 -10.93 14.09 113.79
C LYS I 401 -10.75 14.00 112.28
N GLN I 402 -9.59 13.57 111.84
CA GLN I 402 -9.32 13.53 110.41
C GLN I 402 -10.18 12.48 109.73
N THR I 403 -10.42 11.36 110.41
CA THR I 403 -11.34 10.34 109.88
C THR I 403 -12.75 10.88 109.79
N ASP I 404 -13.17 11.66 110.78
CA ASP I 404 -14.52 12.21 110.77
C ASP I 404 -14.72 13.16 109.59
N ILE I 405 -13.79 14.09 109.39
CA ILE I 405 -13.92 14.98 108.24
C ILE I 405 -13.75 14.21 106.94
N GLN I 406 -12.93 13.17 106.96
CA GLN I 406 -12.82 12.24 105.84
C GLN I 406 -14.17 11.68 105.44
N GLY I 407 -14.95 11.23 106.41
CA GLY I 407 -16.27 10.71 106.08
C GLY I 407 -17.21 11.80 105.61
N LEU I 408 -17.12 12.97 106.26
CA LEU I 408 -18.05 14.04 105.94
C LEU I 408 -17.90 14.52 104.50
N ILE I 409 -16.65 14.67 104.04
CA ILE I 409 -16.44 15.20 102.69
C ILE I 409 -16.96 14.21 101.64
N VAL I 410 -16.68 12.92 101.81
CA VAL I 410 -17.08 11.96 100.81
C VAL I 410 -18.59 11.77 100.83
N SER I 411 -19.21 11.95 101.99
CA SER I 411 -20.67 11.86 102.03
C SER I 411 -21.30 12.91 101.12
N LYS I 412 -20.86 14.16 101.23
CA LYS I 412 -21.42 15.21 100.39
C LYS I 412 -21.10 14.98 98.93
N ILE I 413 -19.85 14.59 98.63
CA ILE I 413 -19.46 14.42 97.23
C ILE I 413 -20.26 13.29 96.58
N ASN I 414 -20.59 12.25 97.35
CA ASN I 414 -21.44 11.19 96.82
C ASN I 414 -22.88 11.65 96.66
N GLU I 415 -23.39 12.39 97.65
CA GLU I 415 -24.78 12.85 97.58
C GLU I 415 -25.01 13.70 96.35
N MET I 416 -24.06 14.61 96.07
CA MET I 416 -24.28 15.54 94.97
C MET I 416 -24.33 14.81 93.64
N VAL I 417 -23.46 13.81 93.45
CA VAL I 417 -23.44 13.07 92.19
C VAL I 417 -24.69 12.20 92.05
N TYR I 418 -25.16 11.60 93.15
CA TYR I 418 -26.44 10.90 93.06
C TYR I 418 -27.57 11.83 92.65
N THR I 419 -27.61 13.04 93.24
CA THR I 419 -28.68 13.96 92.89
C THR I 419 -28.60 14.33 91.42
N ALA I 420 -27.40 14.63 90.92
CA ALA I 420 -27.25 14.98 89.51
C ALA I 420 -27.67 13.83 88.60
N ASP I 421 -27.22 12.61 88.91
CA ASP I 421 -27.59 11.45 88.11
C ASP I 421 -29.10 11.26 88.09
N GLN I 422 -29.74 11.40 89.25
CA GLN I 422 -31.18 11.19 89.33
C GLN I 422 -31.93 12.24 88.51
N LEU I 423 -31.51 13.50 88.58
CA LEU I 423 -32.32 14.56 87.99
C LEU I 423 -32.04 14.80 86.51
N THR I 424 -30.84 14.47 86.02
CA THR I 424 -30.57 14.76 84.62
C THR I 424 -30.78 13.58 83.68
N GLY I 425 -31.07 12.39 84.21
CA GLY I 425 -31.28 11.24 83.36
C GLY I 425 -30.08 10.84 82.53
N TYR I 426 -28.87 10.96 83.07
CA TYR I 426 -27.67 10.75 82.28
C TYR I 426 -27.41 9.28 82.00
N THR I 427 -27.67 8.42 82.98
CA THR I 427 -27.36 7.00 82.80
C THR I 427 -28.19 6.40 81.68
N ALA I 428 -29.43 6.87 81.52
CA ALA I 428 -30.23 6.45 80.38
C ALA I 428 -29.60 6.93 79.08
N ALA I 429 -29.02 8.13 79.09
CA ALA I 429 -28.35 8.63 77.90
C ALA I 429 -27.16 7.75 77.53
N LEU I 430 -26.36 7.35 78.52
CA LEU I 430 -25.26 6.43 78.23
C LEU I 430 -25.78 5.11 77.69
N GLU I 431 -26.85 4.58 78.30
CA GLU I 431 -27.38 3.31 77.85
C GLU I 431 -27.88 3.39 76.41
N ALA I 432 -28.52 4.50 76.04
CA ALA I 432 -29.07 4.62 74.70
C ALA I 432 -28.00 4.90 73.66
N ALA I 433 -27.00 5.70 74.00
CA ALA I 433 -25.98 6.06 73.02
C ALA I 433 -25.10 4.90 72.64
N PHE I 434 -24.80 4.00 73.58
CA PHE I 434 -23.89 2.90 73.35
C PHE I 434 -24.65 1.59 73.36
N SER I 435 -24.07 0.58 72.70
CA SER I 435 -24.69 -0.73 72.59
C SER I 435 -23.90 -1.76 73.37
N GLY I 436 -24.61 -2.72 73.93
CA GLY I 436 -23.98 -3.79 74.70
C GLY I 436 -23.82 -3.40 76.16
N ARG I 437 -22.57 -3.15 76.56
CA ARG I 437 -22.27 -2.78 77.95
C ARG I 437 -22.91 -1.46 78.31
N SER I 438 -23.37 -1.33 79.55
CA SER I 438 -23.86 -0.06 80.07
C SER I 438 -22.78 0.54 80.93
N PRO I 439 -21.94 1.42 80.40
CA PRO I 439 -20.79 1.91 81.17
C PRO I 439 -21.23 2.60 82.45
N LYS I 440 -20.50 2.33 83.52
CA LYS I 440 -20.75 3.01 84.78
C LYS I 440 -20.35 4.48 84.65
N PRO I 441 -21.15 5.38 85.20
CA PRO I 441 -20.79 6.80 85.14
C PRO I 441 -19.46 7.07 85.83
N HIS I 442 -18.45 7.48 85.08
CA HIS I 442 -17.10 7.65 85.59
C HIS I 442 -16.91 9.10 86.00
N VAL I 443 -16.44 9.31 87.22
CA VAL I 443 -16.39 10.64 87.84
C VAL I 443 -14.95 11.14 87.82
N ALA I 444 -14.77 12.39 87.40
CA ALA I 444 -13.47 13.03 87.42
C ALA I 444 -13.44 14.09 88.52
N ILE I 445 -12.34 14.13 89.27
CA ILE I 445 -12.20 15.02 90.42
C ILE I 445 -10.94 15.86 90.23
N GLY I 446 -11.05 17.16 90.50
CA GLY I 446 -9.91 18.05 90.47
C GLY I 446 -9.89 18.93 91.72
N THR I 447 -8.69 19.21 92.21
CA THR I 447 -8.49 20.03 93.38
C THR I 447 -7.02 20.39 93.49
N ASP I 448 -6.66 21.08 94.57
CA ASP I 448 -5.28 21.48 94.79
C ASP I 448 -4.54 20.36 95.51
N MET I 449 -3.32 20.64 95.97
CA MET I 449 -2.52 19.66 96.70
C MET I 449 -3.12 19.28 98.04
N ARG I 450 -4.09 20.06 98.54
CA ARG I 450 -4.58 19.84 99.89
C ARG I 450 -5.48 18.62 99.98
N LEU I 451 -6.61 18.66 99.30
CA LEU I 451 -7.73 17.75 99.57
C LEU I 451 -7.51 16.28 99.21
N PRO I 452 -6.67 15.92 98.23
CA PRO I 452 -6.50 14.48 97.95
C PRO I 452 -6.03 13.69 99.15
N GLN I 453 -5.22 14.28 100.02
CA GLN I 453 -4.84 13.61 101.24
C GLN I 453 -5.94 13.62 102.28
N TYR I 454 -7.15 14.03 101.89
CA TYR I 454 -8.32 13.86 102.72
C TYR I 454 -9.41 13.04 102.04
N ILE I 455 -9.24 12.67 100.78
CA ILE I 455 -10.28 11.96 100.06
C ILE I 455 -10.07 10.45 100.07
N GLN I 456 -8.85 9.99 100.34
CA GLN I 456 -8.61 8.56 100.48
C GLN I 456 -9.40 8.01 101.67
N ILE I 457 -9.92 6.79 101.52
CA ILE I 457 -10.95 6.31 102.43
C ILE I 457 -10.47 5.08 103.20
N ASN I 458 -10.64 5.13 104.53
CA ASN I 458 -10.47 3.99 105.42
C ASN I 458 -11.62 3.91 106.42
N GLY I 459 -12.48 4.93 106.44
CA GLY I 459 -13.65 4.94 107.29
C GLY I 459 -14.90 4.86 106.44
N ASP I 460 -14.72 4.51 105.17
CA ASP I 460 -15.81 4.41 104.22
C ASP I 460 -15.50 3.29 103.24
N ASP I 461 -16.56 2.80 102.59
CA ASP I 461 -16.41 1.86 101.49
C ASP I 461 -16.54 2.53 100.13
N ARG I 462 -16.76 3.84 100.09
CA ARG I 462 -16.92 4.58 98.84
C ARG I 462 -15.94 5.74 98.81
N THR I 463 -15.23 5.88 97.70
CA THR I 463 -14.44 7.08 97.45
C THR I 463 -15.23 8.15 96.73
N VAL I 464 -16.14 7.76 95.85
CA VAL I 464 -17.04 8.69 95.19
C VAL I 464 -18.45 8.14 95.25
N GLY I 465 -18.58 6.85 95.53
CA GLY I 465 -19.88 6.23 95.65
C GLY I 465 -19.83 4.76 95.31
N ILE I 466 -21.00 4.12 95.37
CA ILE I 466 -21.15 2.69 95.14
C ILE I 466 -20.97 2.38 93.66
N GLY I 467 -20.10 1.42 93.36
CA GLY I 467 -19.96 0.95 91.99
C GLY I 467 -19.62 2.03 90.99
N TYR I 468 -18.85 3.04 91.42
CA TYR I 468 -18.43 4.10 90.53
C TYR I 468 -16.91 4.08 90.38
N ASP I 469 -16.47 4.40 89.18
CA ASP I 469 -15.07 4.62 88.91
C ASP I 469 -14.75 6.09 89.14
N TYR I 470 -13.48 6.38 89.42
CA TYR I 470 -13.10 7.76 89.67
C TYR I 470 -11.63 7.94 89.36
N THR I 471 -11.27 9.17 89.00
CA THR I 471 -9.88 9.55 88.78
C THR I 471 -9.65 10.88 89.47
N ILE I 472 -8.53 10.99 90.17
CA ILE I 472 -8.20 12.17 90.95
C ILE I 472 -6.96 12.82 90.35
N ALA I 473 -7.06 14.12 90.06
CA ALA I 473 -5.95 14.90 89.53
C ALA I 473 -5.81 16.17 90.35
N ARG I 474 -4.57 16.56 90.61
CA ARG I 474 -4.28 17.73 91.43
C ARG I 474 -3.37 18.69 90.69
N ILE I 475 -3.53 19.98 90.97
CA ILE I 475 -2.66 21.02 90.43
C ILE I 475 -2.34 22.00 91.56
N SER I 476 -1.24 22.72 91.40
CA SER I 476 -0.75 23.62 92.43
C SER I 476 -1.24 25.05 92.24
N ASP I 477 -2.06 25.29 91.22
CA ASP I 477 -2.51 26.63 90.89
C ASP I 477 -3.37 27.17 92.03
N LEU I 478 -3.11 28.42 92.43
CA LEU I 478 -3.84 29.01 93.54
C LEU I 478 -5.30 29.29 93.22
N ARG I 479 -5.67 29.35 91.93
CA ARG I 479 -7.06 29.58 91.58
C ARG I 479 -7.94 28.38 91.91
N MET I 480 -7.34 27.26 92.27
CA MET I 480 -8.07 26.07 92.69
C MET I 480 -8.06 25.85 94.20
N LYS I 481 -7.66 26.84 94.98
CA LYS I 481 -7.67 26.73 96.44
C LYS I 481 -8.96 26.18 97.03
N ASP I 482 -8.86 25.01 97.65
CA ASP I 482 -9.93 24.43 98.45
C ASP I 482 -11.24 24.35 97.67
N LYS I 483 -11.14 24.06 96.38
CA LYS I 483 -12.30 23.98 95.50
C LYS I 483 -12.34 22.62 94.85
N ILE I 484 -13.51 22.00 94.88
CA ILE I 484 -13.74 20.70 94.26
C ILE I 484 -14.60 20.93 93.03
N VAL I 485 -14.15 20.43 91.89
CA VAL I 485 -14.89 20.52 90.63
C VAL I 485 -15.16 19.10 90.15
N MET I 486 -16.42 18.83 89.78
CA MET I 486 -16.86 17.51 89.36
C MET I 486 -17.55 17.59 88.01
N THR I 487 -17.48 16.49 87.27
CA THR I 487 -18.21 16.35 86.03
C THR I 487 -18.19 14.87 85.63
N PHE I 488 -18.86 14.59 84.52
CA PHE I 488 -18.88 13.26 83.93
C PHE I 488 -18.00 13.23 82.70
N ILE I 489 -17.16 12.20 82.62
CA ILE I 489 -16.21 12.03 81.52
C ILE I 489 -16.37 10.61 80.96
N LEU I 490 -15.73 10.39 79.82
CA LEU I 490 -15.84 9.11 79.13
C LEU I 490 -14.45 8.64 78.72
N PRO I 491 -13.68 8.01 79.60
CA PRO I 491 -12.28 7.70 79.27
C PRO I 491 -12.10 6.43 78.47
N ASN I 492 -12.79 6.29 77.35
CA ASN I 492 -12.54 5.14 76.48
C ASN I 492 -12.58 5.46 75.00
N GLU I 493 -12.69 6.72 74.60
CA GLU I 493 -12.81 7.09 73.20
C GLU I 493 -11.72 8.09 72.86
N SER I 494 -11.28 8.06 71.59
CA SER I 494 -10.27 9.00 71.13
C SER I 494 -10.86 9.91 70.06
N GLU I 495 -12.18 9.99 70.01
CA GLU I 495 -12.87 10.84 69.04
C GLU I 495 -13.93 11.67 69.73
N PRO I 496 -14.26 12.83 69.19
CA PRO I 496 -15.34 13.64 69.76
C PRO I 496 -16.65 12.88 69.79
N HIS I 497 -17.41 13.07 70.86
CA HIS I 497 -18.68 12.38 71.02
C HIS I 497 -19.60 13.25 71.87
N PRO I 498 -20.89 13.27 71.57
CA PRO I 498 -21.78 14.23 72.26
C PRO I 498 -21.83 14.08 73.76
N LEU I 499 -21.53 12.91 74.33
CA LEU I 499 -21.55 12.74 75.77
C LEU I 499 -20.20 13.01 76.42
N GLN I 500 -19.13 13.18 75.65
CA GLN I 500 -17.86 13.54 76.22
C GLN I 500 -17.90 14.98 76.76
N HIS I 501 -17.12 15.24 77.81
CA HIS I 501 -17.17 16.57 78.41
C HIS I 501 -16.50 17.62 77.54
N GLY I 502 -15.19 17.51 77.33
CA GLY I 502 -14.46 18.58 76.66
C GLY I 502 -13.41 18.02 75.73
N VAL I 503 -13.21 18.72 74.63
CA VAL I 503 -12.29 18.30 73.58
C VAL I 503 -11.33 19.43 73.28
N LEU I 504 -10.09 19.06 73.00
CA LEU I 504 -9.03 20.02 72.72
C LEU I 504 -8.88 20.17 71.22
N GLY I 505 -9.23 21.35 70.71
CA GLY I 505 -8.92 21.69 69.33
C GLY I 505 -7.44 21.99 69.20
N PHE I 506 -6.71 21.09 68.57
CA PHE I 506 -5.25 21.12 68.61
C PHE I 506 -4.68 21.06 67.21
N ILE I 507 -4.19 22.19 66.72
CA ILE I 507 -3.44 22.27 65.46
C ILE I 507 -1.96 22.24 65.82
N PRO I 508 -1.23 21.21 65.46
CA PRO I 508 0.19 21.15 65.82
C PRO I 508 1.02 22.10 65.00
N GLU I 509 1.46 23.19 65.62
CA GLU I 509 2.34 24.15 64.96
C GLU I 509 3.78 23.72 65.11
N TYR I 510 4.50 23.72 63.99
CA TYR I 510 5.91 23.36 63.98
C TYR I 510 6.78 24.59 64.12
N LEU I 511 7.81 24.47 64.96
CA LEU I 511 8.79 25.53 65.11
C LEU I 511 9.48 25.80 63.78
N VAL I 512 9.74 27.08 63.52
CA VAL I 512 10.38 27.51 62.28
C VAL I 512 11.70 28.18 62.63
N ASP I 513 12.78 27.69 62.05
CA ASP I 513 14.12 28.19 62.31
C ASP I 513 14.60 28.97 61.09
N PHE I 514 14.94 30.23 61.29
CA PHE I 514 15.34 31.08 60.18
C PHE I 514 15.93 32.38 60.69
N ASN I 515 16.97 32.83 60.01
CA ASN I 515 17.59 34.12 60.31
C ASN I 515 16.68 35.24 59.80
N MET I 516 16.44 36.25 60.63
CA MET I 516 15.66 37.39 60.19
C MET I 516 16.34 38.68 60.63
N ILE I 517 16.12 39.72 59.84
CA ILE I 517 16.67 41.05 60.12
C ILE I 517 15.68 41.80 61.01
N ARG I 518 16.14 42.24 62.17
CA ARG I 518 15.33 43.09 63.04
C ARG I 518 16.13 44.35 63.39
N ASN I 519 15.66 45.48 62.88
CA ASN I 519 16.31 46.78 63.09
C ASN I 519 17.80 46.63 62.76
N GLN I 520 18.08 46.05 61.60
CA GLN I 520 19.38 46.01 60.95
C GLN I 520 20.42 45.21 61.76
N ARG I 521 19.99 44.24 62.56
CA ARG I 521 20.86 43.24 63.15
C ARG I 521 20.31 41.85 62.87
N ILE I 522 21.19 40.89 62.63
CA ILE I 522 20.75 39.52 62.32
C ILE I 522 21.05 38.60 63.49
N GLY I 523 20.11 37.71 63.78
CA GLY I 523 20.31 36.71 64.81
C GLY I 523 19.32 35.58 64.64
N ARG I 524 19.83 34.34 64.70
CA ARG I 524 18.99 33.16 64.55
C ARG I 524 17.93 33.13 65.65
N GLU I 525 16.71 32.78 65.28
CA GLU I 525 15.59 32.77 66.22
C GLU I 525 14.80 31.48 66.05
N ILE I 526 14.08 31.10 67.10
CA ILE I 526 13.18 29.97 67.08
C ILE I 526 11.78 30.50 67.37
N ARG I 527 10.89 30.43 66.38
CA ARG I 527 9.54 30.96 66.55
C ARG I 527 8.59 29.81 66.80
N LEU I 528 7.68 30.01 67.75
CA LEU I 528 6.66 29.02 68.09
C LEU I 528 5.33 29.75 68.26
N THR I 529 4.39 29.49 67.36
CA THR I 529 3.11 30.19 67.35
C THR I 529 1.99 29.19 67.52
N PRO I 530 1.59 28.85 68.74
CA PRO I 530 0.56 27.84 68.94
C PRO I 530 -0.82 28.31 68.52
N ARG I 531 -1.68 27.37 68.15
CA ARG I 531 -3.06 27.66 67.77
C ARG I 531 -3.95 26.53 68.30
N TYR I 532 -4.54 26.75 69.48
CA TYR I 532 -5.39 25.77 70.12
C TYR I 532 -6.50 26.48 70.88
N ARG I 533 -7.56 25.74 71.17
CA ARG I 533 -8.67 26.28 71.94
C ARG I 533 -9.45 25.12 72.55
N TYR I 534 -9.91 25.31 73.78
CA TYR I 534 -10.60 24.27 74.53
C TYR I 534 -12.10 24.35 74.28
N PHE I 535 -12.66 23.29 73.71
CA PHE I 535 -14.09 23.20 73.44
C PHE I 535 -14.78 22.36 74.50
N ASN I 536 -15.98 22.78 74.88
CA ASN I 536 -16.75 22.15 75.95
C ASN I 536 -18.07 21.67 75.39
N PHE I 537 -18.49 20.47 75.79
CA PHE I 537 -19.77 19.97 75.32
C PHE I 537 -20.80 19.80 76.43
N LEU I 538 -20.47 19.03 77.45
CA LEU I 538 -21.49 18.59 78.39
C LEU I 538 -22.00 19.75 79.23
N PRO I 539 -23.30 20.01 79.23
CA PRO I 539 -23.84 21.06 80.11
C PRO I 539 -24.17 20.53 81.49
N ILE I 540 -23.21 19.86 82.12
CA ILE I 540 -23.35 19.34 83.48
C ILE I 540 -22.04 19.59 84.20
N MET I 541 -22.11 20.20 85.38
CA MET I 541 -20.91 20.41 86.18
C MET I 541 -21.30 20.53 87.64
N LEU I 542 -20.46 19.99 88.52
CA LEU I 542 -20.72 19.90 89.94
C LEU I 542 -19.54 20.47 90.70
N VAL I 543 -19.80 21.38 91.63
CA VAL I 543 -18.73 22.06 92.36
C VAL I 543 -19.04 22.02 93.85
N ILE I 544 -17.99 21.94 94.65
CA ILE I 544 -18.08 21.95 96.11
C ILE I 544 -17.05 22.92 96.64
N ASN I 545 -17.47 23.79 97.57
CA ASN I 545 -16.59 24.76 98.20
C ASN I 545 -16.49 24.47 99.68
N VAL I 546 -15.27 24.34 100.19
CA VAL I 546 -15.01 24.03 101.59
C VAL I 546 -14.24 25.19 102.20
N ILE I 547 -14.67 25.62 103.38
CA ILE I 547 -14.08 26.77 104.06
C ILE I 547 -13.81 26.42 105.50
N ASN I 548 -12.86 27.14 106.12
CA ASN I 548 -12.52 26.98 107.53
C ASN I 548 -12.01 25.58 107.84
N LEU I 549 -11.40 24.92 106.85
CA LEU I 549 -10.79 23.63 107.11
C LEU I 549 -9.65 23.77 108.12
N GLU I 550 -8.93 24.88 108.07
CA GLU I 550 -7.90 25.17 109.05
C GLU I 550 -8.45 25.12 110.48
N GLU I 551 -9.53 25.88 110.71
CA GLU I 551 -9.96 26.14 112.08
C GLU I 551 -10.48 24.88 112.75
N ALA I 552 -11.27 24.08 112.04
CA ALA I 552 -11.88 22.90 112.65
C ALA I 552 -10.82 21.93 113.16
N ILE I 553 -9.78 21.69 112.37
CA ILE I 553 -8.67 20.90 112.86
C ILE I 553 -7.97 21.62 114.01
N ALA I 554 -7.82 22.93 113.88
CA ALA I 554 -7.11 23.69 114.91
C ALA I 554 -7.93 23.83 116.20
N GLN I 555 -9.25 23.77 116.12
CA GLN I 555 -10.11 24.10 117.25
C GLN I 555 -10.73 22.81 117.79
N ARG I 556 -11.34 22.93 118.97
CA ARG I 556 -11.97 21.80 119.66
C ARG I 556 -13.38 21.66 119.08
N THR I 557 -13.46 21.33 117.80
CA THR I 557 -14.74 21.18 117.12
C THR I 557 -15.37 19.86 117.56
N ALA I 558 -16.44 19.96 118.33
CA ALA I 558 -17.07 18.79 118.92
C ALA I 558 -18.51 18.67 118.42
N LEU I 559 -19.16 17.61 118.90
CA LEU I 559 -20.51 17.24 118.49
C LEU I 559 -21.48 18.41 118.50
N ASP I 560 -21.98 18.79 117.33
CA ASP I 560 -22.98 19.86 117.22
C ASP I 560 -24.33 19.30 117.65
N VAL I 561 -24.39 18.78 118.88
CA VAL I 561 -25.51 17.96 119.33
C VAL I 561 -26.82 18.76 119.30
N ASN I 562 -27.85 18.15 118.73
CA ASN I 562 -29.17 18.74 118.66
C ASN I 562 -29.96 18.43 119.92
N GLU I 563 -29.84 19.28 120.94
CA GLU I 563 -30.74 19.14 122.09
C GLU I 563 -32.14 19.40 121.56
N THR I 564 -33.09 18.51 121.80
CA THR I 564 -34.36 18.59 121.11
C THR I 564 -35.51 18.84 122.07
N GLN I 565 -35.73 20.12 122.37
CA GLN I 565 -37.03 20.69 122.72
C GLN I 565 -37.95 19.74 123.49
N VAL I 566 -37.45 19.21 124.60
CA VAL I 566 -38.36 18.58 125.56
C VAL I 566 -38.10 19.18 126.93
N THR I 567 -38.80 20.26 127.21
CA THR I 567 -39.02 21.23 128.27
C THR I 567 -40.14 22.16 127.82
N PRO I 568 -40.78 22.91 128.72
CA PRO I 568 -41.86 23.76 128.24
C PRO I 568 -41.32 24.92 127.41
N ALA I 569 -41.31 24.71 126.09
CA ALA I 569 -41.06 25.76 125.12
C ALA I 569 -41.88 25.47 123.87
N SER I 570 -42.67 24.40 123.93
CA SER I 570 -43.35 23.87 122.76
C SER I 570 -44.59 23.09 123.16
N HIS J 1 26.93 13.79 117.28
CA HIS J 1 25.53 13.58 117.64
C HIS J 1 24.63 13.42 116.42
N GLU J 2 23.46 12.83 116.63
CA GLU J 2 22.54 12.58 115.53
C GLU J 2 21.80 13.84 115.09
N PHE J 3 21.56 14.76 116.03
CA PHE J 3 20.70 15.90 115.73
C PHE J 3 21.33 16.80 114.67
N ALA J 4 22.58 17.18 114.88
CA ALA J 4 23.27 18.04 113.92
C ALA J 4 23.39 17.35 112.57
N GLU J 5 23.65 16.04 112.57
CA GLU J 5 23.69 15.31 111.30
C GLU J 5 22.33 15.36 110.62
N LEU J 6 21.25 15.30 111.37
CA LEU J 6 19.92 15.34 110.77
C LEU J 6 19.65 16.69 110.11
N PHE J 7 20.00 17.78 110.78
CA PHE J 7 19.76 19.11 110.20
C PHE J 7 20.93 19.69 109.43
N TYR J 8 22.17 19.27 109.68
CA TYR J 8 23.32 19.78 108.96
C TYR J 8 24.21 18.60 108.60
N ARG J 9 24.02 18.06 107.40
CA ARG J 9 24.73 16.85 107.00
C ARG J 9 26.20 17.15 106.76
N THR J 10 27.05 16.17 107.10
CA THR J 10 28.48 16.38 107.13
C THR J 10 29.06 16.40 105.72
N TYR J 11 29.69 17.51 105.36
CA TYR J 11 30.40 17.65 104.10
C TYR J 11 31.89 17.73 104.39
N ILE J 12 32.60 16.62 104.20
CA ILE J 12 34.04 16.59 104.38
C ILE J 12 34.69 17.33 103.22
N VAL J 13 35.65 18.19 103.54
CA VAL J 13 36.49 18.85 102.53
C VAL J 13 37.94 18.62 102.93
N THR J 14 38.75 18.18 101.96
CA THR J 14 40.15 17.92 102.20
C THR J 14 40.85 19.22 102.57
N PRO J 15 41.64 19.23 103.66
CA PRO J 15 42.24 20.48 104.16
C PRO J 15 43.31 21.05 103.24
N ASP J 16 42.93 21.32 101.99
CA ASP J 16 43.85 21.95 101.05
C ASP J 16 43.11 23.05 100.28
N GLN J 17 41.84 23.29 100.57
CA GLN J 17 41.08 24.37 99.97
C GLN J 17 40.29 25.06 101.07
N ALA J 18 40.01 26.34 100.86
CA ALA J 18 39.36 27.16 101.88
C ALA J 18 37.84 27.03 101.86
N GLY J 19 37.28 26.27 100.93
CA GLY J 19 35.84 26.10 100.88
C GLY J 19 35.37 25.60 99.53
N PHE J 20 34.09 25.77 99.27
CA PHE J 20 33.47 25.29 98.04
C PHE J 20 32.62 26.39 97.43
N GLN J 21 32.62 26.42 96.10
CA GLN J 21 31.79 27.33 95.33
C GLN J 21 30.70 26.54 94.61
N LEU J 22 29.47 27.02 94.71
CA LEU J 22 28.31 26.37 94.09
C LEU J 22 27.95 27.11 92.81
N SER J 23 27.79 26.37 91.71
CA SER J 23 27.41 26.95 90.43
C SER J 23 25.99 26.51 90.11
N ILE J 24 25.06 27.45 90.13
CA ILE J 24 23.65 27.18 89.83
C ILE J 24 23.22 28.06 88.67
N ARG J 25 22.51 27.47 87.71
CA ARG J 25 22.03 28.18 86.54
C ARG J 25 20.53 28.00 86.40
N ARG J 26 19.87 29.01 85.88
CA ARG J 26 18.40 29.05 85.83
C ARG J 26 17.95 29.36 84.41
N ASN J 27 16.72 28.96 84.08
CA ASN J 27 16.10 29.33 82.81
C ASN J 27 15.15 30.48 83.05
N LEU J 28 15.50 31.66 82.55
CA LEU J 28 14.77 32.88 82.83
C LEU J 28 13.91 33.25 81.64
N VAL J 29 12.69 33.71 81.92
CA VAL J 29 11.74 34.15 80.92
C VAL J 29 11.34 35.58 81.20
N TRP J 30 11.31 36.40 80.16
CA TRP J 30 11.00 37.81 80.34
C TRP J 30 10.77 38.45 78.97
N GLU J 31 9.79 39.35 78.94
CA GLU J 31 9.30 39.92 77.69
C GLU J 31 10.34 40.84 77.10
N GLY J 32 10.45 40.84 75.77
CA GLY J 32 11.22 41.82 75.03
C GLY J 32 12.59 42.13 75.58
N TRP J 33 13.01 43.38 75.47
CA TRP J 33 14.20 43.89 76.13
C TRP J 33 14.00 45.36 76.44
N THR J 34 14.08 45.71 77.71
CA THR J 34 14.10 47.11 78.12
C THR J 34 15.37 47.73 77.54
N GLY J 35 15.21 48.89 76.93
CA GLY J 35 16.23 49.46 76.10
C GLY J 35 15.85 49.59 74.64
N GLU J 36 14.56 49.63 74.33
CA GLU J 36 14.08 49.67 72.97
C GLU J 36 13.04 50.77 72.79
N GLY J 37 13.02 51.35 71.60
CA GLY J 37 11.93 52.22 71.20
C GLY J 37 11.94 53.63 71.73
N LEU J 38 12.54 53.87 72.91
CA LEU J 38 12.57 55.20 73.51
C LEU J 38 14.01 55.47 73.95
N SER J 39 14.81 55.96 73.01
CA SER J 39 16.24 56.24 73.14
C SER J 39 17.00 55.00 73.58
N GLY J 40 16.37 53.82 73.62
CA GLY J 40 16.99 52.69 74.25
C GLY J 40 17.03 52.76 75.76
N GLU J 41 16.21 53.63 76.38
CA GLU J 41 16.10 53.75 77.83
C GLU J 41 17.43 54.09 78.47
N LYS J 42 17.52 53.95 79.80
CA LYS J 42 18.80 53.87 80.49
C LYS J 42 19.02 52.51 81.12
N GLN J 43 18.30 51.49 80.65
CA GLN J 43 18.56 50.09 80.93
C GLN J 43 18.42 49.70 82.40
N GLU J 44 17.21 49.82 82.93
CA GLU J 44 16.79 48.98 84.04
C GLU J 44 16.38 47.63 83.46
N ILE J 45 16.72 46.55 84.15
CA ILE J 45 16.57 45.21 83.59
C ILE J 45 15.70 44.39 84.54
N SER J 46 14.76 43.63 83.98
CA SER J 46 13.85 42.79 84.74
C SER J 46 13.94 41.36 84.25
N LYS J 47 13.75 40.43 85.18
CA LYS J 47 13.81 39.00 84.90
C LYS J 47 12.77 38.29 85.76
N ARG J 48 12.22 37.20 85.23
CA ARG J 48 11.21 36.41 85.93
C ARG J 48 11.56 34.94 85.86
N ASN J 49 11.40 34.25 86.98
CA ASN J 49 11.66 32.81 87.02
C ASN J 49 10.52 32.05 86.38
N ILE J 50 10.86 31.12 85.48
CA ILE J 50 9.85 30.32 84.81
C ILE J 50 9.10 29.43 85.80
N LEU J 51 9.79 28.91 86.80
CA LEU J 51 9.13 28.03 87.75
C LEU J 51 8.13 28.77 88.61
N GLN J 52 8.39 30.05 88.90
CA GLN J 52 7.41 30.87 89.61
C GLN J 52 6.10 30.97 88.83
N GLY J 53 6.15 30.84 87.51
CA GLY J 53 4.92 30.85 86.73
C GLY J 53 4.04 29.64 86.97
N LEU J 54 4.56 28.61 87.63
CA LEU J 54 3.74 27.43 87.92
C LEU J 54 2.63 27.76 88.91
N LEU J 55 2.91 28.62 89.90
CA LEU J 55 1.94 28.94 90.95
C LEU J 55 1.09 30.16 90.64
N ASP J 56 1.34 30.86 89.54
CA ASP J 56 0.62 32.08 89.22
C ASP J 56 0.23 32.09 87.76
N TYR J 57 -0.72 32.95 87.40
CA TYR J 57 -1.21 32.99 86.03
C TYR J 57 -1.02 34.33 85.36
N THR J 58 -0.09 35.17 85.81
CA THR J 58 0.17 36.41 85.10
C THR J 58 1.64 36.58 84.74
N THR J 59 2.52 35.74 85.29
CA THR J 59 3.93 35.77 84.95
C THR J 59 4.21 35.17 83.57
N LEU J 60 3.30 34.34 83.06
CA LEU J 60 3.49 33.75 81.74
C LEU J 60 2.29 34.04 80.84
N GLU J 61 1.64 35.17 81.05
CA GLU J 61 0.51 35.56 80.22
C GLU J 61 0.94 36.62 79.22
N THR J 62 0.45 36.49 78.00
CA THR J 62 0.78 37.40 76.92
C THR J 62 -0.50 37.93 76.28
N ASN J 63 -0.50 39.23 75.99
CA ASN J 63 -1.65 39.89 75.40
C ASN J 63 -1.15 40.85 74.33
N SER J 64 -0.04 40.48 73.68
CA SER J 64 0.61 41.39 72.75
C SER J 64 -0.23 41.66 71.51
N THR J 65 -0.70 40.59 70.86
CA THR J 65 -1.35 40.74 69.57
C THR J 65 -2.84 41.01 69.66
N GLU J 66 -3.45 40.89 70.84
CA GLU J 66 -4.88 41.10 70.96
C GLU J 66 -5.24 42.54 70.65
N LEU J 67 -6.28 42.72 69.86
CA LEU J 67 -6.69 44.05 69.41
C LEU J 67 -7.77 44.57 70.34
N ILE J 68 -7.54 45.75 70.91
CA ILE J 68 -8.46 46.40 71.83
C ILE J 68 -8.68 47.82 71.35
N PRO J 69 -9.92 48.30 71.25
CA PRO J 69 -10.14 49.69 70.85
C PRO J 69 -9.56 50.66 71.87
N VAL J 70 -9.22 51.86 71.39
CA VAL J 70 -8.64 52.92 72.21
C VAL J 70 -9.40 54.20 71.95
N ILE J 71 -9.77 54.91 73.02
CA ILE J 71 -10.55 56.13 72.93
C ILE J 71 -9.66 57.34 73.15
N GLN J 72 -9.74 58.29 72.22
CA GLN J 72 -9.11 59.60 72.36
C GLN J 72 -10.15 60.67 72.05
N SER J 73 -10.34 61.58 72.99
CA SER J 73 -11.47 62.49 72.98
C SER J 73 -11.38 63.47 71.81
N GLY J 74 -12.53 63.77 71.21
CA GLY J 74 -12.63 64.81 70.20
C GLY J 74 -12.13 64.42 68.83
N GLU J 75 -11.57 63.23 68.66
CA GLU J 75 -11.00 62.84 67.38
C GLU J 75 -11.61 61.52 66.94
N ASN J 76 -11.89 60.64 67.92
CA ASN J 76 -12.49 59.34 67.66
C ASN J 76 -13.59 59.04 68.65
N ASP J 77 -14.47 60.01 68.90
CA ASP J 77 -15.46 59.87 69.95
C ASP J 77 -16.88 59.77 69.40
N GLU J 78 -17.07 59.16 68.24
CA GLU J 78 -18.41 58.97 67.69
C GLU J 78 -18.75 57.51 67.41
N GLN J 79 -17.76 56.62 67.42
CA GLN J 79 -18.02 55.18 67.38
C GLN J 79 -18.14 54.57 68.77
N PHE J 80 -17.92 55.35 69.82
CA PHE J 80 -17.98 54.87 71.18
C PHE J 80 -19.21 55.44 71.87
N ILE J 81 -19.83 54.63 72.71
CA ILE J 81 -21.00 55.06 73.47
C ILE J 81 -20.60 56.21 74.36
N ASP J 82 -21.56 57.08 74.64
CA ASP J 82 -21.26 58.28 75.41
C ASP J 82 -20.84 57.91 76.83
N PRO J 83 -19.79 58.53 77.36
CA PRO J 83 -19.34 58.23 78.72
C PRO J 83 -20.33 58.57 79.81
N SER J 84 -21.32 59.42 79.54
CA SER J 84 -22.28 59.84 80.55
C SER J 84 -23.20 58.70 81.01
N VAL J 85 -23.25 57.60 80.26
CA VAL J 85 -24.01 56.42 80.67
C VAL J 85 -23.10 55.27 81.04
N LEU J 86 -21.82 55.30 80.66
CA LEU J 86 -20.86 54.29 81.05
C LEU J 86 -19.46 54.89 81.05
N PRO J 87 -18.88 55.15 82.23
CA PRO J 87 -17.52 55.71 82.28
C PRO J 87 -16.49 54.79 81.62
N ALA J 88 -15.48 55.38 80.99
CA ALA J 88 -14.47 54.60 80.30
C ALA J 88 -13.69 53.75 81.28
N GLN J 89 -13.22 52.60 80.80
CA GLN J 89 -12.50 51.62 81.62
C GLN J 89 -11.05 51.57 81.19
N THR J 90 -10.15 51.43 82.15
CA THR J 90 -8.72 51.38 81.89
C THR J 90 -8.26 49.92 81.79
N VAL J 91 -7.54 49.61 80.72
CA VAL J 91 -7.01 48.26 80.49
C VAL J 91 -5.52 48.38 80.18
N LYS J 92 -4.81 47.28 80.41
CA LYS J 92 -3.37 47.23 80.27
C LYS J 92 -2.96 46.11 79.32
N GLN J 93 -2.23 46.48 78.27
CA GLN J 93 -1.57 45.53 77.38
C GLN J 93 -0.37 46.23 76.76
N GLY J 94 0.70 45.49 76.52
CA GLY J 94 1.94 46.11 76.12
C GLY J 94 2.50 46.98 77.22
N LYS J 95 2.69 48.27 76.94
CA LYS J 95 3.19 49.22 77.93
C LYS J 95 2.38 50.50 77.99
N ASP J 96 1.19 50.54 77.41
CA ASP J 96 0.39 51.75 77.35
C ASP J 96 -0.83 51.59 78.25
N THR J 97 -1.16 52.65 78.99
CA THR J 97 -2.39 52.72 79.77
C THR J 97 -3.39 53.59 79.01
N PHE J 98 -4.55 53.02 78.71
CA PHE J 98 -5.53 53.70 77.87
C PHE J 98 -6.93 53.30 78.30
N ASP J 99 -7.90 54.13 77.91
CA ASP J 99 -9.29 53.89 78.26
C ASP J 99 -9.97 53.06 77.19
N THR J 100 -10.81 52.12 77.62
CA THR J 100 -11.58 51.28 76.72
C THR J 100 -13.06 51.49 76.96
N ASN J 101 -13.87 51.11 75.97
CA ASN J 101 -15.32 51.22 76.11
C ASN J 101 -16.02 50.34 75.09
N PHE J 102 -17.35 50.44 75.01
CA PHE J 102 -18.17 49.56 74.19
C PHE J 102 -18.44 50.22 72.84
N LEU J 103 -18.33 49.45 71.77
CA LEU J 103 -18.64 49.96 70.45
C LEU J 103 -20.14 50.20 70.31
N LYS J 104 -20.50 51.20 69.52
CA LYS J 104 -21.91 51.53 69.29
C LYS J 104 -22.46 50.74 68.13
N PHE J 105 -23.72 50.32 68.27
CA PHE J 105 -24.36 49.57 67.20
C PHE J 105 -24.57 50.44 65.97
N SER J 106 -24.33 49.85 64.80
CA SER J 106 -24.38 50.59 63.55
C SER J 106 -25.81 51.01 63.22
N GLU J 107 -25.92 52.21 62.68
CA GLU J 107 -27.18 52.71 62.14
C GLU J 107 -27.26 52.33 60.67
N ASN J 108 -28.16 52.99 59.92
CA ASN J 108 -28.29 52.73 58.50
C ASN J 108 -26.94 52.77 57.80
N GLY J 109 -26.12 53.76 58.08
CA GLY J 109 -24.76 53.81 57.61
C GLY J 109 -23.78 53.81 58.76
N GLU J 110 -22.72 54.59 58.61
CA GLU J 110 -21.80 54.88 59.70
C GLU J 110 -21.26 53.63 60.37
N GLY J 111 -20.52 52.80 59.63
CA GLY J 111 -19.94 51.62 60.21
C GLY J 111 -18.74 51.93 61.08
N PHE J 112 -17.91 50.92 61.35
CA PHE J 112 -16.68 51.09 62.10
C PHE J 112 -15.51 50.53 61.31
N ASN J 113 -14.32 51.05 61.56
CA ASN J 113 -13.08 50.55 60.98
C ASN J 113 -12.18 50.15 62.15
N LEU J 114 -12.19 48.86 62.49
CA LEU J 114 -11.55 48.40 63.72
C LEU J 114 -10.06 48.69 63.72
N LEU J 115 -9.38 48.41 62.61
CA LEU J 115 -7.93 48.62 62.58
C LEU J 115 -7.59 50.10 62.69
N MET J 116 -8.52 50.98 62.34
CA MET J 116 -8.32 52.40 62.60
C MET J 116 -8.62 52.73 64.06
N LEU J 117 -9.35 51.85 64.75
CA LEU J 117 -9.54 51.99 66.19
C LEU J 117 -8.50 51.10 66.90
N ALA J 118 -7.25 51.25 66.49
CA ALA J 118 -6.25 50.29 66.94
C ALA J 118 -4.89 50.90 67.26
N GLN J 119 -4.74 52.20 67.10
CA GLN J 119 -3.43 52.84 67.30
C GLN J 119 -3.23 53.20 68.77
N THR J 120 -2.88 52.18 69.53
CA THR J 120 -2.31 52.34 70.87
C THR J 120 -0.92 52.94 70.68
N PRO J 121 -0.36 53.60 71.70
CA PRO J 121 0.99 54.16 71.53
C PRO J 121 2.05 53.13 71.17
N SER J 122 1.80 51.85 71.47
CA SER J 122 2.75 50.82 71.12
C SER J 122 2.92 50.69 69.61
N ARG J 123 1.81 50.73 68.87
CA ARG J 123 1.89 50.66 67.42
C ARG J 123 2.57 51.88 66.83
N LEU J 124 2.27 53.08 67.35
CA LEU J 124 2.72 54.31 66.71
C LEU J 124 4.23 54.42 66.69
N LYS J 125 4.91 54.07 67.79
CA LYS J 125 6.36 54.15 67.84
C LYS J 125 7.02 53.28 66.79
N LYS J 126 6.36 52.22 66.34
CA LYS J 126 6.88 51.37 65.29
C LYS J 126 6.53 51.87 63.90
N GLY J 127 5.80 52.97 63.80
CA GLY J 127 5.35 53.47 62.50
C GLY J 127 3.96 52.98 62.14
N SER J 128 3.17 53.84 61.51
CA SER J 128 1.81 53.47 61.14
C SER J 128 1.82 52.28 60.19
N MET J 129 0.88 51.36 60.43
CA MET J 129 0.85 50.12 59.67
C MET J 129 0.42 50.36 58.23
N THR J 130 1.08 49.65 57.32
CA THR J 130 0.84 49.79 55.89
C THR J 130 -0.22 48.82 55.36
N PHE J 131 -1.03 48.26 56.25
CA PHE J 131 -2.21 47.49 55.85
C PHE J 131 -1.85 46.36 54.89
N THR J 132 -0.76 45.66 55.19
CA THR J 132 -0.52 44.35 54.61
C THR J 132 -0.67 43.23 55.61
N ASP J 133 -0.76 43.54 56.91
CA ASP J 133 -1.13 42.57 57.92
C ASP J 133 -2.62 42.27 57.84
N SER J 134 -3.01 41.13 58.43
CA SER J 134 -4.35 40.62 58.28
C SER J 134 -4.96 40.33 59.65
N LEU J 135 -6.30 40.40 59.69
CA LEU J 135 -7.02 40.04 60.90
C LEU J 135 -7.13 38.53 61.03
N ASP J 136 -7.48 38.07 62.23
CA ASP J 136 -7.49 36.66 62.57
C ASP J 136 -8.61 35.88 61.89
N SER J 137 -8.50 34.56 61.88
CA SER J 137 -9.60 33.72 61.46
C SER J 137 -10.77 33.82 62.43
N ARG J 138 -10.51 33.85 63.74
CA ARG J 138 -11.58 33.87 64.73
C ARG J 138 -11.80 35.29 65.21
N ILE J 139 -13.02 35.78 65.04
CA ILE J 139 -13.49 37.01 65.66
C ILE J 139 -14.87 36.72 66.26
N ALA J 140 -15.15 37.30 67.42
CA ALA J 140 -16.35 36.95 68.15
C ALA J 140 -16.85 38.13 68.96
N LEU J 141 -18.14 38.10 69.30
CA LEU J 141 -18.71 39.06 70.23
C LEU J 141 -18.28 38.71 71.65
N LYS J 142 -17.62 39.65 72.33
CA LYS J 142 -17.10 39.38 73.67
C LYS J 142 -18.18 39.62 74.74
N GLN J 143 -18.70 40.84 74.81
CA GLN J 143 -19.77 41.15 75.75
C GLN J 143 -20.87 41.92 75.04
N LEU J 144 -22.11 41.67 75.48
CA LEU J 144 -23.28 42.42 75.04
C LEU J 144 -23.85 43.15 76.24
N LEU J 145 -24.08 44.45 76.09
CA LEU J 145 -24.58 45.27 77.19
C LEU J 145 -25.97 45.77 76.83
N ILE J 146 -26.97 45.32 77.57
CA ILE J 146 -28.35 45.68 77.32
C ILE J 146 -28.84 46.55 78.46
N SER J 147 -29.87 47.35 78.19
CA SER J 147 -30.45 48.24 79.17
C SER J 147 -31.87 47.80 79.48
N VAL J 148 -32.15 47.61 80.77
CA VAL J 148 -33.49 47.29 81.24
C VAL J 148 -34.05 48.54 81.91
N THR J 149 -35.08 49.12 81.30
CA THR J 149 -35.68 50.35 81.77
C THR J 149 -37.16 50.12 82.07
N LYS J 150 -37.58 50.45 83.28
CA LYS J 150 -38.97 50.37 83.68
C LYS J 150 -39.25 51.44 84.73
N GLY J 151 -40.20 52.33 84.43
CA GLY J 151 -40.54 53.39 85.36
C GLY J 151 -39.50 54.48 85.48
N GLY J 152 -38.65 54.66 84.49
CA GLY J 152 -37.62 55.68 84.53
C GLY J 152 -36.31 55.27 85.16
N THR J 153 -36.21 54.06 85.69
CA THR J 153 -34.98 53.57 86.29
C THR J 153 -34.21 52.74 85.27
N THR J 154 -32.93 53.05 85.11
CA THR J 154 -32.07 52.39 84.12
C THR J 154 -31.11 51.44 84.82
N GLU J 155 -31.07 50.20 84.35
CA GLU J 155 -30.13 49.19 84.83
C GLU J 155 -29.30 48.69 83.67
N LEU J 156 -28.04 48.39 83.95
CA LEU J 156 -27.09 47.93 82.94
C LEU J 156 -26.68 46.49 83.26
N PHE J 157 -26.73 45.64 82.24
CA PHE J 157 -26.28 44.26 82.37
C PHE J 157 -25.21 43.98 81.34
N ALA J 158 -24.18 43.24 81.75
CA ALA J 158 -23.14 42.79 80.85
C ALA J 158 -23.25 41.27 80.71
N LEU J 159 -23.42 40.80 79.48
CA LEU J 159 -23.58 39.39 79.21
C LEU J 159 -22.39 38.86 78.44
N ASP J 160 -21.84 37.74 78.88
CA ASP J 160 -20.73 37.10 78.19
C ASP J 160 -21.27 36.28 77.03
N VAL J 161 -21.59 36.94 75.92
CA VAL J 161 -22.09 36.28 74.72
C VAL J 161 -21.06 35.34 74.13
N ASN J 162 -19.79 35.51 74.48
CA ASN J 162 -18.78 34.53 74.12
C ASN J 162 -19.11 33.22 74.79
N ARG J 163 -18.65 32.12 74.19
CA ARG J 163 -18.91 30.78 74.70
C ARG J 163 -20.40 30.47 74.75
N ASP J 164 -21.20 31.11 73.92
CA ASP J 164 -22.51 30.57 73.60
C ASP J 164 -22.39 29.66 72.38
N GLN J 165 -23.55 29.28 71.83
CA GLN J 165 -23.52 28.53 70.58
C GLN J 165 -22.91 29.37 69.45
N TYR J 166 -23.35 30.62 69.33
CA TYR J 166 -23.02 31.40 68.15
C TYR J 166 -22.33 32.68 68.56
N ALA J 167 -21.02 32.74 68.32
CA ALA J 167 -20.34 34.03 68.33
C ALA J 167 -19.31 34.06 67.23
N ALA J 168 -19.35 33.06 66.34
CA ALA J 168 -18.30 32.87 65.35
C ALA J 168 -18.79 33.38 64.00
N TYR J 169 -18.06 34.33 63.44
CA TYR J 169 -18.29 34.72 62.06
C TYR J 169 -17.93 33.55 61.14
N THR J 170 -18.66 33.42 60.04
CA THR J 170 -18.43 32.38 59.06
C THR J 170 -18.42 32.95 57.65
N ALA J 171 -17.93 32.14 56.70
CA ALA J 171 -17.69 32.60 55.34
C ALA J 171 -18.98 32.82 54.57
N THR J 172 -18.90 33.65 53.53
CA THR J 172 -20.05 33.93 52.69
C THR J 172 -19.95 33.19 51.36
N ARG J 173 -21.12 32.88 50.80
CA ARG J 173 -21.16 32.33 49.45
C ARG J 173 -21.19 33.43 48.40
N GLU J 174 -21.22 34.69 48.81
CA GLU J 174 -21.28 35.82 47.90
C GLU J 174 -20.17 36.82 48.25
N TYR J 175 -20.17 37.93 47.53
CA TYR J 175 -19.31 39.07 47.84
C TYR J 175 -17.85 38.69 47.63
N ASN J 176 -16.95 39.34 48.38
CA ASN J 176 -15.58 38.89 48.40
C ASN J 176 -15.49 37.58 49.20
N PHE J 177 -14.46 36.81 48.92
CA PHE J 177 -14.25 35.56 49.63
C PHE J 177 -13.65 35.79 51.01
N ARG J 178 -13.18 37.00 51.29
CA ARG J 178 -12.66 37.35 52.61
C ARG J 178 -13.72 37.95 53.51
N LEU J 179 -14.86 38.38 52.97
CA LEU J 179 -15.89 39.02 53.78
C LEU J 179 -16.44 38.00 54.75
N MET J 180 -16.18 38.20 56.04
CA MET J 180 -16.34 37.16 57.05
C MET J 180 -17.48 37.60 57.96
N GLN J 181 -18.61 36.90 57.92
CA GLN J 181 -19.84 37.43 58.48
C GLN J 181 -20.39 36.54 59.59
N LEU J 182 -21.22 37.14 60.45
CA LEU J 182 -21.86 36.48 61.57
C LEU J 182 -23.37 36.65 61.49
N LYS J 183 -24.11 35.64 61.96
CA LYS J 183 -25.57 35.70 62.16
C LYS J 183 -25.86 35.18 63.56
N PHE J 184 -26.28 36.09 64.44
CA PHE J 184 -26.57 35.78 65.83
C PHE J 184 -28.07 35.91 66.03
N HIS J 185 -28.77 34.77 66.06
CA HIS J 185 -30.22 34.73 66.21
C HIS J 185 -30.56 33.70 67.29
N THR J 186 -30.64 34.14 68.53
CA THR J 186 -30.85 33.20 69.63
C THR J 186 -31.44 33.92 70.83
N SER J 187 -31.68 33.15 71.89
CA SER J 187 -32.33 33.63 73.10
C SER J 187 -31.37 33.53 74.28
N LEU J 188 -31.37 34.56 75.12
CA LEU J 188 -30.56 34.60 76.33
C LEU J 188 -31.47 34.63 77.54
N GLY J 189 -31.00 34.05 78.64
CA GLY J 189 -31.74 34.03 79.90
C GLY J 189 -31.13 34.95 80.93
N LEU J 190 -31.98 35.47 81.81
CA LEU J 190 -31.57 36.24 82.97
C LEU J 190 -32.02 35.51 84.22
N GLY J 191 -31.10 34.75 84.82
CA GLY J 191 -31.46 33.91 85.94
C GLY J 191 -31.82 34.68 87.18
N GLU J 192 -32.37 33.96 88.15
CA GLU J 192 -32.86 34.54 89.40
C GLU J 192 -31.74 35.07 90.29
N GLU J 193 -30.49 35.05 89.82
CA GLU J 193 -29.35 35.46 90.62
C GLU J 193 -28.44 36.43 89.88
N SER J 194 -28.78 36.77 88.63
CA SER J 194 -27.88 37.56 87.80
C SER J 194 -27.60 38.92 88.44
N THR J 195 -26.44 39.47 88.10
CA THR J 195 -25.94 40.68 88.73
C THR J 195 -25.79 41.78 87.69
N THR J 196 -26.01 43.01 88.13
CA THR J 196 -25.81 44.16 87.26
C THR J 196 -24.32 44.46 87.12
N VAL J 197 -24.02 45.54 86.41
CA VAL J 197 -22.64 45.98 86.31
C VAL J 197 -22.09 46.45 87.65
N ALA J 198 -22.93 47.08 88.47
CA ALA J 198 -22.51 47.61 89.76
C ALA J 198 -22.69 46.62 90.90
N GLY J 199 -22.88 45.34 90.60
CA GLY J 199 -23.04 44.33 91.62
C GLY J 199 -24.46 44.25 92.14
N ALA J 200 -24.65 43.38 93.14
CA ALA J 200 -25.91 43.20 93.85
C ALA J 200 -26.98 42.57 92.95
N GLU J 201 -27.97 41.95 93.57
CA GLU J 201 -29.07 41.36 92.81
C GLU J 201 -29.87 42.44 92.11
N SER J 202 -30.48 42.07 90.98
CA SER J 202 -31.29 43.01 90.22
C SER J 202 -32.50 43.45 91.03
N ALA J 203 -32.84 44.73 90.92
CA ALA J 203 -33.93 45.31 91.68
C ALA J 203 -35.21 45.49 90.89
N LEU J 204 -35.13 45.67 89.56
CA LEU J 204 -36.32 45.86 88.75
C LEU J 204 -37.05 44.56 88.44
N LEU J 205 -36.45 43.42 88.77
CA LEU J 205 -37.10 42.12 88.65
C LEU J 205 -37.22 41.40 89.99
N LYS J 206 -37.13 42.13 91.10
CA LYS J 206 -37.12 41.51 92.41
C LYS J 206 -38.41 40.74 92.67
N ASP J 207 -39.54 41.24 92.16
CA ASP J 207 -40.80 40.54 92.33
C ASP J 207 -40.80 39.19 91.64
N LEU J 208 -40.45 39.16 90.36
CA LEU J 208 -40.39 37.89 89.63
C LEU J 208 -39.32 36.98 90.23
N PHE J 209 -38.26 37.57 90.77
CA PHE J 209 -37.17 36.77 91.33
C PHE J 209 -37.58 36.13 92.65
N ASP J 210 -38.42 36.80 93.44
CA ASP J 210 -38.98 36.15 94.62
C ASP J 210 -39.82 34.94 94.24
N LEU J 211 -40.43 34.98 93.06
CA LEU J 211 -41.12 33.83 92.51
C LEU J 211 -40.20 32.94 91.68
N GLY J 212 -38.89 33.17 91.76
CA GLY J 212 -37.93 32.32 91.06
C GLY J 212 -38.15 32.29 89.56
N TYR J 213 -38.74 33.34 89.00
CA TYR J 213 -39.04 33.39 87.58
C TYR J 213 -37.83 33.88 86.81
N ARG J 214 -37.63 33.29 85.63
CA ARG J 214 -36.59 33.72 84.72
C ARG J 214 -37.23 34.27 83.47
N ILE J 215 -36.64 35.33 82.93
CA ILE J 215 -37.14 35.99 81.73
C ILE J 215 -36.22 35.65 80.55
N GLU J 216 -36.81 35.33 79.41
CA GLU J 216 -36.10 34.95 78.21
C GLU J 216 -36.23 36.07 77.18
N LEU J 217 -35.11 36.47 76.59
CA LEU J 217 -35.08 37.53 75.60
C LEU J 217 -34.58 36.96 74.29
N ASP J 218 -35.36 37.16 73.22
CA ASP J 218 -34.90 36.75 71.90
C ASP J 218 -34.00 37.84 71.31
N VAL J 219 -32.83 37.44 70.85
CA VAL J 219 -31.84 38.37 70.30
C VAL J 219 -31.55 37.99 68.87
N LYS J 220 -31.56 38.98 67.98
CA LYS J 220 -31.16 38.76 66.59
C LYS J 220 -30.07 39.77 66.25
N VAL J 221 -28.97 39.29 65.68
CA VAL J 221 -27.83 40.12 65.35
C VAL J 221 -27.26 39.65 64.02
N ASP J 222 -26.85 40.60 63.18
CA ASP J 222 -26.14 40.30 61.94
C ASP J 222 -24.77 40.95 61.97
N GLY J 223 -23.90 40.55 61.05
CA GLY J 223 -22.57 41.12 61.03
C GLY J 223 -21.95 41.09 59.64
N GLU J 224 -21.00 42.00 59.45
CA GLU J 224 -20.20 42.07 58.23
C GLU J 224 -18.80 42.52 58.63
N MET J 225 -17.78 41.88 58.04
CA MET J 225 -16.40 42.31 58.29
C MET J 225 -15.52 41.68 57.23
N ASN J 226 -14.59 42.48 56.69
CA ASN J 226 -13.68 42.04 55.63
C ASN J 226 -12.25 42.08 56.16
N VAL J 227 -11.55 40.95 56.05
CA VAL J 227 -10.28 40.81 56.75
C VAL J 227 -9.17 41.69 56.20
N GLU J 228 -9.13 41.93 54.88
CA GLU J 228 -7.94 42.56 54.31
C GLU J 228 -7.88 44.06 54.57
N ASN J 229 -8.97 44.67 55.02
CA ASN J 229 -9.00 46.13 55.14
C ASN J 229 -9.53 46.65 56.46
N GLY J 230 -10.36 45.91 57.19
CA GLY J 230 -10.82 46.37 58.48
C GLY J 230 -12.12 47.12 58.49
N ASN J 231 -12.84 47.19 57.38
CA ASN J 231 -14.16 47.82 57.38
C ASN J 231 -15.24 46.78 57.69
N GLY J 232 -16.11 47.10 58.62
CA GLY J 232 -17.22 46.22 58.98
C GLY J 232 -18.25 46.99 59.77
N ASP J 233 -19.33 46.28 60.12
CA ASP J 233 -20.41 46.87 60.90
C ASP J 233 -21.20 45.76 61.58
N THR J 234 -22.00 46.17 62.57
CA THR J 234 -22.86 45.26 63.32
C THR J 234 -24.11 46.04 63.73
N SER J 235 -25.28 45.42 63.58
CA SER J 235 -26.53 46.12 63.84
C SER J 235 -27.50 45.25 64.63
N LEU J 236 -28.37 45.89 65.39
CA LEU J 236 -29.47 45.21 66.06
C LEU J 236 -30.77 45.51 65.31
N ARG J 237 -31.67 44.53 65.27
CA ARG J 237 -33.00 44.77 64.73
C ARG J 237 -34.12 44.44 65.72
N ALA J 238 -34.02 43.33 66.44
CA ALA J 238 -35.08 42.97 67.37
C ALA J 238 -34.48 42.51 68.69
N LEU J 239 -35.00 43.05 69.79
CA LEU J 239 -34.64 42.60 71.13
C LEU J 239 -35.82 42.90 72.04
N ARG J 240 -36.33 41.87 72.72
CA ARG J 240 -37.59 42.02 73.43
C ARG J 240 -37.79 40.84 74.38
N LEU J 241 -38.41 41.11 75.52
CA LEU J 241 -38.81 40.04 76.43
C LEU J 241 -39.92 39.22 75.80
N ALA J 242 -39.78 37.90 75.82
CA ALA J 242 -40.73 37.03 75.14
C ALA J 242 -41.46 36.04 76.05
N ARG J 243 -40.75 35.20 76.79
CA ARG J 243 -41.41 34.19 77.61
C ARG J 243 -40.98 34.32 79.06
N VAL J 244 -41.82 33.79 79.94
CA VAL J 244 -41.55 33.72 81.37
C VAL J 244 -41.76 32.28 81.83
N PHE J 245 -40.79 31.74 82.57
CA PHE J 245 -40.86 30.39 83.08
C PHE J 245 -40.90 30.39 84.61
N ASP J 246 -41.37 29.27 85.16
CA ASP J 246 -41.34 29.00 86.59
C ASP J 246 -40.20 28.04 86.90
N LYS J 247 -40.17 27.51 88.13
CA LYS J 247 -39.11 26.60 88.54
C LYS J 247 -39.31 25.19 88.02
N GLU J 248 -40.39 24.95 87.27
CA GLU J 248 -40.78 23.61 86.89
C GLU J 248 -40.68 23.35 85.40
N GLY J 249 -40.10 24.27 84.64
CA GLY J 249 -39.94 24.08 83.21
C GLY J 249 -41.25 24.07 82.44
N LYS J 250 -42.16 24.98 82.76
CA LYS J 250 -43.35 25.18 81.95
C LYS J 250 -43.61 26.66 81.78
N GLU J 251 -44.19 27.01 80.65
CA GLU J 251 -44.45 28.40 80.32
C GLU J 251 -45.55 28.97 81.20
N ILE J 252 -45.41 30.23 81.57
CA ILE J 252 -46.50 30.98 82.20
C ILE J 252 -46.83 32.14 81.29
N ALA J 253 -48.12 32.30 80.99
CA ALA J 253 -48.55 33.31 80.04
C ALA J 253 -48.20 34.71 80.53
N LEU J 254 -47.78 35.56 79.59
CA LEU J 254 -47.47 36.94 79.89
C LEU J 254 -48.70 37.73 80.32
N THR J 255 -49.89 37.26 79.97
CA THR J 255 -51.14 37.92 80.33
C THR J 255 -51.57 37.60 81.76
N ASP J 256 -50.82 36.75 82.46
CA ASP J 256 -51.10 36.46 83.86
C ASP J 256 -50.95 37.72 84.70
N SER J 257 -51.76 37.83 85.75
CA SER J 257 -51.80 39.06 86.54
C SER J 257 -50.42 39.41 87.11
N ARG J 258 -49.75 38.44 87.73
CA ARG J 258 -48.45 38.72 88.34
C ARG J 258 -47.41 39.11 87.29
N VAL J 259 -47.29 38.32 86.23
CA VAL J 259 -46.26 38.58 85.23
C VAL J 259 -46.53 39.90 84.52
N SER J 260 -47.79 40.15 84.14
CA SER J 260 -48.13 41.39 83.47
C SER J 260 -47.89 42.60 84.37
N ALA J 261 -48.28 42.49 85.64
CA ALA J 261 -48.07 43.60 86.57
C ALA J 261 -46.60 43.89 86.77
N ALA J 262 -45.78 42.85 86.91
CA ALA J 262 -44.34 43.06 87.12
C ALA J 262 -43.66 43.56 85.86
N LEU J 263 -44.15 43.17 84.68
CA LEU J 263 -43.53 43.53 83.42
C LEU J 263 -44.17 44.73 82.75
N SER J 264 -45.18 45.34 83.37
CA SER J 264 -45.83 46.50 82.77
C SER J 264 -44.88 47.70 82.84
N GLY J 265 -44.45 48.17 81.67
CA GLY J 265 -43.54 49.30 81.58
C GLY J 265 -42.10 48.94 81.35
N LEU J 266 -41.72 47.68 81.49
CA LEU J 266 -40.34 47.26 81.26
C LEU J 266 -39.99 47.44 79.79
N THR J 267 -38.80 47.95 79.52
CA THR J 267 -38.32 48.15 78.17
C THR J 267 -36.86 47.74 78.08
N VAL J 268 -36.54 46.91 77.10
CA VAL J 268 -35.19 46.42 76.88
C VAL J 268 -34.67 47.04 75.58
N THR J 269 -33.45 47.56 75.63
CA THR J 269 -32.85 48.22 74.48
C THR J 269 -31.37 47.92 74.42
N GLY J 270 -30.89 47.54 73.23
CA GLY J 270 -29.48 47.29 73.03
C GLY J 270 -28.69 48.57 73.16
N VAL J 271 -27.51 48.46 73.75
CA VAL J 271 -26.66 49.61 74.03
C VAL J 271 -25.33 49.53 73.30
N GLY J 272 -24.53 48.53 73.63
CA GLY J 272 -23.22 48.39 73.01
C GLY J 272 -22.84 46.94 72.86
N TYR J 273 -21.67 46.73 72.28
CA TYR J 273 -21.12 45.39 72.12
C TYR J 273 -19.60 45.49 72.09
N SER J 274 -18.94 44.34 72.20
CA SER J 274 -17.49 44.28 72.23
C SER J 274 -17.00 43.11 71.38
N LEU J 275 -15.92 43.35 70.64
CA LEU J 275 -15.34 42.36 69.76
C LEU J 275 -13.96 41.96 70.24
N GLU J 276 -13.74 40.65 70.29
CA GLU J 276 -12.42 40.08 70.56
C GLU J 276 -11.76 39.76 69.23
N ALA J 277 -10.82 40.60 68.81
CA ALA J 277 -10.10 40.39 67.58
C ALA J 277 -8.61 40.43 67.88
N ARG J 278 -7.85 39.68 67.09
CA ARG J 278 -6.41 39.61 67.24
C ARG J 278 -5.73 39.75 65.90
N LEU J 279 -4.56 40.38 65.91
CA LEU J 279 -3.80 40.61 64.70
C LEU J 279 -2.93 39.40 64.39
N THR J 280 -3.28 38.66 63.35
CA THR J 280 -2.50 37.52 62.91
C THR J 280 -1.26 38.06 62.21
N ASN J 281 -0.14 38.07 62.92
CA ASN J 281 1.08 38.62 62.36
C ASN J 281 1.75 37.62 61.43
N ILE J 282 1.77 37.97 60.14
CA ILE J 282 2.63 37.31 59.17
C ILE J 282 3.76 38.25 58.76
N ASN J 283 4.06 39.22 59.61
CA ASN J 283 5.16 40.16 59.43
C ASN J 283 5.93 40.46 60.70
N GLN J 284 5.62 39.80 61.82
CA GLN J 284 6.24 39.97 63.14
C GLN J 284 6.57 41.43 63.46
N LEU J 285 5.54 42.25 63.58
CA LEU J 285 5.69 43.59 64.14
C LEU J 285 5.89 43.56 65.64
N GLU J 286 5.56 42.46 66.32
CA GLU J 286 5.58 42.38 67.78
C GLU J 286 6.51 41.27 68.25
N MET J 287 6.93 41.37 69.50
CA MET J 287 7.81 40.39 70.11
C MET J 287 7.12 39.71 71.29
N GLY J 288 7.26 38.39 71.34
CA GLY J 288 6.66 37.62 72.42
C GLY J 288 7.62 37.36 73.56
N LEU J 289 7.44 36.24 74.26
CA LEU J 289 8.28 35.90 75.39
C LEU J 289 9.67 35.52 74.93
N LEU J 290 10.66 35.78 75.77
CA LEU J 290 12.04 35.38 75.51
C LEU J 290 12.48 34.40 76.59
N ILE J 291 13.48 33.59 76.27
CA ILE J 291 14.05 32.62 77.21
C ILE J 291 15.54 32.87 77.33
N ASP J 292 15.99 33.17 78.53
CA ASP J 292 17.38 33.51 78.79
C ASP J 292 17.93 32.63 79.90
N SER J 293 19.26 32.58 79.97
CA SER J 293 19.97 31.77 80.96
C SER J 293 21.00 32.63 81.67
N ASP J 294 21.05 32.50 82.99
CA ASP J 294 22.03 33.19 83.80
C ASP J 294 22.64 32.21 84.80
N VAL J 295 23.84 32.51 85.25
CA VAL J 295 24.51 31.74 86.29
C VAL J 295 24.82 32.67 87.46
N GLN J 296 24.36 32.30 88.64
CA GLN J 296 24.73 32.95 89.88
C GLN J 296 25.46 31.90 90.69
N LYS J 297 26.67 32.20 91.13
CA LYS J 297 27.42 31.23 91.92
C LYS J 297 27.78 31.88 93.24
N GLN J 298 27.99 31.05 94.25
CA GLN J 298 28.06 31.52 95.64
C GLN J 298 29.45 31.21 96.17
N GLY J 299 29.91 32.02 97.13
CA GLY J 299 31.25 31.86 97.69
C GLY J 299 31.20 31.54 99.17
N PHE J 300 31.66 30.34 99.52
CA PHE J 300 31.64 29.83 100.89
C PHE J 300 33.06 29.55 101.34
N MET J 301 33.36 29.82 102.61
CA MET J 301 34.70 29.63 103.17
C MET J 301 34.63 28.95 104.53
N ILE J 302 35.61 28.10 104.81
CA ILE J 302 35.67 27.40 106.09
C ILE J 302 36.67 28.12 106.99
N PRO J 303 36.30 28.48 108.21
CA PRO J 303 37.21 29.20 109.10
C PRO J 303 38.02 28.26 110.00
N THR J 304 38.80 28.87 110.87
CA THR J 304 39.52 28.17 111.94
C THR J 304 39.06 28.74 113.28
N LEU J 305 38.86 27.86 114.27
CA LEU J 305 38.17 28.29 115.48
C LEU J 305 39.11 28.32 116.68
N PRO J 306 38.80 29.10 117.71
CA PRO J 306 39.69 29.24 118.86
C PRO J 306 39.93 27.91 119.54
N PRO J 307 41.19 27.48 119.61
CA PRO J 307 41.48 26.13 120.12
C PRO J 307 41.34 26.06 121.63
N LEU J 308 40.91 24.90 122.11
CA LEU J 308 40.84 24.62 123.55
C LEU J 308 41.98 23.68 123.92
N VAL J 309 42.65 23.97 125.02
CA VAL J 309 43.90 23.32 125.39
C VAL J 309 43.91 22.97 126.86
N ILE J 310 44.43 21.79 127.18
CA ILE J 310 44.77 21.41 128.55
C ILE J 310 46.13 21.99 128.85
N VAL J 311 46.21 22.76 129.94
CA VAL J 311 47.49 23.24 130.47
C VAL J 311 47.87 22.32 131.61
N LYS J 312 49.08 21.79 131.55
CA LYS J 312 49.55 20.80 132.52
C LYS J 312 50.84 21.30 133.14
N PRO J 313 50.76 22.12 134.19
CA PRO J 313 51.97 22.77 134.74
C PRO J 313 52.77 21.86 135.64
N ALA J 314 52.52 20.55 135.54
CA ALA J 314 53.10 19.54 136.41
C ALA J 314 52.48 19.61 137.79
N MET J 315 51.57 20.57 138.00
CA MET J 315 50.73 20.59 139.19
C MET J 315 49.72 19.47 139.19
N VAL J 316 49.04 19.25 138.07
CA VAL J 316 48.26 18.05 137.79
C VAL J 316 48.83 17.45 136.51
N GLU J 317 49.60 16.37 136.64
CA GLU J 317 50.28 15.83 135.47
C GLU J 317 50.08 14.34 135.29
N ASP J 318 49.36 13.66 136.17
CA ASP J 318 49.12 12.24 136.01
C ASP J 318 47.68 11.97 135.60
N ASP J 319 47.39 10.71 135.29
CA ASP J 319 46.11 10.37 134.68
C ASP J 319 44.94 10.48 135.65
N LYS J 320 45.19 10.24 136.94
CA LYS J 320 44.10 10.25 137.92
C LYS J 320 43.44 11.61 138.09
N THR J 321 44.22 12.69 138.12
CA THR J 321 43.68 14.04 138.24
C THR J 321 43.51 14.74 136.90
N TYR J 322 44.18 14.29 135.85
CA TYR J 322 43.77 14.59 134.49
C TYR J 322 43.49 13.33 133.69
N PRO J 323 42.22 13.08 133.35
CA PRO J 323 41.87 11.83 132.66
C PRO J 323 42.53 11.70 131.30
N ARG J 324 42.32 10.57 130.64
CA ARG J 324 42.84 10.35 129.31
C ARG J 324 42.32 11.38 128.31
N LEU J 325 42.91 11.39 127.12
CA LEU J 325 42.58 12.30 126.03
C LEU J 325 41.08 12.31 125.72
N GLU J 326 40.40 11.22 126.09
CA GLU J 326 38.96 11.11 125.84
C GLU J 326 38.20 12.28 126.44
N ALA J 327 38.69 12.82 127.57
CA ALA J 327 38.05 13.98 128.16
C ALA J 327 38.07 15.17 127.20
N LEU J 328 39.23 15.46 126.62
CA LEU J 328 39.32 16.54 125.64
C LEU J 328 38.45 16.26 124.43
N THR J 329 38.48 15.03 123.93
CA THR J 329 37.70 14.70 122.74
C THR J 329 36.21 14.91 122.99
N THR J 330 35.71 14.44 124.14
CA THR J 330 34.29 14.57 124.41
C THR J 330 33.91 16.02 124.70
N ALA J 331 34.82 16.78 125.32
CA ALA J 331 34.54 18.19 125.52
C ALA J 331 34.38 18.90 124.18
N TYR J 332 35.29 18.62 123.25
CA TYR J 332 35.19 19.23 121.93
C TYR J 332 33.92 18.82 121.22
N ARG J 333 33.57 17.53 121.29
CA ARG J 333 32.37 17.07 120.58
C ARG J 333 31.10 17.69 121.17
N ILE J 334 31.00 17.76 122.50
CA ILE J 334 29.86 18.42 123.13
C ILE J 334 29.81 19.88 122.72
N GLN J 335 30.95 20.55 122.69
CA GLN J 335 30.96 21.95 122.31
C GLN J 335 30.49 22.14 120.88
N GLN J 336 30.91 21.25 119.97
CA GLN J 336 30.70 21.53 118.56
C GLN J 336 29.33 21.04 118.08
N MET J 337 28.98 19.79 118.36
CA MET J 337 27.86 19.17 117.65
C MET J 337 26.50 19.57 118.18
N ARG J 338 26.42 20.11 119.39
CA ARG J 338 25.11 20.40 119.97
C ARG J 338 24.90 21.89 120.17
N ASN J 339 25.81 22.51 120.90
CA ASN J 339 25.62 23.89 121.31
C ASN J 339 25.55 24.82 120.11
N ASN J 340 26.56 24.74 119.24
CA ASN J 340 26.61 25.61 118.09
C ASN J 340 25.46 25.34 117.14
N ALA J 341 25.09 24.07 116.97
CA ALA J 341 24.00 23.73 116.06
C ALA J 341 22.68 24.31 116.54
N VAL J 342 22.36 24.11 117.82
CA VAL J 342 21.11 24.65 118.36
C VAL J 342 21.13 26.16 118.26
N THR J 343 22.26 26.79 118.58
CA THR J 343 22.34 28.24 118.52
C THR J 343 22.10 28.74 117.10
N THR J 344 22.72 28.07 116.11
CA THR J 344 22.55 28.49 114.73
C THR J 344 21.10 28.33 114.27
N LEU J 345 20.47 27.21 114.65
CA LEU J 345 19.08 26.99 114.25
C LEU J 345 18.17 28.06 114.82
N LEU J 346 18.34 28.39 116.10
CA LEU J 346 17.51 29.44 116.69
C LEU J 346 17.82 30.81 116.10
N ASN J 347 19.08 31.09 115.76
CA ASN J 347 19.40 32.36 115.13
C ASN J 347 18.71 32.47 113.77
N ARG J 348 18.71 31.39 112.99
CA ARG J 348 18.02 31.41 111.72
C ARG J 348 16.52 31.60 111.93
N ALA J 349 15.98 30.98 112.99
CA ALA J 349 14.57 31.18 113.30
C ALA J 349 14.26 32.65 113.56
N ASP J 350 15.10 33.31 114.36
CA ASP J 350 14.88 34.71 114.66
C ASP J 350 14.98 35.56 113.39
N THR J 351 15.97 35.26 112.55
CA THR J 351 16.13 36.01 111.31
C THR J 351 14.90 35.87 110.41
N LEU J 352 14.38 34.64 110.29
CA LEU J 352 13.23 34.42 109.44
C LEU J 352 12.01 35.14 109.99
N LYS J 353 11.83 35.09 111.32
CA LYS J 353 10.80 35.89 111.96
C LYS J 353 10.92 37.36 111.57
N SER J 354 12.13 37.90 111.65
CA SER J 354 12.32 39.31 111.35
C SER J 354 11.97 39.63 109.90
N TYR J 355 12.36 38.76 108.97
CA TYR J 355 12.25 39.11 107.56
C TYR J 355 10.84 38.85 107.03
N LEU J 356 10.29 37.67 107.26
CA LEU J 356 9.12 37.26 106.49
C LEU J 356 7.81 37.25 107.26
N GLY J 357 7.82 37.46 108.57
CA GLY J 357 6.54 37.45 109.25
C GLY J 357 6.00 36.03 109.41
N VAL J 358 4.72 35.96 109.74
CA VAL J 358 4.06 34.71 110.07
C VAL J 358 3.12 34.31 108.93
N GLY J 359 3.27 33.08 108.45
CA GLY J 359 2.32 32.49 107.53
C GLY J 359 2.15 33.19 106.20
N VAL J 360 3.11 34.02 105.80
CA VAL J 360 2.97 34.77 104.55
C VAL J 360 4.06 34.37 103.58
N PRO J 361 3.72 33.92 102.37
CA PRO J 361 4.72 33.54 101.38
C PRO J 361 5.44 34.72 100.78
N HIS J 362 6.54 34.43 100.10
CA HIS J 362 7.22 35.38 99.24
C HIS J 362 7.59 34.71 97.93
N PRO J 363 7.50 35.43 96.81
CA PRO J 363 7.79 34.80 95.51
C PRO J 363 9.25 34.42 95.36
N ILE J 364 9.54 33.64 94.34
CA ILE J 364 10.89 33.15 94.10
C ILE J 364 11.76 34.30 93.60
N GLU J 365 13.02 34.30 94.04
CA GLU J 365 14.02 35.29 93.61
C GLU J 365 13.64 36.66 94.17
N SER J 366 12.69 36.70 95.10
CA SER J 366 12.22 37.97 95.64
C SER J 366 13.05 38.49 96.80
N ASN J 367 13.56 37.61 97.64
CA ASN J 367 14.41 38.00 98.75
C ASN J 367 15.85 37.60 98.43
N LEU J 368 16.79 38.51 98.69
CA LEU J 368 18.18 38.25 98.34
C LEU J 368 19.14 38.58 99.48
N GLY J 369 18.71 39.43 100.41
CA GLY J 369 19.56 39.83 101.50
C GLY J 369 19.60 38.82 102.62
N LEU J 370 18.89 37.71 102.44
CA LEU J 370 18.82 36.64 103.41
C LEU J 370 19.68 35.48 102.91
N GLU J 371 20.32 34.78 103.84
CA GLU J 371 21.18 33.65 103.51
C GLU J 371 20.47 32.64 102.64
N GLY J 372 21.22 31.86 101.87
CA GLY J 372 20.52 30.76 101.21
C GLY J 372 20.69 30.76 99.71
N VAL J 373 20.70 29.55 99.16
CA VAL J 373 20.79 29.35 97.71
C VAL J 373 19.48 28.74 97.26
N GLY J 374 18.83 28.01 98.17
CA GLY J 374 17.55 27.39 97.85
C GLY J 374 16.45 28.37 97.55
N GLN J 375 16.63 29.64 97.92
CA GLN J 375 15.65 30.67 97.61
C GLN J 375 15.46 30.84 96.12
N TYR J 376 16.39 30.35 95.30
CA TYR J 376 16.27 30.44 93.85
C TYR J 376 15.31 29.40 93.30
N TYR J 377 14.85 28.46 94.12
CA TYR J 377 14.06 27.33 93.64
C TYR J 377 12.67 27.27 94.24
N VAL J 378 12.50 27.73 95.48
CA VAL J 378 11.23 27.63 96.17
C VAL J 378 10.86 29.01 96.72
N ARG J 379 9.57 29.16 97.00
CA ARG J 379 9.07 30.38 97.63
C ARG J 379 9.42 30.33 99.11
N PRO J 380 10.09 31.34 99.65
CA PRO J 380 10.36 31.35 101.10
C PRO J 380 9.06 31.33 101.89
N TYR J 381 9.09 30.62 103.02
CA TYR J 381 7.87 30.39 103.78
C TYR J 381 8.23 30.19 105.25
N TYR J 382 7.44 30.78 106.13
CA TYR J 382 7.59 30.59 107.56
C TYR J 382 6.23 30.74 108.24
N ASN J 383 5.96 29.87 109.21
CA ASN J 383 4.66 29.82 109.87
C ASN J 383 4.86 29.55 111.35
N GLU J 384 3.84 29.86 112.15
CA GLU J 384 3.88 29.64 113.59
C GLU J 384 2.48 29.36 114.11
N ALA J 385 2.36 28.36 114.97
CA ALA J 385 1.10 28.00 115.60
C ALA J 385 1.37 27.37 116.96
N THR J 386 0.44 27.60 117.89
CA THR J 386 0.53 27.06 119.25
C THR J 386 -0.74 26.28 119.54
N ILE J 387 -0.62 25.23 120.33
CA ILE J 387 -1.74 24.35 120.64
C ILE J 387 -1.99 24.41 122.14
N ASP J 388 -3.25 24.60 122.52
CA ASP J 388 -3.65 24.60 123.92
C ASP J 388 -4.44 23.33 124.21
N VAL J 389 -3.77 22.35 124.81
CA VAL J 389 -4.43 21.06 125.06
C VAL J 389 -5.44 21.19 126.19
N LEU J 390 -5.38 22.27 126.96
CA LEU J 390 -6.36 22.46 128.03
C LEU J 390 -7.75 22.66 127.46
N ASN J 391 -7.87 23.51 126.44
CA ASN J 391 -9.15 23.88 125.87
C ASN J 391 -9.42 23.26 124.51
N ASP J 392 -8.60 22.32 124.05
CA ASP J 392 -8.80 21.66 122.77
C ASP J 392 -8.55 20.17 122.93
N LEU J 393 -9.60 19.43 123.28
CA LEU J 393 -9.47 18.02 123.60
C LEU J 393 -10.88 17.45 123.82
N ASN J 394 -11.11 16.25 123.32
CA ASN J 394 -12.45 15.66 123.33
C ASN J 394 -12.41 14.23 123.83
N ASN J 395 -12.59 14.04 125.13
CA ASN J 395 -12.49 12.73 125.75
C ASN J 395 -13.87 12.16 126.01
N LEU J 396 -13.99 10.85 125.82
CA LEU J 396 -15.11 10.10 126.33
C LEU J 396 -14.69 9.04 127.33
N THR J 397 -13.41 8.73 127.42
CA THR J 397 -12.93 7.70 128.33
C THR J 397 -11.58 8.11 128.87
N SER J 398 -11.46 8.11 130.19
CA SER J 398 -10.19 8.39 130.84
C SER J 398 -9.13 7.35 130.54
N ALA J 399 -9.52 6.17 130.04
CA ALA J 399 -8.57 5.14 129.66
C ALA J 399 -8.06 5.31 128.24
N ALA J 400 -8.53 6.33 127.52
CA ALA J 400 -8.05 6.64 126.18
C ALA J 400 -7.46 8.05 126.09
N LYS J 401 -7.12 8.65 127.23
CA LYS J 401 -6.72 10.06 127.25
C LYS J 401 -5.43 10.27 126.46
N GLN J 402 -4.44 9.40 126.68
CA GLN J 402 -3.14 9.57 126.04
C GLN J 402 -3.26 9.42 124.52
N THR J 403 -3.93 8.35 124.07
CA THR J 403 -4.08 8.16 122.63
C THR J 403 -4.80 9.32 122.00
N ASP J 404 -5.79 9.89 122.71
CA ASP J 404 -6.57 10.96 122.13
C ASP J 404 -5.75 12.25 122.02
N ILE J 405 -5.04 12.64 123.08
CA ILE J 405 -4.23 13.84 123.00
C ILE J 405 -3.17 13.67 121.92
N GLN J 406 -2.66 12.44 121.78
CA GLN J 406 -1.61 12.21 120.81
C GLN J 406 -2.16 12.25 119.39
N GLY J 407 -3.39 11.79 119.19
CA GLY J 407 -4.04 11.98 117.91
C GLY J 407 -4.20 13.45 117.57
N LEU J 408 -4.59 14.26 118.57
CA LEU J 408 -4.68 15.70 118.33
C LEU J 408 -3.34 16.27 117.88
N ILE J 409 -2.27 15.94 118.61
CA ILE J 409 -0.98 16.57 118.33
C ILE J 409 -0.41 16.09 117.00
N VAL J 410 -0.68 14.83 116.63
CA VAL J 410 -0.19 14.36 115.34
C VAL J 410 -1.00 15.00 114.21
N SER J 411 -2.30 15.20 114.41
CA SER J 411 -3.10 15.85 113.39
C SER J 411 -2.61 17.26 113.12
N LYS J 412 -2.27 17.98 114.19
CA LYS J 412 -1.76 19.35 114.01
C LYS J 412 -0.53 19.38 113.10
N ILE J 413 0.47 18.56 113.41
CA ILE J 413 1.69 18.55 112.60
C ILE J 413 1.38 18.10 111.18
N ASN J 414 0.53 17.09 111.03
CA ASN J 414 0.12 16.64 109.71
C ASN J 414 -0.38 17.81 108.87
N GLU J 415 -1.28 18.62 109.43
CA GLU J 415 -1.93 19.63 108.62
C GLU J 415 -0.97 20.81 108.38
N MET J 416 -0.12 21.12 109.37
CA MET J 416 0.95 22.10 109.13
C MET J 416 1.83 21.70 107.96
N VAL J 417 2.30 20.46 107.94
CA VAL J 417 3.17 20.01 106.87
C VAL J 417 2.45 20.08 105.53
N TYR J 418 1.18 19.69 105.50
CA TYR J 418 0.45 19.78 104.25
C TYR J 418 0.37 21.20 103.74
N THR J 419 0.06 22.15 104.64
CA THR J 419 -0.04 23.55 104.22
C THR J 419 1.30 24.05 103.69
N ALA J 420 2.38 23.72 104.39
CA ALA J 420 3.70 24.16 103.92
C ALA J 420 4.01 23.56 102.56
N ASP J 421 3.74 22.26 102.38
CA ASP J 421 4.04 21.61 101.13
C ASP J 421 3.30 22.26 99.97
N GLN J 422 2.02 22.59 100.18
CA GLN J 422 1.28 23.18 99.07
C GLN J 422 1.74 24.61 98.82
N LEU J 423 1.93 25.41 99.86
CA LEU J 423 2.27 26.80 99.66
C LEU J 423 3.63 27.00 99.01
N THR J 424 4.65 26.23 99.42
CA THR J 424 5.98 26.51 98.90
C THR J 424 6.27 25.82 97.59
N GLY J 425 5.39 24.95 97.11
CA GLY J 425 5.65 24.24 95.87
C GLY J 425 6.90 23.40 95.90
N TYR J 426 7.18 22.77 97.04
CA TYR J 426 8.44 22.05 97.21
C TYR J 426 8.48 20.79 96.35
N THR J 427 7.34 20.12 96.18
CA THR J 427 7.29 18.94 95.33
C THR J 427 7.64 19.29 93.89
N ALA J 428 7.20 20.46 93.42
CA ALA J 428 7.59 20.92 92.10
C ALA J 428 9.10 21.07 91.99
N ALA J 429 9.71 21.65 93.02
CA ALA J 429 11.16 21.78 93.01
C ALA J 429 11.85 20.43 92.95
N LEU J 430 11.35 19.46 93.74
CA LEU J 430 11.94 18.12 93.71
C LEU J 430 11.83 17.51 92.33
N GLU J 431 10.64 17.52 91.74
CA GLU J 431 10.46 16.87 90.44
C GLU J 431 11.23 17.60 89.36
N ALA J 432 11.49 18.90 89.55
CA ALA J 432 12.32 19.63 88.60
C ALA J 432 13.78 19.23 88.72
N ALA J 433 14.29 19.13 89.95
CA ALA J 433 15.69 18.79 90.16
C ALA J 433 15.97 17.33 89.80
N PHE J 434 15.03 16.43 90.09
CA PHE J 434 15.21 15.01 89.90
C PHE J 434 14.25 14.49 88.84
N SER J 435 14.80 13.79 87.84
CA SER J 435 14.00 13.19 86.78
C SER J 435 14.01 11.68 86.93
N GLY J 436 13.08 11.03 86.24
CA GLY J 436 12.97 9.59 86.29
C GLY J 436 12.20 9.04 87.47
N ARG J 437 12.26 9.70 88.62
CA ARG J 437 11.49 9.29 89.79
C ARG J 437 11.38 10.46 90.76
N SER J 438 10.23 10.57 91.43
CA SER J 438 9.95 11.69 92.29
C SER J 438 9.92 11.21 93.74
N PRO J 439 11.01 11.40 94.49
CA PRO J 439 11.00 11.00 95.90
C PRO J 439 9.97 11.77 96.69
N LYS J 440 9.38 11.10 97.64
CA LYS J 440 8.44 11.78 98.51
C LYS J 440 9.19 12.73 99.44
N PRO J 441 8.62 13.88 99.76
CA PRO J 441 9.27 14.80 100.69
C PRO J 441 9.50 14.14 102.05
N HIS J 442 10.60 14.51 102.69
CA HIS J 442 10.93 14.05 104.03
C HIS J 442 10.82 15.22 105.00
N VAL J 443 10.26 14.97 106.17
CA VAL J 443 10.15 15.98 107.20
C VAL J 443 11.00 15.56 108.40
N ALA J 444 11.90 16.43 108.82
CA ALA J 444 12.66 16.20 110.04
C ALA J 444 11.80 16.56 111.23
N ILE J 445 11.98 15.85 112.34
CA ILE J 445 11.27 16.12 113.58
C ILE J 445 12.31 16.31 114.68
N GLY J 446 12.54 17.56 115.06
CA GLY J 446 13.50 17.89 116.10
C GLY J 446 12.78 18.54 117.27
N THR J 447 13.07 18.04 118.46
CA THR J 447 12.39 18.48 119.67
C THR J 447 13.19 18.00 120.88
N ASP J 448 12.69 18.33 122.07
CA ASP J 448 13.38 17.91 123.28
C ASP J 448 13.05 16.45 123.58
N MET J 449 13.45 15.96 124.76
CA MET J 449 13.17 14.58 125.13
C MET J 449 11.90 14.40 125.93
N ARG J 450 11.03 15.42 125.98
CA ARG J 450 9.72 15.27 126.61
C ARG J 450 8.69 14.71 125.64
N LEU J 451 8.40 15.44 124.57
CA LEU J 451 7.29 15.14 123.67
C LEU J 451 7.42 13.82 122.91
N PRO J 452 8.57 13.46 122.34
CA PRO J 452 8.60 12.29 121.44
C PRO J 452 7.96 11.04 121.99
N GLN J 453 7.83 10.92 123.31
CA GLN J 453 7.06 9.82 123.85
C GLN J 453 5.58 9.94 123.49
N TYR J 454 5.14 11.13 123.07
CA TYR J 454 3.77 11.34 122.62
C TYR J 454 3.66 11.57 121.11
N ILE J 455 4.64 11.15 120.32
CA ILE J 455 4.50 11.31 118.88
C ILE J 455 4.22 9.98 118.20
N GLN J 456 5.06 8.97 118.40
CA GLN J 456 4.77 7.62 117.94
C GLN J 456 3.53 7.14 118.68
N ILE J 457 2.59 6.53 117.96
CA ILE J 457 1.30 6.23 118.56
C ILE J 457 1.19 4.72 118.80
N ASN J 458 0.67 4.34 119.95
CA ASN J 458 0.42 2.95 120.31
C ASN J 458 -1.07 2.66 120.14
N GLY J 459 -1.45 2.20 118.96
CA GLY J 459 -2.85 2.08 118.57
C GLY J 459 -3.20 2.79 117.28
N ASP J 460 -2.37 3.72 116.83
CA ASP J 460 -2.46 4.33 115.51
C ASP J 460 -1.06 4.36 114.92
N ASP J 461 -0.98 4.38 113.59
CA ASP J 461 0.31 4.37 112.91
C ASP J 461 0.69 5.73 112.32
N ARG J 462 -0.11 6.77 112.54
CA ARG J 462 0.09 8.02 111.83
C ARG J 462 1.04 8.94 112.57
N THR J 463 2.08 9.40 111.88
CA THR J 463 2.93 10.50 112.35
C THR J 463 2.92 11.71 111.43
N VAL J 464 3.11 11.55 110.13
CA VAL J 464 2.96 12.63 109.18
C VAL J 464 2.08 12.13 108.04
N GLY J 465 1.40 11.01 108.29
CA GLY J 465 0.48 10.47 107.31
C GLY J 465 1.20 9.82 106.14
N ILE J 466 0.39 9.19 105.30
CA ILE J 466 0.90 8.55 104.10
C ILE J 466 1.40 9.62 103.14
N GLY J 467 2.44 9.29 102.39
CA GLY J 467 3.07 10.24 101.48
C GLY J 467 4.22 11.04 102.05
N TYR J 468 4.48 10.93 103.35
CA TYR J 468 5.62 11.58 103.97
C TYR J 468 6.34 10.61 104.88
N ASP J 469 7.66 10.71 104.91
CA ASP J 469 8.49 9.87 105.73
C ASP J 469 9.21 10.72 106.77
N TYR J 470 9.15 10.26 108.01
CA TYR J 470 9.54 11.10 109.14
C TYR J 470 10.76 10.49 109.83
N THR J 471 11.55 11.37 110.44
CA THR J 471 12.66 10.96 111.29
C THR J 471 12.54 11.70 112.61
N ILE J 472 12.60 10.96 113.72
CA ILE J 472 12.39 11.51 115.05
C ILE J 472 13.74 11.67 115.74
N ALA J 473 14.04 12.88 116.19
CA ALA J 473 15.30 13.18 116.85
C ALA J 473 15.04 13.99 118.13
N ARG J 474 15.74 13.63 119.19
CA ARG J 474 15.61 14.31 120.47
C ARG J 474 16.95 14.87 120.93
N ILE J 475 16.90 15.96 121.69
CA ILE J 475 18.08 16.53 122.32
C ILE J 475 17.74 16.89 123.76
N SER J 476 18.77 17.08 124.57
CA SER J 476 18.62 17.36 125.98
C SER J 476 18.72 18.85 126.32
N ASP J 477 18.85 19.72 125.33
CA ASP J 477 19.05 21.13 125.60
C ASP J 477 17.84 21.76 126.28
N LEU J 478 18.10 22.73 127.15
CA LEU J 478 17.06 23.44 127.88
C LEU J 478 16.68 24.76 127.21
N ARG J 479 16.82 24.83 125.89
CA ARG J 479 16.20 25.87 125.11
C ARG J 479 15.11 25.32 124.20
N MET J 480 14.95 24.00 124.16
CA MET J 480 13.96 23.35 123.30
C MET J 480 12.79 22.78 124.10
N LYS J 481 12.46 23.36 125.24
CA LYS J 481 11.39 22.84 126.08
C LYS J 481 10.04 23.05 125.41
N ASP J 482 9.30 21.96 125.22
CA ASP J 482 7.97 21.96 124.63
C ASP J 482 7.97 22.58 123.24
N LYS J 483 9.07 22.46 122.49
CA LYS J 483 9.20 23.07 121.18
C LYS J 483 9.28 21.98 120.12
N ILE J 484 8.67 22.23 118.97
CA ILE J 484 8.64 21.28 117.86
C ILE J 484 9.09 21.99 116.61
N VAL J 485 10.04 21.39 115.89
CA VAL J 485 10.65 22.02 114.71
C VAL J 485 10.58 21.05 113.53
N MET J 486 9.87 21.46 112.49
CA MET J 486 9.78 20.73 111.23
C MET J 486 10.60 21.43 110.15
N THR J 487 11.11 20.64 109.22
CA THR J 487 11.79 21.14 108.04
C THR J 487 11.89 20.00 107.03
N PHE J 488 12.21 20.37 105.79
CA PHE J 488 12.41 19.38 104.74
C PHE J 488 13.90 19.23 104.46
N ILE J 489 14.34 17.99 104.32
CA ILE J 489 15.74 17.66 104.09
C ILE J 489 15.85 16.63 102.98
N LEU J 490 17.06 16.15 102.77
CA LEU J 490 17.33 15.14 101.76
C LEU J 490 17.94 13.89 102.39
N PRO J 491 17.44 12.71 102.04
CA PRO J 491 17.96 11.48 102.67
C PRO J 491 19.30 11.03 102.12
N ASN J 492 19.70 11.50 100.94
CA ASN J 492 20.91 11.03 100.28
C ASN J 492 21.62 12.22 99.63
N GLU J 493 22.51 11.93 98.69
CA GLU J 493 23.18 12.97 97.91
C GLU J 493 23.97 13.91 98.80
N SER J 494 25.05 13.42 99.39
CA SER J 494 25.81 14.15 100.40
C SER J 494 26.64 15.30 99.81
N GLU J 495 26.39 15.70 98.57
CA GLU J 495 26.99 16.91 98.08
C GLU J 495 25.94 18.01 98.07
N PRO J 496 26.22 19.16 98.68
CA PRO J 496 25.18 20.16 98.92
C PRO J 496 24.42 20.59 97.68
N HIS J 497 23.10 20.68 97.80
CA HIS J 497 22.22 21.17 96.75
C HIS J 497 21.35 22.28 97.33
N PRO J 498 20.82 23.17 96.49
CA PRO J 498 19.86 24.16 96.97
C PRO J 498 18.56 23.59 97.47
N LEU J 499 18.39 22.26 97.47
CA LEU J 499 17.23 21.64 98.07
C LEU J 499 17.49 21.14 99.49
N GLN J 500 18.75 20.99 99.87
CA GLN J 500 19.08 20.52 101.21
C GLN J 500 19.00 21.67 102.21
N HIS J 501 18.48 21.36 103.40
CA HIS J 501 18.27 22.42 104.40
C HIS J 501 19.57 22.99 104.92
N GLY J 502 20.55 22.16 105.22
CA GLY J 502 21.81 22.66 105.77
C GLY J 502 22.88 21.60 105.69
N VAL J 503 24.12 22.09 105.57
CA VAL J 503 25.28 21.22 105.42
C VAL J 503 26.32 21.63 106.44
N LEU J 504 27.23 20.71 106.75
CA LEU J 504 28.25 20.93 107.76
C LEU J 504 29.61 20.93 107.09
N GLY J 505 30.21 22.12 106.95
CA GLY J 505 31.60 22.19 106.57
C GLY J 505 32.46 21.68 107.72
N PHE J 506 33.42 20.80 107.40
CA PHE J 506 34.14 20.09 108.46
C PHE J 506 35.54 19.73 107.97
N ILE J 507 36.53 20.48 108.42
CA ILE J 507 37.93 20.15 108.22
C ILE J 507 38.35 19.22 109.36
N PRO J 508 38.77 18.00 109.08
CA PRO J 508 39.25 17.12 110.16
C PRO J 508 40.46 17.71 110.83
N GLU J 509 40.54 17.56 112.16
CA GLU J 509 41.71 17.98 112.90
C GLU J 509 42.13 16.91 113.89
N TYR J 510 43.43 16.78 114.07
CA TYR J 510 44.02 15.89 115.06
C TYR J 510 44.95 16.69 115.94
N LEU J 511 45.08 16.24 117.17
CA LEU J 511 45.77 17.03 118.19
C LEU J 511 47.28 16.94 118.03
N VAL J 512 47.99 17.90 118.61
CA VAL J 512 49.44 17.88 118.72
C VAL J 512 49.79 18.02 120.20
N ASP J 513 50.82 17.31 120.63
CA ASP J 513 51.24 17.30 122.02
C ASP J 513 52.76 17.46 122.07
N PHE J 514 53.22 18.61 122.55
CA PHE J 514 54.64 18.91 122.55
C PHE J 514 54.98 19.80 123.74
N ASN J 515 56.23 19.70 124.18
CA ASN J 515 56.72 20.52 125.28
C ASN J 515 57.06 21.91 124.77
N MET J 516 56.56 22.94 125.45
CA MET J 516 56.84 24.31 125.09
C MET J 516 56.81 25.17 126.34
N ILE J 517 57.72 26.14 126.41
CA ILE J 517 57.89 26.97 127.59
C ILE J 517 57.03 28.22 127.45
N ARG J 518 56.43 28.66 128.55
CA ARG J 518 55.72 29.92 128.62
C ARG J 518 56.19 30.69 129.83
N ASN J 519 56.82 31.84 129.60
CA ASN J 519 57.23 32.75 130.67
C ASN J 519 57.99 32.04 131.79
N GLN J 520 58.98 31.24 131.43
CA GLN J 520 59.79 30.49 132.38
C GLN J 520 58.96 29.48 133.17
N ARG J 521 57.94 28.92 132.53
CA ARG J 521 57.22 27.77 133.05
C ARG J 521 57.38 26.60 132.08
N ILE J 522 57.69 25.42 132.61
CA ILE J 522 57.79 24.23 131.79
C ILE J 522 56.53 23.39 131.99
N GLY J 523 55.70 23.35 130.96
CA GLY J 523 54.44 22.61 131.00
C GLY J 523 54.17 21.90 129.69
N ARG J 524 53.37 20.85 129.75
CA ARG J 524 52.97 20.14 128.55
C ARG J 524 51.67 20.71 128.02
N GLU J 525 51.58 20.88 126.71
CA GLU J 525 50.39 21.39 126.07
C GLU J 525 49.79 20.34 125.16
N ILE J 526 48.50 20.08 125.35
CA ILE J 526 47.73 19.19 124.48
C ILE J 526 46.75 20.04 123.70
N ARG J 527 46.93 20.12 122.40
CA ARG J 527 46.36 21.17 121.58
C ARG J 527 45.26 20.57 120.72
N LEU J 528 44.11 21.22 120.65
CA LEU J 528 43.04 20.76 119.78
C LEU J 528 42.38 21.98 119.14
N THR J 529 42.59 22.15 117.86
CA THR J 529 42.03 23.26 117.11
C THR J 529 40.77 22.81 116.39
N PRO J 530 39.64 23.48 116.59
CA PRO J 530 38.43 23.11 115.84
C PRO J 530 38.33 23.86 114.52
N ARG J 531 37.88 23.17 113.47
CA ARG J 531 37.67 23.77 112.16
C ARG J 531 36.34 23.27 111.60
N TYR J 532 35.30 24.11 111.68
CA TYR J 532 34.01 23.77 111.11
C TYR J 532 33.13 25.00 111.09
N ARG J 533 32.05 24.93 110.32
CA ARG J 533 31.01 25.95 110.36
C ARG J 533 29.69 25.35 109.89
N TYR J 534 28.59 26.01 110.24
CA TYR J 534 27.26 25.60 109.85
C TYR J 534 26.74 26.54 108.77
N PHE J 535 26.32 25.99 107.63
CA PHE J 535 25.82 26.77 106.52
C PHE J 535 24.35 26.46 106.27
N ASN J 536 23.54 27.49 106.14
CA ASN J 536 22.09 27.36 105.98
C ASN J 536 21.71 27.62 104.54
N PHE J 537 20.85 26.76 103.99
CA PHE J 537 20.41 26.94 102.61
C PHE J 537 18.93 27.22 102.50
N LEU J 538 18.10 26.30 102.97
CA LEU J 538 16.67 26.37 102.66
C LEU J 538 15.98 27.41 103.52
N PRO J 539 15.24 28.34 102.93
CA PRO J 539 14.43 29.26 103.72
C PRO J 539 13.04 28.72 104.03
N ILE J 540 12.96 27.51 104.57
CA ILE J 540 11.70 26.91 104.98
C ILE J 540 11.89 26.26 106.34
N MET J 541 10.97 26.53 107.26
CA MET J 541 11.03 25.94 108.59
C MET J 541 9.70 26.19 109.30
N LEU J 542 9.33 25.27 110.19
CA LEU J 542 8.07 25.34 110.91
C LEU J 542 8.32 25.11 112.40
N VAL J 543 7.61 25.85 113.24
CA VAL J 543 7.80 25.79 114.69
C VAL J 543 6.44 25.64 115.36
N ILE J 544 6.36 24.73 116.33
CA ILE J 544 5.12 24.39 117.02
C ILE J 544 5.36 24.49 118.51
N ASN J 545 4.40 25.07 119.24
CA ASN J 545 4.48 25.19 120.69
C ASN J 545 3.38 24.37 121.35
N VAL J 546 3.73 23.68 122.42
CA VAL J 546 2.78 22.89 123.21
C VAL J 546 2.79 23.44 124.63
N ILE J 547 1.61 23.74 125.15
CA ILE J 547 1.49 24.28 126.51
C ILE J 547 0.39 23.53 127.25
N ASN J 548 0.47 23.57 128.59
CA ASN J 548 -0.53 23.00 129.48
C ASN J 548 -0.64 21.48 129.32
N LEU J 549 0.41 20.86 128.78
CA LEU J 549 0.42 19.40 128.65
C LEU J 549 0.38 18.74 130.02
N GLU J 550 1.13 19.27 130.97
CA GLU J 550 1.29 18.60 132.26
C GLU J 550 -0.02 18.52 133.03
N GLU J 551 -0.84 19.56 132.92
CA GLU J 551 -2.04 19.64 133.76
C GLU J 551 -3.27 19.07 133.05
N ALA J 552 -3.37 19.26 131.74
CA ALA J 552 -4.54 18.76 131.03
C ALA J 552 -4.65 17.25 131.11
N ILE J 553 -3.52 16.55 131.05
CA ILE J 553 -3.53 15.09 131.12
C ILE J 553 -3.97 14.62 132.51
N ALA J 554 -3.95 15.52 133.49
CA ALA J 554 -4.31 15.14 134.86
C ALA J 554 -5.65 15.71 135.30
N GLN J 555 -5.93 16.96 134.97
CA GLN J 555 -7.15 17.65 135.39
C GLN J 555 -8.29 17.22 134.48
N ARG J 556 -9.51 17.26 135.02
CA ARG J 556 -10.69 16.83 134.27
C ARG J 556 -10.80 17.56 132.95
N THR J 557 -10.65 16.81 131.86
CA THR J 557 -10.86 17.36 130.52
C THR J 557 -11.92 16.50 129.86
N ALA J 558 -13.18 16.88 130.05
CA ALA J 558 -14.32 16.09 129.59
C ALA J 558 -15.14 16.91 128.61
N LEU J 559 -14.76 16.85 127.33
CA LEU J 559 -15.60 17.27 126.22
C LEU J 559 -15.82 18.78 126.14
N ASP J 560 -15.90 19.27 124.92
CA ASP J 560 -16.81 20.36 124.57
C ASP J 560 -18.06 19.64 124.09
N VAL J 561 -19.22 20.07 124.55
CA VAL J 561 -20.47 19.51 124.07
C VAL J 561 -21.15 20.59 123.24
N ASN J 562 -20.85 20.64 121.95
CA ASN J 562 -21.39 21.72 121.12
C ASN J 562 -22.89 21.53 120.97
N GLU J 563 -23.64 21.92 121.99
CA GLU J 563 -25.09 21.95 121.82
C GLU J 563 -25.38 22.95 120.71
N THR J 564 -26.40 22.69 119.90
CA THR J 564 -26.76 23.66 118.89
C THR J 564 -28.22 24.07 119.03
N GLN J 565 -28.46 24.95 120.01
CA GLN J 565 -29.62 25.83 120.10
C GLN J 565 -30.91 25.28 119.49
N VAL J 566 -31.37 24.11 119.92
CA VAL J 566 -32.75 23.79 119.62
C VAL J 566 -33.50 23.79 120.94
N THR J 567 -33.87 24.98 121.35
CA THR J 567 -34.65 25.68 122.35
C THR J 567 -34.74 27.13 121.93
N PRO J 568 -35.92 27.75 122.01
CA PRO J 568 -36.09 29.06 121.37
C PRO J 568 -35.11 30.10 121.90
N ALA J 569 -34.11 30.42 121.07
CA ALA J 569 -33.21 31.53 121.31
C ALA J 569 -32.85 32.17 119.97
N SER J 570 -33.32 31.56 118.90
CA SER J 570 -32.93 31.94 117.54
C SER J 570 -33.68 31.08 116.53
N HIS K 1 -37.62 -4.67 79.87
CA HIS K 1 -36.98 -4.01 81.00
C HIS K 1 -37.25 -4.74 82.30
N GLU K 2 -36.32 -4.58 83.26
CA GLU K 2 -36.40 -5.35 84.49
C GLU K 2 -37.64 -4.98 85.30
N PHE K 3 -37.97 -3.69 85.38
CA PHE K 3 -39.03 -3.26 86.27
C PHE K 3 -40.37 -3.90 85.92
N ALA K 4 -40.73 -3.90 84.64
CA ALA K 4 -42.01 -4.47 84.24
C ALA K 4 -42.05 -5.96 84.51
N GLU K 5 -40.96 -6.67 84.23
CA GLU K 5 -40.95 -8.11 84.43
C GLU K 5 -40.98 -8.46 85.92
N LEU K 6 -40.44 -7.60 86.77
CA LEU K 6 -40.37 -7.91 88.18
C LEU K 6 -41.76 -8.06 88.80
N PHE K 7 -42.67 -7.14 88.46
CA PHE K 7 -44.01 -7.18 89.03
C PHE K 7 -44.98 -8.00 88.21
N TYR K 8 -45.04 -7.79 86.90
CA TYR K 8 -45.95 -8.51 86.02
C TYR K 8 -45.13 -9.47 85.18
N ARG K 9 -45.31 -10.76 85.38
CA ARG K 9 -44.51 -11.75 84.68
C ARG K 9 -45.00 -11.94 83.26
N THR K 10 -44.05 -11.95 82.32
CA THR K 10 -44.34 -12.05 80.89
C THR K 10 -45.05 -13.38 80.62
N TYR K 11 -46.13 -13.32 79.83
CA TYR K 11 -46.91 -14.50 79.49
C TYR K 11 -47.23 -14.46 78.00
N ILE K 12 -46.59 -15.33 77.23
CA ILE K 12 -46.76 -15.39 75.78
C ILE K 12 -48.05 -16.14 75.48
N VAL K 13 -48.79 -15.68 74.47
CA VAL K 13 -50.01 -16.32 74.01
C VAL K 13 -49.95 -16.41 72.50
N THR K 14 -50.43 -17.53 71.96
CA THR K 14 -50.41 -17.73 70.52
C THR K 14 -51.39 -16.77 69.84
N PRO K 15 -51.16 -16.43 68.57
CA PRO K 15 -52.06 -15.50 67.89
C PRO K 15 -53.49 -15.98 67.76
N ASP K 16 -53.75 -17.28 67.93
CA ASP K 16 -55.09 -17.79 67.68
C ASP K 16 -56.07 -17.39 68.78
N GLN K 17 -55.85 -17.88 69.99
CA GLN K 17 -56.85 -17.68 71.04
C GLN K 17 -56.86 -16.23 71.50
N ALA K 18 -58.06 -15.73 71.77
CA ALA K 18 -58.26 -14.32 72.09
C ALA K 18 -58.19 -14.02 73.57
N GLY K 19 -57.79 -14.98 74.40
CA GLY K 19 -57.70 -14.73 75.83
C GLY K 19 -57.39 -16.00 76.58
N PHE K 20 -57.70 -15.99 77.87
CA PHE K 20 -57.52 -17.17 78.70
C PHE K 20 -58.51 -17.16 79.84
N GLN K 21 -59.23 -18.26 79.98
CA GLN K 21 -60.22 -18.45 81.04
C GLN K 21 -59.56 -19.23 82.17
N LEU K 22 -59.68 -18.71 83.39
CA LEU K 22 -58.99 -19.23 84.55
C LEU K 22 -59.99 -19.84 85.52
N SER K 23 -59.82 -21.13 85.81
CA SER K 23 -60.72 -21.86 86.68
C SER K 23 -59.99 -22.27 87.95
N ILE K 24 -60.54 -21.90 89.10
CA ILE K 24 -59.98 -22.22 90.41
C ILE K 24 -61.03 -22.98 91.21
N ARG K 25 -60.63 -24.10 91.81
CA ARG K 25 -61.54 -24.90 92.59
C ARG K 25 -61.38 -24.57 94.07
N ARG K 26 -62.49 -24.16 94.69
CA ARG K 26 -62.49 -23.66 96.06
C ARG K 26 -63.22 -24.65 96.95
N ASN K 27 -62.66 -24.90 98.13
CA ASN K 27 -63.22 -25.84 99.10
C ASN K 27 -63.95 -25.07 100.18
N LEU K 28 -65.11 -25.56 100.58
CA LEU K 28 -66.00 -24.82 101.46
C LEU K 28 -66.51 -25.71 102.59
N VAL K 29 -66.88 -25.06 103.69
CA VAL K 29 -67.47 -25.72 104.85
C VAL K 29 -68.64 -24.87 105.32
N TRP K 30 -69.77 -25.51 105.62
CA TRP K 30 -70.95 -24.77 106.05
C TRP K 30 -72.00 -25.75 106.56
N GLU K 31 -73.19 -25.21 106.86
CA GLU K 31 -74.07 -25.85 107.83
C GLU K 31 -75.07 -26.81 107.20
N GLY K 32 -75.50 -26.59 105.96
CA GLY K 32 -76.38 -27.53 105.30
C GLY K 32 -77.57 -26.85 104.66
N TRP K 33 -78.09 -27.50 103.61
CA TRP K 33 -79.02 -26.85 102.70
C TRP K 33 -80.31 -26.40 103.37
N THR K 34 -80.84 -25.29 102.89
CA THR K 34 -82.15 -24.79 103.29
C THR K 34 -83.16 -25.27 102.26
N GLY K 35 -84.15 -26.04 102.73
CA GLY K 35 -85.24 -26.44 101.87
C GLY K 35 -86.55 -26.47 102.61
N GLU K 36 -86.67 -25.63 103.63
CA GLU K 36 -87.76 -25.71 104.58
C GLU K 36 -88.50 -24.38 104.63
N GLY K 37 -89.76 -24.39 104.21
CA GLY K 37 -90.60 -23.21 104.24
C GLY K 37 -91.95 -23.52 103.66
N LEU K 38 -92.52 -22.59 102.89
CA LEU K 38 -93.72 -22.89 102.12
C LEU K 38 -93.82 -21.96 100.93
N SER K 39 -93.39 -22.46 99.76
CA SER K 39 -93.49 -21.78 98.47
C SER K 39 -92.81 -20.42 98.43
N GLY K 40 -92.92 -19.74 97.29
CA GLY K 40 -92.32 -18.44 97.08
C GLY K 40 -90.83 -18.41 97.37
N GLU K 41 -90.35 -17.27 97.87
CA GLU K 41 -89.02 -17.15 98.46
C GLU K 41 -87.88 -17.36 97.46
N LYS K 42 -86.66 -17.12 97.92
CA LYS K 42 -85.43 -17.41 97.17
C LYS K 42 -84.46 -18.29 97.93
N GLN K 43 -84.54 -18.36 99.26
CA GLN K 43 -83.67 -19.14 100.14
C GLN K 43 -82.30 -18.49 100.24
N GLU K 44 -81.77 -18.41 101.45
CA GLU K 44 -80.41 -17.93 101.65
C GLU K 44 -79.42 -19.05 101.42
N ILE K 45 -78.28 -18.70 100.85
CA ILE K 45 -77.19 -19.63 100.66
C ILE K 45 -75.96 -19.07 101.36
N SER K 46 -75.52 -19.76 102.40
CA SER K 46 -74.36 -19.35 103.18
C SER K 46 -73.17 -20.22 102.77
N LYS K 47 -72.10 -19.57 102.32
CA LYS K 47 -70.91 -20.24 101.83
C LYS K 47 -69.69 -19.54 102.40
N ARG K 48 -69.04 -20.17 103.37
CA ARG K 48 -67.93 -19.55 104.09
C ARG K 48 -66.69 -20.41 103.95
N ASN K 49 -65.59 -19.78 103.57
CA ASN K 49 -64.38 -20.51 103.21
C ASN K 49 -63.77 -21.17 104.45
N ILE K 50 -63.18 -22.35 104.24
CA ILE K 50 -62.45 -23.03 105.31
C ILE K 50 -61.17 -22.28 105.65
N LEU K 51 -60.49 -21.72 104.66
CA LEU K 51 -59.19 -21.11 104.90
C LEU K 51 -59.29 -19.87 105.78
N GLN K 52 -60.34 -19.05 105.61
CA GLN K 52 -60.52 -17.91 106.50
C GLN K 52 -60.70 -18.35 107.94
N GLY K 53 -61.31 -19.51 108.15
CA GLY K 53 -61.46 -20.02 109.50
C GLY K 53 -60.14 -20.24 110.22
N LEU K 54 -59.06 -20.40 109.46
CA LEU K 54 -57.74 -20.54 110.07
C LEU K 54 -57.36 -19.28 110.84
N LEU K 55 -57.93 -18.14 110.48
CA LEU K 55 -57.69 -16.88 111.17
C LEU K 55 -58.75 -16.58 112.21
N ASP K 56 -60.01 -16.53 111.80
CA ASP K 56 -61.08 -16.12 112.71
C ASP K 56 -61.23 -17.13 113.84
N TYR K 57 -61.75 -16.66 114.97
CA TYR K 57 -61.82 -17.51 116.17
C TYR K 57 -63.16 -18.21 116.30
N THR K 58 -64.10 -17.96 115.39
CA THR K 58 -65.38 -18.67 115.39
C THR K 58 -65.73 -19.01 113.95
N THR K 59 -65.29 -20.18 113.50
CA THR K 59 -65.61 -20.61 112.15
C THR K 59 -66.43 -21.90 112.10
N LEU K 60 -65.92 -22.96 112.73
CA LEU K 60 -66.59 -24.25 112.78
C LEU K 60 -67.27 -24.49 114.12
N GLU K 61 -67.13 -23.59 115.07
CA GLU K 61 -67.65 -23.79 116.41
C GLU K 61 -69.17 -23.69 116.33
N THR K 62 -69.82 -24.81 116.13
CA THR K 62 -71.27 -24.86 116.02
C THR K 62 -71.79 -26.04 116.81
N ASN K 63 -72.84 -25.80 117.58
CA ASN K 63 -73.48 -26.86 118.33
C ASN K 63 -74.72 -27.35 117.58
N SER K 64 -74.72 -28.63 117.27
CA SER K 64 -75.81 -29.22 116.50
C SER K 64 -76.51 -30.29 117.32
N THR K 65 -75.94 -30.62 118.46
CA THR K 65 -76.53 -31.61 119.34
C THR K 65 -76.51 -31.20 120.80
N GLU K 66 -75.92 -30.07 121.15
CA GLU K 66 -75.84 -29.65 122.54
C GLU K 66 -77.25 -29.28 123.01
N LEU K 67 -77.78 -30.04 123.96
CA LEU K 67 -79.14 -29.80 124.43
C LEU K 67 -79.24 -28.43 125.08
N ILE K 68 -80.28 -27.69 124.72
CA ILE K 68 -80.54 -26.36 125.26
C ILE K 68 -82.03 -26.25 125.54
N PRO K 69 -82.44 -25.77 126.71
CA PRO K 69 -83.88 -25.59 126.97
C PRO K 69 -84.52 -24.57 126.04
N VAL K 70 -85.77 -24.78 125.68
CA VAL K 70 -86.51 -23.88 124.80
C VAL K 70 -87.91 -23.69 125.35
N ILE K 71 -88.35 -22.44 125.43
CA ILE K 71 -89.60 -22.10 126.10
C ILE K 71 -90.75 -22.13 125.10
N GLN K 72 -91.90 -22.63 125.54
CA GLN K 72 -93.15 -22.54 124.81
C GLN K 72 -94.18 -21.91 125.74
N SER K 73 -94.59 -20.69 125.45
CA SER K 73 -95.53 -19.99 126.33
C SER K 73 -96.85 -20.75 126.37
N GLY K 74 -97.13 -21.38 127.51
CA GLY K 74 -98.36 -22.12 127.73
C GLY K 74 -98.18 -23.59 128.05
N GLU K 75 -97.25 -24.29 127.39
CA GLU K 75 -97.00 -25.68 127.70
C GLU K 75 -95.99 -25.86 128.83
N ASN K 76 -94.99 -25.00 128.93
CA ASN K 76 -94.00 -25.10 129.99
C ASN K 76 -93.57 -23.72 130.51
N ASP K 77 -94.05 -23.35 131.69
CA ASP K 77 -93.66 -22.07 132.26
C ASP K 77 -93.29 -22.16 133.73
N GLU K 78 -93.53 -23.30 134.39
CA GLU K 78 -93.22 -23.45 135.80
C GLU K 78 -91.86 -24.09 136.04
N GLN K 79 -91.15 -24.49 134.98
CA GLN K 79 -89.78 -24.92 135.12
C GLN K 79 -88.79 -23.80 134.82
N PHE K 80 -89.29 -22.65 134.37
CA PHE K 80 -88.47 -21.51 134.00
C PHE K 80 -88.71 -20.39 134.98
N ILE K 81 -87.68 -19.57 135.20
CA ILE K 81 -87.78 -18.49 136.17
C ILE K 81 -88.80 -17.47 135.69
N ASP K 82 -89.35 -16.71 136.64
CA ASP K 82 -90.24 -15.62 136.30
C ASP K 82 -89.49 -14.60 135.43
N PRO K 83 -90.03 -14.26 134.27
CA PRO K 83 -89.36 -13.27 133.42
C PRO K 83 -89.41 -11.86 133.99
N SER K 84 -89.89 -11.74 135.23
CA SER K 84 -89.89 -10.46 135.93
C SER K 84 -88.55 -10.14 136.57
N VAL K 85 -87.59 -11.06 136.56
CA VAL K 85 -86.26 -10.80 137.11
C VAL K 85 -85.25 -10.73 135.98
N LEU K 86 -85.46 -11.51 134.93
CA LEU K 86 -84.61 -11.49 133.75
C LEU K 86 -85.40 -11.97 132.55
N PRO K 87 -85.59 -11.13 131.53
CA PRO K 87 -86.32 -11.57 130.34
C PRO K 87 -85.53 -12.63 129.58
N ALA K 88 -86.24 -13.36 128.73
CA ALA K 88 -85.62 -14.43 127.96
C ALA K 88 -84.57 -13.89 127.01
N GLN K 89 -83.49 -14.66 126.84
CA GLN K 89 -82.41 -14.33 125.93
C GLN K 89 -82.62 -15.11 124.64
N THR K 90 -82.26 -14.51 123.51
CA THR K 90 -82.32 -15.19 122.23
C THR K 90 -80.96 -15.79 121.90
N VAL K 91 -80.97 -17.01 121.38
CA VAL K 91 -79.75 -17.71 121.02
C VAL K 91 -79.97 -18.41 119.69
N LYS K 92 -78.88 -18.59 118.96
CA LYS K 92 -78.89 -19.18 117.63
C LYS K 92 -78.24 -20.56 117.70
N GLN K 93 -78.91 -21.56 117.13
CA GLN K 93 -78.40 -22.93 117.11
C GLN K 93 -78.88 -23.60 115.84
N GLY K 94 -77.93 -24.06 115.02
CA GLY K 94 -78.30 -24.69 113.76
C GLY K 94 -78.93 -23.69 112.82
N LYS K 95 -80.24 -23.80 112.64
CA LYS K 95 -81.00 -22.84 111.86
C LYS K 95 -82.14 -22.20 112.65
N ASP K 96 -82.64 -22.86 113.69
CA ASP K 96 -83.75 -22.33 114.48
C ASP K 96 -83.29 -21.09 115.25
N THR K 97 -84.20 -20.14 115.42
CA THR K 97 -84.02 -19.05 116.36
C THR K 97 -85.12 -19.15 117.41
N PHE K 98 -84.74 -19.25 118.67
CA PHE K 98 -85.70 -19.46 119.75
C PHE K 98 -85.25 -18.72 120.99
N ASP K 99 -85.94 -18.99 122.09
CA ASP K 99 -85.72 -18.29 123.35
C ASP K 99 -85.42 -19.28 124.47
N THR K 100 -84.43 -18.95 125.30
CA THR K 100 -84.03 -19.82 126.40
C THR K 100 -83.79 -18.98 127.64
N ASN K 101 -83.79 -19.66 128.80
CA ASN K 101 -83.60 -18.99 130.08
C ASN K 101 -83.27 -20.04 131.13
N PHE K 102 -82.88 -19.58 132.32
CA PHE K 102 -82.39 -20.48 133.35
C PHE K 102 -83.51 -21.34 133.94
N LEU K 103 -83.16 -22.57 134.30
CA LEU K 103 -84.08 -23.45 135.00
C LEU K 103 -84.16 -23.05 136.47
N LYS K 104 -85.37 -23.09 137.03
CA LYS K 104 -85.61 -22.64 138.38
C LYS K 104 -85.53 -23.81 139.36
N PHE K 105 -84.90 -23.58 140.50
CA PHE K 105 -84.63 -24.66 141.45
C PHE K 105 -85.91 -25.26 142.01
N SER K 106 -85.84 -26.55 142.35
CA SER K 106 -86.99 -27.23 142.92
C SER K 106 -87.28 -26.73 144.33
N GLU K 107 -88.57 -26.54 144.62
CA GLU K 107 -89.04 -26.12 145.94
C GLU K 107 -89.66 -27.29 146.70
N ASN K 108 -89.03 -28.46 146.62
CA ASN K 108 -89.59 -29.74 147.05
C ASN K 108 -90.79 -30.13 146.21
N GLY K 109 -90.74 -29.82 144.92
CA GLY K 109 -91.76 -30.24 143.99
C GLY K 109 -91.25 -31.33 143.06
N GLU K 110 -91.97 -31.49 141.96
CA GLU K 110 -91.66 -32.51 140.98
C GLU K 110 -90.34 -32.20 140.26
N GLY K 111 -89.77 -33.22 139.64
CA GLY K 111 -88.59 -33.04 138.84
C GLY K 111 -88.93 -32.53 137.46
N PHE K 112 -87.88 -32.27 136.68
CA PHE K 112 -88.02 -31.78 135.33
C PHE K 112 -87.44 -32.79 134.34
N ASN K 113 -88.15 -32.98 133.23
CA ASN K 113 -87.74 -33.93 132.21
C ASN K 113 -86.98 -33.16 131.13
N LEU K 114 -85.70 -33.50 130.95
CA LEU K 114 -84.84 -32.70 130.10
C LEU K 114 -85.26 -32.75 128.64
N LEU K 115 -85.46 -33.96 128.11
CA LEU K 115 -85.66 -34.10 126.66
C LEU K 115 -86.93 -33.37 126.21
N MET K 116 -88.01 -33.49 126.97
CA MET K 116 -89.24 -32.79 126.61
C MET K 116 -89.02 -31.28 126.56
N LEU K 117 -88.07 -30.77 127.34
CA LEU K 117 -87.73 -29.35 127.27
C LEU K 117 -86.82 -29.03 126.10
N ALA K 118 -86.38 -30.03 125.36
CA ALA K 118 -85.44 -29.84 124.26
C ALA K 118 -86.11 -29.93 122.89
N GLN K 119 -87.42 -29.77 122.84
CA GLN K 119 -88.15 -29.89 121.58
C GLN K 119 -87.98 -28.60 120.80
N THR K 120 -86.80 -28.41 120.23
CA THR K 120 -86.51 -27.27 119.38
C THR K 120 -87.30 -27.37 118.09
N PRO K 121 -87.50 -26.25 117.38
CA PRO K 121 -88.28 -26.29 116.14
C PRO K 121 -87.75 -27.30 115.12
N SER K 122 -86.44 -27.51 115.10
CA SER K 122 -85.87 -28.48 114.17
C SER K 122 -86.32 -29.90 114.49
N ARG K 123 -86.32 -30.27 115.77
CA ARG K 123 -86.65 -31.63 116.15
C ARG K 123 -88.09 -32.00 115.79
N LEU K 124 -89.04 -31.08 116.00
CA LEU K 124 -90.45 -31.42 115.83
C LEU K 124 -90.77 -31.87 114.42
N LYS K 125 -89.96 -31.49 113.43
CA LYS K 125 -90.19 -31.97 112.08
C LYS K 125 -90.00 -33.48 111.99
N LYS K 126 -88.99 -34.02 112.66
CA LYS K 126 -88.82 -35.46 112.75
C LYS K 126 -89.77 -36.10 113.75
N GLY K 127 -90.47 -35.31 114.54
CA GLY K 127 -91.38 -35.83 115.53
C GLY K 127 -90.83 -35.72 116.94
N SER K 128 -91.69 -36.05 117.91
CA SER K 128 -91.34 -35.95 119.32
C SER K 128 -90.18 -36.87 119.67
N MET K 129 -89.64 -36.72 120.87
CA MET K 129 -88.46 -37.48 121.28
C MET K 129 -88.76 -38.96 121.42
N THR K 130 -87.84 -39.80 120.95
CA THR K 130 -88.00 -41.24 120.95
C THR K 130 -87.45 -41.84 122.24
N PHE K 131 -87.33 -43.17 122.26
CA PHE K 131 -86.81 -43.87 123.43
C PHE K 131 -85.40 -44.40 123.22
N THR K 132 -84.75 -44.06 122.12
CA THR K 132 -83.35 -44.42 121.91
C THR K 132 -82.41 -43.26 122.15
N ASP K 133 -82.91 -42.03 122.17
CA ASP K 133 -82.08 -40.86 122.39
C ASP K 133 -81.61 -40.82 123.84
N SER K 134 -80.31 -40.82 124.04
CA SER K 134 -79.73 -41.00 125.36
C SER K 134 -78.87 -39.80 125.73
N LEU K 135 -78.86 -39.48 127.02
CA LEU K 135 -78.08 -38.37 127.52
C LEU K 135 -76.61 -38.75 127.61
N ASP K 136 -75.73 -37.76 127.47
CA ASP K 136 -74.29 -38.01 127.41
C ASP K 136 -73.72 -38.44 128.75
N SER K 137 -72.53 -39.06 128.71
CA SER K 137 -71.89 -39.54 129.94
C SER K 137 -71.60 -38.40 130.90
N ARG K 138 -71.11 -37.26 130.39
CA ARG K 138 -70.71 -36.15 131.25
C ARG K 138 -71.74 -35.03 131.16
N ILE K 139 -72.17 -34.54 132.33
CA ILE K 139 -73.03 -33.38 132.46
C ILE K 139 -72.42 -32.48 133.53
N ALA K 140 -72.59 -31.17 133.41
CA ALA K 140 -72.02 -30.25 134.36
C ALA K 140 -72.90 -29.02 134.51
N LEU K 141 -72.53 -28.16 135.45
CA LEU K 141 -73.25 -26.91 135.66
C LEU K 141 -72.67 -25.81 134.77
N LYS K 142 -73.55 -25.11 134.05
CA LYS K 142 -73.09 -24.13 133.07
C LYS K 142 -72.89 -22.76 133.71
N GLN K 143 -73.94 -22.23 134.35
CA GLN K 143 -73.83 -20.99 135.10
C GLN K 143 -74.73 -21.04 136.32
N LEU K 144 -74.27 -20.41 137.39
CA LEU K 144 -75.10 -20.15 138.57
C LEU K 144 -75.49 -18.68 138.58
N LEU K 145 -76.79 -18.42 138.49
CA LEU K 145 -77.33 -17.08 138.52
C LEU K 145 -77.84 -16.77 139.91
N ILE K 146 -77.15 -15.90 140.63
CA ILE K 146 -77.56 -15.52 141.98
C ILE K 146 -77.75 -14.01 142.02
N SER K 147 -78.62 -13.58 142.93
CA SER K 147 -78.97 -12.16 143.07
C SER K 147 -78.47 -11.68 144.41
N VAL K 148 -77.71 -10.58 144.41
CA VAL K 148 -77.23 -9.95 145.63
C VAL K 148 -78.20 -8.83 145.98
N THR K 149 -78.68 -8.85 147.21
CA THR K 149 -79.71 -7.90 147.64
C THR K 149 -79.26 -7.21 148.91
N LYS K 150 -79.21 -5.87 148.85
CA LYS K 150 -78.85 -5.04 149.99
C LYS K 150 -79.80 -3.86 150.03
N GLY K 151 -80.72 -3.86 150.99
CA GLY K 151 -81.74 -2.84 151.05
C GLY K 151 -82.85 -2.97 150.04
N GLY K 152 -83.02 -4.16 149.47
CA GLY K 152 -84.06 -4.40 148.48
C GLY K 152 -83.64 -4.23 147.04
N THR K 153 -82.44 -3.75 146.77
CA THR K 153 -81.94 -3.57 145.42
C THR K 153 -81.35 -4.89 144.91
N THR K 154 -81.70 -5.24 143.67
CA THR K 154 -81.32 -6.51 143.09
C THR K 154 -80.25 -6.32 142.02
N GLU K 155 -79.18 -7.09 142.11
CA GLU K 155 -78.14 -7.15 141.08
C GLU K 155 -77.91 -8.61 140.71
N LEU K 156 -77.69 -8.85 139.42
CA LEU K 156 -77.54 -10.20 138.90
C LEU K 156 -76.09 -10.44 138.48
N PHE K 157 -75.63 -11.67 138.67
CA PHE K 157 -74.29 -12.07 138.24
C PHE K 157 -74.35 -13.43 137.56
N ALA K 158 -73.60 -13.56 136.48
CA ALA K 158 -73.49 -14.82 135.76
C ALA K 158 -72.16 -15.46 136.11
N LEU K 159 -72.18 -16.34 137.11
CA LEU K 159 -70.97 -17.02 137.56
C LEU K 159 -70.81 -18.33 136.81
N ASP K 160 -69.74 -18.44 136.05
CA ASP K 160 -69.43 -19.67 135.31
C ASP K 160 -68.77 -20.68 136.24
N VAL K 161 -69.59 -21.45 136.96
CA VAL K 161 -69.08 -22.42 137.91
C VAL K 161 -68.53 -23.65 137.21
N ASN K 162 -68.60 -23.71 135.88
CA ASN K 162 -67.89 -24.75 135.14
C ASN K 162 -66.40 -24.59 135.39
N ARG K 163 -65.62 -25.62 135.04
CA ARG K 163 -64.18 -25.61 135.29
C ARG K 163 -63.87 -25.45 136.77
N ASP K 164 -64.66 -26.11 137.62
CA ASP K 164 -64.43 -26.12 139.05
C ASP K 164 -64.03 -27.53 139.50
N GLN K 165 -63.47 -27.61 140.71
CA GLN K 165 -62.97 -28.90 141.20
C GLN K 165 -64.08 -29.93 141.33
N TYR K 166 -65.24 -29.53 141.82
CA TYR K 166 -66.39 -30.42 141.97
C TYR K 166 -67.57 -29.81 141.22
N ALA K 167 -67.68 -30.10 139.94
CA ALA K 167 -68.80 -29.56 139.17
C ALA K 167 -69.31 -30.55 138.13
N ALA K 168 -68.73 -31.74 138.09
CA ALA K 168 -69.09 -32.74 137.10
C ALA K 168 -69.93 -33.83 137.73
N TYR K 169 -71.09 -34.09 137.12
CA TYR K 169 -71.94 -35.19 137.55
C TYR K 169 -71.13 -36.47 137.54
N THR K 170 -71.26 -37.26 138.61
CA THR K 170 -70.54 -38.51 138.75
C THR K 170 -71.52 -39.66 138.94
N ALA K 171 -71.21 -40.78 138.29
CA ALA K 171 -72.07 -41.94 138.38
C ALA K 171 -71.95 -42.60 139.75
N THR K 172 -73.07 -43.12 140.25
CA THR K 172 -73.09 -43.88 141.48
C THR K 172 -74.05 -45.04 141.32
N ARG K 173 -73.78 -46.12 142.05
CA ARG K 173 -74.58 -47.34 141.97
C ARG K 173 -75.15 -47.67 143.33
N GLU K 174 -76.27 -47.05 143.69
CA GLU K 174 -76.97 -47.40 144.91
C GLU K 174 -78.48 -47.46 144.69
N TYR K 175 -78.96 -46.90 143.59
CA TYR K 175 -80.38 -46.97 143.28
C TYR K 175 -80.66 -47.72 141.98
N ASN K 176 -79.93 -47.38 140.91
CA ASN K 176 -80.27 -47.85 139.59
C ASN K 176 -79.01 -47.99 138.74
N PHE K 177 -79.17 -48.66 137.59
CA PHE K 177 -78.07 -48.93 136.68
C PHE K 177 -77.52 -47.68 136.02
N ARG K 178 -78.25 -46.56 136.04
CA ARG K 178 -77.86 -45.42 135.21
C ARG K 178 -77.84 -44.09 135.97
N LEU K 179 -78.39 -44.03 137.18
CA LEU K 179 -78.61 -42.75 137.85
C LEU K 179 -77.26 -42.08 138.15
N MET K 180 -77.18 -40.78 137.91
CA MET K 180 -75.99 -39.98 138.20
C MET K 180 -76.35 -38.88 139.19
N GLN K 181 -75.43 -38.57 140.09
CA GLN K 181 -75.67 -37.60 141.15
C GLN K 181 -74.72 -36.41 141.02
N LEU K 182 -75.00 -35.37 141.79
CA LEU K 182 -74.20 -34.14 141.78
C LEU K 182 -74.18 -33.53 143.17
N LYS K 183 -72.99 -33.24 143.68
CA LYS K 183 -72.82 -32.55 144.96
C LYS K 183 -71.81 -31.42 144.76
N PHE K 184 -72.32 -30.23 144.47
CA PHE K 184 -71.51 -29.05 144.21
C PHE K 184 -71.30 -28.35 145.55
N HIS K 185 -70.31 -28.83 146.32
CA HIS K 185 -70.00 -28.29 147.63
C HIS K 185 -68.63 -27.62 147.56
N THR K 186 -68.62 -26.29 147.55
CA THR K 186 -67.38 -25.54 147.39
C THR K 186 -67.64 -24.07 147.69
N SER K 187 -66.61 -23.27 147.42
CA SER K 187 -66.63 -21.83 147.66
C SER K 187 -66.66 -21.08 146.33
N LEU K 188 -67.55 -20.11 146.21
CA LEU K 188 -67.63 -19.25 145.05
C LEU K 188 -67.29 -17.82 145.44
N GLY K 189 -66.38 -17.20 144.70
CA GLY K 189 -65.87 -15.89 145.04
C GLY K 189 -66.21 -14.85 143.99
N LEU K 190 -66.50 -13.64 144.46
CA LEU K 190 -66.81 -12.51 143.59
C LEU K 190 -65.61 -11.60 143.54
N GLY K 191 -65.11 -11.34 142.34
CA GLY K 191 -63.99 -10.45 142.18
C GLY K 191 -64.38 -8.99 142.33
N GLU K 192 -63.46 -8.20 142.86
CA GLU K 192 -63.65 -6.77 142.97
C GLU K 192 -63.74 -6.09 141.60
N GLU K 193 -63.27 -6.77 140.55
CA GLU K 193 -63.54 -6.33 139.19
C GLU K 193 -64.47 -7.25 138.43
N SER K 194 -65.07 -8.26 139.07
CA SER K 194 -66.00 -9.13 138.39
C SER K 194 -67.21 -8.34 137.90
N THR K 195 -67.41 -8.36 136.58
CA THR K 195 -68.46 -7.55 135.98
C THR K 195 -69.84 -8.09 136.33
N THR K 196 -70.85 -7.25 136.12
CA THR K 196 -72.22 -7.65 136.40
C THR K 196 -72.95 -7.97 135.10
N VAL K 197 -74.13 -8.55 135.25
CA VAL K 197 -75.04 -8.68 134.11
C VAL K 197 -75.57 -7.30 133.76
N ALA K 198 -75.84 -7.07 132.48
CA ALA K 198 -76.36 -5.80 131.96
C ALA K 198 -75.34 -4.67 132.10
N GLY K 199 -74.06 -5.02 132.22
CA GLY K 199 -73.00 -4.03 132.12
C GLY K 199 -72.50 -3.41 133.41
N ALA K 200 -71.32 -2.78 133.34
CA ALA K 200 -70.71 -2.03 134.43
C ALA K 200 -70.39 -2.89 135.65
N GLU K 201 -69.77 -2.27 136.65
CA GLU K 201 -69.43 -2.95 137.90
C GLU K 201 -70.57 -2.84 138.90
N SER K 202 -70.47 -3.60 139.97
CA SER K 202 -71.50 -3.60 140.99
C SER K 202 -71.58 -2.25 141.69
N ALA K 203 -72.80 -1.77 141.90
CA ALA K 203 -73.04 -0.55 142.64
C ALA K 203 -73.27 -0.78 144.12
N LEU K 204 -73.80 -1.94 144.50
CA LEU K 204 -74.01 -2.25 145.92
C LEU K 204 -72.74 -2.75 146.60
N LEU K 205 -71.72 -3.12 145.84
CA LEU K 205 -70.46 -3.59 146.39
C LEU K 205 -69.28 -2.69 146.01
N LYS K 206 -69.56 -1.49 145.50
CA LYS K 206 -68.50 -0.61 145.02
C LYS K 206 -67.55 -0.23 146.14
N ASP K 207 -68.09 0.08 147.32
CA ASP K 207 -67.24 0.53 148.42
C ASP K 207 -66.25 -0.53 148.85
N LEU K 208 -66.71 -1.78 148.95
CA LEU K 208 -65.80 -2.86 149.35
C LEU K 208 -64.72 -3.09 148.30
N PHE K 209 -65.08 -2.99 147.02
CA PHE K 209 -64.11 -3.25 145.96
C PHE K 209 -63.10 -2.12 145.84
N ASP K 210 -63.53 -0.89 146.14
CA ASP K 210 -62.59 0.22 146.14
C ASP K 210 -61.49 0.02 147.16
N LEU K 211 -61.83 -0.47 148.35
CA LEU K 211 -60.84 -0.87 149.34
C LEU K 211 -60.07 -2.11 148.90
N GLY K 212 -60.37 -2.65 147.73
CA GLY K 212 -59.68 -3.84 147.25
C GLY K 212 -59.96 -5.08 148.06
N TYR K 213 -61.21 -5.26 148.48
CA TYR K 213 -61.63 -6.45 149.21
C TYR K 213 -62.51 -7.31 148.31
N ARG K 214 -62.62 -8.59 148.67
CA ARG K 214 -63.48 -9.52 147.96
C ARG K 214 -64.31 -10.30 148.96
N ILE K 215 -65.45 -10.80 148.50
CA ILE K 215 -66.42 -11.48 149.34
C ILE K 215 -66.46 -12.95 148.94
N GLU K 216 -66.52 -13.81 149.95
CA GLU K 216 -66.61 -15.25 149.75
C GLU K 216 -68.02 -15.72 150.04
N LEU K 217 -68.60 -16.44 149.09
CA LEU K 217 -69.91 -17.04 149.25
C LEU K 217 -69.76 -18.56 149.19
N ASP K 218 -70.21 -19.24 150.24
CA ASP K 218 -70.21 -20.70 150.22
C ASP K 218 -71.51 -21.21 149.62
N VAL K 219 -71.43 -22.29 148.87
CA VAL K 219 -72.58 -22.82 148.16
C VAL K 219 -72.59 -24.34 148.32
N LYS K 220 -73.79 -24.89 148.51
CA LYS K 220 -73.98 -26.33 148.55
C LYS K 220 -75.14 -26.67 147.63
N VAL K 221 -74.83 -27.25 146.48
CA VAL K 221 -75.83 -27.58 145.48
C VAL K 221 -75.90 -29.10 145.34
N ASP K 222 -77.09 -29.65 145.49
CA ASP K 222 -77.34 -31.07 145.33
C ASP K 222 -78.19 -31.30 144.09
N GLY K 223 -77.90 -32.38 143.39
CA GLY K 223 -78.63 -32.64 142.16
C GLY K 223 -78.62 -34.11 141.79
N GLU K 224 -79.71 -34.52 141.16
CA GLU K 224 -79.89 -35.87 140.67
C GLU K 224 -80.34 -35.83 139.22
N MET K 225 -79.65 -36.58 138.36
CA MET K 225 -80.00 -36.67 136.96
C MET K 225 -79.77 -38.08 136.44
N ASN K 226 -80.72 -38.59 135.68
CA ASN K 226 -80.62 -39.92 135.09
C ASN K 226 -80.39 -39.78 133.59
N VAL K 227 -79.65 -40.74 133.01
CA VAL K 227 -79.19 -40.63 131.64
C VAL K 227 -79.92 -41.60 130.71
N GLU K 228 -81.19 -41.89 130.97
CA GLU K 228 -81.94 -42.77 130.10
C GLU K 228 -83.32 -42.25 129.74
N ASN K 229 -83.93 -41.43 130.60
CA ASN K 229 -85.30 -41.00 130.37
C ASN K 229 -85.44 -39.49 130.55
N GLY K 230 -84.37 -38.84 130.96
CA GLY K 230 -84.37 -37.39 131.11
C GLY K 230 -84.98 -36.89 132.39
N ASN K 231 -85.44 -37.77 133.26
CA ASN K 231 -85.98 -37.34 134.55
C ASN K 231 -84.86 -36.89 135.46
N GLY K 232 -85.01 -35.71 136.06
CA GLY K 232 -83.99 -35.19 136.95
C GLY K 232 -84.50 -33.98 137.71
N ASP K 233 -83.79 -33.66 138.79
CA ASP K 233 -84.14 -32.54 139.64
C ASP K 233 -82.89 -32.05 140.35
N THR K 234 -82.92 -30.78 140.73
CA THR K 234 -81.80 -30.12 141.39
C THR K 234 -82.34 -29.13 142.40
N SER K 235 -81.66 -28.98 143.53
CA SER K 235 -82.07 -28.05 144.56
C SER K 235 -80.89 -27.27 145.11
N LEU K 236 -81.15 -26.04 145.53
CA LEU K 236 -80.18 -25.27 146.29
C LEU K 236 -80.34 -25.61 147.76
N ARG K 237 -79.25 -25.94 148.43
CA ARG K 237 -79.32 -26.34 149.83
C ARG K 237 -78.89 -25.25 150.80
N ALA K 238 -77.77 -24.58 150.54
CA ALA K 238 -77.31 -23.51 151.40
C ALA K 238 -76.47 -22.52 150.59
N LEU K 239 -76.81 -21.24 150.71
CA LEU K 239 -76.08 -20.17 150.05
C LEU K 239 -75.96 -19.00 151.02
N ARG K 240 -74.74 -18.53 151.25
CA ARG K 240 -74.50 -17.58 152.32
C ARG K 240 -73.17 -16.88 152.08
N LEU K 241 -73.06 -15.64 152.55
CA LEU K 241 -71.77 -14.97 152.58
C LEU K 241 -70.93 -15.55 153.70
N ALA K 242 -69.68 -15.91 153.39
CA ALA K 242 -68.86 -16.66 154.33
C ALA K 242 -67.71 -15.83 154.89
N ARG K 243 -66.85 -15.30 154.02
CA ARG K 243 -65.61 -14.68 154.45
C ARG K 243 -65.36 -13.41 153.65
N VAL K 244 -64.63 -12.48 154.26
CA VAL K 244 -64.16 -11.27 153.59
C VAL K 244 -62.65 -11.31 153.56
N PHE K 245 -62.08 -11.17 152.37
CA PHE K 245 -60.69 -11.51 152.13
C PHE K 245 -60.02 -10.34 151.44
N ASP K 246 -58.79 -10.02 151.89
CA ASP K 246 -58.17 -8.75 151.53
C ASP K 246 -57.06 -8.90 150.50
N LYS K 247 -56.40 -7.79 150.17
CA LYS K 247 -55.24 -7.80 149.30
C LYS K 247 -54.01 -8.40 149.98
N GLU K 248 -53.97 -8.39 151.30
CA GLU K 248 -52.84 -8.94 152.05
C GLU K 248 -52.73 -10.45 151.92
N GLY K 249 -53.77 -11.12 151.44
CA GLY K 249 -53.77 -12.56 151.39
C GLY K 249 -54.24 -13.25 152.65
N LYS K 250 -54.87 -12.51 153.56
CA LYS K 250 -55.36 -13.10 154.80
C LYS K 250 -56.78 -12.62 155.06
N GLU K 251 -57.54 -13.46 155.78
CA GLU K 251 -58.94 -13.17 156.02
C GLU K 251 -59.10 -12.04 157.03
N ILE K 252 -60.00 -11.11 156.73
CA ILE K 252 -60.42 -10.07 157.66
C ILE K 252 -61.73 -10.52 158.30
N ALA K 253 -61.75 -10.54 159.62
CA ALA K 253 -62.92 -11.02 160.34
C ALA K 253 -64.15 -10.18 160.01
N LEU K 254 -65.29 -10.87 159.88
CA LEU K 254 -66.54 -10.17 159.63
C LEU K 254 -66.88 -9.24 160.77
N THR K 255 -66.47 -9.59 161.99
CA THR K 255 -66.69 -8.73 163.15
C THR K 255 -65.71 -7.57 163.07
N ASP K 256 -66.09 -6.53 162.33
CA ASP K 256 -65.28 -5.32 162.20
C ASP K 256 -66.14 -4.21 161.64
N SER K 257 -65.98 -2.99 162.18
CA SER K 257 -66.82 -1.88 161.75
C SER K 257 -66.66 -1.61 160.26
N ARG K 258 -65.42 -1.62 159.77
CA ARG K 258 -65.17 -1.33 158.36
C ARG K 258 -65.88 -2.33 157.44
N VAL K 259 -65.96 -3.59 157.88
CA VAL K 259 -66.59 -4.60 157.05
C VAL K 259 -68.08 -4.71 157.37
N SER K 260 -68.42 -4.74 158.67
CA SER K 260 -69.81 -4.96 159.07
C SER K 260 -70.70 -3.81 158.62
N ALA K 261 -70.22 -2.57 158.73
CA ALA K 261 -71.03 -1.42 158.34
C ALA K 261 -71.40 -1.49 156.87
N ALA K 262 -70.44 -1.82 156.01
CA ALA K 262 -70.74 -1.96 154.59
C ALA K 262 -71.60 -3.19 154.30
N LEU K 263 -71.41 -4.28 155.04
CA LEU K 263 -72.14 -5.51 154.79
C LEU K 263 -73.45 -5.59 155.55
N SER K 264 -73.92 -4.49 156.14
CA SER K 264 -75.19 -4.48 156.86
C SER K 264 -76.35 -4.68 155.91
N GLY K 265 -77.26 -5.59 156.25
CA GLY K 265 -78.44 -5.82 155.44
C GLY K 265 -78.22 -6.59 154.16
N LEU K 266 -77.04 -7.17 153.97
CA LEU K 266 -76.74 -7.86 152.73
C LEU K 266 -77.39 -9.25 152.73
N THR K 267 -78.24 -9.50 151.74
CA THR K 267 -78.92 -10.78 151.60
C THR K 267 -78.66 -11.33 150.21
N VAL K 268 -78.32 -12.61 150.12
CA VAL K 268 -78.01 -13.26 148.84
C VAL K 268 -78.89 -14.49 148.71
N THR K 269 -79.47 -14.67 147.53
CA THR K 269 -80.35 -15.80 147.24
C THR K 269 -80.11 -16.29 145.82
N GLY K 270 -80.48 -17.53 145.55
CA GLY K 270 -80.30 -18.11 144.23
C GLY K 270 -81.57 -17.98 143.40
N VAL K 271 -81.41 -18.06 142.08
CA VAL K 271 -82.53 -17.95 141.16
C VAL K 271 -82.59 -19.13 140.20
N GLY K 272 -81.52 -19.38 139.45
CA GLY K 272 -81.57 -20.43 138.46
C GLY K 272 -80.19 -20.88 138.05
N TYR K 273 -80.16 -21.77 137.07
CA TYR K 273 -78.90 -22.27 136.53
C TYR K 273 -79.15 -22.81 135.12
N SER K 274 -78.06 -23.26 134.48
CA SER K 274 -78.12 -23.90 133.18
C SER K 274 -77.17 -25.10 133.16
N LEU K 275 -77.46 -26.04 132.26
CA LEU K 275 -76.69 -27.27 132.14
C LEU K 275 -76.20 -27.46 130.71
N GLU K 276 -75.02 -28.07 130.59
CA GLU K 276 -74.46 -28.46 129.30
C GLU K 276 -74.81 -29.91 129.05
N ALA K 277 -75.96 -30.16 128.43
CA ALA K 277 -76.41 -31.51 128.15
C ALA K 277 -76.18 -31.82 126.68
N ARG K 278 -75.74 -33.05 126.42
CA ARG K 278 -75.39 -33.50 125.09
C ARG K 278 -76.09 -34.81 124.76
N LEU K 279 -76.43 -34.96 123.48
CA LEU K 279 -77.26 -36.07 123.05
C LEU K 279 -76.42 -37.08 122.28
N THR K 280 -76.14 -38.22 122.90
CA THR K 280 -75.31 -39.27 122.31
C THR K 280 -76.20 -40.09 121.39
N ASN K 281 -76.50 -39.57 120.21
CA ASN K 281 -77.46 -40.19 119.30
C ASN K 281 -76.82 -41.44 118.70
N ILE K 282 -77.67 -42.43 118.39
CA ILE K 282 -77.17 -43.67 117.82
C ILE K 282 -77.61 -43.82 116.37
N ASN K 283 -78.91 -43.61 116.10
CA ASN K 283 -79.34 -43.51 114.70
C ASN K 283 -78.59 -42.39 113.98
N GLN K 284 -78.25 -41.32 114.70
CA GLN K 284 -77.68 -40.11 114.13
C GLN K 284 -78.71 -39.36 113.30
N LEU K 285 -78.92 -38.08 113.63
CA LEU K 285 -79.75 -37.21 112.80
C LEU K 285 -79.12 -35.84 112.63
N GLU K 286 -77.85 -35.68 113.01
CA GLU K 286 -77.19 -34.38 112.93
C GLU K 286 -76.64 -34.16 111.53
N MET K 287 -76.82 -32.93 111.04
CA MET K 287 -76.21 -32.51 109.78
C MET K 287 -74.78 -32.05 109.96
N GLY K 288 -74.33 -31.87 111.21
CA GLY K 288 -72.97 -31.45 111.50
C GLY K 288 -72.51 -30.26 110.70
N LEU K 289 -71.47 -30.45 109.89
CA LEU K 289 -70.94 -29.41 109.02
C LEU K 289 -70.77 -29.95 107.62
N LEU K 290 -71.69 -29.62 106.73
CA LEU K 290 -71.67 -30.07 105.35
C LEU K 290 -70.39 -29.60 104.67
N ILE K 291 -69.85 -30.44 103.78
CA ILE K 291 -68.62 -30.15 103.05
C ILE K 291 -68.94 -30.16 101.56
N ASP K 292 -68.67 -29.05 100.89
CA ASP K 292 -69.03 -28.88 99.49
C ASP K 292 -67.83 -28.30 98.73
N SER K 293 -68.00 -28.21 97.40
CA SER K 293 -67.02 -27.54 96.53
C SER K 293 -67.73 -26.91 95.34
N ASP K 294 -67.11 -25.86 94.80
CA ASP K 294 -67.56 -25.20 93.59
C ASP K 294 -66.44 -24.29 93.09
N VAL K 295 -66.61 -23.73 91.89
CA VAL K 295 -65.56 -22.94 91.25
C VAL K 295 -66.17 -21.64 90.75
N GLN K 296 -65.32 -20.60 90.64
CA GLN K 296 -65.66 -19.35 89.98
C GLN K 296 -64.71 -19.14 88.82
N LYS K 297 -65.16 -19.43 87.61
CA LYS K 297 -64.34 -19.27 86.41
C LYS K 297 -64.31 -17.80 86.02
N GLN K 298 -63.20 -17.37 85.45
CA GLN K 298 -63.00 -15.98 85.06
C GLN K 298 -62.45 -15.92 83.65
N GLY K 299 -62.98 -15.00 82.85
CA GLY K 299 -62.56 -14.83 81.48
C GLY K 299 -61.80 -13.52 81.29
N PHE K 300 -60.63 -13.62 80.66
CA PHE K 300 -59.71 -12.50 80.50
C PHE K 300 -59.45 -12.28 79.01
N MET K 301 -59.65 -11.06 78.55
CA MET K 301 -59.51 -10.70 77.15
C MET K 301 -58.28 -9.83 76.93
N ILE K 302 -57.63 -10.01 75.79
CA ILE K 302 -56.46 -9.24 75.40
C ILE K 302 -56.83 -8.37 74.20
N PRO K 303 -56.88 -7.05 74.33
CA PRO K 303 -57.29 -6.21 73.21
C PRO K 303 -56.14 -5.75 72.35
N THR K 304 -56.44 -5.01 71.28
CA THR K 304 -55.44 -4.35 70.46
C THR K 304 -55.29 -2.89 70.90
N LEU K 305 -54.35 -2.19 70.29
CA LEU K 305 -54.00 -0.83 70.67
C LEU K 305 -53.84 0.07 69.46
N PRO K 306 -53.90 1.39 69.64
CA PRO K 306 -53.71 2.32 68.52
C PRO K 306 -52.34 2.13 67.90
N PRO K 307 -52.23 2.31 66.59
CA PRO K 307 -51.00 1.96 65.89
C PRO K 307 -49.96 3.07 65.92
N LEU K 308 -48.72 2.66 65.74
CA LEU K 308 -47.60 3.58 65.60
C LEU K 308 -47.05 3.46 64.19
N VAL K 309 -46.92 4.60 63.50
CA VAL K 309 -46.61 4.60 62.08
C VAL K 309 -45.70 5.78 61.76
N ILE K 310 -44.82 5.58 60.78
CA ILE K 310 -44.08 6.65 60.13
C ILE K 310 -44.55 6.76 58.69
N VAL K 311 -44.82 7.99 58.25
CA VAL K 311 -45.11 8.27 56.85
C VAL K 311 -44.03 9.21 56.34
N LYS K 312 -43.71 9.10 55.06
CA LYS K 312 -42.64 9.89 54.49
C LYS K 312 -42.78 9.97 52.98
N PRO K 313 -42.40 11.09 52.36
CA PRO K 313 -42.31 11.13 50.90
C PRO K 313 -41.44 10.01 50.38
N ALA K 314 -41.98 9.21 49.46
CA ALA K 314 -41.34 7.95 49.07
C ALA K 314 -40.46 8.17 47.85
N MET K 315 -39.42 8.99 48.00
CA MET K 315 -38.38 9.08 46.97
C MET K 315 -36.99 9.10 47.59
N VAL K 316 -36.92 9.38 48.88
CA VAL K 316 -35.64 9.56 49.59
C VAL K 316 -35.70 8.78 50.89
N GLU K 317 -34.73 7.90 51.09
CA GLU K 317 -34.61 7.12 52.32
C GLU K 317 -33.17 7.20 52.82
N ASP K 318 -33.01 7.55 54.08
CA ASP K 318 -31.71 7.91 54.63
C ASP K 318 -31.67 7.55 56.11
N ASP K 319 -30.73 8.15 56.82
CA ASP K 319 -30.57 8.03 58.26
C ASP K 319 -30.79 9.36 58.95
N LYS K 320 -30.53 10.47 58.27
CA LYS K 320 -30.57 11.80 58.88
C LYS K 320 -31.93 12.47 58.75
N THR K 321 -32.78 12.03 57.83
CA THR K 321 -34.10 12.61 57.67
C THR K 321 -35.17 11.64 58.16
N TYR K 322 -35.07 10.39 57.73
CA TYR K 322 -35.94 9.34 58.26
C TYR K 322 -35.09 8.28 58.95
N PRO K 323 -35.31 8.03 60.24
CA PRO K 323 -34.54 6.99 60.92
C PRO K 323 -34.92 5.61 60.43
N ARG K 324 -33.99 4.67 60.59
CA ARG K 324 -34.22 3.28 60.22
C ARG K 324 -35.30 2.67 61.11
N LEU K 325 -35.64 1.41 60.85
CA LEU K 325 -36.71 0.72 61.57
C LEU K 325 -36.43 0.69 63.07
N GLU K 326 -35.16 0.78 63.44
CA GLU K 326 -34.77 0.69 64.85
C GLU K 326 -35.53 1.69 65.71
N ALA K 327 -35.71 2.92 65.23
CA ALA K 327 -36.35 3.95 66.03
C ALA K 327 -37.80 3.58 66.35
N LEU K 328 -38.50 3.02 65.36
CA LEU K 328 -39.89 2.63 65.57
C LEU K 328 -40.00 1.54 66.62
N THR K 329 -39.11 0.55 66.55
CA THR K 329 -39.11 -0.51 67.55
C THR K 329 -38.75 0.03 68.92
N THR K 330 -37.83 0.99 68.99
CA THR K 330 -37.50 1.60 70.27
C THR K 330 -38.72 2.30 70.87
N ALA K 331 -39.46 3.03 70.04
CA ALA K 331 -40.66 3.70 70.52
C ALA K 331 -41.68 2.70 71.03
N TYR K 332 -41.89 1.62 70.28
CA TYR K 332 -42.79 0.56 70.74
C TYR K 332 -42.33 -0.02 72.07
N ARG K 333 -41.03 -0.33 72.18
CA ARG K 333 -40.50 -0.94 73.39
C ARG K 333 -40.70 -0.03 74.59
N ILE K 334 -40.37 1.25 74.45
CA ILE K 334 -40.52 2.15 75.59
C ILE K 334 -41.99 2.30 75.96
N GLN K 335 -42.86 2.51 74.97
CA GLN K 335 -44.28 2.67 75.25
C GLN K 335 -44.81 1.49 76.03
N GLN K 336 -44.51 0.27 75.57
CA GLN K 336 -45.01 -0.91 76.26
C GLN K 336 -44.37 -1.06 77.63
N MET K 337 -43.06 -1.24 77.68
CA MET K 337 -42.40 -1.73 78.86
C MET K 337 -42.28 -0.69 79.97
N ARG K 338 -42.47 0.60 79.70
CA ARG K 338 -42.31 1.51 80.82
C ARG K 338 -43.61 2.22 81.16
N ASN K 339 -44.16 2.94 80.18
CA ASN K 339 -45.21 3.90 80.48
C ASN K 339 -46.48 3.19 80.95
N ASN K 340 -46.97 2.24 80.16
CA ASN K 340 -48.20 1.55 80.51
C ASN K 340 -48.07 0.76 81.81
N ALA K 341 -46.93 0.08 81.99
CA ALA K 341 -46.75 -0.73 83.19
C ALA K 341 -46.75 0.13 84.43
N VAL K 342 -45.95 1.19 84.45
CA VAL K 342 -45.88 2.01 85.66
C VAL K 342 -47.21 2.72 85.88
N THR K 343 -47.85 3.17 84.79
CA THR K 343 -49.14 3.84 84.93
C THR K 343 -50.19 2.92 85.54
N THR K 344 -50.27 1.68 85.06
CA THR K 344 -51.29 0.78 85.58
C THR K 344 -50.96 0.38 87.02
N LEU K 345 -49.68 0.27 87.36
CA LEU K 345 -49.33 -0.03 88.74
C LEU K 345 -49.77 1.09 89.68
N LEU K 346 -49.49 2.34 89.30
CA LEU K 346 -49.90 3.45 90.15
C LEU K 346 -51.42 3.60 90.21
N ASN K 347 -52.11 3.35 89.09
CA ASN K 347 -53.57 3.37 89.13
C ASN K 347 -54.11 2.31 90.06
N ARG K 348 -53.54 1.11 90.02
CA ARG K 348 -53.88 0.05 90.95
C ARG K 348 -53.71 0.52 92.39
N ALA K 349 -52.56 1.13 92.69
CA ALA K 349 -52.29 1.59 94.05
C ALA K 349 -53.32 2.62 94.49
N ASP K 350 -53.61 3.59 93.63
CA ASP K 350 -54.56 4.65 93.99
C ASP K 350 -55.94 4.06 94.23
N THR K 351 -56.37 3.15 93.34
CA THR K 351 -57.70 2.57 93.48
C THR K 351 -57.84 1.81 94.79
N LEU K 352 -56.86 0.97 95.11
CA LEU K 352 -56.95 0.22 96.37
C LEU K 352 -56.87 1.14 97.58
N LYS K 353 -56.10 2.23 97.49
CA LYS K 353 -56.04 3.15 98.63
C LYS K 353 -57.42 3.70 98.96
N SER K 354 -58.16 4.10 97.94
CA SER K 354 -59.49 4.66 98.18
C SER K 354 -60.50 3.59 98.55
N TYR K 355 -60.43 2.42 97.91
CA TYR K 355 -61.52 1.46 98.05
C TYR K 355 -61.52 0.77 99.41
N LEU K 356 -60.33 0.54 99.98
CA LEU K 356 -60.19 -0.40 101.08
C LEU K 356 -59.91 0.25 102.42
N GLY K 357 -59.45 1.49 102.45
CA GLY K 357 -59.06 2.09 103.70
C GLY K 357 -57.61 1.81 104.03
N VAL K 358 -57.15 2.39 105.14
CA VAL K 358 -55.76 2.32 105.56
C VAL K 358 -55.65 1.33 106.70
N GLY K 359 -54.97 0.21 106.43
CA GLY K 359 -54.63 -0.74 107.46
C GLY K 359 -55.75 -1.63 107.96
N VAL K 360 -56.91 -1.63 107.31
CA VAL K 360 -58.05 -2.39 107.77
C VAL K 360 -58.23 -3.59 106.83
N PRO K 361 -57.84 -4.77 107.25
CA PRO K 361 -57.98 -5.94 106.37
C PRO K 361 -59.40 -6.49 106.34
N HIS K 362 -60.02 -6.47 105.16
CA HIS K 362 -61.36 -7.01 105.03
C HIS K 362 -61.31 -8.53 105.01
N PRO K 363 -62.40 -9.20 105.35
CA PRO K 363 -62.39 -10.67 105.46
C PRO K 363 -62.10 -11.36 104.14
N ILE K 364 -61.65 -12.61 104.21
CA ILE K 364 -61.47 -13.41 103.00
C ILE K 364 -62.82 -13.57 102.31
N GLU K 365 -62.81 -13.47 100.98
CA GLU K 365 -64.02 -13.60 100.18
C GLU K 365 -65.04 -12.55 100.57
N SER K 366 -64.60 -11.29 100.71
CA SER K 366 -65.52 -10.23 101.11
C SER K 366 -65.62 -9.18 100.01
N ASN K 367 -65.13 -9.49 98.82
CA ASN K 367 -65.21 -8.58 97.70
C ASN K 367 -65.39 -9.39 96.43
N LEU K 368 -66.39 -9.02 95.64
CA LEU K 368 -66.58 -9.60 94.32
C LEU K 368 -66.53 -8.58 93.19
N GLY K 369 -66.27 -7.31 93.47
CA GLY K 369 -66.22 -6.30 92.44
C GLY K 369 -64.81 -5.80 92.17
N LEU K 370 -63.85 -6.27 92.95
CA LEU K 370 -62.47 -5.87 92.75
C LEU K 370 -61.80 -6.70 91.67
N GLU K 371 -60.89 -6.06 90.95
CA GLU K 371 -60.10 -6.77 89.95
C GLU K 371 -59.23 -7.83 90.61
N GLY K 372 -59.08 -8.96 89.93
CA GLY K 372 -58.23 -10.01 90.42
C GLY K 372 -58.97 -11.06 91.22
N VAL K 373 -58.43 -12.28 91.17
CA VAL K 373 -59.04 -13.42 91.83
C VAL K 373 -58.15 -13.85 92.99
N GLY K 374 -57.02 -13.17 93.15
CA GLY K 374 -56.16 -13.46 94.29
C GLY K 374 -56.82 -13.19 95.61
N GLN K 375 -57.91 -12.41 95.61
CA GLN K 375 -58.64 -12.14 96.83
C GLN K 375 -59.33 -13.38 97.37
N TYR K 376 -59.39 -14.46 96.58
CA TYR K 376 -60.00 -15.69 97.06
C TYR K 376 -59.09 -16.48 97.98
N TYR K 377 -57.85 -16.03 98.19
CA TYR K 377 -56.87 -16.80 98.94
C TYR K 377 -56.35 -16.08 100.17
N VAL K 378 -56.38 -14.74 100.20
CA VAL K 378 -55.85 -13.97 101.31
C VAL K 378 -56.79 -12.80 101.59
N ARG K 379 -56.61 -12.19 102.75
CA ARG K 379 -57.40 -11.02 103.07
C ARG K 379 -56.84 -9.80 102.37
N PRO K 380 -57.69 -8.91 101.86
CA PRO K 380 -57.19 -7.64 101.34
C PRO K 380 -56.51 -6.84 102.44
N TYR K 381 -55.50 -6.05 102.05
CA TYR K 381 -54.77 -5.22 103.00
C TYR K 381 -54.02 -4.14 102.26
N TYR K 382 -54.03 -2.93 102.81
CA TYR K 382 -53.24 -1.82 102.31
C TYR K 382 -52.81 -0.93 103.47
N ASN K 383 -51.55 -0.48 103.46
CA ASN K 383 -51.05 0.43 104.47
C ASN K 383 -50.09 1.39 103.79
N GLU K 384 -50.02 2.63 104.30
CA GLU K 384 -49.18 3.67 103.75
C GLU K 384 -48.51 4.40 104.91
N ALA K 385 -47.26 4.82 104.71
CA ALA K 385 -46.52 5.49 105.76
C ALA K 385 -45.49 6.43 105.13
N THR K 386 -44.99 7.35 105.96
CA THR K 386 -43.96 8.31 105.54
C THR K 386 -42.82 8.29 106.55
N ILE K 387 -41.64 8.70 106.10
CA ILE K 387 -40.47 8.78 106.96
C ILE K 387 -39.87 10.17 106.81
N ASP K 388 -39.65 10.85 107.93
CA ASP K 388 -39.05 12.18 107.93
C ASP K 388 -37.57 12.02 108.26
N VAL K 389 -36.75 11.96 107.21
CA VAL K 389 -35.32 11.68 107.39
C VAL K 389 -34.64 12.81 108.15
N LEU K 390 -35.13 14.04 108.00
CA LEU K 390 -34.49 15.18 108.65
C LEU K 390 -34.54 15.07 110.17
N ASN K 391 -35.65 14.56 110.70
CA ASN K 391 -35.87 14.57 112.14
C ASN K 391 -35.80 13.19 112.79
N ASP K 392 -35.56 12.13 112.02
CA ASP K 392 -35.66 10.77 112.53
C ASP K 392 -34.40 9.98 112.21
N LEU K 393 -33.24 10.57 112.52
CA LEU K 393 -31.97 9.88 112.31
C LEU K 393 -31.05 10.22 113.47
N ASN K 394 -30.09 9.33 113.75
CA ASN K 394 -29.10 9.54 114.78
C ASN K 394 -27.71 9.50 114.17
N ASN K 395 -26.85 10.42 114.58
CA ASN K 395 -25.47 10.47 114.10
C ASN K 395 -24.54 10.67 115.28
N LEU K 396 -23.52 9.84 115.36
CA LEU K 396 -22.44 10.07 116.31
C LEU K 396 -21.15 10.50 115.63
N THR K 397 -20.82 9.88 114.50
CA THR K 397 -19.62 10.22 113.74
C THR K 397 -20.02 10.30 112.28
N SER K 398 -19.61 11.39 111.64
CA SER K 398 -20.05 11.63 110.26
C SER K 398 -19.52 10.58 109.31
N ALA K 399 -18.54 9.78 109.76
CA ALA K 399 -18.06 8.67 108.95
C ALA K 399 -19.07 7.55 108.83
N ALA K 400 -20.16 7.59 109.59
CA ALA K 400 -21.13 6.50 109.61
C ALA K 400 -22.56 6.96 109.34
N LYS K 401 -22.76 8.18 108.83
CA LYS K 401 -24.12 8.69 108.65
C LYS K 401 -24.90 7.84 107.66
N GLN K 402 -24.25 7.45 106.56
CA GLN K 402 -24.94 6.63 105.56
C GLN K 402 -25.36 5.30 106.16
N THR K 403 -24.53 4.74 107.04
CA THR K 403 -24.92 3.50 107.71
C THR K 403 -26.17 3.70 108.54
N ASP K 404 -26.25 4.81 109.25
CA ASP K 404 -27.42 5.09 110.09
C ASP K 404 -28.68 5.26 109.24
N ILE K 405 -28.57 6.02 108.15
CA ILE K 405 -29.75 6.27 107.32
C ILE K 405 -30.19 4.98 106.65
N GLN K 406 -29.24 4.12 106.27
CA GLN K 406 -29.58 2.82 105.72
C GLN K 406 -30.30 1.97 106.75
N GLY K 407 -29.79 1.96 107.99
CA GLY K 407 -30.42 1.16 109.02
C GLY K 407 -31.84 1.60 109.31
N LEU K 408 -32.10 2.92 109.25
CA LEU K 408 -33.45 3.40 109.48
C LEU K 408 -34.43 2.83 108.46
N ILE K 409 -34.11 2.95 107.17
CA ILE K 409 -34.99 2.46 106.13
C ILE K 409 -35.15 0.95 106.22
N VAL K 410 -34.06 0.23 106.50
CA VAL K 410 -34.15 -1.22 106.64
C VAL K 410 -35.07 -1.59 107.78
N SER K 411 -34.94 -0.91 108.92
CA SER K 411 -35.82 -1.20 110.06
C SER K 411 -37.28 -0.96 109.69
N LYS K 412 -37.56 0.16 109.03
CA LYS K 412 -38.95 0.50 108.74
C LYS K 412 -39.55 -0.50 107.75
N ILE K 413 -38.81 -0.85 106.70
CA ILE K 413 -39.33 -1.80 105.72
C ILE K 413 -39.50 -3.17 106.35
N ASN K 414 -38.58 -3.55 107.24
CA ASN K 414 -38.73 -4.82 107.94
C ASN K 414 -40.02 -4.86 108.74
N GLU K 415 -40.26 -3.82 109.54
CA GLU K 415 -41.45 -3.81 110.37
C GLU K 415 -42.72 -3.82 109.53
N MET K 416 -42.74 -3.04 108.45
CA MET K 416 -43.92 -3.04 107.59
C MET K 416 -44.17 -4.42 107.00
N VAL K 417 -43.12 -5.09 106.53
CA VAL K 417 -43.27 -6.41 105.94
C VAL K 417 -43.82 -7.39 106.97
N TYR K 418 -43.27 -7.36 108.19
CA TYR K 418 -43.72 -8.32 109.19
C TYR K 418 -45.17 -8.08 109.55
N THR K 419 -45.57 -6.81 109.70
CA THR K 419 -46.97 -6.51 109.98
C THR K 419 -47.88 -7.02 108.87
N ALA K 420 -47.51 -6.78 107.61
CA ALA K 420 -48.34 -7.24 106.51
C ALA K 420 -48.45 -8.76 106.52
N ASP K 421 -47.34 -9.45 106.75
CA ASP K 421 -47.36 -10.90 106.76
C ASP K 421 -48.28 -11.42 107.86
N GLN K 422 -48.19 -10.83 109.05
CA GLN K 422 -49.03 -11.29 110.14
C GLN K 422 -50.50 -11.03 109.85
N LEU K 423 -50.83 -9.84 109.34
CA LEU K 423 -52.23 -9.49 109.16
C LEU K 423 -52.89 -10.26 108.04
N THR K 424 -52.24 -10.41 106.89
CA THR K 424 -52.93 -10.99 105.75
C THR K 424 -52.92 -12.50 105.75
N GLY K 425 -52.12 -13.14 106.60
CA GLY K 425 -52.03 -14.59 106.58
C GLY K 425 -51.55 -15.14 105.26
N TYR K 426 -50.57 -14.48 104.64
CA TYR K 426 -50.16 -14.85 103.29
C TYR K 426 -49.52 -16.23 103.26
N THR K 427 -48.62 -16.50 104.22
CA THR K 427 -47.85 -17.75 104.18
C THR K 427 -48.74 -18.97 104.26
N ALA K 428 -49.86 -18.86 104.99
CA ALA K 428 -50.79 -19.98 105.07
C ALA K 428 -51.34 -20.33 103.70
N ALA K 429 -51.82 -19.32 102.96
CA ALA K 429 -52.34 -19.58 101.63
C ALA K 429 -51.26 -20.07 100.70
N LEU K 430 -50.05 -19.53 100.84
CA LEU K 430 -48.95 -19.96 99.97
C LEU K 430 -48.65 -21.43 100.20
N GLU K 431 -48.64 -21.87 101.46
CA GLU K 431 -48.44 -23.28 101.75
C GLU K 431 -49.60 -24.12 101.23
N ALA K 432 -50.82 -23.61 101.38
CA ALA K 432 -52.00 -24.39 101.01
C ALA K 432 -52.05 -24.64 99.50
N ALA K 433 -51.90 -23.58 98.70
CA ALA K 433 -51.93 -23.78 97.25
C ALA K 433 -50.74 -24.58 96.77
N PHE K 434 -49.56 -24.34 97.32
CA PHE K 434 -48.32 -24.99 96.88
C PHE K 434 -47.93 -26.16 97.77
N SER K 435 -48.91 -26.91 98.26
CA SER K 435 -48.65 -28.06 99.12
C SER K 435 -47.72 -29.05 98.43
N GLY K 436 -46.80 -29.61 99.21
CA GLY K 436 -45.74 -30.43 98.66
C GLY K 436 -44.43 -29.67 98.73
N ARG K 437 -44.54 -28.39 99.10
CA ARG K 437 -43.39 -27.53 99.29
C ARG K 437 -43.82 -26.39 100.20
N SER K 438 -42.87 -25.83 100.94
CA SER K 438 -43.14 -24.68 101.78
C SER K 438 -42.29 -23.51 101.30
N PRO K 439 -42.58 -22.90 100.15
CA PRO K 439 -41.76 -21.77 99.70
C PRO K 439 -41.83 -20.64 100.71
N LYS K 440 -40.70 -20.12 101.02
CA LYS K 440 -40.98 -18.91 101.75
C LYS K 440 -41.37 -17.80 100.76
N PRO K 441 -42.30 -16.93 101.14
CA PRO K 441 -42.71 -15.84 100.24
C PRO K 441 -41.54 -15.01 99.74
N HIS K 442 -41.79 -14.24 98.68
CA HIS K 442 -40.76 -13.38 98.11
C HIS K 442 -41.26 -11.95 98.10
N VAL K 443 -40.35 -11.00 98.31
CA VAL K 443 -40.67 -9.58 98.38
C VAL K 443 -40.11 -8.90 97.13
N ALA K 444 -40.93 -8.03 96.53
CA ALA K 444 -40.52 -7.26 95.36
C ALA K 444 -40.32 -5.81 95.76
N ILE K 445 -39.23 -5.21 95.29
CA ILE K 445 -38.86 -3.85 95.65
C ILE K 445 -38.65 -3.06 94.36
N GLY K 446 -39.52 -2.08 94.13
CA GLY K 446 -39.36 -1.16 93.02
C GLY K 446 -39.17 0.26 93.55
N THR K 447 -38.12 0.91 93.08
CA THR K 447 -37.78 2.25 93.54
C THR K 447 -36.97 2.95 92.46
N ASP K 448 -36.80 4.26 92.64
CA ASP K 448 -36.20 5.11 91.63
C ASP K 448 -34.69 4.96 91.62
N MET K 449 -34.01 5.87 90.92
CA MET K 449 -32.58 5.72 90.69
C MET K 449 -31.77 6.02 91.94
N ARG K 450 -32.30 6.85 92.84
CA ARG K 450 -31.51 7.34 93.96
C ARG K 450 -31.40 6.30 95.08
N LEU K 451 -32.53 5.85 95.59
CA LEU K 451 -32.62 5.06 96.81
C LEU K 451 -31.74 3.81 96.86
N PRO K 452 -31.63 3.00 95.80
CA PRO K 452 -30.87 1.76 95.89
C PRO K 452 -29.44 1.91 96.36
N GLN K 453 -28.90 3.12 96.43
CA GLN K 453 -27.59 3.34 97.01
C GLN K 453 -27.66 3.76 98.47
N TYR K 454 -28.84 3.66 99.08
CA TYR K 454 -28.96 3.79 100.52
C TYR K 454 -29.76 2.67 101.15
N ILE K 455 -30.44 1.84 100.35
CA ILE K 455 -30.98 0.59 100.84
C ILE K 455 -29.99 -0.56 100.68
N GLN K 456 -28.93 -0.36 99.90
CA GLN K 456 -27.95 -1.40 99.61
C GLN K 456 -26.57 -0.76 99.51
N ILE K 457 -25.70 -1.12 100.47
CA ILE K 457 -24.37 -0.54 100.58
C ILE K 457 -23.39 -1.71 100.54
N ASN K 458 -23.92 -2.90 100.22
CA ASN K 458 -23.21 -4.18 100.12
C ASN K 458 -23.07 -4.83 101.48
N GLY K 459 -23.14 -6.15 101.54
CA GLY K 459 -22.92 -6.89 102.77
C GLY K 459 -24.08 -6.91 103.74
N ASP K 460 -25.30 -6.69 103.25
CA ASP K 460 -26.51 -6.71 104.09
C ASP K 460 -27.47 -7.77 103.57
N ASP K 461 -27.80 -8.74 104.43
CA ASP K 461 -28.84 -9.71 104.15
C ASP K 461 -30.15 -9.36 104.82
N ARG K 462 -30.21 -8.24 105.54
CA ARG K 462 -31.41 -7.81 106.24
C ARG K 462 -32.18 -6.74 105.48
N THR K 463 -31.86 -6.54 104.19
CA THR K 463 -32.56 -5.55 103.38
C THR K 463 -34.06 -5.72 103.48
N VAL K 464 -34.53 -6.97 103.45
CA VAL K 464 -35.89 -7.31 103.87
C VAL K 464 -35.92 -8.23 105.06
N GLY K 465 -34.79 -8.44 105.73
CA GLY K 465 -34.74 -9.26 106.93
C GLY K 465 -34.23 -10.67 106.64
N ILE K 466 -33.68 -11.29 107.68
CA ILE K 466 -33.21 -12.66 107.60
C ILE K 466 -34.42 -13.59 107.47
N GLY K 467 -34.27 -14.64 106.66
CA GLY K 467 -35.38 -15.48 106.30
C GLY K 467 -36.30 -14.87 105.27
N TYR K 468 -35.94 -13.71 104.72
CA TYR K 468 -36.73 -12.98 103.75
C TYR K 468 -35.85 -12.69 102.55
N ASP K 469 -36.30 -13.08 101.37
CA ASP K 469 -35.58 -12.78 100.15
C ASP K 469 -36.19 -11.57 99.46
N TYR K 470 -35.42 -10.96 98.56
CA TYR K 470 -35.86 -9.73 97.93
C TYR K 470 -35.30 -9.65 96.52
N THR K 471 -35.85 -8.74 95.73
CA THR K 471 -35.34 -8.41 94.41
C THR K 471 -35.56 -6.93 94.17
N ILE K 472 -34.47 -6.20 93.92
CA ILE K 472 -34.51 -4.74 93.77
C ILE K 472 -34.38 -4.41 92.30
N ALA K 473 -35.40 -3.74 91.75
CA ALA K 473 -35.38 -3.25 90.38
C ALA K 473 -35.62 -1.76 90.40
N ARG K 474 -34.82 -1.03 89.63
CA ARG K 474 -34.84 0.42 89.64
C ARG K 474 -35.38 0.97 88.33
N ILE K 475 -36.07 2.11 88.44
CA ILE K 475 -36.77 2.73 87.34
C ILE K 475 -36.39 4.21 87.32
N SER K 476 -36.61 4.84 86.17
CA SER K 476 -36.24 6.23 85.98
C SER K 476 -37.44 7.14 85.73
N ASP K 477 -38.64 6.67 86.05
CA ASP K 477 -39.84 7.48 85.84
C ASP K 477 -39.89 8.61 86.86
N LEU K 478 -40.70 9.62 86.54
CA LEU K 478 -40.84 10.79 87.39
C LEU K 478 -42.06 10.75 88.28
N ARG K 479 -42.83 9.67 88.26
CA ARG K 479 -43.90 9.47 89.23
C ARG K 479 -43.37 8.69 90.42
N MET K 480 -42.12 8.23 90.34
CA MET K 480 -41.57 7.31 91.32
C MET K 480 -40.53 8.03 92.14
N LYS K 481 -40.61 9.35 92.17
CA LYS K 481 -39.64 10.18 92.87
C LYS K 481 -39.79 9.93 94.37
N ASP K 482 -38.79 9.27 94.95
CA ASP K 482 -38.73 9.00 96.38
C ASP K 482 -39.93 8.19 96.87
N LYS K 483 -40.40 7.23 96.07
CA LYS K 483 -41.41 6.28 96.50
C LYS K 483 -40.90 4.86 96.28
N ILE K 484 -41.30 3.96 97.17
CA ILE K 484 -40.96 2.55 97.07
C ILE K 484 -42.24 1.75 97.10
N VAL K 485 -42.49 0.97 96.06
CA VAL K 485 -43.69 0.15 95.94
C VAL K 485 -43.31 -1.29 96.26
N MET K 486 -44.13 -1.95 97.06
CA MET K 486 -43.83 -3.27 97.58
C MET K 486 -45.03 -4.18 97.39
N THR K 487 -44.75 -5.46 97.07
CA THR K 487 -45.79 -6.46 96.98
C THR K 487 -45.13 -7.84 96.96
N PHE K 488 -45.96 -8.86 96.95
CA PHE K 488 -45.49 -10.24 97.02
C PHE K 488 -45.59 -10.90 95.64
N ILE K 489 -44.49 -11.54 95.21
CA ILE K 489 -44.42 -12.17 93.91
C ILE K 489 -43.82 -13.56 94.07
N LEU K 490 -44.02 -14.39 93.05
CA LEU K 490 -43.45 -15.72 93.01
C LEU K 490 -42.63 -15.92 91.74
N PRO K 491 -41.30 -15.91 91.83
CA PRO K 491 -40.45 -16.01 90.63
C PRO K 491 -40.19 -17.42 90.13
N ASN K 492 -40.97 -18.42 90.54
CA ASN K 492 -40.70 -19.81 90.18
C ASN K 492 -41.55 -20.24 88.99
N GLU K 493 -42.67 -19.55 88.75
CA GLU K 493 -43.69 -20.00 87.81
C GLU K 493 -43.70 -19.10 86.59
N SER K 494 -44.27 -19.61 85.50
CA SER K 494 -44.45 -18.84 84.29
C SER K 494 -45.91 -18.82 83.83
N GLU K 495 -46.76 -19.57 84.52
CA GLU K 495 -48.11 -19.53 83.99
C GLU K 495 -49.05 -18.82 84.97
N PRO K 496 -49.91 -17.94 84.47
CA PRO K 496 -50.78 -17.13 85.34
C PRO K 496 -51.36 -17.90 86.50
N HIS K 497 -51.01 -17.47 87.72
CA HIS K 497 -51.42 -18.15 88.93
C HIS K 497 -52.03 -17.11 89.87
N PRO K 498 -53.08 -17.47 90.60
CA PRO K 498 -53.76 -16.44 91.42
C PRO K 498 -52.88 -15.82 92.48
N LEU K 499 -51.80 -16.48 92.89
CA LEU K 499 -50.90 -15.88 93.86
C LEU K 499 -49.95 -14.87 93.24
N GLN K 500 -49.91 -14.77 91.92
CA GLN K 500 -49.06 -13.78 91.27
C GLN K 500 -49.68 -12.40 91.40
N HIS K 501 -48.82 -11.38 91.51
CA HIS K 501 -49.33 -10.02 91.59
C HIS K 501 -50.03 -9.61 90.30
N GLY K 502 -49.45 -9.98 89.16
CA GLY K 502 -50.05 -9.65 87.88
C GLY K 502 -49.30 -10.35 86.76
N VAL K 503 -50.00 -10.53 85.65
CA VAL K 503 -49.44 -11.21 84.49
C VAL K 503 -49.65 -10.36 83.25
N LEU K 504 -48.63 -10.32 82.40
CA LEU K 504 -48.69 -9.57 81.15
C LEU K 504 -49.00 -10.54 80.00
N GLY K 505 -50.22 -10.46 79.47
CA GLY K 505 -50.55 -11.25 78.29
C GLY K 505 -49.96 -10.60 77.06
N PHE K 506 -48.89 -11.19 76.55
CA PHE K 506 -48.11 -10.60 75.47
C PHE K 506 -48.08 -11.53 74.27
N ILE K 507 -48.27 -10.97 73.09
CA ILE K 507 -48.32 -11.72 71.84
C ILE K 507 -47.34 -11.07 70.86
N PRO K 508 -46.78 -11.81 69.91
CA PRO K 508 -46.00 -11.16 68.84
C PRO K 508 -46.87 -10.24 68.00
N GLU K 509 -46.22 -9.25 67.38
CA GLU K 509 -46.89 -8.33 66.47
C GLU K 509 -46.04 -8.13 65.23
N TYR K 510 -46.68 -8.02 64.08
CA TYR K 510 -45.99 -7.93 62.81
C TYR K 510 -46.33 -6.63 62.07
N LEU K 511 -45.29 -6.03 61.49
CA LEU K 511 -45.43 -4.75 60.82
C LEU K 511 -45.87 -4.92 59.37
N VAL K 512 -46.35 -3.84 58.77
CA VAL K 512 -46.82 -3.84 57.39
C VAL K 512 -46.34 -2.56 56.71
N ASP K 513 -45.98 -2.68 55.43
CA ASP K 513 -45.29 -1.62 54.67
C ASP K 513 -45.90 -1.53 53.27
N PHE K 514 -46.48 -0.37 52.94
CA PHE K 514 -47.19 -0.19 51.69
C PHE K 514 -47.57 1.28 51.50
N ASN K 515 -47.74 1.67 50.23
CA ASN K 515 -48.21 3.00 49.89
C ASN K 515 -49.68 3.16 50.24
N MET K 516 -50.07 4.37 50.62
CA MET K 516 -51.47 4.72 50.84
C MET K 516 -51.75 6.06 50.18
N ILE K 517 -52.89 6.16 49.49
CA ILE K 517 -53.28 7.38 48.80
C ILE K 517 -54.02 8.26 49.80
N ARG K 518 -53.27 9.02 50.58
CA ARG K 518 -53.81 9.74 51.72
C ARG K 518 -54.06 11.20 51.36
N ASN K 519 -55.34 11.53 51.16
CA ASN K 519 -55.77 12.91 50.89
C ASN K 519 -54.91 13.54 49.80
N GLN K 520 -54.92 12.94 48.61
CA GLN K 520 -54.16 13.36 47.44
C GLN K 520 -52.66 13.27 47.67
N ARG K 521 -52.22 12.34 48.51
CA ARG K 521 -50.83 11.94 48.70
C ARG K 521 -50.60 10.45 48.50
N ILE K 522 -49.64 10.15 47.64
CA ILE K 522 -48.91 8.90 47.73
C ILE K 522 -47.90 9.04 48.88
N GLY K 523 -48.13 8.27 49.94
CA GLY K 523 -47.22 8.25 51.07
C GLY K 523 -46.96 6.83 51.49
N ARG K 524 -45.73 6.58 51.93
CA ARG K 524 -45.34 5.25 52.36
C ARG K 524 -45.40 5.18 53.89
N GLU K 525 -45.97 4.10 54.41
CA GLU K 525 -46.20 3.96 55.83
C GLU K 525 -45.66 2.62 56.33
N ILE K 526 -45.26 2.60 57.60
CA ILE K 526 -44.87 1.39 58.29
C ILE K 526 -45.64 1.34 59.61
N ARG K 527 -46.47 0.32 59.78
CA ARG K 527 -47.37 0.26 60.92
C ARG K 527 -46.96 -0.86 61.87
N LEU K 528 -46.94 -0.53 63.16
CA LEU K 528 -46.93 -1.52 64.23
C LEU K 528 -48.27 -1.43 64.93
N THR K 529 -48.97 -2.56 65.04
CA THR K 529 -50.26 -2.59 65.71
C THR K 529 -50.14 -3.40 66.98
N PRO K 530 -49.48 -2.90 68.02
CA PRO K 530 -49.26 -3.72 69.21
C PRO K 530 -50.55 -4.02 69.94
N ARG K 531 -50.59 -5.16 70.62
CA ARG K 531 -51.74 -5.56 71.41
C ARG K 531 -51.26 -6.19 72.71
N TYR K 532 -51.50 -5.50 73.83
CA TYR K 532 -51.09 -5.97 75.14
C TYR K 532 -51.89 -5.23 76.19
N ARG K 533 -51.90 -5.79 77.40
CA ARG K 533 -52.60 -5.17 78.52
C ARG K 533 -52.10 -5.79 79.80
N TYR K 534 -52.01 -4.98 80.85
CA TYR K 534 -51.47 -5.42 82.13
C TYR K 534 -52.61 -5.74 83.07
N PHE K 535 -52.55 -6.91 83.70
CA PHE K 535 -53.61 -7.39 84.59
C PHE K 535 -53.12 -7.40 86.03
N ASN K 536 -54.07 -7.50 86.95
CA ASN K 536 -53.78 -7.48 88.38
C ASN K 536 -54.58 -8.57 89.08
N PHE K 537 -53.91 -9.35 89.94
CA PHE K 537 -54.64 -10.32 90.75
C PHE K 537 -54.57 -10.01 92.24
N LEU K 538 -53.37 -9.95 92.78
CA LEU K 538 -53.21 -9.94 94.22
C LEU K 538 -53.46 -8.53 94.78
N PRO K 539 -54.43 -8.36 95.67
CA PRO K 539 -54.64 -7.03 96.27
C PRO K 539 -53.86 -6.84 97.57
N ILE K 540 -52.56 -7.08 97.54
CA ILE K 540 -51.67 -6.80 98.66
C ILE K 540 -50.51 -5.97 98.16
N MET K 541 -50.38 -4.75 98.68
CA MET K 541 -49.30 -3.88 98.25
C MET K 541 -49.05 -2.82 99.31
N LEU K 542 -47.77 -2.46 99.48
CA LEU K 542 -47.32 -1.52 100.50
C LEU K 542 -46.49 -0.43 99.86
N VAL K 543 -46.69 0.81 100.32
CA VAL K 543 -46.03 1.98 99.74
C VAL K 543 -45.34 2.74 100.86
N ILE K 544 -44.07 3.09 100.64
CA ILE K 544 -43.27 3.84 101.59
C ILE K 544 -42.63 5.01 100.85
N ASN K 545 -42.72 6.20 101.44
CA ASN K 545 -42.12 7.41 100.87
C ASN K 545 -40.98 7.90 101.75
N VAL K 546 -39.87 8.28 101.12
CA VAL K 546 -38.74 8.87 101.82
C VAL K 546 -38.75 10.36 101.53
N ILE K 547 -38.65 11.18 102.58
CA ILE K 547 -38.82 12.61 102.46
C ILE K 547 -37.64 13.33 103.11
N ASN K 548 -37.15 14.35 102.42
CA ASN K 548 -36.15 15.26 102.95
C ASN K 548 -34.81 14.57 103.17
N LEU K 549 -34.47 13.64 102.28
CA LEU K 549 -33.20 12.94 102.41
C LEU K 549 -32.03 13.86 102.09
N GLU K 550 -32.26 14.90 101.29
CA GLU K 550 -31.17 15.74 100.84
C GLU K 550 -30.61 16.60 101.97
N GLU K 551 -31.43 17.53 102.49
CA GLU K 551 -30.92 18.46 103.50
C GLU K 551 -30.47 17.74 104.76
N ALA K 552 -31.00 16.54 105.00
CA ALA K 552 -30.53 15.76 106.14
C ALA K 552 -29.04 15.51 106.05
N ILE K 553 -28.54 15.16 104.86
CA ILE K 553 -27.11 15.16 104.67
C ILE K 553 -26.56 16.58 104.65
N ALA K 554 -27.24 17.49 103.95
CA ALA K 554 -26.75 18.86 103.79
C ALA K 554 -26.68 19.63 105.10
N GLN K 555 -27.78 19.70 105.84
CA GLN K 555 -27.79 20.39 107.11
C GLN K 555 -27.19 19.51 108.19
N ARG K 556 -26.90 20.11 109.33
CA ARG K 556 -26.34 19.36 110.45
C ARG K 556 -27.44 18.54 111.10
N THR K 557 -27.41 17.23 110.87
CA THR K 557 -28.23 16.29 111.62
C THR K 557 -27.37 15.60 112.67
N ALA K 558 -27.39 16.15 113.87
CA ALA K 558 -26.62 15.58 114.95
C ALA K 558 -27.58 14.92 115.93
N LEU K 559 -27.03 14.44 117.05
CA LEU K 559 -27.81 13.71 118.05
C LEU K 559 -29.09 14.47 118.41
N ASP K 560 -30.24 13.88 118.11
CA ASP K 560 -31.54 14.48 118.40
C ASP K 560 -31.75 14.36 119.90
N VAL K 561 -30.80 14.89 120.67
CA VAL K 561 -30.78 14.68 122.11
C VAL K 561 -32.05 15.25 122.70
N ASN K 562 -32.91 14.37 123.18
CA ASN K 562 -34.14 14.83 123.81
C ASN K 562 -33.93 15.09 125.30
N GLU K 563 -33.45 16.29 125.61
CA GLU K 563 -33.42 16.83 126.97
C GLU K 563 -34.69 16.44 127.71
N THR K 564 -34.59 16.02 128.96
CA THR K 564 -35.77 15.60 129.69
C THR K 564 -35.84 16.26 131.06
N GLN K 565 -36.39 17.47 131.10
CA GLN K 565 -37.21 17.98 132.20
C GLN K 565 -36.77 17.49 133.58
N VAL K 566 -35.54 17.82 133.94
CA VAL K 566 -35.00 17.48 135.25
C VAL K 566 -34.44 18.76 135.85
N THR K 567 -34.76 19.89 135.24
CA THR K 567 -34.72 21.18 135.90
C THR K 567 -36.15 21.64 136.08
N PRO K 568 -36.52 22.10 137.29
CA PRO K 568 -37.95 22.10 137.66
C PRO K 568 -38.84 22.85 136.69
N ALA K 569 -39.59 22.09 135.90
CA ALA K 569 -40.72 22.58 135.13
C ALA K 569 -41.77 21.47 135.07
N SER K 570 -41.51 20.39 135.81
CA SER K 570 -42.38 19.22 135.82
C SER K 570 -41.96 18.27 136.93
N HIS L 1 128.67 32.88 87.26
CA HIS L 1 127.62 33.46 86.43
C HIS L 1 128.10 33.67 85.00
N GLU L 2 127.15 33.75 84.08
CA GLU L 2 127.50 33.79 82.66
C GLU L 2 128.16 35.10 82.28
N PHE L 3 127.72 36.22 82.87
CA PHE L 3 128.12 37.52 82.36
C PHE L 3 129.62 37.74 82.53
N ALA L 4 130.14 37.44 83.72
CA ALA L 4 131.57 37.66 83.96
C ALA L 4 132.44 36.74 83.12
N GLU L 5 132.09 35.46 83.02
CA GLU L 5 132.90 34.52 82.24
C GLU L 5 132.82 34.81 80.75
N LEU L 6 131.68 35.31 80.28
CA LEU L 6 131.53 35.53 78.85
C LEU L 6 132.52 36.55 78.33
N PHE L 7 132.76 37.61 79.11
CA PHE L 7 133.69 38.66 78.69
C PHE L 7 135.11 38.43 79.20
N TYR L 8 135.27 37.91 80.41
CA TYR L 8 136.58 37.75 81.03
C TYR L 8 136.74 36.28 81.39
N ARG L 9 137.66 35.60 80.70
CA ARG L 9 137.82 34.17 80.89
C ARG L 9 138.68 33.88 82.11
N THR L 10 138.24 32.92 82.91
CA THR L 10 138.95 32.53 84.13
C THR L 10 140.28 31.90 83.77
N TYR L 11 141.36 32.35 84.44
CA TYR L 11 142.68 31.80 84.25
C TYR L 11 143.35 31.71 85.62
N ILE L 12 143.49 30.49 86.13
CA ILE L 12 143.97 30.28 87.50
C ILE L 12 145.46 30.02 87.47
N VAL L 13 146.18 30.63 88.40
CA VAL L 13 147.61 30.40 88.57
C VAL L 13 147.84 29.85 89.98
N THR L 14 148.91 29.09 90.13
CA THR L 14 149.26 28.56 91.44
C THR L 14 149.58 29.71 92.39
N PRO L 15 149.27 29.57 93.68
CA PRO L 15 149.47 30.68 94.62
C PRO L 15 150.92 31.03 94.87
N ASP L 16 151.87 30.29 94.31
CA ASP L 16 153.28 30.52 94.52
C ASP L 16 153.86 31.55 93.55
N GLN L 17 153.04 32.08 92.65
CA GLN L 17 153.49 33.06 91.67
C GLN L 17 153.07 34.46 92.09
N ALA L 18 153.44 35.44 91.27
CA ALA L 18 153.01 36.82 91.43
C ALA L 18 152.27 37.37 90.23
N GLY L 19 152.16 36.60 89.15
CA GLY L 19 151.50 37.07 87.95
C GLY L 19 151.98 36.29 86.76
N PHE L 20 151.68 36.82 85.56
CA PHE L 20 152.20 36.19 84.36
C PHE L 20 152.67 37.27 83.39
N GLN L 21 153.85 37.03 82.82
CA GLN L 21 154.49 37.92 81.88
C GLN L 21 154.40 37.31 80.49
N LEU L 22 154.01 38.13 79.51
CA LEU L 22 153.67 37.62 78.18
C LEU L 22 154.59 38.24 77.14
N SER L 23 155.17 37.38 76.30
CA SER L 23 156.05 37.81 75.23
C SER L 23 155.37 37.57 73.89
N ILE L 24 155.34 38.59 73.05
CA ILE L 24 154.73 38.51 71.73
C ILE L 24 155.84 38.57 70.67
N ARG L 25 155.64 37.84 69.59
CA ARG L 25 156.53 37.90 68.44
C ARG L 25 155.85 38.72 67.34
N ARG L 26 156.60 39.61 66.71
CA ARG L 26 156.07 40.48 65.67
C ARG L 26 156.94 40.35 64.42
N ASN L 27 156.32 40.50 63.25
CA ASN L 27 157.03 40.44 61.97
C ASN L 27 157.06 41.83 61.36
N LEU L 28 158.23 42.27 60.93
CA LEU L 28 158.44 43.67 60.61
C LEU L 28 159.06 43.84 59.24
N VAL L 29 158.66 44.90 58.54
CA VAL L 29 159.25 45.31 57.28
C VAL L 29 159.64 46.78 57.38
N TRP L 30 160.86 47.10 56.97
CA TRP L 30 161.36 48.46 57.12
C TRP L 30 162.46 48.70 56.11
N GLU L 31 162.50 49.93 55.60
CA GLU L 31 163.20 50.27 54.37
C GLU L 31 164.58 50.84 54.71
N GLY L 32 165.61 50.18 54.20
CA GLY L 32 166.99 50.65 54.26
C GLY L 32 167.56 50.84 55.65
N TRP L 33 168.86 51.05 55.74
CA TRP L 33 169.50 51.24 57.04
C TRP L 33 169.49 52.69 57.46
N THR L 34 170.16 52.98 58.58
CA THR L 34 170.28 54.33 59.10
C THR L 34 171.74 54.76 59.11
N GLY L 35 172.61 53.83 59.47
CA GLY L 35 174.00 54.11 59.78
C GLY L 35 174.18 54.46 61.24
N GLU L 36 175.20 53.83 61.84
CA GLU L 36 175.52 54.05 63.25
C GLU L 36 176.96 54.54 63.40
N GLY L 37 177.12 55.65 64.10
CA GLY L 37 178.42 56.13 64.53
C GLY L 37 178.29 56.64 65.95
N LEU L 38 178.74 57.88 66.17
CA LEU L 38 178.53 58.52 67.45
C LEU L 38 177.05 58.88 67.57
N SER L 39 176.21 57.87 67.77
CA SER L 39 174.77 58.05 67.72
C SER L 39 174.12 56.97 68.57
N GLY L 40 172.87 57.22 68.95
CA GLY L 40 172.14 56.34 69.84
C GLY L 40 171.37 55.24 69.12
N GLU L 41 170.68 54.43 69.92
CA GLU L 41 169.73 53.43 69.45
C GLU L 41 170.35 52.34 68.60
N LYS L 42 169.51 51.48 68.02
CA LYS L 42 169.92 50.23 67.37
C LYS L 42 169.48 50.19 65.90
N GLN L 43 169.67 51.30 65.17
CA GLN L 43 169.19 51.44 63.80
C GLN L 43 167.67 51.28 63.72
N GLU L 44 166.92 52.20 64.33
CA GLU L 44 165.46 52.18 64.24
C GLU L 44 164.97 53.49 63.65
N ILE L 45 164.12 53.37 62.63
CA ILE L 45 163.49 54.52 62.00
C ILE L 45 161.97 54.38 62.01
N SER L 46 161.48 53.33 61.36
CA SER L 46 160.05 53.16 61.11
C SER L 46 159.74 51.68 61.00
N LYS L 47 159.06 51.13 62.00
CA LYS L 47 158.69 49.73 62.04
C LYS L 47 157.19 49.60 61.90
N ARG L 48 156.77 48.81 60.92
CA ARG L 48 155.39 48.72 60.51
C ARG L 48 155.02 47.27 60.24
N ASN L 49 153.86 46.85 60.72
CA ASN L 49 153.50 45.45 60.68
C ASN L 49 153.20 45.02 59.25
N ILE L 50 153.65 43.82 58.90
CA ILE L 50 153.40 43.30 57.56
C ILE L 50 151.90 43.12 57.35
N LEU L 51 151.15 42.90 58.43
CA LEU L 51 149.69 42.83 58.32
C LEU L 51 149.09 44.18 57.99
N GLN L 52 149.67 45.27 58.50
CA GLN L 52 149.22 46.59 58.07
C GLN L 52 149.48 46.79 56.58
N GLY L 53 150.40 46.02 56.00
CA GLY L 53 150.55 45.99 54.56
C GLY L 53 149.36 45.40 53.84
N LEU L 54 148.57 44.57 54.54
CA LEU L 54 147.35 44.06 53.92
C LEU L 54 146.36 45.17 53.62
N LEU L 55 146.25 46.14 54.51
CA LEU L 55 145.29 47.22 54.34
C LEU L 55 145.83 48.39 53.54
N ASP L 56 147.14 48.52 53.44
CA ASP L 56 147.75 49.64 52.72
C ASP L 56 148.33 49.17 51.39
N TYR L 57 148.68 50.15 50.56
CA TYR L 57 149.18 49.86 49.23
C TYR L 57 150.38 50.74 48.91
N THR L 58 151.01 51.28 49.94
CA THR L 58 152.17 52.14 49.75
C THR L 58 153.32 51.67 50.63
N THR L 59 153.13 50.52 51.27
CA THR L 59 154.14 49.95 52.15
C THR L 59 155.07 48.99 51.44
N LEU L 60 154.69 48.47 50.26
CA LEU L 60 155.51 47.53 49.53
C LEU L 60 155.66 47.94 48.07
N GLU L 61 155.77 49.23 47.82
CA GLU L 61 155.95 49.74 46.46
C GLU L 61 157.39 50.20 46.27
N THR L 62 158.01 49.74 45.19
CA THR L 62 159.45 49.84 45.02
C THR L 62 159.75 50.48 43.68
N ASN L 63 160.75 51.35 43.68
CA ASN L 63 161.26 51.94 42.46
C ASN L 63 162.78 51.97 42.56
N SER L 64 163.42 50.88 42.15
CA SER L 64 164.85 50.75 42.35
C SER L 64 165.58 50.36 41.08
N THR L 65 164.85 50.14 39.99
CA THR L 65 165.45 49.61 38.79
C THR L 65 165.17 50.43 37.53
N GLU L 66 164.17 51.29 37.53
CA GLU L 66 163.80 51.96 36.29
C GLU L 66 164.76 53.11 35.99
N LEU L 67 165.26 53.14 34.76
CA LEU L 67 166.21 54.15 34.33
C LEU L 67 165.43 55.41 33.94
N ILE L 68 165.05 56.20 34.93
CA ILE L 68 164.39 57.47 34.71
C ILE L 68 165.50 58.54 34.60
N PRO L 69 165.53 59.31 33.53
CA PRO L 69 166.63 60.27 33.33
C PRO L 69 166.77 61.27 34.45
N VAL L 70 168.02 61.57 34.81
CA VAL L 70 168.35 62.57 35.82
C VAL L 70 168.91 63.80 35.13
N ILE L 71 168.67 64.97 35.71
CA ILE L 71 169.22 66.21 35.18
C ILE L 71 170.61 66.43 35.75
N GLN L 72 171.54 66.85 34.90
CA GLN L 72 172.91 67.12 35.29
C GLN L 72 173.43 68.29 34.46
N SER L 73 173.22 69.51 34.96
CA SER L 73 173.56 70.70 34.18
C SER L 73 175.04 70.71 33.85
N GLY L 74 175.37 70.98 32.59
CA GLY L 74 176.75 71.06 32.15
C GLY L 74 177.27 69.87 31.38
N GLU L 75 176.62 68.72 31.48
CA GLU L 75 177.01 67.55 30.68
C GLU L 75 175.98 67.19 29.62
N ASN L 76 174.69 67.37 29.91
CA ASN L 76 173.65 66.75 29.09
C ASN L 76 172.47 67.69 28.85
N ASP L 77 172.71 69.00 28.88
CA ASP L 77 171.62 69.94 28.68
C ASP L 77 171.01 69.80 27.29
N GLU L 78 171.79 69.30 26.32
CA GLU L 78 171.31 69.20 24.96
C GLU L 78 170.31 68.06 24.75
N GLN L 79 170.49 66.92 25.41
CA GLN L 79 169.59 65.79 25.21
C GLN L 79 168.17 66.10 25.62
N PHE L 80 167.97 66.99 26.59
CA PHE L 80 166.63 67.38 26.99
C PHE L 80 166.19 68.59 26.17
N ILE L 81 164.97 69.05 26.42
CA ILE L 81 164.40 70.15 25.66
C ILE L 81 164.66 71.44 26.41
N ASP L 82 164.49 72.57 25.74
CA ASP L 82 164.63 73.86 26.40
C ASP L 82 163.59 73.98 27.50
N PRO L 83 164.02 74.12 28.76
CA PRO L 83 163.06 74.16 29.87
C PRO L 83 162.19 75.41 29.89
N SER L 84 162.32 76.29 28.92
CA SER L 84 161.41 77.42 28.77
C SER L 84 160.05 76.98 28.24
N VAL L 85 159.93 75.74 27.80
CA VAL L 85 158.65 75.18 27.37
C VAL L 85 157.97 74.55 28.58
N LEU L 86 158.72 73.73 29.32
CA LEU L 86 158.21 73.07 30.50
C LEU L 86 159.32 72.93 31.53
N PRO L 87 159.19 73.58 32.70
CA PRO L 87 160.23 73.47 33.72
C PRO L 87 160.43 72.03 34.17
N ALA L 88 161.57 71.81 34.82
CA ALA L 88 161.93 70.47 35.27
C ALA L 88 160.91 69.95 36.28
N GLN L 89 160.61 68.66 36.16
CA GLN L 89 159.64 68.00 37.02
C GLN L 89 160.38 67.17 38.06
N THR L 90 160.18 67.52 39.32
CA THR L 90 160.81 66.78 40.41
C THR L 90 160.10 65.44 40.58
N VAL L 91 160.86 64.41 40.95
CA VAL L 91 160.33 63.09 41.19
C VAL L 91 161.20 62.38 42.21
N LYS L 92 160.57 61.57 43.06
CA LYS L 92 161.27 60.85 44.10
C LYS L 92 161.36 59.38 43.73
N GLN L 93 162.58 58.87 43.60
CA GLN L 93 162.83 57.46 43.35
C GLN L 93 163.76 56.97 44.45
N GLY L 94 163.32 55.93 45.16
CA GLY L 94 164.07 55.50 46.33
C GLY L 94 164.12 56.61 47.35
N LYS L 95 165.32 56.86 47.88
CA LYS L 95 165.54 57.97 48.80
C LYS L 95 166.29 59.12 48.15
N ASP L 96 166.12 59.30 46.85
CA ASP L 96 166.83 60.33 46.10
C ASP L 96 165.83 61.30 45.49
N THR L 97 166.20 62.56 45.41
CA THR L 97 165.36 63.58 44.80
C THR L 97 166.14 64.26 43.68
N PHE L 98 165.48 64.49 42.54
CA PHE L 98 166.13 65.05 41.37
C PHE L 98 165.06 65.48 40.36
N ASP L 99 165.53 65.97 39.22
CA ASP L 99 164.64 66.54 38.21
C ASP L 99 164.77 65.79 36.89
N THR L 100 163.65 65.67 36.17
CA THR L 100 163.62 64.95 34.91
C THR L 100 162.71 65.68 33.93
N ASN L 101 162.92 65.40 32.64
CA ASN L 101 162.18 66.05 31.57
C ASN L 101 162.19 65.15 30.34
N PHE L 102 161.28 65.43 29.41
CA PHE L 102 161.16 64.62 28.21
C PHE L 102 162.39 64.76 27.32
N LEU L 103 162.75 63.67 26.65
CA LEU L 103 163.94 63.67 25.81
C LEU L 103 163.61 64.16 24.40
N LYS L 104 164.53 64.93 23.83
CA LYS L 104 164.32 65.56 22.53
C LYS L 104 164.23 64.53 21.41
N PHE L 105 163.33 64.79 20.47
CA PHE L 105 163.30 64.03 19.23
C PHE L 105 164.55 64.34 18.42
N SER L 106 165.38 63.32 18.22
CA SER L 106 166.62 63.51 17.47
C SER L 106 166.38 63.22 15.99
N GLU L 107 166.35 64.28 15.19
CA GLU L 107 166.21 64.09 13.75
C GLU L 107 167.44 64.50 12.97
N ASN L 108 168.53 64.91 13.61
CA ASN L 108 169.72 65.33 12.90
C ASN L 108 171.01 64.68 13.40
N GLY L 109 171.14 64.43 14.70
CA GLY L 109 172.44 64.11 15.25
C GLY L 109 172.64 62.63 15.51
N GLU L 110 173.50 62.36 16.49
CA GLU L 110 173.99 61.03 16.78
C GLU L 110 173.13 60.29 17.81
N GLY L 111 172.04 60.89 18.24
CA GLY L 111 171.17 60.23 19.20
C GLY L 111 171.66 60.35 20.62
N PHE L 112 171.08 59.53 21.49
CA PHE L 112 171.28 59.60 22.92
C PHE L 112 171.75 58.26 23.46
N ASN L 113 172.41 58.29 24.61
CA ASN L 113 172.76 57.07 25.34
C ASN L 113 171.95 57.06 26.63
N LEU L 114 171.01 56.13 26.73
CA LEU L 114 170.16 56.05 27.91
C LEU L 114 170.96 55.69 29.15
N LEU L 115 171.84 54.69 29.03
CA LEU L 115 172.49 54.13 30.21
C LEU L 115 173.43 55.12 30.87
N MET L 116 174.15 55.91 30.08
CA MET L 116 174.98 56.99 30.62
C MET L 116 174.13 58.10 31.21
N LEU L 117 172.87 58.19 30.79
CA LEU L 117 172.03 59.34 31.13
C LEU L 117 171.17 59.01 32.34
N ALA L 118 171.44 57.87 32.98
CA ALA L 118 170.59 57.42 34.07
C ALA L 118 171.37 57.24 35.37
N GLN L 119 172.21 58.21 35.71
CA GLN L 119 173.04 58.15 36.91
C GLN L 119 172.28 58.82 38.06
N THR L 120 171.44 58.04 38.73
CA THR L 120 170.81 58.49 39.96
C THR L 120 171.87 58.71 41.03
N PRO L 121 171.62 59.61 41.98
CA PRO L 121 172.68 59.94 42.96
C PRO L 121 173.25 58.74 43.69
N SER L 122 172.45 57.73 44.01
CA SER L 122 172.98 56.53 44.64
C SER L 122 174.00 55.84 43.72
N ARG L 123 173.68 55.75 42.43
CA ARG L 123 174.62 55.13 41.50
C ARG L 123 175.90 55.96 41.38
N LEU L 124 175.85 57.26 41.68
CA LEU L 124 177.08 58.03 41.74
C LEU L 124 177.99 57.52 42.84
N LYS L 125 177.45 57.22 44.01
CA LYS L 125 178.29 56.63 45.06
C LYS L 125 178.74 55.23 44.69
N LYS L 126 177.89 54.46 44.02
CA LYS L 126 178.27 53.09 43.70
C LYS L 126 179.26 53.01 42.54
N GLY L 127 179.60 54.13 41.91
CA GLY L 127 180.54 54.13 40.81
C GLY L 127 179.86 54.17 39.46
N SER L 128 180.68 54.31 38.42
CA SER L 128 180.19 54.45 37.06
C SER L 128 179.54 53.16 36.58
N MET L 129 178.87 53.22 35.43
CA MET L 129 178.13 52.07 34.91
C MET L 129 179.08 50.96 34.52
N THR L 130 178.71 49.72 34.83
CA THR L 130 179.58 48.57 34.67
C THR L 130 179.32 47.81 33.37
N PHE L 131 179.95 46.65 33.23
CA PHE L 131 179.75 45.77 32.09
C PHE L 131 178.70 44.71 32.34
N THR L 132 178.16 44.63 33.56
CA THR L 132 177.14 43.66 33.89
C THR L 132 175.75 44.25 34.00
N ASP L 133 175.62 45.57 34.00
CA ASP L 133 174.31 46.21 33.94
C ASP L 133 173.77 46.07 32.53
N SER L 134 172.60 45.45 32.39
CA SER L 134 172.05 45.16 31.08
C SER L 134 170.67 45.77 30.96
N LEU L 135 170.44 46.45 29.83
CA LEU L 135 169.12 46.95 29.51
C LEU L 135 168.18 45.78 29.23
N ASP L 136 167.24 45.56 30.15
CA ASP L 136 166.37 44.40 30.04
C ASP L 136 165.44 44.54 28.84
N SER L 137 164.87 43.41 28.43
CA SER L 137 163.87 43.38 27.38
C SER L 137 162.61 44.11 27.85
N ARG L 138 161.65 44.25 26.94
CA ARG L 138 160.39 44.94 27.20
C ARG L 138 160.65 46.38 27.64
N ILE L 139 161.16 47.20 26.73
CA ILE L 139 161.21 48.65 26.90
C ILE L 139 160.25 49.26 25.89
N ALA L 140 159.66 50.40 26.24
CA ALA L 140 158.62 50.99 25.40
C ALA L 140 158.45 52.46 25.73
N LEU L 141 157.74 53.16 24.85
CA LEU L 141 157.35 54.53 25.11
C LEU L 141 156.35 54.59 26.25
N LYS L 142 156.37 55.69 27.00
CA LYS L 142 155.44 55.82 28.10
C LYS L 142 154.59 57.09 28.01
N GLN L 143 155.17 58.22 27.60
CA GLN L 143 154.38 59.40 27.29
C GLN L 143 154.91 60.09 26.04
N LEU L 144 154.01 60.77 25.33
CA LEU L 144 154.35 61.62 24.20
C LEU L 144 153.87 63.03 24.49
N LEU L 145 154.73 64.01 24.24
CA LEU L 145 154.41 65.41 24.49
C LEU L 145 154.30 66.14 23.15
N ILE L 146 153.10 66.62 22.83
CA ILE L 146 152.85 67.31 21.57
C ILE L 146 152.35 68.70 21.87
N SER L 147 152.52 69.60 20.91
CA SER L 147 152.20 71.01 21.06
C SER L 147 151.09 71.41 20.11
N VAL L 148 150.06 72.04 20.65
CA VAL L 148 149.00 72.66 19.87
C VAL L 148 149.31 74.15 19.76
N THR L 149 149.39 74.65 18.53
CA THR L 149 149.81 76.02 18.28
C THR L 149 148.81 76.70 17.36
N LYS L 150 148.29 77.85 17.80
CA LYS L 150 147.41 78.67 16.98
C LYS L 150 147.73 80.13 17.27
N GLY L 151 148.43 80.78 16.35
CA GLY L 151 148.79 82.17 16.53
C GLY L 151 149.96 82.44 17.44
N GLY L 152 150.75 81.43 17.76
CA GLY L 152 151.91 81.59 18.62
C GLY L 152 151.73 81.11 20.04
N THR L 153 150.49 80.91 20.48
CA THR L 153 150.23 80.39 21.82
C THR L 153 150.49 78.89 21.85
N THR L 154 151.20 78.45 22.89
CA THR L 154 151.59 77.05 23.03
C THR L 154 150.90 76.43 24.23
N GLU L 155 150.15 75.37 23.99
CA GLU L 155 149.58 74.53 25.04
C GLU L 155 150.10 73.12 24.86
N LEU L 156 150.39 72.44 25.96
CA LEU L 156 151.04 71.14 25.93
C LEU L 156 150.10 70.08 26.45
N PHE L 157 150.12 68.91 25.82
CA PHE L 157 149.26 67.79 26.16
C PHE L 157 150.13 66.57 26.44
N ALA L 158 149.92 65.94 27.60
CA ALA L 158 150.65 64.73 27.96
C ALA L 158 149.82 63.52 27.57
N LEU L 159 149.97 63.06 26.34
CA LEU L 159 149.26 61.88 25.85
C LEU L 159 149.93 60.63 26.39
N ASP L 160 149.17 59.80 27.09
CA ASP L 160 149.68 58.51 27.53
C ASP L 160 149.73 57.55 26.34
N VAL L 161 150.88 56.95 26.12
CA VAL L 161 151.06 56.05 24.99
C VAL L 161 151.37 54.65 25.50
N ASN L 162 151.71 54.54 26.78
CA ASN L 162 151.97 53.26 27.40
C ASN L 162 150.69 52.44 27.36
N ARG L 163 150.84 51.11 27.32
CA ARG L 163 149.70 50.20 27.23
C ARG L 163 148.85 50.46 25.99
N ASP L 164 149.50 50.84 24.89
CA ASP L 164 148.85 50.84 23.60
C ASP L 164 148.74 49.40 23.08
N GLN L 165 147.97 49.19 22.01
CA GLN L 165 148.02 47.91 21.32
C GLN L 165 149.41 47.59 20.81
N TYR L 166 150.14 48.58 20.32
CA TYR L 166 151.49 48.34 19.82
C TYR L 166 152.33 49.60 19.98
N ALA L 167 153.11 49.65 21.07
CA ALA L 167 153.98 50.76 21.37
C ALA L 167 155.27 50.26 21.99
N ALA L 168 155.44 48.95 22.04
CA ALA L 168 156.58 48.32 22.68
C ALA L 168 157.61 47.92 21.63
N TYR L 169 158.88 48.12 21.96
CA TYR L 169 159.98 47.71 21.08
C TYR L 169 159.90 46.20 20.86
N THR L 170 160.11 45.77 19.62
CA THR L 170 160.02 44.37 19.25
C THR L 170 161.34 43.87 18.69
N ALA L 171 161.58 42.57 18.82
CA ALA L 171 162.84 41.99 18.38
C ALA L 171 162.98 42.04 16.87
N THR L 172 164.21 42.24 16.41
CA THR L 172 164.49 42.31 14.98
C THR L 172 165.89 41.75 14.75
N ARG L 173 165.97 40.66 13.98
CA ARG L 173 167.25 40.07 13.59
C ARG L 173 167.52 40.42 12.13
N GLU L 174 168.08 41.60 11.89
CA GLU L 174 168.42 41.98 10.53
C GLU L 174 169.82 42.58 10.45
N TYR L 175 170.26 43.24 11.53
CA TYR L 175 171.60 43.80 11.53
C TYR L 175 172.47 43.21 12.63
N ASN L 176 172.00 43.26 13.86
CA ASN L 176 172.83 42.88 14.98
C ASN L 176 172.14 41.83 15.84
N PHE L 177 172.94 41.15 16.65
CA PHE L 177 172.46 40.08 17.50
C PHE L 177 171.58 40.59 18.64
N ARG L 178 171.72 41.87 19.00
CA ARG L 178 171.08 42.41 20.19
C ARG L 178 170.47 43.78 19.92
N LEU L 179 169.73 43.93 18.83
CA LEU L 179 169.12 45.20 18.45
C LEU L 179 167.65 45.20 18.85
N MET L 180 167.10 46.38 19.08
CA MET L 180 165.68 46.57 19.40
C MET L 180 165.12 47.65 18.49
N GLN L 181 164.03 47.33 17.79
CA GLN L 181 163.45 48.25 16.82
C GLN L 181 162.02 48.60 17.18
N LEU L 182 161.58 49.77 16.73
CA LEU L 182 160.21 50.25 16.93
C LEU L 182 159.69 50.81 15.63
N LYS L 183 158.57 50.26 15.15
CA LYS L 183 157.86 50.78 13.98
C LYS L 183 156.47 51.16 14.47
N PHE L 184 156.36 52.38 14.98
CA PHE L 184 155.15 52.85 15.65
C PHE L 184 154.27 53.57 14.64
N HIS L 185 153.18 52.92 14.24
CA HIS L 185 152.21 53.48 13.30
C HIS L 185 150.84 53.36 13.93
N THR L 186 150.19 54.49 14.18
CA THR L 186 148.84 54.48 14.71
C THR L 186 148.22 55.86 14.58
N SER L 187 146.92 55.92 14.83
CA SER L 187 146.18 57.17 14.85
C SER L 187 145.87 57.54 16.30
N LEU L 188 146.59 58.52 16.82
CA LEU L 188 146.46 58.92 18.21
C LEU L 188 145.26 59.84 18.37
N GLY L 189 144.41 59.51 19.35
CA GLY L 189 143.16 60.23 19.56
C GLY L 189 143.22 61.17 20.74
N LEU L 190 142.96 62.45 20.46
CA LEU L 190 142.90 63.49 21.47
C LEU L 190 141.43 63.81 21.71
N GLY L 191 140.94 63.46 22.89
CA GLY L 191 139.52 63.53 23.17
C GLY L 191 139.02 64.94 23.44
N GLU L 192 137.69 65.04 23.49
CA GLU L 192 137.00 66.28 23.83
C GLU L 192 136.74 66.42 25.32
N GLU L 193 137.14 65.43 26.11
CA GLU L 193 136.98 65.46 27.56
C GLU L 193 138.33 65.53 28.25
N SER L 194 139.41 65.34 27.52
CA SER L 194 140.75 65.37 28.07
C SER L 194 141.11 66.77 28.58
N THR L 195 142.29 66.85 29.18
CA THR L 195 142.81 68.09 29.74
C THR L 195 144.29 68.26 29.40
N THR L 196 144.76 69.50 29.46
CA THR L 196 146.17 69.77 29.24
C THR L 196 146.99 69.35 30.45
N VAL L 197 148.30 69.44 30.31
CA VAL L 197 149.23 69.08 31.38
C VAL L 197 149.23 70.19 32.42
N ALA L 198 148.66 71.34 32.07
CA ALA L 198 148.56 72.47 32.97
C ALA L 198 147.20 72.55 33.66
N GLY L 199 146.35 71.54 33.47
CA GLY L 199 145.06 71.50 34.10
C GLY L 199 143.96 72.16 33.29
N ALA L 200 142.73 71.65 33.41
CA ALA L 200 141.55 72.18 32.74
C ALA L 200 141.63 72.00 31.22
N GLU L 201 140.50 72.15 30.54
CA GLU L 201 140.44 71.97 29.10
C GLU L 201 141.19 73.08 28.37
N SER L 202 141.63 72.81 27.15
CA SER L 202 142.38 73.79 26.37
C SER L 202 141.44 74.78 25.70
N ALA L 203 141.83 76.06 25.73
CA ALA L 203 141.01 77.09 25.10
C ALA L 203 141.19 77.11 23.59
N LEU L 204 142.27 76.51 23.08
CA LEU L 204 142.54 76.54 21.64
C LEU L 204 141.59 75.66 20.84
N LEU L 205 140.79 74.82 21.50
CA LEU L 205 139.83 73.96 20.81
C LEU L 205 138.46 73.98 21.45
N LYS L 206 138.11 75.06 22.17
CA LYS L 206 136.82 75.11 22.85
C LYS L 206 135.67 75.06 21.85
N ASP L 207 135.81 75.74 20.71
CA ASP L 207 134.78 75.70 19.69
C ASP L 207 134.53 74.27 19.22
N LEU L 208 135.61 73.52 18.98
CA LEU L 208 135.47 72.13 18.59
C LEU L 208 134.83 71.30 19.70
N PHE L 209 135.27 71.51 20.93
CA PHE L 209 134.80 70.69 22.05
C PHE L 209 133.32 70.91 22.33
N ASP L 210 132.85 72.16 22.27
CA ASP L 210 131.43 72.43 22.50
C ASP L 210 130.56 71.74 21.47
N LEU L 211 130.99 71.69 20.22
CA LEU L 211 130.26 70.99 19.17
C LEU L 211 130.24 69.48 19.37
N GLY L 212 130.93 68.97 20.39
CA GLY L 212 130.95 67.54 20.64
C GLY L 212 131.72 66.73 19.63
N TYR L 213 132.77 67.29 19.05
CA TYR L 213 133.59 66.59 18.07
C TYR L 213 134.98 66.31 18.64
N ARG L 214 135.53 65.15 18.31
CA ARG L 214 136.86 64.75 18.71
C ARG L 214 137.71 64.51 17.47
N ILE L 215 139.00 64.77 17.59
CA ILE L 215 139.93 64.70 16.47
C ILE L 215 140.71 63.40 16.53
N GLU L 216 141.24 62.99 15.37
CA GLU L 216 142.16 61.88 15.28
C GLU L 216 143.41 62.36 14.55
N LEU L 217 144.57 62.20 15.20
CA LEU L 217 145.84 62.59 14.62
C LEU L 217 146.59 61.35 14.17
N ASP L 218 147.12 61.37 12.96
CA ASP L 218 147.98 60.30 12.50
C ASP L 218 149.44 60.53 12.90
N VAL L 219 149.89 59.77 13.89
CA VAL L 219 151.24 59.91 14.43
C VAL L 219 152.12 58.88 13.77
N LYS L 220 153.35 59.28 13.44
CA LYS L 220 154.27 58.48 12.63
C LYS L 220 155.66 58.65 13.21
N VAL L 221 156.08 57.69 14.04
CA VAL L 221 157.35 57.77 14.76
C VAL L 221 158.04 56.42 14.69
N ASP L 222 159.34 56.43 14.42
CA ASP L 222 160.16 55.23 14.41
C ASP L 222 161.38 55.43 15.32
N GLY L 223 162.00 54.32 15.70
CA GLY L 223 163.17 54.39 16.56
C GLY L 223 163.92 53.09 16.59
N GLU L 224 165.20 53.19 16.94
CA GLU L 224 166.09 52.04 17.07
C GLU L 224 166.78 52.10 18.42
N MET L 225 166.80 50.97 19.11
CA MET L 225 167.41 50.89 20.43
C MET L 225 168.28 49.64 20.49
N ASN L 226 169.39 49.72 21.23
CA ASN L 226 170.29 48.59 21.40
C ASN L 226 170.42 48.31 22.88
N VAL L 227 169.97 47.13 23.31
CA VAL L 227 170.10 46.78 24.72
C VAL L 227 171.43 46.08 24.96
N GLU L 228 172.51 46.83 24.91
CA GLU L 228 173.74 46.42 25.59
C GLU L 228 174.49 47.59 26.19
N ASN L 229 174.35 48.80 25.65
CA ASN L 229 175.15 49.92 26.08
C ASN L 229 174.35 51.22 26.04
N GLY L 230 173.07 51.12 25.74
CA GLY L 230 172.19 52.28 25.74
C GLY L 230 172.32 53.19 24.55
N ASN L 231 173.11 52.83 23.54
CA ASN L 231 173.21 53.65 22.35
C ASN L 231 171.96 53.48 21.47
N GLY L 232 171.38 54.59 21.04
CA GLY L 232 170.20 54.53 20.19
C GLY L 232 169.63 55.90 19.96
N ASP L 233 168.60 55.95 19.10
CA ASP L 233 167.92 57.20 18.82
C ASP L 233 166.50 56.91 18.35
N THR L 234 165.67 57.96 18.37
CA THR L 234 164.28 57.88 17.95
C THR L 234 163.99 59.09 17.08
N SER L 235 163.19 58.90 16.04
CA SER L 235 162.90 59.95 15.08
C SER L 235 161.39 60.10 14.90
N LEU L 236 160.94 61.33 14.74
CA LEU L 236 159.58 61.61 14.34
C LEU L 236 159.52 61.61 12.82
N ARG L 237 158.57 60.87 12.26
CA ARG L 237 158.51 60.73 10.81
C ARG L 237 157.37 61.51 10.18
N ALA L 238 156.22 61.60 10.86
CA ALA L 238 155.11 62.43 10.39
C ALA L 238 154.12 62.65 11.53
N LEU L 239 153.41 63.78 11.46
CA LEU L 239 152.38 64.12 12.46
C LEU L 239 151.42 65.09 11.81
N ARG L 240 150.12 64.77 11.83
CA ARG L 240 149.14 65.55 11.08
C ARG L 240 147.74 65.31 11.62
N LEU L 241 146.82 66.23 11.32
CA LEU L 241 145.42 66.06 11.67
C LEU L 241 144.69 65.32 10.56
N ALA L 242 144.09 64.18 10.88
CA ALA L 242 143.56 63.30 9.85
C ALA L 242 142.04 63.18 9.85
N ARG L 243 141.44 62.70 10.94
CA ARG L 243 139.99 62.51 10.95
C ARG L 243 139.38 63.24 12.13
N VAL L 244 138.10 63.58 11.98
CA VAL L 244 137.30 64.21 13.03
C VAL L 244 136.04 63.39 13.23
N PHE L 245 135.86 62.85 14.43
CA PHE L 245 134.71 62.04 14.77
C PHE L 245 133.64 62.88 15.44
N ASP L 246 132.50 62.24 15.71
CA ASP L 246 131.38 62.85 16.42
C ASP L 246 130.90 61.90 17.52
N LYS L 247 130.09 62.44 18.43
CA LYS L 247 129.50 61.62 19.49
C LYS L 247 128.63 60.51 18.94
N GLU L 248 128.01 60.70 17.77
CA GLU L 248 127.24 59.63 17.15
C GLU L 248 128.16 58.51 16.68
N GLY L 249 129.40 58.83 16.32
CA GLY L 249 130.33 57.83 15.84
C GLY L 249 130.41 57.74 14.33
N LYS L 250 130.19 58.86 13.65
CA LYS L 250 130.32 58.91 12.21
C LYS L 250 131.24 60.06 11.81
N GLU L 251 132.13 59.76 10.88
CA GLU L 251 133.09 60.76 10.40
C GLU L 251 132.33 61.91 9.73
N ILE L 252 132.81 63.12 9.95
CA ILE L 252 132.23 64.31 9.35
C ILE L 252 133.28 64.96 8.47
N ALA L 253 132.85 65.53 7.35
CA ALA L 253 133.76 66.07 6.35
C ALA L 253 134.68 67.12 6.92
N LEU L 254 135.96 67.06 6.54
CA LEU L 254 136.95 68.05 6.94
C LEU L 254 136.69 69.42 6.36
N THR L 255 136.08 69.49 5.17
CA THR L 255 135.78 70.75 4.50
C THR L 255 134.49 71.38 5.01
N ASP L 256 133.79 70.72 5.92
CA ASP L 256 132.57 71.27 6.48
C ASP L 256 132.87 72.57 7.22
N SER L 257 131.92 73.50 7.18
CA SER L 257 132.17 74.84 7.72
C SER L 257 132.54 74.79 9.20
N ARG L 258 131.80 74.01 10.00
CA ARG L 258 132.06 73.95 11.42
C ARG L 258 133.46 73.39 11.69
N VAL L 259 133.77 72.24 11.10
CA VAL L 259 135.05 71.59 11.36
C VAL L 259 136.20 72.41 10.78
N SER L 260 136.02 72.95 9.57
CA SER L 260 137.08 73.77 8.98
C SER L 260 137.36 75.01 9.81
N ALA L 261 136.31 75.67 10.29
CA ALA L 261 136.50 76.84 11.15
C ALA L 261 137.18 76.45 12.45
N ALA L 262 136.78 75.32 13.05
CA ALA L 262 137.40 74.87 14.29
C ALA L 262 138.85 74.48 14.10
N LEU L 263 139.23 74.01 12.92
CA LEU L 263 140.60 73.59 12.65
C LEU L 263 141.39 74.60 11.83
N SER L 264 140.80 75.73 11.48
CA SER L 264 141.53 76.74 10.74
C SER L 264 142.65 77.33 11.60
N GLY L 265 143.84 77.43 11.04
CA GLY L 265 144.99 77.95 11.76
C GLY L 265 145.56 77.02 12.80
N LEU L 266 145.28 75.72 12.73
CA LEU L 266 145.72 74.77 13.74
C LEU L 266 146.92 73.97 13.22
N THR L 267 148.00 73.98 13.99
CA THR L 267 149.18 73.19 13.68
C THR L 267 149.66 72.46 14.94
N VAL L 268 150.03 71.20 14.79
CA VAL L 268 150.54 70.39 15.88
C VAL L 268 152.00 70.06 15.58
N THR L 269 152.84 70.12 16.61
CA THR L 269 154.26 69.88 16.47
C THR L 269 154.74 68.90 17.54
N GLY L 270 155.63 68.00 17.14
CA GLY L 270 156.23 67.08 18.09
C GLY L 270 157.33 67.75 18.88
N VAL L 271 157.40 67.41 20.17
CA VAL L 271 158.34 68.02 21.10
C VAL L 271 159.23 66.99 21.76
N GLY L 272 158.65 66.09 22.54
CA GLY L 272 159.47 65.17 23.32
C GLY L 272 158.72 63.90 23.63
N TYR L 273 159.41 63.03 24.37
CA TYR L 273 158.88 61.72 24.74
C TYR L 273 159.60 61.23 25.98
N SER L 274 159.04 60.20 26.60
CA SER L 274 159.64 59.60 27.78
C SER L 274 159.75 58.09 27.62
N LEU L 275 160.87 57.55 28.07
CA LEU L 275 161.14 56.12 28.00
C LEU L 275 161.20 55.53 29.41
N GLU L 276 160.62 54.35 29.56
CA GLU L 276 160.74 53.56 30.77
C GLU L 276 161.57 52.33 30.44
N ALA L 277 162.55 52.03 31.29
CA ALA L 277 163.42 50.89 31.05
C ALA L 277 163.69 50.18 32.36
N ARG L 278 163.80 48.86 32.28
CA ARG L 278 164.12 48.03 33.43
C ARG L 278 165.57 47.59 33.32
N LEU L 279 166.28 47.66 34.44
CA LEU L 279 167.66 47.24 34.48
C LEU L 279 167.77 45.84 35.04
N THR L 280 167.85 44.84 34.18
CA THR L 280 167.95 43.45 34.61
C THR L 280 169.28 43.28 35.32
N ASN L 281 169.22 43.14 36.64
CA ASN L 281 170.41 43.15 37.47
C ASN L 281 170.97 41.72 37.58
N ILE L 282 172.17 41.53 37.04
CA ILE L 282 172.87 40.27 37.22
C ILE L 282 173.89 40.39 38.34
N ASN L 283 174.54 41.57 38.44
CA ASN L 283 175.50 41.78 39.51
C ASN L 283 174.82 42.10 40.83
N GLN L 284 173.61 42.67 40.76
CA GLN L 284 172.79 43.04 41.92
C GLN L 284 173.37 44.26 42.63
N LEU L 285 172.62 45.36 42.65
CA LEU L 285 173.03 46.59 43.31
C LEU L 285 171.85 47.20 44.06
N GLU L 286 170.99 46.36 44.65
CA GLU L 286 169.76 46.82 45.27
C GLU L 286 169.69 46.33 46.70
N MET L 287 169.40 47.24 47.63
CA MET L 287 169.25 46.86 49.03
C MET L 287 167.91 46.18 49.26
N GLY L 288 166.87 46.59 48.53
CA GLY L 288 165.55 46.01 48.68
C GLY L 288 164.88 46.33 49.99
N LEU L 289 163.94 45.50 50.42
CA LEU L 289 163.18 45.74 51.64
C LEU L 289 163.46 44.64 52.65
N LEU L 290 163.99 45.02 53.80
CA LEU L 290 164.44 44.07 54.80
C LEU L 290 163.26 43.51 55.58
N ILE L 291 163.51 42.46 56.36
CA ILE L 291 162.52 41.83 57.22
C ILE L 291 163.18 41.58 58.56
N ASP L 292 162.46 41.86 59.64
CA ASP L 292 163.01 41.80 60.99
C ASP L 292 161.91 41.42 61.96
N SER L 293 162.31 41.09 63.19
CA SER L 293 161.38 40.79 64.27
C SER L 293 161.91 41.37 65.58
N ASP L 294 160.99 41.85 66.41
CA ASP L 294 161.33 42.19 67.78
C ASP L 294 160.18 41.76 68.69
N VAL L 295 160.53 41.43 69.92
CA VAL L 295 159.59 40.84 70.86
C VAL L 295 159.22 41.90 71.89
N GLN L 296 157.95 41.95 72.27
CA GLN L 296 157.47 42.86 73.30
C GLN L 296 157.07 42.06 74.53
N LYS L 297 157.51 42.52 75.69
CA LYS L 297 157.21 41.86 76.96
C LYS L 297 156.25 42.73 77.77
N GLN L 298 155.26 42.09 78.38
CA GLN L 298 154.25 42.79 79.17
C GLN L 298 154.20 42.19 80.57
N GLY L 299 154.02 43.03 81.57
CA GLY L 299 153.94 42.61 82.96
C GLY L 299 152.50 42.63 83.45
N PHE L 300 152.14 41.60 84.22
CA PHE L 300 150.84 41.50 84.85
C PHE L 300 151.03 41.04 86.29
N MET L 301 150.46 41.78 87.24
CA MET L 301 150.61 41.50 88.66
C MET L 301 149.25 41.40 89.33
N ILE L 302 149.12 40.50 90.29
CA ILE L 302 147.85 40.24 90.96
C ILE L 302 147.90 40.74 92.40
N PRO L 303 147.03 41.65 92.81
CA PRO L 303 147.06 42.14 94.19
C PRO L 303 146.11 41.39 95.11
N THR L 304 146.18 41.70 96.41
CA THR L 304 145.23 41.15 97.36
C THR L 304 144.14 42.19 97.66
N LEU L 305 143.04 41.73 98.26
CA LEU L 305 141.87 42.57 98.43
C LEU L 305 141.42 42.53 99.88
N PRO L 306 140.74 43.59 100.34
CA PRO L 306 140.25 43.63 101.72
C PRO L 306 139.29 42.48 102.00
N PRO L 307 139.51 41.75 103.10
CA PRO L 307 138.71 40.54 103.35
C PRO L 307 137.42 40.82 104.12
N LEU L 308 136.64 39.75 104.31
CA LEU L 308 135.39 39.79 105.06
C LEU L 308 135.48 38.82 106.23
N VAL L 309 134.97 39.22 107.39
CA VAL L 309 135.25 38.53 108.65
C VAL L 309 133.96 38.17 109.34
N ILE L 310 134.02 37.22 110.28
CA ILE L 310 132.91 36.82 111.12
C ILE L 310 133.34 36.91 112.57
N VAL L 311 132.41 37.23 113.46
CA VAL L 311 132.62 37.15 114.90
C VAL L 311 131.58 36.19 115.45
N LYS L 312 131.93 35.50 116.55
CA LYS L 312 131.02 34.55 117.14
C LYS L 312 131.50 34.17 118.54
N PRO L 313 130.62 34.17 119.54
CA PRO L 313 131.03 33.72 120.87
C PRO L 313 131.53 32.29 120.83
N ALA L 314 132.52 32.00 121.68
CA ALA L 314 133.37 30.83 121.50
C ALA L 314 133.04 29.74 122.52
N MET L 315 131.87 29.85 123.13
CA MET L 315 131.41 28.78 124.02
C MET L 315 130.21 28.04 123.42
N VAL L 316 129.52 28.64 122.46
CA VAL L 316 128.31 28.08 121.88
C VAL L 316 128.34 28.31 120.38
N GLU L 317 128.08 27.26 119.61
CA GLU L 317 127.99 27.40 118.16
C GLU L 317 126.62 27.93 117.75
N ASP L 318 126.58 28.63 116.62
CA ASP L 318 125.37 29.25 116.12
C ASP L 318 125.14 28.79 114.68
N ASP L 319 123.88 28.48 114.34
CA ASP L 319 123.52 28.08 112.99
C ASP L 319 122.37 28.90 112.42
N LYS L 320 121.79 29.79 113.22
CA LYS L 320 120.72 30.66 112.73
C LYS L 320 121.20 32.10 112.66
N THR L 321 121.69 32.62 113.80
CA THR L 321 122.25 33.97 113.81
C THR L 321 123.40 34.08 112.83
N TYR L 322 124.17 33.01 112.68
CA TYR L 322 125.13 32.87 111.61
C TYR L 322 125.08 31.46 111.06
N PRO L 323 124.77 31.30 109.79
CA PRO L 323 124.70 29.95 109.21
C PRO L 323 126.08 29.38 109.00
N ARG L 324 126.18 28.22 108.37
CA ARG L 324 127.49 27.70 108.00
C ARG L 324 128.20 28.66 107.06
N LEU L 325 129.44 28.34 106.71
CA LEU L 325 130.35 29.27 106.04
C LEU L 325 129.81 29.80 104.72
N GLU L 326 128.78 29.14 104.17
CA GLU L 326 128.26 29.52 102.85
C GLU L 326 127.87 30.99 102.77
N ALA L 327 127.66 31.64 103.92
CA ALA L 327 127.45 33.09 103.88
C ALA L 327 128.65 33.79 103.27
N LEU L 328 129.85 33.47 103.73
CA LEU L 328 131.05 34.08 103.17
C LEU L 328 131.23 33.69 101.72
N THR L 329 130.98 32.42 101.39
CA THR L 329 131.15 31.99 100.00
C THR L 329 130.24 32.79 99.08
N THR L 330 128.98 32.97 99.46
CA THR L 330 128.06 33.70 98.61
C THR L 330 128.41 35.18 98.55
N ALA L 331 128.75 35.79 99.68
CA ALA L 331 129.10 37.19 99.68
C ALA L 331 130.33 37.44 98.81
N TYR L 332 131.35 36.61 98.96
CA TYR L 332 132.55 36.73 98.15
C TYR L 332 132.25 36.52 96.67
N ARG L 333 131.42 35.53 96.35
CA ARG L 333 131.09 35.26 94.95
C ARG L 333 130.38 36.46 94.33
N ILE L 334 129.42 37.04 95.04
CA ILE L 334 128.74 38.22 94.53
C ILE L 334 129.74 39.35 94.33
N GLN L 335 130.51 39.66 95.38
CA GLN L 335 131.41 40.80 95.35
C GLN L 335 132.39 40.71 94.19
N GLN L 336 132.86 39.51 93.90
CA GLN L 336 133.74 39.36 92.75
C GLN L 336 132.96 39.39 91.44
N MET L 337 132.05 38.45 91.27
CA MET L 337 131.49 38.11 89.97
C MET L 337 130.55 39.18 89.43
N ARG L 338 130.11 40.13 90.27
CA ARG L 338 129.27 41.18 89.70
C ARG L 338 129.99 42.50 89.64
N ASN L 339 130.38 43.00 90.81
CA ASN L 339 130.69 44.43 90.92
C ASN L 339 132.04 44.74 90.30
N ASN L 340 133.05 43.93 90.59
CA ASN L 340 134.36 44.22 90.04
C ASN L 340 134.37 44.07 88.52
N ALA L 341 133.72 43.03 88.00
CA ALA L 341 133.68 42.83 86.55
C ALA L 341 132.96 43.99 85.87
N VAL L 342 131.79 44.37 86.38
CA VAL L 342 131.05 45.46 85.77
C VAL L 342 131.85 46.76 85.85
N THR L 343 132.48 47.00 86.99
CA THR L 343 133.26 48.23 87.16
C THR L 343 134.42 48.27 86.18
N THR L 344 135.12 47.14 86.00
CA THR L 344 136.22 47.10 85.06
C THR L 344 135.73 47.35 83.64
N LEU L 345 134.60 46.75 83.26
CA LEU L 345 134.08 46.96 81.93
C LEU L 345 133.72 48.43 81.69
N LEU L 346 133.06 49.07 82.65
CA LEU L 346 132.68 50.46 82.47
C LEU L 346 133.89 51.38 82.47
N ASN L 347 134.89 51.10 83.31
CA ASN L 347 136.11 51.90 83.28
C ASN L 347 136.81 51.76 81.95
N ARG L 348 136.86 50.54 81.41
CA ARG L 348 137.42 50.35 80.07
C ARG L 348 136.66 51.19 79.05
N ALA L 349 135.33 51.22 79.16
CA ALA L 349 134.54 52.04 78.25
C ALA L 349 134.94 53.50 78.33
N ASP L 350 135.00 54.04 79.55
CA ASP L 350 135.31 55.46 79.70
C ASP L 350 136.73 55.78 79.22
N THR L 351 137.69 54.91 79.54
CA THR L 351 139.07 55.16 79.12
C THR L 351 139.19 55.12 77.59
N LEU L 352 138.55 54.14 76.95
CA LEU L 352 138.59 54.12 75.49
C LEU L 352 137.95 55.36 74.91
N LYS L 353 136.82 55.78 75.47
CA LYS L 353 136.22 57.05 75.04
C LYS L 353 137.22 58.19 75.12
N SER L 354 137.86 58.36 76.28
CA SER L 354 138.72 59.50 76.49
C SER L 354 139.94 59.46 75.57
N TYR L 355 140.56 58.29 75.43
CA TYR L 355 141.82 58.22 74.71
C TYR L 355 141.62 58.08 73.22
N LEU L 356 140.93 57.02 72.79
CA LEU L 356 140.93 56.64 71.39
C LEU L 356 140.00 57.48 70.54
N GLY L 357 139.12 58.27 71.15
CA GLY L 357 138.22 59.12 70.39
C GLY L 357 136.95 58.41 69.94
N VAL L 358 136.10 59.12 69.19
CA VAL L 358 134.80 58.63 68.77
C VAL L 358 134.87 58.30 67.29
N GLY L 359 134.93 57.02 66.96
CA GLY L 359 134.82 56.58 65.58
C GLY L 359 135.97 56.98 64.68
N VAL L 360 137.20 56.92 65.18
CA VAL L 360 138.37 57.21 64.36
C VAL L 360 139.35 56.05 64.44
N PRO L 361 139.69 55.42 63.32
CA PRO L 361 140.66 54.32 63.36
C PRO L 361 142.08 54.83 63.57
N HIS L 362 142.95 53.91 63.99
CA HIS L 362 144.32 54.26 64.29
C HIS L 362 145.27 53.19 63.77
N PRO L 363 146.49 53.58 63.39
CA PRO L 363 147.48 52.58 62.98
C PRO L 363 148.00 51.80 64.17
N ILE L 364 148.47 50.59 63.89
CA ILE L 364 149.00 49.70 64.91
C ILE L 364 150.28 50.31 65.46
N GLU L 365 150.62 49.96 66.71
CA GLU L 365 151.87 50.36 67.35
C GLU L 365 151.89 51.84 67.70
N SER L 366 150.75 52.51 67.56
CA SER L 366 150.69 53.94 67.83
C SER L 366 149.81 54.21 69.05
N ASN L 367 149.25 53.14 69.60
CA ASN L 367 148.47 53.20 70.83
C ASN L 367 149.37 52.84 72.01
N LEU L 368 149.31 53.64 73.07
CA LEU L 368 150.13 53.37 74.23
C LEU L 368 149.35 53.55 75.52
N GLY L 369 148.15 54.08 75.42
CA GLY L 369 147.37 54.35 76.61
C GLY L 369 146.52 53.18 77.05
N LEU L 370 146.62 52.06 76.36
CA LEU L 370 145.82 50.89 76.66
C LEU L 370 146.73 49.68 76.83
N GLU L 371 146.53 48.94 77.92
CA GLU L 371 147.27 47.71 78.10
C GLU L 371 146.75 46.64 77.15
N GLY L 372 147.35 45.47 77.22
CA GLY L 372 146.94 44.35 76.41
C GLY L 372 147.79 44.20 75.17
N VAL L 373 148.09 42.94 74.86
CA VAL L 373 148.99 42.60 73.77
C VAL L 373 148.25 42.48 72.44
N GLY L 374 146.91 42.37 72.46
CA GLY L 374 146.17 42.27 71.22
C GLY L 374 146.36 43.44 70.29
N GLN L 375 146.81 44.57 70.81
CA GLN L 375 147.02 45.76 69.98
C GLN L 375 148.12 45.56 68.95
N TYR L 376 148.91 44.51 69.08
CA TYR L 376 149.95 44.20 68.09
C TYR L 376 149.39 43.47 66.89
N TYR L 377 148.10 43.15 66.87
CA TYR L 377 147.50 42.38 65.79
C TYR L 377 146.36 43.08 65.07
N VAL L 378 145.70 44.04 65.73
CA VAL L 378 144.52 44.69 65.16
C VAL L 378 144.63 46.19 65.41
N ARG L 379 144.20 46.97 64.43
CA ARG L 379 144.17 48.41 64.61
C ARG L 379 143.12 48.79 65.65
N PRO L 380 143.41 49.76 66.50
CA PRO L 380 142.42 50.19 67.48
C PRO L 380 141.23 50.86 66.81
N TYR L 381 140.07 50.78 67.45
CA TYR L 381 138.86 51.40 66.94
C TYR L 381 137.84 51.46 68.08
N TYR L 382 137.05 52.51 68.10
CA TYR L 382 136.01 52.68 69.11
C TYR L 382 134.90 53.58 68.59
N ASN L 383 133.66 53.21 68.87
CA ASN L 383 132.53 54.02 68.46
C ASN L 383 131.37 53.82 69.42
N GLU L 384 130.49 54.81 69.50
CA GLU L 384 129.31 54.77 70.35
C GLU L 384 128.14 55.30 69.54
N ALA L 385 126.94 54.80 69.82
CA ALA L 385 125.75 55.19 69.09
C ALA L 385 124.58 55.35 70.04
N THR L 386 123.75 56.36 69.79
CA THR L 386 122.58 56.64 70.58
C THR L 386 121.34 56.52 69.71
N ILE L 387 120.34 55.78 70.18
CA ILE L 387 119.09 55.60 69.45
C ILE L 387 117.97 56.25 70.25
N ASP L 388 117.51 57.40 69.79
CA ASP L 388 116.34 58.06 70.38
C ASP L 388 115.13 57.41 69.74
N VAL L 389 114.56 56.41 70.42
CA VAL L 389 113.48 55.63 69.84
C VAL L 389 112.30 56.54 69.49
N LEU L 390 112.12 57.62 70.25
CA LEU L 390 110.97 58.49 70.01
C LEU L 390 111.03 59.12 68.62
N ASN L 391 112.22 59.51 68.17
CA ASN L 391 112.34 60.21 66.89
C ASN L 391 112.92 59.36 65.77
N ASP L 392 113.09 58.05 65.96
CA ASP L 392 113.72 57.22 64.94
C ASP L 392 112.96 55.96 64.60
N LEU L 393 111.69 55.83 64.98
CA LEU L 393 110.94 54.61 64.75
C LEU L 393 109.89 54.84 63.68
N ASN L 394 110.08 54.24 62.51
CA ASN L 394 109.03 54.19 61.50
C ASN L 394 107.95 53.21 61.94
N ASN L 395 106.69 53.62 61.82
CA ASN L 395 105.59 52.85 62.37
C ASN L 395 104.27 53.25 61.75
N LEU L 396 103.43 52.26 61.45
CA LEU L 396 102.12 52.48 60.86
C LEU L 396 100.97 52.05 61.76
N THR L 397 101.04 50.83 62.30
CA THR L 397 99.95 50.29 63.09
C THR L 397 100.44 49.96 64.49
N SER L 398 99.56 50.12 65.48
CA SER L 398 99.91 49.75 66.84
C SER L 398 100.01 48.23 66.99
N ALA L 399 99.60 47.48 65.97
CA ALA L 399 99.79 46.05 65.96
C ALA L 399 101.20 45.65 65.54
N ALA L 400 102.05 46.62 65.25
CA ALA L 400 103.43 46.35 64.85
C ALA L 400 104.45 47.14 65.66
N LYS L 401 104.07 47.64 66.84
CA LYS L 401 105.02 48.33 67.70
C LYS L 401 106.24 47.47 67.97
N GLN L 402 106.01 46.23 68.42
CA GLN L 402 107.10 45.34 68.79
C GLN L 402 108.00 45.07 67.61
N THR L 403 107.42 44.71 66.47
CA THR L 403 108.21 44.39 65.30
C THR L 403 109.04 45.59 64.84
N ASP L 404 108.42 46.77 64.77
CA ASP L 404 109.15 47.94 64.30
C ASP L 404 110.31 48.29 65.23
N ILE L 405 110.07 48.32 66.54
CA ILE L 405 111.13 48.74 67.45
C ILE L 405 112.26 47.72 67.44
N GLN L 406 111.91 46.43 67.44
CA GLN L 406 112.94 45.40 67.45
C GLN L 406 113.75 45.45 66.16
N GLY L 407 113.08 45.68 65.03
CA GLY L 407 113.79 45.78 63.76
C GLY L 407 114.74 46.94 63.72
N LEU L 408 114.31 48.10 64.23
CA LEU L 408 115.23 49.23 64.33
C LEU L 408 116.48 48.86 65.11
N ILE L 409 116.29 48.29 66.30
CA ILE L 409 117.43 47.99 67.16
C ILE L 409 118.36 46.96 66.51
N VAL L 410 117.78 45.91 65.92
CA VAL L 410 118.61 44.84 65.37
C VAL L 410 119.37 45.34 64.16
N SER L 411 118.72 46.14 63.29
CA SER L 411 119.45 46.68 62.16
C SER L 411 120.62 47.54 62.62
N LYS L 412 120.39 48.39 63.62
CA LYS L 412 121.48 49.24 64.10
C LYS L 412 122.64 48.42 64.65
N ILE L 413 122.35 47.43 65.50
CA ILE L 413 123.44 46.68 66.11
C ILE L 413 124.21 45.87 65.07
N ASN L 414 123.50 45.25 64.12
CA ASN L 414 124.17 44.48 63.09
C ASN L 414 125.05 45.39 62.24
N GLU L 415 124.54 46.58 61.89
CA GLU L 415 125.33 47.53 61.14
C GLU L 415 126.58 47.96 61.91
N MET L 416 126.44 48.19 63.21
CA MET L 416 127.60 48.60 63.99
C MET L 416 128.68 47.52 63.97
N VAL L 417 128.27 46.27 64.12
CA VAL L 417 129.22 45.17 63.95
C VAL L 417 129.88 45.25 62.58
N TYR L 418 129.10 45.50 61.54
CA TYR L 418 129.66 45.48 60.20
C TYR L 418 130.69 46.60 60.00
N THR L 419 130.36 47.81 60.42
CA THR L 419 131.28 48.92 60.23
C THR L 419 132.54 48.74 61.08
N ALA L 420 132.42 48.04 62.21
CA ALA L 420 133.62 47.74 62.99
C ALA L 420 134.50 46.72 62.28
N ASP L 421 133.89 45.66 61.73
CA ASP L 421 134.68 44.55 61.19
C ASP L 421 135.55 44.99 60.03
N GLN L 422 135.02 45.85 59.15
CA GLN L 422 135.79 46.30 58.01
C GLN L 422 137.00 47.13 58.45
N LEU L 423 136.79 48.08 59.36
CA LEU L 423 137.86 49.01 59.72
C LEU L 423 138.91 48.36 60.62
N THR L 424 138.52 47.38 61.41
CA THR L 424 139.49 46.79 62.34
C THR L 424 140.31 45.67 61.71
N GLY L 425 139.91 45.17 60.54
CA GLY L 425 140.64 44.07 59.94
C GLY L 425 140.71 42.84 60.80
N TYR L 426 139.72 42.64 61.68
CA TYR L 426 139.83 41.60 62.70
C TYR L 426 139.81 40.20 62.08
N THR L 427 139.00 40.01 61.03
CA THR L 427 138.99 38.72 60.36
C THR L 427 140.34 38.41 59.73
N ALA L 428 141.05 39.43 59.26
CA ALA L 428 142.41 39.21 58.79
C ALA L 428 143.31 38.73 59.91
N ALA L 429 143.15 39.32 61.10
CA ALA L 429 143.93 38.86 62.24
C ALA L 429 143.63 37.41 62.57
N LEU L 430 142.37 37.00 62.49
CA LEU L 430 142.03 35.61 62.77
C LEU L 430 142.57 34.67 61.70
N GLU L 431 142.49 35.05 60.43
CA GLU L 431 143.02 34.17 59.39
C GLU L 431 144.53 34.03 59.50
N ALA L 432 145.21 35.10 59.93
CA ALA L 432 146.65 35.02 60.09
C ALA L 432 147.05 34.28 61.36
N ALA L 433 146.27 34.43 62.44
CA ALA L 433 146.67 33.86 63.72
C ALA L 433 146.45 32.36 63.77
N PHE L 434 145.37 31.88 63.18
CA PHE L 434 145.08 30.45 63.14
C PHE L 434 145.20 29.96 61.71
N SER L 435 146.13 29.02 61.50
CA SER L 435 146.36 28.45 60.18
C SER L 435 145.27 27.49 59.75
N GLY L 436 144.37 27.11 60.64
CA GLY L 436 143.33 26.16 60.31
C GLY L 436 142.10 26.85 59.77
N ARG L 437 140.92 26.32 60.08
CA ARG L 437 139.69 26.95 59.66
C ARG L 437 139.57 28.34 60.28
N SER L 438 139.19 29.30 59.43
CA SER L 438 139.14 30.70 59.84
C SER L 438 137.80 30.95 60.52
N PRO L 439 137.80 31.23 61.82
CA PRO L 439 136.55 31.38 62.54
C PRO L 439 135.78 32.62 62.12
N LYS L 440 134.50 32.46 61.86
CA LYS L 440 133.74 33.68 61.80
C LYS L 440 133.69 34.32 63.18
N PRO L 441 133.99 35.61 63.28
CA PRO L 441 134.11 36.23 64.60
C PRO L 441 132.84 36.13 65.42
N HIS L 442 132.97 35.96 66.73
CA HIS L 442 131.83 35.79 67.62
C HIS L 442 131.56 37.10 68.32
N VAL L 443 130.30 37.53 68.32
CA VAL L 443 129.87 38.76 68.97
C VAL L 443 129.31 38.42 70.34
N ALA L 444 129.85 39.05 71.38
CA ALA L 444 129.35 38.90 72.73
C ALA L 444 128.55 40.15 73.10
N ILE L 445 127.34 39.95 73.62
CA ILE L 445 126.44 41.05 73.93
C ILE L 445 126.10 40.99 75.41
N GLY L 446 126.24 42.12 76.10
CA GLY L 446 125.83 42.27 77.48
C GLY L 446 124.70 43.29 77.59
N THR L 447 123.83 43.07 78.56
CA THR L 447 122.66 43.92 78.75
C THR L 447 122.04 43.63 80.11
N ASP L 448 120.87 44.19 80.35
CA ASP L 448 120.14 44.07 81.61
C ASP L 448 118.82 43.34 81.38
N MET L 449 117.96 43.37 82.40
CA MET L 449 116.69 42.65 82.38
C MET L 449 115.69 43.18 81.35
N ARG L 450 115.93 44.37 80.80
CA ARG L 450 114.86 45.08 80.10
C ARG L 450 114.85 44.78 78.60
N LEU L 451 115.95 45.08 77.92
CA LEU L 451 116.01 45.03 76.46
C LEU L 451 115.94 43.66 75.80
N PRO L 452 116.43 42.56 76.41
CA PRO L 452 116.52 41.31 75.65
C PRO L 452 115.21 40.86 75.04
N GLN L 453 114.08 41.11 75.71
CA GLN L 453 112.80 40.78 75.11
C GLN L 453 112.55 41.57 73.83
N TYR L 454 113.24 42.68 73.63
CA TYR L 454 113.18 43.43 72.39
C TYR L 454 114.42 43.25 71.53
N ILE L 455 115.38 42.44 71.97
CA ILE L 455 116.51 42.07 71.14
C ILE L 455 116.28 40.71 70.48
N GLN L 456 116.14 39.68 71.29
CA GLN L 456 115.84 38.35 70.79
C GLN L 456 114.43 38.32 70.20
N ILE L 457 114.26 37.48 69.18
CA ILE L 457 113.05 37.54 68.36
C ILE L 457 111.82 37.14 69.18
N ASN L 458 110.65 37.37 68.57
CA ASN L 458 109.38 37.14 69.23
C ASN L 458 108.37 36.40 68.37
N GLY L 459 108.66 36.19 67.09
CA GLY L 459 107.76 35.45 66.23
C GLY L 459 107.73 35.92 64.78
N ASP L 460 108.35 37.07 64.51
CA ASP L 460 108.53 37.55 63.14
C ASP L 460 109.97 37.25 62.72
N ASP L 461 110.39 37.77 61.57
CA ASP L 461 111.67 37.41 60.98
C ASP L 461 112.57 38.64 60.88
N ARG L 462 113.59 38.70 61.74
CA ARG L 462 114.55 39.81 61.66
C ARG L 462 115.97 39.26 61.67
N THR L 463 116.18 38.16 62.40
CA THR L 463 117.42 37.38 62.33
C THR L 463 118.65 38.21 62.69
N VAL L 464 118.78 38.57 63.97
CA VAL L 464 119.90 39.37 64.46
C VAL L 464 121.23 38.79 64.01
N GLY L 465 122.15 39.68 63.64
CA GLY L 465 123.52 39.31 63.38
C GLY L 465 123.71 38.26 62.32
N ILE L 466 123.05 38.42 61.16
CA ILE L 466 123.25 37.49 60.05
C ILE L 466 124.74 37.44 59.72
N GLY L 467 125.23 36.23 59.43
CA GLY L 467 126.65 36.04 59.27
C GLY L 467 127.45 36.22 60.54
N TYR L 468 126.81 36.12 61.70
CA TYR L 468 127.52 36.16 62.97
C TYR L 468 126.78 35.32 64.00
N ASP L 469 127.56 34.59 64.79
CA ASP L 469 127.05 33.91 65.96
C ASP L 469 127.12 34.82 67.17
N TYR L 470 126.06 34.79 67.97
CA TYR L 470 125.85 35.83 68.97
C TYR L 470 125.43 35.18 70.28
N THR L 471 125.65 35.88 71.37
CA THR L 471 125.24 35.44 72.69
C THR L 471 124.76 36.64 73.48
N ILE L 472 123.64 36.47 74.16
CA ILE L 472 123.08 37.51 75.03
C ILE L 472 123.22 37.05 76.47
N ALA L 473 123.96 37.81 77.26
CA ALA L 473 124.10 37.54 78.68
C ALA L 473 123.42 38.66 79.46
N ARG L 474 122.49 38.28 80.32
CA ARG L 474 121.69 39.24 81.06
C ARG L 474 122.23 39.39 82.47
N ILE L 475 122.51 40.64 82.84
CA ILE L 475 123.08 40.95 84.15
C ILE L 475 122.11 41.89 84.87
N SER L 476 121.95 41.67 86.17
CA SER L 476 120.89 42.31 86.92
C SER L 476 121.25 43.71 87.44
N ASP L 477 122.49 44.14 87.29
CA ASP L 477 122.92 45.41 87.88
C ASP L 477 122.12 46.57 87.28
N LEU L 478 121.90 47.59 88.10
CA LEU L 478 121.16 48.77 87.70
C LEU L 478 122.04 49.83 87.04
N ARG L 479 123.36 49.65 87.08
CA ARG L 479 124.28 50.60 86.47
C ARG L 479 124.44 50.34 84.98
N MET L 480 123.81 49.30 84.46
CA MET L 480 123.72 49.06 83.03
C MET L 480 122.28 49.22 82.57
N LYS L 481 121.60 50.24 83.07
CA LYS L 481 120.19 50.47 82.75
C LYS L 481 120.10 50.96 81.31
N ASP L 482 119.40 50.20 80.47
CA ASP L 482 119.13 50.58 79.09
C ASP L 482 120.40 50.91 78.33
N LYS L 483 121.42 50.06 78.44
CA LYS L 483 122.62 50.20 77.63
C LYS L 483 123.00 48.84 77.09
N ILE L 484 123.65 48.81 75.94
CA ILE L 484 124.13 47.59 75.32
C ILE L 484 125.62 47.75 75.05
N VAL L 485 126.40 46.76 75.48
CA VAL L 485 127.84 46.74 75.29
C VAL L 485 128.21 45.44 74.60
N MET L 486 129.04 45.52 73.55
CA MET L 486 129.40 44.35 72.77
C MET L 486 130.83 44.46 72.27
N THR L 487 131.44 43.30 72.04
CA THR L 487 132.77 43.20 71.48
C THR L 487 132.98 41.81 70.90
N PHE L 488 134.14 41.60 70.29
CA PHE L 488 134.50 40.30 69.73
C PHE L 488 135.26 39.49 70.77
N ILE L 489 135.03 38.18 70.76
CA ILE L 489 135.68 37.25 71.69
C ILE L 489 135.61 35.86 71.09
N LEU L 490 136.54 35.00 71.54
CA LEU L 490 136.63 33.62 71.07
C LEU L 490 136.16 32.68 72.18
N PRO L 491 135.15 31.85 71.94
CA PRO L 491 134.64 30.97 73.00
C PRO L 491 135.30 29.61 73.05
N ASN L 492 136.32 29.35 72.24
CA ASN L 492 136.90 28.01 72.16
C ASN L 492 138.29 27.91 72.77
N GLU L 493 138.77 28.94 73.46
CA GLU L 493 140.10 28.91 74.06
C GLU L 493 139.98 29.11 75.56
N SER L 494 140.96 28.59 76.28
CA SER L 494 140.93 28.62 77.74
C SER L 494 142.25 29.11 78.32
N GLU L 495 143.09 29.68 77.48
CA GLU L 495 144.40 30.18 77.90
C GLU L 495 144.61 31.60 77.39
N PRO L 496 145.49 32.37 78.04
CA PRO L 496 145.72 33.74 77.61
C PRO L 496 146.21 33.80 76.17
N HIS L 497 145.77 34.82 75.43
CA HIS L 497 146.08 34.94 74.02
C HIS L 497 145.70 36.34 73.56
N PRO L 498 146.46 36.93 72.64
CA PRO L 498 146.18 38.30 72.19
C PRO L 498 144.84 38.49 71.50
N LEU L 499 143.99 37.46 71.42
CA LEU L 499 142.67 37.59 70.84
C LEU L 499 141.57 37.25 71.84
N GLN L 500 141.72 37.65 73.09
CA GLN L 500 140.67 37.57 74.08
C GLN L 500 140.26 38.98 74.49
N HIS L 501 139.00 39.15 74.88
CA HIS L 501 138.60 40.44 75.41
C HIS L 501 139.17 40.69 76.79
N GLY L 502 139.43 39.64 77.56
CA GLY L 502 140.03 39.80 78.86
C GLY L 502 140.14 38.48 79.56
N VAL L 503 141.02 38.42 80.55
CA VAL L 503 141.23 37.21 81.33
C VAL L 503 141.15 37.56 82.82
N LEU L 504 140.72 36.58 83.59
CA LEU L 504 140.55 36.73 85.03
C LEU L 504 141.77 36.12 85.73
N GLY L 505 142.68 36.97 86.18
CA GLY L 505 143.76 36.51 87.03
C GLY L 505 143.19 36.10 88.37
N PHE L 506 143.17 34.79 88.62
CA PHE L 506 142.47 34.23 89.76
C PHE L 506 143.44 33.36 90.55
N ILE L 507 143.57 33.66 91.85
CA ILE L 507 144.39 32.87 92.76
C ILE L 507 143.45 32.29 93.83
N PRO L 508 143.33 30.97 93.94
CA PRO L 508 142.40 30.41 94.92
C PRO L 508 142.87 30.67 96.34
N GLU L 509 141.89 30.91 97.23
CA GLU L 509 142.17 31.09 98.64
C GLU L 509 141.18 30.32 99.49
N TYR L 510 141.67 29.86 100.64
CA TYR L 510 140.86 29.21 101.66
C TYR L 510 140.88 30.05 102.93
N LEU L 511 139.78 29.98 103.67
CA LEU L 511 139.64 30.78 104.88
C LEU L 511 140.56 30.26 105.99
N VAL L 512 140.84 31.12 106.97
CA VAL L 512 141.62 30.75 108.14
C VAL L 512 140.74 30.90 109.38
N ASP L 513 140.70 29.86 110.20
CA ASP L 513 139.84 29.81 111.38
C ASP L 513 140.68 29.54 112.62
N PHE L 514 140.63 30.47 113.58
CA PHE L 514 141.26 30.25 114.88
C PHE L 514 140.81 31.34 115.84
N ASN L 515 140.76 30.95 117.12
CA ASN L 515 140.47 31.87 118.21
C ASN L 515 141.52 32.97 118.26
N MET L 516 141.08 34.21 118.45
CA MET L 516 141.99 35.35 118.55
C MET L 516 141.25 36.50 119.24
N ILE L 517 141.97 37.21 120.11
CA ILE L 517 141.37 38.22 120.98
C ILE L 517 141.68 39.61 120.47
N ARG L 518 140.72 40.52 120.60
CA ARG L 518 140.92 41.94 120.31
C ARG L 518 140.28 42.76 121.41
N ASN L 519 141.08 43.66 121.99
CA ASN L 519 140.63 44.62 123.01
C ASN L 519 139.91 43.91 124.16
N GLN L 520 140.48 42.81 124.65
CA GLN L 520 140.02 42.10 125.83
C GLN L 520 138.64 41.49 125.65
N ARG L 521 138.31 41.06 124.43
CA ARG L 521 137.13 40.25 124.18
C ARG L 521 137.51 39.09 123.26
N ILE L 522 137.14 37.88 123.66
CA ILE L 522 137.52 36.69 122.90
C ILE L 522 136.35 36.28 122.03
N GLY L 523 136.63 35.90 120.79
CA GLY L 523 135.62 35.42 119.87
C GLY L 523 136.23 34.73 118.68
N ARG L 524 135.63 33.60 118.29
CA ARG L 524 136.05 32.89 117.09
C ARG L 524 135.87 33.79 115.88
N GLU L 525 136.86 33.82 115.00
CA GLU L 525 136.79 34.64 113.81
C GLU L 525 137.20 33.83 112.59
N ILE L 526 136.51 34.07 111.48
CA ILE L 526 136.82 33.44 110.19
C ILE L 526 137.20 34.54 109.22
N ARG L 527 138.29 34.35 108.48
CA ARG L 527 138.82 35.36 107.57
C ARG L 527 138.89 34.76 106.18
N LEU L 528 138.32 35.45 105.20
CA LEU L 528 138.34 35.00 103.81
C LEU L 528 139.10 36.04 103.00
N THR L 529 140.32 35.72 102.61
CA THR L 529 141.18 36.68 101.92
C THR L 529 140.96 36.57 100.42
N PRO L 530 140.49 37.62 99.75
CA PRO L 530 140.35 37.60 98.30
C PRO L 530 141.57 38.19 97.60
N ARG L 531 141.97 37.53 96.51
CA ARG L 531 142.97 38.09 95.62
C ARG L 531 142.64 37.67 94.19
N TYR L 532 142.32 38.65 93.35
CA TYR L 532 142.08 38.42 91.94
C TYR L 532 142.12 39.78 91.24
N ARG L 533 142.16 39.74 89.92
CA ARG L 533 142.18 40.97 89.14
C ARG L 533 141.66 40.68 87.74
N TYR L 534 140.89 41.63 87.20
CA TYR L 534 140.45 41.57 85.81
C TYR L 534 141.48 42.27 84.94
N PHE L 535 141.82 41.66 83.82
CA PHE L 535 142.73 42.26 82.85
C PHE L 535 142.06 42.34 81.49
N ASN L 536 142.51 43.30 80.68
CA ASN L 536 141.98 43.50 79.34
C ASN L 536 143.10 43.34 78.32
N PHE L 537 142.77 42.76 77.17
CA PHE L 537 143.74 42.59 76.11
C PHE L 537 143.35 43.35 74.85
N LEU L 538 142.17 43.05 74.33
CA LEU L 538 141.80 43.49 73.00
C LEU L 538 141.22 44.90 73.06
N PRO L 539 141.83 45.89 72.42
CA PRO L 539 141.30 47.25 72.48
C PRO L 539 140.29 47.53 71.38
N ILE L 540 139.25 46.69 71.29
CA ILE L 540 138.13 46.92 70.38
C ILE L 540 136.85 46.80 71.19
N MET L 541 135.91 47.70 70.97
CA MET L 541 134.64 47.68 71.68
C MET L 541 133.66 48.67 71.05
N LEU L 542 132.39 48.30 71.04
CA LEU L 542 131.32 49.14 70.53
C LEU L 542 130.24 49.28 71.58
N VAL L 543 129.71 50.48 71.73
CA VAL L 543 128.70 50.76 72.74
C VAL L 543 127.46 51.34 72.07
N ILE L 544 126.30 50.77 72.39
CA ILE L 544 125.02 51.30 71.94
C ILE L 544 124.20 51.66 73.17
N ASN L 545 123.79 52.91 73.25
CA ASN L 545 122.97 53.41 74.35
C ASN L 545 121.59 53.70 73.78
N VAL L 546 120.55 53.25 74.47
CA VAL L 546 119.17 53.43 74.04
C VAL L 546 118.43 54.20 75.14
N ILE L 547 117.68 55.22 74.73
CA ILE L 547 116.86 56.00 75.65
C ILE L 547 115.46 56.10 75.08
N ASN L 548 114.55 56.69 75.85
CA ASN L 548 113.19 57.00 75.46
C ASN L 548 112.38 55.75 75.16
N LEU L 549 112.82 54.57 75.62
CA LEU L 549 112.10 53.32 75.32
C LEU L 549 110.67 53.38 75.82
N GLU L 550 110.48 53.73 77.08
CA GLU L 550 109.14 53.78 77.66
C GLU L 550 108.27 54.81 76.95
N GLU L 551 108.84 55.98 76.65
CA GLU L 551 108.04 57.09 76.14
C GLU L 551 107.42 56.75 74.79
N ALA L 552 108.19 56.12 73.90
CA ALA L 552 107.68 55.84 72.56
C ALA L 552 106.60 54.77 72.58
N ILE L 553 106.84 53.67 73.30
CA ILE L 553 105.90 52.56 73.29
C ILE L 553 104.58 52.96 73.93
N ALA L 554 104.63 53.81 74.95
CA ALA L 554 103.42 54.17 75.69
C ALA L 554 102.63 55.29 75.02
N GLN L 555 103.27 56.10 74.20
CA GLN L 555 102.64 57.27 73.60
C GLN L 555 102.44 57.00 72.10
N ARG L 556 101.64 57.85 71.46
CA ARG L 556 101.39 57.71 70.04
C ARG L 556 102.69 57.81 69.26
N THR L 557 103.15 56.69 68.73
CA THR L 557 104.37 56.63 67.94
C THR L 557 103.96 56.61 66.48
N ALA L 558 103.69 57.78 65.93
CA ALA L 558 103.21 57.86 64.57
C ALA L 558 104.36 58.16 63.62
N LEU L 559 104.06 58.09 62.33
CA LEU L 559 105.04 58.30 61.29
C LEU L 559 105.72 59.66 61.41
N ASP L 560 107.03 59.69 61.24
CA ASP L 560 107.76 60.95 61.06
C ASP L 560 107.58 61.34 59.60
N VAL L 561 106.34 61.60 59.20
CA VAL L 561 106.03 61.92 57.81
C VAL L 561 106.76 63.20 57.44
N ASN L 562 107.69 63.09 56.50
CA ASN L 562 108.46 64.24 56.05
C ASN L 562 107.89 64.71 54.72
N GLU L 563 106.79 65.46 54.76
CA GLU L 563 106.17 65.89 53.52
C GLU L 563 107.08 66.85 52.75
N THR L 564 107.71 66.36 51.69
CA THR L 564 108.82 67.10 51.08
C THR L 564 108.36 68.02 49.95
N GLN L 565 107.89 69.20 50.35
CA GLN L 565 108.17 70.47 49.67
C GLN L 565 108.15 70.35 48.14
N VAL L 566 107.02 69.90 47.61
CA VAL L 566 106.77 70.20 46.20
C VAL L 566 105.53 71.09 46.12
N THR L 567 105.79 72.39 46.26
CA THR L 567 105.12 73.68 46.26
C THR L 567 106.20 74.75 46.32
N PRO L 568 106.07 75.84 45.55
CA PRO L 568 107.25 76.68 45.35
C PRO L 568 107.75 77.33 46.63
N ALA L 569 108.83 76.77 47.18
CA ALA L 569 109.58 77.39 48.26
C ALA L 569 111.07 77.08 48.13
N SER L 570 111.44 76.39 47.06
CA SER L 570 112.82 75.95 46.86
C SER L 570 112.99 75.35 45.46
N HIS M 1 84.78 31.15 93.79
CA HIS M 1 84.75 31.87 92.52
C HIS M 1 86.16 32.11 92.02
N GLU M 2 86.29 32.21 90.69
CA GLU M 2 87.60 32.20 90.05
C GLU M 2 88.44 33.41 90.47
N PHE M 3 87.84 34.58 90.54
CA PHE M 3 88.59 35.80 90.84
C PHE M 3 89.30 35.71 92.19
N ALA M 4 88.55 35.37 93.24
CA ALA M 4 89.12 35.36 94.58
C ALA M 4 90.24 34.33 94.67
N GLU M 5 90.03 33.13 94.12
CA GLU M 5 91.08 32.12 94.17
C GLU M 5 92.30 32.56 93.40
N LEU M 6 92.11 33.24 92.26
CA LEU M 6 93.26 33.70 91.50
C LEU M 6 94.06 34.73 92.27
N PHE M 7 93.39 35.61 93.00
CA PHE M 7 94.12 36.64 93.73
C PHE M 7 94.56 36.24 95.13
N TYR M 8 93.68 35.65 95.93
CA TYR M 8 94.04 35.25 97.30
C TYR M 8 93.72 33.76 97.43
N ARG M 9 94.72 32.96 97.78
CA ARG M 9 94.53 31.52 97.82
C ARG M 9 93.97 31.10 99.18
N THR M 10 93.08 30.11 99.14
CA THR M 10 92.42 29.61 100.32
C THR M 10 93.35 28.69 101.09
N TYR M 11 93.52 28.96 102.38
CA TYR M 11 94.26 28.09 103.30
C TYR M 11 93.32 27.66 104.40
N ILE M 12 93.23 26.36 104.63
CA ILE M 12 92.28 25.79 105.58
C ILE M 12 92.97 25.67 106.93
N VAL M 13 92.22 25.94 107.99
CA VAL M 13 92.72 25.83 109.37
C VAL M 13 91.70 25.07 110.19
N THR M 14 92.18 24.11 110.97
CA THR M 14 91.32 23.32 111.84
C THR M 14 90.64 24.25 112.84
N PRO M 15 89.40 23.96 113.26
CA PRO M 15 88.66 24.94 114.07
C PRO M 15 89.11 25.04 115.52
N ASP M 16 90.27 24.49 115.87
CA ASP M 16 90.77 24.57 117.23
C ASP M 16 91.75 25.71 117.46
N GLN M 17 92.51 26.12 116.44
CA GLN M 17 93.45 27.22 116.57
C GLN M 17 92.80 28.51 116.07
N ALA M 18 93.00 29.59 116.82
CA ALA M 18 92.43 30.89 116.48
C ALA M 18 93.21 31.58 115.37
N GLY M 19 94.41 31.11 115.06
CA GLY M 19 95.18 31.73 114.00
C GLY M 19 96.53 31.07 113.84
N PHE M 20 97.40 31.74 113.09
CA PHE M 20 98.70 31.17 112.76
C PHE M 20 99.78 32.24 112.85
N GLN M 21 100.87 31.88 113.50
CA GLN M 21 102.03 32.74 113.67
C GLN M 21 103.11 32.34 112.67
N LEU M 22 103.80 33.33 112.11
CA LEU M 22 104.76 33.12 111.04
C LEU M 22 106.16 33.48 111.51
N SER M 23 107.11 32.60 111.25
CA SER M 23 108.51 32.80 111.64
C SER M 23 109.36 33.07 110.42
N ILE M 24 109.88 34.28 110.30
CA ILE M 24 110.71 34.69 109.17
C ILE M 24 112.14 34.85 109.66
N ARG M 25 113.08 34.31 108.89
CA ARG M 25 114.51 34.43 109.16
C ARG M 25 115.13 35.31 108.08
N ARG M 26 116.11 36.12 108.46
CA ARG M 26 116.72 37.09 107.57
C ARG M 26 118.23 37.03 107.69
N ASN M 27 118.91 37.13 106.54
CA ASN M 27 120.37 37.14 106.49
C ASN M 27 120.84 38.56 106.28
N LEU M 28 121.66 39.05 107.20
CA LEU M 28 122.04 40.45 107.24
C LEU M 28 123.55 40.63 107.24
N VAL M 29 124.00 41.67 106.55
CA VAL M 29 125.40 42.09 106.56
C VAL M 29 125.44 43.56 106.96
N TRP M 30 126.31 43.89 107.90
CA TRP M 30 126.34 45.26 108.41
C TRP M 30 127.77 45.63 108.77
N GLU M 31 128.09 46.90 108.56
CA GLU M 31 129.42 47.42 108.82
C GLU M 31 129.54 47.76 110.30
N GLY M 32 130.65 47.37 110.89
CA GLY M 32 130.80 47.59 112.32
C GLY M 32 130.13 46.51 113.15
N TRP M 33 130.59 46.39 114.39
CA TRP M 33 130.18 45.29 115.26
C TRP M 33 129.84 45.81 116.64
N THR M 34 128.82 45.22 117.27
CA THR M 34 128.36 45.71 118.56
C THR M 34 129.29 45.28 119.69
N GLY M 35 129.89 44.10 119.57
CA GLY M 35 130.69 43.56 120.65
C GLY M 35 129.82 42.97 121.75
N GLU M 36 130.24 41.81 122.21
CA GLU M 36 129.55 41.17 123.33
C GLU M 36 129.77 41.97 124.61
N GLY M 37 128.67 42.36 125.23
CA GLY M 37 128.75 43.22 126.39
C GLY M 37 129.17 44.63 126.00
N LEU M 38 129.70 45.35 126.99
CA LEU M 38 130.07 46.75 126.80
C LEU M 38 131.11 46.89 125.69
N SER M 39 130.88 47.86 124.81
CA SER M 39 131.77 48.17 123.71
C SER M 39 131.29 49.45 123.04
N GLY M 40 132.07 49.98 122.11
CA GLY M 40 131.63 51.09 121.32
C GLY M 40 130.61 50.64 120.29
N GLU M 41 130.13 51.59 119.51
CA GLU M 41 129.19 51.33 118.41
C GLU M 41 127.85 50.79 118.88
N LYS M 42 127.15 51.52 119.75
CA LYS M 42 125.79 51.15 120.13
C LYS M 42 124.79 52.08 119.47
N GLN M 43 123.50 51.82 119.71
CA GLN M 43 122.40 52.68 119.26
C GLN M 43 122.35 52.86 117.75
N GLU M 44 123.00 51.97 117.01
CA GLU M 44 123.10 52.11 115.56
C GLU M 44 122.26 51.07 114.85
N ILE M 45 121.81 51.43 113.65
CA ILE M 45 121.01 50.56 112.80
C ILE M 45 121.68 50.50 111.44
N SER M 46 122.37 49.38 111.17
CA SER M 46 123.03 49.26 109.87
C SER M 46 122.70 47.94 109.16
N LYS M 47 121.76 47.14 109.67
CA LYS M 47 121.40 45.90 109.00
C LYS M 47 120.77 46.17 107.65
N ARG M 48 121.50 45.92 106.58
CA ARG M 48 120.98 46.00 105.22
C ARG M 48 120.95 44.59 104.64
N ASN M 49 119.83 44.23 104.01
CA ASN M 49 119.70 42.87 103.50
C ASN M 49 120.70 42.64 102.38
N ILE M 50 121.19 41.40 102.30
CA ILE M 50 122.22 41.08 101.33
C ILE M 50 121.68 41.16 99.91
N LEU M 51 120.39 40.90 99.72
CA LEU M 51 119.81 40.93 98.39
C LEU M 51 119.91 42.29 97.75
N GLN M 52 120.07 43.36 98.54
CA GLN M 52 120.30 44.68 97.97
C GLN M 52 121.61 44.72 97.19
N GLY M 53 122.64 44.02 97.68
CA GLY M 53 123.90 43.96 96.96
C GLY M 53 123.77 43.40 95.57
N LEU M 54 122.79 42.53 95.33
CA LEU M 54 122.53 42.06 93.98
C LEU M 54 122.07 43.18 93.07
N LEU M 55 121.49 44.24 93.63
CA LEU M 55 120.96 45.33 92.83
C LEU M 55 121.72 46.64 92.98
N ASP M 56 122.58 46.78 93.98
CA ASP M 56 123.27 48.03 94.22
C ASP M 56 124.72 47.76 94.55
N TYR M 57 125.56 48.79 94.34
CA TYR M 57 126.99 48.73 94.54
C TYR M 57 127.40 48.81 96.01
N THR M 58 127.17 49.95 96.66
CA THR M 58 127.70 50.20 97.98
C THR M 58 126.86 49.44 98.99
N THR M 59 126.90 48.11 98.92
CA THR M 59 126.22 47.29 99.90
C THR M 59 127.15 46.24 100.46
N LEU M 60 128.03 45.70 99.63
CA LEU M 60 128.88 44.58 100.01
C LEU M 60 130.34 44.79 99.60
N GLU M 61 130.74 46.04 99.35
CA GLU M 61 132.12 46.36 99.00
C GLU M 61 132.71 47.32 100.01
N THR M 62 134.00 47.14 100.31
CA THR M 62 134.70 47.97 101.29
C THR M 62 136.16 48.13 100.91
N ASN M 63 136.70 49.32 101.18
CA ASN M 63 138.12 49.57 101.14
C ASN M 63 138.61 49.85 102.56
N SER M 64 139.22 48.84 103.17
CA SER M 64 139.57 48.92 104.58
C SER M 64 141.03 48.55 104.81
N THR M 65 141.79 48.41 103.73
CA THR M 65 143.21 48.11 103.86
C THR M 65 144.08 49.05 103.03
N GLU M 66 143.50 49.80 102.10
CA GLU M 66 144.30 50.65 101.22
C GLU M 66 144.89 51.82 102.00
N LEU M 67 146.09 52.21 101.62
CA LEU M 67 146.81 53.32 102.27
C LEU M 67 146.56 54.57 101.46
N ILE M 68 145.81 55.50 102.04
CA ILE M 68 145.54 56.80 101.42
C ILE M 68 146.20 57.88 102.26
N PRO M 69 146.94 58.80 101.67
CA PRO M 69 147.57 59.86 102.47
C PRO M 69 146.52 60.72 103.18
N VAL M 70 146.90 61.25 104.33
CA VAL M 70 146.02 62.08 105.15
C VAL M 70 146.71 63.42 105.39
N ILE M 71 145.92 64.47 105.53
CA ILE M 71 146.45 65.83 105.64
C ILE M 71 146.41 66.28 107.10
N GLN M 72 147.53 66.79 107.59
CA GLN M 72 147.59 67.51 108.85
C GLN M 72 148.44 68.75 108.66
N SER M 73 147.84 69.92 108.84
CA SER M 73 148.54 71.18 108.62
C SER M 73 149.64 71.33 109.66
N GLY M 74 150.83 71.71 109.22
CA GLY M 74 151.95 71.95 110.12
C GLY M 74 152.65 70.72 110.62
N GLU M 75 152.29 69.53 110.14
CA GLU M 75 152.95 68.31 110.58
C GLU M 75 153.51 67.55 109.39
N ASN M 76 152.76 67.49 108.30
CA ASN M 76 153.19 66.68 107.18
C ASN M 76 153.04 67.40 105.84
N ASP M 77 153.29 68.70 105.82
CA ASP M 77 153.38 69.44 104.57
C ASP M 77 154.80 69.29 104.05
N GLU M 78 155.27 68.05 103.97
CA GLU M 78 156.61 67.75 103.51
C GLU M 78 156.54 67.30 102.05
N GLN M 79 155.49 66.57 101.70
CA GLN M 79 155.42 66.03 100.35
C GLN M 79 154.03 66.13 99.75
N PHE M 80 153.32 67.22 100.00
CA PHE M 80 152.01 67.42 99.39
C PHE M 80 152.10 68.66 98.53
N ILE M 81 151.49 68.60 97.33
CA ILE M 81 151.44 69.78 96.48
C ILE M 81 150.74 70.88 97.25
N ASP M 82 151.20 72.11 97.06
CA ASP M 82 150.71 73.20 97.88
C ASP M 82 149.21 73.38 97.72
N PRO M 83 148.52 73.81 98.77
CA PRO M 83 147.08 74.04 98.70
C PRO M 83 146.73 75.34 97.99
N SER M 84 147.37 75.56 96.84
CA SER M 84 147.09 76.70 95.99
C SER M 84 146.89 76.31 94.53
N VAL M 85 147.30 75.12 94.13
CA VAL M 85 147.10 74.64 92.77
C VAL M 85 145.76 73.93 92.69
N LEU M 86 145.57 72.93 93.55
CA LEU M 86 144.32 72.17 93.60
C LEU M 86 143.92 71.99 95.05
N PRO M 87 142.70 72.35 95.45
CA PRO M 87 142.31 72.26 96.85
C PRO M 87 142.25 70.81 97.34
N ALA M 88 142.09 70.66 98.65
CA ALA M 88 142.04 69.35 99.27
C ALA M 88 140.83 68.56 98.79
N GLN M 89 140.97 67.24 98.76
CA GLN M 89 139.91 66.34 98.34
C GLN M 89 139.47 65.47 99.51
N THR M 90 138.18 65.44 99.77
CA THR M 90 137.65 64.66 100.88
C THR M 90 137.32 63.25 100.42
N VAL M 91 137.84 62.26 101.13
CA VAL M 91 137.57 60.86 100.84
C VAL M 91 137.11 60.18 102.12
N LYS M 92 136.16 59.27 101.97
CA LYS M 92 135.52 58.60 103.10
C LYS M 92 135.91 57.14 103.11
N GLN M 93 136.48 56.69 104.22
CA GLN M 93 137.02 55.35 104.34
C GLN M 93 136.76 54.83 105.74
N GLY M 94 136.11 53.68 105.84
CA GLY M 94 135.81 53.08 107.13
C GLY M 94 134.96 53.97 108.00
N LYS M 95 135.48 54.32 109.18
CA LYS M 95 134.79 55.24 110.07
C LYS M 95 135.48 56.60 110.14
N ASP M 96 136.62 56.77 109.49
CA ASP M 96 137.35 58.03 109.51
C ASP M 96 137.01 58.83 108.26
N THR M 97 136.94 60.15 108.42
CA THR M 97 136.79 61.07 107.29
C THR M 97 138.00 62.00 107.32
N PHE M 98 138.66 62.15 106.18
CA PHE M 98 139.91 62.89 106.12
C PHE M 98 140.16 63.39 104.71
N ASP M 99 141.20 64.20 104.56
CA ASP M 99 141.49 64.87 103.29
C ASP M 99 142.73 64.29 102.64
N THR M 100 142.73 64.26 101.32
CA THR M 100 143.85 63.72 100.55
C THR M 100 144.10 64.57 99.31
N ASN M 101 145.29 64.40 98.73
CA ASN M 101 145.70 65.17 97.57
C ASN M 101 146.92 64.51 96.95
N PHE M 102 147.29 64.97 95.75
CA PHE M 102 148.41 64.40 95.01
C PHE M 102 149.74 64.75 95.65
N LEU M 103 150.63 63.76 95.75
CA LEU M 103 151.96 63.97 96.30
C LEU M 103 152.84 64.66 95.26
N LYS M 104 153.86 65.36 95.75
CA LYS M 104 154.70 66.16 94.86
C LYS M 104 155.86 65.35 94.30
N PHE M 105 156.14 65.55 93.02
CA PHE M 105 157.32 64.95 92.39
C PHE M 105 158.58 65.38 93.12
N SER M 106 159.46 64.43 93.40
CA SER M 106 160.73 64.73 94.04
C SER M 106 161.79 65.03 93.00
N GLU M 107 162.42 66.18 93.11
CA GLU M 107 163.51 66.53 92.22
C GLU M 107 164.88 66.25 92.84
N ASN M 108 165.13 66.75 94.04
CA ASN M 108 166.39 66.49 94.72
C ASN M 108 166.23 66.07 96.17
N GLY M 109 165.09 66.32 96.80
CA GLY M 109 164.94 66.12 98.22
C GLY M 109 164.86 64.66 98.61
N GLU M 110 164.55 64.45 99.89
CA GLU M 110 164.49 63.13 100.48
C GLU M 110 163.30 62.34 99.98
N GLY M 111 163.20 61.08 100.39
CA GLY M 111 162.11 60.23 99.97
C GLY M 111 160.88 60.35 100.83
N PHE M 112 160.01 59.37 100.68
CA PHE M 112 158.77 59.27 101.43
C PHE M 112 158.62 57.91 102.08
N ASN M 113 158.21 57.91 103.34
CA ASN M 113 157.77 56.71 104.04
C ASN M 113 156.26 56.66 103.91
N LEU M 114 155.76 55.75 103.05
CA LEU M 114 154.34 55.72 102.75
C LEU M 114 153.53 55.35 103.98
N LEU M 115 154.04 54.43 104.80
CA LEU M 115 153.32 54.01 106.00
C LEU M 115 153.06 55.18 106.91
N MET M 116 154.05 56.06 107.09
CA MET M 116 153.89 57.18 108.01
C MET M 116 152.78 58.12 107.55
N LEU M 117 152.70 58.41 106.26
CA LEU M 117 151.66 59.32 105.78
C LEU M 117 150.27 58.72 105.93
N ALA M 118 150.13 57.42 105.65
CA ALA M 118 148.82 56.79 105.50
C ALA M 118 148.28 56.26 106.82
N GLN M 119 148.71 56.83 107.94
CA GLN M 119 148.14 56.46 109.23
C GLN M 119 146.78 57.12 109.39
N THR M 120 145.73 56.36 109.12
CA THR M 120 144.37 56.85 109.29
C THR M 120 144.03 56.91 110.77
N PRO M 121 143.06 57.72 111.15
CA PRO M 121 142.71 57.82 112.58
C PRO M 121 142.34 56.48 113.21
N SER M 122 141.77 55.57 112.44
CA SER M 122 141.50 54.23 112.97
C SER M 122 142.78 53.52 113.37
N ARG M 123 143.83 53.65 112.55
CA ARG M 123 145.12 53.08 112.91
C ARG M 123 145.63 53.64 114.23
N LEU M 124 145.38 54.92 114.48
CA LEU M 124 145.99 55.59 115.63
C LEU M 124 145.55 54.98 116.95
N LYS M 125 144.26 54.66 117.10
CA LYS M 125 143.79 54.17 118.39
C LYS M 125 144.34 52.80 118.73
N LYS M 126 144.94 52.11 117.76
CA LYS M 126 145.56 50.82 118.04
C LYS M 126 147.04 50.94 118.40
N GLY M 127 147.56 52.16 118.59
CA GLY M 127 148.97 52.32 118.86
C GLY M 127 149.75 52.63 117.59
N SER M 128 151.07 52.71 117.73
CA SER M 128 151.91 53.05 116.60
C SER M 128 151.97 51.90 115.61
N MET M 129 152.43 52.22 114.39
CA MET M 129 152.63 51.19 113.39
C MET M 129 153.79 50.29 113.77
N THR M 130 153.60 48.99 113.61
CA THR M 130 154.57 48.00 114.05
C THR M 130 155.51 47.65 112.91
N PHE M 131 156.39 46.68 113.14
CA PHE M 131 157.32 46.21 112.14
C PHE M 131 156.73 45.08 111.30
N THR M 132 155.52 44.63 111.61
CA THR M 132 154.88 43.56 110.87
C THR M 132 154.03 44.07 109.71
N ASP M 133 153.95 45.39 109.51
CA ASP M 133 153.20 45.95 108.39
C ASP M 133 154.02 45.78 107.12
N SER M 134 153.37 45.29 106.07
CA SER M 134 154.03 45.05 104.78
C SER M 134 153.14 45.55 103.66
N LEU M 135 153.76 46.17 102.65
CA LEU M 135 153.01 46.62 101.49
C LEU M 135 152.71 45.43 100.57
N ASP M 136 151.70 45.60 99.71
CA ASP M 136 151.25 44.53 98.82
C ASP M 136 152.30 44.22 97.77
N SER M 137 152.20 43.05 97.15
CA SER M 137 153.13 42.68 96.08
C SER M 137 152.97 43.57 94.86
N ARG M 138 151.88 44.33 94.76
CA ARG M 138 151.64 45.20 93.62
C ARG M 138 151.59 46.64 94.08
N ILE M 139 152.33 47.50 93.39
CA ILE M 139 152.29 48.95 93.58
C ILE M 139 152.11 49.57 92.20
N ALA M 140 151.28 50.61 92.12
CA ALA M 140 150.97 51.17 90.82
C ALA M 140 150.62 52.64 90.94
N LEU M 141 150.62 53.32 89.79
CA LEU M 141 150.19 54.71 89.70
C LEU M 141 148.67 54.77 89.52
N LYS M 142 148.04 55.76 90.13
CA LYS M 142 146.59 55.87 90.03
C LYS M 142 146.15 57.01 89.12
N GLN M 143 146.58 58.24 89.42
CA GLN M 143 146.33 59.39 88.55
C GLN M 143 147.60 60.20 88.40
N LEU M 144 147.70 60.91 87.28
CA LEU M 144 148.80 61.82 87.03
C LEU M 144 148.26 63.23 86.81
N LEU M 145 148.81 64.19 87.54
CA LEU M 145 148.34 65.56 87.50
C LEU M 145 149.31 66.40 86.68
N ILE M 146 148.85 66.92 85.55
CA ILE M 146 149.66 67.78 84.71
C ILE M 146 148.98 69.14 84.61
N SER M 147 149.79 70.17 84.36
CA SER M 147 149.32 71.54 84.28
C SER M 147 149.82 72.16 82.99
N VAL M 148 148.92 72.30 82.02
CA VAL M 148 149.23 72.99 80.78
C VAL M 148 148.94 74.46 80.98
N THR M 149 149.91 75.30 80.65
CA THR M 149 149.83 76.73 80.94
C THR M 149 150.09 77.52 79.67
N LYS M 150 149.24 78.52 79.42
CA LYS M 150 149.41 79.42 78.29
C LYS M 150 149.06 80.82 78.73
N GLY M 151 150.07 81.70 78.79
CA GLY M 151 149.87 83.07 79.20
C GLY M 151 149.42 83.24 80.64
N GLY M 152 149.98 82.45 81.54
CA GLY M 152 149.69 82.57 82.96
C GLY M 152 148.43 81.89 83.42
N THR M 153 147.70 81.21 82.54
CA THR M 153 146.47 80.52 82.90
C THR M 153 146.75 79.03 83.00
N THR M 154 146.41 78.44 84.15
CA THR M 154 146.70 77.04 84.44
C THR M 154 145.42 76.29 84.74
N GLU M 155 145.16 75.24 83.97
CA GLU M 155 144.05 74.34 84.22
C GLU M 155 144.57 72.90 84.23
N LEU M 156 143.90 72.06 85.00
CA LEU M 156 144.46 70.77 85.41
C LEU M 156 143.75 69.62 84.73
N PHE M 157 144.51 68.55 84.45
CA PHE M 157 143.96 67.26 84.04
C PHE M 157 144.42 66.19 85.01
N ALA M 158 143.50 65.30 85.38
CA ALA M 158 143.83 64.09 86.12
C ALA M 158 143.70 62.92 85.14
N LEU M 159 144.79 62.60 84.46
CA LEU M 159 144.79 61.56 83.44
C LEU M 159 144.94 60.21 84.12
N ASP M 160 143.96 59.32 83.89
CA ASP M 160 144.01 57.98 84.47
C ASP M 160 145.15 57.20 83.81
N VAL M 161 146.27 57.10 84.50
CA VAL M 161 147.42 56.35 84.01
C VAL M 161 147.38 54.89 84.42
N ASN M 162 146.49 54.53 85.33
CA ASN M 162 146.36 53.14 85.76
C ASN M 162 145.93 52.31 84.56
N ARG M 163 146.32 51.03 84.56
CA ARG M 163 146.06 50.12 83.45
C ARG M 163 146.72 50.61 82.17
N ASP M 164 147.94 51.11 82.30
CA ASP M 164 148.87 51.31 81.19
C ASP M 164 149.90 50.17 81.21
N GLN M 165 150.68 50.06 80.13
CA GLN M 165 151.60 48.93 80.01
C GLN M 165 152.64 48.92 81.12
N TYR M 166 153.23 50.07 81.46
CA TYR M 166 154.25 50.12 82.48
C TYR M 166 153.82 50.93 83.70
N ALA M 167 152.60 50.75 84.16
CA ALA M 167 152.13 51.41 85.37
C ALA M 167 152.30 50.57 86.62
N ALA M 168 152.93 49.40 86.50
CA ALA M 168 153.08 48.47 87.62
C ALA M 168 154.52 48.39 88.06
N TYR M 169 154.75 48.61 89.34
CA TYR M 169 156.09 48.45 89.91
C TYR M 169 156.55 47.02 89.77
N THR M 170 157.80 46.85 89.33
CA THR M 170 158.38 45.54 89.09
C THR M 170 159.63 45.35 89.93
N ALA M 171 159.85 44.12 90.39
CA ALA M 171 161.05 43.82 91.16
C ALA M 171 162.28 43.84 90.25
N THR M 172 163.41 44.24 90.81
CA THR M 172 164.67 44.27 90.08
C THR M 172 165.77 43.70 90.95
N ARG M 173 166.72 43.01 90.31
CA ARG M 173 167.83 42.38 91.01
C ARG M 173 169.01 43.34 91.17
N GLU M 174 169.03 44.02 92.32
CA GLU M 174 170.07 44.99 92.65
C GLU M 174 169.86 45.44 94.10
N TYR M 175 170.94 45.85 94.77
CA TYR M 175 170.87 46.43 96.10
C TYR M 175 170.33 45.42 97.11
N ASN M 176 169.04 45.48 97.39
CA ASN M 176 168.38 44.57 98.30
C ASN M 176 167.32 43.77 97.55
N PHE M 177 166.88 42.68 98.16
CA PHE M 177 165.92 41.79 97.51
C PHE M 177 164.47 42.15 97.82
N ARG M 178 164.20 43.37 98.28
CA ARG M 178 162.84 43.81 98.52
C ARG M 178 162.62 45.23 97.98
N LEU M 179 163.31 45.58 96.91
CA LEU M 179 163.20 46.92 96.33
C LEU M 179 162.39 46.84 95.04
N MET M 180 161.40 47.72 94.90
CA MET M 180 160.51 47.73 93.76
C MET M 180 160.86 48.91 92.86
N GLN M 181 160.90 48.68 91.55
CA GLN M 181 161.23 49.70 90.58
C GLN M 181 160.02 50.07 89.73
N LEU M 182 160.01 51.31 89.26
CA LEU M 182 158.97 51.82 88.38
C LEU M 182 159.63 52.37 87.13
N LYS M 183 159.29 51.83 85.98
CA LYS M 183 159.94 52.19 84.71
C LYS M 183 158.85 52.66 83.77
N PHE M 184 158.51 53.94 83.83
CA PHE M 184 157.37 54.50 83.12
C PHE M 184 157.89 55.29 81.92
N HIS M 185 157.97 54.62 80.77
CA HIS M 185 158.38 55.25 79.52
C HIS M 185 157.32 54.95 78.46
N THR M 186 156.51 55.94 78.13
CA THR M 186 155.44 55.76 77.16
C THR M 186 154.92 57.12 76.74
N SER M 187 153.87 57.10 75.93
CA SER M 187 153.25 58.32 75.43
C SER M 187 151.80 58.39 75.86
N LEU M 188 151.36 59.57 76.27
CA LEU M 188 149.98 59.82 76.68
C LEU M 188 149.36 60.83 75.73
N GLY M 189 148.08 60.63 75.42
CA GLY M 189 147.38 61.45 74.45
C GLY M 189 146.22 62.22 75.06
N LEU M 190 146.06 63.46 74.62
CA LEU M 190 144.93 64.29 74.98
C LEU M 190 144.13 64.60 73.72
N GLY M 191 143.00 63.92 73.56
CA GLY M 191 142.20 64.05 72.36
C GLY M 191 141.49 65.38 72.28
N GLU M 192 140.89 65.61 71.11
CA GLU M 192 140.14 66.83 70.85
C GLU M 192 138.72 66.75 71.39
N GLU M 193 138.43 65.76 72.23
CA GLU M 193 137.16 65.69 72.94
C GLU M 193 137.49 65.24 74.35
N SER M 194 138.78 65.20 74.67
CA SER M 194 139.27 64.61 75.91
C SER M 194 138.57 65.23 77.11
N THR M 195 138.17 64.35 78.03
CA THR M 195 137.46 64.78 79.23
C THR M 195 138.33 65.74 80.02
N THR M 196 137.72 66.79 80.55
CA THR M 196 138.40 67.78 81.36
C THR M 196 138.03 67.58 82.82
N VAL M 197 139.06 67.42 83.66
CA VAL M 197 138.88 67.22 85.09
C VAL M 197 138.53 68.52 85.80
N ALA M 198 138.85 69.66 85.19
CA ALA M 198 138.37 70.94 85.69
C ALA M 198 136.94 71.25 85.25
N GLY M 199 136.38 70.44 84.36
CA GLY M 199 135.03 70.62 83.87
C GLY M 199 135.00 71.24 82.48
N ALA M 200 133.91 70.94 81.77
CA ALA M 200 133.65 71.50 80.45
C ALA M 200 134.79 71.26 79.47
N GLU M 201 135.09 72.25 78.63
CA GLU M 201 136.12 72.15 77.61
C GLU M 201 137.37 72.91 78.02
N SER M 202 138.49 72.57 77.39
CA SER M 202 139.76 73.21 77.67
C SER M 202 139.90 74.50 76.89
N ALA M 203 140.21 75.59 77.59
CA ALA M 203 140.27 76.90 76.95
C ALA M 203 141.51 77.09 76.08
N LEU M 204 142.67 76.63 76.54
CA LEU M 204 143.94 76.95 75.89
C LEU M 204 144.22 76.07 74.68
N LEU M 205 143.41 75.04 74.43
CA LEU M 205 143.65 74.14 73.30
C LEU M 205 142.46 74.19 72.34
N LYS M 206 141.62 75.22 72.44
CA LYS M 206 140.38 75.29 71.68
C LYS M 206 140.62 75.15 70.17
N ASP M 207 141.66 75.81 69.66
CA ASP M 207 141.95 75.76 68.23
C ASP M 207 142.23 74.34 67.78
N LEU M 208 142.82 73.53 68.66
CA LEU M 208 143.18 72.17 68.28
C LEU M 208 141.95 71.29 68.21
N PHE M 209 140.96 71.50 69.09
CA PHE M 209 139.68 70.85 68.89
C PHE M 209 139.00 71.32 67.60
N ASP M 210 138.90 72.63 67.40
CA ASP M 210 138.12 73.15 66.28
C ASP M 210 138.72 72.74 64.94
N LEU M 211 140.02 72.83 64.78
CA LEU M 211 140.69 72.42 63.56
C LEU M 211 140.83 70.90 63.46
N GLY M 212 140.26 70.15 64.39
CA GLY M 212 140.33 68.70 64.34
C GLY M 212 141.70 68.10 64.50
N TYR M 213 142.40 68.44 65.58
CA TYR M 213 143.73 67.92 65.84
C TYR M 213 143.83 67.39 67.26
N ARG M 214 144.92 66.66 67.52
CA ARG M 214 145.17 66.02 68.80
C ARG M 214 146.62 66.25 69.19
N ILE M 215 146.93 66.05 70.47
CA ILE M 215 148.28 66.24 70.98
C ILE M 215 148.73 64.98 71.70
N GLU M 216 149.98 64.60 71.45
CA GLU M 216 150.61 63.45 72.11
C GLU M 216 151.63 63.97 73.12
N LEU M 217 151.63 63.38 74.31
CA LEU M 217 152.57 63.73 75.35
C LEU M 217 153.50 62.56 75.62
N ASP M 218 154.79 62.85 75.77
CA ASP M 218 155.77 61.84 76.18
C ASP M 218 156.14 62.08 77.63
N VAL M 219 155.98 61.06 78.47
CA VAL M 219 156.19 61.17 79.90
C VAL M 219 157.35 60.26 80.30
N LYS M 220 158.31 60.84 81.02
CA LYS M 220 159.47 60.11 81.54
C LYS M 220 159.42 60.19 83.05
N VAL M 221 158.84 59.18 83.69
CA VAL M 221 158.70 59.14 85.13
C VAL M 221 159.40 57.89 85.66
N ASP M 222 160.30 58.07 86.60
CA ASP M 222 161.05 56.98 87.19
C ASP M 222 161.00 57.07 88.71
N GLY M 223 161.13 55.93 89.37
CA GLY M 223 161.09 55.93 90.82
C GLY M 223 161.46 54.57 91.40
N GLU M 224 161.77 54.59 92.69
CA GLU M 224 162.16 53.40 93.43
C GLU M 224 161.27 53.25 94.66
N MET M 225 160.84 52.02 94.92
CA MET M 225 159.91 51.73 96.01
C MET M 225 160.43 50.57 96.83
N ASN M 226 160.37 50.70 98.16
CA ASN M 226 160.74 49.62 99.06
C ASN M 226 159.47 49.06 99.68
N VAL M 227 159.38 47.73 99.75
CA VAL M 227 158.20 47.06 100.27
C VAL M 227 158.32 46.77 101.77
N GLU M 228 159.52 46.83 102.33
CA GLU M 228 159.71 46.43 103.71
C GLU M 228 159.47 47.55 104.70
N ASN M 229 159.98 48.75 104.45
CA ASN M 229 159.86 49.81 105.45
C ASN M 229 158.96 50.95 105.03
N GLY M 230 158.55 51.04 103.77
CA GLY M 230 157.74 52.15 103.32
C GLY M 230 158.52 53.29 102.71
N ASN M 231 159.85 53.25 102.77
CA ASN M 231 160.66 54.26 102.09
C ASN M 231 160.47 54.15 100.59
N GLY M 232 160.51 55.28 99.90
CA GLY M 232 160.33 55.27 98.46
C GLY M 232 160.80 56.55 97.82
N ASP M 233 160.89 56.50 96.50
CA ASP M 233 161.32 57.63 95.67
C ASP M 233 160.63 57.56 94.32
N THR M 234 160.26 58.72 93.81
CA THR M 234 159.79 58.88 92.44
C THR M 234 160.42 60.13 91.86
N SER M 235 160.58 60.17 90.55
CA SER M 235 161.19 61.31 89.88
C SER M 235 160.52 61.58 88.55
N LEU M 236 160.27 62.85 88.28
CA LEU M 236 159.84 63.29 86.96
C LEU M 236 161.06 63.70 86.15
N ARG M 237 161.39 62.91 85.13
CA ARG M 237 162.60 63.18 84.36
C ARG M 237 162.33 64.02 83.12
N ALA M 238 161.20 63.82 82.45
CA ALA M 238 160.89 64.64 81.28
C ALA M 238 159.39 64.59 81.01
N LEU M 239 158.88 65.70 80.49
CA LEU M 239 157.48 65.82 80.07
C LEU M 239 157.44 66.87 78.98
N ARG M 240 157.42 66.44 77.73
CA ARG M 240 157.55 67.37 76.61
C ARG M 240 156.51 67.07 75.55
N LEU M 241 156.15 68.08 74.78
CA LEU M 241 155.25 67.88 73.66
C LEU M 241 155.93 67.01 72.61
N ALA M 242 155.18 66.03 72.09
CA ALA M 242 155.77 65.03 71.20
C ALA M 242 155.51 65.31 69.73
N ARG M 243 154.23 65.38 69.33
CA ARG M 243 153.88 65.32 67.92
C ARG M 243 152.41 65.65 67.76
N VAL M 244 152.00 65.94 66.52
CA VAL M 244 150.66 66.40 66.23
C VAL M 244 150.05 65.52 65.14
N PHE M 245 148.82 65.09 65.35
CA PHE M 245 148.11 64.25 64.40
C PHE M 245 146.81 64.90 63.94
N ASP M 246 146.45 64.62 62.69
CA ASP M 246 145.17 65.01 62.10
C ASP M 246 144.14 63.91 62.26
N LYS M 247 143.04 63.99 61.51
CA LYS M 247 142.03 62.94 61.57
C LYS M 247 142.60 61.58 61.23
N GLU M 248 143.39 61.48 60.15
CA GLU M 248 143.83 60.21 59.62
C GLU M 248 145.04 59.63 60.33
N GLY M 249 145.44 60.22 61.46
CA GLY M 249 146.56 59.67 62.20
C GLY M 249 147.91 59.88 61.53
N LYS M 250 148.03 60.92 60.71
CA LYS M 250 149.28 61.22 60.04
C LYS M 250 150.02 62.34 60.77
N GLU M 251 151.31 62.13 60.97
CA GLU M 251 152.12 63.10 61.70
C GLU M 251 152.09 64.46 61.01
N ILE M 252 151.88 65.50 61.79
CA ILE M 252 151.84 66.87 61.31
C ILE M 252 153.05 67.60 61.88
N ALA M 253 153.82 68.24 60.99
CA ALA M 253 155.03 68.94 61.41
C ALA M 253 154.70 70.01 62.44
N LEU M 254 155.58 70.18 63.41
CA LEU M 254 155.42 71.20 64.44
C LEU M 254 155.61 72.60 63.91
N THR M 255 156.16 72.75 62.70
CA THR M 255 156.40 74.05 62.09
C THR M 255 155.29 74.46 61.14
N ASP M 256 154.24 73.66 61.02
CA ASP M 256 153.10 74.04 60.19
C ASP M 256 152.42 75.26 60.77
N SER M 257 151.94 76.14 59.88
CA SER M 257 151.46 77.45 60.31
C SER M 257 150.34 77.33 61.33
N ARG M 258 149.33 76.51 61.05
CA ARG M 258 148.21 76.38 61.98
C ARG M 258 148.68 75.82 63.31
N VAL M 259 149.44 74.72 63.28
CA VAL M 259 149.90 74.10 64.51
C VAL M 259 150.84 75.04 65.26
N SER M 260 151.76 75.69 64.54
CA SER M 260 152.71 76.58 65.19
C SER M 260 152.01 77.74 65.86
N ALA M 261 150.99 78.31 65.21
CA ALA M 261 150.26 79.41 65.81
C ALA M 261 149.45 78.95 67.02
N ALA M 262 148.69 77.86 66.87
CA ALA M 262 147.79 77.43 67.93
C ALA M 262 148.55 76.93 69.15
N LEU M 263 149.69 76.28 68.92
CA LEU M 263 150.48 75.66 69.98
C LEU M 263 151.45 76.63 70.63
N SER M 264 151.59 77.84 70.11
CA SER M 264 152.58 78.79 70.60
C SER M 264 152.35 79.09 72.08
N GLY M 265 153.42 78.96 72.86
CA GLY M 265 153.38 79.27 74.28
C GLY M 265 152.88 78.16 75.17
N LEU M 266 152.47 77.03 74.62
CA LEU M 266 151.93 75.94 75.42
C LEU M 266 153.07 75.18 76.07
N THR M 267 153.11 75.20 77.40
CA THR M 267 154.13 74.51 78.17
C THR M 267 153.45 73.51 79.11
N VAL M 268 153.92 72.27 79.08
CA VAL M 268 153.37 71.21 79.92
C VAL M 268 154.35 70.97 81.06
N THR M 269 153.83 70.96 82.29
CA THR M 269 154.65 70.75 83.47
C THR M 269 154.03 69.68 84.35
N GLY M 270 154.87 68.82 84.90
CA GLY M 270 154.39 67.80 85.82
C GLY M 270 154.17 68.39 87.21
N VAL M 271 153.07 67.99 87.83
CA VAL M 271 152.69 68.51 89.15
C VAL M 271 152.82 67.44 90.22
N GLY M 272 152.06 66.36 90.11
CA GLY M 272 152.02 65.38 91.18
C GLY M 272 151.42 64.08 90.72
N TYR M 273 151.25 63.17 91.67
CA TYR M 273 150.77 61.83 91.36
C TYR M 273 150.18 61.22 92.62
N SER M 274 149.60 60.03 92.44
CA SER M 274 149.04 59.24 93.53
C SER M 274 149.43 57.79 93.35
N LEU M 275 149.47 57.05 94.46
CA LEU M 275 149.85 55.65 94.44
C LEU M 275 148.70 54.77 94.94
N GLU M 276 148.34 53.78 94.13
CA GLU M 276 147.38 52.75 94.52
C GLU M 276 148.16 51.67 95.25
N ALA M 277 148.39 51.88 96.53
CA ALA M 277 149.18 50.95 97.33
C ALA M 277 148.32 50.37 98.44
N ARG M 278 148.30 49.05 98.53
CA ARG M 278 147.45 48.34 99.47
C ARG M 278 148.31 47.66 100.51
N LEU M 279 147.72 47.44 101.69
CA LEU M 279 148.42 46.87 102.82
C LEU M 279 148.21 45.37 102.88
N THR M 280 149.27 44.61 103.11
CA THR M 280 149.20 43.17 103.29
C THR M 280 149.17 42.92 104.79
N ASN M 281 147.98 42.72 105.34
CA ASN M 281 147.80 42.56 106.77
C ASN M 281 147.94 41.08 107.10
N ILE M 282 149.13 40.70 107.58
CA ILE M 282 149.34 39.35 108.08
C ILE M 282 148.93 39.34 109.55
N ASN M 283 149.18 40.46 110.24
CA ASN M 283 148.71 40.60 111.62
C ASN M 283 147.22 40.86 111.68
N GLN M 284 146.60 41.19 110.53
CA GLN M 284 145.15 41.17 110.36
C GLN M 284 144.38 42.05 111.34
N LEU M 285 144.51 43.38 111.20
CA LEU M 285 143.73 44.29 112.03
C LEU M 285 142.57 44.91 111.26
N GLU M 286 141.92 44.14 110.39
CA GLU M 286 140.82 44.64 109.57
C GLU M 286 139.48 44.50 110.29
N MET M 287 138.61 45.47 110.03
CA MET M 287 137.23 45.38 110.53
C MET M 287 136.41 44.40 109.70
N GLY M 288 136.63 44.36 108.38
CA GLY M 288 135.92 43.49 107.48
C GLY M 288 134.45 43.83 107.37
N LEU M 289 133.66 42.84 106.94
CA LEU M 289 132.21 42.93 106.91
C LEU M 289 131.61 41.82 107.77
N LEU M 290 130.79 42.22 108.73
CA LEU M 290 130.18 41.27 109.65
C LEU M 290 128.91 40.70 109.03
N ILE M 291 128.58 39.48 109.40
CA ILE M 291 127.37 38.81 108.94
C ILE M 291 126.61 38.28 110.14
N ASP M 292 125.33 38.65 110.24
CA ASP M 292 124.49 38.31 111.37
C ASP M 292 123.16 37.77 110.86
N SER M 293 122.23 37.55 111.79
CA SER M 293 120.87 37.20 111.45
C SER M 293 119.93 37.56 112.59
N ASP M 294 118.69 37.87 112.22
CA ASP M 294 117.63 38.19 113.16
C ASP M 294 116.38 37.43 112.78
N VAL M 295 115.36 37.52 113.64
CA VAL M 295 114.09 36.85 113.43
C VAL M 295 112.96 37.82 113.73
N GLN M 296 111.96 37.86 112.86
CA GLN M 296 110.77 38.66 113.06
C GLN M 296 109.56 37.74 113.23
N LYS M 297 108.72 38.04 114.21
CA LYS M 297 107.53 37.23 114.48
C LYS M 297 106.29 38.01 114.07
N GLN M 298 105.34 37.31 113.46
CA GLN M 298 104.06 37.88 113.06
C GLN M 298 102.95 36.97 113.55
N GLY M 299 101.82 37.58 113.94
CA GLY M 299 100.67 36.83 114.42
C GLY M 299 99.43 37.19 113.62
N PHE M 300 98.84 36.16 113.01
CA PHE M 300 97.64 36.31 112.19
C PHE M 300 96.54 35.46 112.81
N MET M 301 95.38 36.08 113.07
CA MET M 301 94.26 35.43 113.74
C MET M 301 92.96 35.73 112.99
N ILE M 302 92.00 34.82 113.12
CA ILE M 302 90.79 34.81 112.31
C ILE M 302 89.60 35.10 113.21
N PRO M 303 88.72 36.02 112.85
CA PRO M 303 87.55 36.34 113.68
C PRO M 303 86.30 35.57 113.26
N THR M 304 85.23 35.78 114.03
CA THR M 304 83.90 35.34 113.65
C THR M 304 83.15 36.46 112.94
N LEU M 305 82.04 36.10 112.31
CA LEU M 305 81.26 37.06 111.53
C LEU M 305 79.79 36.94 111.88
N PRO M 306 78.98 37.95 111.57
CA PRO M 306 77.55 37.90 111.87
C PRO M 306 76.87 36.75 111.16
N PRO M 307 75.93 36.08 111.83
CA PRO M 307 75.31 34.88 111.24
C PRO M 307 74.17 35.23 110.30
N LEU M 308 73.76 34.24 109.51
CA LEU M 308 72.58 34.29 108.67
C LEU M 308 71.59 33.24 109.14
N VAL M 309 70.30 33.56 109.08
CA VAL M 309 69.25 32.74 109.69
C VAL M 309 68.29 32.29 108.61
N ILE M 310 67.33 31.45 109.00
CA ILE M 310 66.18 31.07 108.20
C ILE M 310 65.09 30.64 109.16
N VAL M 311 63.84 30.95 108.83
CA VAL M 311 62.72 30.80 109.76
C VAL M 311 61.64 29.94 109.11
N LYS M 312 60.95 29.14 109.92
CA LYS M 312 59.80 28.35 109.53
C LYS M 312 58.87 28.17 110.72
N PRO M 313 57.55 28.19 110.50
CA PRO M 313 56.64 27.61 111.48
C PRO M 313 56.95 26.14 111.67
N ALA M 314 57.25 25.77 112.92
CA ALA M 314 57.88 24.48 113.22
C ALA M 314 56.83 23.42 113.55
N MET M 315 55.85 23.27 112.67
CA MET M 315 55.05 22.04 112.67
C MET M 315 54.72 21.62 111.23
N VAL M 316 55.13 22.42 110.24
CA VAL M 316 55.00 22.09 108.83
C VAL M 316 56.26 22.56 108.11
N GLU M 317 56.58 21.91 106.98
CA GLU M 317 57.76 22.22 106.20
C GLU M 317 57.38 22.73 104.82
N ASP M 318 57.97 23.85 104.43
CA ASP M 318 57.74 24.50 103.15
C ASP M 318 58.89 24.20 102.19
N ASP M 319 58.84 24.81 101.02
CA ASP M 319 59.95 24.77 100.07
C ASP M 319 60.23 26.12 99.42
N LYS M 320 59.35 27.11 99.58
CA LYS M 320 59.59 28.43 99.01
C LYS M 320 59.80 29.45 100.12
N THR M 321 58.84 29.55 101.04
CA THR M 321 59.06 30.30 102.27
C THR M 321 60.33 29.85 102.95
N TYR M 322 60.56 28.54 102.98
CA TYR M 322 61.82 27.92 103.34
C TYR M 322 62.49 27.49 102.06
N PRO M 323 63.28 28.33 101.42
CA PRO M 323 64.11 27.85 100.32
C PRO M 323 65.18 26.91 100.87
N ARG M 324 65.55 25.94 100.06
CA ARG M 324 66.52 24.94 100.48
C ARG M 324 67.83 25.59 100.88
N LEU M 325 68.67 24.86 101.61
CA LEU M 325 69.96 25.36 102.09
C LEU M 325 70.76 26.03 100.99
N GLU M 326 70.46 25.70 99.74
CA GLU M 326 71.12 26.32 98.60
C GLU M 326 71.08 27.84 98.70
N ALA M 327 69.95 28.41 99.14
CA ALA M 327 69.87 29.86 99.24
C ALA M 327 70.88 30.40 100.24
N LEU M 328 70.95 29.79 101.43
CA LEU M 328 71.92 30.24 102.43
C LEU M 328 73.34 30.09 101.91
N THR M 329 73.64 28.96 101.27
CA THR M 329 75.00 28.74 100.77
C THR M 329 75.36 29.77 99.72
N THR M 330 74.45 30.06 98.80
CA THR M 330 74.73 31.06 97.77
C THR M 330 74.92 32.44 98.37
N ALA M 331 74.06 32.82 99.32
CA ALA M 331 74.22 34.14 99.94
C ALA M 331 75.58 34.26 100.60
N TYR M 332 75.92 33.27 101.43
CA TYR M 332 77.20 33.28 102.14
C TYR M 332 78.38 33.29 101.16
N ARG M 333 78.32 32.46 100.13
CA ARG M 333 79.43 32.38 99.19
C ARG M 333 79.59 33.68 98.42
N ILE M 334 78.50 34.27 97.93
CA ILE M 334 78.61 35.54 97.23
C ILE M 334 79.22 36.59 98.15
N GLN M 335 78.64 36.76 99.34
CA GLN M 335 79.10 37.81 100.25
C GLN M 335 80.57 37.66 100.57
N GLN M 336 80.97 36.45 100.95
CA GLN M 336 82.37 36.20 101.26
C GLN M 336 83.25 36.39 100.05
N MET M 337 83.04 35.59 99.01
CA MET M 337 83.96 35.48 97.89
C MET M 337 84.12 36.76 97.10
N ARG M 338 83.05 37.49 96.81
CA ARG M 338 83.25 38.57 95.84
C ARG M 338 83.36 39.96 96.44
N ASN M 339 82.35 40.40 97.19
CA ASN M 339 82.33 41.78 97.65
C ASN M 339 83.49 42.06 98.61
N ASN M 340 83.73 41.16 99.55
CA ASN M 340 84.84 41.36 100.47
C ASN M 340 86.18 41.34 99.74
N ALA M 341 86.34 40.45 98.78
CA ALA M 341 87.60 40.39 98.03
C ALA M 341 87.85 41.68 97.27
N VAL M 342 86.82 42.19 96.60
CA VAL M 342 86.99 43.45 95.88
C VAL M 342 87.29 44.58 96.86
N THR M 343 86.62 44.57 98.01
CA THR M 343 86.85 45.60 99.01
C THR M 343 88.30 45.62 99.46
N THR M 344 88.84 44.45 99.83
CA THR M 344 90.20 44.40 100.33
C THR M 344 91.19 44.74 99.22
N LEU M 345 90.92 44.32 97.99
CA LEU M 345 91.84 44.61 96.90
C LEU M 345 91.91 46.11 96.64
N LEU M 346 90.76 46.78 96.60
CA LEU M 346 90.77 48.21 96.33
C LEU M 346 91.35 49.00 97.50
N ASN M 347 91.09 48.54 98.73
CA ASN M 347 91.72 49.19 99.88
C ASN M 347 93.23 49.06 99.81
N ARG M 348 93.73 47.88 99.43
CA ARG M 348 95.16 47.69 99.26
C ARG M 348 95.71 48.62 98.19
N ALA M 349 95.00 48.75 97.07
CA ALA M 349 95.46 49.63 96.01
C ALA M 349 95.56 51.07 96.48
N ASP M 350 94.54 51.55 97.19
CA ASP M 350 94.59 52.92 97.67
C ASP M 350 95.69 53.11 98.69
N THR M 351 95.90 52.12 99.57
CA THR M 351 96.96 52.23 100.56
C THR M 351 98.32 52.32 99.90
N LEU M 352 98.55 51.49 98.88
CA LEU M 352 99.82 51.55 98.17
C LEU M 352 100.01 52.89 97.47
N LYS M 353 98.96 53.38 96.81
CA LYS M 353 99.03 54.69 96.16
C LYS M 353 99.40 55.76 97.16
N SER M 354 98.77 55.74 98.33
CA SER M 354 99.06 56.75 99.34
C SER M 354 100.48 56.62 99.88
N TYR M 355 100.96 55.40 100.05
CA TYR M 355 102.18 55.23 100.82
C TYR M 355 103.43 55.30 99.96
N LEU M 356 103.45 54.61 98.81
CA LEU M 356 104.65 54.53 97.98
C LEU M 356 104.76 55.60 96.92
N GLY M 357 103.75 56.46 96.77
CA GLY M 357 103.85 57.33 95.61
C GLY M 357 103.61 56.54 94.33
N VAL M 358 104.15 57.06 93.22
CA VAL M 358 103.93 56.49 91.91
C VAL M 358 105.27 56.15 91.30
N GLY M 359 105.42 54.91 90.85
CA GLY M 359 106.56 54.50 90.05
C GLY M 359 107.91 54.73 90.70
N VAL M 360 108.03 54.41 91.98
CA VAL M 360 109.29 54.58 92.70
C VAL M 360 109.58 53.35 93.56
N PRO M 361 110.69 52.65 93.33
CA PRO M 361 111.03 51.50 94.17
C PRO M 361 111.64 51.95 95.49
N HIS M 362 111.18 51.35 96.59
CA HIS M 362 111.75 51.66 97.88
C HIS M 362 112.77 50.61 98.29
N PRO M 363 113.73 50.96 99.13
CA PRO M 363 114.82 50.02 99.48
C PRO M 363 114.29 48.78 100.18
N ILE M 364 115.01 47.67 99.99
CA ILE M 364 114.62 46.42 100.62
C ILE M 364 114.66 46.58 102.13
N GLU M 365 113.60 46.11 102.80
CA GLU M 365 113.47 46.21 104.25
C GLU M 365 113.69 47.65 104.70
N SER M 366 112.77 48.52 104.28
CA SER M 366 112.89 49.93 104.63
C SER M 366 111.53 50.52 104.95
N ASN M 367 110.50 49.68 104.93
CA ASN M 367 109.15 50.11 105.27
C ASN M 367 108.54 49.06 106.18
N LEU M 368 107.99 49.49 107.31
CA LEU M 368 107.39 48.57 108.27
C LEU M 368 105.92 48.84 108.52
N GLY M 369 105.40 49.97 108.05
CA GLY M 369 103.99 50.26 108.18
C GLY M 369 103.13 49.34 107.35
N LEU M 370 103.56 49.05 106.13
CA LEU M 370 102.77 48.24 105.23
C LEU M 370 102.66 46.81 105.71
N GLU M 371 101.47 46.24 105.61
CA GLU M 371 101.25 44.88 106.06
C GLU M 371 101.93 43.91 105.10
N GLY M 372 102.22 42.71 105.61
CA GLY M 372 102.78 41.64 104.80
C GLY M 372 104.24 41.42 105.12
N VAL M 373 104.68 40.20 104.79
CA VAL M 373 106.06 39.78 105.01
C VAL M 373 106.77 39.70 103.68
N GLY M 374 106.11 40.17 102.61
CA GLY M 374 106.78 40.28 101.34
C GLY M 374 107.75 41.44 101.25
N GLN M 375 107.64 42.40 102.17
CA GLN M 375 108.52 43.56 102.14
C GLN M 375 109.94 43.23 102.58
N TYR M 376 110.14 42.14 103.32
CA TYR M 376 111.51 41.75 103.66
C TYR M 376 112.21 41.03 102.53
N TYR M 377 111.53 40.75 101.43
CA TYR M 377 112.13 40.04 100.31
C TYR M 377 112.25 40.85 99.03
N VAL M 378 111.27 41.70 98.71
CA VAL M 378 111.24 42.40 97.43
C VAL M 378 111.11 43.89 97.68
N ARG M 379 111.59 44.68 96.74
CA ARG M 379 111.51 46.12 96.86
C ARG M 379 110.07 46.57 96.73
N PRO M 380 109.53 47.32 97.68
CA PRO M 380 108.18 47.87 97.49
C PRO M 380 108.18 48.87 96.34
N TYR M 381 107.21 48.72 95.45
CA TYR M 381 107.16 49.52 94.23
C TYR M 381 105.76 49.47 93.66
N TYR M 382 105.16 50.64 93.49
CA TYR M 382 103.82 50.76 92.91
C TYR M 382 103.83 51.70 91.74
N ASN M 383 103.12 51.33 90.68
CA ASN M 383 103.08 52.12 89.46
C ASN M 383 101.74 51.92 88.75
N GLU M 384 101.22 53.00 88.17
CA GLU M 384 100.01 52.95 87.40
C GLU M 384 100.13 53.93 86.23
N ALA M 385 99.29 53.75 85.22
CA ALA M 385 99.27 54.62 84.06
C ALA M 385 97.87 54.70 83.50
N THR M 386 97.62 55.74 82.72
CA THR M 386 96.36 55.91 82.01
C THR M 386 96.63 55.81 80.51
N ILE M 387 95.71 55.20 79.78
CA ILE M 387 95.85 55.05 78.35
C ILE M 387 94.69 55.78 77.69
N ASP M 388 95.00 56.58 76.67
CA ASP M 388 93.99 57.37 75.96
C ASP M 388 93.86 56.80 74.55
N VAL M 389 92.95 55.85 74.38
CA VAL M 389 92.75 55.22 73.08
C VAL M 389 92.27 56.26 72.07
N LEU M 390 91.67 57.35 72.56
CA LEU M 390 91.15 58.38 71.67
C LEU M 390 92.25 58.99 70.82
N ASN M 391 93.42 59.22 71.39
CA ASN M 391 94.46 59.99 70.73
C ASN M 391 95.77 59.24 70.56
N ASP M 392 95.79 57.92 70.78
CA ASP M 392 97.06 57.19 70.85
C ASP M 392 97.05 55.89 70.05
N LEU M 393 96.12 55.72 69.12
CA LEU M 393 95.98 54.47 68.39
C LEU M 393 96.16 54.72 66.90
N ASN M 394 96.97 53.89 66.25
CA ASN M 394 97.25 54.03 64.83
C ASN M 394 96.29 53.19 64.01
N ASN M 395 95.65 53.82 63.01
CA ASN M 395 94.63 53.15 62.22
C ASN M 395 94.86 53.41 60.74
N LEU M 396 94.96 52.34 59.97
CA LEU M 396 94.98 52.44 58.52
C LEU M 396 93.63 52.11 57.89
N THR M 397 92.99 51.02 58.29
CA THR M 397 91.68 50.68 57.76
C THR M 397 90.75 50.41 58.93
N SER M 398 89.53 50.93 58.82
CA SER M 398 88.51 50.73 59.83
C SER M 398 88.06 49.28 59.91
N ALA M 399 88.47 48.44 58.96
CA ALA M 399 88.25 47.00 59.05
C ALA M 399 89.35 46.30 59.82
N ALA M 400 90.38 47.02 60.26
CA ALA M 400 91.44 46.47 61.08
C ALA M 400 91.54 47.16 62.44
N LYS M 401 90.49 47.86 62.87
CA LYS M 401 90.53 48.58 64.13
C LYS M 401 90.80 47.65 65.30
N GLN M 402 90.14 46.49 65.31
CA GLN M 402 90.18 45.62 66.47
C GLN M 402 91.60 45.15 66.78
N THR M 403 92.34 44.77 65.75
CA THR M 403 93.71 44.30 65.96
C THR M 403 94.57 45.40 66.55
N ASP M 404 94.43 46.62 66.06
CA ASP M 404 95.20 47.74 66.61
C ASP M 404 94.82 47.98 68.06
N ILE M 405 93.52 47.92 68.37
CA ILE M 405 93.07 48.12 69.74
C ILE M 405 93.72 47.11 70.66
N GLN M 406 93.66 45.83 70.31
CA GLN M 406 94.21 44.81 71.20
C GLN M 406 95.73 44.91 71.27
N GLY M 407 96.36 45.26 70.16
CA GLY M 407 97.81 45.40 70.15
C GLY M 407 98.29 46.47 71.11
N LEU M 408 97.59 47.61 71.14
CA LEU M 408 98.00 48.69 72.04
C LEU M 408 97.97 48.23 73.49
N ILE M 409 96.86 47.66 73.92
CA ILE M 409 96.72 47.27 75.33
C ILE M 409 97.71 46.18 75.67
N VAL M 410 97.88 45.20 74.79
CA VAL M 410 98.83 44.12 75.07
C VAL M 410 100.24 44.68 75.20
N SER M 411 100.64 45.56 74.29
CA SER M 411 101.99 46.14 74.35
C SER M 411 102.19 46.90 75.64
N LYS M 412 101.20 47.70 76.05
CA LYS M 412 101.33 48.45 77.28
C LYS M 412 101.50 47.52 78.48
N ILE M 413 100.72 46.44 78.51
CA ILE M 413 100.81 45.49 79.62
C ILE M 413 102.20 44.85 79.65
N ASN M 414 102.71 44.45 78.48
CA ASN M 414 104.04 43.86 78.45
C ASN M 414 105.09 44.84 78.96
N GLU M 415 104.98 46.10 78.54
CA GLU M 415 105.94 47.10 78.98
C GLU M 415 105.92 47.25 80.50
N MET M 416 104.73 47.39 81.08
CA MET M 416 104.66 47.56 82.53
C MET M 416 105.19 46.34 83.27
N VAL M 417 104.84 45.13 82.81
CA VAL M 417 105.32 43.93 83.47
C VAL M 417 106.84 43.86 83.41
N TYR M 418 107.41 44.15 82.24
CA TYR M 418 108.86 44.12 82.12
C TYR M 418 109.52 45.12 83.06
N THR M 419 109.00 46.34 83.10
CA THR M 419 109.61 47.36 83.96
C THR M 419 109.51 46.97 85.42
N ALA M 420 108.37 46.42 85.84
CA ALA M 420 108.24 46.00 87.24
C ALA M 420 109.23 44.90 87.58
N ASP M 421 109.36 43.91 86.70
CA ASP M 421 110.32 42.84 86.95
C ASP M 421 111.74 43.38 87.01
N GLN M 422 112.04 44.38 86.16
CA GLN M 422 113.40 44.92 86.12
C GLN M 422 113.72 45.72 87.38
N LEU M 423 112.77 46.53 87.85
CA LEU M 423 113.05 47.43 88.95
C LEU M 423 112.74 46.86 90.32
N THR M 424 112.11 45.68 90.40
CA THR M 424 111.84 45.09 91.69
C THR M 424 112.79 43.94 92.05
N GLY M 425 113.42 43.32 91.06
CA GLY M 425 114.24 42.15 91.34
C GLY M 425 113.45 40.95 91.81
N TYR M 426 112.24 40.77 91.28
CA TYR M 426 111.38 39.67 91.73
C TYR M 426 111.96 38.32 91.32
N THR M 427 112.51 38.23 90.11
CA THR M 427 112.97 36.94 89.61
C THR M 427 114.11 36.38 90.45
N ALA M 428 115.04 37.24 90.88
CA ALA M 428 116.12 36.78 91.73
C ALA M 428 115.58 36.24 93.05
N ALA M 429 114.62 36.94 93.65
CA ALA M 429 114.04 36.49 94.91
C ALA M 429 113.35 35.15 94.74
N LEU M 430 112.60 34.97 93.65
CA LEU M 430 111.96 33.69 93.41
C LEU M 430 113.00 32.58 93.26
N GLU M 431 114.08 32.86 92.52
CA GLU M 431 115.11 31.86 92.34
C GLU M 431 115.74 31.50 93.68
N ALA M 432 115.88 32.48 94.58
CA ALA M 432 116.47 32.19 95.88
C ALA M 432 115.54 31.37 96.74
N ALA M 433 114.26 31.75 96.82
CA ALA M 433 113.33 31.07 97.71
C ALA M 433 113.12 29.62 97.31
N PHE M 434 112.95 29.34 96.01
CA PHE M 434 112.75 27.99 95.51
C PHE M 434 113.98 27.62 94.68
N SER M 435 114.63 26.51 95.04
CA SER M 435 115.80 26.04 94.35
C SER M 435 115.45 24.82 93.52
N GLY M 436 116.03 24.72 92.33
CA GLY M 436 115.80 23.59 91.46
C GLY M 436 114.63 23.73 90.52
N ARG M 437 114.00 24.90 90.45
CA ARG M 437 112.92 25.12 89.50
C ARG M 437 113.01 26.54 88.99
N SER M 438 113.06 26.67 87.67
CA SER M 438 113.31 27.97 87.06
C SER M 438 112.18 28.93 87.38
N PRO M 439 112.46 30.10 87.95
CA PRO M 439 111.38 31.03 88.28
C PRO M 439 110.82 31.70 87.03
N LYS M 440 109.52 31.50 86.81
CA LYS M 440 108.76 32.26 85.82
C LYS M 440 107.64 32.96 86.56
N PRO M 441 107.56 34.27 86.51
CA PRO M 441 106.41 34.97 87.10
C PRO M 441 105.11 34.57 86.41
N HIS M 442 104.09 34.29 87.21
CA HIS M 442 102.73 34.18 86.71
C HIS M 442 101.96 35.42 87.17
N VAL M 443 101.51 36.21 86.21
CA VAL M 443 100.80 37.44 86.50
C VAL M 443 99.30 37.20 86.32
N ALA M 444 98.52 37.63 87.31
CA ALA M 444 97.07 37.56 87.21
C ALA M 444 96.56 38.77 86.46
N ILE M 445 95.49 38.60 85.71
CA ILE M 445 94.88 39.68 84.93
C ILE M 445 93.47 39.89 85.45
N GLY M 446 93.18 41.11 85.88
CA GLY M 446 91.87 41.46 86.42
C GLY M 446 91.19 42.51 85.57
N THR M 447 89.90 42.30 85.33
CA THR M 447 89.11 43.20 84.51
C THR M 447 87.63 43.00 84.81
N ASP M 448 86.80 43.76 84.13
CA ASP M 448 85.36 43.59 84.18
C ASP M 448 84.90 42.84 82.93
N MET M 449 83.60 42.73 82.71
CA MET M 449 83.04 41.95 81.62
C MET M 449 83.22 42.58 80.25
N ARG M 450 83.66 43.83 80.17
CA ARG M 450 83.70 44.55 78.90
C ARG M 450 85.03 44.45 78.18
N LEU M 451 86.13 44.52 78.90
CA LEU M 451 87.47 44.55 78.32
C LEU M 451 87.98 43.25 77.72
N PRO M 452 87.66 42.06 78.26
CA PRO M 452 88.41 40.86 77.86
C PRO M 452 88.47 40.61 76.37
N GLN M 453 87.41 40.94 75.62
CA GLN M 453 87.41 40.66 74.21
C GLN M 453 88.33 41.58 73.41
N TYR M 454 88.84 42.63 74.04
CA TYR M 454 89.85 43.46 73.40
C TYR M 454 91.25 43.22 73.95
N ILE M 455 91.41 42.34 74.95
CA ILE M 455 92.72 41.99 75.46
C ILE M 455 93.10 40.55 75.11
N GLN M 456 92.13 39.67 74.89
CA GLN M 456 92.40 38.30 74.49
C GLN M 456 93.09 38.28 73.13
N ILE M 457 93.94 37.28 72.92
CA ILE M 457 94.52 37.01 71.61
C ILE M 457 94.27 35.54 71.28
N ASN M 458 93.56 35.30 70.18
CA ASN M 458 93.34 33.95 69.66
C ASN M 458 94.40 33.67 68.61
N GLY M 459 95.54 33.13 69.04
CA GLY M 459 96.58 32.73 68.10
C GLY M 459 97.97 33.17 68.46
N ASP M 460 98.14 33.88 69.58
CA ASP M 460 99.46 34.32 70.03
C ASP M 460 99.52 34.27 71.56
N ASP M 461 100.75 34.22 72.07
CA ASP M 461 101.02 34.22 73.51
C ASP M 461 101.61 35.54 73.99
N ARG M 462 101.40 36.63 73.27
CA ARG M 462 101.98 37.91 73.61
C ARG M 462 101.19 38.67 74.67
N THR M 463 100.09 38.08 75.15
CA THR M 463 99.15 38.82 76.01
C THR M 463 99.88 39.50 77.16
N VAL M 464 100.73 38.76 77.85
CA VAL M 464 101.66 39.33 78.81
C VAL M 464 103.10 39.20 78.36
N GLY M 465 103.32 38.91 77.10
CA GLY M 465 104.66 38.71 76.60
C GLY M 465 105.01 37.24 76.54
N ILE M 466 105.64 36.84 75.44
CA ILE M 466 106.08 35.47 75.24
C ILE M 466 107.07 35.12 76.34
N GLY M 467 106.91 33.94 76.93
CA GLY M 467 107.77 33.52 78.02
C GLY M 467 107.22 33.83 79.41
N TYR M 468 106.12 34.61 79.47
CA TYR M 468 105.42 34.86 80.72
C TYR M 468 104.01 34.33 80.64
N ASP M 469 103.58 33.73 81.74
CA ASP M 469 102.27 33.10 81.83
C ASP M 469 101.26 34.09 82.38
N TYR M 470 99.98 33.75 82.26
CA TYR M 470 98.91 34.66 82.58
C TYR M 470 97.62 33.89 82.81
N THR M 471 96.69 34.54 83.48
CA THR M 471 95.32 34.04 83.64
C THR M 471 94.37 35.23 83.70
N ILE M 472 93.50 35.34 82.70
CA ILE M 472 92.57 36.45 82.60
C ILE M 472 91.38 36.15 83.50
N ALA M 473 91.07 37.08 84.39
CA ALA M 473 89.99 36.92 85.35
C ALA M 473 88.92 37.98 85.10
N ARG M 474 87.66 37.56 85.19
CA ARG M 474 86.53 38.45 85.00
C ARG M 474 85.71 38.54 86.27
N ILE M 475 85.48 39.75 86.74
CA ILE M 475 84.71 40.00 87.95
C ILE M 475 83.61 41.00 87.62
N SER M 476 82.43 40.79 88.20
CA SER M 476 81.26 41.54 87.80
C SER M 476 81.00 42.77 88.67
N ASP M 477 81.77 42.99 89.72
CA ASP M 477 81.50 44.11 90.61
C ASP M 477 81.66 45.43 89.86
N LEU M 478 80.78 46.38 90.17
CA LEU M 478 80.80 47.66 89.49
C LEU M 478 81.87 48.61 89.98
N ARG M 479 82.47 48.37 91.16
CA ARG M 479 83.63 49.17 91.50
C ARG M 479 84.79 48.95 90.54
N MET M 480 84.86 47.77 89.93
CA MET M 480 86.00 47.39 89.10
C MET M 480 85.83 47.81 87.66
N LYS M 481 84.78 48.54 87.32
CA LYS M 481 84.47 48.82 85.93
C LYS M 481 85.59 49.63 85.26
N ASP M 482 86.01 49.17 84.09
CA ASP M 482 87.07 49.81 83.32
C ASP M 482 88.34 49.96 84.13
N LYS M 483 88.78 48.88 84.77
CA LYS M 483 89.99 48.86 85.58
C LYS M 483 90.80 47.62 85.26
N ILE M 484 92.12 47.73 85.36
CA ILE M 484 93.03 46.62 85.15
C ILE M 484 94.02 46.56 86.29
N VAL M 485 94.18 45.38 86.89
CA VAL M 485 95.05 45.20 88.04
C VAL M 485 96.04 44.08 87.76
N MET M 486 97.33 44.39 87.88
CA MET M 486 98.42 43.44 87.67
C MET M 486 99.11 43.14 88.99
N THR M 487 99.52 41.89 89.17
CA THR M 487 100.30 41.48 90.33
C THR M 487 100.91 40.11 90.06
N PHE M 488 101.79 39.69 90.95
CA PHE M 488 102.46 38.40 90.87
C PHE M 488 101.87 37.43 91.87
N ILE M 489 101.67 36.18 91.44
CA ILE M 489 101.13 35.13 92.30
C ILE M 489 101.88 33.83 92.02
N LEU M 490 101.59 32.81 92.83
CA LEU M 490 102.16 31.48 92.70
C LEU M 490 101.06 30.44 92.69
N PRO M 491 100.97 29.60 91.66
CA PRO M 491 99.89 28.63 91.61
C PRO M 491 100.27 27.25 92.13
N ASN M 492 101.47 27.11 92.68
CA ASN M 492 101.99 25.80 93.05
C ASN M 492 102.27 25.66 94.53
N GLU M 493 101.66 26.49 95.38
CA GLU M 493 101.85 26.39 96.81
C GLU M 493 100.50 26.27 97.50
N SER M 494 100.41 25.39 98.49
CA SER M 494 99.23 25.30 99.33
C SER M 494 99.45 25.89 100.71
N GLU M 495 100.51 26.66 100.90
CA GLU M 495 100.91 27.16 102.20
C GLU M 495 101.14 28.67 102.13
N PRO M 496 101.00 29.37 103.24
CA PRO M 496 101.36 30.80 103.24
C PRO M 496 102.85 30.98 103.00
N HIS M 497 103.19 31.70 101.94
CA HIS M 497 104.58 31.92 101.59
C HIS M 497 104.82 33.42 101.40
N PRO M 498 105.97 33.93 101.87
CA PRO M 498 106.20 35.39 101.82
C PRO M 498 106.23 35.98 100.43
N LEU M 499 106.45 35.19 99.38
CA LEU M 499 106.42 35.68 98.02
C LEU M 499 105.04 35.53 97.38
N GLN M 500 104.06 35.07 98.14
CA GLN M 500 102.68 34.98 97.66
C GLN M 500 101.99 36.33 97.83
N HIS M 501 101.02 36.59 96.96
CA HIS M 501 100.26 37.84 97.08
C HIS M 501 99.54 37.90 98.42
N GLY M 502 98.83 36.84 98.78
CA GLY M 502 98.12 36.81 100.03
C GLY M 502 97.29 35.56 100.14
N VAL M 503 96.95 35.21 101.37
CA VAL M 503 96.23 33.98 101.66
C VAL M 503 94.91 34.32 102.33
N LEU M 504 93.88 33.56 101.97
CA LEU M 504 92.55 33.71 102.55
C LEU M 504 92.41 32.69 103.67
N GLY M 505 92.70 33.13 104.90
CA GLY M 505 92.58 32.26 106.05
C GLY M 505 91.17 31.75 106.19
N PHE M 506 90.98 30.46 105.98
CA PHE M 506 89.66 29.87 105.89
C PHE M 506 89.49 28.82 106.98
N ILE M 507 88.39 28.94 107.72
CA ILE M 507 88.07 27.97 108.76
C ILE M 507 86.76 27.28 108.40
N PRO M 508 86.73 25.96 108.33
CA PRO M 508 85.46 25.26 108.11
C PRO M 508 84.48 25.62 109.21
N GLU M 509 83.21 25.71 108.84
CA GLU M 509 82.16 26.16 109.73
C GLU M 509 81.05 25.13 109.77
N TYR M 510 80.37 25.03 110.91
CA TYR M 510 79.31 24.05 111.09
C TYR M 510 77.96 24.71 111.35
N LEU M 511 76.97 24.25 110.60
CA LEU M 511 75.60 24.70 110.77
C LEU M 511 75.02 24.15 112.06
N VAL M 512 74.19 24.95 112.72
CA VAL M 512 73.48 24.52 113.92
C VAL M 512 71.99 24.66 113.67
N ASP M 513 71.24 23.59 113.92
CA ASP M 513 69.80 23.56 113.72
C ASP M 513 69.16 23.15 115.04
N PHE M 514 68.30 24.01 115.58
CA PHE M 514 67.59 23.70 116.81
C PHE M 514 66.40 24.64 116.93
N ASN M 515 65.46 24.25 117.78
CA ASN M 515 64.24 25.02 117.97
C ASN M 515 64.37 25.89 119.22
N MET M 516 64.23 27.20 119.05
CA MET M 516 64.43 28.14 120.14
C MET M 516 63.21 29.03 120.27
N ILE M 517 62.90 29.40 121.51
CA ILE M 517 61.64 30.07 121.85
C ILE M 517 61.97 31.51 122.22
N ARG M 518 61.69 32.45 121.33
CA ARG M 518 62.01 33.85 121.56
C ARG M 518 60.71 34.64 121.64
N ASN M 519 60.41 35.19 122.83
CA ASN M 519 59.21 35.98 123.05
C ASN M 519 57.95 35.22 122.66
N GLN M 520 57.75 34.05 123.26
CA GLN M 520 56.53 33.27 123.11
C GLN M 520 56.29 32.79 121.69
N ARG M 521 57.35 32.59 120.91
CA ARG M 521 57.22 32.08 119.55
C ARG M 521 57.98 30.78 119.42
N ILE M 522 57.50 29.91 118.54
CA ILE M 522 58.06 28.57 118.36
C ILE M 522 58.38 28.38 116.89
N GLY M 523 59.65 28.45 116.54
CA GLY M 523 60.09 28.19 115.18
C GLY M 523 61.56 27.84 115.15
N ARG M 524 61.90 26.90 114.26
CA ARG M 524 63.28 26.46 114.17
C ARG M 524 64.08 27.48 113.37
N GLU M 525 65.32 27.71 113.80
CA GLU M 525 66.23 28.61 113.10
C GLU M 525 67.50 27.86 112.77
N ILE M 526 67.97 28.01 111.53
CA ILE M 526 69.22 27.43 111.08
C ILE M 526 70.24 28.55 110.97
N ARG M 527 71.32 28.46 111.75
CA ARG M 527 72.32 29.51 111.85
C ARG M 527 73.56 29.14 111.05
N LEU M 528 74.04 30.08 110.26
CA LEU M 528 75.23 29.92 109.44
C LEU M 528 76.32 30.84 109.97
N THR M 529 77.32 30.26 110.61
CA THR M 529 78.34 31.10 111.22
C THR M 529 79.58 31.15 110.34
N PRO M 530 79.89 32.29 109.74
CA PRO M 530 81.08 32.37 108.88
C PRO M 530 82.32 32.83 109.62
N ARG M 531 83.48 32.27 109.26
CA ARG M 531 84.76 32.62 109.84
C ARG M 531 85.84 32.64 108.78
N TYR M 532 86.42 33.81 108.54
CA TYR M 532 87.45 33.98 107.52
C TYR M 532 88.01 35.38 107.62
N ARG M 533 89.17 35.60 107.00
CA ARG M 533 89.63 36.94 106.71
C ARG M 533 90.65 36.89 105.57
N TYR M 534 90.72 38.00 104.83
CA TYR M 534 91.72 38.17 103.78
C TYR M 534 92.99 38.76 104.38
N PHE M 535 94.14 38.25 103.95
CA PHE M 535 95.43 38.80 104.33
C PHE M 535 96.21 39.21 103.10
N ASN M 536 97.02 40.26 103.24
CA ASN M 536 97.79 40.81 102.14
C ASN M 536 99.28 40.72 102.46
N PHE M 537 100.06 40.20 101.50
CA PHE M 537 101.51 40.06 101.71
C PHE M 537 102.29 40.93 100.74
N LEU M 538 102.13 40.76 99.44
CA LEU M 538 103.10 41.31 98.50
C LEU M 538 102.94 42.81 98.35
N PRO M 539 104.00 43.59 98.56
CA PRO M 539 103.92 45.02 98.26
C PRO M 539 104.23 45.33 96.80
N ILE M 540 103.62 44.59 95.88
CA ILE M 540 103.74 44.84 94.45
C ILE M 540 102.35 44.82 93.85
N MET M 541 102.00 45.87 93.13
CA MET M 541 100.71 45.94 92.46
C MET M 541 100.76 46.97 91.35
N LEU M 542 100.17 46.63 90.20
CA LEU M 542 100.13 47.51 89.05
C LEU M 542 98.68 47.73 88.64
N VAL M 543 98.36 48.96 88.25
CA VAL M 543 96.99 49.34 87.91
C VAL M 543 97.01 50.06 86.57
N ILE M 544 96.03 49.75 85.72
CA ILE M 544 95.89 50.37 84.41
C ILE M 544 94.48 50.91 84.29
N ASN M 545 94.35 52.12 83.74
CA ASN M 545 93.06 52.72 83.44
C ASN M 545 92.88 52.82 81.94
N VAL M 546 91.67 52.56 81.47
CA VAL M 546 91.32 52.69 80.05
C VAL M 546 90.13 53.62 79.96
N ILE M 547 90.28 54.70 79.18
CA ILE M 547 89.23 55.69 79.02
C ILE M 547 89.06 56.00 77.54
N ASN M 548 87.88 56.53 77.20
CA ASN M 548 87.51 56.91 75.84
C ASN M 548 87.57 55.74 74.85
N LEU M 549 87.62 54.51 75.35
CA LEU M 549 87.53 53.36 74.44
C LEU M 549 86.19 53.34 73.74
N GLU M 550 85.17 53.93 74.36
CA GLU M 550 83.86 54.04 73.71
C GLU M 550 83.95 54.92 72.46
N GLU M 551 84.53 56.12 72.60
CA GLU M 551 84.44 57.11 71.53
C GLU M 551 85.36 56.77 70.37
N ALA M 552 86.61 56.40 70.66
CA ALA M 552 87.63 56.34 69.62
C ALA M 552 87.26 55.38 68.51
N ILE M 553 86.95 54.13 68.86
CA ILE M 553 86.50 53.17 67.86
C ILE M 553 85.19 53.61 67.21
N ALA M 554 84.35 54.35 67.93
CA ALA M 554 83.08 54.77 67.38
C ALA M 554 83.21 55.88 66.34
N GLN M 555 84.02 56.89 66.59
CA GLN M 555 84.12 58.06 65.73
C GLN M 555 85.46 58.06 65.01
N ARG M 556 85.74 59.15 64.30
CA ARG M 556 86.92 59.23 63.45
C ARG M 556 88.19 59.13 64.29
N THR M 557 88.96 58.07 64.06
CA THR M 557 90.32 57.95 64.57
C THR M 557 91.22 57.54 63.43
N ALA M 558 91.66 58.52 62.64
CA ALA M 558 92.47 58.26 61.48
C ALA M 558 93.94 58.51 61.81
N LEU M 559 94.82 58.22 60.85
CA LEU M 559 96.25 58.40 61.03
C LEU M 559 96.56 59.83 61.49
N ASP M 560 97.08 59.93 62.71
CA ASP M 560 97.59 61.22 63.18
C ASP M 560 98.89 61.51 62.44
N VAL M 561 98.78 61.73 61.14
CA VAL M 561 99.95 61.84 60.27
C VAL M 561 100.73 63.07 60.70
N ASN M 562 101.89 62.84 61.30
CA ASN M 562 102.70 63.93 61.79
C ASN M 562 103.67 64.41 60.72
N GLU M 563 103.40 65.59 60.17
CA GLU M 563 104.37 66.32 59.36
C GLU M 563 105.68 66.38 60.13
N THR M 564 106.80 66.44 59.42
CA THR M 564 108.06 66.80 60.07
C THR M 564 108.80 67.84 59.24
N GLN M 565 108.42 69.10 59.45
CA GLN M 565 109.18 70.29 59.06
C GLN M 565 109.99 70.16 57.78
N VAL M 566 109.40 69.65 56.71
CA VAL M 566 110.12 69.75 55.44
C VAL M 566 109.57 70.99 54.75
N THR M 567 110.14 72.13 55.06
CA THR M 567 109.74 73.45 54.62
C THR M 567 110.72 74.48 55.18
N PRO M 568 110.69 75.71 54.67
CA PRO M 568 111.46 76.78 55.34
C PRO M 568 111.07 76.98 56.79
N ALA M 569 111.89 77.75 57.52
CA ALA M 569 111.67 78.13 58.91
C ALA M 569 111.82 76.96 59.88
N SER M 570 112.36 75.84 59.40
CA SER M 570 112.66 74.70 60.26
C SER M 570 113.69 73.79 59.62
N HIS N 1 55.77 35.81 58.85
CA HIS N 1 56.90 36.57 58.35
C HIS N 1 58.11 36.44 59.28
N GLU N 2 59.30 36.66 58.73
CA GLU N 2 60.53 36.46 59.51
C GLU N 2 60.66 37.46 60.65
N PHE N 3 60.53 38.76 60.33
CA PHE N 3 60.83 39.79 61.33
C PHE N 3 59.89 39.69 62.53
N ALA N 4 58.61 39.52 62.29
CA ALA N 4 57.67 39.34 63.40
C ALA N 4 58.02 38.10 64.20
N GLU N 5 58.66 37.12 63.56
CA GLU N 5 59.05 35.91 64.27
C GLU N 5 60.23 36.15 65.19
N LEU N 6 61.22 36.92 64.73
CA LEU N 6 62.41 37.18 65.54
C LEU N 6 62.06 37.92 66.83
N PHE N 7 61.27 38.98 66.72
CA PHE N 7 61.02 39.82 67.88
C PHE N 7 59.79 39.42 68.68
N TYR N 8 59.04 38.43 68.21
CA TYR N 8 57.87 37.92 68.93
C TYR N 8 57.69 36.45 68.61
N ARG N 9 57.64 35.62 69.65
CA ARG N 9 57.35 34.21 69.46
C ARG N 9 55.85 34.00 69.34
N THR N 10 55.45 33.24 68.33
CA THR N 10 54.03 32.98 68.10
C THR N 10 53.54 32.00 69.15
N TYR N 11 52.47 32.37 69.85
CA TYR N 11 51.88 31.52 70.88
C TYR N 11 50.39 31.39 70.59
N ILE N 12 49.96 30.14 70.36
CA ILE N 12 48.59 29.86 69.94
C ILE N 12 47.73 29.66 71.18
N VAL N 13 46.65 30.42 71.27
CA VAL N 13 45.69 30.30 72.36
C VAL N 13 44.45 29.64 71.80
N THR N 14 44.02 28.55 72.43
CA THR N 14 42.79 27.88 72.05
C THR N 14 41.63 28.86 72.23
N PRO N 15 40.57 28.75 71.44
CA PRO N 15 39.50 29.74 71.52
C PRO N 15 38.60 29.59 72.74
N ASP N 16 39.06 28.83 73.74
CA ASP N 16 38.26 28.62 74.94
C ASP N 16 38.83 29.30 76.17
N GLN N 17 40.02 29.88 76.11
CA GLN N 17 40.62 30.60 77.23
C GLN N 17 40.78 32.06 76.85
N ALA N 18 40.39 32.95 77.75
CA ALA N 18 40.43 34.38 77.50
C ALA N 18 41.69 35.05 78.06
N GLY N 19 42.64 34.29 78.58
CA GLY N 19 43.88 34.88 79.05
C GLY N 19 44.80 33.84 79.65
N PHE N 20 46.01 34.29 80.00
CA PHE N 20 47.01 33.41 80.57
C PHE N 20 47.78 34.15 81.65
N GLN N 21 48.38 33.37 82.55
CA GLN N 21 49.08 33.89 83.72
C GLN N 21 50.57 33.56 83.60
N LEU N 22 51.39 34.33 84.30
CA LEU N 22 52.83 34.10 84.35
C LEU N 22 53.31 34.26 85.79
N SER N 23 53.37 33.15 86.52
CA SER N 23 53.83 33.16 87.91
C SER N 23 55.35 33.25 87.93
N ILE N 24 55.88 34.05 88.86
CA ILE N 24 57.32 34.22 89.01
C ILE N 24 57.69 33.96 90.47
N ARG N 25 58.80 33.28 90.68
CA ARG N 25 59.37 33.08 92.00
C ARG N 25 60.46 34.11 92.23
N ARG N 26 60.56 34.60 93.47
CA ARG N 26 61.63 35.49 93.87
C ARG N 26 62.10 35.14 95.27
N ASN N 27 63.39 34.87 95.41
CA ASN N 27 63.99 34.60 96.72
C ASN N 27 64.52 35.91 97.29
N LEU N 28 63.83 36.42 98.30
CA LEU N 28 64.14 37.72 98.87
C LEU N 28 64.99 37.57 100.11
N VAL N 29 66.06 38.37 100.17
CA VAL N 29 66.86 38.52 101.38
C VAL N 29 66.56 39.91 101.94
N TRP N 30 66.24 39.96 103.23
CA TRP N 30 65.67 41.18 103.78
C TRP N 30 65.83 41.16 105.29
N GLU N 31 65.78 42.35 105.88
CA GLU N 31 66.30 42.57 107.23
C GLU N 31 65.32 42.20 108.33
N GLY N 32 64.26 41.46 108.02
CA GLY N 32 63.30 41.06 109.02
C GLY N 32 62.26 42.14 109.25
N TRP N 33 61.09 41.70 109.72
CA TRP N 33 59.99 42.63 109.90
C TRP N 33 60.38 43.71 110.91
N THR N 34 59.93 44.93 110.66
CA THR N 34 60.26 46.04 111.52
C THR N 34 59.77 45.76 112.94
N GLY N 35 60.67 45.95 113.91
CA GLY N 35 60.42 45.52 115.27
C GLY N 35 60.33 44.01 115.35
N GLU N 36 60.49 43.50 116.57
CA GLU N 36 60.18 42.10 116.83
C GLU N 36 58.68 41.85 116.73
N GLY N 37 57.88 42.90 116.73
CA GLY N 37 56.51 42.83 116.27
C GLY N 37 56.45 43.16 114.80
N LEU N 38 55.26 43.37 114.26
CA LEU N 38 55.13 43.91 112.92
C LEU N 38 55.39 45.41 112.88
N SER N 39 55.46 46.05 114.04
CA SER N 39 55.65 47.49 114.19
C SER N 39 54.45 48.27 113.67
N GLY N 40 54.29 49.50 114.14
CA GLY N 40 53.13 50.30 113.77
C GLY N 40 53.20 50.87 112.37
N GLU N 41 52.32 51.83 112.09
CA GLU N 41 52.17 52.45 110.78
C GLU N 41 51.78 51.40 109.75
N LYS N 42 52.26 51.57 108.52
CA LYS N 42 52.03 50.59 107.47
C LYS N 42 53.32 49.92 107.03
N GLN N 43 54.35 50.02 107.86
CA GLN N 43 55.54 49.18 107.82
C GLN N 43 56.48 49.55 106.69
N GLU N 44 57.77 49.65 107.01
CA GLU N 44 58.81 49.81 106.01
C GLU N 44 59.28 48.42 105.59
N ILE N 45 58.77 47.94 104.47
CA ILE N 45 59.12 46.62 103.98
C ILE N 45 60.21 46.78 102.93
N SER N 46 61.35 46.13 103.16
CA SER N 46 62.55 46.38 102.37
C SER N 46 63.05 45.06 101.76
N LYS N 47 62.12 44.33 101.15
CA LYS N 47 62.51 43.13 100.40
C LYS N 47 63.47 43.51 99.28
N ARG N 48 64.66 42.91 99.30
CA ARG N 48 65.69 43.20 98.31
C ARG N 48 65.98 41.94 97.52
N ASN N 49 65.91 42.04 96.19
CA ASN N 49 66.19 40.89 95.35
C ASN N 49 67.63 40.44 95.51
N ILE N 50 67.83 39.12 95.54
CA ILE N 50 69.17 38.59 95.70
C ILE N 50 70.04 38.92 94.49
N LEU N 51 69.42 39.02 93.31
CA LEU N 51 70.16 39.41 92.12
C LEU N 51 70.72 40.81 92.23
N GLN N 52 70.16 41.64 93.12
CA GLN N 52 70.68 42.98 93.30
C GLN N 52 72.10 42.97 93.85
N GLY N 53 72.43 41.97 94.68
CA GLY N 53 73.77 41.87 95.21
C GLY N 53 74.80 41.37 94.23
N LEU N 54 74.36 40.82 93.10
CA LEU N 54 75.31 40.37 92.09
C LEU N 54 76.17 41.51 91.56
N LEU N 55 75.64 42.73 91.56
CA LEU N 55 76.34 43.89 91.04
C LEU N 55 76.52 45.00 92.07
N ASP N 56 75.57 45.17 92.97
CA ASP N 56 75.70 46.20 93.99
C ASP N 56 76.60 45.70 95.14
N TYR N 57 76.93 46.62 96.04
CA TYR N 57 77.85 46.36 97.14
C TYR N 57 77.23 46.67 98.50
N THR N 58 75.90 46.83 98.56
CA THR N 58 75.24 47.22 99.80
C THR N 58 74.00 46.41 100.12
N THR N 59 73.88 45.18 99.63
CA THR N 59 72.70 44.38 99.92
C THR N 59 72.96 43.34 101.00
N LEU N 60 73.95 42.48 100.79
CA LEU N 60 74.25 41.38 101.69
C LEU N 60 75.41 41.76 102.61
N GLU N 61 75.15 42.70 103.51
CA GLU N 61 76.12 43.09 104.53
C GLU N 61 75.42 43.16 105.87
N THR N 62 76.09 42.71 106.92
CA THR N 62 75.46 42.52 108.22
C THR N 62 76.30 43.16 109.31
N ASN N 63 75.65 43.93 110.17
CA ASN N 63 76.24 44.42 111.40
C ASN N 63 75.27 44.14 112.54
N SER N 64 75.32 42.93 113.06
CA SER N 64 74.39 42.53 114.11
C SER N 64 75.14 42.13 115.37
N THR N 65 76.43 41.86 115.23
CA THR N 65 77.26 41.44 116.35
C THR N 65 78.33 42.46 116.71
N GLU N 66 78.52 43.50 115.90
CA GLU N 66 79.44 44.56 116.25
C GLU N 66 79.00 45.24 117.54
N LEU N 67 79.92 45.42 118.47
CA LEU N 67 79.65 46.20 119.67
C LEU N 67 80.01 47.65 119.36
N ILE N 68 79.12 48.33 118.64
CA ILE N 68 79.26 49.76 118.37
C ILE N 68 78.93 50.48 119.67
N PRO N 69 79.83 51.30 120.21
CA PRO N 69 79.50 52.09 121.40
C PRO N 69 78.33 53.00 121.12
N VAL N 70 77.45 53.13 122.11
CA VAL N 70 76.20 53.89 121.98
C VAL N 70 76.19 55.00 123.01
N ILE N 71 75.90 56.22 122.57
CA ILE N 71 75.85 57.35 123.48
C ILE N 71 74.52 57.34 124.22
N GLN N 72 74.58 57.68 125.51
CA GLN N 72 73.40 57.76 126.36
C GLN N 72 73.59 58.96 127.26
N SER N 73 72.95 60.08 126.92
CA SER N 73 73.23 61.35 127.58
C SER N 73 72.90 61.30 129.06
N GLY N 74 73.80 61.80 129.89
CA GLY N 74 73.56 61.92 131.31
C GLY N 74 73.89 60.70 132.13
N GLU N 75 74.27 59.59 131.50
CA GLU N 75 74.66 58.41 132.25
C GLU N 75 76.06 57.94 131.96
N ASN N 76 76.55 58.04 130.71
CA ASN N 76 77.88 57.55 130.38
C ASN N 76 78.58 58.52 129.45
N ASP N 77 78.56 59.80 129.78
CA ASP N 77 79.27 60.79 128.98
C ASP N 77 80.78 60.73 129.23
N GLU N 78 81.20 60.30 130.41
CA GLU N 78 82.61 60.36 130.80
C GLU N 78 83.52 59.55 129.92
N GLN N 79 83.15 58.32 129.57
CA GLN N 79 84.01 57.50 128.73
C GLN N 79 84.15 58.02 127.31
N PHE N 80 83.26 58.91 126.87
CA PHE N 80 83.27 59.38 125.50
C PHE N 80 83.96 60.73 125.40
N ILE N 81 84.56 60.97 124.23
CA ILE N 81 85.27 62.21 123.99
C ILE N 81 84.32 63.40 124.08
N ASP N 82 84.90 64.56 124.40
CA ASP N 82 84.14 65.79 124.48
C ASP N 82 83.42 66.06 123.16
N PRO N 83 82.10 66.23 123.20
CA PRO N 83 81.34 66.48 121.96
C PRO N 83 81.74 67.76 121.26
N SER N 84 82.39 68.70 121.93
CA SER N 84 82.81 69.95 121.32
C SER N 84 83.98 69.78 120.36
N VAL N 85 84.59 68.59 120.31
CA VAL N 85 85.69 68.31 119.41
C VAL N 85 85.15 67.66 118.15
N LEU N 86 84.37 66.60 118.32
CA LEU N 86 83.76 65.89 117.19
C LEU N 86 82.37 65.41 117.58
N PRO N 87 81.31 66.02 117.05
CA PRO N 87 79.95 65.57 117.38
C PRO N 87 79.66 64.15 116.92
N ALA N 88 78.65 63.53 117.51
CA ALA N 88 78.35 62.14 117.21
C ALA N 88 77.90 61.96 115.76
N GLN N 89 78.22 60.79 115.21
CA GLN N 89 77.83 60.43 113.86
C GLN N 89 76.82 59.28 113.91
N THR N 90 75.88 59.27 112.97
CA THR N 90 74.80 58.29 112.97
C THR N 90 75.24 57.03 112.25
N VAL N 91 75.12 55.89 112.93
CA VAL N 91 75.40 54.58 112.36
C VAL N 91 74.18 53.69 112.55
N LYS N 92 73.84 52.96 111.51
CA LYS N 92 72.59 52.21 111.44
C LYS N 92 72.90 50.72 111.47
N GLN N 93 72.19 49.99 112.34
CA GLN N 93 72.29 48.54 112.41
C GLN N 93 70.90 47.97 112.64
N GLY N 94 70.54 46.96 111.85
CA GLY N 94 69.25 46.29 112.04
C GLY N 94 68.10 47.25 111.93
N LYS N 95 67.42 47.48 113.06
CA LYS N 95 66.33 48.44 113.14
C LYS N 95 66.75 49.73 113.82
N ASP N 96 67.69 49.65 114.76
CA ASP N 96 67.96 50.74 115.70
C ASP N 96 68.71 51.87 115.01
N THR N 97 68.39 53.09 115.39
CA THR N 97 69.15 54.27 114.99
C THR N 97 69.63 54.98 116.24
N PHE N 98 70.93 55.24 116.32
CA PHE N 98 71.53 55.82 117.52
C PHE N 98 72.83 56.52 117.14
N ASP N 99 73.35 57.28 118.08
CA ASP N 99 74.55 58.09 117.86
C ASP N 99 75.76 57.46 118.53
N THR N 100 76.91 57.59 117.89
CA THR N 100 78.16 57.03 118.40
C THR N 100 79.28 58.04 118.24
N ASN N 101 80.38 57.81 118.95
CA ASN N 101 81.54 58.68 118.85
C ASN N 101 82.78 57.92 119.32
N PHE N 102 83.94 58.52 119.07
CA PHE N 102 85.21 57.89 119.42
C PHE N 102 85.36 57.77 120.93
N LEU N 103 85.96 56.67 121.36
CA LEU N 103 86.22 56.46 122.78
C LEU N 103 87.31 57.40 123.27
N LYS N 104 87.28 57.72 124.54
CA LYS N 104 88.29 58.58 125.14
C LYS N 104 89.42 57.75 125.74
N PHE N 105 90.66 58.17 125.48
CA PHE N 105 91.81 57.56 126.11
C PHE N 105 91.69 57.67 127.63
N SER N 106 91.91 56.55 128.32
CA SER N 106 91.71 56.47 129.76
C SER N 106 93.07 56.34 130.44
N GLU N 107 93.55 57.45 130.99
CA GLU N 107 94.84 57.47 131.66
C GLU N 107 94.76 57.19 133.14
N ASN N 108 93.58 57.34 133.75
CA ASN N 108 93.42 57.21 135.19
C ASN N 108 92.13 56.48 135.49
N GLY N 109 92.04 55.90 136.68
CA GLY N 109 90.83 55.24 137.10
C GLY N 109 90.58 53.98 136.30
N GLU N 110 89.42 53.38 136.53
CA GLU N 110 89.04 52.18 135.79
C GLU N 110 88.91 52.52 134.32
N GLY N 111 89.18 51.55 133.46
CA GLY N 111 88.98 51.75 132.04
C GLY N 111 87.50 51.73 131.69
N PHE N 112 87.17 51.16 130.54
CA PHE N 112 85.80 51.07 130.10
C PHE N 112 85.34 49.62 130.10
N ASN N 113 84.08 49.42 130.47
CA ASN N 113 83.45 48.10 130.40
C ASN N 113 82.61 48.06 129.14
N LEU N 114 83.00 47.20 128.20
CA LEU N 114 82.45 47.28 126.85
C LEU N 114 80.99 46.83 126.80
N LEU N 115 80.67 45.72 127.48
CA LEU N 115 79.31 45.19 127.41
C LEU N 115 78.29 46.20 127.95
N MET N 116 78.60 46.83 129.08
CA MET N 116 77.76 47.89 129.58
C MET N 116 77.72 49.07 128.62
N LEU N 117 78.79 49.31 127.88
CA LEU N 117 78.89 50.43 126.95
C LEU N 117 78.33 50.12 125.58
N ALA N 118 77.83 48.91 125.35
CA ALA N 118 77.39 48.54 124.01
C ALA N 118 75.92 48.17 123.96
N GLN N 119 75.07 48.95 124.61
CA GLN N 119 73.64 48.67 124.65
C GLN N 119 72.91 49.56 123.65
N THR N 120 72.54 48.96 122.52
CA THR N 120 71.63 49.60 121.58
C THR N 120 70.19 49.44 122.10
N PRO N 121 69.26 50.27 121.63
CA PRO N 121 67.88 50.15 122.09
C PRO N 121 67.30 48.75 121.95
N SER N 122 67.68 48.02 120.89
CA SER N 122 67.17 46.66 120.73
C SER N 122 67.61 45.76 121.88
N ARG N 123 68.87 45.86 122.30
CA ARG N 123 69.36 44.99 123.38
C ARG N 123 68.65 45.29 124.69
N LEU N 124 68.19 46.53 124.87
CA LEU N 124 67.45 46.85 126.08
C LEU N 124 66.16 46.07 126.18
N LYS N 125 65.43 45.94 125.06
CA LYS N 125 64.18 45.19 125.08
C LYS N 125 64.40 43.73 125.44
N LYS N 126 65.59 43.20 125.16
CA LYS N 126 65.90 41.82 125.49
C LYS N 126 66.23 41.61 126.96
N GLY N 127 66.71 42.65 127.64
CA GLY N 127 67.21 42.49 128.99
C GLY N 127 68.72 42.67 129.03
N SER N 128 69.19 43.62 129.85
CA SER N 128 70.57 44.05 129.76
C SER N 128 71.51 43.10 130.48
N MET N 129 72.81 43.27 130.19
CA MET N 129 73.94 42.62 130.86
C MET N 129 73.68 41.14 131.12
N THR N 130 73.49 40.42 130.01
CA THR N 130 73.47 38.97 130.10
C THR N 130 74.87 38.45 130.46
N PHE N 131 74.91 37.57 131.45
CA PHE N 131 76.18 37.10 132.02
C PHE N 131 76.79 35.94 131.24
N THR N 132 76.19 35.54 130.12
CA THR N 132 76.76 34.50 129.28
C THR N 132 77.14 34.99 127.90
N ASP N 133 77.45 36.28 127.75
CA ASP N 133 77.87 36.83 126.47
C ASP N 133 79.39 37.00 126.47
N SER N 134 80.04 36.59 125.39
CA SER N 134 81.49 36.56 125.31
C SER N 134 81.96 37.39 124.13
N LEU N 135 83.10 38.06 124.31
CA LEU N 135 83.67 38.89 123.27
C LEU N 135 84.34 38.03 122.20
N ASP N 136 84.71 38.67 121.09
CA ASP N 136 85.30 37.95 119.97
C ASP N 136 86.73 37.52 120.28
N SER N 137 87.22 36.53 119.54
CA SER N 137 88.60 36.09 119.72
C SER N 137 89.59 37.14 119.24
N ARG N 138 89.14 38.09 118.42
CA ARG N 138 89.99 39.17 117.94
C ARG N 138 89.47 40.50 118.46
N ILE N 139 90.38 41.35 118.91
CA ILE N 139 90.10 42.74 119.24
C ILE N 139 91.13 43.60 118.55
N ALA N 140 90.68 44.64 117.85
CA ALA N 140 91.60 45.44 117.05
C ALA N 140 91.24 46.92 117.17
N LEU N 141 92.23 47.76 116.84
CA LEU N 141 91.99 49.19 116.79
C LEU N 141 91.30 49.55 115.48
N LYS N 142 90.17 50.26 115.57
CA LYS N 142 89.38 50.54 114.38
C LYS N 142 89.92 51.74 113.61
N GLN N 143 89.89 52.93 114.21
CA GLN N 143 90.46 54.12 113.59
C GLN N 143 91.15 54.93 114.67
N LEU N 144 92.26 55.58 114.28
CA LEU N 144 92.98 56.47 115.16
C LEU N 144 92.72 57.91 114.74
N LEU N 145 92.26 58.72 115.69
CA LEU N 145 92.13 60.15 115.49
C LEU N 145 93.33 60.85 116.10
N ILE N 146 93.97 61.71 115.32
CA ILE N 146 95.07 62.52 115.81
C ILE N 146 94.74 63.98 115.50
N SER N 147 95.32 64.88 116.29
CA SER N 147 95.17 66.31 116.09
C SER N 147 96.53 66.92 115.81
N VAL N 148 96.64 67.64 114.71
CA VAL N 148 97.83 68.41 114.38
C VAL N 148 97.55 69.86 114.73
N THR N 149 98.43 70.47 115.53
CA THR N 149 98.17 71.78 116.09
C THR N 149 99.43 72.64 116.00
N LYS N 150 99.27 73.83 115.42
CA LYS N 150 100.35 74.81 115.34
C LYS N 150 99.80 76.14 115.82
N GLY N 151 100.11 76.52 117.05
CA GLY N 151 99.64 77.77 117.59
C GLY N 151 98.20 77.78 118.06
N GLY N 152 97.57 76.60 118.18
CA GLY N 152 96.20 76.51 118.66
C GLY N 152 95.19 76.07 117.63
N THR N 153 95.52 76.07 116.34
CA THR N 153 94.61 75.61 115.32
C THR N 153 94.48 74.10 115.39
N THR N 154 93.24 73.60 115.34
CA THR N 154 92.95 72.18 115.52
C THR N 154 92.48 71.58 114.21
N GLU N 155 93.13 70.49 113.80
CA GLU N 155 92.73 69.72 112.63
C GLU N 155 92.55 68.27 113.04
N LEU N 156 91.50 67.63 112.52
CA LEU N 156 91.15 66.28 112.90
C LEU N 156 91.36 65.34 111.73
N PHE N 157 92.13 64.27 111.96
CA PHE N 157 92.41 63.27 110.95
C PHE N 157 91.90 61.92 111.43
N ALA N 158 91.21 61.21 110.55
CA ALA N 158 90.81 59.84 110.80
C ALA N 158 91.84 58.92 110.14
N LEU N 159 92.82 58.49 110.90
CA LEU N 159 93.87 57.62 110.40
C LEU N 159 93.42 56.17 110.51
N ASP N 160 93.41 55.47 109.38
CA ASP N 160 93.05 54.06 109.38
C ASP N 160 94.22 53.29 109.99
N VAL N 161 93.97 52.65 111.13
CA VAL N 161 94.98 51.85 111.82
C VAL N 161 94.73 50.37 111.64
N ASN N 162 93.52 50.00 111.23
CA ASN N 162 93.23 48.61 110.89
C ASN N 162 94.15 48.15 109.76
N ARG N 163 94.33 46.84 109.66
CA ARG N 163 95.26 46.24 108.71
C ARG N 163 96.68 46.80 108.89
N ASP N 164 97.17 46.66 110.11
CA ASP N 164 98.56 46.89 110.45
C ASP N 164 99.11 45.64 111.11
N GLN N 165 100.42 45.45 111.01
CA GLN N 165 101.04 44.19 111.41
C GLN N 165 100.82 43.90 112.89
N TYR N 166 101.00 44.90 113.73
CA TYR N 166 100.96 44.69 115.18
C TYR N 166 99.64 45.11 115.82
N ALA N 167 98.63 45.45 115.03
CA ALA N 167 97.37 45.96 115.56
C ALA N 167 96.41 44.87 115.97
N ALA N 168 96.89 43.65 116.19
CA ALA N 168 96.06 42.54 116.62
C ALA N 168 96.36 42.20 118.07
N TYR N 169 95.31 42.05 118.88
CA TYR N 169 95.48 41.69 120.27
C TYR N 169 96.04 40.28 120.36
N THR N 170 96.93 40.05 121.32
CA THR N 170 97.53 38.75 121.57
C THR N 170 97.28 38.33 123.02
N ALA N 171 96.95 37.06 123.20
CA ALA N 171 96.75 36.54 124.54
C ALA N 171 98.07 36.46 125.29
N THR N 172 98.00 36.63 126.61
CA THR N 172 99.17 36.55 127.46
C THR N 172 98.79 35.86 128.77
N ARG N 173 99.79 35.32 129.45
CA ARG N 173 99.60 34.68 130.75
C ARG N 173 100.20 35.57 131.84
N GLU N 174 99.41 36.52 132.33
CA GLU N 174 99.83 37.34 133.46
C GLU N 174 98.90 37.27 134.66
N TYR N 175 97.59 37.39 134.49
CA TYR N 175 96.70 37.37 135.64
C TYR N 175 95.69 36.23 135.52
N ASN N 176 95.00 36.16 134.39
CA ASN N 176 93.84 35.30 134.27
C ASN N 176 93.96 34.39 133.06
N PHE N 177 93.16 33.33 133.06
CA PHE N 177 93.09 32.40 131.93
C PHE N 177 92.56 33.06 130.67
N ARG N 178 91.94 34.23 130.78
CA ARG N 178 91.17 34.80 129.68
C ARG N 178 91.45 36.29 129.49
N LEU N 179 92.70 36.71 129.60
CA LEU N 179 93.05 38.12 129.46
C LEU N 179 93.72 38.34 128.10
N MET N 180 93.40 39.46 127.46
CA MET N 180 93.97 39.81 126.16
C MET N 180 94.85 41.05 126.29
N GLN N 181 95.95 41.05 125.54
CA GLN N 181 97.00 42.05 125.67
C GLN N 181 97.17 42.82 124.36
N LEU N 182 97.56 44.08 124.48
CA LEU N 182 97.86 44.94 123.33
C LEU N 182 99.20 45.61 123.52
N LYS N 183 100.10 45.42 122.55
CA LYS N 183 101.37 46.12 122.47
C LYS N 183 101.52 46.58 121.03
N PHE N 184 101.41 47.89 120.82
CA PHE N 184 101.40 48.49 119.49
C PHE N 184 102.64 49.36 119.35
N HIS N 185 103.64 48.87 118.62
CA HIS N 185 104.91 49.55 118.44
C HIS N 185 105.19 49.69 116.94
N THR N 186 104.98 50.89 116.41
CA THR N 186 105.15 51.12 114.98
C THR N 186 105.13 52.61 114.68
N SER N 187 105.14 52.92 113.39
CA SER N 187 105.11 54.29 112.90
C SER N 187 103.95 54.45 111.93
N LEU N 188 103.27 55.60 111.98
CA LEU N 188 102.19 55.93 111.07
C LEU N 188 102.57 57.08 110.19
N GLY N 189 102.39 56.91 108.89
CA GLY N 189 102.73 57.92 107.90
C GLY N 189 101.54 58.70 107.42
N LEU N 190 101.71 60.02 107.33
CA LEU N 190 100.68 60.92 106.85
C LEU N 190 100.85 61.13 105.35
N GLY N 191 99.85 60.74 104.58
CA GLY N 191 99.96 60.77 103.14
C GLY N 191 99.74 62.16 102.57
N GLU N 192 100.20 62.33 101.33
CA GLU N 192 100.10 63.59 100.60
C GLU N 192 98.66 63.90 100.23
N GLU N 193 97.80 62.88 100.21
CA GLU N 193 96.41 63.06 99.84
C GLU N 193 95.51 62.65 100.99
N SER N 194 96.11 62.36 102.14
CA SER N 194 95.33 61.97 103.31
C SER N 194 94.39 63.10 103.70
N THR N 195 93.10 62.90 103.44
CA THR N 195 92.12 63.95 103.65
C THR N 195 91.85 64.15 105.14
N THR N 196 91.38 65.35 105.48
CA THR N 196 90.96 65.64 106.84
C THR N 196 89.50 65.25 107.02
N VAL N 197 88.90 65.67 108.13
CA VAL N 197 87.48 65.44 108.37
C VAL N 197 86.63 66.45 107.61
N ALA N 198 87.25 67.48 107.03
CA ALA N 198 86.53 68.52 106.31
C ALA N 198 86.57 68.37 104.80
N GLY N 199 87.15 67.29 104.28
CA GLY N 199 87.15 67.07 102.84
C GLY N 199 88.25 67.75 102.07
N ALA N 200 89.29 68.22 102.75
CA ALA N 200 90.40 68.89 102.09
C ALA N 200 91.69 68.60 102.83
N GLU N 201 92.81 69.08 102.27
CA GLU N 201 94.10 68.92 102.91
C GLU N 201 94.26 69.95 104.02
N SER N 202 94.98 69.56 105.07
CA SER N 202 95.18 70.45 106.20
C SER N 202 96.08 71.60 105.82
N ALA N 203 95.69 72.82 106.22
CA ALA N 203 96.46 74.01 105.89
C ALA N 203 97.79 74.08 106.63
N LEU N 204 97.89 73.46 107.81
CA LEU N 204 99.11 73.54 108.60
C LEU N 204 100.28 72.81 107.94
N LEU N 205 100.02 71.77 107.15
CA LEU N 205 101.07 70.95 106.58
C LEU N 205 101.26 71.18 105.09
N LYS N 206 100.62 72.18 104.51
CA LYS N 206 100.67 72.36 103.06
C LYS N 206 102.09 72.60 102.58
N ASP N 207 102.90 73.33 103.36
CA ASP N 207 104.24 73.66 102.91
C ASP N 207 105.06 72.41 102.59
N LEU N 208 105.10 71.46 103.53
CA LEU N 208 105.87 70.24 103.30
C LEU N 208 105.26 69.42 102.17
N PHE N 209 103.93 69.40 102.07
CA PHE N 209 103.30 68.54 101.08
C PHE N 209 103.52 69.06 99.67
N ASP N 210 103.61 70.38 99.51
CA ASP N 210 103.79 70.97 98.19
C ASP N 210 105.10 70.53 97.55
N LEU N 211 106.18 70.49 98.32
CA LEU N 211 107.48 70.08 97.82
C LEU N 211 107.58 68.57 97.62
N GLY N 212 106.47 67.86 97.71
CA GLY N 212 106.49 66.42 97.59
C GLY N 212 107.21 65.74 98.75
N TYR N 213 106.93 66.19 99.96
CA TYR N 213 107.52 65.61 101.15
C TYR N 213 106.45 64.91 101.98
N ARG N 214 106.86 63.83 102.64
CA ARG N 214 105.98 63.07 103.51
C ARG N 214 106.58 62.99 104.90
N ILE N 215 105.73 63.10 105.91
CA ILE N 215 106.13 62.99 107.30
C ILE N 215 105.42 61.79 107.92
N GLU N 216 106.11 61.11 108.82
CA GLU N 216 105.55 60.00 109.57
C GLU N 216 105.88 60.17 111.05
N LEU N 217 105.02 59.62 111.90
CA LEU N 217 105.04 59.87 113.33
C LEU N 217 105.33 58.57 114.07
N ASP N 218 106.01 58.68 115.22
CA ASP N 218 106.19 57.53 116.09
C ASP N 218 105.03 57.45 117.07
N VAL N 219 104.57 56.24 117.36
CA VAL N 219 103.46 56.01 118.26
C VAL N 219 103.78 54.79 119.11
N LYS N 220 103.47 54.88 120.41
CA LYS N 220 103.52 53.73 121.30
C LYS N 220 102.24 53.72 122.12
N VAL N 221 101.34 52.80 121.81
CA VAL N 221 100.06 52.67 122.47
C VAL N 221 99.94 51.25 123.01
N ASP N 222 99.60 51.13 124.28
CA ASP N 222 99.33 49.84 124.89
C ASP N 222 97.88 49.78 125.34
N GLY N 223 97.41 48.57 125.62
CA GLY N 223 96.05 48.40 126.10
C GLY N 223 95.84 47.01 126.65
N GLU N 224 94.83 46.89 127.50
CA GLU N 224 94.44 45.61 128.07
C GLU N 224 92.94 45.44 127.95
N MET N 225 92.53 44.28 127.48
CA MET N 225 91.12 43.94 127.34
C MET N 225 90.90 42.57 127.97
N ASN N 226 89.73 42.39 128.59
CA ASN N 226 89.33 41.08 129.09
C ASN N 226 88.20 40.58 128.20
N VAL N 227 88.28 39.32 127.78
CA VAL N 227 87.43 38.79 126.73
C VAL N 227 86.17 38.13 127.28
N GLU N 228 85.98 38.15 128.60
CA GLU N 228 84.84 37.48 129.20
C GLU N 228 84.00 38.38 130.08
N ASN N 229 84.58 39.39 130.70
CA ASN N 229 83.81 40.26 131.58
C ASN N 229 83.51 41.59 130.87
N GLY N 230 84.52 42.14 130.22
CA GLY N 230 84.36 43.39 129.48
C GLY N 230 85.15 44.55 130.04
N ASN N 231 85.80 44.42 131.19
CA ASN N 231 86.58 45.50 131.74
C ASN N 231 87.95 45.56 131.09
N GLY N 232 88.36 46.75 130.66
CA GLY N 232 89.65 46.90 130.02
C GLY N 232 90.08 48.34 129.98
N ASP N 233 91.40 48.53 129.84
CA ASP N 233 92.00 49.85 129.80
C ASP N 233 93.01 49.90 128.65
N THR N 234 93.14 51.10 128.07
CA THR N 234 94.12 51.38 127.04
C THR N 234 94.77 52.71 127.35
N SER N 235 96.10 52.75 127.32
CA SER N 235 96.85 53.96 127.60
C SER N 235 97.65 54.36 126.36
N LEU N 236 97.82 55.66 126.17
CA LEU N 236 98.71 56.16 125.13
C LEU N 236 99.96 56.73 125.79
N ARG N 237 101.13 56.26 125.35
CA ARG N 237 102.37 56.61 126.03
C ARG N 237 103.16 57.71 125.35
N ALA N 238 103.54 57.53 124.09
CA ALA N 238 104.36 58.52 123.40
C ALA N 238 103.88 58.66 121.96
N LEU N 239 103.89 59.90 121.47
CA LEU N 239 103.47 60.20 120.11
C LEU N 239 104.10 61.51 119.67
N ARG N 240 105.15 61.43 118.86
CA ARG N 240 105.94 62.60 118.51
C ARG N 240 106.31 62.56 117.03
N LEU N 241 106.88 63.66 116.54
CA LEU N 241 107.37 63.71 115.17
C LEU N 241 108.68 62.96 115.09
N ALA N 242 108.82 62.09 114.07
CA ALA N 242 109.97 61.21 113.98
C ALA N 242 110.88 61.50 112.79
N ARG N 243 110.34 61.48 111.58
CA ARG N 243 111.16 61.56 110.38
C ARG N 243 110.38 62.26 109.27
N VAL N 244 111.11 62.76 108.28
CA VAL N 244 110.53 63.41 107.11
C VAL N 244 111.13 62.78 105.86
N PHE N 245 110.28 62.28 104.98
CA PHE N 245 110.70 61.61 103.77
C PHE N 245 110.30 62.42 102.54
N ASP N 246 111.18 62.42 101.54
CA ASP N 246 110.97 63.18 100.32
C ASP N 246 110.18 62.36 99.31
N LYS N 247 109.99 62.93 98.12
CA LYS N 247 109.21 62.24 97.10
C LYS N 247 109.94 61.02 96.55
N GLU N 248 111.27 61.08 96.45
CA GLU N 248 112.01 59.96 95.88
C GLU N 248 112.15 58.82 96.90
N GLY N 249 112.53 59.14 98.12
CA GLY N 249 112.72 58.14 99.14
C GLY N 249 114.04 58.14 99.89
N LYS N 250 114.72 59.28 100.02
CA LYS N 250 115.85 59.42 100.92
C LYS N 250 115.39 60.14 102.19
N GLU N 251 115.91 59.68 103.33
CA GLU N 251 115.64 60.33 104.60
C GLU N 251 116.18 61.76 104.55
N ILE N 252 115.41 62.69 105.10
CA ILE N 252 115.76 64.10 105.11
C ILE N 252 116.02 64.54 106.54
N ALA N 253 117.17 65.17 106.77
CA ALA N 253 117.54 65.61 108.10
C ALA N 253 116.49 66.56 108.67
N LEU N 254 116.09 66.32 109.91
CA LEU N 254 115.12 67.20 110.55
C LEU N 254 115.72 68.58 110.81
N THR N 255 117.03 68.62 111.04
CA THR N 255 117.69 69.87 111.42
C THR N 255 117.76 70.87 110.28
N ASP N 256 117.43 70.47 109.05
CA ASP N 256 117.44 71.39 107.91
C ASP N 256 116.55 72.58 108.18
N SER N 257 117.06 73.78 107.89
CA SER N 257 116.35 75.01 108.20
C SER N 257 114.98 75.04 107.53
N ARG N 258 114.90 74.51 106.31
CA ARG N 258 113.64 74.52 105.57
C ARG N 258 112.58 73.67 106.28
N VAL N 259 112.85 72.38 106.42
CA VAL N 259 111.86 71.48 107.02
C VAL N 259 111.63 71.85 108.48
N SER N 260 112.69 72.19 109.21
CA SER N 260 112.53 72.58 110.61
C SER N 260 111.64 73.81 110.74
N ALA N 261 111.83 74.79 109.86
CA ALA N 261 110.95 75.96 109.85
C ALA N 261 109.52 75.56 109.54
N ALA N 262 109.34 74.64 108.59
CA ALA N 262 108.00 74.16 108.31
C ALA N 262 107.42 73.35 109.46
N LEU N 263 108.27 72.72 110.27
CA LEU N 263 107.83 71.88 111.37
C LEU N 263 107.77 72.60 112.71
N SER N 264 108.05 73.90 112.74
CA SER N 264 108.07 74.62 114.02
C SER N 264 106.67 74.71 114.60
N GLY N 265 106.55 74.44 115.90
CA GLY N 265 105.30 74.64 116.61
C GLY N 265 104.26 73.56 116.44
N LEU N 266 104.48 72.59 115.56
CA LEU N 266 103.50 71.55 115.34
C LEU N 266 103.49 70.57 116.50
N THR N 267 102.30 70.34 117.05
CA THR N 267 102.11 69.43 118.17
C THR N 267 101.12 68.34 117.77
N VAL N 268 101.42 67.12 118.17
CA VAL N 268 100.57 65.97 117.86
C VAL N 268 100.14 65.33 119.18
N THR N 269 98.84 65.21 119.37
CA THR N 269 98.28 64.68 120.60
C THR N 269 97.12 63.75 120.29
N GLY N 270 97.10 62.59 120.95
CA GLY N 270 96.01 61.64 120.76
C GLY N 270 94.72 62.13 121.42
N VAL N 271 93.60 61.76 120.81
CA VAL N 271 92.30 62.15 121.31
C VAL N 271 91.39 60.94 121.50
N GLY N 272 91.21 60.12 120.46
CA GLY N 272 90.25 59.04 120.57
C GLY N 272 90.55 57.89 119.65
N TYR N 273 89.71 56.85 119.76
CA TYR N 273 89.83 55.66 118.94
C TYR N 273 88.54 54.86 119.06
N SER N 274 88.46 53.79 118.28
CA SER N 274 87.33 52.86 118.32
C SER N 274 87.85 51.44 118.23
N LEU N 275 87.00 50.49 118.63
CA LEU N 275 87.36 49.09 118.67
C LEU N 275 86.53 48.29 117.68
N GLU N 276 87.19 47.35 117.01
CA GLU N 276 86.53 46.34 116.21
C GLU N 276 86.32 45.12 117.12
N ALA N 277 85.15 45.05 117.73
CA ALA N 277 84.85 44.00 118.69
C ALA N 277 83.55 43.32 118.30
N ARG N 278 83.50 42.01 118.52
CA ARG N 278 82.37 41.20 118.10
C ARG N 278 81.91 40.32 119.24
N LEU N 279 80.63 39.96 119.22
CA LEU N 279 80.03 39.18 120.29
C LEU N 279 79.91 37.73 119.88
N THR N 280 80.84 36.90 120.36
CA THR N 280 80.82 35.47 120.07
C THR N 280 79.72 34.84 120.89
N ASN N 281 78.48 35.09 120.49
CA ASN N 281 77.31 34.62 121.22
C ASN N 281 77.18 33.12 121.05
N ILE N 282 76.88 32.44 122.15
CA ILE N 282 76.61 31.01 122.07
C ILE N 282 75.13 30.72 122.33
N ASN N 283 74.50 31.52 123.18
CA ASN N 283 73.06 31.34 123.38
C ASN N 283 72.27 31.84 122.17
N GLN N 284 72.91 32.62 121.31
CA GLN N 284 72.36 32.98 120.01
C GLN N 284 71.04 33.76 120.09
N LEU N 285 71.09 34.99 120.58
CA LEU N 285 69.95 35.91 120.44
C LEU N 285 70.21 36.92 119.33
N GLU N 286 70.96 36.54 118.31
CA GLU N 286 71.04 37.39 117.13
C GLU N 286 69.88 37.09 116.17
N MET N 287 69.71 38.00 115.21
CA MET N 287 68.68 37.86 114.19
C MET N 287 69.25 37.70 112.78
N GLY N 288 70.36 38.37 112.48
CA GLY N 288 70.98 38.21 111.17
C GLY N 288 70.07 38.68 110.05
N LEU N 289 70.13 37.96 108.94
CA LEU N 289 69.32 38.27 107.77
C LEU N 289 68.35 37.13 107.49
N LEU N 290 67.11 37.49 107.18
CA LEU N 290 66.07 36.51 106.90
C LEU N 290 65.93 36.33 105.40
N ILE N 291 65.60 35.10 104.99
CA ILE N 291 65.40 34.77 103.59
C ILE N 291 64.01 34.20 103.41
N ASP N 292 63.21 34.83 102.56
CA ASP N 292 61.86 34.38 102.27
C ASP N 292 61.65 34.40 100.77
N SER N 293 60.43 34.04 100.37
CA SER N 293 60.02 34.14 98.98
C SER N 293 58.57 34.57 98.91
N ASP N 294 58.21 35.13 97.76
CA ASP N 294 56.83 35.51 97.49
C ASP N 294 56.61 35.52 95.98
N VAL N 295 55.37 35.29 95.58
CA VAL N 295 55.03 35.02 94.19
C VAL N 295 54.29 36.20 93.61
N GLN N 296 54.44 36.40 92.30
CA GLN N 296 53.65 37.35 91.53
C GLN N 296 53.26 36.69 90.21
N LYS N 297 52.08 37.04 89.69
CA LYS N 297 51.70 36.65 88.35
C LYS N 297 50.82 37.72 87.73
N GLN N 298 50.84 37.82 86.40
CA GLN N 298 50.14 38.86 85.68
C GLN N 298 49.12 38.24 84.74
N GLY N 299 48.04 38.97 84.47
CA GLY N 299 47.04 38.53 83.52
C GLY N 299 47.19 39.32 82.23
N PHE N 300 46.80 38.69 81.12
CA PHE N 300 46.88 39.28 79.80
C PHE N 300 45.63 38.91 79.01
N MET N 301 44.86 39.91 78.60
CA MET N 301 43.61 39.69 77.90
C MET N 301 43.81 39.92 76.41
N ILE N 302 43.11 39.13 75.59
CA ILE N 302 43.28 39.19 74.14
C ILE N 302 42.06 39.85 73.50
N PRO N 303 42.25 40.93 72.75
CA PRO N 303 41.11 41.69 72.23
C PRO N 303 40.52 41.07 70.98
N THR N 304 39.31 41.51 70.62
CA THR N 304 38.86 41.41 69.24
C THR N 304 39.44 42.59 68.46
N LEU N 305 39.36 42.51 67.14
CA LEU N 305 39.85 43.57 66.28
C LEU N 305 38.75 43.99 65.32
N PRO N 306 38.80 45.22 64.82
CA PRO N 306 37.80 45.67 63.87
C PRO N 306 37.80 44.76 62.65
N PRO N 307 36.62 44.41 62.14
CA PRO N 307 36.54 43.42 61.07
C PRO N 307 36.91 44.01 59.73
N LEU N 308 37.27 43.10 58.81
CA LEU N 308 37.57 43.45 57.43
C LEU N 308 36.41 42.97 56.56
N VAL N 309 35.70 43.92 55.94
CA VAL N 309 34.37 43.69 55.39
C VAL N 309 34.43 43.81 53.88
N ILE N 310 33.75 42.89 53.19
CA ILE N 310 33.59 42.94 51.74
C ILE N 310 32.11 43.06 51.44
N VAL N 311 31.75 43.91 50.48
CA VAL N 311 30.40 43.96 49.96
C VAL N 311 30.46 43.65 48.46
N LYS N 312 29.38 43.10 47.93
CA LYS N 312 29.27 42.78 46.52
C LYS N 312 27.82 42.50 46.20
N PRO N 313 27.28 43.11 45.16
CA PRO N 313 25.89 42.82 44.78
C PRO N 313 25.70 41.35 44.49
N ALA N 314 24.59 40.80 44.95
CA ALA N 314 24.38 39.36 44.94
C ALA N 314 23.27 38.98 43.97
N MET N 315 23.62 38.93 42.69
CA MET N 315 22.80 38.25 41.68
C MET N 315 23.74 37.47 40.77
N VAL N 316 25.04 37.75 40.90
CA VAL N 316 26.08 37.15 40.07
C VAL N 316 27.33 37.02 40.93
N GLU N 317 28.05 35.90 40.73
CA GLU N 317 29.37 35.73 41.31
C GLU N 317 30.43 36.03 40.26
N ASP N 318 31.56 36.55 40.72
CA ASP N 318 32.65 36.95 39.86
C ASP N 318 33.95 36.93 40.65
N ASP N 319 35.07 37.07 39.94
CA ASP N 319 36.38 37.04 40.56
C ASP N 319 37.28 38.20 40.17
N LYS N 320 37.08 38.79 39.00
CA LYS N 320 37.99 39.81 38.49
C LYS N 320 37.76 41.15 39.17
N THR N 321 36.56 41.42 39.64
CA THR N 321 36.25 42.68 40.31
C THR N 321 36.35 42.48 41.81
N TYR N 322 36.06 41.28 42.26
CA TYR N 322 36.29 40.90 43.64
C TYR N 322 36.98 39.55 43.68
N PRO N 323 38.23 39.51 44.11
CA PRO N 323 38.94 38.22 44.17
C PRO N 323 38.35 37.30 45.22
N ARG N 324 38.79 36.05 45.21
CA ARG N 324 38.35 35.06 46.17
C ARG N 324 38.93 35.34 47.55
N LEU N 325 38.71 34.42 48.49
CA LEU N 325 39.16 34.57 49.88
C LEU N 325 40.63 34.90 49.98
N GLU N 326 41.39 34.67 48.89
CA GLU N 326 42.83 34.92 48.90
C GLU N 326 43.12 36.39 49.20
N ALA N 327 42.39 37.31 48.59
CA ALA N 327 42.64 38.73 48.82
C ALA N 327 42.41 39.10 50.28
N LEU N 328 41.32 38.60 50.87
CA LEU N 328 41.03 38.88 52.26
C LEU N 328 42.11 38.33 53.17
N THR N 329 42.54 37.10 52.89
CA THR N 329 43.59 36.48 53.68
C THR N 329 44.88 37.28 53.58
N THR N 330 45.19 37.77 52.38
CA THR N 330 46.40 38.57 52.19
C THR N 330 46.34 39.87 52.98
N ALA N 331 45.21 40.57 52.91
CA ALA N 331 45.08 41.82 53.64
C ALA N 331 45.19 41.60 55.13
N TYR N 332 44.50 40.58 55.64
CA TYR N 332 44.57 40.26 57.06
C TYR N 332 45.99 39.90 57.46
N ARG N 333 46.67 39.10 56.64
CA ARG N 333 48.04 38.69 56.94
C ARG N 333 48.97 39.88 57.02
N ILE N 334 48.93 40.77 56.03
CA ILE N 334 49.86 41.89 56.06
C ILE N 334 49.56 42.79 57.26
N GLN N 335 48.29 43.12 57.47
CA GLN N 335 47.95 44.06 58.54
C GLN N 335 48.34 43.48 59.90
N GLN N 336 48.10 42.18 60.10
CA GLN N 336 48.41 41.56 61.38
C GLN N 336 49.92 41.42 61.57
N MET N 337 50.63 40.90 60.57
CA MET N 337 51.98 40.43 60.76
C MET N 337 53.03 41.52 60.59
N ARG N 338 52.75 42.61 59.86
CA ARG N 338 53.85 43.48 59.51
C ARG N 338 53.71 44.88 60.09
N ASN N 339 52.59 45.55 59.84
CA ASN N 339 52.47 46.93 60.30
C ASN N 339 52.40 47.02 61.81
N ASN N 340 51.54 46.20 62.42
CA ASN N 340 51.32 46.31 63.86
C ASN N 340 52.55 45.97 64.67
N ALA N 341 53.31 44.94 64.26
CA ALA N 341 54.51 44.57 65.01
C ALA N 341 55.53 45.71 65.00
N VAL N 342 55.77 46.31 63.84
CA VAL N 342 56.70 47.41 63.75
C VAL N 342 56.20 48.60 64.57
N THR N 343 54.90 48.87 64.52
CA THR N 343 54.35 49.97 65.29
C THR N 343 54.56 49.75 66.79
N THR N 344 54.30 48.53 67.25
CA THR N 344 54.50 48.22 68.67
C THR N 344 55.97 48.37 69.05
N LEU N 345 56.88 47.93 68.17
CA LEU N 345 58.30 48.09 68.46
C LEU N 345 58.66 49.55 68.62
N LEU N 346 58.19 50.40 67.72
CA LEU N 346 58.51 51.83 67.81
C LEU N 346 57.90 52.46 69.07
N ASN N 347 56.68 52.07 69.42
CA ASN N 347 56.08 52.60 70.64
C ASN N 347 56.89 52.17 71.86
N ARG N 348 57.30 50.91 71.91
CA ARG N 348 58.16 50.44 72.99
C ARG N 348 59.44 51.27 73.04
N ALA N 349 60.02 51.55 71.88
CA ALA N 349 61.26 52.32 71.83
C ALA N 349 61.09 53.69 72.46
N ASP N 350 60.09 54.45 72.00
CA ASP N 350 59.95 55.81 72.49
C ASP N 350 59.53 55.82 73.95
N THR N 351 58.72 54.83 74.37
CA THR N 351 58.32 54.77 75.77
C THR N 351 59.50 54.53 76.69
N LEU N 352 60.36 53.58 76.33
CA LEU N 352 61.57 53.37 77.14
C LEU N 352 62.46 54.61 77.13
N LYS N 353 62.60 55.25 75.97
CA LYS N 353 63.44 56.45 75.91
C LYS N 353 62.90 57.54 76.84
N SER N 354 61.57 57.71 76.86
CA SER N 354 60.98 58.76 77.70
C SER N 354 61.09 58.41 79.18
N TYR N 355 60.68 57.21 79.57
CA TYR N 355 60.71 56.87 81.00
C TYR N 355 62.12 56.80 81.55
N LEU N 356 63.04 56.20 80.80
CA LEU N 356 64.29 55.76 81.39
C LEU N 356 65.48 56.66 81.10
N GLY N 357 65.52 57.27 79.93
CA GLY N 357 66.70 58.03 79.53
C GLY N 357 67.60 57.20 78.63
N VAL N 358 68.79 57.73 78.40
CA VAL N 358 69.77 57.12 77.52
C VAL N 358 71.01 56.76 78.30
N GLY N 359 71.34 55.47 78.35
CA GLY N 359 72.59 55.02 78.93
C GLY N 359 72.66 55.04 80.44
N VAL N 360 71.54 55.10 81.14
CA VAL N 360 71.52 55.11 82.59
C VAL N 360 70.68 53.93 83.06
N PRO N 361 71.29 52.92 83.66
CA PRO N 361 70.51 51.77 84.11
C PRO N 361 69.91 51.97 85.49
N HIS N 362 68.58 51.94 85.59
CA HIS N 362 67.95 51.96 86.89
C HIS N 362 68.15 50.62 87.59
N PRO N 363 68.19 50.62 88.92
CA PRO N 363 68.51 49.38 89.65
C PRO N 363 67.45 48.29 89.49
N ILE N 364 67.81 47.07 89.89
CA ILE N 364 66.86 45.96 89.85
C ILE N 364 65.68 46.29 90.76
N GLU N 365 64.46 46.04 90.26
CA GLU N 365 63.23 46.34 90.97
C GLU N 365 63.10 47.82 91.30
N SER N 366 63.72 48.67 90.48
CA SER N 366 63.58 50.11 90.69
C SER N 366 62.15 50.57 90.50
N ASN N 367 61.45 50.02 89.50
CA ASN N 367 60.14 50.51 89.11
C ASN N 367 59.28 49.38 88.60
N LEU N 368 57.99 49.43 88.91
CA LEU N 368 57.05 48.38 88.55
C LEU N 368 55.99 48.84 87.55
N GLY N 369 55.84 50.15 87.34
CA GLY N 369 54.85 50.63 86.41
C GLY N 369 55.22 50.42 84.97
N LEU N 370 56.52 50.24 84.68
CA LEU N 370 56.96 50.03 83.32
C LEU N 370 56.64 48.63 82.84
N GLU N 371 56.57 48.47 81.53
CA GLU N 371 55.95 47.28 80.96
C GLU N 371 56.82 46.06 81.13
N GLY N 372 56.19 44.90 81.16
CA GLY N 372 56.88 43.63 81.15
C GLY N 372 57.18 43.13 82.55
N VAL N 373 57.50 41.84 82.62
CA VAL N 373 57.91 41.21 83.86
C VAL N 373 59.39 40.83 83.82
N GLY N 374 60.06 41.14 82.72
CA GLY N 374 61.48 40.90 82.62
C GLY N 374 62.32 41.78 83.51
N GLN N 375 61.75 42.86 84.05
CA GLN N 375 62.46 43.72 84.97
C GLN N 375 62.66 43.05 86.33
N TYR N 376 62.05 41.88 86.53
CA TYR N 376 62.28 41.07 87.71
C TYR N 376 63.54 40.22 87.57
N TYR N 377 64.29 40.38 86.49
CA TYR N 377 65.45 39.54 86.27
C TYR N 377 66.70 40.35 85.89
N VAL N 378 66.51 41.51 85.26
CA VAL N 378 67.63 42.32 84.78
C VAL N 378 67.31 43.79 85.04
N ARG N 379 68.35 44.58 85.10
CA ARG N 379 68.18 46.03 85.24
C ARG N 379 67.68 46.60 83.93
N PRO N 380 66.72 47.52 83.95
CA PRO N 380 66.29 48.17 82.72
C PRO N 380 67.42 49.01 82.13
N TYR N 381 67.46 49.09 80.80
CA TYR N 381 68.55 49.76 80.11
C TYR N 381 68.15 50.11 78.70
N TYR N 382 68.64 51.24 78.21
CA TYR N 382 68.37 51.72 76.86
C TYR N 382 69.46 52.68 76.44
N ASN N 383 69.94 52.53 75.20
CA ASN N 383 71.01 53.35 74.67
C ASN N 383 70.78 53.62 73.19
N GLU N 384 71.39 54.69 72.69
CA GLU N 384 71.28 55.10 71.29
C GLU N 384 72.65 55.56 70.81
N ALA N 385 72.93 55.33 69.52
CA ALA N 385 74.19 55.73 68.93
C ALA N 385 73.99 56.01 67.44
N THR N 386 74.85 56.86 66.90
CA THR N 386 74.78 57.27 65.50
C THR N 386 76.14 57.10 64.85
N ILE N 387 76.15 56.47 63.68
CA ILE N 387 77.39 56.22 62.94
C ILE N 387 77.40 57.13 61.73
N ASP N 388 78.35 58.05 61.67
CA ASP N 388 78.49 58.97 60.55
C ASP N 388 79.48 58.36 59.56
N VAL N 389 78.95 57.63 58.57
CA VAL N 389 79.78 56.84 57.68
C VAL N 389 80.67 57.73 56.81
N LEU N 390 80.16 58.89 56.40
CA LEU N 390 80.91 59.73 55.49
C LEU N 390 82.22 60.20 56.10
N ASN N 391 82.19 60.62 57.36
CA ASN N 391 83.38 61.17 58.01
C ASN N 391 84.16 60.15 58.83
N ASP N 392 83.75 58.88 58.82
CA ASP N 392 84.40 57.86 59.63
C ASP N 392 84.91 56.69 58.79
N LEU N 393 85.42 56.96 57.61
CA LEU N 393 85.87 55.91 56.71
C LEU N 393 87.36 56.04 56.50
N ASN N 394 88.08 54.91 56.62
CA ASN N 394 89.52 54.85 56.39
C ASN N 394 89.81 53.75 55.37
N ASN N 395 89.85 54.13 54.10
CA ASN N 395 90.05 53.19 53.00
C ASN N 395 91.24 53.63 52.16
N LEU N 396 92.35 52.91 52.27
CA LEU N 396 93.53 53.20 51.46
C LEU N 396 93.26 53.02 49.98
N THR N 397 92.74 51.88 49.57
CA THR N 397 92.53 51.58 48.16
C THR N 397 91.04 51.42 47.90
N SER N 398 90.62 51.85 46.72
CA SER N 398 89.21 51.80 46.39
C SER N 398 88.71 50.36 46.25
N ALA N 399 89.62 49.41 46.04
CA ALA N 399 89.21 48.02 45.91
C ALA N 399 88.78 47.43 47.26
N ALA N 400 89.22 48.02 48.35
CA ALA N 400 88.91 47.53 49.69
C ALA N 400 87.87 48.37 50.41
N LYS N 401 87.06 49.13 49.68
CA LYS N 401 86.15 50.07 50.32
C LYS N 401 85.03 49.35 51.08
N GLN N 402 84.40 48.36 50.44
CA GLN N 402 83.25 47.71 51.06
C GLN N 402 83.63 46.99 52.35
N THR N 403 84.76 46.27 52.34
CA THR N 403 85.16 45.55 53.53
C THR N 403 85.45 46.50 54.68
N ASP N 404 86.01 47.67 54.37
CA ASP N 404 86.28 48.61 55.45
C ASP N 404 84.98 49.22 55.96
N ILE N 405 84.04 49.48 55.06
CA ILE N 405 82.73 49.98 55.48
C ILE N 405 82.07 48.99 56.43
N GLN N 406 82.07 47.70 56.07
CA GLN N 406 81.42 46.72 56.94
C GLN N 406 82.16 46.60 58.26
N GLY N 407 83.49 46.74 58.24
CA GLY N 407 84.23 46.75 59.48
C GLY N 407 83.76 47.86 60.40
N LEU N 408 83.47 49.03 59.82
CA LEU N 408 82.98 50.15 60.64
C LEU N 408 81.70 49.78 61.37
N ILE N 409 80.77 49.12 60.69
CA ILE N 409 79.50 48.76 61.31
C ILE N 409 79.68 47.66 62.35
N VAL N 410 80.45 46.63 62.01
CA VAL N 410 80.53 45.47 62.91
C VAL N 410 81.26 45.85 64.19
N SER N 411 82.25 46.74 64.10
CA SER N 411 82.90 47.18 65.33
C SER N 411 81.90 47.82 66.28
N LYS N 412 81.06 48.71 65.77
CA LYS N 412 80.08 49.39 66.63
C LYS N 412 79.07 48.41 67.19
N ILE N 413 78.61 47.45 66.37
CA ILE N 413 77.60 46.51 66.86
C ILE N 413 78.18 45.66 67.97
N ASN N 414 79.42 45.19 67.81
CA ASN N 414 80.06 44.44 68.89
C ASN N 414 80.19 45.31 70.13
N GLU N 415 80.62 46.56 69.93
CA GLU N 415 80.83 47.46 71.05
C GLU N 415 79.58 47.60 71.89
N MET N 416 78.45 47.89 71.24
CA MET N 416 77.24 48.11 72.01
C MET N 416 76.67 46.82 72.57
N VAL N 417 76.87 45.68 71.89
CA VAL N 417 76.46 44.42 72.49
C VAL N 417 77.19 44.20 73.81
N TYR N 418 78.51 44.41 73.80
CA TYR N 418 79.29 44.22 75.02
C TYR N 418 78.86 45.20 76.11
N THR N 419 78.67 46.47 75.75
CA THR N 419 78.38 47.46 76.78
C THR N 419 76.99 47.25 77.37
N ALA N 420 76.05 46.73 76.56
CA ALA N 420 74.75 46.36 77.12
C ALA N 420 74.89 45.14 78.02
N ASP N 421 75.69 44.16 77.61
CA ASP N 421 75.84 42.96 78.41
C ASP N 421 76.40 43.29 79.79
N GLN N 422 77.38 44.19 79.85
CA GLN N 422 78.00 44.51 81.13
C GLN N 422 77.01 45.16 82.09
N LEU N 423 76.32 46.21 81.64
CA LEU N 423 75.46 46.96 82.55
C LEU N 423 74.17 46.22 82.86
N THR N 424 73.65 45.42 81.93
CA THR N 424 72.41 44.72 82.17
C THR N 424 72.58 43.44 82.99
N GLY N 425 73.78 42.89 83.06
CA GLY N 425 73.99 41.65 83.77
C GLY N 425 73.15 40.51 83.23
N TYR N 426 72.97 40.44 81.92
CA TYR N 426 72.05 39.46 81.35
C TYR N 426 72.55 38.03 81.55
N THR N 427 73.86 37.81 81.41
CA THR N 427 74.40 36.47 81.59
C THR N 427 74.16 35.97 83.01
N ALA N 428 74.36 36.83 84.00
CA ALA N 428 74.11 36.45 85.38
C ALA N 428 72.66 36.05 85.58
N ALA N 429 71.74 36.82 85.01
CA ALA N 429 70.33 36.48 85.14
C ALA N 429 70.02 35.15 84.48
N LEU N 430 70.58 34.92 83.28
CA LEU N 430 70.31 33.67 82.59
C LEU N 430 70.84 32.48 83.38
N GLU N 431 72.00 32.64 84.01
CA GLU N 431 72.57 31.55 84.80
C GLU N 431 71.61 31.13 85.91
N ALA N 432 70.97 32.10 86.56
CA ALA N 432 69.99 31.78 87.58
C ALA N 432 68.69 31.24 86.99
N ALA N 433 68.31 31.72 85.81
CA ALA N 433 67.06 31.31 85.20
C ALA N 433 67.06 29.84 84.81
N PHE N 434 68.16 29.34 84.28
CA PHE N 434 68.26 27.96 83.80
C PHE N 434 69.27 27.21 84.64
N SER N 435 68.94 25.97 85.01
CA SER N 435 69.85 25.13 85.76
C SER N 435 70.83 24.37 84.88
N GLY N 436 70.46 24.11 83.63
CA GLY N 436 71.33 23.38 82.72
C GLY N 436 72.39 24.27 82.10
N ARG N 437 72.53 24.18 80.79
CA ARG N 437 73.53 24.98 80.09
C ARG N 437 73.17 26.46 80.13
N SER N 438 74.19 27.31 79.99
CA SER N 438 73.98 28.75 79.93
C SER N 438 74.28 29.22 78.53
N PRO N 439 73.30 29.25 77.62
CA PRO N 439 73.58 29.71 76.26
C PRO N 439 74.08 31.15 76.23
N LYS N 440 75.00 31.43 75.33
CA LYS N 440 75.48 32.80 75.20
C LYS N 440 74.35 33.68 74.70
N PRO N 441 74.21 34.90 75.23
CA PRO N 441 73.09 35.76 74.84
C PRO N 441 72.94 35.91 73.33
N HIS N 442 71.85 35.38 72.79
CA HIS N 442 71.59 35.40 71.36
C HIS N 442 71.00 36.77 71.01
N VAL N 443 71.74 37.56 70.23
CA VAL N 443 71.33 38.90 69.88
C VAL N 443 70.51 38.85 68.61
N ALA N 444 69.35 39.51 68.62
CA ALA N 444 68.52 39.61 67.43
C ALA N 444 68.79 40.94 66.74
N ILE N 445 69.32 40.88 65.53
CA ILE N 445 69.66 42.06 64.76
C ILE N 445 68.56 42.30 63.74
N GLY N 446 67.84 43.41 63.89
CA GLY N 446 66.77 43.77 62.98
C GLY N 446 67.13 45.03 62.21
N THR N 447 66.84 45.02 60.91
CA THR N 447 67.12 46.15 60.05
C THR N 447 66.29 46.04 58.78
N ASP N 448 66.26 47.15 58.03
CA ASP N 448 65.54 47.20 56.75
C ASP N 448 66.30 46.42 55.69
N MET N 449 65.76 46.37 54.48
CA MET N 449 66.42 45.71 53.37
C MET N 449 67.63 46.49 52.86
N ARG N 450 67.83 47.71 53.33
CA ARG N 450 68.90 48.56 52.82
C ARG N 450 70.28 47.99 53.17
N LEU N 451 70.57 47.88 54.46
CA LEU N 451 71.90 47.60 54.98
C LEU N 451 72.39 46.15 54.90
N PRO N 452 71.55 45.12 55.08
CA PRO N 452 72.08 43.82 55.52
C PRO N 452 72.95 43.12 54.51
N GLN N 453 73.30 43.79 53.43
CA GLN N 453 74.36 43.32 52.54
C GLN N 453 75.69 43.97 52.88
N TYR N 454 75.76 44.72 53.97
CA TYR N 454 77.02 45.25 54.46
C TYR N 454 77.33 44.69 55.83
N ILE N 455 76.32 44.62 56.69
CA ILE N 455 76.52 44.02 58.00
C ILE N 455 76.72 42.52 57.89
N GLN N 456 76.20 41.91 56.82
CA GLN N 456 76.48 40.51 56.52
C GLN N 456 77.70 40.45 55.62
N ILE N 457 78.65 39.57 55.96
CA ILE N 457 79.90 39.43 55.25
C ILE N 457 79.96 38.01 54.71
N ASN N 458 80.49 37.85 53.50
CA ASN N 458 80.63 36.53 52.90
C ASN N 458 81.78 35.79 53.56
N GLY N 459 81.50 35.11 54.67
CA GLY N 459 82.48 34.27 55.33
C GLY N 459 83.06 34.79 56.63
N ASP N 460 82.38 35.70 57.32
CA ASP N 460 82.87 36.23 58.58
C ASP N 460 81.87 35.93 59.69
N ASP N 461 82.39 35.44 60.82
CA ASP N 461 81.61 35.31 62.04
C ASP N 461 81.83 36.50 62.98
N ARG N 462 82.57 37.51 62.54
CA ARG N 462 82.77 38.73 63.30
C ARG N 462 81.55 39.64 63.25
N THR N 463 80.42 39.14 62.75
CA THR N 463 79.22 39.97 62.64
C THR N 463 78.78 40.50 64.00
N VAL N 464 78.76 39.64 65.01
CA VAL N 464 78.50 40.07 66.38
C VAL N 464 79.65 39.73 67.31
N GLY N 465 80.60 38.92 66.88
CA GLY N 465 81.72 38.54 67.70
C GLY N 465 81.77 37.06 68.00
N ILE N 466 82.93 36.61 68.41
CA ILE N 466 83.16 35.20 68.72
C ILE N 466 82.35 34.83 69.95
N GLY N 467 81.62 33.72 69.84
CA GLY N 467 80.80 33.23 70.93
C GLY N 467 79.43 33.86 71.02
N TYR N 468 79.13 34.80 70.11
CA TYR N 468 77.80 35.39 70.06
C TYR N 468 77.13 34.97 68.77
N ASP N 469 75.83 34.73 68.85
CA ASP N 469 75.05 34.21 67.74
C ASP N 469 73.99 35.21 67.34
N TYR N 470 73.77 35.35 66.04
CA TYR N 470 72.96 36.41 65.49
C TYR N 470 72.04 35.85 64.40
N THR N 471 70.90 36.50 64.23
CA THR N 471 69.96 36.19 63.16
C THR N 471 69.58 37.47 62.46
N ILE N 472 69.72 37.50 61.14
CA ILE N 472 69.51 38.70 60.34
C ILE N 472 68.07 38.71 59.85
N ALA N 473 67.36 39.81 60.07
CA ALA N 473 65.99 39.98 59.62
C ALA N 473 65.88 41.19 58.71
N ARG N 474 64.92 41.14 57.80
CA ARG N 474 64.69 42.23 56.86
C ARG N 474 63.20 42.52 56.71
N ILE N 475 62.86 43.80 56.67
CA ILE N 475 61.57 44.25 56.16
C ILE N 475 61.82 45.50 55.32
N SER N 476 61.13 45.59 54.18
CA SER N 476 61.20 46.75 53.32
C SER N 476 60.33 47.89 53.81
N ASP N 477 59.70 47.73 54.97
CA ASP N 477 58.79 48.74 55.49
C ASP N 477 59.53 50.06 55.73
N LEU N 478 58.79 51.16 55.60
CA LEU N 478 59.42 52.46 55.46
C LEU N 478 60.00 53.03 56.75
N ARG N 479 59.30 52.96 57.88
CA ARG N 479 59.83 53.65 59.06
C ARG N 479 61.15 53.05 59.55
N MET N 480 61.52 51.86 59.09
CA MET N 480 62.83 51.33 59.40
C MET N 480 63.89 51.75 58.39
N LYS N 481 63.62 52.80 57.61
CA LYS N 481 64.57 53.28 56.62
C LYS N 481 65.89 53.65 57.26
N ASP N 482 66.93 52.86 57.00
CA ASP N 482 68.26 53.06 57.59
C ASP N 482 68.19 53.07 59.11
N LYS N 483 67.34 52.21 59.67
CA LYS N 483 67.18 52.06 61.11
C LYS N 483 67.56 50.65 61.50
N ILE N 484 68.36 50.54 62.56
CA ILE N 484 68.76 49.24 63.10
C ILE N 484 68.31 49.18 64.55
N VAL N 485 67.62 48.10 64.89
CA VAL N 485 67.23 47.81 66.27
C VAL N 485 67.83 46.46 66.63
N MET N 486 68.15 46.28 67.91
CA MET N 486 68.80 45.06 68.36
C MET N 486 68.41 44.79 69.80
N THR N 487 68.22 43.51 70.12
CA THR N 487 67.91 43.11 71.49
C THR N 487 68.17 41.62 71.64
N PHE N 488 67.92 41.12 72.84
CA PHE N 488 68.18 39.73 73.17
C PHE N 488 66.90 38.91 73.09
N ILE N 489 66.99 37.77 72.41
CA ILE N 489 65.89 36.84 72.28
C ILE N 489 66.41 35.42 72.47
N LEU N 490 65.49 34.50 72.72
CA LEU N 490 65.83 33.10 72.95
C LEU N 490 65.19 32.22 71.88
N PRO N 491 65.97 31.48 71.12
CA PRO N 491 65.42 30.63 70.06
C PRO N 491 65.06 29.20 70.48
N ASN N 492 64.99 28.92 71.77
CA ASN N 492 64.74 27.56 72.22
C ASN N 492 63.40 27.39 72.93
N GLU N 493 62.69 28.46 73.22
CA GLU N 493 61.41 28.38 73.92
C GLU N 493 60.33 28.97 73.04
N SER N 494 59.17 28.31 73.03
CA SER N 494 58.05 28.75 72.22
C SER N 494 56.91 29.22 73.11
N GLU N 495 57.06 29.01 74.40
CA GLU N 495 56.19 29.23 75.55
C GLU N 495 56.51 30.57 76.20
N PRO N 496 55.52 31.21 76.82
CA PRO N 496 55.79 32.49 77.49
C PRO N 496 56.78 32.36 78.63
N HIS N 497 57.59 33.38 78.82
CA HIS N 497 58.65 33.36 79.82
C HIS N 497 59.17 34.79 79.97
N PRO N 498 59.56 35.19 81.18
CA PRO N 498 60.08 36.56 81.37
C PRO N 498 61.33 36.89 80.56
N LEU N 499 61.85 35.99 79.73
CA LEU N 499 63.14 36.21 79.08
C LEU N 499 63.08 36.17 77.56
N GLN N 500 61.95 36.53 76.96
CA GLN N 500 61.89 36.83 75.53
C GLN N 500 61.31 38.22 75.34
N HIS N 501 61.81 38.91 74.31
CA HIS N 501 61.48 40.32 74.12
C HIS N 501 59.99 40.54 73.96
N GLY N 502 59.27 39.61 73.36
CA GLY N 502 57.83 39.75 73.22
C GLY N 502 57.21 38.45 72.79
N VAL N 503 55.94 38.28 73.18
CA VAL N 503 55.18 37.10 72.83
C VAL N 503 53.88 37.54 72.15
N LEU N 504 53.60 36.91 71.02
CA LEU N 504 52.41 37.23 70.22
C LEU N 504 51.32 36.23 70.53
N GLY N 505 50.49 36.54 71.52
CA GLY N 505 49.34 35.71 71.79
C GLY N 505 48.44 35.71 70.58
N PHE N 506 48.20 34.52 70.03
CA PHE N 506 47.46 34.40 68.78
C PHE N 506 46.30 33.44 68.99
N ILE N 507 45.11 33.91 68.65
CA ILE N 507 43.90 33.09 68.60
C ILE N 507 43.59 32.80 67.14
N PRO N 508 43.53 31.54 66.71
CA PRO N 508 43.17 31.25 65.32
C PRO N 508 41.82 31.85 64.98
N GLU N 509 41.69 32.35 63.76
CA GLU N 509 40.50 33.11 63.42
C GLU N 509 39.83 32.59 62.17
N TYR N 510 38.49 32.58 62.19
CA TYR N 510 37.68 32.11 61.09
C TYR N 510 36.70 33.20 60.65
N LEU N 511 36.33 33.13 59.37
CA LEU N 511 35.43 34.11 58.76
C LEU N 511 34.01 33.58 58.75
N VAL N 512 33.07 34.47 58.43
CA VAL N 512 31.67 34.12 58.27
C VAL N 512 31.14 34.80 57.01
N ASP N 513 30.28 34.11 56.27
CA ASP N 513 29.68 34.61 55.04
C ASP N 513 28.16 34.49 55.16
N PHE N 514 27.46 35.60 54.98
CA PHE N 514 26.00 35.60 55.05
C PHE N 514 25.45 36.81 54.32
N ASN N 515 24.15 36.77 54.06
CA ASN N 515 23.47 37.80 53.28
C ASN N 515 22.83 38.81 54.22
N MET N 516 23.00 40.10 53.92
CA MET N 516 22.67 41.17 54.83
C MET N 516 21.89 42.26 54.12
N ILE N 517 20.97 42.90 54.85
CA ILE N 517 20.20 44.03 54.36
C ILE N 517 20.54 45.24 55.23
N ARG N 518 20.86 46.36 54.59
CA ARG N 518 21.32 47.55 55.28
C ARG N 518 20.80 48.79 54.55
N ASN N 519 19.94 49.54 55.22
CA ASN N 519 19.28 50.69 54.61
C ASN N 519 18.66 50.30 53.28
N GLN N 520 17.91 49.20 53.31
CA GLN N 520 17.35 48.51 52.14
C GLN N 520 18.35 48.45 50.98
N ARG N 521 19.60 48.14 51.28
CA ARG N 521 20.59 47.79 50.27
C ARG N 521 20.95 46.31 50.37
N ILE N 522 20.54 45.54 49.38
CA ILE N 522 20.82 44.11 49.32
C ILE N 522 22.24 43.91 48.82
N GLY N 523 23.04 43.20 49.59
CA GLY N 523 24.38 42.84 49.18
C GLY N 523 24.85 41.61 49.92
N ARG N 524 25.87 40.96 49.38
CA ARG N 524 26.50 39.84 50.05
C ARG N 524 27.78 40.32 50.72
N GLU N 525 27.94 39.95 51.99
CA GLU N 525 29.06 40.43 52.78
C GLU N 525 29.84 39.26 53.37
N ILE N 526 31.17 39.37 53.32
CA ILE N 526 32.08 38.41 53.91
C ILE N 526 32.79 39.09 55.07
N ARG N 527 32.71 38.48 56.25
CA ARG N 527 33.20 39.07 57.48
C ARG N 527 34.35 38.25 58.04
N LEU N 528 35.46 38.94 58.32
CA LEU N 528 36.64 38.35 58.95
C LEU N 528 37.00 39.20 60.14
N THR N 529 37.10 38.57 61.31
CA THR N 529 37.29 39.30 62.55
C THR N 529 38.47 38.72 63.31
N PRO N 530 39.66 39.27 63.16
CA PRO N 530 40.83 38.76 63.87
C PRO N 530 40.81 39.12 65.36
N ARG N 531 41.59 38.33 66.11
CA ARG N 531 41.85 38.57 67.53
C ARG N 531 43.28 38.15 67.81
N TYR N 532 44.10 39.11 68.21
CA TYR N 532 45.51 38.93 68.50
C TYR N 532 45.99 40.21 69.14
N ARG N 533 47.14 40.13 69.79
CA ARG N 533 47.67 41.31 70.45
C ARG N 533 49.15 41.08 70.71
N TYR N 534 49.92 42.16 70.68
CA TYR N 534 51.34 42.11 70.96
C TYR N 534 51.58 42.48 72.42
N PHE N 535 52.67 41.98 72.96
CA PHE N 535 53.09 42.28 74.32
C PHE N 535 54.59 42.48 74.36
N ASN N 536 55.08 43.09 75.43
CA ASN N 536 56.49 43.35 75.63
C ASN N 536 56.92 42.89 77.02
N PHE N 537 58.07 42.24 77.11
CA PHE N 537 58.64 41.89 78.41
C PHE N 537 59.99 42.55 78.69
N LEU N 538 60.99 42.30 77.85
CA LEU N 538 62.35 42.73 78.21
C LEU N 538 62.50 44.24 78.10
N PRO N 539 62.87 44.93 79.17
CA PRO N 539 63.15 46.36 79.06
C PRO N 539 64.60 46.63 78.69
N ILE N 540 65.10 45.93 77.68
CA ILE N 540 66.47 46.11 77.19
C ILE N 540 66.41 46.23 75.67
N MET N 541 67.04 47.27 75.13
CA MET N 541 67.06 47.49 73.70
C MET N 541 68.21 48.43 73.35
N LEU N 542 68.77 48.26 72.16
CA LEU N 542 69.81 49.14 71.66
C LEU N 542 69.43 49.59 70.25
N VAL N 543 69.79 50.81 69.88
CA VAL N 543 69.53 51.32 68.55
C VAL N 543 70.76 52.06 68.05
N ILE N 544 71.16 51.76 66.81
CA ILE N 544 72.18 52.53 66.10
C ILE N 544 71.50 53.18 64.92
N ASN N 545 72.06 54.30 64.45
CA ASN N 545 71.53 55.01 63.30
C ASN N 545 72.64 55.22 62.29
N VAL N 546 72.39 54.83 61.04
CA VAL N 546 73.38 54.89 59.97
C VAL N 546 72.87 55.86 58.92
N ILE N 547 73.69 56.85 58.58
CA ILE N 547 73.29 57.92 57.67
C ILE N 547 74.43 58.17 56.69
N ASN N 548 74.08 58.74 55.55
CA ASN N 548 75.00 59.21 54.51
C ASN N 548 75.78 58.09 53.84
N LEU N 549 75.31 56.84 53.89
CA LEU N 549 76.01 55.77 53.21
C LEU N 549 76.03 56.00 51.70
N GLU N 550 74.93 56.48 51.14
CA GLU N 550 74.81 56.55 49.68
C GLU N 550 75.87 57.46 49.07
N GLU N 551 76.11 58.63 49.67
CA GLU N 551 77.03 59.58 49.07
C GLU N 551 78.48 59.15 49.27
N ALA N 552 78.76 58.39 50.33
CA ALA N 552 80.13 58.05 50.65
C ALA N 552 80.75 57.18 49.57
N ILE N 553 80.00 56.19 49.06
CA ILE N 553 80.59 55.24 48.12
C ILE N 553 80.92 55.92 46.79
N ALA N 554 80.11 56.88 46.35
CA ALA N 554 80.36 57.54 45.08
C ALA N 554 81.39 58.65 45.18
N GLN N 555 81.17 59.62 46.06
CA GLN N 555 82.06 60.75 46.20
C GLN N 555 83.38 60.30 46.82
N ARG N 556 84.45 61.02 46.49
CA ARG N 556 85.79 60.64 46.92
C ARG N 556 85.86 60.72 48.43
N THR N 557 85.93 59.57 49.08
CA THR N 557 86.19 59.50 50.51
C THR N 557 87.55 58.85 50.70
N ALA N 558 88.61 59.65 50.60
CA ALA N 558 89.95 59.13 50.80
C ALA N 558 90.27 59.20 52.28
N LEU N 559 91.54 58.94 52.62
CA LEU N 559 91.96 58.98 54.02
C LEU N 559 91.66 60.34 54.63
N ASP N 560 90.99 60.32 55.78
CA ASP N 560 90.77 61.54 56.55
C ASP N 560 92.10 61.91 57.19
N VAL N 561 93.07 62.30 56.37
CA VAL N 561 94.45 62.44 56.80
C VAL N 561 94.53 63.49 57.90
N ASN N 562 94.90 63.04 59.09
CA ASN N 562 95.01 63.96 60.21
C ASN N 562 96.35 64.65 60.19
N GLU N 563 96.45 65.74 59.43
CA GLU N 563 97.56 66.68 59.58
C GLU N 563 97.65 67.07 61.04
N THR N 564 98.85 67.04 61.62
CA THR N 564 99.00 67.26 63.05
C THR N 564 100.21 68.13 63.38
N GLN N 565 99.98 69.45 63.40
CA GLN N 565 100.61 70.37 64.35
C GLN N 565 102.08 70.12 64.73
N VAL N 566 102.99 70.18 63.77
CA VAL N 566 104.41 70.37 64.08
C VAL N 566 104.89 71.51 63.19
N THR N 567 104.18 71.74 62.07
CA THR N 567 104.53 73.04 61.51
C THR N 567 104.09 74.12 62.47
N PRO N 568 104.99 75.04 62.82
CA PRO N 568 104.87 75.72 64.12
C PRO N 568 103.53 76.40 64.34
N ALA N 569 102.71 75.76 65.17
CA ALA N 569 101.49 76.34 65.71
C ALA N 569 101.29 75.81 67.13
N SER N 570 102.26 75.01 67.59
CA SER N 570 102.13 74.29 68.86
C SER N 570 103.45 73.61 69.24
N HIS O 1 114.65 34.95 11.12
CA HIS O 1 114.74 35.57 12.43
C HIS O 1 113.34 35.80 12.98
N GLU O 2 113.23 35.88 14.31
CA GLU O 2 111.92 35.93 14.94
C GLU O 2 111.19 37.22 14.62
N PHE O 3 111.86 38.36 14.73
CA PHE O 3 111.18 39.63 14.53
C PHE O 3 110.64 39.76 13.12
N ALA O 4 111.42 39.35 12.12
CA ALA O 4 110.94 39.39 10.75
C ALA O 4 109.78 38.42 10.56
N GLU O 5 109.87 37.24 11.16
CA GLU O 5 108.81 36.24 11.01
C GLU O 5 107.50 36.76 11.58
N LEU O 6 107.56 37.45 12.72
CA LEU O 6 106.33 37.79 13.45
C LEU O 6 105.45 38.74 12.66
N PHE O 7 106.04 39.74 12.00
CA PHE O 7 105.25 40.76 11.32
C PHE O 7 104.87 40.38 9.90
N TYR O 8 105.66 39.55 9.23
CA TYR O 8 105.40 39.16 7.85
C TYR O 8 105.73 37.69 7.71
N ARG O 9 104.73 36.82 7.68
CA ARG O 9 104.99 35.40 7.55
C ARG O 9 105.45 35.08 6.14
N THR O 10 106.40 34.15 6.04
CA THR O 10 106.97 33.78 4.76
C THR O 10 105.98 32.97 3.94
N TYR O 11 105.71 33.40 2.72
CA TYR O 11 104.84 32.68 1.79
C TYR O 11 105.70 32.28 0.60
N ILE O 12 106.05 31.00 0.53
CA ILE O 12 106.95 30.50 -0.50
C ILE O 12 106.21 30.50 -1.84
N VAL O 13 106.95 30.72 -2.91
CA VAL O 13 106.40 30.74 -4.27
C VAL O 13 107.29 29.91 -5.17
N THR O 14 106.69 29.04 -5.97
CA THR O 14 107.44 28.29 -6.96
C THR O 14 108.06 29.26 -7.97
N PRO O 15 109.33 29.04 -8.35
CA PRO O 15 110.02 30.02 -9.21
C PRO O 15 109.74 29.88 -10.71
N ASP O 16 108.46 29.95 -11.07
CA ASP O 16 108.09 29.98 -12.48
C ASP O 16 106.94 30.96 -12.73
N GLN O 17 106.48 31.64 -11.69
CA GLN O 17 105.41 32.61 -11.81
C GLN O 17 105.87 33.95 -11.27
N ALA O 18 105.39 35.03 -11.90
CA ALA O 18 105.85 36.37 -11.60
C ALA O 18 105.24 36.95 -10.34
N GLY O 19 104.27 36.28 -9.73
CA GLY O 19 103.70 36.79 -8.49
C GLY O 19 102.40 36.10 -8.16
N PHE O 20 101.70 36.65 -7.17
CA PHE O 20 100.46 36.10 -6.67
C PHE O 20 99.37 37.15 -6.77
N GLN O 21 98.20 36.73 -7.23
CA GLN O 21 97.11 37.63 -7.54
C GLN O 21 95.92 37.32 -6.64
N LEU O 22 95.35 38.36 -6.03
CA LEU O 22 94.38 38.21 -4.96
C LEU O 22 92.99 38.64 -5.44
N SER O 23 91.99 37.82 -5.12
CA SER O 23 90.61 38.11 -5.43
C SER O 23 89.81 38.23 -4.15
N ILE O 24 89.40 39.44 -3.81
CA ILE O 24 88.68 39.71 -2.57
C ILE O 24 87.24 40.04 -2.89
N ARG O 25 86.31 39.44 -2.16
CA ARG O 25 84.89 39.64 -2.36
C ARG O 25 84.43 40.89 -1.59
N ARG O 26 83.28 41.41 -1.96
CA ARG O 26 82.66 42.53 -1.25
C ARG O 26 81.15 42.44 -1.38
N ASN O 27 80.44 42.94 -0.39
CA ASN O 27 78.98 43.06 -0.44
C ASN O 27 78.60 44.52 -0.20
N LEU O 28 77.80 45.08 -1.09
CA LEU O 28 77.50 46.50 -1.09
C LEU O 28 76.02 46.74 -0.85
N VAL O 29 75.73 47.85 -0.16
CA VAL O 29 74.38 48.39 -0.07
C VAL O 29 74.42 49.79 -0.67
N TRP O 30 73.48 50.06 -1.57
CA TRP O 30 73.49 51.33 -2.29
C TRP O 30 72.11 51.58 -2.88
N GLU O 31 71.68 52.84 -2.80
CA GLU O 31 70.31 53.21 -3.11
C GLU O 31 70.28 53.97 -4.43
N GLY O 32 69.12 53.94 -5.07
CA GLY O 32 68.92 54.76 -6.25
C GLY O 32 69.70 54.20 -7.42
N TRP O 33 70.02 55.03 -8.39
CA TRP O 33 70.74 54.60 -9.57
C TRP O 33 71.23 55.84 -10.30
N THR O 34 71.58 55.66 -11.58
CA THR O 34 71.70 56.80 -12.48
C THR O 34 70.33 57.17 -13.05
N GLY O 35 70.34 57.98 -14.10
CA GLY O 35 69.13 58.22 -14.85
C GLY O 35 68.60 59.64 -14.82
N GLU O 36 69.37 60.54 -14.23
CA GLU O 36 68.92 61.91 -14.03
C GLU O 36 69.33 62.81 -15.20
N GLY O 37 68.41 63.69 -15.59
CA GLY O 37 68.70 64.69 -16.59
C GLY O 37 68.89 64.11 -17.98
N LEU O 38 69.42 64.96 -18.86
CA LEU O 38 69.67 64.59 -20.25
C LEU O 38 70.89 65.35 -20.74
N SER O 39 72.03 64.68 -20.80
CA SER O 39 73.28 65.33 -21.16
C SER O 39 74.31 64.28 -21.52
N GLY O 40 75.56 64.72 -21.67
CA GLY O 40 76.64 63.81 -22.00
C GLY O 40 77.60 63.59 -20.85
N GLU O 41 77.19 63.98 -19.65
CA GLU O 41 78.02 63.84 -18.47
C GLU O 41 78.17 62.37 -18.09
N LYS O 42 79.21 62.07 -17.32
CA LYS O 42 79.51 60.69 -16.92
C LYS O 42 78.77 60.27 -15.66
N GLN O 43 78.13 61.22 -14.97
CA GLN O 43 77.39 60.92 -13.74
C GLN O 43 78.30 60.30 -12.69
N GLU O 44 77.71 59.75 -11.63
CA GLU O 44 78.47 59.11 -10.56
C GLU O 44 77.66 57.95 -10.00
N ILE O 45 78.33 57.08 -9.26
CA ILE O 45 77.70 55.94 -8.62
C ILE O 45 78.06 55.94 -7.15
N SER O 46 77.05 55.74 -6.30
CA SER O 46 77.25 55.70 -4.86
C SER O 46 77.31 54.25 -4.39
N LYS O 47 78.28 53.97 -3.52
CA LYS O 47 78.46 52.64 -2.95
C LYS O 47 78.82 52.77 -1.49
N ARG O 48 78.11 52.05 -0.63
CA ARG O 48 78.44 51.97 0.78
C ARG O 48 78.62 50.51 1.18
N ASN O 49 79.75 50.21 1.80
CA ASN O 49 79.95 48.88 2.35
C ASN O 49 79.04 48.69 3.57
N ILE O 50 78.55 47.47 3.76
CA ILE O 50 77.61 47.22 4.84
C ILE O 50 78.28 47.31 6.20
N LEU O 51 79.58 47.04 6.27
CA LEU O 51 80.27 47.08 7.56
C LEU O 51 80.26 48.46 8.19
N GLN O 52 80.07 49.51 7.39
CA GLN O 52 79.86 50.84 7.95
C GLN O 52 78.64 50.85 8.86
N GLY O 53 77.56 50.18 8.44
CA GLY O 53 76.38 50.07 9.27
C GLY O 53 76.61 49.30 10.56
N LEU O 54 77.64 48.45 10.59
CA LEU O 54 77.97 47.76 11.83
C LEU O 54 78.42 48.73 12.91
N LEU O 55 79.09 49.82 12.54
CA LEU O 55 79.52 50.80 13.53
C LEU O 55 78.60 52.01 13.52
N ASP O 56 78.49 52.70 12.39
CA ASP O 56 77.57 53.83 12.30
C ASP O 56 76.16 53.34 12.03
N TYR O 57 75.18 54.10 12.50
CA TYR O 57 73.78 53.68 12.44
C TYR O 57 73.03 54.26 11.26
N THR O 58 73.66 55.10 10.44
CA THR O 58 72.95 55.77 9.37
C THR O 58 73.09 55.12 8.01
N THR O 59 74.07 54.24 7.82
CA THR O 59 74.25 53.60 6.52
C THR O 59 73.05 52.72 6.18
N LEU O 60 72.55 51.95 7.15
CA LEU O 60 71.47 51.01 6.90
C LEU O 60 70.11 51.53 7.36
N GLU O 61 70.04 52.72 7.92
CA GLU O 61 68.78 53.29 8.37
C GLU O 61 68.34 54.40 7.41
N THR O 62 67.18 54.20 6.81
CA THR O 62 66.61 55.19 5.91
C THR O 62 65.10 55.01 5.90
N ASN O 63 64.38 56.09 5.64
CA ASN O 63 62.93 56.07 5.60
C ASN O 63 62.44 56.70 4.30
N SER O 64 61.68 55.92 3.54
CA SER O 64 61.14 56.41 2.27
C SER O 64 59.62 56.39 2.26
N THR O 65 58.98 55.99 3.36
CA THR O 65 57.53 55.93 3.42
C THR O 65 56.94 56.92 4.41
N GLU O 66 57.78 57.72 5.07
CA GLU O 66 57.28 58.73 5.99
C GLU O 66 56.52 59.81 5.23
N LEU O 67 55.53 60.39 5.89
CA LEU O 67 54.77 61.51 5.33
C LEU O 67 54.98 62.71 6.23
N ILE O 68 55.82 63.64 5.78
CA ILE O 68 56.19 64.83 6.55
C ILE O 68 55.51 66.03 5.91
N PRO O 69 54.79 66.84 6.67
CA PRO O 69 54.22 68.07 6.10
C PRO O 69 55.29 68.96 5.51
N VAL O 70 54.95 69.61 4.40
CA VAL O 70 55.89 70.46 3.67
C VAL O 70 55.26 71.83 3.53
N ILE O 71 56.05 72.87 3.81
CA ILE O 71 55.56 74.24 3.69
C ILE O 71 55.77 74.72 2.26
N GLN O 72 54.75 75.36 1.70
CA GLN O 72 54.86 76.07 0.44
C GLN O 72 54.27 77.46 0.61
N SER O 73 55.06 78.46 0.27
CA SER O 73 54.71 79.85 0.58
C SER O 73 53.54 80.30 -0.29
N GLY O 74 52.37 80.44 0.34
CA GLY O 74 51.26 81.13 -0.30
C GLY O 74 50.08 80.30 -0.73
N GLU O 75 50.17 78.97 -0.67
CA GLU O 75 48.99 78.15 -0.97
C GLU O 75 48.71 77.06 0.05
N ASN O 76 49.67 76.67 0.88
CA ASN O 76 49.40 75.70 1.93
C ASN O 76 49.87 76.26 3.26
N ASP O 77 49.97 77.58 3.35
CA ASP O 77 50.52 78.22 4.54
C ASP O 77 49.51 78.22 5.69
N GLU O 78 48.22 78.30 5.39
CA GLU O 78 47.23 78.55 6.42
C GLU O 78 47.14 77.40 7.42
N GLN O 79 47.28 76.16 6.97
CA GLN O 79 47.14 75.01 7.85
C GLN O 79 48.27 74.87 8.84
N PHE O 80 49.35 75.62 8.68
CA PHE O 80 50.51 75.53 9.56
C PHE O 80 50.48 76.65 10.59
N ILE O 81 51.19 76.44 11.70
CA ILE O 81 51.24 77.43 12.76
C ILE O 81 51.92 78.69 12.22
N ASP O 82 51.74 79.80 12.91
CA ASP O 82 52.32 81.05 12.46
C ASP O 82 53.85 80.97 12.51
N PRO O 83 54.53 81.39 11.44
CA PRO O 83 55.99 81.31 11.42
C PRO O 83 56.66 82.20 12.45
N SER O 84 55.94 83.22 12.91
CA SER O 84 56.50 84.13 13.91
C SER O 84 56.73 83.41 15.24
N VAL O 85 55.83 82.52 15.61
CA VAL O 85 56.00 81.78 16.87
C VAL O 85 57.23 80.89 16.81
N LEU O 86 57.42 80.18 15.70
CA LEU O 86 58.54 79.26 15.59
C LEU O 86 59.00 79.14 14.13
N PRO O 87 60.27 79.46 13.85
CA PRO O 87 60.75 79.41 12.46
C PRO O 87 60.76 78.00 11.88
N ALA O 88 60.61 77.90 10.56
CA ALA O 88 60.51 76.61 9.90
C ALA O 88 61.83 75.84 10.03
N GLN O 89 61.70 74.52 10.14
CA GLN O 89 62.85 73.62 10.26
C GLN O 89 62.95 72.77 8.98
N THR O 90 64.19 72.56 8.53
CA THR O 90 64.45 71.79 7.32
C THR O 90 64.70 70.33 7.67
N VAL O 91 63.91 69.43 7.07
CA VAL O 91 64.05 68.00 7.27
C VAL O 91 64.10 67.32 5.91
N LYS O 92 65.04 66.40 5.77
CA LYS O 92 65.35 65.77 4.49
C LYS O 92 64.75 64.36 4.44
N GLN O 93 63.98 64.09 3.39
CA GLN O 93 63.45 62.76 3.10
C GLN O 93 64.01 62.32 1.76
N GLY O 94 64.85 61.29 1.79
CA GLY O 94 65.51 60.90 0.55
C GLY O 94 66.38 62.02 0.04
N LYS O 95 66.12 62.46 -1.19
CA LYS O 95 66.92 63.47 -1.85
C LYS O 95 66.23 64.83 -1.92
N ASP O 96 65.08 64.98 -1.27
CA ASP O 96 64.33 66.24 -1.30
C ASP O 96 64.62 67.02 -0.03
N THR O 97 64.87 68.32 -0.19
CA THR O 97 65.07 69.22 0.94
C THR O 97 63.87 70.16 1.02
N PHE O 98 63.22 70.21 2.19
CA PHE O 98 62.06 71.05 2.39
C PHE O 98 61.94 71.42 3.85
N ASP O 99 61.13 72.43 4.12
CA ASP O 99 60.93 72.92 5.48
C ASP O 99 59.60 72.45 6.03
N THR O 100 59.59 72.09 7.31
CA THR O 100 58.42 71.55 7.97
C THR O 100 58.16 72.30 9.27
N ASN O 101 56.93 72.17 9.78
CA ASN O 101 56.58 72.76 11.06
C ASN O 101 55.35 72.05 11.60
N PHE O 102 55.01 72.35 12.85
CA PHE O 102 53.89 71.71 13.51
C PHE O 102 52.56 72.21 12.95
N LEU O 103 51.57 71.33 12.92
CA LEU O 103 50.26 71.67 12.41
C LEU O 103 49.48 72.48 13.43
N LYS O 104 48.82 73.54 12.96
CA LYS O 104 48.01 74.34 13.85
C LYS O 104 46.74 73.61 14.25
N PHE O 105 46.35 73.74 15.52
CA PHE O 105 45.12 73.14 15.99
C PHE O 105 43.92 73.72 15.26
N SER O 106 43.04 72.84 14.81
CA SER O 106 41.79 73.25 14.20
C SER O 106 40.88 73.87 15.24
N GLU O 107 40.09 74.86 14.82
CA GLU O 107 39.17 75.49 15.76
C GLU O 107 37.83 74.77 15.74
N ASN O 108 37.07 74.91 14.65
CA ASN O 108 35.79 74.23 14.54
C ASN O 108 35.55 73.61 13.16
N GLY O 109 36.20 74.11 12.12
CA GLY O 109 35.90 73.58 10.80
C GLY O 109 37.12 73.34 9.91
N GLU O 110 38.27 73.78 10.39
CA GLU O 110 39.50 73.57 9.63
C GLU O 110 39.90 72.10 9.72
N GLY O 111 40.47 71.58 8.62
CA GLY O 111 40.98 70.24 8.59
C GLY O 111 42.40 70.17 8.06
N PHE O 112 42.74 69.00 7.52
CA PHE O 112 43.98 68.80 6.78
C PHE O 112 43.91 67.45 6.10
N ASN O 113 44.20 67.44 4.80
CA ASN O 113 44.21 66.21 4.02
C ASN O 113 45.66 65.80 3.82
N LEU O 114 46.17 64.98 4.73
CA LEU O 114 47.59 64.67 4.83
C LEU O 114 48.18 64.12 3.54
N LEU O 115 47.40 63.39 2.76
CA LEU O 115 47.93 62.78 1.54
C LEU O 115 48.37 63.82 0.53
N MET O 116 47.58 64.88 0.34
CA MET O 116 47.91 65.91 -0.64
C MET O 116 48.67 67.07 -0.03
N LEU O 117 48.97 67.00 1.26
CA LEU O 117 49.79 68.01 1.92
C LEU O 117 51.23 67.57 2.11
N ALA O 118 51.51 66.27 2.05
CA ALA O 118 52.85 65.74 2.15
C ALA O 118 53.50 65.53 0.78
N GLN O 119 53.13 66.34 -0.21
CA GLN O 119 53.66 66.18 -1.57
C GLN O 119 55.09 66.66 -1.63
N THR O 120 56.04 65.75 -1.44
CA THR O 120 57.44 66.02 -1.68
C THR O 120 57.74 65.93 -3.17
N PRO O 121 58.79 66.59 -3.65
CA PRO O 121 59.12 66.52 -5.08
C PRO O 121 59.31 65.11 -5.61
N SER O 122 59.85 64.20 -4.80
CA SER O 122 59.99 62.81 -5.25
C SER O 122 58.64 62.20 -5.56
N ARG O 123 57.63 62.49 -4.75
CA ARG O 123 56.28 62.03 -5.05
C ARG O 123 55.65 62.85 -6.17
N LEU O 124 56.03 64.13 -6.28
CA LEU O 124 55.47 64.97 -7.34
C LEU O 124 55.85 64.46 -8.72
N LYS O 125 57.10 64.02 -8.90
CA LYS O 125 57.55 63.58 -10.22
C LYS O 125 56.87 62.31 -10.68
N LYS O 126 56.16 61.62 -9.79
CA LYS O 126 55.46 60.39 -10.14
C LYS O 126 54.00 60.62 -10.53
N GLY O 127 53.49 61.83 -10.37
CA GLY O 127 52.08 62.08 -10.62
C GLY O 127 51.29 62.25 -9.35
N SER O 128 49.98 62.43 -9.52
CA SER O 128 49.07 62.64 -8.40
C SER O 128 49.08 61.42 -7.49
N MET O 129 48.83 61.64 -6.20
CA MET O 129 48.84 60.55 -5.25
C MET O 129 47.66 59.62 -5.51
N THR O 130 47.97 58.35 -5.70
CA THR O 130 46.97 57.39 -6.14
C THR O 130 45.92 57.15 -5.05
N PHE O 131 44.65 57.10 -5.45
CA PHE O 131 43.58 56.86 -4.51
C PHE O 131 43.76 55.53 -3.78
N THR O 132 44.37 54.53 -4.44
CA THR O 132 44.60 53.24 -3.81
C THR O 132 45.58 53.33 -2.64
N ASP O 133 46.43 54.36 -2.61
CA ASP O 133 47.37 54.54 -1.53
C ASP O 133 46.63 54.64 -0.21
N SER O 134 47.14 53.95 0.81
CA SER O 134 46.49 53.93 2.11
C SER O 134 47.51 54.26 3.19
N LEU O 135 47.00 54.85 4.27
CA LEU O 135 47.84 55.14 5.42
C LEU O 135 48.00 53.88 6.27
N ASP O 136 49.15 53.74 6.91
CA ASP O 136 49.38 52.58 7.77
C ASP O 136 48.43 52.60 8.96
N SER O 137 48.25 51.45 9.59
CA SER O 137 47.29 51.37 10.70
C SER O 137 47.73 52.22 11.88
N ARG O 138 49.04 52.48 12.02
CA ARG O 138 49.54 53.27 13.14
C ARG O 138 49.59 54.74 12.79
N ILE O 139 48.80 55.53 13.51
CA ILE O 139 48.92 56.99 13.53
C ILE O 139 49.08 57.39 14.99
N ALA O 140 50.00 58.32 15.25
CA ALA O 140 50.27 58.73 16.62
C ALA O 140 50.81 60.15 16.66
N LEU O 141 50.61 60.80 17.80
CA LEU O 141 51.13 62.14 18.02
C LEU O 141 52.62 62.07 18.30
N LYS O 142 53.39 62.84 17.56
CA LYS O 142 54.85 62.83 17.76
C LYS O 142 55.28 63.86 18.80
N GLN O 143 54.99 65.14 18.55
CA GLN O 143 55.33 66.18 19.52
C GLN O 143 54.14 67.12 19.69
N LEU O 144 53.98 67.65 20.90
CA LEU O 144 53.08 68.75 21.17
C LEU O 144 53.90 69.98 21.53
N LEU O 145 53.59 71.09 20.88
CA LEU O 145 54.21 72.36 21.21
C LEU O 145 53.30 73.08 22.20
N ILE O 146 53.81 73.32 23.41
CA ILE O 146 53.01 73.90 24.47
C ILE O 146 53.67 75.19 24.94
N SER O 147 52.88 76.25 24.99
CA SER O 147 53.37 77.58 25.31
C SER O 147 53.00 77.94 26.74
N VAL O 148 54.00 78.32 27.52
CA VAL O 148 53.81 78.87 28.85
C VAL O 148 54.23 80.33 28.82
N THR O 149 53.37 81.21 29.33
CA THR O 149 53.60 82.65 29.27
C THR O 149 53.30 83.26 30.63
N LYS O 150 54.12 84.24 31.02
CA LYS O 150 53.92 84.94 32.29
C LYS O 150 54.46 86.36 32.14
N GLY O 151 53.57 87.32 31.97
CA GLY O 151 53.92 88.73 31.90
C GLY O 151 54.31 89.22 30.51
N GLY O 152 54.50 88.31 29.56
CA GLY O 152 54.86 88.72 28.21
C GLY O 152 56.03 87.94 27.63
N THR O 153 56.56 87.00 28.41
CA THR O 153 57.68 86.17 27.98
C THR O 153 57.15 84.81 27.54
N THR O 154 57.54 84.39 26.34
CA THR O 154 57.05 83.15 25.74
C THR O 154 58.17 82.14 25.66
N GLU O 155 57.95 80.95 26.22
CA GLU O 155 58.89 79.85 26.14
C GLU O 155 58.16 78.63 25.58
N LEU O 156 58.65 78.13 24.45
CA LEU O 156 58.04 77.00 23.77
C LEU O 156 58.58 75.69 24.35
N PHE O 157 57.72 74.68 24.42
CA PHE O 157 58.08 73.40 24.99
C PHE O 157 57.83 72.30 23.97
N ALA O 158 58.83 71.44 23.80
CA ALA O 158 58.71 70.29 22.92
C ALA O 158 58.68 69.03 23.78
N LEU O 159 57.47 68.56 24.10
CA LEU O 159 57.29 67.37 24.91
C LEU O 159 57.16 66.16 23.99
N ASP O 160 57.98 65.14 24.22
CA ASP O 160 57.91 63.93 23.41
C ASP O 160 56.69 63.15 23.82
N VAL O 161 55.56 63.44 23.19
CA VAL O 161 54.29 62.83 23.51
C VAL O 161 54.20 61.41 22.97
N ASN O 162 55.07 61.05 22.03
CA ASN O 162 55.08 59.71 21.47
C ASN O 162 55.50 58.73 22.56
N ARG O 163 55.15 57.46 22.38
CA ARG O 163 55.39 56.41 23.38
C ARG O 163 54.79 56.76 24.73
N ASP O 164 53.60 57.36 24.73
CA ASP O 164 52.83 57.52 25.94
C ASP O 164 51.64 56.58 25.93
N GLN O 165 51.02 56.43 27.11
CA GLN O 165 50.00 55.39 27.28
C GLN O 165 48.83 55.54 26.33
N TYR O 166 48.51 56.75 25.89
CA TYR O 166 47.37 56.96 25.01
C TYR O 166 47.68 57.85 23.82
N ALA O 167 48.91 57.82 23.31
CA ALA O 167 49.27 58.64 22.16
C ALA O 167 49.00 57.95 20.83
N ALA O 168 48.45 56.73 20.85
CA ALA O 168 48.27 55.93 19.65
C ALA O 168 46.80 55.90 19.25
N TYR O 169 46.54 56.16 17.96
CA TYR O 169 45.21 56.02 17.41
C TYR O 169 44.76 54.56 17.55
N THR O 170 43.48 54.35 17.81
CA THR O 170 42.93 53.01 17.97
C THR O 170 41.82 52.77 16.96
N ALA O 171 41.56 51.48 16.70
CA ALA O 171 40.44 51.13 15.84
C ALA O 171 39.13 51.42 16.53
N THR O 172 38.15 51.91 15.76
CA THR O 172 36.83 52.19 16.29
C THR O 172 35.80 52.00 15.20
N ARG O 173 34.71 51.32 15.55
CA ARG O 173 33.61 51.10 14.62
C ARG O 173 32.37 51.85 15.13
N GLU O 174 32.24 53.11 14.71
CA GLU O 174 31.01 53.85 14.96
C GLU O 174 30.52 54.52 13.69
N TYR O 175 31.45 54.96 12.83
CA TYR O 175 31.04 55.63 11.61
C TYR O 175 31.47 54.87 10.35
N ASN O 176 32.77 54.62 10.22
CA ASN O 176 33.27 53.98 9.01
C ASN O 176 34.16 52.79 9.37
N PHE O 177 34.57 52.04 8.36
CA PHE O 177 35.29 50.81 8.61
C PHE O 177 36.80 50.97 8.56
N ARG O 178 37.30 52.16 8.17
CA ARG O 178 38.72 52.45 8.27
C ARG O 178 38.94 53.87 8.79
N LEU O 179 38.09 54.31 9.71
CA LEU O 179 38.27 55.61 10.35
C LEU O 179 38.98 55.41 11.68
N MET O 180 40.12 56.08 11.84
CA MET O 180 40.94 55.96 13.03
C MET O 180 40.66 57.13 13.97
N GLN O 181 40.63 56.84 15.26
CA GLN O 181 40.28 57.85 16.26
C GLN O 181 41.42 57.97 17.26
N LEU O 182 41.63 59.19 17.76
CA LEU O 182 42.63 59.47 18.78
C LEU O 182 41.95 59.98 20.04
N LYS O 183 42.17 59.27 21.16
CA LYS O 183 41.50 59.58 22.42
C LYS O 183 42.58 59.64 23.50
N PHE O 184 42.98 60.87 23.85
CA PHE O 184 44.22 61.11 24.57
C PHE O 184 43.93 62.02 25.75
N HIS O 185 43.63 61.43 26.91
CA HIS O 185 43.45 62.15 28.17
C HIS O 185 44.42 61.61 29.20
N THR O 186 45.28 62.47 29.73
CA THR O 186 46.25 62.11 30.75
C THR O 186 46.81 63.38 31.35
N SER O 187 47.83 63.22 32.17
CA SER O 187 48.53 64.35 32.79
C SER O 187 49.95 64.41 32.26
N LEU O 188 50.31 65.56 31.70
CA LEU O 188 51.65 65.78 31.17
C LEU O 188 52.45 66.58 32.17
N GLY O 189 53.61 66.06 32.56
CA GLY O 189 54.41 66.65 33.61
C GLY O 189 55.59 67.44 33.10
N LEU O 190 56.04 68.38 33.91
CA LEU O 190 57.23 69.19 33.63
C LEU O 190 58.13 69.15 34.86
N GLY O 191 59.11 68.25 34.85
CA GLY O 191 59.96 68.02 36.00
C GLY O 191 60.84 69.19 36.36
N GLU O 192 61.49 69.12 37.52
CA GLU O 192 62.30 70.21 38.03
C GLU O 192 63.57 70.44 37.23
N GLU O 193 63.91 69.53 36.32
CA GLU O 193 65.05 69.72 35.43
C GLU O 193 64.64 69.87 33.98
N SER O 194 63.34 69.82 33.69
CA SER O 194 62.87 69.83 32.32
C SER O 194 63.34 71.07 31.58
N THR O 195 63.74 70.89 30.32
CA THR O 195 64.33 71.97 29.55
C THR O 195 63.38 72.45 28.46
N THR O 196 63.68 73.63 27.93
CA THR O 196 62.92 74.20 26.84
C THR O 196 63.42 73.69 25.49
N VAL O 197 62.73 74.08 24.44
CA VAL O 197 63.12 73.71 23.08
C VAL O 197 64.17 74.70 22.60
N ALA O 198 64.24 75.84 23.27
CA ALA O 198 65.21 76.88 22.94
C ALA O 198 66.54 76.71 23.64
N GLY O 199 66.71 75.63 24.41
CA GLY O 199 67.95 75.38 25.11
C GLY O 199 67.92 75.86 26.54
N ALA O 200 68.66 75.17 27.41
CA ALA O 200 68.86 75.56 28.81
C ALA O 200 67.59 75.43 29.63
N GLU O 201 67.73 75.45 30.95
CA GLU O 201 66.59 75.30 31.85
C GLU O 201 65.64 76.48 31.71
N SER O 202 64.35 76.20 31.88
CA SER O 202 63.34 77.24 31.78
C SER O 202 63.50 78.27 32.90
N ALA O 203 63.11 79.50 32.61
CA ALA O 203 63.21 80.60 33.56
C ALA O 203 61.86 81.12 34.03
N LEU O 204 60.77 80.74 33.37
CA LEU O 204 59.45 81.21 33.77
C LEU O 204 58.92 80.43 34.97
N LEU O 205 59.54 79.31 35.31
CA LEU O 205 59.13 78.50 36.44
C LEU O 205 60.20 78.40 37.51
N LYS O 206 60.98 79.47 37.72
CA LYS O 206 62.08 79.42 38.67
C LYS O 206 61.57 79.22 40.10
N ASP O 207 60.45 79.86 40.44
CA ASP O 207 59.98 79.83 41.83
C ASP O 207 59.62 78.42 42.27
N LEU O 208 58.79 77.72 41.50
CA LEU O 208 58.42 76.36 41.87
C LEU O 208 59.62 75.43 41.79
N PHE O 209 60.49 75.65 40.82
CA PHE O 209 61.61 74.75 40.59
C PHE O 209 62.64 74.85 41.71
N ASP O 210 62.82 76.05 42.27
CA ASP O 210 63.76 76.21 43.37
C ASP O 210 63.39 75.36 44.57
N LEU O 211 62.11 75.33 44.92
CA LEU O 211 61.62 74.46 45.98
C LEU O 211 61.48 73.01 45.53
N GLY O 212 61.97 72.67 44.34
CA GLY O 212 61.95 71.31 43.84
C GLY O 212 60.60 70.82 43.37
N TYR O 213 59.60 71.70 43.29
CA TYR O 213 58.26 71.27 42.93
C TYR O 213 58.18 70.98 41.43
N ARG O 214 57.18 70.19 41.06
CA ARG O 214 56.87 69.93 39.65
C ARG O 214 55.45 70.39 39.38
N ILE O 215 55.08 70.36 38.10
CA ILE O 215 53.75 70.75 37.66
C ILE O 215 53.17 69.67 36.76
N GLU O 216 51.93 69.29 37.04
CA GLU O 216 51.17 68.41 36.18
C GLU O 216 50.22 69.24 35.32
N LEU O 217 50.37 69.10 34.00
CA LEU O 217 49.46 69.74 33.06
C LEU O 217 48.37 68.73 32.69
N ASP O 218 47.11 69.14 32.80
CA ASP O 218 45.99 68.30 32.41
C ASP O 218 45.77 68.41 30.91
N VAL O 219 46.23 67.42 30.16
CA VAL O 219 46.13 67.41 28.72
C VAL O 219 45.06 66.40 28.33
N LYS O 220 44.02 66.88 27.64
CA LYS O 220 42.92 66.04 27.19
C LYS O 220 42.54 66.47 25.79
N VAL O 221 42.91 65.67 24.80
CA VAL O 221 42.90 66.06 23.39
C VAL O 221 42.27 64.94 22.58
N ASP O 222 41.37 65.30 21.67
CA ASP O 222 40.66 64.35 20.83
C ASP O 222 40.90 64.68 19.36
N GLY O 223 40.82 63.64 18.53
CA GLY O 223 40.93 63.83 17.08
C GLY O 223 40.45 62.60 16.35
N GLU O 224 40.28 62.75 15.04
CA GLU O 224 39.87 61.65 14.19
C GLU O 224 40.65 61.69 12.89
N MET O 225 40.73 60.54 12.23
CA MET O 225 41.52 60.38 11.02
C MET O 225 40.94 59.25 10.17
N ASN O 226 40.91 59.47 8.86
CA ASN O 226 40.48 58.45 7.91
C ASN O 226 41.67 58.03 7.06
N VAL O 227 42.09 56.76 7.20
CA VAL O 227 43.27 56.28 6.50
C VAL O 227 42.99 55.87 5.07
N GLU O 228 41.80 56.14 4.55
CA GLU O 228 41.49 55.78 3.18
C GLU O 228 41.69 56.95 2.22
N ASN O 229 41.41 58.17 2.65
CA ASN O 229 41.51 59.32 1.75
C ASN O 229 42.20 60.50 2.40
N GLY O 230 42.68 60.33 3.63
CA GLY O 230 43.48 61.34 4.28
C GLY O 230 42.70 62.44 4.96
N ASN O 231 41.37 62.36 5.00
CA ASN O 231 40.59 63.34 5.74
C ASN O 231 40.73 63.11 7.23
N GLY O 232 41.09 64.15 7.96
CA GLY O 232 41.25 64.04 9.39
C GLY O 232 41.45 65.41 10.01
N ASP O 233 41.23 65.47 11.32
CA ASP O 233 41.33 66.73 12.05
C ASP O 233 41.67 66.46 13.50
N THR O 234 42.25 67.48 14.14
CA THR O 234 42.63 67.42 15.55
C THR O 234 42.38 68.79 16.16
N SER O 235 41.85 68.80 17.38
CA SER O 235 41.61 70.04 18.10
C SER O 235 41.83 69.81 19.59
N LEU O 236 42.72 70.61 20.17
CA LEU O 236 42.99 70.54 21.59
C LEU O 236 41.81 71.10 22.37
N ARG O 237 41.47 70.47 23.49
CA ARG O 237 40.25 70.82 24.21
C ARG O 237 40.49 71.35 25.62
N ALA O 238 41.65 71.07 26.22
CA ALA O 238 41.96 71.67 27.51
C ALA O 238 43.45 71.55 27.82
N LEU O 239 44.01 72.57 28.47
CA LEU O 239 45.32 72.52 29.09
C LEU O 239 45.28 73.39 30.33
N ARG O 240 45.58 72.81 31.48
CA ARG O 240 45.44 73.52 32.73
C ARG O 240 46.41 72.98 33.77
N LEU O 241 46.99 73.89 34.54
CA LEU O 241 47.79 73.51 35.69
C LEU O 241 46.87 72.95 36.76
N ALA O 242 47.13 71.70 37.17
CA ALA O 242 46.17 70.98 38.01
C ALA O 242 46.65 70.77 39.43
N ARG O 243 47.80 70.12 39.62
CA ARG O 243 48.27 69.81 40.96
C ARG O 243 49.70 70.30 41.12
N VAL O 244 50.21 70.20 42.35
CA VAL O 244 51.59 70.52 42.67
C VAL O 244 52.11 69.48 43.65
N PHE O 245 53.30 68.95 43.37
CA PHE O 245 53.96 68.00 44.25
C PHE O 245 55.24 68.62 44.80
N ASP O 246 55.78 67.99 45.83
CA ASP O 246 57.07 68.37 46.38
C ASP O 246 58.08 67.25 46.11
N LYS O 247 59.30 67.43 46.61
CA LYS O 247 60.36 66.44 46.43
C LYS O 247 60.23 65.26 47.38
N GLU O 248 59.36 65.36 48.38
CA GLU O 248 59.08 64.24 49.28
C GLU O 248 58.10 63.25 48.70
N GLY O 249 57.42 63.60 47.61
CA GLY O 249 56.46 62.72 46.98
C GLY O 249 55.05 62.84 47.54
N LYS O 250 54.56 64.06 47.67
CA LYS O 250 53.19 64.26 48.13
C LYS O 250 52.64 65.54 47.50
N GLU O 251 51.31 65.60 47.41
CA GLU O 251 50.67 66.73 46.75
C GLU O 251 50.70 67.96 47.65
N ILE O 252 50.85 69.13 47.04
CA ILE O 252 50.81 70.41 47.74
C ILE O 252 49.68 71.24 47.15
N ALA O 253 48.79 71.71 48.02
CA ALA O 253 47.62 72.43 47.55
C ALA O 253 48.00 73.79 46.98
N LEU O 254 47.09 74.36 46.19
CA LEU O 254 47.27 75.69 45.63
C LEU O 254 46.82 76.79 46.57
N THR O 255 46.26 76.43 47.73
CA THR O 255 45.76 77.41 48.69
C THR O 255 46.84 78.04 49.55
N ASP O 256 48.05 77.46 49.58
CA ASP O 256 49.15 78.07 50.30
C ASP O 256 49.66 79.29 49.54
N SER O 257 50.29 80.21 50.28
CA SER O 257 50.75 81.46 49.67
C SER O 257 51.82 81.21 48.62
N ARG O 258 52.78 80.33 48.89
CA ARG O 258 53.90 80.13 47.98
C ARG O 258 53.44 79.56 46.64
N VAL O 259 52.62 78.50 46.69
CA VAL O 259 52.17 77.85 45.46
C VAL O 259 51.30 78.80 44.64
N SER O 260 50.37 79.48 45.30
CA SER O 260 49.49 80.40 44.60
C SER O 260 50.28 81.55 43.97
N ALA O 261 51.25 82.10 44.71
CA ALA O 261 52.05 83.19 44.18
C ALA O 261 52.90 82.72 42.99
N ALA O 262 53.48 81.52 43.09
CA ALA O 262 54.32 81.03 42.00
C ALA O 262 53.51 80.68 40.76
N LEU O 263 52.29 80.18 40.94
CA LEU O 263 51.45 79.80 39.82
C LEU O 263 50.65 80.97 39.23
N SER O 264 50.64 82.11 39.92
CA SER O 264 49.90 83.26 39.42
C SER O 264 50.58 83.83 38.17
N GLY O 265 49.75 84.25 37.21
CA GLY O 265 50.23 84.83 35.98
C GLY O 265 50.60 83.84 34.91
N LEU O 266 50.47 82.54 35.16
CA LEU O 266 50.81 81.52 34.18
C LEU O 266 49.62 81.23 33.28
N THR O 267 49.85 81.30 31.98
CA THR O 267 48.83 81.00 30.98
C THR O 267 49.39 79.99 30.00
N VAL O 268 48.63 78.92 29.78
CA VAL O 268 49.02 77.85 28.87
C VAL O 268 47.97 77.75 27.77
N THR O 269 48.41 77.72 26.52
CA THR O 269 47.52 77.62 25.36
C THR O 269 48.08 76.61 24.37
N GLY O 270 47.19 75.85 23.73
CA GLY O 270 47.61 74.89 22.73
C GLY O 270 48.19 75.60 21.51
N VAL O 271 49.30 75.07 21.01
CA VAL O 271 50.00 75.65 19.86
C VAL O 271 49.89 74.76 18.63
N GLY O 272 50.41 73.54 18.71
CA GLY O 272 50.42 72.69 17.53
C GLY O 272 50.68 71.25 17.89
N TYR O 273 50.92 70.45 16.86
CA TYR O 273 51.21 69.03 17.02
C TYR O 273 51.83 68.50 15.73
N SER O 274 52.39 67.31 15.80
CA SER O 274 52.97 66.62 14.65
C SER O 274 52.54 65.17 14.63
N LEU O 275 52.58 64.57 13.45
CA LEU O 275 52.03 63.24 13.22
C LEU O 275 53.11 62.29 12.71
N GLU O 276 53.08 61.07 13.25
CA GLU O 276 53.88 59.96 12.76
C GLU O 276 53.00 59.11 11.85
N ALA O 277 53.18 59.27 10.54
CA ALA O 277 52.36 58.55 9.59
C ALA O 277 53.25 57.98 8.49
N ARG O 278 53.07 56.69 8.22
CA ARG O 278 53.81 56.03 7.16
C ARG O 278 52.84 55.55 6.09
N LEU O 279 53.13 55.90 4.85
CA LEU O 279 52.30 55.46 3.74
C LEU O 279 52.54 53.99 3.47
N THR O 280 51.52 53.16 3.72
CA THR O 280 51.60 51.74 3.41
C THR O 280 51.61 51.61 1.89
N ASN O 281 52.80 51.35 1.35
CA ASN O 281 52.89 51.25 -0.09
C ASN O 281 52.36 49.90 -0.58
N ILE O 282 51.44 49.99 -1.53
CA ILE O 282 50.95 48.83 -2.27
C ILE O 282 51.29 48.94 -3.75
N ASN O 283 51.69 50.12 -4.21
CA ASN O 283 52.03 50.35 -5.60
C ASN O 283 53.48 50.01 -5.93
N GLN O 284 54.31 49.76 -4.92
CA GLN O 284 55.73 49.50 -5.11
C GLN O 284 56.40 50.61 -5.93
N LEU O 285 56.39 51.81 -5.37
CA LEU O 285 57.11 52.94 -5.94
C LEU O 285 58.43 53.19 -5.22
N GLU O 286 58.89 52.24 -4.42
CA GLU O 286 60.05 52.46 -3.56
C GLU O 286 61.21 51.56 -3.97
N MET O 287 62.40 52.14 -4.00
CA MET O 287 63.62 51.40 -4.21
C MET O 287 64.15 50.77 -2.92
N GLY O 288 63.86 51.37 -1.78
CA GLY O 288 64.37 50.84 -0.53
C GLY O 288 65.89 50.85 -0.50
N LEU O 289 66.45 49.72 -0.10
CA LEU O 289 67.90 49.52 -0.09
C LEU O 289 68.22 48.33 -0.98
N LEU O 290 69.22 48.49 -1.84
CA LEU O 290 69.67 47.42 -2.72
C LEU O 290 70.90 46.76 -2.12
N ILE O 291 71.07 45.47 -2.41
CA ILE O 291 72.25 44.73 -2.01
C ILE O 291 72.86 44.09 -3.24
N ASP O 292 74.04 44.59 -3.62
CA ASP O 292 74.78 44.09 -4.77
C ASP O 292 76.19 43.74 -4.34
N SER O 293 76.91 43.06 -5.22
CA SER O 293 78.29 42.66 -4.95
C SER O 293 79.11 42.72 -6.23
N ASP O 294 80.33 43.25 -6.10
CA ASP O 294 81.30 43.25 -7.19
C ASP O 294 82.62 42.74 -6.65
N VAL O 295 83.59 42.58 -7.55
CA VAL O 295 84.86 41.95 -7.23
C VAL O 295 85.98 42.94 -7.48
N GLN O 296 86.95 42.98 -6.56
CA GLN O 296 88.18 43.75 -6.72
C GLN O 296 89.35 42.78 -6.70
N LYS O 297 90.32 42.99 -7.60
CA LYS O 297 91.47 42.12 -7.70
C LYS O 297 92.75 42.97 -7.83
N GLN O 298 93.79 42.55 -7.13
CA GLN O 298 95.05 43.28 -7.09
C GLN O 298 96.17 42.37 -7.55
N GLY O 299 97.21 42.96 -8.15
CA GLY O 299 98.37 42.21 -8.59
C GLY O 299 99.58 42.53 -7.73
N PHE O 300 100.41 41.51 -7.50
CA PHE O 300 101.65 41.65 -6.76
C PHE O 300 102.75 40.92 -7.52
N MET O 301 103.91 41.55 -7.66
CA MET O 301 105.01 41.01 -8.45
C MET O 301 106.28 40.92 -7.61
N ILE O 302 107.11 39.93 -7.91
CA ILE O 302 108.31 39.63 -7.13
C ILE O 302 109.53 39.97 -7.97
N PRO O 303 110.39 40.88 -7.52
CA PRO O 303 111.53 41.30 -8.32
C PRO O 303 112.77 40.47 -8.08
N THR O 304 113.86 40.87 -8.74
CA THR O 304 115.19 40.35 -8.47
C THR O 304 116.02 41.41 -7.77
N LEU O 305 117.17 41.00 -7.25
CA LEU O 305 118.01 41.89 -6.48
C LEU O 305 119.45 41.82 -6.95
N PRO O 306 120.26 42.84 -6.65
CA PRO O 306 121.69 42.79 -6.97
C PRO O 306 122.37 41.61 -6.29
N PRO O 307 123.37 41.02 -6.91
CA PRO O 307 124.00 39.81 -6.36
C PRO O 307 125.18 40.09 -5.45
N LEU O 308 125.53 39.07 -4.67
CA LEU O 308 126.70 39.07 -3.82
C LEU O 308 127.77 38.16 -4.43
N VAL O 309 129.03 38.57 -4.33
CA VAL O 309 130.11 37.93 -5.08
C VAL O 309 131.22 37.51 -4.13
N ILE O 310 132.01 36.52 -4.57
CA ILE O 310 133.27 36.15 -3.94
C ILE O 310 134.27 35.92 -5.07
N VAL O 311 135.49 36.42 -4.88
CA VAL O 311 136.51 36.39 -5.93
C VAL O 311 137.75 35.69 -5.39
N LYS O 312 138.49 35.03 -6.28
CA LYS O 312 139.76 34.38 -5.97
C LYS O 312 140.44 33.93 -7.26
N PRO O 313 141.77 33.87 -7.27
CA PRO O 313 142.47 33.39 -8.46
C PRO O 313 142.20 31.92 -8.72
N ALA O 314 142.32 31.51 -9.98
CA ALA O 314 142.00 30.15 -10.38
C ALA O 314 143.25 29.27 -10.30
N MET O 315 143.99 29.42 -9.21
CA MET O 315 145.02 28.48 -8.76
C MET O 315 144.91 28.37 -7.25
N VAL O 316 143.85 28.97 -6.71
CA VAL O 316 143.76 29.30 -5.30
C VAL O 316 142.52 28.67 -4.69
N GLU O 317 142.69 28.02 -3.55
CA GLU O 317 141.57 27.57 -2.72
C GLU O 317 142.00 27.56 -1.27
N ASP O 318 141.54 28.56 -0.51
CA ASP O 318 142.04 28.80 0.83
C ASP O 318 140.88 29.15 1.75
N ASP O 319 141.20 29.69 2.91
CA ASP O 319 140.22 30.15 3.89
C ASP O 319 140.29 31.64 4.15
N LYS O 320 141.44 32.27 3.97
CA LYS O 320 141.58 33.70 4.27
C LYS O 320 141.30 34.54 3.03
N THR O 321 142.11 34.40 1.99
CA THR O 321 141.84 35.08 0.74
C THR O 321 140.57 34.57 0.08
N TYR O 322 140.10 33.40 0.47
CA TYR O 322 138.81 32.85 0.03
C TYR O 322 138.04 32.42 1.26
N PRO O 323 137.31 33.33 1.91
CA PRO O 323 136.48 32.93 3.05
C PRO O 323 135.48 31.86 2.63
N ARG O 324 135.23 30.92 3.53
CA ARG O 324 134.28 29.86 3.27
C ARG O 324 132.91 30.43 2.93
N LEU O 325 132.07 29.61 2.31
CA LEU O 325 130.77 30.05 1.82
C LEU O 325 129.86 30.57 2.93
N GLU O 326 130.13 30.15 4.17
CA GLU O 326 129.24 30.48 5.28
C GLU O 326 129.09 31.99 5.44
N ALA O 327 130.19 32.73 5.30
CA ALA O 327 130.13 34.18 5.46
C ALA O 327 129.18 34.80 4.43
N LEU O 328 129.25 34.32 3.19
CA LEU O 328 128.36 34.83 2.16
C LEU O 328 126.90 34.57 2.53
N THR O 329 126.60 33.36 3.01
CA THR O 329 125.25 33.02 3.41
C THR O 329 124.77 33.91 4.55
N THR O 330 125.64 34.18 5.52
CA THR O 330 125.25 35.04 6.64
C THR O 330 124.96 36.45 6.16
N ALA O 331 125.79 36.98 5.27
CA ALA O 331 125.54 38.33 4.75
C ALA O 331 124.20 38.39 4.04
N TYR O 332 123.94 37.39 3.20
CA TYR O 332 122.65 37.29 2.53
C TYR O 332 121.51 37.26 3.53
N ARG O 333 121.61 36.38 4.53
CA ARG O 333 120.53 36.23 5.51
C ARG O 333 120.29 37.54 6.26
N ILE O 334 121.36 38.23 6.65
CA ILE O 334 121.18 39.49 7.37
C ILE O 334 120.45 40.50 6.50
N GLN O 335 121.02 40.82 5.33
CA GLN O 335 120.42 41.91 4.54
C GLN O 335 119.00 41.53 4.13
N GLN O 336 118.73 40.24 3.99
CA GLN O 336 117.37 39.82 3.64
C GLN O 336 116.43 39.99 4.80
N MET O 337 116.77 39.42 5.95
CA MET O 337 115.81 39.14 6.99
C MET O 337 115.65 40.27 7.99
N ARG O 338 116.66 41.11 8.23
CA ARG O 338 116.51 42.15 9.25
C ARG O 338 116.47 43.55 8.64
N ASN O 339 117.45 43.93 7.83
CA ASN O 339 117.58 45.33 7.44
C ASN O 339 116.40 45.78 6.58
N ASN O 340 116.09 45.00 5.55
CA ASN O 340 114.99 45.37 4.66
C ASN O 340 113.66 45.36 5.38
N ALA O 341 113.42 44.36 6.24
CA ALA O 341 112.18 44.31 7.00
C ALA O 341 112.03 45.51 7.91
N VAL O 342 113.09 45.85 8.64
CA VAL O 342 113.00 46.99 9.55
C VAL O 342 112.76 48.27 8.78
N THR O 343 113.47 48.47 7.67
CA THR O 343 113.33 49.73 6.94
C THR O 343 111.94 49.83 6.31
N THR O 344 111.40 48.72 5.80
CA THR O 344 110.07 48.80 5.22
C THR O 344 109.00 49.03 6.30
N LEU O 345 109.20 48.45 7.49
CA LEU O 345 108.28 48.72 8.58
C LEU O 345 108.30 50.20 8.98
N LEU O 346 109.49 50.79 9.05
CA LEU O 346 109.57 52.20 9.42
C LEU O 346 108.97 53.10 8.36
N ASN O 347 109.19 52.78 7.08
CA ASN O 347 108.54 53.55 6.02
C ASN O 347 107.03 53.42 6.10
N ARG O 348 106.53 52.21 6.39
CA ARG O 348 105.10 52.03 6.57
C ARG O 348 104.57 52.90 7.70
N ALA O 349 105.30 52.94 8.82
CA ALA O 349 104.89 53.75 9.96
C ALA O 349 104.84 55.23 9.57
N ASP O 350 105.86 55.70 8.86
CA ASP O 350 105.89 57.11 8.48
C ASP O 350 104.75 57.45 7.53
N THR O 351 104.47 56.58 6.57
CA THR O 351 103.37 56.83 5.65
C THR O 351 102.04 56.87 6.38
N LEU O 352 101.85 55.95 7.33
CA LEU O 352 100.59 55.92 8.07
C LEU O 352 100.44 57.14 8.95
N LYS O 353 101.57 57.64 9.48
CA LYS O 353 101.57 58.94 10.13
C LYS O 353 101.07 60.04 9.20
N SER O 354 101.68 60.12 8.02
CA SER O 354 101.39 61.23 7.12
C SER O 354 99.93 61.22 6.68
N TYR O 355 99.39 60.04 6.38
CA TYR O 355 98.08 60.00 5.74
C TYR O 355 96.92 60.13 6.73
N LEU O 356 97.02 59.51 7.91
CA LEU O 356 95.87 59.40 8.79
C LEU O 356 95.99 60.17 10.09
N GLY O 357 96.95 61.08 10.21
CA GLY O 357 97.10 61.82 11.44
C GLY O 357 97.43 60.93 12.61
N VAL O 358 96.94 61.32 13.78
CA VAL O 358 97.13 60.52 14.98
C VAL O 358 95.84 60.41 15.78
N GLY O 359 95.40 59.18 16.05
CA GLY O 359 94.30 58.95 16.95
C GLY O 359 92.92 59.07 16.33
N VAL O 360 92.85 59.37 15.03
CA VAL O 360 91.57 59.60 14.37
C VAL O 360 91.36 58.55 13.29
N PRO O 361 90.37 57.67 13.44
CA PRO O 361 90.17 56.61 12.43
C PRO O 361 89.38 57.12 11.24
N HIS O 362 89.63 56.52 10.08
CA HIS O 362 88.88 56.81 8.86
C HIS O 362 87.97 55.64 8.50
N PRO O 363 86.87 55.88 7.78
CA PRO O 363 85.93 54.80 7.48
C PRO O 363 86.48 53.84 6.44
N ILE O 364 85.64 52.86 6.09
CA ILE O 364 86.02 51.78 5.18
C ILE O 364 86.16 52.32 3.77
N GLU O 365 87.21 51.89 3.06
CA GLU O 365 87.48 52.31 1.69
C GLU O 365 87.63 53.83 1.62
N SER O 366 88.10 54.44 2.70
CA SER O 366 88.25 55.89 2.75
C SER O 366 89.51 56.37 2.05
N ASN O 367 90.42 55.49 1.69
CA ASN O 367 91.64 55.85 0.99
C ASN O 367 91.98 54.77 -0.02
N LEU O 368 92.63 55.17 -1.11
CA LEU O 368 93.05 54.21 -2.11
C LEU O 368 94.56 54.29 -2.32
N GLY O 369 95.23 55.18 -1.57
CA GLY O 369 96.67 55.27 -1.63
C GLY O 369 97.40 54.38 -0.66
N LEU O 370 96.74 53.97 0.42
CA LEU O 370 97.37 53.10 1.40
C LEU O 370 97.64 51.73 0.82
N GLU O 371 98.90 51.31 0.83
CA GLU O 371 99.28 50.00 0.31
C GLU O 371 98.52 48.90 1.04
N GLY O 372 98.09 47.89 0.30
CA GLY O 372 97.39 46.79 0.90
C GLY O 372 95.89 46.83 0.65
N VAL O 373 95.26 45.68 0.90
CA VAL O 373 93.84 45.49 0.65
C VAL O 373 93.05 45.25 1.93
N GLY O 374 93.73 45.17 3.07
CA GLY O 374 93.01 45.19 4.34
C GLY O 374 92.21 46.46 4.54
N GLN O 375 92.65 47.56 3.91
CA GLN O 375 91.92 48.81 3.95
C GLN O 375 90.52 48.67 3.39
N TYR O 376 90.31 47.76 2.44
CA TYR O 376 88.98 47.44 1.92
C TYR O 376 88.08 46.75 2.91
N TYR O 377 88.58 46.32 4.05
CA TYR O 377 87.82 45.41 4.88
C TYR O 377 87.73 45.84 6.34
N VAL O 378 88.64 46.69 6.82
CA VAL O 378 88.60 47.19 8.19
C VAL O 378 88.92 48.67 8.17
N ARG O 379 88.52 49.37 9.23
CA ARG O 379 88.85 50.79 9.36
C ARG O 379 90.36 50.98 9.46
N PRO O 380 90.95 51.89 8.71
CA PRO O 380 92.34 52.28 8.97
C PRO O 380 92.43 53.03 10.28
N TYR O 381 93.58 52.91 10.95
CA TYR O 381 93.72 53.49 12.29
C TYR O 381 95.19 53.68 12.61
N TYR O 382 95.50 54.65 13.45
CA TYR O 382 96.86 54.95 13.87
C TYR O 382 96.81 55.70 15.19
N ASN O 383 97.77 55.45 16.07
CA ASN O 383 97.83 56.15 17.35
C ASN O 383 99.23 56.17 17.91
N GLU O 384 99.54 57.23 18.66
CA GLU O 384 100.83 57.40 19.32
C GLU O 384 100.59 57.71 20.80
N ALA O 385 101.62 57.47 21.61
CA ALA O 385 101.58 57.78 23.02
C ALA O 385 103.00 57.89 23.55
N THR O 386 103.13 58.46 24.75
CA THR O 386 104.41 58.60 25.40
C THR O 386 104.29 58.23 26.87
N ILE O 387 105.20 57.39 27.34
CA ILE O 387 105.21 56.96 28.74
C ILE O 387 106.36 57.69 29.42
N ASP O 388 106.02 58.64 30.29
CA ASP O 388 107.03 59.35 31.07
C ASP O 388 107.19 58.64 32.40
N VAL O 389 108.20 57.78 32.47
CA VAL O 389 108.36 56.92 33.65
C VAL O 389 108.68 57.74 34.88
N LEU O 390 109.46 58.81 34.72
CA LEU O 390 109.79 59.67 35.86
C LEU O 390 108.55 60.34 36.41
N ASN O 391 107.52 60.52 35.58
CA ASN O 391 106.32 61.23 35.98
C ASN O 391 105.15 60.33 36.30
N ASP O 392 105.10 59.12 35.73
CA ASP O 392 103.91 58.28 35.81
C ASP O 392 103.99 57.20 36.88
N LEU O 393 105.03 57.19 37.71
CA LEU O 393 105.22 56.09 38.65
C LEU O 393 104.77 56.50 40.05
N ASN O 394 104.03 55.61 40.72
CA ASN O 394 103.61 55.84 42.10
C ASN O 394 104.04 54.67 42.97
N ASN O 395 105.25 54.76 43.54
CA ASN O 395 105.74 53.72 44.43
C ASN O 395 105.16 53.89 45.81
N LEU O 396 105.42 52.92 46.70
CA LEU O 396 105.11 53.10 48.11
C LEU O 396 106.30 52.68 48.94
N THR O 397 107.14 51.83 48.36
CA THR O 397 108.34 51.33 49.03
C THR O 397 109.42 51.13 47.98
N SER O 398 110.65 51.51 48.33
CA SER O 398 111.75 51.42 47.38
C SER O 398 112.05 50.00 46.92
N ALA O 399 111.60 48.99 47.68
CA ALA O 399 111.91 47.61 47.35
C ALA O 399 110.98 47.02 46.30
N ALA O 400 109.99 47.77 45.84
CA ALA O 400 109.05 47.28 44.85
C ALA O 400 109.07 48.07 43.55
N LYS O 401 110.16 48.77 43.25
CA LYS O 401 110.20 49.59 42.05
C LYS O 401 110.04 48.76 40.78
N GLN O 402 110.68 47.59 40.75
CA GLN O 402 110.61 46.74 39.57
C GLN O 402 109.17 46.40 39.20
N THR O 403 108.41 45.89 40.18
CA THR O 403 107.04 45.51 39.91
C THR O 403 106.19 46.71 39.51
N ASP O 404 106.44 47.86 40.14
CA ASP O 404 105.66 49.05 39.82
C ASP O 404 105.88 49.49 38.38
N ILE O 405 107.14 49.60 37.96
CA ILE O 405 107.43 49.96 36.58
C ILE O 405 106.82 48.94 35.62
N GLN O 406 106.97 47.66 35.97
CA GLN O 406 106.55 46.58 35.10
C GLN O 406 105.05 46.62 34.87
N GLY O 407 104.29 46.79 35.95
CA GLY O 407 102.85 46.94 35.82
C GLY O 407 102.45 48.21 35.10
N LEU O 408 103.20 49.30 35.31
CA LEU O 408 102.87 50.55 34.63
C LEU O 408 102.96 50.37 33.12
N ILE O 409 104.01 49.72 32.64
CA ILE O 409 104.15 49.48 31.20
C ILE O 409 103.03 48.58 30.70
N VAL O 410 102.78 47.49 31.42
CA VAL O 410 101.78 46.53 30.95
C VAL O 410 100.39 47.17 30.88
N SER O 411 100.04 48.02 31.85
CA SER O 411 98.73 48.64 31.85
C SER O 411 98.54 49.55 30.64
N LYS O 412 99.55 50.36 30.32
CA LYS O 412 99.46 51.22 29.15
C LYS O 412 99.30 50.39 27.89
N ILE O 413 100.08 49.30 27.75
CA ILE O 413 99.96 48.47 26.55
C ILE O 413 98.55 47.87 26.45
N ASN O 414 98.04 47.35 27.56
CA ASN O 414 96.73 46.72 27.55
C ASN O 414 95.64 47.73 27.19
N GLU O 415 95.71 48.93 27.76
CA GLU O 415 94.74 49.97 27.44
C GLU O 415 94.80 50.34 25.97
N MET O 416 96.01 50.45 25.43
CA MET O 416 96.15 50.79 24.02
C MET O 416 95.51 49.74 23.13
N VAL O 417 95.75 48.46 23.42
CA VAL O 417 95.14 47.39 22.63
C VAL O 417 93.63 47.46 22.71
N TYR O 418 93.09 47.67 23.92
CA TYR O 418 91.64 47.77 24.06
C TYR O 418 91.07 48.91 23.24
N THR O 419 91.71 50.09 23.31
CA THR O 419 91.21 51.24 22.56
C THR O 419 91.24 50.97 21.06
N ALA O 420 92.33 50.37 20.57
CA ALA O 420 92.39 50.06 19.15
C ALA O 420 91.28 49.09 18.75
N ASP O 421 91.06 48.05 19.55
CA ASP O 421 89.99 47.11 19.24
C ASP O 421 88.65 47.82 19.19
N GLN O 422 88.39 48.71 20.16
CA GLN O 422 87.13 49.44 20.17
C GLN O 422 86.94 50.27 18.92
N LEU O 423 87.93 51.10 18.58
CA LEU O 423 87.76 52.04 17.49
C LEU O 423 87.84 51.39 16.11
N THR O 424 88.38 50.18 16.00
CA THR O 424 88.61 49.59 14.69
C THR O 424 87.51 48.66 14.22
N GLY O 425 86.82 47.95 15.12
CA GLY O 425 85.92 46.91 14.68
C GLY O 425 86.61 45.66 14.24
N TYR O 426 87.85 45.44 14.68
CA TYR O 426 88.64 44.30 14.23
C TYR O 426 88.01 42.98 14.63
N THR O 427 87.47 42.90 15.85
CA THR O 427 86.88 41.65 16.31
C THR O 427 85.69 41.23 15.45
N ALA O 428 84.86 42.19 15.06
CA ALA O 428 83.76 41.88 14.16
C ALA O 428 84.28 41.38 12.82
N ALA O 429 85.38 41.97 12.34
CA ALA O 429 85.98 41.49 11.10
C ALA O 429 86.42 40.04 11.22
N LEU O 430 87.06 39.69 12.34
CA LEU O 430 87.46 38.30 12.54
C LEU O 430 86.25 37.37 12.59
N GLU O 431 85.21 37.76 13.33
CA GLU O 431 84.04 36.89 13.43
C GLU O 431 83.35 36.75 12.09
N ALA O 432 83.46 37.76 11.23
CA ALA O 432 82.87 37.65 9.89
C ALA O 432 83.73 36.80 8.97
N ALA O 433 85.06 36.90 9.11
CA ALA O 433 85.96 36.20 8.19
C ALA O 433 85.91 34.69 8.37
N PHE O 434 85.66 34.22 9.58
CA PHE O 434 85.61 32.80 9.86
C PHE O 434 84.41 32.49 10.74
N SER O 435 83.66 31.45 10.38
CA SER O 435 82.54 30.97 11.17
C SER O 435 82.88 29.58 11.68
N GLY O 436 82.51 29.29 12.91
CA GLY O 436 82.84 28.01 13.52
C GLY O 436 83.97 28.16 14.51
N ARG O 437 84.69 29.27 14.43
CA ARG O 437 85.68 29.62 15.42
C ARG O 437 85.48 31.07 15.82
N SER O 438 85.86 31.38 17.06
CA SER O 438 85.78 32.74 17.58
C SER O 438 87.19 33.09 18.04
N PRO O 439 88.10 33.41 17.12
CA PRO O 439 89.50 33.58 17.48
C PRO O 439 89.75 34.85 18.26
N LYS O 440 90.44 34.71 19.38
CA LYS O 440 90.88 35.87 20.13
C LYS O 440 91.87 36.67 19.28
N PRO O 441 91.76 37.99 19.27
CA PRO O 441 92.74 38.80 18.54
C PRO O 441 94.14 38.58 19.07
N HIS O 442 95.01 38.00 18.26
CA HIS O 442 96.38 37.74 18.65
C HIS O 442 97.23 38.97 18.34
N VAL O 443 97.96 39.46 19.33
CA VAL O 443 98.67 40.73 19.24
C VAL O 443 100.17 40.47 19.27
N ALA O 444 100.89 41.07 18.33
CA ALA O 444 102.34 40.98 18.28
C ALA O 444 102.95 42.09 19.14
N ILE O 445 104.11 41.79 19.73
CA ILE O 445 104.85 42.76 20.54
C ILE O 445 106.31 42.67 20.13
N GLY O 446 106.87 43.76 19.64
CA GLY O 446 108.24 43.82 19.19
C GLY O 446 108.96 45.03 19.77
N THR O 447 110.26 44.86 20.03
CA THR O 447 111.08 45.93 20.58
C THR O 447 112.55 45.49 20.54
N ASP O 448 113.41 46.38 21.03
CA ASP O 448 114.83 46.10 21.15
C ASP O 448 115.12 45.30 22.42
N MET O 449 116.40 45.05 22.69
CA MET O 449 116.77 44.11 23.74
C MET O 449 116.42 44.59 25.14
N ARG O 450 116.14 45.88 25.32
CA ARG O 450 116.05 46.41 26.68
C ARG O 450 114.74 46.02 27.36
N LEU O 451 113.62 46.42 26.78
CA LEU O 451 112.30 46.31 27.41
C LEU O 451 111.84 44.90 27.77
N PRO O 452 112.07 43.86 26.94
CA PRO O 452 111.52 42.53 27.26
C PRO O 452 111.94 41.99 28.61
N GLN O 453 112.79 42.72 29.31
CA GLN O 453 113.09 42.47 30.70
C GLN O 453 112.09 43.14 31.63
N TYR O 454 111.05 43.76 31.08
CA TYR O 454 110.03 44.41 31.88
C TYR O 454 108.61 44.13 31.41
N ILE O 455 108.41 43.62 30.19
CA ILE O 455 107.07 43.38 29.70
C ILE O 455 106.39 42.21 30.40
N GLN O 456 107.12 41.13 30.66
CA GLN O 456 106.62 40.02 31.47
C GLN O 456 106.23 40.54 32.83
N ILE O 457 105.45 39.78 33.58
CA ILE O 457 105.14 40.09 34.97
C ILE O 457 105.20 38.82 35.80
N ASN O 458 105.87 38.89 36.95
CA ASN O 458 105.95 37.80 37.91
C ASN O 458 105.50 38.31 39.28
N GLY O 459 104.19 38.27 39.53
CA GLY O 459 103.65 38.79 40.76
C GLY O 459 102.31 39.46 40.55
N ASP O 460 102.04 39.86 39.31
CA ASP O 460 100.74 40.40 38.91
C ASP O 460 100.23 39.61 37.72
N ASP O 461 98.92 39.32 37.73
CA ASP O 461 98.34 38.43 36.72
C ASP O 461 98.41 39.03 35.32
N ARG O 462 98.20 40.35 35.22
CA ARG O 462 98.03 40.98 33.92
C ARG O 462 99.33 40.97 33.11
N THR O 463 99.23 40.48 31.88
CA THR O 463 100.34 40.59 30.94
C THR O 463 99.87 41.28 29.66
N VAL O 464 98.73 40.85 29.14
CA VAL O 464 98.09 41.50 28.00
C VAL O 464 96.60 41.59 28.29
N GLY O 465 96.22 41.18 29.49
CA GLY O 465 94.82 41.07 29.86
C GLY O 465 94.29 39.67 29.67
N ILE O 466 93.33 39.32 30.52
CA ILE O 466 92.73 37.99 30.50
C ILE O 466 91.85 37.86 29.26
N GLY O 467 92.33 37.14 28.26
CA GLY O 467 91.56 36.94 27.04
C GLY O 467 92.27 37.39 25.77
N TYR O 468 93.56 37.67 25.87
CA TYR O 468 94.35 38.02 24.71
C TYR O 468 95.63 37.19 24.70
N ASP O 469 96.07 36.82 23.51
CA ASP O 469 97.32 36.13 23.31
C ASP O 469 98.36 37.10 22.79
N TYR O 470 99.64 36.72 22.93
CA TYR O 470 100.71 37.62 22.55
C TYR O 470 101.96 36.83 22.25
N THR O 471 102.90 37.48 21.57
CA THR O 471 104.20 36.91 21.27
C THR O 471 105.21 38.05 21.15
N ILE O 472 106.32 37.95 21.86
CA ILE O 472 107.35 38.99 21.88
C ILE O 472 108.54 38.52 21.06
N ALA O 473 109.04 39.39 20.20
CA ALA O 473 110.24 39.13 19.43
C ALA O 473 111.19 40.31 19.59
N ARG O 474 112.43 40.02 19.95
CA ARG O 474 113.41 41.05 20.22
C ARG O 474 114.38 41.16 19.04
N ILE O 475 114.66 42.41 18.65
CA ILE O 475 115.47 42.69 17.49
C ILE O 475 116.61 43.63 17.90
N SER O 476 117.79 43.36 17.36
CA SER O 476 118.99 44.03 17.82
C SER O 476 119.25 45.38 17.15
N ASP O 477 118.46 45.74 16.14
CA ASP O 477 118.73 46.96 15.40
C ASP O 477 118.59 48.19 16.30
N LEU O 478 119.56 49.09 16.17
CA LEU O 478 119.63 50.27 17.02
C LEU O 478 118.54 51.28 16.70
N ARG O 479 117.96 51.22 15.50
CA ARG O 479 116.81 52.06 15.20
C ARG O 479 115.64 51.79 16.13
N MET O 480 115.56 50.60 16.72
CA MET O 480 114.50 50.24 17.64
C MET O 480 114.83 50.59 19.08
N LYS O 481 115.67 51.60 19.28
CA LYS O 481 115.98 52.14 20.61
C LYS O 481 114.68 52.41 21.36
N ASP O 482 114.52 51.73 22.50
CA ASP O 482 113.41 51.90 23.45
C ASP O 482 112.10 52.27 22.74
N LYS O 483 111.69 51.40 21.83
CA LYS O 483 110.49 51.60 21.02
C LYS O 483 109.60 50.38 21.16
N ILE O 484 108.28 50.59 21.10
CA ILE O 484 107.31 49.51 21.24
C ILE O 484 106.41 49.54 20.01
N VAL O 485 106.22 48.38 19.39
CA VAL O 485 105.40 48.23 18.19
C VAL O 485 104.39 47.12 18.45
N MET O 486 103.16 47.32 17.99
CA MET O 486 102.12 46.30 18.08
C MET O 486 101.32 46.26 16.79
N THR O 487 100.83 45.06 16.47
CA THR O 487 99.94 44.87 15.33
C THR O 487 99.16 43.58 15.56
N PHE O 488 98.12 43.39 14.77
CA PHE O 488 97.27 42.22 14.88
C PHE O 488 97.69 41.16 13.88
N ILE O 489 97.88 39.93 14.37
CA ILE O 489 98.41 38.82 13.58
C ILE O 489 97.58 37.59 13.86
N LEU O 490 97.42 36.74 12.85
CA LEU O 490 96.80 35.44 13.01
C LEU O 490 97.75 34.37 12.49
N PRO O 491 98.39 33.61 13.37
CA PRO O 491 99.38 32.62 12.93
C PRO O 491 98.76 31.28 12.57
N ASN O 492 97.69 31.31 11.77
CA ASN O 492 96.99 30.08 11.39
C ASN O 492 96.79 29.99 9.88
N GLU O 493 97.14 31.04 9.15
CA GLU O 493 96.95 31.10 7.71
C GLU O 493 98.31 31.09 7.03
N SER O 494 98.53 30.12 6.15
CA SER O 494 99.74 30.06 5.36
C SER O 494 99.56 30.59 3.94
N GLU O 495 98.41 31.20 3.64
CA GLU O 495 98.13 31.82 2.37
C GLU O 495 97.97 33.32 2.58
N PRO O 496 98.42 34.14 1.64
CA PRO O 496 98.12 35.58 1.72
C PRO O 496 96.64 35.82 1.93
N HIS O 497 96.30 36.37 3.08
CA HIS O 497 94.93 36.65 3.46
C HIS O 497 94.84 38.11 3.84
N PRO O 498 93.82 38.83 3.36
CA PRO O 498 93.78 40.28 3.55
C PRO O 498 93.57 40.71 5.00
N LEU O 499 93.65 39.81 5.97
CA LEU O 499 93.45 40.14 7.36
C LEU O 499 94.72 39.91 8.19
N GLN O 500 95.87 39.77 7.53
CA GLN O 500 97.15 39.66 8.21
C GLN O 500 98.05 40.82 7.80
N HIS O 501 99.03 41.12 8.65
CA HIS O 501 99.77 42.37 8.49
C HIS O 501 100.55 42.41 7.18
N GLY O 502 101.24 41.33 6.85
CA GLY O 502 102.05 41.36 5.64
C GLY O 502 102.57 39.98 5.29
N VAL O 503 103.03 39.87 4.05
CA VAL O 503 103.54 38.62 3.51
C VAL O 503 104.92 38.88 2.93
N LEU O 504 105.74 37.84 2.93
CA LEU O 504 107.09 37.90 2.38
C LEU O 504 107.19 36.96 1.20
N GLY O 505 107.05 37.48 0.00
CA GLY O 505 107.22 36.67 -1.19
C GLY O 505 108.62 36.14 -1.27
N PHE O 506 108.76 34.81 -1.27
CA PHE O 506 110.06 34.17 -1.22
C PHE O 506 110.26 33.30 -2.45
N ILE O 507 111.39 33.49 -3.12
CA ILE O 507 111.79 32.64 -4.24
C ILE O 507 113.13 32.01 -3.89
N PRO O 508 113.20 30.70 -3.67
CA PRO O 508 114.50 30.07 -3.41
C PRO O 508 115.43 30.29 -4.59
N GLU O 509 116.70 30.53 -4.29
CA GLU O 509 117.69 30.75 -5.34
C GLU O 509 118.97 29.98 -5.02
N TYR O 510 119.56 29.40 -6.05
CA TYR O 510 120.78 28.61 -5.93
C TYR O 510 121.95 29.31 -6.60
N LEU O 511 123.09 29.31 -5.91
CA LEU O 511 124.28 29.98 -6.39
C LEU O 511 124.77 29.36 -7.69
N VAL O 512 125.58 30.14 -8.42
CA VAL O 512 126.19 29.70 -9.67
C VAL O 512 127.70 29.90 -9.57
N ASP O 513 128.46 28.92 -10.02
CA ASP O 513 129.92 28.92 -9.88
C ASP O 513 130.53 28.63 -11.26
N PHE O 514 131.34 29.56 -11.75
CA PHE O 514 131.99 29.37 -13.04
C PHE O 514 133.22 30.26 -13.13
N ASN O 515 134.08 29.93 -14.09
CA ASN O 515 135.20 30.80 -14.45
C ASN O 515 134.67 31.93 -15.32
N MET O 516 135.17 33.14 -15.09
CA MET O 516 134.72 34.31 -15.84
C MET O 516 135.91 35.21 -16.11
N ILE O 517 135.98 35.72 -17.33
CA ILE O 517 137.09 36.55 -17.79
C ILE O 517 136.66 38.00 -17.70
N ARG O 518 137.10 38.69 -16.66
CA ARG O 518 136.57 40.01 -16.34
C ARG O 518 137.57 41.04 -16.82
N ASN O 519 137.33 41.61 -18.00
CA ASN O 519 138.21 42.61 -18.60
C ASN O 519 139.62 42.09 -18.78
N GLN O 520 139.78 40.94 -19.44
CA GLN O 520 141.09 40.32 -19.69
C GLN O 520 141.82 39.99 -18.39
N ARG O 521 141.07 39.63 -17.36
CA ARG O 521 141.61 39.07 -16.13
C ARG O 521 140.90 37.74 -15.88
N ILE O 522 141.62 36.77 -15.33
CA ILE O 522 141.06 35.44 -15.12
C ILE O 522 140.90 35.19 -13.63
N GLY O 523 139.73 34.68 -13.25
CA GLY O 523 139.45 34.40 -11.86
C GLY O 523 138.13 33.66 -11.69
N ARG O 524 137.95 33.07 -10.51
CA ARG O 524 136.75 32.33 -10.20
C ARG O 524 135.81 33.18 -9.36
N GLU O 525 134.51 33.10 -9.65
CA GLU O 525 133.50 33.93 -8.99
C GLU O 525 132.38 33.05 -8.45
N ILE O 526 131.75 33.52 -7.38
CA ILE O 526 130.59 32.87 -6.79
C ILE O 526 129.49 33.93 -6.66
N ARG O 527 128.27 33.57 -7.05
CA ARG O 527 127.17 34.51 -7.10
C ARG O 527 126.01 34.01 -6.25
N LEU O 528 125.28 34.95 -5.64
CA LEU O 528 124.04 34.66 -4.96
C LEU O 528 123.06 35.78 -5.28
N THR O 529 122.02 35.47 -6.05
CA THR O 529 121.05 36.45 -6.46
C THR O 529 119.80 36.32 -5.60
N PRO O 530 119.54 37.23 -4.69
CA PRO O 530 118.32 37.13 -3.87
C PRO O 530 117.08 37.62 -4.62
N ARG O 531 115.92 37.09 -4.24
CA ARG O 531 114.65 37.50 -4.83
C ARG O 531 113.57 37.48 -3.76
N TYR O 532 113.04 38.66 -3.43
CA TYR O 532 111.97 38.80 -2.44
C TYR O 532 111.51 40.24 -2.41
N ARG O 533 110.40 40.47 -1.71
CA ARG O 533 110.01 41.82 -1.31
C ARG O 533 109.01 41.70 -0.15
N TYR O 534 108.85 42.79 0.58
CA TYR O 534 107.90 42.86 1.68
C TYR O 534 106.67 43.64 1.22
N PHE O 535 105.49 43.05 1.40
CA PHE O 535 104.22 43.69 1.09
C PHE O 535 103.42 43.91 2.36
N ASN O 536 102.86 45.11 2.50
CA ASN O 536 102.08 45.48 3.68
C ASN O 536 100.59 45.35 3.34
N PHE O 537 99.83 44.76 4.26
CA PHE O 537 98.40 44.59 4.02
C PHE O 537 97.55 45.40 4.99
N LEU O 538 97.73 45.16 6.28
CA LEU O 538 96.80 45.68 7.27
C LEU O 538 97.13 47.14 7.59
N PRO O 539 96.19 48.06 7.43
CA PRO O 539 96.45 49.45 7.86
C PRO O 539 96.06 49.71 9.30
N ILE O 540 96.57 48.92 10.23
CA ILE O 540 96.43 49.17 11.67
C ILE O 540 97.80 49.00 12.32
N MET O 541 98.27 50.05 12.99
CA MET O 541 99.59 50.01 13.60
C MET O 541 99.62 50.89 14.84
N LEU O 542 100.34 50.44 15.86
CA LEU O 542 100.46 51.17 17.11
C LEU O 542 101.94 51.30 17.47
N VAL O 543 102.34 52.48 17.91
CA VAL O 543 103.72 52.75 18.30
C VAL O 543 103.71 53.48 19.64
N ILE O 544 104.60 53.05 20.55
CA ILE O 544 104.70 53.61 21.88
C ILE O 544 106.11 54.13 22.10
N ASN O 545 106.22 55.36 22.59
CA ASN O 545 107.50 55.95 22.93
C ASN O 545 107.67 55.95 24.44
N VAL O 546 108.76 55.36 24.93
CA VAL O 546 109.09 55.35 26.35
C VAL O 546 110.42 56.06 26.54
N ILE O 547 110.45 57.01 27.46
CA ILE O 547 111.65 57.79 27.75
C ILE O 547 111.80 57.92 29.26
N ASN O 548 113.02 58.30 29.67
CA ASN O 548 113.31 58.69 31.05
C ASN O 548 113.12 57.52 32.01
N LEU O 549 113.19 56.30 31.49
CA LEU O 549 113.14 55.13 32.37
C LEU O 549 114.39 55.04 33.22
N GLU O 550 115.51 55.57 32.73
CA GLU O 550 116.77 55.42 33.43
C GLU O 550 116.76 56.18 34.76
N GLU O 551 116.32 57.44 34.75
CA GLU O 551 116.41 58.26 35.94
C GLU O 551 115.50 57.73 37.05
N ALA O 552 114.29 57.30 36.70
CA ALA O 552 113.30 56.98 37.72
C ALA O 552 113.76 55.85 38.62
N ILE O 553 114.44 54.84 38.06
CA ILE O 553 114.86 53.71 38.88
C ILE O 553 115.92 54.14 39.89
N ALA O 554 116.71 55.16 39.57
CA ALA O 554 117.78 55.60 40.45
C ALA O 554 117.45 56.88 41.20
N GLN O 555 116.52 57.69 40.69
CA GLN O 555 116.16 58.96 41.30
C GLN O 555 114.98 58.75 42.24
N ARG O 556 114.99 59.50 43.35
CA ARG O 556 113.97 59.36 44.38
C ARG O 556 112.60 59.67 43.79
N THR O 557 111.76 58.64 43.70
CA THR O 557 110.41 58.80 43.20
C THR O 557 109.44 58.25 44.23
N ALA O 558 108.48 59.08 44.64
CA ALA O 558 107.50 58.67 45.62
C ALA O 558 106.27 59.55 45.50
N LEU O 559 105.22 59.01 44.90
CA LEU O 559 103.88 59.59 44.96
C LEU O 559 103.77 60.88 44.16
N ASP O 560 102.59 61.17 43.61
CA ASP O 560 102.18 62.52 43.28
C ASP O 560 100.98 62.84 44.17
N VAL O 561 101.25 63.26 45.42
CA VAL O 561 100.22 63.31 46.44
C VAL O 561 99.21 64.40 46.17
N ASN O 562 97.98 64.00 45.84
CA ASN O 562 96.89 64.94 45.57
C ASN O 562 96.28 65.45 46.87
N GLU O 563 96.83 66.54 47.41
CA GLU O 563 96.28 67.15 48.61
C GLU O 563 94.92 67.75 48.32
N THR O 564 93.90 66.90 48.18
CA THR O 564 92.69 67.35 47.53
C THR O 564 91.87 68.27 48.43
N GLN O 565 92.39 69.47 48.64
CA GLN O 565 91.62 70.64 49.06
C GLN O 565 90.72 70.44 50.26
N VAL O 566 91.27 70.06 51.41
CA VAL O 566 90.54 70.32 52.65
C VAL O 566 91.46 71.08 53.58
N THR O 567 91.54 72.38 53.35
CA THR O 567 92.09 73.52 54.07
C THR O 567 91.66 74.75 53.31
N PRO O 568 91.18 75.79 53.99
CA PRO O 568 90.41 76.83 53.26
C PRO O 568 91.15 77.39 52.07
N ALA O 569 90.73 76.97 50.88
CA ALA O 569 91.16 77.55 49.61
C ALA O 569 89.99 77.51 48.64
N SER O 570 88.89 76.91 49.08
CA SER O 570 87.72 76.66 48.25
C SER O 570 86.63 76.00 49.08
N HIS P 1 144.75 34.21 45.31
CA HIS P 1 143.53 34.77 45.88
C HIS P 1 142.41 34.81 44.85
N GLU P 2 141.17 34.79 45.34
CA GLU P 2 140.02 34.73 44.44
C GLU P 2 139.91 35.96 43.56
N PHE P 3 140.15 37.16 44.09
CA PHE P 3 139.85 38.37 43.36
C PHE P 3 140.67 38.48 42.09
N ALA P 4 141.97 38.21 42.19
CA ALA P 4 142.83 38.32 41.01
C ALA P 4 142.41 37.34 39.93
N GLU P 5 142.10 36.11 40.30
CA GLU P 5 141.69 35.13 39.30
C GLU P 5 140.33 35.48 38.72
N LEU P 6 139.49 36.20 39.48
CA LEU P 6 138.18 36.55 38.99
C LEU P 6 138.24 37.50 37.80
N PHE P 7 139.15 38.46 37.84
CA PHE P 7 139.28 39.44 36.77
C PHE P 7 140.39 39.15 35.79
N TYR P 8 141.57 38.76 36.27
CA TYR P 8 142.72 38.50 35.42
C TYR P 8 143.13 37.03 35.61
N ARG P 9 142.52 36.15 34.82
CA ARG P 9 142.81 34.73 34.95
C ARG P 9 144.26 34.45 34.59
N THR P 10 144.91 33.59 35.38
CA THR P 10 146.34 33.36 35.25
C THR P 10 146.66 32.67 33.93
N TYR P 11 147.85 32.94 33.41
CA TYR P 11 148.37 32.27 32.22
C TYR P 11 149.81 31.87 32.48
N ILE P 12 150.03 30.60 32.78
CA ILE P 12 151.35 30.10 33.13
C ILE P 12 152.19 30.08 31.85
N VAL P 13 153.48 30.38 32.00
CA VAL P 13 154.40 30.51 30.88
C VAL P 13 155.68 29.76 31.23
N THR P 14 156.30 29.14 30.23
CA THR P 14 157.62 28.56 30.45
C THR P 14 158.69 29.64 30.33
N PRO P 15 159.76 29.55 31.11
CA PRO P 15 160.80 30.59 31.04
C PRO P 15 161.74 30.42 29.85
N ASP P 16 161.17 30.34 28.66
CA ASP P 16 162.01 30.14 27.48
C ASP P 16 161.46 31.00 26.34
N GLN P 17 160.41 31.77 26.62
CA GLN P 17 159.84 32.69 25.66
C GLN P 17 159.62 34.05 26.32
N ALA P 18 159.86 35.10 25.56
CA ALA P 18 159.80 36.45 26.12
C ALA P 18 158.38 36.97 26.22
N GLY P 19 157.46 36.43 25.44
CA GLY P 19 156.08 36.91 25.47
C GLY P 19 155.20 36.09 24.55
N PHE P 20 153.91 36.45 24.55
CA PHE P 20 152.91 35.72 23.80
C PHE P 20 152.15 36.67 22.89
N GLN P 21 151.88 36.21 21.68
CA GLN P 21 151.12 36.96 20.69
C GLN P 21 149.92 36.16 20.24
N LEU P 22 148.86 36.86 19.86
CA LEU P 22 147.65 36.23 19.34
C LEU P 22 147.33 36.81 17.97
N SER P 23 147.07 35.93 17.02
CA SER P 23 146.68 36.34 15.67
C SER P 23 145.18 36.17 15.53
N ILE P 24 144.49 37.28 15.27
CA ILE P 24 143.04 37.31 15.24
C ILE P 24 142.60 37.37 13.78
N ARG P 25 141.52 36.66 13.46
CA ARG P 25 140.95 36.70 12.12
C ARG P 25 139.82 37.72 12.09
N ARG P 26 139.65 38.38 10.95
CA ARG P 26 138.53 39.28 10.73
C ARG P 26 137.83 38.92 9.42
N ASN P 27 136.51 38.83 9.48
CA ASN P 27 135.69 38.53 8.32
C ASN P 27 135.09 39.82 7.81
N LEU P 28 135.31 40.13 6.53
CA LEU P 28 135.07 41.46 6.01
C LEU P 28 134.20 41.42 4.76
N VAL P 29 133.50 42.54 4.55
CA VAL P 29 132.79 42.82 3.30
C VAL P 29 133.16 44.23 2.88
N TRP P 30 133.41 44.42 1.58
CA TRP P 30 133.85 45.73 1.12
C TRP P 30 133.47 45.93 -0.34
N GLU P 31 133.54 47.19 -0.76
CA GLU P 31 133.13 47.59 -2.09
C GLU P 31 134.22 47.21 -3.10
N GLY P 32 133.89 47.32 -4.39
CA GLY P 32 134.70 46.81 -5.47
C GLY P 32 136.14 47.31 -5.62
N TRP P 33 136.81 46.81 -6.64
CA TRP P 33 138.25 47.00 -6.81
C TRP P 33 138.54 48.43 -7.26
N THR P 34 139.65 48.97 -6.76
CA THR P 34 139.99 50.36 -7.02
C THR P 34 140.56 50.55 -8.42
N GLY P 35 140.59 51.80 -8.88
CA GLY P 35 141.04 52.13 -10.22
C GLY P 35 142.05 53.26 -10.33
N GLU P 36 143.01 53.34 -9.41
CA GLU P 36 143.89 54.50 -9.35
C GLU P 36 145.37 54.11 -9.47
N GLY P 37 146.14 54.97 -10.12
CA GLY P 37 147.57 55.11 -9.89
C GLY P 37 148.47 53.89 -10.00
N LEU P 38 149.75 54.10 -9.70
CA LEU P 38 150.74 53.03 -9.62
C LEU P 38 151.21 52.92 -8.18
N SER P 39 151.21 51.70 -7.64
CA SER P 39 151.78 51.41 -6.33
C SER P 39 151.05 52.27 -5.29
N GLY P 40 151.76 53.05 -4.48
CA GLY P 40 151.11 53.86 -3.47
C GLY P 40 150.37 55.05 -4.06
N GLU P 41 150.23 56.08 -3.22
CA GLU P 41 149.55 57.34 -3.51
C GLU P 41 148.03 57.16 -3.55
N LYS P 42 147.55 55.93 -3.45
CA LYS P 42 146.12 55.66 -3.50
C LYS P 42 145.51 55.81 -2.11
N GLN P 43 144.19 55.96 -2.09
CA GLN P 43 143.39 55.72 -0.90
C GLN P 43 142.48 54.52 -1.18
N GLU P 44 142.39 53.61 -0.22
CA GLU P 44 141.62 52.39 -0.37
C GLU P 44 140.30 52.52 0.38
N ILE P 45 139.24 51.97 -0.21
CA ILE P 45 137.92 52.06 0.40
C ILE P 45 137.95 51.43 1.78
N SER P 46 137.32 52.09 2.75
CA SER P 46 137.34 51.62 4.11
C SER P 46 136.69 50.24 4.21
N LYS P 47 137.36 49.35 4.92
CA LYS P 47 136.83 48.04 5.25
C LYS P 47 135.77 48.20 6.32
N ARG P 48 134.81 47.29 6.34
CA ARG P 48 133.74 47.29 7.34
C ARG P 48 133.51 45.87 7.84
N ASN P 49 133.40 45.73 9.16
CA ASN P 49 133.21 44.42 9.76
C ASN P 49 131.78 43.95 9.51
N ILE P 50 131.63 42.67 9.20
CA ILE P 50 130.29 42.13 8.94
C ILE P 50 129.45 42.12 10.21
N LEU P 51 130.09 41.89 11.36
CA LEU P 51 129.36 41.96 12.62
C LEU P 51 128.93 43.38 12.97
N GLN P 52 129.69 44.39 12.55
CA GLN P 52 129.26 45.76 12.78
C GLN P 52 128.00 46.10 12.00
N GLY P 53 127.75 45.39 10.90
CA GLY P 53 126.49 45.55 10.19
C GLY P 53 125.31 44.96 10.91
N LEU P 54 125.53 44.03 11.85
CA LEU P 54 124.43 43.50 12.65
C LEU P 54 123.80 44.59 13.51
N LEU P 55 124.49 45.71 13.71
CA LEU P 55 124.01 46.79 14.54
C LEU P 55 123.66 48.03 13.75
N ASP P 56 124.02 48.10 12.47
CA ASP P 56 123.74 49.26 11.64
C ASP P 56 123.03 48.80 10.37
N TYR P 57 122.87 49.73 9.42
CA TYR P 57 122.10 49.46 8.22
C TYR P 57 122.81 49.78 6.92
N THR P 58 123.81 50.67 6.93
CA THR P 58 124.45 51.09 5.69
C THR P 58 125.59 50.16 5.28
N THR P 59 125.94 49.18 6.09
CA THR P 59 126.99 48.24 5.71
C THR P 59 126.60 47.41 4.51
N LEU P 60 125.30 47.23 4.29
CA LEU P 60 124.81 46.40 3.20
C LEU P 60 123.80 47.19 2.38
N GLU P 61 123.08 46.47 1.53
CA GLU P 61 122.09 47.05 0.63
C GLU P 61 122.75 48.05 -0.32
N THR P 62 123.63 47.55 -1.18
CA THR P 62 124.26 48.36 -2.22
C THR P 62 123.65 47.97 -3.56
N ASN P 63 122.85 48.88 -4.11
CA ASN P 63 122.24 48.63 -5.41
C ASN P 63 123.27 48.75 -6.52
N SER P 64 123.32 47.75 -7.40
CA SER P 64 124.38 47.70 -8.41
C SER P 64 123.87 47.26 -9.76
N THR P 65 122.56 47.09 -9.90
CA THR P 65 121.97 46.67 -11.16
C THR P 65 120.82 47.55 -11.62
N GLU P 66 120.40 48.50 -10.79
CA GLU P 66 119.26 49.36 -11.11
C GLU P 66 119.53 50.19 -12.35
N LEU P 67 118.48 50.43 -13.13
CA LEU P 67 118.59 51.20 -14.37
C LEU P 67 118.27 52.66 -14.06
N ILE P 68 119.30 53.50 -14.02
CA ILE P 68 119.16 54.92 -13.75
C ILE P 68 119.65 55.67 -14.98
N PRO P 69 118.87 56.60 -15.52
CA PRO P 69 119.33 57.34 -16.72
C PRO P 69 120.56 58.17 -16.42
N VAL P 70 121.39 58.35 -17.44
CA VAL P 70 122.61 59.14 -17.36
C VAL P 70 122.59 60.19 -18.45
N ILE P 71 122.93 61.42 -18.08
CA ILE P 71 122.87 62.57 -18.99
C ILE P 71 124.15 62.62 -19.79
N GLN P 72 124.03 62.60 -21.11
CA GLN P 72 125.12 62.91 -22.01
C GLN P 72 124.77 64.17 -22.79
N SER P 73 125.17 65.32 -22.24
CA SER P 73 124.72 66.60 -22.76
C SER P 73 125.10 66.77 -24.22
N GLY P 74 124.16 67.28 -25.01
CA GLY P 74 124.38 67.47 -26.43
C GLY P 74 124.15 66.22 -27.26
N GLU P 75 123.79 65.10 -26.63
CA GLU P 75 123.54 63.88 -27.37
C GLU P 75 122.19 63.28 -26.98
N ASN P 76 121.78 63.48 -25.73
CA ASN P 76 120.52 62.91 -25.26
C ASN P 76 119.72 63.92 -24.44
N ASP P 77 119.64 65.15 -24.90
CA ASP P 77 118.92 66.20 -24.21
C ASP P 77 117.49 66.34 -24.72
N GLU P 78 117.04 65.44 -25.59
CA GLU P 78 115.69 65.51 -26.13
C GLU P 78 114.72 64.63 -25.36
N GLN P 79 115.19 63.60 -24.67
CA GLN P 79 114.33 62.74 -23.88
C GLN P 79 114.14 63.24 -22.45
N PHE P 80 114.83 64.31 -22.05
CA PHE P 80 114.73 64.82 -20.70
C PHE P 80 114.16 66.23 -20.72
N ILE P 81 113.57 66.63 -19.59
CA ILE P 81 113.10 67.98 -19.44
C ILE P 81 114.29 68.94 -19.43
N ASP P 82 114.05 70.18 -19.87
CA ASP P 82 115.10 71.16 -19.88
C ASP P 82 115.52 71.49 -18.45
N PRO P 83 116.80 71.83 -18.23
CA PRO P 83 117.25 72.17 -16.87
C PRO P 83 116.64 73.45 -16.32
N SER P 84 115.94 74.23 -17.14
CA SER P 84 115.29 75.45 -16.68
C SER P 84 114.10 75.19 -15.77
N VAL P 85 113.53 73.99 -15.82
CA VAL P 85 112.42 73.66 -14.93
C VAL P 85 112.93 73.05 -13.62
N LEU P 86 113.89 72.14 -13.68
CA LEU P 86 114.46 71.53 -12.49
C LEU P 86 115.90 71.11 -12.75
N PRO P 87 116.86 71.64 -11.99
CA PRO P 87 118.27 71.28 -12.21
C PRO P 87 118.56 69.82 -11.92
N ALA P 88 119.77 69.37 -12.27
CA ALA P 88 120.13 67.96 -12.11
C ALA P 88 120.36 67.61 -10.65
N GLN P 89 120.21 66.33 -10.35
CA GLN P 89 120.49 65.79 -9.03
C GLN P 89 121.67 64.83 -9.13
N THR P 90 122.68 65.04 -8.30
CA THR P 90 123.88 64.21 -8.30
C THR P 90 123.61 62.94 -7.50
N VAL P 91 123.60 61.80 -8.18
CA VAL P 91 123.34 60.52 -7.54
C VAL P 91 124.53 59.60 -7.81
N LYS P 92 124.81 58.74 -6.84
CA LYS P 92 125.92 57.81 -6.92
C LYS P 92 125.43 56.37 -6.87
N GLN P 93 125.96 55.55 -7.76
CA GLN P 93 125.80 54.09 -7.69
C GLN P 93 127.20 53.49 -7.81
N GLY P 94 127.57 52.68 -6.82
CA GLY P 94 128.92 52.19 -6.77
C GLY P 94 129.88 53.35 -6.65
N LYS P 95 130.98 53.30 -7.41
CA LYS P 95 131.96 54.37 -7.41
C LYS P 95 131.77 55.32 -8.59
N ASP P 96 130.69 55.17 -9.35
CA ASP P 96 130.41 56.03 -10.48
C ASP P 96 129.41 57.10 -10.04
N THR P 97 129.75 58.36 -10.31
CA THR P 97 128.91 59.49 -9.94
C THR P 97 128.47 60.22 -11.20
N PHE P 98 127.17 60.45 -11.33
CA PHE P 98 126.60 61.12 -12.49
C PHE P 98 125.30 61.79 -12.09
N ASP P 99 124.84 62.70 -12.93
CA ASP P 99 123.58 63.39 -12.69
C ASP P 99 122.42 62.64 -13.33
N THR P 100 121.22 62.85 -12.78
CA THR P 100 120.01 62.23 -13.28
C THR P 100 118.85 63.22 -13.18
N ASN P 101 117.79 62.94 -13.94
CA ASN P 101 116.62 63.81 -13.95
C ASN P 101 115.44 63.04 -14.50
N PHE P 102 114.25 63.60 -14.29
CA PHE P 102 113.01 62.94 -14.69
C PHE P 102 112.87 62.95 -16.21
N LEU P 103 112.39 61.83 -16.75
CA LEU P 103 112.15 61.74 -18.18
C LEU P 103 111.00 62.66 -18.58
N LYS P 104 111.05 63.13 -19.83
CA LYS P 104 110.06 64.08 -20.31
C LYS P 104 108.90 63.35 -20.96
N PHE P 105 107.69 63.83 -20.71
CA PHE P 105 106.50 63.18 -21.25
C PHE P 105 106.40 63.40 -22.74
N SER P 106 106.37 62.30 -23.49
CA SER P 106 106.21 62.33 -24.93
C SER P 106 104.75 62.22 -25.29
N GLU P 107 104.36 62.90 -26.37
CA GLU P 107 102.96 62.96 -26.75
C GLU P 107 102.80 62.25 -28.09
N ASN P 108 103.55 62.62 -29.11
CA ASN P 108 103.35 62.07 -30.45
C ASN P 108 104.64 61.57 -31.07
N GLY P 109 105.78 62.14 -30.69
CA GLY P 109 107.03 61.82 -31.33
C GLY P 109 107.54 60.43 -30.96
N GLU P 110 108.86 60.29 -31.08
CA GLU P 110 109.53 59.03 -30.85
C GLU P 110 109.37 58.58 -29.41
N GLY P 111 109.60 57.29 -29.15
CA GLY P 111 109.68 56.77 -27.81
C GLY P 111 111.06 56.99 -27.20
N PHE P 112 111.30 56.30 -26.10
CA PHE P 112 112.59 56.34 -25.43
C PHE P 112 113.11 54.92 -25.28
N ASN P 113 114.43 54.79 -25.31
CA ASN P 113 115.08 53.50 -25.05
C ASN P 113 115.97 53.67 -23.82
N LEU P 114 115.42 53.33 -22.66
CA LEU P 114 116.16 53.51 -21.41
C LEU P 114 117.43 52.67 -21.42
N LEU P 115 117.40 51.49 -22.04
CA LEU P 115 118.59 50.66 -22.10
C LEU P 115 119.72 51.38 -22.84
N MET P 116 119.40 52.08 -23.92
CA MET P 116 120.39 52.92 -24.57
C MET P 116 120.72 54.14 -23.72
N LEU P 117 119.74 54.68 -22.98
CA LEU P 117 120.00 55.87 -22.17
C LEU P 117 120.82 55.55 -20.92
N ALA P 118 120.62 54.39 -20.31
CA ALA P 118 121.20 54.08 -19.01
C ALA P 118 122.65 53.60 -19.19
N GLN P 119 123.44 54.43 -19.85
CA GLN P 119 124.86 54.17 -20.07
C GLN P 119 125.67 55.02 -19.12
N THR P 120 125.92 54.50 -17.92
CA THR P 120 126.80 55.16 -16.96
C THR P 120 128.24 55.01 -17.43
N PRO P 121 129.13 55.87 -16.96
CA PRO P 121 130.56 55.72 -17.32
C PRO P 121 131.11 54.35 -16.99
N SER P 122 130.63 53.71 -15.93
CA SER P 122 131.10 52.36 -15.61
C SER P 122 130.75 51.38 -16.72
N ARG P 123 129.52 51.46 -17.25
CA ARG P 123 129.11 50.53 -18.30
C ARG P 123 129.70 50.93 -19.65
N LEU P 124 129.91 52.23 -19.88
CA LEU P 124 130.50 52.68 -21.13
C LEU P 124 131.90 52.12 -21.33
N LYS P 125 132.68 52.03 -20.25
CA LYS P 125 134.00 51.43 -20.33
C LYS P 125 133.97 49.99 -20.81
N LYS P 126 132.83 49.32 -20.66
CA LYS P 126 132.85 47.87 -20.61
C LYS P 126 132.29 47.21 -21.85
N GLY P 127 131.88 47.98 -22.86
CA GLY P 127 131.22 47.41 -24.03
C GLY P 127 129.75 47.77 -24.05
N SER P 128 129.23 48.12 -25.22
CA SER P 128 127.87 48.65 -25.29
C SER P 128 126.85 47.54 -25.47
N MET P 129 126.00 47.36 -24.45
CA MET P 129 124.83 46.49 -24.56
C MET P 129 125.20 45.01 -24.62
N THR P 130 124.28 44.12 -24.25
CA THR P 130 124.47 42.68 -24.34
C THR P 130 123.30 42.05 -25.09
N PHE P 131 123.48 40.82 -25.55
CA PHE P 131 122.35 39.94 -25.83
C PHE P 131 121.47 39.76 -24.61
N THR P 132 122.05 39.89 -23.42
CA THR P 132 121.42 39.48 -22.18
C THR P 132 120.76 40.63 -21.46
N ASP P 133 120.93 41.86 -21.92
CA ASP P 133 120.27 42.99 -21.27
C ASP P 133 118.78 42.86 -21.51
N SER P 134 118.12 42.16 -20.59
CA SER P 134 116.69 41.95 -20.60
C SER P 134 116.12 42.57 -19.34
N LEU P 135 115.11 43.41 -19.53
CA LEU P 135 114.52 44.12 -18.40
C LEU P 135 113.90 43.13 -17.44
N ASP P 136 113.92 43.47 -16.15
CA ASP P 136 113.43 42.57 -15.13
C ASP P 136 111.91 42.40 -15.25
N SER P 137 111.40 41.34 -14.63
CA SER P 137 109.96 41.12 -14.63
C SER P 137 109.21 42.29 -13.99
N ARG P 138 109.73 42.84 -12.90
CA ARG P 138 109.03 43.89 -12.17
C ARG P 138 109.56 45.25 -12.58
N ILE P 139 108.69 46.10 -13.11
CA ILE P 139 109.02 47.47 -13.47
C ILE P 139 107.85 48.36 -13.05
N ALA P 140 108.17 49.50 -12.47
CA ALA P 140 107.13 50.40 -11.98
C ALA P 140 107.62 51.84 -11.97
N LEU P 141 106.67 52.77 -11.97
CA LEU P 141 106.98 54.18 -11.81
C LEU P 141 107.55 54.42 -10.42
N LYS P 142 108.60 55.24 -10.34
CA LYS P 142 109.19 55.55 -9.04
C LYS P 142 108.72 56.90 -8.51
N GLN P 143 108.80 57.95 -9.32
CA GLN P 143 108.33 59.26 -8.91
C GLN P 143 107.55 59.91 -10.06
N LEU P 144 106.56 60.71 -9.69
CA LEU P 144 105.76 61.47 -10.63
C LEU P 144 105.83 62.94 -10.25
N LEU P 145 106.42 63.74 -11.13
CA LEU P 145 106.69 65.15 -10.84
C LEU P 145 105.61 66.00 -11.49
N ILE P 146 104.87 66.75 -10.66
CA ILE P 146 103.77 67.58 -11.12
C ILE P 146 104.05 69.02 -10.71
N SER P 147 103.34 69.94 -11.34
CA SER P 147 103.49 71.37 -11.08
C SER P 147 102.14 71.97 -10.72
N VAL P 148 102.11 72.74 -9.63
CA VAL P 148 100.93 73.47 -9.20
C VAL P 148 101.19 74.95 -9.42
N THR P 149 100.33 75.59 -10.19
CA THR P 149 100.48 77.01 -10.53
C THR P 149 99.28 77.78 -9.96
N LYS P 150 99.57 78.88 -9.27
CA LYS P 150 98.53 79.73 -8.70
C LYS P 150 99.03 81.16 -8.66
N GLY P 151 98.39 82.03 -9.45
CA GLY P 151 98.75 83.43 -9.49
C GLY P 151 100.02 83.76 -10.26
N GLY P 152 100.51 82.85 -11.09
CA GLY P 152 101.72 83.07 -11.85
C GLY P 152 102.98 82.52 -11.21
N THR P 153 102.92 82.10 -9.95
CA THR P 153 104.07 81.51 -9.27
C THR P 153 103.97 79.99 -9.31
N THR P 154 105.08 79.34 -9.64
CA THR P 154 105.12 77.90 -9.84
C THR P 154 105.93 77.24 -8.72
N GLU P 155 105.33 76.26 -8.06
CA GLU P 155 106.02 75.43 -7.09
C GLU P 155 105.98 73.98 -7.54
N LEU P 156 107.13 73.31 -7.46
CA LEU P 156 107.29 71.96 -7.96
C LEU P 156 107.10 70.96 -6.83
N PHE P 157 106.23 69.97 -7.06
CA PHE P 157 105.94 68.94 -6.09
C PHE P 157 106.46 67.61 -6.61
N ALA P 158 107.44 67.04 -5.93
CA ALA P 158 107.93 65.70 -6.22
C ALA P 158 107.17 64.74 -5.33
N LEU P 159 106.24 63.99 -5.93
CA LEU P 159 105.34 63.12 -5.18
C LEU P 159 105.79 61.68 -5.28
N ASP P 160 105.87 61.00 -4.14
CA ASP P 160 106.25 59.59 -4.10
C ASP P 160 105.06 58.74 -4.50
N VAL P 161 105.20 58.00 -5.60
CA VAL P 161 104.13 57.19 -6.15
C VAL P 161 104.49 55.71 -6.16
N ASN P 162 105.72 55.36 -5.81
CA ASN P 162 106.10 53.95 -5.75
C ASN P 162 105.26 53.21 -4.72
N ARG P 163 105.26 51.88 -4.83
CA ARG P 163 104.60 50.96 -3.90
C ARG P 163 103.16 51.38 -3.60
N ASP P 164 102.41 51.72 -4.65
CA ASP P 164 100.97 51.87 -4.57
C ASP P 164 100.28 50.64 -5.15
N GLN P 165 98.95 50.75 -5.31
CA GLN P 165 98.16 49.58 -5.64
C GLN P 165 98.31 49.17 -7.09
N TYR P 166 98.57 50.11 -8.00
CA TYR P 166 98.51 49.80 -9.42
C TYR P 166 99.78 50.11 -10.19
N ALA P 167 100.77 50.73 -9.59
CA ALA P 167 102.03 51.00 -10.26
C ALA P 167 102.82 49.71 -10.39
N ALA P 168 102.48 48.91 -11.40
CA ALA P 168 103.18 47.65 -11.67
C ALA P 168 102.88 47.21 -13.08
N TYR P 169 103.92 46.86 -13.84
CA TYR P 169 103.79 46.56 -15.27
C TYR P 169 103.25 45.14 -15.40
N THR P 170 102.29 44.96 -16.31
CA THR P 170 101.59 43.70 -16.45
C THR P 170 101.63 43.20 -17.89
N ALA P 171 101.51 41.88 -18.03
CA ALA P 171 101.52 41.25 -19.34
C ALA P 171 100.17 41.40 -20.02
N THR P 172 100.17 41.41 -21.35
CA THR P 172 98.97 41.58 -22.15
C THR P 172 98.87 40.49 -23.21
N ARG P 173 97.65 40.33 -23.73
CA ARG P 173 97.35 39.36 -24.78
C ARG P 173 97.26 40.00 -26.15
N GLU P 174 97.74 41.23 -26.30
CA GLU P 174 97.65 41.97 -27.55
C GLU P 174 99.05 42.16 -28.11
N TYR P 175 99.18 42.02 -29.43
CA TYR P 175 100.42 42.27 -30.16
C TYR P 175 101.49 41.25 -29.79
N ASN P 176 102.66 41.71 -29.38
CA ASN P 176 103.75 40.81 -29.06
C ASN P 176 103.64 40.30 -27.62
N PHE P 177 104.47 39.31 -27.30
CA PHE P 177 104.42 38.63 -26.02
C PHE P 177 105.37 39.23 -25.00
N ARG P 178 106.09 40.28 -25.35
CA ARG P 178 107.02 40.93 -24.43
C ARG P 178 106.61 42.34 -24.06
N LEU P 179 105.33 42.69 -24.22
CA LEU P 179 104.84 44.02 -23.91
C LEU P 179 104.31 44.05 -22.48
N MET P 180 104.93 44.86 -21.63
CA MET P 180 104.40 45.11 -20.29
C MET P 180 103.69 46.46 -20.30
N GLN P 181 102.47 46.49 -19.76
CA GLN P 181 101.58 47.61 -19.95
C GLN P 181 101.23 48.29 -18.64
N LEU P 182 100.94 49.58 -18.72
CA LEU P 182 100.73 50.42 -17.54
C LEU P 182 99.39 51.14 -17.65
N LYS P 183 98.43 50.72 -16.84
CA LYS P 183 97.17 51.44 -16.64
C LYS P 183 97.20 52.05 -15.25
N PHE P 184 97.74 53.26 -15.14
CA PHE P 184 97.83 53.92 -13.84
C PHE P 184 96.73 54.97 -13.76
N HIS P 185 95.60 54.59 -13.19
CA HIS P 185 94.42 55.44 -13.10
C HIS P 185 93.90 55.43 -11.67
N THR P 186 94.26 56.46 -10.91
CA THR P 186 93.85 56.61 -9.53
C THR P 186 93.97 58.07 -9.13
N SER P 187 93.85 58.31 -7.83
CA SER P 187 93.95 59.64 -7.25
C SER P 187 95.18 59.73 -6.37
N LEU P 188 95.89 60.84 -6.45
CA LEU P 188 97.06 61.11 -5.62
C LEU P 188 96.78 62.29 -4.70
N GLY P 189 97.16 62.14 -3.44
CA GLY P 189 96.85 63.14 -2.42
C GLY P 189 98.04 64.02 -2.08
N LEU P 190 97.74 65.28 -1.79
CA LEU P 190 98.74 66.25 -1.33
C LEU P 190 98.37 66.68 0.09
N GLY P 191 99.12 66.20 1.07
CA GLY P 191 98.80 66.44 2.45
C GLY P 191 99.10 67.86 2.89
N GLU P 192 98.59 68.20 4.07
CA GLU P 192 98.85 69.47 4.72
C GLU P 192 100.24 69.55 5.32
N GLU P 193 101.01 68.47 5.21
CA GLU P 193 102.37 68.42 5.74
C GLU P 193 103.29 68.04 4.60
N SER P 194 102.72 67.75 3.44
CA SER P 194 103.49 67.36 2.26
C SER P 194 104.54 68.41 1.96
N THR P 195 105.80 67.96 1.93
CA THR P 195 106.93 68.86 1.71
C THR P 195 107.22 69.00 0.23
N THR P 196 107.69 70.18 -0.17
CA THR P 196 108.07 70.43 -1.54
C THR P 196 109.43 69.79 -1.83
N VAL P 197 109.89 69.93 -3.08
CA VAL P 197 111.19 69.40 -3.47
C VAL P 197 112.33 70.10 -2.76
N ALA P 198 112.15 71.35 -2.35
CA ALA P 198 113.17 72.09 -1.61
C ALA P 198 112.91 72.13 -0.12
N GLY P 199 111.95 71.36 0.38
CA GLY P 199 111.63 71.34 1.79
C GLY P 199 110.54 72.33 2.16
N ALA P 200 110.00 72.14 3.36
CA ALA P 200 108.98 73.00 3.96
C ALA P 200 107.65 72.92 3.23
N GLU P 201 106.57 73.26 3.93
CA GLU P 201 105.24 73.24 3.32
C GLU P 201 105.15 74.30 2.22
N SER P 202 104.32 74.04 1.23
CA SER P 202 104.17 74.94 0.10
C SER P 202 103.46 76.22 0.53
N ALA P 203 103.67 77.28 -0.26
CA ALA P 203 103.06 78.57 0.00
C ALA P 203 101.76 78.78 -0.75
N LEU P 204 101.54 78.08 -1.87
CA LEU P 204 100.33 78.24 -2.66
C LEU P 204 99.12 77.58 -2.04
N LEU P 205 99.32 76.69 -1.07
CA LEU P 205 98.22 76.03 -0.37
C LEU P 205 98.31 76.19 1.14
N LYS P 206 98.86 77.30 1.61
CA LYS P 206 99.12 77.45 3.04
C LYS P 206 97.83 77.48 3.85
N ASP P 207 96.85 78.29 3.42
CA ASP P 207 95.63 78.43 4.20
C ASP P 207 94.86 77.13 4.27
N LEU P 208 94.68 76.46 3.13
CA LEU P 208 93.89 75.24 3.09
C LEU P 208 94.55 74.13 3.93
N PHE P 209 95.88 74.04 3.86
CA PHE P 209 96.58 73.10 4.73
C PHE P 209 96.43 73.48 6.19
N ASP P 210 96.48 74.78 6.50
CA ASP P 210 96.31 75.23 7.88
C ASP P 210 94.95 74.83 8.43
N LEU P 211 93.90 74.89 7.62
CA LEU P 211 92.60 74.41 8.07
C LEU P 211 92.52 72.89 8.19
N GLY P 212 93.64 72.19 8.01
CA GLY P 212 93.67 70.76 8.23
C GLY P 212 93.09 69.93 7.10
N TYR P 213 92.89 70.52 5.92
CA TYR P 213 92.28 69.80 4.82
C TYR P 213 93.34 69.10 3.98
N ARG P 214 92.87 68.40 2.94
CA ARG P 214 93.72 67.70 2.00
C ARG P 214 93.16 67.84 0.59
N ILE P 215 94.03 67.66 -0.39
CA ILE P 215 93.66 67.70 -1.80
C ILE P 215 93.81 66.31 -2.41
N GLU P 216 92.85 65.91 -3.23
CA GLU P 216 92.95 64.71 -4.03
C GLU P 216 93.10 65.08 -5.50
N LEU P 217 94.18 64.63 -6.11
CA LEU P 217 94.43 64.89 -7.53
C LEU P 217 94.15 63.62 -8.32
N ASP P 218 93.32 63.73 -9.35
CA ASP P 218 93.01 62.59 -10.19
C ASP P 218 93.99 62.52 -11.36
N VAL P 219 94.82 61.48 -11.37
CA VAL P 219 95.92 61.35 -12.32
C VAL P 219 95.62 60.19 -13.25
N LYS P 220 95.77 60.43 -14.56
CA LYS P 220 95.57 59.42 -15.58
C LYS P 220 96.86 59.27 -16.37
N VAL P 221 97.58 58.18 -16.13
CA VAL P 221 98.85 57.93 -16.80
C VAL P 221 98.81 56.56 -17.45
N ASP P 222 99.23 56.50 -18.70
CA ASP P 222 99.40 55.25 -19.42
C ASP P 222 100.80 55.18 -20.03
N GLY P 223 101.37 53.99 -20.01
CA GLY P 223 102.67 53.79 -20.63
C GLY P 223 102.75 52.41 -21.24
N GLU P 224 103.53 52.32 -22.32
CA GLU P 224 103.71 51.09 -23.07
C GLU P 224 105.18 50.73 -23.01
N MET P 225 105.49 49.52 -22.56
CA MET P 225 106.88 49.13 -22.38
C MET P 225 107.12 47.76 -22.99
N ASN P 226 108.26 47.61 -23.65
CA ASN P 226 108.74 46.30 -24.10
C ASN P 226 110.03 45.98 -23.36
N VAL P 227 110.09 44.81 -22.73
CA VAL P 227 111.19 44.46 -21.86
C VAL P 227 112.39 43.99 -22.67
N GLU P 228 112.18 43.73 -23.95
CA GLU P 228 113.22 43.08 -24.73
C GLU P 228 114.19 44.04 -25.40
N ASN P 229 113.70 45.17 -25.92
CA ASN P 229 114.56 46.08 -26.66
C ASN P 229 114.69 47.47 -26.05
N GLY P 230 113.97 47.78 -24.99
CA GLY P 230 114.04 49.07 -24.37
C GLY P 230 113.16 50.13 -24.98
N ASN P 231 112.51 49.85 -26.11
CA ASN P 231 111.60 50.80 -26.71
C ASN P 231 110.34 50.91 -25.86
N GLY P 232 110.09 52.10 -25.34
CA GLY P 232 108.91 52.32 -24.51
C GLY P 232 108.49 53.76 -24.63
N ASP P 233 107.29 54.04 -24.12
CA ASP P 233 106.75 55.39 -24.11
C ASP P 233 105.64 55.48 -23.09
N THR P 234 105.47 56.68 -22.54
CA THR P 234 104.46 56.96 -21.53
C THR P 234 103.85 58.32 -21.84
N SER P 235 102.53 58.42 -21.70
CA SER P 235 101.85 59.67 -21.97
C SER P 235 100.94 60.03 -20.79
N LEU P 236 101.11 61.26 -20.31
CA LEU P 236 100.20 61.79 -19.31
C LEU P 236 98.89 62.15 -19.98
N ARG P 237 97.78 61.69 -19.42
CA ARG P 237 96.49 61.83 -20.09
C ARG P 237 95.62 62.93 -19.49
N ALA P 238 95.55 63.03 -18.16
CA ALA P 238 94.67 64.02 -17.56
C ALA P 238 95.13 64.30 -16.13
N LEU P 239 95.01 65.56 -15.71
CA LEU P 239 95.35 65.97 -14.37
C LEU P 239 94.39 67.08 -13.92
N ARG P 240 93.76 66.89 -12.77
CA ARG P 240 93.01 67.95 -12.12
C ARG P 240 92.75 67.56 -10.68
N LEU P 241 92.58 68.57 -9.84
CA LEU P 241 92.01 68.34 -8.52
C LEU P 241 90.56 67.92 -8.68
N ALA P 242 90.15 66.91 -7.91
CA ALA P 242 88.79 66.40 -7.96
C ALA P 242 88.06 66.53 -6.63
N ARG P 243 88.67 66.04 -5.55
CA ARG P 243 88.00 66.03 -4.26
C ARG P 243 88.87 66.72 -3.22
N VAL P 244 88.23 67.19 -2.17
CA VAL P 244 88.91 67.80 -1.03
C VAL P 244 88.44 67.09 0.23
N PHE P 245 89.39 66.61 1.02
CA PHE P 245 89.11 65.88 2.24
C PHE P 245 89.37 66.78 3.45
N ASP P 246 88.49 66.68 4.45
CA ASP P 246 88.71 67.34 5.72
C ASP P 246 89.67 66.51 6.55
N LYS P 247 90.02 66.99 7.74
CA LYS P 247 90.94 66.25 8.58
C LYS P 247 90.35 64.93 9.06
N GLU P 248 89.06 64.92 9.42
CA GLU P 248 88.48 63.69 9.96
C GLU P 248 88.29 62.64 8.87
N GLY P 249 87.73 63.04 7.73
CA GLY P 249 87.56 62.10 6.64
C GLY P 249 86.26 62.19 5.88
N LYS P 250 85.39 63.14 6.24
CA LYS P 250 84.18 63.39 5.46
C LYS P 250 84.55 64.16 4.20
N GLU P 251 83.93 63.81 3.09
CA GLU P 251 84.16 64.53 1.84
C GLU P 251 83.42 65.86 1.87
N ILE P 252 84.13 66.94 1.60
CA ILE P 252 83.55 68.28 1.49
C ILE P 252 83.42 68.64 0.02
N ALA P 253 82.30 69.23 -0.35
CA ALA P 253 82.06 69.59 -1.74
C ALA P 253 82.95 70.74 -2.16
N LEU P 254 83.29 70.79 -3.45
CA LEU P 254 84.05 71.90 -4.00
C LEU P 254 83.28 73.21 -4.00
N THR P 255 81.97 73.16 -3.75
CA THR P 255 81.11 74.34 -3.79
C THR P 255 81.05 75.07 -2.45
N ASP P 256 81.65 74.50 -1.41
CA ASP P 256 81.69 75.17 -0.12
C ASP P 256 82.55 76.42 -0.22
N SER P 257 82.16 77.46 0.52
CA SER P 257 82.84 78.74 0.42
C SER P 257 84.31 78.62 0.83
N ARG P 258 84.57 77.97 1.97
CA ARG P 258 85.93 77.92 2.50
C ARG P 258 86.87 77.17 1.57
N VAL P 259 86.39 76.06 0.99
CA VAL P 259 87.21 75.30 0.05
C VAL P 259 87.38 76.08 -1.25
N SER P 260 86.28 76.62 -1.78
CA SER P 260 86.31 77.25 -3.10
C SER P 260 87.19 78.49 -3.11
N ALA P 261 87.15 79.28 -2.04
CA ALA P 261 87.96 80.49 -1.99
C ALA P 261 89.45 80.16 -2.10
N ALA P 262 89.90 79.12 -1.40
CA ALA P 262 91.29 78.71 -1.48
C ALA P 262 91.63 78.01 -2.79
N LEU P 263 90.68 77.29 -3.38
CA LEU P 263 90.95 76.54 -4.60
C LEU P 263 91.03 77.43 -5.84
N SER P 264 90.70 78.71 -5.72
CA SER P 264 90.73 79.61 -6.87
C SER P 264 92.14 79.73 -7.43
N GLY P 265 92.27 79.60 -8.75
CA GLY P 265 93.56 79.72 -9.40
C GLY P 265 94.43 78.49 -9.36
N LEU P 266 93.93 77.38 -8.82
CA LEU P 266 94.72 76.16 -8.71
C LEU P 266 94.70 75.41 -10.03
N THR P 267 95.85 75.29 -10.66
CA THR P 267 96.01 74.57 -11.92
C THR P 267 97.16 73.60 -11.80
N VAL P 268 96.94 72.37 -12.24
CA VAL P 268 97.94 71.30 -12.15
C VAL P 268 98.33 70.88 -13.56
N THR P 269 99.63 70.81 -13.80
CA THR P 269 100.17 70.32 -15.06
C THR P 269 101.31 69.35 -14.78
N GLY P 270 101.44 68.35 -15.64
CA GLY P 270 102.50 67.37 -15.49
C GLY P 270 103.72 67.77 -16.30
N VAL P 271 104.89 67.45 -15.77
CA VAL P 271 106.16 67.80 -16.41
C VAL P 271 107.02 66.56 -16.66
N GLY P 272 107.07 65.64 -15.71
CA GLY P 272 107.95 64.49 -15.88
C GLY P 272 107.66 63.41 -14.88
N TYR P 273 108.43 62.34 -14.98
CA TYR P 273 108.28 61.18 -14.11
C TYR P 273 109.60 60.42 -14.06
N SER P 274 109.66 59.43 -13.17
CA SER P 274 110.85 58.63 -12.98
C SER P 274 110.50 57.15 -13.03
N LEU P 275 111.47 56.35 -13.45
CA LEU P 275 111.29 54.91 -13.58
C LEU P 275 112.29 54.17 -12.70
N GLU P 276 111.83 53.08 -12.11
CA GLU P 276 112.67 52.16 -11.35
C GLU P 276 112.60 50.80 -12.03
N ALA P 277 113.69 50.40 -12.69
CA ALA P 277 113.73 49.15 -13.43
C ALA P 277 115.05 48.45 -13.13
N ARG P 278 115.03 47.13 -13.24
CA ARG P 278 116.18 46.33 -12.87
C ARG P 278 116.64 45.51 -14.06
N LEU P 279 117.90 45.09 -14.01
CA LEU P 279 118.54 44.38 -15.10
C LEU P 279 118.70 42.91 -14.74
N THR P 280 117.88 42.04 -15.35
CA THR P 280 118.01 40.60 -15.16
C THR P 280 119.23 40.15 -15.95
N ASN P 281 120.41 40.46 -15.43
CA ASN P 281 121.65 40.22 -16.14
C ASN P 281 122.07 38.77 -15.90
N ILE P 282 121.71 37.90 -16.84
CA ILE P 282 121.96 36.47 -16.68
C ILE P 282 123.43 36.15 -16.89
N ASN P 283 124.04 36.73 -17.93
CA ASN P 283 125.47 36.49 -18.14
C ASN P 283 126.31 37.27 -17.15
N GLN P 284 125.74 38.33 -16.56
CA GLN P 284 126.29 39.03 -15.41
C GLN P 284 127.46 39.93 -15.79
N LEU P 285 127.33 41.21 -15.48
CA LEU P 285 128.38 42.19 -15.72
C LEU P 285 128.66 43.03 -14.49
N GLU P 286 128.07 42.70 -13.34
CA GLU P 286 128.08 43.60 -12.21
C GLU P 286 129.04 43.11 -11.13
N MET P 287 129.70 44.07 -10.48
CA MET P 287 130.72 43.74 -9.50
C MET P 287 130.12 43.05 -8.28
N GLY P 288 128.94 43.49 -7.84
CA GLY P 288 128.37 43.00 -6.60
C GLY P 288 129.15 43.49 -5.40
N LEU P 289 129.11 42.74 -4.30
CA LEU P 289 129.80 43.11 -3.07
C LEU P 289 130.82 42.05 -2.71
N LEU P 290 132.06 42.49 -2.48
CA LEU P 290 133.17 41.58 -2.26
C LEU P 290 133.20 41.09 -0.82
N ILE P 291 133.79 39.91 -0.63
CA ILE P 291 134.03 39.32 0.68
C ILE P 291 135.51 39.02 0.81
N ASP P 292 136.14 39.56 1.85
CA ASP P 292 137.57 39.45 2.01
C ASP P 292 137.89 39.13 3.47
N SER P 293 139.17 38.85 3.73
CA SER P 293 139.62 38.57 5.08
C SER P 293 141.03 39.08 5.27
N ASP P 294 141.42 39.22 6.54
CA ASP P 294 142.75 39.68 6.92
C ASP P 294 142.98 39.34 8.39
N VAL P 295 144.22 39.54 8.83
CA VAL P 295 144.65 39.19 10.18
C VAL P 295 145.41 40.36 10.77
N GLN P 296 145.19 40.62 12.07
CA GLN P 296 145.93 41.63 12.80
C GLN P 296 146.79 40.93 13.85
N LYS P 297 148.09 41.22 13.82
CA LYS P 297 149.05 40.62 14.74
C LYS P 297 149.40 41.63 15.81
N GLN P 298 149.56 41.15 17.04
CA GLN P 298 149.82 42.00 18.19
C GLN P 298 150.79 41.28 19.12
N GLY P 299 151.83 41.99 19.55
CA GLY P 299 152.89 41.40 20.36
C GLY P 299 152.84 41.92 21.80
N PHE P 300 152.85 40.98 22.74
CA PHE P 300 152.77 41.29 24.17
C PHE P 300 154.03 40.80 24.86
N MET P 301 154.69 41.68 25.60
CA MET P 301 155.97 41.40 26.23
C MET P 301 155.86 41.57 27.75
N ILE P 302 156.54 40.71 28.49
CA ILE P 302 156.48 40.72 29.96
C ILE P 302 157.81 41.22 30.51
N PRO P 303 157.80 42.18 31.43
CA PRO P 303 159.06 42.70 31.97
C PRO P 303 159.53 42.00 33.23
N THR P 304 160.58 42.53 33.83
CA THR P 304 161.11 42.05 35.10
C THR P 304 160.89 43.12 36.17
N LEU P 305 160.59 42.70 37.41
CA LEU P 305 160.22 43.70 38.40
C LEU P 305 161.34 43.90 39.43
N PRO P 306 161.31 45.00 40.17
CA PRO P 306 162.32 45.24 41.21
C PRO P 306 162.29 44.17 42.28
N PRO P 307 163.43 43.90 42.92
CA PRO P 307 163.54 42.72 43.77
C PRO P 307 163.18 43.00 45.23
N LEU P 308 162.52 42.02 45.85
CA LEU P 308 162.19 42.06 47.27
C LEU P 308 163.11 41.07 47.99
N VAL P 309 164.07 41.60 48.75
CA VAL P 309 165.24 40.83 49.15
C VAL P 309 165.52 41.04 50.62
N ILE P 310 166.36 40.16 51.19
CA ILE P 310 166.62 40.13 52.64
C ILE P 310 168.12 40.27 52.88
N VAL P 311 168.47 40.81 54.04
CA VAL P 311 169.85 40.85 54.54
C VAL P 311 169.84 40.49 56.02
N LYS P 312 170.81 39.70 56.45
CA LYS P 312 170.95 39.31 57.85
C LYS P 312 172.42 39.23 58.23
N PRO P 313 172.75 39.44 59.51
CA PRO P 313 174.12 39.20 59.96
C PRO P 313 174.41 37.70 60.06
N ALA P 314 175.28 37.22 59.17
CA ALA P 314 175.49 35.80 58.96
C ALA P 314 176.79 35.29 59.58
N MET P 315 176.79 35.07 60.89
CA MET P 315 177.70 34.18 61.62
C MET P 315 176.92 33.32 62.60
N VAL P 316 175.61 33.49 62.66
CA VAL P 316 174.74 32.78 63.59
C VAL P 316 173.41 32.53 62.89
N GLU P 317 173.00 31.26 62.81
CA GLU P 317 171.71 30.92 62.23
C GLU P 317 170.59 31.42 63.12
N ASP P 318 169.58 32.07 62.54
CA ASP P 318 168.47 32.65 63.29
C ASP P 318 167.16 32.19 62.68
N ASP P 319 166.17 31.92 63.53
CA ASP P 319 164.83 31.58 63.08
C ASP P 319 163.74 32.15 64.01
N LYS P 320 164.12 32.95 64.99
CA LYS P 320 163.16 33.64 65.86
C LYS P 320 162.97 35.10 65.49
N THR P 321 163.99 35.73 64.91
CA THR P 321 163.93 37.11 64.46
C THR P 321 163.76 37.16 62.95
N TYR P 322 164.67 36.53 62.24
CA TYR P 322 164.43 36.30 60.82
C TYR P 322 163.79 34.93 60.66
N PRO P 323 162.56 34.86 60.21
CA PRO P 323 161.93 33.55 59.98
C PRO P 323 162.51 32.88 58.75
N ARG P 324 162.12 31.64 58.52
CA ARG P 324 162.55 30.92 57.34
C ARG P 324 161.90 31.51 56.08
N LEU P 325 162.16 30.85 54.96
CA LEU P 325 161.93 31.44 53.64
C LEU P 325 160.47 31.80 53.38
N GLU P 326 159.54 31.23 54.16
CA GLU P 326 158.13 31.44 53.86
C GLU P 326 157.75 32.91 53.94
N ALA P 327 158.44 33.69 54.77
CA ALA P 327 158.13 35.10 54.90
C ALA P 327 158.34 35.83 53.58
N LEU P 328 159.45 35.54 52.90
CA LEU P 328 159.71 36.16 51.60
C LEU P 328 158.63 35.79 50.60
N THR P 329 158.22 34.52 50.60
CA THR P 329 157.20 34.07 49.67
C THR P 329 155.85 34.76 49.94
N THR P 330 155.51 34.95 51.21
CA THR P 330 154.21 35.55 51.50
C THR P 330 154.23 37.04 51.20
N ALA P 331 155.35 37.72 51.45
CA ALA P 331 155.47 39.11 51.02
C ALA P 331 155.37 39.20 49.51
N TYR P 332 156.05 38.30 48.80
CA TYR P 332 155.87 38.15 47.36
C TYR P 332 154.42 38.08 46.96
N ARG P 333 153.69 37.09 47.49
CA ARG P 333 152.32 36.85 47.03
C ARG P 333 151.41 38.02 47.36
N ILE P 334 151.55 38.62 48.55
CA ILE P 334 150.74 39.79 48.86
C ILE P 334 151.01 40.91 47.86
N GLN P 335 152.27 41.37 47.81
CA GLN P 335 152.61 42.53 46.99
C GLN P 335 152.29 42.29 45.53
N GLN P 336 152.28 41.03 45.10
CA GLN P 336 151.89 40.73 43.74
C GLN P 336 150.37 40.74 43.56
N MET P 337 149.68 39.86 44.26
CA MET P 337 148.32 39.49 43.91
C MET P 337 147.26 40.41 44.49
N ARG P 338 147.59 41.34 45.39
CA ARG P 338 146.57 42.28 45.86
C ARG P 338 146.87 43.70 45.41
N ASN P 339 148.01 44.28 45.79
CA ASN P 339 148.21 45.71 45.59
C ASN P 339 148.36 46.02 44.11
N ASN P 340 149.18 45.23 43.41
CA ASN P 340 149.40 45.48 41.99
C ASN P 340 148.10 45.29 41.20
N ALA P 341 147.32 44.27 41.55
CA ALA P 341 146.06 44.04 40.85
C ALA P 341 145.09 45.20 41.03
N VAL P 342 144.93 45.66 42.27
CA VAL P 342 144.02 46.78 42.51
C VAL P 342 144.50 48.02 41.78
N THR P 343 145.82 48.26 41.81
CA THR P 343 146.37 49.44 41.14
C THR P 343 146.09 49.40 39.65
N THR P 344 146.37 48.26 39.01
CA THR P 344 146.18 48.18 37.56
C THR P 344 144.71 48.27 37.20
N LEU P 345 143.83 47.69 38.02
CA LEU P 345 142.40 47.78 37.73
C LEU P 345 141.91 49.21 37.79
N LEU P 346 142.27 49.94 38.85
CA LEU P 346 141.84 51.33 38.95
C LEU P 346 142.44 52.20 37.86
N ASN P 347 143.71 51.96 37.50
CA ASN P 347 144.31 52.74 36.42
C ASN P 347 143.61 52.46 35.10
N ARG P 348 143.26 51.21 34.84
CA ARG P 348 142.48 50.87 33.65
C ARG P 348 141.15 51.61 33.67
N ALA P 349 140.49 51.65 34.83
CA ALA P 349 139.23 52.38 34.95
C ALA P 349 139.39 53.83 34.54
N ASP P 350 140.37 54.51 35.12
CA ASP P 350 140.54 55.94 34.86
C ASP P 350 140.89 56.17 33.39
N THR P 351 141.75 55.31 32.82
CA THR P 351 142.15 55.50 31.43
C THR P 351 140.98 55.33 30.49
N LEU P 352 140.15 54.30 30.71
CA LEU P 352 138.96 54.13 29.88
C LEU P 352 138.03 55.31 30.02
N LYS P 353 137.84 55.79 31.25
CA LYS P 353 137.02 56.97 31.49
C LYS P 353 137.52 58.16 30.68
N SER P 354 138.83 58.40 30.70
CA SER P 354 139.38 59.54 29.99
C SER P 354 139.20 59.40 28.48
N TYR P 355 139.42 58.20 27.95
CA TYR P 355 139.33 58.04 26.50
C TYR P 355 137.90 58.16 25.99
N LEU P 356 136.95 57.43 26.60
CA LEU P 356 135.64 57.29 25.97
C LEU P 356 134.59 58.28 26.47
N GLY P 357 134.68 58.76 27.69
CA GLY P 357 133.58 59.55 28.21
C GLY P 357 132.56 58.68 28.91
N VAL P 358 131.37 59.24 29.14
CA VAL P 358 130.33 58.57 29.90
C VAL P 358 129.12 58.33 29.01
N GLY P 359 128.74 57.07 28.86
CA GLY P 359 127.51 56.73 28.17
C GLY P 359 127.50 57.09 26.70
N VAL P 360 128.62 56.90 26.01
CA VAL P 360 128.71 57.13 24.58
C VAL P 360 129.55 56.01 23.97
N PRO P 361 128.94 55.09 23.23
CA PRO P 361 129.73 53.99 22.65
C PRO P 361 130.40 54.40 21.36
N HIS P 362 131.59 53.85 21.13
CA HIS P 362 132.20 54.03 19.82
C HIS P 362 131.94 52.81 18.95
N PRO P 363 131.86 53.01 17.64
CA PRO P 363 131.68 51.86 16.72
C PRO P 363 132.86 50.90 16.77
N ILE P 364 132.70 49.75 16.11
CA ILE P 364 133.73 48.72 16.10
C ILE P 364 134.95 49.23 15.34
N GLU P 365 136.14 48.92 15.85
CA GLU P 365 137.40 49.25 15.19
C GLU P 365 137.55 50.76 15.06
N SER P 366 136.84 51.50 15.91
CA SER P 366 136.87 52.95 15.80
C SER P 366 138.25 53.52 16.08
N ASN P 367 138.95 52.97 17.08
CA ASN P 367 140.18 53.57 17.55
C ASN P 367 141.27 52.52 17.65
N LEU P 368 142.51 53.01 17.57
CA LEU P 368 143.69 52.18 17.80
C LEU P 368 144.42 52.59 19.07
N GLY P 369 143.68 53.09 20.07
CA GLY P 369 144.31 53.51 21.31
C GLY P 369 144.00 52.63 22.51
N LEU P 370 142.75 52.25 22.69
CA LEU P 370 142.35 51.53 23.89
C LEU P 370 142.87 50.11 23.87
N GLU P 371 143.54 49.72 24.94
CA GLU P 371 144.30 48.47 24.96
C GLU P 371 143.37 47.28 24.87
N GLY P 372 143.91 46.17 24.39
CA GLY P 372 143.19 44.92 24.32
C GLY P 372 142.90 44.51 22.89
N VAL P 373 142.28 43.33 22.76
CA VAL P 373 141.79 42.83 21.49
C VAL P 373 140.28 42.80 21.44
N GLY P 374 139.61 43.43 22.41
CA GLY P 374 138.16 43.47 22.39
C GLY P 374 137.59 44.41 21.34
N GLN P 375 138.42 45.28 20.77
CA GLN P 375 137.94 46.23 19.77
C GLN P 375 137.44 45.53 18.52
N TYR P 376 137.91 44.32 18.24
CA TYR P 376 137.57 43.66 17.00
C TYR P 376 136.24 42.93 17.08
N TYR P 377 135.67 42.79 18.27
CA TYR P 377 134.44 42.04 18.44
C TYR P 377 133.31 42.84 19.09
N VAL P 378 133.61 43.75 19.99
CA VAL P 378 132.58 44.52 20.71
C VAL P 378 132.93 45.99 20.67
N ARG P 379 131.90 46.81 20.79
CA ARG P 379 132.09 48.25 20.89
C ARG P 379 132.73 48.60 22.23
N PRO P 380 133.59 49.60 22.31
CA PRO P 380 134.03 50.09 23.62
C PRO P 380 132.85 50.67 24.37
N TYR P 381 132.91 50.59 25.70
CA TYR P 381 131.84 51.15 26.52
C TYR P 381 132.33 51.41 27.93
N TYR P 382 131.89 52.52 28.51
CA TYR P 382 132.14 52.83 29.91
C TYR P 382 131.05 53.77 30.43
N ASN P 383 130.40 53.36 31.51
CA ASN P 383 129.37 54.16 32.17
C ASN P 383 129.61 54.15 33.66
N GLU P 384 129.33 55.27 34.32
CA GLU P 384 129.59 55.43 35.74
C GLU P 384 128.43 56.19 36.37
N ALA P 385 127.98 55.73 37.54
CA ALA P 385 126.87 56.36 38.22
C ALA P 385 127.05 56.22 39.72
N THR P 386 126.33 57.05 40.47
CA THR P 386 126.38 57.02 41.93
C THR P 386 124.95 57.16 42.47
N ILE P 387 124.70 56.53 43.62
CA ILE P 387 123.39 56.54 44.25
C ILE P 387 123.56 57.08 45.67
N ASP P 388 122.69 58.01 46.05
CA ASP P 388 122.72 58.62 47.37
C ASP P 388 121.63 57.99 48.23
N VAL P 389 122.02 57.04 49.08
CA VAL P 389 121.02 56.26 49.83
C VAL P 389 120.21 57.15 50.75
N LEU P 390 120.85 58.17 51.34
CA LEU P 390 120.16 59.02 52.30
C LEU P 390 118.98 59.74 51.67
N ASN P 391 119.14 60.19 50.43
CA ASN P 391 118.11 60.97 49.75
C ASN P 391 117.39 60.19 48.66
N ASP P 392 117.42 58.86 48.68
CA ASP P 392 116.79 58.09 47.62
C ASP P 392 116.00 56.87 48.12
N LEU P 393 116.17 56.48 49.38
CA LEU P 393 115.55 55.27 49.90
C LEU P 393 114.21 55.59 50.55
N ASN P 394 113.21 54.76 50.28
CA ASN P 394 111.90 54.87 50.90
C ASN P 394 111.71 53.71 51.86
N ASN P 395 111.22 54.02 53.06
CA ASN P 395 110.98 53.01 54.07
C ASN P 395 109.55 53.14 54.57
N LEU P 396 108.68 52.25 54.09
CA LEU P 396 107.33 52.18 54.65
C LEU P 396 107.38 51.72 56.10
N THR P 397 108.23 50.75 56.40
CA THR P 397 108.28 50.16 57.74
C THR P 397 109.72 49.86 58.11
N SER P 398 110.05 50.13 59.38
CA SER P 398 111.39 49.84 59.87
C SER P 398 111.73 48.37 59.74
N ALA P 399 110.73 47.49 59.79
CA ALA P 399 110.97 46.06 59.77
C ALA P 399 111.54 45.57 58.45
N ALA P 400 111.54 46.39 57.41
CA ALA P 400 112.07 46.00 56.11
C ALA P 400 113.06 47.00 55.55
N LYS P 401 113.72 47.78 56.41
CA LYS P 401 114.66 48.80 55.94
C LYS P 401 115.84 48.16 55.21
N GLN P 402 116.37 47.07 55.77
CA GLN P 402 117.47 46.37 55.11
C GLN P 402 117.02 45.79 53.77
N THR P 403 115.80 45.23 53.74
CA THR P 403 115.27 44.73 52.48
C THR P 403 115.17 45.83 51.44
N ASP P 404 114.69 47.00 51.85
CA ASP P 404 114.55 48.11 50.92
C ASP P 404 115.89 48.57 50.38
N ILE P 405 116.91 48.67 51.24
CA ILE P 405 118.21 49.14 50.78
C ILE P 405 118.86 48.11 49.86
N GLN P 406 118.70 46.83 50.18
CA GLN P 406 119.21 45.77 49.31
C GLN P 406 118.55 45.84 47.94
N GLY P 407 117.23 46.02 47.92
CA GLY P 407 116.55 46.15 46.64
C GLY P 407 117.03 47.36 45.86
N LEU P 408 117.25 48.48 46.57
CA LEU P 408 117.71 49.69 45.91
C LEU P 408 119.05 49.46 45.21
N ILE P 409 119.97 48.79 45.88
CA ILE P 409 121.27 48.54 45.25
C ILE P 409 121.13 47.55 44.10
N VAL P 410 120.42 46.45 44.33
CA VAL P 410 120.38 45.37 43.35
C VAL P 410 119.69 45.83 42.07
N SER P 411 118.61 46.60 42.20
CA SER P 411 117.89 47.04 41.01
C SER P 411 118.74 47.96 40.15
N LYS P 412 119.48 48.87 40.77
CA LYS P 412 120.38 49.74 40.02
C LYS P 412 121.45 48.92 39.30
N ILE P 413 121.97 47.89 39.97
CA ILE P 413 122.94 47.02 39.31
C ILE P 413 122.30 46.34 38.10
N ASN P 414 121.07 45.86 38.26
CA ASN P 414 120.35 45.26 37.15
C ASN P 414 120.26 46.23 35.98
N GLU P 415 119.87 47.46 36.26
CA GLU P 415 119.68 48.43 35.20
C GLU P 415 120.97 48.67 34.44
N MET P 416 122.08 48.84 35.18
CA MET P 416 123.36 49.03 34.52
C MET P 416 123.73 47.83 33.64
N VAL P 417 123.56 46.62 34.16
CA VAL P 417 123.95 45.44 33.40
C VAL P 417 123.12 45.33 32.12
N TYR P 418 121.82 45.53 32.22
CA TYR P 418 120.97 45.41 31.03
C TYR P 418 121.30 46.48 30.00
N THR P 419 121.50 47.73 30.43
CA THR P 419 121.78 48.78 29.46
C THR P 419 123.14 48.56 28.80
N ALA P 420 124.08 47.95 29.53
CA ALA P 420 125.34 47.58 28.89
C ALA P 420 125.14 46.48 27.86
N ASP P 421 124.41 45.43 28.22
CA ASP P 421 124.22 44.31 27.31
C ASP P 421 123.54 44.75 26.02
N GLN P 422 122.55 45.63 26.12
CA GLN P 422 121.89 46.09 24.89
C GLN P 422 122.83 46.91 24.04
N LEU P 423 123.55 47.85 24.66
CA LEU P 423 124.29 48.85 23.90
C LEU P 423 125.57 48.31 23.28
N THR P 424 126.23 47.34 23.90
CA THR P 424 127.46 46.82 23.31
C THR P 424 127.27 45.55 22.50
N GLY P 425 126.06 44.99 22.48
CA GLY P 425 125.81 43.77 21.73
C GLY P 425 126.66 42.60 22.17
N TYR P 426 126.87 42.45 23.48
CA TYR P 426 127.83 41.47 23.97
C TYR P 426 127.39 40.05 23.64
N THR P 427 126.10 39.76 23.81
CA THR P 427 125.62 38.41 23.56
C THR P 427 125.79 38.02 22.10
N ALA P 428 125.62 38.98 21.19
CA ALA P 428 125.89 38.70 19.78
C ALA P 428 127.34 38.32 19.57
N ALA P 429 128.25 39.02 20.24
CA ALA P 429 129.66 38.65 20.14
C ALA P 429 129.91 37.26 20.69
N LEU P 430 129.27 36.91 21.81
CA LEU P 430 129.47 35.59 22.38
C LEU P 430 128.98 34.50 21.43
N GLU P 431 127.79 34.68 20.85
CA GLU P 431 127.29 33.69 19.91
C GLU P 431 128.09 33.69 18.62
N ALA P 432 128.81 34.78 18.36
CA ALA P 432 129.65 34.83 17.16
C ALA P 432 130.96 34.07 17.36
N ALA P 433 131.76 34.46 18.35
CA ALA P 433 133.06 33.85 18.53
C ALA P 433 132.97 32.39 18.99
N PHE P 434 131.80 31.97 19.47
CA PHE P 434 131.57 30.60 19.88
C PHE P 434 130.49 29.97 19.02
N SER P 435 130.76 28.76 18.54
CA SER P 435 129.83 28.02 17.68
C SER P 435 129.47 26.73 18.39
N GLY P 436 128.20 26.36 18.34
CA GLY P 436 127.75 25.10 18.88
C GLY P 436 127.01 25.24 20.20
N ARG P 437 127.29 26.32 20.93
CA ARG P 437 126.59 26.59 22.17
C ARG P 437 126.42 28.09 22.29
N SER P 438 125.34 28.48 22.96
CA SER P 438 125.02 29.88 23.19
C SER P 438 125.10 30.18 24.68
N PRO P 439 126.29 30.39 25.22
CA PRO P 439 126.40 30.67 26.65
C PRO P 439 125.81 32.04 26.99
N LYS P 440 125.27 32.13 28.16
CA LYS P 440 124.74 33.37 28.70
C LYS P 440 125.86 34.18 29.34
N PRO P 441 125.85 35.49 29.15
CA PRO P 441 126.93 36.33 29.69
C PRO P 441 127.03 36.20 31.20
N HIS P 442 128.26 36.24 31.70
CA HIS P 442 128.57 36.04 33.10
C HIS P 442 129.00 37.38 33.69
N VAL P 443 128.29 37.84 34.70
CA VAL P 443 128.51 39.18 35.28
C VAL P 443 129.39 39.04 36.51
N ALA P 444 130.49 39.78 36.54
CA ALA P 444 131.40 39.76 37.68
C ALA P 444 131.11 40.94 38.59
N ILE P 445 131.23 40.74 39.89
CA ILE P 445 131.05 41.79 40.88
C ILE P 445 132.30 41.84 41.76
N GLY P 446 132.89 43.02 41.89
CA GLY P 446 134.02 43.24 42.78
C GLY P 446 133.73 44.39 43.74
N THR P 447 134.06 44.17 45.01
CA THR P 447 133.78 45.15 46.05
C THR P 447 134.52 44.74 47.32
N ASP P 448 134.35 45.54 48.37
CA ASP P 448 135.01 45.36 49.65
C ASP P 448 134.33 44.24 50.43
N MET P 449 134.56 44.18 51.74
CA MET P 449 134.00 43.07 52.50
C MET P 449 132.70 43.44 53.20
N ARG P 450 132.43 44.72 53.41
CA ARG P 450 131.24 45.13 54.15
C ARG P 450 129.99 45.18 53.30
N LEU P 451 130.04 45.82 52.15
CA LEU P 451 128.86 46.05 51.35
C LEU P 451 128.26 44.79 50.73
N PRO P 452 129.05 43.78 50.32
CA PRO P 452 128.44 42.56 49.77
C PRO P 452 127.32 41.98 50.60
N GLN P 453 127.29 42.23 51.91
CA GLN P 453 126.20 41.65 52.67
C GLN P 453 124.95 42.53 52.62
N TYR P 454 124.98 43.61 51.85
CA TYR P 454 123.73 44.24 51.44
C TYR P 454 123.36 43.90 50.00
N ILE P 455 124.21 43.18 49.29
CA ILE P 455 123.80 42.45 48.11
C ILE P 455 122.96 41.23 48.48
N GLN P 456 123.34 40.54 49.55
CA GLN P 456 122.63 39.36 50.02
C GLN P 456 122.03 39.60 51.39
N ILE P 457 120.79 39.16 51.57
CA ILE P 457 120.25 39.04 52.92
C ILE P 457 120.59 37.65 53.43
N ASN P 458 120.03 36.64 52.77
CA ASN P 458 120.49 35.26 52.91
C ASN P 458 120.60 34.55 51.57
N GLY P 459 119.82 34.95 50.58
CA GLY P 459 119.90 34.36 49.25
C GLY P 459 118.98 35.07 48.29
N ASP P 460 119.52 35.38 47.12
CA ASP P 460 118.78 36.06 46.07
C ASP P 460 119.29 35.59 44.71
N ASP P 461 118.46 35.78 43.69
CA ASP P 461 118.80 35.38 42.33
C ASP P 461 118.89 36.55 41.36
N ARG P 462 118.19 37.65 41.63
CA ARG P 462 118.15 38.80 40.74
C ARG P 462 119.35 39.73 40.96
N THR P 463 120.37 39.24 41.67
CA THR P 463 121.50 40.08 42.07
C THR P 463 122.14 40.74 40.86
N VAL P 464 122.31 39.99 39.77
CA VAL P 464 122.64 40.59 38.48
C VAL P 464 121.53 40.41 37.46
N GLY P 465 120.43 39.75 37.81
CA GLY P 465 119.30 39.60 36.93
C GLY P 465 119.09 38.16 36.51
N ILE P 466 117.85 37.88 36.10
CA ILE P 466 117.53 36.59 35.51
C ILE P 466 118.30 36.42 34.21
N GLY P 467 118.70 35.19 33.92
CA GLY P 467 119.54 34.93 32.78
C GLY P 467 120.89 35.61 32.91
N TYR P 468 121.38 35.71 34.14
CA TYR P 468 122.69 36.27 34.42
C TYR P 468 123.30 35.55 35.62
N ASP P 469 124.61 35.48 35.63
CA ASP P 469 125.34 34.85 36.72
C ASP P 469 126.24 35.87 37.40
N TYR P 470 126.63 35.56 38.63
CA TYR P 470 127.32 36.52 39.47
C TYR P 470 128.27 35.78 40.40
N THR P 471 129.41 36.42 40.67
CA THR P 471 130.36 35.94 41.66
C THR P 471 130.73 37.11 42.55
N ILE P 472 130.69 36.89 43.87
CA ILE P 472 130.92 37.95 44.83
C ILE P 472 132.38 37.92 45.27
N ALA P 473 133.08 39.03 45.04
CA ALA P 473 134.49 39.15 45.37
C ALA P 473 134.67 40.14 46.50
N ARG P 474 135.41 39.73 47.53
CA ARG P 474 135.71 40.58 48.66
C ARG P 474 137.20 40.87 48.73
N ILE P 475 137.54 42.16 48.81
CA ILE P 475 138.91 42.60 48.96
C ILE P 475 138.97 43.61 50.09
N SER P 476 140.06 43.55 50.85
CA SER P 476 140.18 44.32 52.07
C SER P 476 140.86 45.67 51.86
N ASP P 477 141.21 46.03 50.64
CA ASP P 477 141.91 47.27 50.39
C ASP P 477 141.04 48.48 50.74
N LEU P 478 141.72 49.59 51.05
CA LEU P 478 141.05 50.83 51.42
C LEU P 478 140.78 51.73 50.22
N ARG P 479 141.21 51.34 49.03
CA ARG P 479 140.83 52.06 47.83
C ARG P 479 139.52 51.57 47.25
N MET P 480 138.95 50.51 47.81
CA MET P 480 137.65 50.00 47.39
C MET P 480 136.59 50.24 48.44
N LYS P 481 136.64 51.37 49.13
CA LYS P 481 135.65 51.72 50.15
C LYS P 481 134.31 52.04 49.51
N ASP P 482 133.34 51.13 49.65
CA ASP P 482 131.99 51.34 49.15
C ASP P 482 131.99 51.62 47.66
N LYS P 483 132.76 50.83 46.92
CA LYS P 483 132.88 50.97 45.48
C LYS P 483 132.70 49.60 44.82
N ILE P 484 131.89 49.55 43.78
CA ILE P 484 131.57 48.31 43.09
C ILE P 484 132.08 48.41 41.66
N VAL P 485 132.91 47.45 41.27
CA VAL P 485 133.41 47.35 39.91
C VAL P 485 132.85 46.08 39.30
N MET P 486 132.25 46.20 38.12
CA MET P 486 131.66 45.05 37.44
C MET P 486 132.07 45.06 35.98
N THR P 487 132.08 43.85 35.40
CA THR P 487 132.39 43.67 34.00
C THR P 487 131.90 42.28 33.59
N PHE P 488 132.15 41.94 32.34
CA PHE P 488 131.74 40.66 31.79
C PHE P 488 132.96 39.78 31.54
N ILE P 489 132.88 38.53 31.97
CA ILE P 489 134.00 37.60 31.91
C ILE P 489 133.50 36.25 31.40
N LEU P 490 134.42 35.30 31.35
CA LEU P 490 134.12 33.94 30.94
C LEU P 490 134.80 32.97 31.90
N PRO P 491 134.08 32.00 32.46
CA PRO P 491 134.67 31.09 33.45
C PRO P 491 135.14 29.74 32.91
N ASN P 492 134.86 29.41 31.65
CA ASN P 492 135.08 28.07 31.13
C ASN P 492 136.40 27.91 30.39
N GLU P 493 137.28 28.90 30.39
CA GLU P 493 138.47 28.86 29.57
C GLU P 493 139.72 28.95 30.44
N SER P 494 140.84 28.52 29.88
CA SER P 494 142.11 28.61 30.59
C SER P 494 143.26 29.08 29.71
N GLU P 495 142.99 29.68 28.55
CA GLU P 495 144.00 30.19 27.65
C GLU P 495 143.57 31.58 27.17
N PRO P 496 144.50 32.39 26.66
CA PRO P 496 144.13 33.72 26.19
C PRO P 496 143.01 33.69 25.17
N HIS P 497 142.06 34.61 25.29
CA HIS P 497 140.90 34.66 24.42
C HIS P 497 140.38 36.08 24.38
N PRO P 498 140.02 36.59 23.19
CA PRO P 498 139.60 37.99 23.07
C PRO P 498 138.32 38.33 23.83
N LEU P 499 137.71 37.39 24.57
CA LEU P 499 136.48 37.67 25.28
C LEU P 499 136.61 37.52 26.80
N GLN P 500 137.79 37.72 27.35
CA GLN P 500 137.96 37.73 28.79
C GLN P 500 138.62 39.03 29.25
N HIS P 501 138.19 39.50 30.42
CA HIS P 501 138.51 40.87 30.82
C HIS P 501 140.00 41.04 31.13
N GLY P 502 140.64 40.01 31.65
CA GLY P 502 142.03 40.18 32.06
C GLY P 502 142.81 38.90 31.93
N VAL P 503 144.10 39.08 31.63
CA VAL P 503 145.05 37.99 31.57
C VAL P 503 146.33 38.42 32.28
N LEU P 504 146.79 37.58 33.19
CA LEU P 504 147.97 37.88 33.99
C LEU P 504 149.13 37.03 33.48
N GLY P 505 149.95 37.61 32.61
CA GLY P 505 151.10 36.90 32.08
C GLY P 505 152.10 36.63 33.19
N PHE P 506 152.22 35.37 33.60
CA PHE P 506 152.95 35.00 34.80
C PHE P 506 154.08 34.05 34.45
N ILE P 507 155.23 34.24 35.09
CA ILE P 507 156.38 33.37 34.87
C ILE P 507 156.95 32.96 36.22
N PRO P 508 157.16 31.67 36.46
CA PRO P 508 157.73 31.24 37.74
C PRO P 508 159.14 31.80 37.88
N GLU P 509 159.49 32.18 39.11
CA GLU P 509 160.79 32.78 39.39
C GLU P 509 161.42 32.09 40.59
N TYR P 510 162.75 31.95 40.56
CA TYR P 510 163.50 31.18 41.53
C TYR P 510 164.38 32.07 42.38
N LEU P 511 164.52 31.67 43.65
CA LEU P 511 165.34 32.38 44.60
C LEU P 511 166.82 32.12 44.32
N VAL P 512 167.68 32.98 44.85
CA VAL P 512 169.13 32.78 44.81
C VAL P 512 169.69 33.07 46.20
N ASP P 513 170.62 32.22 46.63
CA ASP P 513 171.20 32.31 47.98
C ASP P 513 172.72 32.31 47.86
N PHE P 514 173.33 33.44 48.20
CA PHE P 514 174.79 33.52 48.16
C PHE P 514 175.28 34.65 49.06
N ASN P 515 176.50 34.48 49.56
CA ASN P 515 177.18 35.54 50.28
C ASN P 515 177.61 36.62 49.30
N MET P 516 177.48 37.89 49.71
CA MET P 516 177.81 39.01 48.86
C MET P 516 178.40 40.13 49.71
N ILE P 517 179.48 40.72 49.21
CA ILE P 517 180.25 41.72 49.93
C ILE P 517 180.03 43.08 49.29
N ARG P 518 179.78 44.10 50.11
CA ARG P 518 179.58 45.46 49.67
C ARG P 518 179.76 46.38 50.86
N ASN P 519 180.69 47.33 50.74
CA ASN P 519 180.98 48.31 51.79
C ASN P 519 181.41 47.66 53.10
N GLN P 520 182.25 46.63 53.02
CA GLN P 520 182.98 46.11 54.17
C GLN P 520 182.12 45.56 55.30
N ARG P 521 181.06 44.81 54.96
CA ARG P 521 180.36 43.95 55.91
C ARG P 521 179.82 42.72 55.21
N ILE P 522 179.90 41.59 55.89
CA ILE P 522 179.51 40.31 55.32
C ILE P 522 178.10 39.97 55.80
N GLY P 523 177.19 39.75 54.87
CA GLY P 523 175.84 39.36 55.21
C GLY P 523 175.26 38.39 54.20
N ARG P 524 174.59 37.36 54.72
CA ARG P 524 173.81 36.48 53.87
C ARG P 524 172.64 37.25 53.28
N GLU P 525 172.42 37.10 51.98
CA GLU P 525 171.31 37.75 51.31
C GLU P 525 170.56 36.73 50.47
N ILE P 526 169.25 36.83 50.45
CA ILE P 526 168.41 36.02 49.58
C ILE P 526 167.65 36.96 48.65
N ARG P 527 167.95 36.85 47.36
CA ARG P 527 167.41 37.76 46.36
C ARG P 527 166.19 37.12 45.71
N LEU P 528 165.12 37.90 45.56
CA LEU P 528 163.88 37.41 44.96
C LEU P 528 163.51 38.35 43.82
N THR P 529 163.43 37.81 42.61
CA THR P 529 163.16 38.61 41.43
C THR P 529 161.79 38.30 40.86
N PRO P 530 160.78 39.10 41.16
CA PRO P 530 159.46 38.88 40.56
C PRO P 530 159.41 39.28 39.10
N ARG P 531 158.75 38.49 38.26
CA ARG P 531 158.56 38.82 36.85
C ARG P 531 157.14 38.47 36.45
N TYR P 532 156.37 39.47 36.02
CA TYR P 532 155.00 39.28 35.58
C TYR P 532 154.45 40.61 35.06
N ARG P 533 153.21 40.56 34.59
CA ARG P 533 152.52 41.75 34.14
C ARG P 533 151.03 41.46 34.00
N TYR P 534 150.22 42.50 34.25
CA TYR P 534 148.77 42.45 34.08
C TYR P 534 148.43 42.93 32.68
N PHE P 535 147.51 42.24 32.02
CA PHE P 535 147.08 42.59 30.69
C PHE P 535 145.56 42.67 30.63
N ASN P 536 145.05 43.53 29.74
CA ASN P 536 143.62 43.82 29.65
C ASN P 536 143.16 43.65 28.20
N PHE P 537 141.96 43.10 28.02
CA PHE P 537 141.42 42.90 26.68
C PHE P 537 140.08 43.56 26.47
N LEU P 538 139.34 43.85 27.53
CA LEU P 538 137.94 44.22 27.33
C LEU P 538 137.70 45.70 27.63
N PRO P 539 137.26 46.46 26.66
CA PRO P 539 136.90 47.86 26.90
C PRO P 539 135.44 48.01 27.32
N ILE P 540 135.01 47.18 28.27
CA ILE P 540 133.67 47.21 28.81
C ILE P 540 133.77 47.08 30.32
N MET P 541 133.22 48.06 31.05
CA MET P 541 133.23 48.00 32.50
C MET P 541 132.26 49.05 33.03
N LEU P 542 131.63 48.72 34.17
CA LEU P 542 130.63 49.59 34.77
C LEU P 542 131.01 49.80 36.23
N VAL P 543 131.01 51.05 36.69
CA VAL P 543 131.40 51.39 38.05
C VAL P 543 130.26 52.20 38.69
N ILE P 544 129.83 51.77 39.87
CA ILE P 544 128.78 52.47 40.62
C ILE P 544 129.31 52.79 42.00
N ASN P 545 129.00 53.99 42.48
CA ASN P 545 129.55 54.50 43.74
C ASN P 545 128.41 54.70 44.74
N VAL P 546 128.61 54.20 45.96
CA VAL P 546 127.59 54.26 47.01
C VAL P 546 128.17 54.98 48.20
N ILE P 547 127.47 56.01 48.68
CA ILE P 547 127.92 56.81 49.82
C ILE P 547 126.75 57.06 50.76
N ASN P 548 127.09 57.39 52.00
CA ASN P 548 126.12 57.67 53.07
C ASN P 548 125.19 56.50 53.34
N LEU P 549 125.55 55.29 52.93
CA LEU P 549 124.76 54.12 53.31
C LEU P 549 124.66 54.02 54.82
N GLU P 550 125.68 54.51 55.52
CA GLU P 550 125.68 54.53 56.97
C GLU P 550 124.51 55.34 57.54
N GLU P 551 124.47 56.63 57.22
CA GLU P 551 123.60 57.54 57.94
C GLU P 551 122.14 57.21 57.70
N ALA P 552 121.78 56.88 56.47
CA ALA P 552 120.37 56.60 56.16
C ALA P 552 119.84 55.45 57.01
N ILE P 553 120.63 54.39 57.17
CA ILE P 553 120.23 53.33 58.09
C ILE P 553 120.21 53.85 59.51
N ALA P 554 121.21 54.63 59.92
CA ALA P 554 121.25 55.14 61.28
C ALA P 554 120.19 56.22 61.53
N GLN P 555 120.02 57.14 60.60
CA GLN P 555 119.10 58.26 60.75
C GLN P 555 117.70 57.85 60.32
N ARG P 556 116.70 58.58 60.80
CA ARG P 556 115.34 58.33 60.38
C ARG P 556 115.18 58.66 58.90
N THR P 557 114.68 57.70 58.13
CA THR P 557 114.44 57.88 56.71
C THR P 557 113.18 57.09 56.36
N ALA P 558 112.08 57.78 56.12
CA ALA P 558 110.81 57.11 55.88
C ALA P 558 109.89 57.94 55.00
N LEU P 559 109.24 57.25 54.06
CA LEU P 559 108.00 57.67 53.41
C LEU P 559 108.05 59.11 52.90
N ASP P 560 108.84 59.34 51.86
CA ASP P 560 108.97 60.66 51.25
C ASP P 560 107.64 61.08 50.64
N VAL P 561 106.78 61.66 51.46
CA VAL P 561 105.47 62.10 50.97
C VAL P 561 105.65 63.43 50.25
N ASN P 562 105.75 63.36 48.94
CA ASN P 562 105.84 64.57 48.12
C ASN P 562 104.47 65.25 48.03
N GLU P 563 104.25 66.21 48.91
CA GLU P 563 103.00 66.95 48.94
C GLU P 563 102.88 67.81 47.68
N THR P 564 102.13 67.32 46.69
CA THR P 564 102.23 67.80 45.32
C THR P 564 101.11 68.77 44.96
N GLN P 565 101.27 70.02 45.39
CA GLN P 565 100.62 71.18 44.79
C GLN P 565 99.18 71.02 44.28
N VAL P 566 98.24 70.59 45.12
CA VAL P 566 96.89 71.03 44.81
C VAL P 566 96.38 71.83 46.00
N THR P 567 96.79 73.09 45.99
CA THR P 567 96.54 74.24 46.82
C THR P 567 97.09 75.44 46.08
N PRO P 568 96.35 76.55 46.00
CA PRO P 568 96.64 77.52 44.93
C PRO P 568 98.07 78.01 44.91
N ALA P 569 98.83 77.56 43.91
CA ALA P 569 100.16 78.06 43.62
C ALA P 569 100.40 78.04 42.11
N SER P 570 99.38 77.61 41.36
CA SER P 570 99.49 77.41 39.91
C SER P 570 98.14 76.98 39.34
N HIS Q 1 70.40 39.10 17.37
CA HIS Q 1 71.57 39.37 18.19
C HIS Q 1 71.22 39.22 19.66
N GLU Q 2 72.25 39.10 20.50
CA GLU Q 2 72.04 38.80 21.92
C GLU Q 2 71.55 40.01 22.70
N PHE Q 3 71.99 41.22 22.31
CA PHE Q 3 71.61 42.41 23.07
C PHE Q 3 70.09 42.58 23.08
N ALA Q 4 69.47 42.49 21.89
CA ALA Q 4 68.04 42.73 21.79
C ALA Q 4 67.25 41.72 22.63
N GLU Q 5 67.63 40.45 22.59
CA GLU Q 5 66.99 39.47 23.45
C GLU Q 5 67.21 39.78 24.91
N LEU Q 6 68.39 40.29 25.26
CA LEU Q 6 68.73 40.47 26.66
C LEU Q 6 67.94 41.63 27.25
N PHE Q 7 67.70 42.69 26.47
CA PHE Q 7 66.87 43.78 26.94
C PHE Q 7 65.41 43.70 26.49
N TYR Q 8 65.05 42.74 25.65
CA TYR Q 8 63.68 42.64 25.17
C TYR Q 8 63.38 41.19 24.86
N ARG Q 9 62.29 40.68 25.42
CA ARG Q 9 61.88 39.31 25.14
C ARG Q 9 61.04 39.26 23.87
N THR Q 10 61.37 38.31 23.01
CA THR Q 10 60.66 38.16 21.75
C THR Q 10 59.28 37.57 21.99
N TYR Q 11 58.27 38.16 21.35
CA TYR Q 11 56.89 37.67 21.43
C TYR Q 11 56.35 37.54 20.02
N ILE Q 12 56.03 36.32 19.62
CA ILE Q 12 55.54 36.05 18.28
C ILE Q 12 54.08 36.48 18.20
N VAL Q 13 53.71 37.07 17.07
CA VAL Q 13 52.33 37.43 16.76
C VAL Q 13 52.00 36.83 15.41
N THR Q 14 50.90 36.11 15.33
CA THR Q 14 50.48 35.54 14.06
C THR Q 14 50.22 36.67 13.08
N PRO Q 15 50.57 36.51 11.80
CA PRO Q 15 50.39 37.61 10.85
C PRO Q 15 48.94 37.80 10.45
N ASP Q 16 48.06 37.81 11.43
CA ASP Q 16 46.62 37.99 11.22
C ASP Q 16 46.00 38.94 12.22
N GLN Q 17 46.82 39.58 13.05
CA GLN Q 17 46.34 40.52 14.05
C GLN Q 17 47.04 41.86 13.84
N ALA Q 18 46.31 42.93 14.14
CA ALA Q 18 46.86 44.28 14.04
C ALA Q 18 47.63 44.69 15.28
N GLY Q 19 47.59 43.90 16.34
CA GLY Q 19 48.32 44.24 17.56
C GLY Q 19 47.80 43.44 18.73
N PHE Q 20 48.54 43.48 19.83
CA PHE Q 20 48.17 42.71 21.01
C PHE Q 20 47.91 43.66 22.16
N GLN Q 21 46.92 43.30 22.97
CA GLN Q 21 46.42 44.12 24.06
C GLN Q 21 46.48 43.35 25.37
N LEU Q 22 46.84 44.05 26.44
CA LEU Q 22 47.10 43.45 27.75
C LEU Q 22 46.04 43.90 28.74
N SER Q 23 45.52 42.96 29.53
CA SER Q 23 44.57 43.25 30.58
C SER Q 23 45.23 42.98 31.92
N ILE Q 24 45.34 44.00 32.76
CA ILE Q 24 45.98 43.89 34.06
C ILE Q 24 44.93 44.01 35.15
N ARG Q 25 45.12 43.27 36.23
CA ARG Q 25 44.21 43.26 37.37
C ARG Q 25 44.83 44.00 38.55
N ARG Q 26 44.07 44.92 39.13
CA ARG Q 26 44.51 45.66 40.30
C ARG Q 26 43.64 45.29 41.49
N ASN Q 27 44.21 44.54 42.42
CA ASN Q 27 43.51 44.15 43.64
C ASN Q 27 43.47 45.35 44.57
N LEU Q 28 42.34 46.03 44.61
CA LEU Q 28 42.26 47.37 45.18
C LEU Q 28 41.48 47.36 46.49
N VAL Q 29 41.93 48.17 47.43
CA VAL Q 29 41.24 48.39 48.69
C VAL Q 29 40.97 49.88 48.83
N TRP Q 30 39.76 50.22 49.28
CA TRP Q 30 39.37 51.61 49.30
C TRP Q 30 38.39 51.84 50.44
N GLU Q 31 38.27 53.10 50.83
CA GLU Q 31 37.53 53.46 52.03
C GLU Q 31 36.04 53.30 51.78
N GLY Q 32 35.22 53.70 52.76
CA GLY Q 32 33.79 53.63 52.63
C GLY Q 32 33.26 54.39 51.44
N TRP Q 33 31.95 54.32 51.21
CA TRP Q 33 31.36 54.80 49.98
C TRP Q 33 31.51 56.31 49.85
N THR Q 34 31.06 56.83 48.70
CA THR Q 34 31.12 58.26 48.44
C THR Q 34 30.31 59.03 49.48
N GLY Q 35 29.15 58.51 49.85
CA GLY Q 35 28.30 59.18 50.81
C GLY Q 35 27.74 60.46 50.24
N GLU Q 36 27.08 61.25 51.09
CA GLU Q 36 26.56 62.53 50.62
C GLU Q 36 27.69 63.56 50.56
N GLY Q 37 27.50 64.57 49.72
CA GLY Q 37 28.40 65.68 49.61
C GLY Q 37 27.64 66.95 49.25
N LEU Q 38 28.39 68.05 49.15
CA LEU Q 38 27.80 69.31 48.71
C LEU Q 38 27.35 69.20 47.27
N SER Q 39 26.14 69.67 46.99
CA SER Q 39 25.52 69.46 45.69
C SER Q 39 26.33 70.10 44.57
N GLY Q 40 26.52 69.35 43.49
CA GLY Q 40 27.30 69.80 42.36
C GLY Q 40 28.75 69.38 42.40
N GLU Q 41 29.37 69.23 41.23
CA GLU Q 41 30.80 69.02 41.02
C GLU Q 41 31.31 67.72 41.64
N LYS Q 42 32.54 67.35 41.28
CA LYS Q 42 33.13 66.04 41.58
C LYS Q 42 33.08 65.66 43.05
N GLN Q 43 33.23 64.36 43.29
CA GLN Q 43 33.79 63.83 44.52
C GLN Q 43 34.50 62.53 44.16
N GLU Q 44 35.66 62.32 44.77
CA GLU Q 44 36.49 61.17 44.47
C GLU Q 44 37.04 60.60 45.77
N ILE Q 45 37.35 59.31 45.76
CA ILE Q 45 37.91 58.62 46.92
C ILE Q 45 39.20 57.95 46.50
N SER Q 46 40.23 58.08 47.33
CA SER Q 46 41.55 57.53 47.02
C SER Q 46 41.49 56.02 46.91
N LYS Q 47 41.79 55.52 45.71
CA LYS Q 47 41.86 54.09 45.46
C LYS Q 47 43.34 53.70 45.40
N ARG Q 48 43.84 53.08 46.46
CA ARG Q 48 45.25 52.71 46.54
C ARG Q 48 45.41 51.21 46.35
N ASN Q 49 46.50 50.83 45.68
CA ASN Q 49 46.81 49.42 45.52
C ASN Q 49 47.20 48.80 46.85
N ILE Q 50 46.76 47.57 47.09
CA ILE Q 50 47.10 46.90 48.33
C ILE Q 50 48.59 46.62 48.39
N LEU Q 51 49.25 46.53 47.24
CA LEU Q 51 50.70 46.37 47.23
C LEU Q 51 51.41 47.58 47.83
N GLN Q 52 50.77 48.74 47.84
CA GLN Q 52 51.35 49.88 48.57
C GLN Q 52 51.37 49.61 50.06
N GLY Q 53 50.56 48.66 50.54
CA GLY Q 53 50.65 48.24 51.91
C GLY Q 53 52.01 47.66 52.27
N LEU Q 54 52.75 47.19 51.26
CA LEU Q 54 54.11 46.71 51.51
C LEU Q 54 55.03 47.78 52.03
N LEU Q 55 54.72 49.06 51.80
CA LEU Q 55 55.61 50.15 52.16
C LEU Q 55 55.00 51.05 53.24
N ASP Q 56 53.81 51.58 53.02
CA ASP Q 56 53.24 52.54 53.95
C ASP Q 56 52.32 51.82 54.94
N TYR Q 57 51.59 52.61 55.74
CA TYR Q 57 50.80 52.06 56.83
C TYR Q 57 49.34 52.51 56.82
N THR Q 58 49.03 53.68 56.26
CA THR Q 58 47.69 54.22 56.38
C THR Q 58 46.69 53.53 55.46
N THR Q 59 47.16 52.67 54.57
CA THR Q 59 46.25 51.88 53.74
C THR Q 59 45.41 50.95 54.61
N LEU Q 60 45.90 50.63 55.80
CA LEU Q 60 45.24 49.69 56.70
C LEU Q 60 45.03 50.35 58.06
N GLU Q 61 44.67 49.52 59.04
CA GLU Q 61 44.52 49.96 60.43
C GLU Q 61 43.47 51.04 60.62
N THR Q 62 42.20 50.70 60.42
CA THR Q 62 41.09 51.57 60.78
C THR Q 62 40.48 51.09 62.09
N ASN Q 63 39.94 52.01 62.87
CA ASN Q 63 39.10 51.68 64.00
C ASN Q 63 37.63 51.84 63.63
N SER Q 64 36.83 50.82 63.95
CA SER Q 64 35.42 50.86 63.59
C SER Q 64 34.54 50.38 64.73
N THR Q 65 35.15 49.74 65.73
CA THR Q 65 34.39 49.15 66.82
C THR Q 65 34.73 49.73 68.18
N GLU Q 66 35.64 50.70 68.26
CA GLU Q 66 35.89 51.39 69.51
C GLU Q 66 34.66 52.19 69.91
N LEU Q 67 34.47 52.37 71.22
CA LEU Q 67 33.35 53.13 71.74
C LEU Q 67 33.87 54.42 72.34
N ILE Q 68 34.03 55.44 71.50
CA ILE Q 68 34.43 56.75 71.97
C ILE Q 68 33.19 57.43 72.56
N PRO Q 69 33.21 57.80 73.84
CA PRO Q 69 32.05 58.46 74.43
C PRO Q 69 31.67 59.73 73.68
N VAL Q 70 30.50 59.73 73.05
CA VAL Q 70 30.07 60.86 72.22
C VAL Q 70 29.09 61.70 73.02
N ILE Q 71 29.33 63.01 73.05
CA ILE Q 71 28.51 63.95 73.80
C ILE Q 71 27.61 64.68 72.80
N GLN Q 72 26.33 64.81 73.14
CA GLN Q 72 25.44 65.74 72.46
C GLN Q 72 24.93 66.72 73.50
N SER Q 73 25.06 68.01 73.21
CA SER Q 73 24.75 69.03 74.20
C SER Q 73 23.27 69.01 74.56
N GLY Q 74 22.99 69.07 75.85
CA GLY Q 74 21.65 69.22 76.36
C GLY Q 74 20.97 67.96 76.88
N GLU Q 75 21.21 66.81 76.26
CA GLU Q 75 20.52 65.60 76.71
C GLU Q 75 21.37 64.92 77.79
N ASN Q 76 22.63 64.65 77.47
CA ASN Q 76 23.57 64.19 78.48
C ASN Q 76 24.57 65.29 78.79
N ASP Q 77 24.57 65.76 80.04
CA ASP Q 77 25.59 66.71 80.43
C ASP Q 77 26.14 66.41 81.82
N GLU Q 78 25.57 65.39 82.48
CA GLU Q 78 25.91 65.09 83.86
C GLU Q 78 26.70 63.79 84.01
N GLN Q 79 26.94 63.05 82.92
CA GLN Q 79 27.89 61.95 82.98
C GLN Q 79 29.26 62.36 82.46
N PHE Q 80 29.45 63.65 82.16
CA PHE Q 80 30.70 64.12 81.61
C PHE Q 80 31.22 65.28 82.44
N ILE Q 81 32.53 65.53 82.30
CA ILE Q 81 33.14 66.65 82.98
C ILE Q 81 32.51 67.95 82.53
N ASP Q 82 32.31 68.85 83.49
CA ASP Q 82 31.89 70.20 83.16
C ASP Q 82 32.90 70.84 82.21
N PRO Q 83 32.46 71.28 81.03
CA PRO Q 83 33.39 71.93 80.10
C PRO Q 83 34.01 73.20 80.64
N SER Q 84 33.48 73.75 81.74
CA SER Q 84 34.13 74.87 82.40
C SER Q 84 35.52 74.53 82.90
N VAL Q 85 35.84 73.24 83.06
CA VAL Q 85 37.17 72.81 83.44
C VAL Q 85 38.06 72.60 82.23
N LEU Q 86 37.51 72.00 81.17
CA LEU Q 86 38.26 71.77 79.94
C LEU Q 86 37.33 71.79 78.74
N PRO Q 87 37.63 72.60 77.71
CA PRO Q 87 36.82 72.57 76.49
C PRO Q 87 36.86 71.22 75.80
N ALA Q 88 35.80 70.86 75.10
CA ALA Q 88 35.71 69.54 74.49
C ALA Q 88 36.69 69.40 73.35
N GLN Q 89 37.04 68.15 73.03
CA GLN Q 89 37.93 67.83 71.92
C GLN Q 89 37.13 67.22 70.79
N THR Q 90 37.46 67.61 69.56
CA THR Q 90 36.83 67.06 68.37
C THR Q 90 37.71 65.97 67.77
N VAL Q 91 37.16 64.76 67.66
CA VAL Q 91 37.88 63.63 67.09
C VAL Q 91 37.02 62.98 66.02
N LYS Q 92 37.68 62.27 65.11
CA LYS Q 92 37.02 61.64 63.97
C LYS Q 92 37.29 60.14 64.00
N GLN Q 93 36.24 59.35 64.19
CA GLN Q 93 36.31 57.90 64.14
C GLN Q 93 35.48 57.45 62.95
N GLY Q 94 36.15 57.05 61.88
CA GLY Q 94 35.45 56.77 60.63
C GLY Q 94 35.10 58.06 59.95
N LYS Q 95 33.81 58.26 59.68
CA LYS Q 95 33.32 59.44 58.99
C LYS Q 95 32.44 60.32 59.88
N ASP Q 96 32.50 60.17 61.19
CA ASP Q 96 31.61 60.89 62.10
C ASP Q 96 32.37 61.99 62.83
N THR Q 97 31.77 63.19 62.87
CA THR Q 97 32.31 64.31 63.62
C THR Q 97 31.50 64.46 64.91
N PHE Q 98 32.18 64.48 66.05
CA PHE Q 98 31.53 64.67 67.33
C PHE Q 98 32.54 65.17 68.35
N ASP Q 99 32.04 65.56 69.52
CA ASP Q 99 32.87 66.03 70.61
C ASP Q 99 32.98 64.97 71.69
N THR Q 100 34.07 65.02 72.45
CA THR Q 100 34.32 64.04 73.49
C THR Q 100 34.98 64.70 74.70
N ASN Q 101 34.84 64.04 75.85
CA ASN Q 101 35.45 64.48 77.09
C ASN Q 101 35.54 63.29 78.04
N PHE Q 102 36.40 63.43 79.03
CA PHE Q 102 36.64 62.33 79.96
C PHE Q 102 35.43 62.09 80.86
N LEU Q 103 35.24 60.83 81.24
CA LEU Q 103 34.15 60.47 82.13
C LEU Q 103 34.43 60.95 83.55
N LYS Q 104 33.43 61.59 84.14
CA LYS Q 104 33.58 62.11 85.49
C LYS Q 104 33.52 60.98 86.51
N PHE Q 105 34.44 61.03 87.47
CA PHE Q 105 34.38 60.12 88.59
C PHE Q 105 33.11 60.37 89.40
N SER Q 106 32.45 59.28 89.79
CA SER Q 106 31.29 59.34 90.66
C SER Q 106 31.49 58.40 91.82
N GLU Q 107 30.98 58.80 92.98
CA GLU Q 107 31.14 57.97 94.17
C GLU Q 107 29.80 57.40 94.63
N ASN Q 108 28.84 58.28 94.92
CA ASN Q 108 27.57 57.85 95.49
C ASN Q 108 26.44 57.82 94.49
N GLY Q 109 26.59 58.48 93.35
CA GLY Q 109 25.50 58.63 92.42
C GLY Q 109 25.26 57.39 91.58
N GLU Q 110 24.37 57.56 90.61
CA GLU Q 110 24.05 56.48 89.69
C GLU Q 110 25.26 56.15 88.83
N GLY Q 111 25.35 54.89 88.41
CA GLY Q 111 26.42 54.48 87.52
C GLY Q 111 26.20 55.01 86.12
N PHE Q 112 27.18 54.81 85.24
CA PHE Q 112 27.09 55.22 83.86
C PHE Q 112 26.88 53.99 82.99
N ASN Q 113 26.15 54.16 81.88
CA ASN Q 113 25.97 53.10 80.91
C ASN Q 113 26.71 53.47 79.63
N LEU Q 114 27.86 52.83 79.42
CA LEU Q 114 28.70 53.16 78.27
C LEU Q 114 28.01 52.82 76.95
N LEU Q 115 27.46 51.59 76.85
CA LEU Q 115 26.81 51.18 75.62
C LEU Q 115 25.73 52.16 75.21
N MET Q 116 25.06 52.77 76.18
CA MET Q 116 24.15 53.87 75.90
C MET Q 116 24.86 55.16 75.51
N LEU Q 117 25.69 55.70 76.38
CA LEU Q 117 26.27 57.01 76.12
C LEU Q 117 27.57 56.88 75.33
N ALA Q 118 27.53 56.10 74.25
CA ALA Q 118 28.65 56.05 73.32
C ALA Q 118 28.17 55.98 71.88
N GLN Q 119 27.00 56.57 71.60
CA GLN Q 119 26.37 56.42 70.29
C GLN Q 119 26.86 57.54 69.38
N THR Q 120 27.35 57.17 68.20
CA THR Q 120 27.78 58.12 67.20
C THR Q 120 26.60 58.50 66.31
N PRO Q 121 26.70 59.60 65.56
CA PRO Q 121 25.62 59.92 64.61
C PRO Q 121 25.33 58.79 63.62
N SER Q 122 26.32 57.99 63.26
CA SER Q 122 26.05 56.84 62.41
C SER Q 122 25.10 55.84 63.07
N ARG Q 123 25.29 55.56 64.37
CA ARG Q 123 24.42 54.64 65.07
C ARG Q 123 22.95 55.03 65.03
N LEU Q 124 22.66 56.33 65.03
CA LEU Q 124 21.26 56.77 65.00
C LEU Q 124 20.55 56.31 63.73
N LYS Q 125 21.21 56.39 62.58
CA LYS Q 125 20.61 55.87 61.36
C LYS Q 125 20.49 54.36 61.41
N LYS Q 126 21.39 53.70 62.12
CA LYS Q 126 21.35 52.26 62.27
C LYS Q 126 20.18 51.78 63.11
N GLY Q 127 19.66 52.64 64.00
CA GLY Q 127 18.61 52.26 64.92
C GLY Q 127 19.10 52.19 66.35
N SER Q 128 18.13 52.19 67.27
CA SER Q 128 18.42 52.21 68.70
C SER Q 128 19.17 50.95 69.11
N MET Q 129 20.04 51.07 70.11
CA MET Q 129 20.86 49.94 70.57
C MET Q 129 20.00 48.84 71.14
N THR Q 130 20.41 47.58 70.92
CA THR Q 130 19.66 46.40 71.28
C THR Q 130 20.43 45.62 72.35
N PHE Q 131 19.93 44.44 72.72
CA PHE Q 131 20.56 43.60 73.73
C PHE Q 131 21.49 42.56 73.12
N THR Q 132 21.59 42.54 71.80
CA THR Q 132 22.54 41.66 71.14
C THR Q 132 23.91 42.33 71.02
N ASP Q 133 24.00 43.61 71.34
CA ASP Q 133 25.28 44.30 71.38
C ASP Q 133 25.96 44.02 72.71
N SER Q 134 27.18 43.52 72.65
CA SER Q 134 27.94 43.11 73.83
C SER Q 134 29.30 43.75 73.79
N LEU Q 135 29.93 43.84 74.96
CA LEU Q 135 31.26 44.42 75.06
C LEU Q 135 32.32 43.35 74.86
N ASP Q 136 33.55 43.80 74.64
CA ASP Q 136 34.67 42.91 74.37
C ASP Q 136 35.03 42.13 75.63
N SER Q 137 35.84 41.08 75.44
CA SER Q 137 36.35 40.34 76.58
C SER Q 137 37.10 41.25 77.55
N ARG Q 138 37.82 42.25 77.02
CA ARG Q 138 38.62 43.13 77.87
C ARG Q 138 38.19 44.58 77.69
N ILE Q 139 38.18 45.32 78.79
CA ILE Q 139 37.97 46.77 78.80
C ILE Q 139 39.00 47.37 79.74
N ALA Q 140 39.57 48.51 79.36
CA ALA Q 140 40.67 49.09 80.10
C ALA Q 140 40.61 50.61 80.08
N LEU Q 141 41.29 51.23 81.05
CA LEU Q 141 41.38 52.67 81.12
C LEU Q 141 42.37 53.17 80.07
N LYS Q 142 42.02 54.27 79.40
CA LYS Q 142 42.92 54.84 78.41
C LYS Q 142 43.81 55.95 78.98
N GLN Q 143 43.20 57.03 79.47
CA GLN Q 143 43.95 58.15 79.99
C GLN Q 143 43.40 58.56 81.34
N LEU Q 144 44.30 58.94 82.25
CA LEU Q 144 43.93 59.56 83.52
C LEU Q 144 44.27 61.04 83.44
N LEU Q 145 43.28 61.88 83.72
CA LEU Q 145 43.48 63.32 83.76
C LEU Q 145 43.55 63.75 85.21
N ILE Q 146 44.69 64.30 85.62
CA ILE Q 146 44.90 64.74 86.99
C ILE Q 146 45.16 66.24 86.98
N SER Q 147 44.79 66.88 88.08
CA SER Q 147 44.94 68.32 88.23
C SER Q 147 46.01 68.60 89.28
N VAL Q 148 47.10 69.24 88.85
CA VAL Q 148 48.18 69.64 89.74
C VAL Q 148 47.91 71.07 90.19
N THR Q 149 47.94 71.28 91.50
CA THR Q 149 47.67 72.59 92.07
C THR Q 149 48.81 72.97 93.02
N LYS Q 150 49.44 74.11 92.77
CA LYS Q 150 50.51 74.63 93.62
C LYS Q 150 50.35 76.13 93.72
N GLY Q 151 49.87 76.61 94.86
CA GLY Q 151 49.69 78.03 95.05
C GLY Q 151 48.45 78.61 94.42
N GLY Q 152 47.49 77.78 94.00
CA GLY Q 152 46.28 78.25 93.37
C GLY Q 152 46.24 78.11 91.86
N THR Q 153 47.35 77.75 91.23
CA THR Q 153 47.40 77.56 89.78
C THR Q 153 47.20 76.09 89.45
N THR Q 154 46.34 75.83 88.47
CA THR Q 154 45.99 74.47 88.08
C THR Q 154 46.49 74.20 86.67
N GLU Q 155 46.96 72.97 86.45
CA GLU Q 155 47.39 72.51 85.13
C GLU Q 155 46.83 71.12 84.90
N LEU Q 156 46.75 70.74 83.62
CA LEU Q 156 46.13 69.48 83.23
C LEU Q 156 47.17 68.53 82.66
N PHE Q 157 47.11 67.28 83.11
CA PHE Q 157 48.02 66.23 82.66
C PHE Q 157 47.20 65.12 82.00
N ALA Q 158 47.66 64.66 80.84
CA ALA Q 158 47.08 63.50 80.18
C ALA Q 158 48.12 62.39 80.24
N LEU Q 159 47.85 61.35 81.01
CA LEU Q 159 48.78 60.25 81.20
C LEU Q 159 48.33 59.06 80.38
N ASP Q 160 49.24 58.53 79.56
CA ASP Q 160 48.98 57.29 78.82
C ASP Q 160 49.18 56.12 79.76
N VAL Q 161 48.11 55.68 80.42
CA VAL Q 161 48.17 54.55 81.33
C VAL Q 161 47.60 53.29 80.70
N ASN Q 162 47.51 53.24 79.38
CA ASN Q 162 47.13 52.01 78.71
C ASN Q 162 48.26 51.00 78.87
N ARG Q 163 47.91 49.73 78.96
CA ARG Q 163 48.86 48.66 79.20
C ARG Q 163 49.71 48.95 80.43
N ASP Q 164 49.08 49.06 81.59
CA ASP Q 164 49.84 48.87 82.82
C ASP Q 164 49.93 47.39 83.11
N GLN Q 165 50.75 47.05 84.11
CA GLN Q 165 50.71 45.70 84.64
C GLN Q 165 49.34 45.37 85.22
N TYR Q 166 48.53 46.40 85.50
CA TYR Q 166 47.30 46.15 86.22
C TYR Q 166 46.18 47.01 85.67
N ALA Q 167 46.18 47.22 84.35
CA ALA Q 167 45.23 48.15 83.72
C ALA Q 167 44.13 47.43 82.96
N ALA Q 168 44.06 46.11 83.03
CA ALA Q 168 43.07 45.34 82.30
C ALA Q 168 42.07 44.75 83.27
N TYR Q 169 40.78 44.88 82.94
CA TYR Q 169 39.72 44.32 83.76
C TYR Q 169 39.92 42.82 83.87
N THR Q 170 39.81 42.29 85.08
CA THR Q 170 40.01 40.88 85.32
C THR Q 170 38.68 40.18 85.51
N ALA Q 171 38.54 39.01 84.92
CA ALA Q 171 37.34 38.21 85.13
C ALA Q 171 37.31 37.76 86.57
N THR Q 172 36.49 38.43 87.38
CA THR Q 172 36.52 38.25 88.82
C THR Q 172 35.13 37.85 89.27
N ARG Q 173 35.09 36.78 90.06
CA ARG Q 173 33.90 36.06 90.41
C ARG Q 173 33.22 36.65 91.65
N GLU Q 174 32.27 35.90 92.23
CA GLU Q 174 31.34 36.42 93.23
C GLU Q 174 30.45 37.57 92.77
N TYR Q 175 29.45 37.24 91.94
CA TYR Q 175 28.24 38.00 91.62
C TYR Q 175 28.01 38.11 90.12
N ASN Q 176 26.93 37.48 89.65
CA ASN Q 176 26.37 37.64 88.32
C ASN Q 176 27.22 37.03 87.21
N PHE Q 177 26.63 36.93 86.02
CA PHE Q 177 27.17 36.11 84.93
C PHE Q 177 28.61 36.47 84.58
N ARG Q 178 28.83 37.68 84.07
CA ARG Q 178 30.16 38.16 83.73
C ARG Q 178 30.31 39.61 84.17
N LEU Q 179 30.97 39.79 85.31
CA LEU Q 179 31.41 41.10 85.74
C LEU Q 179 32.93 41.16 85.65
N MET Q 180 33.43 42.24 85.08
CA MET Q 180 34.86 42.51 85.11
C MET Q 180 35.13 43.57 86.16
N GLN Q 181 36.02 43.26 87.09
CA GLN Q 181 36.31 44.14 88.21
C GLN Q 181 37.70 44.75 88.02
N LEU Q 182 37.79 46.03 88.30
CA LEU Q 182 39.02 46.79 88.14
C LEU Q 182 39.52 47.21 89.51
N LYS Q 183 40.76 46.84 89.83
CA LYS Q 183 41.45 47.34 91.01
C LYS Q 183 42.82 47.86 90.59
N PHE Q 184 42.85 49.10 90.13
CA PHE Q 184 44.05 49.70 89.57
C PHE Q 184 44.81 50.36 90.72
N HIS Q 185 45.82 49.65 91.23
CA HIS Q 185 46.61 50.12 92.36
C HIS Q 185 48.09 50.06 91.98
N THR Q 186 48.65 51.22 91.66
CA THR Q 186 50.06 51.33 91.32
C THR Q 186 50.49 52.78 91.37
N SER Q 187 51.71 53.03 90.92
CA SER Q 187 52.30 54.36 90.94
C SER Q 187 52.41 54.90 89.51
N LEU Q 188 52.02 56.16 89.34
CA LEU Q 188 52.15 56.85 88.06
C LEU Q 188 53.33 57.79 88.11
N GLY Q 189 54.15 57.77 87.07
CA GLY Q 189 55.37 58.56 87.00
C GLY Q 189 55.22 59.73 86.04
N LEU Q 190 55.86 60.85 86.38
CA LEU Q 190 55.87 62.05 85.55
C LEU Q 190 57.30 62.46 85.29
N GLY Q 191 57.74 62.34 84.03
CA GLY Q 191 59.07 62.77 83.64
C GLY Q 191 59.17 64.27 83.45
N GLU Q 192 60.39 64.72 83.19
CA GLU Q 192 60.64 66.14 82.94
C GLU Q 192 60.35 66.52 81.49
N GLU Q 193 60.02 65.54 80.65
CA GLU Q 193 59.60 65.84 79.29
C GLU Q 193 58.16 65.41 79.08
N SER Q 194 57.43 65.14 80.17
CA SER Q 194 56.02 64.85 80.05
C SER Q 194 55.29 66.06 79.50
N THR Q 195 54.83 65.95 78.26
CA THR Q 195 54.19 67.06 77.57
C THR Q 195 52.79 67.25 78.14
N THR Q 196 52.60 68.31 78.90
CA THR Q 196 51.29 68.59 79.49
C THR Q 196 50.29 68.96 78.39
N VAL Q 197 49.02 69.02 78.78
CA VAL Q 197 47.97 69.39 77.82
C VAL Q 197 48.14 70.83 77.37
N ALA Q 198 48.54 71.70 78.30
CA ALA Q 198 48.73 73.11 77.99
C ALA Q 198 49.87 73.35 76.99
N GLY Q 199 50.98 72.63 77.12
CA GLY Q 199 52.10 72.81 76.22
C GLY Q 199 53.43 72.99 76.93
N ALA Q 200 54.49 72.46 76.32
CA ALA Q 200 55.87 72.59 76.82
C ALA Q 200 55.95 71.89 78.19
N GLU Q 201 56.70 72.44 79.14
CA GLU Q 201 56.89 71.81 80.44
C GLU Q 201 56.09 72.55 81.51
N SER Q 202 55.80 71.84 82.60
CA SER Q 202 54.95 72.40 83.64
C SER Q 202 55.73 73.38 84.50
N ALA Q 203 55.23 74.62 84.57
CA ALA Q 203 55.87 75.64 85.39
C ALA Q 203 55.78 75.32 86.89
N LEU Q 204 54.65 74.80 87.35
CA LEU Q 204 54.52 74.41 88.75
C LEU Q 204 55.53 73.36 89.15
N LEU Q 205 55.95 72.51 88.22
CA LEU Q 205 57.02 71.56 88.45
C LEU Q 205 58.32 71.96 87.76
N LYS Q 206 58.39 73.16 87.21
CA LYS Q 206 59.60 73.59 86.52
C LYS Q 206 60.78 73.67 87.48
N ASP Q 207 60.54 74.17 88.69
CA ASP Q 207 61.61 74.24 89.68
C ASP Q 207 62.14 72.84 90.00
N LEU Q 208 61.23 71.88 90.15
CA LEU Q 208 61.65 70.51 90.39
C LEU Q 208 62.45 69.95 89.23
N PHE Q 209 62.01 70.23 88.00
CA PHE Q 209 62.66 69.65 86.84
C PHE Q 209 64.02 70.30 86.59
N ASP Q 210 64.20 71.53 87.07
CA ASP Q 210 65.50 72.19 86.92
C ASP Q 210 66.59 71.48 87.69
N LEU Q 211 66.30 71.03 88.91
CA LEU Q 211 67.25 70.24 89.68
C LEU Q 211 67.27 68.78 89.24
N GLY Q 212 66.47 68.42 88.24
CA GLY Q 212 66.49 67.10 87.67
C GLY Q 212 65.97 65.98 88.54
N TYR Q 213 64.66 65.96 88.77
CA TYR Q 213 64.03 64.84 89.47
C TYR Q 213 62.69 64.52 88.82
N ARG Q 214 62.08 63.44 89.32
CA ARG Q 214 60.78 62.97 88.90
C ARG Q 214 59.95 62.64 90.13
N ILE Q 215 58.63 62.79 90.01
CA ILE Q 215 57.72 62.42 91.09
C ILE Q 215 56.79 61.33 90.60
N GLU Q 216 56.54 60.36 91.48
CA GLU Q 216 55.57 59.32 91.23
C GLU Q 216 54.40 59.51 92.18
N LEU Q 217 53.19 59.22 91.71
CA LEU Q 217 51.97 59.40 92.48
C LEU Q 217 51.34 58.05 92.72
N ASP Q 218 50.85 57.83 93.95
CA ASP Q 218 50.10 56.62 94.25
C ASP Q 218 48.63 56.83 93.92
N VAL Q 219 48.11 56.00 93.02
CA VAL Q 219 46.75 56.12 92.55
C VAL Q 219 45.98 54.86 92.92
N LYS Q 220 44.84 55.04 93.57
CA LYS Q 220 43.96 53.94 93.95
C LYS Q 220 42.65 54.14 93.22
N VAL Q 221 42.38 53.29 92.23
CA VAL Q 221 41.17 53.40 91.42
C VAL Q 221 40.51 52.03 91.31
N ASP Q 222 39.20 51.99 91.54
CA ASP Q 222 38.44 50.76 91.53
C ASP Q 222 37.19 50.92 90.67
N GLY Q 223 36.65 49.81 90.21
CA GLY Q 223 35.40 49.83 89.47
C GLY Q 223 34.93 48.46 89.10
N GLU Q 224 33.72 48.40 88.56
CA GLU Q 224 33.13 47.17 88.05
C GLU Q 224 32.37 47.46 86.77
N MET Q 225 32.49 46.56 85.80
CA MET Q 225 31.91 46.78 84.48
C MET Q 225 31.15 45.51 84.10
N ASN Q 226 30.00 45.66 83.46
CA ASN Q 226 29.18 44.52 83.07
C ASN Q 226 29.08 44.44 81.55
N VAL Q 227 29.39 43.27 80.99
CA VAL Q 227 29.52 43.12 79.55
C VAL Q 227 28.20 42.81 78.86
N GLU Q 228 27.09 42.82 79.58
CA GLU Q 228 25.81 42.47 78.97
C GLU Q 228 24.88 43.66 78.77
N ASN Q 229 24.79 44.56 79.73
CA ASN Q 229 23.87 45.68 79.62
C ASN Q 229 24.62 47.01 79.67
N GLY Q 230 25.91 46.95 79.97
CA GLY Q 230 26.72 48.15 79.94
C GLY Q 230 26.65 49.03 81.17
N ASN Q 231 25.97 48.60 82.23
CA ASN Q 231 26.01 49.35 83.47
C ASN Q 231 27.37 49.22 84.12
N GLY Q 232 27.84 50.31 84.73
CA GLY Q 232 29.12 50.31 85.41
C GLY Q 232 29.38 51.66 86.02
N ASP Q 233 30.46 51.72 86.81
CA ASP Q 233 30.88 52.97 87.43
C ASP Q 233 32.28 52.80 88.01
N THR Q 234 32.93 53.92 88.29
CA THR Q 234 34.30 53.94 88.79
C THR Q 234 34.43 55.08 89.79
N SER Q 235 35.08 54.79 90.92
CA SER Q 235 35.27 55.77 91.98
C SER Q 235 36.75 55.91 92.29
N LEU Q 236 37.20 57.13 92.52
CA LEU Q 236 38.58 57.39 92.86
C LEU Q 236 38.81 57.08 94.33
N ARG Q 237 39.46 55.96 94.61
CA ARG Q 237 39.74 55.55 95.98
C ARG Q 237 40.74 56.49 96.67
N ALA Q 238 41.85 56.80 96.01
CA ALA Q 238 42.86 57.65 96.61
C ALA Q 238 43.85 58.11 95.55
N LEU Q 239 44.45 59.27 95.78
CA LEU Q 239 45.45 59.85 94.88
C LEU Q 239 46.35 60.77 95.68
N ARG Q 240 47.58 60.34 95.95
CA ARG Q 240 48.45 61.06 96.86
C ARG Q 240 49.87 61.11 96.33
N LEU Q 241 50.61 62.10 96.79
CA LEU Q 241 52.02 62.25 96.43
C LEU Q 241 52.89 61.48 97.43
N ALA Q 242 53.72 60.57 96.92
CA ALA Q 242 54.48 59.69 97.79
C ALA Q 242 55.99 59.86 97.69
N ARG Q 243 56.58 59.74 96.50
CA ARG Q 243 58.03 59.61 96.41
C ARG Q 243 58.56 60.53 95.32
N VAL Q 244 59.87 60.77 95.37
CA VAL Q 244 60.59 61.55 94.36
C VAL Q 244 61.77 60.76 93.87
N PHE Q 245 61.85 60.57 92.55
CA PHE Q 245 62.94 59.85 91.91
C PHE Q 245 63.92 60.81 91.24
N ASP Q 246 65.20 60.56 91.48
CA ASP Q 246 66.28 61.26 90.79
C ASP Q 246 66.55 60.62 89.43
N LYS Q 247 67.28 61.34 88.59
CA LYS Q 247 67.64 60.83 87.27
C LYS Q 247 68.78 59.83 87.30
N GLU Q 248 69.44 59.66 88.43
CA GLU Q 248 70.47 58.64 88.57
C GLU Q 248 69.96 57.40 89.30
N GLY Q 249 68.66 57.32 89.56
CA GLY Q 249 68.12 56.23 90.36
C GLY Q 249 68.15 56.58 91.83
N LYS Q 250 67.69 55.66 92.68
CA LYS Q 250 67.81 55.75 94.13
C LYS Q 250 66.81 56.75 94.70
N GLU Q 251 66.28 56.42 95.88
CA GLU Q 251 65.28 57.26 96.53
C GLU Q 251 65.85 58.63 96.88
N ILE Q 252 64.99 59.65 96.78
CA ILE Q 252 65.27 60.99 97.27
C ILE Q 252 64.20 61.33 98.29
N ALA Q 253 64.62 61.65 99.51
CA ALA Q 253 63.67 61.89 100.60
C ALA Q 253 62.85 63.14 100.35
N LEU Q 254 61.63 63.14 100.88
CA LEU Q 254 60.75 64.30 100.83
C LEU Q 254 61.16 65.39 101.81
N THR Q 255 61.76 65.04 102.94
CA THR Q 255 62.12 66.00 103.97
C THR Q 255 63.37 66.79 103.65
N ASP Q 256 64.04 66.46 102.55
CA ASP Q 256 65.22 67.21 102.13
C ASP Q 256 64.81 68.63 101.77
N SER Q 257 65.70 69.59 102.06
CA SER Q 257 65.37 70.99 101.87
C SER Q 257 65.05 71.30 100.40
N ARG Q 258 65.87 70.80 99.48
CA ARG Q 258 65.65 71.07 98.07
C ARG Q 258 64.31 70.52 97.60
N VAL Q 259 63.99 69.29 97.99
CA VAL Q 259 62.72 68.70 97.58
C VAL Q 259 61.56 69.41 98.27
N SER Q 260 61.69 69.66 99.57
CA SER Q 260 60.60 70.26 100.33
C SER Q 260 60.26 71.65 99.80
N ALA Q 261 61.27 72.46 99.51
CA ALA Q 261 61.02 73.79 98.97
C ALA Q 261 60.30 73.71 97.63
N ALA Q 262 60.73 72.78 96.76
CA ALA Q 262 60.09 72.62 95.46
C ALA Q 262 58.70 72.03 95.57
N LEU Q 263 58.40 71.28 96.63
CA LEU Q 263 57.14 70.57 96.73
C LEU Q 263 56.15 71.24 97.67
N SER Q 264 56.39 72.48 98.06
CA SER Q 264 55.46 73.19 98.94
C SER Q 264 54.17 73.50 98.20
N GLY Q 265 53.03 73.17 98.82
CA GLY Q 265 51.74 73.52 98.27
C GLY Q 265 51.26 72.65 97.13
N LEU Q 266 51.91 71.52 96.88
CA LEU Q 266 51.51 70.65 95.79
C LEU Q 266 50.26 69.87 96.17
N THR Q 267 49.26 69.86 95.28
CA THR Q 267 48.01 69.15 95.49
C THR Q 267 47.59 68.46 94.20
N VAL Q 268 47.31 67.16 94.31
CA VAL Q 268 46.92 66.34 93.18
C VAL Q 268 45.50 65.85 93.40
N THR Q 269 44.63 66.07 92.41
CA THR Q 269 43.24 65.68 92.50
C THR Q 269 42.80 65.01 91.20
N GLY Q 270 42.00 63.97 91.33
CA GLY Q 270 41.52 63.24 90.16
C GLY Q 270 40.25 63.86 89.61
N VAL Q 271 40.24 64.13 88.32
CA VAL Q 271 39.11 64.79 87.67
C VAL Q 271 38.33 63.84 86.78
N GLY Q 272 39.01 63.12 85.89
CA GLY Q 272 38.29 62.28 84.95
C GLY Q 272 39.18 61.18 84.41
N TYR Q 273 38.60 60.42 83.48
CA TYR Q 273 39.30 59.31 82.85
C TYR Q 273 38.54 58.90 81.61
N SER Q 274 39.10 57.93 80.88
CA SER Q 274 38.48 57.39 79.68
C SER Q 274 38.76 55.89 79.59
N LEU Q 275 37.98 55.20 78.75
CA LEU Q 275 38.06 53.77 78.61
C LEU Q 275 38.49 53.40 77.20
N GLU Q 276 39.18 52.26 77.08
CA GLU Q 276 39.42 51.62 75.79
C GLU Q 276 38.50 50.41 75.71
N ALA Q 277 37.34 50.58 75.08
CA ALA Q 277 36.34 49.53 75.02
C ALA Q 277 35.83 49.40 73.60
N ARG Q 278 35.76 48.16 73.12
CA ARG Q 278 35.30 47.88 71.78
C ARG Q 278 34.09 46.95 71.84
N LEU Q 279 33.15 47.18 70.94
CA LEU Q 279 31.94 46.38 70.89
C LEU Q 279 32.16 45.20 69.94
N THR Q 280 32.32 44.02 70.51
CA THR Q 280 32.49 42.80 69.71
C THR Q 280 31.10 42.29 69.34
N ASN Q 281 30.59 42.73 68.20
CA ASN Q 281 29.30 42.27 67.75
C ASN Q 281 29.42 40.88 67.16
N ILE Q 282 28.40 40.06 67.39
CA ILE Q 282 28.39 38.72 66.85
C ILE Q 282 27.92 38.73 65.40
N ASN Q 283 27.03 39.66 65.06
CA ASN Q 283 26.51 39.79 63.71
C ASN Q 283 27.19 40.88 62.92
N GLN Q 284 27.91 41.78 63.60
CA GLN Q 284 28.66 42.87 63.00
C GLN Q 284 27.76 43.94 62.38
N LEU Q 285 28.14 45.20 62.59
CA LEU Q 285 27.38 46.35 62.15
C LEU Q 285 28.35 47.39 61.61
N GLU Q 286 29.37 46.94 60.89
CA GLU Q 286 30.50 47.78 60.57
C GLU Q 286 30.86 47.63 59.10
N MET Q 287 31.71 48.55 58.61
CA MET Q 287 32.13 48.57 57.22
C MET Q 287 33.56 48.15 56.99
N GLY Q 288 34.43 48.23 58.01
CA GLY Q 288 35.82 47.85 57.86
C GLY Q 288 36.54 48.58 56.74
N LEU Q 289 37.21 47.84 55.88
CA LEU Q 289 37.79 48.37 54.65
C LEU Q 289 37.23 47.61 53.45
N LEU Q 290 36.92 48.36 52.40
CA LEU Q 290 36.26 47.78 51.24
C LEU Q 290 37.30 47.43 50.19
N ILE Q 291 37.21 46.22 49.67
CA ILE Q 291 38.17 45.69 48.69
C ILE Q 291 37.46 45.42 47.39
N ASP Q 292 37.99 45.97 46.30
CA ASP Q 292 37.43 45.81 44.97
C ASP Q 292 38.54 45.51 43.99
N SER Q 293 38.18 45.47 42.70
CA SER Q 293 39.15 45.38 41.63
C SER Q 293 38.55 45.96 40.37
N ASP Q 294 39.40 46.27 39.40
CA ASP Q 294 38.97 46.84 38.13
C ASP Q 294 39.97 46.49 37.04
N VAL Q 295 39.58 46.76 35.80
CA VAL Q 295 40.38 46.43 34.64
C VAL Q 295 40.96 47.71 34.05
N GLN Q 296 42.27 47.77 33.94
CA GLN Q 296 42.93 48.73 33.07
C GLN Q 296 43.62 47.97 31.96
N LYS Q 297 43.44 48.43 30.73
CA LYS Q 297 43.99 47.75 29.56
C LYS Q 297 44.70 48.75 28.67
N GLN Q 298 45.74 48.27 27.99
CA GLN Q 298 46.55 49.12 27.13
C GLN Q 298 46.57 48.55 25.73
N GLY Q 299 46.48 49.43 24.73
CA GLY Q 299 46.48 49.04 23.35
C GLY Q 299 47.88 49.14 22.75
N PHE Q 300 48.37 48.03 22.23
CA PHE Q 300 49.66 47.96 21.56
C PHE Q 300 49.45 47.38 20.18
N MET Q 301 49.83 48.11 19.15
CA MET Q 301 49.56 47.71 17.78
C MET Q 301 50.77 47.99 16.88
N ILE Q 302 50.88 47.21 15.80
CA ILE Q 302 52.14 47.06 15.06
C ILE Q 302 52.11 47.80 13.73
N PRO Q 303 53.11 48.63 13.47
CA PRO Q 303 53.18 49.33 12.18
C PRO Q 303 53.99 48.58 11.13
N THR Q 304 54.16 49.19 9.96
CA THR Q 304 54.99 48.61 8.90
C THR Q 304 56.30 49.40 8.74
N LEU Q 305 57.26 48.81 8.01
CA LEU Q 305 58.58 49.40 7.81
C LEU Q 305 58.90 49.47 6.32
N PRO Q 306 59.81 50.38 5.94
CA PRO Q 306 60.23 50.46 4.53
C PRO Q 306 60.80 49.16 4.06
N PRO Q 307 60.62 48.81 2.75
CA PRO Q 307 61.09 47.54 2.20
C PRO Q 307 62.59 47.48 1.81
N LEU Q 308 63.19 46.32 2.04
CA LEU Q 308 64.50 46.04 1.50
C LEU Q 308 64.38 45.18 0.26
N VAL Q 309 65.08 45.56 -0.80
CA VAL Q 309 64.79 45.06 -2.13
C VAL Q 309 66.05 44.51 -2.74
N ILE Q 310 65.96 43.33 -3.32
CA ILE Q 310 67.02 42.75 -4.15
C ILE Q 310 66.57 42.84 -5.60
N VAL Q 311 67.52 43.04 -6.53
CA VAL Q 311 67.21 43.06 -7.96
C VAL Q 311 68.21 42.18 -8.68
N LYS Q 312 67.77 41.56 -9.76
CA LYS Q 312 68.64 40.75 -10.60
C LYS Q 312 67.95 40.49 -11.93
N PRO Q 313 68.71 40.13 -12.97
CA PRO Q 313 68.09 39.75 -14.25
C PRO Q 313 67.17 38.54 -14.11
N ALA Q 314 66.14 38.48 -14.95
CA ALA Q 314 65.06 37.50 -14.78
C ALA Q 314 65.43 36.18 -15.46
N MET Q 315 66.71 36.06 -15.79
CA MET Q 315 67.21 34.79 -16.30
C MET Q 315 68.59 34.47 -15.73
N VAL Q 316 69.06 35.28 -14.78
CA VAL Q 316 70.41 35.14 -14.23
C VAL Q 316 70.29 34.79 -12.75
N GLU Q 317 70.89 33.66 -12.37
CA GLU Q 317 70.96 33.22 -10.98
C GLU Q 317 72.41 32.90 -10.64
N ASP Q 318 72.96 33.61 -9.66
CA ASP Q 318 74.38 33.53 -9.33
C ASP Q 318 74.56 33.47 -7.82
N ASP Q 319 75.71 32.94 -7.40
CA ASP Q 319 76.12 32.96 -6.01
C ASP Q 319 77.46 33.64 -5.80
N LYS Q 320 78.38 33.56 -6.76
CA LYS Q 320 79.70 34.15 -6.63
C LYS Q 320 79.65 35.68 -6.64
N THR Q 321 78.71 36.25 -7.39
CA THR Q 321 78.64 37.70 -7.54
C THR Q 321 77.23 38.22 -7.24
N TYR Q 322 76.26 37.32 -7.13
CA TYR Q 322 74.90 37.73 -6.79
C TYR Q 322 74.65 37.46 -5.32
N PRO Q 323 74.29 38.46 -4.54
CA PRO Q 323 73.99 38.22 -3.12
C PRO Q 323 72.89 37.17 -2.93
N ARG Q 324 73.15 36.20 -2.07
CA ARG Q 324 72.14 35.19 -1.78
C ARG Q 324 71.20 35.80 -0.73
N LEU Q 325 70.12 35.08 -0.37
CA LEU Q 325 69.22 35.59 0.64
C LEU Q 325 69.93 35.87 1.96
N GLU Q 326 71.08 35.25 2.18
CA GLU Q 326 71.78 35.40 3.45
C GLU Q 326 72.19 36.84 3.69
N ALA Q 327 72.67 37.54 2.66
CA ALA Q 327 73.08 38.93 2.83
C ALA Q 327 71.89 39.80 3.19
N LEU Q 328 70.77 39.59 2.49
CA LEU Q 328 69.55 40.36 2.77
C LEU Q 328 69.08 40.12 4.19
N THR Q 329 69.05 38.87 4.62
CA THR Q 329 68.60 38.55 5.97
C THR Q 329 69.56 39.11 7.01
N THR Q 330 70.86 39.12 6.72
CA THR Q 330 71.82 39.69 7.65
C THR Q 330 71.62 41.19 7.79
N ALA Q 331 71.40 41.89 6.68
CA ALA Q 331 71.10 43.32 6.77
C ALA Q 331 69.82 43.55 7.56
N TYR Q 332 68.80 42.72 7.31
CA TYR Q 332 67.58 42.79 8.10
C TYR Q 332 67.86 42.62 9.58
N ARG Q 333 68.65 41.62 9.94
CA ARG Q 333 68.95 41.36 11.34
C ARG Q 333 69.67 42.54 11.98
N ILE Q 334 70.62 43.13 11.26
CA ILE Q 334 71.33 44.28 11.81
C ILE Q 334 70.37 45.43 12.07
N GLN Q 335 69.68 45.87 11.01
CA GLN Q 335 68.78 47.01 11.13
C GLN Q 335 67.72 46.77 12.20
N GLN Q 336 67.21 45.54 12.25
CA GLN Q 336 66.27 45.15 13.29
C GLN Q 336 66.88 45.29 14.68
N MET Q 337 67.93 44.53 14.95
CA MET Q 337 68.26 44.16 16.31
C MET Q 337 69.35 45.00 16.94
N ARG Q 338 69.98 45.93 16.20
CA ARG Q 338 70.96 46.79 16.86
C ARG Q 338 70.56 48.26 16.84
N ASN Q 339 70.37 48.85 15.67
CA ASN Q 339 70.21 50.30 15.61
C ASN Q 339 68.89 50.74 16.21
N ASN Q 340 67.80 50.10 15.79
CA ASN Q 340 66.50 50.48 16.33
C ASN Q 340 66.44 50.25 17.83
N ALA Q 341 66.99 49.14 18.31
CA ALA Q 341 66.98 48.86 19.74
C ALA Q 341 67.75 49.90 20.53
N VAL Q 342 68.94 50.28 20.06
CA VAL Q 342 69.73 51.25 20.83
C VAL Q 342 69.05 52.62 20.80
N THR Q 343 68.44 52.98 19.68
CA THR Q 343 67.68 54.22 19.63
C THR Q 343 66.53 54.19 20.62
N THR Q 344 65.85 53.04 20.70
CA THR Q 344 64.75 52.92 21.67
C THR Q 344 65.25 53.07 23.10
N LEU Q 345 66.37 52.46 23.43
CA LEU Q 345 66.92 52.60 24.77
C LEU Q 345 67.25 54.05 25.08
N LEU Q 346 67.89 54.74 24.15
CA LEU Q 346 68.29 56.12 24.42
C LEU Q 346 67.09 57.04 24.54
N ASN Q 347 66.08 56.84 23.70
CA ASN Q 347 64.86 57.64 23.82
C ASN Q 347 64.14 57.34 25.12
N ARG Q 348 64.15 56.08 25.54
CA ARG Q 348 63.57 55.73 26.84
C ARG Q 348 64.30 56.45 27.96
N ALA Q 349 65.62 56.49 27.88
CA ALA Q 349 66.41 57.18 28.90
C ALA Q 349 66.07 58.66 28.95
N ASP Q 350 65.99 59.31 27.78
CA ASP Q 350 65.70 60.73 27.76
C ASP Q 350 64.30 61.03 28.28
N THR Q 351 63.33 60.20 27.88
CA THR Q 351 61.96 60.42 28.36
C THR Q 351 61.87 60.23 29.87
N LEU Q 352 62.55 59.22 30.40
CA LEU Q 352 62.56 59.04 31.85
C LEU Q 352 63.19 60.25 32.54
N LYS Q 353 64.33 60.72 32.03
CA LYS Q 353 64.96 61.91 32.59
C LYS Q 353 63.97 63.07 32.64
N SER Q 354 63.37 63.37 31.50
CA SER Q 354 62.51 64.55 31.42
C SER Q 354 61.28 64.43 32.30
N TYR Q 355 60.57 63.31 32.21
CA TYR Q 355 59.29 63.18 32.89
C TYR Q 355 59.46 63.00 34.39
N LEU Q 356 60.38 62.14 34.82
CA LEU Q 356 60.36 61.63 36.18
C LEU Q 356 61.26 62.38 37.13
N GLY Q 357 62.14 63.25 36.64
CA GLY Q 357 63.14 63.82 37.52
C GLY Q 357 64.25 62.83 37.81
N VAL Q 358 64.96 63.04 38.92
CA VAL Q 358 66.07 62.18 39.30
C VAL Q 358 65.90 61.80 40.77
N GLY Q 359 65.84 60.50 41.04
CA GLY Q 359 65.89 60.03 42.42
C GLY Q 359 64.66 60.30 43.25
N VAL Q 360 63.52 60.53 42.62
CA VAL Q 360 62.30 60.83 43.36
C VAL Q 360 61.29 59.71 43.16
N PRO Q 361 61.08 58.85 44.16
CA PRO Q 361 60.11 57.75 44.00
C PRO Q 361 58.68 58.26 44.10
N HIS Q 362 58.00 58.33 42.97
CA HIS Q 362 56.62 58.77 42.94
C HIS Q 362 55.67 57.65 43.38
N PRO Q 363 54.50 57.99 43.89
CA PRO Q 363 53.58 56.96 44.40
C PRO Q 363 53.16 55.95 43.35
N ILE Q 364 52.52 54.87 43.78
CA ILE Q 364 52.13 53.79 42.90
C ILE Q 364 50.86 54.17 42.14
N GLU Q 365 50.82 53.82 40.85
CA GLU Q 365 49.80 54.24 39.89
C GLU Q 365 49.67 55.76 39.77
N SER Q 366 50.59 56.50 40.38
CA SER Q 366 50.48 57.95 40.43
C SER Q 366 50.74 58.61 39.09
N ASN Q 367 51.34 57.88 38.14
CA ASN Q 367 51.72 58.44 36.85
C ASN Q 367 50.88 57.80 35.75
N LEU Q 368 49.92 58.57 35.22
CA LEU Q 368 49.23 58.19 34.01
C LEU Q 368 50.04 58.47 32.75
N GLY Q 369 51.00 59.39 32.82
CA GLY Q 369 51.88 59.64 31.71
C GLY Q 369 52.91 58.54 31.55
N LEU Q 370 53.60 58.57 30.41
CA LEU Q 370 54.67 57.64 30.07
C LEU Q 370 54.13 56.24 29.79
N GLU Q 371 54.74 55.54 28.84
CA GLU Q 371 54.35 54.17 28.56
C GLU Q 371 54.81 53.26 29.68
N GLY Q 372 54.02 52.24 29.96
CA GLY Q 372 54.40 51.22 30.92
C GLY Q 372 53.18 50.66 31.62
N VAL Q 373 53.12 49.33 31.68
CA VAL Q 373 52.08 48.62 32.41
C VAL Q 373 52.58 48.11 33.74
N GLY Q 374 53.87 47.80 33.85
CA GLY Q 374 54.47 47.37 35.09
C GLY Q 374 54.46 48.41 36.18
N GLN Q 375 54.20 49.67 35.86
CA GLN Q 375 54.06 50.70 36.87
C GLN Q 375 52.71 50.66 37.57
N TYR Q 376 51.93 49.61 37.34
CA TYR Q 376 50.78 49.28 38.17
C TYR Q 376 51.12 48.26 39.24
N TYR Q 377 52.40 47.92 39.36
CA TYR Q 377 52.87 46.93 40.33
C TYR Q 377 54.00 47.46 41.20
N VAL Q 378 54.89 48.27 40.63
CA VAL Q 378 56.05 48.79 41.35
C VAL Q 378 56.11 50.29 41.18
N ARG Q 379 56.69 50.95 42.18
CA ARG Q 379 56.85 52.40 42.10
C ARG Q 379 57.80 52.76 40.97
N PRO Q 380 57.62 53.90 40.33
CA PRO Q 380 58.60 54.35 39.34
C PRO Q 380 59.78 55.01 40.02
N TYR Q 381 60.98 54.74 39.49
CA TYR Q 381 62.20 55.29 40.08
C TYR Q 381 63.25 55.43 38.98
N TYR Q 382 63.98 56.53 39.01
CA TYR Q 382 65.05 56.78 38.05
C TYR Q 382 66.08 57.72 38.64
N ASN Q 383 67.34 57.27 38.66
CA ASN Q 383 68.46 58.07 39.12
C ASN Q 383 69.69 57.74 38.30
N GLU Q 384 70.67 58.64 38.33
CA GLU Q 384 71.85 58.55 37.49
C GLU Q 384 73.05 59.13 38.23
N ALA Q 385 74.19 58.47 38.07
CA ALA Q 385 75.44 58.91 38.65
C ALA Q 385 76.56 58.80 37.62
N THR Q 386 77.51 59.72 37.69
CA THR Q 386 78.65 59.74 36.79
C THR Q 386 79.92 59.57 37.60
N ILE Q 387 80.94 58.98 36.98
CA ILE Q 387 82.23 58.78 37.64
C ILE Q 387 83.28 59.50 36.82
N ASP Q 388 83.88 60.54 37.40
CA ASP Q 388 85.01 61.24 36.81
C ASP Q 388 86.25 60.58 37.38
N VAL Q 389 86.74 59.57 36.65
CA VAL Q 389 87.68 58.61 37.23
C VAL Q 389 88.97 59.29 37.67
N LEU Q 390 89.49 60.20 36.86
CA LEU Q 390 90.87 60.69 36.99
C LEU Q 390 91.22 61.12 38.42
N ASN Q 391 90.55 62.15 38.92
CA ASN Q 391 90.90 62.67 40.23
C ASN Q 391 90.18 61.92 41.35
N ASP Q 392 89.22 61.07 41.00
CA ASP Q 392 88.42 60.35 41.99
C ASP Q 392 88.77 58.87 41.98
N LEU Q 393 89.83 58.52 42.69
CA LEU Q 393 90.29 57.12 42.76
C LEU Q 393 91.41 56.99 43.79
N ASN Q 394 91.65 55.77 44.28
CA ASN Q 394 92.75 55.50 45.20
C ASN Q 394 93.74 54.53 44.59
N ASN Q 395 95.02 54.91 44.62
CA ASN Q 395 96.11 54.00 44.28
C ASN Q 395 97.28 54.30 45.21
N LEU Q 396 98.10 53.30 45.46
CA LEU Q 396 99.34 53.52 46.20
C LEU Q 396 100.50 52.96 45.40
N THR Q 397 100.20 52.00 44.53
CA THR Q 397 101.23 51.37 43.71
C THR Q 397 100.73 51.32 42.29
N SER Q 398 101.65 51.56 41.35
CA SER Q 398 101.30 51.37 39.95
C SER Q 398 101.00 49.91 39.63
N ALA Q 399 101.36 48.99 40.53
CA ALA Q 399 101.10 47.58 40.31
C ALA Q 399 99.65 47.19 40.56
N ALA Q 400 98.84 48.10 41.08
CA ALA Q 400 97.44 47.81 41.37
C ALA Q 400 96.50 48.87 40.83
N LYS Q 401 96.88 49.55 39.75
CA LYS Q 401 96.00 50.57 39.17
C LYS Q 401 94.70 49.97 38.68
N GLN Q 402 94.80 48.92 37.88
CA GLN Q 402 93.62 48.35 37.23
C GLN Q 402 92.65 47.75 38.25
N THR Q 403 93.20 47.10 39.29
CA THR Q 403 92.33 46.53 40.31
C THR Q 403 91.56 47.61 41.05
N ASP Q 404 92.22 48.71 41.39
CA ASP Q 404 91.53 49.82 42.04
C ASP Q 404 90.43 50.38 41.15
N ILE Q 405 90.75 50.57 39.85
CA ILE Q 405 89.75 51.08 38.93
C ILE Q 405 88.55 50.15 38.86
N GLN Q 406 88.81 48.84 38.78
CA GLN Q 406 87.73 47.86 38.71
C GLN Q 406 86.87 47.90 39.95
N GLY Q 407 87.50 47.99 41.12
CA GLY Q 407 86.75 48.07 42.36
C GLY Q 407 85.88 49.31 42.43
N LEU Q 408 86.39 50.44 41.95
CA LEU Q 408 85.62 51.67 42.03
C LEU Q 408 84.33 51.57 41.24
N ILE Q 409 84.39 51.02 40.02
CA ILE Q 409 83.18 50.93 39.21
C ILE Q 409 82.23 49.88 39.78
N VAL Q 410 82.76 48.76 40.27
CA VAL Q 410 81.89 47.73 40.82
C VAL Q 410 81.17 48.26 42.05
N SER Q 411 81.84 49.10 42.85
CA SER Q 411 81.19 49.66 44.03
C SER Q 411 79.94 50.44 43.67
N LYS Q 412 80.05 51.32 42.67
CA LYS Q 412 78.90 52.10 42.25
C LYS Q 412 77.81 51.20 41.68
N ILE Q 413 78.20 50.18 40.90
CA ILE Q 413 77.20 49.26 40.38
C ILE Q 413 76.45 48.57 41.53
N ASN Q 414 77.16 48.19 42.58
CA ASN Q 414 76.49 47.65 43.75
C ASN Q 414 75.51 48.65 44.32
N GLU Q 415 75.97 49.88 44.54
CA GLU Q 415 75.15 50.85 45.26
C GLU Q 415 73.86 51.16 44.50
N MET Q 416 73.93 51.25 43.18
CA MET Q 416 72.75 51.66 42.42
C MET Q 416 71.59 50.68 42.57
N VAL Q 417 71.81 49.40 42.32
CA VAL Q 417 70.72 48.44 42.42
C VAL Q 417 70.22 48.35 43.86
N TYR Q 418 71.13 48.48 44.82
CA TYR Q 418 70.72 48.39 46.23
C TYR Q 418 69.80 49.55 46.58
N THR Q 419 70.15 50.75 46.17
CA THR Q 419 69.30 51.91 46.45
C THR Q 419 67.96 51.78 45.73
N ALA Q 420 67.99 51.28 44.49
CA ALA Q 420 66.74 51.11 43.75
C ALA Q 420 65.82 50.10 44.44
N ASP Q 421 66.40 49.01 44.95
CA ASP Q 421 65.56 47.95 45.54
C ASP Q 421 64.92 48.40 46.84
N GLN Q 422 65.63 49.22 47.62
CA GLN Q 422 65.03 49.75 48.84
C GLN Q 422 63.82 50.63 48.53
N LEU Q 423 63.89 51.40 47.44
CA LEU Q 423 62.88 52.41 47.20
C LEU Q 423 61.70 51.90 46.36
N THR Q 424 61.93 50.90 45.51
CA THR Q 424 60.86 50.45 44.63
C THR Q 424 60.00 49.35 45.24
N GLY Q 425 60.55 48.55 46.15
CA GLY Q 425 59.84 47.37 46.60
C GLY Q 425 59.80 46.28 45.55
N TYR Q 426 60.77 46.27 44.64
CA TYR Q 426 60.71 45.40 43.47
C TYR Q 426 60.72 43.93 43.87
N THR Q 427 61.55 43.55 44.85
CA THR Q 427 61.56 42.17 45.31
C THR Q 427 60.23 41.78 45.94
N ALA Q 428 59.59 42.70 46.64
CA ALA Q 428 58.27 42.41 47.18
C ALA Q 428 57.29 42.09 46.06
N ALA Q 429 57.35 42.85 44.97
CA ALA Q 429 56.50 42.56 43.83
C ALA Q 429 56.84 41.20 43.22
N LEU Q 430 58.13 40.86 43.14
CA LEU Q 430 58.50 39.55 42.62
C LEU Q 430 57.95 38.44 43.50
N GLU Q 431 58.01 38.61 44.81
CA GLU Q 431 57.45 37.62 45.72
C GLU Q 431 55.94 37.48 45.56
N ALA Q 432 55.25 38.61 45.39
CA ALA Q 432 53.80 38.56 45.27
C ALA Q 432 53.33 37.99 43.95
N ALA Q 433 54.03 38.30 42.86
CA ALA Q 433 53.62 37.85 41.53
C ALA Q 433 53.92 36.39 41.29
N PHE Q 434 54.94 35.83 41.95
CA PHE Q 434 55.34 34.45 41.76
C PHE Q 434 55.47 33.79 43.13
N SER Q 435 54.52 32.91 43.44
CA SER Q 435 54.60 32.13 44.67
C SER Q 435 55.46 30.89 44.47
N GLY Q 436 55.69 30.16 45.55
CA GLY Q 436 56.45 28.95 45.52
C GLY Q 436 57.95 29.12 45.56
N ARG Q 437 58.44 30.36 45.56
CA ARG Q 437 59.87 30.64 45.65
C ARG Q 437 60.04 32.09 46.04
N SER Q 438 61.24 32.41 46.51
CA SER Q 438 61.60 33.79 46.80
C SER Q 438 62.63 34.24 45.77
N PRO Q 439 62.22 34.60 44.57
CA PRO Q 439 63.20 34.94 43.53
C PRO Q 439 64.03 36.15 43.93
N LYS Q 440 65.31 36.07 43.62
CA LYS Q 440 66.18 37.21 43.76
C LYS Q 440 66.49 37.76 42.38
N PRO Q 441 66.28 39.05 42.17
CA PRO Q 441 66.26 39.60 40.81
C PRO Q 441 67.54 39.34 40.04
N HIS Q 442 67.42 39.04 38.75
CA HIS Q 442 68.57 38.87 37.88
C HIS Q 442 68.90 40.23 37.27
N VAL Q 443 70.08 40.75 37.61
CA VAL Q 443 70.50 42.09 37.20
C VAL Q 443 71.08 41.99 35.80
N ALA Q 444 70.53 42.77 34.88
CA ALA Q 444 71.01 42.80 33.51
C ALA Q 444 71.92 44.01 33.33
N ILE Q 445 73.08 43.79 32.73
CA ILE Q 445 74.08 44.83 32.53
C ILE Q 445 74.39 44.92 31.04
N GLY Q 446 74.42 46.14 30.51
CA GLY Q 446 74.76 46.37 29.13
C GLY Q 446 75.80 47.46 29.01
N THR Q 447 76.68 47.32 28.01
CA THR Q 447 77.75 48.28 27.80
C THR Q 447 78.31 48.09 26.41
N ASP Q 448 79.38 48.84 26.12
CA ASP Q 448 80.01 48.81 24.81
C ASP Q 448 81.08 47.71 24.77
N MET Q 449 81.89 47.73 23.70
CA MET Q 449 82.88 46.71 23.42
C MET Q 449 84.16 46.93 24.22
N ARG Q 450 84.15 47.88 25.13
CA ARG Q 450 85.34 48.39 25.80
C ARG Q 450 85.45 48.02 27.26
N LEU Q 451 84.45 48.38 28.07
CA LEU Q 451 84.51 48.22 29.52
C LEU Q 451 84.65 46.78 30.02
N PRO Q 452 83.84 45.80 29.55
CA PRO Q 452 83.61 44.58 30.34
C PRO Q 452 84.88 43.89 30.84
N GLN Q 453 86.02 44.16 30.21
CA GLN Q 453 87.28 43.73 30.78
C GLN Q 453 87.61 44.45 32.07
N TYR Q 454 86.88 45.51 32.40
CA TYR Q 454 87.00 46.17 33.69
C TYR Q 454 85.88 45.75 34.64
N ILE Q 455 85.17 44.68 34.33
CA ILE Q 455 84.13 44.16 35.22
C ILE Q 455 84.47 42.71 35.53
N GLN Q 456 85.58 42.21 34.97
CA GLN Q 456 86.02 40.83 35.20
C GLN Q 456 86.92 40.87 36.44
N ILE Q 457 86.53 40.11 37.46
CA ILE Q 457 87.22 40.12 38.75
C ILE Q 457 88.37 39.12 38.77
N ASN Q 458 89.49 39.51 39.39
CA ASN Q 458 90.54 38.57 39.75
C ASN Q 458 91.07 38.89 41.15
N GLY Q 459 90.60 39.98 41.73
CA GLY Q 459 90.97 40.34 43.08
C GLY Q 459 89.78 40.61 43.95
N ASP Q 460 88.63 40.91 43.34
CA ASP Q 460 87.39 41.15 44.04
C ASP Q 460 86.46 39.95 43.88
N ASP Q 461 85.48 39.86 44.76
CA ASP Q 461 84.39 38.90 44.61
C ASP Q 461 83.09 39.56 44.15
N ARG Q 462 82.95 40.86 44.36
CA ARG Q 462 81.72 41.55 43.96
C ARG Q 462 81.76 41.82 42.46
N THR Q 463 80.68 41.46 41.77
CA THR Q 463 80.53 41.83 40.38
C THR Q 463 79.36 42.79 40.23
N VAL Q 464 78.20 42.35 40.69
CA VAL Q 464 77.02 43.22 40.77
C VAL Q 464 76.43 43.27 42.17
N GLY Q 465 76.93 42.45 43.09
CA GLY Q 465 76.48 42.47 44.46
C GLY Q 465 76.39 41.07 45.03
N ILE Q 466 76.38 41.02 46.36
CA ILE Q 466 76.27 39.75 47.07
C ILE Q 466 74.88 39.18 46.84
N GLY Q 467 74.81 38.05 46.16
CA GLY Q 467 73.54 37.42 45.90
C GLY Q 467 72.73 38.01 44.77
N TYR Q 468 73.36 38.75 43.86
CA TYR Q 468 72.71 39.23 42.66
C TYR Q 468 73.33 38.59 41.43
N ASP Q 469 72.48 38.15 40.52
CA ASP Q 469 72.90 37.52 39.28
C ASP Q 469 73.12 38.57 38.21
N TYR Q 470 74.05 38.31 37.30
CA TYR Q 470 74.39 39.27 36.26
C TYR Q 470 74.66 38.55 34.96
N THR Q 471 74.40 39.25 33.86
CA THR Q 471 74.68 38.76 32.52
C THR Q 471 75.17 39.94 31.68
N ILE Q 472 76.30 39.77 31.01
CA ILE Q 472 77.02 40.85 30.36
C ILE Q 472 76.65 40.89 28.88
N ALA Q 473 76.57 42.09 28.32
CA ALA Q 473 76.34 42.31 26.90
C ALA Q 473 77.37 43.28 26.36
N ARG Q 474 77.87 43.03 25.16
CA ARG Q 474 78.89 43.87 24.55
C ARG Q 474 78.46 44.26 23.15
N ILE Q 475 78.51 45.56 22.86
CA ILE Q 475 77.97 46.12 21.63
C ILE Q 475 78.98 47.09 21.03
N SER Q 476 79.07 47.07 19.71
CA SER Q 476 80.07 47.87 19.00
C SER Q 476 79.59 49.27 18.64
N ASP Q 477 78.33 49.61 18.90
CA ASP Q 477 77.79 50.88 18.45
C ASP Q 477 78.47 52.05 19.15
N LEU Q 478 78.56 53.17 18.43
CA LEU Q 478 79.19 54.38 18.95
C LEU Q 478 78.20 55.33 19.60
N ARG Q 479 77.10 54.79 20.11
CA ARG Q 479 76.17 55.55 20.95
C ARG Q 479 76.12 54.96 22.35
N MET Q 480 76.71 53.78 22.54
CA MET Q 480 76.80 53.15 23.85
C MET Q 480 78.21 53.28 24.44
N LYS Q 481 79.06 54.13 23.85
CA LYS Q 481 80.47 54.18 24.21
C LYS Q 481 80.63 54.76 25.61
N ASP Q 482 81.36 54.04 26.47
CA ASP Q 482 81.75 54.52 27.79
C ASP Q 482 80.56 54.85 28.68
N LYS Q 483 79.36 54.45 28.30
CA LYS Q 483 78.19 54.61 29.16
C LYS Q 483 77.56 53.25 29.41
N ILE Q 484 76.97 53.10 30.58
CA ILE Q 484 76.39 51.83 31.01
C ILE Q 484 74.90 52.03 31.22
N VAL Q 485 74.09 51.22 30.55
CA VAL Q 485 72.65 51.17 30.75
C VAL Q 485 72.29 49.79 31.24
N MET Q 486 71.55 49.72 32.35
CA MET Q 486 71.32 48.45 33.02
C MET Q 486 70.07 48.53 33.89
N THR Q 487 69.36 47.41 33.99
CA THR Q 487 68.04 47.39 34.61
C THR Q 487 67.69 45.97 35.03
N PHE Q 488 66.43 45.78 35.43
CA PHE Q 488 65.92 44.52 35.95
C PHE Q 488 65.11 43.80 34.89
N ILE Q 489 65.35 42.49 34.77
CA ILE Q 489 64.65 41.63 33.81
C ILE Q 489 64.33 40.30 34.46
N LEU Q 490 63.47 39.53 33.79
CA LEU Q 490 63.16 38.17 34.21
C LEU Q 490 63.43 37.21 33.06
N PRO Q 491 64.61 36.62 32.98
CA PRO Q 491 64.93 35.75 31.84
C PRO Q 491 64.54 34.29 32.04
N ASN Q 492 63.28 34.02 32.43
CA ASN Q 492 62.84 32.64 32.58
C ASN Q 492 61.42 32.45 32.09
N GLU Q 493 60.97 33.30 31.17
CA GLU Q 493 59.61 33.22 30.64
C GLU Q 493 59.64 33.32 29.13
N SER Q 494 58.47 33.10 28.53
CA SER Q 494 58.35 33.18 27.07
C SER Q 494 57.11 33.95 26.61
N GLU Q 495 56.35 34.57 27.49
CA GLU Q 495 55.16 35.32 27.16
C GLU Q 495 55.20 36.71 27.77
N PRO Q 496 54.56 37.70 27.14
CA PRO Q 496 54.65 39.08 27.65
C PRO Q 496 54.13 39.20 29.07
N HIS Q 497 54.87 39.88 29.93
CA HIS Q 497 54.52 39.86 31.34
C HIS Q 497 54.76 41.25 31.92
N PRO Q 498 53.90 41.72 32.83
CA PRO Q 498 54.04 43.09 33.35
C PRO Q 498 55.31 43.35 34.15
N LEU Q 499 56.24 42.39 34.26
CA LEU Q 499 57.47 42.62 34.99
C LEU Q 499 58.72 42.45 34.14
N GLN Q 500 58.60 42.08 32.87
CA GLN Q 500 59.76 42.11 31.99
C GLN Q 500 60.06 43.54 31.58
N HIS Q 501 61.36 43.85 31.47
CA HIS Q 501 61.74 45.22 31.14
C HIS Q 501 61.25 45.62 29.76
N GLY Q 502 61.31 44.70 28.81
CA GLY Q 502 60.90 45.04 27.46
C GLY Q 502 60.47 43.81 26.69
N VAL Q 503 59.57 44.03 25.75
CA VAL Q 503 59.05 42.98 24.89
C VAL Q 503 59.15 43.44 23.44
N LEU Q 504 59.59 42.53 22.58
CA LEU Q 504 59.80 42.83 21.17
C LEU Q 504 58.56 42.39 20.39
N GLY Q 505 57.65 43.32 20.16
CA GLY Q 505 56.49 43.03 19.32
C GLY Q 505 56.95 42.78 17.90
N PHE Q 506 56.90 41.53 17.45
CA PHE Q 506 57.52 41.14 16.20
C PHE Q 506 56.58 40.21 15.44
N ILE Q 507 56.47 40.42 14.14
CA ILE Q 507 55.61 39.62 13.28
C ILE Q 507 56.46 39.05 12.15
N PRO Q 508 56.47 37.75 11.94
CA PRO Q 508 57.40 37.15 10.96
C PRO Q 508 56.94 37.31 9.52
N GLU Q 509 57.20 38.49 8.96
CA GLU Q 509 56.82 38.73 7.58
C GLU Q 509 57.63 37.83 6.66
N TYR Q 510 56.94 37.05 5.85
CA TYR Q 510 57.61 36.18 4.89
C TYR Q 510 58.01 37.00 3.67
N LEU Q 511 59.23 36.76 3.21
CA LEU Q 511 59.75 37.43 2.03
C LEU Q 511 59.08 36.84 0.80
N VAL Q 512 58.54 37.70 -0.05
CA VAL Q 512 57.82 37.28 -1.24
C VAL Q 512 58.72 37.50 -2.45
N ASP Q 513 58.91 36.45 -3.24
CA ASP Q 513 59.73 36.49 -4.43
C ASP Q 513 58.80 36.43 -5.63
N PHE Q 514 58.28 37.60 -6.03
CA PHE Q 514 57.26 37.64 -7.06
C PHE Q 514 57.71 38.61 -8.13
N ASN Q 515 57.56 38.19 -9.37
CA ASN Q 515 58.01 38.99 -10.51
C ASN Q 515 57.24 40.30 -10.57
N MET Q 516 57.96 41.40 -10.77
CA MET Q 516 57.36 42.72 -10.91
C MET Q 516 57.91 43.39 -12.15
N ILE Q 517 57.09 44.25 -12.76
CA ILE Q 517 57.47 45.00 -13.95
C ILE Q 517 57.40 46.48 -13.56
N ARG Q 518 58.54 47.16 -13.58
CA ARG Q 518 58.56 48.61 -13.39
C ARG Q 518 59.35 49.24 -14.53
N ASN Q 519 58.76 50.25 -15.16
CA ASN Q 519 59.28 50.88 -16.36
C ASN Q 519 59.46 49.90 -17.50
N GLN Q 520 58.49 49.00 -17.70
CA GLN Q 520 58.50 47.95 -18.72
C GLN Q 520 59.85 47.25 -18.83
N ARG Q 521 60.43 46.91 -17.68
CA ARG Q 521 61.57 46.02 -17.53
C ARG Q 521 61.17 44.80 -16.71
N ILE Q 522 61.70 43.65 -17.09
CA ILE Q 522 61.43 42.41 -16.35
C ILE Q 522 62.60 42.16 -15.41
N GLY Q 523 62.29 41.64 -14.23
CA GLY Q 523 63.31 41.27 -13.28
C GLY Q 523 62.70 40.61 -12.07
N ARG Q 524 63.52 39.86 -11.35
CA ARG Q 524 63.06 39.25 -10.11
C ARG Q 524 63.45 40.16 -8.94
N GLU Q 525 62.46 40.51 -8.14
CA GLU Q 525 62.69 41.32 -6.95
C GLU Q 525 62.36 40.51 -5.71
N ILE Q 526 63.33 40.42 -4.81
CA ILE Q 526 63.16 39.77 -3.52
C ILE Q 526 62.84 40.84 -2.50
N ARG Q 527 61.60 40.87 -2.02
CA ARG Q 527 61.13 41.91 -1.12
C ARG Q 527 60.73 41.30 0.20
N LEU Q 528 61.19 41.90 1.30
CA LEU Q 528 60.73 41.59 2.64
C LEU Q 528 60.34 42.91 3.32
N THR Q 529 59.15 42.96 3.88
CA THR Q 529 58.66 44.18 4.51
C THR Q 529 58.65 44.00 6.02
N PRO Q 530 59.54 44.65 6.75
CA PRO Q 530 59.59 44.48 8.21
C PRO Q 530 58.37 45.10 8.89
N ARG Q 531 57.96 44.44 9.98
CA ARG Q 531 56.85 44.89 10.81
C ARG Q 531 57.15 44.50 12.25
N TYR Q 532 57.41 45.49 13.10
CA TYR Q 532 57.84 45.24 14.46
C TYR Q 532 57.97 46.56 15.20
N ARG Q 533 58.04 46.47 16.53
CA ARG Q 533 58.51 47.58 17.33
C ARG Q 533 58.91 47.05 18.70
N TYR Q 534 59.87 47.71 19.35
CA TYR Q 534 60.22 47.40 20.71
C TYR Q 534 59.26 48.12 21.65
N PHE Q 535 58.80 47.41 22.68
CA PHE Q 535 57.89 47.98 23.66
C PHE Q 535 58.48 47.88 25.06
N ASN Q 536 58.32 48.96 25.82
CA ASN Q 536 58.87 49.07 27.16
C ASN Q 536 57.76 48.87 28.19
N PHE Q 537 58.03 48.08 29.22
CA PHE Q 537 57.04 47.77 30.25
C PHE Q 537 57.41 48.27 31.64
N LEU Q 538 58.64 48.70 31.87
CA LEU Q 538 59.01 48.98 33.25
C LEU Q 538 59.73 50.32 33.39
N PRO Q 539 59.28 51.18 34.30
CA PRO Q 539 59.98 52.44 34.52
C PRO Q 539 61.06 52.37 35.58
N ILE Q 540 62.01 51.45 35.43
CA ILE Q 540 63.20 51.38 36.27
C ILE Q 540 64.41 51.19 35.38
N MET Q 541 65.44 51.99 35.61
CA MET Q 541 66.63 51.94 34.78
C MET Q 541 67.76 52.69 35.50
N LEU Q 542 68.99 52.29 35.22
CA LEU Q 542 70.17 52.91 35.81
C LEU Q 542 71.14 53.32 34.71
N VAL Q 543 71.66 54.55 34.82
CA VAL Q 543 72.62 55.06 33.85
C VAL Q 543 73.87 55.51 34.59
N ILE Q 544 75.02 55.14 34.06
CA ILE Q 544 76.32 55.53 34.61
C ILE Q 544 77.16 56.10 33.48
N ASN Q 545 77.71 57.29 33.69
CA ASN Q 545 78.58 57.93 32.71
C ASN Q 545 80.00 57.93 33.24
N VAL Q 546 80.91 57.31 32.48
CA VAL Q 546 82.30 57.15 32.87
C VAL Q 546 83.15 57.92 31.86
N ILE Q 547 83.98 58.82 32.36
CA ILE Q 547 84.79 59.68 31.51
C ILE Q 547 86.22 59.71 32.03
N ASN Q 548 87.15 60.05 31.14
CA ASN Q 548 88.57 60.20 31.48
C ASN Q 548 89.18 58.86 31.92
N LEU Q 549 88.59 57.76 31.47
CA LEU Q 549 89.17 56.45 31.75
C LEU Q 549 90.56 56.33 31.14
N GLU Q 550 90.74 56.83 29.93
CA GLU Q 550 92.04 56.78 29.27
C GLU Q 550 93.08 57.58 30.04
N GLU Q 551 92.70 58.77 30.52
CA GLU Q 551 93.67 59.65 31.16
C GLU Q 551 94.20 59.05 32.45
N ALA Q 552 93.33 58.40 33.23
CA ALA Q 552 93.73 57.94 34.54
C ALA Q 552 94.86 56.92 34.47
N ILE Q 553 94.80 56.00 33.50
CA ILE Q 553 95.85 55.00 33.40
C ILE Q 553 97.18 55.62 33.04
N ALA Q 554 97.21 56.47 32.01
CA ALA Q 554 98.47 57.05 31.54
C ALA Q 554 98.98 58.17 32.42
N GLN Q 555 98.09 58.88 33.12
CA GLN Q 555 98.52 59.98 33.98
C GLN Q 555 98.64 59.51 35.42
N ARG Q 556 99.72 59.92 36.08
CA ARG Q 556 100.00 59.48 37.44
C ARG Q 556 98.92 60.00 38.38
N THR Q 557 98.10 59.11 38.89
CA THR Q 557 97.17 59.43 39.96
C THR Q 557 97.70 58.85 41.26
N ALA Q 558 97.40 59.55 42.35
CA ALA Q 558 97.80 59.08 43.67
C ALA Q 558 96.71 59.40 44.67
N LEU Q 559 97.01 59.27 45.96
CA LEU Q 559 96.00 59.48 46.99
C LEU Q 559 95.39 60.87 46.93
N ASP Q 560 94.06 60.92 46.90
CA ASP Q 560 93.32 62.17 47.00
C ASP Q 560 93.25 62.54 48.47
N VAL Q 561 94.41 62.67 49.10
CA VAL Q 561 94.49 62.74 50.56
C VAL Q 561 93.60 63.85 51.10
N ASN Q 562 92.61 63.46 51.90
CA ASN Q 562 91.83 64.44 52.63
C ASN Q 562 92.63 64.89 53.83
N GLU Q 563 93.55 65.83 53.62
CA GLU Q 563 94.15 66.50 54.77
C GLU Q 563 93.01 67.17 55.53
N THR Q 564 92.99 67.03 56.85
CA THR Q 564 91.80 67.37 57.62
C THR Q 564 92.09 68.39 58.70
N GLN Q 565 92.05 69.67 58.32
CA GLN Q 565 91.75 70.79 59.21
C GLN Q 565 92.25 70.64 60.64
N VAL Q 566 93.52 70.29 60.83
CA VAL Q 566 94.09 70.35 62.17
C VAL Q 566 95.36 71.18 62.10
N THR Q 567 95.18 72.48 62.22
CA THR Q 567 95.99 73.68 62.22
C THR Q 567 95.10 74.86 62.56
N PRO Q 568 95.65 76.03 62.92
CA PRO Q 568 94.78 77.15 63.27
C PRO Q 568 94.00 77.68 62.08
N ALA Q 569 92.71 77.34 62.04
CA ALA Q 569 91.76 77.67 60.96
C ALA Q 569 90.53 76.80 61.07
N SER Q 570 90.20 76.37 62.29
CA SER Q 570 89.06 75.50 62.53
C SER Q 570 88.84 75.31 64.03
N HIS R 1 73.56 23.85 -43.38
CA HIS R 1 73.61 23.74 -44.84
C HIS R 1 75.01 23.44 -45.31
N GLU R 2 75.11 22.81 -46.48
CA GLU R 2 76.40 22.38 -47.00
C GLU R 2 77.33 23.56 -47.25
N PHE R 3 76.78 24.67 -47.74
CA PHE R 3 77.62 25.79 -48.16
C PHE R 3 78.39 26.39 -46.99
N ALA R 4 77.69 26.74 -45.91
CA ALA R 4 78.37 27.32 -44.76
C ALA R 4 79.34 26.34 -44.12
N GLU R 5 78.98 25.06 -44.11
CA GLU R 5 79.87 24.04 -43.58
C GLU R 5 81.15 23.92 -44.39
N LEU R 6 81.06 24.06 -45.71
CA LEU R 6 82.23 23.87 -46.55
C LEU R 6 83.26 24.97 -46.30
N PHE R 7 82.83 26.23 -46.26
CA PHE R 7 83.77 27.33 -46.18
C PHE R 7 84.16 27.68 -44.75
N TYR R 8 83.20 27.74 -43.83
CA TYR R 8 83.46 28.16 -42.46
C TYR R 8 83.18 26.99 -41.53
N ARG R 9 84.23 26.44 -40.94
CA ARG R 9 84.07 25.29 -40.07
C ARG R 9 83.30 25.66 -38.81
N THR R 10 82.24 24.91 -38.53
CA THR R 10 81.39 25.17 -37.38
C THR R 10 82.12 24.75 -36.11
N TYR R 11 82.47 25.72 -35.26
CA TYR R 11 83.19 25.47 -34.02
C TYR R 11 82.25 25.73 -32.86
N ILE R 12 81.98 24.71 -32.07
CA ILE R 12 81.13 24.83 -30.90
C ILE R 12 81.98 25.22 -29.70
N VAL R 13 81.51 26.18 -28.93
CA VAL R 13 82.19 26.64 -27.73
C VAL R 13 81.18 26.73 -26.60
N THR R 14 81.57 26.24 -25.43
CA THR R 14 80.67 26.25 -24.28
C THR R 14 80.33 27.70 -23.91
N PRO R 15 79.12 27.96 -23.44
CA PRO R 15 78.73 29.36 -23.14
C PRO R 15 79.31 29.86 -21.82
N ASP R 16 80.63 29.75 -21.69
CA ASP R 16 81.31 30.22 -20.50
C ASP R 16 82.60 30.95 -20.86
N GLN R 17 82.79 31.25 -22.14
CA GLN R 17 83.95 31.99 -22.60
C GLN R 17 83.49 32.98 -23.66
N ALA R 18 84.22 34.08 -23.77
CA ALA R 18 83.84 35.15 -24.70
C ALA R 18 84.51 35.00 -26.05
N GLY R 19 85.24 33.92 -26.28
CA GLY R 19 85.93 33.73 -27.54
C GLY R 19 86.83 32.51 -27.46
N PHE R 20 87.87 32.51 -28.28
CA PHE R 20 88.86 31.45 -28.21
C PHE R 20 90.25 32.06 -28.26
N GLN R 21 91.21 31.33 -27.70
CA GLN R 21 92.59 31.76 -27.62
C GLN R 21 93.41 31.12 -28.74
N LEU R 22 94.30 31.92 -29.33
CA LEU R 22 95.14 31.47 -30.42
C LEU R 22 96.52 32.11 -30.30
N SER R 23 97.54 31.29 -30.06
CA SER R 23 98.92 31.73 -30.07
C SER R 23 99.70 30.83 -31.02
N ILE R 24 100.53 31.42 -31.87
CA ILE R 24 101.28 30.66 -32.87
C ILE R 24 102.76 31.01 -32.74
N ARG R 25 103.61 30.05 -33.09
CA ARG R 25 105.05 30.20 -33.06
C ARG R 25 105.57 30.53 -34.44
N ARG R 26 106.70 31.23 -34.51
CA ARG R 26 107.41 31.46 -35.77
C ARG R 26 108.90 31.21 -35.56
N ASN R 27 109.55 30.72 -36.60
CA ASN R 27 111.01 30.63 -36.65
C ASN R 27 111.54 31.78 -37.50
N LEU R 28 112.45 32.56 -36.92
CA LEU R 28 112.94 33.78 -37.58
C LEU R 28 114.43 33.67 -37.84
N VAL R 29 114.92 34.60 -38.68
CA VAL R 29 116.34 34.78 -38.93
C VAL R 29 116.63 36.28 -38.88
N TRP R 30 117.76 36.64 -38.31
CA TRP R 30 118.13 38.04 -38.19
C TRP R 30 119.63 38.15 -37.98
N GLU R 31 120.17 39.31 -38.33
CA GLU R 31 121.61 39.54 -38.30
C GLU R 31 122.06 40.17 -37.00
N GLY R 32 121.42 39.82 -35.89
CA GLY R 32 121.76 40.48 -34.65
C GLY R 32 121.24 41.91 -34.68
N TRP R 33 121.78 42.74 -33.79
CA TRP R 33 121.28 44.09 -33.64
C TRP R 33 121.67 44.94 -34.84
N THR R 34 121.00 46.07 -35.02
CA THR R 34 121.19 46.90 -36.20
C THR R 34 121.90 48.20 -35.79
N GLY R 35 122.90 48.56 -36.57
CA GLY R 35 123.61 49.81 -36.39
C GLY R 35 124.91 49.63 -35.61
N GLU R 36 125.74 50.67 -35.64
CA GLU R 36 127.02 50.68 -34.92
C GLU R 36 127.13 51.95 -34.11
N GLY R 37 127.93 51.90 -33.05
CA GLY R 37 128.05 53.01 -32.12
C GLY R 37 126.98 52.88 -31.07
N LEU R 38 125.94 52.11 -31.40
CA LEU R 38 124.85 51.86 -30.48
C LEU R 38 124.50 50.38 -30.36
N SER R 39 124.72 49.59 -31.42
CA SER R 39 124.33 48.18 -31.44
C SER R 39 122.87 48.01 -31.04
N GLY R 40 121.97 48.44 -31.92
CA GLY R 40 120.56 48.23 -31.69
C GLY R 40 119.77 49.51 -31.72
N GLU R 41 120.45 50.62 -31.39
CA GLU R 41 119.87 51.96 -31.41
C GLU R 41 118.57 52.02 -30.64
N LYS R 42 117.66 52.91 -31.05
CA LYS R 42 116.31 52.93 -30.52
C LYS R 42 115.28 52.39 -31.50
N GLN R 43 115.66 52.10 -32.74
CA GLN R 43 114.75 51.45 -33.68
C GLN R 43 114.90 49.94 -33.59
N GLU R 44 113.81 49.25 -33.90
CA GLU R 44 113.79 47.79 -33.80
C GLU R 44 114.69 47.16 -34.85
N ILE R 45 114.70 45.84 -34.88
CA ILE R 45 115.53 45.08 -35.80
C ILE R 45 114.64 44.18 -36.63
N SER R 46 114.87 44.17 -37.94
CA SER R 46 114.05 43.40 -38.86
C SER R 46 114.18 41.90 -38.61
N LYS R 47 113.03 41.23 -38.59
CA LYS R 47 112.95 39.78 -38.51
C LYS R 47 112.39 39.25 -39.82
N ARG R 48 113.04 38.22 -40.37
CA ARG R 48 112.63 37.64 -41.64
C ARG R 48 112.14 36.22 -41.40
N ASN R 49 110.94 35.92 -41.93
CA ASN R 49 110.42 34.57 -41.81
C ASN R 49 111.20 33.63 -42.72
N ILE R 50 111.41 32.40 -42.25
CA ILE R 50 112.18 31.43 -43.01
C ILE R 50 111.44 31.05 -44.29
N LEU R 51 110.11 30.98 -44.24
CA LEU R 51 109.35 30.62 -45.43
C LEU R 51 109.53 31.61 -46.56
N GLN R 52 109.93 32.84 -46.26
CA GLN R 52 110.29 33.77 -47.31
C GLN R 52 111.47 33.24 -48.10
N GLY R 53 112.48 32.71 -47.42
CA GLY R 53 113.65 32.19 -48.10
C GLY R 53 113.41 30.97 -48.94
N LEU R 54 112.35 30.22 -48.62
CA LEU R 54 112.03 29.05 -49.45
C LEU R 54 111.63 29.46 -50.85
N LEU R 55 110.91 30.57 -50.99
CA LEU R 55 110.44 31.03 -52.30
C LEU R 55 111.37 32.04 -52.96
N ASP R 56 111.99 32.93 -52.19
CA ASP R 56 112.94 33.87 -52.75
C ASP R 56 114.38 33.40 -52.51
N TYR R 57 115.36 34.24 -52.84
CA TYR R 57 116.76 33.80 -52.75
C TYR R 57 117.65 34.90 -52.19
N THR R 58 117.05 36.02 -51.78
CA THR R 58 117.82 37.15 -51.27
C THR R 58 117.68 37.32 -49.77
N THR R 59 117.16 36.33 -49.07
CA THR R 59 116.91 36.45 -47.63
C THR R 59 118.06 35.97 -46.77
N LEU R 60 118.42 34.69 -46.88
CA LEU R 60 119.51 34.12 -46.10
C LEU R 60 120.79 34.27 -46.90
N GLU R 61 121.34 35.48 -46.92
CA GLU R 61 122.57 35.73 -47.67
C GLU R 61 123.72 35.75 -46.69
N THR R 62 124.54 34.72 -46.72
CA THR R 62 125.57 34.49 -45.72
C THR R 62 126.90 34.97 -46.28
N ASN R 63 127.29 36.19 -45.91
CA ASN R 63 128.64 36.66 -46.15
C ASN R 63 129.00 37.68 -45.09
N SER R 64 129.69 37.21 -44.06
CA SER R 64 130.04 38.04 -42.91
C SER R 64 131.52 37.90 -42.61
N THR R 65 132.27 37.35 -43.57
CA THR R 65 133.67 37.05 -43.36
C THR R 65 134.54 37.48 -44.53
N GLU R 66 133.97 37.69 -45.71
CA GLU R 66 134.76 37.98 -46.90
C GLU R 66 135.63 39.21 -46.68
N LEU R 67 136.88 39.12 -47.11
CA LEU R 67 137.84 40.22 -46.93
C LEU R 67 137.69 41.17 -48.11
N ILE R 68 136.56 41.86 -48.17
CA ILE R 68 136.30 42.82 -49.24
C ILE R 68 137.10 44.08 -48.96
N PRO R 69 137.71 44.68 -49.97
CA PRO R 69 138.47 45.92 -49.75
C PRO R 69 137.59 47.03 -49.23
N VAL R 70 138.17 47.90 -48.42
CA VAL R 70 137.46 49.01 -47.78
C VAL R 70 138.20 50.30 -48.05
N ILE R 71 137.48 51.33 -48.51
CA ILE R 71 138.08 52.63 -48.72
C ILE R 71 138.30 53.32 -47.37
N GLN R 72 139.53 53.73 -47.12
CA GLN R 72 139.89 54.53 -45.96
C GLN R 72 140.78 55.67 -46.43
N SER R 73 140.21 56.87 -46.51
CA SER R 73 140.93 58.00 -47.10
C SER R 73 142.02 58.49 -46.15
N GLY R 74 143.22 58.66 -46.70
CA GLY R 74 144.35 59.19 -45.94
C GLY R 74 145.27 58.17 -45.33
N GLU R 75 144.82 56.94 -45.12
CA GLU R 75 145.72 55.88 -44.66
C GLU R 75 146.41 55.25 -45.85
N ASN R 76 145.62 54.70 -46.76
CA ASN R 76 146.15 53.98 -47.92
C ASN R 76 145.26 54.24 -49.11
N ASP R 77 145.84 54.82 -50.16
CA ASP R 77 145.12 55.09 -51.39
C ASP R 77 145.93 54.64 -52.59
N GLU R 78 147.24 54.46 -52.39
CA GLU R 78 148.12 54.01 -53.46
C GLU R 78 147.77 52.62 -53.97
N GLN R 79 147.10 51.81 -53.16
CA GLN R 79 146.64 50.51 -53.61
C GLN R 79 145.24 50.56 -54.23
N PHE R 80 144.62 51.73 -54.28
CA PHE R 80 143.29 51.89 -54.85
C PHE R 80 143.36 52.78 -56.06
N ILE R 81 142.68 52.36 -57.14
CA ILE R 81 142.72 53.13 -58.38
C ILE R 81 142.15 54.52 -58.15
N ASP R 82 142.57 55.45 -58.99
CA ASP R 82 142.08 56.83 -58.86
C ASP R 82 140.58 56.88 -59.11
N PRO R 83 139.86 57.72 -58.37
CA PRO R 83 138.40 57.76 -58.55
C PRO R 83 137.99 58.60 -59.75
N SER R 84 138.96 58.98 -60.58
CA SER R 84 138.69 59.78 -61.77
C SER R 84 138.15 58.97 -62.92
N VAL R 85 138.24 57.64 -62.87
CA VAL R 85 137.73 56.79 -63.95
C VAL R 85 136.40 56.19 -63.53
N LEU R 86 136.36 55.58 -62.34
CA LEU R 86 135.13 54.99 -61.81
C LEU R 86 134.96 55.41 -60.37
N PRO R 87 133.87 56.08 -60.01
CA PRO R 87 133.67 56.48 -58.61
C PRO R 87 133.43 55.28 -57.71
N ALA R 88 133.50 55.53 -56.40
CA ALA R 88 133.27 54.46 -55.43
C ALA R 88 131.82 54.01 -55.45
N GLN R 89 131.61 52.70 -55.34
CA GLN R 89 130.29 52.11 -55.28
C GLN R 89 130.02 51.63 -53.87
N THR R 90 128.83 51.94 -53.36
CA THR R 90 128.48 51.52 -52.01
C THR R 90 128.08 50.05 -52.01
N VAL R 91 128.55 49.31 -51.02
CA VAL R 91 128.18 47.92 -50.82
C VAL R 91 127.81 47.77 -49.35
N LYS R 92 126.94 46.81 -49.06
CA LYS R 92 126.47 46.60 -47.71
C LYS R 92 126.89 45.21 -47.24
N GLN R 93 127.61 45.15 -46.12
CA GLN R 93 128.13 43.91 -45.58
C GLN R 93 127.83 43.90 -44.08
N GLY R 94 127.18 42.85 -43.60
CA GLY R 94 126.77 42.77 -42.22
C GLY R 94 125.88 43.94 -41.85
N LYS R 95 126.38 44.83 -40.99
CA LYS R 95 125.70 46.08 -40.69
C LYS R 95 126.55 47.29 -41.04
N ASP R 96 127.76 47.08 -41.56
CA ASP R 96 128.64 48.16 -41.97
C ASP R 96 128.18 48.70 -43.32
N THR R 97 128.16 50.02 -43.44
CA THR R 97 127.99 50.68 -44.72
C THR R 97 129.25 51.47 -45.03
N PHE R 98 129.86 51.18 -46.19
CA PHE R 98 131.16 51.74 -46.52
C PHE R 98 131.33 51.75 -48.02
N ASP R 99 132.49 52.21 -48.46
CA ASP R 99 132.79 52.35 -49.88
C ASP R 99 133.91 51.39 -50.28
N THR R 100 133.86 50.92 -51.52
CA THR R 100 134.84 49.97 -52.04
C THR R 100 135.05 50.22 -53.52
N ASN R 101 136.16 49.67 -54.04
CA ASN R 101 136.50 49.83 -55.44
C ASN R 101 137.54 48.79 -55.83
N PHE R 102 137.87 48.76 -57.12
CA PHE R 102 138.84 47.79 -57.62
C PHE R 102 140.26 48.17 -57.19
N LEU R 103 141.09 47.16 -56.99
CA LEU R 103 142.49 47.39 -56.66
C LEU R 103 143.26 47.88 -57.88
N LYS R 104 144.48 48.34 -57.66
CA LYS R 104 145.30 48.88 -58.74
C LYS R 104 146.47 47.96 -59.02
N PHE R 105 146.78 47.79 -60.30
CA PHE R 105 147.85 46.87 -60.69
C PHE R 105 149.21 47.42 -60.30
N SER R 106 149.93 46.65 -59.50
CA SER R 106 151.20 47.06 -58.92
C SER R 106 152.33 46.62 -59.83
N GLU R 107 153.12 47.58 -60.32
CA GLU R 107 154.26 47.29 -61.16
C GLU R 107 155.59 47.40 -60.44
N ASN R 108 155.66 48.17 -59.37
CA ASN R 108 156.89 48.35 -58.62
C ASN R 108 156.54 48.61 -57.16
N GLY R 109 157.57 48.61 -56.33
CA GLY R 109 157.40 48.96 -54.95
C GLY R 109 156.60 47.94 -54.17
N GLU R 110 156.18 48.36 -52.98
CA GLU R 110 155.51 47.48 -52.05
C GLU R 110 154.19 46.98 -52.62
N GLY R 111 153.76 45.80 -52.19
CA GLY R 111 152.46 45.29 -52.57
C GLY R 111 151.37 45.76 -51.63
N PHE R 112 150.34 44.95 -51.46
CA PHE R 112 149.22 45.27 -50.59
C PHE R 112 149.15 44.28 -49.44
N ASN R 113 149.14 44.81 -48.23
CA ASN R 113 148.97 44.01 -47.01
C ASN R 113 147.46 43.81 -46.87
N LEU R 114 146.95 42.78 -47.55
CA LEU R 114 145.51 42.64 -47.73
C LEU R 114 144.78 42.58 -46.40
N LEU R 115 145.31 41.81 -45.44
CA LEU R 115 144.68 41.76 -44.13
C LEU R 115 144.65 43.13 -43.47
N MET R 116 145.71 43.92 -43.66
CA MET R 116 145.72 45.29 -43.18
C MET R 116 144.86 46.19 -44.06
N LEU R 117 144.88 45.98 -45.37
CA LEU R 117 144.17 46.89 -46.28
C LEU R 117 142.67 46.88 -46.02
N ALA R 118 142.08 45.71 -45.82
CA ALA R 118 140.65 45.57 -45.63
C ALA R 118 140.36 45.51 -44.14
N GLN R 119 139.53 46.43 -43.66
CA GLN R 119 139.05 46.42 -42.29
C GLN R 119 137.72 47.14 -42.23
N THR R 120 136.65 46.38 -42.09
CA THR R 120 135.31 46.94 -41.98
C THR R 120 135.17 47.68 -40.66
N PRO R 121 134.25 48.65 -40.59
CA PRO R 121 134.08 49.44 -39.36
C PRO R 121 133.77 48.57 -38.15
N SER R 122 133.10 47.43 -38.38
CA SER R 122 132.85 46.50 -37.27
C SER R 122 134.14 45.96 -36.70
N ARG R 123 135.11 45.63 -37.55
CA ARG R 123 136.34 45.02 -37.09
C ARG R 123 137.22 45.99 -36.31
N LEU R 124 136.99 47.30 -36.44
CA LEU R 124 137.75 48.24 -35.62
C LEU R 124 137.44 48.08 -34.14
N LYS R 125 136.24 47.57 -33.82
CA LYS R 125 135.94 47.32 -32.41
C LYS R 125 136.82 46.22 -31.84
N LYS R 126 137.16 45.22 -32.65
CA LYS R 126 138.15 44.22 -32.26
C LYS R 126 139.53 44.82 -32.08
N GLY R 127 139.84 45.94 -32.74
CA GLY R 127 141.20 46.41 -32.80
C GLY R 127 141.86 45.96 -34.09
N SER R 128 143.18 46.16 -34.17
CA SER R 128 143.92 45.81 -35.36
C SER R 128 143.90 44.30 -35.59
N MET R 129 144.51 43.87 -36.69
CA MET R 129 144.50 42.46 -37.04
C MET R 129 145.54 41.69 -36.23
N THR R 130 145.10 40.61 -35.60
CA THR R 130 145.93 39.81 -34.73
C THR R 130 146.75 38.82 -35.54
N PHE R 131 147.34 37.85 -34.84
CA PHE R 131 148.13 36.80 -35.47
C PHE R 131 147.31 35.56 -35.80
N THR R 132 146.16 35.40 -35.16
CA THR R 132 145.36 34.19 -35.30
C THR R 132 144.23 34.33 -36.32
N ASP R 133 144.31 35.29 -37.23
CA ASP R 133 143.40 35.36 -38.37
C ASP R 133 144.17 35.00 -39.64
N SER R 134 143.61 34.09 -40.44
CA SER R 134 144.33 33.52 -41.57
C SER R 134 143.44 33.54 -42.81
N LEU R 135 144.06 33.82 -43.95
CA LEU R 135 143.35 33.81 -45.21
C LEU R 135 143.04 32.36 -45.62
N ASP R 136 141.91 32.19 -46.31
CA ASP R 136 141.45 30.85 -46.64
C ASP R 136 142.31 30.22 -47.73
N SER R 137 142.24 28.90 -47.83
CA SER R 137 142.99 28.14 -48.81
C SER R 137 142.51 28.37 -50.24
N ARG R 138 141.36 29.01 -50.43
CA ARG R 138 140.82 29.29 -51.74
C ARG R 138 140.88 30.80 -51.97
N ILE R 139 141.65 31.21 -52.98
CA ILE R 139 141.72 32.61 -53.40
C ILE R 139 141.68 32.65 -54.92
N ALA R 140 140.86 33.54 -55.46
CA ALA R 140 140.71 33.60 -56.91
C ALA R 140 140.35 35.02 -57.33
N LEU R 141 140.59 35.31 -58.61
CA LEU R 141 140.18 36.59 -59.17
C LEU R 141 138.67 36.64 -59.31
N LYS R 142 138.09 37.81 -59.00
CA LYS R 142 136.64 37.98 -59.14
C LYS R 142 136.27 38.70 -60.43
N GLN R 143 136.80 39.90 -60.63
CA GLN R 143 136.42 40.73 -61.76
C GLN R 143 137.64 41.38 -62.36
N LEU R 144 137.69 41.44 -63.70
CA LEU R 144 138.71 42.17 -64.42
C LEU R 144 138.09 43.40 -65.07
N LEU R 145 138.76 44.54 -64.92
CA LEU R 145 138.29 45.79 -65.49
C LEU R 145 139.29 46.26 -66.54
N ILE R 146 138.78 46.51 -67.74
CA ILE R 146 139.61 46.98 -68.84
C ILE R 146 138.92 48.18 -69.48
N SER R 147 139.73 49.02 -70.12
CA SER R 147 139.24 50.22 -70.79
C SER R 147 139.57 50.13 -72.27
N VAL R 148 138.53 50.10 -73.10
CA VAL R 148 138.68 50.19 -74.55
C VAL R 148 138.77 51.66 -74.90
N THR R 149 139.93 52.09 -75.39
CA THR R 149 140.23 53.50 -75.59
C THR R 149 140.33 53.79 -77.08
N LYS R 150 139.59 54.79 -77.54
CA LYS R 150 139.66 55.27 -78.92
C LYS R 150 139.29 56.74 -78.96
N GLY R 151 140.24 57.59 -79.32
CA GLY R 151 139.99 59.01 -79.47
C GLY R 151 139.74 59.75 -78.18
N GLY R 152 140.26 59.22 -77.07
CA GLY R 152 140.10 59.85 -75.78
C GLY R 152 138.83 59.51 -75.04
N THR R 153 137.95 58.70 -75.64
CA THR R 153 136.73 58.27 -74.98
C THR R 153 136.95 56.93 -74.30
N THR R 154 136.57 56.84 -73.03
CA THR R 154 136.84 55.66 -72.21
C THR R 154 135.55 54.89 -71.96
N GLU R 155 135.56 53.61 -72.31
CA GLU R 155 134.47 52.70 -72.00
C GLU R 155 135.02 51.56 -71.14
N LEU R 156 134.25 51.16 -70.14
CA LEU R 156 134.69 50.17 -69.16
C LEU R 156 133.83 48.92 -69.27
N PHE R 157 134.48 47.77 -69.17
CA PHE R 157 133.79 46.49 -69.21
C PHE R 157 134.21 45.68 -67.99
N ALA R 158 133.22 45.24 -67.21
CA ALA R 158 133.47 44.41 -66.04
C ALA R 158 133.39 42.95 -66.47
N LEU R 159 134.48 42.42 -66.99
CA LEU R 159 134.52 41.07 -67.52
C LEU R 159 134.57 40.07 -66.38
N ASP R 160 133.59 39.17 -66.34
CA ASP R 160 133.57 38.11 -65.34
C ASP R 160 134.65 37.10 -65.69
N VAL R 161 135.68 37.01 -64.87
CA VAL R 161 136.76 36.05 -65.05
C VAL R 161 136.59 34.86 -64.13
N ASN R 162 135.81 34.99 -63.06
CA ASN R 162 135.63 33.94 -62.07
C ASN R 162 135.05 32.71 -62.76
N ARG R 163 135.39 31.53 -62.25
CA ARG R 163 134.98 30.25 -62.83
C ARG R 163 135.52 30.10 -64.26
N ASP R 164 136.84 30.01 -64.34
CA ASP R 164 137.54 29.68 -65.58
C ASP R 164 138.54 28.55 -65.31
N GLN R 165 139.14 28.05 -66.40
CA GLN R 165 140.11 26.97 -66.25
C GLN R 165 141.33 27.40 -65.45
N TYR R 166 141.92 28.56 -65.78
CA TYR R 166 143.07 29.08 -65.06
C TYR R 166 142.63 30.37 -64.38
N ALA R 167 141.99 30.25 -63.22
CA ALA R 167 141.53 31.44 -62.52
C ALA R 167 141.64 31.29 -61.02
N ALA R 168 142.24 30.22 -60.55
CA ALA R 168 142.31 29.93 -59.12
C ALA R 168 143.77 29.80 -58.69
N TYR R 169 144.07 30.33 -57.51
CA TYR R 169 145.42 30.22 -56.98
C TYR R 169 145.72 28.78 -56.65
N THR R 170 146.92 28.32 -57.02
CA THR R 170 147.35 26.95 -56.79
C THR R 170 148.58 26.92 -55.89
N ALA R 171 148.65 25.89 -55.06
CA ALA R 171 149.77 25.77 -54.14
C ALA R 171 151.07 25.54 -54.89
N THR R 172 152.16 26.10 -54.37
CA THR R 172 153.48 25.92 -54.95
C THR R 172 154.44 25.49 -53.86
N ARG R 173 155.40 24.64 -54.23
CA ARG R 173 156.46 24.21 -53.33
C ARG R 173 157.76 24.87 -53.79
N GLU R 174 158.00 26.07 -53.29
CA GLU R 174 159.16 26.89 -53.64
C GLU R 174 159.26 28.05 -52.67
N TYR R 175 160.49 28.45 -52.34
CA TYR R 175 160.75 29.61 -51.50
C TYR R 175 160.15 29.43 -50.11
N ASN R 176 158.99 30.02 -49.86
CA ASN R 176 158.43 29.96 -48.52
C ASN R 176 157.41 28.82 -48.41
N PHE R 177 157.07 28.50 -47.17
CA PHE R 177 156.28 27.33 -46.82
C PHE R 177 154.82 27.42 -47.27
N ARG R 178 154.24 28.64 -47.33
CA ARG R 178 152.80 28.74 -47.51
C ARG R 178 152.39 29.59 -48.71
N LEU R 179 153.33 29.96 -49.58
CA LEU R 179 153.03 30.83 -50.70
C LEU R 179 152.19 30.10 -51.74
N MET R 180 151.38 30.85 -52.49
CA MET R 180 150.73 30.34 -53.69
C MET R 180 150.99 31.26 -54.88
N GLN R 181 151.15 30.65 -56.05
CA GLN R 181 151.46 31.35 -57.29
C GLN R 181 150.18 31.49 -58.11
N LEU R 182 150.15 32.46 -59.01
CA LEU R 182 149.04 32.67 -59.93
C LEU R 182 149.54 32.65 -61.36
N LYS R 183 148.88 31.87 -62.21
CA LYS R 183 149.14 31.85 -63.65
C LYS R 183 147.81 31.96 -64.39
N PHE R 184 147.54 33.14 -64.93
CA PHE R 184 146.31 33.41 -65.67
C PHE R 184 146.69 33.58 -67.13
N HIS R 185 146.19 32.68 -67.98
CA HIS R 185 146.50 32.70 -69.41
C HIS R 185 145.32 32.16 -70.19
N THR R 186 144.46 33.06 -70.66
CA THR R 186 143.28 32.69 -71.43
C THR R 186 142.98 33.79 -72.42
N SER R 187 141.75 33.76 -72.95
CA SER R 187 141.23 34.80 -73.81
C SER R 187 139.89 35.29 -73.27
N LEU R 188 139.69 36.59 -73.28
CA LEU R 188 138.43 37.18 -72.83
C LEU R 188 137.69 37.75 -74.02
N GLY R 189 136.47 37.26 -74.23
CA GLY R 189 135.67 37.63 -75.39
C GLY R 189 134.54 38.58 -75.02
N LEU R 190 134.31 39.55 -75.90
CA LEU R 190 133.23 40.52 -75.75
C LEU R 190 132.31 40.36 -76.95
N GLY R 191 131.02 40.14 -76.69
CA GLY R 191 130.05 39.87 -77.73
C GLY R 191 128.99 40.95 -77.85
N GLU R 192 128.21 40.81 -78.93
CA GLU R 192 127.07 41.68 -79.21
C GLU R 192 126.01 41.58 -78.14
N GLU R 193 125.83 40.42 -77.54
CA GLU R 193 124.85 40.19 -76.49
C GLU R 193 125.52 40.22 -75.12
N SER R 194 126.81 40.49 -75.08
CA SER R 194 127.60 40.46 -73.85
C SER R 194 127.15 41.63 -72.98
N THR R 195 126.05 41.43 -72.26
CA THR R 195 125.51 42.46 -71.38
C THR R 195 126.49 42.76 -70.27
N THR R 196 127.15 43.91 -70.37
CA THR R 196 128.19 44.31 -69.43
C THR R 196 127.90 45.73 -68.97
N VAL R 197 128.86 46.34 -68.28
CA VAL R 197 128.78 47.78 -68.05
C VAL R 197 128.80 48.47 -69.40
N ALA R 198 128.01 49.53 -69.52
CA ALA R 198 127.71 50.15 -70.82
C ALA R 198 127.01 49.17 -71.75
N GLY R 199 126.27 48.22 -71.15
CA GLY R 199 125.43 47.28 -71.87
C GLY R 199 126.22 46.24 -72.65
N ALA R 200 125.50 45.62 -73.59
CA ALA R 200 126.08 44.67 -74.54
C ALA R 200 126.59 45.35 -75.80
N GLU R 201 125.90 46.39 -76.26
CA GLU R 201 126.39 47.21 -77.36
C GLU R 201 127.32 48.28 -76.80
N SER R 202 128.46 48.47 -77.46
CA SER R 202 129.45 49.45 -77.03
C SER R 202 129.54 50.57 -78.06
N ALA R 203 129.67 51.80 -77.55
CA ALA R 203 129.72 52.96 -78.43
C ALA R 203 130.97 52.93 -79.31
N LEU R 204 132.10 52.57 -78.74
CA LEU R 204 133.36 52.54 -79.48
C LEU R 204 133.50 51.30 -80.35
N LEU R 205 132.65 50.29 -80.17
CA LEU R 205 132.66 49.09 -81.00
C LEU R 205 131.30 48.83 -81.64
N LYS R 206 130.48 49.87 -81.82
CA LYS R 206 129.14 49.68 -82.36
C LYS R 206 129.18 49.05 -83.75
N ASP R 207 129.98 49.63 -84.66
CA ASP R 207 130.00 49.14 -86.04
C ASP R 207 130.48 47.70 -86.10
N LEU R 208 131.54 47.38 -85.36
CA LEU R 208 132.08 46.03 -85.38
C LEU R 208 131.06 45.02 -84.87
N PHE R 209 130.35 45.37 -83.80
CA PHE R 209 129.32 44.47 -83.29
C PHE R 209 128.18 44.33 -84.30
N ASP R 210 127.82 45.41 -84.99
CA ASP R 210 126.72 45.36 -85.94
C ASP R 210 126.97 44.32 -87.03
N LEU R 211 128.22 44.18 -87.46
CA LEU R 211 128.59 43.16 -88.44
C LEU R 211 128.47 41.75 -87.90
N GLY R 212 128.27 41.60 -86.59
CA GLY R 212 128.16 40.31 -85.95
C GLY R 212 129.46 39.70 -85.48
N TYR R 213 130.60 40.35 -85.74
CA TYR R 213 131.88 39.80 -85.35
C TYR R 213 132.17 40.07 -83.88
N ARG R 214 132.73 39.08 -83.21
CA ARG R 214 133.09 39.17 -81.80
C ARG R 214 134.60 39.21 -81.67
N ILE R 215 135.09 39.79 -80.58
CA ILE R 215 136.51 39.97 -80.34
C ILE R 215 136.88 39.27 -79.05
N GLU R 216 138.03 38.60 -79.05
CA GLU R 216 138.61 38.08 -77.82
C GLU R 216 140.02 38.62 -77.67
N LEU R 217 140.41 38.88 -76.43
CA LEU R 217 141.71 39.47 -76.10
C LEU R 217 142.51 38.45 -75.30
N ASP R 218 143.77 38.27 -75.67
CA ASP R 218 144.65 37.41 -74.89
C ASP R 218 145.10 38.13 -73.63
N VAL R 219 144.97 37.47 -72.49
CA VAL R 219 145.31 38.06 -71.20
C VAL R 219 146.62 37.46 -70.72
N LYS R 220 147.38 38.23 -69.96
CA LYS R 220 148.67 37.81 -69.45
C LYS R 220 148.83 38.37 -68.05
N VAL R 221 148.43 37.60 -67.04
CA VAL R 221 148.40 38.07 -65.67
C VAL R 221 149.08 37.06 -64.77
N ASP R 222 150.01 37.52 -63.94
CA ASP R 222 150.62 36.72 -62.89
C ASP R 222 150.18 37.26 -61.54
N GLY R 223 150.50 36.52 -60.48
CA GLY R 223 150.20 37.01 -59.15
C GLY R 223 150.87 36.20 -58.07
N GLU R 224 151.17 36.88 -56.97
CA GLU R 224 151.72 36.25 -55.78
C GLU R 224 150.84 36.61 -54.59
N MET R 225 150.83 35.73 -53.60
CA MET R 225 149.97 35.89 -52.44
C MET R 225 150.50 35.05 -51.29
N ASN R 226 150.37 35.57 -50.07
CA ASN R 226 150.68 34.82 -48.86
C ASN R 226 149.47 34.90 -47.93
N VAL R 227 149.04 33.76 -47.42
CA VAL R 227 147.78 33.67 -46.71
C VAL R 227 147.95 33.51 -45.19
N GLU R 228 149.13 33.86 -44.67
CA GLU R 228 149.32 33.92 -43.22
C GLU R 228 149.87 35.28 -42.79
N ASN R 229 150.14 36.16 -43.75
CA ASN R 229 150.76 37.44 -43.44
C ASN R 229 150.03 38.54 -44.21
N GLY R 230 149.25 38.15 -45.22
CA GLY R 230 148.53 39.11 -46.03
C GLY R 230 149.35 39.81 -47.08
N ASN R 231 150.50 39.27 -47.46
CA ASN R 231 151.34 39.93 -48.46
C ASN R 231 151.15 39.30 -49.83
N GLY R 232 151.33 40.09 -50.88
CA GLY R 232 151.23 39.57 -52.23
C GLY R 232 151.32 40.66 -53.26
N ASP R 233 151.60 40.23 -54.50
CA ASP R 233 151.71 41.14 -55.64
C ASP R 233 150.92 40.59 -56.81
N THR R 234 150.48 41.50 -57.67
CA THR R 234 149.83 41.15 -58.92
C THR R 234 150.21 42.17 -59.97
N SER R 235 150.64 41.70 -61.13
CA SER R 235 151.12 42.56 -62.20
C SER R 235 150.47 42.15 -63.52
N LEU R 236 150.02 43.15 -64.28
CA LEU R 236 149.56 42.92 -65.64
C LEU R 236 150.76 42.82 -66.56
N ARG R 237 150.75 41.85 -67.47
CA ARG R 237 151.92 41.63 -68.31
C ARG R 237 151.66 41.92 -69.79
N ALA R 238 150.52 41.52 -70.34
CA ALA R 238 150.25 41.81 -71.75
C ALA R 238 148.76 41.68 -72.03
N LEU R 239 148.20 42.69 -72.69
CA LEU R 239 146.85 42.63 -73.23
C LEU R 239 146.91 43.10 -74.67
N ARG R 240 146.18 42.43 -75.56
CA ARG R 240 146.25 42.72 -76.98
C ARG R 240 145.05 42.12 -77.68
N LEU R 241 144.78 42.59 -78.90
CA LEU R 241 143.75 42.02 -79.74
C LEU R 241 144.34 40.86 -80.54
N ALA R 242 143.81 39.66 -80.34
CA ALA R 242 144.40 38.47 -80.93
C ALA R 242 143.70 38.02 -82.21
N ARG R 243 142.41 37.73 -82.15
CA ARG R 243 141.70 37.19 -83.29
C ARG R 243 140.34 37.86 -83.42
N VAL R 244 139.61 37.50 -84.48
CA VAL R 244 138.24 37.95 -84.69
C VAL R 244 137.41 36.76 -85.13
N PHE R 245 136.30 36.53 -84.44
CA PHE R 245 135.41 35.42 -84.75
C PHE R 245 134.13 35.95 -85.40
N ASP R 246 133.40 35.04 -86.04
CA ASP R 246 132.17 35.36 -86.74
C ASP R 246 131.04 34.44 -86.28
N LYS R 247 129.87 34.63 -86.88
CA LYS R 247 128.71 33.80 -86.55
C LYS R 247 128.96 32.33 -86.89
N GLU R 248 129.44 32.06 -88.11
CA GLU R 248 129.57 30.67 -88.54
C GLU R 248 130.70 29.94 -87.84
N GLY R 249 131.60 30.66 -87.18
CA GLY R 249 132.60 30.04 -86.33
C GLY R 249 134.01 30.01 -86.89
N LYS R 250 134.24 30.51 -88.10
CA LYS R 250 135.59 30.48 -88.65
C LYS R 250 136.39 31.69 -88.20
N GLU R 251 137.71 31.55 -88.23
CA GLU R 251 138.61 32.64 -87.86
C GLU R 251 138.75 33.59 -89.04
N ILE R 252 138.50 34.86 -88.80
CA ILE R 252 138.73 35.88 -89.81
C ILE R 252 140.05 36.57 -89.52
N ALA R 253 140.87 36.72 -90.56
CA ALA R 253 142.18 37.32 -90.39
C ALA R 253 142.05 38.77 -89.91
N LEU R 254 143.02 39.19 -89.10
CA LEU R 254 142.99 40.53 -88.54
C LEU R 254 143.00 41.62 -89.60
N THR R 255 143.51 41.34 -90.79
CA THR R 255 143.59 42.32 -91.86
C THR R 255 142.42 42.09 -92.81
N ASP R 256 141.41 42.96 -92.73
CA ASP R 256 140.28 42.94 -93.65
C ASP R 256 139.64 44.32 -93.70
N SER R 257 138.98 44.63 -94.82
CA SER R 257 138.33 45.92 -94.95
C SER R 257 137.32 46.17 -93.84
N ARG R 258 136.55 45.14 -93.49
CA ARG R 258 135.58 45.28 -92.41
C ARG R 258 136.28 45.39 -91.06
N VAL R 259 137.27 44.53 -90.81
CA VAL R 259 137.93 44.50 -89.50
C VAL R 259 138.80 45.73 -89.30
N SER R 260 139.55 46.13 -90.32
CA SER R 260 140.53 47.20 -90.16
C SER R 260 139.86 48.51 -89.76
N ALA R 261 138.75 48.85 -90.40
CA ALA R 261 138.02 50.06 -90.02
C ALA R 261 137.54 49.97 -88.57
N ALA R 262 137.17 48.77 -88.13
CA ALA R 262 136.67 48.61 -86.77
C ALA R 262 137.81 48.53 -85.76
N LEU R 263 139.04 48.33 -86.22
CA LEU R 263 140.18 48.25 -85.32
C LEU R 263 141.14 49.43 -85.45
N SER R 264 140.76 50.47 -86.19
CA SER R 264 141.65 51.61 -86.41
C SER R 264 141.83 52.38 -85.12
N GLY R 265 143.03 52.31 -84.54
CA GLY R 265 143.38 53.08 -83.37
C GLY R 265 142.86 52.52 -82.05
N LEU R 266 142.25 51.35 -82.06
CA LEU R 266 141.70 50.77 -80.84
C LEU R 266 142.81 50.45 -79.86
N THR R 267 142.63 50.86 -78.61
CA THR R 267 143.63 50.68 -77.57
C THR R 267 142.99 49.95 -76.40
N VAL R 268 143.65 48.90 -75.92
CA VAL R 268 143.17 48.12 -74.78
C VAL R 268 144.26 48.11 -73.72
N THR R 269 143.89 48.40 -72.48
CA THR R 269 144.80 48.44 -71.35
C THR R 269 144.06 47.99 -70.10
N GLY R 270 144.82 47.63 -69.07
CA GLY R 270 144.22 47.23 -67.81
C GLY R 270 144.16 48.39 -66.82
N VAL R 271 143.16 48.34 -65.95
CA VAL R 271 142.97 49.37 -64.94
C VAL R 271 142.90 48.78 -63.54
N GLY R 272 142.03 47.79 -63.32
CA GLY R 272 141.83 47.31 -61.97
C GLY R 272 141.21 45.94 -61.95
N TYR R 273 141.09 45.39 -60.74
CA TYR R 273 140.53 44.07 -60.53
C TYR R 273 140.11 43.93 -59.07
N SER R 274 139.44 42.83 -58.77
CA SER R 274 139.01 42.53 -57.40
C SER R 274 139.25 41.07 -57.08
N LEU R 275 139.59 40.81 -55.82
CA LEU R 275 139.85 39.47 -55.31
C LEU R 275 138.64 38.96 -54.55
N GLU R 276 138.43 37.66 -54.61
CA GLU R 276 137.40 36.99 -53.81
C GLU R 276 138.11 36.26 -52.67
N ALA R 277 138.39 36.98 -51.58
CA ALA R 277 139.22 36.45 -50.51
C ALA R 277 138.37 36.21 -49.27
N ARG R 278 138.54 35.02 -48.71
CA ARG R 278 137.87 34.63 -47.49
C ARG R 278 138.83 34.67 -46.31
N LEU R 279 138.27 34.77 -45.12
CA LEU R 279 139.04 34.70 -43.89
C LEU R 279 138.63 33.46 -43.10
N THR R 280 139.60 32.61 -42.76
CA THR R 280 139.31 31.39 -42.01
C THR R 280 139.61 31.66 -40.54
N ASN R 281 138.69 32.33 -39.86
CA ASN R 281 138.92 32.71 -38.47
C ASN R 281 138.85 31.44 -37.62
N ILE R 282 140.01 31.05 -37.10
CA ILE R 282 140.07 29.89 -36.22
C ILE R 282 139.81 30.31 -34.78
N ASN R 283 139.79 31.62 -34.52
CA ASN R 283 139.36 32.09 -33.20
C ASN R 283 137.87 32.36 -33.17
N GLN R 284 137.18 32.10 -34.28
CA GLN R 284 135.72 32.20 -34.38
C GLN R 284 135.17 33.51 -33.81
N LEU R 285 135.48 34.62 -34.46
CA LEU R 285 134.99 35.93 -34.05
C LEU R 285 134.10 36.51 -35.14
N GLU R 286 133.21 35.69 -35.68
CA GLU R 286 132.20 36.12 -36.64
C GLU R 286 130.81 36.01 -36.02
N MET R 287 129.98 37.02 -36.29
CA MET R 287 128.63 37.06 -35.74
C MET R 287 127.67 36.11 -36.42
N GLY R 288 127.85 35.86 -37.72
CA GLY R 288 127.01 34.91 -38.44
C GLY R 288 125.57 35.35 -38.58
N LEU R 289 124.67 34.40 -38.84
CA LEU R 289 123.24 34.69 -38.88
C LEU R 289 122.55 34.01 -37.71
N LEU R 290 121.63 34.73 -37.09
CA LEU R 290 120.99 34.25 -35.87
C LEU R 290 119.60 33.71 -36.18
N ILE R 291 119.16 32.76 -35.34
CA ILE R 291 117.86 32.10 -35.48
C ILE R 291 117.15 32.15 -34.13
N ASP R 292 115.95 32.70 -34.12
CA ASP R 292 115.20 32.85 -32.88
C ASP R 292 113.78 32.33 -33.08
N SER R 293 112.98 32.48 -32.03
CA SER R 293 111.57 32.13 -32.09
C SER R 293 110.76 33.22 -31.41
N ASP R 294 109.58 33.49 -31.99
CA ASP R 294 108.66 34.47 -31.45
C ASP R 294 107.26 33.88 -31.47
N VAL R 295 106.37 34.48 -30.68
CA VAL R 295 104.97 34.07 -30.63
C VAL R 295 104.11 35.33 -30.77
N GLN R 296 103.05 35.22 -31.56
CA GLN R 296 102.11 36.31 -31.78
C GLN R 296 100.75 35.90 -31.26
N LYS R 297 100.21 36.68 -30.33
CA LYS R 297 98.95 36.35 -29.67
C LYS R 297 97.82 37.17 -30.28
N GLN R 298 96.71 36.50 -30.57
CA GLN R 298 95.54 37.14 -31.16
C GLN R 298 94.27 36.73 -30.42
N GLY R 299 93.36 37.68 -30.28
CA GLY R 299 92.12 37.48 -29.55
C GLY R 299 90.92 37.65 -30.47
N PHE R 300 89.85 36.93 -30.16
CA PHE R 300 88.62 36.96 -30.93
C PHE R 300 87.45 37.01 -29.96
N MET R 301 86.58 38.01 -30.11
CA MET R 301 85.40 38.15 -29.27
C MET R 301 84.17 37.69 -30.03
N ILE R 302 83.24 37.06 -29.32
CA ILE R 302 81.99 36.59 -29.92
C ILE R 302 80.81 37.37 -29.35
N PRO R 303 80.19 38.26 -30.12
CA PRO R 303 79.10 39.08 -29.59
C PRO R 303 77.74 38.40 -29.72
N THR R 304 76.69 39.10 -29.29
CA THR R 304 75.31 38.64 -29.44
C THR R 304 74.59 39.51 -30.47
N LEU R 305 73.43 39.04 -30.91
CA LEU R 305 72.70 39.64 -32.01
C LEU R 305 71.33 40.11 -31.55
N PRO R 306 70.69 41.00 -32.33
CA PRO R 306 69.30 41.37 -32.02
C PRO R 306 68.39 40.16 -32.05
N PRO R 307 67.39 40.10 -31.18
CA PRO R 307 66.59 38.89 -31.04
C PRO R 307 65.36 38.89 -31.94
N LEU R 308 64.82 37.71 -32.18
CA LEU R 308 63.58 37.50 -32.93
C LEU R 308 62.48 37.17 -31.93
N VAL R 309 61.32 37.81 -32.08
CA VAL R 309 60.25 37.72 -31.10
C VAL R 309 58.93 37.52 -31.83
N ILE R 310 57.99 36.85 -31.16
CA ILE R 310 56.64 36.61 -31.67
C ILE R 310 55.66 37.31 -30.75
N VAL R 311 54.43 37.53 -31.23
CA VAL R 311 53.40 38.22 -30.47
C VAL R 311 52.17 37.33 -30.37
N LYS R 312 51.66 37.16 -29.15
CA LYS R 312 50.43 36.45 -28.87
C LYS R 312 49.49 37.32 -28.06
N PRO R 313 48.23 37.44 -28.48
CA PRO R 313 47.21 37.93 -27.54
C PRO R 313 47.08 36.96 -26.39
N ALA R 314 47.07 37.49 -25.17
CA ALA R 314 47.23 36.66 -23.98
C ALA R 314 45.87 36.22 -23.45
N MET R 315 45.10 35.53 -24.30
CA MET R 315 43.88 34.88 -23.84
C MET R 315 43.72 33.47 -24.42
N VAL R 316 44.31 33.21 -25.58
CA VAL R 316 44.12 31.97 -26.31
C VAL R 316 45.42 31.59 -27.01
N GLU R 317 45.39 30.47 -27.71
CA GLU R 317 46.51 29.98 -28.50
C GLU R 317 46.05 29.76 -29.93
N ASP R 318 46.99 29.86 -30.86
CA ASP R 318 46.71 29.68 -32.27
C ASP R 318 47.76 28.76 -32.89
N ASP R 319 47.34 28.06 -33.95
CA ASP R 319 48.21 27.19 -34.73
C ASP R 319 48.07 27.55 -36.20
N LYS R 320 47.20 28.51 -36.49
CA LYS R 320 46.98 28.91 -37.87
C LYS R 320 47.24 30.40 -38.00
N THR R 321 47.12 31.11 -36.88
CA THR R 321 47.47 32.52 -36.79
C THR R 321 48.90 32.58 -36.26
N TYR R 322 49.22 31.67 -35.35
CA TYR R 322 50.59 31.45 -34.91
C TYR R 322 51.15 30.19 -35.52
N PRO R 323 52.08 30.27 -36.46
CA PRO R 323 52.90 29.10 -36.78
C PRO R 323 53.67 28.69 -35.54
N ARG R 324 53.74 27.38 -35.31
CA ARG R 324 54.35 26.86 -34.08
C ARG R 324 55.80 27.28 -33.95
N LEU R 325 56.40 26.99 -32.79
CA LEU R 325 57.78 27.31 -32.48
C LEU R 325 58.74 26.95 -33.62
N GLU R 326 58.36 25.96 -34.41
CA GLU R 326 59.18 25.56 -35.55
C GLU R 326 59.47 26.72 -36.49
N ALA R 327 58.52 27.64 -36.64
CA ALA R 327 58.75 28.79 -37.52
C ALA R 327 59.90 29.66 -37.03
N LEU R 328 59.96 29.89 -35.72
CA LEU R 328 61.04 30.71 -35.17
C LEU R 328 62.40 30.08 -35.44
N THR R 329 62.52 28.78 -35.21
CA THR R 329 63.79 28.10 -35.45
C THR R 329 64.11 28.07 -36.94
N THR R 330 63.07 27.98 -37.78
CA THR R 330 63.30 28.02 -39.22
C THR R 330 63.90 29.35 -39.63
N ALA R 331 63.31 30.45 -39.15
CA ALA R 331 63.84 31.78 -39.46
C ALA R 331 65.27 31.91 -38.93
N TYR R 332 65.49 31.45 -37.70
CA TYR R 332 66.83 31.49 -37.13
C TYR R 332 67.85 30.76 -38.00
N ARG R 333 67.54 29.51 -38.35
CA ARG R 333 68.49 28.69 -39.09
C ARG R 333 68.76 29.28 -40.47
N ILE R 334 67.71 29.70 -41.18
CA ILE R 334 67.95 30.26 -42.52
C ILE R 334 68.76 31.53 -42.41
N GLN R 335 68.41 32.41 -41.47
CA GLN R 335 69.11 33.69 -41.38
C GLN R 335 70.58 33.49 -41.03
N GLN R 336 70.86 32.58 -40.10
CA GLN R 336 72.24 32.35 -39.70
C GLN R 336 73.04 31.67 -40.79
N MET R 337 72.52 30.57 -41.34
CA MET R 337 73.31 29.74 -42.22
C MET R 337 73.26 30.18 -43.68
N ARG R 338 72.50 31.23 -44.00
CA ARG R 338 72.50 31.69 -45.37
C ARG R 338 73.06 33.10 -45.50
N ASN R 339 72.39 34.05 -44.87
CA ASN R 339 72.56 35.44 -45.26
C ASN R 339 73.83 36.04 -44.67
N ASN R 340 74.05 35.86 -43.37
CA ASN R 340 75.26 36.39 -42.78
C ASN R 340 76.49 35.74 -43.38
N ALA R 341 76.42 34.44 -43.66
CA ALA R 341 77.53 33.75 -44.31
C ALA R 341 77.85 34.36 -45.67
N VAL R 342 76.84 34.50 -46.53
CA VAL R 342 77.10 35.04 -47.86
C VAL R 342 77.61 36.48 -47.78
N THR R 343 77.02 37.28 -46.90
CA THR R 343 77.45 38.67 -46.75
C THR R 343 78.91 38.74 -46.35
N THR R 344 79.30 37.97 -45.33
CA THR R 344 80.68 38.02 -44.85
C THR R 344 81.63 37.53 -45.93
N LEU R 345 81.25 36.49 -46.67
CA LEU R 345 82.14 35.98 -47.70
C LEU R 345 82.37 37.00 -48.80
N LEU R 346 81.31 37.63 -49.29
CA LEU R 346 81.51 38.63 -50.35
C LEU R 346 82.21 39.88 -49.83
N ASN R 347 82.00 40.24 -48.57
CA ASN R 347 82.75 41.35 -47.98
C ASN R 347 84.24 41.01 -47.93
N ARG R 348 84.57 39.77 -47.56
CA ARG R 348 85.96 39.35 -47.62
C ARG R 348 86.49 39.46 -49.04
N ALA R 349 85.68 39.05 -50.02
CA ALA R 349 86.10 39.10 -51.41
C ALA R 349 86.44 40.52 -51.85
N ASP R 350 85.52 41.46 -51.66
CA ASP R 350 85.78 42.79 -52.20
C ASP R 350 86.81 43.53 -51.36
N THR R 351 86.93 43.21 -50.07
CA THR R 351 88.02 43.77 -49.28
C THR R 351 89.38 43.32 -49.82
N LEU R 352 89.52 42.03 -50.14
CA LEU R 352 90.75 41.57 -50.76
C LEU R 352 90.99 42.28 -52.08
N LYS R 353 89.95 42.42 -52.89
CA LYS R 353 90.09 43.06 -54.19
C LYS R 353 90.59 44.49 -54.02
N SER R 354 90.06 45.21 -53.03
CA SER R 354 90.48 46.58 -52.80
C SER R 354 91.91 46.64 -52.29
N TYR R 355 92.31 45.70 -51.43
CA TYR R 355 93.59 45.85 -50.75
C TYR R 355 94.76 45.34 -51.59
N LEU R 356 94.59 44.24 -52.31
CA LEU R 356 95.74 43.59 -52.94
C LEU R 356 95.73 43.65 -54.46
N GLY R 357 94.67 44.16 -55.08
CA GLY R 357 94.63 44.19 -56.53
C GLY R 357 94.41 42.81 -57.13
N VAL R 358 94.63 42.73 -58.43
CA VAL R 358 94.38 41.51 -59.20
C VAL R 358 95.72 40.90 -59.60
N GLY R 359 95.88 39.61 -59.31
CA GLY R 359 96.96 38.83 -59.87
C GLY R 359 98.35 39.13 -59.35
N VAL R 360 98.48 40.05 -58.40
CA VAL R 360 99.78 40.49 -57.91
C VAL R 360 99.93 40.04 -56.46
N PRO R 361 100.85 39.14 -56.15
CA PRO R 361 101.09 38.75 -54.77
C PRO R 361 101.84 39.83 -54.00
N HIS R 362 101.98 39.58 -52.71
CA HIS R 362 102.79 40.43 -51.84
C HIS R 362 103.63 39.56 -50.92
N PRO R 363 104.78 40.07 -50.45
CA PRO R 363 105.69 39.22 -49.67
C PRO R 363 105.07 38.66 -48.40
N ILE R 364 105.54 37.50 -47.96
CA ILE R 364 105.10 36.93 -46.70
C ILE R 364 105.42 37.92 -45.59
N GLU R 365 104.52 38.01 -44.61
CA GLU R 365 104.67 38.97 -43.51
C GLU R 365 104.85 40.37 -44.08
N SER R 366 103.84 40.88 -44.77
CA SER R 366 103.93 42.23 -45.31
C SER R 366 102.63 42.99 -45.07
N ASN R 367 101.57 42.26 -44.72
CA ASN R 367 100.28 42.87 -44.40
C ASN R 367 99.84 42.39 -43.04
N LEU R 368 99.36 43.32 -42.21
CA LEU R 368 98.89 42.98 -40.88
C LEU R 368 97.49 43.54 -40.65
N GLY R 369 97.04 44.41 -41.55
CA GLY R 369 95.69 44.94 -41.46
C GLY R 369 94.62 44.01 -41.97
N LEU R 370 94.98 43.03 -42.78
CA LEU R 370 94.02 42.07 -43.28
C LEU R 370 93.55 41.15 -42.16
N GLU R 371 92.27 40.83 -42.16
CA GLU R 371 91.74 39.88 -41.20
C GLU R 371 92.34 38.51 -41.43
N GLY R 372 92.96 37.95 -40.40
CA GLY R 372 93.49 36.61 -40.49
C GLY R 372 94.88 36.45 -39.93
N VAL R 373 95.27 35.19 -39.71
CA VAL R 373 96.62 34.86 -39.27
C VAL R 373 97.29 33.90 -40.23
N GLY R 374 96.61 33.51 -41.31
CA GLY R 374 97.24 32.70 -42.33
C GLY R 374 98.38 33.40 -43.03
N GLN R 375 98.32 34.72 -43.14
CA GLN R 375 99.39 35.48 -43.77
C GLN R 375 100.70 35.39 -43.00
N TYR R 376 100.71 34.71 -41.85
CA TYR R 376 101.93 34.31 -41.19
C TYR R 376 102.50 33.04 -41.79
N TYR R 377 101.81 32.43 -42.74
CA TYR R 377 102.26 31.22 -43.41
C TYR R 377 102.40 31.35 -44.92
N VAL R 378 101.47 32.01 -45.60
CA VAL R 378 101.39 31.97 -47.06
C VAL R 378 101.35 33.39 -47.61
N ARG R 379 101.89 33.57 -48.81
CA ARG R 379 101.85 34.86 -49.47
C ARG R 379 100.44 35.18 -49.90
N PRO R 380 99.92 36.36 -49.61
CA PRO R 380 98.56 36.71 -50.05
C PRO R 380 98.47 36.75 -51.56
N TYR R 381 97.28 36.43 -52.09
CA TYR R 381 97.06 36.43 -53.53
C TYR R 381 95.57 36.42 -53.82
N TYR R 382 95.16 37.21 -54.81
CA TYR R 382 93.79 37.24 -55.28
C TYR R 382 93.77 37.51 -56.78
N ASN R 383 92.89 36.82 -57.49
CA ASN R 383 92.80 36.92 -58.93
C ASN R 383 91.40 36.53 -59.40
N GLU R 384 90.97 37.14 -60.51
CA GLU R 384 89.67 36.86 -61.09
C GLU R 384 89.75 36.97 -62.61
N ALA R 385 88.82 36.30 -63.29
CA ALA R 385 88.76 36.31 -64.74
C ALA R 385 87.33 36.09 -65.20
N THR R 386 87.09 36.33 -66.50
CA THR R 386 85.77 36.21 -67.09
C THR R 386 85.81 35.19 -68.22
N ILE R 387 84.72 34.44 -68.37
CA ILE R 387 84.57 33.46 -69.44
C ILE R 387 83.41 33.91 -70.31
N ASP R 388 83.69 34.21 -71.58
CA ASP R 388 82.67 34.60 -72.54
C ASP R 388 82.36 33.37 -73.39
N VAL R 389 81.37 32.59 -72.97
CA VAL R 389 81.16 31.26 -73.54
C VAL R 389 80.84 31.36 -75.03
N LEU R 390 80.07 32.36 -75.43
CA LEU R 390 79.65 32.46 -76.83
C LEU R 390 80.83 32.56 -77.78
N ASN R 391 81.81 33.40 -77.45
CA ASN R 391 82.98 33.60 -78.30
C ASN R 391 84.16 32.75 -77.87
N ASP R 392 84.00 31.86 -76.89
CA ASP R 392 85.08 31.02 -76.41
C ASP R 392 84.68 29.56 -76.32
N LEU R 393 84.07 29.00 -77.35
CA LEU R 393 83.60 27.62 -77.34
C LEU R 393 83.77 27.00 -78.71
N ASN R 394 84.22 25.75 -78.74
CA ASN R 394 84.28 24.99 -79.98
C ASN R 394 82.99 24.20 -80.18
N ASN R 395 82.75 23.77 -81.41
CA ASN R 395 81.64 22.87 -81.72
C ASN R 395 81.91 22.19 -83.04
N LEU R 396 81.83 20.86 -83.05
CA LEU R 396 81.83 20.11 -84.31
C LEU R 396 80.48 19.46 -84.56
N THR R 397 79.96 18.73 -83.58
CA THR R 397 78.71 18.01 -83.74
C THR R 397 77.74 18.47 -82.66
N SER R 398 76.45 18.39 -82.96
CA SER R 398 75.43 18.85 -82.03
C SER R 398 75.14 17.80 -80.97
N ALA R 399 76.07 16.87 -80.77
CA ALA R 399 75.97 15.88 -79.72
C ALA R 399 77.00 16.05 -78.60
N ALA R 400 78.01 16.88 -78.80
CA ALA R 400 79.09 17.05 -77.82
C ALA R 400 79.18 18.46 -77.24
N LYS R 401 78.11 19.25 -77.30
CA LYS R 401 78.17 20.59 -76.72
C LYS R 401 78.41 20.54 -75.23
N GLN R 402 77.71 19.66 -74.52
CA GLN R 402 77.83 19.60 -73.07
C GLN R 402 79.24 19.21 -72.66
N THR R 403 79.78 18.16 -73.28
CA THR R 403 81.15 17.78 -72.98
C THR R 403 82.11 18.90 -73.29
N ASP R 404 81.84 19.65 -74.36
CA ASP R 404 82.76 20.68 -74.79
C ASP R 404 82.78 21.85 -73.81
N ILE R 405 81.60 22.33 -73.41
CA ILE R 405 81.54 23.43 -72.46
C ILE R 405 82.09 22.98 -71.11
N GLN R 406 81.84 21.73 -70.73
CA GLN R 406 82.38 21.20 -69.50
C GLN R 406 83.90 21.21 -69.55
N GLY R 407 84.47 20.78 -70.67
CA GLY R 407 85.92 20.86 -70.83
C GLY R 407 86.43 22.28 -70.71
N LEU R 408 85.71 23.23 -71.28
CA LEU R 408 86.12 24.63 -71.19
C LEU R 408 86.20 25.10 -69.74
N ILE R 409 85.10 24.90 -68.99
CA ILE R 409 85.05 25.37 -67.61
C ILE R 409 86.08 24.64 -66.75
N VAL R 410 86.21 23.33 -66.95
CA VAL R 410 87.21 22.57 -66.21
C VAL R 410 88.60 23.09 -66.49
N SER R 411 88.93 23.35 -67.76
CA SER R 411 90.26 23.86 -68.08
C SER R 411 90.53 25.17 -67.37
N LYS R 412 89.56 26.09 -67.42
CA LYS R 412 89.78 27.39 -66.78
C LYS R 412 89.98 27.24 -65.27
N ILE R 413 89.08 26.52 -64.60
CA ILE R 413 89.16 26.42 -63.15
C ILE R 413 90.43 25.67 -62.74
N ASN R 414 90.87 24.74 -63.58
CA ASN R 414 92.08 24.00 -63.26
C ASN R 414 93.31 24.90 -63.37
N GLU R 415 93.41 25.67 -64.45
CA GLU R 415 94.60 26.49 -64.63
C GLU R 415 94.66 27.59 -63.59
N MET R 416 93.50 28.10 -63.14
CA MET R 416 93.52 29.09 -62.09
C MET R 416 94.13 28.53 -60.80
N VAL R 417 93.74 27.30 -60.44
CA VAL R 417 94.28 26.69 -59.24
C VAL R 417 95.78 26.45 -59.38
N TYR R 418 96.21 26.01 -60.57
CA TYR R 418 97.64 25.83 -60.80
C TYR R 418 98.39 27.14 -60.59
N THR R 419 97.91 28.23 -61.21
CA THR R 419 98.58 29.51 -61.04
C THR R 419 98.61 29.93 -59.59
N ALA R 420 97.49 29.75 -58.88
CA ALA R 420 97.42 30.19 -57.49
C ALA R 420 98.44 29.44 -56.64
N ASP R 421 98.44 28.11 -56.68
CA ASP R 421 99.32 27.39 -55.76
C ASP R 421 100.78 27.49 -56.22
N GLN R 422 101.02 27.82 -57.49
CA GLN R 422 102.38 28.19 -57.87
C GLN R 422 102.81 29.48 -57.16
N LEU R 423 102.00 30.53 -57.28
CA LEU R 423 102.45 31.83 -56.79
C LEU R 423 102.25 32.02 -55.29
N THR R 424 101.65 31.06 -54.61
CA THR R 424 101.36 31.25 -53.19
C THR R 424 102.27 30.45 -52.27
N GLY R 425 102.84 29.35 -52.75
CA GLY R 425 103.61 28.49 -51.87
C GLY R 425 102.76 27.74 -50.87
N TYR R 426 101.49 27.51 -51.20
CA TYR R 426 100.58 26.83 -50.27
C TYR R 426 101.03 25.40 -50.02
N THR R 427 101.51 24.72 -51.06
CA THR R 427 101.94 23.34 -50.91
C THR R 427 103.07 23.22 -49.90
N ALA R 428 104.05 24.13 -49.95
CA ALA R 428 105.11 24.13 -48.96
C ALA R 428 104.58 24.45 -47.58
N ALA R 429 103.52 25.26 -47.51
CA ALA R 429 102.91 25.58 -46.22
C ALA R 429 102.32 24.33 -45.58
N LEU R 430 101.69 23.47 -46.39
CA LEU R 430 101.18 22.21 -45.84
C LEU R 430 102.30 21.39 -45.22
N GLU R 431 103.43 21.25 -45.93
CA GLU R 431 104.55 20.50 -45.38
C GLU R 431 105.09 21.16 -44.12
N ALA R 432 105.08 22.50 -44.08
CA ALA R 432 105.58 23.20 -42.91
C ALA R 432 104.72 22.97 -41.69
N ALA R 433 103.40 23.15 -41.81
CA ALA R 433 102.53 23.00 -40.66
C ALA R 433 102.36 21.54 -40.24
N PHE R 434 102.35 20.63 -41.21
CA PHE R 434 102.14 19.21 -40.93
C PHE R 434 103.43 18.46 -41.21
N SER R 435 104.06 17.97 -40.15
CA SER R 435 105.27 17.17 -40.27
C SER R 435 104.90 15.70 -40.11
N GLY R 436 105.16 14.90 -41.13
CA GLY R 436 104.85 13.49 -41.08
C GLY R 436 103.92 13.05 -42.19
N ARG R 437 103.25 14.01 -42.82
CA ARG R 437 102.34 13.73 -43.93
C ARG R 437 102.06 15.02 -44.67
N SER R 438 101.90 14.90 -45.97
CA SER R 438 101.65 16.03 -46.83
C SER R 438 100.36 15.82 -47.61
N PRO R 439 99.20 16.12 -47.04
CA PRO R 439 97.95 15.99 -47.79
C PRO R 439 97.95 16.87 -49.02
N LYS R 440 97.34 16.38 -50.06
CA LYS R 440 97.25 17.13 -51.31
C LYS R 440 96.38 18.36 -51.12
N PRO R 441 96.76 19.49 -51.70
CA PRO R 441 95.92 20.70 -51.60
C PRO R 441 94.48 20.44 -52.02
N HIS R 442 93.55 20.58 -51.07
CA HIS R 442 92.13 20.38 -51.33
C HIS R 442 91.51 21.71 -51.71
N VAL R 443 90.78 21.73 -52.82
CA VAL R 443 90.24 22.96 -53.36
C VAL R 443 88.74 23.02 -53.11
N ALA R 444 88.26 24.19 -52.73
CA ALA R 444 86.84 24.40 -52.46
C ALA R 444 86.17 24.94 -53.71
N ILE R 445 85.03 24.36 -54.07
CA ILE R 445 84.26 24.78 -55.24
C ILE R 445 82.83 25.03 -54.78
N GLY R 446 82.47 26.31 -54.65
CA GLY R 446 81.12 26.70 -54.28
C GLY R 446 80.52 27.56 -55.38
N THR R 447 79.25 27.32 -55.68
CA THR R 447 78.58 28.02 -56.76
C THR R 447 77.07 27.83 -56.63
N ASP R 448 76.35 28.31 -57.64
CA ASP R 448 74.89 28.41 -57.59
C ASP R 448 74.22 27.07 -57.83
N MET R 449 72.90 27.10 -58.05
CA MET R 449 72.09 25.92 -58.27
C MET R 449 72.18 25.40 -59.71
N ARG R 450 72.81 26.16 -60.60
CA ARG R 450 72.77 25.86 -62.03
C ARG R 450 74.06 25.29 -62.60
N LEU R 451 75.18 25.97 -62.42
CA LEU R 451 76.46 25.57 -63.02
C LEU R 451 76.87 24.13 -62.71
N PRO R 452 76.67 23.61 -61.49
CA PRO R 452 77.07 22.23 -61.23
C PRO R 452 76.61 21.23 -62.28
N GLN R 453 75.47 21.46 -62.92
CA GLN R 453 75.06 20.59 -64.01
C GLN R 453 75.95 20.73 -65.23
N TYR R 454 76.82 21.73 -65.27
CA TYR R 454 77.76 21.86 -66.37
C TYR R 454 79.21 21.69 -65.95
N ILE R 455 79.56 21.93 -64.69
CA ILE R 455 80.90 21.59 -64.23
C ILE R 455 81.01 20.09 -64.01
N GLN R 456 79.88 19.43 -63.85
CA GLN R 456 79.78 18.00 -63.69
C GLN R 456 78.73 17.45 -64.65
N ILE R 457 79.07 16.33 -65.29
CA ILE R 457 78.18 15.74 -66.29
C ILE R 457 77.69 14.40 -65.78
N ASN R 458 78.62 13.46 -65.57
CA ASN R 458 78.31 12.14 -65.02
C ASN R 458 79.41 11.66 -64.09
N GLY R 459 80.31 12.55 -63.68
CA GLY R 459 81.41 12.19 -62.81
C GLY R 459 82.77 12.30 -63.48
N ASP R 460 83.47 13.40 -63.22
CA ASP R 460 84.81 13.62 -63.74
C ASP R 460 85.74 14.02 -62.60
N ASP R 461 86.86 13.30 -62.48
CA ASP R 461 87.84 13.61 -61.45
C ASP R 461 88.84 14.67 -61.90
N ARG R 462 88.79 15.09 -63.16
CA ARG R 462 89.70 16.08 -63.70
C ARG R 462 89.22 17.50 -63.50
N THR R 463 88.11 17.70 -62.78
CA THR R 463 87.53 19.04 -62.64
C THR R 463 88.58 20.04 -62.20
N VAL R 464 89.45 19.65 -61.28
CA VAL R 464 90.65 20.40 -60.96
C VAL R 464 91.91 19.60 -61.23
N GLY R 465 91.80 18.51 -61.97
CA GLY R 465 92.96 17.72 -62.33
C GLY R 465 93.32 16.70 -61.27
N ILE R 466 94.10 15.71 -61.71
CA ILE R 466 94.63 14.68 -60.83
C ILE R 466 95.71 15.32 -59.98
N GLY R 467 95.66 15.06 -58.68
CA GLY R 467 96.50 15.73 -57.72
C GLY R 467 95.81 16.84 -56.94
N TYR R 468 94.52 17.05 -57.15
CA TYR R 468 93.75 18.00 -56.35
C TYR R 468 92.37 17.42 -56.10
N ASP R 469 91.94 17.50 -54.85
CA ASP R 469 90.67 16.95 -54.43
C ASP R 469 89.69 18.09 -54.15
N TYR R 470 88.48 17.94 -54.67
CA TYR R 470 87.54 19.04 -54.72
C TYR R 470 86.28 18.65 -53.94
N THR R 471 85.52 19.67 -53.57
CA THR R 471 84.22 19.49 -52.94
C THR R 471 83.26 20.51 -53.53
N ILE R 472 82.18 20.05 -54.14
CA ILE R 472 81.23 20.90 -54.82
C ILE R 472 80.09 21.24 -53.85
N ALA R 473 79.86 22.53 -53.65
CA ALA R 473 78.75 23.01 -52.84
C ALA R 473 77.75 23.73 -53.73
N ARG R 474 76.51 23.80 -53.29
CA ARG R 474 75.44 24.32 -54.09
C ARG R 474 74.62 25.32 -53.26
N ILE R 475 74.39 26.49 -53.84
CA ILE R 475 73.70 27.56 -53.12
C ILE R 475 72.64 28.17 -54.03
N SER R 476 71.61 28.77 -53.44
CA SER R 476 70.44 29.18 -54.21
C SER R 476 70.25 30.69 -54.30
N ASP R 477 70.81 31.46 -53.39
CA ASP R 477 70.49 32.88 -53.34
C ASP R 477 70.96 33.59 -54.61
N LEU R 478 70.24 34.66 -54.96
CA LEU R 478 70.42 35.29 -56.27
C LEU R 478 71.78 35.96 -56.43
N ARG R 479 72.47 36.26 -55.32
CA ARG R 479 73.78 36.87 -55.42
C ARG R 479 74.78 36.00 -56.17
N MET R 480 74.80 34.71 -55.88
CA MET R 480 75.80 33.80 -56.43
C MET R 480 75.45 33.32 -57.83
N LYS R 481 74.54 34.00 -58.52
CA LYS R 481 74.13 33.56 -59.85
C LYS R 481 75.29 33.73 -60.82
N ASP R 482 75.60 32.65 -61.54
CA ASP R 482 76.69 32.61 -62.52
C ASP R 482 78.04 32.99 -61.93
N LYS R 483 78.31 32.61 -60.69
CA LYS R 483 79.58 32.91 -60.05
C LYS R 483 80.13 31.67 -59.35
N ILE R 484 81.45 31.53 -59.37
CA ILE R 484 82.14 30.47 -58.66
C ILE R 484 83.24 31.10 -57.81
N VAL R 485 83.29 30.75 -56.54
CA VAL R 485 84.32 31.22 -55.63
C VAL R 485 85.16 30.02 -55.23
N MET R 486 86.48 30.15 -55.39
CA MET R 486 87.40 29.05 -55.13
C MET R 486 88.45 29.47 -54.11
N THR R 487 88.76 28.55 -53.19
CA THR R 487 89.76 28.80 -52.17
C THR R 487 90.31 27.46 -51.71
N PHE R 488 91.25 27.51 -50.77
CA PHE R 488 91.84 26.31 -50.22
C PHE R 488 91.40 26.12 -48.78
N ILE R 489 90.95 24.91 -48.45
CA ILE R 489 90.42 24.58 -47.13
C ILE R 489 91.10 23.30 -46.63
N LEU R 490 90.65 22.86 -45.46
CA LEU R 490 91.11 21.63 -44.85
C LEU R 490 89.92 20.83 -44.36
N PRO R 491 89.81 19.56 -44.76
CA PRO R 491 88.62 18.78 -44.43
C PRO R 491 88.72 18.03 -43.11
N ASN R 492 89.88 18.07 -42.46
CA ASN R 492 90.13 17.25 -41.30
C ASN R 492 90.00 17.99 -39.98
N GLU R 493 90.22 19.30 -39.97
CA GLU R 493 90.24 20.07 -38.73
C GLU R 493 88.84 20.17 -38.14
N SER R 494 88.78 20.18 -36.81
CA SER R 494 87.53 20.37 -36.10
C SER R 494 87.64 21.54 -35.14
N GLU R 495 88.78 22.23 -35.19
CA GLU R 495 89.10 23.34 -34.31
C GLU R 495 89.84 24.38 -35.12
N PRO R 496 89.98 25.61 -34.60
CA PRO R 496 90.77 26.60 -35.31
C PRO R 496 92.19 26.12 -35.60
N HIS R 497 92.67 26.40 -36.80
CA HIS R 497 94.02 26.07 -37.22
C HIS R 497 94.42 27.05 -38.31
N PRO R 498 95.50 27.77 -38.13
CA PRO R 498 95.76 28.91 -39.00
C PRO R 498 96.20 28.53 -40.40
N LEU R 499 95.48 27.61 -41.04
CA LEU R 499 95.75 27.29 -42.42
C LEU R 499 94.45 27.13 -43.22
N GLN R 500 93.34 26.95 -42.51
CA GLN R 500 92.07 26.82 -43.19
C GLN R 500 91.42 28.19 -43.37
N HIS R 501 90.43 28.25 -44.27
CA HIS R 501 89.89 29.53 -44.69
C HIS R 501 89.25 30.31 -43.56
N GLY R 502 88.34 29.71 -42.81
CA GLY R 502 87.63 30.47 -41.79
C GLY R 502 86.83 29.57 -40.88
N VAL R 503 86.48 30.13 -39.73
CA VAL R 503 85.84 29.38 -38.67
C VAL R 503 84.58 30.12 -38.24
N LEU R 504 83.61 29.37 -37.72
CA LEU R 504 82.34 29.92 -37.27
C LEU R 504 82.23 29.69 -35.76
N GLY R 505 82.46 30.74 -34.98
CA GLY R 505 82.17 30.68 -33.57
C GLY R 505 80.68 30.57 -33.36
N PHE R 506 80.27 29.57 -32.58
CA PHE R 506 78.86 29.23 -32.42
C PHE R 506 78.57 28.98 -30.95
N ILE R 507 77.67 29.77 -30.38
CA ILE R 507 77.25 29.60 -28.99
C ILE R 507 75.75 29.35 -28.98
N PRO R 508 75.29 28.23 -28.41
CA PRO R 508 73.85 27.95 -28.42
C PRO R 508 73.08 28.89 -27.52
N GLU R 509 71.81 29.10 -27.86
CA GLU R 509 70.89 29.84 -27.02
C GLU R 509 69.49 29.29 -27.22
N TYR R 510 68.70 29.33 -26.15
CA TYR R 510 67.40 28.69 -26.11
C TYR R 510 66.31 29.74 -25.94
N LEU R 511 65.07 29.30 -26.10
CA LEU R 511 63.93 30.20 -26.13
C LEU R 511 63.61 30.74 -24.74
N VAL R 512 62.96 31.89 -24.69
CA VAL R 512 62.46 32.47 -23.45
C VAL R 512 61.06 33.03 -23.72
N ASP R 513 60.14 32.79 -22.80
CA ASP R 513 58.76 33.25 -22.94
C ASP R 513 58.29 33.85 -21.63
N PHE R 514 57.49 34.93 -21.72
CA PHE R 514 56.91 35.57 -20.56
C PHE R 514 55.88 36.60 -21.02
N ASN R 515 54.99 36.96 -20.11
CA ASN R 515 54.02 38.02 -20.37
C ASN R 515 54.70 39.36 -20.11
N MET R 516 54.62 40.26 -21.09
CA MET R 516 55.25 41.56 -21.00
C MET R 516 54.20 42.63 -21.28
N ILE R 517 54.28 43.74 -20.56
CA ILE R 517 53.33 44.84 -20.73
C ILE R 517 54.04 45.98 -21.46
N ARG R 518 53.66 46.20 -22.70
CA ARG R 518 54.26 47.24 -23.52
C ARG R 518 53.20 48.25 -23.93
N ASN R 519 53.43 49.51 -23.56
CA ASN R 519 52.49 50.61 -23.77
C ASN R 519 51.10 50.24 -23.28
N GLN R 520 50.99 49.70 -22.07
CA GLN R 520 49.78 49.09 -21.49
C GLN R 520 48.99 48.27 -22.49
N ARG R 521 49.69 47.53 -23.35
CA ARG R 521 49.12 46.44 -24.12
C ARG R 521 49.70 45.14 -23.58
N ILE R 522 48.82 44.17 -23.30
CA ILE R 522 49.26 42.91 -22.71
C ILE R 522 49.32 41.85 -23.81
N GLY R 523 50.50 41.31 -24.04
CA GLY R 523 50.67 40.22 -24.97
C GLY R 523 51.80 39.32 -24.54
N ARG R 524 51.74 38.07 -24.99
CA ARG R 524 52.77 37.11 -24.63
C ARG R 524 53.77 36.98 -25.77
N GLU R 525 55.05 37.00 -25.44
CA GLU R 525 56.12 37.02 -26.42
C GLU R 525 57.06 35.84 -26.18
N ILE R 526 57.53 35.25 -27.27
CA ILE R 526 58.59 34.26 -27.25
C ILE R 526 59.78 34.83 -28.00
N ARG R 527 60.94 34.85 -27.34
CA ARG R 527 62.12 35.54 -27.84
C ARG R 527 63.26 34.55 -28.02
N LEU R 528 63.92 34.62 -29.18
CA LEU R 528 65.08 33.80 -29.49
C LEU R 528 66.27 34.74 -29.58
N THR R 529 67.33 34.44 -28.83
CA THR R 529 68.49 35.32 -28.89
C THR R 529 69.64 34.64 -29.65
N PRO R 530 69.89 35.03 -30.88
CA PRO R 530 71.01 34.42 -31.62
C PRO R 530 72.35 35.03 -31.24
N ARG R 531 73.42 34.27 -31.45
CA ARG R 531 74.77 34.78 -31.20
C ARG R 531 75.75 33.95 -32.01
N TYR R 532 76.47 34.60 -32.92
CA TYR R 532 77.44 33.95 -33.79
C TYR R 532 78.17 35.02 -34.58
N ARG R 533 79.31 34.63 -35.15
CA ARG R 533 80.07 35.57 -35.98
C ARG R 533 81.02 34.77 -36.87
N TYR R 534 81.33 35.34 -38.03
CA TYR R 534 82.21 34.70 -39.01
C TYR R 534 83.59 35.33 -38.95
N PHE R 535 84.63 34.50 -39.06
CA PHE R 535 86.00 34.95 -39.09
C PHE R 535 86.68 34.53 -40.38
N ASN R 536 87.76 35.21 -40.73
CA ASN R 536 88.50 34.96 -41.96
C ASN R 536 89.97 34.83 -41.64
N PHE R 537 90.60 33.73 -42.08
CA PHE R 537 92.00 33.48 -41.81
C PHE R 537 92.85 33.43 -43.07
N LEU R 538 92.52 32.57 -44.02
CA LEU R 538 93.38 32.40 -45.18
C LEU R 538 93.21 33.57 -46.14
N PRO R 539 94.26 34.32 -46.42
CA PRO R 539 94.15 35.44 -47.35
C PRO R 539 94.39 35.03 -48.80
N ILE R 540 93.74 33.95 -49.23
CA ILE R 540 93.84 33.48 -50.61
C ILE R 540 92.43 33.10 -51.06
N MET R 541 92.05 33.54 -52.25
CA MET R 541 90.73 33.26 -52.76
C MET R 541 90.69 33.58 -54.25
N LEU R 542 89.89 32.81 -54.99
CA LEU R 542 89.78 32.94 -56.44
C LEU R 542 88.32 33.08 -56.84
N VAL R 543 88.06 33.87 -57.88
CA VAL R 543 86.72 34.04 -58.44
C VAL R 543 86.81 33.87 -59.95
N ILE R 544 85.92 33.05 -60.51
CA ILE R 544 85.73 32.96 -61.95
C ILE R 544 84.30 33.36 -62.24
N ASN R 545 84.10 34.13 -63.30
CA ASN R 545 82.79 34.67 -63.64
C ASN R 545 82.39 34.21 -65.03
N VAL R 546 81.18 33.65 -65.14
CA VAL R 546 80.68 33.09 -66.39
C VAL R 546 79.45 33.89 -66.82
N ILE R 547 79.39 34.22 -68.10
CA ILE R 547 78.28 35.00 -68.65
C ILE R 547 77.80 34.36 -69.94
N ASN R 548 76.61 34.75 -70.35
CA ASN R 548 76.08 34.43 -71.68
C ASN R 548 75.94 32.93 -71.91
N LEU R 549 75.72 32.17 -70.84
CA LEU R 549 75.67 30.71 -70.99
C LEU R 549 74.53 30.28 -71.89
N GLU R 550 73.36 30.90 -71.73
CA GLU R 550 72.17 30.40 -72.42
C GLU R 550 72.26 30.65 -73.93
N GLU R 551 72.91 31.75 -74.33
CA GLU R 551 72.98 32.09 -75.74
C GLU R 551 73.70 31.01 -76.55
N ALA R 552 74.81 30.48 -76.00
CA ALA R 552 75.63 29.55 -76.76
C ALA R 552 74.84 28.31 -77.14
N ILE R 553 74.07 27.76 -76.21
CA ILE R 553 73.16 26.68 -76.56
C ILE R 553 72.02 27.17 -77.45
N ALA R 554 71.49 28.37 -77.17
CA ALA R 554 70.33 28.88 -77.89
C ALA R 554 70.64 29.32 -79.31
N GLN R 555 71.74 30.06 -79.52
CA GLN R 555 72.03 30.67 -80.80
C GLN R 555 72.77 29.69 -81.69
N ARG R 556 72.91 30.09 -82.96
CA ARG R 556 73.75 29.36 -83.89
C ARG R 556 75.17 29.27 -83.33
N THR R 557 75.60 28.06 -83.00
CA THR R 557 76.97 27.83 -82.54
C THR R 557 77.65 26.86 -83.49
N ALA R 558 78.86 27.22 -83.90
CA ALA R 558 79.62 26.38 -84.81
C ALA R 558 81.09 26.78 -84.76
N LEU R 559 81.89 26.17 -85.64
CA LEU R 559 83.32 26.46 -85.67
C LEU R 559 83.56 27.94 -85.91
N ASP R 560 84.13 28.61 -84.91
CA ASP R 560 84.51 30.00 -85.05
C ASP R 560 85.71 30.08 -85.98
N VAL R 561 85.47 29.85 -87.27
CA VAL R 561 86.57 29.60 -88.19
C VAL R 561 87.35 30.88 -88.38
N ASN R 562 88.51 30.94 -87.74
CA ASN R 562 89.43 32.04 -87.94
C ASN R 562 90.16 31.91 -89.28
N GLU R 563 89.48 32.36 -90.34
CA GLU R 563 90.05 32.54 -91.67
C GLU R 563 91.36 33.33 -91.62
N THR R 564 92.49 32.70 -91.90
CA THR R 564 93.80 33.32 -91.67
C THR R 564 94.58 33.51 -92.97
N GLN R 565 94.29 34.62 -93.65
CA GLN R 565 95.24 35.38 -94.46
C GLN R 565 96.26 34.52 -95.21
N VAL R 566 95.77 33.57 -96.00
CA VAL R 566 96.65 32.93 -96.96
C VAL R 566 95.92 32.95 -98.31
N THR R 567 94.97 33.82 -98.41
CA THR R 567 94.42 34.48 -99.57
C THR R 567 94.86 35.93 -99.55
N PRO R 568 95.36 36.44 -100.67
CA PRO R 568 96.15 37.69 -100.62
C PRO R 568 95.41 38.86 -100.00
N ALA R 569 95.84 39.22 -98.79
CA ALA R 569 95.43 40.46 -98.15
C ALA R 569 96.58 40.97 -97.29
N SER R 570 97.69 40.24 -97.32
CA SER R 570 98.84 40.53 -96.47
C SER R 570 100.04 39.66 -96.87
N HIS S 1 43.14 8.57 -71.05
CA HIS S 1 44.28 7.68 -70.86
C HIS S 1 45.40 8.35 -70.05
N GLU S 2 46.64 8.01 -70.40
CA GLU S 2 47.79 8.41 -69.60
C GLU S 2 48.04 9.91 -69.61
N PHE S 3 47.55 10.62 -70.63
CA PHE S 3 47.93 12.01 -70.81
C PHE S 3 47.34 12.90 -69.71
N ALA S 4 46.01 12.96 -69.63
CA ALA S 4 45.37 13.85 -68.67
C ALA S 4 45.77 13.49 -67.25
N GLU S 5 45.96 12.21 -66.98
CA GLU S 5 46.50 11.80 -65.69
C GLU S 5 47.90 12.37 -65.51
N LEU S 6 48.70 12.38 -66.58
CA LEU S 6 50.08 12.85 -66.46
C LEU S 6 50.14 14.33 -66.17
N PHE S 7 49.16 15.10 -66.65
CA PHE S 7 49.17 16.52 -66.34
C PHE S 7 48.10 16.95 -65.35
N TYR S 8 47.26 16.05 -64.88
CA TYR S 8 46.23 16.37 -63.90
C TYR S 8 45.93 15.13 -63.08
N ARG S 9 46.12 15.21 -61.76
CA ARG S 9 45.79 14.08 -60.90
C ARG S 9 44.30 14.02 -60.62
N THR S 10 43.75 12.81 -60.73
CA THR S 10 42.32 12.61 -60.53
C THR S 10 41.96 12.85 -59.08
N TYR S 11 40.94 13.66 -58.84
CA TYR S 11 40.46 13.95 -57.50
C TYR S 11 38.96 13.72 -57.46
N ILE S 12 38.54 12.66 -56.78
CA ILE S 12 37.13 12.29 -56.71
C ILE S 12 36.45 13.16 -55.66
N VAL S 13 35.22 13.55 -55.94
CA VAL S 13 34.41 14.36 -55.03
C VAL S 13 33.16 13.57 -54.67
N THR S 14 32.79 13.59 -53.40
CA THR S 14 31.56 12.92 -52.99
C THR S 14 30.40 13.53 -53.76
N PRO S 15 29.47 12.72 -54.25
CA PRO S 15 28.58 13.21 -55.33
C PRO S 15 27.40 14.02 -54.85
N ASP S 16 27.60 14.88 -53.84
CA ASP S 16 26.67 15.92 -53.45
C ASP S 16 27.47 17.14 -53.06
N GLN S 17 27.82 17.98 -54.03
CA GLN S 17 28.67 19.14 -53.79
C GLN S 17 28.49 20.14 -54.91
N ALA S 18 28.98 21.36 -54.67
CA ALA S 18 29.18 22.34 -55.71
C ALA S 18 30.65 22.65 -55.95
N GLY S 19 31.54 22.12 -55.10
CA GLY S 19 32.96 22.37 -55.25
C GLY S 19 33.66 22.22 -53.92
N PHE S 20 34.96 22.46 -53.93
CA PHE S 20 35.76 22.32 -52.72
C PHE S 20 36.55 23.59 -52.47
N GLN S 21 36.75 23.89 -51.19
CA GLN S 21 37.48 25.07 -50.73
C GLN S 21 38.83 24.62 -50.21
N LEU S 22 39.89 25.29 -50.66
CA LEU S 22 41.25 24.90 -50.31
C LEU S 22 41.94 26.05 -49.58
N SER S 23 42.15 25.87 -48.28
CA SER S 23 42.80 26.87 -47.43
C SER S 23 44.29 26.62 -47.43
N ILE S 24 45.06 27.67 -47.72
CA ILE S 24 46.52 27.57 -47.82
C ILE S 24 47.14 28.48 -46.77
N ARG S 25 48.05 27.92 -45.98
CA ARG S 25 48.67 28.61 -44.86
C ARG S 25 49.96 29.27 -45.29
N ARG S 26 50.19 30.50 -44.82
CA ARG S 26 51.38 31.26 -45.15
C ARG S 26 51.97 31.82 -43.86
N ASN S 27 53.30 31.84 -43.77
CA ASN S 27 54.01 32.42 -42.64
C ASN S 27 54.53 33.79 -43.06
N LEU S 28 54.20 34.81 -42.27
CA LEU S 28 54.51 36.19 -42.64
C LEU S 28 55.49 36.78 -41.65
N VAL S 29 56.43 37.57 -42.17
CA VAL S 29 57.36 38.34 -41.35
C VAL S 29 57.35 39.78 -41.84
N TRP S 30 57.17 40.70 -40.91
CA TRP S 30 57.09 42.12 -41.24
C TRP S 30 57.68 42.94 -40.11
N GLU S 31 58.37 43.99 -40.50
CA GLU S 31 59.21 44.77 -39.60
C GLU S 31 58.41 45.89 -38.96
N GLY S 32 58.73 46.15 -37.70
CA GLY S 32 58.20 47.31 -37.01
C GLY S 32 56.69 47.28 -36.85
N TRP S 33 56.10 48.44 -36.61
CA TRP S 33 54.67 48.59 -36.42
C TRP S 33 54.05 49.52 -37.43
N THR S 34 52.72 49.45 -37.54
CA THR S 34 51.98 50.38 -38.37
C THR S 34 51.38 51.53 -37.57
N GLY S 35 51.65 51.58 -36.26
CA GLY S 35 51.09 52.58 -35.38
C GLY S 35 51.88 53.86 -35.24
N GLU S 36 51.84 54.74 -36.25
CA GLU S 36 52.56 56.00 -36.17
C GLU S 36 51.60 57.18 -36.31
N GLY S 37 51.23 57.75 -35.17
CA GLY S 37 50.55 59.03 -34.95
C GLY S 37 49.42 59.33 -35.92
N LEU S 38 49.28 60.60 -36.24
CA LEU S 38 48.24 61.10 -37.12
C LEU S 38 48.69 61.20 -38.57
N SER S 39 49.85 60.65 -38.89
CA SER S 39 50.40 60.68 -40.24
C SER S 39 50.42 59.27 -40.79
N GLY S 40 49.90 59.10 -42.01
CA GLY S 40 49.87 57.79 -42.64
C GLY S 40 48.65 56.97 -42.27
N GLU S 41 48.95 55.79 -41.72
CA GLU S 41 47.97 54.84 -41.19
C GLU S 41 47.10 54.20 -42.27
N LYS S 42 47.35 54.50 -43.54
CA LYS S 42 46.86 53.62 -44.60
C LYS S 42 47.52 52.26 -44.53
N GLN S 43 48.75 52.19 -44.01
CA GLN S 43 49.36 50.97 -43.53
C GLN S 43 49.49 49.92 -44.64
N GLU S 44 50.18 50.30 -45.70
CA GLU S 44 50.46 49.42 -46.82
C GLU S 44 51.71 48.57 -46.58
N ILE S 45 52.04 48.32 -45.31
CA ILE S 45 53.31 47.68 -44.96
C ILE S 45 53.44 46.35 -45.66
N SER S 46 54.66 46.05 -46.12
CA SER S 46 54.88 44.91 -47.00
C SER S 46 54.94 43.62 -46.21
N LYS S 47 53.85 42.87 -46.23
CA LYS S 47 53.80 41.54 -45.64
C LYS S 47 54.49 40.58 -46.60
N ARG S 48 55.70 40.16 -46.25
CA ARG S 48 56.59 39.47 -47.17
C ARG S 48 56.77 38.02 -46.77
N ASN S 49 56.69 37.13 -47.74
CA ASN S 49 56.77 35.70 -47.47
C ASN S 49 58.17 35.32 -46.99
N ILE S 50 58.21 34.38 -46.04
CA ILE S 50 59.50 33.96 -45.50
C ILE S 50 60.31 33.18 -46.51
N LEU S 51 59.64 32.34 -47.32
CA LEU S 51 60.37 31.62 -48.37
C LEU S 51 60.97 32.57 -49.39
N GLN S 52 60.31 33.70 -49.65
CA GLN S 52 60.93 34.74 -50.47
C GLN S 52 62.23 35.21 -49.85
N GLY S 53 62.31 35.16 -48.52
CA GLY S 53 63.54 35.50 -47.84
C GLY S 53 64.67 34.51 -48.10
N LEU S 54 64.34 33.29 -48.50
CA LEU S 54 65.37 32.32 -48.82
C LEU S 54 66.19 32.73 -50.04
N LEU S 55 65.58 33.47 -50.97
CA LEU S 55 66.27 33.87 -52.20
C LEU S 55 67.01 35.18 -51.97
N ASP S 56 66.28 36.23 -51.60
CA ASP S 56 66.89 37.54 -51.42
C ASP S 56 67.48 37.66 -50.02
N TYR S 57 68.32 38.68 -49.82
CA TYR S 57 69.02 38.89 -48.56
C TYR S 57 68.44 40.04 -47.75
N THR S 58 67.80 41.02 -48.37
CA THR S 58 67.30 42.19 -47.66
C THR S 58 66.16 41.87 -46.71
N THR S 59 65.60 40.66 -46.78
CA THR S 59 64.41 40.35 -46.01
C THR S 59 64.71 40.26 -44.52
N LEU S 60 65.56 39.31 -44.14
CA LEU S 60 65.93 39.09 -42.74
C LEU S 60 67.12 39.97 -42.41
N GLU S 61 66.90 41.28 -42.32
CA GLU S 61 67.93 42.21 -41.89
C GLU S 61 67.47 42.90 -40.62
N THR S 62 68.28 42.80 -39.58
CA THR S 62 67.87 43.26 -38.26
C THR S 62 68.99 44.06 -37.62
N ASN S 63 68.67 45.30 -37.25
CA ASN S 63 69.54 46.10 -36.40
C ASN S 63 68.69 47.09 -35.62
N SER S 64 68.32 46.70 -34.40
CA SER S 64 67.42 47.50 -33.59
C SER S 64 67.99 47.64 -32.19
N THR S 65 69.16 47.03 -31.95
CA THR S 65 69.78 47.02 -30.64
C THR S 65 71.03 47.90 -30.58
N GLU S 66 71.73 48.09 -31.68
CA GLU S 66 73.00 48.80 -31.67
C GLU S 66 72.83 50.21 -31.12
N LEU S 67 73.69 50.56 -30.16
CA LEU S 67 73.61 51.84 -29.47
C LEU S 67 74.40 52.86 -30.28
N ILE S 68 73.72 53.52 -31.22
CA ILE S 68 74.34 54.53 -32.06
C ILE S 68 74.18 55.90 -31.39
N PRO S 69 75.23 56.70 -31.34
CA PRO S 69 75.10 58.05 -30.76
C PRO S 69 74.07 58.90 -31.50
N VAL S 70 73.32 59.70 -30.77
CA VAL S 70 72.28 60.55 -31.32
C VAL S 70 72.47 61.96 -30.81
N ILE S 71 72.32 62.95 -31.70
CA ILE S 71 72.50 64.34 -31.29
C ILE S 71 71.27 64.80 -30.53
N GLN S 72 71.49 65.56 -29.46
CA GLN S 72 70.42 66.22 -28.71
C GLN S 72 70.83 67.69 -28.64
N SER S 73 70.33 68.47 -29.59
CA SER S 73 70.87 69.80 -29.86
C SER S 73 70.80 70.69 -28.63
N GLY S 74 71.87 71.43 -28.39
CA GLY S 74 71.91 72.38 -27.30
C GLY S 74 72.21 71.79 -25.94
N GLU S 75 72.39 70.47 -25.86
CA GLU S 75 72.63 69.85 -24.56
C GLU S 75 73.82 68.90 -24.53
N ASN S 76 74.17 68.24 -25.62
CA ASN S 76 75.31 67.34 -25.61
C ASN S 76 76.18 67.55 -26.84
N ASP S 77 76.13 68.74 -27.42
CA ASP S 77 76.92 69.02 -28.61
C ASP S 77 78.41 68.93 -28.33
N GLU S 78 78.83 69.21 -27.09
CA GLU S 78 80.25 69.20 -26.79
C GLU S 78 80.84 67.80 -26.78
N GLN S 79 80.02 66.74 -26.73
CA GLN S 79 80.54 65.39 -26.92
C GLN S 79 80.90 65.10 -28.37
N PHE S 80 80.52 65.95 -29.31
CA PHE S 80 80.68 65.72 -30.73
C PHE S 80 81.47 66.86 -31.35
N ILE S 81 82.18 66.55 -32.43
CA ILE S 81 82.88 67.60 -33.16
C ILE S 81 81.87 68.59 -33.71
N ASP S 82 82.14 69.88 -33.53
CA ASP S 82 81.16 70.89 -33.87
C ASP S 82 80.95 70.95 -35.39
N PRO S 83 79.72 71.19 -35.84
CA PRO S 83 79.39 71.17 -37.26
C PRO S 83 80.12 72.22 -38.08
N SER S 84 81.45 72.23 -38.00
CA SER S 84 82.26 73.07 -38.86
C SER S 84 83.29 72.28 -39.64
N VAL S 85 83.78 71.17 -39.09
CA VAL S 85 84.71 70.30 -39.81
C VAL S 85 83.96 69.27 -40.63
N LEU S 86 82.91 68.69 -40.06
CA LEU S 86 82.09 67.69 -40.75
C LEU S 86 80.64 67.89 -40.34
N PRO S 87 79.78 68.31 -41.26
CA PRO S 87 78.36 68.49 -40.92
C PRO S 87 77.70 67.19 -40.47
N ALA S 88 76.76 67.30 -39.53
CA ALA S 88 76.11 66.13 -38.95
C ALA S 88 75.27 65.41 -40.00
N GLN S 89 75.28 64.08 -39.95
CA GLN S 89 74.64 63.24 -40.96
C GLN S 89 73.41 62.56 -40.36
N THR S 90 72.33 62.53 -41.13
CA THR S 90 71.13 61.82 -40.71
C THR S 90 71.23 60.36 -41.17
N VAL S 91 70.85 59.44 -40.28
CA VAL S 91 70.89 58.01 -40.55
C VAL S 91 69.57 57.39 -40.14
N LYS S 92 69.30 56.21 -40.68
CA LYS S 92 68.09 55.47 -40.40
C LYS S 92 68.43 54.15 -39.73
N GLN S 93 67.93 53.96 -38.51
CA GLN S 93 68.10 52.73 -37.76
C GLN S 93 66.72 52.32 -37.28
N GLY S 94 66.23 51.18 -37.76
CA GLY S 94 64.87 50.77 -37.47
C GLY S 94 63.86 51.69 -38.09
N LYS S 95 62.87 52.12 -37.31
CA LYS S 95 61.85 53.06 -37.76
C LYS S 95 62.14 54.48 -37.32
N ASP S 96 63.30 54.74 -36.72
CA ASP S 96 63.61 56.03 -36.13
C ASP S 96 64.44 56.87 -37.10
N THR S 97 64.24 58.18 -37.06
CA THR S 97 65.04 59.12 -37.83
C THR S 97 65.74 60.07 -36.88
N PHE S 98 67.06 60.12 -36.94
CA PHE S 98 67.84 60.98 -36.05
C PHE S 98 69.19 61.30 -36.67
N ASP S 99 69.82 62.33 -36.12
CA ASP S 99 71.07 62.87 -36.65
C ASP S 99 72.23 62.45 -35.75
N THR S 100 73.35 62.11 -36.37
CA THR S 100 74.51 61.62 -35.64
C THR S 100 75.80 62.16 -36.27
N ASN S 101 76.89 62.05 -35.51
CA ASN S 101 78.19 62.51 -35.98
C ASN S 101 79.29 61.83 -35.17
N PHE S 102 80.52 61.99 -35.64
CA PHE S 102 81.66 61.34 -35.01
C PHE S 102 81.96 61.94 -33.65
N LEU S 103 82.33 61.07 -32.71
CA LEU S 103 82.61 61.52 -31.34
C LEU S 103 83.92 62.29 -31.28
N LYS S 104 83.90 63.42 -30.59
CA LYS S 104 85.10 64.21 -30.38
C LYS S 104 86.09 63.44 -29.51
N PHE S 105 87.37 63.56 -29.85
CA PHE S 105 88.39 62.85 -29.10
C PHE S 105 88.57 63.48 -27.73
N SER S 106 88.28 62.71 -26.69
CA SER S 106 88.40 63.19 -25.33
C SER S 106 89.87 63.22 -24.96
N GLU S 107 90.44 64.42 -24.94
CA GLU S 107 91.86 64.61 -24.68
C GLU S 107 92.16 64.92 -23.22
N ASN S 108 91.12 65.13 -22.40
CA ASN S 108 91.36 65.49 -21.02
C ASN S 108 90.09 65.30 -20.23
N GLY S 109 90.25 65.14 -18.93
CA GLY S 109 89.13 65.16 -18.04
C GLY S 109 88.16 64.01 -18.27
N GLU S 110 86.92 64.25 -17.85
CA GLU S 110 85.89 63.24 -17.96
C GLU S 110 85.63 62.90 -19.42
N GLY S 111 85.35 61.63 -19.67
CA GLY S 111 85.04 61.17 -21.00
C GLY S 111 83.57 61.28 -21.33
N PHE S 112 82.97 60.15 -21.70
CA PHE S 112 81.58 60.10 -22.11
C PHE S 112 80.90 58.90 -21.50
N ASN S 113 79.58 59.01 -21.34
CA ASN S 113 78.75 57.87 -20.97
C ASN S 113 77.92 57.50 -22.19
N LEU S 114 78.27 56.37 -22.81
CA LEU S 114 77.64 55.99 -24.06
C LEU S 114 76.13 55.78 -23.89
N LEU S 115 75.72 55.13 -22.80
CA LEU S 115 74.31 54.81 -22.62
C LEU S 115 73.45 56.06 -22.57
N MET S 116 73.90 57.08 -21.86
CA MET S 116 73.14 58.32 -21.81
C MET S 116 73.18 59.06 -23.14
N LEU S 117 74.28 58.92 -23.89
CA LEU S 117 74.34 59.50 -25.22
C LEU S 117 73.33 58.87 -26.16
N ALA S 118 73.17 57.56 -26.11
CA ALA S 118 72.37 56.83 -27.09
C ALA S 118 70.91 56.71 -26.70
N GLN S 119 70.14 57.78 -26.89
CA GLN S 119 68.69 57.73 -26.68
C GLN S 119 68.00 58.16 -27.97
N THR S 120 67.59 57.18 -28.76
CA THR S 120 66.81 57.48 -29.96
C THR S 120 65.45 58.03 -29.54
N PRO S 121 64.77 58.81 -30.39
CA PRO S 121 63.44 59.32 -30.04
C PRO S 121 62.47 58.21 -29.69
N SER S 122 62.71 57.01 -30.21
CA SER S 122 61.90 55.87 -29.80
C SER S 122 62.08 55.57 -28.31
N ARG S 123 63.29 55.78 -27.79
CA ARG S 123 63.54 55.51 -26.37
C ARG S 123 62.70 56.41 -25.48
N LEU S 124 62.61 57.70 -25.80
CA LEU S 124 61.98 58.65 -24.89
C LEU S 124 60.51 58.32 -24.64
N LYS S 125 59.73 58.15 -25.71
CA LYS S 125 58.35 57.71 -25.55
C LYS S 125 58.29 56.35 -24.88
N LYS S 126 59.33 55.54 -25.07
CA LYS S 126 59.42 54.22 -24.47
C LYS S 126 59.68 54.30 -22.97
N GLY S 127 59.99 55.49 -22.46
CA GLY S 127 60.35 55.68 -21.08
C GLY S 127 61.75 56.25 -20.94
N SER S 128 62.07 56.67 -19.72
CA SER S 128 63.37 57.25 -19.46
C SER S 128 64.44 56.16 -19.55
N MET S 129 65.70 56.58 -19.76
CA MET S 129 66.78 55.61 -19.80
C MET S 129 66.86 54.85 -18.49
N THR S 130 66.81 53.54 -18.61
CA THR S 130 66.68 52.65 -17.48
C THR S 130 68.04 52.12 -17.03
N PHE S 131 68.00 51.08 -16.21
CA PHE S 131 68.97 50.95 -15.16
C PHE S 131 69.82 49.69 -15.31
N THR S 132 69.21 48.54 -15.61
CA THR S 132 69.94 47.28 -15.69
C THR S 132 70.50 47.03 -17.08
N ASP S 133 70.42 48.01 -17.98
CA ASP S 133 70.97 47.88 -19.33
C ASP S 133 72.46 47.62 -19.22
N SER S 134 72.94 46.60 -19.95
CA SER S 134 74.34 46.22 -19.92
C SER S 134 74.86 46.06 -21.34
N LEU S 135 76.13 46.38 -21.52
CA LEU S 135 76.75 46.30 -22.84
C LEU S 135 77.18 44.87 -23.14
N ASP S 136 77.46 44.61 -24.41
CA ASP S 136 77.91 43.30 -24.86
C ASP S 136 79.34 43.01 -24.42
N SER S 137 79.73 41.74 -24.46
CA SER S 137 81.11 41.38 -24.14
C SER S 137 82.08 41.83 -25.23
N ARG S 138 81.58 42.29 -26.37
CA ARG S 138 82.43 42.81 -27.43
C ARG S 138 82.12 44.27 -27.70
N ILE S 139 83.15 45.11 -27.74
CA ILE S 139 83.04 46.50 -28.17
C ILE S 139 84.24 46.79 -29.06
N ALA S 140 84.01 47.52 -30.16
CA ALA S 140 85.07 47.80 -31.12
C ALA S 140 84.81 49.12 -31.83
N LEU S 141 85.84 49.66 -32.47
CA LEU S 141 85.70 50.88 -33.24
C LEU S 141 84.89 50.63 -34.49
N LYS S 142 84.38 51.71 -35.10
CA LYS S 142 83.67 51.59 -36.36
C LYS S 142 84.49 52.18 -37.51
N GLN S 143 84.89 53.45 -37.39
CA GLN S 143 85.89 54.04 -38.26
C GLN S 143 86.79 54.95 -37.44
N LEU S 144 87.83 55.46 -38.08
CA LEU S 144 88.73 56.44 -37.48
C LEU S 144 88.84 57.64 -38.41
N LEU S 145 88.17 58.71 -38.05
CA LEU S 145 88.07 59.89 -38.90
C LEU S 145 89.34 60.71 -38.76
N ILE S 146 90.05 60.92 -39.87
CA ILE S 146 91.32 61.64 -39.88
C ILE S 146 91.24 62.79 -40.87
N SER S 147 92.11 63.77 -40.68
CA SER S 147 92.16 64.96 -41.50
C SER S 147 93.55 65.15 -42.05
N VAL S 148 93.66 65.25 -43.37
CA VAL S 148 94.93 65.54 -44.04
C VAL S 148 94.91 67.01 -44.48
N THR S 149 95.96 67.74 -44.12
CA THR S 149 96.04 69.17 -44.36
C THR S 149 97.27 69.49 -45.18
N LYS S 150 97.10 70.29 -46.23
CA LYS S 150 98.22 70.74 -47.06
C LYS S 150 97.84 72.07 -47.70
N GLY S 151 98.54 73.13 -47.31
CA GLY S 151 98.26 74.45 -47.86
C GLY S 151 96.92 75.01 -47.48
N GLY S 152 96.45 74.74 -46.26
CA GLY S 152 95.22 75.31 -45.76
C GLY S 152 93.95 74.58 -46.16
N THR S 153 94.06 73.53 -46.97
CA THR S 153 92.90 72.77 -47.42
C THR S 153 92.74 71.50 -46.59
N THR S 154 91.50 71.11 -46.33
CA THR S 154 91.19 69.98 -45.47
C THR S 154 90.44 68.91 -46.25
N GLU S 155 90.87 67.66 -46.09
CA GLU S 155 90.18 66.51 -46.66
C GLU S 155 90.03 65.46 -45.57
N LEU S 156 88.87 64.79 -45.56
CA LEU S 156 88.53 63.83 -44.52
C LEU S 156 88.52 62.42 -45.10
N PHE S 157 88.74 61.43 -44.23
CA PHE S 157 88.79 60.04 -44.62
C PHE S 157 87.92 59.22 -43.67
N ALA S 158 87.03 58.41 -44.24
CA ALA S 158 86.20 57.50 -43.46
C ALA S 158 86.79 56.10 -43.62
N LEU S 159 87.72 55.77 -42.73
CA LEU S 159 88.52 54.56 -42.87
C LEU S 159 87.94 53.46 -41.99
N ASP S 160 87.44 52.41 -42.63
CA ASP S 160 86.82 51.29 -41.92
C ASP S 160 87.89 50.43 -41.27
N VAL S 161 88.04 50.53 -39.96
CA VAL S 161 88.92 49.66 -39.20
C VAL S 161 88.17 48.66 -38.37
N ASN S 162 86.85 48.59 -38.50
CA ASN S 162 86.07 47.55 -37.83
C ASN S 162 86.49 46.20 -38.38
N ARG S 163 86.44 45.18 -37.53
CA ARG S 163 86.94 43.86 -37.88
C ARG S 163 88.42 43.96 -38.24
N ASP S 164 89.22 44.42 -37.29
CA ASP S 164 90.66 44.44 -37.44
C ASP S 164 91.31 43.50 -36.43
N GLN S 165 92.65 43.50 -36.43
CA GLN S 165 93.38 42.62 -35.53
C GLN S 165 93.22 43.04 -34.08
N TYR S 166 93.14 44.34 -33.83
CA TYR S 166 93.17 44.85 -32.45
C TYR S 166 92.03 45.83 -32.17
N ALA S 167 91.04 45.91 -33.06
CA ALA S 167 90.00 46.91 -32.91
C ALA S 167 88.97 46.57 -31.83
N ALA S 168 88.94 45.33 -31.35
CA ALA S 168 87.95 44.90 -30.38
C ALA S 168 88.52 44.98 -28.97
N TYR S 169 87.74 45.55 -28.04
CA TYR S 169 88.18 45.71 -26.67
C TYR S 169 88.47 44.35 -26.04
N THR S 170 89.48 44.28 -25.18
CA THR S 170 89.85 43.06 -24.50
C THR S 170 89.72 43.23 -22.98
N ALA S 171 89.45 42.11 -22.31
CA ALA S 171 89.35 42.12 -20.86
C ALA S 171 90.73 42.23 -20.23
N THR S 172 90.81 42.90 -19.09
CA THR S 172 92.07 43.11 -18.40
C THR S 172 91.92 42.80 -16.92
N ARG S 173 93.01 42.36 -16.29
CA ARG S 173 93.02 42.03 -14.88
C ARG S 173 93.63 43.17 -14.06
N GLU S 174 92.88 44.25 -13.92
CA GLU S 174 93.40 45.42 -13.23
C GLU S 174 92.26 46.36 -12.85
N TYR S 175 92.22 46.72 -11.56
CA TYR S 175 91.20 47.56 -10.94
C TYR S 175 89.95 46.75 -10.62
N ASN S 176 88.85 47.09 -11.26
CA ASN S 176 87.60 46.36 -11.15
C ASN S 176 87.61 45.24 -12.17
N PHE S 177 86.58 44.37 -12.09
CA PHE S 177 86.45 43.28 -13.04
C PHE S 177 85.44 43.58 -14.13
N ARG S 178 85.04 44.84 -14.27
CA ARG S 178 84.14 45.27 -15.34
C ARG S 178 84.83 46.23 -16.30
N LEU S 179 86.15 46.20 -16.38
CA LEU S 179 86.89 47.11 -17.26
C LEU S 179 87.43 46.35 -18.45
N MET S 180 87.04 46.78 -19.65
CA MET S 180 87.59 46.25 -20.89
C MET S 180 88.42 47.33 -21.55
N GLN S 181 89.66 46.98 -21.92
CA GLN S 181 90.63 47.97 -22.37
C GLN S 181 90.79 47.90 -23.87
N LEU S 182 91.03 49.07 -24.46
CA LEU S 182 91.22 49.21 -25.91
C LEU S 182 92.67 49.59 -26.17
N LYS S 183 93.34 48.80 -26.99
CA LYS S 183 94.75 49.04 -27.32
C LYS S 183 94.88 49.01 -28.84
N PHE S 184 95.17 50.17 -29.43
CA PHE S 184 95.26 50.30 -30.87
C PHE S 184 96.62 50.92 -31.20
N HIS S 185 97.64 50.08 -31.34
CA HIS S 185 98.97 50.51 -31.76
C HIS S 185 99.36 49.71 -32.98
N THR S 186 98.93 50.16 -34.16
CA THR S 186 99.22 49.42 -35.37
C THR S 186 99.43 50.41 -36.51
N SER S 187 99.81 49.88 -37.67
CA SER S 187 100.00 50.65 -38.87
C SER S 187 98.68 50.66 -39.64
N LEU S 188 98.13 51.83 -39.86
CA LEU S 188 96.85 51.98 -40.54
C LEU S 188 97.09 52.00 -42.04
N GLY S 189 96.34 51.19 -42.78
CA GLY S 189 96.51 51.06 -44.22
C GLY S 189 95.51 51.91 -44.97
N LEU S 190 96.03 52.68 -45.94
CA LEU S 190 95.21 53.48 -46.82
C LEU S 190 95.56 53.12 -48.25
N GLY S 191 94.56 52.73 -49.03
CA GLY S 191 94.79 52.20 -50.36
C GLY S 191 95.22 53.26 -51.36
N GLU S 192 95.70 52.78 -52.50
CA GLU S 192 96.10 53.63 -53.61
C GLU S 192 94.96 53.93 -54.57
N GLU S 193 93.73 53.60 -54.18
CA GLU S 193 92.55 54.03 -54.92
C GLU S 193 91.46 54.43 -53.93
N SER S 194 91.76 54.32 -52.64
CA SER S 194 90.77 54.50 -51.60
C SER S 194 90.08 55.85 -51.72
N THR S 195 88.76 55.83 -51.67
CA THR S 195 87.98 57.06 -51.81
C THR S 195 87.92 57.80 -50.48
N THR S 196 87.40 59.02 -50.55
CA THR S 196 87.21 59.85 -49.37
C THR S 196 85.72 59.94 -49.03
N VAL S 197 85.42 60.52 -47.88
CA VAL S 197 84.04 60.76 -47.47
C VAL S 197 83.45 61.97 -48.19
N ALA S 198 84.29 62.84 -48.75
CA ALA S 198 83.83 64.01 -49.49
C ALA S 198 83.74 63.74 -51.00
N GLY S 199 84.06 62.54 -51.45
CA GLY S 199 83.95 62.21 -52.86
C GLY S 199 85.28 62.13 -53.59
N ALA S 200 85.46 61.06 -54.37
CA ALA S 200 86.62 60.87 -55.23
C ALA S 200 87.93 60.76 -54.43
N GLU S 201 89.05 60.66 -55.15
CA GLU S 201 90.35 60.56 -54.50
C GLU S 201 90.70 61.87 -53.80
N SER S 202 91.48 61.76 -52.74
CA SER S 202 91.93 62.95 -52.01
C SER S 202 92.80 63.82 -52.89
N ALA S 203 92.49 65.12 -52.94
CA ALA S 203 93.19 66.03 -53.84
C ALA S 203 94.64 66.24 -53.44
N LEU S 204 94.93 66.29 -52.14
CA LEU S 204 96.28 66.57 -51.67
C LEU S 204 97.21 65.36 -51.76
N LEU S 205 96.68 64.18 -52.03
CA LEU S 205 97.49 62.98 -52.17
C LEU S 205 97.57 62.49 -53.61
N LYS S 206 97.10 63.28 -54.58
CA LYS S 206 96.95 62.77 -55.94
C LYS S 206 98.29 62.33 -56.53
N ASP S 207 99.37 63.06 -56.22
CA ASP S 207 100.66 62.76 -56.83
C ASP S 207 101.11 61.34 -56.51
N LEU S 208 101.04 60.95 -55.24
CA LEU S 208 101.38 59.58 -54.87
C LEU S 208 100.44 58.58 -55.54
N PHE S 209 99.16 58.94 -55.64
CA PHE S 209 98.17 58.03 -56.20
C PHE S 209 98.37 57.84 -57.70
N ASP S 210 99.10 58.75 -58.35
CA ASP S 210 99.38 58.59 -59.77
C ASP S 210 100.38 57.47 -60.03
N LEU S 211 101.47 57.43 -59.27
CA LEU S 211 102.54 56.47 -59.51
C LEU S 211 102.32 55.14 -58.82
N GLY S 212 101.08 54.80 -58.49
CA GLY S 212 100.79 53.54 -57.81
C GLY S 212 101.40 53.44 -56.43
N TYR S 213 101.43 54.54 -55.70
CA TYR S 213 101.98 54.54 -54.35
C TYR S 213 100.87 54.70 -53.32
N ARG S 214 101.04 54.05 -52.18
CA ARG S 214 100.11 54.15 -51.07
C ARG S 214 100.87 54.37 -49.78
N ILE S 215 100.23 55.05 -48.83
CA ILE S 215 100.88 55.50 -47.61
C ILE S 215 100.38 54.67 -46.43
N GLU S 216 101.23 54.55 -45.42
CA GLU S 216 100.90 53.84 -44.19
C GLU S 216 101.03 54.80 -43.02
N LEU S 217 100.04 54.80 -42.14
CA LEU S 217 100.04 55.64 -40.96
C LEU S 217 100.12 54.78 -39.71
N ASP S 218 101.09 55.08 -38.85
CA ASP S 218 101.14 54.44 -37.54
C ASP S 218 100.21 55.19 -36.59
N VAL S 219 99.15 54.53 -36.17
CA VAL S 219 98.14 55.12 -35.30
C VAL S 219 98.28 54.49 -33.92
N LYS S 220 98.24 55.34 -32.89
CA LYS S 220 98.25 54.91 -31.50
C LYS S 220 97.05 55.52 -30.80
N VAL S 221 96.13 54.67 -30.36
CA VAL S 221 94.90 55.09 -29.71
C VAL S 221 94.65 54.16 -28.54
N ASP S 222 94.32 54.74 -27.38
CA ASP S 222 94.02 53.97 -26.18
C ASP S 222 92.70 54.44 -25.59
N GLY S 223 92.04 53.53 -24.89
CA GLY S 223 90.75 53.84 -24.29
C GLY S 223 90.34 52.85 -23.23
N GLU S 224 89.43 53.29 -22.38
CA GLU S 224 88.84 52.45 -21.33
C GLU S 224 87.34 52.37 -21.56
N MET S 225 86.74 51.25 -21.15
CA MET S 225 85.30 51.10 -21.22
C MET S 225 84.88 50.31 -20.00
N ASN S 226 83.77 50.70 -19.38
CA ASN S 226 83.24 50.02 -18.21
C ASN S 226 81.83 49.52 -18.52
N VAL S 227 81.67 48.20 -18.55
CA VAL S 227 80.41 47.57 -18.97
C VAL S 227 79.37 47.74 -17.87
N GLU S 228 79.82 48.12 -16.67
CA GLU S 228 78.92 48.15 -15.52
C GLU S 228 77.77 49.14 -15.72
N ASN S 229 78.07 50.36 -16.15
CA ASN S 229 77.04 51.37 -16.30
C ASN S 229 77.16 52.05 -17.66
N GLY S 230 78.33 51.98 -18.27
CA GLY S 230 78.57 52.60 -19.55
C GLY S 230 79.46 53.82 -19.53
N ASN S 231 80.24 54.03 -18.48
CA ASN S 231 81.17 55.15 -18.47
C ASN S 231 82.51 54.70 -19.06
N GLY S 232 82.95 55.41 -20.10
CA GLY S 232 84.20 55.05 -20.76
C GLY S 232 84.82 56.28 -21.40
N ASP S 233 86.08 56.12 -21.79
CA ASP S 233 86.82 57.21 -22.39
C ASP S 233 87.95 56.65 -23.23
N THR S 234 88.23 57.33 -24.35
CA THR S 234 89.36 57.04 -25.22
C THR S 234 90.04 58.35 -25.58
N SER S 235 91.35 58.30 -25.79
CA SER S 235 92.13 59.47 -26.14
C SER S 235 93.11 59.13 -27.25
N LEU S 236 93.43 60.14 -28.06
CA LEU S 236 94.40 59.96 -29.13
C LEU S 236 95.81 60.00 -28.58
N ARG S 237 96.62 59.02 -28.96
CA ARG S 237 98.02 59.00 -28.57
C ARG S 237 98.97 59.48 -29.66
N ALA S 238 98.97 58.83 -30.81
CA ALA S 238 99.96 59.15 -31.83
C ALA S 238 99.41 58.87 -33.22
N LEU S 239 99.66 59.80 -34.14
CA LEU S 239 99.32 59.63 -35.54
C LEU S 239 100.38 60.32 -36.38
N ARG S 240 101.07 59.54 -37.22
CA ARG S 240 102.11 60.08 -38.08
C ARG S 240 102.29 59.17 -39.27
N LEU S 241 102.75 59.76 -40.37
CA LEU S 241 103.00 58.99 -41.58
C LEU S 241 104.30 58.22 -41.43
N ALA S 242 104.24 56.90 -41.62
CA ALA S 242 105.37 56.02 -41.33
C ALA S 242 106.12 55.58 -42.59
N ARG S 243 105.43 54.92 -43.51
CA ARG S 243 106.12 54.22 -44.60
C ARG S 243 105.24 54.24 -45.84
N VAL S 244 105.87 53.99 -46.98
CA VAL S 244 105.21 54.06 -48.29
C VAL S 244 105.38 52.71 -48.97
N PHE S 245 104.29 52.22 -49.57
CA PHE S 245 104.30 50.95 -50.28
C PHE S 245 104.14 51.18 -51.77
N ASP S 246 104.87 50.39 -52.55
CA ASP S 246 104.76 50.44 -54.01
C ASP S 246 103.72 49.45 -54.51
N LYS S 247 103.69 49.20 -55.81
CA LYS S 247 102.69 48.29 -56.37
C LYS S 247 102.80 46.88 -55.82
N GLU S 248 104.01 46.35 -55.66
CA GLU S 248 104.18 44.97 -55.22
C GLU S 248 104.41 44.85 -53.71
N GLY S 249 105.01 45.83 -53.06
CA GLY S 249 105.20 45.80 -51.63
C GLY S 249 106.59 46.07 -51.12
N LYS S 250 107.52 46.49 -51.97
CA LYS S 250 108.82 46.93 -51.49
C LYS S 250 108.72 48.32 -50.89
N GLU S 251 109.50 48.55 -49.83
CA GLU S 251 109.54 49.86 -49.21
C GLU S 251 110.10 50.89 -50.18
N ILE S 252 109.53 52.09 -50.14
CA ILE S 252 110.06 53.24 -50.85
C ILE S 252 110.51 54.25 -49.81
N ALA S 253 111.79 54.62 -49.87
CA ALA S 253 112.35 55.49 -48.85
C ALA S 253 111.66 56.85 -48.88
N LEU S 254 111.32 57.33 -47.69
CA LEU S 254 110.66 58.62 -47.54
C LEU S 254 111.50 59.78 -48.03
N THR S 255 112.81 59.60 -48.16
CA THR S 255 113.71 60.66 -48.57
C THR S 255 113.95 60.68 -50.08
N ASP S 256 113.30 59.79 -50.83
CA ASP S 256 113.39 59.83 -52.28
C ASP S 256 112.76 61.12 -52.81
N SER S 257 113.34 61.64 -53.90
CA SER S 257 112.93 62.94 -54.41
C SER S 257 111.44 62.97 -54.75
N ARG S 258 110.95 61.95 -55.44
CA ARG S 258 109.56 61.98 -55.90
C ARG S 258 108.58 62.01 -54.73
N VAL S 259 108.77 61.12 -53.76
CA VAL S 259 107.85 61.09 -52.62
C VAL S 259 108.05 62.33 -51.76
N SER S 260 109.30 62.76 -51.58
CA SER S 260 109.56 63.93 -50.76
C SER S 260 108.86 65.16 -51.32
N ALA S 261 108.88 65.32 -52.65
CA ALA S 261 108.07 66.36 -53.27
C ALA S 261 106.60 66.11 -53.01
N ALA S 262 106.16 64.85 -53.09
CA ALA S 262 104.77 64.53 -52.82
C ALA S 262 104.43 64.63 -51.34
N LEU S 263 105.45 64.76 -50.48
CA LEU S 263 105.22 64.84 -49.04
C LEU S 263 105.69 66.14 -48.41
N SER S 264 105.74 67.23 -49.17
CA SER S 264 106.14 68.50 -48.59
C SER S 264 104.99 69.12 -47.80
N GLY S 265 105.21 69.32 -46.50
CA GLY S 265 104.26 70.02 -45.67
C GLY S 265 102.93 69.32 -45.45
N LEU S 266 102.94 68.03 -45.16
CA LEU S 266 101.72 67.29 -44.86
C LEU S 266 101.68 66.95 -43.39
N THR S 267 100.55 67.23 -42.75
CA THR S 267 100.30 66.84 -41.36
C THR S 267 98.94 66.16 -41.28
N VAL S 268 98.91 65.00 -40.62
CA VAL S 268 97.70 64.22 -40.46
C VAL S 268 97.40 64.12 -38.96
N THR S 269 96.16 64.46 -38.59
CA THR S 269 95.76 64.50 -37.19
C THR S 269 94.43 63.79 -37.01
N GLY S 270 94.32 63.04 -35.92
CA GLY S 270 93.07 62.38 -35.59
C GLY S 270 92.02 63.39 -35.17
N VAL S 271 90.83 63.26 -35.74
CA VAL S 271 89.73 64.19 -35.47
C VAL S 271 88.65 63.56 -34.61
N GLY S 272 88.11 62.42 -35.04
CA GLY S 272 87.04 61.80 -34.30
C GLY S 272 86.98 60.31 -34.55
N TYR S 273 85.95 59.68 -33.99
CA TYR S 273 85.74 58.26 -34.17
C TYR S 273 84.31 57.92 -33.82
N SER S 274 83.95 56.64 -34.00
CA SER S 274 82.68 56.10 -33.57
C SER S 274 82.89 54.70 -33.02
N LEU S 275 81.98 54.27 -32.15
CA LEU S 275 82.05 52.98 -31.50
C LEU S 275 80.99 52.04 -32.06
N GLU S 276 81.19 50.75 -31.82
CA GLU S 276 80.23 49.72 -32.17
C GLU S 276 79.95 48.90 -30.91
N ALA S 277 78.81 49.18 -30.28
CA ALA S 277 78.47 48.55 -29.01
C ALA S 277 77.06 47.98 -29.10
N ARG S 278 76.87 46.81 -28.49
CA ARG S 278 75.61 46.09 -28.57
C ARG S 278 75.01 45.92 -27.18
N LEU S 279 73.74 46.29 -27.06
CA LEU S 279 73.04 46.22 -25.77
C LEU S 279 72.49 44.82 -25.55
N THR S 280 73.23 44.00 -24.82
CA THR S 280 72.80 42.64 -24.51
C THR S 280 71.61 42.73 -23.54
N ASN S 281 70.49 43.20 -24.07
CA ASN S 281 69.39 43.65 -23.23
C ASN S 281 68.71 42.42 -22.67
N ILE S 282 68.85 42.23 -21.35
CA ILE S 282 68.28 41.07 -20.68
C ILE S 282 66.77 41.14 -20.64
N ASN S 283 66.21 42.34 -20.48
CA ASN S 283 64.78 42.55 -20.41
C ASN S 283 64.18 43.03 -21.72
N GLN S 284 64.99 43.71 -22.54
CA GLN S 284 64.71 44.01 -23.94
C GLN S 284 63.64 45.07 -24.14
N LEU S 285 63.92 45.98 -25.08
CA LEU S 285 62.93 46.82 -25.74
C LEU S 285 62.90 46.47 -27.22
N GLU S 286 63.22 45.21 -27.53
CA GLU S 286 63.53 44.80 -28.88
C GLU S 286 62.30 44.19 -29.53
N MET S 287 61.84 44.80 -30.62
CA MET S 287 60.75 44.24 -31.40
C MET S 287 61.22 43.26 -32.45
N GLY S 288 62.53 43.16 -32.68
CA GLY S 288 63.09 42.26 -33.68
C GLY S 288 62.32 42.32 -34.99
N LEU S 289 61.67 41.22 -35.32
CA LEU S 289 60.75 41.20 -36.45
C LEU S 289 59.43 40.60 -36.01
N LEU S 290 58.33 41.28 -36.34
CA LEU S 290 57.01 40.73 -36.12
C LEU S 290 56.74 39.61 -37.11
N ILE S 291 56.23 38.50 -36.61
CA ILE S 291 55.91 37.34 -37.44
C ILE S 291 54.41 37.07 -37.35
N ASP S 292 53.77 36.98 -38.51
CA ASP S 292 52.33 36.77 -38.59
C ASP S 292 52.05 35.59 -39.52
N SER S 293 50.76 35.29 -39.68
CA SER S 293 50.34 34.27 -40.62
C SER S 293 48.89 34.51 -41.04
N ASP S 294 48.65 34.39 -42.33
CA ASP S 294 47.31 34.47 -42.91
C ASP S 294 47.09 33.27 -43.82
N VAL S 295 45.86 32.77 -43.81
CA VAL S 295 45.45 31.64 -44.64
C VAL S 295 44.38 32.11 -45.61
N GLN S 296 44.57 31.78 -46.88
CA GLN S 296 43.64 32.14 -47.94
C GLN S 296 43.04 30.87 -48.52
N LYS S 297 41.86 30.99 -49.11
CA LYS S 297 41.24 29.89 -49.85
C LYS S 297 40.62 30.40 -51.14
N GLN S 298 40.65 29.56 -52.17
CA GLN S 298 40.06 29.85 -53.46
C GLN S 298 38.85 28.93 -53.66
N GLY S 299 37.80 29.48 -54.24
CA GLY S 299 36.57 28.72 -54.47
C GLY S 299 36.54 28.13 -55.86
N PHE S 300 36.37 26.81 -55.92
CA PHE S 300 36.30 26.05 -57.17
C PHE S 300 34.91 25.46 -57.28
N MET S 301 34.34 25.50 -58.49
CA MET S 301 32.99 25.00 -58.74
C MET S 301 33.00 24.02 -59.91
N ILE S 302 32.07 23.09 -59.90
CA ILE S 302 32.03 22.00 -60.87
C ILE S 302 30.83 22.19 -61.79
N PRO S 303 31.04 22.28 -63.10
CA PRO S 303 29.93 22.50 -64.02
C PRO S 303 29.11 21.24 -64.28
N THR S 304 27.98 21.44 -64.95
CA THR S 304 27.25 20.34 -65.54
C THR S 304 27.30 20.45 -67.07
N LEU S 305 27.42 19.30 -67.74
CA LEU S 305 27.75 19.31 -69.15
C LEU S 305 26.66 18.67 -70.00
N PRO S 306 26.61 18.97 -71.30
CA PRO S 306 25.61 18.37 -72.18
C PRO S 306 25.68 16.85 -72.14
N PRO S 307 24.53 16.18 -72.18
CA PRO S 307 24.52 14.72 -71.99
C PRO S 307 24.82 13.97 -73.28
N LEU S 308 25.27 12.73 -73.11
CA LEU S 308 25.42 11.78 -74.19
C LEU S 308 24.28 10.78 -74.09
N VAL S 309 23.40 10.75 -75.09
CA VAL S 309 22.14 10.04 -74.98
C VAL S 309 22.08 8.93 -76.01
N ILE S 310 21.61 7.76 -75.59
CA ILE S 310 21.43 6.60 -76.44
C ILE S 310 19.93 6.39 -76.61
N VAL S 311 19.50 6.18 -77.85
CA VAL S 311 18.10 5.87 -78.15
C VAL S 311 18.05 4.47 -78.75
N LYS S 312 17.12 3.66 -78.26
CA LYS S 312 16.98 2.30 -78.73
C LYS S 312 15.55 1.85 -78.50
N PRO S 313 14.91 1.24 -79.50
CA PRO S 313 13.55 0.75 -79.32
C PRO S 313 13.43 -0.22 -78.16
N ALA S 314 12.39 -0.03 -77.36
CA ALA S 314 12.27 -0.64 -76.05
C ALA S 314 11.49 -1.95 -76.10
N MET S 315 11.06 -2.37 -74.91
CA MET S 315 10.04 -3.40 -74.69
C MET S 315 10.61 -4.80 -74.85
N VAL S 316 11.85 -4.91 -75.34
CA VAL S 316 12.59 -6.17 -75.42
C VAL S 316 14.06 -5.85 -75.19
N GLU S 317 14.88 -6.90 -75.14
CA GLU S 317 16.31 -6.72 -75.00
C GLU S 317 17.00 -6.83 -76.35
N ASP S 318 17.79 -5.81 -76.69
CA ASP S 318 18.50 -5.79 -77.97
C ASP S 318 19.75 -4.96 -77.78
N ASP S 319 20.90 -5.54 -78.12
CA ASP S 319 22.16 -4.81 -78.21
C ASP S 319 22.85 -5.15 -79.53
N LYS S 320 22.04 -5.46 -80.54
CA LYS S 320 22.52 -5.79 -81.87
C LYS S 320 22.39 -4.60 -82.82
N THR S 321 21.63 -3.58 -82.45
CA THR S 321 21.57 -2.35 -83.21
C THR S 321 22.50 -1.33 -82.58
N TYR S 322 22.27 -1.03 -81.31
CA TYR S 322 23.22 -0.28 -80.53
C TYR S 322 24.06 -1.25 -79.71
N PRO S 323 25.38 -1.20 -79.80
CA PRO S 323 26.22 -2.20 -79.12
C PRO S 323 26.14 -2.09 -77.61
N ARG S 324 26.93 -2.89 -76.90
CA ARG S 324 26.92 -2.84 -75.45
C ARG S 324 27.34 -1.46 -74.97
N LEU S 325 27.22 -1.25 -73.65
CA LEU S 325 27.44 0.05 -73.03
C LEU S 325 28.83 0.61 -73.32
N GLU S 326 29.77 -0.27 -73.70
CA GLU S 326 31.16 0.16 -73.87
C GLU S 326 31.29 1.26 -74.90
N ALA S 327 30.41 1.29 -75.91
CA ALA S 327 30.45 2.37 -76.89
C ALA S 327 30.17 3.71 -76.23
N LEU S 328 29.13 3.76 -75.40
CA LEU S 328 28.80 4.99 -74.68
C LEU S 328 29.93 5.39 -73.74
N THR S 329 30.50 4.41 -73.04
CA THR S 329 31.59 4.70 -72.12
C THR S 329 32.80 5.27 -72.86
N THR S 330 33.12 4.71 -74.02
CA THR S 330 34.23 5.23 -74.82
C THR S 330 33.93 6.64 -75.30
N ALA S 331 32.70 6.89 -75.75
CA ALA S 331 32.33 8.22 -76.19
C ALA S 331 32.48 9.22 -75.05
N TYR S 332 32.07 8.83 -73.85
CA TYR S 332 32.29 9.68 -72.68
C TYR S 332 33.78 9.88 -72.40
N ARG S 333 34.56 8.81 -72.47
CA ARG S 333 35.96 8.87 -72.04
C ARG S 333 36.78 9.78 -72.96
N ILE S 334 36.54 9.71 -74.27
CA ILE S 334 37.27 10.57 -75.20
C ILE S 334 37.04 12.04 -74.84
N GLN S 335 35.77 12.45 -74.91
CA GLN S 335 35.38 13.83 -74.61
C GLN S 335 35.94 14.28 -73.27
N GLN S 336 35.79 13.42 -72.25
CA GLN S 336 36.31 13.73 -70.92
C GLN S 336 37.80 13.98 -70.94
N MET S 337 38.58 12.98 -71.33
CA MET S 337 39.98 12.94 -70.95
C MET S 337 40.93 13.55 -71.97
N ARG S 338 40.59 13.58 -73.26
CA ARG S 338 41.56 14.02 -74.25
C ARG S 338 41.30 15.46 -74.70
N ASN S 339 40.15 15.74 -75.29
CA ASN S 339 39.98 17.02 -75.98
C ASN S 339 39.90 18.17 -75.00
N ASN S 340 39.12 18.00 -73.93
CA ASN S 340 39.02 19.07 -72.94
C ASN S 340 40.34 19.33 -72.25
N ALA S 341 41.10 18.29 -71.92
CA ALA S 341 42.40 18.49 -71.29
C ALA S 341 43.34 19.25 -72.23
N VAL S 342 43.37 18.86 -73.50
CA VAL S 342 44.24 19.55 -74.45
C VAL S 342 43.84 21.01 -74.59
N THR S 343 42.53 21.28 -74.71
CA THR S 343 42.07 22.65 -74.86
C THR S 343 42.41 23.48 -73.63
N THR S 344 42.23 22.91 -72.44
CA THR S 344 42.55 23.63 -71.22
C THR S 344 44.03 23.97 -71.14
N LEU S 345 44.89 23.01 -71.49
CA LEU S 345 46.33 23.29 -71.44
C LEU S 345 46.71 24.37 -72.43
N LEU S 346 46.17 24.31 -73.65
CA LEU S 346 46.50 25.34 -74.64
C LEU S 346 46.01 26.71 -74.20
N ASN S 347 44.80 26.79 -73.65
CA ASN S 347 44.30 28.07 -73.17
C ASN S 347 45.15 28.60 -72.04
N ARG S 348 45.59 27.73 -71.13
CA ARG S 348 46.49 28.15 -70.08
C ARG S 348 47.80 28.70 -70.65
N ALA S 349 48.32 28.03 -71.67
CA ALA S 349 49.56 28.51 -72.29
C ALA S 349 49.38 29.89 -72.88
N ASP S 350 48.29 30.10 -73.61
CA ASP S 350 48.05 31.41 -74.21
C ASP S 350 47.86 32.48 -73.14
N THR S 351 47.12 32.15 -72.08
CA THR S 351 46.89 33.10 -71.01
C THR S 351 48.19 33.48 -70.32
N LEU S 352 49.06 32.51 -70.07
CA LEU S 352 50.35 32.80 -69.47
C LEU S 352 51.17 33.71 -70.37
N LYS S 353 51.21 33.39 -71.66
CA LYS S 353 51.91 34.25 -72.62
C LYS S 353 51.37 35.68 -72.55
N SER S 354 50.05 35.81 -72.49
CA SER S 354 49.43 37.13 -72.50
C SER S 354 49.78 37.92 -71.25
N TYR S 355 49.71 37.29 -70.08
CA TYR S 355 49.87 38.04 -68.84
C TYR S 355 51.33 38.20 -68.46
N LEU S 356 52.04 37.10 -68.22
CA LEU S 356 53.31 37.17 -67.51
C LEU S 356 54.49 37.49 -68.41
N GLY S 357 54.27 38.00 -69.61
CA GLY S 357 55.39 38.31 -70.47
C GLY S 357 56.13 37.07 -70.89
N VAL S 358 57.41 37.23 -71.20
CA VAL S 358 58.27 36.14 -71.62
C VAL S 358 59.54 36.17 -70.77
N GLY S 359 59.76 35.11 -70.01
CA GLY S 359 61.02 34.94 -69.30
C GLY S 359 61.35 36.01 -68.28
N VAL S 360 60.39 36.42 -67.46
CA VAL S 360 60.61 37.43 -66.44
C VAL S 360 59.96 36.97 -65.14
N PRO S 361 60.70 36.81 -64.05
CA PRO S 361 60.10 36.45 -62.77
C PRO S 361 59.33 37.61 -62.15
N HIS S 362 58.42 37.25 -61.25
CA HIS S 362 57.67 38.22 -60.48
C HIS S 362 57.61 37.81 -59.02
N PRO S 363 57.59 38.77 -58.11
CA PRO S 363 57.55 38.43 -56.68
C PRO S 363 56.34 37.57 -56.32
N ILE S 364 56.52 36.64 -55.39
CA ILE S 364 55.44 35.72 -55.06
C ILE S 364 54.30 36.48 -54.39
N GLU S 365 53.10 35.91 -54.48
CA GLU S 365 51.90 36.53 -53.95
C GLU S 365 51.66 37.90 -54.59
N SER S 366 51.53 37.92 -55.91
CA SER S 366 51.31 39.17 -56.62
C SER S 366 50.72 38.86 -57.99
N ASN S 367 50.12 39.89 -58.60
CA ASN S 367 49.48 39.79 -59.91
C ASN S 367 48.51 38.61 -59.96
N LEU S 368 47.48 38.64 -59.13
CA LEU S 368 46.54 37.52 -59.00
C LEU S 368 45.69 37.46 -60.26
N GLY S 369 46.33 37.08 -61.35
CA GLY S 369 45.64 36.90 -62.61
C GLY S 369 45.59 35.43 -62.98
N LEU S 370 45.88 34.57 -62.01
CA LEU S 370 45.98 33.14 -62.24
C LEU S 370 45.35 32.40 -61.07
N GLU S 371 45.28 31.08 -61.21
CA GLU S 371 44.70 30.20 -60.20
C GLU S 371 45.73 29.26 -59.61
N GLY S 372 45.30 28.56 -58.58
CA GLY S 372 46.17 27.71 -57.79
C GLY S 372 46.56 28.36 -56.49
N VAL S 373 47.34 27.61 -55.72
CA VAL S 373 47.91 28.10 -54.47
C VAL S 373 49.43 28.10 -54.50
N GLY S 374 50.04 27.89 -55.66
CA GLY S 374 51.47 27.96 -55.80
C GLY S 374 52.03 29.36 -55.80
N GLN S 375 51.21 30.37 -56.04
CA GLN S 375 51.65 31.76 -56.01
C GLN S 375 52.15 32.17 -54.64
N TYR S 376 51.77 31.43 -53.60
CA TYR S 376 52.27 31.64 -52.25
C TYR S 376 53.46 30.74 -51.96
N TYR S 377 53.95 30.02 -52.96
CA TYR S 377 55.07 29.09 -52.80
C TYR S 377 56.21 29.32 -53.78
N VAL S 378 55.94 29.64 -55.04
CA VAL S 378 56.96 29.71 -56.07
C VAL S 378 56.69 30.94 -56.92
N ARG S 379 57.75 31.61 -57.34
CA ARG S 379 57.61 32.76 -58.21
C ARG S 379 57.02 32.34 -59.55
N PRO S 380 56.17 33.16 -60.16
CA PRO S 380 55.69 32.86 -61.51
C PRO S 380 56.82 32.94 -62.53
N TYR S 381 56.74 32.13 -63.57
CA TYR S 381 57.73 32.13 -64.63
C TYR S 381 57.18 31.40 -65.84
N TYR S 382 57.19 32.07 -66.99
CA TYR S 382 56.79 31.45 -68.25
C TYR S 382 57.78 31.82 -69.33
N ASN S 383 58.31 30.81 -70.02
CA ASN S 383 59.32 31.03 -71.04
C ASN S 383 59.09 30.06 -72.20
N GLU S 384 59.50 30.50 -73.39
CA GLU S 384 59.34 29.72 -74.61
C GLU S 384 60.58 29.87 -75.47
N ALA S 385 60.97 28.78 -76.13
CA ALA S 385 62.09 28.80 -77.06
C ALA S 385 61.71 28.02 -78.31
N THR S 386 62.12 28.55 -79.46
CA THR S 386 61.82 27.97 -80.77
C THR S 386 63.09 27.47 -81.42
N ILE S 387 63.06 26.25 -81.93
CA ILE S 387 64.21 25.61 -82.54
C ILE S 387 63.99 25.58 -84.04
N ASP S 388 64.86 26.26 -84.78
CA ASP S 388 64.86 26.16 -86.24
C ASP S 388 65.92 25.14 -86.63
N VAL S 389 65.51 23.90 -86.85
CA VAL S 389 66.45 22.79 -87.00
C VAL S 389 67.33 23.01 -88.22
N LEU S 390 66.76 23.56 -89.29
CA LEU S 390 67.50 23.66 -90.55
C LEU S 390 68.71 24.56 -90.44
N ASN S 391 68.60 25.69 -89.74
CA ASN S 391 69.67 26.68 -89.69
C ASN S 391 70.56 26.54 -88.46
N ASP S 392 70.19 25.69 -87.50
CA ASP S 392 70.87 25.67 -86.22
C ASP S 392 71.46 24.30 -85.88
N LEU S 393 72.04 23.60 -86.85
CA LEU S 393 72.54 22.25 -86.64
C LEU S 393 74.04 22.21 -86.88
N ASN S 394 74.75 21.44 -86.06
CA ASN S 394 76.16 21.12 -86.26
C ASN S 394 76.27 19.65 -86.64
N ASN S 395 76.56 19.38 -87.90
CA ASN S 395 76.65 18.01 -88.38
C ASN S 395 77.77 17.90 -89.39
N LEU S 396 78.31 16.69 -89.52
CA LEU S 396 79.29 16.42 -90.56
C LEU S 396 79.04 15.12 -91.32
N THR S 397 78.34 14.15 -90.73
CA THR S 397 78.07 12.88 -91.39
C THR S 397 76.61 12.52 -91.21
N SER S 398 75.97 12.08 -92.29
CA SER S 398 74.60 11.63 -92.17
C SER S 398 74.50 10.38 -91.31
N ALA S 399 75.62 9.69 -91.08
CA ALA S 399 75.61 8.58 -90.14
C ALA S 399 75.32 9.07 -88.73
N ALA S 400 75.72 10.29 -88.41
CA ALA S 400 75.47 10.88 -87.11
C ALA S 400 74.37 11.93 -87.15
N LYS S 401 73.54 11.93 -88.20
CA LYS S 401 72.56 12.98 -88.39
C LYS S 401 71.59 13.01 -87.21
N GLN S 402 70.80 11.95 -87.04
CA GLN S 402 69.73 11.98 -86.05
C GLN S 402 70.27 12.07 -84.63
N THR S 403 71.47 11.53 -84.38
CA THR S 403 72.05 11.65 -83.04
C THR S 403 72.21 13.11 -82.64
N ASP S 404 72.87 13.91 -83.48
CA ASP S 404 73.04 15.32 -83.18
C ASP S 404 71.71 16.05 -83.19
N ILE S 405 70.80 15.63 -84.07
CA ILE S 405 69.48 16.26 -84.09
C ILE S 405 68.82 16.15 -82.73
N GLN S 406 68.78 14.95 -82.17
CA GLN S 406 68.12 14.76 -80.89
C GLN S 406 68.96 15.29 -79.74
N GLY S 407 70.27 15.39 -79.95
CA GLY S 407 71.09 16.13 -79.00
C GLY S 407 70.64 17.57 -78.86
N LEU S 408 70.27 18.22 -79.97
CA LEU S 408 69.76 19.59 -79.86
C LEU S 408 68.52 19.67 -78.99
N ILE S 409 67.55 18.77 -79.20
CA ILE S 409 66.32 18.83 -78.44
C ILE S 409 66.60 18.60 -76.96
N VAL S 410 67.42 17.59 -76.65
CA VAL S 410 67.73 17.31 -75.26
C VAL S 410 68.46 18.49 -74.62
N SER S 411 69.37 19.11 -75.38
CA SER S 411 70.12 20.25 -74.85
C SER S 411 69.19 21.41 -74.54
N LYS S 412 68.24 21.70 -75.43
CA LYS S 412 67.31 22.79 -75.19
C LYS S 412 66.45 22.51 -73.97
N ILE S 413 65.96 21.28 -73.84
CA ILE S 413 65.15 20.94 -72.66
C ILE S 413 65.97 21.10 -71.39
N ASN S 414 67.22 20.65 -71.42
CA ASN S 414 68.08 20.81 -70.24
C ASN S 414 68.27 22.28 -69.90
N GLU S 415 68.51 23.10 -70.92
CA GLU S 415 68.72 24.53 -70.70
C GLU S 415 67.49 25.16 -70.06
N MET S 416 66.31 24.86 -70.59
CA MET S 416 65.08 25.43 -70.05
C MET S 416 64.84 24.97 -68.62
N VAL S 417 65.04 23.67 -68.35
CA VAL S 417 64.82 23.17 -67.00
C VAL S 417 65.76 23.84 -66.01
N TYR S 418 67.04 23.96 -66.38
CA TYR S 418 68.00 24.56 -65.47
C TYR S 418 67.68 26.03 -65.22
N THR S 419 67.29 26.75 -66.28
CA THR S 419 66.91 28.14 -66.10
C THR S 419 65.72 28.28 -65.18
N ALA S 420 64.70 27.42 -65.37
CA ALA S 420 63.52 27.48 -64.52
C ALA S 420 63.87 27.18 -63.07
N ASP S 421 64.70 26.17 -62.83
CA ASP S 421 65.05 25.84 -61.46
C ASP S 421 65.87 26.95 -60.82
N GLN S 422 66.72 27.60 -61.62
CA GLN S 422 67.51 28.72 -61.08
C GLN S 422 66.63 29.90 -60.70
N LEU S 423 65.66 30.25 -61.56
CA LEU S 423 64.97 31.51 -61.36
C LEU S 423 63.75 31.37 -60.45
N THR S 424 62.97 30.30 -60.61
CA THR S 424 61.71 30.20 -59.89
C THR S 424 61.87 29.96 -58.40
N GLY S 425 63.02 29.48 -57.95
CA GLY S 425 63.14 29.05 -56.57
C GLY S 425 62.29 27.83 -56.28
N TYR S 426 62.00 27.02 -57.31
CA TYR S 426 61.11 25.88 -57.15
C TYR S 426 61.66 24.88 -56.15
N THR S 427 62.96 24.60 -56.24
CA THR S 427 63.54 23.52 -55.43
C THR S 427 63.44 23.82 -53.95
N ALA S 428 63.70 25.06 -53.53
CA ALA S 428 63.63 25.39 -52.11
C ALA S 428 62.22 25.26 -51.58
N ALA S 429 61.23 25.78 -52.31
CA ALA S 429 59.85 25.64 -51.87
C ALA S 429 59.44 24.17 -51.81
N LEU S 430 59.86 23.38 -52.79
CA LEU S 430 59.45 21.98 -52.81
C LEU S 430 60.06 21.21 -51.65
N GLU S 431 61.33 21.48 -51.35
CA GLU S 431 61.94 20.79 -50.21
C GLU S 431 61.35 21.26 -48.90
N ALA S 432 60.95 22.53 -48.82
CA ALA S 432 60.28 23.01 -47.62
C ALA S 432 58.93 22.33 -47.44
N ALA S 433 58.18 22.13 -48.53
CA ALA S 433 56.86 21.53 -48.42
C ALA S 433 56.91 20.04 -48.16
N PHE S 434 58.10 19.43 -48.26
CA PHE S 434 58.28 18.00 -47.98
C PHE S 434 59.54 17.83 -47.13
N SER S 435 59.35 17.70 -45.83
CA SER S 435 60.45 17.45 -44.90
C SER S 435 60.62 15.96 -44.70
N GLY S 436 61.83 15.55 -44.30
CA GLY S 436 62.15 14.16 -44.09
C GLY S 436 62.87 13.50 -45.24
N ARG S 437 62.80 14.06 -46.44
CA ARG S 437 63.55 13.58 -47.59
C ARG S 437 63.73 14.74 -48.55
N SER S 438 64.81 14.70 -49.32
CA SER S 438 65.19 15.83 -50.16
C SER S 438 64.85 15.52 -51.60
N PRO S 439 63.70 15.95 -52.10
CA PRO S 439 63.29 15.54 -53.44
C PRO S 439 64.11 16.24 -54.51
N LYS S 440 64.23 15.64 -55.54
CA LYS S 440 64.69 16.28 -56.75
C LYS S 440 63.56 16.37 -57.76
N PRO S 441 63.60 17.36 -58.65
CA PRO S 441 62.42 17.65 -59.49
C PRO S 441 61.98 16.50 -60.38
N HIS S 442 60.71 16.50 -60.76
CA HIS S 442 60.15 15.55 -61.70
C HIS S 442 59.77 16.30 -62.96
N VAL S 443 60.17 15.78 -64.11
CA VAL S 443 59.91 16.43 -65.40
C VAL S 443 58.91 15.57 -66.17
N ALA S 444 57.87 16.20 -66.69
CA ALA S 444 56.89 15.51 -67.52
C ALA S 444 56.93 16.09 -68.93
N ILE S 445 56.85 15.22 -69.93
CA ILE S 445 56.97 15.61 -71.33
C ILE S 445 55.76 15.09 -72.08
N GLY S 446 54.96 16.00 -72.63
CA GLY S 446 53.84 15.64 -73.48
C GLY S 446 54.04 16.19 -74.88
N THR S 447 53.87 15.32 -75.87
CA THR S 447 54.09 15.70 -77.25
C THR S 447 53.36 14.73 -78.17
N ASP S 448 53.41 15.00 -79.47
CA ASP S 448 52.57 14.31 -80.44
C ASP S 448 53.17 12.97 -80.88
N MET S 449 52.60 12.40 -81.93
CA MET S 449 52.89 11.06 -82.42
C MET S 449 54.29 10.89 -83.00
N ARG S 450 54.94 11.97 -83.43
CA ARG S 450 56.14 11.86 -84.27
C ARG S 450 57.44 12.12 -83.51
N LEU S 451 57.47 13.15 -82.66
CA LEU S 451 58.73 13.55 -82.03
C LEU S 451 59.35 12.56 -81.03
N PRO S 452 58.59 11.73 -80.28
CA PRO S 452 59.26 10.90 -79.26
C PRO S 452 60.32 9.97 -79.82
N GLN S 453 60.20 9.55 -81.08
CA GLN S 453 61.27 8.82 -81.72
C GLN S 453 62.56 9.63 -81.78
N TYR S 454 62.46 10.96 -81.87
CA TYR S 454 63.63 11.82 -81.77
C TYR S 454 63.89 12.29 -80.36
N ILE S 455 63.08 11.89 -79.38
CA ILE S 455 63.35 12.22 -77.99
C ILE S 455 64.03 11.06 -77.25
N GLN S 456 63.48 9.86 -77.35
CA GLN S 456 64.16 8.67 -76.83
C GLN S 456 65.49 8.47 -77.54
N ILE S 457 66.48 8.04 -76.79
CA ILE S 457 67.86 8.03 -77.28
C ILE S 457 68.06 6.88 -78.25
N ASN S 458 68.95 7.09 -79.21
CA ASN S 458 69.44 6.03 -80.09
C ASN S 458 70.96 5.87 -80.00
N GLY S 459 71.57 6.33 -78.90
CA GLY S 459 73.01 6.33 -78.76
C GLY S 459 73.56 7.65 -78.24
N ASP S 460 72.67 8.50 -77.73
CA ASP S 460 73.03 9.85 -77.34
C ASP S 460 74.01 9.87 -76.16
N ASP S 461 74.50 11.06 -75.87
CA ASP S 461 75.19 11.34 -74.62
C ASP S 461 74.25 11.93 -73.57
N ARG S 462 73.09 12.44 -73.98
CA ARG S 462 72.11 12.98 -73.05
C ARG S 462 70.71 12.54 -73.43
N THR S 463 69.88 12.32 -72.42
CA THR S 463 68.47 12.00 -72.61
C THR S 463 67.54 13.09 -72.08
N VAL S 464 67.59 13.38 -70.79
CA VAL S 464 66.87 14.49 -70.19
C VAL S 464 67.83 15.21 -69.26
N GLY S 465 69.08 14.79 -69.28
CA GLY S 465 70.04 15.21 -68.28
C GLY S 465 69.99 14.30 -67.07
N ILE S 466 71.04 14.41 -66.27
CA ILE S 466 71.24 13.55 -65.10
C ILE S 466 70.45 14.11 -63.94
N GLY S 467 70.04 13.23 -63.02
CA GLY S 467 69.33 13.64 -61.84
C GLY S 467 67.90 14.11 -62.08
N TYR S 468 67.27 13.59 -63.12
CA TYR S 468 65.87 13.89 -63.40
C TYR S 468 65.17 12.65 -63.91
N ASP S 469 63.85 12.62 -63.74
CA ASP S 469 63.03 11.57 -64.31
C ASP S 469 62.03 12.19 -65.28
N TYR S 470 61.71 11.42 -66.31
CA TYR S 470 60.93 11.91 -67.44
C TYR S 470 59.84 10.91 -67.77
N THR S 471 58.79 11.41 -68.41
CA THR S 471 57.68 10.59 -68.85
C THR S 471 57.14 11.15 -70.14
N ILE S 472 57.16 10.35 -71.20
CA ILE S 472 56.72 10.79 -72.52
C ILE S 472 55.31 10.28 -72.74
N ALA S 473 54.37 11.21 -72.87
CA ALA S 473 52.99 10.88 -73.18
C ALA S 473 52.69 11.39 -74.58
N ARG S 474 52.09 10.53 -75.39
CA ARG S 474 51.99 10.76 -76.83
C ARG S 474 50.52 10.90 -77.24
N ILE S 475 50.24 11.95 -78.02
CA ILE S 475 48.88 12.34 -78.35
C ILE S 475 48.75 12.46 -79.86
N SER S 476 47.67 11.91 -80.39
CA SER S 476 47.40 11.99 -81.82
C SER S 476 46.66 13.25 -82.23
N ASP S 477 46.19 14.05 -81.27
CA ASP S 477 45.39 15.22 -81.61
C ASP S 477 46.23 16.23 -82.39
N LEU S 478 45.61 16.85 -83.41
CA LEU S 478 46.38 17.69 -84.32
C LEU S 478 46.79 19.01 -83.68
N ARG S 479 46.05 19.49 -82.69
CA ARG S 479 46.43 20.72 -82.01
C ARG S 479 47.76 20.57 -81.30
N MET S 480 48.12 19.37 -80.88
CA MET S 480 49.38 19.09 -80.20
C MET S 480 50.54 18.92 -81.16
N LYS S 481 50.28 18.90 -82.47
CA LYS S 481 51.28 18.47 -83.45
C LYS S 481 52.49 19.40 -83.41
N ASP S 482 53.68 18.80 -83.36
CA ASP S 482 54.95 19.53 -83.34
C ASP S 482 55.05 20.48 -82.16
N LYS S 483 54.41 20.15 -81.05
CA LYS S 483 54.45 20.97 -79.86
C LYS S 483 55.10 20.19 -78.73
N ILE S 484 55.92 20.87 -77.95
CA ILE S 484 56.54 20.28 -76.77
C ILE S 484 56.16 21.12 -75.57
N VAL S 485 55.40 20.54 -74.66
CA VAL S 485 54.99 21.19 -73.42
C VAL S 485 55.72 20.52 -72.27
N MET S 486 56.41 21.32 -71.46
CA MET S 486 57.17 20.81 -70.35
C MET S 486 56.80 21.57 -69.08
N THR S 487 56.62 20.82 -67.99
CA THR S 487 56.24 21.42 -66.72
C THR S 487 56.61 20.46 -65.60
N PHE S 488 56.54 20.97 -64.37
CA PHE S 488 56.88 20.19 -63.19
C PHE S 488 55.64 19.58 -62.57
N ILE S 489 55.82 18.42 -61.94
CA ILE S 489 54.75 17.69 -61.29
C ILE S 489 55.35 16.82 -60.19
N LEU S 490 54.47 16.29 -59.34
CA LEU S 490 54.84 15.36 -58.28
C LEU S 490 54.49 13.94 -58.67
N PRO S 491 55.44 13.01 -58.54
CA PRO S 491 55.21 11.64 -59.04
C PRO S 491 54.09 10.89 -58.34
N ASN S 492 54.02 10.95 -57.02
CA ASN S 492 53.07 10.12 -56.28
C ASN S 492 52.41 10.94 -55.20
N GLU S 493 51.11 11.22 -55.37
CA GLU S 493 50.34 11.98 -54.40
C GLU S 493 48.91 11.46 -54.38
N SER S 494 48.11 12.00 -53.46
CA SER S 494 46.73 11.55 -53.32
C SER S 494 45.71 12.68 -53.22
N GLU S 495 46.08 13.86 -52.75
CA GLU S 495 45.16 14.96 -52.52
C GLU S 495 45.72 16.19 -53.22
N PRO S 496 44.87 17.07 -53.72
CA PRO S 496 45.36 18.29 -54.38
C PRO S 496 46.34 19.05 -53.50
N HIS S 497 47.60 19.03 -53.93
CA HIS S 497 48.72 19.59 -53.19
C HIS S 497 49.19 20.86 -53.89
N PRO S 498 49.51 21.90 -53.12
CA PRO S 498 49.94 23.17 -53.73
C PRO S 498 51.06 23.04 -54.74
N LEU S 499 51.83 21.95 -54.75
CA LEU S 499 52.89 21.80 -55.73
C LEU S 499 52.49 20.94 -56.92
N GLN S 500 51.34 20.27 -56.88
CA GLN S 500 50.88 19.53 -58.04
C GLN S 500 50.51 20.50 -59.16
N HIS S 501 50.77 20.11 -60.40
CA HIS S 501 50.47 20.98 -61.52
C HIS S 501 48.96 21.12 -61.71
N GLY S 502 48.23 20.02 -61.68
CA GLY S 502 46.82 20.08 -61.94
C GLY S 502 46.09 18.94 -61.27
N VAL S 503 44.84 19.21 -60.90
CA VAL S 503 43.99 18.23 -60.25
C VAL S 503 42.69 18.14 -61.04
N LEU S 504 42.21 16.91 -61.23
CA LEU S 504 41.05 16.64 -62.05
C LEU S 504 39.81 16.65 -61.18
N GLY S 505 39.09 17.78 -61.21
CA GLY S 505 37.82 17.84 -60.51
C GLY S 505 36.83 16.91 -61.16
N PHE S 506 36.56 15.77 -60.52
CA PHE S 506 35.80 14.69 -61.13
C PHE S 506 34.75 14.18 -60.16
N ILE S 507 33.49 14.52 -60.43
CA ILE S 507 32.36 14.05 -59.64
C ILE S 507 31.72 12.89 -60.41
N PRO S 508 31.60 11.70 -59.84
CA PRO S 508 31.12 10.55 -60.62
C PRO S 508 29.64 10.69 -60.97
N GLU S 509 29.33 10.39 -62.22
CA GLU S 509 27.95 10.28 -62.69
C GLU S 509 27.66 8.84 -63.10
N TYR S 510 26.49 8.36 -62.69
CA TYR S 510 26.02 7.02 -63.01
C TYR S 510 24.96 7.08 -64.10
N LEU S 511 24.84 5.97 -64.83
CA LEU S 511 23.82 5.85 -65.86
C LEU S 511 22.44 5.77 -65.23
N VAL S 512 21.48 6.44 -65.84
CA VAL S 512 20.08 6.35 -65.44
C VAL S 512 19.29 5.73 -66.60
N ASP S 513 18.60 4.64 -66.31
CA ASP S 513 17.87 3.89 -67.33
C ASP S 513 16.38 3.98 -67.06
N PHE S 514 15.76 5.06 -67.53
CA PHE S 514 14.32 5.23 -67.45
C PHE S 514 13.77 5.41 -68.84
N ASN S 515 12.45 5.26 -68.95
CA ASN S 515 11.74 5.44 -70.21
C ASN S 515 11.27 6.89 -70.32
N MET S 516 11.55 7.52 -71.45
CA MET S 516 11.02 8.84 -71.78
C MET S 516 9.92 8.72 -72.82
N ILE S 517 8.78 9.32 -72.52
CA ILE S 517 7.66 9.44 -73.45
C ILE S 517 7.65 10.86 -74.00
N ARG S 518 8.35 11.05 -75.12
CA ARG S 518 8.56 12.37 -75.70
C ARG S 518 8.05 12.37 -77.13
N ASN S 519 7.28 13.41 -77.47
CA ASN S 519 6.46 13.48 -78.67
C ASN S 519 5.53 12.28 -78.73
N GLN S 520 5.07 11.79 -77.57
CA GLN S 520 4.23 10.61 -77.42
C GLN S 520 4.77 9.43 -78.23
N ARG S 521 6.09 9.26 -78.16
CA ARG S 521 6.81 8.15 -78.76
C ARG S 521 7.58 7.43 -77.67
N ILE S 522 7.52 6.10 -77.66
CA ILE S 522 8.18 5.31 -76.62
C ILE S 522 9.53 4.84 -77.13
N GLY S 523 10.56 5.00 -76.30
CA GLY S 523 11.85 4.39 -76.53
C GLY S 523 12.65 4.38 -75.24
N ARG S 524 13.19 3.21 -74.91
CA ARG S 524 14.04 3.10 -73.73
C ARG S 524 15.30 3.92 -73.95
N GLU S 525 15.74 4.61 -72.92
CA GLU S 525 16.81 5.59 -73.03
C GLU S 525 17.95 5.21 -72.10
N ILE S 526 19.16 5.54 -72.51
CA ILE S 526 20.34 5.46 -71.67
C ILE S 526 21.01 6.83 -71.66
N ARG S 527 20.93 7.51 -70.52
CA ARG S 527 21.40 8.88 -70.41
C ARG S 527 22.39 9.01 -69.27
N LEU S 528 23.53 9.64 -69.54
CA LEU S 528 24.50 10.00 -68.51
C LEU S 528 24.87 11.46 -68.72
N THR S 529 24.99 12.20 -67.62
CA THR S 529 25.30 13.62 -67.71
C THR S 529 26.70 13.85 -67.15
N PRO S 530 27.69 14.09 -67.99
CA PRO S 530 29.05 14.29 -67.50
C PRO S 530 29.15 15.53 -66.63
N ARG S 531 29.98 15.42 -65.59
CA ARG S 531 30.22 16.53 -64.69
C ARG S 531 31.67 16.46 -64.22
N TYR S 532 32.46 17.47 -64.59
CA TYR S 532 33.88 17.50 -64.28
C TYR S 532 34.44 18.86 -64.68
N ARG S 533 35.69 19.09 -64.33
CA ARG S 533 36.37 20.34 -64.64
C ARG S 533 37.86 20.19 -64.31
N TYR S 534 38.69 20.76 -65.16
CA TYR S 534 40.13 20.79 -64.95
C TYR S 534 40.50 22.06 -64.20
N PHE S 535 41.23 21.91 -63.10
CA PHE S 535 41.74 23.04 -62.33
C PHE S 535 43.26 23.03 -62.34
N ASN S 536 43.85 24.21 -62.47
CA ASN S 536 45.30 24.35 -62.55
C ASN S 536 45.82 24.95 -61.25
N PHE S 537 47.02 24.56 -60.86
CA PHE S 537 47.59 25.00 -59.60
C PHE S 537 48.92 25.73 -59.73
N LEU S 538 49.82 25.26 -60.58
CA LEU S 538 51.18 25.80 -60.61
C LEU S 538 51.34 26.77 -61.77
N PRO S 539 51.70 28.01 -61.53
CA PRO S 539 52.02 28.92 -62.64
C PRO S 539 53.44 28.75 -63.17
N ILE S 540 53.77 27.57 -63.69
CA ILE S 540 55.08 27.32 -64.30
C ILE S 540 54.86 26.55 -65.59
N MET S 541 55.40 27.06 -66.70
CA MET S 541 55.27 26.45 -68.01
C MET S 541 56.45 26.79 -68.89
N LEU S 542 56.94 25.77 -69.61
CA LEU S 542 57.95 25.93 -70.64
C LEU S 542 57.46 25.27 -71.92
N VAL S 543 57.59 25.96 -73.03
CA VAL S 543 57.09 25.48 -74.32
C VAL S 543 58.22 25.50 -75.33
N ILE S 544 58.38 24.40 -76.06
CA ILE S 544 59.39 24.29 -77.11
C ILE S 544 58.67 24.03 -78.43
N ASN S 545 58.84 24.96 -79.38
CA ASN S 545 58.27 24.81 -80.71
C ASN S 545 59.36 24.43 -81.70
N VAL S 546 59.15 23.32 -82.39
CA VAL S 546 60.07 22.85 -83.43
C VAL S 546 59.37 22.99 -84.77
N ILE S 547 60.02 23.66 -85.71
CA ILE S 547 59.48 23.87 -87.04
C ILE S 547 60.54 23.49 -88.07
N ASN S 548 60.07 23.19 -89.29
CA ASN S 548 60.95 22.90 -90.42
C ASN S 548 61.81 21.66 -90.15
N LEU S 549 61.30 20.73 -89.34
CA LEU S 549 62.06 19.53 -89.05
C LEU S 549 62.17 18.64 -90.27
N GLU S 550 61.11 18.59 -91.08
CA GLU S 550 61.10 17.71 -92.25
C GLU S 550 62.24 18.02 -93.21
N GLU S 551 62.39 19.29 -93.59
CA GLU S 551 63.33 19.63 -94.66
C GLU S 551 64.77 19.36 -94.23
N ALA S 552 65.08 19.59 -92.95
CA ALA S 552 66.45 19.40 -92.48
C ALA S 552 66.92 17.97 -92.68
N ILE S 553 66.00 17.01 -92.59
CA ILE S 553 66.37 15.62 -92.85
C ILE S 553 66.69 15.42 -94.32
N ALA S 554 65.80 15.85 -95.22
CA ALA S 554 65.98 15.57 -96.63
C ALA S 554 67.05 16.44 -97.26
N GLN S 555 67.08 17.72 -96.92
CA GLN S 555 68.00 18.67 -97.55
C GLN S 555 69.32 18.70 -96.78
N ARG S 556 70.41 19.02 -97.48
CA ARG S 556 71.74 19.00 -96.91
C ARG S 556 71.98 20.25 -96.07
N THR S 557 72.44 20.04 -94.84
CA THR S 557 72.92 21.16 -94.03
C THR S 557 74.27 20.80 -93.45
N ALA S 558 75.32 21.39 -94.01
CA ALA S 558 76.66 21.18 -93.49
C ALA S 558 76.85 22.07 -92.26
N LEU S 559 78.04 22.00 -91.66
CA LEU S 559 78.35 22.86 -90.52
C LEU S 559 78.09 24.31 -90.87
N ASP S 560 77.14 24.93 -90.18
CA ASP S 560 76.81 26.34 -90.37
C ASP S 560 77.97 27.13 -89.77
N VAL S 561 79.14 26.98 -90.38
CA VAL S 561 80.41 27.43 -89.82
C VAL S 561 80.40 28.92 -89.61
N ASN S 562 80.87 29.35 -88.43
CA ASN S 562 81.03 30.76 -88.13
C ASN S 562 82.44 31.20 -88.52
N GLU S 563 82.58 31.91 -89.63
CA GLU S 563 83.88 32.53 -89.87
C GLU S 563 84.13 33.56 -88.78
N THR S 564 85.39 33.85 -88.47
CA THR S 564 85.71 34.95 -87.58
C THR S 564 86.82 35.79 -88.19
N GLN S 565 86.45 36.66 -89.12
CA GLN S 565 87.06 38.00 -89.31
C GLN S 565 88.55 38.05 -88.94
N VAL S 566 89.36 37.21 -89.58
CA VAL S 566 90.80 37.44 -89.51
C VAL S 566 91.27 37.82 -90.90
N THR S 567 90.35 38.28 -91.71
CA THR S 567 90.70 39.10 -92.86
C THR S 567 90.38 40.56 -92.53
N PRO S 568 91.10 41.50 -93.13
CA PRO S 568 91.00 42.89 -92.66
C PRO S 568 89.64 43.49 -92.94
N ALA S 569 88.65 43.06 -92.14
CA ALA S 569 87.29 43.58 -92.24
C ALA S 569 86.69 43.75 -90.84
N SER S 570 87.50 43.54 -89.81
CA SER S 570 87.05 43.70 -88.44
C SER S 570 88.23 43.90 -87.50
N HIS T 1 57.63 -16.21 -105.73
CA HIS T 1 58.63 -15.93 -104.72
C HIS T 1 58.08 -15.02 -103.62
N GLU T 2 59.00 -14.48 -102.83
CA GLU T 2 58.61 -13.84 -101.57
C GLU T 2 57.87 -12.53 -101.79
N PHE T 3 58.14 -11.85 -102.90
CA PHE T 3 57.60 -10.50 -103.08
C PHE T 3 56.08 -10.50 -103.14
N ALA T 4 55.50 -11.39 -103.93
CA ALA T 4 54.04 -11.41 -104.05
C ALA T 4 53.40 -11.74 -102.72
N GLU T 5 53.98 -12.66 -101.95
CA GLU T 5 53.46 -12.95 -100.63
C GLU T 5 53.63 -11.76 -99.70
N LEU T 6 54.64 -10.92 -99.94
CA LEU T 6 54.89 -9.80 -99.04
C LEU T 6 53.77 -8.76 -99.13
N PHE T 7 53.26 -8.50 -100.33
CA PHE T 7 52.23 -7.49 -100.51
C PHE T 7 50.82 -8.06 -100.50
N TYR T 8 50.57 -9.14 -101.24
CA TYR T 8 49.23 -9.74 -101.31
C TYR T 8 49.34 -11.18 -100.81
N ARG T 9 49.09 -11.39 -99.53
CA ARG T 9 49.23 -12.74 -98.98
C ARG T 9 48.17 -13.68 -99.55
N THR T 10 48.57 -14.92 -99.77
CA THR T 10 47.68 -15.90 -100.37
C THR T 10 46.56 -16.29 -99.43
N TYR T 11 45.39 -16.60 -100.00
CA TYR T 11 44.27 -17.15 -99.27
C TYR T 11 43.70 -18.29 -100.11
N ILE T 12 43.35 -19.39 -99.44
CA ILE T 12 42.90 -20.59 -100.13
C ILE T 12 41.41 -20.80 -99.86
N VAL T 13 40.68 -21.16 -100.90
CA VAL T 13 39.26 -21.48 -100.82
C VAL T 13 39.05 -22.83 -101.49
N THR T 14 38.04 -23.57 -101.06
CA THR T 14 37.67 -24.80 -101.75
C THR T 14 37.04 -24.48 -103.10
N PRO T 15 37.12 -25.41 -104.06
CA PRO T 15 36.60 -25.13 -105.40
C PRO T 15 35.09 -25.27 -105.53
N ASP T 16 34.40 -25.39 -104.39
CA ASP T 16 32.94 -25.46 -104.38
C ASP T 16 32.31 -24.11 -104.12
N GLN T 17 33.09 -23.04 -104.07
CA GLN T 17 32.59 -21.70 -103.84
C GLN T 17 33.00 -20.80 -104.99
N ALA T 18 32.52 -19.55 -104.94
CA ALA T 18 32.87 -18.57 -105.94
C ALA T 18 33.48 -17.30 -105.36
N GLY T 19 33.53 -17.17 -104.03
CA GLY T 19 34.11 -15.98 -103.45
C GLY T 19 33.79 -15.89 -101.98
N PHE T 20 34.11 -14.72 -101.41
CA PHE T 20 33.99 -14.50 -99.99
C PHE T 20 33.41 -13.11 -99.73
N GLN T 21 32.33 -13.08 -98.95
CA GLN T 21 31.71 -11.85 -98.50
C GLN T 21 32.39 -11.39 -97.23
N LEU T 22 32.40 -10.08 -96.99
CA LEU T 22 33.10 -9.50 -95.85
C LEU T 22 32.11 -8.73 -94.99
N SER T 23 32.07 -9.06 -93.70
CA SER T 23 31.14 -8.46 -92.76
C SER T 23 31.86 -7.40 -91.94
N ILE T 24 31.38 -6.16 -92.04
CA ILE T 24 32.00 -5.01 -91.35
C ILE T 24 30.95 -4.36 -90.46
N ARG T 25 31.31 -4.11 -89.21
CA ARG T 25 30.45 -3.42 -88.26
C ARG T 25 31.12 -2.13 -87.82
N ARG T 26 30.35 -1.05 -87.77
CA ARG T 26 30.88 0.28 -87.48
C ARG T 26 30.10 0.92 -86.34
N ASN T 27 30.80 1.51 -85.38
CA ASN T 27 30.19 2.28 -84.31
C ASN T 27 30.23 3.76 -84.69
N LEU T 28 29.09 4.30 -85.11
CA LEU T 28 29.01 5.64 -85.62
C LEU T 28 28.14 6.51 -84.72
N VAL T 29 28.38 7.82 -84.76
CA VAL T 29 27.68 8.79 -83.92
C VAL T 29 27.08 9.88 -84.80
N TRP T 30 25.87 10.29 -84.45
CA TRP T 30 25.20 11.36 -85.18
C TRP T 30 24.30 12.11 -84.23
N GLU T 31 24.10 13.39 -84.53
CA GLU T 31 23.34 14.30 -83.69
C GLU T 31 21.86 14.08 -83.89
N GLY T 32 21.05 14.81 -83.13
CA GLY T 32 19.61 14.70 -83.21
C GLY T 32 19.09 14.87 -84.63
N TRP T 33 17.90 14.33 -84.89
CA TRP T 33 17.36 14.40 -86.24
C TRP T 33 16.15 15.33 -86.27
N THR T 34 15.98 16.03 -87.38
CA THR T 34 14.84 16.93 -87.58
C THR T 34 13.90 16.37 -88.64
N GLY T 35 12.60 16.55 -88.41
CA GLY T 35 11.61 15.92 -89.27
C GLY T 35 10.46 16.79 -89.70
N GLU T 36 10.68 18.10 -89.85
CA GLU T 36 9.62 19.05 -90.16
C GLU T 36 9.79 19.58 -91.58
N GLY T 37 8.66 19.87 -92.23
CA GLY T 37 8.69 20.49 -93.54
C GLY T 37 7.67 19.96 -94.53
N LEU T 38 7.23 18.72 -94.34
CA LEU T 38 6.26 18.08 -95.21
C LEU T 38 6.77 17.95 -96.64
N SER T 39 5.85 17.78 -97.59
CA SER T 39 6.13 17.62 -99.01
C SER T 39 6.79 16.29 -99.29
N GLY T 40 7.13 16.03 -100.56
CA GLY T 40 7.67 14.73 -100.91
C GLY T 40 9.05 14.48 -100.35
N GLU T 41 10.05 15.18 -100.88
CA GLU T 41 11.37 15.27 -100.24
C GLU T 41 12.13 13.95 -100.27
N LYS T 42 13.46 14.03 -100.15
CA LYS T 42 14.29 12.84 -100.01
C LYS T 42 14.96 12.79 -98.64
N GLN T 43 15.74 13.81 -98.32
CA GLN T 43 16.39 14.13 -97.04
C GLN T 43 17.34 13.03 -96.57
N GLU T 44 18.50 13.43 -96.05
CA GLU T 44 19.29 12.53 -95.23
C GLU T 44 20.26 13.33 -94.37
N ILE T 45 20.55 12.79 -93.19
CA ILE T 45 21.54 13.35 -92.29
C ILE T 45 22.68 12.34 -92.17
N SER T 46 23.91 12.81 -92.36
CA SER T 46 25.05 11.92 -92.44
C SER T 46 25.40 11.36 -91.08
N LYS T 47 25.95 10.15 -91.09
CA LYS T 47 26.52 9.51 -89.92
C LYS T 47 28.03 9.74 -89.91
N ARG T 48 28.58 10.11 -88.77
CA ARG T 48 30.02 10.31 -88.64
C ARG T 48 30.65 9.17 -87.85
N ASN T 49 31.73 8.62 -88.38
CA ASN T 49 32.43 7.56 -87.69
C ASN T 49 33.13 8.12 -86.46
N ILE T 50 33.14 7.33 -85.37
CA ILE T 50 33.76 7.76 -84.13
C ILE T 50 35.27 7.82 -84.22
N LEU T 51 35.90 6.95 -85.03
CA LEU T 51 37.35 6.96 -85.15
C LEU T 51 37.88 8.29 -85.64
N GLN T 52 37.05 9.07 -86.35
CA GLN T 52 37.45 10.42 -86.71
C GLN T 52 37.65 11.29 -85.48
N GLY T 53 36.94 11.00 -84.40
CA GLY T 53 37.10 11.76 -83.17
C GLY T 53 38.47 11.63 -82.55
N LEU T 54 39.26 10.64 -82.96
CA LEU T 54 40.61 10.50 -82.46
C LEU T 54 41.48 11.71 -82.79
N LEU T 55 41.36 12.23 -84.01
CA LEU T 55 42.28 13.26 -84.46
C LEU T 55 41.68 14.66 -84.32
N ASP T 56 40.54 14.89 -84.96
CA ASP T 56 39.81 16.13 -84.75
C ASP T 56 39.07 16.09 -83.41
N TYR T 57 38.78 17.26 -82.87
CA TYR T 57 38.02 17.34 -81.63
C TYR T 57 36.59 17.78 -81.84
N THR T 58 36.27 18.37 -82.99
CA THR T 58 34.94 18.89 -83.25
C THR T 58 33.91 17.79 -83.49
N THR T 59 34.35 16.59 -83.87
CA THR T 59 33.40 15.51 -84.13
C THR T 59 32.64 15.11 -82.88
N LEU T 60 33.32 15.01 -81.74
CA LEU T 60 32.66 14.65 -80.49
C LEU T 60 32.50 15.85 -79.56
N GLU T 61 32.44 17.05 -80.11
CA GLU T 61 32.23 18.27 -79.32
C GLU T 61 31.02 19.01 -79.86
N THR T 62 30.13 19.41 -78.97
CA THR T 62 28.95 20.17 -79.35
C THR T 62 28.39 20.89 -78.13
N ASN T 63 27.57 21.91 -78.39
CA ASN T 63 26.86 22.62 -77.35
C ASN T 63 25.37 22.57 -77.66
N SER T 64 24.60 22.11 -76.68
CA SER T 64 23.15 22.07 -76.83
C SER T 64 22.49 22.58 -75.56
N THR T 65 23.29 23.11 -74.64
CA THR T 65 22.78 23.65 -73.39
C THR T 65 23.32 25.03 -73.07
N GLU T 66 24.21 25.58 -73.88
CA GLU T 66 24.84 26.86 -73.53
C GLU T 66 23.86 28.01 -73.75
N LEU T 67 23.64 28.78 -72.70
CA LEU T 67 22.76 29.95 -72.76
C LEU T 67 23.61 31.15 -73.10
N ILE T 68 23.78 31.42 -74.39
CA ILE T 68 24.56 32.55 -74.87
C ILE T 68 23.58 33.64 -75.32
N PRO T 69 23.91 34.91 -75.15
CA PRO T 69 22.98 35.97 -75.56
C PRO T 69 22.63 35.92 -77.03
N VAL T 70 21.37 36.17 -77.36
CA VAL T 70 20.88 36.22 -78.73
C VAL T 70 20.34 37.62 -78.99
N ILE T 71 20.74 38.21 -80.11
CA ILE T 71 20.33 39.57 -80.43
C ILE T 71 19.08 39.50 -81.30
N GLN T 72 18.09 40.33 -80.97
CA GLN T 72 16.91 40.52 -81.79
C GLN T 72 16.90 41.97 -82.25
N SER T 73 17.20 42.18 -83.53
CA SER T 73 17.41 43.52 -84.07
C SER T 73 16.15 44.35 -83.91
N GLY T 74 16.22 45.37 -83.07
CA GLY T 74 15.15 46.33 -82.91
C GLY T 74 14.22 46.10 -81.74
N GLU T 75 14.49 45.12 -80.88
CA GLU T 75 13.64 44.90 -79.72
C GLU T 75 14.42 45.10 -78.43
N ASN T 76 15.56 44.43 -78.31
CA ASN T 76 16.36 44.46 -77.08
C ASN T 76 17.73 45.12 -77.28
N ASP T 77 17.81 46.14 -78.14
CA ASP T 77 19.11 46.72 -78.47
C ASP T 77 19.78 47.34 -77.26
N GLU T 78 18.99 47.89 -76.33
CA GLU T 78 19.57 48.58 -75.19
C GLU T 78 20.21 47.65 -74.18
N GLN T 79 20.06 46.34 -74.33
CA GLN T 79 20.72 45.41 -73.43
C GLN T 79 22.17 45.13 -73.80
N PHE T 80 22.53 45.30 -75.07
CA PHE T 80 23.88 45.03 -75.53
C PHE T 80 24.60 46.35 -75.78
N ILE T 81 25.93 46.26 -75.88
CA ILE T 81 26.72 47.43 -76.24
C ILE T 81 26.28 47.94 -77.60
N ASP T 82 26.42 49.25 -77.80
CA ASP T 82 25.99 49.84 -79.05
C ASP T 82 26.81 49.27 -80.21
N PRO T 83 26.15 48.82 -81.28
CA PRO T 83 26.89 48.22 -82.41
C PRO T 83 27.84 49.17 -83.09
N SER T 84 27.68 50.48 -82.91
CA SER T 84 28.58 51.46 -83.49
C SER T 84 29.93 51.50 -82.79
N VAL T 85 30.08 50.77 -81.69
CA VAL T 85 31.34 50.69 -80.95
C VAL T 85 32.10 49.41 -81.28
N LEU T 86 31.39 48.30 -81.38
CA LEU T 86 31.98 47.01 -81.71
C LEU T 86 31.11 46.30 -82.74
N PRO T 87 31.70 45.82 -83.84
CA PRO T 87 30.92 45.07 -84.82
C PRO T 87 30.41 43.76 -84.21
N ALA T 88 29.31 43.26 -84.78
CA ALA T 88 28.70 42.04 -84.27
C ALA T 88 29.60 40.84 -84.53
N GLN T 89 29.59 39.89 -83.58
CA GLN T 89 30.28 38.62 -83.72
C GLN T 89 29.27 37.53 -84.07
N THR T 90 29.66 36.63 -84.97
CA THR T 90 28.80 35.50 -85.32
C THR T 90 29.27 34.27 -84.56
N VAL T 91 28.39 33.73 -83.72
CA VAL T 91 28.69 32.54 -82.92
C VAL T 91 27.66 31.47 -83.27
N LYS T 92 28.04 30.21 -83.05
CA LYS T 92 27.21 29.08 -83.41
C LYS T 92 26.99 28.20 -82.19
N GLN T 93 25.73 28.07 -81.77
CA GLN T 93 25.32 27.15 -80.72
C GLN T 93 24.41 26.13 -81.37
N GLY T 94 24.92 24.91 -81.52
CA GLY T 94 24.18 23.89 -82.24
C GLY T 94 24.18 24.17 -83.73
N LYS T 95 22.99 24.34 -84.31
CA LYS T 95 22.85 24.54 -85.74
C LYS T 95 22.06 25.79 -86.10
N ASP T 96 22.00 26.77 -85.21
CA ASP T 96 21.40 28.07 -85.52
C ASP T 96 22.46 29.15 -85.39
N THR T 97 22.51 30.06 -86.36
CA THR T 97 23.51 31.11 -86.39
C THR T 97 22.86 32.45 -86.10
N PHE T 98 23.57 33.30 -85.35
CA PHE T 98 23.05 34.60 -84.96
C PHE T 98 24.19 35.44 -84.38
N ASP T 99 23.95 36.75 -84.31
CA ASP T 99 24.95 37.68 -83.82
C ASP T 99 24.88 37.80 -82.31
N THR T 100 25.99 38.23 -81.70
CA THR T 100 26.03 38.45 -80.26
C THR T 100 27.09 39.50 -79.95
N ASN T 101 26.90 40.17 -78.81
CA ASN T 101 27.84 41.19 -78.35
C ASN T 101 27.90 41.19 -76.82
N PHE T 102 28.56 42.18 -76.25
CA PHE T 102 28.67 42.27 -74.81
C PHE T 102 27.52 43.06 -74.22
N LEU T 103 27.14 42.70 -73.00
CA LEU T 103 26.12 43.43 -72.27
C LEU T 103 26.69 44.72 -71.70
N LYS T 104 25.87 45.77 -71.64
CA LYS T 104 26.28 47.01 -71.01
C LYS T 104 26.31 46.83 -69.50
N PHE T 105 27.16 47.61 -68.84
CA PHE T 105 27.21 47.63 -67.39
C PHE T 105 25.94 48.26 -66.83
N SER T 106 25.33 47.60 -65.85
CA SER T 106 24.06 48.07 -65.31
C SER T 106 24.20 49.45 -64.69
N GLU T 107 23.23 50.31 -64.99
CA GLU T 107 23.19 51.65 -64.45
C GLU T 107 22.37 51.66 -63.16
N ASN T 108 21.97 52.84 -62.70
CA ASN T 108 21.20 52.94 -61.45
C ASN T 108 19.98 52.04 -61.46
N GLY T 109 19.16 52.13 -62.50
CA GLY T 109 18.09 51.17 -62.67
C GLY T 109 18.44 50.12 -63.71
N GLU T 110 17.51 49.20 -63.92
CA GLU T 110 17.56 48.24 -65.02
C GLU T 110 18.65 47.21 -64.85
N GLY T 111 18.32 45.94 -65.05
CA GLY T 111 19.30 44.88 -65.14
C GLY T 111 19.25 44.17 -66.48
N PHE T 112 19.31 42.85 -66.43
CA PHE T 112 19.11 42.01 -67.60
C PHE T 112 18.40 40.73 -67.18
N ASN T 113 17.61 40.17 -68.09
CA ASN T 113 16.98 38.87 -67.88
C ASN T 113 17.61 37.87 -68.83
N LEU T 114 18.67 37.21 -68.37
CA LEU T 114 19.49 36.38 -69.24
C LEU T 114 18.70 35.25 -69.88
N LEU T 115 17.68 34.73 -69.18
CA LEU T 115 16.98 33.53 -69.66
C LEU T 115 16.38 33.74 -71.04
N MET T 116 15.35 34.59 -71.15
CA MET T 116 14.69 34.78 -72.43
C MET T 116 15.46 35.75 -73.32
N LEU T 117 16.42 36.49 -72.77
CA LEU T 117 17.38 37.18 -73.63
C LEU T 117 18.16 36.20 -74.47
N ALA T 118 18.46 35.02 -73.90
CA ALA T 118 19.19 33.96 -74.59
C ALA T 118 18.25 33.01 -75.30
N GLN T 119 17.09 33.49 -75.74
CA GLN T 119 16.16 32.66 -76.50
C GLN T 119 16.73 32.46 -77.90
N THR T 120 16.93 31.22 -78.28
CA THR T 120 17.43 30.83 -79.59
C THR T 120 16.29 30.28 -80.43
N PRO T 121 16.42 30.30 -81.76
CA PRO T 121 15.34 29.77 -82.61
C PRO T 121 14.97 28.33 -82.31
N SER T 122 15.93 27.49 -81.91
CA SER T 122 15.60 26.10 -81.57
C SER T 122 14.71 26.04 -80.34
N ARG T 123 15.00 26.87 -79.34
CA ARG T 123 14.23 26.84 -78.10
C ARG T 123 12.82 27.39 -78.29
N LEU T 124 12.54 28.01 -79.43
CA LEU T 124 11.20 28.54 -79.67
C LEU T 124 10.17 27.43 -79.81
N LYS T 125 10.58 26.26 -80.34
CA LYS T 125 9.65 25.15 -80.52
C LYS T 125 9.22 24.53 -79.21
N LYS T 126 9.86 24.89 -78.10
CA LYS T 126 9.50 24.34 -76.80
C LYS T 126 8.71 25.31 -75.94
N GLY T 127 8.27 26.43 -76.50
CA GLY T 127 7.57 27.43 -75.71
C GLY T 127 8.57 28.47 -75.23
N SER T 128 8.05 29.60 -74.75
CA SER T 128 8.93 30.68 -74.31
C SER T 128 9.82 30.23 -73.16
N MET T 129 9.22 29.90 -72.02
CA MET T 129 9.98 29.42 -70.87
C MET T 129 9.09 28.49 -70.06
N THR T 130 9.73 27.77 -69.15
CA THR T 130 9.02 26.85 -68.27
C THR T 130 9.38 27.15 -66.82
N PHE T 131 8.94 26.27 -65.93
CA PHE T 131 9.35 26.30 -64.53
C PHE T 131 10.42 25.28 -64.22
N THR T 132 10.86 24.52 -65.22
CA THR T 132 11.92 23.54 -65.04
C THR T 132 13.25 24.02 -65.60
N ASP T 133 13.32 25.25 -66.09
CA ASP T 133 14.56 25.81 -66.62
C ASP T 133 15.29 26.50 -65.48
N SER T 134 16.44 25.96 -65.10
CA SER T 134 17.26 26.51 -64.03
C SER T 134 18.69 26.66 -64.53
N LEU T 135 19.38 27.65 -63.98
CA LEU T 135 20.75 27.91 -64.37
C LEU T 135 21.70 26.96 -63.64
N ASP T 136 22.86 26.72 -64.24
CA ASP T 136 23.86 25.86 -63.60
C ASP T 136 24.52 26.59 -62.43
N SER T 137 25.13 25.81 -61.55
CA SER T 137 25.78 26.39 -60.38
C SER T 137 26.93 27.31 -60.79
N ARG T 138 27.74 26.88 -61.76
CA ARG T 138 28.93 27.63 -62.15
C ARG T 138 28.54 28.74 -63.11
N ILE T 139 28.72 29.98 -62.66
CA ILE T 139 28.57 31.16 -63.49
C ILE T 139 29.87 31.96 -63.41
N ALA T 140 30.41 32.30 -64.57
CA ALA T 140 31.68 33.02 -64.62
C ALA T 140 31.60 34.13 -65.66
N LEU T 141 32.42 35.16 -65.47
CA LEU T 141 32.56 36.21 -66.45
C LEU T 141 33.52 35.74 -67.54
N LYS T 142 33.04 35.72 -68.79
CA LYS T 142 33.84 35.13 -69.84
C LYS T 142 34.86 36.10 -70.42
N GLN T 143 34.46 37.35 -70.65
CA GLN T 143 35.37 38.32 -71.22
C GLN T 143 34.99 39.73 -70.76
N LEU T 144 35.97 40.44 -70.21
CA LEU T 144 35.87 41.86 -69.95
C LEU T 144 36.45 42.63 -71.11
N LEU T 145 35.69 43.57 -71.64
CA LEU T 145 36.13 44.44 -72.72
C LEU T 145 36.33 45.84 -72.17
N ILE T 146 37.56 46.33 -72.26
CA ILE T 146 37.90 47.67 -71.79
C ILE T 146 38.54 48.44 -72.94
N SER T 147 38.54 49.76 -72.81
CA SER T 147 39.04 50.64 -73.86
C SER T 147 40.19 51.47 -73.34
N VAL T 148 41.23 51.61 -74.15
CA VAL T 148 42.31 52.55 -73.91
C VAL T 148 42.23 53.61 -75.00
N THR T 149 42.02 54.86 -74.60
CA THR T 149 41.72 55.94 -75.54
C THR T 149 42.58 57.15 -75.20
N LYS T 150 43.22 57.70 -76.23
CA LYS T 150 43.98 58.93 -76.11
C LYS T 150 43.53 59.90 -77.20
N GLY T 151 42.91 61.01 -76.79
CA GLY T 151 42.49 62.02 -77.74
C GLY T 151 41.31 61.66 -78.59
N GLY T 152 40.57 60.61 -78.25
CA GLY T 152 39.41 60.17 -79.02
C GLY T 152 39.64 58.93 -79.86
N THR T 153 40.88 58.50 -80.04
CA THR T 153 41.18 57.28 -80.78
C THR T 153 41.02 56.08 -79.85
N THR T 154 40.24 55.10 -80.27
CA THR T 154 39.82 54.01 -79.41
C THR T 154 40.43 52.69 -79.86
N GLU T 155 41.08 52.01 -78.93
CA GLU T 155 41.55 50.64 -79.11
C GLU T 155 40.98 49.78 -78.00
N LEU T 156 40.51 48.58 -78.36
CA LEU T 156 39.84 47.69 -77.42
C LEU T 156 40.71 46.49 -77.13
N PHE T 157 40.68 46.05 -75.87
CA PHE T 157 41.40 44.86 -75.43
C PHE T 157 40.40 43.84 -74.92
N ALA T 158 40.54 42.60 -75.37
CA ALA T 158 39.67 41.52 -74.94
C ALA T 158 40.35 40.77 -73.79
N LEU T 159 40.09 41.22 -72.57
CA LEU T 159 40.67 40.61 -71.38
C LEU T 159 39.86 39.36 -71.03
N ASP T 160 40.54 38.23 -70.93
CA ASP T 160 39.88 36.97 -70.64
C ASP T 160 39.88 36.75 -69.13
N VAL T 161 38.92 37.36 -68.44
CA VAL T 161 38.81 37.21 -66.99
C VAL T 161 38.40 35.82 -66.57
N ASN T 162 37.84 35.02 -67.47
CA ASN T 162 37.65 33.61 -67.16
C ASN T 162 39.02 32.99 -66.86
N ARG T 163 39.02 31.91 -66.10
CA ARG T 163 40.24 31.42 -65.47
C ARG T 163 40.79 32.50 -64.55
N ASP T 164 39.90 33.25 -63.92
CA ASP T 164 40.17 33.98 -62.69
C ASP T 164 39.05 33.70 -61.70
N GLN T 165 39.34 32.84 -60.72
CA GLN T 165 38.32 32.30 -59.83
C GLN T 165 37.68 33.36 -58.95
N TYR T 166 38.26 34.55 -58.88
CA TYR T 166 37.57 35.67 -58.26
C TYR T 166 36.41 36.17 -59.12
N ALA T 167 36.32 35.70 -60.37
CA ALA T 167 35.22 36.05 -61.27
C ALA T 167 34.27 34.89 -61.50
N ALA T 168 34.22 33.92 -60.58
CA ALA T 168 33.23 32.85 -60.64
C ALA T 168 32.24 33.05 -59.51
N TYR T 169 30.95 33.03 -59.85
CA TYR T 169 29.92 33.35 -58.88
C TYR T 169 29.96 32.37 -57.72
N THR T 170 29.91 32.89 -56.50
CA THR T 170 29.92 32.08 -55.30
C THR T 170 28.59 32.22 -54.57
N ALA T 171 28.07 31.10 -54.10
CA ALA T 171 26.78 31.11 -53.41
C ALA T 171 26.87 31.90 -52.13
N THR T 172 25.89 32.76 -51.88
CA THR T 172 25.85 33.57 -50.67
C THR T 172 24.47 33.47 -50.06
N ARG T 173 24.41 33.73 -48.76
CA ARG T 173 23.18 33.62 -48.00
C ARG T 173 22.84 34.99 -47.40
N GLU T 174 22.20 35.84 -48.19
CA GLU T 174 21.71 37.09 -47.63
C GLU T 174 20.25 37.39 -47.96
N TYR T 175 19.77 37.14 -49.17
CA TYR T 175 18.40 37.51 -49.49
C TYR T 175 17.54 36.31 -49.83
N ASN T 176 17.97 35.54 -50.84
CA ASN T 176 17.25 34.38 -51.30
C ASN T 176 18.22 33.24 -51.58
N PHE T 177 17.79 32.00 -51.35
CA PHE T 177 18.70 30.87 -51.43
C PHE T 177 19.07 30.54 -52.86
N ARG T 178 18.64 31.35 -53.82
CA ARG T 178 19.00 31.16 -55.20
C ARG T 178 19.84 32.31 -55.76
N LEU T 179 20.10 33.34 -54.96
CA LEU T 179 20.95 34.45 -55.39
C LEU T 179 22.40 34.07 -55.22
N MET T 180 23.18 34.22 -56.28
CA MET T 180 24.63 34.08 -56.25
C MET T 180 25.28 35.42 -56.55
N GLN T 181 26.39 35.68 -55.86
CA GLN T 181 27.05 36.97 -55.92
C GLN T 181 28.33 36.88 -56.74
N LEU T 182 28.84 38.05 -57.10
CA LEU T 182 30.09 38.19 -57.80
C LEU T 182 30.91 39.25 -57.09
N LYS T 183 32.02 38.84 -56.48
CA LYS T 183 32.93 39.76 -55.78
C LYS T 183 34.26 39.66 -56.51
N PHE T 184 34.47 40.54 -57.48
CA PHE T 184 35.60 40.47 -58.40
C PHE T 184 36.45 41.71 -58.22
N HIS T 185 37.42 41.62 -57.30
CA HIS T 185 38.39 42.68 -57.07
C HIS T 185 39.78 42.09 -57.19
N THR T 186 40.51 42.46 -58.24
CA THR T 186 41.87 41.99 -58.43
C THR T 186 42.57 42.93 -59.40
N SER T 187 43.88 42.76 -59.50
CA SER T 187 44.71 43.57 -60.37
C SER T 187 44.91 42.85 -61.70
N LEU T 188 44.48 43.47 -62.78
CA LEU T 188 44.62 42.91 -64.11
C LEU T 188 45.87 43.45 -64.78
N GLY T 189 46.73 42.54 -65.23
CA GLY T 189 47.98 42.90 -65.87
C GLY T 189 47.84 42.97 -67.38
N LEU T 190 48.23 44.11 -67.93
CA LEU T 190 48.29 44.32 -69.37
C LEU T 190 49.72 44.11 -69.84
N GLY T 191 50.06 42.86 -70.14
CA GLY T 191 51.44 42.48 -70.37
C GLY T 191 52.09 43.16 -71.55
N GLU T 192 53.41 43.08 -71.62
CA GLU T 192 54.19 43.73 -72.67
C GLU T 192 53.98 43.10 -74.03
N GLU T 193 53.33 41.94 -74.09
CA GLU T 193 53.16 41.28 -75.38
C GLU T 193 51.69 40.98 -75.66
N SER T 194 50.77 41.44 -74.81
CA SER T 194 49.36 41.16 -74.98
C SER T 194 48.82 41.86 -76.20
N THR T 195 48.29 41.07 -77.13
CA THR T 195 47.74 41.61 -78.38
C THR T 195 46.37 42.22 -78.13
N THR T 196 45.96 43.07 -79.07
CA THR T 196 44.63 43.67 -79.01
C THR T 196 43.58 42.69 -79.52
N VAL T 197 42.31 43.08 -79.39
CA VAL T 197 41.22 42.30 -79.97
C VAL T 197 41.17 42.45 -81.48
N ALA T 198 41.71 43.54 -82.02
CA ALA T 198 41.74 43.78 -83.45
C ALA T 198 43.10 43.45 -84.07
N GLY T 199 44.03 42.90 -83.29
CA GLY T 199 45.33 42.51 -83.82
C GLY T 199 46.41 43.55 -83.61
N ALA T 200 47.67 43.09 -83.54
CA ALA T 200 48.85 43.94 -83.44
C ALA T 200 48.93 44.66 -82.10
N GLU T 201 50.14 45.05 -81.70
CA GLU T 201 50.33 45.76 -80.45
C GLU T 201 49.68 47.14 -80.52
N SER T 202 49.29 47.65 -79.36
CA SER T 202 48.64 48.95 -79.30
C SER T 202 49.63 50.07 -79.56
N ALA T 203 49.29 50.94 -80.50
CA ALA T 203 50.18 52.04 -80.87
C ALA T 203 50.14 53.17 -79.84
N LEU T 204 48.97 53.43 -79.24
CA LEU T 204 48.86 54.53 -78.29
C LEU T 204 49.71 54.29 -77.04
N LEU T 205 49.81 53.05 -76.60
CA LEU T 205 50.57 52.70 -75.42
C LEU T 205 51.93 52.10 -75.77
N LYS T 206 52.33 52.20 -77.05
CA LYS T 206 53.50 51.48 -77.55
C LYS T 206 54.77 51.81 -76.78
N ASP T 207 54.90 53.06 -76.30
CA ASP T 207 56.17 53.52 -75.75
C ASP T 207 56.61 52.70 -74.55
N LEU T 208 55.69 52.44 -73.62
CA LEU T 208 56.04 51.63 -72.45
C LEU T 208 56.44 50.22 -72.87
N PHE T 209 55.78 49.69 -73.90
CA PHE T 209 56.14 48.36 -74.39
C PHE T 209 57.54 48.36 -74.98
N ASP T 210 57.91 49.43 -75.68
CA ASP T 210 59.22 49.49 -76.32
C ASP T 210 60.37 49.39 -75.34
N LEU T 211 60.21 49.95 -74.14
CA LEU T 211 61.27 49.95 -73.14
C LEU T 211 61.17 48.79 -72.16
N GLY T 212 60.21 47.89 -72.33
CA GLY T 212 60.04 46.80 -71.38
C GLY T 212 59.27 47.17 -70.14
N TYR T 213 58.09 47.75 -70.29
CA TYR T 213 57.24 48.11 -69.17
C TYR T 213 55.89 47.43 -69.29
N ARG T 214 55.24 47.23 -68.15
CA ARG T 214 53.87 46.72 -68.10
C ARG T 214 53.04 47.58 -67.18
N ILE T 215 51.73 47.54 -67.36
CA ILE T 215 50.79 48.38 -66.62
C ILE T 215 49.97 47.49 -65.70
N GLU T 216 49.87 47.91 -64.44
CA GLU T 216 49.00 47.26 -63.46
C GLU T 216 47.69 48.02 -63.40
N LEU T 217 46.59 47.33 -63.69
CA LEU T 217 45.26 47.93 -63.71
C LEU T 217 44.47 47.45 -62.50
N ASP T 218 43.83 48.39 -61.82
CA ASP T 218 42.95 48.05 -60.71
C ASP T 218 41.52 47.94 -61.24
N VAL T 219 40.94 46.76 -61.10
CA VAL T 219 39.60 46.48 -61.60
C VAL T 219 38.75 46.00 -60.43
N LYS T 220 37.60 46.64 -60.25
CA LYS T 220 36.62 46.27 -59.23
C LYS T 220 35.29 46.04 -59.93
N VAL T 221 34.82 44.79 -59.90
CA VAL T 221 33.58 44.43 -60.56
C VAL T 221 32.69 43.71 -59.56
N ASP T 222 31.43 44.14 -59.47
CA ASP T 222 30.43 43.48 -58.64
C ASP T 222 29.16 43.29 -59.44
N GLY T 223 28.38 42.29 -59.04
CA GLY T 223 27.18 41.97 -59.78
C GLY T 223 26.30 41.02 -58.99
N GLU T 224 25.10 40.80 -59.53
CA GLU T 224 24.11 39.95 -58.89
C GLU T 224 23.33 39.21 -59.96
N MET T 225 22.84 38.03 -59.61
CA MET T 225 22.09 37.20 -60.55
C MET T 225 21.28 36.18 -59.76
N ASN T 226 20.08 35.86 -60.24
CA ASN T 226 19.22 34.86 -59.61
C ASN T 226 19.05 33.66 -60.55
N VAL T 227 19.37 32.47 -60.03
CA VAL T 227 19.23 31.26 -60.84
C VAL T 227 17.79 30.86 -61.06
N GLU T 228 16.85 31.47 -60.34
CA GLU T 228 15.45 31.10 -60.47
C GLU T 228 14.84 31.61 -61.77
N ASN T 229 15.08 32.87 -62.13
CA ASN T 229 14.38 33.46 -63.26
C ASN T 229 15.32 34.25 -64.16
N GLY T 230 16.62 34.18 -63.89
CA GLY T 230 17.57 34.91 -64.71
C GLY T 230 17.55 36.41 -64.50
N ASN T 231 17.00 36.88 -63.39
CA ASN T 231 17.05 38.30 -63.08
C ASN T 231 18.37 38.63 -62.40
N GLY T 232 19.07 39.63 -62.92
CA GLY T 232 20.34 40.02 -62.33
C GLY T 232 20.92 41.21 -63.04
N ASP T 233 21.97 41.76 -62.44
CA ASP T 233 22.66 42.91 -62.99
C ASP T 233 24.13 42.85 -62.61
N THR T 234 24.95 43.56 -63.37
CA THR T 234 26.37 43.69 -63.12
C THR T 234 26.77 45.13 -63.37
N SER T 235 27.46 45.73 -62.40
CA SER T 235 27.91 47.12 -62.52
C SER T 235 29.37 47.21 -62.14
N LEU T 236 30.16 47.84 -63.01
CA LEU T 236 31.53 48.16 -62.66
C LEU T 236 31.53 49.24 -61.59
N ARG T 237 32.36 49.06 -60.57
CA ARG T 237 32.40 50.01 -59.46
C ARG T 237 33.62 50.92 -59.50
N ALA T 238 34.78 50.41 -59.90
CA ALA T 238 35.97 51.25 -59.97
C ALA T 238 36.95 50.62 -60.94
N LEU T 239 37.64 51.47 -61.70
CA LEU T 239 38.66 51.02 -62.63
C LEU T 239 39.69 52.13 -62.78
N ARG T 240 40.97 51.77 -62.63
CA ARG T 240 42.01 52.77 -62.60
C ARG T 240 43.37 52.11 -62.81
N LEU T 241 44.34 52.92 -63.22
CA LEU T 241 45.72 52.46 -63.32
C LEU T 241 46.39 52.55 -61.97
N ALA T 242 46.91 51.42 -61.48
CA ALA T 242 47.48 51.37 -60.13
C ALA T 242 48.99 51.59 -60.11
N ARG T 243 49.75 50.72 -60.76
CA ARG T 243 51.20 50.71 -60.63
C ARG T 243 51.83 50.49 -61.99
N VAL T 244 53.15 50.66 -62.06
CA VAL T 244 53.92 50.41 -63.26
C VAL T 244 55.19 49.65 -62.88
N PHE T 245 55.47 48.58 -63.60
CA PHE T 245 56.67 47.78 -63.38
C PHE T 245 57.58 47.86 -64.61
N ASP T 246 58.87 47.60 -64.40
CA ASP T 246 59.83 47.53 -65.47
C ASP T 246 60.06 46.08 -65.86
N LYS T 247 60.92 45.85 -66.84
CA LYS T 247 61.27 44.51 -67.28
C LYS T 247 62.33 43.87 -66.39
N GLU T 248 62.82 44.59 -65.39
CA GLU T 248 63.80 44.06 -64.46
C GLU T 248 63.16 43.47 -63.21
N GLY T 249 61.83 43.42 -63.15
CA GLY T 249 61.16 42.95 -61.94
C GLY T 249 61.16 43.96 -60.81
N LYS T 250 61.12 45.24 -61.12
CA LYS T 250 61.09 46.30 -60.11
C LYS T 250 59.94 47.25 -60.40
N GLU T 251 59.50 47.94 -59.36
CA GLU T 251 58.49 48.98 -59.53
C GLU T 251 59.16 50.30 -59.88
N ILE T 252 58.53 51.07 -60.76
CA ILE T 252 58.96 52.41 -61.09
C ILE T 252 57.83 53.37 -60.75
N ALA T 253 58.19 54.55 -60.27
CA ALA T 253 57.19 55.50 -59.80
C ALA T 253 56.43 56.11 -60.98
N LEU T 254 55.31 56.74 -60.66
CA LEU T 254 54.51 57.47 -61.63
C LEU T 254 55.08 58.85 -61.93
N THR T 255 56.06 59.31 -61.16
CA THR T 255 56.62 60.64 -61.30
C THR T 255 57.85 60.70 -62.21
N ASP T 256 58.30 59.57 -62.73
CA ASP T 256 59.43 59.59 -63.66
C ASP T 256 59.04 60.28 -64.95
N SER T 257 60.02 60.88 -65.62
CA SER T 257 59.74 61.65 -66.83
C SER T 257 59.18 60.76 -67.93
N ARG T 258 59.79 59.60 -68.16
CA ARG T 258 59.34 58.71 -69.24
C ARG T 258 57.95 58.15 -68.95
N VAL T 259 57.73 57.66 -67.74
CA VAL T 259 56.43 57.10 -67.39
C VAL T 259 55.35 58.17 -67.45
N SER T 260 55.62 59.35 -66.91
CA SER T 260 54.63 60.43 -66.95
C SER T 260 54.34 60.86 -68.38
N ALA T 261 55.36 60.98 -69.22
CA ALA T 261 55.14 61.35 -70.62
C ALA T 261 54.31 60.30 -71.35
N ALA T 262 54.59 59.02 -71.10
CA ALA T 262 53.82 57.96 -71.74
C ALA T 262 52.40 57.88 -71.22
N LEU T 263 52.17 58.23 -69.96
CA LEU T 263 50.84 58.12 -69.36
C LEU T 263 50.08 59.44 -69.33
N SER T 264 50.55 60.46 -70.04
CA SER T 264 49.88 61.76 -70.07
C SER T 264 48.59 61.64 -70.86
N GLY T 265 47.45 61.77 -70.17
CA GLY T 265 46.16 61.81 -70.81
C GLY T 265 45.51 60.48 -71.09
N LEU T 266 46.07 59.38 -70.62
CA LEU T 266 45.43 58.07 -70.80
C LEU T 266 44.15 58.00 -70.00
N THR T 267 43.07 57.63 -70.68
CA THR T 267 41.78 57.40 -70.05
C THR T 267 41.33 55.99 -70.38
N VAL T 268 41.03 55.21 -69.36
CA VAL T 268 40.63 53.82 -69.55
C VAL T 268 39.21 53.67 -69.03
N THR T 269 38.32 53.20 -69.91
CA THR T 269 36.91 53.06 -69.59
C THR T 269 36.43 51.66 -69.95
N GLY T 270 35.63 51.07 -69.06
CA GLY T 270 35.06 49.76 -69.33
C GLY T 270 34.03 49.83 -70.42
N VAL T 271 33.83 48.73 -71.13
CA VAL T 271 32.86 48.62 -72.21
C VAL T 271 31.74 47.65 -71.85
N GLY T 272 32.09 46.38 -71.63
CA GLY T 272 31.07 45.38 -71.39
C GLY T 272 31.67 44.14 -70.77
N TYR T 273 30.84 43.10 -70.71
CA TYR T 273 31.25 41.82 -70.15
C TYR T 273 30.44 40.71 -70.81
N SER T 274 30.93 39.48 -70.68
CA SER T 274 30.27 38.31 -71.23
C SER T 274 30.21 37.20 -70.18
N LEU T 275 29.16 36.40 -70.25
CA LEU T 275 28.92 35.36 -69.27
C LEU T 275 28.82 33.99 -69.95
N GLU T 276 29.47 33.00 -69.36
CA GLU T 276 29.27 31.61 -69.73
C GLU T 276 28.30 31.01 -68.73
N ALA T 277 27.21 30.44 -69.22
CA ALA T 277 26.17 29.91 -68.36
C ALA T 277 25.56 28.68 -69.01
N ARG T 278 25.17 27.72 -68.18
CA ARG T 278 24.61 26.48 -68.68
C ARG T 278 23.23 26.27 -68.11
N LEU T 279 22.28 26.01 -69.00
CA LEU T 279 20.93 25.67 -68.59
C LEU T 279 20.93 24.30 -67.94
N THR T 280 20.65 24.25 -66.65
CA THR T 280 20.49 22.99 -65.95
C THR T 280 19.16 22.42 -66.43
N ASN T 281 19.17 21.92 -67.66
CA ASN T 281 17.95 21.44 -68.29
C ASN T 281 17.62 20.12 -67.61
N ILE T 282 16.94 20.23 -66.47
CA ILE T 282 16.75 19.08 -65.59
C ILE T 282 15.85 18.04 -66.26
N ASN T 283 14.86 18.50 -67.01
CA ASN T 283 14.00 17.60 -67.77
C ASN T 283 14.54 17.29 -69.16
N GLN T 284 15.59 18.01 -69.59
CA GLN T 284 16.33 17.68 -70.80
C GLN T 284 15.44 17.64 -72.04
N LEU T 285 14.91 18.79 -72.44
CA LEU T 285 14.11 18.91 -73.65
C LEU T 285 14.96 18.90 -74.91
N GLU T 286 16.23 18.46 -74.82
CA GLU T 286 17.10 18.32 -75.97
C GLU T 286 17.74 16.95 -75.97
N MET T 287 18.40 16.61 -77.07
CA MET T 287 19.00 15.30 -77.29
C MET T 287 20.47 15.31 -76.91
N GLY T 288 21.04 14.12 -76.88
CA GLY T 288 22.47 13.97 -76.77
C GLY T 288 23.07 13.43 -78.05
N LEU T 289 24.34 13.02 -77.99
CA LEU T 289 24.98 12.46 -79.16
C LEU T 289 24.57 11.00 -79.30
N LEU T 290 23.59 10.73 -80.16
CA LEU T 290 23.11 9.38 -80.36
C LEU T 290 24.20 8.52 -80.97
N ILE T 291 24.32 7.29 -80.46
CA ILE T 291 25.33 6.34 -80.93
C ILE T 291 24.62 5.17 -81.57
N ASP T 292 24.95 4.88 -82.82
CA ASP T 292 24.29 3.84 -83.59
C ASP T 292 25.33 2.98 -84.30
N SER T 293 24.86 1.91 -84.92
CA SER T 293 25.72 1.02 -85.68
C SER T 293 25.09 0.71 -87.03
N ASP T 294 25.94 0.68 -88.06
CA ASP T 294 25.57 0.24 -89.39
C ASP T 294 26.51 -0.87 -89.82
N VAL T 295 25.99 -1.78 -90.64
CA VAL T 295 26.75 -2.94 -91.09
C VAL T 295 26.97 -2.82 -92.59
N GLN T 296 28.22 -2.97 -93.00
CA GLN T 296 28.57 -2.94 -94.42
C GLN T 296 29.12 -4.30 -94.82
N LYS T 297 28.65 -4.80 -95.96
CA LYS T 297 29.08 -6.09 -96.48
C LYS T 297 29.38 -5.98 -97.96
N GLN T 298 30.44 -6.65 -98.41
CA GLN T 298 30.96 -6.49 -99.76
C GLN T 298 30.94 -7.84 -100.47
N GLY T 299 30.93 -7.79 -101.81
CA GLY T 299 31.03 -8.98 -102.63
C GLY T 299 32.39 -9.04 -103.29
N PHE T 300 32.88 -10.26 -103.50
CA PHE T 300 34.22 -10.48 -104.04
C PHE T 300 34.18 -11.71 -104.94
N MET T 301 34.58 -11.54 -106.19
CA MET T 301 34.42 -12.58 -107.22
C MET T 301 35.78 -13.11 -107.66
N ILE T 302 35.78 -14.29 -108.25
CA ILE T 302 36.99 -14.97 -108.72
C ILE T 302 36.82 -15.34 -110.18
N PRO T 303 37.63 -14.80 -111.09
CA PRO T 303 37.42 -15.04 -112.53
C PRO T 303 38.10 -16.29 -113.06
N THR T 304 37.84 -16.59 -114.33
CA THR T 304 38.69 -17.50 -115.10
C THR T 304 39.71 -16.71 -115.91
N LEU T 305 40.78 -17.41 -116.32
CA LEU T 305 41.81 -16.77 -117.14
C LEU T 305 42.07 -17.63 -118.37
N PRO T 306 42.55 -17.02 -119.46
CA PRO T 306 42.83 -17.79 -120.67
C PRO T 306 43.84 -18.88 -120.41
N PRO T 307 43.74 -20.00 -121.11
CA PRO T 307 44.57 -21.17 -120.78
C PRO T 307 45.94 -21.13 -121.45
N LEU T 308 46.83 -21.95 -120.93
CA LEU T 308 48.16 -22.12 -121.46
C LEU T 308 48.37 -23.60 -121.78
N VAL T 309 48.54 -23.93 -123.06
CA VAL T 309 48.43 -25.31 -123.54
C VAL T 309 49.47 -25.54 -124.64
N ILE T 310 49.87 -26.79 -124.81
CA ILE T 310 50.85 -27.18 -125.81
C ILE T 310 50.24 -28.29 -126.65
N VAL T 311 50.79 -28.51 -127.84
CA VAL T 311 50.36 -29.60 -128.72
C VAL T 311 51.58 -30.43 -129.10
N LYS T 312 51.40 -31.73 -129.13
CA LYS T 312 52.39 -32.68 -129.63
C LYS T 312 51.71 -33.73 -130.48
N PRO T 313 52.22 -33.99 -131.68
CA PRO T 313 51.66 -35.07 -132.49
C PRO T 313 51.72 -36.40 -131.75
N ALA T 314 50.62 -37.16 -131.83
CA ALA T 314 50.41 -38.33 -130.98
C ALA T 314 50.81 -39.60 -131.71
N MET T 315 52.11 -39.75 -131.97
CA MET T 315 52.62 -41.02 -132.48
C MET T 315 53.91 -41.40 -131.75
N VAL T 316 54.59 -40.43 -131.16
CA VAL T 316 55.86 -40.64 -130.48
C VAL T 316 55.90 -39.78 -129.22
N GLU T 317 57.05 -39.80 -128.55
CA GLU T 317 57.30 -39.00 -127.37
C GLU T 317 58.39 -37.97 -127.65
N ASP T 318 58.33 -36.85 -126.95
CA ASP T 318 59.27 -35.75 -127.18
C ASP T 318 59.64 -35.11 -125.86
N ASP T 319 60.95 -35.03 -125.58
CA ASP T 319 61.47 -34.33 -124.41
C ASP T 319 62.49 -33.26 -124.77
N LYS T 320 62.88 -33.16 -126.04
CA LYS T 320 63.87 -32.19 -126.47
C LYS T 320 63.25 -30.93 -127.07
N THR T 321 62.10 -31.05 -127.72
CA THR T 321 61.42 -29.90 -128.30
C THR T 321 60.39 -29.37 -127.30
N TYR T 322 59.63 -30.26 -126.72
CA TYR T 322 58.82 -29.88 -125.59
C TYR T 322 59.15 -30.77 -124.40
N PRO T 323 59.78 -30.25 -123.35
CA PRO T 323 60.13 -31.10 -122.22
C PRO T 323 58.90 -31.47 -121.43
N ARG T 324 59.07 -32.13 -120.29
CA ARG T 324 57.91 -32.50 -119.48
C ARG T 324 57.20 -31.25 -118.98
N LEU T 325 56.12 -31.44 -118.25
CA LEU T 325 55.21 -30.36 -117.87
C LEU T 325 55.87 -29.25 -117.06
N GLU T 326 57.11 -29.42 -116.59
CA GLU T 326 57.68 -28.44 -115.66
C GLU T 326 57.84 -27.08 -116.33
N ALA T 327 58.13 -27.04 -117.62
CA ALA T 327 58.23 -25.76 -118.32
C ALA T 327 56.89 -25.04 -118.29
N LEU T 328 55.81 -25.78 -118.49
CA LEU T 328 54.47 -25.21 -118.41
C LEU T 328 54.23 -24.61 -117.02
N THR T 329 54.62 -25.34 -115.98
CA THR T 329 54.42 -24.85 -114.62
C THR T 329 55.25 -23.60 -114.34
N THR T 330 56.48 -23.55 -114.87
CA THR T 330 57.30 -22.35 -114.69
C THR T 330 56.68 -21.16 -115.39
N ALA T 331 56.18 -21.35 -116.60
CA ALA T 331 55.52 -20.26 -117.31
C ALA T 331 54.32 -19.77 -116.50
N TYR T 332 53.53 -20.71 -115.98
CA TYR T 332 52.40 -20.32 -115.14
C TYR T 332 52.84 -19.55 -113.91
N ARG T 333 53.86 -20.04 -113.20
CA ARG T 333 54.28 -19.39 -111.97
C ARG T 333 54.78 -17.98 -112.25
N ILE T 334 55.56 -17.81 -113.32
CA ILE T 334 55.95 -16.46 -113.72
C ILE T 334 54.70 -15.60 -113.94
N GLN T 335 53.87 -16.00 -114.92
CA GLN T 335 52.74 -15.17 -115.33
C GLN T 335 51.89 -14.75 -114.14
N GLN T 336 51.59 -15.70 -113.26
CA GLN T 336 50.76 -15.37 -112.10
C GLN T 336 51.53 -14.50 -111.10
N MET T 337 52.58 -15.05 -110.53
CA MET T 337 53.09 -14.52 -109.28
C MET T 337 54.06 -13.35 -109.45
N ARG T 338 54.48 -13.02 -110.67
CA ARG T 338 55.35 -11.85 -110.84
C ARG T 338 54.67 -10.72 -111.59
N ASN T 339 54.27 -10.96 -112.85
CA ASN T 339 53.92 -9.83 -113.71
C ASN T 339 52.58 -9.24 -113.32
N ASN T 340 51.58 -10.10 -113.08
CA ASN T 340 50.27 -9.59 -112.71
C ASN T 340 50.33 -8.83 -111.39
N ALA T 341 51.12 -9.33 -110.43
CA ALA T 341 51.25 -8.63 -109.16
C ALA T 341 51.90 -7.27 -109.34
N VAL T 342 52.97 -7.19 -110.12
CA VAL T 342 53.61 -5.90 -110.35
C VAL T 342 52.63 -4.93 -111.02
N THR T 343 51.89 -5.41 -112.02
CA THR T 343 50.91 -4.57 -112.68
C THR T 343 49.87 -4.04 -111.71
N THR T 344 49.33 -4.93 -110.87
CA THR T 344 48.31 -4.51 -109.92
C THR T 344 48.85 -3.47 -108.95
N LEU T 345 50.06 -3.68 -108.44
CA LEU T 345 50.64 -2.73 -107.51
C LEU T 345 50.83 -1.35 -108.15
N LEU T 346 51.36 -1.33 -109.38
CA LEU T 346 51.57 -0.05 -110.04
C LEU T 346 50.24 0.64 -110.36
N ASN T 347 49.23 -0.11 -110.77
CA ASN T 347 47.93 0.50 -111.02
C ASN T 347 47.34 1.07 -109.74
N ARG T 348 47.50 0.35 -108.62
CA ARG T 348 47.04 0.88 -107.34
C ARG T 348 47.73 2.19 -107.02
N ALA T 349 49.05 2.23 -107.21
CA ALA T 349 49.79 3.46 -106.96
C ALA T 349 49.26 4.60 -107.82
N ASP T 350 49.05 4.34 -109.11
CA ASP T 350 48.62 5.40 -110.01
C ASP T 350 47.23 5.91 -109.64
N THR T 351 46.31 5.02 -109.32
CA THR T 351 44.95 5.47 -109.00
C THR T 351 44.93 6.24 -107.68
N LEU T 352 45.72 5.80 -106.69
CA LEU T 352 45.81 6.58 -105.46
C LEU T 352 46.38 7.96 -105.72
N LYS T 353 47.42 8.05 -106.56
CA LYS T 353 47.97 9.35 -106.89
C LYS T 353 46.93 10.24 -107.55
N SER T 354 46.16 9.69 -108.50
CA SER T 354 45.16 10.48 -109.19
C SER T 354 44.09 10.97 -108.23
N TYR T 355 43.62 10.11 -107.34
CA TYR T 355 42.47 10.48 -106.53
C TYR T 355 42.84 11.34 -105.32
N LEU T 356 44.04 11.19 -104.78
CA LEU T 356 44.37 11.80 -103.50
C LEU T 356 45.45 12.85 -103.56
N GLY T 357 46.04 13.12 -104.72
CA GLY T 357 47.08 14.12 -104.71
C GLY T 357 48.37 13.59 -104.07
N VAL T 358 49.17 14.51 -103.57
CA VAL T 358 50.48 14.20 -103.01
C VAL T 358 50.56 14.75 -101.59
N GLY T 359 50.49 13.86 -100.61
CA GLY T 359 50.76 14.24 -99.23
C GLY T 359 49.67 15.00 -98.53
N VAL T 360 48.41 14.78 -98.90
CA VAL T 360 47.28 15.45 -98.27
C VAL T 360 46.26 14.38 -97.88
N PRO T 361 45.88 14.31 -96.60
CA PRO T 361 44.95 13.27 -96.17
C PRO T 361 43.53 13.51 -96.66
N HIS T 362 42.65 12.57 -96.31
CA HIS T 362 41.21 12.68 -96.43
C HIS T 362 40.56 12.01 -95.22
N PRO T 363 39.40 12.50 -94.78
CA PRO T 363 38.79 11.93 -93.58
C PRO T 363 38.19 10.56 -93.84
N ILE T 364 37.96 9.82 -92.75
CA ILE T 364 37.45 8.47 -92.82
C ILE T 364 36.08 8.49 -93.49
N GLU T 365 35.84 7.52 -94.39
CA GLU T 365 34.60 7.44 -95.15
C GLU T 365 34.37 8.75 -95.89
N SER T 366 35.27 9.07 -96.81
CA SER T 366 35.13 10.26 -97.64
C SER T 366 35.43 9.92 -99.09
N ASN T 367 35.58 8.63 -99.37
CA ASN T 367 35.81 8.13 -100.72
C ASN T 367 35.15 6.76 -100.84
N LEU T 368 34.55 6.49 -101.99
CA LEU T 368 33.87 5.24 -102.22
C LEU T 368 34.22 4.57 -103.54
N GLY T 369 34.71 5.33 -104.52
CA GLY T 369 35.09 4.73 -105.78
C GLY T 369 36.28 3.81 -105.66
N LEU T 370 37.24 4.17 -104.80
CA LEU T 370 38.44 3.35 -104.64
C LEU T 370 38.07 1.98 -104.09
N GLU T 371 38.61 0.95 -104.71
CA GLU T 371 38.44 -0.41 -104.21
C GLU T 371 39.08 -0.52 -102.84
N GLY T 372 38.39 -1.12 -101.90
CA GLY T 372 38.97 -1.38 -100.60
C GLY T 372 38.00 -1.16 -99.47
N VAL T 373 38.33 -1.72 -98.31
CA VAL T 373 37.52 -1.57 -97.10
C VAL T 373 38.26 -0.90 -95.97
N GLY T 374 39.59 -0.87 -95.99
CA GLY T 374 40.33 -0.25 -94.91
C GLY T 374 40.07 1.23 -94.77
N GLN T 375 39.47 1.85 -95.78
CA GLN T 375 39.14 3.27 -95.68
C GLN T 375 38.12 3.53 -94.58
N TYR T 376 37.42 2.49 -94.12
CA TYR T 376 36.52 2.65 -92.98
C TYR T 376 37.26 2.90 -91.68
N TYR T 377 38.55 2.59 -91.61
CA TYR T 377 39.28 2.64 -90.35
C TYR T 377 40.40 3.66 -90.32
N VAL T 378 40.96 4.05 -91.46
CA VAL T 378 42.11 4.94 -91.49
C VAL T 378 41.89 5.99 -92.59
N ARG T 379 42.49 7.14 -92.39
CA ARG T 379 42.49 8.17 -93.42
C ARG T 379 43.24 7.66 -94.65
N PRO T 380 42.63 7.67 -95.83
CA PRO T 380 43.40 7.40 -97.05
C PRO T 380 44.50 8.44 -97.21
N TYR T 381 45.66 8.00 -97.69
CA TYR T 381 46.82 8.87 -97.72
C TYR T 381 47.82 8.37 -98.75
N TYR T 382 48.49 9.31 -99.42
CA TYR T 382 49.47 9.00 -100.44
C TYR T 382 50.59 10.04 -100.37
N ASN T 383 51.83 9.59 -100.44
CA ASN T 383 52.97 10.50 -100.44
C ASN T 383 54.03 9.98 -101.38
N GLU T 384 54.68 10.90 -102.09
CA GLU T 384 55.75 10.59 -103.02
C GLU T 384 56.82 11.65 -102.91
N ALA T 385 58.08 11.22 -102.84
CA ALA T 385 59.20 12.12 -102.67
C ALA T 385 60.37 11.64 -103.51
N THR T 386 61.34 12.54 -103.69
CA THR T 386 62.56 12.24 -104.44
C THR T 386 63.77 12.62 -103.60
N ILE T 387 64.73 11.71 -103.49
CA ILE T 387 65.99 11.97 -102.83
C ILE T 387 67.05 12.22 -103.91
N ASP T 388 67.87 13.24 -103.70
CA ASP T 388 68.91 13.60 -104.66
C ASP T 388 70.26 13.39 -104.00
N VAL T 389 70.87 12.23 -104.24
CA VAL T 389 72.10 11.86 -103.55
C VAL T 389 73.22 12.84 -103.88
N LEU T 390 73.34 13.22 -105.15
CA LEU T 390 74.45 14.09 -105.56
C LEU T 390 74.36 15.46 -104.91
N ASN T 391 73.18 16.07 -104.87
CA ASN T 391 73.02 17.41 -104.33
C ASN T 391 72.74 17.43 -102.84
N ASP T 392 72.77 16.28 -102.18
CA ASP T 392 72.42 16.19 -100.76
C ASP T 392 73.25 15.08 -100.12
N LEU T 393 74.37 15.47 -99.52
CA LEU T 393 75.20 14.54 -98.76
C LEU T 393 76.20 15.30 -97.90
N ASN T 394 76.26 14.99 -96.61
CA ASN T 394 77.22 15.57 -95.68
C ASN T 394 78.30 14.54 -95.40
N ASN T 395 79.35 14.55 -96.23
CA ASN T 395 80.48 13.66 -96.05
C ASN T 395 81.77 14.43 -96.30
N LEU T 396 82.84 13.99 -95.63
CA LEU T 396 84.13 14.62 -95.84
C LEU T 396 85.26 13.60 -95.99
N THR T 397 85.06 12.34 -95.62
CA THR T 397 86.09 11.33 -95.73
C THR T 397 85.70 10.34 -96.82
N SER T 398 86.55 10.25 -97.84
CA SER T 398 86.23 9.40 -98.99
C SER T 398 86.14 7.94 -98.58
N ALA T 399 86.79 7.55 -97.48
CA ALA T 399 86.81 6.15 -97.09
C ALA T 399 85.45 5.69 -96.57
N ALA T 400 84.52 6.60 -96.34
CA ALA T 400 83.23 6.26 -95.75
C ALA T 400 82.05 6.79 -96.57
N LYS T 401 82.14 6.73 -97.90
CA LYS T 401 81.09 7.32 -98.73
C LYS T 401 79.81 6.51 -98.68
N GLN T 402 79.92 5.19 -98.84
CA GLN T 402 78.72 4.36 -98.85
C GLN T 402 78.00 4.40 -97.51
N THR T 403 78.74 4.32 -96.40
CA THR T 403 78.09 4.39 -95.10
C THR T 403 77.32 5.68 -94.94
N ASP T 404 77.89 6.79 -95.39
CA ASP T 404 77.25 8.08 -95.22
C ASP T 404 75.98 8.18 -96.08
N ILE T 405 76.07 7.81 -97.36
CA ILE T 405 74.88 7.91 -98.22
C ILE T 405 73.80 6.97 -97.72
N GLN T 406 74.20 5.80 -97.23
CA GLN T 406 73.23 4.81 -96.81
C GLN T 406 72.54 5.26 -95.52
N GLY T 407 73.29 5.89 -94.63
CA GLY T 407 72.67 6.52 -93.47
C GLY T 407 71.68 7.58 -93.88
N LEU T 408 72.03 8.37 -94.90
CA LEU T 408 71.09 9.37 -95.41
C LEU T 408 69.78 8.73 -95.86
N ILE T 409 69.88 7.66 -96.66
CA ILE T 409 68.67 7.09 -97.23
C ILE T 409 67.83 6.41 -96.14
N VAL T 410 68.47 5.73 -95.19
CA VAL T 410 67.70 5.07 -94.14
C VAL T 410 67.05 6.10 -93.23
N SER T 411 67.72 7.23 -92.98
CA SER T 411 67.11 8.29 -92.20
C SER T 411 65.89 8.86 -92.91
N LYS T 412 65.98 9.04 -94.24
CA LYS T 412 64.82 9.53 -94.96
C LYS T 412 63.66 8.55 -94.87
N ILE T 413 63.95 7.25 -94.97
CA ILE T 413 62.89 6.25 -94.82
C ILE T 413 62.25 6.34 -93.45
N ASN T 414 63.08 6.47 -92.40
CA ASN T 414 62.54 6.62 -91.05
C ASN T 414 61.60 7.82 -90.97
N GLU T 415 62.03 8.94 -91.53
CA GLU T 415 61.22 10.16 -91.46
C GLU T 415 59.88 9.97 -92.15
N MET T 416 59.89 9.40 -93.35
CA MET T 416 58.64 9.27 -94.07
C MET T 416 57.70 8.27 -93.41
N VAL T 417 58.23 7.17 -92.88
CA VAL T 417 57.37 6.23 -92.16
C VAL T 417 56.74 6.89 -90.95
N TYR T 418 57.53 7.67 -90.21
CA TYR T 418 56.98 8.35 -89.03
C TYR T 418 55.90 9.35 -89.43
N THR T 419 56.12 10.09 -90.51
CA THR T 419 55.10 11.04 -90.94
C THR T 419 53.84 10.34 -91.39
N ALA T 420 53.98 9.20 -92.06
CA ALA T 420 52.80 8.43 -92.47
C ALA T 420 52.04 7.95 -91.25
N ASP T 421 52.76 7.54 -90.21
CA ASP T 421 52.10 7.18 -88.96
C ASP T 421 51.37 8.38 -88.37
N GLN T 422 52.00 9.55 -88.42
CA GLN T 422 51.38 10.77 -87.87
C GLN T 422 50.07 11.09 -88.55
N LEU T 423 50.07 11.20 -89.87
CA LEU T 423 48.96 11.85 -90.55
C LEU T 423 47.77 10.92 -90.76
N THR T 424 47.95 9.61 -90.56
CA THR T 424 46.89 8.66 -90.87
C THR T 424 46.17 8.12 -89.65
N GLY T 425 46.84 8.04 -88.50
CA GLY T 425 46.22 7.40 -87.36
C GLY T 425 46.07 5.91 -87.52
N TYR T 426 46.81 5.31 -88.45
CA TYR T 426 46.79 3.86 -88.61
C TYR T 426 47.14 3.16 -87.31
N THR T 427 47.99 3.78 -86.49
CA THR T 427 48.31 3.20 -85.20
C THR T 427 47.07 2.97 -84.37
N ALA T 428 46.26 4.01 -84.17
CA ALA T 428 45.08 3.89 -83.32
C ALA T 428 44.14 2.80 -83.81
N ALA T 429 43.88 2.77 -85.12
CA ALA T 429 43.03 1.72 -85.66
C ALA T 429 43.65 0.35 -85.42
N LEU T 430 44.98 0.28 -85.35
CA LEU T 430 45.63 -1.02 -85.14
C LEU T 430 45.24 -1.61 -83.79
N GLU T 431 45.32 -0.83 -82.71
CA GLU T 431 44.88 -1.37 -81.43
C GLU T 431 43.36 -1.45 -81.37
N ALA T 432 42.67 -0.64 -82.18
CA ALA T 432 41.23 -0.74 -82.24
C ALA T 432 40.78 -2.11 -82.72
N ALA T 433 41.44 -2.64 -83.74
CA ALA T 433 41.09 -3.96 -84.24
C ALA T 433 41.55 -5.08 -83.31
N PHE T 434 42.68 -4.88 -82.62
CA PHE T 434 43.28 -5.93 -81.80
C PHE T 434 43.48 -5.44 -80.38
N SER T 435 42.73 -6.03 -79.45
CA SER T 435 42.92 -5.76 -78.04
C SER T 435 43.72 -6.88 -77.39
N GLY T 436 44.23 -6.62 -76.19
CA GLY T 436 44.98 -7.62 -75.45
C GLY T 436 46.44 -7.70 -75.81
N ARG T 437 46.91 -6.90 -76.76
CA ARG T 437 48.32 -6.85 -77.13
C ARG T 437 48.59 -5.53 -77.84
N SER T 438 49.87 -5.17 -77.92
CA SER T 438 50.26 -3.93 -78.57
C SER T 438 51.10 -4.24 -79.79
N PRO T 439 50.51 -4.64 -80.91
CA PRO T 439 51.30 -4.97 -82.09
C PRO T 439 52.00 -3.74 -82.65
N LYS T 440 53.15 -3.97 -83.25
CA LYS T 440 53.84 -2.87 -83.91
C LYS T 440 53.58 -2.91 -85.41
N PRO T 441 53.46 -1.76 -86.05
CA PRO T 441 53.36 -1.74 -87.52
C PRO T 441 54.61 -2.34 -88.14
N HIS T 442 54.42 -3.06 -89.26
CA HIS T 442 55.54 -3.62 -90.01
C HIS T 442 55.62 -2.96 -91.37
N VAL T 443 56.82 -2.56 -91.77
CA VAL T 443 57.06 -1.94 -93.05
C VAL T 443 57.72 -2.96 -93.97
N ALA T 444 57.05 -3.27 -95.07
CA ALA T 444 57.61 -4.19 -96.06
C ALA T 444 58.30 -3.37 -97.14
N ILE T 445 59.55 -3.72 -97.43
CA ILE T 445 60.36 -2.99 -98.39
C ILE T 445 60.50 -3.82 -99.65
N GLY T 446 59.97 -3.31 -100.76
CA GLY T 446 60.08 -3.95 -102.06
C GLY T 446 60.80 -3.04 -103.03
N THR T 447 61.78 -3.60 -103.73
CA THR T 447 62.62 -2.83 -104.62
C THR T 447 63.30 -3.76 -105.62
N ASP T 448 64.13 -3.16 -106.48
CA ASP T 448 64.82 -3.89 -107.54
C ASP T 448 66.03 -4.62 -106.98
N MET T 449 66.90 -5.10 -107.86
CA MET T 449 68.04 -5.91 -107.48
C MET T 449 69.24 -5.08 -107.03
N ARG T 450 69.20 -3.76 -107.21
CA ARG T 450 70.41 -2.96 -107.07
C ARG T 450 70.49 -2.21 -105.75
N LEU T 451 69.39 -1.66 -105.26
CA LEU T 451 69.40 -0.93 -103.99
C LEU T 451 69.68 -1.78 -102.76
N PRO T 452 69.05 -2.95 -102.58
CA PRO T 452 69.09 -3.61 -101.26
C PRO T 452 70.48 -3.77 -100.68
N GLN T 453 71.52 -3.72 -101.50
CA GLN T 453 72.86 -3.67 -100.95
C GLN T 453 73.14 -2.34 -100.27
N TYR T 454 72.22 -1.38 -100.38
CA TYR T 454 72.36 -0.08 -99.74
C TYR T 454 71.22 0.24 -98.78
N ILE T 455 70.42 -0.74 -98.38
CA ILE T 455 69.45 -0.49 -97.33
C ILE T 455 69.89 -1.11 -96.02
N GLN T 456 70.60 -2.23 -96.07
CA GLN T 456 71.22 -2.84 -94.90
C GLN T 456 72.43 -2.01 -94.50
N ILE T 457 72.34 -1.35 -93.34
CA ILE T 457 73.45 -0.51 -92.89
C ILE T 457 74.66 -1.39 -92.66
N ASN T 458 75.82 -0.92 -93.10
CA ASN T 458 77.10 -1.53 -92.77
C ASN T 458 77.76 -0.66 -91.71
N GLY T 459 77.40 -0.89 -90.44
CA GLY T 459 77.90 -0.13 -89.31
C GLY T 459 76.85 0.12 -88.24
N ASP T 460 75.58 0.17 -88.62
CA ASP T 460 74.46 0.32 -87.71
C ASP T 460 73.45 -0.80 -87.94
N ASP T 461 72.30 -0.67 -87.26
CA ASP T 461 71.19 -1.62 -87.38
C ASP T 461 69.96 -1.01 -88.06
N ARG T 462 69.88 0.32 -88.14
CA ARG T 462 68.66 1.00 -88.58
C ARG T 462 68.29 0.62 -90.00
N THR T 463 67.10 0.06 -90.17
CA THR T 463 66.57 -0.13 -91.51
C THR T 463 65.26 0.64 -91.68
N VAL T 464 64.31 0.38 -90.79
CA VAL T 464 63.08 1.15 -90.73
C VAL T 464 62.85 1.75 -89.36
N GLY T 465 63.87 1.74 -88.50
CA GLY T 465 63.80 2.35 -87.20
C GLY T 465 63.42 1.35 -86.12
N ILE T 466 63.73 1.74 -84.88
CA ILE T 466 63.35 0.92 -83.74
C ILE T 466 61.84 0.93 -83.60
N GLY T 467 61.30 -0.11 -82.99
CA GLY T 467 59.86 -0.26 -82.88
C GLY T 467 59.17 -0.62 -84.17
N TYR T 468 59.93 -0.83 -85.24
CA TYR T 468 59.37 -1.22 -86.52
C TYR T 468 60.12 -2.43 -87.04
N ASP T 469 59.39 -3.37 -87.62
CA ASP T 469 59.97 -4.58 -88.16
C ASP T 469 59.84 -4.56 -89.68
N TYR T 470 60.91 -4.99 -90.34
CA TYR T 470 61.03 -4.82 -91.78
C TYR T 470 61.24 -6.16 -92.46
N THR T 471 60.78 -6.24 -93.70
CA THR T 471 61.03 -7.37 -94.57
C THR T 471 61.55 -6.85 -95.90
N ILE T 472 62.58 -7.49 -96.44
CA ILE T 472 63.26 -7.05 -97.64
C ILE T 472 62.93 -8.04 -98.76
N ALA T 473 62.46 -7.52 -99.89
CA ALA T 473 62.14 -8.33 -101.06
C ALA T 473 62.79 -7.72 -102.29
N ARG T 474 63.11 -8.57 -103.27
CA ARG T 474 63.74 -8.13 -104.50
C ARG T 474 62.98 -8.63 -105.71
N ILE T 475 63.00 -7.84 -106.78
CA ILE T 475 62.40 -8.22 -108.05
C ILE T 475 63.42 -7.91 -109.14
N SER T 476 63.35 -8.66 -110.24
CA SER T 476 64.18 -8.40 -111.40
C SER T 476 63.45 -7.55 -112.45
N ASP T 477 62.20 -7.19 -112.20
CA ASP T 477 61.39 -6.49 -113.18
C ASP T 477 61.98 -5.12 -113.51
N LEU T 478 61.84 -4.73 -114.76
CA LEU T 478 62.39 -3.45 -115.21
C LEU T 478 61.62 -2.26 -114.70
N ARG T 479 60.29 -2.36 -114.56
CA ARG T 479 59.51 -1.22 -114.12
C ARG T 479 59.87 -0.76 -112.73
N MET T 480 60.34 -1.66 -111.87
CA MET T 480 60.71 -1.30 -110.50
C MET T 480 62.13 -0.79 -110.41
N LYS T 481 62.70 -0.28 -111.50
CA LYS T 481 64.08 0.18 -111.51
C LYS T 481 64.21 1.42 -110.64
N ASP T 482 65.13 1.38 -109.68
CA ASP T 482 65.39 2.49 -108.78
C ASP T 482 64.14 2.96 -108.04
N LYS T 483 63.31 2.02 -107.62
CA LYS T 483 62.09 2.31 -106.87
C LYS T 483 62.10 1.52 -105.57
N ILE T 484 61.55 2.12 -104.52
CA ILE T 484 61.26 1.41 -103.29
C ILE T 484 59.84 1.74 -102.86
N VAL T 485 59.05 0.71 -102.58
CA VAL T 485 57.64 0.86 -102.22
C VAL T 485 57.44 0.21 -100.86
N MET T 486 56.78 0.93 -99.96
CA MET T 486 56.61 0.46 -98.59
C MET T 486 55.20 0.74 -98.11
N THR T 487 54.71 -0.14 -97.23
CA THR T 487 53.41 0.00 -96.61
C THR T 487 53.35 -0.95 -95.42
N PHE T 488 52.18 -1.02 -94.79
CA PHE T 488 52.01 -1.77 -93.56
C PHE T 488 51.27 -3.07 -93.80
N ILE T 489 51.81 -4.16 -93.26
CA ILE T 489 51.28 -5.50 -93.49
C ILE T 489 51.27 -6.27 -92.18
N LEU T 490 50.19 -7.00 -91.97
CA LEU T 490 50.05 -7.85 -90.78
C LEU T 490 50.50 -9.26 -91.13
N PRO T 491 51.52 -9.81 -90.45
CA PRO T 491 52.20 -10.98 -90.99
C PRO T 491 51.63 -12.32 -90.57
N ASN T 492 50.83 -12.38 -89.51
CA ASN T 492 50.53 -13.67 -88.89
C ASN T 492 49.11 -14.18 -89.14
N GLU T 493 48.17 -13.33 -89.53
CA GLU T 493 46.82 -13.78 -89.80
C GLU T 493 46.63 -14.06 -91.28
N SER T 494 45.97 -15.18 -91.58
CA SER T 494 45.84 -15.66 -92.95
C SER T 494 44.47 -15.41 -93.57
N GLU T 495 43.62 -14.60 -92.96
CA GLU T 495 42.28 -14.35 -93.48
C GLU T 495 42.19 -12.92 -93.98
N PRO T 496 41.25 -12.64 -94.87
CA PRO T 496 40.98 -11.24 -95.26
C PRO T 496 40.59 -10.44 -94.03
N HIS T 497 41.05 -9.19 -93.98
CA HIS T 497 40.80 -8.35 -92.83
C HIS T 497 41.07 -6.92 -93.27
N PRO T 498 40.24 -5.96 -92.86
CA PRO T 498 40.36 -4.60 -93.40
C PRO T 498 41.71 -3.96 -93.15
N LEU T 499 42.43 -4.33 -92.10
CA LEU T 499 43.76 -3.79 -91.85
C LEU T 499 44.84 -4.45 -92.68
N GLN T 500 44.54 -5.55 -93.35
CA GLN T 500 45.51 -6.20 -94.20
C GLN T 500 45.59 -5.50 -95.55
N HIS T 501 46.82 -5.37 -96.07
CA HIS T 501 47.01 -4.60 -97.30
C HIS T 501 46.30 -5.24 -98.48
N GLY T 502 46.40 -6.56 -98.61
CA GLY T 502 45.83 -7.22 -99.77
C GLY T 502 45.60 -8.69 -99.48
N VAL T 503 44.97 -9.36 -100.44
CA VAL T 503 44.61 -10.76 -100.31
C VAL T 503 44.56 -11.40 -101.69
N LEU T 504 44.92 -12.67 -101.74
CA LEU T 504 44.94 -13.45 -102.98
C LEU T 504 43.82 -14.48 -102.98
N GLY T 505 42.89 -14.32 -103.90
CA GLY T 505 41.96 -15.39 -104.19
C GLY T 505 42.61 -16.41 -105.09
N PHE T 506 42.93 -17.57 -104.54
CA PHE T 506 43.69 -18.60 -105.24
C PHE T 506 42.94 -19.91 -105.13
N ILE T 507 42.57 -20.48 -106.27
CA ILE T 507 41.89 -21.77 -106.29
C ILE T 507 42.77 -22.78 -107.00
N PRO T 508 43.08 -23.91 -106.37
CA PRO T 508 43.86 -24.95 -107.05
C PRO T 508 43.10 -25.45 -108.27
N GLU T 509 43.82 -25.62 -109.37
CA GLU T 509 43.20 -26.08 -110.62
C GLU T 509 44.12 -27.06 -111.32
N TYR T 510 43.53 -28.11 -111.88
CA TYR T 510 44.28 -29.27 -112.33
C TYR T 510 44.39 -29.29 -113.85
N LEU T 511 45.43 -29.99 -114.32
CA LEU T 511 45.60 -30.23 -115.73
C LEU T 511 44.56 -31.22 -116.23
N VAL T 512 44.21 -31.12 -117.51
CA VAL T 512 43.41 -32.12 -118.18
C VAL T 512 44.17 -32.58 -119.42
N ASP T 513 44.36 -33.89 -119.54
CA ASP T 513 45.16 -34.48 -120.61
C ASP T 513 44.27 -35.41 -121.43
N PHE T 514 44.14 -35.11 -122.72
CA PHE T 514 43.26 -35.89 -123.57
C PHE T 514 43.62 -35.66 -125.02
N ASN T 515 43.12 -36.54 -125.89
CA ASN T 515 43.33 -36.41 -127.32
C ASN T 515 42.10 -35.79 -127.96
N MET T 516 42.30 -34.75 -128.76
CA MET T 516 41.22 -33.99 -129.35
C MET T 516 41.39 -33.93 -130.87
N ILE T 517 40.29 -34.05 -131.60
CA ILE T 517 40.29 -34.02 -133.05
C ILE T 517 39.67 -32.70 -133.50
N ARG T 518 40.52 -31.75 -133.89
CA ARG T 518 40.07 -30.42 -134.24
C ARG T 518 40.44 -30.09 -135.67
N ASN T 519 39.45 -29.60 -136.42
CA ASN T 519 39.58 -29.22 -137.82
C ASN T 519 40.19 -30.34 -138.67
N GLN T 520 39.89 -31.59 -138.33
CA GLN T 520 40.33 -32.76 -139.07
C GLN T 520 41.86 -32.86 -139.03
N ARG T 521 42.41 -32.61 -137.85
CA ARG T 521 43.79 -32.94 -137.50
C ARG T 521 43.78 -33.60 -136.13
N ILE T 522 44.88 -34.26 -135.78
CA ILE T 522 44.99 -34.97 -134.50
C ILE T 522 46.19 -34.43 -133.73
N GLY T 523 46.06 -34.37 -132.41
CA GLY T 523 47.15 -33.95 -131.55
C GLY T 523 46.81 -34.10 -130.08
N ARG T 524 47.85 -34.19 -129.25
CA ARG T 524 47.67 -34.26 -127.81
C ARG T 524 47.66 -32.87 -127.21
N GLU T 525 46.74 -32.63 -126.29
CA GLU T 525 46.60 -31.34 -125.62
C GLU T 525 46.82 -31.50 -124.12
N ILE T 526 47.53 -30.56 -123.52
CA ILE T 526 47.67 -30.47 -122.07
C ILE T 526 47.25 -29.07 -121.63
N ARG T 527 46.04 -28.97 -121.08
CA ARG T 527 45.45 -27.68 -120.71
C ARG T 527 45.85 -27.36 -119.28
N LEU T 528 46.18 -26.10 -119.04
CA LEU T 528 46.41 -25.58 -117.70
C LEU T 528 45.48 -24.40 -117.48
N THR T 529 44.64 -24.49 -116.44
CA THR T 529 43.59 -23.51 -116.23
C THR T 529 43.96 -22.58 -115.08
N PRO T 530 44.32 -21.34 -115.34
CA PRO T 530 44.67 -20.41 -114.26
C PRO T 530 43.47 -19.64 -113.71
N ARG T 531 43.31 -19.65 -112.39
CA ARG T 531 42.23 -18.91 -111.73
C ARG T 531 42.84 -18.17 -110.54
N TYR T 532 42.85 -16.84 -110.59
CA TYR T 532 43.37 -16.04 -109.50
C TYR T 532 43.10 -14.57 -109.78
N ARG T 533 43.11 -13.77 -108.72
CA ARG T 533 43.07 -12.32 -108.85
C ARG T 533 43.52 -11.68 -107.56
N TYR T 534 44.26 -10.58 -107.67
CA TYR T 534 44.71 -9.80 -106.53
C TYR T 534 43.66 -8.78 -106.12
N PHE T 535 43.51 -8.59 -104.81
CA PHE T 535 42.54 -7.67 -104.24
C PHE T 535 43.27 -6.54 -103.51
N ASN T 536 42.62 -5.39 -103.42
CA ASN T 536 43.24 -4.19 -102.87
C ASN T 536 42.43 -3.67 -101.69
N PHE T 537 42.98 -3.82 -100.49
CA PHE T 537 42.25 -3.43 -99.29
C PHE T 537 42.70 -2.10 -98.70
N LEU T 538 43.96 -2.00 -98.32
CA LEU T 538 44.43 -0.84 -97.56
C LEU T 538 44.67 0.34 -98.49
N PRO T 539 44.10 1.51 -98.20
CA PRO T 539 44.38 2.70 -99.03
C PRO T 539 45.56 3.49 -98.52
N ILE T 540 46.70 2.85 -98.32
CA ILE T 540 47.93 3.51 -97.86
C ILE T 540 49.07 2.99 -98.71
N MET T 541 49.88 3.88 -99.27
CA MET T 541 51.04 3.46 -100.05
C MET T 541 52.06 4.57 -100.11
N LEU T 542 53.32 4.21 -99.88
CA LEU T 542 54.43 5.16 -99.86
C LEU T 542 55.45 4.73 -100.91
N VAL T 543 55.84 5.66 -101.77
CA VAL T 543 56.79 5.39 -102.85
C VAL T 543 57.72 6.60 -102.97
N ILE T 544 59.02 6.35 -103.15
CA ILE T 544 59.99 7.40 -103.42
C ILE T 544 60.89 6.94 -104.54
N ASN T 545 61.51 7.90 -105.23
CA ASN T 545 62.47 7.64 -106.28
C ASN T 545 63.86 8.01 -105.79
N VAL T 546 64.81 7.09 -105.91
CA VAL T 546 66.20 7.31 -105.54
C VAL T 546 67.00 7.40 -106.83
N ILE T 547 67.59 8.57 -107.08
CA ILE T 547 68.25 8.86 -108.34
C ILE T 547 69.64 9.39 -108.09
N ASN T 548 70.45 9.45 -109.15
CA ASN T 548 71.77 10.05 -109.15
C ASN T 548 72.74 9.28 -108.25
N LEU T 549 72.39 8.04 -107.88
CA LEU T 549 73.20 7.30 -106.92
C LEU T 549 74.59 7.00 -107.46
N GLU T 550 74.68 6.59 -108.73
CA GLU T 550 75.98 6.26 -109.29
C GLU T 550 76.86 7.49 -109.43
N GLU T 551 76.23 8.65 -109.65
CA GLU T 551 77.00 9.87 -109.87
C GLU T 551 77.85 10.23 -108.66
N ALA T 552 77.25 10.21 -107.47
CA ALA T 552 77.93 10.73 -106.29
C ALA T 552 79.07 9.82 -105.85
N ILE T 553 78.98 8.53 -106.18
CA ILE T 553 80.00 7.59 -105.72
C ILE T 553 81.36 7.93 -106.31
N ALA T 554 81.43 8.22 -107.61
CA ALA T 554 82.71 8.53 -108.24
C ALA T 554 83.00 10.03 -108.21
N GLN T 555 81.98 10.85 -108.03
CA GLN T 555 82.18 12.30 -108.01
C GLN T 555 82.81 12.70 -106.69
N ARG T 556 83.63 13.75 -106.73
CA ARG T 556 84.24 14.29 -105.53
C ARG T 556 83.15 14.75 -104.57
N THR T 557 83.04 14.08 -103.43
CA THR T 557 82.12 14.57 -102.41
C THR T 557 82.75 15.75 -101.69
N ALA T 558 82.04 16.87 -101.69
CA ALA T 558 82.51 18.09 -101.04
C ALA T 558 81.34 18.75 -100.34
N LEU T 559 81.49 18.93 -99.03
CA LEU T 559 80.39 19.44 -98.23
C LEU T 559 80.12 20.90 -98.58
N ASP T 560 78.84 21.24 -98.67
CA ASP T 560 78.42 22.60 -98.99
C ASP T 560 78.64 23.51 -97.78
N VAL T 561 79.86 24.01 -97.63
CA VAL T 561 80.28 24.65 -96.40
C VAL T 561 79.43 25.89 -96.16
N ASN T 562 78.50 25.78 -95.21
CA ASN T 562 77.53 26.82 -94.95
C ASN T 562 78.15 27.92 -94.10
N GLU T 563 78.50 29.05 -94.72
CA GLU T 563 78.94 30.18 -93.93
C GLU T 563 77.78 30.66 -93.06
N THR T 564 78.07 31.44 -92.02
CA THR T 564 77.03 32.20 -91.35
C THR T 564 77.46 33.65 -91.26
N GLN T 565 77.32 34.34 -92.39
CA GLN T 565 77.42 35.80 -92.52
C GLN T 565 78.41 36.43 -91.54
N VAL T 566 79.67 36.02 -91.64
CA VAL T 566 80.70 36.76 -90.91
C VAL T 566 81.70 37.32 -91.90
N THR T 567 81.41 38.52 -92.37
CA THR T 567 81.90 39.60 -93.20
C THR T 567 80.81 40.66 -93.27
N PRO T 568 81.14 41.91 -93.56
CA PRO T 568 80.06 42.91 -93.57
C PRO T 568 79.14 42.72 -94.76
N ALA T 569 78.02 42.02 -94.52
CA ALA T 569 76.91 41.95 -95.45
C ALA T 569 75.61 41.84 -94.66
N SER T 570 75.70 42.02 -93.35
CA SER T 570 74.58 41.81 -92.44
C SER T 570 74.92 42.29 -91.04
N HIS U 1 131.53 -1.09 -90.45
CA HIS U 1 130.36 -0.36 -90.00
C HIS U 1 129.16 -0.87 -90.81
N GLU U 2 127.97 -0.80 -90.23
CA GLU U 2 126.80 -1.38 -90.86
C GLU U 2 126.46 -0.70 -92.17
N PHE U 3 126.62 0.62 -92.23
CA PHE U 3 126.14 1.37 -93.40
C PHE U 3 126.86 0.94 -94.67
N ALA U 4 128.20 0.92 -94.63
CA ALA U 4 128.96 0.53 -95.82
C ALA U 4 128.73 -0.94 -96.16
N GLU U 5 128.64 -1.79 -95.14
CA GLU U 5 128.39 -3.21 -95.39
C GLU U 5 127.05 -3.43 -96.07
N LEU U 6 126.05 -2.62 -95.72
CA LEU U 6 124.68 -2.88 -96.18
C LEU U 6 124.58 -2.82 -97.69
N PHE U 7 125.19 -1.82 -98.31
CA PHE U 7 125.11 -1.69 -99.76
C PHE U 7 126.22 -2.42 -100.49
N TYR U 8 127.47 -2.21 -100.10
CA TYR U 8 128.62 -2.79 -100.79
C TYR U 8 129.17 -3.91 -99.91
N ARG U 9 129.15 -5.13 -100.43
CA ARG U 9 129.53 -6.28 -99.63
C ARG U 9 130.96 -6.73 -99.93
N THR U 10 131.66 -7.14 -98.87
CA THR U 10 133.09 -7.39 -98.93
C THR U 10 133.41 -8.60 -99.78
N TYR U 11 134.47 -8.49 -100.59
CA TYR U 11 134.99 -9.58 -101.40
C TYR U 11 136.50 -9.64 -101.20
N ILE U 12 136.99 -10.79 -100.77
CA ILE U 12 138.40 -10.95 -100.39
C ILE U 12 139.19 -11.48 -101.57
N VAL U 13 140.28 -10.80 -101.91
CA VAL U 13 141.15 -11.20 -103.01
C VAL U 13 142.57 -11.35 -102.46
N THR U 14 143.20 -12.47 -102.78
CA THR U 14 144.55 -12.76 -102.35
C THR U 14 145.53 -11.71 -102.90
N PRO U 15 146.58 -11.37 -102.16
CA PRO U 15 147.50 -10.34 -102.68
C PRO U 15 148.46 -10.89 -103.74
N ASP U 16 147.87 -11.53 -104.74
CA ASP U 16 148.64 -12.04 -105.87
C ASP U 16 147.85 -11.83 -107.15
N GLN U 17 146.89 -10.91 -107.11
CA GLN U 17 146.01 -10.62 -108.22
C GLN U 17 145.90 -9.11 -108.42
N ALA U 18 145.22 -8.73 -109.49
CA ALA U 18 144.99 -7.33 -109.80
C ALA U 18 143.52 -6.98 -109.94
N GLY U 19 142.64 -7.96 -109.99
CA GLY U 19 141.22 -7.69 -110.12
C GLY U 19 140.48 -8.92 -110.56
N PHE U 20 139.27 -8.72 -111.08
CA PHE U 20 138.46 -9.83 -111.55
C PHE U 20 137.66 -9.42 -112.77
N GLN U 21 137.58 -10.33 -113.73
CA GLN U 21 136.81 -10.15 -114.96
C GLN U 21 135.55 -11.00 -114.86
N LEU U 22 134.43 -10.44 -115.34
CA LEU U 22 133.13 -11.09 -115.23
C LEU U 22 132.66 -11.56 -116.59
N SER U 23 132.33 -12.84 -116.68
CA SER U 23 131.72 -13.42 -117.87
C SER U 23 130.23 -13.59 -117.61
N ILE U 24 129.40 -12.95 -118.43
CA ILE U 24 127.96 -12.95 -118.26
C ILE U 24 127.32 -13.59 -119.49
N ARG U 25 126.32 -14.42 -119.26
CA ARG U 25 125.62 -15.13 -120.32
C ARG U 25 124.41 -14.32 -120.76
N ARG U 26 124.06 -14.40 -122.04
CA ARG U 26 122.93 -13.67 -122.60
C ARG U 26 122.19 -14.57 -123.58
N ASN U 27 120.88 -14.36 -123.71
CA ASN U 27 120.08 -15.07 -124.69
C ASN U 27 119.41 -14.05 -125.61
N LEU U 28 119.53 -14.25 -126.91
CA LEU U 28 119.21 -13.20 -127.88
C LEU U 28 118.29 -13.73 -128.97
N VAL U 29 117.32 -12.90 -129.36
CA VAL U 29 116.38 -13.20 -130.43
C VAL U 29 116.43 -12.08 -131.45
N TRP U 30 116.44 -12.44 -132.73
CA TRP U 30 116.56 -11.43 -133.78
C TRP U 30 116.17 -12.05 -135.11
N GLU U 31 115.88 -11.19 -136.07
CA GLU U 31 115.29 -11.59 -137.34
C GLU U 31 116.30 -11.41 -138.46
N GLY U 32 116.28 -12.32 -139.43
CA GLY U 32 117.08 -12.20 -140.62
C GLY U 32 118.57 -12.41 -140.38
N TRP U 33 119.29 -12.53 -141.49
CA TRP U 33 120.74 -12.62 -141.46
C TRP U 33 121.33 -11.86 -142.65
N THR U 34 120.47 -11.10 -143.35
CA THR U 34 120.81 -10.53 -144.65
C THR U 34 122.03 -9.62 -144.56
N GLY U 35 122.88 -9.67 -145.59
CA GLY U 35 124.20 -9.10 -145.53
C GLY U 35 125.19 -10.21 -145.20
N GLU U 36 126.17 -10.45 -146.07
CA GLU U 36 127.09 -11.57 -145.91
C GLU U 36 128.42 -11.23 -146.56
N GLY U 37 129.38 -10.79 -145.75
CA GLY U 37 130.71 -10.44 -146.23
C GLY U 37 130.89 -8.98 -146.61
N LEU U 38 129.83 -8.20 -146.66
CA LEU U 38 129.95 -6.79 -147.01
C LEU U 38 130.73 -6.03 -145.96
N SER U 39 131.66 -5.19 -146.41
CA SER U 39 132.52 -4.42 -145.52
C SER U 39 133.12 -5.32 -144.45
N GLY U 40 133.13 -4.85 -143.21
CA GLY U 40 133.52 -5.69 -142.10
C GLY U 40 132.29 -6.28 -141.42
N GLU U 41 132.32 -6.32 -140.10
CA GLU U 41 131.16 -6.67 -139.27
C GLU U 41 130.88 -8.16 -139.29
N LYS U 42 130.48 -8.70 -138.15
CA LYS U 42 130.05 -10.09 -138.03
C LYS U 42 128.54 -10.22 -138.20
N GLN U 43 127.94 -9.32 -138.99
CA GLN U 43 126.49 -9.20 -139.14
C GLN U 43 125.79 -8.86 -137.83
N GLU U 44 126.05 -7.67 -137.30
CA GLU U 44 125.29 -7.11 -136.20
C GLU U 44 124.30 -6.11 -136.76
N ILE U 45 123.01 -6.40 -136.61
CA ILE U 45 121.97 -5.52 -137.12
C ILE U 45 121.08 -5.10 -135.96
N SER U 46 120.38 -6.07 -135.37
CA SER U 46 119.54 -5.86 -134.22
C SER U 46 119.61 -7.09 -133.30
N LYS U 47 119.61 -6.83 -132.00
CA LYS U 47 119.74 -7.89 -131.01
C LYS U 47 118.98 -7.46 -129.77
N ARG U 48 117.77 -7.97 -129.58
CA ARG U 48 116.92 -7.60 -128.46
C ARG U 48 116.92 -8.73 -127.45
N ASN U 49 117.21 -8.40 -126.19
CA ASN U 49 117.21 -9.41 -125.15
C ASN U 49 115.82 -10.01 -125.00
N ILE U 50 115.77 -11.29 -124.64
CA ILE U 50 114.48 -11.97 -124.55
C ILE U 50 113.66 -11.41 -123.40
N LEU U 51 114.30 -10.82 -122.40
CA LEU U 51 113.57 -10.26 -121.27
C LEU U 51 112.64 -9.13 -121.68
N GLN U 52 113.06 -8.28 -122.62
CA GLN U 52 112.16 -7.23 -123.09
C GLN U 52 110.93 -7.82 -123.76
N GLY U 53 111.04 -9.06 -124.26
CA GLY U 53 109.85 -9.76 -124.70
C GLY U 53 108.89 -10.08 -123.58
N LEU U 54 109.41 -10.41 -122.39
CA LEU U 54 108.54 -10.57 -121.24
C LEU U 54 107.83 -9.27 -120.88
N LEU U 55 108.46 -8.13 -121.19
CA LEU U 55 107.99 -6.83 -120.76
C LEU U 55 107.29 -6.05 -121.86
N ASP U 56 107.56 -6.35 -123.13
CA ASP U 56 106.94 -5.63 -124.23
C ASP U 56 106.19 -6.60 -125.14
N TYR U 57 105.64 -6.05 -126.21
CA TYR U 57 104.79 -6.80 -127.12
C TYR U 57 105.41 -7.10 -128.47
N THR U 58 105.96 -6.09 -129.16
CA THR U 58 106.44 -6.30 -130.52
C THR U 58 107.88 -6.83 -130.52
N THR U 59 108.47 -7.00 -129.34
CA THR U 59 109.82 -7.55 -129.27
C THR U 59 109.88 -8.92 -129.94
N LEU U 60 109.00 -9.83 -129.55
CA LEU U 60 108.85 -11.10 -130.24
C LEU U 60 107.66 -10.97 -131.18
N GLU U 61 107.94 -10.91 -132.47
CA GLU U 61 106.94 -10.61 -133.49
C GLU U 61 106.14 -11.85 -133.84
N THR U 62 105.40 -11.74 -134.94
CA THR U 62 104.53 -12.80 -135.43
C THR U 62 104.17 -12.50 -136.88
N ASN U 63 103.14 -13.19 -137.37
CA ASN U 63 102.54 -12.87 -138.65
C ASN U 63 103.53 -12.97 -139.80
N SER U 64 104.04 -14.17 -140.05
CA SER U 64 105.00 -14.34 -141.13
C SER U 64 104.57 -15.45 -142.08
N THR U 65 103.33 -15.93 -141.95
CA THR U 65 102.86 -17.03 -142.77
C THR U 65 101.55 -16.71 -143.49
N GLU U 66 100.80 -15.71 -143.03
CA GLU U 66 99.47 -15.45 -143.55
C GLU U 66 99.50 -15.20 -145.06
N LEU U 67 98.48 -15.71 -145.74
CA LEU U 67 98.36 -15.60 -147.19
C LEU U 67 97.64 -14.29 -147.47
N ILE U 68 98.35 -13.35 -148.08
CA ILE U 68 97.84 -12.00 -148.31
C ILE U 68 97.87 -11.72 -149.81
N PRO U 69 96.77 -11.26 -150.41
CA PRO U 69 96.80 -10.88 -151.81
C PRO U 69 97.74 -9.72 -152.06
N VAL U 70 98.31 -9.67 -153.26
CA VAL U 70 99.26 -8.64 -153.65
C VAL U 70 98.91 -8.17 -155.06
N ILE U 71 99.19 -6.90 -155.36
CA ILE U 71 98.85 -6.32 -156.64
C ILE U 71 100.09 -6.20 -157.51
N GLN U 72 100.01 -6.71 -158.74
CA GLN U 72 100.97 -6.42 -159.80
C GLN U 72 100.19 -5.85 -160.98
N SER U 73 100.53 -4.63 -161.37
CA SER U 73 99.75 -3.93 -162.39
C SER U 73 99.82 -4.67 -163.72
N GLY U 74 98.67 -4.90 -164.33
CA GLY U 74 98.62 -5.53 -165.64
C GLY U 74 98.76 -7.03 -165.66
N GLU U 75 98.87 -7.67 -164.50
CA GLU U 75 98.98 -9.12 -164.46
C GLU U 75 97.92 -9.78 -163.58
N ASN U 76 97.40 -9.09 -162.57
CA ASN U 76 96.36 -9.65 -161.72
C ASN U 76 95.27 -8.61 -161.46
N ASP U 77 95.27 -7.54 -162.24
CA ASP U 77 94.30 -6.46 -162.07
C ASP U 77 93.01 -6.88 -162.76
N GLU U 78 92.41 -7.96 -162.26
CA GLU U 78 91.15 -8.44 -162.82
C GLU U 78 90.20 -8.87 -161.70
N GLN U 79 90.75 -9.04 -160.50
CA GLN U 79 89.98 -9.57 -159.37
C GLN U 79 89.83 -8.56 -158.25
N PHE U 80 90.43 -7.40 -158.38
CA PHE U 80 90.39 -6.37 -157.36
C PHE U 80 89.42 -5.27 -157.76
N ILE U 81 88.83 -4.62 -156.75
CA ILE U 81 87.95 -3.49 -156.96
C ILE U 81 88.72 -2.38 -157.68
N ASP U 82 88.00 -1.54 -158.40
CA ASP U 82 88.61 -0.43 -159.11
C ASP U 82 89.21 0.53 -158.10
N PRO U 83 90.47 0.94 -158.30
CA PRO U 83 91.13 1.84 -157.35
C PRO U 83 90.47 3.19 -157.20
N SER U 84 89.69 3.65 -158.19
CA SER U 84 88.96 4.90 -158.10
C SER U 84 87.85 4.83 -157.05
N VAL U 85 87.52 3.62 -156.57
CA VAL U 85 86.61 3.47 -155.46
C VAL U 85 87.35 3.45 -154.12
N LEU U 86 88.48 2.76 -154.03
CA LEU U 86 89.30 2.75 -152.82
C LEU U 86 90.76 2.59 -153.18
N PRO U 87 91.60 3.58 -152.86
CA PRO U 87 93.01 3.49 -153.22
C PRO U 87 93.72 2.37 -152.48
N ALA U 88 94.83 1.90 -153.05
CA ALA U 88 95.57 0.79 -152.48
C ALA U 88 96.10 1.15 -151.10
N GLN U 89 95.99 0.19 -150.17
CA GLN U 89 96.49 0.35 -148.82
C GLN U 89 97.67 -0.58 -148.61
N THR U 90 98.72 -0.09 -147.97
CA THR U 90 99.93 -0.88 -147.78
C THR U 90 99.86 -1.66 -146.47
N VAL U 91 100.47 -2.83 -146.45
CA VAL U 91 100.64 -3.63 -145.25
C VAL U 91 102.07 -4.14 -145.22
N LYS U 92 102.52 -4.53 -144.03
CA LYS U 92 103.88 -5.01 -143.83
C LYS U 92 103.83 -6.44 -143.33
N GLN U 93 104.45 -7.35 -144.09
CA GLN U 93 104.52 -8.76 -143.75
C GLN U 93 105.95 -9.22 -143.95
N GLY U 94 106.61 -9.60 -142.87
CA GLY U 94 108.01 -9.98 -142.94
C GLY U 94 108.86 -8.80 -143.37
N LYS U 95 109.74 -9.03 -144.35
CA LYS U 95 110.62 -8.00 -144.85
C LYS U 95 110.14 -7.40 -146.17
N ASP U 96 108.98 -7.80 -146.67
CA ASP U 96 108.44 -7.31 -147.93
C ASP U 96 107.50 -6.16 -147.67
N THR U 97 107.39 -5.26 -148.64
CA THR U 97 106.39 -4.20 -148.62
C THR U 97 105.59 -4.24 -149.91
N PHE U 98 104.27 -4.36 -149.79
CA PHE U 98 103.40 -4.48 -150.95
C PHE U 98 102.02 -3.97 -150.58
N ASP U 99 101.13 -3.96 -151.57
CA ASP U 99 99.79 -3.42 -151.40
C ASP U 99 98.75 -4.53 -151.43
N THR U 100 97.57 -4.25 -150.86
CA THR U 100 96.48 -5.21 -150.81
C THR U 100 95.16 -4.46 -150.90
N ASN U 101 94.13 -5.16 -151.39
CA ASN U 101 92.82 -4.58 -151.60
C ASN U 101 91.77 -5.68 -151.53
N PHE U 102 90.51 -5.27 -151.39
CA PHE U 102 89.43 -6.22 -151.29
C PHE U 102 89.22 -6.96 -152.60
N LEU U 103 89.01 -8.26 -152.53
CA LEU U 103 88.70 -9.05 -153.71
C LEU U 103 87.25 -8.84 -154.11
N LYS U 104 87.01 -8.56 -155.38
CA LYS U 104 85.66 -8.26 -155.85
C LYS U 104 84.80 -9.52 -155.86
N PHE U 105 83.49 -9.31 -155.91
CA PHE U 105 82.57 -10.42 -156.07
C PHE U 105 82.45 -10.81 -157.53
N SER U 106 82.15 -12.07 -157.77
CA SER U 106 81.93 -12.60 -159.11
C SER U 106 80.44 -12.90 -159.27
N GLU U 107 79.80 -12.23 -160.21
CA GLU U 107 78.41 -12.50 -160.50
C GLU U 107 78.20 -13.51 -161.61
N ASN U 108 79.05 -13.49 -162.64
CA ASN U 108 79.00 -14.51 -163.69
C ASN U 108 80.40 -14.94 -164.06
N GLY U 109 81.40 -14.31 -163.44
CA GLY U 109 82.77 -14.49 -163.86
C GLY U 109 83.37 -15.79 -163.34
N GLU U 110 84.65 -15.93 -163.63
CA GLU U 110 85.43 -17.08 -163.23
C GLU U 110 85.71 -17.04 -161.73
N GLY U 111 86.33 -18.11 -161.24
CA GLY U 111 86.85 -18.10 -159.89
C GLY U 111 88.21 -17.42 -159.84
N PHE U 112 88.78 -17.39 -158.64
CA PHE U 112 90.12 -16.87 -158.44
C PHE U 112 91.01 -17.97 -157.86
N ASN U 113 92.25 -17.98 -158.29
CA ASN U 113 93.25 -18.90 -157.77
C ASN U 113 94.10 -18.15 -156.75
N LEU U 114 93.89 -18.47 -155.47
CA LEU U 114 94.57 -17.73 -154.41
C LEU U 114 96.08 -17.89 -154.45
N LEU U 115 96.57 -19.06 -154.86
CA LEU U 115 98.00 -19.26 -154.92
C LEU U 115 98.67 -18.38 -155.96
N MET U 116 98.16 -18.35 -157.19
CA MET U 116 98.68 -17.45 -158.21
C MET U 116 98.51 -15.99 -157.80
N LEU U 117 97.48 -15.68 -157.02
CA LEU U 117 97.27 -14.33 -156.51
C LEU U 117 98.31 -13.92 -155.48
N ALA U 118 98.58 -14.77 -154.49
CA ALA U 118 99.36 -14.38 -153.33
C ALA U 118 100.83 -14.79 -153.51
N GLN U 119 101.51 -14.03 -154.35
CA GLN U 119 102.96 -14.16 -154.53
C GLN U 119 103.63 -12.92 -153.94
N THR U 120 103.95 -12.98 -152.66
CA THR U 120 104.71 -11.92 -152.03
C THR U 120 106.12 -11.87 -152.61
N PRO U 121 106.77 -10.70 -152.58
CA PRO U 121 108.10 -10.59 -153.19
C PRO U 121 109.12 -11.56 -152.63
N SER U 122 109.01 -11.91 -151.35
CA SER U 122 109.94 -12.87 -150.78
C SER U 122 109.87 -14.22 -151.47
N ARG U 123 108.66 -14.76 -151.63
CA ARG U 123 108.51 -16.06 -152.28
C ARG U 123 108.90 -16.01 -153.74
N LEU U 124 108.76 -14.85 -154.38
CA LEU U 124 109.00 -14.75 -155.81
C LEU U 124 110.46 -15.02 -156.16
N LYS U 125 111.39 -14.54 -155.34
CA LYS U 125 112.80 -14.78 -155.62
C LYS U 125 113.17 -16.24 -155.42
N LYS U 126 112.29 -17.02 -154.80
CA LYS U 126 112.60 -18.41 -154.50
C LYS U 126 112.04 -19.37 -155.55
N GLY U 127 111.21 -18.90 -156.47
CA GLY U 127 110.58 -19.76 -157.45
C GLY U 127 109.07 -19.75 -157.36
N SER U 128 108.40 -20.02 -158.47
CA SER U 128 106.94 -20.00 -158.52
C SER U 128 106.37 -20.99 -157.51
N MET U 129 105.19 -20.68 -156.96
CA MET U 129 104.64 -21.44 -155.84
C MET U 129 104.44 -22.90 -156.22
N THR U 130 104.91 -23.80 -155.36
CA THR U 130 105.00 -25.20 -155.71
C THR U 130 103.60 -25.85 -155.73
N PHE U 131 103.56 -27.07 -156.25
CA PHE U 131 102.32 -27.83 -156.31
C PHE U 131 101.92 -28.39 -154.96
N THR U 132 102.84 -28.51 -154.01
CA THR U 132 102.58 -29.15 -152.73
C THR U 132 102.21 -28.16 -151.63
N ASP U 133 102.22 -26.86 -151.89
CA ASP U 133 101.82 -25.88 -150.89
C ASP U 133 100.32 -25.97 -150.68
N SER U 134 99.89 -25.95 -149.41
CA SER U 134 98.51 -26.26 -149.08
C SER U 134 97.94 -25.24 -148.10
N LEU U 135 96.66 -24.94 -148.29
CA LEU U 135 95.93 -24.09 -147.37
C LEU U 135 95.64 -24.83 -146.08
N ASP U 136 95.46 -24.09 -144.99
CA ASP U 136 95.26 -24.70 -143.67
C ASP U 136 93.80 -25.11 -143.51
N SER U 137 93.45 -25.65 -142.34
CA SER U 137 92.13 -26.22 -142.14
C SER U 137 91.06 -25.14 -142.01
N ARG U 138 91.44 -23.94 -141.57
CA ARG U 138 90.48 -22.90 -141.28
C ARG U 138 90.63 -21.74 -142.26
N ILE U 139 89.52 -21.34 -142.86
CA ILE U 139 89.44 -20.16 -143.73
C ILE U 139 88.24 -19.35 -143.30
N ALA U 140 88.39 -18.03 -143.25
CA ALA U 140 87.30 -17.18 -142.78
C ALA U 140 87.35 -15.83 -143.47
N LEU U 141 86.18 -15.20 -143.56
CA LEU U 141 86.10 -13.82 -144.04
C LEU U 141 86.75 -12.90 -143.04
N LYS U 142 87.34 -11.81 -143.52
CA LYS U 142 87.99 -10.87 -142.61
C LYS U 142 87.18 -9.58 -142.45
N GLN U 143 86.87 -8.90 -143.55
CA GLN U 143 85.98 -7.76 -143.51
C GLN U 143 85.09 -7.74 -144.74
N LEU U 144 83.89 -7.19 -144.58
CA LEU U 144 82.98 -6.92 -145.68
C LEU U 144 82.96 -5.42 -145.93
N LEU U 145 83.29 -5.02 -147.15
CA LEU U 145 83.28 -3.62 -147.54
C LEU U 145 82.01 -3.33 -148.33
N ILE U 146 81.18 -2.43 -147.83
CA ILE U 146 79.91 -2.12 -148.46
C ILE U 146 79.84 -0.63 -148.76
N SER U 147 79.05 -0.28 -149.76
CA SER U 147 78.89 1.10 -150.21
C SER U 147 77.46 1.56 -149.96
N VAL U 148 77.33 2.66 -149.24
CA VAL U 148 76.05 3.32 -149.01
C VAL U 148 75.95 4.50 -149.95
N THR U 149 74.89 4.54 -150.75
CA THR U 149 74.72 5.55 -151.77
C THR U 149 73.33 6.17 -151.66
N LYS U 150 73.28 7.50 -151.61
CA LYS U 150 72.03 8.26 -151.65
C LYS U 150 72.23 9.46 -152.57
N GLY U 151 71.80 9.34 -153.82
CA GLY U 151 71.88 10.43 -154.77
C GLY U 151 73.17 10.54 -155.54
N GLY U 152 74.17 9.73 -155.22
CA GLY U 152 75.43 9.77 -155.93
C GLY U 152 76.64 9.89 -155.02
N THR U 153 76.41 10.04 -153.72
CA THR U 153 77.47 10.14 -152.74
C THR U 153 77.75 8.76 -152.15
N THR U 154 79.01 8.35 -152.17
CA THR U 154 79.41 7.02 -151.75
C THR U 154 80.21 7.11 -150.45
N GLU U 155 79.79 6.33 -149.45
CA GLU U 155 80.53 6.18 -148.20
C GLU U 155 80.91 4.72 -148.03
N LEU U 156 82.17 4.48 -147.72
CA LEU U 156 82.71 3.13 -147.62
C LEU U 156 82.80 2.72 -146.16
N PHE U 157 82.19 1.57 -145.84
CA PHE U 157 82.16 1.07 -144.48
C PHE U 157 83.00 -0.20 -144.39
N ALA U 158 84.00 -0.18 -143.52
CA ALA U 158 84.78 -1.37 -143.23
C ALA U 158 84.16 -2.06 -142.03
N LEU U 159 83.33 -3.07 -142.29
CA LEU U 159 82.63 -3.79 -141.23
C LEU U 159 83.35 -5.09 -140.93
N ASP U 160 83.87 -5.20 -139.72
CA ASP U 160 84.61 -6.38 -139.31
C ASP U 160 83.65 -7.54 -139.15
N VAL U 161 83.82 -8.58 -139.98
CA VAL U 161 82.95 -9.74 -139.98
C VAL U 161 83.61 -10.94 -139.32
N ASN U 162 84.93 -10.90 -139.15
CA ASN U 162 85.68 -12.05 -138.65
C ASN U 162 85.13 -12.50 -137.31
N ARG U 163 85.22 -13.80 -137.05
CA ARG U 163 84.66 -14.42 -135.86
C ARG U 163 83.20 -14.04 -135.68
N ASP U 164 82.39 -14.39 -136.67
CA ASP U 164 80.94 -14.32 -136.56
C ASP U 164 80.42 -15.72 -136.20
N GLN U 165 79.13 -15.84 -135.90
CA GLN U 165 78.56 -17.15 -135.64
C GLN U 165 78.68 -18.05 -136.85
N TYR U 166 78.44 -17.51 -138.04
CA TYR U 166 78.68 -18.21 -139.29
C TYR U 166 79.71 -17.44 -140.08
N ALA U 167 80.99 -17.73 -139.86
CA ALA U 167 82.03 -17.00 -140.57
C ALA U 167 83.20 -17.89 -140.98
N ALA U 168 83.11 -19.17 -140.69
CA ALA U 168 84.18 -20.10 -140.97
C ALA U 168 83.71 -21.13 -141.98
N TYR U 169 84.53 -21.37 -143.00
CA TYR U 169 84.22 -22.40 -143.99
C TYR U 169 84.09 -23.74 -143.27
N THR U 170 83.05 -24.49 -143.59
CA THR U 170 82.79 -25.77 -142.96
C THR U 170 82.99 -26.89 -143.96
N ALA U 171 83.49 -28.02 -143.46
CA ALA U 171 83.73 -29.18 -144.32
C ALA U 171 82.41 -29.71 -144.84
N THR U 172 82.28 -29.77 -146.16
CA THR U 172 81.04 -30.18 -146.81
C THR U 172 81.37 -31.17 -147.91
N ARG U 173 80.83 -32.38 -147.79
CA ARG U 173 81.00 -33.42 -148.79
C ARG U 173 79.97 -33.27 -149.90
N GLU U 174 79.82 -34.32 -150.70
CA GLU U 174 78.96 -34.38 -151.88
C GLU U 174 79.59 -33.60 -153.02
N TYR U 175 80.88 -33.29 -152.88
CA TYR U 175 81.68 -32.69 -153.94
C TYR U 175 83.14 -33.03 -153.67
N ASN U 176 83.85 -33.42 -154.73
CA ASN U 176 85.26 -33.79 -154.64
C ASN U 176 85.51 -34.72 -153.47
N PHE U 177 86.68 -34.61 -152.85
CA PHE U 177 86.96 -35.35 -151.62
C PHE U 177 87.53 -34.43 -150.55
N ARG U 178 87.96 -33.21 -150.91
CA ARG U 178 88.23 -32.15 -149.95
C ARG U 178 87.75 -30.82 -150.50
N LEU U 179 86.53 -30.43 -150.16
CA LEU U 179 85.98 -29.14 -150.58
C LEU U 179 85.30 -28.48 -149.38
N MET U 180 85.35 -27.16 -149.32
CA MET U 180 84.74 -26.40 -148.25
C MET U 180 83.72 -25.41 -148.82
N GLN U 181 82.49 -25.48 -148.30
CA GLN U 181 81.43 -24.54 -148.65
C GLN U 181 81.24 -23.53 -147.53
N LEU U 182 81.13 -22.26 -147.89
CA LEU U 182 80.89 -21.18 -146.94
C LEU U 182 79.45 -20.74 -147.07
N LYS U 183 78.67 -20.93 -146.01
CA LYS U 183 77.25 -20.58 -146.00
C LYS U 183 77.05 -19.48 -144.95
N PHE U 184 77.01 -18.25 -145.44
CA PHE U 184 76.93 -17.07 -144.57
C PHE U 184 75.51 -16.53 -144.64
N HIS U 185 74.83 -16.51 -143.50
CA HIS U 185 73.48 -15.95 -143.39
C HIS U 185 73.35 -15.29 -142.03
N THR U 186 73.40 -13.95 -142.02
CA THR U 186 73.39 -13.21 -140.77
C THR U 186 72.98 -11.78 -141.07
N SER U 187 72.24 -11.20 -140.13
CA SER U 187 71.88 -9.78 -140.19
C SER U 187 73.02 -8.98 -139.59
N LEU U 188 73.58 -8.08 -140.38
CA LEU U 188 74.74 -7.30 -139.98
C LEU U 188 74.30 -5.88 -139.64
N GLY U 189 74.69 -5.41 -138.46
CA GLY U 189 74.17 -4.18 -137.89
C GLY U 189 75.19 -3.07 -137.84
N LEU U 190 74.73 -1.85 -138.08
CA LEU U 190 75.55 -0.65 -138.03
C LEU U 190 75.08 0.20 -136.85
N GLY U 191 76.01 0.56 -135.97
CA GLY U 191 75.69 1.36 -134.82
C GLY U 191 75.58 2.84 -135.17
N GLU U 192 75.03 3.59 -134.23
CA GLU U 192 74.94 5.04 -134.38
C GLU U 192 76.27 5.75 -134.21
N GLU U 193 77.28 5.06 -133.67
CA GLU U 193 78.63 5.58 -133.61
C GLU U 193 79.58 4.79 -134.49
N SER U 194 79.07 3.91 -135.35
CA SER U 194 79.92 3.21 -136.30
C SER U 194 80.57 4.21 -137.24
N THR U 195 81.89 4.10 -137.38
CA THR U 195 82.65 5.05 -138.18
C THR U 195 82.92 4.50 -139.57
N THR U 196 83.35 5.39 -140.46
CA THR U 196 83.71 5.01 -141.81
C THR U 196 85.14 4.51 -141.85
N VAL U 197 85.51 3.93 -142.99
CA VAL U 197 86.89 3.57 -143.26
C VAL U 197 87.72 4.80 -143.60
N ALA U 198 87.06 5.93 -143.86
CA ALA U 198 87.73 7.20 -144.10
C ALA U 198 87.76 8.09 -142.87
N GLY U 199 87.34 7.57 -141.71
CA GLY U 199 87.34 8.34 -140.48
C GLY U 199 86.01 8.98 -140.15
N ALA U 200 85.67 8.98 -138.86
CA ALA U 200 84.52 9.70 -138.33
C ALA U 200 83.19 9.09 -138.75
N GLU U 201 82.10 9.61 -138.18
CA GLU U 201 80.77 9.14 -138.51
C GLU U 201 80.46 9.44 -139.98
N SER U 202 79.51 8.68 -140.53
CA SER U 202 79.22 8.71 -141.95
C SER U 202 78.58 10.04 -142.35
N ALA U 203 78.24 10.14 -143.64
CA ALA U 203 77.69 11.36 -144.20
C ALA U 203 76.33 11.20 -144.85
N LEU U 204 75.70 10.03 -144.77
CA LEU U 204 74.37 9.86 -145.33
C LEU U 204 73.32 9.44 -144.31
N LEU U 205 73.71 9.26 -143.04
CA LEU U 205 72.81 8.72 -142.03
C LEU U 205 72.73 9.59 -140.78
N LYS U 206 72.82 10.91 -140.93
CA LYS U 206 72.83 11.77 -139.74
C LYS U 206 71.52 11.67 -138.97
N ASP U 207 70.40 11.59 -139.68
CA ASP U 207 69.09 11.71 -139.04
C ASP U 207 68.86 10.59 -138.03
N LEU U 208 69.06 9.34 -138.46
CA LEU U 208 68.78 8.21 -137.58
C LEU U 208 69.71 8.21 -136.37
N PHE U 209 70.99 8.53 -136.59
CA PHE U 209 71.93 8.55 -135.48
C PHE U 209 71.61 9.67 -134.50
N ASP U 210 71.12 10.80 -135.01
CA ASP U 210 70.70 11.89 -134.14
C ASP U 210 69.58 11.42 -133.21
N LEU U 211 68.63 10.65 -133.75
CA LEU U 211 67.61 10.01 -132.95
C LEU U 211 68.13 8.80 -132.21
N GLY U 212 69.38 8.43 -132.43
CA GLY U 212 69.97 7.27 -131.79
C GLY U 212 69.41 5.95 -132.26
N TYR U 213 69.14 5.81 -133.56
CA TYR U 213 68.57 4.59 -134.10
C TYR U 213 69.66 3.76 -134.77
N ARG U 214 69.40 2.47 -134.89
CA ARG U 214 70.35 1.51 -135.42
C ARG U 214 69.73 0.80 -136.61
N ILE U 215 70.58 0.36 -137.54
CA ILE U 215 70.15 -0.24 -138.78
C ILE U 215 70.68 -1.67 -138.86
N GLU U 216 69.78 -2.59 -139.16
CA GLU U 216 70.11 -4.00 -139.37
C GLU U 216 69.97 -4.32 -140.85
N LEU U 217 70.96 -5.01 -141.41
CA LEU U 217 70.95 -5.43 -142.80
C LEU U 217 71.04 -6.94 -142.89
N ASP U 218 70.11 -7.55 -143.62
CA ASP U 218 70.18 -8.98 -143.87
C ASP U 218 71.16 -9.27 -144.99
N VAL U 219 72.16 -10.10 -144.71
CA VAL U 219 73.26 -10.35 -145.64
C VAL U 219 73.19 -11.81 -146.05
N LYS U 220 73.31 -12.07 -147.35
CA LYS U 220 73.34 -13.42 -147.90
C LYS U 220 74.53 -13.51 -148.85
N VAL U 221 75.60 -14.15 -148.39
CA VAL U 221 76.83 -14.32 -149.15
C VAL U 221 77.25 -15.78 -149.08
N ASP U 222 77.58 -16.37 -150.22
CA ASP U 222 78.02 -17.76 -150.29
C ASP U 222 79.26 -17.87 -151.17
N GLY U 223 80.04 -18.91 -150.91
CA GLY U 223 81.26 -19.14 -151.66
C GLY U 223 81.88 -20.46 -151.31
N GLU U 224 82.76 -20.92 -152.19
CA GLU U 224 83.42 -22.22 -152.03
C GLU U 224 84.91 -22.06 -152.24
N MET U 225 85.69 -22.63 -151.32
CA MET U 225 87.13 -22.67 -151.44
C MET U 225 87.63 -24.10 -151.31
N ASN U 226 88.61 -24.47 -152.12
CA ASN U 226 89.26 -25.76 -152.04
C ASN U 226 90.62 -25.58 -151.38
N VAL U 227 91.01 -26.55 -150.54
CA VAL U 227 92.22 -26.42 -149.74
C VAL U 227 93.42 -27.10 -150.40
N GLU U 228 93.30 -27.48 -151.68
CA GLU U 228 94.37 -28.21 -152.34
C GLU U 228 95.01 -27.43 -153.47
N ASN U 229 94.22 -26.82 -154.36
CA ASN U 229 94.78 -26.15 -155.51
C ASN U 229 94.44 -24.67 -155.51
N GLY U 230 93.59 -24.25 -154.58
CA GLY U 230 93.30 -22.85 -154.40
C GLY U 230 92.36 -22.23 -155.41
N ASN U 231 91.64 -23.02 -156.20
CA ASN U 231 90.61 -22.45 -157.06
C ASN U 231 89.31 -22.29 -156.29
N GLY U 232 88.74 -21.09 -156.32
CA GLY U 232 87.52 -20.85 -155.59
C GLY U 232 86.93 -19.49 -155.90
N ASP U 233 85.67 -19.32 -155.49
CA ASP U 233 84.94 -18.08 -155.72
C ASP U 233 83.91 -17.90 -154.62
N THR U 234 83.46 -16.66 -154.48
CA THR U 234 82.46 -16.28 -153.49
C THR U 234 81.42 -15.40 -154.17
N SER U 235 80.17 -15.52 -153.75
CA SER U 235 79.06 -14.84 -154.42
C SER U 235 78.22 -14.05 -153.43
N LEU U 236 77.71 -12.91 -153.90
CA LEU U 236 76.71 -12.14 -153.17
C LEU U 236 75.34 -12.47 -153.75
N ARG U 237 74.40 -12.87 -152.88
CA ARG U 237 73.09 -13.24 -153.37
C ARG U 237 72.02 -12.20 -153.08
N ALA U 238 72.06 -11.55 -151.92
CA ALA U 238 71.14 -10.45 -151.64
C ALA U 238 71.65 -9.63 -150.47
N LEU U 239 71.46 -8.32 -150.56
CA LEU U 239 71.84 -7.39 -149.50
C LEU U 239 70.78 -6.30 -149.43
N ARG U 240 70.11 -6.17 -148.29
CA ARG U 240 68.91 -5.35 -148.21
C ARG U 240 68.81 -4.72 -146.82
N LEU U 241 67.97 -3.69 -146.72
CA LEU U 241 67.71 -3.03 -145.45
C LEU U 241 66.54 -3.69 -144.72
N ALA U 242 66.80 -4.32 -143.58
CA ALA U 242 65.82 -5.21 -142.96
C ALA U 242 65.13 -4.62 -141.73
N ARG U 243 65.87 -4.23 -140.71
CA ARG U 243 65.26 -3.87 -139.44
C ARG U 243 65.86 -2.57 -138.91
N VAL U 244 65.07 -1.88 -138.11
CA VAL U 244 65.45 -0.61 -137.49
C VAL U 244 65.21 -0.71 -135.99
N PHE U 245 66.25 -0.44 -135.21
CA PHE U 245 66.19 -0.54 -133.76
C PHE U 245 66.48 0.82 -133.13
N ASP U 246 65.78 1.11 -132.04
CA ASP U 246 66.01 2.35 -131.29
C ASP U 246 66.93 2.08 -130.11
N LYS U 247 67.21 3.09 -129.29
CA LYS U 247 68.23 2.98 -128.26
C LYS U 247 67.94 1.90 -127.22
N GLU U 248 66.73 1.86 -126.67
CA GLU U 248 66.40 0.84 -125.67
C GLU U 248 65.98 -0.48 -126.29
N GLY U 249 66.27 -0.70 -127.57
CA GLY U 249 66.10 -2.02 -128.15
C GLY U 249 64.68 -2.46 -128.41
N LYS U 250 63.86 -1.59 -129.01
CA LYS U 250 62.52 -1.95 -129.42
C LYS U 250 62.35 -1.68 -130.91
N GLU U 251 61.78 -2.64 -131.63
CA GLU U 251 61.61 -2.49 -133.07
C GLU U 251 60.68 -1.33 -133.37
N ILE U 252 60.98 -0.60 -134.43
CA ILE U 252 60.15 0.49 -134.91
C ILE U 252 59.67 0.12 -136.31
N ALA U 253 58.38 0.32 -136.55
CA ALA U 253 57.80 0.00 -137.85
C ALA U 253 58.51 0.78 -138.94
N LEU U 254 58.89 0.08 -140.01
CA LEU U 254 59.59 0.70 -141.13
C LEU U 254 58.75 1.76 -141.82
N THR U 255 57.42 1.70 -141.69
CA THR U 255 56.52 2.65 -142.33
C THR U 255 56.42 3.97 -141.55
N ASP U 256 57.06 4.06 -140.39
CA ASP U 256 57.03 5.29 -139.61
C ASP U 256 57.66 6.43 -140.40
N SER U 257 56.99 7.59 -140.40
CA SER U 257 57.45 8.72 -141.19
C SER U 257 58.84 9.19 -140.74
N ARG U 258 59.07 9.26 -139.42
CA ARG U 258 60.37 9.66 -138.93
C ARG U 258 61.46 8.72 -139.43
N VAL U 259 61.22 7.42 -139.34
CA VAL U 259 62.20 6.45 -139.82
C VAL U 259 62.27 6.44 -141.33
N SER U 260 61.12 6.50 -141.99
CA SER U 260 61.08 6.37 -143.44
C SER U 260 61.78 7.54 -144.14
N ALA U 261 61.65 8.74 -143.58
CA ALA U 261 62.24 9.91 -144.22
C ALA U 261 63.75 9.78 -144.34
N ALA U 262 64.40 9.26 -143.30
CA ALA U 262 65.84 9.04 -143.38
C ALA U 262 66.17 7.82 -144.24
N LEU U 263 65.19 6.97 -144.54
CA LEU U 263 65.43 5.78 -145.33
C LEU U 263 64.87 5.86 -146.74
N SER U 264 64.36 7.02 -147.15
CA SER U 264 63.87 7.19 -148.52
C SER U 264 65.08 7.43 -149.43
N GLY U 265 65.28 6.54 -150.40
CA GLY U 265 66.40 6.64 -151.30
C GLY U 265 67.69 6.02 -150.82
N LEU U 266 67.66 5.22 -149.76
CA LEU U 266 68.87 4.61 -149.21
C LEU U 266 69.14 3.29 -149.92
N THR U 267 70.36 3.11 -150.42
CA THR U 267 70.77 1.90 -151.09
C THR U 267 72.05 1.38 -150.46
N VAL U 268 72.12 0.07 -150.26
CA VAL U 268 73.31 -0.59 -149.74
C VAL U 268 73.68 -1.68 -150.73
N THR U 269 74.90 -1.61 -151.28
CA THR U 269 75.37 -2.54 -152.28
C THR U 269 76.75 -3.06 -151.92
N GLY U 270 76.95 -4.36 -152.11
CA GLY U 270 78.25 -4.95 -151.80
C GLY U 270 79.29 -4.62 -152.86
N VAL U 271 80.55 -4.61 -152.44
CA VAL U 271 81.67 -4.33 -153.32
C VAL U 271 82.73 -5.42 -153.26
N GLY U 272 83.26 -5.69 -152.07
CA GLY U 272 84.38 -6.62 -151.95
C GLY U 272 84.41 -7.22 -150.57
N TYR U 273 85.38 -8.11 -150.38
CA TYR U 273 85.55 -8.79 -149.10
C TYR U 273 87.01 -9.18 -148.94
N SER U 274 87.35 -9.64 -147.74
CA SER U 274 88.72 -10.00 -147.40
C SER U 274 88.77 -11.41 -146.85
N LEU U 275 89.90 -12.07 -147.07
CA LEU U 275 90.10 -13.46 -146.67
C LEU U 275 91.34 -13.61 -145.80
N GLU U 276 91.25 -14.50 -144.82
CA GLU U 276 92.37 -14.85 -143.96
C GLU U 276 92.56 -16.36 -144.00
N ALA U 277 93.70 -16.80 -144.55
CA ALA U 277 94.00 -18.21 -144.60
C ALA U 277 95.49 -18.40 -144.37
N ARG U 278 95.85 -19.55 -143.80
CA ARG U 278 97.22 -19.86 -143.47
C ARG U 278 97.75 -20.91 -144.45
N LEU U 279 98.98 -20.71 -144.90
CA LEU U 279 99.64 -21.67 -145.77
C LEU U 279 100.37 -22.68 -144.90
N THR U 280 99.71 -23.78 -144.58
CA THR U 280 100.30 -24.81 -143.72
C THR U 280 101.39 -25.53 -144.50
N ASN U 281 102.59 -24.95 -144.49
CA ASN U 281 103.67 -25.44 -145.33
C ASN U 281 104.21 -26.72 -144.72
N ILE U 282 103.87 -27.84 -145.35
CA ILE U 282 104.47 -29.12 -144.99
C ILE U 282 105.86 -29.23 -145.57
N ASN U 283 106.20 -28.33 -146.51
CA ASN U 283 107.56 -28.25 -147.02
C ASN U 283 108.42 -27.36 -146.14
N GLN U 284 107.81 -26.69 -145.15
CA GLN U 284 108.51 -25.85 -144.18
C GLN U 284 109.51 -24.89 -144.81
N LEU U 285 109.01 -23.90 -145.56
CA LEU U 285 109.84 -22.87 -146.17
C LEU U 285 109.62 -21.55 -145.44
N GLU U 286 110.27 -21.40 -144.28
CA GLU U 286 110.17 -20.20 -143.48
C GLU U 286 111.43 -20.01 -142.66
N MET U 287 111.60 -18.80 -142.12
CA MET U 287 112.81 -18.47 -141.39
C MET U 287 112.56 -18.27 -139.90
N GLY U 288 111.32 -17.98 -139.51
CA GLY U 288 110.94 -17.89 -138.11
C GLY U 288 111.68 -16.83 -137.31
N LEU U 289 111.96 -17.14 -136.05
CA LEU U 289 112.64 -16.21 -135.16
C LEU U 289 113.87 -16.89 -134.55
N LEU U 290 115.03 -16.27 -134.74
CA LEU U 290 116.31 -16.87 -134.40
C LEU U 290 116.54 -16.81 -132.89
N ILE U 291 117.43 -17.68 -132.41
CA ILE U 291 117.88 -17.66 -131.02
C ILE U 291 119.41 -17.79 -131.02
N ASP U 292 120.09 -16.80 -130.44
CA ASP U 292 121.55 -16.79 -130.42
C ASP U 292 122.03 -16.58 -129.00
N SER U 293 123.34 -16.35 -128.86
CA SER U 293 123.96 -16.07 -127.58
C SER U 293 125.31 -15.39 -127.78
N ASP U 294 125.76 -14.71 -126.73
CA ASP U 294 127.07 -14.07 -126.72
C ASP U 294 127.48 -13.81 -125.27
N VAL U 295 128.73 -13.44 -125.09
CA VAL U 295 129.32 -13.26 -123.76
C VAL U 295 129.97 -11.89 -123.71
N GLN U 296 129.98 -11.28 -122.53
CA GLN U 296 130.65 -10.01 -122.28
C GLN U 296 131.64 -10.16 -121.15
N LYS U 297 132.87 -9.69 -121.37
CA LYS U 297 133.90 -9.73 -120.34
C LYS U 297 134.21 -8.31 -119.87
N GLN U 298 134.21 -8.10 -118.55
CA GLN U 298 134.37 -6.78 -117.96
C GLN U 298 135.46 -6.84 -116.90
N GLY U 299 136.44 -5.94 -117.01
CA GLY U 299 137.60 -5.94 -116.13
C GLY U 299 137.50 -4.90 -115.04
N PHE U 300 137.72 -5.33 -113.80
CA PHE U 300 137.71 -4.47 -112.62
C PHE U 300 139.07 -4.55 -111.96
N MET U 301 139.58 -3.40 -111.50
CA MET U 301 140.95 -3.29 -111.00
C MET U 301 140.96 -2.71 -109.58
N ILE U 302 142.01 -3.04 -108.83
CA ILE U 302 142.12 -2.66 -107.42
C ILE U 302 143.35 -1.77 -107.25
N PRO U 303 143.19 -0.51 -106.83
CA PRO U 303 144.35 0.37 -106.68
C PRO U 303 145.07 0.19 -105.35
N THR U 304 146.18 0.92 -105.23
CA THR U 304 146.89 1.02 -103.96
C THR U 304 146.72 2.43 -103.38
N LEU U 305 146.32 2.50 -102.11
CA LEU U 305 145.89 3.76 -101.51
C LEU U 305 147.01 4.39 -100.69
N PRO U 306 146.92 5.69 -100.42
CA PRO U 306 148.07 6.41 -99.82
C PRO U 306 148.38 5.91 -98.42
N PRO U 307 149.62 6.08 -97.97
CA PRO U 307 150.01 5.53 -96.67
C PRO U 307 149.70 6.48 -95.52
N LEU U 308 149.37 5.88 -94.37
CA LEU U 308 149.16 6.61 -93.14
C LEU U 308 150.17 6.12 -92.11
N VAL U 309 151.10 6.99 -91.72
CA VAL U 309 152.33 6.58 -91.06
C VAL U 309 152.49 7.29 -89.73
N ILE U 310 152.97 6.54 -88.73
CA ILE U 310 153.40 7.08 -87.44
C ILE U 310 154.91 7.23 -87.48
N VAL U 311 155.39 8.47 -87.38
CA VAL U 311 156.81 8.78 -87.27
C VAL U 311 157.04 9.44 -85.92
N LYS U 312 158.08 9.00 -85.22
CA LYS U 312 158.26 9.39 -83.83
C LYS U 312 159.68 9.05 -83.41
N PRO U 313 160.39 10.00 -82.80
CA PRO U 313 161.74 9.71 -82.32
C PRO U 313 161.70 8.84 -81.08
N ALA U 314 161.29 7.59 -81.25
CA ALA U 314 161.06 6.73 -80.10
C ALA U 314 162.32 5.95 -79.74
N MET U 315 162.68 5.99 -78.45
CA MET U 315 163.75 5.14 -77.97
C MET U 315 163.31 4.35 -76.73
N VAL U 316 162.15 4.65 -76.15
CA VAL U 316 161.54 3.85 -75.10
C VAL U 316 160.07 3.68 -75.42
N GLU U 317 159.58 2.44 -75.28
CA GLU U 317 158.16 2.17 -75.52
C GLU U 317 157.30 2.98 -74.56
N ASP U 318 156.22 3.55 -75.09
CA ASP U 318 155.44 4.54 -74.37
C ASP U 318 153.96 4.31 -74.68
N ASP U 319 153.13 5.24 -74.24
CA ASP U 319 151.72 5.28 -74.61
C ASP U 319 151.32 6.55 -75.34
N LYS U 320 151.96 7.68 -75.02
CA LYS U 320 151.63 8.96 -75.64
C LYS U 320 152.63 9.40 -76.69
N THR U 321 153.94 9.39 -76.39
CA THR U 321 154.92 9.48 -77.45
C THR U 321 154.95 8.22 -78.30
N TYR U 322 154.31 7.16 -77.81
CA TYR U 322 154.06 5.92 -78.53
C TYR U 322 152.57 5.62 -78.45
N PRO U 323 151.73 6.27 -79.24
CA PRO U 323 150.32 5.89 -79.26
C PRO U 323 150.15 4.43 -79.61
N ARG U 324 149.21 3.76 -78.97
CA ARG U 324 149.02 2.33 -79.19
C ARG U 324 148.63 2.06 -80.64
N LEU U 325 148.72 0.80 -81.04
CA LEU U 325 148.33 0.39 -82.38
C LEU U 325 146.83 0.57 -82.57
N GLU U 326 146.09 0.69 -81.47
CA GLU U 326 144.65 0.90 -81.55
C GLU U 326 144.31 2.17 -82.32
N ALA U 327 145.07 3.25 -82.10
CA ALA U 327 144.82 4.49 -82.83
C ALA U 327 145.01 4.30 -84.32
N LEU U 328 146.09 3.59 -84.71
CA LEU U 328 146.35 3.35 -86.11
C LEU U 328 145.23 2.52 -86.74
N THR U 329 144.83 1.46 -86.06
CA THR U 329 143.77 0.60 -86.58
C THR U 329 142.45 1.36 -86.70
N THR U 330 142.15 2.21 -85.71
CA THR U 330 140.91 2.98 -85.75
C THR U 330 140.91 3.97 -86.91
N ALA U 331 142.04 4.65 -87.13
CA ALA U 331 142.13 5.55 -88.26
C ALA U 331 141.93 4.81 -89.57
N TYR U 332 142.57 3.65 -89.70
CA TYR U 332 142.36 2.80 -90.87
C TYR U 332 140.88 2.47 -91.05
N ARG U 333 140.25 1.98 -89.98
CA ARG U 333 138.86 1.52 -90.05
C ARG U 333 137.95 2.65 -90.50
N ILE U 334 138.06 3.82 -89.86
CA ILE U 334 137.22 4.96 -90.20
C ILE U 334 137.48 5.40 -91.63
N GLN U 335 138.76 5.62 -91.98
CA GLN U 335 139.12 6.08 -93.31
C GLN U 335 138.49 5.19 -94.37
N GLN U 336 138.59 3.88 -94.19
CA GLN U 336 137.99 2.98 -95.18
C GLN U 336 136.47 3.07 -95.15
N MET U 337 135.84 2.69 -94.04
CA MET U 337 134.40 2.47 -94.03
C MET U 337 133.56 3.72 -94.20
N ARG U 338 134.06 4.93 -93.95
CA ARG U 338 133.15 6.07 -93.92
C ARG U 338 133.37 7.02 -95.10
N ASN U 339 134.54 7.63 -95.22
CA ASN U 339 134.74 8.66 -96.22
C ASN U 339 134.57 8.09 -97.63
N ASN U 340 135.30 7.02 -97.92
CA ASN U 340 135.26 6.47 -99.28
C ASN U 340 133.89 5.92 -99.62
N ALA U 341 133.23 5.23 -98.68
CA ALA U 341 131.91 4.69 -98.95
C ALA U 341 130.90 5.79 -99.27
N VAL U 342 130.83 6.81 -98.42
CA VAL U 342 129.87 7.88 -98.68
C VAL U 342 130.23 8.60 -99.97
N THR U 343 131.52 8.79 -100.23
CA THR U 343 131.95 9.50 -101.42
C THR U 343 131.51 8.76 -102.68
N THR U 344 131.75 7.45 -102.74
CA THR U 344 131.37 6.71 -103.93
C THR U 344 129.85 6.67 -104.08
N LEU U 345 129.12 6.52 -102.97
CA LEU U 345 127.66 6.50 -103.08
C LEU U 345 127.14 7.80 -103.68
N LEU U 346 127.55 8.94 -103.13
CA LEU U 346 126.99 10.20 -103.59
C LEU U 346 127.47 10.55 -104.99
N ASN U 347 128.72 10.18 -105.33
CA ASN U 347 129.17 10.36 -106.70
C ASN U 347 128.31 9.55 -107.66
N ARG U 348 127.94 8.34 -107.26
CA ARG U 348 127.04 7.54 -108.08
C ARG U 348 125.71 8.24 -108.28
N ALA U 349 125.18 8.86 -107.22
CA ALA U 349 123.92 9.58 -107.34
C ALA U 349 124.03 10.72 -108.35
N ASP U 350 125.08 11.53 -108.24
CA ASP U 350 125.23 12.65 -109.17
C ASP U 350 125.39 12.18 -110.60
N THR U 351 126.19 11.12 -110.81
CA THR U 351 126.39 10.62 -112.17
C THR U 351 125.09 10.09 -112.75
N LEU U 352 124.33 9.33 -111.96
CA LEU U 352 123.06 8.82 -112.46
C LEU U 352 122.10 9.94 -112.78
N LYS U 353 122.08 10.99 -111.94
CA LYS U 353 121.25 12.14 -112.27
C LYS U 353 121.67 12.75 -113.59
N SER U 354 122.97 12.95 -113.80
CA SER U 354 123.44 13.60 -115.00
C SER U 354 123.18 12.76 -116.25
N TYR U 355 123.17 11.43 -116.10
CA TYR U 355 123.10 10.58 -117.29
C TYR U 355 121.69 10.10 -117.60
N LEU U 356 121.00 9.51 -116.62
CA LEU U 356 119.75 8.83 -116.88
C LEU U 356 118.54 9.75 -116.88
N GLY U 357 118.71 11.04 -116.62
CA GLY U 357 117.56 11.93 -116.54
C GLY U 357 116.74 11.67 -115.29
N VAL U 358 115.50 12.13 -115.28
CA VAL U 358 114.64 12.00 -114.12
C VAL U 358 113.41 11.18 -114.51
N GLY U 359 113.23 10.04 -113.85
CA GLY U 359 112.00 9.28 -113.96
C GLY U 359 111.77 8.58 -115.27
N VAL U 360 112.72 8.62 -116.20
CA VAL U 360 112.57 8.03 -117.52
C VAL U 360 113.30 6.69 -117.53
N PRO U 361 112.66 5.61 -117.99
CA PRO U 361 113.35 4.33 -118.07
C PRO U 361 114.10 4.18 -119.38
N HIS U 362 115.01 3.22 -119.40
CA HIS U 362 115.71 2.97 -120.65
C HIS U 362 115.62 1.50 -121.04
N PRO U 363 115.68 1.21 -122.34
CA PRO U 363 115.61 -0.19 -122.78
C PRO U 363 116.78 -0.99 -122.25
N ILE U 364 116.55 -2.29 -122.07
CA ILE U 364 117.56 -3.16 -121.51
C ILE U 364 118.81 -3.15 -122.39
N GLU U 365 119.98 -3.02 -121.76
CA GLU U 365 121.25 -2.98 -122.46
C GLU U 365 121.23 -1.83 -123.46
N SER U 366 121.24 -0.59 -122.97
CA SER U 366 121.19 0.57 -123.84
C SER U 366 122.31 1.56 -123.65
N ASN U 367 122.69 1.91 -122.43
CA ASN U 367 123.77 2.85 -122.19
C ASN U 367 124.98 2.12 -121.64
N LEU U 368 126.14 2.39 -122.24
CA LEU U 368 127.39 1.80 -121.80
C LEU U 368 128.18 2.74 -120.89
N GLY U 369 127.63 3.90 -120.56
CA GLY U 369 128.38 4.90 -119.83
C GLY U 369 128.31 4.74 -118.32
N LEU U 370 127.96 3.53 -117.88
CA LEU U 370 127.90 3.20 -116.46
C LEU U 370 128.55 1.83 -116.27
N GLU U 371 129.14 1.61 -115.10
CA GLU U 371 129.57 0.27 -114.77
C GLU U 371 128.37 -0.61 -114.49
N GLY U 372 128.63 -1.89 -114.31
CA GLY U 372 127.61 -2.77 -113.79
C GLY U 372 127.03 -3.71 -114.82
N VAL U 373 127.23 -5.00 -114.62
CA VAL U 373 126.54 -6.02 -115.40
C VAL U 373 125.08 -6.14 -115.02
N GLY U 374 124.62 -5.35 -114.05
CA GLY U 374 123.20 -5.32 -113.73
C GLY U 374 122.34 -4.80 -114.87
N GLN U 375 122.88 -3.88 -115.67
CA GLN U 375 122.14 -3.38 -116.82
C GLN U 375 121.82 -4.47 -117.82
N TYR U 376 122.50 -5.61 -117.73
CA TYR U 376 122.23 -6.73 -118.61
C TYR U 376 121.04 -7.58 -118.15
N TYR U 377 120.48 -7.28 -116.99
CA TYR U 377 119.34 -8.01 -116.46
C TYR U 377 118.12 -7.15 -116.18
N VAL U 378 118.32 -5.89 -115.78
CA VAL U 378 117.22 -5.02 -115.39
C VAL U 378 117.44 -3.64 -116.00
N ARG U 379 116.34 -2.95 -116.28
CA ARG U 379 116.42 -1.65 -116.92
C ARG U 379 117.07 -0.62 -116.00
N PRO U 380 117.82 0.33 -116.53
CA PRO U 380 118.29 1.44 -115.69
C PRO U 380 117.14 2.40 -115.39
N TYR U 381 117.23 3.07 -114.25
CA TYR U 381 116.13 3.89 -113.74
C TYR U 381 116.62 4.75 -112.60
N TYR U 382 116.16 6.01 -112.58
CA TYR U 382 116.47 6.94 -111.50
C TYR U 382 115.29 7.89 -111.33
N ASN U 383 114.79 7.99 -110.09
CA ASN U 383 113.71 8.91 -109.76
C ASN U 383 114.13 9.75 -108.58
N GLU U 384 113.69 11.01 -108.58
CA GLU U 384 114.01 11.96 -107.53
C GLU U 384 112.72 12.63 -107.05
N ALA U 385 112.69 12.99 -105.78
CA ALA U 385 111.55 13.68 -105.21
C ALA U 385 111.99 14.51 -104.01
N THR U 386 111.28 15.61 -103.78
CA THR U 386 111.54 16.51 -102.67
C THR U 386 110.28 16.63 -101.84
N ILE U 387 110.43 16.57 -100.52
CA ILE U 387 109.30 16.63 -99.60
C ILE U 387 109.37 17.93 -98.82
N ASP U 388 108.40 18.81 -99.05
CA ASP U 388 108.25 20.03 -98.27
C ASP U 388 107.15 19.77 -97.25
N VAL U 389 107.55 19.58 -95.99
CA VAL U 389 106.59 19.22 -94.95
C VAL U 389 105.63 20.37 -94.68
N LEU U 390 106.06 21.61 -94.95
CA LEU U 390 105.19 22.74 -94.73
C LEU U 390 103.98 22.72 -95.66
N ASN U 391 104.19 22.41 -96.92
CA ASN U 391 103.15 22.59 -97.94
C ASN U 391 102.48 21.29 -98.35
N ASP U 392 102.67 20.20 -97.59
CA ASP U 392 102.15 18.91 -98.02
C ASP U 392 101.43 18.12 -96.93
N LEU U 393 101.32 18.67 -95.73
CA LEU U 393 100.86 17.90 -94.58
C LEU U 393 99.47 18.33 -94.14
N ASN U 394 98.58 17.37 -93.95
CA ASN U 394 97.28 17.64 -93.35
C ASN U 394 97.35 17.46 -91.84
N ASN U 395 96.57 18.26 -91.13
CA ASN U 395 96.60 18.28 -89.67
C ASN U 395 95.26 18.72 -89.12
N LEU U 396 94.80 17.99 -88.11
CA LEU U 396 93.64 18.41 -87.32
C LEU U 396 94.01 18.68 -85.87
N THR U 397 94.59 17.70 -85.19
CA THR U 397 95.01 17.83 -83.81
C THR U 397 96.53 17.95 -83.75
N SER U 398 96.98 18.98 -83.04
CA SER U 398 98.41 19.21 -82.86
C SER U 398 99.07 18.08 -82.07
N ALA U 399 98.29 17.24 -81.40
CA ALA U 399 98.81 16.06 -80.73
C ALA U 399 99.01 14.89 -81.68
N ALA U 400 98.73 15.07 -82.97
CA ALA U 400 98.97 14.04 -83.97
C ALA U 400 100.01 14.46 -85.00
N LYS U 401 100.84 15.47 -84.68
CA LYS U 401 101.81 15.98 -85.65
C LYS U 401 102.78 14.88 -86.09
N GLN U 402 103.37 14.17 -85.14
CA GLN U 402 104.37 13.16 -85.47
C GLN U 402 103.77 12.02 -86.28
N THR U 403 102.56 11.58 -85.91
CA THR U 403 101.92 10.54 -86.71
C THR U 403 101.68 11.00 -88.14
N ASP U 404 101.30 12.26 -88.32
CA ASP U 404 101.05 12.77 -89.66
C ASP U 404 102.32 12.85 -90.49
N ILE U 405 103.40 13.41 -89.93
CA ILE U 405 104.65 13.45 -90.67
C ILE U 405 105.11 12.02 -90.98
N GLN U 406 104.90 11.11 -90.04
CA GLN U 406 105.25 9.71 -90.25
C GLN U 406 104.52 9.13 -91.45
N GLY U 407 103.20 9.32 -91.50
CA GLY U 407 102.43 8.79 -92.61
C GLY U 407 102.87 9.39 -93.93
N LEU U 408 103.12 10.69 -93.94
CA LEU U 408 103.52 11.35 -95.18
C LEU U 408 104.86 10.79 -95.67
N ILE U 409 105.80 10.57 -94.76
CA ILE U 409 107.11 10.07 -95.17
C ILE U 409 107.00 8.62 -95.66
N VAL U 410 106.24 7.78 -94.95
CA VAL U 410 106.17 6.37 -95.35
C VAL U 410 105.47 6.24 -96.70
N SER U 411 104.48 7.09 -96.98
CA SER U 411 103.76 7.00 -98.24
C SER U 411 104.68 7.19 -99.43
N LYS U 412 105.58 8.19 -99.35
CA LYS U 412 106.47 8.47 -100.46
C LYS U 412 107.41 7.31 -100.73
N ILE U 413 107.94 6.69 -99.67
CA ILE U 413 108.84 5.56 -99.85
C ILE U 413 108.10 4.40 -100.50
N ASN U 414 106.89 4.12 -100.02
CA ASN U 414 106.06 3.11 -100.67
C ASN U 414 105.91 3.41 -102.15
N GLU U 415 105.60 4.67 -102.48
CA GLU U 415 105.27 5.03 -103.84
C GLU U 415 106.48 4.85 -104.75
N MET U 416 107.65 5.31 -104.30
CA MET U 416 108.86 5.17 -105.11
C MET U 416 109.21 3.70 -105.31
N VAL U 417 109.12 2.88 -104.25
CA VAL U 417 109.47 1.48 -104.39
C VAL U 417 108.55 0.80 -105.40
N TYR U 418 107.24 1.06 -105.29
CA TYR U 418 106.30 0.44 -106.22
C TYR U 418 106.56 0.89 -107.65
N THR U 419 106.86 2.18 -107.84
CA THR U 419 107.11 2.67 -109.19
C THR U 419 108.33 2.03 -109.80
N ALA U 420 109.43 1.95 -109.05
CA ALA U 420 110.64 1.34 -109.57
C ALA U 420 110.40 -0.13 -109.89
N ASP U 421 109.70 -0.85 -109.00
CA ASP U 421 109.42 -2.24 -109.24
C ASP U 421 108.62 -2.43 -110.52
N GLN U 422 107.57 -1.62 -110.72
CA GLN U 422 106.71 -1.82 -111.88
C GLN U 422 107.42 -1.44 -113.17
N LEU U 423 108.20 -0.36 -113.15
CA LEU U 423 108.81 0.12 -114.38
C LEU U 423 110.08 -0.61 -114.77
N THR U 424 110.76 -1.25 -113.82
CA THR U 424 112.02 -1.90 -114.15
C THR U 424 111.91 -3.40 -114.37
N GLY U 425 110.78 -4.00 -114.05
CA GLY U 425 110.65 -5.44 -114.14
C GLY U 425 111.63 -6.15 -113.23
N TYR U 426 111.92 -5.57 -112.07
CA TYR U 426 112.98 -6.10 -111.21
C TYR U 426 112.63 -7.50 -110.72
N THR U 427 111.40 -7.71 -110.28
CA THR U 427 111.02 -9.02 -109.76
C THR U 427 111.07 -10.09 -110.84
N ALA U 428 110.78 -9.70 -112.08
CA ALA U 428 110.92 -10.65 -113.19
C ALA U 428 112.37 -11.08 -113.33
N ALA U 429 113.32 -10.14 -113.23
CA ALA U 429 114.73 -10.49 -113.31
C ALA U 429 115.14 -11.39 -112.15
N LEU U 430 114.65 -11.11 -110.95
CA LEU U 430 114.97 -11.98 -109.82
C LEU U 430 114.45 -13.39 -110.04
N GLU U 431 113.19 -13.52 -110.47
CA GLU U 431 112.65 -14.85 -110.70
C GLU U 431 113.39 -15.58 -111.81
N ALA U 432 113.82 -14.85 -112.84
CA ALA U 432 114.58 -15.46 -113.92
C ALA U 432 115.98 -15.87 -113.47
N ALA U 433 116.58 -15.13 -112.55
CA ALA U 433 117.94 -15.42 -112.12
C ALA U 433 118.03 -16.73 -111.36
N PHE U 434 117.07 -17.02 -110.48
CA PHE U 434 117.08 -18.24 -109.68
C PHE U 434 115.78 -18.98 -109.91
N SER U 435 115.88 -20.24 -110.35
CA SER U 435 114.72 -21.09 -110.57
C SER U 435 114.58 -22.02 -109.37
N GLY U 436 113.53 -21.81 -108.58
CA GLY U 436 113.30 -22.60 -107.38
C GLY U 436 113.00 -21.73 -106.18
N ARG U 437 113.34 -20.45 -106.28
CA ARG U 437 113.04 -19.48 -105.24
C ARG U 437 112.56 -18.20 -105.90
N SER U 438 111.70 -17.49 -105.18
CA SER U 438 111.22 -16.17 -105.61
C SER U 438 111.59 -15.18 -104.54
N PRO U 439 112.75 -14.53 -104.62
CA PRO U 439 113.20 -13.68 -103.52
C PRO U 439 112.24 -12.52 -103.31
N LYS U 440 111.77 -12.38 -102.07
CA LYS U 440 110.99 -11.16 -101.96
C LYS U 440 111.93 -9.96 -101.98
N PRO U 441 111.69 -9.01 -102.87
CA PRO U 441 112.64 -7.91 -103.05
C PRO U 441 112.88 -7.14 -101.76
N HIS U 442 114.15 -6.93 -101.42
CA HIS U 442 114.52 -6.26 -100.18
C HIS U 442 114.79 -4.79 -100.46
N VAL U 443 114.18 -3.93 -99.66
CA VAL U 443 114.37 -2.49 -99.77
C VAL U 443 115.44 -2.07 -98.76
N ALA U 444 116.57 -1.60 -99.25
CA ALA U 444 117.63 -1.12 -98.37
C ALA U 444 117.48 0.38 -98.20
N ILE U 445 117.43 0.84 -96.95
CA ILE U 445 117.21 2.24 -96.63
C ILE U 445 118.40 2.75 -95.83
N GLY U 446 119.01 3.82 -96.30
CA GLY U 446 120.07 4.50 -95.58
C GLY U 446 119.68 5.94 -95.31
N THR U 447 120.03 6.42 -94.12
CA THR U 447 119.63 7.75 -93.70
C THR U 447 120.61 8.26 -92.65
N ASP U 448 120.47 9.52 -92.28
CA ASP U 448 121.32 10.10 -91.25
C ASP U 448 120.81 9.72 -89.86
N MET U 449 121.38 10.34 -88.83
CA MET U 449 121.04 10.01 -87.44
C MET U 449 119.71 10.61 -86.98
N ARG U 450 119.34 11.79 -87.46
CA ARG U 450 118.18 12.52 -86.97
C ARG U 450 116.86 11.94 -87.46
N LEU U 451 116.73 11.72 -88.76
CA LEU U 451 115.47 11.38 -89.40
C LEU U 451 114.81 10.09 -88.91
N PRO U 452 115.54 8.97 -88.73
CA PRO U 452 114.84 7.69 -88.57
C PRO U 452 113.92 7.62 -87.37
N GLN U 453 114.11 8.48 -86.36
CA GLN U 453 113.11 8.57 -85.31
C GLN U 453 111.75 8.96 -85.85
N TYR U 454 111.71 9.59 -87.02
CA TYR U 454 110.46 9.96 -87.65
C TYR U 454 110.02 8.97 -88.73
N ILE U 455 110.68 7.84 -88.88
CA ILE U 455 110.25 6.82 -89.83
C ILE U 455 109.71 5.59 -89.11
N GLN U 456 110.07 5.41 -87.84
CA GLN U 456 109.63 4.27 -87.04
C GLN U 456 109.04 4.73 -85.72
N ILE U 457 107.71 4.80 -85.65
CA ILE U 457 106.97 4.98 -84.42
C ILE U 457 105.78 4.02 -84.45
N ASN U 458 104.93 4.11 -83.44
CA ASN U 458 103.79 3.21 -83.28
C ASN U 458 102.51 3.89 -83.75
N GLY U 459 101.87 3.31 -84.77
CA GLY U 459 100.58 3.80 -85.24
C GLY U 459 100.37 3.76 -86.73
N ASP U 460 101.42 3.49 -87.50
CA ASP U 460 101.34 3.51 -88.95
C ASP U 460 100.51 2.35 -89.49
N ASP U 461 100.08 2.50 -90.74
CA ASP U 461 99.48 1.37 -91.45
C ASP U 461 100.54 0.50 -92.10
N ARG U 462 101.55 1.11 -92.70
CA ARG U 462 102.58 0.40 -93.44
C ARG U 462 103.95 0.87 -92.98
N THR U 463 104.97 0.07 -93.26
CA THR U 463 106.33 0.42 -92.87
C THR U 463 107.19 0.72 -94.09
N VAL U 464 107.32 -0.27 -94.98
CA VAL U 464 107.87 -0.08 -96.31
C VAL U 464 107.01 -0.72 -97.37
N GLY U 465 105.79 -1.08 -97.03
CA GLY U 465 104.88 -1.76 -97.92
C GLY U 465 104.69 -3.20 -97.51
N ILE U 466 103.62 -3.80 -98.02
CA ILE U 466 103.26 -5.17 -97.70
C ILE U 466 104.14 -6.10 -98.52
N GLY U 467 104.58 -7.19 -97.89
CA GLY U 467 105.48 -8.12 -98.54
C GLY U 467 106.89 -7.60 -98.75
N TYR U 468 107.23 -6.45 -98.18
CA TYR U 468 108.57 -5.91 -98.30
C TYR U 468 109.25 -5.89 -96.94
N ASP U 469 110.35 -6.61 -96.87
CA ASP U 469 111.28 -6.52 -95.76
C ASP U 469 112.19 -5.32 -95.97
N TYR U 470 112.74 -4.81 -94.87
CA TYR U 470 113.57 -3.63 -94.96
C TYR U 470 114.62 -3.67 -93.87
N THR U 471 115.68 -2.90 -94.09
CA THR U 471 116.69 -2.65 -93.07
C THR U 471 117.01 -1.17 -93.08
N ILE U 472 117.20 -0.58 -91.91
CA ILE U 472 117.51 0.83 -91.78
C ILE U 472 118.93 0.95 -91.24
N ALA U 473 119.76 1.71 -91.95
CA ALA U 473 121.14 1.91 -91.58
C ALA U 473 121.33 3.34 -91.09
N ARG U 474 122.07 3.49 -90.00
CA ARG U 474 122.32 4.80 -89.41
C ARG U 474 123.79 5.16 -89.54
N ILE U 475 124.05 6.31 -90.15
CA ILE U 475 125.39 6.83 -90.33
C ILE U 475 125.39 8.31 -89.98
N SER U 476 126.44 8.75 -89.30
CA SER U 476 126.46 10.07 -88.68
C SER U 476 127.09 11.16 -89.53
N ASP U 477 127.55 10.83 -90.74
CA ASP U 477 128.21 11.83 -91.56
C ASP U 477 127.25 12.97 -91.89
N LEU U 478 127.79 14.19 -91.92
CA LEU U 478 126.97 15.37 -92.17
C LEU U 478 126.59 15.53 -93.64
N ARG U 479 127.38 14.99 -94.56
CA ARG U 479 127.01 15.09 -95.97
C ARG U 479 125.67 14.42 -96.25
N MET U 480 125.33 13.40 -95.47
CA MET U 480 124.10 12.66 -95.64
C MET U 480 122.99 13.16 -94.72
N LYS U 481 123.13 14.38 -94.19
CA LYS U 481 122.10 14.98 -93.35
C LYS U 481 120.78 15.11 -94.11
N ASP U 482 119.68 14.72 -93.47
CA ASP U 482 118.31 14.87 -93.97
C ASP U 482 118.11 14.29 -95.37
N LYS U 483 118.86 13.28 -95.76
CA LYS U 483 118.70 12.63 -97.05
C LYS U 483 118.19 11.21 -96.86
N ILE U 484 117.66 10.62 -97.92
CA ILE U 484 117.21 9.23 -97.93
C ILE U 484 117.75 8.59 -99.21
N VAL U 485 118.41 7.45 -99.06
CA VAL U 485 118.99 6.73 -100.20
C VAL U 485 118.49 5.30 -100.15
N MET U 486 118.01 4.80 -101.29
CA MET U 486 117.41 3.48 -101.37
C MET U 486 117.88 2.75 -102.61
N THR U 487 117.90 1.42 -102.51
CA THR U 487 118.23 0.54 -103.62
C THR U 487 117.88 -0.89 -103.21
N PHE U 488 117.82 -1.78 -104.19
CA PHE U 488 117.53 -3.18 -103.93
C PHE U 488 118.81 -3.99 -103.92
N ILE U 489 118.87 -4.96 -103.00
CA ILE U 489 120.07 -5.76 -102.80
C ILE U 489 119.67 -7.23 -102.64
N LEU U 490 120.68 -8.06 -102.36
CA LEU U 490 120.46 -9.46 -102.05
C LEU U 490 121.11 -9.77 -100.71
N PRO U 491 120.35 -10.21 -99.70
CA PRO U 491 120.93 -10.42 -98.37
C PRO U 491 121.54 -11.78 -98.12
N ASN U 492 121.11 -12.82 -98.83
CA ASN U 492 121.38 -14.19 -98.41
C ASN U 492 122.67 -14.78 -98.97
N GLU U 493 123.36 -14.09 -99.88
CA GLU U 493 124.56 -14.65 -100.47
C GLU U 493 125.61 -13.56 -100.59
N SER U 494 126.87 -14.00 -100.75
CA SER U 494 128.00 -13.09 -100.66
C SER U 494 128.88 -13.02 -101.90
N GLU U 495 128.84 -13.99 -102.80
CA GLU U 495 129.77 -13.91 -103.92
C GLU U 495 129.29 -12.87 -104.92
N PRO U 496 130.19 -12.31 -105.73
CA PRO U 496 129.78 -11.31 -106.73
C PRO U 496 128.72 -11.85 -107.66
N HIS U 497 127.74 -11.01 -107.99
CA HIS U 497 126.59 -11.43 -108.76
C HIS U 497 126.01 -10.20 -109.45
N PRO U 498 125.50 -10.35 -110.67
CA PRO U 498 124.97 -9.20 -111.41
C PRO U 498 123.70 -8.60 -110.82
N LEU U 499 123.24 -9.07 -109.65
CA LEU U 499 122.10 -8.47 -108.99
C LEU U 499 122.47 -7.86 -107.64
N GLN U 500 123.71 -8.02 -107.19
CA GLN U 500 124.18 -7.33 -106.00
C GLN U 500 124.38 -5.86 -106.33
N HIS U 501 124.00 -4.98 -105.40
CA HIS U 501 124.14 -3.56 -105.69
C HIS U 501 125.59 -3.17 -105.88
N GLY U 502 126.44 -3.54 -104.93
CA GLY U 502 127.84 -3.17 -105.03
C GLY U 502 128.69 -4.11 -104.22
N VAL U 503 129.94 -4.25 -104.65
CA VAL U 503 130.87 -5.20 -104.05
C VAL U 503 132.15 -4.45 -103.70
N LEU U 504 132.77 -4.87 -102.61
CA LEU U 504 133.96 -4.21 -102.08
C LEU U 504 135.18 -5.08 -102.33
N GLY U 505 135.96 -4.74 -103.36
CA GLY U 505 137.22 -5.42 -103.59
C GLY U 505 138.20 -5.05 -102.50
N PHE U 506 138.49 -6.01 -101.63
CA PHE U 506 139.29 -5.77 -100.44
C PHE U 506 140.46 -6.73 -100.41
N ILE U 507 141.67 -6.20 -100.30
CA ILE U 507 142.89 -6.99 -100.23
C ILE U 507 143.59 -6.67 -98.92
N PRO U 508 143.77 -7.64 -98.03
CA PRO U 508 144.45 -7.36 -96.76
C PRO U 508 145.91 -7.00 -96.99
N GLU U 509 146.37 -6.00 -96.26
CA GLU U 509 147.76 -5.56 -96.34
C GLU U 509 148.34 -5.44 -94.94
N TYR U 510 149.66 -5.63 -94.86
CA TYR U 510 150.36 -5.72 -93.60
C TYR U 510 151.22 -4.49 -93.39
N LEU U 511 151.36 -4.12 -92.12
CA LEU U 511 152.21 -3.00 -91.74
C LEU U 511 153.68 -3.34 -91.98
N VAL U 512 154.50 -2.30 -92.09
CA VAL U 512 155.94 -2.44 -92.28
C VAL U 512 156.65 -1.72 -91.14
N ASP U 513 157.35 -2.46 -90.31
CA ASP U 513 158.08 -1.91 -89.17
C ASP U 513 159.57 -1.96 -89.48
N PHE U 514 160.15 -0.81 -89.80
CA PHE U 514 161.52 -0.78 -90.27
C PHE U 514 162.11 0.61 -90.03
N ASN U 515 163.32 0.62 -89.48
CA ASN U 515 164.00 1.88 -89.16
C ASN U 515 164.26 2.66 -90.44
N MET U 516 164.18 3.99 -90.35
CA MET U 516 164.30 4.87 -91.50
C MET U 516 165.06 6.13 -91.10
N ILE U 517 165.91 6.61 -92.00
CA ILE U 517 166.68 7.83 -91.77
C ILE U 517 166.25 8.88 -92.79
N ARG U 518 165.91 10.07 -92.30
CA ARG U 518 165.56 11.20 -93.15
C ARG U 518 166.06 12.48 -92.50
N ASN U 519 166.94 13.20 -93.21
CA ASN U 519 167.51 14.45 -92.71
C ASN U 519 168.18 14.27 -91.35
N GLN U 520 168.88 13.14 -91.20
CA GLN U 520 169.86 12.90 -90.15
C GLN U 520 169.28 12.82 -88.74
N ARG U 521 168.06 12.31 -88.58
CA ARG U 521 167.57 11.88 -87.27
C ARG U 521 166.93 10.50 -87.40
N ILE U 522 167.24 9.64 -86.44
CA ILE U 522 166.81 8.24 -86.48
C ILE U 522 165.50 8.11 -85.74
N GLY U 523 164.50 7.53 -86.41
CA GLY U 523 163.23 7.21 -85.79
C GLY U 523 162.58 6.03 -86.47
N ARG U 524 161.98 5.16 -85.66
CA ARG U 524 161.20 4.04 -86.20
C ARG U 524 159.89 4.58 -86.76
N GLU U 525 159.34 3.87 -87.75
CA GLU U 525 158.11 4.29 -88.39
C GLU U 525 157.23 3.06 -88.63
N ILE U 526 155.92 3.26 -88.66
CA ILE U 526 154.97 2.21 -88.95
C ILE U 526 154.13 2.66 -90.15
N ARG U 527 154.01 1.79 -91.15
CA ARG U 527 153.32 2.12 -92.38
C ARG U 527 152.06 1.29 -92.50
N LEU U 528 151.06 1.84 -93.20
CA LEU U 528 149.89 1.10 -93.63
C LEU U 528 149.56 1.51 -95.06
N THR U 529 149.65 0.56 -95.97
CA THR U 529 149.26 0.80 -97.35
C THR U 529 147.94 0.10 -97.61
N PRO U 530 146.84 0.82 -97.76
CA PRO U 530 145.53 0.16 -97.86
C PRO U 530 145.14 -0.22 -99.28
N ARG U 531 144.39 -1.31 -99.41
CA ARG U 531 143.91 -1.81 -100.70
C ARG U 531 142.42 -2.06 -100.60
N TYR U 532 141.61 -1.13 -101.10
CA TYR U 532 140.17 -1.33 -101.13
C TYR U 532 139.57 -0.41 -102.17
N ARG U 533 138.39 -0.78 -102.65
CA ARG U 533 137.75 -0.09 -103.76
C ARG U 533 136.31 -0.55 -103.86
N TYR U 534 135.40 0.40 -104.06
CA TYR U 534 133.98 0.09 -104.14
C TYR U 534 133.53 0.16 -105.59
N PHE U 535 132.90 -0.91 -106.06
CA PHE U 535 132.31 -0.96 -107.40
C PHE U 535 130.80 -1.06 -107.27
N ASN U 536 130.10 -0.63 -108.33
CA ASN U 536 128.65 -0.60 -108.35
C ASN U 536 128.14 -1.42 -109.53
N PHE U 537 127.07 -2.16 -109.31
CA PHE U 537 126.52 -3.01 -110.36
C PHE U 537 125.15 -2.54 -110.80
N LEU U 538 124.23 -2.36 -109.85
CA LEU U 538 122.86 -2.02 -110.20
C LEU U 538 122.75 -0.55 -110.58
N PRO U 539 122.23 -0.24 -111.77
CA PRO U 539 121.95 1.16 -112.10
C PRO U 539 120.54 1.56 -111.71
N ILE U 540 120.15 1.32 -110.45
CA ILE U 540 118.84 1.71 -109.94
C ILE U 540 119.06 2.43 -108.62
N MET U 541 118.42 3.58 -108.46
CA MET U 541 118.57 4.38 -107.26
C MET U 541 117.32 5.22 -107.03
N LEU U 542 116.88 5.25 -105.77
CA LEU U 542 115.77 6.10 -105.35
C LEU U 542 116.25 6.98 -104.21
N VAL U 543 116.14 8.29 -104.37
CA VAL U 543 116.59 9.25 -103.38
C VAL U 543 115.45 10.20 -103.06
N ILE U 544 115.20 10.41 -101.77
CA ILE U 544 114.16 11.31 -101.28
C ILE U 544 114.82 12.37 -100.42
N ASN U 545 114.56 13.63 -100.72
CA ASN U 545 115.10 14.74 -99.97
C ASN U 545 113.98 15.40 -99.16
N VAL U 546 114.17 15.49 -97.85
CA VAL U 546 113.24 16.17 -96.97
C VAL U 546 113.89 17.46 -96.50
N ILE U 547 113.20 18.58 -96.69
CA ILE U 547 113.76 19.89 -96.40
C ILE U 547 112.76 20.70 -95.61
N ASN U 548 113.29 21.72 -94.91
CA ASN U 548 112.48 22.74 -94.24
C ASN U 548 111.60 22.10 -93.16
N LEU U 549 112.01 20.94 -92.65
CA LEU U 549 111.19 20.24 -91.67
C LEU U 549 111.04 21.04 -90.38
N GLU U 550 111.88 22.06 -90.19
CA GLU U 550 112.08 22.62 -88.86
C GLU U 550 110.79 23.17 -88.27
N GLU U 551 110.22 24.22 -88.86
CA GLU U 551 109.14 24.94 -88.19
C GLU U 551 107.81 24.21 -88.33
N ALA U 552 107.72 23.26 -89.26
CA ALA U 552 106.46 22.55 -89.47
C ALA U 552 105.96 21.92 -88.17
N ILE U 553 106.87 21.38 -87.37
CA ILE U 553 106.48 20.86 -86.06
C ILE U 553 106.12 22.00 -85.11
N ALA U 554 106.83 23.13 -85.19
CA ALA U 554 106.69 24.15 -84.16
C ALA U 554 105.70 25.24 -84.54
N GLN U 555 105.57 25.55 -85.83
CA GLN U 555 104.76 26.66 -86.29
C GLN U 555 103.43 26.11 -86.83
N ARG U 556 102.36 26.88 -86.63
CA ARG U 556 101.01 26.44 -86.99
C ARG U 556 100.93 25.88 -88.39
N THR U 557 100.56 24.61 -88.50
CA THR U 557 100.32 24.00 -89.79
C THR U 557 98.95 23.33 -89.77
N ALA U 558 97.92 24.12 -90.02
CA ALA U 558 96.55 23.65 -89.95
C ALA U 558 96.12 23.17 -91.33
N LEU U 559 94.84 22.81 -91.47
CA LEU U 559 94.31 22.34 -92.73
C LEU U 559 94.41 23.40 -93.82
N ASP U 560 95.34 23.23 -94.74
CA ASP U 560 95.20 23.89 -96.02
C ASP U 560 93.89 23.42 -96.64
N VAL U 561 93.02 24.35 -97.02
CA VAL U 561 91.70 23.99 -97.50
C VAL U 561 91.58 24.38 -98.96
N ASN U 562 91.09 23.45 -99.76
CA ASN U 562 90.89 23.69 -101.18
C ASN U 562 89.48 24.21 -101.40
N GLU U 563 89.23 25.46 -101.01
CA GLU U 563 87.88 25.98 -101.07
C GLU U 563 87.41 26.07 -102.52
N THR U 564 86.55 25.14 -102.90
CA THR U 564 86.31 24.79 -104.29
C THR U 564 85.35 25.76 -104.96
N GLN U 565 85.85 26.96 -105.29
CA GLN U 565 85.36 27.78 -106.40
C GLN U 565 83.85 27.66 -106.63
N VAL U 566 83.09 27.87 -105.56
CA VAL U 566 81.66 28.02 -105.72
C VAL U 566 81.28 29.41 -105.27
N THR U 567 81.31 30.33 -106.21
CA THR U 567 81.10 31.75 -106.31
C THR U 567 81.23 32.13 -107.78
N PRO U 568 80.34 32.98 -108.32
CA PRO U 568 80.35 33.19 -109.77
C PRO U 568 81.62 33.84 -110.29
N ALA U 569 82.72 33.09 -110.27
CA ALA U 569 83.97 33.50 -110.91
C ALA U 569 84.66 32.31 -111.57
N SER U 570 84.04 31.13 -111.50
CA SER U 570 84.59 29.93 -112.11
C SER U 570 83.53 28.84 -112.20
N HIS V 1 118.56 18.03 -51.96
CA HIS V 1 117.29 18.22 -52.65
C HIS V 1 117.39 17.70 -54.09
N GLU V 2 116.24 17.54 -54.75
CA GLU V 2 116.21 16.84 -56.03
C GLU V 2 116.77 17.69 -57.16
N PHE V 3 116.43 18.97 -57.21
CA PHE V 3 116.74 19.77 -58.40
C PHE V 3 118.24 19.85 -58.63
N ALA V 4 119.02 20.07 -57.57
CA ALA V 4 120.46 20.05 -57.71
C ALA V 4 120.96 18.66 -58.05
N GLU V 5 120.28 17.63 -57.54
CA GLU V 5 120.72 16.26 -57.78
C GLU V 5 120.63 15.91 -59.26
N LEU V 6 119.58 16.36 -59.93
CA LEU V 6 119.40 16.03 -61.34
C LEU V 6 120.45 16.70 -62.21
N PHE V 7 121.21 17.65 -61.66
CA PHE V 7 122.19 18.34 -62.49
C PHE V 7 123.62 18.22 -61.98
N TYR V 8 123.84 18.38 -60.68
CA TYR V 8 125.20 18.35 -60.13
C TYR V 8 125.29 17.19 -59.15
N ARG V 9 125.80 16.06 -59.61
CA ARG V 9 125.89 14.88 -58.77
C ARG V 9 126.93 15.11 -57.67
N THR V 10 126.55 14.80 -56.43
CA THR V 10 127.42 15.06 -55.29
C THR V 10 128.60 14.10 -55.30
N TYR V 11 129.78 14.62 -54.98
CA TYR V 11 131.00 13.84 -54.92
C TYR V 11 131.66 14.10 -53.57
N ILE V 12 131.81 13.05 -52.77
CA ILE V 12 132.38 13.16 -51.43
C ILE V 12 133.89 13.18 -51.56
N VAL V 13 134.52 14.16 -50.93
CA VAL V 13 135.97 14.19 -50.81
C VAL V 13 136.34 14.13 -49.33
N THR V 14 137.36 13.33 -49.02
CA THR V 14 137.78 13.17 -47.65
C THR V 14 138.30 14.52 -47.12
N PRO V 15 138.13 14.80 -45.81
CA PRO V 15 138.25 16.19 -45.36
C PRO V 15 139.67 16.70 -45.19
N ASP V 16 140.65 16.02 -45.78
CA ASP V 16 142.02 16.53 -45.74
C ASP V 16 142.55 16.76 -47.16
N GLN V 17 141.71 17.29 -48.03
CA GLN V 17 142.07 17.54 -49.43
C GLN V 17 141.71 18.97 -49.78
N ALA V 18 142.56 19.62 -50.56
CA ALA V 18 142.25 20.98 -51.00
C ALA V 18 141.31 20.97 -52.21
N GLY V 19 141.20 19.83 -52.88
CA GLY V 19 140.37 19.75 -54.07
C GLY V 19 140.66 18.49 -54.84
N PHE V 20 140.40 18.53 -56.14
CA PHE V 20 140.74 17.42 -57.01
C PHE V 20 141.39 17.95 -58.28
N GLN V 21 142.39 17.22 -58.74
CA GLN V 21 143.13 17.54 -59.96
C GLN V 21 142.83 16.46 -61.00
N LEU V 22 142.48 16.90 -62.21
CA LEU V 22 142.03 15.99 -63.26
C LEU V 22 143.06 15.94 -64.38
N SER V 23 143.44 14.74 -64.78
CA SER V 23 144.36 14.54 -65.90
C SER V 23 143.62 13.83 -67.02
N ILE V 24 143.63 14.42 -68.21
CA ILE V 24 142.88 13.90 -69.34
C ILE V 24 143.83 13.66 -70.49
N ARG V 25 143.59 12.59 -71.25
CA ARG V 25 144.38 12.24 -72.43
C ARG V 25 143.63 12.68 -73.67
N ARG V 26 144.37 13.05 -74.71
CA ARG V 26 143.78 13.37 -76.00
C ARG V 26 144.59 12.72 -77.10
N ASN V 27 143.91 12.01 -78.00
CA ASN V 27 144.54 11.32 -79.11
C ASN V 27 144.36 12.16 -80.37
N LEU V 28 145.46 12.64 -80.92
CA LEU V 28 145.41 13.64 -81.99
C LEU V 28 146.04 13.10 -83.27
N VAL V 29 145.62 13.67 -84.40
CA VAL V 29 146.24 13.42 -85.69
C VAL V 29 146.58 14.77 -86.31
N TRP V 30 147.77 14.87 -86.90
CA TRP V 30 148.19 16.13 -87.47
C TRP V 30 149.22 15.85 -88.55
N GLU V 31 149.37 16.82 -89.45
CA GLU V 31 150.21 16.67 -90.63
C GLU V 31 151.68 16.86 -90.26
N GLY V 32 152.53 17.05 -91.27
CA GLY V 32 153.96 17.07 -91.08
C GLY V 32 154.48 17.94 -89.95
N TRP V 33 155.66 17.58 -89.46
CA TRP V 33 156.30 18.30 -88.38
C TRP V 33 156.49 19.76 -88.77
N THR V 34 156.37 20.66 -87.80
CA THR V 34 156.49 22.09 -88.03
C THR V 34 157.95 22.41 -88.35
N GLY V 35 158.32 22.21 -89.61
CA GLY V 35 159.72 22.09 -89.96
C GLY V 35 160.19 20.79 -89.35
N GLU V 36 161.47 20.59 -89.16
CA GLU V 36 161.88 19.53 -88.24
C GLU V 36 162.67 20.06 -87.06
N GLY V 37 163.81 20.68 -87.33
CA GLY V 37 164.52 21.55 -86.41
C GLY V 37 165.07 22.66 -87.26
N LEU V 38 164.86 22.51 -88.56
CA LEU V 38 165.36 23.45 -89.55
C LEU V 38 164.18 24.16 -90.23
N SER V 39 164.21 25.49 -90.19
CA SER V 39 163.09 26.33 -90.67
C SER V 39 161.78 25.89 -90.01
N GLY V 40 161.86 25.49 -88.75
CA GLY V 40 160.67 25.07 -88.02
C GLY V 40 159.72 26.24 -87.85
N GLU V 41 158.45 26.03 -88.22
CA GLU V 41 157.44 27.07 -88.14
C GLU V 41 157.11 27.31 -86.68
N LYS V 42 157.18 28.56 -86.25
CA LYS V 42 156.96 28.93 -84.86
C LYS V 42 155.56 29.53 -84.72
N GLN V 43 155.03 29.48 -83.50
CA GLN V 43 153.77 30.09 -83.14
C GLN V 43 152.57 29.41 -83.79
N GLU V 44 152.81 28.42 -84.66
CA GLU V 44 151.75 27.78 -85.43
C GLU V 44 151.83 26.28 -85.23
N ILE V 45 150.87 25.73 -84.50
CA ILE V 45 150.73 24.29 -84.30
C ILE V 45 149.26 23.93 -84.50
N SER V 46 149.00 22.91 -85.30
CA SER V 46 147.62 22.52 -85.60
C SER V 46 147.40 21.05 -85.29
N LYS V 47 146.39 20.80 -84.45
CA LYS V 47 145.95 19.46 -84.11
C LYS V 47 144.45 19.33 -84.37
N ARG V 48 144.03 18.21 -84.95
CA ARG V 48 142.61 17.89 -85.09
C ARG V 48 142.29 16.61 -84.32
N ASN V 49 141.23 16.67 -83.52
CA ASN V 49 140.82 15.49 -82.78
C ASN V 49 140.40 14.37 -83.72
N ILE V 50 140.62 13.13 -83.30
CA ILE V 50 140.25 12.00 -84.14
C ILE V 50 138.73 11.89 -84.25
N LEU V 51 138.01 12.20 -83.17
CA LEU V 51 136.55 12.16 -83.22
C LEU V 51 136.00 13.23 -84.15
N GLN V 52 136.76 14.27 -84.43
CA GLN V 52 136.37 15.21 -85.47
C GLN V 52 136.24 14.52 -86.82
N GLY V 53 137.08 13.52 -87.08
CA GLY V 53 136.96 12.76 -88.31
C GLY V 53 135.70 11.94 -88.38
N LEU V 54 135.12 11.59 -87.23
CA LEU V 54 133.87 10.83 -87.23
C LEU V 54 132.72 11.60 -87.86
N LEU V 55 132.79 12.93 -87.86
CA LEU V 55 131.72 13.77 -88.38
C LEU V 55 132.00 14.28 -89.79
N ASP V 56 133.09 14.99 -90.00
CA ASP V 56 133.47 15.50 -91.31
C ASP V 56 134.31 14.44 -92.02
N TYR V 57 134.93 14.80 -93.15
CA TYR V 57 135.76 13.83 -93.85
C TYR V 57 137.13 14.41 -94.15
N THR V 58 137.33 15.69 -93.85
CA THR V 58 138.60 16.35 -94.12
C THR V 58 139.61 16.17 -93.00
N THR V 59 139.17 15.69 -91.83
CA THR V 59 140.12 15.42 -90.76
C THR V 59 141.08 14.30 -91.15
N LEU V 60 140.54 13.26 -91.79
CA LEU V 60 141.35 12.13 -92.25
C LEU V 60 141.12 11.96 -93.74
N GLU V 61 141.99 12.56 -94.54
CA GLU V 61 142.02 12.29 -95.97
C GLU V 61 143.42 12.60 -96.47
N THR V 62 143.96 11.71 -97.30
CA THR V 62 145.33 11.86 -97.78
C THR V 62 145.38 11.72 -99.28
N ASN V 63 145.88 12.77 -99.94
CA ASN V 63 146.26 12.66 -101.35
C ASN V 63 147.54 13.42 -101.64
N SER V 64 148.67 12.72 -101.47
CA SER V 64 149.98 13.25 -101.79
C SER V 64 150.72 12.20 -102.60
N THR V 65 150.06 11.07 -102.82
CA THR V 65 150.60 10.00 -103.63
C THR V 65 150.12 10.01 -105.07
N GLU V 66 148.91 10.49 -105.33
CA GLU V 66 148.43 10.56 -106.70
C GLU V 66 149.29 11.52 -107.52
N LEU V 67 149.59 11.12 -108.74
CA LEU V 67 150.49 11.87 -109.60
C LEU V 67 149.66 12.90 -110.36
N ILE V 68 149.82 14.16 -110.01
CA ILE V 68 148.99 15.24 -110.54
C ILE V 68 149.85 16.13 -111.43
N PRO V 69 149.43 16.42 -112.66
CA PRO V 69 150.20 17.32 -113.52
C PRO V 69 150.36 18.69 -112.85
N VAL V 70 151.57 19.23 -112.93
CA VAL V 70 151.90 20.49 -112.27
C VAL V 70 152.50 21.42 -113.31
N ILE V 71 152.01 22.66 -113.37
CA ILE V 71 152.33 23.57 -114.46
C ILE V 71 153.49 24.47 -114.08
N GLN V 72 154.54 24.47 -114.89
CA GLN V 72 155.59 25.48 -114.86
C GLN V 72 155.53 26.25 -116.17
N SER V 73 155.40 27.57 -116.08
CA SER V 73 155.26 28.37 -117.28
C SER V 73 156.59 28.45 -118.03
N GLY V 74 156.53 28.22 -119.34
CA GLY V 74 157.67 28.43 -120.20
C GLY V 74 158.71 27.33 -120.23
N GLU V 75 158.52 26.25 -119.48
CA GLU V 75 159.53 25.19 -119.40
C GLU V 75 159.00 23.83 -119.78
N ASN V 76 157.76 23.50 -119.40
CA ASN V 76 157.05 22.37 -119.98
C ASN V 76 155.61 22.75 -120.27
N ASP V 77 155.40 23.84 -121.00
CA ASP V 77 154.07 24.26 -121.44
C ASP V 77 153.87 23.81 -122.88
N GLU V 78 153.89 22.51 -123.11
CA GLU V 78 153.68 22.01 -124.46
C GLU V 78 152.97 20.65 -124.51
N GLN V 79 152.46 20.20 -123.36
CA GLN V 79 151.40 19.19 -123.36
C GLN V 79 150.12 19.68 -122.71
N PHE V 80 150.03 20.92 -122.26
CA PHE V 80 148.82 21.44 -121.64
C PHE V 80 148.05 22.24 -122.67
N ILE V 81 146.72 22.11 -122.66
CA ILE V 81 145.86 22.80 -123.62
C ILE V 81 146.12 24.29 -123.55
N ASP V 82 145.92 24.98 -124.67
CA ASP V 82 146.13 26.41 -124.70
C ASP V 82 145.23 27.08 -123.67
N PRO V 83 145.80 27.82 -122.71
CA PRO V 83 144.96 28.48 -121.70
C PRO V 83 144.11 29.62 -122.24
N SER V 84 144.12 29.85 -123.55
CA SER V 84 143.23 30.81 -124.19
C SER V 84 141.82 30.25 -124.37
N VAL V 85 141.61 28.97 -124.08
CA VAL V 85 140.29 28.36 -124.15
C VAL V 85 139.76 27.96 -122.79
N LEU V 86 140.62 27.58 -121.85
CA LEU V 86 140.21 27.29 -120.49
C LEU V 86 141.34 27.66 -119.54
N PRO V 87 141.12 28.60 -118.62
CA PRO V 87 142.20 29.04 -117.75
C PRO V 87 142.67 27.94 -116.80
N ALA V 88 143.89 28.10 -116.30
CA ALA V 88 144.49 27.12 -115.41
C ALA V 88 143.68 26.97 -114.13
N GLN V 89 143.68 25.77 -113.58
CA GLN V 89 142.90 25.44 -112.39
C GLN V 89 143.84 25.26 -111.21
N THR V 90 143.49 25.88 -110.09
CA THR V 90 144.32 25.84 -108.88
C THR V 90 143.85 24.71 -107.98
N VAL V 91 144.79 23.90 -107.50
CA VAL V 91 144.50 22.82 -106.58
C VAL V 91 145.52 22.86 -105.45
N LYS V 92 145.17 22.22 -104.34
CA LYS V 92 146.02 22.16 -103.17
C LYS V 92 146.31 20.71 -102.83
N GLN V 93 147.60 20.38 -102.68
CA GLN V 93 148.04 19.04 -102.32
C GLN V 93 149.14 19.16 -101.28
N GLY V 94 148.95 18.49 -100.14
CA GLY V 94 149.95 18.51 -99.10
C GLY V 94 150.26 19.91 -98.64
N LYS V 95 151.45 20.40 -99.00
CA LYS V 95 151.81 21.79 -98.74
C LYS V 95 151.99 22.60 -100.01
N ASP V 96 152.30 21.97 -101.14
CA ASP V 96 152.45 22.65 -102.41
C ASP V 96 151.09 23.18 -102.84
N THR V 97 151.07 24.41 -103.35
CA THR V 97 149.88 24.97 -103.99
C THR V 97 150.24 25.32 -105.42
N PHE V 98 149.74 24.53 -106.36
CA PHE V 98 150.12 24.62 -107.76
C PHE V 98 148.89 24.61 -108.65
N ASP V 99 149.08 25.05 -109.88
CA ASP V 99 148.00 25.13 -110.85
C ASP V 99 148.07 23.98 -111.84
N THR V 100 146.90 23.49 -112.25
CA THR V 100 146.83 22.32 -113.12
C THR V 100 145.88 22.59 -114.27
N ASN V 101 145.84 21.64 -115.20
CA ASN V 101 144.97 21.73 -116.37
C ASN V 101 144.88 20.34 -117.00
N PHE V 102 144.24 20.29 -118.16
CA PHE V 102 144.11 19.03 -118.89
C PHE V 102 145.31 18.81 -119.80
N LEU V 103 145.64 17.54 -120.03
CA LEU V 103 146.69 17.19 -120.98
C LEU V 103 146.12 17.16 -122.40
N LYS V 104 146.89 17.70 -123.34
CA LYS V 104 146.46 17.79 -124.72
C LYS V 104 146.56 16.44 -125.43
N PHE V 105 145.55 16.13 -126.24
CA PHE V 105 145.64 14.98 -127.12
C PHE V 105 146.78 15.14 -128.10
N SER V 106 147.44 14.03 -128.40
CA SER V 106 148.57 14.02 -129.31
C SER V 106 148.33 12.95 -130.37
N GLU V 107 148.35 13.38 -131.64
CA GLU V 107 148.16 12.46 -132.75
C GLU V 107 149.44 12.22 -133.54
N ASN V 108 150.42 13.11 -133.45
CA ASN V 108 151.67 12.91 -134.15
C ASN V 108 152.82 13.60 -133.42
N GLY V 109 153.58 12.82 -132.66
CA GLY V 109 154.71 13.36 -131.93
C GLY V 109 154.97 12.61 -130.64
N GLU V 110 155.85 13.14 -129.80
CA GLU V 110 156.12 12.55 -128.51
C GLU V 110 154.88 12.63 -127.64
N GLY V 111 154.58 11.52 -126.96
CA GLY V 111 153.46 11.48 -126.05
C GLY V 111 153.74 12.26 -124.79
N PHE V 112 153.19 11.81 -123.66
CA PHE V 112 153.44 12.46 -122.39
C PHE V 112 154.41 11.61 -121.57
N ASN V 113 155.46 12.26 -121.08
CA ASN V 113 156.45 11.65 -120.21
C ASN V 113 156.01 11.91 -118.77
N LEU V 114 155.15 11.03 -118.26
CA LEU V 114 154.28 11.36 -117.14
C LEU V 114 155.04 11.69 -115.87
N LEU V 115 156.06 10.90 -115.52
CA LEU V 115 156.71 11.08 -114.23
C LEU V 115 157.39 12.44 -114.14
N MET V 116 158.09 12.85 -115.20
CA MET V 116 158.75 14.14 -115.23
C MET V 116 157.77 15.30 -115.18
N LEU V 117 156.63 15.18 -115.86
CA LEU V 117 155.66 16.25 -116.00
C LEU V 117 154.98 16.60 -114.68
N ALA V 118 154.98 15.67 -113.72
CA ALA V 118 154.15 15.86 -112.54
C ALA V 118 154.94 15.77 -111.24
N GLN V 119 156.14 16.32 -111.23
CA GLN V 119 156.93 16.45 -110.01
C GLN V 119 156.44 17.67 -109.23
N THR V 120 155.99 17.45 -108.00
CA THR V 120 155.53 18.55 -107.18
C THR V 120 156.72 19.29 -106.57
N PRO V 121 156.55 20.56 -106.23
CA PRO V 121 157.63 21.28 -105.56
C PRO V 121 158.09 20.64 -104.27
N SER V 122 157.21 19.95 -103.56
CA SER V 122 157.62 19.32 -102.30
C SER V 122 158.60 18.18 -102.55
N ARG V 123 158.27 17.28 -103.48
CA ARG V 123 159.19 16.17 -103.78
C ARG V 123 160.48 16.69 -104.40
N LEU V 124 160.46 17.89 -104.96
CA LEU V 124 161.68 18.47 -105.52
C LEU V 124 162.74 18.70 -104.46
N LYS V 125 162.34 18.76 -103.19
CA LYS V 125 163.30 19.03 -102.13
C LYS V 125 164.22 17.85 -101.88
N LYS V 126 163.69 16.64 -101.80
CA LYS V 126 164.51 15.44 -101.61
C LYS V 126 165.34 15.09 -102.83
N GLY V 127 164.90 15.48 -104.03
CA GLY V 127 165.65 15.14 -105.23
C GLY V 127 164.78 14.78 -106.41
N SER V 128 165.41 14.44 -107.52
CA SER V 128 164.75 14.27 -108.81
C SER V 128 164.24 12.83 -108.92
N MET V 129 163.85 12.36 -110.10
CA MET V 129 163.32 11.00 -110.25
C MET V 129 164.37 9.98 -109.82
N THR V 130 163.88 8.79 -109.49
CA THR V 130 164.72 7.67 -109.10
C THR V 130 164.35 6.45 -109.94
N PHE V 131 165.00 5.33 -109.61
CA PHE V 131 164.73 4.08 -110.29
C PHE V 131 163.89 3.13 -109.44
N THR V 132 163.61 3.50 -108.19
CA THR V 132 162.70 2.74 -107.36
C THR V 132 161.29 3.32 -107.36
N ASP V 133 161.02 4.33 -108.19
CA ASP V 133 159.68 4.86 -108.35
C ASP V 133 158.91 3.98 -109.32
N SER V 134 157.75 3.49 -108.89
CA SER V 134 156.93 2.60 -109.70
C SER V 134 155.50 3.12 -109.77
N LEU V 135 154.92 3.01 -110.95
CA LEU V 135 153.54 3.43 -111.16
C LEU V 135 152.58 2.40 -110.59
N ASP V 136 151.36 2.83 -110.30
CA ASP V 136 150.39 1.97 -109.64
C ASP V 136 149.83 0.92 -110.58
N SER V 137 149.10 -0.06 -110.02
CA SER V 137 148.55 -1.15 -110.81
C SER V 137 147.46 -0.70 -111.76
N ARG V 138 146.77 0.40 -111.48
CA ARG V 138 145.70 0.88 -112.34
C ARG V 138 146.01 2.30 -112.78
N ILE V 139 145.72 2.60 -114.03
CA ILE V 139 145.78 3.96 -114.55
C ILE V 139 144.54 4.15 -115.41
N ALA V 140 143.84 5.27 -115.22
CA ALA V 140 142.57 5.47 -115.90
C ALA V 140 142.29 6.95 -116.08
N LEU V 141 141.33 7.24 -116.96
CA LEU V 141 140.96 8.62 -117.26
C LEU V 141 140.10 9.20 -116.14
N LYS V 142 140.40 10.45 -115.77
CA LYS V 142 139.56 11.17 -114.81
C LYS V 142 138.38 11.85 -115.51
N GLN V 143 138.67 12.81 -116.39
CA GLN V 143 137.64 13.57 -117.07
C GLN V 143 138.01 13.71 -118.54
N LEU V 144 136.99 13.70 -119.39
CA LEU V 144 137.16 13.93 -120.83
C LEU V 144 136.47 15.23 -121.18
N LEU V 145 137.17 16.09 -121.91
CA LEU V 145 136.69 17.43 -122.20
C LEU V 145 136.31 17.52 -123.67
N ILE V 146 135.06 17.92 -123.94
CA ILE V 146 134.59 18.11 -125.30
C ILE V 146 134.16 19.57 -125.46
N SER V 147 134.34 20.08 -126.67
CA SER V 147 133.92 21.42 -127.03
C SER V 147 132.80 21.34 -128.05
N VAL V 148 131.60 21.73 -127.65
CA VAL V 148 130.47 21.84 -128.55
C VAL V 148 130.46 23.26 -129.10
N THR V 149 130.38 23.38 -130.43
CA THR V 149 130.56 24.66 -131.09
C THR V 149 129.59 24.78 -132.24
N LYS V 150 128.92 25.94 -132.32
CA LYS V 150 128.05 26.26 -133.43
C LYS V 150 127.95 27.77 -133.56
N GLY V 151 128.25 28.29 -134.75
CA GLY V 151 128.14 29.72 -135.00
C GLY V 151 129.19 30.58 -134.35
N GLY V 152 130.25 29.98 -133.80
CA GLY V 152 131.31 30.72 -133.14
C GLY V 152 131.23 30.74 -131.63
N THR V 153 130.10 30.33 -131.05
CA THR V 153 129.96 30.29 -129.60
C THR V 153 130.52 28.97 -129.08
N THR V 154 131.37 29.07 -128.05
CA THR V 154 132.08 27.93 -127.50
C THR V 154 131.51 27.58 -126.13
N GLU V 155 131.10 26.33 -125.96
CA GLU V 155 130.68 25.79 -124.68
C GLU V 155 131.54 24.57 -124.34
N LEU V 156 132.05 24.54 -123.12
CA LEU V 156 132.91 23.46 -122.66
C LEU V 156 132.10 22.54 -121.75
N PHE V 157 132.18 21.24 -122.02
CA PHE V 157 131.46 20.25 -121.24
C PHE V 157 132.46 19.41 -120.47
N ALA V 158 132.33 19.39 -119.15
CA ALA V 158 133.20 18.60 -118.29
C ALA V 158 132.49 17.28 -118.02
N LEU V 159 132.73 16.30 -118.89
CA LEU V 159 132.10 15.00 -118.79
C LEU V 159 132.97 14.08 -117.93
N ASP V 160 132.37 13.52 -116.89
CA ASP V 160 133.08 12.58 -116.03
C ASP V 160 133.19 11.24 -116.76
N VAL V 161 134.25 11.08 -117.53
CA VAL V 161 134.50 9.84 -118.26
C VAL V 161 134.75 8.67 -117.33
N ASN V 162 135.23 8.91 -116.12
CA ASN V 162 135.48 7.82 -115.18
C ASN V 162 134.18 7.13 -114.84
N ARG V 163 134.29 5.98 -114.17
CA ARG V 163 133.14 5.12 -113.87
C ARG V 163 132.49 4.61 -115.17
N ASP V 164 133.32 4.05 -116.04
CA ASP V 164 132.86 3.53 -117.32
C ASP V 164 133.39 2.11 -117.54
N GLN V 165 132.78 1.43 -118.50
CA GLN V 165 133.06 0.01 -118.71
C GLN V 165 134.51 -0.23 -119.13
N TYR V 166 134.96 0.45 -120.17
CA TYR V 166 136.30 0.23 -120.71
C TYR V 166 137.33 1.24 -120.21
N ALA V 167 136.94 2.14 -119.31
CA ALA V 167 137.80 3.25 -118.93
C ALA V 167 138.78 2.82 -117.84
N ALA V 168 139.66 1.89 -118.17
CA ALA V 168 140.74 1.48 -117.26
C ALA V 168 141.79 0.71 -118.03
N TYR V 169 143.06 0.99 -117.80
CA TYR V 169 144.13 0.40 -118.59
C TYR V 169 144.34 -1.03 -118.11
N THR V 170 144.08 -1.99 -118.99
CA THR V 170 144.30 -3.39 -118.69
C THR V 170 145.61 -3.85 -119.33
N ALA V 171 146.17 -4.93 -118.78
CA ALA V 171 147.46 -5.43 -119.26
C ALA V 171 147.29 -6.11 -120.61
N THR V 172 148.22 -5.82 -121.52
CA THR V 172 148.27 -6.46 -122.83
C THR V 172 149.71 -6.51 -123.30
N ARG V 173 150.37 -7.63 -123.08
CA ARG V 173 151.76 -7.80 -123.45
C ARG V 173 151.87 -8.14 -124.93
N GLU V 174 152.38 -7.19 -125.72
CA GLU V 174 152.60 -7.43 -127.14
C GLU V 174 154.03 -7.11 -127.55
N TYR V 175 154.63 -6.09 -126.94
CA TYR V 175 156.01 -5.71 -127.25
C TYR V 175 156.89 -5.86 -126.02
N ASN V 176 156.50 -5.23 -124.92
CA ASN V 176 157.17 -5.46 -123.64
C ASN V 176 156.18 -6.05 -122.64
N PHE V 177 156.67 -6.32 -121.44
CA PHE V 177 155.84 -6.88 -120.39
C PHE V 177 155.45 -5.85 -119.35
N ARG V 178 155.66 -4.56 -119.63
CA ARG V 178 155.23 -3.49 -118.76
C ARG V 178 154.48 -2.40 -119.51
N LEU V 179 153.80 -2.73 -120.61
CA LEU V 179 153.07 -1.74 -121.39
C LEU V 179 151.58 -1.87 -121.10
N MET V 180 150.95 -0.77 -120.71
CA MET V 180 149.52 -0.73 -120.45
C MET V 180 148.83 -0.02 -121.60
N GLN V 181 147.82 -0.66 -122.17
CA GLN V 181 147.12 -0.13 -123.33
C GLN V 181 145.73 0.34 -122.93
N LEU V 182 145.07 1.03 -123.86
CA LEU V 182 143.75 1.60 -123.63
C LEU V 182 142.84 1.22 -124.78
N LYS V 183 141.71 0.58 -124.47
CA LYS V 183 140.72 0.24 -125.49
C LYS V 183 139.40 0.85 -125.06
N PHE V 184 139.19 2.12 -125.42
CA PHE V 184 137.99 2.85 -125.01
C PHE V 184 137.10 3.03 -126.22
N HIS V 185 135.97 2.30 -126.23
CA HIS V 185 134.97 2.38 -127.29
C HIS V 185 133.61 2.29 -126.61
N THR V 186 132.86 3.39 -126.61
CA THR V 186 131.60 3.42 -125.88
C THR V 186 130.71 4.53 -126.42
N SER V 187 129.51 4.60 -125.85
CA SER V 187 128.53 5.63 -126.18
C SER V 187 128.38 6.57 -125.00
N LEU V 188 128.67 7.85 -125.24
CA LEU V 188 128.66 8.86 -124.19
C LEU V 188 127.50 9.83 -124.43
N GLY V 189 126.70 10.05 -123.39
CA GLY V 189 125.45 10.78 -123.52
C GLY V 189 125.43 12.12 -122.81
N LEU V 190 124.63 13.03 -123.34
CA LEU V 190 124.35 14.33 -122.74
C LEU V 190 122.87 14.43 -122.47
N GLY V 191 122.49 14.30 -121.19
CA GLY V 191 121.09 14.25 -120.83
C GLY V 191 120.38 15.58 -121.04
N GLU V 192 119.05 15.51 -120.96
CA GLU V 192 118.19 16.67 -121.14
C GLU V 192 118.29 17.67 -120.00
N GLU V 193 119.19 17.43 -119.05
CA GLU V 193 119.40 18.35 -117.95
C GLU V 193 120.89 18.52 -117.62
N SER V 194 121.76 18.06 -118.51
CA SER V 194 123.20 18.09 -118.24
C SER V 194 123.67 19.52 -118.04
N THR V 195 124.63 19.69 -117.14
CA THR V 195 125.10 21.01 -116.71
C THR V 195 126.50 21.25 -117.26
N THR V 196 126.71 22.43 -117.83
CA THR V 196 128.01 22.81 -118.39
C THR V 196 129.03 23.03 -117.28
N VAL V 197 130.32 23.05 -117.63
CA VAL V 197 131.35 23.43 -116.68
C VAL V 197 131.22 24.89 -116.27
N ALA V 198 130.58 25.71 -117.08
CA ALA V 198 130.32 27.11 -116.74
C ALA V 198 129.07 27.28 -115.89
N GLY V 199 128.30 26.21 -115.68
CA GLY V 199 127.08 26.29 -114.89
C GLY V 199 125.82 26.32 -115.72
N ALA V 200 124.71 25.91 -115.10
CA ALA V 200 123.38 25.96 -115.72
C ALA V 200 123.27 25.12 -116.99
N GLU V 201 122.11 25.19 -117.64
CA GLU V 201 121.87 24.43 -118.85
C GLU V 201 122.63 25.03 -120.03
N SER V 202 122.98 24.17 -120.99
CA SER V 202 123.69 24.64 -122.17
C SER V 202 122.74 25.41 -123.08
N ALA V 203 123.17 26.59 -123.51
CA ALA V 203 122.36 27.44 -124.38
C ALA V 203 122.38 26.97 -125.83
N LEU V 204 123.48 26.39 -126.30
CA LEU V 204 123.62 26.02 -127.70
C LEU V 204 122.67 24.92 -128.14
N LEU V 205 122.08 24.18 -127.21
CA LEU V 205 121.18 23.09 -127.54
C LEU V 205 119.82 23.26 -126.86
N LYS V 206 119.57 24.42 -126.25
CA LYS V 206 118.36 24.61 -125.46
C LYS V 206 117.10 24.46 -126.31
N ASP V 207 117.17 24.84 -127.58
CA ASP V 207 116.00 24.74 -128.45
C ASP V 207 115.54 23.29 -128.57
N LEU V 208 116.48 22.37 -128.76
CA LEU V 208 116.13 20.96 -128.70
C LEU V 208 115.76 20.54 -127.28
N PHE V 209 116.38 21.18 -126.28
CA PHE V 209 116.19 20.75 -124.90
C PHE V 209 114.76 20.98 -124.43
N ASP V 210 114.13 22.05 -124.88
CA ASP V 210 112.73 22.28 -124.53
C ASP V 210 111.85 21.13 -125.03
N LEU V 211 112.12 20.63 -126.23
CA LEU V 211 111.42 19.44 -126.70
C LEU V 211 111.88 18.18 -126.00
N GLY V 212 112.86 18.26 -125.10
CA GLY V 212 113.26 17.13 -124.31
C GLY V 212 113.85 15.97 -125.08
N TYR V 213 114.80 16.24 -125.96
CA TYR V 213 115.53 15.19 -126.65
C TYR V 213 116.96 15.10 -126.14
N ARG V 214 117.42 13.87 -125.96
CA ARG V 214 118.78 13.57 -125.54
C ARG V 214 119.57 13.04 -126.73
N ILE V 215 120.82 13.47 -126.84
CA ILE V 215 121.68 13.04 -127.92
C ILE V 215 122.69 12.02 -127.38
N GLU V 216 123.11 11.12 -128.25
CA GLU V 216 124.09 10.10 -127.89
C GLU V 216 125.34 10.30 -128.74
N LEU V 217 126.49 10.37 -128.09
CA LEU V 217 127.77 10.53 -128.75
C LEU V 217 128.58 9.25 -128.54
N ASP V 218 129.06 8.68 -129.64
CA ASP V 218 129.98 7.55 -129.54
C ASP V 218 131.41 8.07 -129.56
N VAL V 219 132.19 7.67 -128.57
CA VAL V 219 133.56 8.15 -128.41
C VAL V 219 134.51 6.98 -128.57
N LYS V 220 135.51 7.13 -129.42
CA LYS V 220 136.53 6.12 -129.63
C LYS V 220 137.90 6.75 -129.40
N VAL V 221 138.50 6.46 -128.26
CA VAL V 221 139.79 7.00 -127.86
C VAL V 221 140.74 5.85 -127.59
N ASP V 222 141.93 5.92 -128.17
CA ASP V 222 142.94 4.87 -128.05
C ASP V 222 144.17 5.42 -127.36
N GLY V 223 144.93 4.54 -126.71
CA GLY V 223 146.15 4.96 -126.05
C GLY V 223 146.94 3.80 -125.51
N GLU V 224 148.19 4.07 -125.13
CA GLU V 224 149.05 3.10 -124.48
C GLU V 224 149.90 3.81 -123.44
N MET V 225 150.26 3.07 -122.39
CA MET V 225 151.05 3.60 -121.28
C MET V 225 152.03 2.54 -120.83
N ASN V 226 153.14 2.97 -120.22
CA ASN V 226 154.08 2.05 -119.60
C ASN V 226 154.10 2.33 -118.11
N VAL V 227 154.39 1.30 -117.31
CA VAL V 227 154.38 1.44 -115.86
C VAL V 227 155.77 1.47 -115.26
N GLU V 228 156.82 1.37 -116.08
CA GLU V 228 158.18 1.33 -115.54
C GLU V 228 158.94 2.63 -115.77
N ASN V 229 158.65 3.33 -116.86
CA ASN V 229 159.44 4.49 -117.25
C ASN V 229 158.72 5.79 -116.93
N GLY V 230 157.52 5.95 -117.45
CA GLY V 230 156.79 7.21 -117.36
C GLY V 230 156.41 7.80 -118.69
N ASN V 231 156.89 7.24 -119.81
CA ASN V 231 156.46 7.68 -121.12
C ASN V 231 155.11 7.04 -121.46
N GLY V 232 154.26 7.80 -122.14
CA GLY V 232 152.97 7.28 -122.56
C GLY V 232 152.34 8.21 -123.56
N ASP V 233 151.26 7.72 -124.18
CA ASP V 233 150.54 8.52 -125.17
C ASP V 233 149.07 8.14 -125.15
N THR V 234 148.23 9.08 -125.57
CA THR V 234 146.80 8.86 -125.76
C THR V 234 146.40 9.56 -127.05
N SER V 235 145.45 8.98 -127.77
CA SER V 235 145.04 9.51 -129.07
C SER V 235 143.54 9.33 -129.25
N LEU V 236 142.90 10.33 -129.84
CA LEU V 236 141.49 10.23 -130.17
C LEU V 236 141.34 9.89 -131.64
N ARG V 237 140.40 8.98 -131.95
CA ARG V 237 140.14 8.54 -133.31
C ARG V 237 138.89 9.15 -133.90
N ALA V 238 137.76 9.04 -133.20
CA ALA V 238 136.50 9.52 -133.73
C ALA V 238 135.63 10.05 -132.59
N LEU V 239 134.93 11.15 -132.86
CA LEU V 239 133.97 11.74 -131.93
C LEU V 239 132.90 12.42 -132.77
N ARG V 240 131.69 11.89 -132.74
CA ARG V 240 130.66 12.34 -133.65
C ARG V 240 129.27 12.08 -133.06
N LEU V 241 128.28 12.77 -133.62
CA LEU V 241 126.90 12.61 -133.18
C LEU V 241 126.35 11.29 -133.69
N ALA V 242 125.84 10.46 -132.78
CA ALA V 242 125.42 9.12 -133.16
C ALA V 242 123.91 8.97 -133.24
N ARG V 243 123.21 9.23 -132.14
CA ARG V 243 121.79 8.93 -132.06
C ARG V 243 121.09 9.97 -131.22
N VAL V 244 119.79 10.15 -131.47
CA VAL V 244 118.95 11.08 -130.75
C VAL V 244 117.71 10.35 -130.25
N PHE V 245 117.40 10.52 -128.98
CA PHE V 245 116.28 9.83 -128.35
C PHE V 245 115.24 10.81 -127.85
N ASP V 246 113.97 10.39 -127.89
CA ASP V 246 112.86 11.14 -127.33
C ASP V 246 112.67 10.81 -125.86
N LYS V 247 111.54 11.20 -125.28
CA LYS V 247 111.21 10.85 -123.91
C LYS V 247 111.10 9.34 -123.70
N GLU V 248 110.79 8.58 -124.74
CA GLU V 248 110.40 7.18 -124.57
C GLU V 248 111.47 6.21 -125.00
N GLY V 249 112.70 6.67 -125.21
CA GLY V 249 113.75 5.78 -125.65
C GLY V 249 113.64 5.35 -127.09
N LYS V 250 112.82 6.03 -127.89
CA LYS V 250 112.63 5.71 -129.30
C LYS V 250 113.53 6.60 -130.15
N GLU V 251 114.30 5.95 -131.02
CA GLU V 251 115.20 6.68 -131.89
C GLU V 251 114.42 7.56 -132.84
N ILE V 252 114.88 8.80 -133.01
CA ILE V 252 114.31 9.74 -133.98
C ILE V 252 115.34 9.94 -135.08
N ALA V 253 114.86 10.02 -136.32
CA ALA V 253 115.75 10.13 -137.46
C ALA V 253 116.54 11.42 -137.42
N LEU V 254 117.84 11.32 -137.73
CA LEU V 254 118.68 12.50 -137.83
C LEU V 254 118.28 13.41 -138.98
N THR V 255 117.46 12.91 -139.92
CA THR V 255 117.02 13.70 -141.05
C THR V 255 115.63 14.30 -140.84
N ASP V 256 115.01 14.06 -139.69
CA ASP V 256 113.73 14.69 -139.39
C ASP V 256 113.92 16.18 -139.18
N SER V 257 112.89 16.95 -139.52
CA SER V 257 113.01 18.41 -139.49
C SER V 257 113.29 18.94 -138.09
N ARG V 258 112.62 18.38 -137.09
CA ARG V 258 112.74 18.92 -135.73
C ARG V 258 114.17 18.82 -135.22
N VAL V 259 114.84 17.70 -135.47
CA VAL V 259 116.24 17.56 -135.07
C VAL V 259 117.13 18.44 -135.94
N SER V 260 116.82 18.50 -137.23
CA SER V 260 117.69 19.21 -138.16
C SER V 260 117.75 20.70 -137.84
N ALA V 261 116.62 21.29 -137.46
CA ALA V 261 116.60 22.72 -137.18
C ALA V 261 117.54 23.08 -136.04
N ALA V 262 117.52 22.31 -134.96
CA ALA V 262 118.37 22.59 -133.81
C ALA V 262 119.78 22.04 -133.96
N LEU V 263 120.02 21.15 -134.92
CA LEU V 263 121.31 20.52 -135.10
C LEU V 263 121.94 20.89 -136.43
N SER V 264 121.78 22.14 -136.85
CA SER V 264 122.36 22.62 -138.11
C SER V 264 123.68 23.31 -137.82
N GLY V 265 124.74 22.83 -138.47
CA GLY V 265 126.06 23.40 -138.27
C GLY V 265 126.69 23.08 -136.93
N LEU V 266 126.26 22.01 -136.27
CA LEU V 266 126.76 21.68 -134.94
C LEU V 266 128.04 20.88 -135.06
N THR V 267 129.09 21.33 -134.37
CA THR V 267 130.41 20.73 -134.47
C THR V 267 130.93 20.37 -133.08
N VAL V 268 131.51 19.18 -132.96
CA VAL V 268 132.06 18.69 -131.71
C VAL V 268 133.53 18.36 -131.93
N THR V 269 134.38 18.80 -131.01
CA THR V 269 135.81 18.54 -131.07
C THR V 269 136.33 18.20 -129.69
N GLY V 270 137.12 17.13 -129.61
CA GLY V 270 137.75 16.77 -128.35
C GLY V 270 138.91 17.70 -128.04
N VAL V 271 139.14 17.92 -126.76
CA VAL V 271 140.17 18.87 -126.31
C VAL V 271 141.26 18.18 -125.51
N GLY V 272 140.91 17.59 -124.38
CA GLY V 272 141.95 17.10 -123.48
C GLY V 272 141.37 16.13 -122.47
N TYR V 273 142.20 15.81 -121.47
CA TYR V 273 141.86 14.78 -120.50
C TYR V 273 142.81 14.85 -119.31
N SER V 274 142.60 13.93 -118.37
CA SER V 274 143.43 13.78 -117.19
C SER V 274 143.42 12.32 -116.76
N LEU V 275 144.33 11.98 -115.84
CA LEU V 275 144.51 10.60 -115.41
C LEU V 275 144.43 10.49 -113.89
N GLU V 276 143.99 9.33 -113.42
CA GLU V 276 144.16 8.93 -112.02
C GLU V 276 145.46 8.15 -111.92
N ALA V 277 146.59 8.86 -112.04
CA ALA V 277 147.88 8.21 -112.08
C ALA V 277 148.51 8.27 -110.69
N ARG V 278 148.97 7.12 -110.22
CA ARG V 278 149.40 7.00 -108.83
C ARG V 278 150.80 6.43 -108.78
N LEU V 279 151.50 6.70 -107.69
CA LEU V 279 152.89 6.29 -107.56
C LEU V 279 153.04 5.25 -106.46
N THR V 280 153.35 4.02 -106.85
CA THR V 280 153.59 2.94 -105.89
C THR V 280 154.98 3.16 -105.32
N ASN V 281 155.07 3.91 -104.23
CA ASN V 281 156.35 4.33 -103.68
C ASN V 281 156.89 3.20 -102.82
N ILE V 282 157.87 2.48 -103.37
CA ILE V 282 158.55 1.45 -102.59
C ILE V 282 159.55 2.06 -101.62
N ASN V 283 160.36 3.02 -102.10
CA ASN V 283 161.33 3.66 -101.23
C ASN V 283 160.66 4.60 -100.24
N GLN V 284 159.42 4.98 -100.51
CA GLN V 284 158.54 5.84 -99.71
C GLN V 284 159.14 7.21 -99.41
N LEU V 285 158.35 8.25 -99.67
CA LEU V 285 158.74 9.63 -99.37
C LEU V 285 157.61 10.39 -98.71
N GLU V 286 156.60 9.70 -98.19
CA GLU V 286 155.40 10.37 -97.71
C GLU V 286 155.45 10.50 -96.20
N MET V 287 155.35 11.74 -95.71
CA MET V 287 155.35 11.98 -94.27
C MET V 287 154.03 11.56 -93.65
N GLY V 288 152.96 11.51 -94.45
CA GLY V 288 151.68 10.95 -94.09
C GLY V 288 151.00 11.62 -92.90
N LEU V 289 150.02 10.90 -92.38
CA LEU V 289 149.25 11.39 -91.24
C LEU V 289 149.88 10.90 -89.94
N LEU V 290 150.53 11.81 -89.23
CA LEU V 290 151.19 11.49 -87.98
C LEU V 290 150.17 11.18 -86.89
N ILE V 291 150.60 10.43 -85.88
CA ILE V 291 149.78 10.15 -84.70
C ILE V 291 150.63 10.40 -83.46
N ASP V 292 150.17 11.29 -82.60
CA ASP V 292 150.83 11.59 -81.34
C ASP V 292 149.81 11.55 -80.21
N SER V 293 150.19 12.12 -79.08
CA SER V 293 149.28 12.26 -77.95
C SER V 293 149.77 13.39 -77.04
N ASP V 294 148.84 13.93 -76.26
CA ASP V 294 149.12 15.03 -75.33
C ASP V 294 148.44 14.75 -74.00
N VAL V 295 148.74 15.59 -73.02
CA VAL V 295 148.15 15.51 -71.69
C VAL V 295 147.70 16.90 -71.27
N GLN V 296 146.56 16.97 -70.59
CA GLN V 296 146.05 18.22 -70.03
C GLN V 296 145.78 18.03 -68.55
N LYS V 297 146.10 19.05 -67.76
CA LYS V 297 145.83 19.05 -66.32
C LYS V 297 144.88 20.19 -65.98
N GLN V 298 143.93 19.92 -65.08
CA GLN V 298 142.98 20.91 -64.62
C GLN V 298 143.01 20.97 -63.10
N GLY V 299 142.89 22.18 -62.55
CA GLY V 299 142.90 22.37 -61.11
C GLY V 299 141.52 22.78 -60.61
N PHE V 300 141.12 22.19 -59.48
CA PHE V 300 139.83 22.46 -58.86
C PHE V 300 140.04 22.64 -57.36
N MET V 301 139.37 23.63 -56.78
CA MET V 301 139.56 24.00 -55.39
C MET V 301 138.22 24.01 -54.67
N ILE V 302 138.25 23.76 -53.38
CA ILE V 302 137.05 23.79 -52.54
C ILE V 302 137.21 24.90 -51.49
N PRO V 303 136.35 25.91 -51.48
CA PRO V 303 136.49 27.00 -50.52
C PRO V 303 135.77 26.71 -49.22
N THR V 304 136.03 27.58 -48.24
CA THR V 304 135.28 27.59 -46.98
C THR V 304 134.37 28.81 -46.95
N LEU V 305 133.10 28.60 -46.62
CA LEU V 305 132.11 29.64 -46.80
C LEU V 305 131.75 30.30 -45.47
N PRO V 306 131.19 31.51 -45.51
CA PRO V 306 130.89 32.24 -44.26
C PRO V 306 129.97 31.44 -43.35
N PRO V 307 130.21 31.51 -42.05
CA PRO V 307 129.58 30.54 -41.14
C PRO V 307 128.20 30.95 -40.70
N LEU V 308 127.38 29.95 -40.39
CA LEU V 308 126.08 30.16 -39.75
C LEU V 308 126.19 29.75 -38.28
N VAL V 309 125.97 30.69 -37.38
CA VAL V 309 126.16 30.46 -35.94
C VAL V 309 124.95 30.97 -35.17
N ILE V 310 124.49 30.16 -34.22
CA ILE V 310 123.36 30.48 -33.36
C ILE V 310 123.84 30.60 -31.92
N VAL V 311 123.23 31.52 -31.17
CA VAL V 311 123.70 31.92 -29.84
C VAL V 311 122.60 31.65 -28.82
N LYS V 312 122.98 31.17 -27.62
CA LYS V 312 122.01 30.86 -26.58
C LYS V 312 122.50 31.36 -25.23
N PRO V 313 121.69 32.10 -24.47
CA PRO V 313 122.04 32.32 -23.06
C PRO V 313 122.18 31.00 -22.34
N ALA V 314 123.25 30.83 -21.57
CA ALA V 314 123.65 29.50 -21.10
C ALA V 314 123.73 29.47 -19.59
N MET V 315 122.57 29.35 -18.95
CA MET V 315 122.49 28.85 -17.58
C MET V 315 121.23 27.98 -17.50
N VAL V 316 120.37 28.10 -18.52
CA VAL V 316 119.15 27.31 -18.65
C VAL V 316 118.96 26.88 -20.10
N GLU V 317 118.11 25.89 -20.30
CA GLU V 317 117.75 25.42 -21.63
C GLU V 317 116.60 26.27 -22.15
N ASP V 318 116.44 26.30 -23.47
CA ASP V 318 115.43 27.15 -24.11
C ASP V 318 114.84 26.44 -25.33
N ASP V 319 113.54 26.64 -25.54
CA ASP V 319 112.87 26.18 -26.74
C ASP V 319 112.12 27.29 -27.46
N LYS V 320 111.99 28.48 -26.86
CA LYS V 320 111.28 29.59 -27.48
C LYS V 320 112.15 30.81 -27.75
N THR V 321 113.37 30.85 -27.23
CA THR V 321 114.38 31.73 -27.83
C THR V 321 115.19 31.05 -28.90
N TYR V 322 115.15 29.72 -28.99
CA TYR V 322 115.82 28.98 -30.05
C TYR V 322 114.99 27.75 -30.39
N PRO V 323 114.44 27.66 -31.59
CA PRO V 323 113.83 26.40 -32.02
C PRO V 323 114.88 25.30 -32.08
N ARG V 324 114.46 24.04 -32.26
CA ARG V 324 115.37 22.92 -32.10
C ARG V 324 116.55 22.98 -33.06
N LEU V 325 117.57 22.16 -32.79
CA LEU V 325 118.80 22.08 -33.58
C LEU V 325 118.50 21.85 -35.06
N GLU V 326 117.28 21.41 -35.36
CA GLU V 326 116.86 21.26 -36.75
C GLU V 326 116.96 22.58 -37.51
N ALA V 327 116.95 23.70 -36.78
CA ALA V 327 116.97 25.00 -37.43
C ALA V 327 118.21 25.17 -38.29
N LEU V 328 119.39 24.86 -37.75
CA LEU V 328 120.62 24.98 -38.52
C LEU V 328 120.62 24.04 -39.71
N THR V 329 120.14 22.81 -39.52
CA THR V 329 120.11 21.87 -40.63
C THR V 329 119.22 22.38 -41.75
N THR V 330 118.05 22.91 -41.40
CA THR V 330 117.15 23.44 -42.42
C THR V 330 117.76 24.64 -43.14
N ALA V 331 118.36 25.55 -42.37
CA ALA V 331 118.94 26.74 -42.99
C ALA V 331 120.09 26.35 -43.92
N TYR V 332 120.94 25.45 -43.48
CA TYR V 332 122.03 24.98 -44.33
C TYR V 332 121.50 24.28 -45.58
N ARG V 333 120.50 23.43 -45.41
CA ARG V 333 119.94 22.70 -46.55
C ARG V 333 119.42 23.68 -47.60
N ILE V 334 118.54 24.58 -47.17
CA ILE V 334 117.90 25.52 -48.09
C ILE V 334 118.93 26.46 -48.69
N GLN V 335 119.95 26.83 -47.91
CA GLN V 335 121.01 27.66 -48.44
C GLN V 335 121.78 26.94 -49.54
N GLN V 336 122.09 25.67 -49.33
CA GLN V 336 123.12 25.08 -50.17
C GLN V 336 122.51 24.44 -51.42
N MET V 337 121.56 23.52 -51.27
CA MET V 337 121.17 22.76 -52.46
C MET V 337 120.52 23.62 -53.51
N ARG V 338 119.72 24.62 -53.12
CA ARG V 338 118.64 25.08 -53.98
C ARG V 338 118.90 26.48 -54.53
N ASN V 339 119.10 27.50 -53.67
CA ASN V 339 119.30 28.84 -54.20
C ASN V 339 120.62 28.93 -54.94
N ASN V 340 121.68 28.35 -54.37
CA ASN V 340 122.98 28.46 -55.02
C ASN V 340 123.01 27.65 -56.32
N ALA V 341 122.32 26.51 -56.36
CA ALA V 341 122.25 25.74 -57.60
C ALA V 341 121.47 26.49 -58.66
N VAL V 342 120.34 27.09 -58.30
CA VAL V 342 119.62 27.90 -59.29
C VAL V 342 120.50 29.04 -59.78
N THR V 343 121.28 29.63 -58.87
CA THR V 343 122.18 30.71 -59.24
C THR V 343 123.19 30.24 -60.27
N THR V 344 123.88 29.13 -60.00
CA THR V 344 124.91 28.67 -60.92
C THR V 344 124.29 28.23 -62.24
N LEU V 345 123.10 27.64 -62.21
CA LEU V 345 122.47 27.20 -63.45
C LEU V 345 122.11 28.38 -64.34
N LEU V 346 121.49 29.42 -63.77
CA LEU V 346 121.14 30.57 -64.59
C LEU V 346 122.38 31.33 -65.04
N ASN V 347 123.41 31.40 -64.20
CA ASN V 347 124.64 32.04 -64.61
C ASN V 347 125.29 31.27 -65.76
N ARG V 348 125.23 29.93 -65.71
CA ARG V 348 125.69 29.12 -66.82
C ARG V 348 124.90 29.43 -68.08
N ALA V 349 123.57 29.55 -67.94
CA ALA V 349 122.75 29.87 -69.10
C ALA V 349 123.21 31.15 -69.76
N ASP V 350 123.38 32.20 -68.96
CA ASP V 350 123.81 33.48 -69.52
C ASP V 350 125.19 33.38 -70.14
N THR V 351 126.13 32.71 -69.47
CA THR V 351 127.50 32.73 -69.96
C THR V 351 127.64 31.91 -71.24
N LEU V 352 126.86 30.83 -71.38
CA LEU V 352 126.86 30.12 -72.65
C LEU V 352 126.22 30.95 -73.74
N LYS V 353 125.08 31.59 -73.43
CA LYS V 353 124.44 32.46 -74.42
C LYS V 353 125.42 33.52 -74.92
N SER V 354 126.33 33.95 -74.04
CA SER V 354 127.33 34.93 -74.44
C SER V 354 128.43 34.30 -75.28
N TYR V 355 129.16 33.33 -74.71
CA TYR V 355 130.34 32.77 -75.37
C TYR V 355 130.00 32.10 -76.69
N LEU V 356 128.95 31.29 -76.71
CA LEU V 356 128.80 30.27 -77.74
C LEU V 356 128.01 30.71 -78.96
N GLY V 357 127.12 31.69 -78.82
CA GLY V 357 126.28 32.07 -79.94
C GLY V 357 125.15 31.09 -80.14
N VAL V 358 123.96 31.60 -80.44
CA VAL V 358 122.75 30.78 -80.41
C VAL V 358 122.68 29.96 -81.69
N GLY V 359 122.33 28.69 -81.56
CA GLY V 359 121.97 27.86 -82.71
C GLY V 359 123.08 27.58 -83.70
N VAL V 360 124.34 27.64 -83.25
CA VAL V 360 125.48 27.31 -84.10
C VAL V 360 126.52 26.59 -83.25
N PRO V 361 127.03 25.45 -83.70
CA PRO V 361 128.07 24.76 -82.93
C PRO V 361 129.45 25.28 -83.26
N HIS V 362 130.47 24.69 -82.65
CA HIS V 362 131.86 25.02 -82.93
C HIS V 362 132.68 23.74 -83.03
N PRO V 363 133.83 23.78 -83.71
CA PRO V 363 134.64 22.57 -83.84
C PRO V 363 135.17 22.06 -82.51
N ILE V 364 135.44 20.76 -82.43
CA ILE V 364 136.04 20.19 -81.24
C ILE V 364 137.39 20.86 -81.03
N GLU V 365 137.77 21.09 -79.77
CA GLU V 365 139.00 21.77 -79.42
C GLU V 365 139.04 23.18 -79.99
N SER V 366 138.07 24.02 -79.62
CA SER V 366 138.04 25.37 -80.17
C SER V 366 137.71 26.43 -79.13
N ASN V 367 137.75 26.07 -77.85
CA ASN V 367 137.48 27.04 -76.80
C ASN V 367 138.53 26.93 -75.70
N LEU V 368 138.76 28.05 -75.02
CA LEU V 368 139.71 28.11 -73.92
C LEU V 368 139.08 28.77 -72.70
N GLY V 369 138.18 29.72 -72.93
CA GLY V 369 137.59 30.48 -71.85
C GLY V 369 136.28 29.98 -71.32
N LEU V 370 135.79 28.86 -71.83
CA LEU V 370 134.54 28.27 -71.37
C LEU V 370 134.88 27.16 -70.38
N GLU V 371 134.48 27.34 -69.13
CA GLU V 371 134.76 26.36 -68.10
C GLU V 371 134.15 25.01 -68.45
N GLY V 372 134.92 23.95 -68.25
CA GLY V 372 134.41 22.62 -68.45
C GLY V 372 135.44 21.73 -69.09
N VAL V 373 135.43 20.47 -68.64
CA VAL V 373 136.27 19.43 -69.21
C VAL V 373 135.62 18.74 -70.40
N GLY V 374 134.30 18.87 -70.55
CA GLY V 374 133.59 18.25 -71.64
C GLY V 374 133.79 18.91 -72.97
N GLN V 375 134.53 20.03 -73.01
CA GLN V 375 134.88 20.63 -74.29
C GLN V 375 135.80 19.72 -75.11
N TYR V 376 136.55 18.83 -74.46
CA TYR V 376 137.44 17.92 -75.16
C TYR V 376 136.74 16.67 -75.68
N TYR V 377 135.41 16.63 -75.64
CA TYR V 377 134.67 15.47 -76.13
C TYR V 377 133.55 15.78 -77.10
N VAL V 378 132.82 16.88 -76.93
CA VAL V 378 131.62 17.15 -77.70
C VAL V 378 131.62 18.60 -78.15
N ARG V 379 131.19 18.81 -79.38
CA ARG V 379 131.09 20.17 -79.91
C ARG V 379 130.10 20.97 -79.09
N PRO V 380 130.45 22.18 -78.66
CA PRO V 380 129.50 23.00 -77.91
C PRO V 380 128.29 23.40 -78.74
N TYR V 381 127.14 23.55 -78.10
CA TYR V 381 125.91 23.90 -78.79
C TYR V 381 124.91 24.46 -77.78
N TYR V 382 124.30 25.59 -78.12
CA TYR V 382 123.30 26.22 -77.27
C TYR V 382 122.19 26.81 -78.13
N ASN V 383 120.95 26.49 -77.77
CA ASN V 383 119.80 26.80 -78.63
C ASN V 383 118.67 27.35 -77.79
N GLU V 384 117.91 28.27 -78.38
CA GLU V 384 116.77 28.92 -77.74
C GLU V 384 115.57 28.78 -78.64
N ALA V 385 114.39 28.70 -78.04
CA ALA V 385 113.15 28.63 -78.80
C ALA V 385 112.02 29.25 -77.99
N THR V 386 110.97 29.65 -78.69
CA THR V 386 109.77 30.21 -78.07
C THR V 386 108.57 29.46 -78.60
N ILE V 387 107.78 28.90 -77.69
CA ILE V 387 106.58 28.17 -78.06
C ILE V 387 105.38 29.07 -77.76
N ASP V 388 104.81 29.65 -78.82
CA ASP V 388 103.69 30.58 -78.68
C ASP V 388 102.41 29.77 -78.66
N VAL V 389 101.95 29.42 -77.46
CA VAL V 389 100.83 28.48 -77.32
C VAL V 389 99.58 29.05 -77.96
N LEU V 390 99.45 30.38 -78.00
CA LEU V 390 98.30 30.97 -78.67
C LEU V 390 98.39 30.77 -80.19
N ASN V 391 99.61 30.85 -80.74
CA ASN V 391 99.76 30.88 -82.20
C ASN V 391 100.41 29.62 -82.76
N ASP V 392 100.59 28.58 -81.95
CA ASP V 392 101.15 27.33 -82.45
C ASP V 392 100.36 26.11 -82.00
N LEU V 393 99.04 26.20 -81.97
CA LEU V 393 98.20 25.17 -81.35
C LEU V 393 96.93 25.02 -82.20
N ASN V 394 96.72 23.85 -82.79
CA ASN V 394 95.49 23.58 -83.52
C ASN V 394 94.54 22.75 -82.67
N ASN V 395 93.27 23.14 -82.66
CA ASN V 395 92.27 22.45 -81.85
C ASN V 395 90.94 22.38 -82.60
N LEU V 396 90.15 21.39 -82.24
CA LEU V 396 88.79 21.25 -82.75
C LEU V 396 87.73 21.33 -81.68
N THR V 397 87.92 20.67 -80.54
CA THR V 397 86.92 20.61 -79.49
C THR V 397 87.54 21.08 -78.19
N SER V 398 86.92 22.10 -77.59
CA SER V 398 87.50 22.71 -76.39
C SER V 398 87.46 21.76 -75.19
N ALA V 399 86.92 20.56 -75.37
CA ALA V 399 86.93 19.58 -74.30
C ALA V 399 88.24 18.80 -74.24
N ALA V 400 89.11 18.96 -75.24
CA ALA V 400 90.39 18.26 -75.28
C ALA V 400 91.58 19.20 -75.36
N LYS V 401 91.45 20.41 -74.85
CA LYS V 401 92.49 21.42 -75.02
C LYS V 401 93.79 21.02 -74.32
N GLN V 402 93.66 20.47 -73.10
CA GLN V 402 94.84 20.16 -72.30
C GLN V 402 95.72 19.13 -72.99
N THR V 403 95.10 18.06 -73.52
CA THR V 403 95.87 17.02 -74.18
C THR V 403 96.59 17.58 -75.41
N ASP V 404 95.97 18.54 -76.09
CA ASP V 404 96.57 19.08 -77.30
C ASP V 404 97.73 20.01 -76.94
N ILE V 405 97.61 20.77 -75.85
CA ILE V 405 98.75 21.53 -75.35
C ILE V 405 99.90 20.58 -75.02
N GLN V 406 99.58 19.48 -74.33
CA GLN V 406 100.59 18.49 -73.98
C GLN V 406 101.27 17.95 -75.23
N GLY V 407 100.49 17.67 -76.27
CA GLY V 407 101.06 17.20 -77.52
C GLY V 407 102.01 18.21 -78.14
N LEU V 408 101.60 19.48 -78.17
CA LEU V 408 102.47 20.52 -78.71
C LEU V 408 103.81 20.56 -77.98
N ILE V 409 103.76 20.62 -76.64
CA ILE V 409 105.00 20.76 -75.88
C ILE V 409 105.88 19.53 -76.05
N VAL V 410 105.29 18.34 -75.95
CA VAL V 410 106.08 17.11 -76.05
C VAL V 410 106.72 16.99 -77.43
N SER V 411 105.97 17.31 -78.48
CA SER V 411 106.53 17.21 -79.83
C SER V 411 107.69 18.17 -80.01
N LYS V 412 107.55 19.41 -79.52
CA LYS V 412 108.67 20.33 -79.63
C LYS V 412 109.89 19.83 -78.87
N ILE V 413 109.69 19.32 -77.66
CA ILE V 413 110.81 18.80 -76.87
C ILE V 413 111.49 17.65 -77.59
N ASN V 414 110.70 16.74 -78.16
CA ASN V 414 111.27 15.62 -78.89
C ASN V 414 112.12 16.09 -80.06
N GLU V 415 111.58 17.01 -80.85
CA GLU V 415 112.32 17.47 -82.03
C GLU V 415 113.60 18.18 -81.61
N MET V 416 113.55 18.98 -80.55
CA MET V 416 114.75 19.65 -80.08
C MET V 416 115.81 18.66 -79.61
N VAL V 417 115.41 17.64 -78.85
CA VAL V 417 116.38 16.65 -78.38
C VAL V 417 117.02 15.94 -79.57
N TYR V 418 116.20 15.54 -80.53
CA TYR V 418 116.73 14.83 -81.69
C TYR V 418 117.72 15.71 -82.45
N THR V 419 117.35 16.97 -82.69
CA THR V 419 118.22 17.85 -83.45
C THR V 419 119.54 18.10 -82.74
N ALA V 420 119.49 18.33 -81.42
CA ALA V 420 120.71 18.56 -80.67
C ALA V 420 121.58 17.31 -80.64
N ASP V 421 120.96 16.14 -80.59
CA ASP V 421 121.74 14.90 -80.66
C ASP V 421 122.45 14.77 -81.99
N GLN V 422 121.77 15.13 -83.08
CA GLN V 422 122.35 14.88 -84.40
C GLN V 422 123.58 15.74 -84.66
N LEU V 423 123.60 16.97 -84.12
CA LEU V 423 124.68 17.90 -84.49
C LEU V 423 125.84 17.89 -83.51
N THR V 424 125.80 17.08 -82.46
CA THR V 424 126.87 17.11 -81.47
C THR V 424 127.67 15.81 -81.39
N GLY V 425 127.15 14.71 -81.90
CA GLY V 425 127.85 13.45 -81.80
C GLY V 425 128.02 12.96 -80.37
N TYR V 426 127.05 13.25 -79.51
CA TYR V 426 127.15 12.82 -78.13
C TYR V 426 127.04 11.30 -78.02
N THR V 427 126.18 10.69 -78.84
CA THR V 427 125.99 9.24 -78.77
C THR V 427 127.29 8.51 -79.09
N ALA V 428 127.99 8.93 -80.14
CA ALA V 428 129.26 8.28 -80.49
C ALA V 428 130.30 8.51 -79.41
N ALA V 429 130.31 9.69 -78.81
CA ALA V 429 131.23 9.95 -77.72
C ALA V 429 130.98 9.02 -76.54
N LEU V 430 129.72 8.80 -76.19
CA LEU V 430 129.40 7.85 -75.14
C LEU V 430 129.81 6.45 -75.53
N GLU V 431 129.57 6.07 -76.78
CA GLU V 431 129.93 4.73 -77.23
C GLU V 431 131.42 4.49 -77.12
N ALA V 432 132.22 5.49 -77.47
CA ALA V 432 133.67 5.33 -77.40
C ALA V 432 134.17 5.38 -75.96
N ALA V 433 133.62 6.29 -75.15
CA ALA V 433 134.13 6.48 -73.80
C ALA V 433 133.92 5.23 -72.94
N PHE V 434 132.77 4.59 -73.08
CA PHE V 434 132.43 3.41 -72.28
C PHE V 434 132.48 2.18 -73.16
N SER V 435 132.76 1.04 -72.53
CA SER V 435 132.88 -0.23 -73.24
C SER V 435 131.91 -1.23 -72.65
N GLY V 436 131.39 -2.10 -73.52
CA GLY V 436 130.48 -3.15 -73.10
C GLY V 436 129.03 -2.74 -73.06
N ARG V 437 128.73 -1.45 -73.08
CA ARG V 437 127.35 -0.99 -73.06
C ARG V 437 127.32 0.45 -73.56
N SER V 438 126.37 0.72 -74.45
CA SER V 438 126.14 2.08 -74.93
C SER V 438 124.91 2.64 -74.24
N PRO V 439 125.06 3.38 -73.15
CA PRO V 439 123.88 3.92 -72.46
C PRO V 439 123.11 4.87 -73.36
N LYS V 440 121.81 4.81 -73.26
CA LYS V 440 121.09 5.80 -74.04
C LYS V 440 121.27 7.18 -73.43
N PRO V 441 121.31 8.22 -74.25
CA PRO V 441 121.46 9.58 -73.72
C PRO V 441 120.31 9.93 -72.78
N HIS V 442 120.65 10.05 -71.50
CA HIS V 442 119.68 10.34 -70.45
C HIS V 442 119.45 11.83 -70.33
N VAL V 443 118.20 12.24 -70.27
CA VAL V 443 117.81 13.64 -70.31
C VAL V 443 117.21 14.01 -68.95
N ALA V 444 117.61 15.17 -68.43
CA ALA V 444 117.04 15.70 -67.19
C ALA V 444 116.11 16.86 -67.53
N ILE V 445 114.91 16.85 -66.93
CA ILE V 445 113.89 17.86 -67.19
C ILE V 445 113.65 18.61 -65.89
N GLY V 446 114.14 19.84 -65.81
CA GLY V 446 113.92 20.70 -64.66
C GLY V 446 113.05 21.89 -65.05
N THR V 447 111.96 22.06 -64.31
CA THR V 447 110.96 23.10 -64.57
C THR V 447 110.36 23.52 -63.24
N ASP V 448 109.52 24.56 -63.30
CA ASP V 448 108.85 25.05 -62.09
C ASP V 448 107.57 24.27 -61.82
N MET V 449 106.76 24.76 -60.87
CA MET V 449 105.63 24.00 -60.35
C MET V 449 104.44 23.91 -61.31
N ARG V 450 104.43 24.67 -62.41
CA ARG V 450 103.23 24.77 -63.22
C ARG V 450 103.26 23.84 -64.43
N LEU V 451 104.29 23.93 -65.25
CA LEU V 451 104.40 23.21 -66.50
C LEU V 451 104.27 21.69 -66.43
N PRO V 452 104.87 21.01 -65.44
CA PRO V 452 104.89 19.54 -65.48
C PRO V 452 103.52 18.92 -65.63
N GLN V 453 102.48 19.52 -65.08
CA GLN V 453 101.14 18.99 -65.27
C GLN V 453 100.63 19.23 -66.69
N TYR V 454 101.36 20.01 -67.48
CA TYR V 454 101.04 20.16 -68.89
C TYR V 454 102.03 19.44 -69.81
N ILE V 455 103.29 19.34 -69.42
CA ILE V 455 104.23 18.48 -70.12
C ILE V 455 103.78 17.03 -70.04
N GLN V 456 103.36 16.60 -68.85
CA GLN V 456 103.03 15.23 -68.54
C GLN V 456 101.74 15.18 -67.73
N ILE V 457 100.71 14.57 -68.32
CA ILE V 457 99.40 14.54 -67.70
C ILE V 457 99.30 13.36 -66.76
N ASN V 458 99.39 12.16 -67.31
CA ASN V 458 99.28 10.92 -66.54
C ASN V 458 100.26 9.84 -66.97
N GLY V 459 101.00 10.03 -68.05
CA GLY V 459 101.95 9.04 -68.53
C GLY V 459 102.03 9.03 -70.04
N ASP V 460 103.25 9.08 -70.58
CA ASP V 460 103.44 9.16 -72.01
C ASP V 460 104.55 8.21 -72.47
N ASP V 461 104.45 7.79 -73.73
CA ASP V 461 105.45 6.92 -74.32
C ASP V 461 106.57 7.69 -75.01
N ARG V 462 106.42 9.01 -75.16
CA ARG V 462 107.41 9.85 -75.82
C ARG V 462 107.63 11.12 -75.00
N THR V 463 107.66 10.96 -73.68
CA THR V 463 107.71 12.11 -72.79
C THR V 463 108.86 13.05 -73.14
N VAL V 464 110.05 12.52 -73.35
CA VAL V 464 111.15 13.31 -73.88
C VAL V 464 111.54 12.71 -75.22
N GLY V 465 110.93 11.59 -75.57
CA GLY V 465 111.16 10.94 -76.84
C GLY V 465 111.38 9.46 -76.69
N ILE V 466 111.60 8.81 -77.84
CA ILE V 466 111.73 7.36 -77.92
C ILE V 466 113.20 7.00 -77.76
N GLY V 467 113.47 5.95 -77.01
CA GLY V 467 114.83 5.55 -76.75
C GLY V 467 115.57 6.42 -75.76
N TYR V 468 114.85 7.26 -75.02
CA TYR V 468 115.47 8.13 -74.03
C TYR V 468 114.76 7.96 -72.70
N ASP V 469 115.55 7.98 -71.64
CA ASP V 469 115.03 8.03 -70.28
C ASP V 469 114.98 9.48 -69.84
N TYR V 470 114.21 9.75 -68.78
CA TYR V 470 113.94 11.12 -68.38
C TYR V 470 113.66 11.18 -66.89
N THR V 471 113.56 12.42 -66.39
CA THR V 471 113.12 12.67 -65.02
C THR V 471 112.50 14.06 -64.97
N ILE V 472 111.27 14.15 -64.48
CA ILE V 472 110.60 15.42 -64.32
C ILE V 472 110.90 15.95 -62.93
N ALA V 473 111.78 16.94 -62.85
CA ALA V 473 112.20 17.52 -61.59
C ALA V 473 111.59 18.92 -61.46
N ARG V 474 110.88 19.13 -60.36
CA ARG V 474 110.21 20.40 -60.11
C ARG V 474 110.96 21.20 -59.06
N ILE V 475 111.02 22.50 -59.27
CA ILE V 475 111.65 23.42 -58.32
C ILE V 475 110.73 24.61 -58.18
N SER V 476 110.59 25.10 -56.94
CA SER V 476 109.62 26.13 -56.63
C SER V 476 110.19 27.53 -56.69
N ASP V 477 111.44 27.70 -57.12
CA ASP V 477 112.06 29.01 -57.11
C ASP V 477 111.34 29.97 -58.05
N LEU V 478 111.37 31.25 -57.72
CA LEU V 478 110.65 32.26 -58.47
C LEU V 478 111.53 32.96 -59.51
N ARG V 479 112.66 32.38 -59.88
CA ARG V 479 113.38 32.82 -61.07
C ARG V 479 113.19 31.91 -62.26
N MET V 480 112.81 30.66 -62.02
CA MET V 480 112.53 29.71 -63.10
C MET V 480 111.07 29.76 -63.52
N LYS V 481 110.40 30.90 -63.36
CA LYS V 481 109.00 31.02 -63.74
C LYS V 481 108.82 30.78 -65.23
N ASP V 482 108.17 29.67 -65.58
CA ASP V 482 107.84 29.29 -66.94
C ASP V 482 109.07 29.06 -67.82
N LYS V 483 110.13 28.45 -67.27
CA LYS V 483 111.30 28.06 -68.05
C LYS V 483 111.45 26.55 -68.03
N ILE V 484 111.94 26.01 -69.14
CA ILE V 484 112.29 24.60 -69.24
C ILE V 484 113.75 24.51 -69.64
N VAL V 485 114.58 23.97 -68.76
CA VAL V 485 116.02 23.88 -68.98
C VAL V 485 116.39 22.42 -69.12
N MET V 486 117.10 22.09 -70.20
CA MET V 486 117.35 20.71 -70.59
C MET V 486 118.83 20.51 -70.87
N THR V 487 119.31 19.30 -70.63
CA THR V 487 120.68 18.94 -70.95
C THR V 487 120.81 17.42 -70.91
N PHE V 488 122.03 16.95 -71.17
CA PHE V 488 122.34 15.54 -71.06
C PHE V 488 123.15 15.28 -69.79
N ILE V 489 122.90 14.14 -69.16
CA ILE V 489 123.58 13.77 -67.92
C ILE V 489 123.60 12.25 -67.80
N LEU V 490 124.63 11.74 -67.13
CA LEU V 490 124.80 10.33 -66.84
C LEU V 490 124.38 10.04 -65.41
N PRO V 491 123.43 9.14 -65.19
CA PRO V 491 122.93 8.90 -63.83
C PRO V 491 123.69 7.84 -63.05
N ASN V 492 124.45 6.97 -63.71
CA ASN V 492 125.08 5.83 -63.05
C ASN V 492 126.51 6.10 -62.62
N GLU V 493 127.03 7.29 -62.89
CA GLU V 493 128.38 7.64 -62.47
C GLU V 493 128.44 7.80 -60.96
N SER V 494 129.65 7.70 -60.42
CA SER V 494 129.88 7.92 -59.00
C SER V 494 131.08 8.83 -58.79
N GLU V 495 131.81 9.07 -59.81
CA GLU V 495 133.02 9.87 -59.77
C GLU V 495 133.07 10.81 -60.97
N PRO V 496 133.82 11.91 -60.87
CA PRO V 496 133.80 12.91 -61.95
C PRO V 496 134.13 12.36 -63.32
N HIS V 497 133.38 12.76 -64.33
CA HIS V 497 133.57 12.22 -65.66
C HIS V 497 133.48 13.35 -66.66
N PRO V 498 134.29 13.33 -67.72
CA PRO V 498 134.29 14.43 -68.69
C PRO V 498 132.98 14.60 -69.45
N LEU V 499 132.12 13.59 -69.47
CA LEU V 499 130.83 13.72 -70.12
C LEU V 499 129.68 13.92 -69.15
N GLN V 500 129.96 14.08 -67.86
CA GLN V 500 128.94 14.44 -66.89
C GLN V 500 128.71 15.95 -66.93
N HIS V 501 127.48 16.36 -66.62
CA HIS V 501 127.15 17.77 -66.71
C HIS V 501 127.97 18.61 -65.74
N GLY V 502 128.08 18.17 -64.49
CA GLY V 502 128.84 18.92 -63.51
C GLY V 502 128.76 18.23 -62.17
N VAL V 503 129.75 18.53 -61.33
CA VAL V 503 129.89 17.88 -60.04
C VAL V 503 129.88 18.93 -58.94
N LEU V 504 129.21 18.59 -57.85
CA LEU V 504 129.10 19.47 -56.69
C LEU V 504 130.15 19.03 -55.67
N GLY V 505 131.25 19.78 -55.60
CA GLY V 505 132.29 19.46 -54.65
C GLY V 505 131.76 19.57 -53.24
N PHE V 506 131.60 18.42 -52.58
CA PHE V 506 130.98 18.37 -51.27
C PHE V 506 131.93 17.69 -50.30
N ILE V 507 132.42 18.45 -49.33
CA ILE V 507 133.30 17.97 -48.28
C ILE V 507 132.52 18.06 -46.96
N PRO V 508 132.46 16.99 -46.16
CA PRO V 508 131.62 17.03 -44.97
C PRO V 508 132.14 18.03 -43.96
N GLU V 509 131.23 18.57 -43.15
CA GLU V 509 131.52 19.68 -42.27
C GLU V 509 130.84 19.43 -40.93
N TYR V 510 131.61 19.43 -39.86
CA TYR V 510 131.10 19.02 -38.57
C TYR V 510 130.62 20.23 -37.75
N LEU V 511 129.61 19.97 -36.93
CA LEU V 511 129.04 20.99 -36.06
C LEU V 511 129.88 21.15 -34.82
N VAL V 512 130.24 22.40 -34.50
CA VAL V 512 131.15 22.70 -33.39
C VAL V 512 130.34 23.32 -32.27
N ASP V 513 130.53 22.82 -31.05
CA ASP V 513 129.86 23.31 -29.86
C ASP V 513 130.89 23.62 -28.78
N PHE V 514 130.71 24.76 -28.10
CA PHE V 514 131.58 25.12 -26.99
C PHE V 514 131.01 26.34 -26.29
N ASN V 515 131.71 26.75 -25.24
CA ASN V 515 131.38 27.96 -24.50
C ASN V 515 132.29 29.10 -24.95
N MET V 516 131.73 30.29 -25.10
CA MET V 516 132.47 31.44 -25.60
C MET V 516 132.21 32.66 -24.73
N ILE V 517 133.23 33.51 -24.62
CA ILE V 517 133.15 34.76 -23.87
C ILE V 517 133.54 35.90 -24.80
N ARG V 518 132.57 36.52 -25.44
CA ARG V 518 132.81 37.63 -26.34
C ARG V 518 132.36 38.92 -25.70
N ASN V 519 133.32 39.81 -25.47
CA ASN V 519 133.09 41.09 -24.79
C ASN V 519 132.42 40.89 -23.43
N GLN V 520 132.85 39.83 -22.74
CA GLN V 520 132.37 39.48 -21.40
C GLN V 520 130.91 39.10 -21.36
N ARG V 521 130.38 38.53 -22.45
CA ARG V 521 129.01 38.02 -22.48
C ARG V 521 129.05 36.51 -22.62
N ILE V 522 128.32 35.81 -21.76
CA ILE V 522 128.36 34.35 -21.72
C ILE V 522 127.14 33.82 -22.47
N GLY V 523 127.39 33.08 -23.53
CA GLY V 523 126.33 32.39 -24.25
C GLY V 523 126.89 31.26 -25.08
N ARG V 524 126.14 30.16 -25.13
CA ARG V 524 126.56 29.01 -25.90
C ARG V 524 126.56 29.35 -27.39
N GLU V 525 127.56 28.86 -28.10
CA GLU V 525 127.71 29.11 -29.52
C GLU V 525 127.59 27.80 -30.26
N ILE V 526 126.77 27.79 -31.30
CA ILE V 526 126.65 26.65 -32.20
C ILE V 526 126.90 27.15 -33.61
N ARG V 527 127.99 26.69 -34.22
CA ARG V 527 128.42 27.19 -35.52
C ARG V 527 128.38 26.05 -36.52
N LEU V 528 127.94 26.35 -37.74
CA LEU V 528 127.94 25.38 -38.83
C LEU V 528 128.79 25.96 -39.95
N THR V 529 129.97 25.38 -40.17
CA THR V 529 130.82 25.95 -41.20
C THR V 529 130.53 25.30 -42.55
N PRO V 530 130.09 26.07 -43.54
CA PRO V 530 129.74 25.48 -44.84
C PRO V 530 130.92 25.42 -45.79
N ARG V 531 131.05 24.31 -46.51
CA ARG V 531 132.09 24.14 -47.53
C ARG V 531 131.50 23.39 -48.71
N TYR V 532 131.43 24.04 -49.87
CA TYR V 532 130.96 23.40 -51.09
C TYR V 532 131.23 24.31 -52.28
N ARG V 533 130.98 23.78 -53.47
CA ARG V 533 131.06 24.54 -54.71
C ARG V 533 130.45 23.74 -55.84
N TYR V 534 129.80 24.46 -56.76
CA TYR V 534 129.21 23.85 -57.94
C TYR V 534 130.16 24.00 -59.12
N PHE V 535 130.52 22.89 -59.74
CA PHE V 535 131.41 22.90 -60.89
C PHE V 535 130.65 22.49 -62.15
N ASN V 536 131.16 22.93 -63.30
CA ASN V 536 130.50 22.75 -64.57
C ASN V 536 131.44 22.04 -65.54
N PHE V 537 130.93 21.01 -66.23
CA PHE V 537 131.74 20.28 -67.18
C PHE V 537 131.15 20.43 -68.58
N LEU V 538 129.90 20.03 -68.81
CA LEU V 538 129.42 19.90 -70.17
C LEU V 538 129.11 21.27 -70.77
N PRO V 539 129.63 21.56 -71.96
CA PRO V 539 129.21 22.78 -72.67
C PRO V 539 128.00 22.52 -73.55
N ILE V 540 126.94 21.96 -72.98
CA ILE V 540 125.75 21.60 -73.74
C ILE V 540 124.54 21.75 -72.82
N MET V 541 123.50 22.43 -73.32
CA MET V 541 122.23 22.57 -72.61
C MET V 541 121.25 23.34 -73.48
N LEU V 542 119.97 23.01 -73.35
CA LEU V 542 118.92 23.55 -74.19
C LEU V 542 117.86 24.20 -73.31
N VAL V 543 117.51 25.45 -73.62
CA VAL V 543 116.51 26.18 -72.86
C VAL V 543 115.43 26.65 -73.82
N ILE V 544 114.17 26.41 -73.45
CA ILE V 544 113.02 26.90 -74.20
C ILE V 544 112.20 27.76 -73.26
N ASN V 545 111.54 28.77 -73.82
CA ASN V 545 110.66 29.65 -73.06
C ASN V 545 109.22 29.38 -73.48
N VAL V 546 108.35 29.20 -72.50
CA VAL V 546 106.91 29.06 -72.76
C VAL V 546 106.22 30.34 -72.30
N ILE V 547 105.39 30.90 -73.17
CA ILE V 547 104.69 32.14 -72.89
C ILE V 547 103.25 31.99 -73.35
N ASN V 548 102.41 32.94 -72.94
CA ASN V 548 101.05 33.08 -73.44
C ASN V 548 100.18 31.86 -73.14
N LEU V 549 100.59 31.03 -72.18
CA LEU V 549 99.84 29.81 -71.89
C LEU V 549 98.45 30.13 -71.36
N GLU V 550 98.30 31.28 -70.71
CA GLU V 550 97.01 31.63 -70.11
C GLU V 550 95.96 31.95 -71.16
N GLU V 551 96.21 33.00 -71.96
CA GLU V 551 95.18 33.48 -72.87
C GLU V 551 94.91 32.49 -73.99
N ALA V 552 95.82 31.52 -74.19
CA ALA V 552 95.51 30.42 -75.09
C ALA V 552 94.26 29.68 -74.64
N ILE V 553 94.19 29.35 -73.35
CA ILE V 553 92.96 28.79 -72.81
C ILE V 553 91.86 29.86 -72.77
N ALA V 554 92.23 31.10 -72.45
CA ALA V 554 91.23 32.13 -72.21
C ALA V 554 90.44 32.51 -73.46
N GLN V 555 91.11 32.80 -74.58
CA GLN V 555 90.40 33.17 -75.80
C GLN V 555 90.31 31.99 -76.76
N ARG V 556 89.65 32.24 -77.87
CA ARG V 556 89.37 31.23 -78.88
C ARG V 556 90.65 30.87 -79.62
N THR V 557 90.87 29.58 -79.82
CA THR V 557 91.94 29.12 -80.69
C THR V 557 91.40 28.02 -81.60
N ALA V 558 90.78 28.43 -82.69
CA ALA V 558 90.20 27.51 -83.66
C ALA V 558 91.23 27.24 -84.75
N LEU V 559 90.98 26.21 -85.57
CA LEU V 559 91.88 25.88 -86.67
C LEU V 559 92.10 27.12 -87.54
N ASP V 560 93.33 27.61 -87.56
CA ASP V 560 93.66 28.83 -88.29
C ASP V 560 93.58 28.45 -89.76
N VAL V 561 92.36 28.17 -90.20
CA VAL V 561 92.09 27.45 -91.44
C VAL V 561 92.79 28.17 -92.58
N ASN V 562 93.76 27.50 -93.18
CA ASN V 562 94.55 28.12 -94.22
C ASN V 562 93.73 28.15 -95.49
N GLU V 563 93.13 29.31 -95.78
CA GLU V 563 92.38 29.47 -97.02
C GLU V 563 93.33 29.51 -98.22
N THR V 564 93.66 28.34 -98.74
CA THR V 564 94.80 28.19 -99.64
C THR V 564 94.37 28.26 -101.09
N GLN V 565 93.44 29.17 -101.38
CA GLN V 565 93.30 29.78 -102.70
C GLN V 565 92.99 28.74 -103.78
N VAL V 566 91.85 28.10 -103.64
CA VAL V 566 91.15 27.57 -104.80
C VAL V 566 90.23 28.69 -105.24
N THR V 567 90.81 29.65 -105.94
CA THR V 567 90.24 30.95 -106.24
C THR V 567 90.97 31.57 -107.42
N PRO V 568 90.38 32.57 -108.07
CA PRO V 568 91.12 33.32 -109.10
C PRO V 568 92.31 34.09 -108.53
N ALA V 569 93.03 34.79 -109.40
CA ALA V 569 94.14 35.67 -109.03
C ALA V 569 95.35 34.90 -108.51
N SER V 570 95.33 33.58 -108.65
CA SER V 570 96.48 32.75 -108.28
C SER V 570 96.35 31.36 -108.90
N HIS W 1 101.49 -19.15 -115.35
CA HIS W 1 101.04 -17.83 -114.96
C HIS W 1 99.53 -17.84 -114.81
N GLU W 2 99.01 -17.11 -113.82
CA GLU W 2 97.59 -17.22 -113.49
C GLU W 2 96.72 -16.55 -114.55
N PHE W 3 97.13 -15.38 -115.04
CA PHE W 3 96.21 -14.49 -115.74
C PHE W 3 95.63 -15.14 -116.98
N ALA W 4 96.44 -15.90 -117.72
CA ALA W 4 95.93 -16.53 -118.93
C ALA W 4 94.83 -17.54 -118.61
N GLU W 5 95.10 -18.48 -117.69
CA GLU W 5 94.10 -19.49 -117.38
C GLU W 5 92.95 -18.93 -116.56
N LEU W 6 93.06 -17.68 -116.13
CA LEU W 6 91.95 -17.08 -115.37
C LEU W 6 90.84 -16.61 -116.31
N PHE W 7 91.19 -16.19 -117.52
CA PHE W 7 90.21 -15.62 -118.44
C PHE W 7 89.77 -16.58 -119.54
N TYR W 8 90.68 -17.37 -120.08
CA TYR W 8 90.36 -18.33 -121.12
C TYR W 8 90.91 -19.69 -120.69
N ARG W 9 90.05 -20.50 -120.09
CA ARG W 9 90.50 -21.78 -119.54
C ARG W 9 90.86 -22.75 -120.67
N THR W 10 91.92 -23.52 -120.43
CA THR W 10 92.51 -24.36 -121.47
C THR W 10 91.71 -25.64 -121.66
N TYR W 11 91.29 -25.89 -122.90
CA TYR W 11 90.58 -27.11 -123.27
C TYR W 11 91.45 -27.86 -124.27
N ILE W 12 92.06 -28.96 -123.81
CA ILE W 12 92.93 -29.77 -124.66
C ILE W 12 92.06 -30.58 -125.61
N VAL W 13 92.29 -30.43 -126.90
CA VAL W 13 91.61 -31.22 -127.92
C VAL W 13 92.64 -32.10 -128.61
N THR W 14 92.30 -33.37 -128.80
CA THR W 14 93.22 -34.33 -129.38
C THR W 14 93.52 -33.95 -130.83
N PRO W 15 94.69 -34.33 -131.36
CA PRO W 15 95.01 -33.97 -132.74
C PRO W 15 94.26 -34.80 -133.78
N ASP W 16 93.25 -35.54 -133.35
CA ASP W 16 92.36 -36.23 -134.27
C ASP W 16 91.14 -35.41 -134.67
N GLN W 17 90.91 -34.28 -134.00
CA GLN W 17 89.80 -33.39 -134.35
C GLN W 17 90.36 -32.05 -134.75
N ALA W 18 89.72 -31.41 -135.73
CA ALA W 18 90.08 -30.06 -136.10
C ALA W 18 89.21 -29.01 -135.44
N GLY W 19 88.26 -29.41 -134.62
CA GLY W 19 87.38 -28.45 -133.98
C GLY W 19 86.39 -29.13 -133.06
N PHE W 20 85.48 -28.34 -132.50
CA PHE W 20 84.49 -28.83 -131.57
C PHE W 20 83.18 -28.10 -131.81
N GLN W 21 82.09 -28.88 -131.83
CA GLN W 21 80.76 -28.38 -132.14
C GLN W 21 79.91 -28.35 -130.88
N LEU W 22 79.22 -27.23 -130.67
CA LEU W 22 78.42 -26.99 -129.47
C LEU W 22 76.98 -26.72 -129.85
N SER W 23 76.06 -27.28 -129.07
CA SER W 23 74.62 -27.10 -129.30
C SER W 23 73.97 -26.49 -128.06
N ILE W 24 73.09 -25.52 -128.28
CA ILE W 24 72.40 -24.84 -127.20
C ILE W 24 70.95 -25.28 -127.20
N ARG W 25 70.43 -25.65 -126.03
CA ARG W 25 69.02 -25.94 -125.87
C ARG W 25 68.30 -24.65 -125.53
N ARG W 26 67.21 -24.37 -126.24
CA ARG W 26 66.43 -23.17 -126.02
C ARG W 26 64.97 -23.53 -125.88
N ASN W 27 64.44 -23.42 -124.66
CA ASN W 27 63.06 -23.75 -124.36
C ASN W 27 62.21 -22.53 -124.65
N LEU W 28 61.25 -22.68 -125.56
CA LEU W 28 60.66 -21.55 -126.25
C LEU W 28 59.17 -21.43 -125.94
N VAL W 29 58.66 -20.20 -126.02
CA VAL W 29 57.24 -19.90 -125.88
C VAL W 29 56.83 -18.99 -127.02
N TRP W 30 55.69 -19.31 -127.65
CA TRP W 30 55.21 -18.51 -128.77
C TRP W 30 53.72 -18.78 -128.93
N GLU W 31 53.05 -17.81 -129.53
CA GLU W 31 51.59 -17.81 -129.62
C GLU W 31 51.14 -18.16 -131.03
N GLY W 32 49.91 -18.69 -131.12
CA GLY W 32 49.33 -19.03 -132.40
C GLY W 32 50.04 -20.18 -133.08
N TRP W 33 49.53 -20.61 -134.23
CA TRP W 33 50.15 -21.67 -135.00
C TRP W 33 50.18 -21.24 -136.46
N THR W 34 51.35 -20.85 -136.94
CA THR W 34 51.52 -20.66 -138.37
C THR W 34 51.32 -21.99 -139.06
N GLY W 35 50.58 -21.98 -140.16
CA GLY W 35 49.96 -23.17 -140.72
C GLY W 35 48.45 -23.06 -140.79
N GLU W 36 47.83 -22.42 -139.80
CA GLU W 36 46.51 -21.83 -139.95
C GLU W 36 46.60 -20.36 -139.58
N GLY W 37 46.10 -19.52 -140.47
CA GLY W 37 46.11 -18.10 -140.22
C GLY W 37 45.22 -17.36 -141.20
N LEU W 38 45.38 -16.05 -141.31
CA LEU W 38 44.58 -15.25 -142.22
C LEU W 38 45.14 -15.40 -143.63
N SER W 39 44.29 -15.90 -144.53
CA SER W 39 44.73 -16.32 -145.85
C SER W 39 45.91 -17.28 -145.73
N GLY W 40 45.83 -18.17 -144.75
CA GLY W 40 46.90 -19.10 -144.49
C GLY W 40 48.10 -18.48 -143.82
N GLU W 41 49.30 -18.87 -144.25
CA GLU W 41 50.53 -18.43 -143.60
C GLU W 41 51.06 -17.13 -144.22
N LYS W 42 51.73 -16.33 -143.39
CA LYS W 42 52.31 -15.08 -143.87
C LYS W 42 53.71 -14.82 -143.34
N GLN W 43 54.60 -15.82 -143.30
CA GLN W 43 55.98 -15.64 -142.88
C GLN W 43 56.07 -15.06 -141.47
N GLU W 44 55.46 -15.72 -140.50
CA GLU W 44 55.43 -15.25 -139.12
C GLU W 44 56.34 -16.10 -138.27
N ILE W 45 57.30 -15.47 -137.60
CA ILE W 45 58.15 -16.10 -136.62
C ILE W 45 58.25 -15.14 -135.44
N SER W 46 57.58 -15.47 -134.34
CA SER W 46 57.58 -14.61 -133.16
C SER W 46 58.27 -15.31 -131.99
N LYS W 47 59.23 -16.19 -132.30
CA LYS W 47 59.92 -16.95 -131.27
C LYS W 47 60.62 -16.01 -130.30
N ARG W 48 60.40 -16.24 -129.01
CA ARG W 48 60.91 -15.38 -127.96
C ARG W 48 61.26 -16.21 -126.73
N ASN W 49 62.45 -15.96 -126.18
CA ASN W 49 62.94 -16.78 -125.08
C ASN W 49 62.11 -16.58 -123.82
N ILE W 50 61.92 -17.67 -123.07
CA ILE W 50 61.13 -17.58 -121.85
C ILE W 50 61.81 -16.71 -120.81
N LEU W 51 63.16 -16.68 -120.80
CA LEU W 51 63.86 -15.85 -119.83
C LEU W 51 63.61 -14.36 -120.07
N GLN W 52 63.12 -14.00 -121.25
CA GLN W 52 62.68 -12.63 -121.47
C GLN W 52 61.54 -12.28 -120.52
N GLY W 53 60.72 -13.27 -120.16
CA GLY W 53 59.67 -13.07 -119.18
C GLY W 53 60.15 -12.76 -117.78
N LEU W 54 61.30 -13.31 -117.38
CA LEU W 54 61.83 -13.01 -116.06
C LEU W 54 62.27 -11.56 -115.95
N LEU W 55 62.10 -10.79 -117.03
CA LEU W 55 62.50 -9.38 -117.04
C LEU W 55 61.42 -8.48 -117.62
N ASP W 56 60.27 -9.02 -118.04
CA ASP W 56 59.24 -8.23 -118.70
C ASP W 56 57.87 -8.78 -118.34
N TYR W 57 56.81 -8.15 -118.88
CA TYR W 57 55.46 -8.57 -118.57
C TYR W 57 54.58 -8.74 -119.78
N THR W 58 55.08 -8.53 -121.00
CA THR W 58 54.25 -8.64 -122.19
C THR W 58 54.43 -9.95 -122.92
N THR W 59 55.59 -10.58 -122.76
CA THR W 59 55.84 -11.86 -123.42
C THR W 59 54.93 -12.97 -122.89
N LEU W 60 54.55 -12.89 -121.62
CA LEU W 60 53.64 -13.86 -121.04
C LEU W 60 52.36 -13.17 -120.60
N GLU W 61 51.40 -13.10 -121.53
CA GLU W 61 50.08 -12.54 -121.25
C GLU W 61 49.16 -12.89 -122.42
N THR W 62 47.87 -13.09 -122.14
CA THR W 62 46.99 -13.53 -123.21
C THR W 62 45.54 -13.28 -122.84
N ASN W 63 44.75 -12.95 -123.85
CA ASN W 63 43.30 -13.04 -123.81
C ASN W 63 42.79 -13.87 -124.98
N SER W 64 42.33 -15.08 -124.67
CA SER W 64 41.90 -16.00 -125.72
C SER W 64 40.51 -16.52 -125.43
N THR W 65 39.98 -16.18 -124.27
CA THR W 65 38.62 -16.58 -123.94
C THR W 65 37.72 -15.38 -123.67
N GLU W 66 38.27 -14.17 -123.60
CA GLU W 66 37.46 -13.01 -123.25
C GLU W 66 36.58 -12.62 -124.44
N LEU W 67 35.33 -12.25 -124.14
CA LEU W 67 34.32 -12.01 -125.16
C LEU W 67 34.29 -10.53 -125.49
N ILE W 68 34.93 -10.16 -126.58
CA ILE W 68 34.96 -8.79 -127.07
C ILE W 68 33.87 -8.63 -128.12
N PRO W 69 32.93 -7.69 -127.95
CA PRO W 69 31.93 -7.47 -128.99
C PRO W 69 32.57 -7.07 -130.32
N VAL W 70 31.99 -7.55 -131.41
CA VAL W 70 32.47 -7.29 -132.76
C VAL W 70 31.32 -6.78 -133.62
N ILE W 71 31.59 -5.79 -134.46
CA ILE W 71 30.58 -5.19 -135.32
C ILE W 71 30.53 -5.93 -136.64
N GLN W 72 29.32 -6.22 -137.11
CA GLN W 72 29.07 -6.78 -138.44
C GLN W 72 27.87 -6.05 -139.02
N SER W 73 28.12 -5.06 -139.85
CA SER W 73 27.05 -4.23 -140.38
C SER W 73 26.06 -5.06 -141.17
N GLY W 74 24.78 -4.86 -140.90
CA GLY W 74 23.74 -5.62 -141.58
C GLY W 74 23.28 -6.86 -140.85
N GLU W 75 23.94 -7.22 -139.74
CA GLU W 75 23.43 -8.31 -138.92
C GLU W 75 23.31 -7.87 -137.46
N ASN W 76 24.24 -7.03 -137.01
CA ASN W 76 24.23 -6.61 -135.62
C ASN W 76 24.50 -5.12 -135.48
N ASP W 77 23.98 -4.32 -136.42
CA ASP W 77 24.17 -2.88 -136.41
C ASP W 77 23.13 -2.17 -135.55
N GLU W 78 22.42 -2.92 -134.71
CA GLU W 78 21.38 -2.37 -133.86
C GLU W 78 21.74 -2.43 -132.39
N GLN W 79 22.70 -3.28 -132.00
CA GLN W 79 23.09 -3.43 -130.61
C GLN W 79 24.14 -2.41 -130.18
N PHE W 80 24.63 -1.58 -131.09
CA PHE W 80 25.70 -0.62 -130.81
C PHE W 80 25.21 0.80 -130.98
N ILE W 81 25.86 1.73 -130.28
CA ILE W 81 25.55 3.14 -130.44
C ILE W 81 25.79 3.55 -131.89
N ASP W 82 25.11 4.61 -132.30
CA ASP W 82 25.30 5.13 -133.64
C ASP W 82 26.75 5.59 -133.82
N PRO W 83 27.45 5.06 -134.82
CA PRO W 83 28.84 5.46 -135.04
C PRO W 83 28.99 6.92 -135.42
N SER W 84 27.87 7.63 -135.56
CA SER W 84 27.90 9.05 -135.87
C SER W 84 28.33 9.90 -134.69
N VAL W 85 28.25 9.36 -133.47
CA VAL W 85 28.61 10.11 -132.28
C VAL W 85 30.08 9.88 -131.96
N LEU W 86 30.55 8.65 -132.16
CA LEU W 86 31.94 8.31 -131.92
C LEU W 86 32.41 7.24 -132.89
N PRO W 87 33.45 7.52 -133.70
CA PRO W 87 34.00 6.48 -134.57
C PRO W 87 34.52 5.30 -133.77
N ALA W 88 34.32 4.09 -134.29
CA ALA W 88 34.68 2.89 -133.54
C ALA W 88 36.18 2.64 -133.63
N GLN W 89 36.71 1.94 -132.63
CA GLN W 89 38.14 1.73 -132.48
C GLN W 89 38.49 0.27 -132.77
N THR W 90 39.73 0.05 -133.19
CA THR W 90 40.19 -1.30 -133.51
C THR W 90 41.02 -1.84 -132.37
N VAL W 91 40.75 -3.08 -131.98
CA VAL W 91 41.50 -3.77 -130.93
C VAL W 91 41.88 -5.15 -131.44
N LYS W 92 43.13 -5.53 -131.20
CA LYS W 92 43.68 -6.79 -131.68
C LYS W 92 43.67 -7.79 -130.55
N GLN W 93 43.01 -8.92 -130.78
CA GLN W 93 42.96 -10.03 -129.82
C GLN W 93 43.42 -11.29 -130.53
N GLY W 94 44.46 -11.92 -130.00
CA GLY W 94 45.02 -13.08 -130.65
C GLY W 94 45.54 -12.72 -132.03
N LYS W 95 45.12 -13.50 -133.03
CA LYS W 95 45.48 -13.24 -134.41
C LYS W 95 44.35 -12.66 -135.23
N ASP W 96 43.29 -12.19 -134.59
CA ASP W 96 42.23 -11.46 -135.28
C ASP W 96 42.49 -9.97 -135.17
N THR W 97 41.97 -9.22 -136.13
CA THR W 97 41.91 -7.78 -136.05
C THR W 97 40.48 -7.36 -136.40
N PHE W 98 39.75 -6.89 -135.41
CA PHE W 98 38.33 -6.63 -135.59
C PHE W 98 37.93 -5.41 -134.78
N ASP W 99 36.81 -4.82 -135.17
CA ASP W 99 36.36 -3.56 -134.61
C ASP W 99 35.48 -3.83 -133.39
N THR W 100 35.47 -2.89 -132.46
CA THR W 100 34.63 -2.97 -131.27
C THR W 100 34.08 -1.58 -130.95
N ASN W 101 32.97 -1.56 -130.22
CA ASN W 101 32.30 -0.30 -129.90
C ASN W 101 31.36 -0.52 -128.73
N PHE W 102 30.94 0.59 -128.11
CA PHE W 102 30.10 0.52 -126.92
C PHE W 102 28.68 0.09 -127.28
N LEU W 103 28.07 -0.66 -126.36
CA LEU W 103 26.67 -1.02 -126.49
C LEU W 103 25.78 0.14 -126.06
N LYS W 104 24.61 0.24 -126.65
CA LYS W 104 23.68 1.33 -126.33
C LYS W 104 22.63 0.87 -125.33
N PHE W 105 22.22 1.80 -124.47
CA PHE W 105 21.26 1.50 -123.41
C PHE W 105 19.86 1.41 -124.00
N SER W 106 19.31 0.20 -124.03
CA SER W 106 17.96 -0.03 -124.53
C SER W 106 16.96 0.21 -123.43
N GLU W 107 16.03 1.13 -123.65
CA GLU W 107 15.11 1.54 -122.59
C GLU W 107 13.98 0.53 -122.42
N ASN W 108 13.14 0.37 -123.44
CA ASN W 108 12.00 -0.52 -123.36
C ASN W 108 12.12 -1.71 -124.28
N GLY W 109 12.85 -1.58 -125.38
CA GLY W 109 12.89 -2.59 -126.41
C GLY W 109 13.52 -3.91 -126.00
N GLU W 110 13.76 -4.74 -127.00
CA GLU W 110 14.29 -6.08 -126.77
C GLU W 110 15.67 -6.03 -126.12
N GLY W 111 16.07 -7.16 -125.57
CA GLY W 111 17.40 -7.30 -125.00
C GLY W 111 18.44 -7.65 -126.03
N PHE W 112 19.63 -8.04 -125.58
CA PHE W 112 20.71 -8.42 -126.46
C PHE W 112 21.26 -9.77 -126.01
N ASN W 113 21.85 -10.49 -126.96
CA ASN W 113 22.53 -11.74 -126.65
C ASN W 113 24.02 -11.57 -126.92
N LEU W 114 24.84 -11.90 -125.94
CA LEU W 114 26.29 -11.76 -126.09
C LEU W 114 26.85 -12.82 -127.03
N LEU W 115 26.45 -14.09 -126.84
CA LEU W 115 27.05 -15.17 -127.61
C LEU W 115 26.77 -15.03 -129.10
N MET W 116 25.54 -14.69 -129.47
CA MET W 116 25.27 -14.42 -130.87
C MET W 116 26.03 -13.19 -131.35
N LEU W 117 26.37 -12.29 -130.43
CA LEU W 117 27.03 -11.05 -130.84
C LEU W 117 28.54 -11.24 -130.96
N ALA W 118 29.13 -12.06 -130.08
CA ALA W 118 30.57 -12.27 -130.09
C ALA W 118 30.96 -13.22 -131.21
N GLN W 119 31.32 -12.68 -132.36
CA GLN W 119 31.62 -13.49 -133.54
C GLN W 119 32.91 -13.06 -134.22
N THR W 120 33.99 -12.95 -133.46
CA THR W 120 35.30 -12.66 -134.04
C THR W 120 35.63 -13.74 -135.08
N PRO W 121 36.37 -13.40 -136.13
CA PRO W 121 36.57 -14.36 -137.24
C PRO W 121 37.12 -15.71 -136.81
N SER W 122 37.85 -15.75 -135.69
CA SER W 122 38.37 -17.03 -135.23
C SER W 122 37.25 -18.01 -134.93
N ARG W 123 36.23 -17.57 -134.18
CA ARG W 123 35.08 -18.43 -133.92
C ARG W 123 34.36 -18.79 -135.22
N LEU W 124 34.19 -17.82 -136.11
CA LEU W 124 33.51 -18.08 -137.37
C LEU W 124 34.21 -19.18 -138.16
N LYS W 125 35.55 -19.22 -138.12
CA LYS W 125 36.26 -20.28 -138.81
C LYS W 125 36.00 -21.64 -138.16
N LYS W 126 35.71 -21.67 -136.86
CA LYS W 126 35.42 -22.92 -136.18
C LYS W 126 34.06 -23.47 -136.55
N GLY W 127 33.23 -22.69 -137.24
CA GLY W 127 31.89 -23.11 -137.56
C GLY W 127 30.85 -22.53 -136.63
N SER W 128 29.63 -23.03 -136.71
CA SER W 128 28.52 -22.53 -135.92
C SER W 128 28.79 -22.71 -134.43
N MET W 129 28.36 -21.72 -133.65
CA MET W 129 28.53 -21.79 -132.21
C MET W 129 27.42 -22.63 -131.57
N THR W 130 27.79 -23.48 -130.63
CA THR W 130 26.86 -24.44 -130.07
C THR W 130 26.12 -23.90 -128.84
N PHE W 131 25.53 -24.83 -128.11
CA PHE W 131 24.68 -24.54 -126.96
C PHE W 131 25.30 -24.94 -125.63
N THR W 132 26.42 -25.67 -125.63
CA THR W 132 27.04 -26.11 -124.38
C THR W 132 27.99 -25.05 -123.82
N ASP W 133 28.32 -24.03 -124.60
CA ASP W 133 29.21 -22.97 -124.13
C ASP W 133 28.55 -22.22 -122.99
N SER W 134 29.31 -21.96 -121.93
CA SER W 134 28.76 -21.41 -120.70
C SER W 134 29.54 -20.18 -120.27
N LEU W 135 28.82 -19.18 -119.78
CA LEU W 135 29.44 -17.96 -119.27
C LEU W 135 30.08 -18.23 -117.91
N ASP W 136 31.06 -17.39 -117.55
CA ASP W 136 31.84 -17.64 -116.35
C ASP W 136 31.05 -17.28 -115.10
N SER W 137 31.62 -17.64 -113.95
CA SER W 137 31.03 -17.26 -112.68
C SER W 137 31.01 -15.74 -112.50
N ARG W 138 31.97 -15.05 -113.08
CA ARG W 138 32.06 -13.60 -112.89
C ARG W 138 31.63 -12.84 -114.13
N ILE W 139 30.83 -11.81 -113.92
CA ILE W 139 30.52 -10.81 -114.93
C ILE W 139 30.68 -9.45 -114.30
N ALA W 140 31.24 -8.50 -115.03
CA ALA W 140 31.43 -7.16 -114.51
C ALA W 140 31.47 -6.16 -115.65
N LEU W 141 31.20 -4.90 -115.30
CA LEU W 141 31.31 -3.82 -116.28
C LEU W 141 32.78 -3.50 -116.50
N LYS W 142 33.15 -3.22 -117.75
CA LYS W 142 34.53 -2.85 -118.00
C LYS W 142 34.72 -1.35 -118.13
N GLN W 143 33.83 -0.67 -118.83
CA GLN W 143 34.01 0.75 -119.10
C GLN W 143 32.67 1.43 -119.33
N LEU W 144 32.52 2.63 -118.77
CA LEU W 144 31.33 3.45 -118.94
C LEU W 144 31.69 4.71 -119.72
N LEU W 145 30.83 5.08 -120.66
CA LEU W 145 31.03 6.26 -121.49
C LEU W 145 29.88 7.23 -121.27
N ILE W 146 30.16 8.32 -120.55
CA ILE W 146 29.17 9.35 -120.30
C ILE W 146 29.66 10.64 -120.95
N SER W 147 28.71 11.50 -121.30
CA SER W 147 29.00 12.72 -122.06
C SER W 147 28.41 13.90 -121.33
N VAL W 148 29.16 15.00 -121.27
CA VAL W 148 28.70 16.25 -120.68
C VAL W 148 28.23 17.16 -121.80
N THR W 149 27.11 17.84 -121.58
CA THR W 149 26.56 18.78 -122.55
C THR W 149 26.49 20.16 -121.92
N LYS W 150 27.04 21.15 -122.62
CA LYS W 150 27.00 22.54 -122.17
C LYS W 150 26.83 23.44 -123.39
N GLY W 151 25.59 23.85 -123.64
CA GLY W 151 25.31 24.71 -124.78
C GLY W 151 25.34 24.04 -126.12
N GLY W 152 25.23 22.71 -126.18
CA GLY W 152 25.24 21.97 -127.42
C GLY W 152 26.55 21.29 -127.74
N THR W 153 27.60 21.55 -126.97
CA THR W 153 28.90 20.93 -127.18
C THR W 153 28.97 19.63 -126.39
N THR W 154 29.48 18.57 -127.04
CA THR W 154 29.57 17.26 -126.42
C THR W 154 31.02 16.83 -126.36
N GLU W 155 31.49 16.52 -125.15
CA GLU W 155 32.81 15.96 -124.91
C GLU W 155 32.67 14.59 -124.27
N LEU W 156 33.41 13.62 -124.79
CA LEU W 156 33.28 12.23 -124.38
C LEU W 156 34.32 11.88 -123.34
N PHE W 157 33.87 11.26 -122.26
CA PHE W 157 34.75 10.81 -121.18
C PHE W 157 34.55 9.32 -120.98
N ALA W 158 35.64 8.59 -120.90
CA ALA W 158 35.63 7.16 -120.66
C ALA W 158 35.96 6.93 -119.19
N LEU W 159 35.09 6.21 -118.49
CA LEU W 159 35.31 5.87 -117.09
C LEU W 159 35.56 4.37 -116.98
N ASP W 160 36.69 4.00 -116.37
CA ASP W 160 37.00 2.61 -116.12
C ASP W 160 36.50 2.22 -114.72
N VAL W 161 35.22 1.87 -114.64
CA VAL W 161 34.58 1.59 -113.37
C VAL W 161 34.84 0.16 -112.92
N ASN W 162 35.74 -0.55 -113.60
CA ASN W 162 36.05 -1.92 -113.20
C ASN W 162 36.79 -1.90 -111.87
N ARG W 163 36.72 -3.02 -111.15
CA ARG W 163 37.26 -3.14 -109.80
C ARG W 163 36.72 -2.08 -108.86
N ASP W 164 35.43 -1.83 -108.93
CA ASP W 164 34.76 -1.06 -107.90
C ASP W 164 33.89 -1.98 -107.06
N GLN W 165 33.47 -1.49 -105.89
CA GLN W 165 32.80 -2.35 -104.92
C GLN W 165 31.50 -2.93 -105.45
N TYR W 166 30.89 -2.28 -106.44
CA TYR W 166 29.53 -2.59 -106.82
C TYR W 166 29.41 -3.02 -108.28
N ALA W 167 30.52 -3.39 -108.91
CA ALA W 167 30.53 -3.69 -110.33
C ALA W 167 30.58 -5.18 -110.64
N ALA W 168 30.70 -6.04 -109.63
CA ALA W 168 30.69 -7.47 -109.88
C ALA W 168 29.27 -8.01 -109.77
N TYR W 169 28.90 -8.90 -110.70
CA TYR W 169 27.56 -9.48 -110.72
C TYR W 169 27.40 -10.42 -109.54
N THR W 170 26.16 -10.61 -109.10
CA THR W 170 25.85 -11.48 -107.97
C THR W 170 24.66 -12.37 -108.30
N ALA W 171 24.50 -13.44 -107.53
CA ALA W 171 23.39 -14.36 -107.74
C ALA W 171 22.07 -13.71 -107.31
N THR W 172 21.00 -14.10 -107.99
CA THR W 172 19.68 -13.59 -107.64
C THR W 172 18.98 -14.54 -106.69
N ARG W 173 18.26 -13.97 -105.72
CA ARG W 173 17.56 -14.79 -104.75
C ARG W 173 16.18 -15.17 -105.29
N GLU W 174 15.89 -14.81 -106.53
CA GLU W 174 14.66 -15.14 -107.23
C GLU W 174 14.96 -15.75 -108.61
N TYR W 175 14.01 -16.54 -109.10
CA TYR W 175 13.95 -17.01 -110.49
C TYR W 175 15.02 -18.08 -110.70
N ASN W 176 15.32 -18.39 -111.95
CA ASN W 176 16.21 -19.49 -112.34
C ASN W 176 17.56 -19.39 -111.64
N PHE W 177 18.20 -20.52 -111.41
CA PHE W 177 19.51 -20.58 -110.78
C PHE W 177 20.62 -20.15 -111.73
N ARG W 178 20.27 -19.65 -112.91
CA ARG W 178 21.25 -19.13 -113.84
C ARG W 178 21.14 -17.64 -114.08
N LEU W 179 20.28 -16.94 -113.35
CA LEU W 179 20.08 -15.50 -113.56
C LEU W 179 21.05 -14.74 -112.66
N MET W 180 21.88 -13.90 -113.28
CA MET W 180 22.77 -13.01 -112.56
C MET W 180 22.35 -11.56 -112.81
N GLN W 181 22.02 -10.85 -111.74
CA GLN W 181 21.59 -9.47 -111.83
C GLN W 181 22.77 -8.55 -111.59
N LEU W 182 22.67 -7.33 -112.10
CA LEU W 182 23.69 -6.31 -111.94
C LEU W 182 23.06 -5.09 -111.28
N LYS W 183 23.56 -4.75 -110.09
CA LYS W 183 23.04 -3.60 -109.35
C LYS W 183 24.21 -2.69 -109.00
N PHE W 184 24.17 -1.48 -109.53
CA PHE W 184 25.27 -0.53 -109.42
C PHE W 184 24.71 0.82 -108.98
N HIS W 185 24.91 1.15 -107.70
CA HIS W 185 24.56 2.47 -107.16
C HIS W 185 25.80 3.07 -106.52
N THR W 186 26.27 4.20 -107.05
CA THR W 186 27.38 4.93 -106.45
C THR W 186 27.53 6.26 -107.14
N SER W 187 28.55 7.00 -106.74
CA SER W 187 28.94 8.24 -107.38
C SER W 187 30.31 8.06 -108.02
N LEU W 188 30.42 8.45 -109.28
CA LEU W 188 31.66 8.30 -110.04
C LEU W 188 32.45 9.59 -109.98
N GLY W 189 33.74 9.47 -109.65
CA GLY W 189 34.62 10.61 -109.56
C GLY W 189 35.18 11.00 -110.91
N LEU W 190 35.34 12.31 -111.11
CA LEU W 190 35.93 12.85 -112.32
C LEU W 190 36.96 13.90 -111.91
N GLY W 191 38.21 13.45 -111.74
CA GLY W 191 39.25 14.28 -111.17
C GLY W 191 39.63 15.50 -111.99
N GLU W 192 40.35 16.43 -111.35
CA GLU W 192 40.77 17.68 -111.97
C GLU W 192 41.85 17.48 -113.01
N GLU W 193 42.26 16.24 -113.26
CA GLU W 193 43.22 15.93 -114.30
C GLU W 193 42.63 15.02 -115.37
N SER W 194 41.39 14.57 -115.21
CA SER W 194 40.82 13.57 -116.10
C SER W 194 40.86 14.05 -117.55
N THR W 195 41.20 13.14 -118.44
CA THR W 195 41.36 13.43 -119.85
C THR W 195 40.21 12.85 -120.65
N THR W 196 39.90 13.50 -121.76
CA THR W 196 38.80 13.07 -122.62
C THR W 196 39.18 11.81 -123.37
N VAL W 197 38.20 11.20 -124.05
CA VAL W 197 38.49 10.02 -124.86
C VAL W 197 39.42 10.38 -126.01
N ALA W 198 39.28 11.58 -126.57
CA ALA W 198 40.13 12.06 -127.64
C ALA W 198 41.40 12.73 -127.12
N GLY W 199 41.67 12.64 -125.82
CA GLY W 199 42.86 13.24 -125.24
C GLY W 199 42.67 14.68 -124.81
N ALA W 200 43.63 15.21 -124.04
CA ALA W 200 43.63 16.58 -123.54
C ALA W 200 42.46 16.87 -122.61
N GLU W 201 42.55 17.97 -121.86
CA GLU W 201 41.49 18.34 -120.94
C GLU W 201 40.29 18.91 -121.69
N SER W 202 39.12 18.81 -121.07
CA SER W 202 37.90 19.33 -121.65
C SER W 202 37.74 20.81 -121.29
N ALA W 203 37.27 21.60 -122.26
CA ALA W 203 37.13 23.03 -122.07
C ALA W 203 35.92 23.40 -121.21
N LEU W 204 34.96 22.49 -121.04
CA LEU W 204 33.76 22.79 -120.27
C LEU W 204 33.99 22.81 -118.77
N LEU W 205 35.09 22.22 -118.29
CA LEU W 205 35.42 22.22 -116.88
C LEU W 205 36.74 22.94 -116.59
N LYS W 206 37.25 23.72 -117.53
CA LYS W 206 38.54 24.38 -117.33
C LYS W 206 38.48 25.33 -116.15
N ASP W 207 37.41 26.11 -116.04
CA ASP W 207 37.29 27.08 -114.95
C ASP W 207 37.28 26.38 -113.60
N LEU W 208 36.55 25.27 -113.49
CA LEU W 208 36.48 24.54 -112.23
C LEU W 208 37.81 23.85 -111.93
N PHE W 209 38.44 23.27 -112.93
CA PHE W 209 39.71 22.57 -112.70
C PHE W 209 40.80 23.54 -112.29
N ASP W 210 40.78 24.78 -112.81
CA ASP W 210 41.78 25.75 -112.40
C ASP W 210 41.72 26.02 -110.90
N LEU W 211 40.53 25.99 -110.34
CA LEU W 211 40.35 26.13 -108.89
C LEU W 211 40.69 24.86 -108.15
N GLY W 212 40.91 23.75 -108.86
CA GLY W 212 41.33 22.52 -108.23
C GLY W 212 40.21 21.70 -107.60
N TYR W 213 38.96 21.97 -107.95
CA TYR W 213 37.85 21.20 -107.39
C TYR W 213 37.64 19.91 -108.18
N ARG W 214 36.58 19.19 -107.79
CA ARG W 214 36.18 17.96 -108.46
C ARG W 214 34.66 17.87 -108.48
N ILE W 215 34.15 17.08 -109.42
CA ILE W 215 32.72 16.87 -109.56
C ILE W 215 32.43 15.38 -109.39
N GLU W 216 31.46 15.08 -108.53
CA GLU W 216 31.04 13.70 -108.28
C GLU W 216 29.66 13.49 -108.86
N LEU W 217 29.53 12.50 -109.72
CA LEU W 217 28.28 12.19 -110.39
C LEU W 217 27.72 10.89 -109.84
N ASP W 218 26.52 10.95 -109.28
CA ASP W 218 25.84 9.74 -108.84
C ASP W 218 25.35 8.98 -110.06
N VAL W 219 25.82 7.74 -110.21
CA VAL W 219 25.49 6.91 -111.36
C VAL W 219 24.49 5.87 -110.89
N LYS W 220 23.51 5.57 -111.74
CA LYS W 220 22.41 4.69 -111.38
C LYS W 220 22.16 3.76 -112.55
N VAL W 221 22.73 2.55 -112.49
CA VAL W 221 22.71 1.62 -113.61
C VAL W 221 22.25 0.26 -113.12
N ASP W 222 21.29 -0.32 -113.82
CA ASP W 222 20.72 -1.61 -113.48
C ASP W 222 20.70 -2.54 -114.68
N GLY W 223 20.90 -3.83 -114.41
CA GLY W 223 20.87 -4.82 -115.48
C GLY W 223 20.59 -6.21 -114.96
N GLU W 224 20.12 -7.06 -115.86
CA GLU W 224 19.88 -8.47 -115.59
C GLU W 224 20.55 -9.29 -116.66
N MET W 225 21.25 -10.36 -116.26
CA MET W 225 21.99 -11.18 -117.20
C MET W 225 21.71 -12.65 -116.94
N ASN W 226 21.52 -13.41 -118.01
CA ASN W 226 21.33 -14.86 -117.92
C ASN W 226 22.50 -15.54 -118.62
N VAL W 227 23.09 -16.54 -117.96
CA VAL W 227 24.37 -17.08 -118.38
C VAL W 227 24.24 -18.30 -119.27
N GLU W 228 23.03 -18.77 -119.56
CA GLU W 228 22.89 -19.98 -120.34
C GLU W 228 22.65 -19.71 -121.82
N ASN W 229 22.04 -18.59 -122.17
CA ASN W 229 21.76 -18.28 -123.56
C ASN W 229 22.15 -16.84 -123.85
N GLY W 230 22.76 -16.17 -122.88
CA GLY W 230 23.29 -14.85 -123.08
C GLY W 230 22.27 -13.76 -123.27
N ASN W 231 20.98 -14.05 -123.13
CA ASN W 231 19.99 -12.99 -123.21
C ASN W 231 20.06 -12.12 -121.96
N GLY W 232 20.16 -10.82 -122.16
CA GLY W 232 20.29 -9.90 -121.04
C GLY W 232 20.08 -8.48 -121.51
N ASP W 233 19.98 -7.58 -120.54
CA ASP W 233 19.72 -6.19 -120.82
C ASP W 233 20.14 -5.35 -119.63
N THR W 234 20.34 -4.06 -119.88
CA THR W 234 20.80 -3.10 -118.89
C THR W 234 20.23 -1.74 -119.22
N SER W 235 19.75 -1.04 -118.20
CA SER W 235 19.12 0.26 -118.40
C SER W 235 19.87 1.34 -117.64
N LEU W 236 19.97 2.50 -118.27
CA LEU W 236 20.52 3.68 -117.61
C LEU W 236 19.40 4.39 -116.87
N ARG W 237 19.41 4.28 -115.55
CA ARG W 237 18.32 4.82 -114.73
C ARG W 237 18.45 6.31 -114.49
N ALA W 238 19.50 6.75 -113.82
CA ALA W 238 19.60 8.15 -113.40
C ALA W 238 21.02 8.62 -113.57
N LEU W 239 21.18 9.92 -113.84
CA LEU W 239 22.49 10.52 -114.02
C LEU W 239 22.35 12.02 -113.82
N ARG W 240 23.09 12.57 -112.85
CA ARG W 240 22.92 13.96 -112.48
C ARG W 240 24.14 14.44 -111.71
N LEU W 241 24.37 15.75 -111.73
CA LEU W 241 25.47 16.34 -110.97
C LEU W 241 25.06 16.47 -109.51
N ALA W 242 25.68 15.68 -108.64
CA ALA W 242 25.26 15.62 -107.24
C ALA W 242 26.09 16.50 -106.33
N ARG W 243 27.41 16.31 -106.30
CA ARG W 243 28.22 16.91 -105.26
C ARG W 243 29.53 17.41 -105.84
N VAL W 244 30.09 18.43 -105.18
CA VAL W 244 31.33 19.06 -105.61
C VAL W 244 32.32 19.00 -104.45
N PHE W 245 33.53 18.55 -104.72
CA PHE W 245 34.58 18.41 -103.73
C PHE W 245 35.67 19.45 -103.96
N ASP W 246 36.43 19.73 -102.90
CA ASP W 246 37.62 20.57 -103.04
C ASP W 246 38.85 19.69 -103.23
N LYS W 247 40.03 20.30 -103.19
CA LYS W 247 41.27 19.55 -103.21
C LYS W 247 41.55 18.85 -101.90
N GLU W 248 40.88 19.25 -100.82
CA GLU W 248 41.14 18.69 -99.50
C GLU W 248 40.20 17.56 -99.12
N GLY W 249 38.99 17.53 -99.67
CA GLY W 249 38.08 16.43 -99.39
C GLY W 249 36.87 16.77 -98.55
N LYS W 250 36.52 18.04 -98.46
CA LYS W 250 35.31 18.46 -97.76
C LYS W 250 34.35 19.16 -98.71
N GLU W 251 33.06 19.01 -98.43
CA GLU W 251 32.03 19.40 -99.37
C GLU W 251 31.98 20.91 -99.55
N ILE W 252 31.51 21.34 -100.73
CA ILE W 252 31.18 22.73 -101.00
C ILE W 252 29.73 22.77 -101.46
N ALA W 253 28.94 23.64 -100.85
CA ALA W 253 27.54 23.73 -101.21
C ALA W 253 27.39 24.25 -102.64
N LEU W 254 26.32 23.86 -103.31
CA LEU W 254 26.04 24.33 -104.66
C LEU W 254 25.65 25.79 -104.70
N THR W 255 25.42 26.41 -103.54
CA THR W 255 25.06 27.82 -103.45
C THR W 255 26.26 28.75 -103.47
N ASP W 256 27.48 28.23 -103.45
CA ASP W 256 28.65 29.07 -103.60
C ASP W 256 28.63 29.73 -104.98
N SER W 257 29.01 31.01 -105.02
CA SER W 257 28.99 31.74 -106.28
C SER W 257 29.92 31.11 -107.30
N ARG W 258 31.14 30.74 -106.89
CA ARG W 258 32.13 30.24 -107.82
C ARG W 258 31.69 28.92 -108.46
N VAL W 259 31.23 27.97 -107.65
CA VAL W 259 30.82 26.68 -108.20
C VAL W 259 29.55 26.82 -109.02
N SER W 260 28.59 27.61 -108.52
CA SER W 260 27.32 27.75 -109.21
C SER W 260 27.50 28.37 -110.58
N ALA W 261 28.37 29.38 -110.68
CA ALA W 261 28.62 30.01 -111.98
C ALA W 261 29.22 29.02 -112.97
N ALA W 262 30.17 28.20 -112.53
CA ALA W 262 30.84 27.29 -113.45
C ALA W 262 29.97 26.09 -113.81
N LEU W 263 29.08 25.66 -112.92
CA LEU W 263 28.26 24.48 -113.17
C LEU W 263 27.00 24.76 -113.97
N SER W 264 26.75 26.01 -114.34
CA SER W 264 25.53 26.34 -115.09
C SER W 264 25.54 25.68 -116.47
N GLY W 265 24.44 25.01 -116.82
CA GLY W 265 24.27 24.44 -118.13
C GLY W 265 24.80 23.03 -118.29
N LEU W 266 25.49 22.50 -117.29
CA LEU W 266 26.09 21.17 -117.41
C LEU W 266 25.03 20.09 -117.21
N THR W 267 24.77 19.34 -118.27
CA THR W 267 23.88 18.18 -118.22
C THR W 267 24.64 16.97 -118.73
N VAL W 268 24.49 15.84 -118.05
CA VAL W 268 25.22 14.64 -118.38
C VAL W 268 24.22 13.53 -118.68
N THR W 269 24.32 12.95 -119.88
CA THR W 269 23.50 11.84 -120.29
C THR W 269 24.39 10.72 -120.80
N GLY W 270 24.19 9.53 -120.25
CA GLY W 270 25.02 8.38 -120.64
C GLY W 270 24.62 7.87 -122.01
N VAL W 271 25.62 7.51 -122.81
CA VAL W 271 25.40 7.08 -124.18
C VAL W 271 25.51 5.57 -124.32
N GLY W 272 26.29 4.93 -123.45
CA GLY W 272 26.45 3.50 -123.58
C GLY W 272 27.35 2.95 -122.50
N TYR W 273 27.66 1.66 -122.63
CA TYR W 273 28.50 0.97 -121.66
C TYR W 273 29.16 -0.21 -122.34
N SER W 274 30.15 -0.78 -121.67
CA SER W 274 30.87 -1.94 -122.17
C SER W 274 30.99 -3.00 -121.07
N LEU W 275 30.98 -4.26 -121.49
CA LEU W 275 30.99 -5.40 -120.58
C LEU W 275 32.23 -6.25 -120.79
N GLU W 276 32.64 -6.92 -119.71
CA GLU W 276 33.75 -7.86 -119.70
C GLU W 276 33.22 -9.22 -119.26
N ALA W 277 33.20 -10.18 -120.18
CA ALA W 277 32.69 -11.51 -119.89
C ALA W 277 33.70 -12.55 -120.37
N ARG W 278 33.76 -13.66 -119.64
CA ARG W 278 34.76 -14.68 -119.91
C ARG W 278 34.09 -16.00 -120.26
N LEU W 279 34.57 -16.60 -121.35
CA LEU W 279 33.98 -17.82 -121.89
C LEU W 279 34.62 -19.05 -121.26
N THR W 280 34.06 -19.49 -120.14
CA THR W 280 34.59 -20.65 -119.41
C THR W 280 34.11 -21.93 -120.11
N ASN W 281 34.61 -22.16 -121.31
CA ASN W 281 34.19 -23.33 -122.07
C ASN W 281 34.66 -24.55 -121.29
N ILE W 282 33.78 -25.53 -121.14
CA ILE W 282 34.10 -26.68 -120.30
C ILE W 282 35.15 -27.55 -120.97
N ASN W 283 35.16 -27.58 -122.30
CA ASN W 283 36.13 -28.35 -123.06
C ASN W 283 37.06 -27.48 -123.89
N GLN W 284 36.63 -26.27 -124.24
CA GLN W 284 37.48 -25.21 -124.77
C GLN W 284 37.93 -25.45 -126.20
N LEU W 285 38.07 -24.36 -126.95
CA LEU W 285 38.52 -24.37 -128.32
C LEU W 285 39.55 -23.26 -128.54
N GLU W 286 40.43 -23.07 -127.56
CA GLU W 286 41.42 -22.01 -127.62
C GLU W 286 42.82 -22.61 -127.82
N MET W 287 43.67 -21.85 -128.50
CA MET W 287 45.04 -22.29 -128.78
C MET W 287 46.02 -21.84 -127.71
N GLY W 288 45.72 -20.74 -127.02
CA GLY W 288 46.59 -20.24 -125.97
C GLY W 288 47.98 -19.90 -126.47
N LEU W 289 49.00 -20.21 -125.68
CA LEU W 289 50.38 -20.00 -126.05
C LEU W 289 51.09 -21.34 -126.12
N LEU W 290 51.83 -21.56 -127.20
CA LEU W 290 52.52 -22.82 -127.41
C LEU W 290 53.85 -22.83 -126.68
N ILE W 291 54.44 -24.02 -126.55
CA ILE W 291 55.77 -24.21 -126.00
C ILE W 291 56.55 -25.11 -126.95
N ASP W 292 57.66 -24.60 -127.47
CA ASP W 292 58.50 -25.34 -128.40
C ASP W 292 59.94 -25.31 -127.94
N SER W 293 60.81 -25.95 -128.71
CA SER W 293 62.24 -25.79 -128.56
C SER W 293 62.92 -26.03 -129.89
N ASP W 294 64.15 -25.54 -130.00
CA ASP W 294 64.99 -25.77 -131.16
C ASP W 294 66.44 -25.51 -130.77
N VAL W 295 67.35 -26.07 -131.55
CA VAL W 295 68.77 -26.09 -131.23
C VAL W 295 69.54 -25.30 -132.28
N GLN W 296 70.52 -24.53 -131.83
CA GLN W 296 71.41 -23.78 -132.71
C GLN W 296 72.79 -24.43 -132.73
N LYS W 297 73.29 -24.68 -133.94
CA LYS W 297 74.56 -25.37 -134.14
C LYS W 297 75.69 -24.35 -134.23
N GLN W 298 76.84 -24.69 -133.66
CA GLN W 298 78.03 -23.83 -133.69
C GLN W 298 79.24 -24.64 -134.10
N GLY W 299 80.09 -24.05 -134.94
CA GLY W 299 81.35 -24.65 -135.34
C GLY W 299 82.53 -23.78 -134.92
N PHE W 300 83.62 -24.43 -134.52
CA PHE W 300 84.83 -23.73 -134.12
C PHE W 300 86.04 -24.47 -134.69
N MET W 301 86.99 -23.73 -135.25
CA MET W 301 88.10 -24.29 -136.00
C MET W 301 89.42 -23.81 -135.41
N ILE W 302 90.38 -24.72 -135.30
CA ILE W 302 91.71 -24.42 -134.74
C ILE W 302 92.70 -24.33 -135.89
N PRO W 303 93.25 -23.16 -136.19
CA PRO W 303 94.22 -23.03 -137.28
C PRO W 303 95.62 -23.44 -136.83
N THR W 304 96.57 -23.20 -137.73
CA THR W 304 97.99 -23.38 -137.44
C THR W 304 98.70 -22.03 -137.54
N LEU W 305 99.60 -21.77 -136.59
CA LEU W 305 100.22 -20.47 -136.40
C LEU W 305 101.57 -20.39 -137.10
N PRO W 306 102.16 -19.20 -137.22
CA PRO W 306 103.48 -19.06 -137.86
C PRO W 306 104.54 -19.88 -137.12
N PRO W 307 105.48 -20.47 -137.86
CA PRO W 307 106.49 -21.32 -137.22
C PRO W 307 107.50 -20.52 -136.41
N LEU W 308 108.02 -21.15 -135.37
CA LEU W 308 109.08 -20.58 -134.54
C LEU W 308 110.28 -21.52 -134.58
N VAL W 309 111.35 -21.11 -135.24
CA VAL W 309 112.44 -21.99 -135.61
C VAL W 309 113.79 -21.38 -135.23
N ILE W 310 114.70 -22.23 -134.75
CA ILE W 310 116.10 -21.87 -134.55
C ILE W 310 116.90 -22.56 -135.66
N VAL W 311 118.05 -22.00 -136.01
CA VAL W 311 119.01 -22.65 -136.90
C VAL W 311 120.33 -22.72 -136.16
N LYS W 312 121.19 -23.66 -136.57
CA LYS W 312 122.45 -23.89 -135.90
C LYS W 312 123.45 -24.46 -136.89
N PRO W 313 124.66 -23.91 -136.94
CA PRO W 313 125.66 -24.43 -137.87
C PRO W 313 125.94 -25.91 -137.62
N ALA W 314 126.09 -26.65 -138.71
CA ALA W 314 126.00 -28.10 -138.67
C ALA W 314 127.35 -28.71 -138.32
N MET W 315 127.39 -30.05 -138.21
CA MET W 315 128.56 -30.91 -138.06
C MET W 315 129.52 -30.50 -136.95
N VAL W 316 129.11 -29.58 -136.07
CA VAL W 316 129.85 -29.21 -134.87
C VAL W 316 128.83 -28.81 -133.80
N GLU W 317 129.01 -29.32 -132.59
CA GLU W 317 128.06 -29.04 -131.51
C GLU W 317 128.34 -27.67 -130.89
N ASP W 318 127.32 -27.12 -130.23
CA ASP W 318 127.38 -25.84 -129.54
C ASP W 318 126.57 -25.94 -128.26
N ASP W 319 126.64 -24.91 -127.42
CA ASP W 319 125.83 -24.81 -126.22
C ASP W 319 125.18 -23.45 -126.05
N LYS W 320 125.81 -22.38 -126.53
CA LYS W 320 125.36 -21.01 -126.25
C LYS W 320 124.05 -20.67 -126.96
N THR W 321 124.03 -20.72 -128.29
CA THR W 321 122.81 -20.45 -129.04
C THR W 321 121.68 -21.39 -128.67
N TYR W 322 122.01 -22.64 -128.33
CA TYR W 322 121.02 -23.64 -127.95
C TYR W 322 121.43 -24.22 -126.62
N PRO W 323 120.91 -23.73 -125.50
CA PRO W 323 121.12 -24.44 -124.24
C PRO W 323 120.54 -25.83 -124.35
N ARG W 324 119.24 -25.87 -124.62
CA ARG W 324 118.49 -27.08 -124.98
C ARG W 324 117.21 -26.62 -125.65
N LEU W 325 116.23 -27.53 -125.73
CA LEU W 325 114.87 -27.18 -126.10
C LEU W 325 114.35 -25.99 -125.32
N GLU W 326 114.93 -25.77 -124.12
CA GLU W 326 114.41 -24.78 -123.19
C GLU W 326 114.24 -23.41 -123.83
N ALA W 327 115.20 -22.99 -124.66
CA ALA W 327 115.13 -21.65 -125.23
C ALA W 327 113.90 -21.48 -126.11
N LEU W 328 113.71 -22.38 -127.08
CA LEU W 328 112.57 -22.26 -127.96
C LEU W 328 111.26 -22.59 -127.23
N THR W 329 111.32 -23.45 -126.22
CA THR W 329 110.13 -23.70 -125.42
C THR W 329 109.67 -22.44 -124.69
N THR W 330 110.61 -21.71 -124.11
CA THR W 330 110.26 -20.45 -123.46
C THR W 330 109.77 -19.44 -124.47
N ALA W 331 110.38 -19.42 -125.66
CA ALA W 331 109.87 -18.56 -126.72
C ALA W 331 108.42 -18.89 -127.03
N TYR W 332 108.11 -20.18 -127.14
CA TYR W 332 106.73 -20.64 -127.28
C TYR W 332 105.82 -20.10 -126.19
N ARG W 333 106.20 -20.30 -124.93
CA ARG W 333 105.27 -19.97 -123.86
C ARG W 333 105.07 -18.47 -123.75
N ILE W 334 106.13 -17.69 -123.92
CA ILE W 334 105.99 -16.24 -123.90
C ILE W 334 105.17 -15.75 -125.08
N GLN W 335 105.39 -16.33 -126.26
CA GLN W 335 104.63 -15.93 -127.44
C GLN W 335 103.15 -16.20 -127.24
N GLN W 336 102.81 -17.36 -126.69
CA GLN W 336 101.41 -17.72 -126.57
C GLN W 336 100.74 -16.99 -125.40
N MET W 337 101.22 -17.23 -124.19
CA MET W 337 100.40 -17.12 -123.00
C MET W 337 100.38 -15.70 -122.43
N ARG W 338 101.17 -14.78 -122.99
CA ARG W 338 101.06 -13.37 -122.61
C ARG W 338 100.48 -12.52 -123.73
N ASN W 339 101.19 -12.51 -124.86
CA ASN W 339 100.91 -11.50 -125.88
C ASN W 339 99.59 -11.80 -126.59
N ASN W 340 99.38 -13.07 -126.95
CA ASN W 340 98.13 -13.43 -127.62
C ASN W 340 96.94 -13.15 -126.72
N ALA W 341 97.03 -13.49 -125.43
CA ALA W 341 95.93 -13.24 -124.51
C ALA W 341 95.64 -11.75 -124.40
N VAL W 342 96.68 -10.93 -124.25
CA VAL W 342 96.46 -9.50 -124.11
C VAL W 342 95.82 -8.92 -125.37
N THR W 343 96.33 -9.30 -126.53
CA THR W 343 95.80 -8.77 -127.78
C THR W 343 94.34 -9.18 -127.97
N THR W 344 94.04 -10.45 -127.68
CA THR W 344 92.66 -10.92 -127.83
C THR W 344 91.72 -10.18 -126.89
N LEU W 345 92.13 -9.98 -125.64
CA LEU W 345 91.28 -9.27 -124.69
C LEU W 345 91.02 -7.84 -125.14
N LEU W 346 92.07 -7.14 -125.59
CA LEU W 346 91.88 -5.77 -126.03
C LEU W 346 90.98 -5.69 -127.26
N ASN W 347 91.17 -6.60 -128.21
CA ASN W 347 90.30 -6.59 -129.39
C ASN W 347 88.87 -6.88 -129.03
N ARG W 348 88.65 -7.81 -128.09
CA ARG W 348 87.29 -8.10 -127.65
C ARG W 348 86.65 -6.87 -127.02
N ALA W 349 87.40 -6.16 -126.17
CA ALA W 349 86.86 -4.95 -125.57
C ALA W 349 86.51 -3.92 -126.64
N ASP W 350 87.41 -3.71 -127.60
CA ASP W 350 87.16 -2.68 -128.61
C ASP W 350 85.95 -3.03 -129.46
N THR W 351 85.82 -4.28 -129.88
CA THR W 351 84.69 -4.65 -130.73
C THR W 351 83.38 -4.57 -129.96
N LEU W 352 83.39 -4.98 -128.69
CA LEU W 352 82.18 -4.89 -127.89
C LEU W 352 81.76 -3.44 -127.71
N LYS W 353 82.73 -2.55 -127.47
CA LYS W 353 82.46 -1.12 -127.45
C LYS W 353 81.80 -0.68 -128.74
N SER W 354 82.40 -1.02 -129.87
CA SER W 354 81.92 -0.54 -131.15
C SER W 354 80.54 -1.10 -131.49
N TYR W 355 80.17 -2.23 -130.89
CA TYR W 355 78.88 -2.82 -131.21
C TYR W 355 77.76 -2.32 -130.31
N LEU W 356 77.98 -2.30 -128.99
CA LEU W 356 76.87 -2.02 -128.08
C LEU W 356 76.88 -0.62 -127.48
N GLY W 357 77.87 0.20 -127.77
CA GLY W 357 77.92 1.50 -127.13
C GLY W 357 78.29 1.38 -125.66
N VAL W 358 77.84 2.37 -124.89
CA VAL W 358 78.15 2.44 -123.47
C VAL W 358 76.85 2.49 -122.67
N GLY W 359 76.71 1.55 -121.73
CA GLY W 359 75.58 1.57 -120.82
C GLY W 359 74.22 1.39 -121.46
N VAL W 360 74.12 0.53 -122.47
CA VAL W 360 72.88 0.27 -123.18
C VAL W 360 72.76 -1.23 -123.38
N PRO W 361 71.84 -1.91 -122.71
CA PRO W 361 71.75 -3.36 -122.85
C PRO W 361 70.99 -3.76 -124.11
N HIS W 362 70.96 -5.05 -124.41
CA HIS W 362 70.30 -5.52 -125.62
C HIS W 362 69.40 -6.71 -125.32
N PRO W 363 68.32 -6.86 -126.09
CA PRO W 363 67.42 -8.01 -125.87
C PRO W 363 68.11 -9.34 -126.09
N ILE W 364 67.69 -10.36 -125.35
CA ILE W 364 68.31 -11.68 -125.42
C ILE W 364 68.07 -12.29 -126.80
N GLU W 365 69.15 -12.73 -127.44
CA GLU W 365 69.08 -13.31 -128.79
C GLU W 365 68.37 -12.33 -129.73
N SER W 366 69.02 -11.20 -129.99
CA SER W 366 68.43 -10.19 -130.85
C SER W 366 69.20 -10.07 -132.16
N ASN W 367 70.49 -10.40 -132.13
CA ASN W 367 71.34 -10.26 -133.30
C ASN W 367 72.41 -11.34 -133.27
N LEU W 368 72.98 -11.62 -134.44
CA LEU W 368 74.06 -12.59 -134.55
C LEU W 368 75.39 -11.93 -134.85
N GLY W 369 75.42 -10.63 -135.11
CA GLY W 369 76.67 -9.97 -135.42
C GLY W 369 77.65 -9.98 -134.27
N LEU W 370 77.16 -10.09 -133.04
CA LEU W 370 78.02 -10.11 -131.88
C LEU W 370 78.63 -11.50 -131.69
N GLU W 371 79.95 -11.54 -131.57
CA GLU W 371 80.62 -12.81 -131.36
C GLU W 371 80.26 -13.39 -130.00
N GLY W 372 80.03 -14.70 -129.98
CA GLY W 372 79.74 -15.41 -128.75
C GLY W 372 78.40 -16.13 -128.79
N VAL W 373 78.23 -17.04 -127.83
CA VAL W 373 77.02 -17.81 -127.67
C VAL W 373 76.36 -17.57 -126.32
N GLY W 374 76.92 -16.67 -125.51
CA GLY W 374 76.32 -16.41 -124.22
C GLY W 374 75.05 -15.59 -124.27
N GLN W 375 74.77 -14.96 -125.41
CA GLN W 375 73.58 -14.14 -125.58
C GLN W 375 72.31 -14.97 -125.66
N TYR W 376 72.44 -16.30 -125.51
CA TYR W 376 71.29 -17.18 -125.37
C TYR W 376 70.82 -17.26 -123.92
N TYR W 377 71.53 -16.59 -123.01
CA TYR W 377 71.22 -16.65 -121.59
C TYR W 377 71.25 -15.31 -120.87
N VAL W 378 71.84 -14.26 -121.45
CA VAL W 378 72.05 -13.00 -120.73
C VAL W 378 72.06 -11.85 -121.73
N ARG W 379 71.54 -10.71 -121.30
CA ARG W 379 71.55 -9.51 -122.13
C ARG W 379 73.00 -9.11 -122.43
N PRO W 380 73.33 -8.80 -123.67
CA PRO W 380 74.65 -8.22 -123.95
C PRO W 380 74.80 -6.88 -123.23
N TYR W 381 75.99 -6.63 -122.71
CA TYR W 381 76.23 -5.42 -121.93
C TYR W 381 77.70 -5.06 -121.95
N TYR W 382 78.00 -3.77 -121.82
CA TYR W 382 79.35 -3.27 -121.70
C TYR W 382 79.32 -1.87 -121.10
N ASN W 383 80.23 -1.60 -120.18
CA ASN W 383 80.27 -0.29 -119.52
C ASN W 383 81.72 0.10 -119.28
N GLU W 384 81.96 1.40 -119.17
CA GLU W 384 83.28 1.96 -118.93
C GLU W 384 83.15 3.20 -118.06
N ALA W 385 84.07 3.36 -117.12
CA ALA W 385 84.11 4.53 -116.26
C ALA W 385 85.55 4.86 -115.90
N THR W 386 85.83 6.16 -115.79
CA THR W 386 87.17 6.65 -115.52
C THR W 386 87.19 7.42 -114.21
N ILE W 387 88.16 7.09 -113.36
CA ILE W 387 88.29 7.71 -112.05
C ILE W 387 89.53 8.57 -112.05
N ASP W 388 89.41 9.80 -111.54
CA ASP W 388 90.53 10.74 -111.48
C ASP W 388 90.82 11.03 -110.01
N VAL W 389 91.89 10.43 -109.51
CA VAL W 389 92.19 10.49 -108.08
C VAL W 389 92.48 11.93 -107.65
N LEU W 390 93.12 12.71 -108.51
CA LEU W 390 93.52 14.05 -108.13
C LEU W 390 92.32 14.90 -107.74
N ASN W 391 91.24 14.80 -108.48
CA ASN W 391 90.08 15.65 -108.27
C ASN W 391 88.92 14.95 -107.56
N ASP W 392 89.12 13.73 -107.07
CA ASP W 392 88.02 12.95 -106.50
C ASP W 392 88.39 12.27 -105.18
N LEU W 393 89.48 12.65 -104.54
CA LEU W 393 89.89 12.05 -103.29
C LEU W 393 89.86 13.07 -102.16
N ASN W 394 89.39 12.63 -100.99
CA ASN W 394 89.33 13.47 -99.79
C ASN W 394 90.30 12.92 -98.77
N ASN W 395 91.21 13.76 -98.30
CA ASN W 395 92.17 13.38 -97.27
C ASN W 395 92.00 14.28 -96.06
N LEU W 396 91.23 13.81 -95.09
CA LEU W 396 91.15 14.52 -93.81
C LEU W 396 92.48 14.49 -93.08
N THR W 397 93.08 13.31 -92.96
CA THR W 397 94.36 13.16 -92.29
C THR W 397 95.34 12.49 -93.23
N SER W 398 96.57 12.99 -93.25
CA SER W 398 97.60 12.37 -94.06
C SER W 398 97.94 10.98 -93.54
N ALA W 399 97.66 10.72 -92.27
CA ALA W 399 97.97 9.42 -91.70
C ALA W 399 97.12 8.29 -92.28
N ALA W 400 95.98 8.62 -92.88
CA ALA W 400 95.09 7.62 -93.44
C ALA W 400 94.92 7.74 -94.95
N LYS W 401 95.92 8.27 -95.65
CA LYS W 401 95.76 8.55 -97.07
C LYS W 401 95.65 7.28 -97.89
N GLN W 402 96.41 6.24 -97.52
CA GLN W 402 96.28 4.95 -98.20
C GLN W 402 94.88 4.39 -98.05
N THR W 403 94.31 4.49 -96.86
CA THR W 403 92.96 3.99 -96.65
C THR W 403 91.96 4.69 -97.56
N ASP W 404 92.08 6.01 -97.71
CA ASP W 404 91.17 6.74 -98.58
C ASP W 404 91.35 6.35 -100.03
N ILE W 405 92.61 6.23 -100.49
CA ILE W 405 92.85 5.93 -101.89
C ILE W 405 92.38 4.51 -102.22
N GLN W 406 92.44 3.60 -101.24
CA GLN W 406 91.89 2.27 -101.46
C GLN W 406 90.37 2.29 -101.44
N GLY W 407 89.79 3.02 -100.50
CA GLY W 407 88.34 3.05 -100.38
C GLY W 407 87.66 3.61 -101.61
N LEU W 408 88.25 4.64 -102.20
CA LEU W 408 87.63 5.24 -103.39
C LEU W 408 87.49 4.21 -104.52
N ILE W 409 88.60 3.51 -104.84
CA ILE W 409 88.57 2.58 -105.95
C ILE W 409 87.69 1.38 -105.63
N VAL W 410 87.73 0.90 -104.39
CA VAL W 410 86.87 -0.23 -104.05
C VAL W 410 85.39 0.16 -104.15
N SER W 411 85.07 1.38 -103.72
CA SER W 411 83.70 1.85 -103.83
C SER W 411 83.25 1.91 -105.29
N LYS W 412 84.13 2.39 -106.17
CA LYS W 412 83.76 2.43 -107.57
C LYS W 412 83.54 1.03 -108.13
N ILE W 413 84.39 0.08 -107.76
CA ILE W 413 84.24 -1.29 -108.25
C ILE W 413 82.91 -1.88 -107.80
N ASN W 414 82.55 -1.65 -106.54
CA ASN W 414 81.28 -2.19 -106.05
C ASN W 414 80.11 -1.65 -106.86
N GLU W 415 80.13 -0.36 -107.18
CA GLU W 415 79.08 0.23 -107.98
C GLU W 415 78.98 -0.43 -109.35
N MET W 416 80.13 -0.58 -110.02
CA MET W 416 80.10 -1.21 -111.34
C MET W 416 79.55 -2.63 -111.28
N VAL W 417 80.02 -3.43 -110.32
CA VAL W 417 79.59 -4.82 -110.26
C VAL W 417 78.09 -4.90 -110.00
N TYR W 418 77.60 -4.11 -109.04
CA TYR W 418 76.17 -4.19 -108.72
C TYR W 418 75.33 -3.74 -109.90
N THR W 419 75.74 -2.68 -110.59
CA THR W 419 74.97 -2.21 -111.74
C THR W 419 74.92 -3.29 -112.83
N ALA W 420 76.05 -3.92 -113.11
CA ALA W 420 76.08 -4.95 -114.14
C ALA W 420 75.18 -6.11 -113.76
N ASP W 421 75.24 -6.55 -112.49
CA ASP W 421 74.42 -7.67 -112.08
C ASP W 421 72.94 -7.32 -112.11
N GLN W 422 72.60 -6.08 -111.79
CA GLN W 422 71.20 -5.67 -111.86
C GLN W 422 70.69 -5.68 -113.30
N LEU W 423 71.45 -5.08 -114.21
CA LEU W 423 70.95 -4.93 -115.57
C LEU W 423 71.00 -6.21 -116.39
N THR W 424 72.00 -7.06 -116.20
CA THR W 424 72.16 -8.22 -117.06
C THR W 424 71.35 -9.42 -116.63
N GLY W 425 70.80 -9.43 -115.42
CA GLY W 425 70.05 -10.57 -114.94
C GLY W 425 70.90 -11.83 -114.86
N TYR W 426 72.20 -11.64 -114.66
CA TYR W 426 73.14 -12.75 -114.75
C TYR W 426 72.89 -13.80 -113.71
N THR W 427 72.56 -13.41 -112.47
CA THR W 427 72.32 -14.40 -111.43
C THR W 427 71.10 -15.25 -111.75
N ALA W 428 70.09 -14.65 -112.38
CA ALA W 428 68.94 -15.44 -112.83
C ALA W 428 69.37 -16.46 -113.87
N ALA W 429 70.27 -16.06 -114.78
CA ALA W 429 70.79 -17.02 -115.76
C ALA W 429 71.52 -18.16 -115.09
N LEU W 430 72.35 -17.86 -114.09
CA LEU W 430 73.07 -18.92 -113.39
C LEU W 430 72.09 -19.86 -112.70
N GLU W 431 71.06 -19.31 -112.06
CA GLU W 431 70.05 -20.16 -111.44
C GLU W 431 69.33 -21.01 -112.49
N ALA W 432 69.13 -20.47 -113.69
CA ALA W 432 68.44 -21.22 -114.73
C ALA W 432 69.28 -22.37 -115.26
N ALA W 433 70.55 -22.13 -115.58
CA ALA W 433 71.37 -23.17 -116.17
C ALA W 433 71.90 -24.17 -115.15
N PHE W 434 71.86 -23.84 -113.86
CA PHE W 434 72.30 -24.73 -112.81
C PHE W 434 71.21 -24.86 -111.77
N SER W 435 70.80 -26.09 -111.49
CA SER W 435 69.75 -26.35 -110.52
C SER W 435 70.32 -27.12 -109.33
N GLY W 436 69.93 -26.70 -108.14
CA GLY W 436 70.42 -27.33 -106.92
C GLY W 436 71.56 -26.61 -106.24
N ARG W 437 72.22 -25.67 -106.91
CA ARG W 437 73.26 -24.86 -106.29
C ARG W 437 73.04 -23.41 -106.64
N SER W 438 73.35 -22.53 -105.69
CA SER W 438 73.21 -21.09 -105.90
C SER W 438 74.59 -20.47 -105.93
N PRO W 439 75.31 -20.57 -107.04
CA PRO W 439 76.69 -20.09 -107.07
C PRO W 439 76.77 -18.57 -107.10
N LYS W 440 77.27 -17.97 -106.04
CA LYS W 440 77.50 -16.54 -106.05
C LYS W 440 78.51 -16.21 -107.14
N PRO W 441 78.17 -15.31 -108.06
CA PRO W 441 79.04 -15.08 -109.21
C PRO W 441 80.43 -14.63 -108.82
N HIS W 442 81.45 -15.21 -109.45
CA HIS W 442 82.84 -14.83 -109.21
C HIS W 442 83.14 -13.57 -110.01
N VAL W 443 83.99 -12.71 -109.47
CA VAL W 443 84.37 -11.46 -110.11
C VAL W 443 85.83 -11.56 -110.51
N ALA W 444 86.11 -11.35 -111.78
CA ALA W 444 87.47 -11.47 -112.31
C ALA W 444 88.13 -10.10 -112.32
N ILE W 445 89.37 -10.04 -111.83
CA ILE W 445 90.08 -8.78 -111.67
C ILE W 445 91.38 -8.88 -112.46
N GLY W 446 91.49 -8.10 -113.53
CA GLY W 446 92.66 -8.08 -114.38
C GLY W 446 93.39 -6.75 -114.26
N THR W 447 94.54 -6.78 -113.60
CA THR W 447 95.31 -5.58 -113.33
C THR W 447 96.79 -5.88 -113.54
N ASP W 448 97.58 -4.83 -113.64
CA ASP W 448 99.02 -4.94 -113.76
C ASP W 448 99.69 -5.01 -112.38
N MET W 449 101.00 -4.83 -112.33
CA MET W 449 101.73 -4.90 -111.08
C MET W 449 101.48 -3.72 -110.16
N ARG W 450 100.81 -2.68 -110.63
CA ARG W 450 100.65 -1.44 -109.87
C ARG W 450 99.51 -1.51 -108.86
N LEU W 451 98.29 -1.66 -109.33
CA LEU W 451 97.10 -1.49 -108.52
C LEU W 451 96.95 -2.49 -107.38
N PRO W 452 97.39 -3.76 -107.50
CA PRO W 452 97.20 -4.67 -106.34
C PRO W 452 98.05 -4.30 -105.13
N GLN W 453 97.95 -3.03 -104.76
CA GLN W 453 98.53 -2.50 -103.54
C GLN W 453 97.49 -1.58 -102.92
N TYR W 454 96.41 -1.33 -103.66
CA TYR W 454 95.29 -0.54 -103.17
C TYR W 454 93.96 -1.23 -103.45
N ILE W 455 93.98 -2.48 -103.91
CA ILE W 455 92.77 -3.28 -104.05
C ILE W 455 92.82 -4.32 -102.92
N GLN W 456 93.81 -4.16 -102.04
CA GLN W 456 93.98 -5.09 -100.93
C GLN W 456 93.35 -4.52 -99.67
N ILE W 457 93.55 -5.19 -98.55
CA ILE W 457 93.00 -4.75 -97.27
C ILE W 457 94.13 -4.25 -96.39
N ASN W 458 93.94 -3.04 -95.85
CA ASN W 458 94.82 -2.48 -94.84
C ASN W 458 94.07 -1.94 -93.63
N GLY W 459 92.93 -1.28 -93.84
CA GLY W 459 92.03 -0.88 -92.77
C GLY W 459 90.59 -1.01 -93.19
N ASP W 460 90.37 -1.50 -94.41
CA ASP W 460 89.02 -1.58 -94.97
C ASP W 460 88.46 -2.98 -94.79
N ASP W 461 87.13 -3.06 -94.63
CA ASP W 461 86.47 -4.36 -94.55
C ASP W 461 86.08 -4.88 -95.93
N ARG W 462 85.69 -3.99 -96.83
CA ARG W 462 85.16 -4.39 -98.13
C ARG W 462 86.23 -4.29 -99.20
N THR W 463 86.28 -5.33 -100.04
CA THR W 463 87.22 -5.38 -101.16
C THR W 463 86.55 -5.47 -102.53
N VAL W 464 85.57 -6.34 -102.72
CA VAL W 464 84.82 -6.43 -103.96
C VAL W 464 83.35 -6.51 -103.60
N GLY W 465 83.02 -6.17 -102.37
CA GLY W 465 81.66 -6.22 -101.90
C GLY W 465 81.36 -7.52 -101.15
N ILE W 466 80.49 -7.39 -100.15
CA ILE W 466 80.13 -8.54 -99.33
C ILE W 466 79.33 -9.53 -100.15
N GLY W 467 79.72 -10.80 -100.09
CA GLY W 467 79.04 -11.86 -100.80
C GLY W 467 79.53 -12.13 -102.20
N TYR W 468 80.41 -11.29 -102.73
CA TYR W 468 80.99 -11.49 -104.05
C TYR W 468 82.43 -11.98 -103.93
N ASP W 469 82.73 -13.06 -104.64
CA ASP W 469 84.05 -13.65 -104.62
C ASP W 469 84.90 -13.04 -105.74
N TYR W 470 86.22 -13.05 -105.53
CA TYR W 470 87.12 -12.41 -106.45
C TYR W 470 88.47 -13.10 -106.42
N THR W 471 89.24 -12.89 -107.49
CA THR W 471 90.63 -13.32 -107.57
C THR W 471 91.44 -12.19 -108.16
N ILE W 472 92.70 -12.08 -107.75
CA ILE W 472 93.59 -11.01 -108.19
C ILE W 472 94.72 -11.62 -109.01
N ALA W 473 94.84 -11.18 -110.26
CA ALA W 473 95.90 -11.63 -111.14
C ALA W 473 96.68 -10.42 -111.65
N ARG W 474 97.96 -10.62 -111.93
CA ARG W 474 98.84 -9.54 -112.32
C ARG W 474 99.57 -9.89 -113.60
N ILE W 475 100.02 -8.85 -114.30
CA ILE W 475 100.78 -9.02 -115.54
C ILE W 475 101.59 -7.77 -115.77
N SER W 476 102.76 -7.94 -116.41
CA SER W 476 103.71 -6.85 -116.57
C SER W 476 103.62 -6.18 -117.94
N ASP W 477 102.66 -6.58 -118.77
CA ASP W 477 102.49 -5.98 -120.08
C ASP W 477 102.17 -4.51 -119.95
N LEU W 478 102.70 -3.70 -120.87
CA LEU W 478 102.58 -2.26 -120.76
C LEU W 478 101.33 -1.69 -121.41
N ARG W 479 100.52 -2.50 -122.08
CA ARG W 479 99.22 -2.04 -122.52
C ARG W 479 98.16 -2.15 -121.42
N MET W 480 98.51 -2.74 -120.28
CA MET W 480 97.63 -2.73 -119.12
C MET W 480 98.16 -1.86 -118.01
N LYS W 481 98.90 -0.79 -118.34
CA LYS W 481 99.30 0.22 -117.37
C LYS W 481 98.10 0.97 -116.81
N ASP W 482 97.81 0.78 -115.53
CA ASP W 482 96.70 1.46 -114.85
C ASP W 482 95.36 1.14 -115.53
N LYS W 483 95.12 -0.14 -115.76
CA LYS W 483 93.84 -0.63 -116.24
C LYS W 483 93.26 -1.60 -115.23
N ILE W 484 91.93 -1.73 -115.25
CA ILE W 484 91.23 -2.79 -114.54
C ILE W 484 90.28 -3.45 -115.52
N VAL W 485 90.45 -4.75 -115.72
CA VAL W 485 89.57 -5.53 -116.57
C VAL W 485 88.63 -6.32 -115.67
N MET W 486 87.33 -6.20 -115.93
CA MET W 486 86.33 -6.76 -115.04
C MET W 486 85.32 -7.57 -115.85
N THR W 487 84.95 -8.72 -115.29
CA THR W 487 84.01 -9.62 -115.94
C THR W 487 83.59 -10.68 -114.94
N PHE W 488 82.73 -11.58 -115.39
CA PHE W 488 82.26 -12.70 -114.58
C PHE W 488 82.76 -14.01 -115.15
N ILE W 489 83.30 -14.86 -114.28
CA ILE W 489 83.80 -16.18 -114.64
C ILE W 489 83.27 -17.17 -113.62
N LEU W 490 83.54 -18.45 -113.87
CA LEU W 490 83.09 -19.49 -112.95
C LEU W 490 84.15 -20.59 -112.88
N PRO W 491 84.87 -20.70 -111.76
CA PRO W 491 86.16 -21.41 -111.77
C PRO W 491 86.11 -22.90 -111.48
N ASN W 492 84.95 -23.52 -111.29
CA ASN W 492 84.88 -24.91 -110.86
C ASN W 492 84.54 -25.87 -111.99
N GLU W 493 84.64 -25.44 -113.24
CA GLU W 493 84.25 -26.25 -114.39
C GLU W 493 85.43 -26.43 -115.33
N SER W 494 85.50 -27.61 -115.95
CA SER W 494 86.58 -27.93 -116.87
C SER W 494 86.12 -28.08 -118.31
N GLU W 495 84.83 -27.84 -118.59
CA GLU W 495 84.31 -28.01 -119.94
C GLU W 495 83.46 -26.80 -120.29
N PRO W 496 83.58 -26.29 -121.51
CA PRO W 496 82.87 -25.06 -121.90
C PRO W 496 81.36 -25.11 -121.75
N HIS W 497 80.79 -24.01 -121.28
CA HIS W 497 79.37 -23.70 -121.34
C HIS W 497 79.22 -22.29 -121.88
N PRO W 498 78.06 -21.95 -122.44
CA PRO W 498 77.84 -20.58 -122.92
C PRO W 498 77.88 -19.53 -121.81
N LEU W 499 78.14 -19.93 -120.56
CA LEU W 499 78.28 -18.99 -119.46
C LEU W 499 79.73 -18.76 -119.03
N GLN W 500 80.69 -19.42 -119.67
CA GLN W 500 82.09 -19.17 -119.38
C GLN W 500 82.63 -18.07 -120.30
N HIS W 501 83.55 -17.27 -119.77
CA HIS W 501 84.01 -16.09 -120.51
C HIS W 501 84.73 -16.48 -121.79
N GLY W 502 85.67 -17.42 -121.70
CA GLY W 502 86.43 -17.79 -122.86
C GLY W 502 87.16 -19.10 -122.63
N VAL W 503 87.50 -19.76 -123.74
CA VAL W 503 88.17 -21.04 -123.71
C VAL W 503 89.29 -21.05 -124.74
N LEU W 504 90.38 -21.73 -124.39
CA LEU W 504 91.52 -21.91 -125.26
C LEU W 504 91.45 -23.28 -125.93
N GLY W 505 91.00 -23.31 -127.18
CA GLY W 505 91.11 -24.51 -127.99
C GLY W 505 92.58 -24.77 -128.26
N PHE W 506 93.13 -25.77 -127.58
CA PHE W 506 94.57 -25.97 -127.49
C PHE W 506 94.90 -27.33 -128.06
N ILE W 507 95.83 -27.39 -129.00
CA ILE W 507 96.34 -28.62 -129.57
C ILE W 507 97.80 -28.78 -129.15
N PRO W 508 98.19 -29.91 -128.56
CA PRO W 508 99.60 -30.10 -128.21
C PRO W 508 100.45 -30.09 -129.46
N GLU W 509 101.66 -29.54 -129.35
CA GLU W 509 102.45 -29.26 -130.53
C GLU W 509 103.83 -29.89 -130.37
N TYR W 510 104.38 -30.37 -131.49
CA TYR W 510 105.61 -31.13 -131.47
C TYR W 510 106.58 -30.57 -132.51
N LEU W 511 107.87 -30.68 -132.18
CA LEU W 511 108.96 -30.09 -132.94
C LEU W 511 109.59 -31.11 -133.88
N VAL W 512 110.11 -30.61 -135.00
CA VAL W 512 110.73 -31.43 -136.04
C VAL W 512 112.14 -30.92 -136.27
N ASP W 513 113.12 -31.82 -136.21
CA ASP W 513 114.53 -31.47 -136.37
C ASP W 513 115.15 -32.33 -137.46
N PHE W 514 115.97 -31.71 -138.31
CA PHE W 514 116.54 -32.36 -139.47
C PHE W 514 117.44 -31.37 -140.21
N ASN W 515 118.38 -31.91 -140.98
CA ASN W 515 119.19 -31.08 -141.86
C ASN W 515 118.37 -30.69 -143.09
N MET W 516 118.52 -29.44 -143.52
CA MET W 516 117.82 -28.95 -144.70
C MET W 516 118.63 -27.79 -145.30
N ILE W 517 118.52 -27.63 -146.61
CA ILE W 517 119.36 -26.71 -147.36
C ILE W 517 118.48 -25.71 -148.10
N ARG W 518 118.73 -24.43 -147.88
CA ARG W 518 118.15 -23.33 -148.64
C ARG W 518 119.28 -22.45 -149.16
N ASN W 519 119.23 -22.13 -150.45
CA ASN W 519 120.23 -21.29 -151.11
C ASN W 519 121.64 -21.84 -150.91
N GLN W 520 121.76 -23.17 -151.04
CA GLN W 520 123.01 -23.93 -151.04
C GLN W 520 123.95 -23.57 -149.89
N ARG W 521 123.43 -23.47 -148.67
CA ARG W 521 124.20 -23.63 -147.44
C ARG W 521 123.44 -24.55 -146.50
N ILE W 522 124.17 -25.37 -145.76
CA ILE W 522 123.56 -26.43 -144.96
C ILE W 522 123.70 -26.09 -143.48
N GLY W 523 122.72 -26.51 -142.70
CA GLY W 523 122.78 -26.35 -141.26
C GLY W 523 121.66 -27.12 -140.58
N ARG W 524 121.73 -27.20 -139.26
CA ARG W 524 120.67 -27.81 -138.48
C ARG W 524 119.56 -26.80 -138.22
N GLU W 525 118.32 -27.27 -138.21
CA GLU W 525 117.17 -26.44 -137.90
C GLU W 525 116.24 -27.20 -136.98
N ILE W 526 115.64 -26.48 -136.04
CA ILE W 526 114.63 -27.04 -135.14
C ILE W 526 113.41 -26.14 -135.19
N ARG W 527 112.31 -26.66 -135.72
CA ARG W 527 111.07 -25.91 -135.90
C ARG W 527 110.12 -26.26 -134.77
N LEU W 528 109.26 -25.31 -134.42
CA LEU W 528 108.17 -25.56 -133.48
C LEU W 528 106.94 -24.81 -133.98
N THR W 529 105.96 -25.56 -134.49
CA THR W 529 104.75 -24.96 -135.02
C THR W 529 103.67 -25.01 -133.96
N PRO W 530 103.09 -23.88 -133.56
CA PRO W 530 101.98 -23.91 -132.60
C PRO W 530 100.62 -23.91 -133.27
N ARG W 531 99.62 -24.52 -132.63
CA ARG W 531 98.23 -24.39 -133.05
C ARG W 531 97.35 -24.22 -131.82
N TYR W 532 96.72 -23.06 -131.71
CA TYR W 532 95.80 -22.76 -130.61
C TYR W 532 95.05 -21.48 -130.96
N ARG W 533 93.93 -21.26 -130.28
CA ARG W 533 93.18 -20.03 -130.50
C ARG W 533 92.43 -19.64 -129.24
N TYR W 534 92.16 -18.35 -129.08
CA TYR W 534 91.35 -17.84 -127.99
C TYR W 534 89.97 -17.48 -128.50
N PHE W 535 88.94 -18.05 -127.90
CA PHE W 535 87.56 -17.73 -128.25
C PHE W 535 86.93 -16.91 -127.13
N ASN W 536 85.84 -16.23 -127.48
CA ASN W 536 85.16 -15.32 -126.57
C ASN W 536 83.68 -15.67 -126.54
N PHE W 537 83.18 -16.07 -125.38
CA PHE W 537 81.76 -16.41 -125.27
C PHE W 537 80.92 -15.31 -124.64
N LEU W 538 81.23 -14.94 -123.40
CA LEU W 538 80.35 -14.02 -122.69
C LEU W 538 80.48 -12.60 -123.27
N PRO W 539 79.37 -11.95 -123.57
CA PRO W 539 79.43 -10.54 -123.93
C PRO W 539 79.26 -9.61 -122.73
N ILE W 540 80.07 -9.80 -121.69
CA ILE W 540 80.06 -8.91 -120.53
C ILE W 540 81.49 -8.56 -120.18
N MET W 541 81.79 -7.27 -120.14
CA MET W 541 83.09 -6.78 -119.68
C MET W 541 82.95 -5.34 -119.20
N LEU W 542 83.76 -4.96 -118.23
CA LEU W 542 83.77 -3.62 -117.67
C LEU W 542 85.19 -3.08 -117.67
N VAL W 543 85.35 -1.84 -118.14
CA VAL W 543 86.66 -1.23 -118.29
C VAL W 543 86.76 -0.03 -117.38
N ILE W 544 87.77 -0.02 -116.50
CA ILE W 544 88.00 1.07 -115.56
C ILE W 544 89.40 1.61 -115.76
N ASN W 545 89.52 2.93 -115.83
CA ASN W 545 90.81 3.60 -115.99
C ASN W 545 91.05 4.50 -114.78
N VAL W 546 92.24 4.37 -114.18
CA VAL W 546 92.66 5.22 -113.08
C VAL W 546 93.91 5.98 -113.52
N ILE W 547 93.93 7.28 -113.28
CA ILE W 547 95.02 8.13 -113.72
C ILE W 547 95.43 9.07 -112.58
N ASN W 548 96.66 9.58 -112.68
CA ASN W 548 97.22 10.54 -111.73
C ASN W 548 97.33 9.98 -110.32
N LEU W 549 97.32 8.66 -110.16
CA LEU W 549 97.53 8.09 -108.84
C LEU W 549 98.90 8.46 -108.31
N GLU W 550 99.90 8.52 -109.21
CA GLU W 550 101.28 8.71 -108.78
C GLU W 550 101.49 10.10 -108.20
N GLU W 551 101.01 11.13 -108.90
CA GLU W 551 101.23 12.49 -108.43
C GLU W 551 100.38 12.81 -107.21
N ALA W 552 99.19 12.21 -107.10
CA ALA W 552 98.28 12.56 -106.01
C ALA W 552 98.87 12.21 -104.65
N ILE W 553 99.47 11.02 -104.53
CA ILE W 553 100.03 10.63 -103.24
C ILE W 553 101.16 11.54 -102.82
N ALA W 554 102.07 11.86 -103.73
CA ALA W 554 103.24 12.68 -103.42
C ALA W 554 102.91 14.13 -103.18
N GLN W 555 101.84 14.64 -103.77
CA GLN W 555 101.48 16.04 -103.67
C GLN W 555 100.33 16.20 -102.68
N ARG W 556 100.19 17.42 -102.14
CA ARG W 556 99.21 17.69 -101.12
C ARG W 556 97.80 17.44 -101.64
N THR W 557 97.05 16.57 -100.96
CA THR W 557 95.64 16.36 -101.23
C THR W 557 94.85 16.91 -100.05
N ALA W 558 94.29 18.09 -100.22
CA ALA W 558 93.61 18.79 -99.13
C ALA W 558 92.11 18.75 -99.36
N LEU W 559 91.37 18.92 -98.26
CA LEU W 559 89.91 18.83 -98.28
C LEU W 559 89.30 19.83 -99.25
N ASP W 560 88.76 19.34 -100.34
CA ASP W 560 88.06 20.19 -101.29
C ASP W 560 86.68 20.50 -100.72
N VAL W 561 86.40 21.76 -100.47
CA VAL W 561 85.18 22.11 -99.77
C VAL W 561 84.34 23.07 -100.61
N ASN W 562 83.04 22.78 -100.69
CA ASN W 562 82.11 23.66 -101.38
C ASN W 562 81.82 24.86 -100.50
N GLU W 563 82.60 25.92 -100.65
CA GLU W 563 82.40 27.12 -99.85
C GLU W 563 81.12 27.82 -100.31
N THR W 564 80.01 27.52 -99.66
CA THR W 564 78.72 27.83 -100.26
C THR W 564 78.12 29.11 -99.70
N GLN W 565 78.64 30.24 -100.18
CA GLN W 565 77.87 31.44 -100.48
C GLN W 565 76.79 31.74 -99.45
N VAL W 566 77.22 32.01 -98.24
CA VAL W 566 76.34 32.80 -97.38
C VAL W 566 76.95 34.18 -97.35
N THR W 567 76.63 34.94 -98.38
CA THR W 567 76.99 36.23 -98.95
C THR W 567 76.10 36.50 -100.16
N PRO W 568 75.85 37.77 -100.49
CA PRO W 568 74.94 38.05 -101.60
C PRO W 568 75.50 37.61 -102.95
N ALA W 569 75.46 36.31 -103.22
CA ALA W 569 75.96 35.76 -104.48
C ALA W 569 75.01 34.71 -105.05
N SER W 570 73.75 34.76 -104.64
CA SER W 570 72.74 33.84 -105.13
C SER W 570 71.35 34.33 -104.77
N HIS X 1 -44.61 -33.01 -61.26
CA HIS X 1 -44.79 -33.64 -62.57
C HIS X 1 -43.66 -33.31 -63.52
N GLU X 2 -43.47 -34.17 -64.52
CA GLU X 2 -42.37 -34.06 -65.48
C GLU X 2 -42.49 -32.85 -66.38
N PHE X 3 -43.72 -32.56 -66.86
CA PHE X 3 -43.87 -31.62 -67.96
C PHE X 3 -43.37 -30.25 -67.60
N ALA X 4 -43.85 -29.69 -66.48
CA ALA X 4 -43.35 -28.39 -66.07
C ALA X 4 -41.89 -28.46 -65.66
N GLU X 5 -41.41 -29.64 -65.25
CA GLU X 5 -40.02 -29.77 -64.86
C GLU X 5 -39.08 -29.58 -66.05
N LEU X 6 -39.44 -30.12 -67.22
CA LEU X 6 -38.55 -30.00 -68.37
C LEU X 6 -38.35 -28.55 -68.79
N PHE X 7 -39.44 -27.80 -68.93
CA PHE X 7 -39.36 -26.46 -69.47
C PHE X 7 -38.96 -25.40 -68.44
N TYR X 8 -38.98 -25.74 -67.15
CA TYR X 8 -38.61 -24.79 -66.11
C TYR X 8 -37.95 -25.56 -64.97
N ARG X 9 -36.65 -25.36 -64.80
CA ARG X 9 -35.96 -25.97 -63.68
C ARG X 9 -36.34 -25.27 -62.39
N THR X 10 -36.64 -26.07 -61.36
CA THR X 10 -37.09 -25.52 -60.10
C THR X 10 -35.94 -24.81 -59.40
N TYR X 11 -36.23 -23.65 -58.81
CA TYR X 11 -35.26 -22.89 -58.05
C TYR X 11 -35.88 -22.47 -56.73
N ILE X 12 -35.32 -22.96 -55.64
CA ILE X 12 -35.83 -22.66 -54.30
C ILE X 12 -35.22 -21.34 -53.85
N VAL X 13 -36.01 -20.52 -53.16
CA VAL X 13 -35.58 -19.22 -52.65
C VAL X 13 -35.93 -19.15 -51.17
N THR X 14 -35.04 -18.54 -50.40
CA THR X 14 -35.29 -18.34 -48.98
C THR X 14 -36.50 -17.43 -48.79
N PRO X 15 -37.28 -17.64 -47.73
CA PRO X 15 -38.54 -16.89 -47.58
C PRO X 15 -38.35 -15.40 -47.47
N ASP X 16 -37.26 -14.96 -46.82
CA ASP X 16 -37.06 -13.54 -46.59
C ASP X 16 -36.88 -12.76 -47.89
N GLN X 17 -36.15 -13.30 -48.86
CA GLN X 17 -35.93 -12.58 -50.11
C GLN X 17 -37.25 -12.34 -50.82
N ALA X 18 -37.44 -11.10 -51.26
CA ALA X 18 -38.61 -10.72 -52.03
C ALA X 18 -38.33 -10.65 -53.52
N GLY X 19 -37.08 -10.92 -53.92
CA GLY X 19 -36.75 -10.95 -55.33
C GLY X 19 -35.26 -11.21 -55.50
N PHE X 20 -34.92 -11.89 -56.59
CA PHE X 20 -33.54 -12.28 -56.81
C PHE X 20 -33.03 -11.62 -58.08
N GLN X 21 -31.76 -11.21 -58.02
CA GLN X 21 -31.18 -10.38 -59.06
C GLN X 21 -30.21 -11.17 -59.91
N LEU X 22 -30.30 -10.98 -61.22
CA LEU X 22 -29.48 -11.70 -62.18
C LEU X 22 -28.59 -10.71 -62.92
N SER X 23 -27.32 -10.65 -62.54
CA SER X 23 -26.33 -9.80 -63.18
C SER X 23 -25.39 -10.67 -64.02
N ILE X 24 -25.20 -10.30 -65.27
CA ILE X 24 -24.42 -11.10 -66.22
C ILE X 24 -23.27 -10.25 -66.75
N ARG X 25 -22.20 -10.92 -67.14
CA ARG X 25 -21.02 -10.26 -67.72
C ARG X 25 -21.08 -10.36 -69.23
N ARG X 26 -20.86 -9.24 -69.90
CA ARG X 26 -20.83 -9.20 -71.35
C ARG X 26 -19.61 -8.41 -71.81
N ASN X 27 -18.92 -8.92 -72.82
CA ASN X 27 -17.65 -8.34 -73.28
C ASN X 27 -17.89 -7.58 -74.59
N LEU X 28 -17.39 -6.35 -74.65
CA LEU X 28 -17.73 -5.44 -75.73
C LEU X 28 -16.49 -5.02 -76.51
N VAL X 29 -16.69 -4.73 -77.79
CA VAL X 29 -15.64 -4.23 -78.67
C VAL X 29 -16.23 -3.12 -79.55
N TRP X 30 -15.50 -2.03 -79.70
CA TRP X 30 -15.93 -0.94 -80.56
C TRP X 30 -14.71 -0.12 -80.97
N GLU X 31 -14.87 0.63 -82.06
CA GLU X 31 -13.75 1.18 -82.79
C GLU X 31 -13.51 2.64 -82.39
N GLY X 32 -12.32 2.88 -81.84
CA GLY X 32 -11.90 4.21 -81.44
C GLY X 32 -12.83 4.86 -80.44
N TRP X 33 -12.56 6.11 -80.08
CA TRP X 33 -13.49 6.92 -79.33
C TRP X 33 -14.36 7.67 -80.32
N THR X 34 -15.48 8.22 -79.85
CA THR X 34 -16.34 8.97 -80.76
C THR X 34 -15.70 10.30 -81.15
N GLY X 35 -14.93 10.90 -80.25
CA GLY X 35 -14.19 12.11 -80.56
C GLY X 35 -15.05 13.22 -81.12
N GLU X 36 -14.54 13.90 -82.14
CA GLU X 36 -15.23 15.05 -82.72
C GLU X 36 -16.18 14.61 -83.83
N GLY X 37 -17.43 15.05 -83.72
CA GLY X 37 -18.33 15.06 -84.86
C GLY X 37 -18.83 16.45 -85.20
N LEU X 38 -19.08 17.26 -84.19
CA LEU X 38 -19.34 18.69 -84.35
C LEU X 38 -18.29 19.43 -83.53
N SER X 39 -18.20 19.04 -82.27
CA SER X 39 -17.01 19.14 -81.44
C SER X 39 -16.99 17.80 -80.72
N GLY X 40 -17.76 16.87 -81.26
CA GLY X 40 -18.17 15.60 -80.68
C GLY X 40 -19.63 15.30 -80.95
N GLU X 41 -20.01 14.06 -80.65
CA GLU X 41 -21.40 13.63 -80.80
C GLU X 41 -21.73 12.65 -79.69
N LYS X 42 -23.00 12.58 -79.34
CA LYS X 42 -23.45 11.54 -78.42
C LYS X 42 -23.14 10.17 -79.01
N GLN X 43 -22.52 9.31 -78.21
CA GLN X 43 -21.89 8.11 -78.75
C GLN X 43 -22.97 7.12 -79.17
N GLU X 44 -23.36 7.21 -80.44
CA GLU X 44 -24.30 6.28 -81.04
C GLU X 44 -23.56 5.07 -81.61
N ILE X 45 -22.25 4.99 -81.38
CA ILE X 45 -21.45 3.92 -81.97
C ILE X 45 -21.89 2.59 -81.41
N SER X 46 -22.12 1.63 -82.28
CA SER X 46 -22.67 0.35 -81.87
C SER X 46 -21.61 -0.48 -81.16
N LYS X 47 -21.73 -0.59 -79.85
CA LYS X 47 -20.93 -1.54 -79.08
C LYS X 47 -21.54 -2.92 -79.28
N ARG X 48 -20.98 -3.69 -80.20
CA ARG X 48 -21.54 -4.97 -80.59
C ARG X 48 -20.84 -6.11 -79.87
N ASN X 49 -21.62 -7.09 -79.45
CA ASN X 49 -21.11 -8.20 -78.66
C ASN X 49 -20.11 -9.03 -79.47
N ILE X 50 -19.10 -9.56 -78.80
CA ILE X 50 -18.07 -10.33 -79.48
C ILE X 50 -18.61 -11.63 -80.04
N LEU X 51 -19.57 -12.26 -79.36
CA LEU X 51 -20.16 -13.49 -79.88
C LEU X 51 -20.87 -13.26 -81.20
N GLN X 52 -21.40 -12.05 -81.43
CA GLN X 52 -21.87 -11.70 -82.77
C GLN X 52 -20.73 -11.76 -83.77
N GLY X 53 -19.54 -11.30 -83.38
CA GLY X 53 -18.39 -11.40 -84.26
C GLY X 53 -17.97 -12.80 -84.58
N LEU X 54 -18.41 -13.78 -83.78
CA LEU X 54 -18.15 -15.16 -84.15
C LEU X 54 -18.97 -15.57 -85.35
N LEU X 55 -20.09 -14.88 -85.59
CA LEU X 55 -21.03 -15.25 -86.64
C LEU X 55 -20.77 -14.44 -87.91
N ASP X 56 -20.81 -13.12 -87.83
CA ASP X 56 -20.43 -12.29 -88.97
C ASP X 56 -18.94 -11.94 -88.87
N TYR X 57 -18.39 -11.37 -89.94
CA TYR X 57 -16.96 -11.12 -90.00
C TYR X 57 -16.62 -9.65 -90.00
N THR X 58 -17.61 -8.77 -90.06
CA THR X 58 -17.34 -7.34 -90.09
C THR X 58 -17.11 -6.73 -88.71
N THR X 59 -17.41 -7.48 -87.64
CA THR X 59 -17.17 -6.96 -86.30
C THR X 59 -15.69 -6.71 -86.05
N LEU X 60 -14.85 -7.67 -86.40
CA LEU X 60 -13.41 -7.56 -86.24
C LEU X 60 -12.79 -6.88 -87.44
N GLU X 61 -11.46 -6.99 -87.51
CA GLU X 61 -10.55 -6.58 -88.58
C GLU X 61 -10.53 -5.07 -88.77
N THR X 62 -9.33 -4.50 -88.83
CA THR X 62 -9.10 -3.09 -89.14
C THR X 62 -7.73 -2.96 -89.78
N ASN X 63 -7.61 -2.00 -90.68
CA ASN X 63 -6.32 -1.61 -91.24
C ASN X 63 -5.95 -0.24 -90.69
N SER X 64 -4.98 -0.24 -89.77
CA SER X 64 -4.67 0.98 -89.03
C SER X 64 -3.20 1.34 -89.09
N THR X 65 -2.40 0.53 -89.76
CA THR X 65 -0.97 0.80 -89.88
C THR X 65 -0.47 0.89 -91.30
N GLU X 66 -1.35 0.74 -92.30
CA GLU X 66 -0.93 0.86 -93.69
C GLU X 66 -0.46 2.27 -93.99
N LEU X 67 0.68 2.38 -94.66
CA LEU X 67 1.27 3.67 -94.99
C LEU X 67 0.68 4.13 -96.31
N ILE X 68 -0.59 4.49 -96.28
CA ILE X 68 -1.34 4.90 -97.48
C ILE X 68 -0.87 6.29 -97.88
N PRO X 69 -0.53 6.50 -99.15
CA PRO X 69 -0.17 7.85 -99.60
C PRO X 69 -1.31 8.81 -99.38
N VAL X 70 -0.98 10.04 -98.98
CA VAL X 70 -1.97 11.07 -98.70
C VAL X 70 -1.54 12.34 -99.39
N ILE X 71 -2.46 12.98 -100.12
CA ILE X 71 -2.11 14.18 -100.86
C ILE X 71 -2.31 15.41 -99.99
N GLN X 72 -1.36 16.33 -100.06
CA GLN X 72 -1.51 17.68 -99.53
C GLN X 72 -1.48 18.63 -100.72
N SER X 73 -2.59 19.32 -100.95
CA SER X 73 -2.68 20.18 -102.11
C SER X 73 -1.62 21.29 -102.04
N GLY X 74 -0.85 21.40 -103.12
CA GLY X 74 0.14 22.46 -103.22
C GLY X 74 1.45 22.21 -102.51
N GLU X 75 1.65 21.01 -101.95
CA GLU X 75 2.93 20.72 -101.31
C GLU X 75 3.69 19.64 -102.05
N ASN X 76 3.08 18.47 -102.22
CA ASN X 76 3.75 17.32 -102.80
C ASN X 76 3.04 16.78 -104.04
N ASP X 77 2.41 17.66 -104.81
CA ASP X 77 1.64 17.18 -105.95
C ASP X 77 2.50 16.48 -106.99
N GLU X 78 3.79 16.82 -107.05
CA GLU X 78 4.63 16.30 -108.12
C GLU X 78 5.04 14.86 -107.93
N GLN X 79 4.99 14.31 -106.71
CA GLN X 79 5.17 12.87 -106.56
C GLN X 79 3.98 12.08 -107.08
N PHE X 80 2.76 12.54 -106.84
CA PHE X 80 1.59 11.89 -107.39
C PHE X 80 1.46 12.24 -108.87
N ILE X 81 0.74 11.38 -109.60
CA ILE X 81 0.55 11.62 -111.02
C ILE X 81 -0.30 12.87 -111.21
N ASP X 82 -0.29 13.39 -112.44
CA ASP X 82 -1.11 14.54 -112.75
C ASP X 82 -2.58 14.19 -112.56
N PRO X 83 -3.31 14.92 -111.70
CA PRO X 83 -4.72 14.61 -111.50
C PRO X 83 -5.59 14.80 -112.73
N SER X 84 -5.05 15.35 -113.81
CA SER X 84 -5.80 15.41 -115.06
C SER X 84 -6.07 14.01 -115.60
N VAL X 85 -5.11 13.10 -115.45
CA VAL X 85 -5.30 11.74 -115.93
C VAL X 85 -6.35 11.01 -115.09
N LEU X 86 -6.37 11.25 -113.79
CA LEU X 86 -7.32 10.57 -112.92
C LEU X 86 -7.68 11.45 -111.73
N PRO X 87 -8.97 11.69 -111.47
CA PRO X 87 -9.35 12.52 -110.33
C PRO X 87 -9.07 11.83 -109.00
N ALA X 88 -9.15 12.61 -107.93
CA ALA X 88 -8.81 12.12 -106.60
C ALA X 88 -9.74 10.99 -106.17
N GLN X 89 -9.19 10.06 -105.40
CA GLN X 89 -9.94 8.95 -104.83
C GLN X 89 -9.86 9.01 -103.32
N THR X 90 -10.99 8.74 -102.66
CA THR X 90 -11.05 8.81 -101.20
C THR X 90 -11.21 7.43 -100.61
N VAL X 91 -10.31 7.07 -99.69
CA VAL X 91 -10.40 5.82 -98.93
C VAL X 91 -10.34 6.17 -97.46
N LYS X 92 -10.89 5.29 -96.63
CA LYS X 92 -11.06 5.55 -95.21
C LYS X 92 -10.17 4.63 -94.38
N GLN X 93 -9.52 5.20 -93.38
CA GLN X 93 -8.65 4.48 -92.46
C GLN X 93 -8.99 4.94 -91.05
N GLY X 94 -9.75 4.14 -90.32
CA GLY X 94 -10.16 4.57 -88.99
C GLY X 94 -11.21 5.65 -89.07
N LYS X 95 -10.84 6.86 -88.67
CA LYS X 95 -11.78 7.98 -88.65
C LYS X 95 -11.47 9.05 -89.70
N ASP X 96 -10.43 8.88 -90.50
CA ASP X 96 -9.95 9.93 -91.40
C ASP X 96 -10.49 9.71 -92.80
N THR X 97 -10.67 10.81 -93.53
CA THR X 97 -10.95 10.77 -94.96
C THR X 97 -9.93 11.66 -95.68
N PHE X 98 -9.30 11.12 -96.72
CA PHE X 98 -8.29 11.84 -97.47
C PHE X 98 -8.19 11.28 -98.87
N ASP X 99 -7.48 12.01 -99.74
CA ASP X 99 -7.45 11.70 -101.16
C ASP X 99 -6.16 11.00 -101.54
N THR X 100 -6.26 9.97 -102.38
CA THR X 100 -5.13 9.14 -102.76
C THR X 100 -5.07 8.99 -104.27
N ASN X 101 -3.85 9.03 -104.80
CA ASN X 101 -3.61 8.77 -106.22
C ASN X 101 -2.38 7.90 -106.35
N PHE X 102 -2.27 7.20 -107.50
CA PHE X 102 -1.13 6.33 -107.73
C PHE X 102 0.14 7.15 -107.92
N LEU X 103 1.26 6.61 -107.43
CA LEU X 103 2.52 7.34 -107.48
C LEU X 103 3.07 7.38 -108.90
N LYS X 104 3.81 8.43 -109.21
CA LYS X 104 4.45 8.55 -110.52
C LYS X 104 5.78 7.81 -110.52
N PHE X 105 6.05 7.12 -111.63
CA PHE X 105 7.31 6.41 -111.78
C PHE X 105 8.48 7.39 -111.88
N SER X 106 9.38 7.31 -110.89
CA SER X 106 10.61 8.09 -110.93
C SER X 106 11.49 7.57 -112.04
N GLU X 107 12.07 8.49 -112.82
CA GLU X 107 12.86 8.08 -113.96
C GLU X 107 14.35 8.36 -113.74
N ASN X 108 14.70 9.61 -113.45
CA ASN X 108 16.08 9.96 -113.17
C ASN X 108 16.23 10.76 -111.88
N GLY X 109 15.15 11.38 -111.41
CA GLY X 109 15.22 12.29 -110.30
C GLY X 109 15.23 11.57 -108.96
N GLU X 110 15.15 12.36 -107.91
CA GLU X 110 15.10 11.86 -106.55
C GLU X 110 13.84 11.02 -106.36
N GLY X 111 13.95 10.03 -105.48
CA GLY X 111 12.83 9.15 -105.22
C GLY X 111 11.78 9.76 -104.33
N PHE X 112 11.15 8.95 -103.51
CA PHE X 112 10.12 9.40 -102.59
C PHE X 112 10.42 8.89 -101.20
N ASN X 113 10.10 9.71 -100.20
CA ASN X 113 10.24 9.35 -98.80
C ASN X 113 8.85 8.98 -98.30
N LEU X 114 8.59 7.67 -98.22
CA LEU X 114 7.23 7.19 -97.96
C LEU X 114 6.71 7.64 -96.61
N LEU X 115 7.56 7.60 -95.58
CA LEU X 115 7.10 7.90 -94.23
C LEU X 115 6.54 9.31 -94.13
N MET X 116 7.28 10.30 -94.64
CA MET X 116 6.76 11.66 -94.63
C MET X 116 5.68 11.84 -95.70
N LEU X 117 5.58 10.89 -96.63
CA LEU X 117 4.56 10.97 -97.66
C LEU X 117 3.22 10.43 -97.16
N ALA X 118 3.23 9.71 -96.03
CA ALA X 118 2.05 9.00 -95.56
C ALA X 118 1.40 9.64 -94.33
N GLN X 119 1.35 10.97 -94.29
CA GLN X 119 0.75 11.66 -93.16
C GLN X 119 -0.76 11.72 -93.31
N THR X 120 -1.46 10.84 -92.61
CA THR X 120 -2.90 10.98 -92.46
C THR X 120 -3.18 12.12 -91.47
N PRO X 121 -4.37 12.72 -91.52
CA PRO X 121 -4.67 13.81 -90.59
C PRO X 121 -4.53 13.45 -89.12
N SER X 122 -4.86 12.20 -88.76
CA SER X 122 -4.67 11.78 -87.37
C SER X 122 -3.20 11.82 -86.97
N ARG X 123 -2.31 11.32 -87.84
CA ARG X 123 -0.90 11.30 -87.49
C ARG X 123 -0.34 12.69 -87.33
N LEU X 124 -0.93 13.68 -88.02
CA LEU X 124 -0.42 15.04 -87.90
C LEU X 124 -0.66 15.60 -86.52
N LYS X 125 -1.87 15.44 -85.97
CA LYS X 125 -2.10 15.78 -84.57
C LYS X 125 -1.25 14.93 -83.65
N LYS X 126 -1.03 13.67 -84.02
CA LYS X 126 -0.31 12.68 -83.22
C LYS X 126 1.14 13.11 -82.98
N GLY X 127 1.60 14.18 -83.63
CA GLY X 127 2.97 14.63 -83.56
C GLY X 127 3.75 14.33 -84.82
N SER X 128 4.72 15.19 -85.12
CA SER X 128 5.48 15.09 -86.35
C SER X 128 6.25 13.78 -86.43
N MET X 129 6.37 13.22 -87.62
CA MET X 129 7.01 11.93 -87.78
C MET X 129 8.51 12.03 -87.57
N THR X 130 9.01 11.22 -86.64
CA THR X 130 10.44 11.12 -86.35
C THR X 130 10.91 9.73 -86.73
N PHE X 131 12.16 9.61 -87.15
CA PHE X 131 12.71 8.33 -87.58
C PHE X 131 13.20 7.54 -86.38
N THR X 132 12.24 6.89 -85.70
CA THR X 132 12.48 5.81 -84.76
C THR X 132 11.49 4.71 -85.11
N ASP X 133 10.76 4.92 -86.22
CA ASP X 133 9.80 3.96 -86.74
C ASP X 133 10.42 3.16 -87.88
N SER X 134 10.00 1.91 -88.01
CA SER X 134 10.56 1.00 -88.99
C SER X 134 9.44 0.43 -89.85
N LEU X 135 9.77 0.16 -91.11
CA LEU X 135 8.78 -0.29 -92.07
C LEU X 135 8.43 -1.75 -91.84
N ASP X 136 7.42 -2.21 -92.56
CA ASP X 136 6.95 -3.59 -92.46
C ASP X 136 8.04 -4.55 -92.92
N SER X 137 8.11 -5.72 -92.28
CA SER X 137 9.10 -6.71 -92.66
C SER X 137 8.94 -7.18 -94.10
N ARG X 138 7.76 -6.99 -94.69
CA ARG X 138 7.55 -7.30 -96.11
C ARG X 138 6.63 -6.24 -96.68
N ILE X 139 7.00 -5.74 -97.86
CA ILE X 139 6.22 -4.74 -98.58
C ILE X 139 6.04 -5.23 -100.01
N ALA X 140 5.00 -4.74 -100.68
CA ALA X 140 4.67 -5.20 -102.02
C ALA X 140 3.73 -4.21 -102.69
N LEU X 141 3.46 -4.47 -103.96
CA LEU X 141 2.55 -3.63 -104.73
C LEU X 141 1.11 -3.96 -104.37
N LYS X 142 0.25 -2.94 -104.35
CA LYS X 142 -1.17 -3.24 -104.23
C LYS X 142 -1.82 -3.38 -105.60
N GLN X 143 -1.76 -2.31 -106.40
CA GLN X 143 -2.35 -2.28 -107.72
C GLN X 143 -1.37 -1.67 -108.70
N LEU X 144 -1.38 -2.16 -109.93
CA LEU X 144 -0.54 -1.64 -110.99
C LEU X 144 -1.42 -1.02 -112.06
N LEU X 145 -1.09 0.21 -112.47
CA LEU X 145 -1.93 0.97 -113.38
C LEU X 145 -1.22 1.13 -114.72
N ILE X 146 -1.92 0.78 -115.80
CA ILE X 146 -1.46 1.01 -117.16
C ILE X 146 -2.58 1.68 -117.95
N SER X 147 -2.19 2.32 -119.04
CA SER X 147 -3.13 2.99 -119.92
C SER X 147 -3.04 2.38 -121.31
N VAL X 148 -4.14 1.79 -121.77
CA VAL X 148 -4.22 1.20 -123.10
C VAL X 148 -4.76 2.27 -124.04
N THR X 149 -3.90 2.78 -124.91
CA THR X 149 -4.24 3.86 -125.82
C THR X 149 -4.24 3.32 -127.25
N LYS X 150 -5.33 3.57 -127.97
CA LYS X 150 -5.45 3.17 -129.37
C LYS X 150 -6.14 4.29 -130.12
N GLY X 151 -5.36 5.11 -130.82
CA GLY X 151 -5.87 6.23 -131.58
C GLY X 151 -6.08 7.50 -130.78
N GLY X 152 -5.90 7.44 -129.47
CA GLY X 152 -6.08 8.60 -128.61
C GLY X 152 -6.97 8.37 -127.40
N THR X 153 -7.80 7.33 -127.39
CA THR X 153 -8.66 7.05 -126.25
C THR X 153 -7.90 6.28 -125.19
N THR X 154 -7.99 6.72 -123.94
CA THR X 154 -7.26 6.14 -122.83
C THR X 154 -8.22 5.36 -121.95
N GLU X 155 -7.85 4.11 -121.65
CA GLU X 155 -8.59 3.27 -120.73
C GLU X 155 -7.67 2.81 -119.60
N LEU X 156 -8.19 2.78 -118.39
CA LEU X 156 -7.42 2.44 -117.20
C LEU X 156 -7.83 1.08 -116.67
N PHE X 157 -6.84 0.26 -116.34
CA PHE X 157 -7.06 -1.05 -115.75
C PHE X 157 -6.30 -1.12 -114.43
N ALA X 158 -7.01 -1.41 -113.36
CA ALA X 158 -6.41 -1.58 -112.03
C ALA X 158 -6.04 -3.04 -111.85
N LEU X 159 -4.89 -3.45 -112.38
CA LEU X 159 -4.44 -4.82 -112.27
C LEU X 159 -4.05 -5.12 -110.83
N ASP X 160 -4.89 -5.88 -110.14
CA ASP X 160 -4.56 -6.32 -108.79
C ASP X 160 -3.48 -7.39 -108.81
N VAL X 161 -2.23 -6.97 -108.63
CA VAL X 161 -1.08 -7.86 -108.72
C VAL X 161 -0.56 -8.29 -107.37
N ASN X 162 -1.15 -7.81 -106.28
CA ASN X 162 -0.68 -8.21 -104.95
C ASN X 162 -0.81 -9.72 -104.79
N ARG X 163 0.12 -10.30 -104.04
CA ARG X 163 0.19 -11.75 -103.87
C ARG X 163 0.46 -12.41 -105.22
N ASP X 164 1.21 -11.72 -106.08
CA ASP X 164 1.81 -12.38 -107.22
C ASP X 164 2.99 -13.25 -106.78
N GLN X 165 3.42 -14.14 -107.66
CA GLN X 165 4.59 -14.96 -107.37
C GLN X 165 5.83 -14.10 -107.19
N TYR X 166 5.96 -13.01 -107.93
CA TYR X 166 7.22 -12.29 -108.00
C TYR X 166 7.08 -10.84 -107.58
N ALA X 167 6.07 -10.52 -106.78
CA ALA X 167 5.79 -9.14 -106.40
C ALA X 167 6.15 -8.84 -104.96
N ALA X 168 6.90 -9.70 -104.30
CA ALA X 168 7.27 -9.52 -102.91
C ALA X 168 8.69 -9.02 -102.81
N TYR X 169 8.90 -7.99 -101.99
CA TYR X 169 10.22 -7.40 -101.83
C TYR X 169 11.16 -8.42 -101.19
N THR X 170 12.44 -8.35 -101.56
CA THR X 170 13.44 -9.30 -101.07
C THR X 170 14.68 -8.55 -100.60
N ALA X 171 15.54 -9.24 -99.85
CA ALA X 171 16.73 -8.62 -99.30
C ALA X 171 17.89 -8.70 -100.29
N THR X 172 18.80 -7.74 -100.21
CA THR X 172 19.97 -7.69 -101.08
C THR X 172 21.13 -7.09 -100.32
N ARG X 173 22.33 -7.29 -100.86
CA ARG X 173 23.57 -6.85 -100.24
C ARG X 173 24.39 -5.97 -101.17
N GLU X 174 24.09 -4.66 -101.16
CA GLU X 174 24.80 -3.69 -101.98
C GLU X 174 24.39 -2.27 -101.60
N TYR X 175 25.31 -1.32 -101.73
CA TYR X 175 25.08 0.08 -101.44
C TYR X 175 24.79 0.28 -99.97
N ASN X 176 23.53 0.10 -99.57
CA ASN X 176 23.14 0.05 -98.16
C ASN X 176 22.70 -1.35 -97.81
N PHE X 177 22.54 -1.60 -96.51
CA PHE X 177 22.36 -2.97 -96.03
C PHE X 177 21.25 -3.08 -95.01
N ARG X 178 20.36 -2.10 -94.98
CA ARG X 178 18.98 -2.28 -94.53
C ARG X 178 18.05 -2.34 -95.73
N LEU X 179 18.60 -2.48 -96.92
CA LEU X 179 17.89 -2.21 -98.17
C LEU X 179 17.06 -3.42 -98.58
N MET X 180 15.84 -3.17 -99.04
CA MET X 180 14.97 -4.18 -99.62
C MET X 180 14.96 -4.02 -101.14
N GLN X 181 14.61 -5.09 -101.84
CA GLN X 181 14.69 -5.15 -103.28
C GLN X 181 13.37 -5.61 -103.88
N LEU X 182 12.99 -5.01 -105.01
CA LEU X 182 11.78 -5.38 -105.74
C LEU X 182 12.14 -5.68 -107.18
N LYS X 183 12.36 -6.95 -107.49
CA LYS X 183 12.58 -7.42 -108.86
C LYS X 183 11.24 -7.94 -109.36
N PHE X 184 10.70 -7.29 -110.39
CA PHE X 184 9.39 -7.63 -110.92
C PHE X 184 9.48 -7.77 -112.44
N HIS X 185 9.74 -8.99 -112.91
CA HIS X 185 9.69 -9.31 -114.33
C HIS X 185 8.72 -10.48 -114.49
N THR X 186 7.48 -10.18 -114.86
CA THR X 186 6.43 -11.17 -114.78
C THR X 186 5.39 -10.87 -115.85
N SER X 187 4.64 -11.90 -116.21
CA SER X 187 3.59 -11.81 -117.22
C SER X 187 2.26 -11.50 -116.56
N LEU X 188 1.68 -10.37 -116.92
CA LEU X 188 0.35 -10.00 -116.46
C LEU X 188 -0.67 -10.28 -117.55
N GLY X 189 -1.89 -10.61 -117.13
CA GLY X 189 -2.97 -10.94 -118.05
C GLY X 189 -4.13 -9.96 -117.94
N LEU X 190 -4.90 -9.85 -119.01
CA LEU X 190 -6.12 -9.06 -119.04
C LEU X 190 -7.27 -9.99 -119.42
N GLY X 191 -8.09 -10.35 -118.46
CA GLY X 191 -9.11 -11.36 -118.66
C GLY X 191 -10.18 -10.97 -119.66
N GLU X 192 -10.84 -11.98 -120.26
CA GLU X 192 -11.87 -11.76 -121.26
C GLU X 192 -13.16 -11.24 -120.66
N GLU X 193 -13.14 -10.88 -119.38
CA GLU X 193 -14.30 -10.27 -118.74
C GLU X 193 -13.81 -9.15 -117.84
N SER X 194 -12.49 -8.96 -117.80
CA SER X 194 -11.90 -7.96 -116.92
C SER X 194 -12.48 -6.58 -117.21
N THR X 195 -12.79 -5.85 -116.15
CA THR X 195 -13.49 -4.58 -116.24
C THR X 195 -12.56 -3.44 -115.80
N THR X 196 -12.78 -2.27 -116.39
CA THR X 196 -12.00 -1.10 -116.02
C THR X 196 -12.38 -0.64 -114.61
N VAL X 197 -11.74 0.45 -114.18
CA VAL X 197 -12.01 0.98 -112.84
C VAL X 197 -13.46 1.47 -112.74
N ALA X 198 -14.00 2.03 -113.82
CA ALA X 198 -15.38 2.50 -113.80
C ALA X 198 -16.38 1.36 -113.83
N GLY X 199 -15.96 0.15 -114.20
CA GLY X 199 -16.86 -0.99 -114.23
C GLY X 199 -17.48 -1.23 -115.59
N ALA X 200 -16.65 -1.28 -116.63
CA ALA X 200 -17.13 -1.53 -118.00
C ALA X 200 -16.04 -2.23 -118.79
N GLU X 201 -16.46 -2.95 -119.83
CA GLU X 201 -15.52 -3.67 -120.68
C GLU X 201 -14.77 -2.69 -121.58
N SER X 202 -13.58 -3.10 -122.01
CA SER X 202 -12.74 -2.24 -122.84
C SER X 202 -13.33 -2.10 -124.23
N ALA X 203 -13.76 -0.88 -124.56
CA ALA X 203 -14.32 -0.63 -125.89
C ALA X 203 -13.27 -0.83 -126.98
N LEU X 204 -12.03 -0.39 -126.74
CA LEU X 204 -10.95 -0.60 -127.69
C LEU X 204 -10.62 -2.07 -127.89
N LEU X 205 -10.98 -2.94 -126.95
CA LEU X 205 -10.72 -4.36 -127.06
C LEU X 205 -12.00 -5.17 -127.22
N LYS X 206 -13.14 -4.52 -127.43
CA LYS X 206 -14.40 -5.24 -127.56
C LYS X 206 -14.33 -6.22 -128.72
N ASP X 207 -13.81 -5.79 -129.87
CA ASP X 207 -13.67 -6.69 -131.01
C ASP X 207 -12.78 -7.87 -130.66
N LEU X 208 -11.65 -7.60 -130.01
CA LEU X 208 -10.76 -8.67 -129.57
C LEU X 208 -11.45 -9.56 -128.56
N PHE X 209 -12.23 -8.97 -127.66
CA PHE X 209 -12.89 -9.74 -126.61
C PHE X 209 -13.98 -10.65 -127.18
N ASP X 210 -14.55 -10.25 -128.32
CA ASP X 210 -15.62 -11.04 -128.91
C ASP X 210 -15.14 -12.43 -129.36
N LEU X 211 -14.02 -12.48 -130.07
CA LEU X 211 -13.50 -13.75 -130.59
C LEU X 211 -12.93 -14.64 -129.51
N GLY X 212 -13.09 -14.30 -128.24
CA GLY X 212 -12.58 -15.14 -127.17
C GLY X 212 -11.08 -15.15 -127.03
N TYR X 213 -10.46 -13.97 -126.95
CA TYR X 213 -9.01 -13.86 -126.89
C TYR X 213 -8.61 -13.10 -125.65
N ARG X 214 -7.45 -13.44 -125.09
CA ARG X 214 -6.87 -12.73 -123.96
C ARG X 214 -5.57 -12.08 -124.39
N ILE X 215 -5.23 -10.98 -123.74
CA ILE X 215 -3.96 -10.30 -123.99
C ILE X 215 -3.04 -10.51 -122.80
N GLU X 216 -1.83 -10.96 -123.11
CA GLU X 216 -0.74 -11.07 -122.15
C GLU X 216 0.27 -9.99 -122.45
N LEU X 217 0.60 -9.21 -121.42
CA LEU X 217 1.64 -8.19 -121.50
C LEU X 217 2.80 -8.60 -120.62
N ASP X 218 3.99 -8.70 -121.19
CA ASP X 218 5.19 -8.87 -120.39
C ASP X 218 5.58 -7.53 -119.80
N VAL X 219 5.88 -7.52 -118.51
CA VAL X 219 6.13 -6.29 -117.76
C VAL X 219 7.43 -6.43 -116.99
N LYS X 220 8.24 -5.37 -117.00
CA LYS X 220 9.49 -5.32 -116.26
C LYS X 220 9.49 -4.05 -115.43
N VAL X 221 9.50 -4.21 -114.10
CA VAL X 221 9.46 -3.09 -113.17
C VAL X 221 10.50 -3.33 -112.09
N ASP X 222 11.31 -2.32 -111.80
CA ASP X 222 12.33 -2.43 -110.76
C ASP X 222 12.40 -1.14 -109.95
N GLY X 223 12.85 -1.27 -108.71
CA GLY X 223 13.00 -0.14 -107.81
C GLY X 223 13.67 -0.55 -106.53
N GLU X 224 13.93 0.45 -105.69
CA GLU X 224 14.63 0.26 -104.42
C GLU X 224 13.81 0.84 -103.29
N MET X 225 14.00 0.31 -102.09
CA MET X 225 13.30 0.81 -100.90
C MET X 225 14.15 0.57 -99.67
N ASN X 226 14.27 1.59 -98.83
CA ASN X 226 15.06 1.51 -97.61
C ASN X 226 14.12 1.52 -96.40
N VAL X 227 14.37 0.61 -95.45
CA VAL X 227 13.49 0.44 -94.30
C VAL X 227 13.95 1.24 -93.10
N GLU X 228 15.01 2.04 -93.22
CA GLU X 228 15.49 2.81 -92.09
C GLU X 228 14.86 4.19 -92.00
N ASN X 229 14.72 4.87 -93.13
CA ASN X 229 14.22 6.23 -93.11
C ASN X 229 13.16 6.43 -94.19
N GLY X 230 12.79 5.35 -94.87
CA GLY X 230 11.69 5.37 -95.80
C GLY X 230 12.02 5.89 -97.18
N ASN X 231 13.31 6.11 -97.48
CA ASN X 231 13.68 6.51 -98.82
C ASN X 231 13.53 5.34 -99.78
N GLY X 232 13.04 5.62 -100.98
CA GLY X 232 12.86 4.59 -101.99
C GLY X 232 12.41 5.20 -103.30
N ASP X 233 12.77 4.53 -104.38
CA ASP X 233 12.44 4.97 -105.72
C ASP X 233 12.23 3.75 -106.61
N THR X 234 11.34 3.91 -107.58
CA THR X 234 11.03 2.86 -108.55
C THR X 234 10.94 3.49 -109.93
N SER X 235 11.17 2.69 -110.97
CA SER X 235 11.09 3.15 -112.34
C SER X 235 10.41 2.10 -113.20
N LEU X 236 9.76 2.56 -114.27
CA LEU X 236 9.24 1.64 -115.28
C LEU X 236 10.40 1.16 -116.14
N ARG X 237 10.70 -0.13 -116.05
CA ARG X 237 11.84 -0.71 -116.76
C ARG X 237 11.51 -1.13 -118.17
N ALA X 238 10.45 -1.92 -118.36
CA ALA X 238 10.02 -2.33 -119.69
C ALA X 238 8.60 -2.83 -119.61
N LEU X 239 7.78 -2.45 -120.59
CA LEU X 239 6.37 -2.85 -120.62
C LEU X 239 5.88 -2.77 -122.06
N ARG X 240 5.41 -3.89 -122.59
CA ARG X 240 4.97 -3.97 -123.97
C ARG X 240 4.08 -5.20 -124.15
N LEU X 241 3.36 -5.22 -125.27
CA LEU X 241 2.54 -6.39 -125.60
C LEU X 241 3.45 -7.53 -126.04
N ALA X 242 3.17 -8.73 -125.54
CA ALA X 242 4.03 -9.88 -125.78
C ALA X 242 3.37 -11.01 -126.55
N ARG X 243 2.22 -11.51 -126.11
CA ARG X 243 1.63 -12.68 -126.73
C ARG X 243 0.12 -12.67 -126.52
N VAL X 244 -0.55 -13.62 -127.17
CA VAL X 244 -2.00 -13.71 -127.17
C VAL X 244 -2.41 -15.09 -126.70
N PHE X 245 -3.35 -15.15 -125.77
CA PHE X 245 -3.98 -16.39 -125.36
C PHE X 245 -5.38 -16.50 -125.95
N ASP X 246 -5.86 -17.74 -126.04
CA ASP X 246 -7.18 -18.07 -126.54
C ASP X 246 -8.05 -18.58 -125.39
N LYS X 247 -9.32 -18.84 -125.69
CA LYS X 247 -10.20 -19.47 -124.72
C LYS X 247 -9.66 -20.82 -124.26
N GLU X 248 -9.06 -21.57 -125.17
CA GLU X 248 -8.53 -22.89 -124.83
C GLU X 248 -7.04 -22.88 -124.53
N GLY X 249 -6.40 -21.71 -124.52
CA GLY X 249 -5.05 -21.59 -124.02
C GLY X 249 -3.94 -22.08 -124.92
N LYS X 250 -3.98 -21.70 -126.19
CA LYS X 250 -2.84 -21.88 -127.08
C LYS X 250 -2.47 -20.55 -127.71
N GLU X 251 -1.17 -20.27 -127.78
CA GLU X 251 -0.68 -19.02 -128.32
C GLU X 251 -1.16 -18.85 -129.75
N ILE X 252 -1.60 -17.64 -130.08
CA ILE X 252 -2.10 -17.32 -131.41
C ILE X 252 -1.14 -16.32 -132.04
N ALA X 253 -0.71 -16.60 -133.27
CA ALA X 253 0.30 -15.80 -133.93
C ALA X 253 -0.13 -14.34 -134.01
N LEU X 254 0.79 -13.46 -133.66
CA LEU X 254 0.55 -12.02 -133.73
C LEU X 254 0.27 -11.55 -135.15
N THR X 255 0.79 -12.25 -136.16
CA THR X 255 0.60 -11.88 -137.55
C THR X 255 -0.67 -12.48 -138.15
N ASP X 256 -1.43 -13.25 -137.37
CA ASP X 256 -2.67 -13.81 -137.86
C ASP X 256 -3.67 -12.70 -138.16
N SER X 257 -4.57 -12.96 -139.12
CA SER X 257 -5.47 -11.92 -139.60
C SER X 257 -6.32 -11.33 -138.48
N ARG X 258 -6.93 -12.19 -137.66
CA ARG X 258 -7.77 -11.69 -136.57
C ARG X 258 -6.96 -10.88 -135.58
N VAL X 259 -5.81 -11.41 -135.15
CA VAL X 259 -4.98 -10.68 -134.20
C VAL X 259 -4.47 -9.38 -134.81
N SER X 260 -4.01 -9.44 -136.06
CA SER X 260 -3.47 -8.24 -136.70
C SER X 260 -4.53 -7.15 -136.82
N ALA X 261 -5.75 -7.53 -137.19
CA ALA X 261 -6.84 -6.57 -137.25
C ALA X 261 -7.16 -6.02 -135.86
N ALA X 262 -7.16 -6.89 -134.84
CA ALA X 262 -7.55 -6.44 -133.52
C ALA X 262 -6.46 -5.61 -132.85
N LEU X 263 -5.20 -5.84 -133.19
CA LEU X 263 -4.10 -5.14 -132.54
C LEU X 263 -3.52 -4.01 -133.38
N SER X 264 -4.24 -3.54 -134.39
CA SER X 264 -3.77 -2.43 -135.20
C SER X 264 -3.69 -1.15 -134.38
N GLY X 265 -2.49 -0.59 -134.29
CA GLY X 265 -2.32 0.70 -133.63
C GLY X 265 -2.64 0.70 -132.15
N LEU X 266 -2.15 -0.29 -131.43
CA LEU X 266 -2.37 -0.37 -129.98
C LEU X 266 -1.04 -0.09 -129.27
N THR X 267 -1.04 0.91 -128.40
CA THR X 267 0.14 1.31 -127.64
C THR X 267 -0.17 1.24 -126.16
N VAL X 268 0.70 0.59 -125.39
CA VAL X 268 0.48 0.34 -123.97
C VAL X 268 1.59 1.04 -123.19
N THR X 269 1.19 1.87 -122.23
CA THR X 269 2.12 2.65 -121.43
C THR X 269 1.77 2.55 -119.95
N GLY X 270 2.77 2.66 -119.10
CA GLY X 270 2.56 2.65 -117.66
C GLY X 270 2.40 4.06 -117.13
N VAL X 271 1.56 4.21 -116.10
CA VAL X 271 1.24 5.50 -115.53
C VAL X 271 1.54 5.57 -114.04
N GLY X 272 1.09 4.59 -113.27
CA GLY X 272 1.21 4.70 -111.82
C GLY X 272 1.33 3.35 -111.16
N TYR X 273 1.40 3.40 -109.81
CA TYR X 273 1.53 2.21 -109.00
C TYR X 273 1.22 2.56 -107.55
N SER X 274 1.31 1.57 -106.68
CA SER X 274 1.12 1.75 -105.25
C SER X 274 1.87 0.67 -104.48
N LEU X 275 2.08 0.92 -103.19
CA LEU X 275 2.83 0.01 -102.33
C LEU X 275 2.00 -0.40 -101.12
N GLU X 276 2.14 -1.66 -100.73
CA GLU X 276 1.50 -2.19 -99.53
C GLU X 276 2.56 -2.23 -98.43
N ALA X 277 2.70 -1.13 -97.71
CA ALA X 277 3.71 -1.01 -96.67
C ALA X 277 3.05 -0.50 -95.40
N ARG X 278 3.40 -1.12 -94.29
CA ARG X 278 2.80 -0.79 -93.00
C ARG X 278 3.88 -0.48 -91.97
N LEU X 279 3.59 0.51 -91.14
CA LEU X 279 4.55 0.99 -90.16
C LEU X 279 4.50 0.12 -88.92
N THR X 280 5.45 -0.81 -88.81
CA THR X 280 5.47 -1.78 -87.72
C THR X 280 6.15 -1.15 -86.53
N ASN X 281 5.45 -0.24 -85.86
CA ASN X 281 6.04 0.49 -84.75
C ASN X 281 6.21 -0.44 -83.56
N ILE X 282 7.07 -0.03 -82.62
CA ILE X 282 7.38 -0.84 -81.47
C ILE X 282 6.51 -0.45 -80.26
N ASN X 283 5.88 0.72 -80.30
CA ASN X 283 4.97 1.11 -79.24
C ASN X 283 3.56 1.28 -79.78
N GLN X 284 3.46 1.46 -81.09
CA GLN X 284 2.21 1.68 -81.81
C GLN X 284 1.54 3.00 -81.43
N LEU X 285 1.23 3.81 -82.44
CA LEU X 285 0.48 5.05 -82.27
C LEU X 285 -0.99 4.87 -82.62
N GLU X 286 -1.49 3.64 -82.60
CA GLU X 286 -2.84 3.36 -83.06
C GLU X 286 -3.66 2.71 -81.94
N MET X 287 -4.95 2.99 -81.96
CA MET X 287 -5.88 2.44 -80.99
C MET X 287 -6.31 1.02 -81.32
N GLY X 288 -5.94 0.50 -82.50
CA GLY X 288 -6.33 -0.83 -82.90
C GLY X 288 -7.82 -1.07 -82.74
N LEU X 289 -8.17 -1.92 -81.79
CA LEU X 289 -9.54 -2.12 -81.37
C LEU X 289 -9.65 -1.93 -79.86
N LEU X 290 -10.73 -1.30 -79.43
CA LEU X 290 -10.97 -1.05 -78.03
C LEU X 290 -11.84 -2.17 -77.48
N ILE X 291 -11.61 -2.54 -76.22
CA ILE X 291 -12.39 -3.56 -75.55
C ILE X 291 -12.98 -2.95 -74.28
N ASP X 292 -14.28 -3.10 -74.11
CA ASP X 292 -15.00 -2.54 -72.99
C ASP X 292 -15.93 -3.60 -72.42
N SER X 293 -16.62 -3.23 -71.34
CA SER X 293 -17.56 -4.13 -70.71
C SER X 293 -18.64 -3.34 -69.97
N ASP X 294 -19.87 -3.82 -70.10
CA ASP X 294 -21.00 -3.32 -69.33
C ASP X 294 -21.60 -4.47 -68.55
N VAL X 295 -22.47 -4.13 -67.61
CA VAL X 295 -23.18 -5.11 -66.81
C VAL X 295 -24.66 -4.85 -66.95
N GLN X 296 -25.42 -5.88 -67.27
CA GLN X 296 -26.87 -5.78 -67.40
C GLN X 296 -27.52 -6.70 -66.37
N LYS X 297 -28.53 -6.20 -65.70
CA LYS X 297 -29.17 -6.91 -64.60
C LYS X 297 -30.68 -6.78 -64.67
N GLN X 298 -31.38 -7.87 -64.40
CA GLN X 298 -32.83 -7.97 -64.56
C GLN X 298 -33.48 -8.23 -63.21
N GLY X 299 -34.67 -7.68 -63.01
CA GLY X 299 -35.45 -7.90 -61.79
C GLY X 299 -36.49 -8.98 -62.00
N PHE X 300 -36.84 -9.65 -60.91
CA PHE X 300 -37.81 -10.75 -60.92
C PHE X 300 -38.50 -10.83 -59.57
N MET X 301 -39.80 -10.57 -59.56
CA MET X 301 -40.58 -10.53 -58.33
C MET X 301 -41.55 -11.70 -58.27
N ILE X 302 -41.73 -12.25 -57.07
CA ILE X 302 -42.56 -13.42 -56.83
C ILE X 302 -43.83 -12.98 -56.12
N PRO X 303 -44.99 -13.06 -56.75
CA PRO X 303 -46.22 -12.55 -56.13
C PRO X 303 -46.72 -13.42 -54.99
N THR X 304 -47.91 -13.09 -54.50
CA THR X 304 -48.71 -13.93 -53.62
C THR X 304 -49.91 -14.46 -54.40
N LEU X 305 -50.49 -15.56 -53.93
CA LEU X 305 -51.56 -16.21 -54.67
C LEU X 305 -52.76 -16.47 -53.77
N PRO X 306 -53.94 -16.65 -54.36
CA PRO X 306 -55.16 -16.90 -53.56
C PRO X 306 -54.99 -18.11 -52.66
N PRO X 307 -55.42 -18.01 -51.40
CA PRO X 307 -55.17 -19.08 -50.44
C PRO X 307 -56.12 -20.25 -50.63
N LEU X 308 -55.63 -21.44 -50.30
CA LEU X 308 -56.41 -22.66 -50.31
C LEU X 308 -56.88 -22.95 -48.89
N VAL X 309 -58.19 -22.97 -48.68
CA VAL X 309 -58.77 -22.93 -47.34
C VAL X 309 -59.45 -24.26 -47.04
N ILE X 310 -59.26 -24.74 -45.81
CA ILE X 310 -59.93 -25.93 -45.32
C ILE X 310 -60.86 -25.50 -44.20
N VAL X 311 -61.92 -26.26 -43.95
CA VAL X 311 -62.80 -26.05 -42.82
C VAL X 311 -63.03 -27.37 -42.12
N LYS X 312 -62.98 -27.35 -40.79
CA LYS X 312 -63.20 -28.55 -39.99
C LYS X 312 -63.47 -28.14 -38.56
N PRO X 313 -64.58 -28.62 -37.97
CA PRO X 313 -64.79 -28.41 -36.53
C PRO X 313 -63.70 -29.04 -35.69
N ALA X 314 -63.28 -28.40 -34.60
CA ALA X 314 -62.06 -28.79 -33.91
C ALA X 314 -62.32 -29.12 -32.44
N MET X 315 -62.83 -30.33 -32.21
CA MET X 315 -62.56 -31.07 -30.98
C MET X 315 -62.22 -32.49 -31.40
N VAL X 316 -62.68 -32.86 -32.59
CA VAL X 316 -62.44 -34.18 -33.16
C VAL X 316 -62.07 -33.99 -34.63
N GLU X 317 -61.12 -34.80 -35.10
CA GLU X 317 -60.59 -34.69 -36.44
C GLU X 317 -61.11 -35.83 -37.30
N ASP X 318 -61.43 -35.50 -38.55
CA ASP X 318 -62.04 -36.44 -39.48
C ASP X 318 -61.02 -36.98 -40.46
N ASP X 319 -61.22 -38.23 -40.87
CA ASP X 319 -60.47 -38.84 -41.95
C ASP X 319 -61.36 -39.37 -43.06
N LYS X 320 -62.69 -39.31 -42.88
CA LYS X 320 -63.65 -39.80 -43.86
C LYS X 320 -64.22 -38.70 -44.74
N THR X 321 -64.47 -37.52 -44.19
CA THR X 321 -65.00 -36.39 -44.95
C THR X 321 -63.85 -35.56 -45.49
N TYR X 322 -62.87 -35.26 -44.64
CA TYR X 322 -61.63 -34.66 -45.11
C TYR X 322 -60.48 -35.63 -44.84
N PRO X 323 -59.73 -36.03 -45.84
CA PRO X 323 -58.66 -37.01 -45.62
C PRO X 323 -57.43 -36.37 -45.01
N ARG X 324 -56.34 -37.14 -44.95
CA ARG X 324 -55.05 -36.57 -44.56
C ARG X 324 -54.68 -35.39 -45.45
N LEU X 325 -53.71 -34.59 -45.01
CA LEU X 325 -53.33 -33.35 -45.70
C LEU X 325 -52.95 -33.58 -47.15
N GLU X 326 -52.77 -34.84 -47.56
CA GLU X 326 -52.33 -35.14 -48.91
C GLU X 326 -53.28 -34.56 -49.95
N ALA X 327 -54.58 -34.47 -49.63
CA ALA X 327 -55.53 -33.94 -50.59
C ALA X 327 -55.24 -32.48 -50.92
N LEU X 328 -55.07 -31.64 -49.90
CA LEU X 328 -54.71 -30.25 -50.13
C LEU X 328 -53.40 -30.13 -50.88
N THR X 329 -52.40 -30.93 -50.48
CA THR X 329 -51.10 -30.84 -51.10
C THR X 329 -51.18 -31.19 -52.58
N THR X 330 -51.91 -32.24 -52.93
CA THR X 330 -51.96 -32.65 -54.33
C THR X 330 -52.80 -31.68 -55.15
N ALA X 331 -53.85 -31.10 -54.55
CA ALA X 331 -54.61 -30.08 -55.26
C ALA X 331 -53.71 -28.89 -55.57
N TYR X 332 -52.95 -28.44 -54.58
CA TYR X 332 -52.03 -27.33 -54.80
C TYR X 332 -50.98 -27.68 -55.84
N ARG X 333 -50.41 -28.89 -55.75
CA ARG X 333 -49.36 -29.28 -56.67
C ARG X 333 -49.86 -29.32 -58.11
N ILE X 334 -51.05 -29.90 -58.34
CA ILE X 334 -51.55 -29.94 -59.71
C ILE X 334 -51.88 -28.53 -60.20
N GLN X 335 -52.59 -27.74 -59.39
CA GLN X 335 -52.99 -26.41 -59.79
C GLN X 335 -51.77 -25.56 -60.14
N GLN X 336 -50.71 -25.68 -59.36
CA GLN X 336 -49.48 -24.98 -59.67
C GLN X 336 -48.83 -25.54 -60.92
N MET X 337 -48.42 -26.79 -60.88
CA MET X 337 -47.44 -27.30 -61.82
C MET X 337 -48.01 -27.62 -63.20
N ARG X 338 -49.33 -27.71 -63.38
CA ARG X 338 -49.84 -28.03 -64.71
C ARG X 338 -50.60 -26.87 -65.34
N ASN X 339 -51.65 -26.36 -64.70
CA ASN X 339 -52.48 -25.36 -65.34
C ASN X 339 -51.69 -24.09 -65.63
N ASN X 340 -51.03 -23.55 -64.60
CA ASN X 340 -50.26 -22.32 -64.79
C ASN X 340 -49.10 -22.54 -65.75
N ALA X 341 -48.46 -23.70 -65.70
CA ALA X 341 -47.33 -23.97 -66.59
C ALA X 341 -47.77 -23.97 -68.05
N VAL X 342 -48.85 -24.69 -68.37
CA VAL X 342 -49.32 -24.69 -69.75
C VAL X 342 -49.75 -23.29 -70.16
N THR X 343 -50.43 -22.57 -69.26
CA THR X 343 -50.89 -21.23 -69.59
C THR X 343 -49.71 -20.33 -69.94
N THR X 344 -48.64 -20.37 -69.13
CA THR X 344 -47.52 -19.48 -69.40
C THR X 344 -46.75 -19.91 -70.64
N LEU X 345 -46.70 -21.21 -70.92
CA LEU X 345 -46.07 -21.66 -72.17
C LEU X 345 -46.80 -21.11 -73.38
N LEU X 346 -48.12 -21.25 -73.41
CA LEU X 346 -48.88 -20.77 -74.57
C LEU X 346 -48.82 -19.25 -74.67
N ASN X 347 -48.88 -18.56 -73.53
CA ASN X 347 -48.77 -17.10 -73.57
C ASN X 347 -47.41 -16.67 -74.10
N ARG X 348 -46.35 -17.37 -73.68
CA ARG X 348 -45.01 -17.11 -74.20
C ARG X 348 -44.96 -17.31 -75.70
N ALA X 349 -45.55 -18.41 -76.18
CA ALA X 349 -45.53 -18.68 -77.61
C ALA X 349 -46.25 -17.59 -78.39
N ASP X 350 -47.43 -17.17 -77.93
CA ASP X 350 -48.17 -16.15 -78.65
C ASP X 350 -47.45 -14.81 -78.60
N THR X 351 -46.81 -14.47 -77.49
CA THR X 351 -46.06 -13.23 -77.41
C THR X 351 -44.90 -13.23 -78.40
N LEU X 352 -44.16 -14.34 -78.46
CA LEU X 352 -43.09 -14.42 -79.45
C LEU X 352 -43.63 -14.29 -80.87
N LYS X 353 -44.73 -14.98 -81.15
CA LYS X 353 -45.30 -14.92 -82.50
C LYS X 353 -45.68 -13.50 -82.85
N SER X 354 -46.29 -12.77 -81.92
CA SER X 354 -46.69 -11.40 -82.20
C SER X 354 -45.49 -10.50 -82.42
N TYR X 355 -44.52 -10.52 -81.50
CA TYR X 355 -43.44 -9.55 -81.58
C TYR X 355 -42.47 -9.84 -82.72
N LEU X 356 -42.04 -11.09 -82.88
CA LEU X 356 -40.85 -11.38 -83.67
C LEU X 356 -41.13 -11.79 -85.10
N GLY X 357 -42.38 -11.78 -85.54
CA GLY X 357 -42.62 -12.29 -86.88
C GLY X 357 -42.44 -13.80 -86.93
N VAL X 358 -42.21 -14.32 -88.13
CA VAL X 358 -42.00 -15.75 -88.34
C VAL X 358 -40.77 -15.96 -89.22
N GLY X 359 -39.91 -16.88 -88.80
CA GLY X 359 -38.77 -17.29 -89.61
C GLY X 359 -37.78 -16.19 -89.94
N VAL X 360 -37.53 -15.27 -89.02
CA VAL X 360 -36.59 -14.18 -89.26
C VAL X 360 -35.69 -13.98 -88.04
N PRO X 361 -34.37 -14.16 -88.19
CA PRO X 361 -33.49 -14.01 -87.03
C PRO X 361 -33.04 -12.57 -86.82
N HIS X 362 -33.46 -11.97 -85.71
CA HIS X 362 -33.10 -10.59 -85.44
C HIS X 362 -31.76 -10.49 -84.73
N PRO X 363 -30.99 -9.45 -85.01
CA PRO X 363 -29.66 -9.32 -84.39
C PRO X 363 -29.74 -9.12 -82.88
N ILE X 364 -28.60 -9.26 -82.22
CA ILE X 364 -28.53 -9.16 -80.77
C ILE X 364 -28.80 -7.73 -80.34
N GLU X 365 -29.51 -7.57 -79.22
CA GLU X 365 -29.78 -6.28 -78.62
C GLU X 365 -30.55 -5.34 -79.55
N SER X 366 -31.45 -5.88 -80.37
CA SER X 366 -32.09 -5.02 -81.36
C SER X 366 -33.58 -4.81 -81.14
N ASN X 367 -34.36 -5.89 -81.08
CA ASN X 367 -35.82 -5.82 -81.12
C ASN X 367 -36.46 -6.45 -79.89
N LEU X 368 -35.76 -6.44 -78.77
CA LEU X 368 -36.21 -7.17 -77.58
C LEU X 368 -37.48 -6.56 -77.00
N GLY X 369 -38.39 -7.43 -76.59
CA GLY X 369 -39.58 -7.06 -75.87
C GLY X 369 -39.90 -8.12 -74.84
N LEU X 370 -38.93 -9.02 -74.60
CA LEU X 370 -39.16 -10.20 -73.78
C LEU X 370 -38.18 -10.22 -72.61
N GLU X 371 -38.15 -11.35 -71.93
CA GLU X 371 -37.30 -11.57 -70.77
C GLU X 371 -36.14 -12.49 -71.12
N GLY X 372 -35.05 -12.35 -70.38
CA GLY X 372 -34.00 -13.34 -70.42
C GLY X 372 -32.64 -12.69 -70.28
N VAL X 373 -31.63 -13.54 -70.30
CA VAL X 373 -30.24 -13.10 -70.39
C VAL X 373 -29.61 -13.88 -71.52
N GLY X 374 -30.41 -14.72 -72.19
CA GLY X 374 -29.94 -15.42 -73.36
C GLY X 374 -29.81 -14.55 -74.59
N GLN X 375 -30.54 -13.44 -74.64
CA GLN X 375 -30.46 -12.54 -75.79
C GLN X 375 -29.06 -11.99 -75.96
N TYR X 376 -28.29 -11.93 -74.87
CA TYR X 376 -26.91 -11.49 -74.94
C TYR X 376 -25.96 -12.64 -75.22
N TYR X 377 -26.50 -13.82 -75.50
CA TYR X 377 -25.70 -14.98 -75.88
C TYR X 377 -26.07 -15.58 -77.23
N VAL X 378 -27.24 -15.23 -77.77
CA VAL X 378 -27.74 -15.88 -78.98
C VAL X 378 -28.75 -14.96 -79.65
N ARG X 379 -28.80 -15.05 -80.98
CA ARG X 379 -29.80 -14.30 -81.75
C ARG X 379 -31.18 -14.94 -81.58
N PRO X 380 -32.21 -14.13 -81.36
CA PRO X 380 -33.55 -14.69 -81.20
C PRO X 380 -34.06 -15.31 -82.49
N TYR X 381 -34.93 -16.31 -82.35
CA TYR X 381 -35.53 -16.96 -83.52
C TYR X 381 -36.83 -17.64 -83.12
N TYR X 382 -37.85 -17.50 -83.96
CA TYR X 382 -39.13 -18.17 -83.78
C TYR X 382 -39.69 -18.58 -85.14
N ASN X 383 -40.23 -19.80 -85.21
CA ASN X 383 -40.78 -20.33 -86.44
C ASN X 383 -41.84 -21.38 -86.12
N GLU X 384 -42.85 -21.47 -86.97
CA GLU X 384 -43.93 -22.43 -86.81
C GLU X 384 -44.22 -23.07 -88.17
N ALA X 385 -44.61 -24.33 -88.15
CA ALA X 385 -44.98 -25.05 -89.36
C ALA X 385 -46.20 -25.91 -89.10
N THR X 386 -47.14 -25.87 -90.04
CA THR X 386 -48.37 -26.65 -89.96
C THR X 386 -48.25 -27.85 -90.89
N ILE X 387 -48.66 -29.02 -90.41
CA ILE X 387 -48.53 -30.25 -91.15
C ILE X 387 -49.93 -30.72 -91.54
N ASP X 388 -50.17 -30.81 -92.84
CA ASP X 388 -51.42 -31.37 -93.37
C ASP X 388 -51.15 -32.81 -93.75
N VAL X 389 -51.35 -33.73 -92.79
CA VAL X 389 -51.00 -35.12 -93.03
C VAL X 389 -51.85 -35.71 -94.15
N LEU X 390 -53.11 -35.30 -94.24
CA LEU X 390 -54.00 -35.81 -95.28
C LEU X 390 -53.46 -35.51 -96.67
N ASN X 391 -52.84 -34.35 -96.84
CA ASN X 391 -52.39 -33.89 -98.14
C ASN X 391 -50.88 -33.99 -98.32
N ASP X 392 -50.13 -34.29 -97.26
CA ASP X 392 -48.68 -34.39 -97.34
C ASP X 392 -48.24 -35.71 -96.70
N LEU X 393 -47.83 -36.66 -97.55
CA LEU X 393 -47.43 -37.99 -97.11
C LEU X 393 -46.90 -38.77 -98.31
N ASN X 394 -46.17 -39.85 -98.10
CA ASN X 394 -45.76 -40.70 -99.21
C ASN X 394 -45.95 -42.16 -98.83
N ASN X 395 -46.84 -42.83 -99.56
CA ASN X 395 -47.21 -44.21 -99.24
C ASN X 395 -47.55 -44.97 -100.50
N LEU X 396 -46.71 -45.95 -100.85
CA LEU X 396 -47.04 -46.82 -101.97
C LEU X 396 -48.31 -47.60 -101.69
N THR X 397 -48.39 -48.22 -100.51
CA THR X 397 -49.45 -49.18 -100.24
C THR X 397 -49.71 -49.22 -98.74
N SER X 398 -50.85 -49.79 -98.38
CA SER X 398 -51.25 -49.85 -96.98
C SER X 398 -50.37 -50.82 -96.22
N ALA X 399 -50.70 -51.00 -94.93
CA ALA X 399 -49.91 -51.81 -94.01
C ALA X 399 -48.53 -51.19 -93.79
N ALA X 400 -48.40 -49.91 -94.13
CA ALA X 400 -47.20 -49.15 -93.87
C ALA X 400 -47.49 -47.70 -93.49
N LYS X 401 -48.76 -47.36 -93.27
CA LYS X 401 -49.15 -45.97 -93.06
C LYS X 401 -48.52 -45.40 -91.80
N GLN X 402 -48.41 -46.20 -90.76
CA GLN X 402 -47.81 -45.74 -89.51
C GLN X 402 -46.35 -45.34 -89.72
N THR X 403 -45.59 -46.19 -90.42
CA THR X 403 -44.22 -45.84 -90.75
C THR X 403 -44.17 -44.57 -91.59
N ASP X 404 -45.14 -44.41 -92.48
CA ASP X 404 -45.19 -43.22 -93.34
C ASP X 404 -45.31 -41.96 -92.50
N ILE X 405 -46.30 -41.93 -91.61
CA ILE X 405 -46.56 -40.73 -90.82
C ILE X 405 -45.40 -40.46 -89.87
N GLN X 406 -44.82 -41.51 -89.28
CA GLN X 406 -43.71 -41.27 -88.36
C GLN X 406 -42.50 -40.74 -89.12
N GLY X 407 -42.27 -41.25 -90.34
CA GLY X 407 -41.17 -40.72 -91.12
C GLY X 407 -41.35 -39.25 -91.44
N LEU X 408 -42.57 -38.87 -91.83
CA LEU X 408 -42.81 -37.46 -92.14
C LEU X 408 -42.59 -36.59 -90.91
N ILE X 409 -43.12 -37.00 -89.75
CA ILE X 409 -43.01 -36.16 -88.57
C ILE X 409 -41.56 -36.06 -88.09
N VAL X 410 -40.81 -37.15 -88.20
CA VAL X 410 -39.41 -37.12 -87.78
C VAL X 410 -38.58 -36.26 -88.72
N SER X 411 -38.87 -36.33 -90.03
CA SER X 411 -38.18 -35.43 -90.95
C SER X 411 -38.48 -33.98 -90.62
N LYS X 412 -39.74 -33.67 -90.30
CA LYS X 412 -40.10 -32.30 -90.00
C LYS X 412 -39.38 -31.79 -88.76
N ILE X 413 -39.32 -32.60 -87.70
CA ILE X 413 -38.63 -32.18 -86.49
C ILE X 413 -37.13 -32.03 -86.74
N ASN X 414 -36.55 -32.92 -87.54
CA ASN X 414 -35.15 -32.77 -87.90
C ASN X 414 -34.91 -31.44 -88.59
N GLU X 415 -35.76 -31.11 -89.55
CA GLU X 415 -35.56 -29.86 -90.28
C GLU X 415 -35.67 -28.66 -89.35
N MET X 416 -36.68 -28.65 -88.48
CA MET X 416 -36.83 -27.53 -87.57
C MET X 416 -35.61 -27.36 -86.67
N VAL X 417 -35.17 -28.44 -86.03
CA VAL X 417 -34.04 -28.30 -85.10
C VAL X 417 -32.77 -27.91 -85.84
N TYR X 418 -32.57 -28.47 -87.05
CA TYR X 418 -31.36 -28.17 -87.80
C TYR X 418 -31.35 -26.70 -88.23
N THR X 419 -32.47 -26.20 -88.75
CA THR X 419 -32.49 -24.81 -89.19
C THR X 419 -32.35 -23.86 -88.00
N ALA X 420 -32.93 -24.23 -86.85
CA ALA X 420 -32.78 -23.38 -85.67
C ALA X 420 -31.32 -23.33 -85.24
N ASP X 421 -30.66 -24.50 -85.20
CA ASP X 421 -29.25 -24.52 -84.83
C ASP X 421 -28.41 -23.71 -85.81
N GLN X 422 -28.68 -23.85 -87.10
CA GLN X 422 -27.88 -23.15 -88.09
C GLN X 422 -28.05 -21.64 -87.99
N LEU X 423 -29.27 -21.18 -87.76
CA LEU X 423 -29.53 -19.74 -87.82
C LEU X 423 -29.18 -19.05 -86.51
N THR X 424 -29.60 -19.61 -85.38
CA THR X 424 -29.43 -18.91 -84.10
C THR X 424 -27.98 -18.74 -83.67
N GLY X 425 -27.09 -19.63 -84.09
CA GLY X 425 -25.77 -19.67 -83.48
C GLY X 425 -25.83 -20.10 -82.03
N TYR X 426 -26.77 -21.00 -81.71
CA TYR X 426 -26.95 -21.43 -80.33
C TYR X 426 -25.80 -22.32 -79.86
N THR X 427 -25.39 -23.27 -80.69
CA THR X 427 -24.36 -24.21 -80.26
C THR X 427 -23.03 -23.51 -80.03
N ALA X 428 -22.77 -22.44 -80.78
CA ALA X 428 -21.56 -21.67 -80.53
C ALA X 428 -21.58 -21.06 -79.14
N ALA X 429 -22.73 -20.49 -78.75
CA ALA X 429 -22.87 -19.96 -77.40
C ALA X 429 -22.73 -21.05 -76.36
N LEU X 430 -23.33 -22.22 -76.59
CA LEU X 430 -23.22 -23.31 -75.64
C LEU X 430 -21.76 -23.73 -75.47
N GLU X 431 -21.02 -23.80 -76.57
CA GLU X 431 -19.61 -24.12 -76.49
C GLU X 431 -18.85 -23.06 -75.73
N ALA X 432 -19.16 -21.78 -75.99
CA ALA X 432 -18.42 -20.70 -75.36
C ALA X 432 -18.66 -20.65 -73.86
N ALA X 433 -19.90 -20.84 -73.42
CA ALA X 433 -20.20 -20.72 -71.99
C ALA X 433 -19.59 -21.86 -71.18
N PHE X 434 -19.45 -23.04 -71.78
CA PHE X 434 -18.98 -24.23 -71.08
C PHE X 434 -17.62 -24.62 -71.64
N SER X 435 -16.60 -24.58 -70.78
CA SER X 435 -15.24 -24.92 -71.20
C SER X 435 -14.88 -26.33 -70.75
N GLY X 436 -14.05 -26.99 -71.55
CA GLY X 436 -13.61 -28.33 -71.25
C GLY X 436 -14.55 -29.42 -71.69
N ARG X 437 -15.78 -29.09 -72.06
CA ARG X 437 -16.74 -30.03 -72.59
C ARG X 437 -17.49 -29.37 -73.73
N SER X 438 -17.95 -30.19 -74.68
CA SER X 438 -18.67 -29.70 -75.84
C SER X 438 -20.00 -30.44 -75.94
N PRO X 439 -20.94 -30.16 -75.03
CA PRO X 439 -22.21 -30.90 -75.06
C PRO X 439 -22.99 -30.63 -76.33
N LYS X 440 -23.70 -31.67 -76.78
CA LYS X 440 -24.64 -31.53 -77.87
C LYS X 440 -25.96 -30.99 -77.36
N PRO X 441 -26.71 -30.29 -78.20
CA PRO X 441 -28.00 -29.74 -77.75
C PRO X 441 -28.94 -30.84 -77.32
N HIS X 442 -29.72 -30.56 -76.29
CA HIS X 442 -30.73 -31.50 -75.80
C HIS X 442 -32.10 -30.90 -76.09
N VAL X 443 -32.92 -31.64 -76.84
CA VAL X 443 -34.20 -31.16 -77.32
C VAL X 443 -35.31 -31.79 -76.49
N ALA X 444 -36.24 -30.96 -76.04
CA ALA X 444 -37.39 -31.43 -75.28
C ALA X 444 -38.62 -31.44 -76.17
N ILE X 445 -39.46 -32.46 -76.02
CA ILE X 445 -40.66 -32.64 -76.83
C ILE X 445 -41.85 -32.70 -75.88
N GLY X 446 -42.75 -31.72 -75.99
CA GLY X 446 -43.96 -31.69 -75.20
C GLY X 446 -45.17 -31.77 -76.10
N THR X 447 -46.12 -32.62 -75.72
CA THR X 447 -47.30 -32.86 -76.55
C THR X 447 -48.37 -33.55 -75.72
N ASP X 448 -49.51 -33.77 -76.35
CA ASP X 448 -50.63 -34.45 -75.72
C ASP X 448 -50.39 -35.95 -75.73
N MET X 449 -51.44 -36.70 -75.43
CA MET X 449 -51.34 -38.15 -75.26
C MET X 449 -51.45 -38.91 -76.58
N ARG X 450 -51.56 -38.21 -77.70
CA ARG X 450 -51.69 -38.86 -79.00
C ARG X 450 -50.35 -39.19 -79.64
N LEU X 451 -49.59 -38.17 -79.96
CA LEU X 451 -48.38 -38.24 -80.76
C LEU X 451 -47.26 -39.10 -80.17
N PRO X 452 -47.14 -39.24 -78.84
CA PRO X 452 -46.10 -40.14 -78.32
C PRO X 452 -46.13 -41.53 -78.92
N GLN X 453 -47.31 -42.08 -79.17
CA GLN X 453 -47.38 -43.36 -79.85
C GLN X 453 -46.89 -43.30 -81.29
N TYR X 454 -46.84 -42.12 -81.90
CA TYR X 454 -46.30 -42.00 -83.24
C TYR X 454 -44.91 -41.38 -83.32
N ILE X 455 -44.47 -40.64 -82.29
CA ILE X 455 -43.12 -40.09 -82.32
C ILE X 455 -42.08 -41.09 -81.84
N GLN X 456 -42.48 -42.09 -81.06
CA GLN X 456 -41.61 -43.20 -80.70
C GLN X 456 -41.59 -44.15 -81.89
N ILE X 457 -40.43 -44.27 -82.52
CA ILE X 457 -40.34 -44.94 -83.81
C ILE X 457 -40.07 -46.43 -83.60
N ASN X 458 -40.84 -47.27 -84.29
CA ASN X 458 -40.70 -48.73 -84.18
C ASN X 458 -40.35 -49.30 -85.55
N GLY X 459 -39.07 -49.32 -85.89
CA GLY X 459 -38.63 -49.89 -87.15
C GLY X 459 -37.62 -49.07 -87.92
N ASP X 460 -37.34 -47.85 -87.45
CA ASP X 460 -36.36 -46.98 -88.07
C ASP X 460 -35.32 -46.54 -87.05
N ASP X 461 -34.09 -46.31 -87.53
CA ASP X 461 -33.01 -45.91 -86.64
C ASP X 461 -33.21 -44.48 -86.12
N ARG X 462 -33.53 -43.54 -87.02
CA ARG X 462 -33.64 -42.14 -86.63
C ARG X 462 -34.96 -41.87 -85.92
N THR X 463 -34.88 -41.11 -84.84
CA THR X 463 -36.07 -40.67 -84.11
C THR X 463 -36.13 -39.17 -83.91
N VAL X 464 -35.01 -38.51 -83.59
CA VAL X 464 -34.95 -37.05 -83.52
C VAL X 464 -33.73 -36.65 -84.34
N GLY X 465 -33.19 -37.60 -85.07
CA GLY X 465 -31.92 -37.37 -85.73
C GLY X 465 -30.77 -37.75 -84.83
N ILE X 466 -30.00 -38.74 -85.27
CA ILE X 466 -28.87 -39.24 -84.48
C ILE X 466 -27.85 -38.13 -84.34
N GLY X 467 -27.35 -37.96 -83.12
CA GLY X 467 -26.51 -36.82 -82.80
C GLY X 467 -27.26 -35.83 -81.94
N TYR X 468 -28.53 -36.13 -81.65
CA TYR X 468 -29.34 -35.31 -80.79
C TYR X 468 -30.05 -36.17 -79.75
N ASP X 469 -30.13 -35.66 -78.54
CA ASP X 469 -30.79 -36.34 -77.45
C ASP X 469 -32.17 -35.74 -77.22
N TYR X 470 -33.08 -36.56 -76.69
CA TYR X 470 -34.45 -36.12 -76.57
C TYR X 470 -35.04 -36.58 -75.24
N THR X 471 -36.06 -35.86 -74.80
CA THR X 471 -36.90 -36.26 -73.67
C THR X 471 -38.34 -36.01 -74.06
N ILE X 472 -39.18 -37.04 -73.97
CA ILE X 472 -40.57 -36.96 -74.37
C ILE X 472 -41.41 -36.55 -73.16
N ALA X 473 -42.41 -35.72 -73.40
CA ALA X 473 -43.32 -35.27 -72.36
C ALA X 473 -44.75 -35.63 -72.75
N ARG X 474 -45.50 -36.19 -71.81
CA ARG X 474 -46.90 -36.52 -71.99
C ARG X 474 -47.74 -35.74 -70.99
N ILE X 475 -48.80 -35.11 -71.49
CA ILE X 475 -49.64 -34.23 -70.70
C ILE X 475 -51.07 -34.35 -71.22
N SER X 476 -52.04 -34.15 -70.32
CA SER X 476 -53.43 -34.43 -70.64
C SER X 476 -54.31 -33.18 -70.70
N ASP X 477 -53.73 -32.00 -70.52
CA ASP X 477 -54.49 -30.77 -70.67
C ASP X 477 -54.93 -30.63 -72.12
N LEU X 478 -56.14 -30.09 -72.32
CA LEU X 478 -56.67 -29.96 -73.67
C LEU X 478 -56.04 -28.83 -74.46
N ARG X 479 -55.29 -27.94 -73.82
CA ARG X 479 -54.59 -26.92 -74.58
C ARG X 479 -53.45 -27.50 -75.41
N MET X 480 -52.87 -28.61 -74.97
CA MET X 480 -51.86 -29.31 -75.75
C MET X 480 -52.46 -30.33 -76.71
N LYS X 481 -53.78 -30.42 -76.79
CA LYS X 481 -54.42 -31.44 -77.61
C LYS X 481 -54.04 -31.23 -79.06
N ASP X 482 -53.26 -32.15 -79.62
CA ASP X 482 -52.70 -32.03 -80.96
C ASP X 482 -51.86 -30.76 -81.10
N LYS X 483 -50.78 -30.70 -80.33
CA LYS X 483 -49.81 -29.62 -80.43
C LYS X 483 -48.46 -30.12 -79.93
N ILE X 484 -47.39 -29.59 -80.50
CA ILE X 484 -46.02 -29.94 -80.12
C ILE X 484 -45.23 -28.67 -79.91
N VAL X 485 -44.54 -28.58 -78.78
CA VAL X 485 -43.65 -27.46 -78.48
C VAL X 485 -42.22 -27.98 -78.42
N MET X 486 -41.27 -27.14 -78.80
CA MET X 486 -39.88 -27.54 -78.97
C MET X 486 -38.96 -26.43 -78.47
N THR X 487 -37.79 -26.81 -77.97
CA THR X 487 -36.87 -25.82 -77.41
C THR X 487 -35.52 -26.46 -77.14
N PHE X 488 -34.63 -25.66 -76.55
CA PHE X 488 -33.32 -26.11 -76.10
C PHE X 488 -33.18 -25.88 -74.60
N ILE X 489 -32.73 -26.90 -73.88
CA ILE X 489 -32.55 -26.84 -72.44
C ILE X 489 -31.24 -27.53 -72.07
N LEU X 490 -30.85 -27.37 -70.81
CA LEU X 490 -29.63 -27.99 -70.28
C LEU X 490 -30.01 -28.76 -69.02
N PRO X 491 -29.95 -30.09 -69.03
CA PRO X 491 -30.40 -30.86 -67.86
C PRO X 491 -29.30 -31.25 -66.88
N ASN X 492 -28.08 -30.75 -67.03
CA ASN X 492 -26.97 -31.21 -66.20
C ASN X 492 -26.68 -30.30 -65.01
N GLU X 493 -27.45 -29.24 -64.81
CA GLU X 493 -27.20 -28.31 -63.72
C GLU X 493 -28.52 -27.86 -63.12
N SER X 494 -28.45 -27.27 -61.93
CA SER X 494 -29.65 -26.86 -61.21
C SER X 494 -29.51 -25.47 -60.62
N GLU X 495 -28.95 -24.54 -61.40
CA GLU X 495 -28.80 -23.16 -60.97
C GLU X 495 -29.30 -22.24 -62.07
N PRO X 496 -29.73 -21.01 -61.74
CA PRO X 496 -30.11 -20.07 -62.79
C PRO X 496 -28.96 -19.82 -63.74
N HIS X 497 -29.15 -20.14 -65.02
CA HIS X 497 -28.11 -20.00 -66.01
C HIS X 497 -28.72 -19.41 -67.28
N PRO X 498 -27.98 -18.58 -68.00
CA PRO X 498 -28.56 -17.90 -69.16
C PRO X 498 -29.06 -18.83 -70.26
N LEU X 499 -28.59 -20.07 -70.31
CA LEU X 499 -28.94 -20.96 -71.41
C LEU X 499 -30.08 -21.92 -71.08
N GLN X 500 -30.66 -21.82 -69.89
CA GLN X 500 -31.83 -22.61 -69.54
C GLN X 500 -33.07 -21.90 -70.08
N HIS X 501 -34.06 -22.70 -70.51
CA HIS X 501 -35.26 -22.09 -71.07
C HIS X 501 -36.01 -21.29 -70.02
N GLY X 502 -36.18 -21.83 -68.82
CA GLY X 502 -36.91 -21.13 -67.80
C GLY X 502 -36.58 -21.67 -66.43
N VAL X 503 -36.85 -20.84 -65.43
CA VAL X 503 -36.63 -21.20 -64.03
C VAL X 503 -37.90 -20.89 -63.26
N LEU X 504 -38.29 -21.83 -62.39
CA LEU X 504 -39.50 -21.71 -61.60
C LEU X 504 -39.13 -21.09 -60.26
N GLY X 505 -39.40 -19.79 -60.11
CA GLY X 505 -39.21 -19.13 -58.84
C GLY X 505 -40.17 -19.70 -57.82
N PHE X 506 -39.66 -20.44 -56.85
CA PHE X 506 -40.48 -21.20 -55.92
C PHE X 506 -40.04 -20.92 -54.50
N ILE X 507 -40.92 -20.31 -53.72
CA ILE X 507 -40.68 -20.03 -52.31
C ILE X 507 -41.50 -21.02 -51.50
N PRO X 508 -40.89 -21.95 -50.77
CA PRO X 508 -41.67 -22.87 -49.92
C PRO X 508 -42.55 -22.09 -48.97
N GLU X 509 -43.77 -22.58 -48.78
CA GLU X 509 -44.67 -22.03 -47.78
C GLU X 509 -45.13 -23.14 -46.85
N TYR X 510 -45.01 -22.88 -45.55
CA TYR X 510 -45.36 -23.88 -44.55
C TYR X 510 -46.84 -23.81 -44.20
N LEU X 511 -47.45 -24.98 -44.05
CA LEU X 511 -48.86 -25.05 -43.70
C LEU X 511 -49.08 -24.45 -42.32
N VAL X 512 -50.07 -23.56 -42.22
CA VAL X 512 -50.41 -22.89 -40.98
C VAL X 512 -51.74 -23.48 -40.49
N ASP X 513 -51.82 -23.72 -39.18
CA ASP X 513 -52.98 -24.35 -38.57
C ASP X 513 -53.30 -23.66 -37.26
N PHE X 514 -54.24 -22.72 -37.29
CA PHE X 514 -54.69 -22.03 -36.09
C PHE X 514 -56.16 -21.70 -36.25
N ASN X 515 -56.87 -21.71 -35.12
CA ASN X 515 -58.30 -21.45 -35.13
C ASN X 515 -58.57 -20.03 -35.60
N MET X 516 -59.59 -19.88 -36.43
CA MET X 516 -60.00 -18.60 -36.98
C MET X 516 -61.49 -18.42 -36.73
N ILE X 517 -61.94 -17.17 -36.70
CA ILE X 517 -63.29 -16.84 -36.28
C ILE X 517 -63.99 -16.10 -37.41
N ARG X 518 -64.85 -16.80 -38.14
CA ARG X 518 -65.64 -16.19 -39.20
C ARG X 518 -67.07 -16.07 -38.73
N ASN X 519 -67.57 -14.83 -38.66
CA ASN X 519 -68.93 -14.54 -38.23
C ASN X 519 -69.22 -15.21 -36.87
N GLN X 520 -68.28 -15.00 -35.94
CA GLN X 520 -68.31 -15.54 -34.58
C GLN X 520 -68.59 -17.05 -34.55
N ARG X 521 -67.98 -17.80 -35.45
CA ARG X 521 -68.01 -19.26 -35.46
C ARG X 521 -66.61 -19.81 -35.28
N ILE X 522 -66.53 -21.03 -34.75
CA ILE X 522 -65.24 -21.61 -34.37
C ILE X 522 -65.04 -22.93 -35.09
N GLY X 523 -63.95 -23.03 -35.83
CA GLY X 523 -63.53 -24.29 -36.43
C GLY X 523 -62.06 -24.21 -36.78
N ARG X 524 -61.45 -25.37 -36.98
CA ARG X 524 -60.04 -25.42 -37.36
C ARG X 524 -59.91 -25.28 -38.87
N GLU X 525 -59.07 -24.35 -39.30
CA GLU X 525 -58.87 -24.07 -40.71
C GLU X 525 -57.40 -24.24 -41.06
N ILE X 526 -57.14 -24.99 -42.11
CA ILE X 526 -55.78 -25.21 -42.61
C ILE X 526 -55.61 -24.37 -43.86
N ARG X 527 -54.72 -23.39 -43.79
CA ARG X 527 -54.58 -22.38 -44.83
C ARG X 527 -53.25 -22.57 -45.54
N LEU X 528 -53.31 -22.70 -46.87
CA LEU X 528 -52.11 -22.76 -47.71
C LEU X 528 -52.12 -21.55 -48.64
N THR X 529 -51.12 -20.70 -48.52
CA THR X 529 -50.97 -19.56 -49.41
C THR X 529 -49.79 -19.80 -50.33
N PRO X 530 -50.00 -20.12 -51.60
CA PRO X 530 -48.88 -20.40 -52.49
C PRO X 530 -48.21 -19.15 -53.02
N ARG X 531 -46.97 -19.26 -53.46
CA ARG X 531 -46.29 -18.16 -54.13
C ARG X 531 -45.24 -18.73 -55.08
N TYR X 532 -45.25 -18.24 -56.32
CA TYR X 532 -44.35 -18.70 -57.36
C TYR X 532 -44.59 -17.85 -58.59
N ARG X 533 -43.71 -17.98 -59.57
CA ARG X 533 -43.90 -17.23 -60.80
C ARG X 533 -43.02 -17.85 -61.87
N TYR X 534 -43.65 -18.28 -62.96
CA TYR X 534 -42.93 -18.94 -64.05
C TYR X 534 -42.22 -17.88 -64.88
N PHE X 535 -40.89 -17.95 -64.90
CA PHE X 535 -40.06 -17.01 -65.65
C PHE X 535 -39.55 -17.67 -66.93
N ASN X 536 -39.00 -16.84 -67.81
CA ASN X 536 -38.44 -17.29 -69.08
C ASN X 536 -37.06 -16.69 -69.26
N PHE X 537 -36.17 -17.43 -69.91
CA PHE X 537 -34.84 -16.92 -70.23
C PHE X 537 -34.57 -16.95 -71.73
N LEU X 538 -34.85 -18.06 -72.41
CA LEU X 538 -34.41 -18.20 -73.79
C LEU X 538 -35.49 -17.75 -74.76
N PRO X 539 -35.21 -16.80 -75.65
CA PRO X 539 -36.22 -16.40 -76.64
C PRO X 539 -36.11 -17.17 -77.94
N ILE X 540 -36.10 -18.51 -77.86
CA ILE X 540 -36.13 -19.38 -79.02
C ILE X 540 -37.12 -20.50 -78.77
N MET X 541 -38.01 -20.74 -79.72
CA MET X 541 -39.03 -21.76 -79.57
C MET X 541 -39.60 -22.15 -80.93
N LEU X 542 -39.87 -23.44 -81.11
CA LEU X 542 -40.40 -23.99 -82.33
C LEU X 542 -41.68 -24.76 -82.02
N VAL X 543 -42.75 -24.47 -82.76
CA VAL X 543 -44.04 -25.10 -82.53
C VAL X 543 -44.55 -25.66 -83.85
N ILE X 544 -45.09 -26.88 -83.80
CA ILE X 544 -45.59 -27.58 -84.98
C ILE X 544 -47.05 -27.94 -84.73
N ASN X 545 -47.91 -27.61 -85.68
CA ASN X 545 -49.32 -27.99 -85.62
C ASN X 545 -49.59 -29.08 -86.64
N VAL X 546 -50.06 -30.23 -86.16
CA VAL X 546 -50.40 -31.37 -87.00
C VAL X 546 -51.90 -31.57 -86.93
N ILE X 547 -52.54 -31.67 -88.09
CA ILE X 547 -53.99 -31.82 -88.17
C ILE X 547 -54.32 -32.95 -89.13
N ASN X 548 -55.61 -33.31 -89.17
CA ASN X 548 -56.17 -34.25 -90.13
C ASN X 548 -55.63 -35.66 -89.94
N LEU X 549 -55.13 -35.97 -88.74
CA LEU X 549 -54.56 -37.28 -88.49
C LEU X 549 -55.61 -38.38 -88.62
N GLU X 550 -56.75 -38.21 -87.96
CA GLU X 550 -57.83 -39.19 -88.04
C GLU X 550 -58.27 -39.41 -89.47
N GLU X 551 -58.48 -38.33 -90.23
CA GLU X 551 -58.90 -38.47 -91.62
C GLU X 551 -57.85 -39.22 -92.43
N ALA X 552 -56.58 -38.93 -92.22
CA ALA X 552 -55.54 -39.63 -92.97
C ALA X 552 -55.54 -41.12 -92.66
N ILE X 553 -55.69 -41.48 -91.38
CA ILE X 553 -55.67 -42.90 -91.07
C ILE X 553 -56.91 -43.61 -91.57
N ALA X 554 -58.10 -43.04 -91.36
CA ALA X 554 -59.32 -43.72 -91.74
C ALA X 554 -59.59 -43.70 -93.23
N GLN X 555 -59.34 -42.58 -93.90
CA GLN X 555 -59.65 -42.41 -95.30
C GLN X 555 -58.49 -42.88 -96.16
N ARG X 556 -58.83 -43.25 -97.41
CA ARG X 556 -57.87 -43.72 -98.39
C ARG X 556 -56.70 -42.74 -98.55
N THR X 557 -55.52 -43.13 -98.12
CA THR X 557 -54.34 -42.33 -98.44
C THR X 557 -53.96 -42.57 -99.89
N ALA X 558 -53.36 -41.57 -100.51
CA ALA X 558 -53.14 -41.63 -101.94
C ALA X 558 -51.86 -40.91 -102.28
N LEU X 559 -51.00 -41.59 -103.02
CA LEU X 559 -49.76 -41.00 -103.48
C LEU X 559 -50.04 -39.75 -104.30
N ASP X 560 -49.71 -38.58 -103.75
CA ASP X 560 -49.90 -37.35 -104.52
C ASP X 560 -48.84 -37.33 -105.60
N VAL X 561 -48.90 -38.32 -106.50
CA VAL X 561 -47.88 -38.46 -107.52
C VAL X 561 -47.91 -37.22 -108.40
N ASN X 562 -46.74 -36.62 -108.62
CA ASN X 562 -46.68 -35.41 -109.39
C ASN X 562 -46.84 -35.75 -110.86
N GLU X 563 -48.06 -35.62 -111.38
CA GLU X 563 -48.26 -35.58 -112.81
C GLU X 563 -47.42 -34.43 -113.34
N THR X 564 -46.36 -34.72 -114.10
CA THR X 564 -45.43 -33.66 -114.44
C THR X 564 -45.34 -33.49 -115.95
N GLN X 565 -46.28 -32.73 -116.48
CA GLN X 565 -46.10 -31.84 -117.64
C GLN X 565 -45.12 -32.38 -118.68
N VAL X 566 -45.37 -33.60 -119.16
CA VAL X 566 -44.81 -33.96 -120.46
C VAL X 566 -45.92 -34.49 -121.35
N THR X 567 -46.67 -33.57 -121.91
CA THR X 567 -47.57 -33.62 -123.04
C THR X 567 -47.96 -32.17 -123.32
N PRO X 568 -47.78 -31.68 -124.56
CA PRO X 568 -47.50 -30.23 -124.71
C PRO X 568 -48.49 -29.33 -123.99
N ALA X 569 -48.02 -28.77 -122.88
CA ALA X 569 -48.72 -27.72 -122.14
C ALA X 569 -47.69 -26.79 -121.52
N SER X 570 -46.42 -27.07 -121.77
CA SER X 570 -45.31 -26.38 -121.14
C SER X 570 -43.98 -26.86 -121.74
N HIS Y 1 -67.86 -70.65 -70.86
CA HIS Y 1 -67.46 -70.09 -72.14
C HIS Y 1 -66.58 -68.87 -71.92
N GLU Y 2 -65.80 -68.50 -72.95
CA GLU Y 2 -64.77 -67.49 -72.77
C GLU Y 2 -65.31 -66.07 -72.99
N PHE Y 3 -66.26 -65.91 -73.90
CA PHE Y 3 -66.69 -64.56 -74.26
C PHE Y 3 -67.35 -63.85 -73.10
N ALA Y 4 -68.35 -64.50 -72.48
CA ALA Y 4 -69.05 -63.87 -71.37
C ALA Y 4 -68.11 -63.63 -70.19
N GLU Y 5 -67.22 -64.59 -69.92
CA GLU Y 5 -66.23 -64.39 -68.87
C GLU Y 5 -65.31 -63.22 -69.20
N LEU Y 6 -65.10 -62.94 -70.49
CA LEU Y 6 -64.16 -61.90 -70.87
C LEU Y 6 -64.68 -60.51 -70.51
N PHE Y 7 -65.93 -60.21 -70.86
CA PHE Y 7 -66.50 -58.91 -70.54
C PHE Y 7 -67.07 -58.83 -69.13
N TYR Y 8 -67.59 -59.92 -68.58
CA TYR Y 8 -68.23 -59.87 -67.27
C TYR Y 8 -67.53 -60.89 -66.37
N ARG Y 9 -66.54 -60.42 -65.62
CA ARG Y 9 -65.81 -61.31 -64.72
C ARG Y 9 -66.75 -61.83 -63.64
N THR Y 10 -66.72 -63.14 -63.42
CA THR Y 10 -67.66 -63.78 -62.51
C THR Y 10 -67.26 -63.52 -61.06
N TYR Y 11 -68.22 -63.11 -60.25
CA TYR Y 11 -68.05 -62.95 -58.80
C TYR Y 11 -69.01 -63.92 -58.12
N ILE Y 12 -68.47 -64.93 -57.46
CA ILE Y 12 -69.27 -65.91 -56.76
C ILE Y 12 -69.79 -65.28 -55.47
N VAL Y 13 -71.05 -65.56 -55.14
CA VAL Y 13 -71.66 -65.09 -53.90
C VAL Y 13 -72.20 -66.30 -53.15
N THR Y 14 -71.87 -66.38 -51.87
CA THR Y 14 -72.37 -67.42 -50.98
C THR Y 14 -73.89 -67.28 -50.89
N PRO Y 15 -74.64 -68.37 -50.84
CA PRO Y 15 -76.11 -68.26 -50.83
C PRO Y 15 -76.72 -67.75 -49.53
N ASP Y 16 -75.90 -67.20 -48.63
CA ASP Y 16 -76.41 -66.65 -47.38
C ASP Y 16 -76.97 -65.24 -47.53
N GLN Y 17 -76.33 -64.39 -48.34
CA GLN Y 17 -76.74 -63.00 -48.48
C GLN Y 17 -77.33 -62.81 -49.87
N ALA Y 18 -78.34 -61.95 -49.94
CA ALA Y 18 -79.11 -61.76 -51.16
C ALA Y 18 -78.50 -60.71 -52.09
N GLY Y 19 -77.42 -60.06 -51.68
CA GLY Y 19 -76.83 -59.03 -52.52
C GLY Y 19 -75.56 -58.47 -51.93
N PHE Y 20 -74.91 -57.60 -52.69
CA PHE Y 20 -73.62 -57.05 -52.30
C PHE Y 20 -73.67 -55.54 -52.43
N GLN Y 21 -73.07 -54.87 -51.44
CA GLN Y 21 -73.11 -53.42 -51.32
C GLN Y 21 -71.76 -52.83 -51.71
N LEU Y 22 -71.77 -51.71 -52.42
CA LEU Y 22 -70.57 -51.07 -52.91
C LEU Y 22 -70.42 -49.69 -52.29
N SER Y 23 -69.33 -49.48 -51.58
CA SER Y 23 -69.07 -48.24 -50.87
C SER Y 23 -67.88 -47.52 -51.50
N ILE Y 24 -68.15 -46.39 -52.15
CA ILE Y 24 -67.13 -45.60 -52.82
C ILE Y 24 -67.03 -44.24 -52.14
N ARG Y 25 -65.80 -43.76 -51.95
CA ARG Y 25 -65.54 -42.42 -51.43
C ARG Y 25 -65.11 -41.52 -52.58
N ARG Y 26 -65.66 -40.31 -52.62
CA ARG Y 26 -65.42 -39.39 -53.72
C ARG Y 26 -64.85 -38.09 -53.16
N ASN Y 27 -63.72 -37.65 -53.68
CA ASN Y 27 -63.05 -36.44 -53.22
C ASN Y 27 -63.56 -35.24 -54.01
N LEU Y 28 -64.04 -34.22 -53.31
CA LEU Y 28 -64.69 -33.07 -53.93
C LEU Y 28 -63.95 -31.79 -53.62
N VAL Y 29 -64.07 -30.82 -54.53
CA VAL Y 29 -63.61 -29.45 -54.31
C VAL Y 29 -64.76 -28.51 -54.67
N TRP Y 30 -64.98 -27.52 -53.82
CA TRP Y 30 -66.10 -26.60 -54.03
C TRP Y 30 -65.82 -25.28 -53.33
N GLU Y 31 -66.60 -24.27 -53.67
CA GLU Y 31 -66.41 -22.92 -53.17
C GLU Y 31 -66.90 -22.74 -51.74
N GLY Y 32 -67.58 -23.72 -51.17
CA GLY Y 32 -67.96 -23.62 -49.78
C GLY Y 32 -69.39 -23.19 -49.53
N TRP Y 33 -69.64 -22.81 -48.28
CA TRP Y 33 -70.99 -22.70 -47.74
C TRP Y 33 -71.82 -21.63 -48.43
N THR Y 34 -73.13 -21.85 -48.48
CA THR Y 34 -74.08 -20.94 -49.13
C THR Y 34 -75.27 -20.75 -48.19
N GLY Y 35 -76.18 -19.87 -48.60
CA GLY Y 35 -77.35 -19.58 -47.79
C GLY Y 35 -77.62 -18.12 -47.48
N GLU Y 36 -77.16 -17.23 -48.34
CA GLU Y 36 -77.51 -15.82 -48.28
C GLU Y 36 -79.01 -15.66 -48.54
N GLY Y 37 -79.68 -14.86 -47.72
CA GLY Y 37 -81.09 -14.61 -47.93
C GLY Y 37 -81.86 -14.70 -46.64
N LEU Y 38 -83.19 -14.60 -46.77
CA LEU Y 38 -84.08 -14.66 -45.62
C LEU Y 38 -85.36 -15.46 -45.88
N SER Y 39 -85.59 -15.93 -47.09
CA SER Y 39 -86.84 -16.58 -47.46
C SER Y 39 -86.77 -18.08 -47.16
N GLY Y 40 -87.83 -18.78 -47.56
CA GLY Y 40 -87.94 -20.20 -47.32
C GLY Y 40 -86.97 -21.02 -48.14
N GLU Y 41 -87.01 -20.85 -49.46
CA GLU Y 41 -86.02 -21.39 -50.39
C GLU Y 41 -85.85 -22.91 -50.30
N LYS Y 42 -84.81 -23.41 -50.96
CA LYS Y 42 -84.42 -24.82 -50.89
C LYS Y 42 -82.91 -24.94 -50.70
N GLN Y 43 -82.20 -23.84 -50.96
CA GLN Y 43 -80.74 -23.83 -51.02
C GLN Y 43 -80.24 -24.64 -52.20
N GLU Y 44 -79.08 -24.27 -52.73
CA GLU Y 44 -78.44 -25.00 -53.83
C GLU Y 44 -77.01 -25.29 -53.44
N ILE Y 45 -76.60 -26.55 -53.60
CA ILE Y 45 -75.25 -26.96 -53.24
C ILE Y 45 -74.54 -27.45 -54.49
N SER Y 46 -73.35 -26.91 -54.71
CA SER Y 46 -72.53 -27.25 -55.86
C SER Y 46 -71.28 -27.99 -55.40
N LYS Y 47 -70.89 -29.00 -56.16
CA LYS Y 47 -69.72 -29.79 -55.84
C LYS Y 47 -69.05 -30.17 -57.15
N ARG Y 48 -67.75 -29.90 -57.25
CA ARG Y 48 -66.97 -30.21 -58.44
C ARG Y 48 -65.96 -31.30 -58.11
N ASN Y 49 -65.92 -32.33 -58.95
CA ASN Y 49 -64.90 -33.36 -58.79
C ASN Y 49 -63.54 -32.77 -59.12
N ILE Y 50 -62.57 -33.00 -58.24
CA ILE Y 50 -61.22 -32.50 -58.50
C ILE Y 50 -60.62 -33.21 -59.69
N LEU Y 51 -60.97 -34.49 -59.89
CA LEU Y 51 -60.49 -35.20 -61.07
C LEU Y 51 -61.06 -34.61 -62.36
N GLN Y 52 -62.21 -33.93 -62.28
CA GLN Y 52 -62.69 -33.20 -63.45
C GLN Y 52 -61.74 -32.05 -63.82
N GLY Y 53 -61.24 -31.34 -62.81
CA GLY Y 53 -60.27 -30.29 -63.07
C GLY Y 53 -58.93 -30.79 -63.54
N LEU Y 54 -58.76 -32.10 -63.64
CA LEU Y 54 -57.52 -32.68 -64.14
C LEU Y 54 -57.33 -32.40 -65.63
N LEU Y 55 -58.41 -32.31 -66.40
CA LEU Y 55 -58.31 -32.07 -67.83
C LEU Y 55 -58.58 -30.60 -68.15
N ASP Y 56 -59.75 -30.11 -67.78
CA ASP Y 56 -60.06 -28.69 -67.93
C ASP Y 56 -59.24 -27.90 -66.92
N TYR Y 57 -58.92 -26.66 -67.27
CA TYR Y 57 -58.09 -25.82 -66.41
C TYR Y 57 -58.90 -24.82 -65.60
N THR Y 58 -60.22 -24.79 -65.76
CA THR Y 58 -61.02 -23.77 -65.09
C THR Y 58 -61.64 -24.24 -63.79
N THR Y 59 -61.75 -25.55 -63.58
CA THR Y 59 -62.34 -26.06 -62.35
C THR Y 59 -61.52 -25.65 -61.14
N LEU Y 60 -60.19 -25.75 -61.25
CA LEU Y 60 -59.33 -25.39 -60.14
C LEU Y 60 -58.88 -23.94 -60.16
N GLU Y 61 -58.76 -23.33 -61.34
CA GLU Y 61 -58.27 -21.95 -61.43
C GLU Y 61 -59.40 -20.98 -61.15
N THR Y 62 -59.32 -20.33 -60.00
CA THR Y 62 -60.23 -19.25 -59.62
C THR Y 62 -59.43 -18.17 -58.92
N ASN Y 63 -59.81 -16.92 -59.13
CA ASN Y 63 -59.20 -15.80 -58.43
C ASN Y 63 -60.26 -15.05 -57.65
N SER Y 64 -59.97 -14.80 -56.38
CA SER Y 64 -60.90 -14.10 -55.51
C SER Y 64 -60.14 -13.11 -54.64
N THR Y 65 -58.87 -12.92 -54.95
CA THR Y 65 -58.00 -12.00 -54.23
C THR Y 65 -57.26 -11.14 -55.23
N GLU Y 66 -57.99 -10.64 -56.22
CA GLU Y 66 -57.43 -9.84 -57.29
C GLU Y 66 -58.16 -8.52 -57.36
N LEU Y 67 -57.40 -7.44 -57.54
CA LEU Y 67 -57.99 -6.12 -57.70
C LEU Y 67 -58.17 -5.82 -59.18
N ILE Y 68 -59.39 -5.49 -59.57
CA ILE Y 68 -59.73 -5.21 -60.96
C ILE Y 68 -60.56 -3.94 -61.00
N PRO Y 69 -60.25 -2.98 -61.86
CA PRO Y 69 -61.08 -1.78 -61.94
C PRO Y 69 -62.52 -2.10 -62.28
N VAL Y 70 -63.45 -1.39 -61.65
CA VAL Y 70 -64.89 -1.58 -61.86
C VAL Y 70 -65.51 -0.24 -62.21
N ILE Y 71 -66.49 -0.28 -63.10
CA ILE Y 71 -67.14 0.93 -63.59
C ILE Y 71 -68.57 0.98 -63.07
N GLN Y 72 -68.97 2.17 -62.64
CA GLN Y 72 -70.38 2.47 -62.38
C GLN Y 72 -70.63 3.89 -62.87
N SER Y 73 -71.67 4.05 -63.68
CA SER Y 73 -71.85 5.24 -64.49
C SER Y 73 -72.07 6.51 -63.67
N GLY Y 74 -71.40 7.59 -64.08
CA GLY Y 74 -71.71 8.92 -63.58
C GLY Y 74 -71.44 9.16 -62.12
N GLU Y 75 -70.69 8.28 -61.46
CA GLU Y 75 -70.43 8.42 -60.04
C GLU Y 75 -68.97 8.23 -59.70
N ASN Y 76 -68.22 7.48 -60.51
CA ASN Y 76 -66.78 7.33 -60.33
C ASN Y 76 -66.07 7.42 -61.68
N ASP Y 77 -66.78 7.91 -62.69
CA ASP Y 77 -66.35 7.81 -64.08
C ASP Y 77 -65.48 9.01 -64.45
N GLU Y 78 -64.27 9.09 -63.90
CA GLU Y 78 -63.28 10.00 -64.47
C GLU Y 78 -61.89 9.37 -64.41
N GLN Y 79 -61.81 8.12 -63.96
CA GLN Y 79 -60.59 7.33 -64.10
C GLN Y 79 -60.65 6.44 -65.34
N PHE Y 80 -61.71 6.58 -66.13
CA PHE Y 80 -61.86 5.71 -67.29
C PHE Y 80 -62.01 6.56 -68.53
N ILE Y 81 -61.36 6.13 -69.60
CA ILE Y 81 -61.50 6.75 -70.91
C ILE Y 81 -62.96 6.66 -71.31
N ASP Y 82 -63.43 7.68 -72.02
CA ASP Y 82 -64.82 7.73 -72.41
C ASP Y 82 -65.15 6.53 -73.29
N PRO Y 83 -66.30 5.90 -73.06
CA PRO Y 83 -66.66 4.70 -73.83
C PRO Y 83 -66.91 4.96 -75.30
N SER Y 84 -67.01 6.22 -75.72
CA SER Y 84 -67.12 6.55 -77.13
C SER Y 84 -65.87 6.21 -77.92
N VAL Y 85 -64.76 5.95 -77.24
CA VAL Y 85 -63.53 5.51 -77.91
C VAL Y 85 -63.39 3.99 -77.89
N LEU Y 86 -63.92 3.31 -76.88
CA LEU Y 86 -63.89 1.86 -76.80
C LEU Y 86 -65.02 1.36 -75.91
N PRO Y 87 -65.82 0.40 -76.38
CA PRO Y 87 -66.94 -0.09 -75.56
C PRO Y 87 -66.43 -0.83 -74.33
N ALA Y 88 -67.26 -0.84 -73.28
CA ALA Y 88 -66.91 -1.49 -72.03
C ALA Y 88 -66.74 -2.99 -72.21
N GLN Y 89 -65.80 -3.59 -71.50
CA GLN Y 89 -65.53 -5.01 -71.57
C GLN Y 89 -66.00 -5.69 -70.28
N THR Y 90 -66.68 -6.83 -70.44
CA THR Y 90 -67.26 -7.54 -69.31
C THR Y 90 -66.28 -8.59 -68.80
N VAL Y 91 -65.97 -8.54 -67.51
CA VAL Y 91 -65.13 -9.52 -66.85
C VAL Y 91 -65.83 -9.98 -65.58
N LYS Y 92 -65.60 -11.23 -65.20
CA LYS Y 92 -66.23 -11.83 -64.03
C LYS Y 92 -65.18 -12.32 -63.06
N GLN Y 93 -65.19 -11.78 -61.85
CA GLN Y 93 -64.39 -12.28 -60.73
C GLN Y 93 -65.35 -12.79 -59.67
N GLY Y 94 -65.11 -14.00 -59.19
CA GLY Y 94 -66.06 -14.58 -58.27
C GLY Y 94 -67.42 -14.74 -58.92
N LYS Y 95 -68.45 -14.29 -58.22
CA LYS Y 95 -69.81 -14.37 -58.73
C LYS Y 95 -70.36 -13.02 -59.17
N ASP Y 96 -69.57 -11.95 -59.06
CA ASP Y 96 -70.03 -10.62 -59.42
C ASP Y 96 -69.81 -10.39 -60.91
N THR Y 97 -70.82 -9.84 -61.57
CA THR Y 97 -70.72 -9.47 -62.98
C THR Y 97 -70.58 -7.95 -63.07
N PHE Y 98 -69.53 -7.48 -63.72
CA PHE Y 98 -69.23 -6.06 -63.80
C PHE Y 98 -68.38 -5.78 -65.03
N ASP Y 99 -68.30 -4.50 -65.38
CA ASP Y 99 -67.59 -4.07 -66.58
C ASP Y 99 -66.32 -3.31 -66.19
N THR Y 100 -65.29 -3.43 -67.03
CA THR Y 100 -64.02 -2.77 -66.80
C THR Y 100 -63.53 -2.12 -68.08
N ASN Y 101 -62.61 -1.17 -67.93
CA ASN Y 101 -61.99 -0.51 -69.06
C ASN Y 101 -60.66 0.10 -68.62
N PHE Y 102 -59.86 0.48 -69.61
CA PHE Y 102 -58.51 0.97 -69.33
C PHE Y 102 -58.55 2.28 -68.57
N LEU Y 103 -57.72 2.40 -67.54
CA LEU Y 103 -57.55 3.67 -66.85
C LEU Y 103 -56.85 4.66 -67.75
N LYS Y 104 -57.23 5.94 -67.65
CA LYS Y 104 -56.71 6.95 -68.54
C LYS Y 104 -55.41 7.54 -68.01
N PHE Y 105 -54.58 8.02 -68.94
CA PHE Y 105 -53.42 8.80 -68.57
C PHE Y 105 -53.84 10.16 -68.05
N SER Y 106 -53.14 10.64 -67.02
CA SER Y 106 -53.33 12.00 -66.51
C SER Y 106 -51.97 12.65 -66.31
N GLU Y 107 -51.80 13.83 -66.89
CA GLU Y 107 -50.49 14.46 -66.84
C GLU Y 107 -50.41 15.53 -65.76
N ASN Y 108 -51.25 16.55 -65.86
CA ASN Y 108 -51.17 17.68 -64.93
C ASN Y 108 -52.21 17.63 -63.83
N GLY Y 109 -53.04 16.58 -63.79
CA GLY Y 109 -54.12 16.49 -62.85
C GLY Y 109 -53.88 15.45 -61.76
N GLU Y 110 -54.93 15.20 -60.99
CA GLU Y 110 -54.88 14.21 -59.93
C GLU Y 110 -54.79 12.81 -60.52
N GLY Y 111 -54.17 11.90 -59.80
CA GLY Y 111 -54.01 10.54 -60.27
C GLY Y 111 -55.27 9.69 -60.11
N PHE Y 112 -55.08 8.42 -59.76
CA PHE Y 112 -56.18 7.52 -59.47
C PHE Y 112 -56.02 6.96 -58.07
N ASN Y 113 -57.04 6.24 -57.61
CA ASN Y 113 -56.93 5.39 -56.42
C ASN Y 113 -57.40 3.99 -56.80
N LEU Y 114 -56.46 3.04 -56.78
CA LEU Y 114 -56.80 1.67 -57.19
C LEU Y 114 -57.83 1.04 -56.25
N LEU Y 115 -57.67 1.24 -54.94
CA LEU Y 115 -58.56 0.58 -53.99
C LEU Y 115 -60.00 1.00 -54.17
N MET Y 116 -60.26 2.28 -54.36
CA MET Y 116 -61.64 2.72 -54.55
C MET Y 116 -62.20 2.28 -55.90
N LEU Y 117 -61.34 2.09 -56.90
CA LEU Y 117 -61.83 1.59 -58.18
C LEU Y 117 -62.08 0.08 -58.14
N ALA Y 118 -61.28 -0.65 -57.38
CA ALA Y 118 -61.29 -2.12 -57.41
C ALA Y 118 -62.15 -2.72 -56.32
N GLN Y 119 -63.26 -2.09 -56.00
CA GLN Y 119 -64.15 -2.55 -54.95
C GLN Y 119 -65.39 -3.19 -55.57
N THR Y 120 -65.52 -4.50 -55.42
CA THR Y 120 -66.54 -5.26 -56.11
C THR Y 120 -67.72 -5.56 -55.17
N PRO Y 121 -68.92 -5.82 -55.74
CA PRO Y 121 -70.10 -6.04 -54.87
C PRO Y 121 -69.92 -7.16 -53.84
N SER Y 122 -69.12 -8.18 -54.16
CA SER Y 122 -68.78 -9.16 -53.14
C SER Y 122 -68.12 -8.51 -51.94
N ARG Y 123 -67.28 -7.50 -52.19
CA ARG Y 123 -66.66 -6.78 -51.09
C ARG Y 123 -67.61 -5.74 -50.50
N LEU Y 124 -68.60 -5.28 -51.28
CA LEU Y 124 -69.64 -4.47 -50.68
C LEU Y 124 -70.39 -5.22 -49.60
N LYS Y 125 -70.87 -6.43 -49.90
CA LYS Y 125 -71.68 -7.16 -48.96
C LYS Y 125 -70.91 -7.55 -47.71
N LYS Y 126 -69.59 -7.65 -47.79
CA LYS Y 126 -68.79 -8.04 -46.65
C LYS Y 126 -68.50 -6.88 -45.71
N GLY Y 127 -68.70 -5.65 -46.14
CA GLY Y 127 -68.40 -4.47 -45.35
C GLY Y 127 -67.56 -3.47 -46.14
N SER Y 128 -67.62 -2.23 -45.66
CA SER Y 128 -66.92 -1.13 -46.34
C SER Y 128 -65.42 -1.30 -46.25
N MET Y 129 -64.70 -0.70 -47.21
CA MET Y 129 -63.25 -0.81 -47.26
C MET Y 129 -62.59 -0.28 -45.98
N THR Y 130 -61.63 -1.01 -45.46
CA THR Y 130 -60.91 -0.65 -44.24
C THR Y 130 -59.47 -0.28 -44.58
N PHE Y 131 -58.68 0.01 -43.55
CA PHE Y 131 -57.33 0.51 -43.75
C PHE Y 131 -56.28 -0.57 -43.60
N THR Y 132 -56.67 -1.81 -43.30
CA THR Y 132 -55.72 -2.89 -43.11
C THR Y 132 -55.51 -3.71 -44.38
N ASP Y 133 -56.24 -3.41 -45.46
CA ASP Y 133 -56.01 -4.04 -46.74
C ASP Y 133 -54.67 -3.56 -47.29
N SER Y 134 -53.88 -4.49 -47.81
CA SER Y 134 -52.53 -4.18 -48.26
C SER Y 134 -52.33 -4.70 -49.69
N LEU Y 135 -51.52 -3.96 -50.45
CA LEU Y 135 -51.20 -4.34 -51.81
C LEU Y 135 -49.96 -5.25 -51.83
N ASP Y 136 -49.89 -6.11 -52.84
CA ASP Y 136 -48.83 -7.09 -52.92
C ASP Y 136 -47.50 -6.46 -53.30
N SER Y 137 -46.44 -7.27 -53.28
CA SER Y 137 -45.12 -6.80 -53.66
C SER Y 137 -44.93 -6.68 -55.16
N ARG Y 138 -45.72 -7.37 -55.97
CA ARG Y 138 -45.55 -7.34 -57.42
C ARG Y 138 -46.78 -6.72 -58.08
N ILE Y 139 -46.58 -5.59 -58.73
CA ILE Y 139 -47.60 -4.94 -59.54
C ILE Y 139 -46.99 -4.69 -60.90
N ALA Y 140 -47.70 -5.03 -61.97
CA ALA Y 140 -47.18 -4.92 -63.31
C ALA Y 140 -48.22 -4.31 -64.24
N LEU Y 141 -47.72 -3.72 -65.32
CA LEU Y 141 -48.59 -3.21 -66.37
C LEU Y 141 -49.07 -4.38 -67.24
N LYS Y 142 -50.38 -4.56 -67.33
CA LYS Y 142 -50.89 -5.69 -68.09
C LYS Y 142 -50.99 -5.38 -69.58
N GLN Y 143 -51.77 -4.36 -69.95
CA GLN Y 143 -51.89 -3.98 -71.34
C GLN Y 143 -51.65 -2.49 -71.49
N LEU Y 144 -50.91 -2.11 -72.54
CA LEU Y 144 -50.73 -0.73 -72.92
C LEU Y 144 -51.41 -0.51 -74.27
N LEU Y 145 -52.39 0.37 -74.29
CA LEU Y 145 -53.24 0.54 -75.47
C LEU Y 145 -52.83 1.80 -76.23
N ILE Y 146 -52.57 1.64 -77.52
CA ILE Y 146 -52.22 2.76 -78.39
C ILE Y 146 -53.13 2.72 -79.61
N SER Y 147 -53.30 3.87 -80.24
CA SER Y 147 -54.11 3.99 -81.44
C SER Y 147 -53.24 4.55 -82.56
N VAL Y 148 -53.14 3.79 -83.65
CA VAL Y 148 -52.45 4.26 -84.85
C VAL Y 148 -53.48 4.97 -85.72
N THR Y 149 -53.21 6.23 -86.04
CA THR Y 149 -54.18 7.08 -86.73
C THR Y 149 -53.54 7.67 -87.98
N LYS Y 150 -54.25 7.58 -89.10
CA LYS Y 150 -53.79 8.12 -90.37
C LYS Y 150 -54.99 8.28 -91.28
N GLY Y 151 -55.30 9.52 -91.64
CA GLY Y 151 -56.44 9.80 -92.49
C GLY Y 151 -57.78 9.78 -91.81
N GLY Y 152 -57.83 9.83 -90.48
CA GLY Y 152 -59.07 9.83 -89.75
C GLY Y 152 -59.56 8.47 -89.30
N THR Y 153 -58.89 7.39 -89.70
CA THR Y 153 -59.26 6.04 -89.29
C THR Y 153 -58.45 5.65 -88.06
N THR Y 154 -59.14 5.18 -87.02
CA THR Y 154 -58.51 4.85 -85.75
C THR Y 154 -58.46 3.32 -85.58
N GLU Y 155 -57.25 2.80 -85.43
CA GLU Y 155 -57.02 1.40 -85.14
C GLU Y 155 -56.27 1.27 -83.83
N LEU Y 156 -56.86 0.57 -82.87
CA LEU Y 156 -56.28 0.40 -81.55
C LEU Y 156 -55.66 -0.99 -81.44
N PHE Y 157 -54.47 -1.06 -80.85
CA PHE Y 157 -53.82 -2.34 -80.61
C PHE Y 157 -53.50 -2.46 -79.13
N ALA Y 158 -53.78 -3.64 -78.57
CA ALA Y 158 -53.47 -3.94 -77.18
C ALA Y 158 -52.10 -4.60 -77.13
N LEU Y 159 -51.09 -3.83 -76.71
CA LEU Y 159 -49.77 -4.34 -76.45
C LEU Y 159 -49.76 -5.12 -75.15
N ASP Y 160 -49.30 -6.36 -75.20
CA ASP Y 160 -49.19 -7.19 -74.01
C ASP Y 160 -47.88 -6.87 -73.29
N VAL Y 161 -47.83 -5.71 -72.64
CA VAL Y 161 -46.63 -5.27 -71.96
C VAL Y 161 -46.30 -6.14 -70.76
N ASN Y 162 -47.26 -6.93 -70.28
CA ASN Y 162 -46.93 -7.94 -69.28
C ASN Y 162 -45.84 -8.84 -69.85
N ARG Y 163 -44.82 -9.10 -69.04
CA ARG Y 163 -43.57 -9.67 -69.50
C ARG Y 163 -42.92 -8.84 -70.59
N ASP Y 164 -42.59 -7.60 -70.29
CA ASP Y 164 -41.60 -6.87 -71.06
C ASP Y 164 -40.37 -6.63 -70.18
N GLN Y 165 -39.34 -6.00 -70.76
CA GLN Y 165 -38.12 -5.69 -70.04
C GLN Y 165 -38.37 -5.14 -68.64
N TYR Y 166 -39.06 -4.02 -68.53
CA TYR Y 166 -39.14 -3.38 -67.22
C TYR Y 166 -40.56 -2.89 -66.96
N ALA Y 167 -41.55 -3.70 -67.32
CA ALA Y 167 -42.95 -3.36 -67.11
C ALA Y 167 -43.44 -3.77 -65.73
N ALA Y 168 -42.54 -4.04 -64.80
CA ALA Y 168 -42.90 -4.45 -63.45
C ALA Y 168 -42.33 -3.47 -62.44
N TYR Y 169 -43.16 -3.08 -61.48
CA TYR Y 169 -42.75 -2.15 -60.43
C TYR Y 169 -41.56 -2.72 -59.66
N THR Y 170 -40.46 -1.97 -59.63
CA THR Y 170 -39.26 -2.37 -58.90
C THR Y 170 -39.14 -1.55 -57.62
N ALA Y 171 -38.60 -2.19 -56.59
CA ALA Y 171 -38.43 -1.50 -55.32
C ALA Y 171 -37.46 -0.35 -55.46
N THR Y 172 -37.99 0.87 -55.44
CA THR Y 172 -37.15 2.07 -55.54
C THR Y 172 -37.76 3.13 -54.63
N ARG Y 173 -37.19 3.28 -53.44
CA ARG Y 173 -37.70 4.23 -52.48
C ARG Y 173 -36.84 5.49 -52.47
N GLU Y 174 -37.50 6.65 -52.49
CA GLU Y 174 -36.81 7.92 -52.28
C GLU Y 174 -37.56 8.80 -51.30
N TYR Y 175 -38.86 8.56 -51.14
CA TYR Y 175 -39.67 9.39 -50.26
C TYR Y 175 -40.20 8.56 -49.08
N ASN Y 176 -40.93 7.50 -49.37
CA ASN Y 176 -41.48 6.62 -48.36
C ASN Y 176 -40.88 5.23 -48.50
N PHE Y 177 -41.08 4.40 -47.48
CA PHE Y 177 -40.57 3.04 -47.53
C PHE Y 177 -41.54 2.10 -48.22
N ARG Y 178 -42.62 2.64 -48.78
CA ARG Y 178 -43.66 1.85 -49.43
C ARG Y 178 -43.83 2.22 -50.89
N LEU Y 179 -43.34 3.38 -51.32
CA LEU Y 179 -43.62 3.92 -52.65
C LEU Y 179 -43.02 3.01 -53.70
N MET Y 180 -43.87 2.37 -54.49
CA MET Y 180 -43.45 1.49 -55.57
C MET Y 180 -43.15 2.32 -56.81
N GLN Y 181 -42.14 1.91 -57.56
CA GLN Y 181 -41.65 2.73 -58.67
C GLN Y 181 -41.67 1.95 -59.97
N LEU Y 182 -41.99 2.67 -61.05
CA LEU Y 182 -42.06 2.10 -62.40
C LEU Y 182 -41.32 3.02 -63.36
N LYS Y 183 -40.46 2.44 -64.20
CA LYS Y 183 -39.80 3.15 -65.29
C LYS Y 183 -39.79 2.22 -66.50
N PHE Y 184 -40.83 2.34 -67.33
CA PHE Y 184 -41.01 1.49 -68.49
C PHE Y 184 -40.45 2.21 -69.70
N HIS Y 185 -39.14 2.06 -69.94
CA HIS Y 185 -38.47 2.72 -71.05
C HIS Y 185 -37.81 1.67 -71.93
N THR Y 186 -38.40 1.43 -73.10
CA THR Y 186 -37.88 0.44 -74.03
C THR Y 186 -38.46 0.71 -75.41
N SER Y 187 -37.85 0.08 -76.40
CA SER Y 187 -38.36 0.12 -77.77
C SER Y 187 -39.30 -1.05 -77.96
N LEU Y 188 -40.59 -0.76 -78.08
CA LEU Y 188 -41.61 -1.79 -78.23
C LEU Y 188 -42.27 -1.63 -79.59
N GLY Y 189 -42.17 -2.67 -80.42
CA GLY Y 189 -42.48 -2.57 -81.83
C GLY Y 189 -43.63 -3.47 -82.25
N LEU Y 190 -44.12 -3.24 -83.47
CA LEU Y 190 -45.20 -4.01 -84.06
C LEU Y 190 -44.61 -4.85 -85.20
N GLY Y 191 -44.85 -6.16 -85.14
CA GLY Y 191 -44.29 -7.06 -86.13
C GLY Y 191 -44.87 -6.87 -87.51
N GLU Y 192 -44.52 -7.75 -88.45
CA GLU Y 192 -45.00 -7.68 -89.82
C GLU Y 192 -46.28 -8.47 -90.05
N GLU Y 193 -46.82 -9.11 -89.00
CA GLU Y 193 -48.07 -9.84 -89.12
C GLU Y 193 -48.91 -9.62 -87.87
N SER Y 194 -48.43 -8.76 -86.98
CA SER Y 194 -49.13 -8.50 -85.72
C SER Y 194 -50.54 -8.01 -86.00
N THR Y 195 -51.53 -8.84 -85.66
CA THR Y 195 -52.92 -8.55 -85.97
C THR Y 195 -53.52 -7.64 -84.92
N THR Y 196 -54.32 -6.67 -85.37
CA THR Y 196 -54.98 -5.75 -84.45
C THR Y 196 -56.01 -6.49 -83.60
N VAL Y 197 -56.31 -5.92 -82.44
CA VAL Y 197 -57.33 -6.48 -81.57
C VAL Y 197 -58.68 -6.30 -82.22
N ALA Y 198 -59.66 -7.13 -81.82
CA ALA Y 198 -61.02 -7.18 -82.35
C ALA Y 198 -61.04 -7.84 -83.72
N GLY Y 199 -60.01 -8.61 -84.04
CA GLY Y 199 -59.99 -9.42 -85.23
C GLY Y 199 -59.31 -8.75 -86.40
N ALA Y 200 -58.92 -9.59 -87.38
CA ALA Y 200 -58.38 -9.16 -88.66
C ALA Y 200 -57.04 -8.45 -88.52
N GLU Y 201 -56.43 -8.14 -89.66
CA GLU Y 201 -55.15 -7.44 -89.70
C GLU Y 201 -55.35 -5.96 -89.98
N SER Y 202 -54.43 -5.14 -89.47
CA SER Y 202 -54.53 -3.70 -89.62
C SER Y 202 -54.37 -3.29 -91.07
N ALA Y 203 -55.12 -2.24 -91.45
CA ALA Y 203 -55.12 -1.76 -92.82
C ALA Y 203 -54.19 -0.57 -93.05
N LEU Y 204 -53.98 0.28 -92.05
CA LEU Y 204 -53.10 1.44 -92.21
C LEU Y 204 -51.64 1.05 -92.39
N LEU Y 205 -51.25 -0.16 -91.99
CA LEU Y 205 -49.91 -0.66 -92.19
C LEU Y 205 -49.84 -1.67 -93.32
N LYS Y 206 -50.88 -1.75 -94.16
CA LYS Y 206 -50.97 -2.79 -95.18
C LYS Y 206 -49.80 -2.69 -96.17
N ASP Y 207 -49.44 -1.47 -96.57
CA ASP Y 207 -48.37 -1.30 -97.54
C ASP Y 207 -47.03 -1.78 -96.99
N LEU Y 208 -46.66 -1.33 -95.79
CA LEU Y 208 -45.41 -1.77 -95.18
C LEU Y 208 -45.43 -3.27 -94.93
N PHE Y 209 -46.55 -3.79 -94.46
CA PHE Y 209 -46.64 -5.22 -94.15
C PHE Y 209 -46.50 -6.07 -95.40
N ASP Y 210 -47.14 -5.67 -96.50
CA ASP Y 210 -47.07 -6.45 -97.74
C ASP Y 210 -45.67 -6.43 -98.33
N LEU Y 211 -44.87 -5.43 -97.99
CA LEU Y 211 -43.48 -5.36 -98.43
C LEU Y 211 -42.55 -6.16 -97.55
N GLY Y 212 -43.06 -6.77 -96.47
CA GLY Y 212 -42.23 -7.50 -95.53
C GLY Y 212 -41.53 -6.64 -94.51
N TYR Y 213 -41.89 -5.37 -94.40
CA TYR Y 213 -41.18 -4.44 -93.53
C TYR Y 213 -41.72 -4.52 -92.10
N ARG Y 214 -40.95 -3.96 -91.17
CA ARG Y 214 -41.35 -3.86 -89.78
C ARG Y 214 -41.09 -2.45 -89.27
N ILE Y 215 -41.95 -1.98 -88.38
CA ILE Y 215 -41.81 -0.67 -87.75
C ILE Y 215 -41.51 -0.87 -86.28
N GLU Y 216 -40.95 0.15 -85.64
CA GLU Y 216 -40.62 0.10 -84.22
C GLU Y 216 -41.15 1.35 -83.55
N LEU Y 217 -41.40 1.26 -82.24
CA LEU Y 217 -41.90 2.38 -81.46
C LEU Y 217 -41.05 2.51 -80.20
N ASP Y 218 -40.75 3.74 -79.81
CA ASP Y 218 -40.13 3.98 -78.51
C ASP Y 218 -41.20 4.40 -77.51
N VAL Y 219 -41.18 3.81 -76.32
CA VAL Y 219 -42.21 4.04 -75.31
C VAL Y 219 -41.52 4.54 -74.05
N LYS Y 220 -42.00 5.65 -73.51
CA LYS Y 220 -41.52 6.19 -72.25
C LYS Y 220 -42.71 6.37 -71.31
N VAL Y 221 -42.82 5.48 -70.33
CA VAL Y 221 -43.92 5.50 -69.38
C VAL Y 221 -43.35 5.52 -67.98
N ASP Y 222 -43.88 6.40 -67.13
CA ASP Y 222 -43.50 6.50 -65.73
C ASP Y 222 -44.75 6.49 -64.86
N GLY Y 223 -44.62 5.94 -63.66
CA GLY Y 223 -45.73 5.86 -62.74
C GLY Y 223 -45.25 5.48 -61.37
N GLU Y 224 -46.03 5.88 -60.37
CA GLU Y 224 -45.70 5.60 -58.97
C GLU Y 224 -46.91 5.03 -58.27
N MET Y 225 -46.67 4.13 -57.32
CA MET Y 225 -47.72 3.50 -56.55
C MET Y 225 -47.31 3.46 -55.08
N ASN Y 226 -48.30 3.58 -54.20
CA ASN Y 226 -48.10 3.47 -52.76
C ASN Y 226 -48.93 2.30 -52.25
N VAL Y 227 -48.25 1.22 -51.83
CA VAL Y 227 -48.94 -0.01 -51.46
C VAL Y 227 -49.48 0.11 -50.05
N GLU Y 228 -49.33 1.29 -49.43
CA GLU Y 228 -49.79 1.50 -48.06
C GLU Y 228 -51.24 1.99 -48.02
N ASN Y 229 -51.62 2.85 -48.95
CA ASN Y 229 -52.92 3.51 -48.90
C ASN Y 229 -53.61 3.61 -50.24
N GLY Y 230 -53.01 3.13 -51.33
CA GLY Y 230 -53.68 3.11 -52.60
C GLY Y 230 -53.65 4.39 -53.39
N ASN Y 231 -52.66 5.26 -53.14
CA ASN Y 231 -52.51 6.47 -53.94
C ASN Y 231 -51.37 6.31 -54.94
N GLY Y 232 -51.64 6.69 -56.18
CA GLY Y 232 -50.63 6.59 -57.22
C GLY Y 232 -51.17 7.09 -58.54
N ASP Y 233 -50.26 7.27 -59.49
CA ASP Y 233 -50.60 7.79 -60.80
C ASP Y 233 -49.61 7.29 -61.83
N THR Y 234 -50.02 7.39 -63.09
CA THR Y 234 -49.19 7.01 -64.23
C THR Y 234 -49.27 8.10 -65.27
N SER Y 235 -48.16 8.38 -65.94
CA SER Y 235 -48.09 9.42 -66.97
C SER Y 235 -47.37 8.88 -68.19
N LEU Y 236 -47.70 9.43 -69.35
CA LEU Y 236 -47.03 9.08 -70.59
C LEU Y 236 -46.01 10.17 -70.94
N ARG Y 237 -44.75 9.78 -71.04
CA ARG Y 237 -43.68 10.76 -71.22
C ARG Y 237 -43.26 10.92 -72.68
N ALA Y 238 -43.11 9.82 -73.42
CA ALA Y 238 -42.80 9.89 -74.84
C ALA Y 238 -43.14 8.57 -75.51
N LEU Y 239 -43.86 8.66 -76.63
CA LEU Y 239 -44.23 7.48 -77.42
C LEU Y 239 -44.40 7.89 -78.87
N ARG Y 240 -43.45 7.49 -79.71
CA ARG Y 240 -43.39 7.93 -81.10
C ARG Y 240 -42.74 6.86 -81.96
N LEU Y 241 -42.95 6.99 -83.27
CA LEU Y 241 -42.30 6.11 -84.24
C LEU Y 241 -40.82 6.49 -84.35
N ALA Y 242 -39.95 5.49 -84.32
CA ALA Y 242 -38.51 5.74 -84.31
C ALA Y 242 -37.79 5.18 -85.53
N ARG Y 243 -37.91 3.88 -85.78
CA ARG Y 243 -37.11 3.21 -86.79
C ARG Y 243 -37.99 2.31 -87.64
N VAL Y 244 -37.51 1.99 -88.83
CA VAL Y 244 -38.16 1.05 -89.73
C VAL Y 244 -37.16 -0.04 -90.09
N PHE Y 245 -37.61 -1.29 -90.06
CA PHE Y 245 -36.75 -2.45 -90.32
C PHE Y 245 -37.22 -3.19 -91.56
N ASP Y 246 -36.27 -3.74 -92.30
CA ASP Y 246 -36.54 -4.52 -93.48
C ASP Y 246 -36.66 -6.01 -93.10
N LYS Y 247 -37.09 -6.84 -94.04
CA LYS Y 247 -37.22 -8.26 -93.81
C LYS Y 247 -35.87 -8.94 -93.59
N GLU Y 248 -34.78 -8.30 -93.99
CA GLU Y 248 -33.44 -8.86 -93.84
C GLU Y 248 -32.78 -8.42 -92.55
N GLY Y 249 -33.49 -7.69 -91.70
CA GLY Y 249 -32.92 -7.19 -90.45
C GLY Y 249 -31.86 -6.13 -90.61
N LYS Y 250 -32.07 -5.19 -91.52
CA LYS Y 250 -31.13 -4.07 -91.70
C LYS Y 250 -31.92 -2.77 -91.74
N GLU Y 251 -31.48 -1.81 -90.93
CA GLU Y 251 -32.17 -0.53 -90.83
C GLU Y 251 -32.00 0.26 -92.12
N ILE Y 252 -33.09 0.85 -92.60
CA ILE Y 252 -33.08 1.69 -93.79
C ILE Y 252 -33.48 3.10 -93.37
N ALA Y 253 -33.09 4.08 -94.19
CA ALA Y 253 -33.32 5.49 -93.87
C ALA Y 253 -34.80 5.81 -93.79
N LEU Y 254 -35.15 6.75 -92.92
CA LEU Y 254 -36.52 7.25 -92.80
C LEU Y 254 -36.93 8.12 -93.99
N THR Y 255 -35.99 8.52 -94.83
CA THR Y 255 -36.26 9.37 -95.98
C THR Y 255 -36.58 8.60 -97.25
N ASP Y 256 -36.67 7.27 -97.18
CA ASP Y 256 -36.99 6.48 -98.36
C ASP Y 256 -38.41 6.80 -98.84
N SER Y 257 -38.60 6.74 -100.16
CA SER Y 257 -39.88 7.13 -100.75
C SER Y 257 -41.02 6.28 -100.24
N ARG Y 258 -40.85 4.95 -100.23
CA ARG Y 258 -41.90 4.07 -99.74
C ARG Y 258 -42.16 4.30 -98.25
N VAL Y 259 -41.10 4.40 -97.45
CA VAL Y 259 -41.26 4.60 -96.02
C VAL Y 259 -41.90 5.95 -95.74
N SER Y 260 -41.44 7.00 -96.42
CA SER Y 260 -42.03 8.32 -96.20
C SER Y 260 -43.49 8.35 -96.60
N ALA Y 261 -43.83 7.73 -97.74
CA ALA Y 261 -45.22 7.71 -98.18
C ALA Y 261 -46.11 6.94 -97.20
N ALA Y 262 -45.64 5.80 -96.71
CA ALA Y 262 -46.43 5.02 -95.77
C ALA Y 262 -46.53 5.69 -94.42
N LEU Y 263 -45.51 6.47 -94.04
CA LEU Y 263 -45.48 7.14 -92.76
C LEU Y 263 -45.96 8.58 -92.82
N SER Y 264 -46.37 9.06 -93.99
CA SER Y 264 -46.88 10.42 -94.12
C SER Y 264 -48.22 10.54 -93.42
N GLY Y 265 -48.35 11.54 -92.54
CA GLY Y 265 -49.57 11.75 -91.79
C GLY Y 265 -49.80 10.78 -90.66
N LEU Y 266 -48.82 9.95 -90.32
CA LEU Y 266 -49.00 8.92 -89.31
C LEU Y 266 -48.70 9.49 -87.93
N THR Y 267 -49.67 9.42 -87.03
CA THR Y 267 -49.54 9.94 -85.68
C THR Y 267 -49.94 8.85 -84.70
N VAL Y 268 -49.22 8.78 -83.58
CA VAL Y 268 -49.51 7.82 -82.52
C VAL Y 268 -49.68 8.59 -81.22
N THR Y 269 -50.73 8.26 -80.47
CA THR Y 269 -50.98 8.84 -79.15
C THR Y 269 -51.35 7.73 -78.19
N GLY Y 270 -50.89 7.85 -76.95
CA GLY Y 270 -51.24 6.88 -75.92
C GLY Y 270 -52.72 6.97 -75.60
N VAL Y 271 -53.28 5.84 -75.15
CA VAL Y 271 -54.70 5.74 -74.84
C VAL Y 271 -54.91 5.45 -73.35
N GLY Y 272 -54.42 4.32 -72.87
CA GLY Y 272 -54.65 3.93 -71.49
C GLY Y 272 -53.71 2.83 -71.07
N TYR Y 273 -54.03 2.22 -69.93
CA TYR Y 273 -53.25 1.11 -69.42
C TYR Y 273 -54.11 0.27 -68.49
N SER Y 274 -53.57 -0.87 -68.09
CA SER Y 274 -54.21 -1.77 -67.15
C SER Y 274 -53.19 -2.27 -66.14
N LEU Y 275 -53.67 -2.60 -64.94
CA LEU Y 275 -52.81 -3.00 -63.84
C LEU Y 275 -53.26 -4.33 -63.25
N GLU Y 276 -52.30 -5.20 -63.01
CA GLU Y 276 -52.51 -6.48 -62.35
C GLU Y 276 -51.93 -6.39 -60.96
N ALA Y 277 -52.71 -5.87 -60.02
CA ALA Y 277 -52.28 -5.72 -58.63
C ALA Y 277 -53.12 -6.62 -57.75
N ARG Y 278 -52.48 -7.24 -56.76
CA ARG Y 278 -53.16 -8.17 -55.88
C ARG Y 278 -53.25 -7.58 -54.48
N LEU Y 279 -54.46 -7.47 -53.95
CA LEU Y 279 -54.65 -7.04 -52.58
C LEU Y 279 -54.21 -8.17 -51.65
N THR Y 280 -52.96 -8.11 -51.18
CA THR Y 280 -52.44 -9.15 -50.30
C THR Y 280 -53.08 -8.94 -48.93
N ASN Y 281 -54.08 -9.74 -48.65
CA ASN Y 281 -54.83 -9.62 -47.40
C ASN Y 281 -54.23 -10.50 -46.32
N ILE Y 282 -54.07 -9.92 -45.13
CA ILE Y 282 -53.70 -10.66 -43.93
C ILE Y 282 -54.97 -10.75 -43.10
N ASN Y 283 -55.91 -9.84 -43.38
CA ASN Y 283 -57.27 -9.90 -42.88
C ASN Y 283 -58.11 -10.90 -43.67
N GLN Y 284 -57.48 -11.83 -44.38
CA GLN Y 284 -58.16 -12.66 -45.36
C GLN Y 284 -59.33 -13.46 -44.79
N LEU Y 285 -60.44 -13.42 -45.52
CA LEU Y 285 -61.67 -14.12 -45.18
C LEU Y 285 -62.16 -14.99 -46.33
N GLU Y 286 -61.37 -15.12 -47.38
CA GLU Y 286 -61.82 -15.71 -48.64
C GLU Y 286 -62.07 -17.21 -48.52
N MET Y 287 -63.05 -17.68 -49.27
CA MET Y 287 -63.38 -19.10 -49.30
C MET Y 287 -62.21 -19.88 -49.88
N GLY Y 288 -61.53 -19.31 -50.86
CA GLY Y 288 -60.53 -20.08 -51.56
C GLY Y 288 -61.18 -21.25 -52.26
N LEU Y 289 -60.60 -22.43 -52.05
CA LEU Y 289 -61.15 -23.67 -52.56
C LEU Y 289 -61.22 -24.68 -51.41
N LEU Y 290 -62.43 -25.03 -51.00
CA LEU Y 290 -62.64 -26.01 -49.95
C LEU Y 290 -62.56 -27.41 -50.54
N ILE Y 291 -62.08 -28.36 -49.75
CA ILE Y 291 -61.96 -29.75 -50.15
C ILE Y 291 -62.75 -30.62 -49.19
N ASP Y 292 -63.66 -31.42 -49.73
CA ASP Y 292 -64.55 -32.28 -48.96
C ASP Y 292 -64.66 -33.62 -49.67
N SER Y 293 -65.22 -34.61 -48.97
CA SER Y 293 -65.53 -35.89 -49.60
C SER Y 293 -66.87 -36.40 -49.12
N ASP Y 294 -67.60 -37.03 -50.05
CA ASP Y 294 -68.87 -37.66 -49.77
C ASP Y 294 -68.85 -39.08 -50.33
N VAL Y 295 -69.63 -39.96 -49.71
CA VAL Y 295 -69.67 -41.37 -50.09
C VAL Y 295 -71.07 -41.68 -50.59
N GLN Y 296 -71.15 -42.31 -51.75
CA GLN Y 296 -72.41 -42.79 -52.31
C GLN Y 296 -72.38 -44.31 -52.38
N LYS Y 297 -73.39 -44.93 -51.80
CA LYS Y 297 -73.50 -46.38 -51.76
C LYS Y 297 -74.52 -46.86 -52.80
N GLN Y 298 -74.23 -47.99 -53.42
CA GLN Y 298 -75.09 -48.57 -54.44
C GLN Y 298 -75.43 -50.00 -54.09
N GLY Y 299 -76.72 -50.34 -54.16
CA GLY Y 299 -77.19 -51.67 -53.86
C GLY Y 299 -77.43 -52.45 -55.14
N PHE Y 300 -76.68 -53.52 -55.30
CA PHE Y 300 -76.84 -54.45 -56.41
C PHE Y 300 -77.33 -55.77 -55.82
N MET Y 301 -78.45 -56.28 -56.31
CA MET Y 301 -79.09 -57.42 -55.68
C MET Y 301 -79.54 -58.44 -56.71
N ILE Y 302 -79.61 -59.69 -56.29
CA ILE Y 302 -79.52 -60.87 -57.16
C ILE Y 302 -80.91 -61.44 -57.41
N PRO Y 303 -81.23 -61.85 -58.63
CA PRO Y 303 -82.52 -62.48 -58.92
C PRO Y 303 -82.55 -64.00 -58.88
N THR Y 304 -83.77 -64.53 -58.98
CA THR Y 304 -83.94 -65.92 -59.41
C THR Y 304 -84.55 -65.94 -60.81
N LEU Y 305 -84.55 -67.11 -61.43
CA LEU Y 305 -85.00 -67.22 -62.81
C LEU Y 305 -85.94 -68.39 -63.01
N PRO Y 306 -86.76 -68.37 -64.05
CA PRO Y 306 -87.66 -69.49 -64.31
C PRO Y 306 -86.87 -70.76 -64.55
N PRO Y 307 -87.33 -71.89 -64.02
CA PRO Y 307 -86.58 -73.14 -64.14
C PRO Y 307 -87.00 -73.95 -65.35
N LEU Y 308 -86.16 -74.92 -65.70
CA LEU Y 308 -86.43 -75.83 -66.80
C LEU Y 308 -86.54 -77.26 -66.26
N VAL Y 309 -87.54 -77.99 -66.74
CA VAL Y 309 -88.00 -79.21 -66.11
C VAL Y 309 -87.91 -80.37 -67.10
N ILE Y 310 -87.37 -81.49 -66.65
CA ILE Y 310 -87.33 -82.73 -67.43
C ILE Y 310 -88.42 -83.65 -66.87
N VAL Y 311 -89.26 -84.17 -67.76
CA VAL Y 311 -90.37 -85.03 -67.38
C VAL Y 311 -90.00 -86.46 -67.76
N LYS Y 312 -90.47 -87.43 -66.96
CA LYS Y 312 -90.16 -88.82 -67.18
C LYS Y 312 -91.13 -89.71 -66.42
N PRO Y 313 -91.80 -90.65 -67.10
CA PRO Y 313 -92.69 -91.57 -66.39
C PRO Y 313 -91.94 -92.40 -65.36
N ALA Y 314 -92.56 -92.53 -64.19
CA ALA Y 314 -91.92 -93.18 -63.05
C ALA Y 314 -92.44 -94.61 -62.91
N MET Y 315 -92.10 -95.46 -63.89
CA MET Y 315 -92.24 -96.89 -63.70
C MET Y 315 -91.03 -97.63 -64.26
N VAL Y 316 -90.23 -96.92 -65.06
CA VAL Y 316 -89.04 -97.47 -65.69
C VAL Y 316 -88.20 -96.32 -66.22
N GLU Y 317 -86.88 -96.47 -66.18
CA GLU Y 317 -85.97 -95.42 -66.62
C GLU Y 317 -85.53 -95.63 -68.05
N ASP Y 318 -85.02 -94.56 -68.66
CA ASP Y 318 -84.54 -94.58 -70.03
C ASP Y 318 -83.36 -93.62 -70.15
N ASP Y 319 -82.70 -93.67 -71.31
CA ASP Y 319 -81.54 -92.83 -71.57
C ASP Y 319 -81.72 -91.96 -72.80
N LYS Y 320 -82.80 -92.16 -73.56
CA LYS Y 320 -83.05 -91.37 -74.77
C LYS Y 320 -84.30 -90.53 -74.67
N THR Y 321 -85.46 -91.13 -74.37
CA THR Y 321 -86.62 -90.33 -74.00
C THR Y 321 -86.36 -89.47 -72.79
N TYR Y 322 -85.67 -90.02 -71.80
CA TYR Y 322 -85.03 -89.26 -70.74
C TYR Y 322 -83.56 -89.15 -71.09
N PRO Y 323 -83.14 -88.14 -71.83
CA PRO Y 323 -81.70 -88.01 -72.14
C PRO Y 323 -80.92 -87.75 -70.87
N ARG Y 324 -79.66 -88.16 -70.89
CA ARG Y 324 -78.80 -88.02 -69.72
C ARG Y 324 -78.70 -86.56 -69.29
N LEU Y 325 -78.27 -86.33 -68.05
CA LEU Y 325 -78.21 -85.00 -67.45
C LEU Y 325 -77.37 -84.03 -68.29
N GLU Y 326 -76.44 -84.57 -69.08
CA GLU Y 326 -75.59 -83.73 -69.91
C GLU Y 326 -76.41 -82.76 -70.75
N ALA Y 327 -77.54 -83.21 -71.30
CA ALA Y 327 -78.39 -82.32 -72.07
C ALA Y 327 -78.90 -81.17 -71.23
N LEU Y 328 -79.37 -81.47 -70.01
CA LEU Y 328 -79.88 -80.43 -69.12
C LEU Y 328 -78.81 -79.41 -68.79
N THR Y 329 -77.64 -79.88 -68.37
CA THR Y 329 -76.57 -78.97 -67.96
C THR Y 329 -76.07 -78.14 -69.14
N THR Y 330 -75.97 -78.76 -70.32
CA THR Y 330 -75.54 -78.01 -71.49
C THR Y 330 -76.55 -76.93 -71.86
N ALA Y 331 -77.85 -77.24 -71.80
CA ALA Y 331 -78.85 -76.23 -72.05
C ALA Y 331 -78.71 -75.08 -71.06
N TYR Y 332 -78.53 -75.41 -69.79
CA TYR Y 332 -78.29 -74.37 -68.79
C TYR Y 332 -77.09 -73.51 -69.14
N ARG Y 333 -75.95 -74.14 -69.40
CA ARG Y 333 -74.72 -73.38 -69.60
C ARG Y 333 -74.84 -72.47 -70.81
N ILE Y 334 -75.36 -73.01 -71.92
CA ILE Y 334 -75.49 -72.18 -73.13
C ILE Y 334 -76.44 -71.02 -72.88
N GLN Y 335 -77.59 -71.29 -72.24
CA GLN Y 335 -78.56 -70.24 -72.00
C GLN Y 335 -77.96 -69.13 -71.15
N GLN Y 336 -77.30 -69.49 -70.05
CA GLN Y 336 -76.88 -68.46 -69.11
C GLN Y 336 -75.64 -67.72 -69.62
N MET Y 337 -74.79 -68.40 -70.39
CA MET Y 337 -73.52 -67.79 -70.75
C MET Y 337 -73.52 -67.14 -72.13
N ARG Y 338 -74.47 -67.45 -73.00
CA ARG Y 338 -74.53 -66.87 -74.33
C ARG Y 338 -75.56 -65.76 -74.39
N ASN Y 339 -76.82 -66.09 -74.10
CA ASN Y 339 -77.93 -65.26 -74.55
C ASN Y 339 -78.03 -63.99 -73.72
N ASN Y 340 -78.18 -64.13 -72.40
CA ASN Y 340 -78.28 -62.97 -71.55
C ASN Y 340 -77.04 -62.09 -71.64
N ALA Y 341 -75.86 -62.70 -71.75
CA ALA Y 341 -74.63 -61.92 -71.84
C ALA Y 341 -74.62 -61.04 -73.09
N VAL Y 342 -74.87 -61.64 -74.26
CA VAL Y 342 -74.84 -60.85 -75.48
C VAL Y 342 -75.95 -59.82 -75.47
N THR Y 343 -77.13 -60.19 -74.96
CA THR Y 343 -78.23 -59.24 -74.91
C THR Y 343 -77.91 -58.05 -74.03
N THR Y 344 -77.29 -58.30 -72.87
CA THR Y 344 -76.91 -57.21 -71.98
C THR Y 344 -75.88 -56.31 -72.63
N LEU Y 345 -74.92 -56.89 -73.34
CA LEU Y 345 -73.93 -56.06 -74.02
C LEU Y 345 -74.59 -55.16 -75.06
N LEU Y 346 -75.51 -55.70 -75.86
CA LEU Y 346 -76.13 -54.88 -76.89
C LEU Y 346 -77.06 -53.83 -76.29
N ASN Y 347 -77.71 -54.17 -75.17
CA ASN Y 347 -78.50 -53.17 -74.47
C ASN Y 347 -77.62 -52.03 -73.96
N ARG Y 348 -76.45 -52.36 -73.42
CA ARG Y 348 -75.49 -51.34 -73.05
C ARG Y 348 -75.16 -50.47 -74.26
N ALA Y 349 -74.98 -51.11 -75.42
CA ALA Y 349 -74.62 -50.39 -76.63
C ALA Y 349 -75.66 -49.35 -77.00
N ASP Y 350 -76.93 -49.76 -77.14
CA ASP Y 350 -77.91 -48.80 -77.64
C ASP Y 350 -78.31 -47.80 -76.55
N THR Y 351 -78.17 -48.16 -75.29
CA THR Y 351 -78.36 -47.16 -74.24
C THR Y 351 -77.32 -46.05 -74.37
N LEU Y 352 -76.05 -46.42 -74.57
CA LEU Y 352 -75.05 -45.37 -74.76
C LEU Y 352 -75.27 -44.63 -76.06
N LYS Y 353 -75.85 -45.31 -77.06
CA LYS Y 353 -76.34 -44.60 -78.25
C LYS Y 353 -77.28 -43.47 -77.87
N SER Y 354 -78.29 -43.78 -77.06
CA SER Y 354 -79.33 -42.80 -76.79
C SER Y 354 -78.82 -41.67 -75.90
N TYR Y 355 -78.21 -41.99 -74.77
CA TYR Y 355 -77.90 -40.96 -73.78
C TYR Y 355 -76.73 -40.09 -74.21
N LEU Y 356 -75.69 -40.69 -74.77
CA LEU Y 356 -74.38 -40.05 -74.85
C LEU Y 356 -74.14 -39.29 -76.14
N GLY Y 357 -74.84 -39.63 -77.22
CA GLY Y 357 -74.52 -39.04 -78.51
C GLY Y 357 -73.31 -39.71 -79.13
N VAL Y 358 -73.10 -39.52 -80.43
CA VAL Y 358 -72.10 -40.27 -81.18
C VAL Y 358 -70.78 -39.50 -81.13
N GLY Y 359 -69.75 -40.14 -80.57
CA GLY Y 359 -68.41 -39.62 -80.62
C GLY Y 359 -68.13 -38.42 -79.74
N VAL Y 360 -69.11 -37.94 -78.99
CA VAL Y 360 -68.97 -36.71 -78.22
C VAL Y 360 -69.00 -37.09 -76.74
N PRO Y 361 -67.92 -36.85 -75.99
CA PRO Y 361 -67.94 -37.14 -74.56
C PRO Y 361 -68.77 -36.14 -73.77
N HIS Y 362 -68.98 -36.45 -72.49
CA HIS Y 362 -69.60 -35.60 -71.47
C HIS Y 362 -68.74 -35.58 -70.21
N PRO Y 363 -68.80 -34.49 -69.43
CA PRO Y 363 -67.84 -34.33 -68.33
C PRO Y 363 -68.07 -35.33 -67.21
N ILE Y 364 -67.15 -35.31 -66.23
CA ILE Y 364 -67.24 -36.23 -65.11
C ILE Y 364 -68.48 -35.91 -64.28
N GLU Y 365 -69.19 -36.97 -63.90
CA GLU Y 365 -70.37 -36.87 -63.03
C GLU Y 365 -71.46 -36.07 -63.74
N SER Y 366 -71.37 -35.98 -65.07
CA SER Y 366 -72.37 -35.24 -65.81
C SER Y 366 -73.74 -35.93 -65.78
N ASN Y 367 -73.77 -37.25 -65.81
CA ASN Y 367 -75.02 -37.99 -65.91
C ASN Y 367 -75.14 -38.93 -64.72
N LEU Y 368 -76.28 -38.90 -64.06
CA LEU Y 368 -76.56 -39.81 -62.95
C LEU Y 368 -77.80 -40.66 -63.18
N GLY Y 369 -78.34 -40.66 -64.39
CA GLY Y 369 -79.49 -41.49 -64.69
C GLY Y 369 -79.16 -42.85 -65.26
N LEU Y 370 -77.89 -43.13 -65.47
CA LEU Y 370 -77.48 -44.38 -66.11
C LEU Y 370 -76.78 -45.29 -65.10
N GLU Y 371 -76.87 -46.59 -65.33
CA GLU Y 371 -76.18 -47.56 -64.50
C GLU Y 371 -74.68 -47.29 -64.47
N GLY Y 372 -74.02 -47.71 -63.39
CA GLY Y 372 -72.58 -47.69 -63.37
C GLY Y 372 -71.93 -46.79 -62.34
N VAL Y 373 -71.15 -47.37 -61.44
CA VAL Y 373 -70.35 -46.60 -60.50
C VAL Y 373 -69.11 -46.07 -61.22
N GLY Y 374 -68.83 -46.63 -62.40
CA GLY Y 374 -67.71 -46.14 -63.19
C GLY Y 374 -67.86 -44.71 -63.64
N GLN Y 375 -69.06 -44.16 -63.52
CA GLN Y 375 -69.31 -42.77 -63.89
C GLN Y 375 -68.54 -41.79 -63.02
N TYR Y 376 -68.06 -42.22 -61.86
CA TYR Y 376 -67.41 -41.32 -60.91
C TYR Y 376 -65.92 -41.18 -61.16
N TYR Y 377 -65.38 -41.75 -62.22
CA TYR Y 377 -63.95 -41.69 -62.46
C TYR Y 377 -63.55 -41.32 -63.88
N VAL Y 378 -64.44 -41.49 -64.86
CA VAL Y 378 -64.10 -41.18 -66.24
C VAL Y 378 -65.23 -40.40 -66.88
N ARG Y 379 -64.88 -39.59 -67.86
CA ARG Y 379 -65.87 -38.92 -68.68
C ARG Y 379 -66.60 -39.97 -69.52
N PRO Y 380 -67.92 -40.07 -69.42
CA PRO Y 380 -68.64 -41.07 -70.21
C PRO Y 380 -68.41 -40.82 -71.70
N TYR Y 381 -68.26 -41.92 -72.44
CA TYR Y 381 -67.78 -41.83 -73.81
C TYR Y 381 -68.32 -43.00 -74.61
N TYR Y 382 -68.77 -42.72 -75.83
CA TYR Y 382 -69.17 -43.74 -76.78
C TYR Y 382 -68.72 -43.30 -78.17
N ASN Y 383 -68.26 -44.26 -78.97
CA ASN Y 383 -67.79 -43.95 -80.32
C ASN Y 383 -68.26 -45.02 -81.30
N GLU Y 384 -68.43 -44.61 -82.55
CA GLU Y 384 -68.84 -45.50 -83.62
C GLU Y 384 -68.00 -45.19 -84.86
N ALA Y 385 -67.85 -46.18 -85.73
CA ALA Y 385 -67.08 -46.00 -86.95
C ALA Y 385 -67.43 -47.09 -87.95
N THR Y 386 -67.14 -46.82 -89.22
CA THR Y 386 -67.27 -47.79 -90.30
C THR Y 386 -66.06 -47.71 -91.20
N ILE Y 387 -65.42 -48.84 -91.43
CA ILE Y 387 -64.26 -48.92 -92.31
C ILE Y 387 -64.70 -49.62 -93.59
N ASP Y 388 -64.46 -48.98 -94.73
CA ASP Y 388 -64.88 -49.50 -96.02
C ASP Y 388 -63.63 -50.03 -96.74
N VAL Y 389 -63.40 -51.34 -96.64
CA VAL Y 389 -62.21 -51.92 -97.24
C VAL Y 389 -62.23 -51.77 -98.75
N LEU Y 390 -63.42 -51.57 -99.33
CA LEU Y 390 -63.54 -51.43 -100.78
C LEU Y 390 -62.77 -50.23 -101.29
N ASN Y 391 -62.96 -49.07 -100.66
CA ASN Y 391 -62.43 -47.81 -101.17
C ASN Y 391 -61.37 -47.22 -100.24
N ASP Y 392 -60.74 -48.05 -99.42
CA ASP Y 392 -59.72 -47.54 -98.51
C ASP Y 392 -58.52 -48.46 -98.38
N LEU Y 393 -58.19 -49.25 -99.39
CA LEU Y 393 -57.06 -50.16 -99.34
C LEU Y 393 -56.16 -49.93 -100.54
N ASN Y 394 -54.97 -49.39 -100.30
CA ASN Y 394 -53.99 -49.19 -101.35
C ASN Y 394 -53.10 -50.43 -101.48
N ASN Y 395 -52.99 -50.92 -102.70
CA ASN Y 395 -52.25 -52.14 -102.98
C ASN Y 395 -51.43 -51.98 -104.26
N LEU Y 396 -50.35 -52.75 -104.32
CA LEU Y 396 -49.56 -52.84 -105.55
C LEU Y 396 -49.43 -54.26 -106.07
N THR Y 397 -49.32 -55.26 -105.20
CA THR Y 397 -49.13 -56.63 -105.64
C THR Y 397 -50.19 -57.50 -105.00
N SER Y 398 -50.98 -58.20 -105.82
CA SER Y 398 -52.05 -59.02 -105.29
C SER Y 398 -51.54 -60.13 -104.38
N ALA Y 399 -50.26 -60.47 -104.46
CA ALA Y 399 -49.68 -61.44 -103.53
C ALA Y 399 -49.67 -60.91 -102.10
N ALA Y 400 -49.61 -59.60 -101.93
CA ALA Y 400 -49.62 -58.97 -100.62
C ALA Y 400 -51.00 -58.44 -100.24
N LYS Y 401 -52.04 -58.81 -100.98
CA LYS Y 401 -53.39 -58.31 -100.71
C LYS Y 401 -53.80 -58.58 -99.28
N GLN Y 402 -53.60 -59.83 -98.82
CA GLN Y 402 -54.03 -60.20 -97.48
C GLN Y 402 -53.29 -59.39 -96.42
N THR Y 403 -52.00 -59.16 -96.62
CA THR Y 403 -51.26 -58.38 -95.64
C THR Y 403 -51.76 -56.94 -95.57
N ASP Y 404 -52.09 -56.34 -96.72
CA ASP Y 404 -52.58 -54.97 -96.71
C ASP Y 404 -53.93 -54.86 -96.01
N ILE Y 405 -54.86 -55.75 -96.35
CA ILE Y 405 -56.16 -55.74 -95.67
C ILE Y 405 -55.98 -56.04 -94.20
N GLN Y 406 -54.98 -56.86 -93.86
CA GLN Y 406 -54.79 -57.31 -92.49
C GLN Y 406 -54.09 -56.24 -91.67
N GLY Y 407 -53.48 -55.26 -92.35
CA GLY Y 407 -52.91 -54.12 -91.65
C GLY Y 407 -53.86 -52.95 -91.53
N LEU Y 408 -54.77 -52.79 -92.50
CA LEU Y 408 -55.72 -51.67 -92.42
C LEU Y 408 -56.56 -51.76 -91.16
N ILE Y 409 -57.03 -52.96 -90.83
CA ILE Y 409 -57.89 -53.15 -89.66
C ILE Y 409 -57.13 -52.79 -88.40
N VAL Y 410 -55.89 -53.26 -88.27
CA VAL Y 410 -55.16 -52.99 -87.03
C VAL Y 410 -54.85 -51.50 -86.92
N SER Y 411 -54.58 -50.83 -88.04
CA SER Y 411 -54.37 -49.38 -87.99
C SER Y 411 -55.63 -48.68 -87.47
N LYS Y 412 -56.78 -49.07 -87.99
CA LYS Y 412 -58.03 -48.47 -87.53
C LYS Y 412 -58.23 -48.70 -86.03
N ILE Y 413 -58.01 -49.94 -85.57
CA ILE Y 413 -58.20 -50.25 -84.16
C ILE Y 413 -57.23 -49.45 -83.30
N ASN Y 414 -56.00 -49.29 -83.77
CA ASN Y 414 -55.02 -48.51 -83.02
C ASN Y 414 -55.50 -47.08 -82.84
N GLU Y 415 -56.03 -46.48 -83.92
CA GLU Y 415 -56.43 -45.09 -83.80
C GLU Y 415 -57.65 -44.96 -82.90
N MET Y 416 -58.57 -45.92 -82.96
CA MET Y 416 -59.74 -45.88 -82.07
C MET Y 416 -59.34 -46.02 -80.61
N VAL Y 417 -58.43 -46.95 -80.31
CA VAL Y 417 -57.99 -47.11 -78.92
C VAL Y 417 -57.33 -45.83 -78.44
N TYR Y 418 -56.48 -45.22 -79.26
CA TYR Y 418 -55.84 -43.99 -78.86
C TYR Y 418 -56.85 -42.88 -78.65
N THR Y 419 -57.89 -42.84 -79.50
CA THR Y 419 -58.94 -41.85 -79.32
C THR Y 419 -59.59 -42.00 -77.96
N ALA Y 420 -59.97 -43.23 -77.61
CA ALA Y 420 -60.60 -43.45 -76.30
C ALA Y 420 -59.64 -43.06 -75.18
N ASP Y 421 -58.38 -43.49 -75.28
CA ASP Y 421 -57.41 -43.19 -74.23
C ASP Y 421 -57.30 -41.69 -74.00
N GLN Y 422 -57.12 -40.91 -75.06
CA GLN Y 422 -56.85 -39.49 -74.86
C GLN Y 422 -58.12 -38.75 -74.43
N LEU Y 423 -59.28 -39.12 -74.99
CA LEU Y 423 -60.49 -38.39 -74.66
C LEU Y 423 -60.98 -38.66 -73.25
N THR Y 424 -61.00 -39.92 -72.80
CA THR Y 424 -61.67 -40.21 -71.54
C THR Y 424 -60.78 -40.07 -70.32
N GLY Y 425 -59.48 -39.86 -70.49
CA GLY Y 425 -58.59 -39.83 -69.35
C GLY Y 425 -58.52 -41.11 -68.56
N TYR Y 426 -58.58 -42.26 -69.24
CA TYR Y 426 -58.62 -43.54 -68.54
C TYR Y 426 -57.33 -43.79 -67.77
N THR Y 427 -56.19 -43.48 -68.39
CA THR Y 427 -54.90 -43.76 -67.77
C THR Y 427 -54.72 -42.96 -66.49
N ALA Y 428 -55.26 -41.75 -66.45
CA ALA Y 428 -55.23 -40.98 -65.21
C ALA Y 428 -56.04 -41.67 -64.12
N ALA Y 429 -57.19 -42.23 -64.50
CA ALA Y 429 -57.98 -42.98 -63.53
C ALA Y 429 -57.21 -44.18 -63.00
N LEU Y 430 -56.51 -44.90 -63.89
CA LEU Y 430 -55.68 -46.00 -63.43
C LEU Y 430 -54.63 -45.53 -62.44
N GLU Y 431 -53.87 -44.50 -62.82
CA GLU Y 431 -52.78 -44.05 -61.97
C GLU Y 431 -53.29 -43.53 -60.64
N ALA Y 432 -54.48 -42.95 -60.61
CA ALA Y 432 -55.04 -42.47 -59.35
C ALA Y 432 -55.54 -43.62 -58.49
N ALA Y 433 -56.25 -44.58 -59.09
CA ALA Y 433 -56.83 -45.67 -58.31
C ALA Y 433 -55.78 -46.63 -57.79
N PHE Y 434 -54.85 -47.05 -58.64
CA PHE Y 434 -53.78 -47.94 -58.24
C PHE Y 434 -52.47 -47.18 -58.13
N SER Y 435 -51.61 -47.67 -57.25
CA SER Y 435 -50.29 -47.08 -57.05
C SER Y 435 -49.26 -48.21 -57.11
N GLY Y 436 -48.31 -48.09 -58.01
CA GLY Y 436 -47.36 -49.14 -58.27
C GLY Y 436 -47.61 -49.93 -59.54
N ARG Y 437 -48.45 -49.44 -60.44
CA ARG Y 437 -48.71 -50.09 -61.71
C ARG Y 437 -48.36 -49.15 -62.85
N SER Y 438 -47.65 -49.67 -63.83
CA SER Y 438 -47.41 -48.91 -65.05
C SER Y 438 -48.74 -48.69 -65.77
N PRO Y 439 -48.96 -47.50 -66.31
CA PRO Y 439 -50.26 -47.20 -66.93
C PRO Y 439 -50.48 -47.95 -68.23
N LYS Y 440 -50.71 -49.26 -68.14
CA LYS Y 440 -50.99 -50.06 -69.33
C LYS Y 440 -52.43 -50.51 -69.30
N PRO Y 441 -53.34 -49.84 -70.03
CA PRO Y 441 -54.71 -50.34 -70.13
C PRO Y 441 -54.73 -51.69 -70.80
N HIS Y 442 -55.64 -52.55 -70.37
CA HIS Y 442 -55.81 -53.87 -70.98
C HIS Y 442 -57.06 -53.81 -71.85
N VAL Y 443 -56.92 -54.16 -73.12
CA VAL Y 443 -57.95 -53.96 -74.12
C VAL Y 443 -58.64 -55.29 -74.40
N ALA Y 444 -59.96 -55.26 -74.50
CA ALA Y 444 -60.73 -56.44 -74.85
C ALA Y 444 -61.15 -56.37 -76.31
N ILE Y 445 -61.20 -57.52 -76.98
CA ILE Y 445 -61.62 -57.62 -78.37
C ILE Y 445 -62.75 -58.62 -78.46
N GLY Y 446 -63.91 -58.17 -78.93
CA GLY Y 446 -65.06 -59.03 -79.14
C GLY Y 446 -65.46 -59.01 -80.59
N THR Y 447 -65.62 -60.19 -81.16
CA THR Y 447 -65.90 -60.32 -82.59
C THR Y 447 -66.53 -61.68 -82.88
N ASP Y 448 -67.01 -61.84 -84.10
CA ASP Y 448 -67.58 -63.07 -84.58
C ASP Y 448 -66.47 -63.97 -85.12
N MET Y 449 -66.83 -65.07 -85.77
CA MET Y 449 -65.86 -66.02 -86.28
C MET Y 449 -65.18 -65.56 -87.57
N ARG Y 450 -65.77 -64.61 -88.28
CA ARG Y 450 -65.26 -64.19 -89.58
C ARG Y 450 -63.94 -63.44 -89.49
N LEU Y 451 -63.86 -62.46 -88.61
CA LEU Y 451 -62.71 -61.55 -88.58
C LEU Y 451 -61.42 -62.08 -87.96
N PRO Y 452 -61.44 -62.90 -86.89
CA PRO Y 452 -60.19 -63.14 -86.16
C PRO Y 452 -59.09 -63.74 -87.01
N GLN Y 453 -59.44 -64.34 -88.15
CA GLN Y 453 -58.43 -64.75 -89.10
C GLN Y 453 -57.67 -63.56 -89.67
N TYR Y 454 -58.25 -62.37 -89.62
CA TYR Y 454 -57.62 -61.19 -90.19
C TYR Y 454 -57.13 -60.20 -89.14
N ILE Y 455 -57.70 -60.21 -87.93
CA ILE Y 455 -57.21 -59.31 -86.89
C ILE Y 455 -55.83 -59.71 -86.39
N GLN Y 456 -55.50 -60.99 -86.36
CA GLN Y 456 -54.13 -61.41 -86.14
C GLN Y 456 -53.28 -60.95 -87.32
N ILE Y 457 -51.97 -60.86 -87.10
CA ILE Y 457 -51.08 -60.43 -88.16
C ILE Y 457 -49.87 -61.36 -88.21
N ASN Y 458 -49.41 -61.63 -89.44
CA ASN Y 458 -48.34 -62.58 -89.70
C ASN Y 458 -47.11 -61.91 -90.27
N GLY Y 459 -47.15 -60.58 -90.44
CA GLY Y 459 -46.00 -59.85 -90.95
C GLY Y 459 -45.80 -58.48 -90.31
N ASP Y 460 -46.68 -58.12 -89.37
CA ASP Y 460 -46.61 -56.84 -88.67
C ASP Y 460 -46.84 -57.11 -87.19
N ASP Y 461 -46.05 -56.45 -86.34
CA ASP Y 461 -46.08 -56.76 -84.92
C ASP Y 461 -47.31 -56.19 -84.23
N ARG Y 462 -47.71 -54.97 -84.57
CA ARG Y 462 -48.79 -54.30 -83.85
C ARG Y 462 -50.11 -55.01 -84.06
N THR Y 463 -50.80 -55.28 -82.94
CA THR Y 463 -52.07 -55.97 -82.97
C THR Y 463 -53.16 -55.09 -82.36
N VAL Y 464 -52.84 -54.45 -81.23
CA VAL Y 464 -53.70 -53.40 -80.69
C VAL Y 464 -52.79 -52.22 -80.37
N GLY Y 465 -51.51 -52.36 -80.66
CA GLY Y 465 -50.55 -51.33 -80.38
C GLY Y 465 -49.53 -51.78 -79.36
N ILE Y 466 -48.29 -51.29 -79.54
CA ILE Y 466 -47.21 -51.66 -78.63
C ILE Y 466 -47.52 -51.16 -77.23
N GLY Y 467 -47.26 -52.00 -76.24
CA GLY Y 467 -47.53 -51.66 -74.85
C GLY Y 467 -48.97 -51.86 -74.42
N TYR Y 468 -49.85 -52.28 -75.31
CA TYR Y 468 -51.25 -52.54 -74.96
C TYR Y 468 -51.51 -54.02 -75.10
N ASP Y 469 -52.07 -54.61 -74.05
CA ASP Y 469 -52.33 -56.05 -74.04
C ASP Y 469 -53.72 -56.34 -74.56
N TYR Y 470 -53.88 -57.54 -75.13
CA TYR Y 470 -55.13 -57.90 -75.77
C TYR Y 470 -55.42 -59.38 -75.53
N THR Y 471 -56.69 -59.70 -75.38
CA THR Y 471 -57.16 -61.09 -75.39
C THR Y 471 -58.33 -61.17 -76.37
N ILE Y 472 -58.27 -62.13 -77.28
CA ILE Y 472 -59.24 -62.25 -78.36
C ILE Y 472 -60.19 -63.38 -78.04
N ALA Y 473 -61.49 -63.10 -78.10
CA ALA Y 473 -62.53 -64.10 -77.95
C ALA Y 473 -63.56 -63.92 -79.05
N ARG Y 474 -63.90 -65.01 -79.73
CA ARG Y 474 -64.84 -64.98 -80.84
C ARG Y 474 -66.09 -65.77 -80.49
N ILE Y 475 -67.22 -65.30 -80.99
CA ILE Y 475 -68.52 -65.89 -80.68
C ILE Y 475 -69.28 -66.10 -81.99
N SER Y 476 -70.23 -67.04 -81.94
CA SER Y 476 -70.94 -67.49 -83.14
C SER Y 476 -72.31 -66.86 -83.29
N ASP Y 477 -72.73 -65.98 -82.39
CA ASP Y 477 -74.08 -65.43 -82.48
C ASP Y 477 -74.19 -64.51 -83.70
N LEU Y 478 -75.40 -64.45 -84.24
CA LEU Y 478 -75.65 -63.76 -85.50
C LEU Y 478 -75.98 -62.29 -85.31
N ARG Y 479 -75.91 -61.79 -84.08
CA ARG Y 479 -75.97 -60.36 -83.84
C ARG Y 479 -74.59 -59.73 -83.86
N MET Y 480 -73.53 -60.53 -83.95
CA MET Y 480 -72.17 -60.04 -84.06
C MET Y 480 -71.65 -60.15 -85.49
N LYS Y 481 -72.54 -60.28 -86.47
CA LYS Y 481 -72.13 -60.50 -87.86
C LYS Y 481 -71.26 -59.36 -88.38
N ASP Y 482 -69.98 -59.65 -88.60
CA ASP Y 482 -69.04 -58.71 -89.21
C ASP Y 482 -68.97 -57.38 -88.48
N LYS Y 483 -68.73 -57.40 -87.17
CA LYS Y 483 -68.46 -56.18 -86.42
C LYS Y 483 -67.46 -56.47 -85.32
N ILE Y 484 -66.82 -55.41 -84.82
CA ILE Y 484 -65.87 -55.49 -83.72
C ILE Y 484 -66.42 -54.68 -82.56
N VAL Y 485 -66.47 -55.28 -81.38
CA VAL Y 485 -66.83 -54.60 -80.15
C VAL Y 485 -65.62 -54.60 -79.23
N MET Y 486 -65.35 -53.47 -78.60
CA MET Y 486 -64.15 -53.28 -77.81
C MET Y 486 -64.46 -52.50 -76.55
N THR Y 487 -63.64 -52.72 -75.51
CA THR Y 487 -63.79 -52.03 -74.24
C THR Y 487 -62.52 -52.24 -73.44
N PHE Y 488 -62.50 -51.69 -72.23
CA PHE Y 488 -61.41 -51.86 -71.29
C PHE Y 488 -61.86 -52.63 -70.07
N ILE Y 489 -60.98 -53.49 -69.57
CA ILE Y 489 -61.26 -54.34 -68.43
C ILE Y 489 -60.04 -54.39 -67.53
N LEU Y 490 -60.17 -55.14 -66.44
CA LEU Y 490 -59.09 -55.41 -65.51
C LEU Y 490 -58.80 -56.91 -65.47
N PRO Y 491 -57.62 -57.32 -65.90
CA PRO Y 491 -57.39 -58.75 -66.15
C PRO Y 491 -57.27 -59.58 -64.88
N ASN Y 492 -56.53 -59.09 -63.89
CA ASN Y 492 -56.20 -59.87 -62.71
C ASN Y 492 -57.18 -59.71 -61.56
N GLU Y 493 -58.02 -58.68 -61.59
CA GLU Y 493 -58.93 -58.40 -60.50
C GLU Y 493 -60.02 -59.46 -60.40
N SER Y 494 -60.41 -59.77 -59.16
CA SER Y 494 -61.48 -60.73 -58.92
C SER Y 494 -62.61 -60.17 -58.06
N GLU Y 495 -62.64 -58.86 -57.82
CA GLU Y 495 -63.68 -58.21 -57.05
C GLU Y 495 -64.09 -56.93 -57.77
N PRO Y 496 -65.36 -56.56 -57.69
CA PRO Y 496 -65.83 -55.37 -58.43
C PRO Y 496 -65.07 -54.09 -58.11
N HIS Y 497 -64.64 -53.39 -59.15
CA HIS Y 497 -64.12 -52.03 -59.04
C HIS Y 497 -64.83 -51.18 -60.07
N PRO Y 498 -65.00 -49.91 -59.79
CA PRO Y 498 -65.68 -49.02 -60.75
C PRO Y 498 -64.97 -48.97 -62.10
N LEU Y 499 -63.66 -49.21 -62.11
CA LEU Y 499 -62.90 -49.22 -63.36
C LEU Y 499 -62.96 -50.57 -64.05
N GLN Y 500 -63.79 -51.48 -63.57
CA GLN Y 500 -64.06 -52.74 -64.26
C GLN Y 500 -65.26 -52.57 -65.18
N HIS Y 501 -65.28 -53.33 -66.27
CA HIS Y 501 -66.38 -53.20 -67.21
C HIS Y 501 -67.68 -53.72 -66.63
N GLY Y 502 -67.65 -54.93 -66.06
CA GLY Y 502 -68.86 -55.52 -65.53
C GLY Y 502 -68.55 -56.76 -64.75
N VAL Y 503 -69.50 -57.15 -63.89
CA VAL Y 503 -69.35 -58.32 -63.03
C VAL Y 503 -70.60 -59.17 -63.16
N LEU Y 504 -70.39 -60.48 -63.13
CA LEU Y 504 -71.48 -61.45 -63.22
C LEU Y 504 -71.74 -62.00 -61.83
N GLY Y 505 -72.68 -61.40 -61.11
CA GLY Y 505 -73.08 -61.94 -59.84
C GLY Y 505 -73.72 -63.29 -60.04
N PHE Y 506 -73.01 -64.35 -59.65
CA PHE Y 506 -73.43 -65.71 -59.95
C PHE Y 506 -73.37 -66.53 -58.67
N ILE Y 507 -74.48 -67.18 -58.34
CA ILE Y 507 -74.62 -67.98 -57.13
C ILE Y 507 -74.73 -69.44 -57.56
N PRO Y 508 -73.97 -70.36 -56.96
CA PRO Y 508 -74.01 -71.74 -57.43
C PRO Y 508 -75.37 -72.36 -57.15
N GLU Y 509 -75.81 -73.22 -58.06
CA GLU Y 509 -77.11 -73.85 -57.94
C GLU Y 509 -77.06 -75.32 -58.28
N TYR Y 510 -77.82 -76.10 -57.52
CA TYR Y 510 -77.89 -77.54 -57.65
C TYR Y 510 -79.32 -77.96 -57.96
N LEU Y 511 -79.43 -79.00 -58.78
CA LEU Y 511 -80.72 -79.49 -59.24
C LEU Y 511 -81.41 -80.28 -58.14
N VAL Y 512 -82.74 -80.37 -58.22
CA VAL Y 512 -83.55 -81.15 -57.30
C VAL Y 512 -84.31 -82.20 -58.10
N ASP Y 513 -84.39 -83.42 -57.55
CA ASP Y 513 -85.07 -84.54 -58.19
C ASP Y 513 -86.04 -85.16 -57.19
N PHE Y 514 -87.30 -85.31 -57.59
CA PHE Y 514 -88.31 -85.87 -56.72
C PHE Y 514 -89.55 -86.25 -57.52
N ASN Y 515 -90.35 -87.12 -56.92
CA ASN Y 515 -91.63 -87.53 -57.50
C ASN Y 515 -92.71 -86.54 -57.09
N MET Y 516 -93.49 -86.08 -58.07
CA MET Y 516 -94.47 -85.03 -57.83
C MET Y 516 -95.73 -85.25 -58.64
N ILE Y 517 -96.88 -84.95 -58.02
CA ILE Y 517 -98.20 -85.16 -58.59
C ILE Y 517 -98.57 -83.96 -59.47
N ARG Y 518 -98.76 -84.20 -60.76
CA ARG Y 518 -99.33 -83.20 -61.65
C ARG Y 518 -100.74 -83.61 -62.03
N ASN Y 519 -101.72 -82.94 -61.43
CA ASN Y 519 -103.12 -83.06 -61.84
C ASN Y 519 -103.55 -84.52 -61.94
N GLN Y 520 -103.30 -85.28 -60.87
CA GLN Y 520 -103.42 -86.74 -60.85
C GLN Y 520 -102.87 -87.38 -62.13
N ARG Y 521 -101.60 -87.13 -62.40
CA ARG Y 521 -100.78 -87.90 -63.33
C ARG Y 521 -99.39 -88.07 -62.73
N ILE Y 522 -98.96 -89.31 -62.54
CA ILE Y 522 -97.75 -89.62 -61.81
C ILE Y 522 -96.55 -89.52 -62.74
N GLY Y 523 -95.48 -88.90 -62.25
CA GLY Y 523 -94.24 -88.84 -62.98
C GLY Y 523 -93.15 -88.23 -62.13
N ARG Y 524 -91.90 -88.50 -62.52
CA ARG Y 524 -90.77 -87.92 -61.81
C ARG Y 524 -90.23 -86.73 -62.61
N GLU Y 525 -89.78 -85.70 -61.90
CA GLU Y 525 -89.34 -84.46 -62.51
C GLU Y 525 -87.94 -84.12 -62.05
N ILE Y 526 -87.15 -83.51 -62.92
CA ILE Y 526 -85.84 -83.00 -62.60
C ILE Y 526 -85.82 -81.52 -62.92
N ARG Y 527 -85.48 -80.70 -61.93
CA ARG Y 527 -85.52 -79.25 -62.07
C ARG Y 527 -84.14 -78.69 -61.72
N LEU Y 528 -83.72 -77.67 -62.46
CA LEU Y 528 -82.48 -76.96 -62.16
C LEU Y 528 -82.82 -75.48 -62.11
N THR Y 529 -82.86 -74.91 -60.91
CA THR Y 529 -83.26 -73.53 -60.70
C THR Y 529 -82.05 -72.61 -60.82
N PRO Y 530 -82.05 -71.65 -61.74
CA PRO Y 530 -80.92 -70.73 -61.86
C PRO Y 530 -81.10 -69.43 -61.07
N ARG Y 531 -79.99 -68.87 -60.58
CA ARG Y 531 -80.00 -67.49 -60.09
C ARG Y 531 -78.73 -66.80 -60.57
N TYR Y 532 -78.89 -65.78 -61.41
CA TYR Y 532 -77.76 -64.99 -61.88
C TYR Y 532 -78.28 -63.73 -62.53
N ARG Y 533 -77.35 -62.81 -62.84
CA ARG Y 533 -77.69 -61.54 -63.44
C ARG Y 533 -76.40 -60.84 -63.87
N TYR Y 534 -76.48 -60.12 -64.99
CA TYR Y 534 -75.35 -59.36 -65.49
C TYR Y 534 -75.49 -57.90 -65.08
N PHE Y 535 -74.37 -57.26 -64.79
CA PHE Y 535 -74.34 -55.87 -64.36
C PHE Y 535 -73.35 -55.08 -65.21
N ASN Y 536 -73.59 -53.78 -65.34
CA ASN Y 536 -72.72 -52.88 -66.10
C ASN Y 536 -72.09 -51.87 -65.17
N PHE Y 537 -70.80 -51.60 -65.38
CA PHE Y 537 -70.12 -50.58 -64.57
C PHE Y 537 -69.54 -49.46 -65.39
N LEU Y 538 -68.72 -49.76 -66.39
CA LEU Y 538 -67.95 -48.74 -67.09
C LEU Y 538 -68.73 -48.18 -68.26
N PRO Y 539 -68.94 -46.87 -68.34
CA PRO Y 539 -69.61 -46.31 -69.52
C PRO Y 539 -68.65 -45.95 -70.63
N ILE Y 540 -67.95 -46.94 -71.19
CA ILE Y 540 -67.08 -46.76 -72.34
C ILE Y 540 -67.30 -47.92 -73.30
N MET Y 541 -67.64 -47.61 -74.55
CA MET Y 541 -67.78 -48.64 -75.57
C MET Y 541 -67.33 -48.09 -76.91
N LEU Y 542 -66.57 -48.90 -77.64
CA LEU Y 542 -66.11 -48.56 -78.98
C LEU Y 542 -66.47 -49.71 -79.92
N VAL Y 543 -67.16 -49.37 -81.01
CA VAL Y 543 -67.71 -50.37 -81.92
C VAL Y 543 -67.25 -50.05 -83.34
N ILE Y 544 -66.89 -51.09 -84.09
CA ILE Y 544 -66.43 -50.95 -85.47
C ILE Y 544 -67.24 -51.89 -86.34
N ASN Y 545 -67.71 -51.40 -87.48
CA ASN Y 545 -68.41 -52.20 -88.47
C ASN Y 545 -67.55 -52.33 -89.71
N VAL Y 546 -67.46 -53.53 -90.27
CA VAL Y 546 -66.66 -53.81 -91.46
C VAL Y 546 -67.60 -54.34 -92.53
N ILE Y 547 -67.51 -53.76 -93.73
CA ILE Y 547 -68.35 -54.16 -94.85
C ILE Y 547 -67.48 -54.33 -96.09
N ASN Y 548 -68.06 -54.97 -97.10
CA ASN Y 548 -67.40 -55.21 -98.39
C ASN Y 548 -66.13 -56.04 -98.22
N LEU Y 549 -66.05 -56.79 -97.11
CA LEU Y 549 -64.85 -57.58 -96.84
C LEU Y 549 -64.62 -58.62 -97.91
N GLU Y 550 -65.69 -59.34 -98.30
CA GLU Y 550 -65.55 -60.33 -99.36
C GLU Y 550 -65.43 -59.65 -100.73
N GLU Y 551 -65.96 -58.44 -100.86
CA GLU Y 551 -65.98 -57.78 -102.16
C GLU Y 551 -64.57 -57.37 -102.58
N ALA Y 552 -63.80 -56.77 -101.67
CA ALA Y 552 -62.48 -56.27 -102.03
C ALA Y 552 -61.55 -57.38 -102.49
N ILE Y 553 -61.57 -58.53 -101.83
CA ILE Y 553 -60.67 -59.61 -102.16
C ILE Y 553 -60.96 -60.16 -103.55
N ALA Y 554 -62.22 -60.14 -103.99
CA ALA Y 554 -62.62 -60.80 -105.22
C ALA Y 554 -62.32 -60.00 -106.47
N GLN Y 555 -62.70 -58.73 -106.52
CA GLN Y 555 -62.55 -57.92 -107.71
C GLN Y 555 -61.25 -57.16 -107.64
N ARG Y 556 -60.99 -56.35 -108.68
CA ARG Y 556 -59.71 -55.68 -108.80
C ARG Y 556 -59.62 -54.54 -107.80
N THR Y 557 -58.91 -54.81 -106.70
CA THR Y 557 -58.57 -53.78 -105.73
C THR Y 557 -57.25 -53.15 -106.18
N ALA Y 558 -57.34 -52.01 -106.84
CA ALA Y 558 -56.15 -51.37 -107.38
C ALA Y 558 -55.96 -49.99 -106.77
N LEU Y 559 -54.77 -49.44 -106.90
CA LEU Y 559 -54.37 -48.26 -106.15
C LEU Y 559 -55.21 -47.03 -106.48
N ASP Y 560 -55.77 -46.42 -105.44
CA ASP Y 560 -56.42 -45.12 -105.58
C ASP Y 560 -55.37 -44.02 -105.47
N VAL Y 561 -55.04 -43.40 -106.59
CA VAL Y 561 -53.94 -42.45 -106.64
C VAL Y 561 -54.46 -41.09 -107.11
N ASN Y 562 -54.07 -40.05 -106.38
CA ASN Y 562 -54.43 -38.69 -106.75
C ASN Y 562 -53.26 -38.03 -107.44
N GLU Y 563 -53.31 -38.00 -108.77
CA GLU Y 563 -52.31 -37.31 -109.58
C GLU Y 563 -52.50 -35.81 -109.45
N THR Y 564 -51.78 -35.20 -108.51
CA THR Y 564 -52.17 -33.92 -107.95
C THR Y 564 -51.57 -32.74 -108.70
N GLN Y 565 -52.25 -32.32 -109.76
CA GLN Y 565 -52.28 -30.93 -110.23
C GLN Y 565 -50.88 -30.34 -110.42
N VAL Y 566 -50.15 -30.91 -111.39
CA VAL Y 566 -49.06 -30.14 -111.97
C VAL Y 566 -49.24 -30.16 -113.47
N THR Y 567 -50.04 -29.23 -113.96
CA THR Y 567 -50.57 -29.03 -115.30
C THR Y 567 -51.35 -27.73 -115.33
N PRO Y 568 -51.61 -27.18 -116.52
CA PRO Y 568 -52.43 -25.96 -116.56
C PRO Y 568 -53.88 -26.19 -116.18
N ALA Y 569 -54.10 -26.60 -114.93
CA ALA Y 569 -55.45 -26.80 -114.40
C ALA Y 569 -55.53 -26.31 -112.96
N SER Y 570 -54.44 -25.76 -112.46
CA SER Y 570 -54.37 -25.28 -111.08
C SER Y 570 -53.17 -24.37 -110.89
N HIS Z 1 -57.68 -94.91 -107.66
CA HIS Z 1 -57.36 -93.56 -108.11
C HIS Z 1 -57.81 -92.56 -107.03
N GLU Z 2 -57.28 -91.35 -107.04
CA GLU Z 2 -57.46 -90.46 -105.89
C GLU Z 2 -58.81 -89.75 -105.91
N PHE Z 3 -59.21 -89.23 -107.06
CA PHE Z 3 -60.29 -88.24 -107.10
C PHE Z 3 -61.61 -88.80 -106.57
N ALA Z 4 -62.07 -89.91 -107.15
CA ALA Z 4 -63.37 -90.44 -106.75
C ALA Z 4 -63.35 -90.94 -105.31
N GLU Z 5 -62.20 -91.46 -104.88
CA GLU Z 5 -62.05 -91.84 -103.47
C GLU Z 5 -62.16 -90.63 -102.56
N LEU Z 6 -61.71 -89.46 -103.02
CA LEU Z 6 -61.66 -88.30 -102.15
C LEU Z 6 -63.05 -87.79 -101.80
N PHE Z 7 -63.93 -87.69 -102.79
CA PHE Z 7 -65.22 -87.07 -102.57
C PHE Z 7 -66.33 -88.05 -102.21
N TYR Z 8 -66.13 -89.34 -102.48
CA TYR Z 8 -67.07 -90.37 -102.05
C TYR Z 8 -66.26 -91.53 -101.49
N ARG Z 9 -66.48 -91.84 -100.22
CA ARG Z 9 -65.74 -92.91 -99.58
C ARG Z 9 -66.38 -94.26 -99.86
N THR Z 10 -65.55 -95.29 -99.99
CA THR Z 10 -66.02 -96.63 -100.30
C THR Z 10 -66.63 -97.26 -99.07
N TYR Z 11 -67.72 -98.01 -99.27
CA TYR Z 11 -68.33 -98.80 -98.23
C TYR Z 11 -68.80 -100.12 -98.85
N ILE Z 12 -68.19 -101.21 -98.42
CA ILE Z 12 -68.48 -102.53 -98.98
C ILE Z 12 -69.79 -103.03 -98.40
N VAL Z 13 -70.54 -103.79 -99.21
CA VAL Z 13 -71.80 -104.37 -98.78
C VAL Z 13 -71.81 -105.84 -99.15
N THR Z 14 -72.14 -106.69 -98.18
CA THR Z 14 -72.21 -108.12 -98.45
C THR Z 14 -73.33 -108.41 -99.44
N PRO Z 15 -73.16 -109.38 -100.33
CA PRO Z 15 -74.18 -109.64 -101.36
C PRO Z 15 -75.31 -110.54 -100.87
N ASP Z 16 -75.80 -110.26 -99.66
CA ASP Z 16 -76.99 -110.89 -99.13
C ASP Z 16 -77.92 -109.83 -98.58
N GLN Z 17 -77.38 -108.63 -98.36
CA GLN Z 17 -78.15 -107.46 -98.02
C GLN Z 17 -78.45 -106.68 -99.29
N ALA Z 18 -79.31 -105.68 -99.17
CA ALA Z 18 -79.60 -104.79 -100.28
C ALA Z 18 -79.54 -103.32 -99.89
N GLY Z 19 -79.13 -103.00 -98.67
CA GLY Z 19 -79.07 -101.62 -98.24
C GLY Z 19 -78.64 -101.53 -96.79
N PHE Z 20 -78.90 -100.37 -96.19
CA PHE Z 20 -78.48 -100.13 -94.82
C PHE Z 20 -79.34 -99.04 -94.19
N GLN Z 21 -79.25 -98.94 -92.88
CA GLN Z 21 -80.09 -98.06 -92.07
C GLN Z 21 -79.27 -96.96 -91.43
N LEU Z 22 -79.94 -95.85 -91.12
CA LEU Z 22 -79.34 -94.74 -90.39
C LEU Z 22 -80.33 -94.22 -89.36
N SER Z 23 -79.91 -94.20 -88.10
CA SER Z 23 -80.73 -93.67 -87.02
C SER Z 23 -80.04 -92.44 -86.44
N ILE Z 24 -80.65 -91.27 -86.64
CA ILE Z 24 -80.11 -90.01 -86.16
C ILE Z 24 -80.69 -89.74 -84.78
N ARG Z 25 -79.81 -89.45 -83.82
CA ARG Z 25 -80.23 -89.13 -82.47
C ARG Z 25 -80.32 -87.61 -82.32
N ARG Z 26 -81.55 -87.11 -82.20
CA ARG Z 26 -81.80 -85.68 -82.07
C ARG Z 26 -82.29 -85.38 -80.67
N ASN Z 27 -81.70 -84.38 -80.03
CA ASN Z 27 -82.17 -83.88 -78.74
C ASN Z 27 -83.00 -82.62 -78.98
N LEU Z 28 -84.24 -82.64 -78.53
CA LEU Z 28 -85.20 -81.58 -78.80
C LEU Z 28 -85.49 -80.82 -77.51
N VAL Z 29 -85.76 -79.52 -77.64
CA VAL Z 29 -86.22 -78.70 -76.53
C VAL Z 29 -87.65 -78.27 -76.84
N TRP Z 30 -88.52 -78.38 -75.85
CA TRP Z 30 -89.94 -78.20 -76.09
C TRP Z 30 -90.65 -77.81 -74.80
N GLU Z 31 -91.83 -77.23 -74.95
CA GLU Z 31 -92.63 -76.78 -73.84
C GLU Z 31 -94.10 -77.06 -74.11
N GLY Z 32 -94.88 -77.13 -73.03
CA GLY Z 32 -96.31 -77.27 -73.14
C GLY Z 32 -96.78 -78.71 -73.26
N TRP Z 33 -98.09 -78.88 -73.20
CA TRP Z 33 -98.73 -80.17 -73.35
C TRP Z 33 -99.83 -80.03 -74.39
N THR Z 34 -99.93 -81.02 -75.27
CA THR Z 34 -100.83 -80.93 -76.41
C THR Z 34 -102.26 -81.19 -75.99
N GLY Z 35 -103.18 -80.42 -76.58
CA GLY Z 35 -104.60 -80.66 -76.43
C GLY Z 35 -105.28 -79.77 -75.42
N GLU Z 36 -105.86 -78.67 -75.91
CA GLU Z 36 -106.65 -77.74 -75.11
C GLU Z 36 -107.98 -77.50 -75.84
N GLY Z 37 -108.78 -76.59 -75.32
CA GLY Z 37 -110.05 -76.27 -75.94
C GLY Z 37 -111.03 -77.43 -75.91
N LEU Z 38 -112.01 -77.36 -76.81
CA LEU Z 38 -113.08 -78.35 -76.84
C LEU Z 38 -113.48 -78.69 -78.28
N SER Z 39 -112.58 -78.44 -79.24
CA SER Z 39 -112.91 -78.68 -80.64
C SER Z 39 -112.14 -79.90 -81.14
N GLY Z 40 -112.51 -80.36 -82.33
CA GLY Z 40 -111.86 -81.52 -82.90
C GLY Z 40 -110.40 -81.26 -83.23
N GLU Z 41 -110.14 -80.48 -84.27
CA GLU Z 41 -108.83 -80.04 -84.77
C GLU Z 41 -107.86 -81.22 -84.84
N LYS Z 42 -106.56 -80.96 -85.05
CA LYS Z 42 -105.62 -82.06 -85.22
C LYS Z 42 -104.29 -81.81 -84.53
N GLN Z 43 -104.16 -80.67 -83.83
CA GLN Z 43 -103.01 -80.37 -82.97
C GLN Z 43 -101.71 -80.15 -83.73
N GLU Z 44 -100.86 -79.26 -83.20
CA GLU Z 44 -99.52 -79.03 -83.73
C GLU Z 44 -98.54 -78.98 -82.58
N ILE Z 45 -97.35 -79.53 -82.80
CA ILE Z 45 -96.29 -79.52 -81.79
C ILE Z 45 -95.03 -78.94 -82.43
N SER Z 46 -94.45 -77.95 -81.75
CA SER Z 46 -93.28 -77.25 -82.26
C SER Z 46 -92.02 -77.81 -81.61
N LYS Z 47 -91.33 -78.69 -82.33
CA LYS Z 47 -90.07 -79.26 -81.88
C LYS Z 47 -88.93 -78.66 -82.69
N ARG Z 48 -87.98 -78.03 -82.02
CA ARG Z 48 -86.83 -77.43 -82.66
C ARG Z 48 -85.56 -78.01 -82.07
N ASN Z 49 -84.55 -78.20 -82.93
CA ASN Z 49 -83.29 -78.76 -82.48
C ASN Z 49 -82.58 -77.78 -81.56
N ILE Z 50 -81.99 -78.31 -80.49
CA ILE Z 50 -81.30 -77.45 -79.52
C ILE Z 50 -80.07 -76.80 -80.16
N LEU Z 51 -79.40 -77.53 -81.05
CA LEU Z 51 -78.20 -76.99 -81.67
C LEU Z 51 -78.50 -75.73 -82.49
N GLN Z 52 -79.74 -75.59 -82.98
CA GLN Z 52 -80.15 -74.32 -83.55
C GLN Z 52 -79.98 -73.18 -82.57
N GLY Z 53 -80.24 -73.44 -81.28
CA GLY Z 53 -80.06 -72.41 -80.27
C GLY Z 53 -78.65 -71.90 -80.16
N LEU Z 54 -77.66 -72.64 -80.67
CA LEU Z 54 -76.31 -72.13 -80.70
C LEU Z 54 -76.17 -70.96 -81.67
N LEU Z 55 -77.13 -70.80 -82.58
CA LEU Z 55 -77.10 -69.70 -83.54
C LEU Z 55 -78.23 -68.71 -83.37
N ASP Z 56 -79.24 -69.02 -82.56
CA ASP Z 56 -80.33 -68.10 -82.25
C ASP Z 56 -80.35 -67.81 -80.76
N TYR Z 57 -81.15 -66.83 -80.35
CA TYR Z 57 -81.26 -66.51 -78.93
C TYR Z 57 -82.70 -66.56 -78.47
N THR Z 58 -83.55 -67.27 -79.23
CA THR Z 58 -84.98 -67.26 -78.96
C THR Z 58 -85.51 -68.56 -78.39
N THR Z 59 -84.93 -69.71 -78.73
CA THR Z 59 -85.50 -70.98 -78.30
C THR Z 59 -85.17 -71.28 -76.84
N LEU Z 60 -84.03 -70.81 -76.35
CA LEU Z 60 -83.65 -71.07 -74.96
C LEU Z 60 -84.18 -70.05 -73.97
N GLU Z 61 -84.91 -69.03 -74.41
CA GLU Z 61 -85.42 -68.03 -73.49
C GLU Z 61 -86.86 -68.33 -73.13
N THR Z 62 -87.15 -68.39 -71.83
CA THR Z 62 -88.50 -68.64 -71.35
C THR Z 62 -88.76 -67.77 -70.12
N ASN Z 63 -90.00 -67.31 -70.01
CA ASN Z 63 -90.42 -66.51 -68.87
C ASN Z 63 -91.83 -66.92 -68.48
N SER Z 64 -91.93 -67.80 -67.48
CA SER Z 64 -93.21 -68.36 -67.10
C SER Z 64 -93.46 -68.17 -65.61
N THR Z 65 -92.63 -67.36 -64.96
CA THR Z 65 -92.67 -67.22 -63.52
C THR Z 65 -93.03 -65.82 -63.07
N GLU Z 66 -92.83 -64.81 -63.91
CA GLU Z 66 -93.11 -63.44 -63.50
C GLU Z 66 -94.61 -63.27 -63.23
N LEU Z 67 -94.93 -62.37 -62.31
CA LEU Z 67 -96.30 -62.13 -61.90
C LEU Z 67 -96.76 -60.83 -62.57
N ILE Z 68 -97.38 -60.97 -63.73
CA ILE Z 68 -97.86 -59.85 -64.52
C ILE Z 68 -99.37 -59.73 -64.32
N PRO Z 69 -99.93 -58.53 -64.26
CA PRO Z 69 -101.37 -58.39 -63.98
C PRO Z 69 -102.25 -59.00 -65.05
N VAL Z 70 -103.49 -59.32 -64.70
CA VAL Z 70 -104.49 -59.81 -65.64
C VAL Z 70 -105.69 -58.88 -65.60
N ILE Z 71 -106.56 -58.99 -66.60
CA ILE Z 71 -107.68 -58.08 -66.76
C ILE Z 71 -108.97 -58.87 -66.80
N GLN Z 72 -109.94 -58.47 -65.99
CA GLN Z 72 -111.30 -58.98 -66.04
C GLN Z 72 -112.27 -57.84 -65.79
N SER Z 73 -113.05 -57.50 -66.81
CA SER Z 73 -113.96 -56.37 -66.71
C SER Z 73 -115.03 -56.64 -65.66
N GLY Z 74 -115.35 -55.61 -64.87
CA GLY Z 74 -116.40 -55.70 -63.89
C GLY Z 74 -116.05 -56.46 -62.63
N GLU Z 75 -114.83 -57.00 -62.54
CA GLU Z 75 -114.47 -57.84 -61.40
C GLU Z 75 -113.21 -57.34 -60.73
N ASN Z 76 -112.20 -56.94 -61.51
CA ASN Z 76 -110.96 -56.45 -60.94
C ASN Z 76 -110.43 -55.24 -61.69
N ASP Z 77 -111.20 -54.70 -62.63
CA ASP Z 77 -110.75 -53.53 -63.37
C ASP Z 77 -111.01 -52.22 -62.61
N GLU Z 78 -110.57 -52.16 -61.36
CA GLU Z 78 -110.63 -50.91 -60.63
C GLU Z 78 -109.28 -50.55 -60.04
N GLN Z 79 -108.34 -51.49 -59.97
CA GLN Z 79 -106.96 -51.18 -59.62
C GLN Z 79 -106.19 -50.62 -60.80
N PHE Z 80 -106.72 -50.72 -62.01
CA PHE Z 80 -106.04 -50.32 -63.23
C PHE Z 80 -106.53 -48.94 -63.65
N ILE Z 81 -105.80 -48.34 -64.59
CA ILE Z 81 -106.19 -47.04 -65.10
C ILE Z 81 -107.40 -47.19 -66.00
N ASP Z 82 -108.03 -46.06 -66.31
CA ASP Z 82 -109.17 -46.04 -67.19
C ASP Z 82 -108.75 -46.50 -68.59
N PRO Z 83 -109.43 -47.50 -69.15
CA PRO Z 83 -109.07 -47.97 -70.50
C PRO Z 83 -109.19 -46.89 -71.56
N SER Z 84 -109.96 -45.83 -71.31
CA SER Z 84 -110.03 -44.73 -72.26
C SER Z 84 -108.66 -44.05 -72.44
N VAL Z 85 -107.84 -44.04 -71.38
CA VAL Z 85 -106.54 -43.42 -71.47
C VAL Z 85 -105.61 -44.23 -72.37
N LEU Z 86 -105.61 -45.55 -72.22
CA LEU Z 86 -104.72 -46.40 -73.00
C LEU Z 86 -105.35 -47.77 -73.23
N PRO Z 87 -105.39 -48.25 -74.47
CA PRO Z 87 -105.96 -49.58 -74.74
C PRO Z 87 -105.10 -50.69 -74.14
N ALA Z 88 -105.71 -51.86 -74.03
CA ALA Z 88 -105.02 -53.01 -73.47
C ALA Z 88 -103.98 -53.55 -74.45
N GLN Z 89 -102.84 -53.95 -73.90
CA GLN Z 89 -101.77 -54.56 -74.67
C GLN Z 89 -101.75 -56.06 -74.37
N THR Z 90 -101.84 -56.87 -75.42
CA THR Z 90 -101.87 -58.31 -75.24
C THR Z 90 -100.44 -58.84 -75.16
N VAL Z 91 -100.11 -59.45 -74.03
CA VAL Z 91 -98.79 -60.03 -73.81
C VAL Z 91 -98.94 -61.55 -73.85
N LYS Z 92 -97.90 -62.22 -74.34
CA LYS Z 92 -97.93 -63.67 -74.52
C LYS Z 92 -96.94 -64.30 -73.55
N GLN Z 93 -97.45 -65.15 -72.67
CA GLN Z 93 -96.63 -65.85 -71.69
C GLN Z 93 -97.03 -67.32 -71.69
N GLY Z 94 -96.04 -68.20 -71.80
CA GLY Z 94 -96.34 -69.62 -71.87
C GLY Z 94 -97.27 -69.91 -73.03
N LYS Z 95 -98.35 -70.62 -72.75
CA LYS Z 95 -99.38 -70.87 -73.74
C LYS Z 95 -100.71 -70.24 -73.36
N ASP Z 96 -100.71 -69.24 -72.50
CA ASP Z 96 -101.89 -68.47 -72.16
C ASP Z 96 -101.80 -67.12 -72.87
N THR Z 97 -102.93 -66.62 -73.33
CA THR Z 97 -102.99 -65.32 -73.98
C THR Z 97 -104.05 -64.47 -73.28
N PHE Z 98 -103.64 -63.30 -72.79
CA PHE Z 98 -104.53 -62.44 -72.02
C PHE Z 98 -103.99 -61.01 -72.03
N ASP Z 99 -104.87 -60.08 -71.66
CA ASP Z 99 -104.57 -58.66 -71.74
C ASP Z 99 -104.11 -58.12 -70.39
N THR Z 100 -103.27 -57.10 -70.44
CA THR Z 100 -102.75 -56.45 -69.24
C THR Z 100 -102.60 -54.96 -69.50
N ASN Z 101 -102.43 -54.19 -68.42
CA ASN Z 101 -102.32 -52.75 -68.53
C ASN Z 101 -101.70 -52.20 -67.25
N PHE Z 102 -101.15 -51.00 -67.32
CA PHE Z 102 -100.46 -50.39 -66.19
C PHE Z 102 -101.38 -50.13 -65.01
N LEU Z 103 -100.86 -50.32 -63.80
CA LEU Z 103 -101.65 -50.12 -62.59
C LEU Z 103 -101.80 -48.64 -62.30
N LYS Z 104 -102.95 -48.26 -61.73
CA LYS Z 104 -103.18 -46.89 -61.34
C LYS Z 104 -102.53 -46.58 -59.99
N PHE Z 105 -101.92 -45.40 -59.90
CA PHE Z 105 -101.29 -45.00 -58.65
C PHE Z 105 -102.33 -44.87 -57.55
N SER Z 106 -102.00 -45.40 -56.38
CA SER Z 106 -102.96 -45.54 -55.30
C SER Z 106 -103.29 -44.18 -54.69
N GLU Z 107 -104.32 -44.20 -53.83
CA GLU Z 107 -104.70 -43.04 -53.06
C GLU Z 107 -104.72 -43.45 -51.59
N ASN Z 108 -105.25 -42.57 -50.76
CA ASN Z 108 -105.32 -42.85 -49.33
C ASN Z 108 -106.09 -44.15 -49.03
N GLY Z 109 -105.40 -45.08 -48.38
CA GLY Z 109 -106.02 -46.27 -47.87
C GLY Z 109 -106.09 -47.45 -48.81
N GLU Z 110 -105.92 -47.25 -50.11
CA GLU Z 110 -106.04 -48.34 -51.05
C GLU Z 110 -104.75 -49.15 -51.11
N GLY Z 111 -104.86 -50.35 -51.67
CA GLY Z 111 -103.71 -51.21 -51.89
C GLY Z 111 -104.06 -52.26 -52.92
N PHE Z 112 -103.02 -52.92 -53.44
CA PHE Z 112 -103.19 -53.98 -54.41
C PHE Z 112 -102.61 -55.27 -53.86
N ASN Z 113 -103.23 -56.39 -54.20
CA ASN Z 113 -102.74 -57.71 -53.83
C ASN Z 113 -102.16 -58.36 -55.07
N LEU Z 114 -100.85 -58.18 -55.27
CA LEU Z 114 -100.20 -58.66 -56.49
C LEU Z 114 -100.31 -60.18 -56.61
N LEU Z 115 -100.12 -60.89 -55.51
CA LEU Z 115 -100.15 -62.34 -55.56
C LEU Z 115 -101.50 -62.88 -55.97
N MET Z 116 -102.58 -62.16 -55.69
CA MET Z 116 -103.90 -62.51 -56.18
C MET Z 116 -104.28 -61.65 -57.39
N LEU Z 117 -103.30 -61.08 -58.09
CA LEU Z 117 -103.57 -60.35 -59.32
C LEU Z 117 -102.74 -60.93 -60.47
N ALA Z 118 -102.44 -62.22 -60.38
CA ALA Z 118 -101.67 -62.89 -61.42
C ALA Z 118 -102.42 -64.11 -61.95
N GLN Z 119 -103.75 -64.01 -61.98
CA GLN Z 119 -104.58 -65.14 -62.38
C GLN Z 119 -104.54 -65.35 -63.88
N THR Z 120 -103.46 -65.94 -64.37
CA THR Z 120 -103.45 -66.43 -65.74
C THR Z 120 -104.39 -67.62 -65.84
N PRO Z 121 -104.82 -67.95 -67.06
CA PRO Z 121 -105.69 -69.13 -67.20
C PRO Z 121 -105.09 -70.39 -66.62
N SER Z 122 -103.76 -70.53 -66.65
CA SER Z 122 -103.13 -71.70 -66.06
C SER Z 122 -103.41 -71.79 -64.56
N ARG Z 123 -103.26 -70.68 -63.84
CA ARG Z 123 -103.54 -70.69 -62.40
C ARG Z 123 -105.02 -70.92 -62.14
N LEU Z 124 -105.88 -70.31 -62.96
CA LEU Z 124 -107.31 -70.49 -62.77
C LEU Z 124 -107.72 -71.95 -62.94
N LYS Z 125 -107.20 -72.62 -63.97
CA LYS Z 125 -107.47 -74.04 -64.11
C LYS Z 125 -106.83 -74.84 -62.99
N LYS Z 126 -105.81 -74.28 -62.34
CA LYS Z 126 -105.18 -74.94 -61.21
C LYS Z 126 -105.97 -74.76 -59.93
N GLY Z 127 -107.02 -73.94 -59.95
CA GLY Z 127 -107.87 -73.74 -58.80
C GLY Z 127 -107.59 -72.45 -58.07
N SER Z 128 -107.80 -72.44 -56.76
CA SER Z 128 -107.51 -71.26 -55.97
C SER Z 128 -106.02 -71.27 -55.63
N MET Z 129 -105.45 -70.11 -55.33
CA MET Z 129 -104.02 -70.07 -55.10
C MET Z 129 -103.72 -70.31 -53.62
N THR Z 130 -102.51 -70.80 -53.37
CA THR Z 130 -102.09 -71.18 -52.04
C THR Z 130 -100.96 -70.29 -51.55
N PHE Z 131 -101.06 -69.88 -50.27
CA PHE Z 131 -100.03 -69.07 -49.63
C PHE Z 131 -98.94 -69.88 -48.97
N THR Z 132 -98.33 -70.81 -49.69
CA THR Z 132 -96.92 -71.12 -49.54
C THR Z 132 -96.12 -70.42 -50.63
N ASP Z 133 -96.81 -69.85 -51.61
CA ASP Z 133 -96.18 -69.08 -52.66
C ASP Z 133 -95.53 -67.85 -52.04
N SER Z 134 -94.22 -67.73 -52.24
CA SER Z 134 -93.46 -66.63 -51.67
C SER Z 134 -92.84 -65.82 -52.81
N LEU Z 135 -92.92 -64.50 -52.67
CA LEU Z 135 -92.35 -63.60 -53.65
C LEU Z 135 -90.84 -63.72 -53.69
N ASP Z 136 -90.26 -63.30 -54.81
CA ASP Z 136 -88.81 -63.35 -54.96
C ASP Z 136 -88.15 -62.42 -53.96
N SER Z 137 -86.84 -62.53 -53.81
CA SER Z 137 -86.13 -61.60 -52.96
C SER Z 137 -86.17 -60.19 -53.55
N ARG Z 138 -86.27 -60.08 -54.87
CA ARG Z 138 -86.16 -58.79 -55.54
C ARG Z 138 -87.52 -58.35 -56.05
N ILE Z 139 -87.76 -57.04 -55.96
CA ILE Z 139 -88.93 -56.41 -56.56
C ILE Z 139 -88.46 -55.08 -57.15
N ALA Z 140 -88.95 -54.77 -58.35
CA ALA Z 140 -88.49 -53.58 -59.02
C ALA Z 140 -89.63 -52.94 -59.79
N LEU Z 141 -89.53 -51.64 -60.01
CA LEU Z 141 -90.43 -50.96 -60.93
C LEU Z 141 -90.09 -51.37 -62.35
N LYS Z 142 -91.10 -51.77 -63.12
CA LYS Z 142 -90.85 -52.18 -64.49
C LYS Z 142 -90.77 -50.96 -65.41
N GLN Z 143 -91.86 -50.20 -65.51
CA GLN Z 143 -91.88 -48.99 -66.31
C GLN Z 143 -92.78 -47.95 -65.64
N LEU Z 144 -92.43 -46.68 -65.81
CA LEU Z 144 -93.26 -45.57 -65.39
C LEU Z 144 -93.93 -44.95 -66.62
N LEU Z 145 -95.24 -44.79 -66.53
CA LEU Z 145 -96.01 -44.17 -67.61
C LEU Z 145 -96.34 -42.74 -67.21
N ILE Z 146 -95.75 -41.78 -67.89
CA ILE Z 146 -95.98 -40.37 -67.62
C ILE Z 146 -96.59 -39.74 -68.87
N SER Z 147 -97.42 -38.73 -68.65
CA SER Z 147 -98.11 -38.03 -69.72
C SER Z 147 -97.57 -36.62 -69.84
N VAL Z 148 -97.04 -36.30 -71.00
CA VAL Z 148 -96.57 -34.94 -71.30
C VAL Z 148 -97.74 -34.18 -71.90
N THR Z 149 -98.31 -33.27 -71.12
CA THR Z 149 -99.52 -32.55 -71.52
C THR Z 149 -99.23 -31.06 -71.54
N LYS Z 150 -99.67 -30.40 -72.60
CA LYS Z 150 -99.53 -28.96 -72.74
C LYS Z 150 -100.78 -28.44 -73.44
N GLY Z 151 -101.63 -27.72 -72.70
CA GLY Z 151 -102.86 -27.21 -73.28
C GLY Z 151 -103.96 -28.25 -73.43
N GLY Z 152 -103.81 -29.43 -72.83
CA GLY Z 152 -104.79 -30.48 -72.95
C GLY Z 152 -104.41 -31.59 -73.91
N THR Z 153 -103.41 -31.40 -74.75
CA THR Z 153 -102.97 -32.43 -75.67
C THR Z 153 -102.00 -33.37 -74.95
N THR Z 154 -102.24 -34.67 -75.05
CA THR Z 154 -101.49 -35.66 -74.30
C THR Z 154 -100.65 -36.51 -75.24
N GLU Z 155 -99.37 -36.66 -74.90
CA GLU Z 155 -98.48 -37.60 -75.56
C GLU Z 155 -97.93 -38.55 -74.50
N LEU Z 156 -98.08 -39.85 -74.73
CA LEU Z 156 -97.77 -40.86 -73.72
C LEU Z 156 -96.37 -41.41 -73.98
N PHE Z 157 -95.54 -41.41 -72.94
CA PHE Z 157 -94.16 -41.85 -73.04
C PHE Z 157 -93.98 -43.13 -72.22
N ALA Z 158 -93.28 -44.09 -72.78
CA ALA Z 158 -92.93 -45.32 -72.07
C ALA Z 158 -91.46 -45.23 -71.69
N LEU Z 159 -91.17 -45.19 -70.40
CA LEU Z 159 -89.80 -45.14 -69.91
C LEU Z 159 -89.48 -46.43 -69.19
N ASP Z 160 -88.38 -47.07 -69.59
CA ASP Z 160 -87.93 -48.26 -68.88
C ASP Z 160 -87.03 -47.87 -67.71
N VAL Z 161 -87.51 -48.11 -66.50
CA VAL Z 161 -86.80 -47.70 -65.30
C VAL Z 161 -85.91 -48.82 -64.76
N ASN Z 162 -86.01 -50.02 -65.31
CA ASN Z 162 -85.04 -51.04 -65.00
C ASN Z 162 -83.67 -50.59 -65.46
N ARG Z 163 -82.63 -51.22 -64.90
CA ARG Z 163 -81.25 -50.82 -65.12
C ARG Z 163 -81.03 -49.36 -64.72
N ASP Z 164 -81.65 -48.96 -63.63
CA ASP Z 164 -81.38 -47.69 -62.98
C ASP Z 164 -80.67 -47.93 -61.67
N GLN Z 165 -79.91 -46.93 -61.23
CA GLN Z 165 -79.13 -47.06 -60.00
C GLN Z 165 -80.04 -47.33 -58.80
N TYR Z 166 -81.22 -46.71 -58.78
CA TYR Z 166 -82.13 -46.84 -57.66
C TYR Z 166 -83.42 -47.49 -58.16
N ALA Z 167 -83.45 -48.81 -58.24
CA ALA Z 167 -84.69 -49.47 -58.64
C ALA Z 167 -84.91 -50.82 -57.97
N ALA Z 168 -84.32 -51.05 -56.80
CA ALA Z 168 -84.42 -52.34 -56.12
C ALA Z 168 -84.94 -52.14 -54.71
N TYR Z 169 -85.96 -52.90 -54.34
CA TYR Z 169 -86.57 -52.76 -53.03
C TYR Z 169 -85.61 -53.26 -51.95
N THR Z 170 -85.68 -52.67 -50.76
CA THR Z 170 -84.80 -53.00 -49.65
C THR Z 170 -85.60 -53.20 -48.37
N ALA Z 171 -85.00 -53.90 -47.41
CA ALA Z 171 -85.67 -54.23 -46.16
C ALA Z 171 -85.53 -53.10 -45.15
N THR Z 172 -86.59 -52.88 -44.38
CA THR Z 172 -86.64 -51.76 -43.46
C THR Z 172 -86.04 -52.15 -42.11
N ARG Z 173 -85.71 -51.12 -41.31
CA ARG Z 173 -85.38 -51.33 -39.90
C ARG Z 173 -86.58 -50.93 -39.02
N GLU Z 174 -87.78 -51.27 -39.45
CA GLU Z 174 -89.00 -50.90 -38.74
C GLU Z 174 -90.12 -51.87 -39.09
N TYR Z 175 -91.12 -51.93 -38.22
CA TYR Z 175 -92.36 -52.65 -38.46
C TYR Z 175 -92.14 -54.15 -38.50
N ASN Z 176 -92.12 -54.72 -39.70
CA ASN Z 176 -92.00 -56.15 -39.87
C ASN Z 176 -90.66 -56.51 -40.51
N PHE Z 177 -90.31 -57.78 -40.42
CA PHE Z 177 -89.08 -58.28 -41.02
C PHE Z 177 -89.29 -58.88 -42.40
N ARG Z 178 -90.53 -59.03 -42.84
CA ARG Z 178 -90.80 -59.59 -44.15
C ARG Z 178 -91.29 -58.49 -45.08
N LEU Z 179 -91.14 -57.24 -44.67
CA LEU Z 179 -91.67 -56.08 -45.37
C LEU Z 179 -90.53 -55.43 -46.15
N MET Z 180 -90.84 -54.93 -47.35
CA MET Z 180 -89.82 -54.39 -48.23
C MET Z 180 -90.18 -52.97 -48.64
N GLN Z 181 -89.19 -52.07 -48.62
CA GLN Z 181 -89.36 -50.67 -48.97
C GLN Z 181 -88.87 -50.38 -50.39
N LEU Z 182 -89.56 -49.45 -51.03
CA LEU Z 182 -89.10 -48.83 -52.28
C LEU Z 182 -88.91 -47.33 -52.04
N LYS Z 183 -87.78 -46.80 -52.48
CA LYS Z 183 -87.48 -45.37 -52.35
C LYS Z 183 -86.86 -44.91 -53.67
N PHE Z 184 -87.67 -44.37 -54.56
CA PHE Z 184 -87.23 -43.99 -55.90
C PHE Z 184 -87.07 -42.48 -55.96
N HIS Z 185 -85.84 -42.02 -56.14
CA HIS Z 185 -85.54 -40.59 -56.27
C HIS Z 185 -84.41 -40.42 -57.29
N THR Z 186 -84.75 -40.01 -58.50
CA THR Z 186 -83.77 -39.74 -59.53
C THR Z 186 -84.43 -38.98 -60.66
N SER Z 187 -83.69 -38.80 -61.75
CA SER Z 187 -84.17 -38.08 -62.91
C SER Z 187 -84.25 -39.03 -64.11
N LEU Z 188 -85.40 -39.01 -64.78
CA LEU Z 188 -85.60 -39.77 -66.01
C LEU Z 188 -85.42 -38.85 -67.20
N GLY Z 189 -84.63 -39.29 -68.17
CA GLY Z 189 -84.31 -38.49 -69.33
C GLY Z 189 -85.20 -38.77 -70.51
N LEU Z 190 -85.14 -37.86 -71.48
CA LEU Z 190 -85.87 -38.00 -72.74
C LEU Z 190 -84.95 -37.55 -73.87
N GLY Z 191 -84.51 -38.51 -74.68
CA GLY Z 191 -83.61 -38.20 -75.76
C GLY Z 191 -84.28 -37.37 -76.83
N GLU Z 192 -83.45 -36.56 -77.50
CA GLU Z 192 -83.89 -35.72 -78.60
C GLU Z 192 -84.40 -36.53 -79.78
N GLU Z 193 -84.28 -37.86 -79.73
CA GLU Z 193 -84.90 -38.74 -80.70
C GLU Z 193 -85.80 -39.77 -80.02
N SER Z 194 -86.02 -39.66 -78.72
CA SER Z 194 -86.84 -40.61 -78.00
C SER Z 194 -88.23 -40.71 -78.62
N THR Z 195 -88.73 -41.93 -78.73
CA THR Z 195 -89.99 -42.21 -79.40
C THR Z 195 -91.10 -42.45 -78.38
N THR Z 196 -92.26 -41.87 -78.66
CA THR Z 196 -93.42 -42.08 -77.79
C THR Z 196 -93.99 -43.47 -77.98
N VAL Z 197 -94.76 -43.93 -76.99
CA VAL Z 197 -95.33 -45.26 -77.03
C VAL Z 197 -96.36 -45.39 -78.15
N ALA Z 198 -97.03 -44.29 -78.49
CA ALA Z 198 -98.06 -44.29 -79.52
C ALA Z 198 -97.64 -43.36 -80.64
N GLY Z 199 -97.07 -43.93 -81.70
CA GLY Z 199 -96.59 -43.13 -82.82
C GLY Z 199 -95.07 -43.02 -82.81
N ALA Z 200 -94.59 -41.85 -83.24
CA ALA Z 200 -93.16 -41.59 -83.29
C ALA Z 200 -92.91 -40.11 -83.06
N GLU Z 201 -92.10 -39.80 -82.06
CA GLU Z 201 -91.69 -38.44 -81.71
C GLU Z 201 -92.84 -37.64 -81.11
N SER Z 202 -92.53 -36.82 -80.10
CA SER Z 202 -93.54 -36.00 -79.43
C SER Z 202 -93.69 -34.69 -80.20
N ALA Z 203 -94.93 -34.37 -80.59
CA ALA Z 203 -95.17 -33.13 -81.31
C ALA Z 203 -95.05 -31.91 -80.41
N LEU Z 204 -95.28 -32.05 -79.11
CA LEU Z 204 -95.25 -30.90 -78.21
C LEU Z 204 -93.85 -30.34 -78.02
N LEU Z 205 -92.82 -31.20 -78.11
CA LEU Z 205 -91.44 -30.78 -77.91
C LEU Z 205 -90.65 -30.72 -79.20
N LYS Z 206 -91.34 -30.64 -80.34
CA LYS Z 206 -90.64 -30.72 -81.63
C LYS Z 206 -89.68 -29.55 -81.81
N ASP Z 207 -90.10 -28.34 -81.46
CA ASP Z 207 -89.24 -27.18 -81.64
C ASP Z 207 -87.98 -27.28 -80.77
N LEU Z 208 -88.15 -27.69 -79.51
CA LEU Z 208 -86.99 -27.87 -78.64
C LEU Z 208 -86.11 -29.00 -79.13
N PHE Z 209 -86.72 -30.07 -79.63
CA PHE Z 209 -85.96 -31.23 -80.07
C PHE Z 209 -85.14 -30.93 -81.32
N ASP Z 210 -85.65 -30.08 -82.20
CA ASP Z 210 -84.95 -29.79 -83.45
C ASP Z 210 -83.56 -29.21 -83.21
N LEU Z 211 -83.35 -28.53 -82.10
CA LEU Z 211 -82.03 -28.00 -81.75
C LEU Z 211 -81.17 -29.03 -81.05
N GLY Z 212 -81.62 -30.28 -80.95
CA GLY Z 212 -80.86 -31.32 -80.29
C GLY Z 212 -80.72 -31.12 -78.81
N TYR Z 213 -81.83 -30.84 -78.12
CA TYR Z 213 -81.81 -30.54 -76.70
C TYR Z 213 -82.38 -31.70 -75.89
N ARG Z 214 -82.10 -31.66 -74.60
CA ARG Z 214 -82.57 -32.66 -73.64
C ARG Z 214 -83.30 -31.96 -72.50
N ILE Z 215 -84.31 -32.62 -71.96
CA ILE Z 215 -84.98 -32.14 -70.76
C ILE Z 215 -84.71 -33.14 -69.64
N GLU Z 216 -84.66 -32.62 -68.42
CA GLU Z 216 -84.45 -33.45 -67.24
C GLU Z 216 -85.74 -33.46 -66.42
N LEU Z 217 -86.31 -34.65 -66.23
CA LEU Z 217 -87.53 -34.81 -65.47
C LEU Z 217 -87.19 -35.41 -64.12
N ASP Z 218 -87.60 -34.74 -63.05
CA ASP Z 218 -87.38 -35.25 -61.71
C ASP Z 218 -88.53 -36.17 -61.29
N VAL Z 219 -88.17 -37.33 -60.76
CA VAL Z 219 -89.13 -38.31 -60.29
C VAL Z 219 -88.90 -38.49 -58.79
N LYS Z 220 -89.94 -38.24 -58.01
CA LYS Z 220 -89.87 -38.38 -56.57
C LYS Z 220 -91.10 -39.16 -56.14
N VAL Z 221 -90.98 -40.47 -56.12
CA VAL Z 221 -92.09 -41.40 -55.94
C VAL Z 221 -91.67 -42.46 -54.94
N ASP Z 222 -92.56 -42.77 -54.00
CA ASP Z 222 -92.32 -43.79 -53.00
C ASP Z 222 -93.25 -44.96 -53.23
N GLY Z 223 -92.88 -46.10 -52.65
CA GLY Z 223 -93.73 -47.27 -52.67
C GLY Z 223 -93.32 -48.21 -51.56
N GLU Z 224 -94.25 -49.07 -51.17
CA GLU Z 224 -94.00 -50.01 -50.09
C GLU Z 224 -94.64 -51.34 -50.46
N MET Z 225 -93.94 -52.44 -50.17
CA MET Z 225 -94.40 -53.75 -50.57
C MET Z 225 -94.16 -54.78 -49.47
N ASN Z 226 -95.16 -55.63 -49.23
CA ASN Z 226 -95.05 -56.72 -48.27
C ASN Z 226 -95.05 -58.04 -49.02
N VAL Z 227 -93.92 -58.72 -49.04
CA VAL Z 227 -93.78 -59.93 -49.85
C VAL Z 227 -94.45 -61.14 -49.20
N GLU Z 228 -94.78 -61.06 -47.91
CA GLU Z 228 -95.30 -62.22 -47.20
C GLU Z 228 -96.68 -62.65 -47.67
N ASN Z 229 -97.52 -61.73 -48.12
CA ASN Z 229 -98.88 -62.07 -48.51
C ASN Z 229 -99.27 -61.39 -49.82
N GLY Z 230 -98.44 -60.47 -50.30
CA GLY Z 230 -98.74 -59.76 -51.53
C GLY Z 230 -99.49 -58.46 -51.36
N ASN Z 231 -99.74 -58.02 -50.14
CA ASN Z 231 -100.35 -56.71 -49.93
C ASN Z 231 -99.30 -55.63 -50.17
N GLY Z 232 -99.66 -54.62 -50.97
CA GLY Z 232 -98.70 -53.58 -51.29
C GLY Z 232 -99.38 -52.36 -51.88
N ASP Z 233 -98.63 -51.26 -51.95
CA ASP Z 233 -99.15 -50.00 -52.44
C ASP Z 233 -97.99 -49.03 -52.67
N THR Z 234 -98.27 -48.02 -53.52
CA THR Z 234 -97.31 -46.97 -53.84
C THR Z 234 -98.07 -45.70 -54.19
N SER Z 235 -97.38 -44.57 -54.12
CA SER Z 235 -97.98 -43.28 -54.43
C SER Z 235 -96.97 -42.40 -55.15
N LEU Z 236 -97.47 -41.56 -56.05
CA LEU Z 236 -96.63 -40.58 -56.72
C LEU Z 236 -96.70 -39.26 -55.99
N ARG Z 237 -95.56 -38.61 -55.83
CA ARG Z 237 -95.49 -37.38 -55.06
C ARG Z 237 -95.24 -36.14 -55.91
N ALA Z 238 -94.27 -36.16 -56.82
CA ALA Z 238 -94.01 -34.96 -57.60
C ALA Z 238 -93.36 -35.33 -58.93
N LEU Z 239 -93.69 -34.57 -59.97
CA LEU Z 239 -93.14 -34.79 -61.31
C LEU Z 239 -93.02 -33.44 -61.98
N ARG Z 240 -91.79 -32.95 -62.16
CA ARG Z 240 -91.57 -31.56 -62.53
C ARG Z 240 -90.61 -31.46 -63.70
N LEU Z 241 -90.75 -30.38 -64.47
CA LEU Z 241 -89.71 -29.97 -65.40
C LEU Z 241 -88.62 -29.22 -64.65
N ALA Z 242 -87.42 -29.79 -64.61
CA ALA Z 242 -86.37 -29.24 -63.76
C ALA Z 242 -85.20 -28.66 -64.54
N ARG Z 243 -84.55 -29.45 -65.39
CA ARG Z 243 -83.31 -29.01 -66.01
C ARG Z 243 -83.34 -29.29 -67.50
N VAL Z 244 -82.58 -28.49 -68.24
CA VAL Z 244 -82.43 -28.63 -69.69
C VAL Z 244 -80.95 -28.71 -70.02
N PHE Z 245 -80.59 -29.68 -70.85
CA PHE Z 245 -79.21 -29.86 -71.27
C PHE Z 245 -79.04 -29.49 -72.73
N ASP Z 246 -77.79 -29.27 -73.12
CA ASP Z 246 -77.44 -29.09 -74.52
C ASP Z 246 -77.00 -30.44 -75.11
N LYS Z 247 -76.50 -30.40 -76.35
CA LYS Z 247 -76.00 -31.63 -76.94
C LYS Z 247 -74.67 -32.06 -76.32
N GLU Z 248 -73.83 -31.11 -75.93
CA GLU Z 248 -72.50 -31.43 -75.43
C GLU Z 248 -72.51 -31.84 -73.96
N GLY Z 249 -73.50 -31.43 -73.19
CA GLY Z 249 -73.59 -31.83 -71.80
C GLY Z 249 -73.36 -30.73 -70.78
N LYS Z 250 -73.51 -29.46 -71.15
CA LYS Z 250 -73.40 -28.36 -70.22
C LYS Z 250 -74.78 -27.82 -69.90
N GLU Z 251 -75.07 -27.66 -68.62
CA GLU Z 251 -76.37 -27.16 -68.19
C GLU Z 251 -76.66 -25.79 -68.79
N ILE Z 252 -77.90 -25.59 -69.21
CA ILE Z 252 -78.35 -24.32 -69.75
C ILE Z 252 -79.48 -23.79 -68.88
N ALA Z 253 -79.48 -22.48 -68.64
CA ALA Z 253 -80.50 -21.88 -67.81
C ALA Z 253 -81.83 -21.84 -68.54
N LEU Z 254 -82.90 -21.64 -67.78
CA LEU Z 254 -84.25 -21.64 -68.32
C LEU Z 254 -84.74 -20.25 -68.71
N THR Z 255 -83.90 -19.22 -68.55
CA THR Z 255 -84.24 -17.87 -68.96
C THR Z 255 -83.75 -17.55 -70.37
N ASP Z 256 -82.98 -18.44 -70.98
CA ASP Z 256 -82.59 -18.25 -72.36
C ASP Z 256 -83.81 -18.31 -73.27
N SER Z 257 -83.76 -17.53 -74.36
CA SER Z 257 -84.91 -17.42 -75.24
C SER Z 257 -85.33 -18.77 -75.78
N ARG Z 258 -84.37 -19.59 -76.22
CA ARG Z 258 -84.70 -20.86 -76.85
C ARG Z 258 -85.48 -21.76 -75.89
N VAL Z 259 -84.98 -21.96 -74.68
CA VAL Z 259 -85.68 -22.80 -73.72
C VAL Z 259 -86.96 -22.12 -73.22
N SER Z 260 -86.88 -20.82 -72.97
CA SER Z 260 -88.03 -20.11 -72.40
C SER Z 260 -89.24 -20.18 -73.32
N ALA Z 261 -89.02 -20.02 -74.63
CA ALA Z 261 -90.13 -20.14 -75.58
C ALA Z 261 -90.69 -21.55 -75.59
N ALA Z 262 -89.82 -22.56 -75.51
CA ALA Z 262 -90.27 -23.95 -75.59
C ALA Z 262 -91.19 -24.34 -74.45
N LEU Z 263 -91.06 -23.72 -73.29
CA LEU Z 263 -91.95 -23.98 -72.16
C LEU Z 263 -93.21 -23.14 -72.35
N SER Z 264 -94.33 -23.80 -72.67
CA SER Z 264 -95.59 -23.11 -72.90
C SER Z 264 -96.72 -23.83 -72.17
N GLY Z 265 -96.46 -24.23 -70.93
CA GLY Z 265 -97.47 -24.94 -70.15
C GLY Z 265 -97.30 -26.44 -70.21
N LEU Z 266 -96.06 -26.89 -70.43
CA LEU Z 266 -95.78 -28.32 -70.45
C LEU Z 266 -95.83 -28.86 -69.03
N THR Z 267 -96.94 -29.49 -68.67
CA THR Z 267 -97.11 -30.06 -67.34
C THR Z 267 -97.17 -31.58 -67.46
N VAL Z 268 -96.37 -32.27 -66.68
CA VAL Z 268 -96.26 -33.72 -66.72
C VAL Z 268 -96.90 -34.29 -65.48
N THR Z 269 -97.81 -35.24 -65.68
CA THR Z 269 -98.55 -35.87 -64.59
C THR Z 269 -98.49 -37.37 -64.73
N GLY Z 270 -98.23 -38.05 -63.62
CA GLY Z 270 -98.16 -39.50 -63.61
C GLY Z 270 -99.54 -40.12 -63.78
N VAL Z 271 -99.59 -41.24 -64.49
CA VAL Z 271 -100.82 -41.96 -64.76
C VAL Z 271 -100.76 -43.41 -64.31
N GLY Z 272 -99.64 -44.09 -64.56
CA GLY Z 272 -99.57 -45.49 -64.24
C GLY Z 272 -98.14 -45.95 -64.04
N TYR Z 273 -98.00 -47.21 -63.66
CA TYR Z 273 -96.69 -47.82 -63.49
C TYR Z 273 -96.85 -49.32 -63.59
N SER Z 274 -95.71 -50.02 -63.70
CA SER Z 274 -95.70 -51.46 -63.88
C SER Z 274 -94.65 -52.09 -62.97
N LEU Z 275 -94.83 -53.37 -62.65
CA LEU Z 275 -93.89 -54.10 -61.81
C LEU Z 275 -93.29 -55.26 -62.58
N GLU Z 276 -92.07 -55.62 -62.21
CA GLU Z 276 -91.46 -56.87 -62.63
C GLU Z 276 -91.15 -57.64 -61.34
N ALA Z 277 -92.09 -58.47 -60.92
CA ALA Z 277 -91.97 -59.25 -59.70
C ALA Z 277 -92.15 -60.72 -60.02
N ARG Z 278 -91.31 -61.56 -59.41
CA ARG Z 278 -91.18 -62.93 -59.83
C ARG Z 278 -91.50 -63.87 -58.67
N LEU Z 279 -92.14 -64.99 -58.99
CA LEU Z 279 -92.65 -65.91 -57.98
C LEU Z 279 -91.59 -66.95 -57.64
N THR Z 280 -90.85 -66.73 -56.56
CA THR Z 280 -89.88 -67.71 -56.09
C THR Z 280 -90.68 -68.81 -55.41
N ASN Z 281 -91.14 -69.76 -56.20
CA ASN Z 281 -91.92 -70.86 -55.66
C ASN Z 281 -90.99 -71.83 -54.94
N ILE Z 282 -91.56 -72.60 -54.00
CA ILE Z 282 -90.75 -73.55 -53.26
C ILE Z 282 -90.79 -74.92 -53.94
N ASN Z 283 -91.87 -75.25 -54.64
CA ASN Z 283 -91.96 -76.52 -55.36
C ASN Z 283 -92.19 -76.31 -56.85
N GLN Z 284 -92.15 -75.05 -57.30
CA GLN Z 284 -92.01 -74.70 -58.71
C GLN Z 284 -93.12 -75.22 -59.61
N LEU Z 285 -94.31 -74.65 -59.52
CA LEU Z 285 -95.41 -75.01 -60.42
C LEU Z 285 -95.12 -74.46 -61.81
N GLU Z 286 -94.01 -74.90 -62.40
CA GLU Z 286 -93.49 -74.33 -63.62
C GLU Z 286 -93.26 -75.41 -64.66
N MET Z 287 -93.66 -75.12 -65.90
CA MET Z 287 -93.35 -76.02 -67.01
C MET Z 287 -91.89 -75.89 -67.41
N GLY Z 288 -91.46 -74.69 -67.77
CA GLY Z 288 -90.09 -74.46 -68.19
C GLY Z 288 -89.74 -75.13 -69.49
N LEU Z 289 -88.45 -75.36 -69.70
CA LEU Z 289 -87.96 -76.04 -70.90
C LEU Z 289 -87.92 -77.54 -70.65
N LEU Z 290 -88.71 -78.28 -71.41
CA LEU Z 290 -88.63 -79.72 -71.44
C LEU Z 290 -87.70 -80.14 -72.56
N ILE Z 291 -86.94 -81.20 -72.32
CA ILE Z 291 -86.02 -81.75 -73.30
C ILE Z 291 -86.37 -83.20 -73.56
N ASP Z 292 -86.89 -83.47 -74.76
CA ASP Z 292 -87.29 -84.80 -75.18
C ASP Z 292 -86.47 -85.18 -76.41
N SER Z 293 -86.36 -86.48 -76.65
CA SER Z 293 -85.58 -86.96 -77.77
C SER Z 293 -86.28 -88.11 -78.47
N ASP Z 294 -86.02 -88.23 -79.77
CA ASP Z 294 -86.59 -89.29 -80.59
C ASP Z 294 -85.64 -89.62 -81.73
N VAL Z 295 -86.07 -90.54 -82.59
CA VAL Z 295 -85.21 -91.16 -83.60
C VAL Z 295 -85.77 -90.88 -84.98
N GLN Z 296 -84.89 -90.88 -85.97
CA GLN Z 296 -85.28 -90.76 -87.37
C GLN Z 296 -84.63 -91.89 -88.17
N LYS Z 297 -85.37 -92.42 -89.14
CA LYS Z 297 -84.90 -93.50 -89.98
C LYS Z 297 -84.83 -93.03 -91.42
N GLN Z 298 -84.00 -93.69 -92.22
CA GLN Z 298 -83.95 -93.49 -93.67
C GLN Z 298 -83.48 -94.78 -94.32
N GLY Z 299 -84.02 -95.07 -95.50
CA GLY Z 299 -83.74 -96.32 -96.19
C GLY Z 299 -82.95 -96.09 -97.48
N PHE Z 300 -81.95 -96.94 -97.70
CA PHE Z 300 -81.05 -96.83 -98.84
C PHE Z 300 -81.03 -98.15 -99.59
N MET Z 301 -81.09 -98.09 -100.92
CA MET Z 301 -81.17 -99.28 -101.75
C MET Z 301 -80.10 -99.23 -102.85
N ILE Z 302 -79.57 -100.40 -103.20
CA ILE Z 302 -78.55 -100.50 -104.24
C ILE Z 302 -79.11 -101.17 -105.48
N PRO Z 303 -79.03 -100.53 -106.65
CA PRO Z 303 -79.61 -101.12 -107.86
C PRO Z 303 -78.63 -101.96 -108.66
N THR Z 304 -79.12 -102.57 -109.73
CA THR Z 304 -78.30 -103.32 -110.68
C THR Z 304 -78.28 -102.58 -112.02
N LEU Z 305 -77.09 -102.38 -112.56
CA LEU Z 305 -76.91 -101.49 -113.70
C LEU Z 305 -76.67 -102.27 -114.99
N PRO Z 306 -76.72 -101.60 -116.14
CA PRO Z 306 -76.51 -102.29 -117.42
C PRO Z 306 -75.15 -102.97 -117.48
N PRO Z 307 -75.05 -104.08 -118.21
CA PRO Z 307 -73.83 -104.89 -118.19
C PRO Z 307 -72.86 -104.54 -119.30
N LEU Z 308 -71.65 -105.09 -119.16
CA LEU Z 308 -70.59 -104.96 -120.14
C LEU Z 308 -70.19 -106.36 -120.63
N VAL Z 309 -70.14 -106.54 -121.95
CA VAL Z 309 -69.99 -107.85 -122.56
C VAL Z 309 -68.94 -107.79 -123.66
N ILE Z 310 -68.39 -108.95 -124.02
CA ILE Z 310 -67.47 -109.10 -125.14
C ILE Z 310 -68.00 -110.25 -126.00
N VAL Z 311 -67.70 -110.20 -127.30
CA VAL Z 311 -68.17 -111.22 -128.24
C VAL Z 311 -66.96 -111.93 -128.83
N LYS Z 312 -67.11 -113.21 -129.15
CA LYS Z 312 -65.97 -114.01 -129.56
C LYS Z 312 -66.43 -115.29 -130.22
N PRO Z 313 -65.85 -115.65 -131.36
CA PRO Z 313 -66.24 -116.88 -132.04
C PRO Z 313 -65.98 -118.11 -131.18
N ALA Z 314 -66.86 -119.09 -131.28
CA ALA Z 314 -66.93 -120.17 -130.29
C ALA Z 314 -66.35 -121.47 -130.86
N MET Z 315 -65.33 -121.32 -131.71
CA MET Z 315 -64.58 -122.48 -132.19
C MET Z 315 -63.08 -122.25 -132.11
N VAL Z 316 -62.66 -121.00 -131.91
CA VAL Z 316 -61.25 -120.62 -131.89
C VAL Z 316 -61.05 -119.56 -130.81
N GLU Z 317 -59.89 -119.60 -130.16
CA GLU Z 317 -59.57 -118.59 -129.14
C GLU Z 317 -58.31 -117.85 -129.54
N ASP Z 318 -58.26 -116.56 -129.19
CA ASP Z 318 -57.15 -115.68 -129.53
C ASP Z 318 -56.58 -115.07 -128.27
N ASP Z 319 -55.43 -114.40 -128.42
CA ASP Z 319 -54.78 -113.80 -127.25
C ASP Z 319 -54.62 -112.29 -127.40
N LYS Z 320 -54.13 -111.82 -128.54
CA LYS Z 320 -54.02 -110.39 -128.79
C LYS Z 320 -55.23 -109.80 -129.51
N THR Z 321 -55.70 -110.42 -130.58
CA THR Z 321 -56.93 -109.97 -131.22
C THR Z 321 -58.14 -110.17 -130.33
N TYR Z 322 -58.18 -111.23 -129.53
CA TYR Z 322 -59.16 -111.34 -128.47
C TYR Z 322 -58.72 -110.47 -127.32
N PRO Z 323 -59.51 -109.48 -126.93
CA PRO Z 323 -59.13 -108.65 -125.78
C PRO Z 323 -58.98 -109.48 -124.52
N ARG Z 324 -57.97 -109.15 -123.71
CA ARG Z 324 -57.78 -109.83 -122.44
C ARG Z 324 -58.96 -109.55 -121.51
N LEU Z 325 -59.08 -110.37 -120.46
CA LEU Z 325 -60.07 -110.10 -119.43
C LEU Z 325 -59.70 -108.79 -118.73
N GLU Z 326 -58.40 -108.49 -118.73
CA GLU Z 326 -57.92 -107.23 -118.20
C GLU Z 326 -58.59 -106.06 -118.91
N ALA Z 327 -58.89 -106.22 -120.20
CA ALA Z 327 -59.56 -105.15 -120.93
C ALA Z 327 -60.95 -104.89 -120.35
N LEU Z 328 -61.69 -105.97 -120.08
CA LEU Z 328 -63.02 -105.81 -119.51
C LEU Z 328 -62.93 -105.18 -118.12
N THR Z 329 -61.98 -105.62 -117.30
CA THR Z 329 -61.84 -105.05 -115.97
C THR Z 329 -61.48 -103.57 -116.05
N THR Z 330 -60.60 -103.19 -116.98
CA THR Z 330 -60.21 -101.80 -117.12
C THR Z 330 -61.39 -100.94 -117.55
N ALA Z 331 -62.16 -101.42 -118.54
CA ALA Z 331 -63.35 -100.68 -118.95
C ALA Z 331 -64.30 -100.51 -117.78
N TYR Z 332 -64.50 -101.57 -117.00
CA TYR Z 332 -65.34 -101.50 -115.81
C TYR Z 332 -64.86 -100.41 -114.86
N ARG Z 333 -63.58 -100.44 -114.48
CA ARG Z 333 -63.10 -99.53 -113.46
C ARG Z 333 -63.13 -98.08 -113.95
N ILE Z 334 -62.81 -97.84 -115.23
CA ILE Z 334 -62.92 -96.48 -115.75
C ILE Z 334 -64.36 -96.01 -115.70
N GLN Z 335 -65.27 -96.81 -116.27
CA GLN Z 335 -66.68 -96.42 -116.36
C GLN Z 335 -67.25 -96.15 -114.98
N GLN Z 336 -66.77 -96.88 -113.97
CA GLN Z 336 -67.17 -96.58 -112.61
C GLN Z 336 -66.58 -95.27 -112.14
N MET Z 337 -65.26 -95.23 -112.04
CA MET Z 337 -64.62 -94.36 -111.07
C MET Z 337 -64.13 -93.07 -111.70
N ARG Z 338 -64.43 -92.81 -112.97
CA ARG Z 338 -64.28 -91.44 -113.44
C ARG Z 338 -65.62 -90.80 -113.81
N ASN Z 339 -66.30 -91.39 -114.78
CA ASN Z 339 -67.41 -90.70 -115.41
C ASN Z 339 -68.62 -90.62 -114.50
N ASN Z 340 -68.96 -91.72 -113.85
CA ASN Z 340 -70.14 -91.67 -112.98
C ASN Z 340 -69.90 -90.78 -111.79
N ALA Z 341 -68.67 -90.78 -111.25
CA ALA Z 341 -68.36 -89.91 -110.12
C ALA Z 341 -68.52 -88.44 -110.50
N VAL Z 342 -67.91 -88.02 -111.61
CA VAL Z 342 -68.00 -86.61 -111.99
C VAL Z 342 -69.44 -86.25 -112.32
N THR Z 343 -70.18 -87.16 -112.95
CA THR Z 343 -71.58 -86.89 -113.28
C THR Z 343 -72.41 -86.68 -112.03
N THR Z 344 -72.25 -87.55 -111.04
CA THR Z 344 -72.99 -87.39 -109.79
C THR Z 344 -72.64 -86.08 -109.11
N LEU Z 345 -71.36 -85.73 -109.10
CA LEU Z 345 -70.96 -84.50 -108.41
C LEU Z 345 -71.57 -83.27 -109.08
N LEU Z 346 -71.54 -83.22 -110.41
CA LEU Z 346 -72.11 -82.06 -111.09
C LEU Z 346 -73.63 -82.03 -110.93
N ASN Z 347 -74.27 -83.20 -110.91
CA ASN Z 347 -75.71 -83.23 -110.66
C ASN Z 347 -76.03 -82.68 -109.29
N ARG Z 348 -75.23 -83.04 -108.29
CA ARG Z 348 -75.42 -82.48 -106.94
C ARG Z 348 -75.27 -80.96 -106.96
N ALA Z 349 -74.26 -80.47 -107.68
CA ALA Z 349 -74.06 -79.02 -107.74
C ALA Z 349 -75.27 -78.32 -108.34
N ASP Z 350 -75.79 -78.83 -109.44
CA ASP Z 350 -76.94 -78.19 -110.07
C ASP Z 350 -78.18 -78.27 -109.17
N THR Z 351 -78.37 -79.41 -108.50
CA THR Z 351 -79.54 -79.53 -107.63
C THR Z 351 -79.47 -78.53 -106.49
N LEU Z 352 -78.29 -78.38 -105.88
CA LEU Z 352 -78.16 -77.40 -104.79
C LEU Z 352 -78.39 -75.98 -105.30
N LYS Z 353 -77.83 -75.65 -106.47
CA LYS Z 353 -78.10 -74.36 -107.06
C LYS Z 353 -79.58 -74.13 -107.23
N SER Z 354 -80.30 -75.13 -107.73
CA SER Z 354 -81.73 -74.99 -107.96
C SER Z 354 -82.49 -74.78 -106.66
N TYR Z 355 -82.13 -75.54 -105.62
CA TYR Z 355 -82.92 -75.45 -104.39
C TYR Z 355 -82.58 -74.21 -103.57
N LEU Z 356 -81.33 -74.09 -103.12
CA LEU Z 356 -80.99 -73.06 -102.14
C LEU Z 356 -80.70 -71.69 -102.74
N GLY Z 357 -80.66 -71.56 -104.06
CA GLY Z 357 -80.23 -70.26 -104.51
C GLY Z 357 -78.73 -70.10 -104.27
N VAL Z 358 -78.34 -68.86 -104.01
CA VAL Z 358 -76.93 -68.52 -103.76
C VAL Z 358 -76.85 -67.74 -102.46
N GLY Z 359 -76.03 -68.23 -101.53
CA GLY Z 359 -75.72 -67.49 -100.33
C GLY Z 359 -76.86 -67.31 -99.35
N VAL Z 360 -77.81 -68.23 -99.32
CA VAL Z 360 -78.95 -68.15 -98.41
C VAL Z 360 -78.90 -69.37 -97.49
N PRO Z 361 -78.34 -69.25 -96.31
CA PRO Z 361 -78.33 -70.40 -95.38
C PRO Z 361 -79.67 -70.56 -94.69
N HIS Z 362 -80.23 -71.75 -94.77
CA HIS Z 362 -81.53 -72.05 -94.20
C HIS Z 362 -81.38 -72.57 -92.78
N PRO Z 363 -82.45 -72.49 -91.98
CA PRO Z 363 -82.40 -73.09 -90.63
C PRO Z 363 -82.17 -74.59 -90.65
N ILE Z 364 -81.97 -75.18 -89.47
CA ILE Z 364 -81.73 -76.61 -89.36
C ILE Z 364 -83.05 -77.33 -89.62
N GLU Z 365 -82.96 -78.58 -90.10
CA GLU Z 365 -84.09 -79.38 -90.59
C GLU Z 365 -85.08 -78.52 -91.37
N SER Z 366 -84.56 -77.61 -92.19
CA SER Z 366 -85.40 -76.69 -92.93
C SER Z 366 -86.32 -77.39 -93.91
N ASN Z 367 -85.77 -78.25 -94.76
CA ASN Z 367 -86.54 -78.84 -95.85
C ASN Z 367 -86.29 -80.35 -95.88
N LEU Z 368 -87.30 -81.06 -96.37
CA LEU Z 368 -87.17 -82.48 -96.65
C LEU Z 368 -87.17 -82.77 -98.14
N GLY Z 369 -86.65 -81.86 -98.96
CA GLY Z 369 -86.51 -82.05 -100.38
C GLY Z 369 -85.10 -82.35 -100.85
N LEU Z 370 -84.20 -82.72 -99.96
CA LEU Z 370 -82.78 -82.84 -100.27
C LEU Z 370 -82.20 -83.99 -99.46
N GLU Z 371 -81.31 -84.78 -100.07
CA GLU Z 371 -80.67 -85.87 -99.33
C GLU Z 371 -79.91 -85.36 -98.12
N GLY Z 372 -79.57 -86.31 -97.26
CA GLY Z 372 -78.54 -86.08 -96.28
C GLY Z 372 -79.01 -86.02 -94.86
N VAL Z 373 -78.57 -86.98 -94.05
CA VAL Z 373 -78.67 -86.84 -92.61
C VAL Z 373 -77.66 -85.81 -92.11
N GLY Z 374 -76.77 -85.34 -92.98
CA GLY Z 374 -75.86 -84.27 -92.63
C GLY Z 374 -76.53 -82.95 -92.37
N GLN Z 375 -77.77 -82.77 -92.85
CA GLN Z 375 -78.46 -81.53 -92.57
C GLN Z 375 -79.12 -81.53 -91.21
N TYR Z 376 -79.03 -82.63 -90.47
CA TYR Z 376 -79.46 -82.66 -89.08
C TYR Z 376 -78.45 -81.99 -88.15
N TYR Z 377 -77.30 -81.56 -88.67
CA TYR Z 377 -76.26 -80.97 -87.85
C TYR Z 377 -75.76 -79.63 -88.37
N VAL Z 378 -76.01 -79.29 -89.63
CA VAL Z 378 -75.50 -78.06 -90.20
C VAL Z 378 -76.62 -77.31 -90.90
N ARG Z 379 -76.34 -76.07 -91.31
CA ARG Z 379 -77.28 -75.29 -92.09
C ARG Z 379 -76.82 -75.28 -93.54
N PRO Z 380 -77.60 -75.84 -94.46
CA PRO Z 380 -77.14 -75.96 -95.85
C PRO Z 380 -76.84 -74.61 -96.48
N TYR Z 381 -75.85 -74.59 -97.37
CA TYR Z 381 -75.31 -73.35 -97.92
C TYR Z 381 -74.51 -73.65 -99.18
N TYR Z 382 -74.80 -72.93 -100.26
CA TYR Z 382 -74.14 -73.14 -101.53
C TYR Z 382 -73.80 -71.79 -102.16
N ASN Z 383 -72.55 -71.63 -102.59
CA ASN Z 383 -72.04 -70.33 -103.03
C ASN Z 383 -71.29 -70.48 -104.35
N GLU Z 384 -71.34 -69.44 -105.17
CA GLU Z 384 -70.68 -69.42 -106.47
C GLU Z 384 -69.78 -68.21 -106.58
N ALA Z 385 -68.75 -68.31 -107.40
CA ALA Z 385 -67.79 -67.23 -107.59
C ALA Z 385 -67.06 -67.40 -108.91
N THR Z 386 -66.54 -66.29 -109.44
CA THR Z 386 -65.80 -66.28 -110.69
C THR Z 386 -64.67 -65.26 -110.60
N ILE Z 387 -63.50 -65.62 -111.09
CA ILE Z 387 -62.33 -64.75 -111.08
C ILE Z 387 -61.87 -64.53 -112.52
N ASP Z 388 -61.98 -63.29 -112.99
CA ASP Z 388 -61.45 -62.92 -114.31
C ASP Z 388 -60.03 -62.44 -114.10
N VAL Z 389 -59.08 -63.34 -114.38
CA VAL Z 389 -57.69 -63.08 -114.02
C VAL Z 389 -57.11 -61.96 -114.87
N LEU Z 390 -57.78 -61.64 -115.99
CA LEU Z 390 -57.27 -60.57 -116.86
C LEU Z 390 -57.34 -59.22 -116.17
N ASN Z 391 -58.48 -58.88 -115.60
CA ASN Z 391 -58.70 -57.57 -115.00
C ASN Z 391 -58.45 -57.55 -113.50
N ASP Z 392 -58.28 -58.70 -112.86
CA ASP Z 392 -58.21 -58.77 -111.41
C ASP Z 392 -56.82 -59.12 -110.89
N LEU Z 393 -55.78 -58.85 -111.66
CA LEU Z 393 -54.41 -59.12 -111.24
C LEU Z 393 -53.60 -57.82 -111.22
N ASN Z 394 -52.92 -57.57 -110.11
CA ASN Z 394 -51.95 -56.49 -110.01
C ASN Z 394 -50.57 -57.02 -110.39
N ASN Z 395 -49.71 -56.15 -110.86
CA ASN Z 395 -48.35 -56.51 -111.21
C ASN Z 395 -47.40 -55.33 -110.99
N LEU Z 396 -46.22 -55.65 -110.50
CA LEU Z 396 -45.13 -54.67 -110.43
C LEU Z 396 -44.04 -54.96 -111.44
N THR Z 397 -43.78 -56.23 -111.76
CA THR Z 397 -42.75 -56.62 -112.70
C THR Z 397 -43.29 -57.74 -113.56
N SER Z 398 -42.47 -58.19 -114.49
CA SER Z 398 -42.77 -59.40 -115.23
C SER Z 398 -42.13 -60.64 -114.61
N ALA Z 399 -41.36 -60.47 -113.54
CA ALA Z 399 -40.61 -61.56 -112.94
C ALA Z 399 -41.37 -62.27 -111.82
N ALA Z 400 -42.55 -61.78 -111.44
CA ALA Z 400 -43.33 -62.38 -110.37
C ALA Z 400 -44.77 -62.69 -110.78
N LYS Z 401 -45.01 -62.95 -112.06
CA LYS Z 401 -46.38 -63.16 -112.53
C LYS Z 401 -47.02 -64.36 -111.86
N GLN Z 402 -46.36 -65.51 -111.90
CA GLN Z 402 -46.97 -66.71 -111.34
C GLN Z 402 -47.20 -66.57 -109.84
N THR Z 403 -46.25 -65.96 -109.14
CA THR Z 403 -46.41 -65.76 -107.70
C THR Z 403 -47.65 -64.93 -107.40
N ASP Z 404 -47.87 -63.86 -108.16
CA ASP Z 404 -48.99 -62.99 -107.89
C ASP Z 404 -50.31 -63.66 -108.27
N ILE Z 405 -50.33 -64.43 -109.35
CA ILE Z 405 -51.49 -65.25 -109.68
C ILE Z 405 -51.81 -66.19 -108.54
N GLN Z 406 -50.77 -66.83 -108.00
CA GLN Z 406 -50.93 -67.78 -106.92
C GLN Z 406 -51.56 -67.12 -105.71
N GLY Z 407 -51.05 -65.95 -105.34
CA GLY Z 407 -51.62 -65.22 -104.22
C GLY Z 407 -53.08 -64.85 -104.45
N LEU Z 408 -53.40 -64.41 -105.67
CA LEU Z 408 -54.79 -64.08 -105.99
C LEU Z 408 -55.70 -65.26 -105.76
N ILE Z 409 -55.36 -66.42 -106.33
CA ILE Z 409 -56.25 -67.57 -106.20
C ILE Z 409 -56.34 -68.03 -104.75
N VAL Z 410 -55.20 -68.06 -104.04
CA VAL Z 410 -55.19 -68.56 -102.68
C VAL Z 410 -56.05 -67.69 -101.77
N SER Z 411 -55.95 -66.36 -101.93
CA SER Z 411 -56.74 -65.49 -101.05
C SER Z 411 -58.24 -65.72 -101.23
N LYS Z 412 -58.69 -65.83 -102.48
CA LYS Z 412 -60.10 -66.08 -102.74
C LYS Z 412 -60.55 -67.41 -102.13
N ILE Z 413 -59.76 -68.47 -102.35
CA ILE Z 413 -60.11 -69.77 -101.76
C ILE Z 413 -60.19 -69.66 -100.25
N ASN Z 414 -59.23 -69.00 -99.64
CA ASN Z 414 -59.18 -68.92 -98.19
C ASN Z 414 -60.38 -68.17 -97.64
N GLU Z 415 -60.74 -67.06 -98.28
CA GLU Z 415 -61.85 -66.26 -97.73
C GLU Z 415 -63.18 -66.98 -97.92
N MET Z 416 -63.35 -67.69 -99.04
CA MET Z 416 -64.57 -68.49 -99.18
C MET Z 416 -64.64 -69.58 -98.13
N VAL Z 417 -63.52 -70.26 -97.85
CA VAL Z 417 -63.54 -71.27 -96.81
C VAL Z 417 -63.94 -70.66 -95.48
N TYR Z 418 -63.36 -69.50 -95.14
CA TYR Z 418 -63.67 -68.89 -93.86
C TYR Z 418 -65.14 -68.51 -93.76
N THR Z 419 -65.69 -67.92 -94.82
CA THR Z 419 -67.08 -67.48 -94.74
C THR Z 419 -68.03 -68.67 -94.69
N ALA Z 420 -67.71 -69.75 -95.39
CA ALA Z 420 -68.54 -70.94 -95.32
C ALA Z 420 -68.53 -71.52 -93.91
N ASP Z 421 -67.33 -71.60 -93.31
CA ASP Z 421 -67.25 -72.10 -91.94
C ASP Z 421 -68.04 -71.22 -90.98
N GLN Z 422 -67.97 -69.90 -91.16
CA GLN Z 422 -68.65 -69.00 -90.25
C GLN Z 422 -70.17 -69.14 -90.38
N LEU Z 423 -70.68 -69.24 -91.60
CA LEU Z 423 -72.12 -69.27 -91.79
C LEU Z 423 -72.72 -70.64 -91.46
N THR Z 424 -72.02 -71.73 -91.72
CA THR Z 424 -72.63 -73.05 -91.58
C THR Z 424 -72.44 -73.67 -90.20
N GLY Z 425 -71.66 -73.04 -89.32
CA GLY Z 425 -71.44 -73.61 -88.00
C GLY Z 425 -70.80 -74.97 -88.02
N TYR Z 426 -69.88 -75.21 -88.96
CA TYR Z 426 -69.32 -76.54 -89.15
C TYR Z 426 -68.52 -77.01 -87.94
N THR Z 427 -67.70 -76.12 -87.38
CA THR Z 427 -66.82 -76.53 -86.28
C THR Z 427 -67.64 -76.90 -85.04
N ALA Z 428 -68.71 -76.16 -84.77
CA ALA Z 428 -69.56 -76.51 -83.63
C ALA Z 428 -70.18 -77.88 -83.82
N ALA Z 429 -70.65 -78.18 -85.03
CA ALA Z 429 -71.21 -79.49 -85.31
C ALA Z 429 -70.16 -80.58 -85.14
N LEU Z 430 -68.93 -80.32 -85.56
CA LEU Z 430 -67.87 -81.30 -85.37
C LEU Z 430 -67.61 -81.55 -83.90
N GLU Z 431 -67.55 -80.48 -83.11
CA GLU Z 431 -67.31 -80.65 -81.68
C GLU Z 431 -68.50 -81.31 -81.00
N ALA Z 432 -69.67 -81.23 -81.62
CA ALA Z 432 -70.86 -81.80 -81.00
C ALA Z 432 -71.03 -83.28 -81.30
N ALA Z 433 -71.05 -83.66 -82.58
CA ALA Z 433 -71.26 -85.05 -82.95
C ALA Z 433 -70.11 -85.92 -82.48
N PHE Z 434 -68.96 -85.33 -82.25
CA PHE Z 434 -67.80 -86.01 -81.69
C PHE Z 434 -67.53 -85.46 -80.30
N SER Z 435 -66.62 -86.10 -79.58
CA SER Z 435 -66.31 -85.71 -78.21
C SER Z 435 -64.80 -85.71 -77.96
N GLY Z 436 -64.33 -84.70 -77.22
CA GLY Z 436 -62.97 -84.68 -76.70
C GLY Z 436 -61.96 -84.05 -77.63
N ARG Z 437 -61.14 -84.89 -78.26
CA ARG Z 437 -60.24 -84.45 -79.33
C ARG Z 437 -61.01 -83.67 -80.39
N SER Z 438 -60.46 -82.55 -80.82
CA SER Z 438 -61.18 -81.55 -81.60
C SER Z 438 -60.69 -81.57 -83.04
N PRO Z 439 -61.52 -82.04 -83.98
CA PRO Z 439 -61.06 -82.15 -85.37
C PRO Z 439 -60.93 -80.80 -86.05
N LYS Z 440 -59.70 -80.46 -86.38
CA LYS Z 440 -59.63 -79.30 -87.26
C LYS Z 440 -60.16 -79.67 -88.64
N PRO Z 441 -61.12 -78.90 -89.15
CA PRO Z 441 -61.82 -79.32 -90.37
C PRO Z 441 -60.88 -79.42 -91.57
N HIS Z 442 -61.10 -80.44 -92.39
CA HIS Z 442 -60.35 -80.64 -93.62
C HIS Z 442 -61.16 -80.08 -94.77
N VAL Z 443 -60.54 -79.27 -95.61
CA VAL Z 443 -61.13 -78.82 -96.86
C VAL Z 443 -60.46 -79.57 -98.00
N ALA Z 444 -61.27 -80.30 -98.78
CA ALA Z 444 -60.76 -81.08 -99.89
C ALA Z 444 -60.89 -80.25 -101.17
N ILE Z 445 -59.93 -80.42 -102.08
CA ILE Z 445 -59.90 -79.68 -103.33
C ILE Z 445 -59.85 -80.69 -104.47
N GLY Z 446 -60.87 -80.68 -105.31
CA GLY Z 446 -60.90 -81.49 -106.52
C GLY Z 446 -60.96 -80.59 -107.74
N THR Z 447 -60.04 -80.84 -108.68
CA THR Z 447 -59.95 -80.02 -109.87
C THR Z 447 -59.18 -80.77 -110.94
N ASP Z 448 -59.21 -80.23 -112.16
CA ASP Z 448 -58.52 -80.86 -113.28
C ASP Z 448 -57.02 -80.63 -113.14
N MET Z 449 -56.25 -80.93 -114.18
CA MET Z 449 -54.80 -80.87 -114.05
C MET Z 449 -54.20 -79.56 -114.53
N ARG Z 450 -54.99 -78.48 -114.61
CA ARG Z 450 -54.43 -77.18 -114.95
C ARG Z 450 -53.97 -76.41 -113.71
N LEU Z 451 -54.89 -76.11 -112.82
CA LEU Z 451 -54.64 -75.22 -111.70
C LEU Z 451 -53.77 -75.79 -110.57
N PRO Z 452 -53.75 -77.10 -110.28
CA PRO Z 452 -52.99 -77.56 -109.11
C PRO Z 452 -51.55 -77.08 -109.07
N GLN Z 453 -50.93 -76.78 -110.21
CA GLN Z 453 -49.63 -76.12 -110.16
C GLN Z 453 -49.76 -74.64 -109.84
N TYR Z 454 -50.88 -74.02 -110.19
CA TYR Z 454 -51.15 -72.64 -109.84
C TYR Z 454 -51.86 -72.49 -108.51
N ILE Z 455 -51.93 -73.57 -107.72
CA ILE Z 455 -52.57 -73.53 -106.42
C ILE Z 455 -51.52 -73.76 -105.34
N GLN Z 456 -50.52 -74.56 -105.66
CA GLN Z 456 -49.46 -74.87 -104.71
C GLN Z 456 -48.60 -73.64 -104.44
N ILE Z 457 -48.09 -73.55 -103.21
CA ILE Z 457 -46.93 -72.73 -102.90
C ILE Z 457 -45.93 -73.65 -102.21
N ASN Z 458 -44.85 -73.98 -102.89
CA ASN Z 458 -43.84 -74.83 -102.28
C ASN Z 458 -43.07 -74.04 -101.23
N GLY Z 459 -43.54 -74.13 -99.99
CA GLY Z 459 -42.97 -73.38 -98.88
C GLY Z 459 -43.94 -72.52 -98.10
N ASP Z 460 -45.24 -72.68 -98.29
CA ASP Z 460 -46.25 -71.93 -97.56
C ASP Z 460 -47.30 -72.88 -97.01
N ASP Z 461 -48.05 -72.39 -96.02
CA ASP Z 461 -49.16 -73.14 -95.42
C ASP Z 461 -50.50 -72.44 -95.62
N ARG Z 462 -50.53 -71.34 -96.39
CA ARG Z 462 -51.76 -70.60 -96.62
C ARG Z 462 -52.56 -71.16 -97.78
N THR Z 463 -52.05 -72.18 -98.48
CA THR Z 463 -52.57 -72.56 -99.78
C THR Z 463 -54.08 -72.72 -99.76
N VAL Z 464 -54.60 -73.31 -98.68
CA VAL Z 464 -56.03 -73.31 -98.43
C VAL Z 464 -56.38 -72.59 -97.13
N GLY Z 465 -55.40 -72.22 -96.32
CA GLY Z 465 -55.66 -71.49 -95.10
C GLY Z 465 -55.02 -72.15 -93.90
N ILE Z 466 -54.56 -71.30 -92.98
CA ILE Z 466 -53.98 -71.79 -91.74
C ILE Z 466 -55.04 -72.51 -90.93
N GLY Z 467 -54.60 -73.50 -90.15
CA GLY Z 467 -55.54 -74.35 -89.43
C GLY Z 467 -56.48 -75.10 -90.33
N TYR Z 468 -56.07 -75.39 -91.56
CA TYR Z 468 -56.89 -76.14 -92.51
C TYR Z 468 -56.01 -77.13 -93.25
N ASP Z 469 -56.45 -78.38 -93.27
CA ASP Z 469 -55.78 -79.40 -94.07
C ASP Z 469 -56.38 -79.46 -95.46
N TYR Z 470 -55.63 -80.01 -96.40
CA TYR Z 470 -56.05 -80.02 -97.78
C TYR Z 470 -55.37 -81.18 -98.50
N THR Z 471 -56.10 -81.79 -99.41
CA THR Z 471 -55.56 -82.81 -100.31
C THR Z 471 -55.95 -82.44 -101.73
N ILE Z 472 -55.01 -82.62 -102.66
CA ILE Z 472 -55.22 -82.23 -104.05
C ILE Z 472 -55.37 -83.49 -104.89
N ALA Z 473 -56.53 -83.64 -105.51
CA ALA Z 473 -56.83 -84.77 -106.38
C ALA Z 473 -56.92 -84.28 -107.81
N ARG Z 474 -56.26 -84.99 -108.72
CA ARG Z 474 -56.09 -84.55 -110.09
C ARG Z 474 -56.92 -85.44 -111.01
N ILE Z 475 -57.72 -84.80 -111.87
CA ILE Z 475 -58.62 -85.53 -112.76
C ILE Z 475 -58.47 -84.96 -114.17
N SER Z 476 -58.86 -85.74 -115.18
CA SER Z 476 -58.64 -85.36 -116.57
C SER Z 476 -59.92 -85.14 -117.37
N ASP Z 477 -61.10 -85.28 -116.77
CA ASP Z 477 -62.33 -85.11 -117.53
C ASP Z 477 -62.45 -83.70 -118.08
N LEU Z 478 -62.90 -83.60 -119.33
CA LEU Z 478 -62.99 -82.29 -119.97
C LEU Z 478 -64.20 -81.49 -119.52
N ARG Z 479 -65.17 -82.11 -118.85
CA ARG Z 479 -66.22 -81.31 -118.25
C ARG Z 479 -65.71 -80.52 -117.04
N MET Z 480 -64.71 -81.04 -116.35
CA MET Z 480 -64.12 -80.35 -115.21
C MET Z 480 -63.03 -79.38 -115.61
N LYS Z 481 -63.06 -78.89 -116.85
CA LYS Z 481 -62.13 -77.86 -117.33
C LYS Z 481 -62.25 -76.61 -116.48
N ASP Z 482 -61.10 -75.99 -116.18
CA ASP Z 482 -60.98 -74.70 -115.50
C ASP Z 482 -61.98 -74.54 -114.36
N LYS Z 483 -62.17 -75.59 -113.56
CA LYS Z 483 -63.12 -75.56 -112.46
C LYS Z 483 -62.48 -76.15 -111.22
N ILE Z 484 -62.91 -75.65 -110.05
CA ILE Z 484 -62.50 -76.20 -108.77
C ILE Z 484 -63.77 -76.45 -107.97
N VAL Z 485 -63.87 -77.65 -107.39
CA VAL Z 485 -65.01 -78.02 -106.56
C VAL Z 485 -64.51 -78.22 -105.14
N MET Z 486 -65.22 -77.64 -104.18
CA MET Z 486 -64.75 -77.56 -102.80
C MET Z 486 -65.82 -78.09 -101.86
N THR Z 487 -65.36 -78.76 -100.79
CA THR Z 487 -66.28 -79.36 -99.83
C THR Z 487 -65.52 -79.70 -98.56
N PHE Z 488 -66.26 -80.16 -97.57
CA PHE Z 488 -65.70 -80.62 -96.30
C PHE Z 488 -65.84 -82.13 -96.19
N ILE Z 489 -64.77 -82.79 -95.76
CA ILE Z 489 -64.74 -84.24 -95.64
C ILE Z 489 -64.01 -84.63 -94.36
N LEU Z 490 -63.93 -85.93 -94.11
CA LEU Z 490 -63.18 -86.48 -92.98
C LEU Z 490 -62.56 -87.80 -93.45
N PRO Z 491 -61.25 -87.96 -93.39
CA PRO Z 491 -60.63 -89.21 -93.83
C PRO Z 491 -60.36 -90.16 -92.68
N ASN Z 492 -60.81 -89.79 -91.48
CA ASN Z 492 -60.51 -90.56 -90.28
C ASN Z 492 -61.53 -91.66 -90.01
N GLU Z 493 -62.60 -91.76 -90.80
CA GLU Z 493 -63.64 -92.74 -90.54
C GLU Z 493 -63.92 -93.52 -91.82
N SER Z 494 -64.27 -94.79 -91.65
CA SER Z 494 -64.58 -95.67 -92.77
C SER Z 494 -66.01 -96.18 -92.72
N GLU Z 495 -66.88 -95.50 -91.99
CA GLU Z 495 -68.28 -95.88 -91.86
C GLU Z 495 -69.15 -94.71 -92.29
N PRO Z 496 -70.37 -94.99 -92.72
CA PRO Z 496 -71.30 -93.90 -93.03
C PRO Z 496 -71.54 -93.03 -91.80
N HIS Z 497 -71.61 -91.72 -92.03
CA HIS Z 497 -71.82 -90.73 -90.98
C HIS Z 497 -72.47 -89.51 -91.59
N PRO Z 498 -73.17 -88.72 -90.79
CA PRO Z 498 -73.76 -87.48 -91.30
C PRO Z 498 -72.69 -86.42 -91.58
N LEU Z 499 -71.42 -86.75 -91.32
CA LEU Z 499 -70.33 -85.81 -91.51
C LEU Z 499 -69.41 -86.20 -92.65
N GLN Z 500 -69.92 -86.93 -93.64
CA GLN Z 500 -69.16 -87.25 -94.84
C GLN Z 500 -69.91 -86.74 -96.06
N HIS Z 501 -69.16 -86.26 -97.05
CA HIS Z 501 -69.81 -85.65 -98.21
C HIS Z 501 -70.63 -86.67 -98.99
N GLY Z 502 -70.11 -87.88 -99.14
CA GLY Z 502 -70.85 -88.90 -99.87
C GLY Z 502 -70.17 -90.24 -99.71
N VAL Z 503 -70.99 -91.29 -99.83
CA VAL Z 503 -70.53 -92.65 -99.65
C VAL Z 503 -70.92 -93.48 -100.86
N LEU Z 504 -69.98 -94.32 -101.30
CA LEU Z 504 -70.16 -95.16 -102.48
C LEU Z 504 -70.55 -96.56 -102.04
N GLY Z 505 -71.85 -96.84 -102.09
CA GLY Z 505 -72.31 -98.21 -101.90
C GLY Z 505 -71.75 -99.07 -103.00
N PHE Z 506 -71.09 -100.17 -102.65
CA PHE Z 506 -70.34 -100.95 -103.62
C PHE Z 506 -70.51 -102.43 -103.35
N ILE Z 507 -71.09 -103.14 -104.30
CA ILE Z 507 -71.28 -104.58 -104.23
C ILE Z 507 -70.42 -105.23 -105.30
N PRO Z 508 -69.41 -106.02 -104.94
CA PRO Z 508 -68.54 -106.62 -105.95
C PRO Z 508 -69.32 -107.56 -106.84
N GLU Z 509 -68.90 -107.66 -108.11
CA GLU Z 509 -69.55 -108.55 -109.06
C GLU Z 509 -68.50 -109.37 -109.79
N TYR Z 510 -68.80 -110.65 -109.99
CA TYR Z 510 -67.89 -111.57 -110.65
C TYR Z 510 -68.45 -111.99 -112.01
N LEU Z 511 -67.54 -112.29 -112.93
CA LEU Z 511 -67.92 -112.61 -114.29
C LEU Z 511 -68.76 -113.88 -114.35
N VAL Z 512 -69.67 -113.93 -115.31
CA VAL Z 512 -70.40 -115.16 -115.64
C VAL Z 512 -70.12 -115.50 -117.09
N ASP Z 513 -69.70 -116.74 -117.33
CA ASP Z 513 -69.33 -117.19 -118.67
C ASP Z 513 -70.32 -118.27 -119.09
N PHE Z 514 -70.92 -118.10 -120.26
CA PHE Z 514 -71.79 -119.12 -120.82
C PHE Z 514 -71.93 -118.90 -122.32
N ASN Z 515 -71.96 -120.00 -123.04
CA ASN Z 515 -72.32 -119.99 -124.45
C ASN Z 515 -73.79 -119.59 -124.58
N MET Z 516 -74.11 -118.80 -125.59
CA MET Z 516 -75.48 -118.35 -125.80
C MET Z 516 -75.76 -118.16 -127.29
N ILE Z 517 -76.93 -118.59 -127.71
CA ILE Z 517 -77.35 -118.50 -129.11
C ILE Z 517 -78.41 -117.42 -129.23
N ARG Z 518 -78.24 -116.52 -130.19
CA ARG Z 518 -79.12 -115.38 -130.37
C ARG Z 518 -79.31 -115.14 -131.86
N ASN Z 519 -80.57 -115.11 -132.30
CA ASN Z 519 -80.92 -114.91 -133.70
C ASN Z 519 -80.21 -115.91 -134.61
N GLN Z 520 -80.07 -117.14 -134.11
CA GLN Z 520 -79.50 -118.26 -134.86
C GLN Z 520 -78.06 -117.97 -135.30
N ARG Z 521 -77.23 -117.56 -134.36
CA ARG Z 521 -75.79 -117.42 -134.54
C ARG Z 521 -75.11 -118.01 -133.31
N ILE Z 522 -73.88 -118.47 -133.47
CA ILE Z 522 -73.15 -119.08 -132.36
C ILE Z 522 -71.99 -118.19 -131.97
N GLY Z 523 -71.96 -117.76 -130.72
CA GLY Z 523 -70.86 -116.98 -130.20
C GLY Z 523 -70.80 -117.00 -128.69
N ARG Z 524 -69.59 -117.12 -128.12
CA ARG Z 524 -69.43 -117.17 -126.69
C ARG Z 524 -69.30 -115.77 -126.12
N GLU Z 525 -69.86 -115.56 -124.92
CA GLU Z 525 -69.96 -114.24 -124.33
C GLU Z 525 -69.50 -114.26 -122.89
N ILE Z 526 -69.14 -113.09 -122.37
CA ILE Z 526 -68.81 -112.90 -120.96
C ILE Z 526 -69.52 -111.64 -120.47
N ARG Z 527 -70.21 -111.76 -119.33
CA ARG Z 527 -70.98 -110.65 -118.76
C ARG Z 527 -70.31 -110.13 -117.51
N LEU Z 528 -70.44 -108.82 -117.29
CA LEU Z 528 -70.00 -108.16 -116.06
C LEU Z 528 -71.06 -107.13 -115.69
N THR Z 529 -71.88 -107.47 -114.70
CA THR Z 529 -73.05 -106.66 -114.35
C THR Z 529 -72.83 -106.01 -113.00
N PRO Z 530 -72.26 -104.82 -112.93
CA PRO Z 530 -71.91 -104.22 -111.64
C PRO Z 530 -73.14 -103.76 -110.85
N ARG Z 531 -72.92 -103.59 -109.55
CA ARG Z 531 -73.95 -103.10 -108.63
C ARG Z 531 -73.32 -102.09 -107.70
N TYR Z 532 -73.86 -100.88 -107.68
CA TYR Z 532 -73.26 -99.79 -106.90
C TYR Z 532 -74.17 -98.57 -107.00
N ARG Z 533 -73.77 -97.50 -106.32
CA ARG Z 533 -74.53 -96.25 -106.28
C ARG Z 533 -73.71 -95.19 -105.57
N TYR Z 534 -73.86 -93.94 -106.01
CA TYR Z 534 -73.27 -92.80 -105.31
C TYR Z 534 -74.33 -92.15 -104.44
N PHE Z 535 -74.00 -91.90 -103.18
CA PHE Z 535 -74.90 -91.25 -102.24
C PHE Z 535 -74.33 -89.90 -101.83
N ASN Z 536 -75.21 -88.98 -101.45
CA ASN Z 536 -74.82 -87.66 -100.99
C ASN Z 536 -75.41 -87.41 -99.61
N PHE Z 537 -74.55 -87.11 -98.63
CA PHE Z 537 -75.02 -86.77 -97.30
C PHE Z 537 -74.92 -85.27 -97.09
N LEU Z 538 -73.72 -84.68 -97.13
CA LEU Z 538 -73.57 -83.32 -96.62
C LEU Z 538 -73.99 -82.30 -97.67
N PRO Z 539 -74.94 -81.42 -97.34
CA PRO Z 539 -75.30 -80.37 -98.30
C PRO Z 539 -74.44 -79.13 -98.17
N ILE Z 540 -73.13 -79.29 -98.28
CA ILE Z 540 -72.18 -78.19 -98.26
C ILE Z 540 -71.24 -78.36 -99.45
N MET Z 541 -71.14 -77.33 -100.28
CA MET Z 541 -70.27 -77.39 -101.45
C MET Z 541 -70.03 -75.99 -101.98
N LEU Z 542 -68.81 -75.74 -102.43
CA LEU Z 542 -68.40 -74.44 -102.96
C LEU Z 542 -67.79 -74.64 -104.33
N VAL Z 543 -68.13 -73.76 -105.28
CA VAL Z 543 -67.68 -73.87 -106.66
C VAL Z 543 -67.12 -72.52 -107.09
N ILE Z 544 -65.98 -72.55 -107.76
CA ILE Z 544 -65.30 -71.36 -108.26
C ILE Z 544 -64.89 -71.60 -109.71
N ASN Z 545 -64.95 -70.55 -110.51
CA ASN Z 545 -64.55 -70.62 -111.92
C ASN Z 545 -63.38 -69.69 -112.17
N VAL Z 546 -62.30 -70.25 -112.69
CA VAL Z 546 -61.10 -69.48 -113.05
C VAL Z 546 -60.91 -69.59 -114.55
N ILE Z 547 -61.07 -68.47 -115.26
CA ILE Z 547 -60.98 -68.46 -116.71
C ILE Z 547 -59.98 -67.41 -117.14
N ASN Z 548 -59.71 -67.38 -118.45
CA ASN Z 548 -58.88 -66.38 -119.09
C ASN Z 548 -57.44 -66.42 -118.61
N LEU Z 549 -56.99 -67.56 -118.06
CA LEU Z 549 -55.66 -67.64 -117.50
C LEU Z 549 -54.59 -67.48 -118.58
N GLU Z 550 -54.97 -67.68 -119.84
CA GLU Z 550 -53.97 -67.71 -120.91
C GLU Z 550 -53.41 -66.33 -121.20
N GLU Z 551 -54.28 -65.40 -121.63
CA GLU Z 551 -53.78 -64.16 -122.19
C GLU Z 551 -53.03 -63.32 -121.16
N ALA Z 552 -53.53 -63.28 -119.92
CA ALA Z 552 -52.93 -62.40 -118.92
C ALA Z 552 -51.47 -62.77 -118.68
N ILE Z 553 -51.18 -64.06 -118.51
CA ILE Z 553 -49.80 -64.48 -118.35
C ILE Z 553 -49.04 -64.34 -119.67
N ALA Z 554 -49.73 -64.49 -120.80
CA ALA Z 554 -49.04 -64.43 -122.08
C ALA Z 554 -48.88 -63.00 -122.60
N GLN Z 555 -49.75 -62.09 -122.18
CA GLN Z 555 -49.82 -60.75 -122.76
C GLN Z 555 -49.60 -59.70 -121.68
N ARG Z 556 -49.07 -58.55 -122.10
CA ARG Z 556 -48.79 -57.43 -121.22
C ARG Z 556 -50.03 -56.97 -120.48
N THR Z 557 -50.05 -57.18 -119.16
CA THR Z 557 -51.16 -56.77 -118.31
C THR Z 557 -50.58 -56.29 -117.00
N ALA Z 558 -50.76 -55.01 -116.69
CA ALA Z 558 -50.01 -54.42 -115.60
C ALA Z 558 -50.70 -53.20 -115.03
N LEU Z 559 -50.62 -53.10 -113.71
CA LEU Z 559 -50.75 -51.86 -112.94
C LEU Z 559 -51.98 -51.05 -113.32
N ASP Z 560 -53.14 -51.57 -112.97
CA ASP Z 560 -54.39 -50.84 -113.21
C ASP Z 560 -54.42 -49.60 -112.34
N VAL Z 561 -53.79 -48.53 -112.82
CA VAL Z 561 -53.75 -47.26 -112.10
C VAL Z 561 -55.10 -46.59 -112.25
N ASN Z 562 -55.89 -46.65 -111.19
CA ASN Z 562 -57.14 -45.91 -111.15
C ASN Z 562 -56.81 -44.43 -110.96
N GLU Z 563 -57.32 -43.58 -111.85
CA GLU Z 563 -57.39 -42.16 -111.53
C GLU Z 563 -58.22 -42.01 -110.27
N THR Z 564 -57.94 -41.00 -109.47
CA THR Z 564 -58.91 -40.59 -108.46
C THR Z 564 -59.14 -39.09 -108.58
N GLN Z 565 -59.96 -38.71 -109.55
CA GLN Z 565 -60.63 -37.42 -109.65
C GLN Z 565 -59.84 -36.26 -109.06
N VAL Z 566 -58.61 -36.05 -109.51
CA VAL Z 566 -57.97 -34.78 -109.16
C VAL Z 566 -57.49 -34.10 -110.45
N THR Z 567 -58.46 -33.49 -111.11
CA THR Z 567 -58.53 -32.53 -112.19
C THR Z 567 -60.00 -32.13 -112.26
N PRO Z 568 -60.31 -30.85 -112.47
CA PRO Z 568 -61.68 -30.39 -112.22
C PRO Z 568 -62.70 -31.21 -112.99
N ALA Z 569 -63.42 -32.06 -112.25
CA ALA Z 569 -64.52 -32.86 -112.78
C ALA Z 569 -65.63 -33.01 -111.76
N SER Z 570 -65.52 -32.26 -110.66
CA SER Z 570 -66.45 -32.40 -109.53
C SER Z 570 -66.26 -31.26 -108.54
N HIS AA 1 3.24 -50.54 -119.17
CA HIS AA 1 1.89 -50.24 -118.69
C HIS AA 1 0.94 -51.40 -118.99
N GLU AA 2 -0.14 -51.49 -118.21
CA GLU AA 2 -1.04 -52.63 -118.35
C GLU AA 2 -1.76 -52.62 -119.69
N PHE AA 3 -2.07 -51.42 -120.21
CA PHE AA 3 -3.00 -51.33 -121.33
C PHE AA 3 -2.41 -51.91 -122.61
N ALA AA 4 -1.34 -51.32 -123.11
CA ALA AA 4 -0.79 -51.75 -124.39
C ALA AA 4 -0.37 -53.21 -124.34
N GLU AA 5 0.08 -53.68 -123.18
CA GLU AA 5 0.45 -55.08 -123.05
C GLU AA 5 -0.78 -55.98 -123.12
N LEU AA 6 -1.94 -55.46 -122.71
CA LEU AA 6 -3.13 -56.29 -122.65
C LEU AA 6 -3.66 -56.60 -124.05
N PHE AA 7 -3.77 -55.59 -124.91
CA PHE AA 7 -4.24 -55.81 -126.27
C PHE AA 7 -3.19 -56.44 -127.18
N TYR AA 8 -1.92 -56.06 -127.03
CA TYR AA 8 -0.89 -56.47 -127.96
C TYR AA 8 0.13 -57.31 -127.20
N ARG AA 9 0.33 -58.54 -127.64
CA ARG AA 9 1.21 -59.46 -126.95
C ARG AA 9 2.67 -59.15 -127.27
N THR AA 10 3.52 -59.27 -126.26
CA THR AA 10 4.95 -59.02 -126.42
C THR AA 10 5.61 -60.25 -127.03
N TYR AA 11 6.15 -60.10 -128.24
CA TYR AA 11 6.85 -61.17 -128.92
C TYR AA 11 8.31 -60.76 -129.10
N ILE AA 12 9.21 -61.59 -128.58
CA ILE AA 12 10.64 -61.30 -128.65
C ILE AA 12 11.22 -61.95 -129.89
N VAL AA 13 12.06 -61.20 -130.61
CA VAL AA 13 12.78 -61.72 -131.77
C VAL AA 13 14.25 -61.39 -131.57
N THR AA 14 15.11 -62.39 -131.75
CA THR AA 14 16.53 -62.17 -131.62
C THR AA 14 16.98 -61.13 -132.63
N PRO AA 15 17.95 -60.28 -132.29
CA PRO AA 15 18.33 -59.18 -133.20
C PRO AA 15 19.19 -59.66 -134.36
N ASP AA 16 18.65 -60.58 -135.16
CA ASP AA 16 19.31 -61.04 -136.36
C ASP AA 16 18.34 -61.22 -137.52
N GLN AA 17 17.04 -61.08 -137.25
CA GLN AA 17 16.02 -61.15 -138.28
C GLN AA 17 15.24 -59.84 -138.32
N ALA AA 18 14.81 -59.48 -139.52
CA ALA AA 18 14.11 -58.23 -139.76
C ALA AA 18 12.60 -58.35 -139.57
N GLY AA 19 12.12 -59.51 -139.13
CA GLY AA 19 10.70 -59.68 -138.89
C GLY AA 19 10.34 -61.14 -138.83
N PHE AA 20 9.04 -61.42 -138.93
CA PHE AA 20 8.55 -62.79 -138.91
C PHE AA 20 7.45 -62.94 -139.96
N GLN AA 21 7.46 -64.09 -140.62
CA GLN AA 21 6.50 -64.41 -141.67
C GLN AA 21 5.63 -65.58 -141.22
N LEU AA 22 4.38 -65.59 -141.66
CA LEU AA 22 3.38 -66.54 -141.20
C LEU AA 22 2.85 -67.34 -142.39
N SER AA 23 2.73 -68.65 -142.20
CA SER AA 23 2.16 -69.53 -143.19
C SER AA 23 0.80 -70.04 -142.70
N ILE AA 24 -0.24 -69.80 -143.49
CA ILE AA 24 -1.59 -70.16 -143.12
C ILE AA 24 -2.06 -71.30 -144.02
N ARG AA 25 -2.80 -72.24 -143.44
CA ARG AA 25 -3.30 -73.43 -144.13
C ARG AA 25 -4.81 -73.49 -144.03
N ARG AA 26 -5.48 -73.68 -145.16
CA ARG AA 26 -6.94 -73.65 -145.22
C ARG AA 26 -7.44 -74.81 -146.07
N ASN AA 27 -8.61 -75.35 -145.71
CA ASN AA 27 -9.28 -76.38 -146.49
C ASN AA 27 -10.37 -75.74 -147.33
N LEU AA 28 -10.36 -76.04 -148.62
CA LEU AA 28 -11.28 -75.41 -149.56
C LEU AA 28 -12.13 -76.48 -150.25
N VAL AA 29 -13.38 -76.14 -150.51
CA VAL AA 29 -14.32 -77.01 -151.20
C VAL AA 29 -14.87 -76.26 -152.40
N TRP AA 30 -14.89 -76.91 -153.56
CA TRP AA 30 -15.23 -76.24 -154.79
C TRP AA 30 -15.41 -77.28 -155.88
N GLU AA 31 -15.66 -76.80 -157.09
CA GLU AA 31 -15.81 -77.64 -158.27
C GLU AA 31 -14.83 -77.21 -159.35
N GLY AA 32 -14.07 -78.17 -159.88
CA GLY AA 32 -12.95 -77.91 -160.75
C GLY AA 32 -13.17 -77.09 -162.00
N TRP AA 33 -12.07 -76.76 -162.67
CA TRP AA 33 -12.10 -76.00 -163.92
C TRP AA 33 -12.88 -76.79 -164.96
N THR AA 34 -13.68 -76.09 -165.78
CA THR AA 34 -14.34 -76.75 -166.90
C THR AA 34 -13.81 -76.24 -168.22
N GLY AA 35 -13.51 -74.95 -168.30
CA GLY AA 35 -13.02 -74.37 -169.53
C GLY AA 35 -14.12 -74.16 -170.54
N GLU AA 36 -13.96 -73.16 -171.41
CA GLU AA 36 -14.96 -72.86 -172.43
C GLU AA 36 -14.27 -72.31 -173.66
N GLY AA 37 -14.59 -72.88 -174.82
CA GLY AA 37 -14.17 -72.41 -176.13
C GLY AA 37 -12.68 -72.15 -176.23
N LEU AA 38 -12.35 -71.15 -177.04
CA LEU AA 38 -10.97 -70.68 -177.22
C LEU AA 38 -11.02 -69.16 -177.25
N SER AA 39 -10.86 -68.54 -176.08
CA SER AA 39 -11.00 -67.10 -175.94
C SER AA 39 -10.01 -66.59 -174.90
N GLY AA 40 -9.90 -65.26 -174.83
CA GLY AA 40 -8.96 -64.63 -173.94
C GLY AA 40 -9.44 -64.57 -172.51
N GLU AA 41 -9.23 -63.44 -171.85
CA GLU AA 41 -9.43 -63.27 -170.40
C GLU AA 41 -8.57 -64.34 -169.70
N LYS AA 42 -8.81 -64.60 -168.42
CA LYS AA 42 -8.09 -65.65 -167.69
C LYS AA 42 -9.05 -66.49 -166.85
N GLN AA 43 -10.29 -66.02 -166.71
CA GLN AA 43 -11.36 -66.76 -166.04
C GLN AA 43 -11.13 -66.83 -164.53
N GLU AA 44 -12.06 -66.30 -163.75
CA GLU AA 44 -11.96 -66.31 -162.30
C GLU AA 44 -12.77 -67.47 -161.74
N ILE AA 45 -12.17 -68.21 -160.81
CA ILE AA 45 -12.78 -69.39 -160.21
C ILE AA 45 -12.92 -69.16 -158.72
N SER AA 46 -14.10 -69.44 -158.17
CA SER AA 46 -14.37 -69.16 -156.78
C SER AA 46 -14.32 -70.43 -155.94
N LYS AA 47 -13.83 -70.29 -154.70
CA LYS AA 47 -13.81 -71.36 -153.74
C LYS AA 47 -14.30 -70.84 -152.39
N ARG AA 48 -15.16 -71.62 -151.74
CA ARG AA 48 -15.76 -71.22 -150.47
C ARG AA 48 -15.13 -72.03 -149.34
N ASN AA 49 -14.74 -71.34 -148.27
CA ASN AA 49 -14.13 -72.02 -147.14
C ASN AA 49 -15.16 -72.91 -146.45
N ILE AA 50 -14.70 -74.02 -145.89
CA ILE AA 50 -15.61 -75.00 -145.30
C ILE AA 50 -16.26 -74.46 -144.03
N LEU AA 51 -15.52 -73.69 -143.24
CA LEU AA 51 -16.11 -73.13 -142.02
C LEU AA 51 -17.19 -72.10 -142.32
N GLN AA 52 -17.29 -71.63 -143.57
CA GLN AA 52 -18.48 -70.87 -143.96
C GLN AA 52 -19.71 -71.75 -143.95
N GLY AA 53 -19.57 -73.01 -144.36
CA GLY AA 53 -20.66 -73.95 -144.22
C GLY AA 53 -21.00 -74.27 -142.77
N LEU AA 54 -20.08 -74.01 -141.86
CA LEU AA 54 -20.33 -74.22 -140.43
C LEU AA 54 -21.43 -73.30 -139.92
N LEU AA 55 -21.79 -72.26 -140.67
CA LEU AA 55 -22.86 -71.34 -140.29
C LEU AA 55 -24.00 -71.28 -141.27
N ASP AA 56 -23.77 -71.50 -142.56
CA ASP AA 56 -24.77 -71.35 -143.59
C ASP AA 56 -25.25 -72.74 -144.04
N TYR AA 57 -26.06 -72.77 -145.08
CA TYR AA 57 -26.73 -74.00 -145.49
C TYR AA 57 -26.33 -74.52 -146.86
N THR AA 58 -25.93 -73.67 -147.80
CA THR AA 58 -25.74 -74.10 -149.18
C THR AA 58 -24.29 -74.40 -149.53
N THR AA 59 -23.43 -74.61 -148.54
CA THR AA 59 -22.00 -74.73 -148.83
C THR AA 59 -21.61 -76.18 -149.08
N LEU AA 60 -22.06 -77.09 -148.22
CA LEU AA 60 -21.69 -78.50 -148.32
C LEU AA 60 -22.87 -79.39 -148.70
N GLU AA 61 -23.80 -78.86 -149.47
CA GLU AA 61 -24.96 -79.62 -149.91
C GLU AA 61 -24.91 -79.79 -151.42
N THR AA 62 -25.41 -80.93 -151.91
CA THR AA 62 -25.41 -81.20 -153.34
C THR AA 62 -26.63 -82.01 -153.73
N ASN AA 63 -27.25 -81.63 -154.85
CA ASN AA 63 -28.24 -82.45 -155.52
C ASN AA 63 -27.84 -82.57 -156.99
N SER AA 64 -26.94 -83.49 -157.27
CA SER AA 64 -26.57 -83.79 -158.64
C SER AA 64 -26.95 -85.20 -159.05
N THR AA 65 -27.67 -85.94 -158.21
CA THR AA 65 -28.07 -87.30 -158.48
C THR AA 65 -29.57 -87.44 -158.71
N GLU AA 66 -30.38 -86.55 -158.15
CA GLU AA 66 -31.82 -86.61 -158.30
C GLU AA 66 -32.21 -86.55 -159.77
N LEU AA 67 -33.19 -87.35 -160.15
CA LEU AA 67 -33.66 -87.40 -161.53
C LEU AA 67 -34.90 -86.51 -161.66
N ILE AA 68 -34.68 -85.21 -161.70
CA ILE AA 68 -35.76 -84.23 -161.81
C ILE AA 68 -36.07 -84.02 -163.30
N PRO AA 69 -37.33 -84.01 -163.69
CA PRO AA 69 -37.66 -83.91 -165.13
C PRO AA 69 -37.15 -82.66 -165.80
N VAL AA 70 -36.74 -82.78 -167.06
CA VAL AA 70 -36.27 -81.67 -167.87
C VAL AA 70 -37.12 -81.62 -169.13
N ILE AA 71 -37.61 -80.44 -169.47
CA ILE AA 71 -38.54 -80.27 -170.59
C ILE AA 71 -37.76 -79.81 -171.81
N GLN AA 72 -38.05 -80.44 -172.95
CA GLN AA 72 -37.53 -80.01 -174.24
C GLN AA 72 -38.69 -79.61 -175.14
N SER AA 73 -38.80 -78.31 -175.42
CA SER AA 73 -39.96 -77.79 -176.12
C SER AA 73 -40.04 -78.37 -177.53
N GLY AA 74 -41.24 -78.76 -177.93
CA GLY AA 74 -41.44 -79.32 -179.25
C GLY AA 74 -41.10 -80.79 -179.38
N GLU AA 75 -40.65 -81.43 -178.31
CA GLU AA 75 -40.34 -82.86 -178.36
C GLU AA 75 -41.07 -83.69 -177.33
N ASN AA 76 -41.33 -83.18 -176.13
CA ASN AA 76 -41.98 -83.96 -175.10
C ASN AA 76 -43.02 -83.15 -174.34
N ASP AA 77 -43.52 -82.09 -174.99
CA ASP AA 77 -44.44 -81.18 -174.32
C ASP AA 77 -45.78 -81.85 -174.02
N GLU AA 78 -46.04 -83.01 -174.61
CA GLU AA 78 -47.26 -83.74 -174.32
C GLU AA 78 -47.19 -84.53 -173.04
N GLN AA 79 -46.00 -84.75 -172.49
CA GLN AA 79 -45.85 -85.53 -171.26
C GLN AA 79 -45.98 -84.70 -169.99
N PHE AA 80 -46.14 -83.39 -170.11
CA PHE AA 80 -46.27 -82.51 -168.97
C PHE AA 80 -47.63 -81.81 -169.01
N ILE AA 81 -48.07 -81.32 -167.85
CA ILE AA 81 -49.35 -80.63 -167.76
C ILE AA 81 -49.30 -79.43 -168.70
N ASP AA 82 -50.47 -79.01 -169.18
CA ASP AA 82 -50.51 -77.96 -170.18
C ASP AA 82 -49.93 -76.68 -169.61
N PRO AA 83 -48.90 -76.11 -170.26
CA PRO AA 83 -48.19 -74.98 -169.66
C PRO AA 83 -48.99 -73.69 -169.69
N SER AA 84 -50.19 -73.72 -170.28
CA SER AA 84 -51.09 -72.59 -170.23
C SER AA 84 -51.96 -72.60 -168.98
N VAL AA 85 -51.82 -73.61 -168.13
CA VAL AA 85 -52.48 -73.67 -166.84
C VAL AA 85 -51.52 -73.30 -165.72
N LEU AA 86 -50.27 -73.72 -165.82
CA LEU AA 86 -49.22 -73.33 -164.88
C LEU AA 86 -47.87 -73.20 -165.60
N PRO AA 87 -47.23 -72.03 -165.51
CA PRO AA 87 -45.93 -71.86 -166.14
C PRO AA 87 -44.85 -72.74 -165.53
N ALA AA 88 -43.87 -73.14 -166.33
CA ALA AA 88 -42.76 -73.93 -165.82
C ALA AA 88 -41.85 -73.08 -164.95
N GLN AA 89 -41.19 -73.74 -163.99
CA GLN AA 89 -40.31 -73.07 -163.05
C GLN AA 89 -38.86 -73.31 -163.45
N THR AA 90 -37.95 -72.54 -162.86
CA THR AA 90 -36.52 -72.68 -163.09
C THR AA 90 -35.86 -73.30 -161.87
N VAL AA 91 -35.12 -74.38 -162.07
CA VAL AA 91 -34.45 -75.07 -160.99
C VAL AA 91 -32.95 -75.13 -161.26
N LYS AA 92 -32.18 -75.28 -160.19
CA LYS AA 92 -30.72 -75.23 -160.23
C LYS AA 92 -30.15 -76.52 -159.67
N GLN AA 93 -29.15 -77.08 -160.36
CA GLN AA 93 -28.30 -78.14 -159.82
C GLN AA 93 -27.03 -78.17 -160.65
N GLY AA 94 -25.88 -78.18 -160.00
CA GLY AA 94 -24.65 -78.11 -160.76
C GLY AA 94 -24.60 -76.86 -161.60
N LYS AA 95 -24.30 -77.02 -162.88
CA LYS AA 95 -24.12 -75.88 -163.77
C LYS AA 95 -25.11 -75.87 -164.94
N ASP AA 96 -26.28 -76.48 -164.79
CA ASP AA 96 -27.25 -76.55 -165.89
C ASP AA 96 -28.45 -75.66 -165.58
N THR AA 97 -29.00 -75.06 -166.61
CA THR AA 97 -30.20 -74.24 -166.50
C THR AA 97 -31.30 -74.86 -167.36
N PHE AA 98 -32.42 -75.20 -166.73
CA PHE AA 98 -33.50 -75.86 -167.43
C PHE AA 98 -34.79 -75.68 -166.64
N ASP AA 99 -35.90 -75.91 -167.33
CA ASP AA 99 -37.22 -75.71 -166.76
C ASP AA 99 -37.86 -77.04 -166.39
N THR AA 100 -38.73 -77.02 -165.39
CA THR AA 100 -39.43 -78.22 -164.94
C THR AA 100 -40.89 -77.88 -164.67
N ASN AA 101 -41.71 -78.91 -164.60
CA ASN AA 101 -43.14 -78.73 -164.40
C ASN AA 101 -43.73 -80.05 -163.90
N PHE AA 102 -44.93 -79.96 -163.34
CA PHE AA 102 -45.62 -81.16 -162.84
C PHE AA 102 -45.98 -82.07 -164.00
N LEU AA 103 -45.81 -83.38 -163.79
CA LEU AA 103 -46.14 -84.35 -164.81
C LEU AA 103 -47.65 -84.54 -164.92
N LYS AA 104 -48.14 -84.69 -166.14
CA LYS AA 104 -49.56 -84.91 -166.38
C LYS AA 104 -49.98 -86.29 -165.93
N PHE AA 105 -51.17 -86.38 -165.34
CA PHE AA 105 -51.76 -87.67 -164.98
C PHE AA 105 -52.06 -88.45 -166.23
N SER AA 106 -51.98 -89.77 -166.13
CA SER AA 106 -52.08 -90.65 -167.29
C SER AA 106 -53.27 -91.59 -167.13
N GLU AA 107 -54.15 -91.59 -168.13
CA GLU AA 107 -55.22 -92.58 -168.22
C GLU AA 107 -54.73 -93.77 -169.02
N ASN AA 108 -55.65 -94.66 -169.39
CA ASN AA 108 -55.28 -95.78 -170.24
C ASN AA 108 -54.60 -95.28 -171.51
N GLY AA 109 -53.31 -95.58 -171.63
CA GLY AA 109 -52.53 -95.10 -172.75
C GLY AA 109 -51.04 -95.04 -172.47
N GLU AA 110 -50.34 -94.19 -173.21
CA GLU AA 110 -48.89 -94.14 -173.11
C GLU AA 110 -48.45 -93.72 -171.71
N GLY AA 111 -47.48 -94.45 -171.18
CA GLY AA 111 -46.88 -94.08 -169.91
C GLY AA 111 -45.69 -93.17 -170.11
N PHE AA 112 -44.88 -93.00 -169.07
CA PHE AA 112 -43.69 -92.17 -169.14
C PHE AA 112 -42.46 -93.00 -168.83
N ASN AA 113 -41.42 -92.83 -169.65
CA ASN AA 113 -40.13 -93.49 -169.45
C ASN AA 113 -39.22 -92.50 -168.75
N LEU AA 114 -39.12 -92.64 -167.42
CA LEU AA 114 -38.49 -91.59 -166.61
C LEU AA 114 -37.02 -91.41 -166.95
N LEU AA 115 -36.28 -92.52 -167.09
CA LEU AA 115 -34.83 -92.43 -167.23
C LEU AA 115 -34.45 -91.76 -168.54
N MET AA 116 -35.36 -91.73 -169.51
CA MET AA 116 -35.13 -91.02 -170.76
C MET AA 116 -35.83 -89.67 -170.77
N LEU AA 117 -36.37 -89.25 -169.63
CA LEU AA 117 -37.05 -87.96 -169.52
C LEU AA 117 -36.38 -87.14 -168.42
N ALA AA 118 -35.20 -87.58 -167.99
CA ALA AA 118 -34.51 -86.90 -166.90
C ALA AA 118 -33.06 -86.62 -167.27
N GLN AA 119 -32.75 -86.62 -168.56
CA GLN AA 119 -31.39 -86.38 -169.01
C GLN AA 119 -31.09 -84.89 -168.95
N THR AA 120 -30.29 -84.49 -167.97
CA THR AA 120 -29.80 -83.13 -167.91
C THR AA 120 -28.74 -82.93 -168.98
N PRO AA 121 -28.52 -81.68 -169.40
CA PRO AA 121 -27.46 -81.43 -170.39
C PRO AA 121 -26.10 -81.95 -169.97
N SER AA 122 -25.79 -81.86 -168.67
CA SER AA 122 -24.51 -82.37 -168.18
C SER AA 122 -24.40 -83.87 -168.43
N ARG AA 123 -25.46 -84.62 -168.17
CA ARG AA 123 -25.44 -86.04 -168.53
C ARG AA 123 -25.43 -86.22 -170.04
N LEU AA 124 -26.21 -85.40 -170.76
CA LEU AA 124 -26.37 -85.58 -172.20
C LEU AA 124 -25.05 -85.47 -172.93
N LYS AA 125 -24.17 -84.58 -172.49
CA LYS AA 125 -22.89 -84.45 -173.18
C LYS AA 125 -21.97 -85.63 -172.90
N LYS AA 126 -22.36 -86.53 -172.00
CA LYS AA 126 -21.60 -87.73 -171.72
C LYS AA 126 -22.18 -89.00 -172.35
N GLY AA 127 -23.15 -88.87 -173.25
CA GLY AA 127 -23.67 -90.03 -173.95
C GLY AA 127 -25.01 -90.49 -173.42
N SER AA 128 -25.71 -91.26 -174.26
CA SER AA 128 -27.05 -91.76 -173.95
C SER AA 128 -27.07 -92.57 -172.67
N MET AA 129 -28.25 -92.71 -172.06
CA MET AA 129 -28.37 -93.50 -170.85
C MET AA 129 -28.04 -94.96 -171.15
N THR AA 130 -27.36 -95.61 -170.20
CA THR AA 130 -26.74 -96.90 -170.40
C THR AA 130 -27.45 -97.95 -169.54
N PHE AA 131 -27.36 -99.21 -169.98
CA PHE AA 131 -28.06 -100.31 -169.32
C PHE AA 131 -27.68 -100.47 -167.85
N THR AA 132 -26.47 -100.08 -167.46
CA THR AA 132 -26.01 -100.25 -166.09
C THR AA 132 -26.37 -99.09 -165.18
N ASP AA 133 -27.39 -98.32 -165.51
CA ASP AA 133 -27.90 -97.26 -164.64
C ASP AA 133 -29.25 -97.70 -164.09
N SER AA 134 -29.40 -97.62 -162.77
CA SER AA 134 -30.58 -98.14 -162.10
C SER AA 134 -31.17 -97.08 -161.18
N LEU AA 135 -32.47 -97.19 -160.95
CA LEU AA 135 -33.17 -96.26 -160.07
C LEU AA 135 -32.78 -96.50 -158.63
N ASP AA 136 -33.08 -95.52 -157.77
CA ASP AA 136 -32.76 -95.62 -156.35
C ASP AA 136 -33.63 -96.64 -155.65
N SER AA 137 -33.24 -97.07 -154.46
CA SER AA 137 -34.02 -98.04 -153.71
C SER AA 137 -35.33 -97.47 -153.18
N ARG AA 138 -35.52 -96.16 -153.24
CA ARG AA 138 -36.73 -95.50 -152.77
C ARG AA 138 -37.28 -94.61 -153.86
N ILE AA 139 -38.61 -94.62 -154.03
CA ILE AA 139 -39.30 -93.70 -154.91
C ILE AA 139 -40.50 -93.16 -154.15
N ALA AA 140 -40.72 -91.85 -154.23
CA ALA AA 140 -41.78 -91.23 -153.45
C ALA AA 140 -42.39 -90.07 -154.22
N LEU AA 141 -43.62 -89.72 -153.84
CA LEU AA 141 -44.29 -88.54 -154.38
C LEU AA 141 -43.76 -87.29 -153.69
N LYS AA 142 -43.53 -86.23 -154.46
CA LYS AA 142 -43.18 -84.95 -153.85
C LYS AA 142 -44.39 -84.04 -153.66
N GLN AA 143 -45.05 -83.66 -154.74
CA GLN AA 143 -46.18 -82.74 -154.68
C GLN AA 143 -47.36 -83.32 -155.43
N LEU AA 144 -48.56 -82.93 -155.01
CA LEU AA 144 -49.80 -83.24 -155.71
C LEU AA 144 -50.56 -81.95 -155.91
N LEU AA 145 -50.99 -81.69 -157.15
CA LEU AA 145 -51.61 -80.44 -157.51
C LEU AA 145 -53.11 -80.61 -157.61
N ILE AA 146 -53.85 -79.83 -156.83
CA ILE AA 146 -55.31 -79.90 -156.79
C ILE AA 146 -55.87 -78.56 -157.21
N SER AA 147 -56.76 -78.60 -158.20
CA SER AA 147 -57.40 -77.41 -158.73
C SER AA 147 -58.76 -77.23 -158.05
N VAL AA 148 -58.87 -76.20 -157.22
CA VAL AA 148 -60.12 -75.84 -156.58
C VAL AA 148 -60.81 -74.84 -157.50
N THR AA 149 -62.03 -75.18 -157.92
CA THR AA 149 -62.71 -74.44 -158.98
C THR AA 149 -64.06 -73.96 -158.48
N LYS AA 150 -64.37 -72.69 -158.73
CA LYS AA 150 -65.68 -72.10 -158.45
C LYS AA 150 -66.08 -71.20 -159.62
N GLY AA 151 -66.94 -71.72 -160.49
CA GLY AA 151 -67.43 -70.93 -161.60
C GLY AA 151 -66.39 -70.49 -162.60
N GLY AA 152 -65.42 -71.35 -162.90
CA GLY AA 152 -64.39 -71.05 -163.86
C GLY AA 152 -63.12 -70.48 -163.28
N THR AA 153 -63.13 -70.05 -162.02
CA THR AA 153 -61.94 -69.52 -161.37
C THR AA 153 -61.10 -70.67 -160.84
N THR AA 154 -59.81 -70.66 -161.19
CA THR AA 154 -58.91 -71.75 -160.86
C THR AA 154 -57.81 -71.25 -159.93
N GLU AA 155 -57.69 -71.88 -158.77
CA GLU AA 155 -56.60 -71.64 -157.84
C GLU AA 155 -55.87 -72.95 -157.57
N LEU AA 156 -54.54 -72.89 -157.59
CA LEU AA 156 -53.70 -74.07 -157.47
C LEU AA 156 -53.17 -74.20 -156.05
N PHE AA 157 -53.25 -75.41 -155.51
CA PHE AA 157 -52.76 -75.70 -154.17
C PHE AA 157 -51.63 -76.70 -154.25
N ALA AA 158 -50.47 -76.34 -153.72
CA ALA AA 158 -49.31 -77.22 -153.68
C ALA AA 158 -49.25 -77.85 -152.29
N LEU AA 159 -49.89 -79.00 -152.14
CA LEU AA 159 -49.90 -79.73 -150.88
C LEU AA 159 -48.68 -80.64 -150.81
N ASP AA 160 -47.85 -80.44 -149.79
CA ASP AA 160 -46.64 -81.24 -149.64
C ASP AA 160 -47.04 -82.65 -149.24
N VAL AA 161 -47.23 -83.50 -150.24
CA VAL AA 161 -47.60 -84.89 -150.02
C VAL AA 161 -46.41 -85.75 -149.63
N ASN AA 162 -45.20 -85.32 -149.94
CA ASN AA 162 -44.00 -86.10 -149.63
C ASN AA 162 -43.93 -86.33 -148.13
N ARG AA 163 -43.40 -87.49 -147.74
CA ARG AA 163 -43.33 -87.87 -146.34
C ARG AA 163 -44.71 -87.92 -145.71
N ASP AA 164 -45.52 -88.87 -146.16
CA ASP AA 164 -46.78 -89.24 -145.52
C ASP AA 164 -46.83 -90.76 -145.32
N GLN AA 165 -48.02 -91.25 -144.97
CA GLN AA 165 -48.16 -92.65 -144.60
C GLN AA 165 -47.85 -93.58 -145.78
N TYR AA 166 -48.39 -93.28 -146.96
CA TYR AA 166 -48.29 -94.17 -148.09
C TYR AA 166 -47.65 -93.50 -149.31
N ALA AA 167 -46.63 -92.67 -149.09
CA ALA AA 167 -46.00 -91.97 -150.20
C ALA AA 167 -44.82 -92.74 -150.80
N ALA AA 168 -44.49 -93.91 -150.28
CA ALA AA 168 -43.32 -94.66 -150.71
C ALA AA 168 -43.74 -95.95 -151.42
N TYR AA 169 -43.24 -96.12 -152.64
CA TYR AA 169 -43.52 -97.33 -153.40
C TYR AA 169 -42.93 -98.55 -152.70
N THR AA 170 -43.58 -99.69 -152.84
CA THR AA 170 -43.12 -100.93 -152.23
C THR AA 170 -43.12 -102.06 -153.25
N ALA AA 171 -42.40 -103.13 -152.91
CA ALA AA 171 -42.27 -104.27 -153.82
C ALA AA 171 -43.52 -105.15 -153.76
N THR AA 172 -43.76 -105.87 -154.85
CA THR AA 172 -44.88 -106.80 -154.93
C THR AA 172 -44.40 -108.14 -155.45
N ARG AA 173 -45.09 -109.20 -155.05
CA ARG AA 173 -44.72 -110.55 -155.44
C ARG AA 173 -45.14 -110.91 -156.86
N GLU AA 174 -46.00 -110.10 -157.48
CA GLU AA 174 -46.65 -110.48 -158.71
C GLU AA 174 -46.08 -109.73 -159.91
N TYR AA 175 -46.12 -110.38 -161.07
CA TYR AA 175 -45.84 -109.81 -162.38
C TYR AA 175 -44.36 -109.56 -162.60
N ASN AA 176 -43.55 -109.64 -161.54
CA ASN AA 176 -42.10 -109.52 -161.61
C ASN AA 176 -41.56 -109.49 -160.19
N PHE AA 177 -40.24 -109.49 -160.07
CA PHE AA 177 -39.57 -109.26 -158.79
C PHE AA 177 -38.80 -107.95 -158.76
N ARG AA 178 -38.98 -107.08 -159.75
CA ARG AA 178 -38.33 -105.77 -159.77
C ARG AA 178 -39.34 -104.64 -159.93
N LEU AA 179 -40.57 -104.82 -159.47
CA LEU AA 179 -41.63 -103.85 -159.70
C LEU AA 179 -42.01 -103.18 -158.39
N MET AA 180 -42.15 -101.86 -158.40
CA MET AA 180 -42.52 -101.10 -157.21
C MET AA 180 -43.94 -100.58 -157.35
N GLN AA 181 -44.74 -100.78 -156.30
CA GLN AA 181 -46.18 -100.51 -156.34
C GLN AA 181 -46.54 -99.36 -155.40
N LEU AA 182 -47.57 -98.62 -155.78
CA LEU AA 182 -48.10 -97.51 -154.99
C LEU AA 182 -49.60 -97.62 -154.89
N LYS AA 183 -50.10 -97.80 -153.66
CA LYS AA 183 -51.53 -97.77 -153.36
C LYS AA 183 -51.74 -96.62 -152.37
N PHE AA 184 -51.97 -95.43 -152.91
CA PHE AA 184 -52.08 -94.22 -152.09
C PHE AA 184 -53.56 -93.91 -151.91
N HIS AA 185 -54.12 -94.33 -150.77
CA HIS AA 185 -55.50 -94.02 -150.40
C HIS AA 185 -55.47 -93.40 -149.01
N THR AA 186 -55.82 -92.12 -148.92
CA THR AA 186 -55.82 -91.43 -147.64
C THR AA 186 -56.70 -90.20 -147.73
N SER AA 187 -56.79 -89.48 -146.62
CA SER AA 187 -57.57 -88.26 -146.51
C SER AA 187 -56.64 -87.07 -146.37
N LEU AA 188 -56.78 -86.09 -147.27
CA LEU AA 188 -56.00 -84.87 -147.24
C LEU AA 188 -56.91 -83.68 -146.98
N GLY AA 189 -56.52 -82.85 -146.02
CA GLY AA 189 -57.31 -81.71 -145.61
C GLY AA 189 -56.68 -80.38 -145.97
N LEU AA 190 -57.53 -79.37 -146.16
CA LEU AA 190 -57.10 -78.00 -146.41
C LEU AA 190 -57.48 -77.17 -145.20
N GLY AA 191 -56.48 -76.81 -144.40
CA GLY AA 191 -56.74 -76.12 -143.15
C GLY AA 191 -57.34 -74.74 -143.33
N GLU AA 192 -57.73 -74.12 -142.22
CA GLU AA 192 -58.35 -72.80 -142.25
C GLU AA 192 -57.33 -71.69 -142.36
N GLU AA 193 -56.09 -72.01 -142.69
CA GLU AA 193 -55.08 -71.00 -142.92
C GLU AA 193 -54.21 -71.39 -144.11
N SER AA 194 -54.57 -72.47 -144.80
CA SER AA 194 -53.80 -72.99 -145.92
C SER AA 194 -53.82 -71.96 -147.05
N THR AA 195 -52.66 -71.75 -147.67
CA THR AA 195 -52.52 -70.78 -148.74
C THR AA 195 -52.25 -71.49 -150.06
N THR AA 196 -52.30 -70.73 -151.14
CA THR AA 196 -52.12 -71.28 -152.47
C THR AA 196 -50.63 -71.45 -152.77
N VAL AA 197 -50.35 -71.92 -153.99
CA VAL AA 197 -48.99 -71.91 -154.49
C VAL AA 197 -48.54 -70.48 -154.79
N ALA AA 198 -49.47 -69.59 -155.13
CA ALA AA 198 -49.12 -68.19 -155.38
C ALA AA 198 -49.20 -67.34 -154.12
N GLY AA 199 -49.61 -67.92 -153.00
CA GLY AA 199 -49.72 -67.16 -151.77
C GLY AA 199 -51.13 -66.69 -151.49
N ALA AA 200 -51.34 -66.22 -150.27
CA ALA AA 200 -52.60 -65.64 -149.80
C ALA AA 200 -53.70 -66.69 -149.67
N GLU AA 201 -54.65 -66.45 -148.78
CA GLU AA 201 -55.78 -67.36 -148.60
C GLU AA 201 -56.76 -67.23 -149.76
N SER AA 202 -57.31 -68.36 -150.18
CA SER AA 202 -58.20 -68.37 -151.34
C SER AA 202 -59.52 -67.71 -151.03
N ALA AA 203 -60.05 -67.00 -152.02
CA ALA AA 203 -61.36 -66.37 -151.92
C ALA AA 203 -62.50 -67.35 -152.21
N LEU AA 204 -62.20 -68.52 -152.76
CA LEU AA 204 -63.24 -69.48 -153.09
C LEU AA 204 -63.84 -70.14 -151.86
N LEU AA 205 -63.02 -70.48 -150.87
CA LEU AA 205 -63.51 -71.12 -149.67
C LEU AA 205 -63.60 -70.16 -148.49
N LYS AA 206 -63.42 -68.86 -148.73
CA LYS AA 206 -63.22 -67.92 -147.63
C LYS AA 206 -64.40 -67.91 -146.67
N ASP AA 207 -65.61 -68.21 -147.16
CA ASP AA 207 -66.74 -68.37 -146.25
C ASP AA 207 -66.46 -69.45 -145.22
N LEU AA 208 -65.87 -70.56 -145.64
CA LEU AA 208 -65.57 -71.63 -144.71
C LEU AA 208 -64.40 -71.26 -143.81
N PHE AA 209 -63.48 -70.41 -144.28
CA PHE AA 209 -62.40 -69.97 -143.42
C PHE AA 209 -62.88 -69.07 -142.30
N ASP AA 210 -63.70 -68.06 -142.62
CA ASP AA 210 -64.07 -67.09 -141.59
C ASP AA 210 -64.87 -67.74 -140.48
N LEU AA 211 -65.78 -68.65 -140.81
CA LEU AA 211 -66.51 -69.42 -139.81
C LEU AA 211 -65.68 -70.55 -139.23
N GLY AA 212 -64.39 -70.63 -139.56
CA GLY AA 212 -63.52 -71.65 -138.99
C GLY AA 212 -63.83 -73.07 -139.39
N TYR AA 213 -64.08 -73.31 -140.68
CA TYR AA 213 -64.28 -74.66 -141.18
C TYR AA 213 -63.15 -75.08 -142.10
N ARG AA 214 -62.88 -76.38 -142.12
CA ARG AA 214 -61.86 -76.97 -142.98
C ARG AA 214 -62.48 -78.17 -143.70
N ILE AA 215 -61.83 -78.60 -144.77
CA ILE AA 215 -62.36 -79.66 -145.61
C ILE AA 215 -61.29 -80.72 -145.80
N GLU AA 216 -61.72 -81.98 -145.70
CA GLU AA 216 -60.86 -83.13 -146.01
C GLU AA 216 -61.29 -83.71 -147.34
N LEU AA 217 -60.35 -84.31 -148.06
CA LEU AA 217 -60.60 -84.88 -149.38
C LEU AA 217 -60.20 -86.34 -149.37
N ASP AA 218 -61.03 -87.19 -149.97
CA ASP AA 218 -60.68 -88.60 -150.14
C ASP AA 218 -59.83 -88.76 -151.39
N VAL AA 219 -58.54 -89.07 -151.20
CA VAL AA 219 -57.59 -89.13 -152.29
C VAL AA 219 -57.31 -90.59 -152.61
N LYS AA 220 -57.43 -90.94 -153.89
CA LYS AA 220 -57.14 -92.28 -154.37
C LYS AA 220 -56.18 -92.17 -155.55
N VAL AA 221 -54.93 -92.53 -155.32
CA VAL AA 221 -53.89 -92.50 -156.35
C VAL AA 221 -53.23 -93.86 -156.39
N ASP AA 222 -53.11 -94.43 -157.59
CA ASP AA 222 -52.49 -95.73 -157.78
C ASP AA 222 -51.46 -95.64 -158.90
N GLY AA 223 -50.37 -96.38 -158.75
CA GLY AA 223 -49.31 -96.31 -159.75
C GLY AA 223 -48.35 -97.46 -159.62
N GLU AA 224 -47.67 -97.75 -160.74
CA GLU AA 224 -46.73 -98.84 -160.84
C GLU AA 224 -45.42 -98.29 -161.40
N MET AA 225 -44.31 -98.87 -160.96
CA MET AA 225 -43.00 -98.40 -161.41
C MET AA 225 -42.03 -99.56 -161.48
N ASN AA 226 -41.15 -99.53 -162.49
CA ASN AA 226 -40.12 -100.53 -162.67
C ASN AA 226 -38.75 -99.90 -162.38
N VAL AA 227 -37.80 -100.72 -161.92
CA VAL AA 227 -36.55 -100.20 -161.39
C VAL AA 227 -35.39 -100.26 -162.37
N GLU AA 228 -35.61 -100.68 -163.60
CA GLU AA 228 -34.52 -100.87 -164.53
C GLU AA 228 -34.68 -100.07 -165.82
N ASN AA 229 -35.87 -100.03 -166.40
CA ASN AA 229 -36.00 -99.44 -167.73
C ASN AA 229 -36.85 -98.18 -167.70
N GLY AA 230 -37.00 -97.59 -166.52
CA GLY AA 230 -37.67 -96.30 -166.42
C GLY AA 230 -39.13 -96.31 -166.79
N ASN AA 231 -39.72 -97.48 -166.94
CA ASN AA 231 -41.12 -97.58 -167.32
C ASN AA 231 -42.00 -97.51 -166.08
N GLY AA 232 -42.97 -96.61 -166.10
CA GLY AA 232 -43.90 -96.49 -165.00
C GLY AA 232 -45.05 -95.60 -165.37
N ASP AA 233 -46.18 -95.84 -164.72
CA ASP AA 233 -47.40 -95.05 -164.92
C ASP AA 233 -47.91 -94.59 -163.57
N THR AA 234 -48.76 -93.57 -163.60
CA THR AA 234 -49.48 -93.10 -162.42
C THR AA 234 -50.86 -92.66 -162.86
N SER AA 235 -51.88 -93.06 -162.10
CA SER AA 235 -53.27 -92.82 -162.48
C SER AA 235 -54.04 -92.25 -161.31
N LEU AA 236 -54.93 -91.30 -161.61
CA LEU AA 236 -55.83 -90.74 -160.61
C LEU AA 236 -57.19 -91.43 -160.72
N ARG AA 237 -57.63 -92.05 -159.63
CA ARG AA 237 -58.89 -92.77 -159.65
C ARG AA 237 -60.04 -92.00 -159.03
N ALA AA 238 -59.82 -91.31 -157.91
CA ALA AA 238 -60.91 -90.62 -157.25
C ALA AA 238 -60.37 -89.45 -156.44
N LEU AA 239 -61.11 -88.34 -156.48
CA LEU AA 239 -60.76 -87.14 -155.72
C LEU AA 239 -62.03 -86.34 -155.52
N ARG AA 240 -62.60 -86.39 -154.32
CA ARG AA 240 -63.91 -85.78 -154.09
C ARG AA 240 -63.95 -85.16 -152.70
N LEU AA 241 -64.97 -84.34 -152.48
CA LEU AA 241 -65.20 -83.78 -151.15
C LEU AA 241 -65.69 -84.89 -150.22
N ALA AA 242 -65.11 -84.95 -149.03
CA ALA AA 242 -65.44 -86.03 -148.11
C ALA AA 242 -66.18 -85.57 -146.86
N ARG AA 243 -65.56 -84.70 -146.07
CA ARG AA 243 -66.14 -84.30 -144.80
C ARG AA 243 -65.81 -82.83 -144.54
N VAL AA 244 -66.66 -82.18 -143.76
CA VAL AA 244 -66.49 -80.79 -143.38
C VAL AA 244 -66.41 -80.71 -141.87
N PHE AA 245 -65.38 -80.04 -141.36
CA PHE AA 245 -65.12 -79.95 -139.93
C PHE AA 245 -65.31 -78.52 -139.45
N ASP AA 246 -65.54 -78.38 -138.14
CA ASP AA 246 -65.64 -77.09 -137.48
C ASP AA 246 -64.45 -76.92 -136.53
N LYS AA 247 -64.26 -75.68 -136.04
CA LYS AA 247 -63.04 -75.34 -135.31
C LYS AA 247 -62.98 -75.96 -133.92
N GLU AA 248 -64.08 -76.50 -133.41
CA GLU AA 248 -64.01 -77.22 -132.16
C GLU AA 248 -63.99 -78.73 -132.34
N GLY AA 249 -64.38 -79.25 -133.49
CA GLY AA 249 -64.16 -80.65 -133.78
C GLY AA 249 -65.32 -81.63 -133.60
N LYS AA 250 -66.49 -81.34 -134.16
CA LYS AA 250 -67.42 -82.43 -134.47
C LYS AA 250 -67.77 -82.35 -135.94
N GLU AA 251 -68.16 -83.49 -136.50
CA GLU AA 251 -68.55 -83.53 -137.89
C GLU AA 251 -69.82 -82.72 -138.12
N ILE AA 252 -69.87 -82.02 -139.25
CA ILE AA 252 -71.06 -81.30 -139.68
C ILE AA 252 -71.50 -81.88 -141.02
N ALA AA 253 -72.80 -82.00 -141.20
CA ALA AA 253 -73.31 -82.59 -142.44
C ALA AA 253 -73.12 -81.62 -143.60
N LEU AA 254 -73.06 -82.18 -144.80
CA LEU AA 254 -72.93 -81.40 -146.02
C LEU AA 254 -74.26 -80.84 -146.50
N THR AA 255 -75.37 -81.19 -145.85
CA THR AA 255 -76.69 -80.70 -146.22
C THR AA 255 -77.15 -79.52 -145.39
N ASP AA 256 -76.38 -79.12 -144.38
CA ASP AA 256 -76.75 -77.96 -143.56
C ASP AA 256 -76.70 -76.70 -144.40
N SER AA 257 -77.52 -75.71 -144.01
CA SER AA 257 -77.71 -74.53 -144.84
C SER AA 257 -76.39 -73.80 -145.11
N ARG AA 258 -75.60 -73.56 -144.06
CA ARG AA 258 -74.37 -72.79 -144.24
C ARG AA 258 -73.38 -73.50 -145.16
N VAL AA 259 -73.11 -74.77 -144.88
CA VAL AA 259 -72.14 -75.50 -145.69
C VAL AA 259 -72.67 -75.73 -147.09
N SER AA 260 -73.98 -75.99 -147.23
CA SER AA 260 -74.55 -76.16 -148.55
C SER AA 260 -74.42 -74.89 -149.39
N ALA AA 261 -74.66 -73.73 -148.77
CA ALA AA 261 -74.48 -72.48 -149.48
C ALA AA 261 -73.02 -72.27 -149.86
N ALA AA 262 -72.11 -72.60 -148.95
CA ALA AA 262 -70.69 -72.43 -149.24
C ALA AA 262 -70.19 -73.35 -150.34
N LEU AA 263 -70.68 -74.58 -150.39
CA LEU AA 263 -70.16 -75.59 -151.31
C LEU AA 263 -70.83 -75.59 -152.66
N SER AA 264 -71.74 -74.65 -152.93
CA SER AA 264 -72.43 -74.61 -154.21
C SER AA 264 -71.45 -74.34 -155.35
N GLY AA 265 -71.26 -75.32 -156.22
CA GLY AA 265 -70.39 -75.18 -157.36
C GLY AA 265 -68.94 -75.61 -157.16
N LEU AA 266 -68.59 -76.12 -155.98
CA LEU AA 266 -67.23 -76.55 -155.71
C LEU AA 266 -66.94 -77.83 -156.48
N THR AA 267 -65.91 -77.79 -157.32
CA THR AA 267 -65.42 -78.95 -158.04
C THR AA 267 -63.92 -79.05 -157.86
N VAL AA 268 -63.45 -80.26 -157.54
CA VAL AA 268 -62.04 -80.51 -157.28
C VAL AA 268 -61.53 -81.51 -158.29
N THR AA 269 -60.41 -81.18 -158.94
CA THR AA 269 -59.83 -82.02 -159.97
C THR AA 269 -58.33 -82.15 -159.74
N GLY AA 270 -57.80 -83.33 -160.01
CA GLY AA 270 -56.37 -83.55 -159.93
C GLY AA 270 -55.68 -83.16 -161.23
N VAL AA 271 -54.55 -82.49 -161.11
CA VAL AA 271 -53.82 -81.97 -162.26
C VAL AA 271 -52.54 -82.74 -162.51
N GLY AA 272 -51.65 -82.80 -161.53
CA GLY AA 272 -50.35 -83.40 -161.78
C GLY AA 272 -49.67 -83.83 -160.51
N TYR AA 273 -48.37 -84.06 -160.63
CA TYR AA 273 -47.57 -84.63 -159.56
C TYR AA 273 -46.10 -84.62 -159.97
N SER AA 274 -45.23 -84.93 -159.01
CA SER AA 274 -43.81 -85.04 -159.24
C SER AA 274 -43.23 -86.13 -158.35
N LEU AA 275 -42.14 -86.74 -158.83
CA LEU AA 275 -41.57 -87.91 -158.18
C LEU AA 275 -40.16 -87.63 -157.67
N GLU AA 276 -39.82 -88.27 -156.56
CA GLU AA 276 -38.48 -88.21 -156.00
C GLU AA 276 -37.75 -89.49 -156.38
N ALA AA 277 -36.97 -89.45 -157.46
CA ALA AA 277 -36.22 -90.61 -157.92
C ALA AA 277 -34.77 -90.24 -158.10
N ARG AA 278 -33.88 -91.01 -157.48
CA ARG AA 278 -32.46 -90.79 -157.59
C ARG AA 278 -31.82 -91.89 -158.41
N LEU AA 279 -30.66 -91.57 -158.99
CA LEU AA 279 -29.93 -92.50 -159.83
C LEU AA 279 -28.86 -93.20 -159.01
N THR AA 280 -29.09 -94.47 -158.68
CA THR AA 280 -28.13 -95.25 -157.90
C THR AA 280 -26.93 -95.51 -158.79
N ASN AA 281 -25.92 -94.66 -158.67
CA ASN AA 281 -24.79 -94.69 -159.57
C ASN AA 281 -23.91 -95.91 -159.31
N ILE AA 282 -23.59 -96.65 -160.37
CA ILE AA 282 -22.56 -97.66 -160.31
C ILE AA 282 -21.41 -97.35 -161.26
N ASN AA 283 -21.66 -96.67 -162.37
CA ASN AA 283 -20.58 -96.24 -163.25
C ASN AA 283 -19.93 -94.96 -162.76
N GLN AA 284 -20.51 -94.32 -161.74
CA GLN AA 284 -19.94 -93.11 -161.15
C GLN AA 284 -19.79 -91.98 -162.17
N LEU AA 285 -20.91 -91.44 -162.66
CA LEU AA 285 -20.88 -90.42 -163.70
C LEU AA 285 -20.78 -89.00 -163.19
N GLU AA 286 -20.62 -88.78 -161.89
CA GLU AA 286 -20.57 -87.42 -161.35
C GLU AA 286 -19.24 -87.16 -160.63
N MET AA 287 -18.84 -85.90 -160.64
CA MET AA 287 -17.57 -85.48 -160.03
C MET AA 287 -17.74 -84.92 -158.63
N GLY AA 288 -18.98 -84.85 -158.14
CA GLY AA 288 -19.25 -84.45 -156.76
C GLY AA 288 -18.68 -83.11 -156.35
N LEU AA 289 -18.16 -83.05 -155.12
CA LEU AA 289 -17.57 -81.82 -154.59
C LEU AA 289 -16.12 -82.09 -154.19
N LEU AA 290 -15.21 -81.20 -154.61
CA LEU AA 290 -13.79 -81.42 -154.42
C LEU AA 290 -13.32 -80.79 -153.11
N ILE AA 291 -12.17 -81.24 -152.63
CA ILE AA 291 -11.54 -80.66 -151.45
C ILE AA 291 -10.06 -80.42 -151.74
N ASP AA 292 -9.63 -79.17 -151.61
CA ASP AA 292 -8.25 -78.80 -151.89
C ASP AA 292 -7.69 -78.05 -150.69
N SER AA 293 -6.48 -77.52 -150.87
CA SER AA 293 -5.90 -76.58 -149.92
C SER AA 293 -4.94 -75.66 -150.64
N ASP AA 294 -4.76 -74.46 -150.07
CA ASP AA 294 -3.80 -73.49 -150.57
C ASP AA 294 -2.93 -73.03 -149.42
N VAL AA 295 -1.84 -72.37 -149.76
CA VAL AA 295 -0.89 -71.83 -148.78
C VAL AA 295 -0.67 -70.36 -149.10
N GLN AA 296 -0.66 -69.52 -148.06
CA GLN AA 296 -0.41 -68.09 -148.22
C GLN AA 296 0.75 -67.65 -147.35
N LYS AA 297 1.60 -66.78 -147.89
CA LYS AA 297 2.71 -66.21 -147.15
C LYS AA 297 2.49 -64.72 -146.93
N GLN AA 298 2.78 -64.25 -145.73
CA GLN AA 298 2.69 -62.83 -145.41
C GLN AA 298 3.93 -62.42 -144.64
N GLY AA 299 4.53 -61.30 -145.05
CA GLY AA 299 5.78 -60.86 -144.44
C GLY AA 299 5.56 -59.65 -143.54
N PHE AA 300 6.19 -59.68 -142.38
CA PHE AA 300 6.13 -58.60 -141.41
C PHE AA 300 7.54 -58.06 -141.22
N MET AA 301 7.69 -56.74 -141.25
CA MET AA 301 8.99 -56.09 -141.20
C MET AA 301 9.12 -55.28 -139.92
N ILE AA 302 10.35 -55.17 -139.42
CA ILE AA 302 10.61 -54.48 -138.16
C ILE AA 302 11.53 -53.29 -138.39
N PRO AA 303 11.10 -52.08 -138.08
CA PRO AA 303 11.93 -50.89 -138.35
C PRO AA 303 12.80 -50.49 -137.16
N THR AA 304 13.57 -49.44 -137.37
CA THR AA 304 14.23 -48.69 -136.31
C THR AA 304 13.56 -47.31 -136.18
N LEU AA 305 13.80 -46.65 -135.05
CA LEU AA 305 13.08 -45.42 -134.74
C LEU AA 305 14.04 -44.32 -134.33
N PRO AA 306 13.60 -43.06 -134.30
CA PRO AA 306 14.50 -41.95 -133.92
C PRO AA 306 15.07 -42.15 -132.53
N PRO AA 307 16.31 -41.74 -132.30
CA PRO AA 307 16.98 -42.04 -131.03
C PRO AA 307 16.70 -40.98 -129.98
N LEU AA 308 16.92 -41.36 -128.72
CA LEU AA 308 16.82 -40.45 -127.58
C LEU AA 308 18.20 -40.26 -126.98
N VAL AA 309 18.55 -39.01 -126.65
CA VAL AA 309 19.93 -38.64 -126.36
C VAL AA 309 20.00 -37.82 -125.08
N ILE AA 310 21.04 -38.05 -124.30
CA ILE AA 310 21.42 -37.22 -123.16
C ILE AA 310 22.78 -36.62 -123.47
N VAL AA 311 23.06 -35.45 -122.92
CA VAL AA 311 24.32 -34.74 -123.18
C VAL AA 311 24.92 -34.30 -121.85
N LYS AA 312 26.25 -34.33 -121.77
CA LYS AA 312 26.98 -33.93 -120.57
C LYS AA 312 28.29 -33.29 -120.99
N PRO AA 313 28.77 -32.30 -120.24
CA PRO AA 313 30.17 -31.92 -120.36
C PRO AA 313 31.06 -32.96 -119.70
N ALA AA 314 32.15 -33.33 -120.39
CA ALA AA 314 32.92 -34.51 -120.03
C ALA AA 314 34.07 -34.16 -119.09
N MET AA 315 33.72 -33.45 -118.02
CA MET AA 315 34.62 -33.35 -116.87
C MET AA 315 33.80 -33.34 -115.58
N VAL AA 316 32.48 -33.30 -115.69
CA VAL AA 316 31.59 -33.10 -114.56
C VAL AA 316 30.39 -34.03 -114.68
N GLU AA 317 29.94 -34.54 -113.53
CA GLU AA 317 28.78 -35.42 -113.45
C GLU AA 317 27.76 -34.78 -112.52
N ASP AA 318 26.49 -34.96 -112.83
CA ASP AA 318 25.41 -34.26 -112.12
C ASP AA 318 24.21 -35.17 -111.93
N ASP AA 319 23.13 -34.58 -111.46
CA ASP AA 319 21.79 -35.16 -111.53
C ASP AA 319 20.84 -34.27 -112.32
N LYS AA 320 21.33 -33.15 -112.86
CA LYS AA 320 20.50 -32.16 -113.53
C LYS AA 320 20.75 -32.20 -115.03
N THR AA 321 22.00 -31.93 -115.42
CA THR AA 321 22.41 -32.19 -116.79
C THR AA 321 22.57 -33.67 -117.03
N TYR AA 322 22.67 -34.44 -115.95
CA TYR AA 322 22.60 -35.88 -115.98
C TYR AA 322 21.53 -36.37 -115.02
N PRO AA 323 20.26 -36.21 -115.37
CA PRO AA 323 19.22 -36.96 -114.66
C PRO AA 323 19.45 -38.45 -114.91
N ARG AA 324 19.03 -39.25 -113.94
CA ARG AA 324 19.28 -40.68 -113.99
C ARG AA 324 18.75 -41.27 -115.28
N LEU AA 325 19.34 -42.39 -115.72
CA LEU AA 325 18.89 -43.08 -116.92
C LEU AA 325 17.43 -43.45 -116.81
N GLU AA 326 16.90 -43.42 -115.59
CA GLU AA 326 15.46 -43.56 -115.37
C GLU AA 326 14.66 -42.61 -116.24
N ALA AA 327 15.12 -41.35 -116.38
CA ALA AA 327 14.39 -40.41 -117.24
C ALA AA 327 14.40 -40.86 -118.70
N LEU AA 328 15.54 -41.35 -119.18
CA LEU AA 328 15.61 -41.84 -120.55
C LEU AA 328 14.65 -43.00 -120.76
N THR AA 329 14.68 -43.97 -119.85
CA THR AA 329 13.79 -45.12 -119.97
C THR AA 329 12.33 -44.70 -119.83
N THR AA 330 12.07 -43.66 -119.05
CA THR AA 330 10.71 -43.16 -118.91
C THR AA 330 10.20 -42.59 -120.23
N ALA AA 331 11.02 -41.75 -120.88
CA ALA AA 331 10.66 -41.25 -122.20
C ALA AA 331 10.40 -42.39 -123.15
N TYR AA 332 11.32 -43.36 -123.19
CA TYR AA 332 11.14 -44.55 -124.02
C TYR AA 332 9.81 -45.22 -123.74
N ARG AA 333 9.54 -45.52 -122.47
CA ARG AA 333 8.36 -46.30 -122.11
C ARG AA 333 7.08 -45.59 -122.49
N ILE AA 334 6.95 -44.31 -122.09
CA ILE AA 334 5.69 -43.62 -122.39
C ILE AA 334 5.52 -43.49 -123.90
N GLN AA 335 6.56 -42.99 -124.60
CA GLN AA 335 6.43 -42.69 -126.01
C GLN AA 335 6.09 -43.93 -126.81
N GLN AA 336 6.72 -45.06 -126.47
CA GLN AA 336 6.35 -46.30 -127.14
C GLN AA 336 4.95 -46.73 -126.75
N MET AA 337 4.75 -47.03 -125.47
CA MET AA 337 3.76 -48.00 -125.07
C MET AA 337 2.48 -47.34 -124.57
N ARG AA 338 2.32 -46.02 -124.71
CA ARG AA 338 1.00 -45.43 -124.56
C ARG AA 338 0.54 -44.73 -125.83
N ASN AA 339 1.32 -43.78 -126.36
CA ASN AA 339 0.82 -42.95 -127.44
C ASN AA 339 0.64 -43.75 -128.72
N ASN AA 340 1.65 -44.53 -129.10
CA ASN AA 340 1.50 -45.34 -130.30
C ASN AA 340 0.43 -46.41 -130.15
N ALA AA 341 0.28 -46.96 -128.95
CA ALA AA 341 -0.78 -47.93 -128.72
C ALA AA 341 -2.16 -47.32 -128.99
N VAL AA 342 -2.42 -46.17 -128.38
CA VAL AA 342 -3.70 -45.50 -128.63
C VAL AA 342 -3.85 -45.16 -130.11
N THR AA 343 -2.75 -44.72 -130.74
CA THR AA 343 -2.80 -44.34 -132.14
C THR AA 343 -3.23 -45.52 -133.01
N THR AA 344 -2.58 -46.67 -132.82
CA THR AA 344 -2.92 -47.84 -133.61
C THR AA 344 -4.35 -48.29 -133.34
N LEU AA 345 -4.78 -48.25 -132.08
CA LEU AA 345 -6.14 -48.68 -131.77
C LEU AA 345 -7.17 -47.82 -132.49
N LEU AA 346 -6.99 -46.50 -132.44
CA LEU AA 346 -7.97 -45.62 -133.06
C LEU AA 346 -7.91 -45.72 -134.59
N ASN AA 347 -6.71 -45.88 -135.14
CA ASN AA 347 -6.59 -46.07 -136.57
C ASN AA 347 -7.31 -47.33 -137.02
N ARG AA 348 -7.16 -48.42 -136.26
CA ARG AA 348 -7.87 -49.65 -136.56
C ARG AA 348 -9.38 -49.45 -136.49
N ALA AA 349 -9.85 -48.75 -135.46
CA ALA AA 349 -11.28 -48.51 -135.34
C ALA AA 349 -11.81 -47.78 -136.57
N ASP AA 350 -11.16 -46.67 -136.94
CA ASP AA 350 -11.65 -45.88 -138.07
C ASP AA 350 -11.56 -46.68 -139.37
N THR AA 351 -10.47 -47.42 -139.57
CA THR AA 351 -10.32 -48.19 -140.79
C THR AA 351 -11.40 -49.26 -140.91
N LEU AA 352 -11.70 -49.96 -139.82
CA LEU AA 352 -12.75 -50.95 -139.86
C LEU AA 352 -14.09 -50.31 -140.16
N LYS AA 353 -14.36 -49.15 -139.53
CA LYS AA 353 -15.61 -48.46 -139.80
C LYS AA 353 -15.72 -48.10 -141.28
N SER AA 354 -14.60 -47.73 -141.89
CA SER AA 354 -14.64 -47.39 -143.31
C SER AA 354 -14.87 -48.62 -144.18
N TYR AA 355 -14.13 -49.70 -143.95
CA TYR AA 355 -14.28 -50.88 -144.80
C TYR AA 355 -15.63 -51.55 -144.64
N LEU AA 356 -16.04 -51.88 -143.42
CA LEU AA 356 -17.20 -52.75 -143.25
C LEU AA 356 -18.51 -52.03 -143.11
N GLY AA 357 -18.51 -50.80 -142.58
CA GLY AA 357 -19.77 -50.19 -142.20
C GLY AA 357 -20.19 -50.76 -140.85
N VAL AA 358 -21.32 -50.31 -140.33
CA VAL AA 358 -21.77 -50.73 -139.01
C VAL AA 358 -22.92 -51.71 -139.15
N GLY AA 359 -22.86 -52.81 -138.40
CA GLY AA 359 -23.99 -53.70 -138.24
C GLY AA 359 -24.10 -54.83 -139.22
N VAL AA 360 -23.24 -54.91 -140.22
CA VAL AA 360 -23.31 -55.95 -141.24
C VAL AA 360 -22.01 -56.74 -141.22
N PRO AA 361 -22.06 -58.07 -141.20
CA PRO AA 361 -20.83 -58.86 -141.31
C PRO AA 361 -20.57 -59.28 -142.75
N HIS AA 362 -19.31 -59.25 -143.14
CA HIS AA 362 -19.05 -59.79 -144.47
C HIS AA 362 -18.63 -61.26 -144.38
N PRO AA 363 -18.94 -62.06 -145.39
CA PRO AA 363 -18.61 -63.49 -145.35
C PRO AA 363 -17.10 -63.71 -145.27
N ILE AA 364 -16.73 -64.99 -145.18
CA ILE AA 364 -15.36 -65.35 -144.85
C ILE AA 364 -14.49 -65.15 -146.10
N GLU AA 365 -13.31 -64.55 -145.91
CA GLU AA 365 -12.46 -64.00 -146.97
C GLU AA 365 -13.22 -63.08 -147.91
N SER AA 366 -14.17 -62.31 -147.40
CA SER AA 366 -14.83 -61.32 -148.26
C SER AA 366 -14.04 -60.02 -148.38
N ASN AA 367 -12.94 -59.90 -147.65
CA ASN AA 367 -12.02 -58.79 -147.81
C ASN AA 367 -10.61 -59.33 -147.78
N LEU AA 368 -9.71 -58.67 -148.50
CA LEU AA 368 -8.32 -59.09 -148.57
C LEU AA 368 -7.35 -57.97 -148.24
N GLY AA 369 -7.68 -56.74 -148.61
CA GLY AA 369 -6.82 -55.61 -148.30
C GLY AA 369 -6.90 -55.22 -146.84
N LEU AA 370 -7.94 -55.68 -146.15
CA LEU AA 370 -8.10 -55.38 -144.74
C LEU AA 370 -6.93 -55.93 -143.94
N GLU AA 371 -6.40 -55.10 -143.04
CA GLU AA 371 -5.28 -55.46 -142.18
C GLU AA 371 -5.49 -56.80 -141.49
N GLY AA 372 -4.42 -57.55 -141.27
CA GLY AA 372 -4.47 -58.75 -140.47
C GLY AA 372 -4.78 -60.00 -141.26
N VAL AA 373 -4.45 -61.13 -140.64
CA VAL AA 373 -4.66 -62.46 -141.20
C VAL AA 373 -5.91 -63.12 -140.63
N GLY AA 374 -6.47 -62.55 -139.56
CA GLY AA 374 -7.62 -63.18 -138.93
C GLY AA 374 -8.80 -63.34 -139.85
N GLN AA 375 -8.93 -62.47 -140.86
CA GLN AA 375 -10.04 -62.56 -141.78
C GLN AA 375 -10.10 -63.89 -142.53
N TYR AA 376 -8.94 -64.53 -142.74
CA TYR AA 376 -8.93 -65.83 -143.40
C TYR AA 376 -9.59 -66.92 -142.57
N TYR AA 377 -9.87 -66.66 -141.30
CA TYR AA 377 -10.28 -67.74 -140.42
C TYR AA 377 -11.55 -67.44 -139.62
N VAL AA 378 -11.97 -66.19 -139.52
CA VAL AA 378 -13.20 -65.84 -138.82
C VAL AA 378 -13.93 -64.77 -139.62
N ARG AA 379 -15.25 -64.82 -139.58
CA ARG AA 379 -16.06 -63.82 -140.26
C ARG AA 379 -15.82 -62.44 -139.66
N PRO AA 380 -15.47 -61.44 -140.46
CA PRO AA 380 -15.27 -60.09 -139.92
C PRO AA 380 -16.58 -59.47 -139.45
N TYR AA 381 -16.47 -58.56 -138.48
CA TYR AA 381 -17.63 -57.88 -137.91
C TYR AA 381 -17.18 -56.69 -137.09
N TYR AA 382 -17.79 -55.53 -137.34
CA TYR AA 382 -17.59 -54.33 -136.54
C TYR AA 382 -18.92 -53.64 -136.29
N ASN AA 383 -19.09 -53.11 -135.09
CA ASN AA 383 -20.36 -52.49 -134.71
C ASN AA 383 -20.13 -51.53 -133.56
N GLU AA 384 -21.04 -50.57 -133.41
CA GLU AA 384 -21.00 -49.62 -132.31
C GLU AA 384 -22.41 -49.23 -131.92
N ALA AA 385 -22.57 -48.70 -130.71
CA ALA AA 385 -23.84 -48.17 -130.24
C ALA AA 385 -23.59 -46.96 -129.38
N THR AA 386 -24.59 -46.10 -129.25
CA THR AA 386 -24.52 -44.91 -128.41
C THR AA 386 -25.55 -45.01 -127.30
N ILE AA 387 -25.09 -45.03 -126.07
CA ILE AA 387 -25.96 -45.10 -124.90
C ILE AA 387 -26.27 -43.69 -124.46
N ASP AA 388 -27.54 -43.30 -124.56
CA ASP AA 388 -27.97 -41.99 -124.09
C ASP AA 388 -28.52 -42.17 -122.68
N VAL AA 389 -27.63 -42.09 -121.69
CA VAL AA 389 -28.02 -42.36 -120.31
C VAL AA 389 -29.09 -41.39 -119.84
N LEU AA 390 -29.15 -40.21 -120.46
CA LEU AA 390 -30.19 -39.25 -120.09
C LEU AA 390 -31.58 -39.81 -120.37
N ASN AA 391 -31.75 -40.48 -121.52
CA ASN AA 391 -33.07 -40.93 -121.94
C ASN AA 391 -33.19 -42.44 -122.09
N ASP AA 392 -32.48 -43.24 -121.28
CA ASP AA 392 -32.61 -44.69 -121.35
C ASP AA 392 -32.57 -45.35 -119.98
N LEU AA 393 -32.59 -44.58 -118.91
CA LEU AA 393 -32.53 -45.12 -117.55
C LEU AA 393 -33.90 -45.08 -116.90
N ASN AA 394 -34.24 -46.17 -116.20
CA ASN AA 394 -35.41 -46.22 -115.34
C ASN AA 394 -34.98 -46.18 -113.88
N ASN AA 395 -35.41 -45.14 -113.18
CA ASN AA 395 -35.00 -44.93 -111.80
C ASN AA 395 -36.23 -44.60 -110.97
N LEU AA 396 -36.34 -45.25 -109.82
CA LEU AA 396 -37.44 -45.00 -108.91
C LEU AA 396 -36.96 -44.39 -107.59
N THR AA 397 -35.73 -44.69 -107.17
CA THR AA 397 -35.18 -44.12 -105.96
C THR AA 397 -33.88 -43.41 -106.32
N SER AA 398 -33.74 -42.17 -105.86
CA SER AA 398 -32.52 -41.40 -106.10
C SER AA 398 -31.36 -41.85 -105.22
N ALA AA 399 -31.50 -42.97 -104.52
CA ALA AA 399 -30.41 -43.55 -103.77
C ALA AA 399 -29.77 -44.74 -104.47
N ALA AA 400 -30.50 -45.44 -105.34
CA ALA AA 400 -29.96 -46.55 -106.10
C ALA AA 400 -29.67 -46.18 -107.55
N LYS AA 401 -29.63 -44.88 -107.85
CA LYS AA 401 -29.42 -44.46 -109.23
C LYS AA 401 -28.02 -44.83 -109.73
N GLN AA 402 -27.03 -44.82 -108.84
CA GLN AA 402 -25.73 -45.36 -109.21
C GLN AA 402 -25.88 -46.81 -109.68
N THR AA 403 -26.66 -47.59 -108.93
CA THR AA 403 -26.86 -48.99 -109.27
C THR AA 403 -27.48 -49.18 -110.64
N ASP AA 404 -28.53 -48.43 -110.97
CA ASP AA 404 -29.20 -48.73 -112.23
C ASP AA 404 -28.44 -48.14 -113.41
N ILE AA 405 -27.64 -47.09 -113.20
CA ILE AA 405 -26.69 -46.71 -114.25
C ILE AA 405 -25.71 -47.85 -114.53
N GLN AA 406 -25.17 -48.44 -113.47
CA GLN AA 406 -24.29 -49.59 -113.63
C GLN AA 406 -25.01 -50.74 -114.34
N GLY AA 407 -26.27 -50.97 -113.98
CA GLY AA 407 -27.03 -52.02 -114.62
C GLY AA 407 -27.22 -51.76 -116.11
N LEU AA 408 -27.51 -50.52 -116.47
CA LEU AA 408 -27.68 -50.17 -117.88
C LEU AA 408 -26.39 -50.46 -118.66
N ILE AA 409 -25.27 -49.98 -118.15
CA ILE AA 409 -24.02 -50.12 -118.90
C ILE AA 409 -23.65 -51.59 -119.05
N VAL AA 410 -23.80 -52.37 -117.98
CA VAL AA 410 -23.42 -53.78 -118.04
C VAL AA 410 -24.37 -54.56 -118.95
N SER AA 411 -25.66 -54.25 -118.89
CA SER AA 411 -26.61 -54.94 -119.76
C SER AA 411 -26.27 -54.72 -121.22
N LYS AA 412 -25.99 -53.47 -121.59
CA LYS AA 412 -25.59 -53.22 -122.97
C LYS AA 412 -24.32 -53.97 -123.31
N ILE AA 413 -23.33 -53.98 -122.41
CA ILE AA 413 -22.06 -54.64 -122.72
C ILE AA 413 -22.28 -56.11 -123.03
N ASN AA 414 -22.95 -56.82 -122.12
CA ASN AA 414 -23.00 -58.27 -122.28
C ASN AA 414 -23.95 -58.65 -123.42
N GLU AA 415 -25.02 -57.88 -123.63
CA GLU AA 415 -25.88 -58.19 -124.77
C GLU AA 415 -25.13 -57.99 -126.08
N MET AA 416 -24.33 -56.93 -126.16
CA MET AA 416 -23.57 -56.69 -127.38
C MET AA 416 -22.57 -57.81 -127.64
N VAL AA 417 -21.87 -58.24 -126.60
CA VAL AA 417 -20.91 -59.33 -126.77
C VAL AA 417 -21.63 -60.61 -127.21
N TYR AA 418 -22.81 -60.87 -126.64
CA TYR AA 418 -23.58 -62.04 -127.05
C TYR AA 418 -23.92 -61.98 -128.53
N THR AA 419 -24.41 -60.84 -129.00
CA THR AA 419 -24.78 -60.74 -130.41
C THR AA 419 -23.55 -60.87 -131.31
N ALA AA 420 -22.41 -60.33 -130.86
CA ALA AA 420 -21.18 -60.50 -131.62
C ALA AA 420 -20.80 -61.96 -131.75
N ASP AA 421 -20.90 -62.72 -130.66
CA ASP AA 421 -20.62 -64.14 -130.73
C ASP AA 421 -21.61 -64.84 -131.66
N GLN AA 422 -22.87 -64.42 -131.65
CA GLN AA 422 -23.86 -65.01 -132.54
C GLN AA 422 -23.47 -64.82 -134.00
N LEU AA 423 -23.10 -63.60 -134.38
CA LEU AA 423 -22.87 -63.30 -135.78
C LEU AA 423 -21.43 -63.49 -136.24
N THR AA 424 -20.52 -63.89 -135.35
CA THR AA 424 -19.14 -64.10 -135.75
C THR AA 424 -18.73 -65.57 -135.80
N GLY AA 425 -19.36 -66.43 -135.01
CA GLY AA 425 -18.94 -67.82 -134.95
C GLY AA 425 -17.57 -68.01 -134.35
N TYR AA 426 -17.27 -67.30 -133.27
CA TYR AA 426 -15.93 -67.36 -132.70
C TYR AA 426 -15.69 -68.65 -131.94
N THR AA 427 -16.69 -69.15 -131.22
CA THR AA 427 -16.48 -70.31 -130.37
C THR AA 427 -16.09 -71.55 -131.16
N ALA AA 428 -16.72 -71.77 -132.32
CA ALA AA 428 -16.31 -72.89 -133.17
C ALA AA 428 -14.88 -72.70 -133.65
N ALA AA 429 -14.49 -71.47 -133.93
CA ALA AA 429 -13.12 -71.19 -134.35
C ALA AA 429 -12.13 -71.53 -133.24
N LEU AA 430 -12.46 -71.16 -132.01
CA LEU AA 430 -11.59 -71.52 -130.89
C LEU AA 430 -11.50 -73.02 -130.73
N GLU AA 431 -12.63 -73.73 -130.83
CA GLU AA 431 -12.61 -75.17 -130.66
C GLU AA 431 -11.78 -75.84 -131.75
N ALA AA 432 -11.91 -75.38 -132.99
CA ALA AA 432 -11.17 -76.00 -134.08
C ALA AA 432 -9.68 -75.70 -133.98
N ALA AA 433 -9.32 -74.42 -133.80
CA ALA AA 433 -7.90 -74.05 -133.78
C ALA AA 433 -7.18 -74.65 -132.60
N PHE AA 434 -7.83 -74.67 -131.44
CA PHE AA 434 -7.24 -75.22 -130.22
C PHE AA 434 -7.96 -76.52 -129.90
N SER AA 435 -7.27 -77.65 -130.15
CA SER AA 435 -7.87 -78.94 -129.86
C SER AA 435 -7.86 -79.19 -128.36
N GLY AA 436 -8.38 -80.36 -127.96
CA GLY AA 436 -8.44 -80.68 -126.56
C GLY AA 436 -9.64 -80.02 -125.90
N ARG AA 437 -9.44 -79.45 -124.72
CA ARG AA 437 -10.51 -78.70 -124.08
C ARG AA 437 -10.86 -77.48 -124.93
N SER AA 438 -12.13 -77.11 -124.90
CA SER AA 438 -12.61 -75.95 -125.64
C SER AA 438 -12.52 -74.72 -124.74
N PRO AA 439 -11.55 -73.84 -124.94
CA PRO AA 439 -11.43 -72.68 -124.06
C PRO AA 439 -12.62 -71.75 -124.22
N LYS AA 440 -13.14 -71.31 -123.08
CA LYS AA 440 -14.19 -70.32 -123.09
C LYS AA 440 -13.63 -68.98 -123.58
N PRO AA 441 -14.34 -68.30 -124.48
CA PRO AA 441 -13.81 -67.06 -125.06
C PRO AA 441 -13.52 -66.03 -123.98
N HIS AA 442 -12.47 -65.25 -124.19
CA HIS AA 442 -12.02 -64.25 -123.24
C HIS AA 442 -12.18 -62.87 -123.86
N VAL AA 443 -12.95 -62.01 -123.21
CA VAL AA 443 -13.20 -60.65 -123.69
C VAL AA 443 -12.31 -59.69 -122.91
N ALA AA 444 -11.78 -58.70 -123.59
CA ALA AA 444 -10.98 -57.66 -122.95
C ALA AA 444 -11.70 -56.33 -123.05
N ILE AA 445 -11.98 -55.72 -121.91
CA ILE AA 445 -12.73 -54.46 -121.83
C ILE AA 445 -11.74 -53.36 -121.51
N GLY AA 446 -11.65 -52.37 -122.40
CA GLY AA 446 -10.78 -51.22 -122.20
C GLY AA 446 -11.58 -49.94 -122.30
N THR AA 447 -11.24 -48.99 -121.44
CA THR AA 447 -11.94 -47.72 -121.37
C THR AA 447 -11.04 -46.69 -120.72
N ASP AA 448 -11.49 -45.43 -120.71
CA ASP AA 448 -10.75 -44.38 -120.05
C ASP AA 448 -10.96 -44.46 -118.54
N MET AA 449 -10.42 -43.47 -117.83
CA MET AA 449 -10.21 -43.62 -116.38
C MET AA 449 -11.47 -43.48 -115.54
N ARG AA 450 -12.43 -42.64 -115.95
CA ARG AA 450 -13.53 -42.31 -115.05
C ARG AA 450 -14.56 -43.44 -114.98
N LEU AA 451 -14.91 -44.00 -116.11
CA LEU AA 451 -15.97 -45.00 -116.21
C LEU AA 451 -15.82 -46.20 -115.28
N PRO AA 452 -14.61 -46.76 -115.07
CA PRO AA 452 -14.51 -47.95 -114.21
C PRO AA 452 -15.19 -47.82 -112.86
N GLN AA 453 -15.36 -46.61 -112.34
CA GLN AA 453 -16.13 -46.48 -111.11
C GLN AA 453 -17.63 -46.56 -111.36
N TYR AA 454 -18.06 -46.59 -112.62
CA TYR AA 454 -19.47 -46.76 -112.93
C TYR AA 454 -19.78 -48.12 -113.54
N ILE AA 455 -18.79 -48.81 -114.08
CA ILE AA 455 -18.96 -50.20 -114.49
C ILE AA 455 -18.75 -51.14 -113.32
N GLN AA 456 -18.06 -50.67 -112.28
CA GLN AA 456 -17.86 -51.46 -111.09
C GLN AA 456 -18.45 -50.76 -109.87
N ILE AA 457 -19.35 -51.47 -109.19
CA ILE AA 457 -19.89 -51.03 -107.92
C ILE AA 457 -19.03 -51.65 -106.83
N ASN AA 458 -19.05 -51.06 -105.64
CA ASN AA 458 -18.47 -51.72 -104.49
C ASN AA 458 -19.37 -52.90 -104.12
N GLY AA 459 -19.05 -54.08 -104.65
CA GLY AA 459 -19.88 -55.26 -104.47
C GLY AA 459 -19.92 -56.17 -105.68
N ASP AA 460 -19.55 -55.63 -106.85
CA ASP AA 460 -19.27 -56.40 -108.06
C ASP AA 460 -20.52 -56.93 -108.75
N ASP AA 461 -20.61 -56.72 -110.07
CA ASP AA 461 -21.60 -57.36 -110.92
C ASP AA 461 -20.87 -57.85 -112.17
N ARG AA 462 -21.19 -59.06 -112.62
CA ARG AA 462 -20.44 -59.69 -113.69
C ARG AA 462 -20.76 -59.04 -115.02
N THR AA 463 -19.78 -58.32 -115.57
CA THR AA 463 -19.98 -57.56 -116.80
C THR AA 463 -20.41 -58.44 -117.97
N VAL AA 464 -19.89 -59.66 -118.05
CA VAL AA 464 -20.17 -60.55 -119.16
C VAL AA 464 -20.74 -61.84 -118.61
N GLY AA 465 -21.05 -61.84 -117.32
CA GLY AA 465 -21.81 -62.92 -116.72
C GLY AA 465 -21.02 -64.23 -116.68
N ILE AA 466 -21.72 -65.26 -116.19
CA ILE AA 466 -21.17 -66.60 -116.17
C ILE AA 466 -20.97 -67.07 -117.61
N GLY AA 467 -19.80 -67.65 -117.88
CA GLY AA 467 -19.47 -68.10 -119.22
C GLY AA 467 -18.51 -67.21 -119.98
N TYR AA 468 -18.23 -65.99 -119.52
CA TYR AA 468 -17.26 -65.12 -120.15
C TYR AA 468 -16.41 -64.44 -119.09
N ASP AA 469 -15.11 -64.38 -119.35
CA ASP AA 469 -14.15 -63.74 -118.45
C ASP AA 469 -13.64 -62.44 -119.03
N TYR AA 470 -13.38 -61.48 -118.15
CA TYR AA 470 -13.05 -60.13 -118.56
C TYR AA 470 -11.89 -59.60 -117.73
N THR AA 471 -11.05 -58.80 -118.37
CA THR AA 471 -9.99 -58.06 -117.70
C THR AA 471 -10.08 -56.59 -118.11
N ILE AA 472 -10.38 -55.73 -117.14
CA ILE AA 472 -10.59 -54.32 -117.40
C ILE AA 472 -9.33 -53.54 -116.99
N ALA AA 473 -8.74 -52.86 -117.97
CA ALA AA 473 -7.56 -52.05 -117.74
C ALA AA 473 -7.87 -50.60 -118.10
N ARG AA 474 -7.52 -49.69 -117.20
CA ARG AA 474 -7.81 -48.28 -117.38
C ARG AA 474 -6.59 -47.56 -117.93
N ILE AA 475 -6.86 -46.58 -118.80
CA ILE AA 475 -5.82 -45.77 -119.41
C ILE AA 475 -6.21 -44.30 -119.25
N SER AA 476 -5.21 -43.42 -119.27
CA SER AA 476 -5.42 -42.02 -118.99
C SER AA 476 -5.34 -41.13 -120.22
N ASP AA 477 -5.08 -41.69 -121.39
CA ASP AA 477 -4.92 -40.87 -122.59
C ASP AA 477 -6.24 -40.20 -122.94
N LEU AA 478 -6.16 -38.92 -123.31
CA LEU AA 478 -7.38 -38.13 -123.51
C LEU AA 478 -8.11 -38.52 -124.78
N ARG AA 479 -7.41 -39.12 -125.74
CA ARG AA 479 -8.09 -39.56 -126.96
C ARG AA 479 -9.10 -40.66 -126.70
N MET AA 480 -8.94 -41.41 -125.60
CA MET AA 480 -9.88 -42.45 -125.23
C MET AA 480 -11.03 -41.93 -124.39
N LYS AA 481 -11.31 -40.63 -124.46
CA LYS AA 481 -12.29 -39.98 -123.58
C LYS AA 481 -13.70 -40.50 -123.82
N ASP AA 482 -14.30 -41.10 -122.79
CA ASP AA 482 -15.68 -41.58 -122.83
C ASP AA 482 -15.92 -42.62 -123.92
N LYS AA 483 -14.87 -43.29 -124.38
CA LYS AA 483 -15.01 -44.32 -125.41
C LYS AA 483 -14.63 -45.66 -124.81
N ILE AA 484 -15.45 -46.68 -125.06
CA ILE AA 484 -15.25 -48.02 -124.52
C ILE AA 484 -14.97 -48.96 -125.67
N VAL AA 485 -13.83 -49.65 -125.60
CA VAL AA 485 -13.37 -50.54 -126.67
C VAL AA 485 -13.19 -51.93 -126.10
N MET AA 486 -13.84 -52.92 -126.71
CA MET AA 486 -13.68 -54.31 -126.32
C MET AA 486 -13.59 -55.19 -127.56
N THR AA 487 -12.80 -56.26 -127.44
CA THR AA 487 -12.60 -57.22 -128.53
C THR AA 487 -12.48 -58.61 -127.92
N PHE AA 488 -11.88 -59.51 -128.70
CA PHE AA 488 -11.59 -60.87 -128.24
C PHE AA 488 -10.10 -61.15 -128.32
N ILE AA 489 -9.59 -61.88 -127.34
CA ILE AA 489 -8.15 -62.12 -127.22
C ILE AA 489 -7.90 -63.51 -126.67
N LEU AA 490 -6.69 -64.00 -126.89
CA LEU AA 490 -6.19 -65.23 -126.29
C LEU AA 490 -5.11 -64.90 -125.27
N PRO AA 491 -5.33 -65.11 -123.98
CA PRO AA 491 -4.39 -64.59 -122.97
C PRO AA 491 -3.29 -65.56 -122.57
N ASN AA 492 -3.31 -66.81 -123.02
CA ASN AA 492 -2.43 -67.82 -122.47
C ASN AA 492 -1.32 -68.26 -123.41
N GLU AA 493 -1.15 -67.61 -124.57
CA GLU AA 493 -0.08 -67.98 -125.49
C GLU AA 493 0.60 -66.72 -125.99
N SER AA 494 1.86 -66.89 -126.43
CA SER AA 494 2.70 -65.76 -126.81
C SER AA 494 3.20 -65.90 -128.23
N GLU AA 495 2.52 -66.65 -129.05
CA GLU AA 495 2.95 -66.87 -130.41
C GLU AA 495 1.89 -66.41 -131.39
N PRO AA 496 2.29 -65.88 -132.53
CA PRO AA 496 1.32 -65.31 -133.46
C PRO AA 496 0.31 -66.34 -133.94
N HIS AA 497 -0.97 -66.03 -133.74
CA HIS AA 497 -2.08 -66.81 -134.27
C HIS AA 497 -2.99 -65.87 -135.03
N PRO AA 498 -3.76 -66.38 -135.99
CA PRO AA 498 -4.79 -65.55 -136.61
C PRO AA 498 -5.88 -65.12 -135.64
N LEU AA 499 -6.00 -65.80 -134.49
CA LEU AA 499 -7.00 -65.47 -133.49
C LEU AA 499 -6.48 -64.50 -132.46
N GLN AA 500 -5.28 -63.96 -132.68
CA GLN AA 500 -4.69 -62.97 -131.78
C GLN AA 500 -5.13 -61.59 -132.21
N HIS AA 501 -5.41 -60.72 -131.24
CA HIS AA 501 -5.82 -59.37 -131.60
C HIS AA 501 -4.68 -58.63 -132.29
N GLY AA 502 -3.46 -58.82 -131.82
CA GLY AA 502 -2.31 -58.19 -132.43
C GLY AA 502 -1.07 -58.47 -131.61
N VAL AA 503 0.08 -58.33 -132.26
CA VAL AA 503 1.37 -58.63 -131.64
C VAL AA 503 2.29 -57.43 -131.77
N LEU AA 504 3.05 -57.20 -130.71
CA LEU AA 504 4.02 -56.10 -130.65
C LEU AA 504 5.40 -56.68 -130.91
N GLY AA 505 5.82 -56.65 -132.18
CA GLY AA 505 7.16 -57.08 -132.53
C GLY AA 505 8.20 -56.29 -131.77
N PHE AA 506 8.89 -56.94 -130.83
CA PHE AA 506 9.75 -56.25 -129.88
C PHE AA 506 11.17 -56.77 -130.01
N ILE AA 507 12.10 -55.88 -130.33
CA ILE AA 507 13.51 -56.24 -130.41
C ILE AA 507 14.27 -55.48 -129.34
N PRO AA 508 14.88 -56.17 -128.38
CA PRO AA 508 15.65 -55.47 -127.33
C PRO AA 508 16.80 -54.72 -127.95
N GLU AA 509 17.09 -53.53 -127.43
CA GLU AA 509 18.24 -52.76 -127.87
C GLU AA 509 18.97 -52.20 -126.66
N TYR AA 510 20.29 -52.09 -126.79
CA TYR AA 510 21.16 -51.72 -125.69
C TYR AA 510 21.78 -50.36 -125.93
N LEU AA 511 21.99 -49.62 -124.85
CA LEU AA 511 22.51 -48.27 -124.95
C LEU AA 511 23.92 -48.27 -125.50
N VAL AA 512 24.30 -47.15 -126.13
CA VAL AA 512 25.65 -46.94 -126.64
C VAL AA 512 26.20 -45.69 -125.99
N ASP AA 513 27.17 -45.87 -125.09
CA ASP AA 513 27.74 -44.77 -124.31
C ASP AA 513 29.19 -44.58 -124.73
N PHE AA 514 29.55 -43.35 -125.11
CA PHE AA 514 30.91 -43.05 -125.53
C PHE AA 514 31.04 -41.56 -125.78
N ASN AA 515 32.28 -41.14 -126.02
CA ASN AA 515 32.63 -39.73 -126.14
C ASN AA 515 32.86 -39.39 -127.61
N MET AA 516 32.17 -38.38 -128.11
CA MET AA 516 32.16 -38.08 -129.54
C MET AA 516 32.23 -36.57 -129.77
N ILE AA 517 32.82 -36.19 -130.91
CA ILE AA 517 33.09 -34.79 -131.22
C ILE AA 517 31.94 -34.22 -132.04
N ARG AA 518 31.30 -33.19 -131.52
CA ARG AA 518 30.28 -32.45 -132.25
C ARG AA 518 30.85 -31.10 -132.64
N ASN AA 519 31.48 -31.03 -133.82
CA ASN AA 519 32.08 -29.81 -134.34
C ASN AA 519 33.06 -29.20 -133.33
N GLN AA 520 34.03 -29.99 -132.90
CA GLN AA 520 35.08 -29.65 -131.93
C GLN AA 520 34.56 -29.44 -130.52
N ARG AA 521 33.46 -30.07 -130.14
CA ARG AA 521 32.90 -29.94 -128.80
C ARG AA 521 32.72 -31.32 -128.20
N ILE AA 522 33.18 -31.49 -126.98
CA ILE AA 522 33.33 -32.80 -126.36
C ILE AA 522 32.21 -33.03 -125.35
N GLY AA 523 31.44 -34.08 -125.54
CA GLY AA 523 30.41 -34.49 -124.61
C GLY AA 523 30.21 -35.99 -124.63
N ARG AA 524 29.60 -36.52 -123.58
CA ARG AA 524 29.23 -37.93 -123.55
C ARG AA 524 27.77 -38.08 -123.96
N GLU AA 525 27.52 -38.98 -124.89
CA GLU AA 525 26.16 -39.26 -125.35
C GLU AA 525 25.78 -40.69 -124.98
N ILE AA 526 24.60 -40.85 -124.42
CA ILE AA 526 23.98 -42.16 -124.21
C ILE AA 526 22.73 -42.21 -125.09
N ARG AA 527 22.75 -43.10 -126.07
CA ARG AA 527 21.69 -43.15 -127.08
C ARG AA 527 20.89 -44.43 -126.91
N LEU AA 528 19.57 -44.30 -127.02
CA LEU AA 528 18.66 -45.44 -126.91
C LEU AA 528 17.86 -45.53 -128.19
N THR AA 529 18.27 -46.40 -129.11
CA THR AA 529 17.58 -46.55 -130.37
C THR AA 529 16.51 -47.62 -130.25
N PRO AA 530 15.24 -47.29 -130.42
CA PRO AA 530 14.20 -48.30 -130.24
C PRO AA 530 13.81 -48.99 -131.54
N ARG AA 531 13.52 -50.28 -131.47
CA ARG AA 531 13.03 -51.04 -132.61
C ARG AA 531 11.77 -51.79 -132.20
N TYR AA 532 10.62 -51.34 -132.68
CA TYR AA 532 9.37 -52.03 -132.38
C TYR AA 532 8.33 -51.66 -133.43
N ARG AA 533 7.26 -52.45 -133.47
CA ARG AA 533 6.17 -52.21 -134.40
C ARG AA 533 4.90 -52.82 -133.84
N TYR AA 534 3.78 -52.12 -134.02
CA TYR AA 534 2.48 -52.59 -133.59
C TYR AA 534 1.78 -53.22 -134.78
N PHE AA 535 1.39 -54.48 -134.64
CA PHE AA 535 0.69 -55.21 -135.69
C PHE AA 535 -0.73 -55.53 -135.24
N ASN AA 536 -1.65 -55.55 -136.20
CA ASN AA 536 -3.03 -55.94 -135.96
C ASN AA 536 -3.34 -57.20 -136.76
N PHE AA 537 -4.04 -58.14 -136.13
CA PHE AA 537 -4.45 -59.37 -136.80
C PHE AA 537 -5.95 -59.54 -136.91
N LEU AA 538 -6.68 -59.54 -135.80
CA LEU AA 538 -8.02 -60.09 -135.74
C LEU AA 538 -9.03 -58.99 -136.05
N PRO AA 539 -9.83 -59.12 -137.10
CA PRO AA 539 -10.74 -58.05 -137.52
C PRO AA 539 -12.13 -58.16 -136.90
N ILE AA 540 -12.17 -58.10 -135.56
CA ILE AA 540 -13.41 -57.94 -134.82
C ILE AA 540 -13.17 -56.88 -133.75
N MET AA 541 -14.02 -55.87 -133.72
CA MET AA 541 -13.87 -54.78 -132.75
C MET AA 541 -15.23 -54.17 -132.47
N LEU AA 542 -15.47 -53.80 -131.22
CA LEU AA 542 -16.72 -53.19 -130.81
C LEU AA 542 -16.44 -51.93 -130.02
N VAL AA 543 -17.24 -50.89 -130.26
CA VAL AA 543 -17.00 -49.56 -129.69
C VAL AA 543 -18.29 -49.07 -129.04
N ILE AA 544 -18.17 -48.46 -127.86
CA ILE AA 544 -19.32 -47.92 -127.14
C ILE AA 544 -19.04 -46.46 -126.80
N ASN AA 545 -20.01 -45.60 -127.05
CA ASN AA 545 -19.95 -44.20 -126.65
C ASN AA 545 -20.98 -43.94 -125.54
N VAL AA 546 -20.59 -43.16 -124.55
CA VAL AA 546 -21.46 -42.78 -123.45
C VAL AA 546 -21.54 -41.25 -123.42
N ILE AA 547 -22.76 -40.72 -123.46
CA ILE AA 547 -22.98 -39.28 -123.52
C ILE AA 547 -23.95 -38.88 -122.42
N ASN AA 548 -23.89 -37.61 -122.04
CA ASN AA 548 -24.77 -37.02 -121.04
C ASN AA 548 -24.69 -37.74 -119.69
N LEU AA 549 -23.53 -38.32 -119.39
CA LEU AA 549 -23.38 -39.04 -118.13
C LEU AA 549 -23.62 -38.15 -116.93
N GLU AA 550 -23.06 -36.94 -116.96
CA GLU AA 550 -23.21 -36.01 -115.83
C GLU AA 550 -24.67 -35.62 -115.64
N GLU AA 551 -25.39 -35.38 -116.73
CA GLU AA 551 -26.68 -34.73 -116.63
C GLU AA 551 -27.71 -35.60 -115.93
N ALA AA 552 -27.64 -36.92 -116.13
CA ALA AA 552 -28.61 -37.82 -115.51
C ALA AA 552 -28.52 -37.76 -114.00
N ILE AA 553 -27.34 -37.47 -113.46
CA ILE AA 553 -27.18 -37.41 -112.01
C ILE AA 553 -27.87 -36.18 -111.44
N ALA AA 554 -27.62 -35.00 -112.02
CA ALA AA 554 -28.04 -33.76 -111.40
C ALA AA 554 -29.40 -33.28 -111.88
N GLN AA 555 -30.00 -33.92 -112.88
CA GLN AA 555 -31.27 -33.44 -113.40
C GLN AA 555 -32.37 -34.46 -113.04
N ARG AA 556 -33.61 -33.99 -113.04
CA ARG AA 556 -34.75 -34.84 -112.76
C ARG AA 556 -34.76 -36.03 -113.72
N THR AA 557 -34.53 -37.21 -113.18
CA THR AA 557 -34.70 -38.45 -113.93
C THR AA 557 -35.78 -39.26 -113.23
N ALA AA 558 -36.80 -39.63 -113.98
CA ALA AA 558 -37.99 -40.24 -113.41
C ALA AA 558 -38.47 -41.35 -114.35
N LEU AA 559 -39.31 -42.23 -113.80
CA LEU AA 559 -39.92 -43.30 -114.59
C LEU AA 559 -40.68 -42.73 -115.77
N ASP AA 560 -40.17 -42.98 -116.97
CA ASP AA 560 -40.86 -42.51 -118.17
C ASP AA 560 -42.10 -43.38 -118.37
N VAL AA 561 -43.08 -43.19 -117.48
CA VAL AA 561 -44.31 -43.95 -117.53
C VAL AA 561 -44.92 -43.87 -118.91
N ASN AA 562 -45.04 -45.02 -119.56
CA ASN AA 562 -45.69 -45.10 -120.85
C ASN AA 562 -47.19 -45.17 -120.61
N GLU AA 563 -47.80 -44.02 -120.33
CA GLU AA 563 -49.22 -43.99 -119.99
C GLU AA 563 -50.06 -44.55 -121.14
N THR AA 564 -50.67 -45.71 -120.93
CA THR AA 564 -51.25 -46.48 -122.03
C THR AA 564 -52.75 -46.28 -122.12
N GLN AA 565 -53.14 -45.18 -122.75
CA GLN AA 565 -54.32 -45.11 -123.62
C GLN AA 565 -55.49 -45.99 -123.24
N VAL AA 566 -56.01 -45.89 -122.03
CA VAL AA 566 -57.31 -46.52 -121.76
C VAL AA 566 -58.32 -45.42 -121.47
N THR AA 567 -58.91 -44.91 -122.52
CA THR AA 567 -59.83 -43.84 -122.80
C THR AA 567 -60.27 -43.95 -124.25
N PRO AA 568 -61.33 -43.26 -124.67
CA PRO AA 568 -61.68 -43.28 -126.09
C PRO AA 568 -60.67 -42.52 -126.94
N ALA AA 569 -59.43 -43.02 -126.95
CA ALA AA 569 -58.37 -42.41 -127.74
C ALA AA 569 -57.47 -43.47 -128.37
N SER AA 570 -57.78 -44.74 -128.16
CA SER AA 570 -57.01 -45.84 -128.74
C SER AA 570 -57.78 -47.15 -128.62
N HIS BA 1 -9.14 -23.98 -84.26
CA HIS BA 1 -10.38 -24.49 -84.85
C HIS BA 1 -10.10 -25.46 -85.99
N GLU BA 2 -11.08 -26.33 -86.27
CA GLU BA 2 -10.89 -27.38 -87.25
C GLU BA 2 -10.70 -26.83 -88.66
N PHE BA 3 -11.50 -25.83 -89.03
CA PHE BA 3 -11.61 -25.45 -90.43
C PHE BA 3 -10.28 -24.93 -90.98
N ALA BA 4 -9.57 -24.12 -90.20
CA ALA BA 4 -8.27 -23.62 -90.65
C ALA BA 4 -7.28 -24.76 -90.85
N GLU BA 5 -7.33 -25.76 -89.97
CA GLU BA 5 -6.42 -26.90 -90.09
C GLU BA 5 -6.63 -27.64 -91.40
N LEU BA 6 -7.88 -27.79 -91.83
CA LEU BA 6 -8.17 -28.66 -92.97
C LEU BA 6 -7.63 -28.07 -94.26
N PHE BA 7 -7.72 -26.76 -94.44
CA PHE BA 7 -7.37 -26.15 -95.72
C PHE BA 7 -6.06 -25.39 -95.70
N TYR BA 8 -5.45 -25.20 -94.54
CA TYR BA 8 -4.13 -24.55 -94.45
C TYR BA 8 -3.36 -25.17 -93.31
N ARG BA 9 -2.23 -25.80 -93.62
CA ARG BA 9 -1.43 -26.42 -92.58
C ARG BA 9 -0.67 -25.36 -91.78
N THR BA 10 -0.79 -25.44 -90.47
CA THR BA 10 -0.05 -24.53 -89.61
C THR BA 10 1.43 -24.85 -89.66
N TYR BA 11 2.26 -23.84 -89.91
CA TYR BA 11 3.70 -24.00 -90.00
C TYR BA 11 4.35 -23.03 -89.03
N ILE BA 12 5.19 -23.55 -88.14
CA ILE BA 12 5.78 -22.76 -87.06
C ILE BA 12 7.20 -22.37 -87.47
N VAL BA 13 7.51 -21.09 -87.34
CA VAL BA 13 8.84 -20.56 -87.64
C VAL BA 13 9.35 -19.83 -86.42
N THR BA 14 10.58 -20.18 -86.00
CA THR BA 14 11.25 -19.45 -84.94
C THR BA 14 11.35 -17.98 -85.32
N PRO BA 15 11.08 -17.06 -84.39
CA PRO BA 15 11.17 -15.62 -84.73
C PRO BA 15 12.61 -15.16 -84.98
N ASP BA 16 13.27 -15.83 -85.92
CA ASP BA 16 14.61 -15.45 -86.36
C ASP BA 16 14.66 -15.38 -87.88
N GLN BA 17 13.69 -16.00 -88.53
CA GLN BA 17 13.59 -15.99 -89.99
C GLN BA 17 12.41 -15.16 -90.42
N ALA BA 18 12.57 -14.47 -91.54
CA ALA BA 18 11.53 -13.63 -92.10
C ALA BA 18 10.67 -14.36 -93.12
N GLY BA 19 10.88 -15.66 -93.31
CA GLY BA 19 10.03 -16.42 -94.20
C GLY BA 19 10.69 -17.72 -94.59
N PHE BA 20 9.98 -18.49 -95.40
CA PHE BA 20 10.46 -19.79 -95.85
C PHE BA 20 10.59 -19.76 -97.36
N GLN BA 21 11.64 -20.40 -97.86
CA GLN BA 21 12.00 -20.38 -99.27
C GLN BA 21 11.94 -21.79 -99.85
N LEU BA 22 11.25 -21.92 -100.98
CA LEU BA 22 10.99 -23.21 -101.61
C LEU BA 22 11.79 -23.32 -102.89
N SER BA 23 12.54 -24.41 -103.03
CA SER BA 23 13.27 -24.71 -104.25
C SER BA 23 12.80 -26.07 -104.78
N ILE BA 24 12.36 -26.09 -106.04
CA ILE BA 24 11.85 -27.30 -106.66
C ILE BA 24 12.53 -27.47 -108.01
N ARG BA 25 12.66 -28.72 -108.47
CA ARG BA 25 13.31 -29.02 -109.73
C ARG BA 25 12.30 -29.56 -110.73
N ARG BA 26 12.47 -29.17 -111.99
CA ARG BA 26 11.65 -29.67 -113.09
C ARG BA 26 12.53 -30.43 -114.08
N ASN BA 27 12.00 -31.52 -114.61
CA ASN BA 27 12.69 -32.33 -115.59
C ASN BA 27 12.10 -32.02 -116.97
N LEU BA 28 12.97 -31.69 -117.92
CA LEU BA 28 12.55 -31.13 -119.20
C LEU BA 28 13.09 -31.93 -120.37
N VAL BA 29 12.34 -31.92 -121.47
CA VAL BA 29 12.78 -32.46 -122.74
C VAL BA 29 12.64 -31.38 -123.81
N TRP BA 30 13.74 -31.12 -124.51
CA TRP BA 30 13.75 -30.08 -125.52
C TRP BA 30 14.78 -30.44 -126.58
N GLU BA 31 14.28 -30.60 -127.80
CA GLU BA 31 15.08 -31.22 -128.86
C GLU BA 31 16.25 -30.37 -129.30
N GLY BA 32 16.31 -29.11 -128.88
CA GLY BA 32 17.29 -28.17 -129.39
C GLY BA 32 16.65 -26.86 -129.80
N TRP BA 33 17.37 -25.78 -129.50
CA TRP BA 33 16.82 -24.44 -129.69
C TRP BA 33 16.68 -24.10 -131.17
N THR BA 34 15.79 -23.16 -131.46
CA THR BA 34 15.55 -22.74 -132.83
C THR BA 34 16.82 -22.16 -133.44
N GLY BA 35 17.19 -22.69 -134.61
CA GLY BA 35 18.40 -22.25 -135.28
C GLY BA 35 19.68 -22.64 -134.54
N GLU BA 36 20.82 -22.44 -135.19
CA GLU BA 36 22.12 -22.74 -134.61
C GLU BA 36 23.14 -21.72 -135.07
N GLY BA 37 23.86 -21.14 -134.13
CA GLY BA 37 24.95 -20.24 -134.47
C GLY BA 37 24.49 -19.04 -135.27
N LEU BA 38 25.36 -18.56 -136.15
CA LEU BA 38 25.14 -17.28 -136.80
C LEU BA 38 23.98 -17.39 -137.78
N SER BA 39 22.76 -17.32 -137.25
CA SER BA 39 21.56 -17.44 -138.04
C SER BA 39 20.59 -16.36 -137.60
N GLY BA 40 21.11 -15.33 -136.92
CA GLY BA 40 20.27 -14.36 -136.26
C GLY BA 40 19.72 -14.90 -134.95
N GLU BA 41 18.61 -14.29 -134.52
CA GLU BA 41 17.79 -14.79 -133.43
C GLU BA 41 18.43 -14.52 -132.06
N LYS BA 42 17.73 -13.80 -131.20
CA LYS BA 42 18.19 -13.49 -129.85
C LYS BA 42 18.02 -14.67 -128.90
N GLN BA 43 17.89 -15.88 -129.45
CA GLN BA 43 17.80 -17.13 -128.69
C GLN BA 43 16.43 -17.29 -128.07
N GLU BA 44 15.85 -18.47 -128.23
CA GLU BA 44 14.58 -18.84 -127.62
C GLU BA 44 14.74 -20.16 -126.91
N ILE BA 45 14.10 -20.29 -125.75
CA ILE BA 45 14.18 -21.50 -124.96
C ILE BA 45 12.79 -22.13 -124.98
N SER BA 46 12.65 -23.22 -125.72
CA SER BA 46 11.38 -23.95 -125.82
C SER BA 46 11.51 -25.24 -125.02
N LYS BA 47 10.83 -25.31 -123.89
CA LYS BA 47 10.90 -26.45 -123.00
C LYS BA 47 9.51 -26.99 -122.74
N ARG BA 48 9.35 -28.30 -122.90
CA ARG BA 48 8.10 -28.98 -122.63
C ARG BA 48 8.30 -29.97 -121.49
N ASN BA 49 7.43 -29.90 -120.49
CA ASN BA 49 7.57 -30.76 -119.34
C ASN BA 49 7.36 -32.21 -119.73
N ILE BA 50 8.24 -33.09 -119.25
CA ILE BA 50 8.10 -34.51 -119.57
C ILE BA 50 6.79 -35.07 -119.04
N LEU BA 51 6.35 -34.63 -117.87
CA LEU BA 51 5.09 -35.08 -117.29
C LEU BA 51 3.89 -34.58 -118.07
N GLN BA 52 4.04 -33.49 -118.83
CA GLN BA 52 2.95 -33.01 -119.65
C GLN BA 52 2.53 -34.05 -120.69
N GLY BA 53 3.51 -34.70 -121.31
CA GLY BA 53 3.21 -35.66 -122.36
C GLY BA 53 2.55 -36.92 -121.86
N LEU BA 54 2.51 -37.12 -120.54
CA LEU BA 54 1.89 -38.32 -120.00
C LEU BA 54 0.38 -38.34 -120.26
N LEU BA 55 -0.22 -37.18 -120.50
CA LEU BA 55 -1.64 -37.08 -120.83
C LEU BA 55 -1.91 -36.87 -122.31
N ASP BA 56 -1.05 -36.14 -123.01
CA ASP BA 56 -1.22 -35.86 -124.42
C ASP BA 56 -0.38 -36.82 -125.24
N TYR BA 57 -0.33 -36.60 -126.55
CA TYR BA 57 0.41 -37.54 -127.41
C TYR BA 57 1.36 -36.86 -128.38
N THR BA 58 1.63 -35.57 -128.24
CA THR BA 58 2.43 -34.87 -129.23
C THR BA 58 3.65 -34.22 -128.60
N THR BA 59 3.73 -34.25 -127.27
CA THR BA 59 4.85 -33.66 -126.58
C THR BA 59 6.14 -34.46 -126.73
N LEU BA 60 6.08 -35.78 -126.54
CA LEU BA 60 7.27 -36.61 -126.61
C LEU BA 60 7.47 -37.28 -127.95
N GLU BA 61 6.61 -37.01 -128.93
CA GLU BA 61 6.72 -37.64 -130.23
C GLU BA 61 7.51 -36.74 -131.17
N THR BA 62 8.60 -37.28 -131.71
CA THR BA 62 9.47 -36.50 -132.58
C THR BA 62 10.16 -37.42 -133.58
N ASN BA 63 10.06 -37.07 -134.85
CA ASN BA 63 10.84 -37.70 -135.91
C ASN BA 63 12.00 -36.80 -136.30
N SER BA 64 13.21 -37.36 -136.25
CA SER BA 64 14.39 -36.53 -136.44
C SER BA 64 15.37 -37.18 -137.41
N THR BA 65 15.15 -38.45 -137.71
CA THR BA 65 16.05 -39.21 -138.57
C THR BA 65 15.19 -39.99 -139.57
N GLU BA 66 14.14 -39.34 -140.07
CA GLU BA 66 13.34 -39.90 -141.14
C GLU BA 66 13.61 -39.13 -142.41
N LEU BA 67 13.79 -39.86 -143.50
CA LEU BA 67 14.27 -39.28 -144.74
C LEU BA 67 13.06 -38.77 -145.54
N ILE BA 68 12.88 -37.45 -145.57
CA ILE BA 68 11.69 -36.85 -146.14
C ILE BA 68 12.07 -36.06 -147.38
N PRO BA 69 11.38 -36.24 -148.51
CA PRO BA 69 11.72 -35.48 -149.72
C PRO BA 69 11.53 -33.98 -149.51
N VAL BA 70 12.47 -33.20 -150.07
CA VAL BA 70 12.44 -31.74 -149.99
C VAL BA 70 12.61 -31.20 -151.40
N ILE BA 71 12.06 -30.02 -151.66
CA ILE BA 71 12.10 -29.41 -152.97
C ILE BA 71 12.92 -28.12 -152.90
N GLN BA 72 13.72 -27.88 -153.93
CA GLN BA 72 14.43 -26.62 -154.13
C GLN BA 72 14.26 -26.21 -155.58
N SER BA 73 13.73 -25.02 -155.81
CA SER BA 73 13.39 -24.60 -157.16
C SER BA 73 14.63 -24.46 -158.02
N GLY BA 74 14.56 -24.99 -159.24
CA GLY BA 74 15.68 -24.91 -160.16
C GLY BA 74 16.76 -25.94 -159.90
N GLU BA 75 16.58 -26.79 -158.88
CA GLU BA 75 17.57 -27.80 -158.55
C GLU BA 75 16.99 -29.19 -158.67
N ASN BA 76 15.79 -29.40 -158.11
CA ASN BA 76 15.21 -30.74 -158.09
C ASN BA 76 13.70 -30.72 -158.32
N ASP BA 77 13.19 -29.73 -159.04
CA ASP BA 77 11.79 -29.67 -159.39
C ASP BA 77 11.59 -30.38 -160.72
N GLU BA 78 12.08 -31.61 -160.78
CA GLU BA 78 11.95 -32.43 -161.98
C GLU BA 78 11.45 -33.84 -161.69
N GLN BA 79 11.63 -34.35 -160.47
CA GLN BA 79 11.08 -35.64 -160.06
C GLN BA 79 9.75 -35.48 -159.34
N PHE BA 80 9.49 -34.29 -158.79
CA PHE BA 80 8.25 -34.01 -158.09
C PHE BA 80 7.17 -33.63 -159.08
N ILE BA 81 5.92 -33.97 -158.74
CA ILE BA 81 4.81 -33.65 -159.60
C ILE BA 81 4.74 -32.14 -159.84
N ASP BA 82 4.09 -31.77 -160.93
CA ASP BA 82 3.92 -30.36 -161.23
C ASP BA 82 3.13 -29.66 -160.13
N PRO BA 83 3.53 -28.47 -159.71
CA PRO BA 83 2.81 -27.78 -158.64
C PRO BA 83 1.55 -27.10 -159.15
N SER BA 84 0.78 -27.81 -159.97
CA SER BA 84 -0.46 -27.28 -160.53
C SER BA 84 -1.66 -28.12 -160.16
N VAL BA 85 -1.45 -29.31 -159.60
CA VAL BA 85 -2.54 -30.17 -159.15
C VAL BA 85 -2.64 -30.26 -157.64
N LEU BA 86 -1.55 -29.97 -156.91
CA LEU BA 86 -1.57 -30.00 -155.45
C LEU BA 86 -0.46 -29.10 -154.92
N PRO BA 87 -0.79 -27.91 -154.41
CA PRO BA 87 0.24 -27.05 -153.83
C PRO BA 87 0.97 -27.73 -152.68
N ALA BA 88 2.24 -27.39 -152.50
CA ALA BA 88 3.09 -28.10 -151.55
C ALA BA 88 2.61 -27.88 -150.11
N GLN BA 89 3.00 -28.81 -149.25
CA GLN BA 89 2.67 -28.75 -147.83
C GLN BA 89 3.93 -28.44 -147.03
N THR BA 90 3.76 -27.72 -145.93
CA THR BA 90 4.86 -27.42 -145.02
C THR BA 90 4.91 -28.48 -143.94
N VAL BA 91 6.12 -28.91 -143.58
CA VAL BA 91 6.31 -29.90 -142.52
C VAL BA 91 7.53 -29.50 -141.71
N LYS BA 92 7.55 -29.92 -140.45
CA LYS BA 92 8.64 -29.62 -139.54
C LYS BA 92 9.38 -30.90 -139.20
N GLN BA 93 10.70 -30.87 -139.32
CA GLN BA 93 11.57 -31.95 -138.87
C GLN BA 93 12.66 -31.30 -138.02
N GLY BA 94 12.44 -31.26 -136.71
CA GLY BA 94 13.30 -30.50 -135.83
C GLY BA 94 12.95 -29.03 -135.91
N LYS BA 95 13.85 -28.22 -136.47
CA LYS BA 95 13.69 -26.78 -136.59
C LYS BA 95 13.70 -26.30 -138.04
N ASP BA 96 13.73 -27.22 -139.00
CA ASP BA 96 13.74 -26.86 -140.40
C ASP BA 96 12.31 -26.73 -140.90
N THR BA 97 12.04 -25.66 -141.65
CA THR BA 97 10.75 -25.45 -142.29
C THR BA 97 10.97 -25.48 -143.79
N PHE BA 98 10.22 -26.32 -144.49
CA PHE BA 98 10.47 -26.58 -145.90
C PHE BA 98 9.24 -27.20 -146.55
N ASP BA 99 9.30 -27.31 -147.87
CA ASP BA 99 8.15 -27.76 -148.64
C ASP BA 99 8.37 -29.16 -149.19
N THR BA 100 7.34 -29.98 -149.10
CA THR BA 100 7.39 -31.37 -149.55
C THR BA 100 6.19 -31.67 -150.44
N ASN BA 101 6.36 -32.68 -151.30
CA ASN BA 101 5.30 -33.06 -152.23
C ASN BA 101 5.55 -34.49 -152.70
N PHE BA 102 4.50 -35.08 -153.27
CA PHE BA 102 4.56 -36.47 -153.69
C PHE BA 102 5.50 -36.67 -154.88
N LEU BA 103 6.10 -37.85 -154.95
CA LEU BA 103 6.97 -38.19 -156.06
C LEU BA 103 6.16 -38.64 -157.26
N LYS BA 104 6.64 -38.35 -158.46
CA LYS BA 104 5.93 -38.69 -159.68
C LYS BA 104 6.26 -40.11 -160.11
N PHE BA 105 5.23 -40.82 -160.58
CA PHE BA 105 5.43 -42.13 -161.18
C PHE BA 105 6.21 -41.99 -162.48
N SER BA 106 7.42 -42.54 -162.49
CA SER BA 106 8.35 -42.35 -163.60
C SER BA 106 8.45 -43.63 -164.40
N GLU BA 107 7.74 -43.68 -165.51
CA GLU BA 107 7.82 -44.82 -166.42
C GLU BA 107 8.43 -44.49 -167.77
N ASN BA 108 8.08 -43.37 -168.38
CA ASN BA 108 8.77 -42.93 -169.59
C ASN BA 108 10.28 -42.82 -169.37
N GLY BA 109 10.69 -42.38 -168.20
CA GLY BA 109 12.10 -42.20 -167.90
C GLY BA 109 12.65 -43.21 -166.91
N GLU BA 110 13.77 -42.87 -166.28
CA GLU BA 110 14.50 -43.82 -165.45
C GLU BA 110 15.05 -43.12 -164.22
N GLY BA 111 14.89 -43.76 -163.07
CA GLY BA 111 15.68 -43.45 -161.90
C GLY BA 111 15.25 -42.26 -161.06
N PHE BA 112 15.28 -42.44 -159.74
CA PHE BA 112 15.23 -41.36 -158.78
C PHE BA 112 16.17 -41.69 -157.64
N ASN BA 113 16.94 -40.71 -157.19
CA ASN BA 113 17.92 -40.90 -156.13
C ASN BA 113 17.37 -40.30 -154.85
N LEU BA 114 16.86 -41.16 -153.96
CA LEU BA 114 16.21 -40.68 -152.75
C LEU BA 114 17.19 -39.95 -151.85
N LEU BA 115 18.40 -40.47 -151.71
CA LEU BA 115 19.37 -39.86 -150.80
C LEU BA 115 19.75 -38.46 -151.25
N MET BA 116 19.98 -38.28 -152.55
CA MET BA 116 20.35 -36.98 -153.07
C MET BA 116 19.25 -35.95 -152.86
N LEU BA 117 17.99 -36.34 -153.11
CA LEU BA 117 16.92 -35.37 -153.16
C LEU BA 117 16.51 -34.84 -151.79
N ALA BA 118 16.82 -35.57 -150.72
CA ALA BA 118 16.29 -35.24 -149.40
C ALA BA 118 17.31 -34.54 -148.51
N GLN BA 119 18.17 -33.70 -149.07
CA GLN BA 119 19.10 -32.91 -148.27
C GLN BA 119 18.31 -31.85 -147.53
N THR BA 120 18.01 -32.11 -146.27
CA THR BA 120 17.31 -31.15 -145.43
C THR BA 120 18.21 -29.95 -145.17
N PRO BA 121 17.61 -28.79 -144.91
CA PRO BA 121 18.44 -27.59 -144.68
C PRO BA 121 19.42 -27.76 -143.52
N SER BA 122 19.06 -28.55 -142.52
CA SER BA 122 20.00 -28.81 -141.43
C SER BA 122 21.21 -29.61 -141.92
N ARG BA 123 20.96 -30.67 -142.70
CA ARG BA 123 22.06 -31.54 -143.11
C ARG BA 123 23.02 -30.84 -144.07
N LEU BA 124 22.50 -29.97 -144.94
CA LEU BA 124 23.37 -29.26 -145.87
C LEU BA 124 24.45 -28.49 -145.12
N LYS BA 125 24.15 -28.00 -143.92
CA LYS BA 125 25.15 -27.30 -143.14
C LYS BA 125 26.21 -28.25 -142.60
N LYS BA 126 25.85 -29.50 -142.35
CA LYS BA 126 26.76 -30.46 -141.75
C LYS BA 126 27.68 -31.12 -142.78
N GLY BA 127 27.38 -31.05 -144.06
CA GLY BA 127 28.18 -31.75 -145.05
C GLY BA 127 27.34 -32.71 -145.88
N SER BA 128 27.35 -32.51 -147.20
CA SER BA 128 26.37 -33.15 -148.06
C SER BA 128 26.61 -34.64 -148.20
N MET BA 129 25.74 -35.43 -147.57
CA MET BA 129 25.55 -36.85 -147.88
C MET BA 129 26.82 -37.68 -147.94
N THR BA 130 27.50 -37.82 -146.82
CA THR BA 130 28.60 -38.77 -146.73
C THR BA 130 28.09 -40.18 -147.07
N PHE BA 131 28.92 -40.94 -147.77
CA PHE BA 131 28.51 -42.23 -148.32
C PHE BA 131 28.23 -43.30 -147.27
N THR BA 132 28.30 -42.99 -145.98
CA THR BA 132 28.08 -43.99 -144.95
C THR BA 132 26.62 -44.07 -144.52
N ASP BA 133 25.75 -43.19 -145.00
CA ASP BA 133 24.34 -43.24 -144.66
C ASP BA 133 23.69 -44.45 -145.33
N SER BA 134 22.88 -45.19 -144.57
CA SER BA 134 22.27 -46.41 -145.08
C SER BA 134 20.79 -46.44 -144.72
N LEU BA 135 19.99 -46.92 -145.67
CA LEU BA 135 18.55 -47.02 -145.48
C LEU BA 135 18.21 -48.21 -144.60
N ASP BA 136 17.09 -48.11 -143.87
CA ASP BA 136 16.71 -49.14 -142.92
C ASP BA 136 16.07 -50.32 -143.62
N SER BA 137 15.88 -51.41 -142.85
CA SER BA 137 15.25 -52.61 -143.39
C SER BA 137 13.80 -52.34 -143.77
N ARG BA 138 13.07 -51.61 -142.92
CA ARG BA 138 11.64 -51.41 -143.11
C ARG BA 138 11.41 -50.16 -143.94
N ILE BA 139 10.93 -50.34 -145.16
CA ILE BA 139 10.56 -49.25 -146.05
C ILE BA 139 9.22 -49.62 -146.68
N ALA BA 140 8.34 -48.64 -146.83
CA ALA BA 140 7.02 -48.93 -147.37
C ALA BA 140 6.42 -47.69 -148.00
N LEU BA 141 5.40 -47.90 -148.82
CA LEU BA 141 4.58 -46.81 -149.35
C LEU BA 141 3.91 -46.09 -148.17
N LYS BA 142 3.98 -44.77 -148.17
CA LYS BA 142 3.36 -43.99 -147.11
C LYS BA 142 1.99 -43.47 -147.51
N GLN BA 143 1.92 -42.72 -148.60
CA GLN BA 143 0.66 -42.21 -149.12
C GLN BA 143 0.61 -42.43 -150.61
N LEU BA 144 -0.58 -42.78 -151.11
CA LEU BA 144 -0.80 -42.96 -152.54
C LEU BA 144 -1.92 -42.04 -152.96
N LEU BA 145 -1.80 -41.48 -154.17
CA LEU BA 145 -2.73 -40.48 -154.66
C LEU BA 145 -3.35 -40.96 -155.97
N ILE BA 146 -4.66 -40.75 -156.10
CA ILE BA 146 -5.40 -41.10 -157.31
C ILE BA 146 -6.27 -39.92 -157.71
N SER BA 147 -6.35 -39.69 -159.01
CA SER BA 147 -7.13 -38.61 -159.59
C SER BA 147 -8.40 -39.15 -160.20
N VAL BA 148 -9.55 -38.76 -159.64
CA VAL BA 148 -10.85 -39.16 -160.15
C VAL BA 148 -11.38 -38.05 -161.03
N THR BA 149 -11.64 -38.36 -162.30
CA THR BA 149 -12.03 -37.37 -163.29
C THR BA 149 -13.39 -37.75 -163.86
N LYS BA 150 -14.27 -36.76 -163.99
CA LYS BA 150 -15.57 -36.96 -164.62
C LYS BA 150 -16.06 -35.62 -165.17
N GLY BA 151 -16.10 -35.50 -166.49
CA GLY BA 151 -16.59 -34.29 -167.12
C GLY BA 151 -15.67 -33.09 -167.01
N GLY BA 152 -14.39 -33.30 -166.74
CA GLY BA 152 -13.43 -32.21 -166.60
C GLY BA 152 -13.18 -31.79 -165.17
N THR BA 153 -14.02 -32.19 -164.23
CA THR BA 153 -13.84 -31.89 -162.82
C THR BA 153 -12.87 -32.88 -162.21
N THR BA 154 -11.87 -32.37 -161.50
CA THR BA 154 -10.81 -33.19 -160.94
C THR BA 154 -10.95 -33.27 -159.42
N GLU BA 155 -11.14 -34.48 -158.92
CA GLU BA 155 -11.15 -34.77 -157.49
C GLU BA 155 -10.06 -35.79 -157.18
N LEU BA 156 -9.18 -35.43 -156.25
CA LEU BA 156 -8.07 -36.28 -155.86
C LEU BA 156 -8.36 -36.93 -154.53
N PHE BA 157 -7.95 -38.19 -154.39
CA PHE BA 157 -8.21 -38.97 -153.19
C PHE BA 157 -6.88 -39.32 -152.53
N ALA BA 158 -6.77 -39.05 -151.24
CA ALA BA 158 -5.60 -39.43 -150.46
C ALA BA 158 -5.88 -40.75 -149.76
N LEU BA 159 -5.30 -41.83 -150.26
CA LEU BA 159 -5.54 -43.16 -149.74
C LEU BA 159 -4.43 -43.55 -148.78
N ASP BA 160 -4.82 -44.03 -147.60
CA ASP BA 160 -3.86 -44.59 -146.65
C ASP BA 160 -3.51 -45.99 -147.10
N VAL BA 161 -2.39 -46.14 -147.80
CA VAL BA 161 -1.96 -47.43 -148.31
C VAL BA 161 -1.11 -48.19 -147.29
N ASN BA 162 -0.69 -47.52 -146.22
CA ASN BA 162 0.12 -48.18 -145.19
C ASN BA 162 -0.72 -49.26 -144.53
N ARG BA 163 -0.04 -50.21 -143.88
CA ARG BA 163 -0.70 -51.34 -143.23
C ARG BA 163 -1.58 -52.14 -144.19
N ASP BA 164 -1.04 -52.52 -145.33
CA ASP BA 164 -1.64 -53.59 -146.11
C ASP BA 164 -0.77 -54.84 -146.04
N GLN BA 165 -1.20 -55.90 -146.72
CA GLN BA 165 -0.55 -57.18 -146.58
C GLN BA 165 0.68 -57.31 -147.47
N TYR BA 166 0.94 -56.29 -148.28
CA TYR BA 166 2.07 -56.35 -149.21
C TYR BA 166 2.80 -55.01 -149.27
N ALA BA 167 2.35 -54.05 -148.47
CA ALA BA 167 2.84 -52.68 -148.60
C ALA BA 167 4.31 -52.55 -148.21
N ALA BA 168 4.88 -53.57 -147.61
CA ALA BA 168 6.27 -53.53 -147.15
C ALA BA 168 7.20 -54.07 -148.23
N TYR BA 169 8.32 -53.37 -148.44
CA TYR BA 169 9.38 -53.89 -149.29
C TYR BA 169 9.96 -55.16 -148.69
N THR BA 170 10.47 -56.04 -149.53
CA THR BA 170 11.07 -57.30 -149.10
C THR BA 170 12.46 -57.45 -149.69
N ALA BA 171 13.29 -58.21 -149.00
CA ALA BA 171 14.64 -58.49 -149.48
C ALA BA 171 14.64 -59.75 -150.34
N THR BA 172 15.08 -59.60 -151.59
CA THR BA 172 15.14 -60.73 -152.51
C THR BA 172 16.20 -60.42 -153.58
N ARG BA 173 17.36 -61.05 -153.43
CA ARG BA 173 18.45 -60.83 -154.36
C ARG BA 173 18.21 -61.61 -155.66
N GLU BA 174 18.09 -60.87 -156.75
CA GLU BA 174 17.99 -61.49 -158.06
C GLU BA 174 18.91 -60.76 -159.03
N TYR BA 175 19.21 -59.49 -158.73
CA TYR BA 175 20.20 -58.75 -159.50
C TYR BA 175 21.43 -58.44 -158.66
N ASN BA 176 21.25 -57.77 -157.54
CA ASN BA 176 22.38 -57.30 -156.76
C ASN BA 176 22.34 -57.83 -155.33
N PHE BA 177 23.28 -57.36 -154.53
CA PHE BA 177 23.50 -57.85 -153.17
C PHE BA 177 22.65 -57.12 -152.15
N ARG BA 178 22.01 -56.00 -152.54
CA ARG BA 178 21.30 -55.20 -151.55
C ARG BA 178 19.93 -54.70 -152.02
N LEU BA 179 19.46 -55.12 -153.19
CA LEU BA 179 18.27 -54.53 -153.79
C LEU BA 179 17.04 -54.87 -152.95
N MET BA 180 16.07 -53.95 -152.92
CA MET BA 180 14.74 -54.19 -152.38
C MET BA 180 13.75 -54.33 -153.53
N GLN BA 181 12.90 -55.34 -153.46
CA GLN BA 181 11.91 -55.61 -154.48
C GLN BA 181 10.51 -55.35 -153.92
N LEU BA 182 9.64 -54.79 -154.75
CA LEU BA 182 8.27 -54.49 -154.34
C LEU BA 182 7.30 -55.07 -155.36
N LYS BA 183 6.37 -55.89 -154.87
CA LYS BA 183 5.29 -56.45 -155.68
C LYS BA 183 3.99 -56.18 -154.94
N PHE BA 184 3.26 -55.17 -155.41
CA PHE BA 184 2.04 -54.73 -154.75
C PHE BA 184 0.85 -55.17 -155.61
N HIS BA 185 0.05 -56.10 -155.10
CA HIS BA 185 -1.12 -56.63 -155.80
C HIS BA 185 -2.30 -56.61 -154.85
N THR BA 186 -3.05 -55.51 -154.86
CA THR BA 186 -4.10 -55.31 -153.88
C THR BA 186 -5.25 -54.53 -154.51
N SER BA 187 -6.43 -54.65 -153.91
CA SER BA 187 -7.61 -53.90 -154.31
C SER BA 187 -7.83 -52.77 -153.29
N LEU BA 188 -7.88 -51.54 -153.79
CA LEU BA 188 -8.05 -50.36 -152.95
C LEU BA 188 -9.50 -49.92 -152.98
N GLY BA 189 -10.12 -49.86 -151.80
CA GLY BA 189 -11.51 -49.47 -151.69
C GLY BA 189 -11.70 -48.03 -151.23
N LEU BA 190 -12.78 -47.43 -151.71
CA LEU BA 190 -13.19 -46.10 -151.30
C LEU BA 190 -14.47 -46.23 -150.49
N GLY BA 191 -14.34 -46.13 -149.16
CA GLY BA 191 -15.44 -46.37 -148.26
C GLY BA 191 -16.59 -45.40 -148.45
N GLU BA 192 -17.79 -45.87 -148.11
CA GLU BA 192 -19.03 -45.16 -148.35
C GLU BA 192 -19.09 -43.79 -147.69
N GLU BA 193 -18.09 -43.44 -146.88
CA GLU BA 193 -17.96 -42.07 -146.41
C GLU BA 193 -16.53 -41.56 -146.58
N SER BA 194 -15.67 -42.31 -147.28
CA SER BA 194 -14.27 -41.96 -147.46
C SER BA 194 -14.11 -40.53 -147.92
N THR BA 195 -13.41 -39.73 -147.13
CA THR BA 195 -13.26 -38.32 -147.40
C THR BA 195 -11.96 -38.03 -148.14
N THR BA 196 -11.98 -36.99 -148.95
CA THR BA 196 -10.81 -36.48 -149.62
C THR BA 196 -10.11 -35.45 -148.74
N VAL BA 197 -8.98 -34.94 -149.22
CA VAL BA 197 -8.26 -33.88 -148.52
C VAL BA 197 -8.65 -32.56 -149.17
N ALA BA 198 -9.55 -32.63 -150.15
CA ALA BA 198 -9.98 -31.46 -150.91
C ALA BA 198 -11.29 -30.88 -150.38
N GLY BA 199 -11.82 -31.41 -149.28
CA GLY BA 199 -13.02 -30.86 -148.69
C GLY BA 199 -14.24 -31.75 -148.77
N ALA BA 200 -14.65 -32.31 -147.63
CA ALA BA 200 -15.86 -33.12 -147.49
C ALA BA 200 -15.89 -34.30 -148.45
N GLU BA 201 -17.07 -34.91 -148.59
CA GLU BA 201 -17.23 -36.07 -149.46
C GLU BA 201 -17.16 -35.65 -150.93
N SER BA 202 -16.66 -36.56 -151.76
CA SER BA 202 -16.43 -36.24 -153.17
C SER BA 202 -17.72 -35.88 -153.88
N ALA BA 203 -17.68 -34.78 -154.63
CA ALA BA 203 -18.87 -34.25 -155.29
C ALA BA 203 -19.23 -34.98 -156.57
N LEU BA 204 -18.36 -35.84 -157.09
CA LEU BA 204 -18.64 -36.55 -158.32
C LEU BA 204 -19.25 -37.93 -158.10
N LEU BA 205 -18.89 -38.62 -157.03
CA LEU BA 205 -19.41 -39.95 -156.75
C LEU BA 205 -20.52 -39.96 -155.70
N LYS BA 206 -21.04 -38.80 -155.32
CA LYS BA 206 -21.97 -38.73 -154.20
C LYS BA 206 -23.20 -39.60 -154.43
N ASP BA 207 -23.63 -39.74 -155.67
CA ASP BA 207 -24.84 -40.52 -155.96
C ASP BA 207 -24.65 -41.98 -155.56
N LEU BA 208 -23.50 -42.56 -155.89
CA LEU BA 208 -23.24 -43.94 -155.52
C LEU BA 208 -23.22 -44.10 -154.01
N PHE BA 209 -22.68 -43.11 -153.31
CA PHE BA 209 -22.53 -43.21 -151.86
C PHE BA 209 -23.86 -43.01 -151.15
N ASP BA 210 -24.78 -42.26 -151.77
CA ASP BA 210 -26.07 -42.00 -151.14
C ASP BA 210 -26.86 -43.28 -150.93
N LEU BA 211 -26.88 -44.16 -151.92
CA LEU BA 211 -27.51 -45.46 -151.77
C LEU BA 211 -26.78 -46.36 -150.79
N GLY BA 212 -25.57 -45.98 -150.38
CA GLY BA 212 -24.79 -46.82 -149.49
C GLY BA 212 -23.86 -47.78 -150.19
N TYR BA 213 -23.74 -47.67 -151.52
CA TYR BA 213 -22.84 -48.54 -152.27
C TYR BA 213 -21.40 -48.13 -152.02
N ARG BA 214 -20.49 -49.09 -152.22
CA ARG BA 214 -19.06 -48.84 -152.10
C ARG BA 214 -18.36 -49.37 -153.34
N ILE BA 215 -17.29 -48.69 -153.74
CA ILE BA 215 -16.60 -48.98 -154.98
C ILE BA 215 -15.13 -49.27 -154.69
N GLU BA 216 -14.59 -50.29 -155.35
CA GLU BA 216 -13.20 -50.71 -155.16
C GLU BA 216 -12.37 -50.37 -156.39
N LEU BA 217 -11.07 -50.18 -156.18
CA LEU BA 217 -10.11 -49.98 -157.24
C LEU BA 217 -8.99 -50.98 -157.06
N ASP BA 218 -8.71 -51.76 -158.09
CA ASP BA 218 -7.60 -52.72 -158.03
C ASP BA 218 -6.32 -52.05 -158.50
N VAL BA 219 -5.31 -52.02 -157.62
CA VAL BA 219 -4.06 -51.35 -157.90
C VAL BA 219 -2.98 -52.41 -158.11
N LYS BA 220 -2.12 -52.19 -159.09
CA LYS BA 220 -0.93 -52.99 -159.29
C LYS BA 220 0.25 -52.06 -159.37
N VAL BA 221 1.15 -52.14 -158.39
CA VAL BA 221 2.34 -51.31 -158.34
C VAL BA 221 3.54 -52.22 -158.12
N ASP BA 222 4.57 -52.02 -158.93
CA ASP BA 222 5.84 -52.70 -158.75
C ASP BA 222 6.95 -51.68 -158.63
N GLY BA 223 8.03 -52.05 -157.96
CA GLY BA 223 9.12 -51.11 -157.81
C GLY BA 223 10.38 -51.78 -157.34
N GLU BA 224 11.51 -51.20 -157.74
CA GLU BA 224 12.82 -51.65 -157.31
C GLU BA 224 13.51 -50.51 -156.59
N MET BA 225 14.06 -50.81 -155.42
CA MET BA 225 14.75 -49.83 -154.61
C MET BA 225 16.03 -50.44 -154.05
N ASN BA 226 17.06 -49.63 -153.88
CA ASN BA 226 18.33 -50.09 -153.35
C ASN BA 226 18.63 -49.35 -152.06
N VAL BA 227 19.42 -49.98 -151.18
CA VAL BA 227 19.62 -49.44 -149.84
C VAL BA 227 21.02 -48.92 -149.60
N GLU BA 228 21.80 -48.70 -150.65
CA GLU BA 228 23.18 -48.26 -150.43
C GLU BA 228 23.53 -46.94 -151.10
N ASN BA 229 22.81 -46.56 -152.14
CA ASN BA 229 23.10 -45.26 -152.75
C ASN BA 229 21.86 -44.40 -152.93
N GLY BA 230 20.70 -45.00 -153.13
CA GLY BA 230 19.48 -44.25 -153.36
C GLY BA 230 18.87 -44.43 -154.74
N ASN BA 231 19.53 -45.12 -155.66
CA ASN BA 231 18.95 -45.39 -156.96
C ASN BA 231 17.80 -46.38 -156.82
N GLY BA 232 16.69 -46.08 -157.48
CA GLY BA 232 15.51 -46.93 -157.43
C GLY BA 232 14.47 -46.42 -158.39
N ASP BA 233 13.36 -47.15 -158.45
CA ASP BA 233 12.23 -46.76 -159.28
C ASP BA 233 10.97 -47.44 -158.80
N THR BA 234 9.83 -46.89 -159.20
CA THR BA 234 8.52 -47.44 -158.89
C THR BA 234 7.57 -47.06 -160.01
N SER BA 235 6.71 -47.98 -160.42
CA SER BA 235 5.85 -47.79 -161.59
C SER BA 235 4.44 -48.23 -161.28
N LEU BA 236 3.46 -47.57 -161.90
CA LEU BA 236 2.06 -47.96 -161.79
C LEU BA 236 1.70 -48.93 -162.91
N ARG BA 237 1.33 -50.15 -162.56
CA ARG BA 237 1.11 -51.19 -163.55
C ARG BA 237 -0.29 -51.17 -164.15
N ALA BA 238 -1.31 -50.97 -163.32
CA ALA BA 238 -2.67 -50.90 -163.83
C ALA BA 238 -3.57 -50.26 -162.78
N LEU BA 239 -4.66 -49.64 -163.24
CA LEU BA 239 -5.62 -49.00 -162.34
C LEU BA 239 -6.96 -48.95 -163.07
N ARG BA 240 -7.97 -49.64 -162.53
CA ARG BA 240 -9.25 -49.76 -163.20
C ARG BA 240 -10.36 -49.95 -162.17
N LEU BA 241 -11.59 -49.86 -162.64
CA LEU BA 241 -12.74 -50.19 -161.80
C LEU BA 241 -12.92 -51.70 -161.78
N ALA BA 242 -12.89 -52.29 -160.59
CA ALA BA 242 -12.90 -53.74 -160.46
C ALA BA 242 -14.25 -54.30 -160.04
N ARG BA 243 -14.74 -53.90 -158.87
CA ARG BA 243 -16.01 -54.41 -158.37
C ARG BA 243 -16.71 -53.30 -157.61
N VAL BA 244 -18.04 -53.43 -157.52
CA VAL BA 244 -18.86 -52.53 -156.71
C VAL BA 244 -19.69 -53.39 -155.76
N PHE BA 245 -19.65 -53.07 -154.47
CA PHE BA 245 -20.45 -53.76 -153.48
C PHE BA 245 -21.63 -52.90 -153.06
N ASP BA 246 -22.59 -53.54 -152.40
CA ASP BA 246 -23.75 -52.92 -151.81
C ASP BA 246 -23.62 -52.89 -150.28
N LYS BA 247 -24.59 -52.29 -149.62
CA LYS BA 247 -24.57 -52.21 -148.17
C LYS BA 247 -24.86 -53.54 -147.48
N GLU BA 248 -25.33 -54.54 -148.23
CA GLU BA 248 -25.59 -55.86 -147.68
C GLU BA 248 -24.45 -56.83 -147.88
N GLY BA 249 -23.30 -56.36 -148.35
CA GLY BA 249 -22.19 -57.25 -148.64
C GLY BA 249 -22.42 -58.18 -149.81
N LYS BA 250 -23.08 -57.71 -150.85
CA LYS BA 250 -23.35 -58.50 -152.05
C LYS BA 250 -22.82 -57.77 -153.27
N GLU BA 251 -22.17 -58.52 -154.16
CA GLU BA 251 -21.61 -57.94 -155.37
C GLU BA 251 -22.72 -57.49 -156.31
N ILE BA 252 -22.60 -56.26 -156.81
CA ILE BA 252 -23.46 -55.76 -157.87
C ILE BA 252 -22.63 -55.63 -159.13
N ALA BA 253 -23.14 -56.16 -160.24
CA ALA BA 253 -22.39 -56.19 -161.47
C ALA BA 253 -22.32 -54.81 -162.12
N LEU BA 254 -21.26 -54.56 -162.89
CA LEU BA 254 -21.13 -53.33 -163.65
C LEU BA 254 -22.04 -53.32 -164.87
N THR BA 255 -22.66 -54.46 -165.18
CA THR BA 255 -23.59 -54.56 -166.29
C THR BA 255 -24.97 -54.02 -165.94
N ASP BA 256 -25.22 -53.71 -164.67
CA ASP BA 256 -26.46 -53.08 -164.25
C ASP BA 256 -26.57 -51.73 -164.92
N SER BA 257 -27.73 -51.44 -165.51
CA SER BA 257 -27.93 -50.14 -166.15
C SER BA 257 -27.81 -49.01 -165.13
N ARG BA 258 -28.38 -49.20 -163.94
CA ARG BA 258 -28.35 -48.15 -162.93
C ARG BA 258 -26.93 -47.84 -162.48
N VAL BA 259 -26.19 -48.86 -162.06
CA VAL BA 259 -24.86 -48.64 -161.52
C VAL BA 259 -23.91 -48.16 -162.62
N SER BA 260 -23.95 -48.81 -163.78
CA SER BA 260 -23.06 -48.41 -164.87
C SER BA 260 -23.37 -47.00 -165.34
N ALA BA 261 -24.64 -46.65 -165.48
CA ALA BA 261 -25.00 -45.29 -165.87
C ALA BA 261 -24.51 -44.29 -164.83
N ALA BA 262 -24.67 -44.60 -163.55
CA ALA BA 262 -24.11 -43.75 -162.52
C ALA BA 262 -22.59 -43.76 -162.55
N LEU BA 263 -21.98 -44.87 -162.99
CA LEU BA 263 -20.54 -44.96 -163.16
C LEU BA 263 -20.08 -44.60 -164.56
N SER BA 264 -20.97 -44.13 -165.43
CA SER BA 264 -20.61 -43.81 -166.80
C SER BA 264 -19.81 -42.51 -166.80
N GLY BA 265 -18.55 -42.59 -167.26
CA GLY BA 265 -17.73 -41.40 -167.39
C GLY BA 265 -16.63 -41.29 -166.34
N LEU BA 266 -16.35 -42.39 -165.64
CA LEU BA 266 -15.34 -42.40 -164.59
C LEU BA 266 -14.01 -42.86 -165.18
N THR BA 267 -12.96 -42.08 -164.93
CA THR BA 267 -11.61 -42.41 -165.35
C THR BA 267 -10.68 -42.22 -164.16
N VAL BA 268 -10.01 -43.29 -163.74
CA VAL BA 268 -9.12 -43.26 -162.59
C VAL BA 268 -7.70 -43.43 -163.09
N THR BA 269 -6.81 -42.53 -162.69
CA THR BA 269 -5.41 -42.56 -163.07
C THR BA 269 -4.54 -42.28 -161.85
N GLY BA 270 -3.29 -42.70 -161.94
CA GLY BA 270 -2.34 -42.47 -160.85
C GLY BA 270 -1.65 -41.13 -161.00
N VAL BA 271 -1.27 -40.54 -159.87
CA VAL BA 271 -0.60 -39.25 -159.86
C VAL BA 271 0.75 -39.33 -159.17
N GLY BA 272 0.77 -39.67 -157.89
CA GLY BA 272 2.01 -39.66 -157.14
C GLY BA 272 1.87 -40.41 -155.83
N TYR BA 273 2.96 -40.38 -155.06
CA TYR BA 273 3.02 -41.10 -153.81
C TYR BA 273 4.12 -40.52 -152.94
N SER BA 274 4.23 -41.04 -151.73
CA SER BA 274 5.30 -40.70 -150.81
C SER BA 274 5.82 -41.97 -150.13
N LEU BA 275 7.14 -42.02 -149.93
CA LEU BA 275 7.79 -43.14 -149.28
C LEU BA 275 8.15 -42.78 -147.85
N GLU BA 276 7.80 -43.65 -146.91
CA GLU BA 276 8.26 -43.51 -145.53
C GLU BA 276 9.62 -44.20 -145.44
N ALA BA 277 10.68 -43.44 -145.64
CA ALA BA 277 12.03 -43.99 -145.65
C ALA BA 277 12.81 -43.40 -144.49
N ARG BA 278 13.47 -44.26 -143.73
CA ARG BA 278 14.12 -43.87 -142.51
C ARG BA 278 15.58 -44.24 -142.55
N LEU BA 279 16.43 -43.31 -142.10
CA LEU BA 279 17.88 -43.48 -142.18
C LEU BA 279 18.38 -44.30 -141.00
N THR BA 280 19.07 -45.40 -141.28
CA THR BA 280 19.78 -46.15 -140.25
C THR BA 280 21.13 -45.49 -140.07
N ASN BA 281 21.23 -44.60 -139.10
CA ASN BA 281 22.39 -43.73 -139.01
C ASN BA 281 23.40 -44.41 -138.10
N ILE BA 282 24.42 -44.99 -138.72
CA ILE BA 282 25.43 -45.74 -137.97
C ILE BA 282 26.52 -44.81 -137.47
N ASN BA 283 26.97 -43.88 -138.31
CA ASN BA 283 27.97 -42.93 -137.85
C ASN BA 283 27.36 -41.91 -136.89
N GLN BA 284 26.02 -41.79 -136.92
CA GLN BA 284 25.20 -40.89 -136.10
C GLN BA 284 25.54 -39.43 -136.29
N LEU BA 285 24.54 -38.64 -136.68
CA LEU BA 285 24.72 -37.23 -137.02
C LEU BA 285 23.65 -36.34 -136.42
N GLU BA 286 22.77 -36.88 -135.58
CA GLU BA 286 21.58 -36.19 -135.14
C GLU BA 286 21.51 -36.15 -133.61
N MET BA 287 20.90 -35.09 -133.09
CA MET BA 287 20.76 -34.97 -131.64
C MET BA 287 19.56 -35.74 -131.12
N GLY BA 288 18.65 -36.14 -132.02
CA GLY BA 288 17.48 -36.87 -131.58
C GLY BA 288 16.61 -36.01 -130.68
N LEU BA 289 16.57 -36.37 -129.40
CA LEU BA 289 15.93 -35.58 -128.37
C LEU BA 289 16.94 -35.32 -127.27
N LEU BA 290 16.79 -34.20 -126.57
CA LEU BA 290 17.67 -33.87 -125.46
C LEU BA 290 16.87 -33.88 -124.16
N ILE BA 291 17.53 -34.28 -123.07
CA ILE BA 291 16.94 -34.27 -121.75
C ILE BA 291 17.75 -33.32 -120.87
N ASP BA 292 17.07 -32.39 -120.22
CA ASP BA 292 17.72 -31.42 -119.37
C ASP BA 292 16.92 -31.25 -118.09
N SER BA 293 17.55 -30.65 -117.09
CA SER BA 293 16.86 -30.30 -115.85
C SER BA 293 17.26 -28.90 -115.43
N ASP BA 294 16.35 -28.24 -114.74
CA ASP BA 294 16.57 -26.91 -114.19
C ASP BA 294 15.63 -26.73 -113.01
N VAL BA 295 15.90 -25.71 -112.19
CA VAL BA 295 15.18 -25.51 -110.95
C VAL BA 295 14.43 -24.19 -111.00
N GLN BA 296 13.30 -24.13 -110.30
CA GLN BA 296 12.54 -22.90 -110.09
C GLN BA 296 12.28 -22.77 -108.59
N LYS BA 297 12.64 -21.61 -108.04
CA LYS BA 297 12.59 -21.42 -106.60
C LYS BA 297 12.12 -20.02 -106.26
N GLN BA 298 11.27 -19.93 -105.24
CA GLN BA 298 10.53 -18.72 -104.91
C GLN BA 298 10.71 -18.37 -103.44
N GLY BA 299 10.52 -17.10 -103.10
CA GLY BA 299 10.54 -16.67 -101.72
C GLY BA 299 9.15 -16.41 -101.19
N PHE BA 300 8.99 -16.54 -99.88
CA PHE BA 300 7.72 -16.30 -99.21
C PHE BA 300 7.95 -15.49 -97.95
N MET BA 301 7.24 -14.39 -97.81
CA MET BA 301 7.39 -13.46 -96.70
C MET BA 301 6.24 -13.61 -95.71
N ILE BA 302 6.45 -13.09 -94.50
CA ILE BA 302 5.48 -13.19 -93.40
C ILE BA 302 5.33 -11.80 -92.77
N PRO BA 303 4.17 -11.16 -92.88
CA PRO BA 303 4.01 -9.81 -92.33
C PRO BA 303 3.45 -9.79 -90.92
N THR BA 304 3.47 -8.61 -90.29
CA THR BA 304 2.76 -8.36 -89.05
C THR BA 304 1.35 -7.84 -89.36
N LEU BA 305 0.59 -7.54 -88.32
CA LEU BA 305 -0.76 -7.03 -88.44
C LEU BA 305 -1.01 -5.94 -87.42
N PRO BA 306 -2.05 -5.14 -87.60
CA PRO BA 306 -2.42 -4.14 -86.59
C PRO BA 306 -2.72 -4.81 -85.26
N PRO BA 307 -2.42 -4.14 -84.15
CA PRO BA 307 -2.54 -4.78 -82.84
C PRO BA 307 -3.93 -4.68 -82.25
N LEU BA 308 -4.11 -5.35 -81.11
CA LEU BA 308 -5.34 -5.31 -80.33
C LEU BA 308 -5.05 -4.64 -79.00
N VAL BA 309 -5.99 -3.83 -78.51
CA VAL BA 309 -5.73 -2.90 -77.42
C VAL BA 309 -6.75 -3.11 -76.31
N ILE BA 310 -6.29 -3.01 -75.07
CA ILE BA 310 -7.14 -2.92 -73.88
C ILE BA 310 -6.91 -1.55 -73.26
N VAL BA 311 -7.98 -0.88 -72.85
CA VAL BA 311 -7.88 0.41 -72.19
C VAL BA 311 -8.36 0.28 -70.75
N LYS BA 312 -7.62 0.89 -69.83
CA LYS BA 312 -7.90 0.83 -68.41
C LYS BA 312 -7.35 2.08 -67.75
N PRO BA 313 -8.14 2.77 -66.93
CA PRO BA 313 -7.57 3.83 -66.08
C PRO BA 313 -6.50 3.27 -65.16
N ALA BA 314 -5.38 3.97 -65.05
CA ALA BA 314 -4.21 3.46 -64.32
C ALA BA 314 -4.16 3.99 -62.89
N MET BA 315 -5.22 3.72 -62.13
CA MET BA 315 -5.15 3.97 -60.69
C MET BA 315 -5.88 2.87 -59.93
N VAL BA 316 -6.48 1.93 -60.66
CA VAL BA 316 -7.16 0.76 -60.10
C VAL BA 316 -7.02 -0.39 -61.07
N GLU BA 317 -7.48 -1.57 -60.66
CA GLU BA 317 -7.56 -2.75 -61.52
C GLU BA 317 -8.89 -3.45 -61.28
N ASP BA 318 -9.36 -4.16 -62.30
CA ASP BA 318 -10.72 -4.71 -62.27
C ASP BA 318 -10.74 -6.12 -62.84
N ASP BA 319 -11.94 -6.66 -63.03
CA ASP BA 319 -12.16 -7.89 -63.78
C ASP BA 319 -13.28 -7.75 -64.80
N LYS BA 320 -14.17 -6.77 -64.64
CA LYS BA 320 -15.24 -6.54 -65.59
C LYS BA 320 -14.77 -5.54 -66.64
N THR BA 321 -14.48 -4.31 -66.21
CA THR BA 321 -13.90 -3.31 -67.08
C THR BA 321 -12.50 -3.71 -67.52
N TYR BA 322 -11.86 -4.60 -66.78
CA TYR BA 322 -10.60 -5.22 -67.21
C TYR BA 322 -10.91 -6.64 -67.61
N PRO BA 323 -11.18 -6.90 -68.88
CA PRO BA 323 -11.23 -8.29 -69.34
C PRO BA 323 -9.81 -8.85 -69.35
N ARG BA 324 -9.62 -9.96 -68.64
CA ARG BA 324 -8.31 -10.56 -68.49
C ARG BA 324 -7.72 -10.97 -69.82
N LEU BA 325 -6.49 -11.47 -69.80
CA LEU BA 325 -5.76 -11.83 -71.01
C LEU BA 325 -6.53 -12.84 -71.84
N GLU BA 326 -7.43 -13.58 -71.18
CA GLU BA 326 -8.27 -14.55 -71.88
C GLU BA 326 -9.11 -13.88 -72.96
N ALA BA 327 -9.62 -12.68 -72.70
CA ALA BA 327 -10.43 -12.00 -73.70
C ALA BA 327 -9.60 -11.66 -74.94
N LEU BA 328 -8.39 -11.16 -74.73
CA LEU BA 328 -7.51 -10.88 -75.87
C LEU BA 328 -7.18 -12.16 -76.62
N THR BA 329 -6.95 -13.24 -75.89
CA THR BA 329 -6.66 -14.52 -76.53
C THR BA 329 -7.82 -14.96 -77.40
N THR BA 330 -9.05 -14.82 -76.89
CA THR BA 330 -10.22 -15.19 -77.68
C THR BA 330 -10.36 -14.32 -78.92
N ALA BA 331 -10.15 -13.02 -78.78
CA ALA BA 331 -10.25 -12.14 -79.93
C ALA BA 331 -9.22 -12.50 -81.00
N TYR BA 332 -7.99 -12.76 -80.56
CA TYR BA 332 -6.94 -13.21 -81.48
C TYR BA 332 -7.34 -14.51 -82.16
N ARG BA 333 -7.81 -15.49 -81.39
CA ARG BA 333 -8.22 -16.77 -81.95
C ARG BA 333 -9.26 -16.57 -83.04
N ILE BA 334 -10.33 -15.84 -82.72
CA ILE BA 334 -11.37 -15.57 -83.72
C ILE BA 334 -10.75 -14.95 -84.96
N GLN BA 335 -10.15 -13.77 -84.81
CA GLN BA 335 -9.72 -12.98 -85.96
C GLN BA 335 -8.79 -13.79 -86.86
N GLN BA 336 -7.82 -14.47 -86.27
CA GLN BA 336 -6.86 -15.19 -87.10
C GLN BA 336 -7.45 -16.50 -87.63
N MET BA 337 -7.81 -17.41 -86.73
CA MET BA 337 -8.23 -18.75 -87.13
C MET BA 337 -9.41 -18.78 -88.08
N ARG BA 338 -10.38 -17.87 -87.96
CA ARG BA 338 -11.60 -18.12 -88.73
C ARG BA 338 -11.81 -17.14 -89.87
N ASN BA 339 -11.91 -15.85 -89.54
CA ASN BA 339 -12.44 -14.89 -90.49
C ASN BA 339 -11.47 -14.66 -91.64
N ASN BA 340 -10.19 -14.45 -91.33
CA ASN BA 340 -9.22 -14.20 -92.37
C ASN BA 340 -9.10 -15.42 -93.29
N ALA BA 341 -9.09 -16.62 -92.73
CA ALA BA 341 -8.98 -17.82 -93.54
C ALA BA 341 -10.17 -17.97 -94.48
N VAL BA 342 -11.38 -17.73 -93.97
CA VAL BA 342 -12.55 -17.85 -94.83
C VAL BA 342 -12.51 -16.81 -95.94
N THR BA 343 -12.12 -15.57 -95.60
CA THR BA 343 -12.02 -14.54 -96.62
C THR BA 343 -11.03 -14.95 -97.71
N THR BA 344 -9.87 -15.48 -97.30
CA THR BA 344 -8.87 -15.88 -98.27
C THR BA 344 -9.36 -17.01 -99.16
N LEU BA 345 -10.08 -17.97 -98.58
CA LEU BA 345 -10.60 -19.08 -99.38
C LEU BA 345 -11.59 -18.59 -100.43
N LEU BA 346 -12.51 -17.71 -100.03
CA LEU BA 346 -13.46 -17.19 -101.01
C LEU BA 346 -12.78 -16.33 -102.06
N ASN BA 347 -11.76 -15.56 -101.67
CA ASN BA 347 -11.02 -14.78 -102.66
C ASN BA 347 -10.30 -15.69 -103.65
N ARG BA 348 -9.73 -16.79 -103.15
CA ARG BA 348 -9.15 -17.80 -104.01
C ARG BA 348 -10.15 -18.31 -105.02
N ALA BA 349 -11.35 -18.66 -104.55
CA ALA BA 349 -12.38 -19.15 -105.45
C ALA BA 349 -12.72 -18.12 -106.52
N ASP BA 350 -12.91 -16.88 -106.11
CA ASP BA 350 -13.29 -15.84 -107.06
C ASP BA 350 -12.21 -15.61 -108.11
N THR BA 351 -10.95 -15.56 -107.68
CA THR BA 351 -9.88 -15.26 -108.64
C THR BA 351 -9.67 -16.42 -109.60
N LEU BA 352 -9.80 -17.67 -109.13
CA LEU BA 352 -9.74 -18.78 -110.07
C LEU BA 352 -10.89 -18.73 -111.05
N LYS BA 353 -12.09 -18.42 -110.58
CA LYS BA 353 -13.24 -18.26 -111.47
C LYS BA 353 -12.94 -17.25 -112.55
N SER BA 354 -12.39 -16.11 -112.17
CA SER BA 354 -12.13 -15.06 -113.15
C SER BA 354 -11.04 -15.47 -114.14
N TYR BA 355 -9.95 -16.06 -113.66
CA TYR BA 355 -8.83 -16.36 -114.54
C TYR BA 355 -9.14 -17.49 -115.50
N LEU BA 356 -9.67 -18.61 -115.00
CA LEU BA 356 -9.74 -19.81 -115.82
C LEU BA 356 -11.11 -20.06 -116.44
N GLY BA 357 -12.19 -19.73 -115.76
CA GLY BA 357 -13.50 -20.09 -116.25
C GLY BA 357 -13.89 -21.48 -115.77
N VAL BA 358 -15.13 -21.84 -116.07
CA VAL BA 358 -15.74 -23.04 -115.52
C VAL BA 358 -15.47 -24.21 -116.46
N GLY BA 359 -15.00 -25.31 -115.89
CA GLY BA 359 -14.93 -26.57 -116.61
C GLY BA 359 -13.90 -26.66 -117.72
N VAL BA 360 -13.09 -25.63 -117.90
CA VAL BA 360 -12.11 -25.64 -119.00
C VAL BA 360 -10.71 -25.59 -118.42
N PRO BA 361 -9.95 -26.67 -118.47
CA PRO BA 361 -8.60 -26.67 -117.92
C PRO BA 361 -7.61 -25.95 -118.82
N HIS BA 362 -6.34 -26.01 -118.41
CA HIS BA 362 -5.26 -25.40 -119.16
C HIS BA 362 -4.04 -26.30 -119.09
N PRO BA 363 -3.15 -26.22 -120.09
CA PRO BA 363 -1.99 -27.12 -120.12
C PRO BA 363 -1.05 -26.86 -118.95
N ILE BA 364 -0.31 -27.90 -118.57
CA ILE BA 364 0.65 -27.77 -117.48
C ILE BA 364 1.71 -26.76 -117.87
N GLU BA 365 2.08 -25.91 -116.92
CA GLU BA 365 3.04 -24.84 -117.15
C GLU BA 365 2.49 -23.89 -118.20
N SER BA 366 1.25 -23.45 -118.03
CA SER BA 366 0.64 -22.42 -118.86
C SER BA 366 0.39 -21.14 -118.08
N ASN BA 367 0.90 -21.07 -116.85
CA ASN BA 367 0.79 -19.87 -116.04
C ASN BA 367 2.08 -19.66 -115.27
N LEU BA 368 2.55 -18.41 -115.28
CA LEU BA 368 3.82 -18.06 -114.68
C LEU BA 368 3.60 -16.88 -113.74
N GLY BA 369 2.39 -16.33 -113.74
CA GLY BA 369 2.06 -15.21 -112.89
C GLY BA 369 0.80 -15.47 -112.09
N LEU BA 370 0.27 -16.69 -112.19
CA LEU BA 370 -0.86 -17.10 -111.37
C LEU BA 370 -0.36 -17.43 -109.98
N GLU BA 371 -1.17 -17.12 -108.96
CA GLU BA 371 -0.77 -17.33 -107.59
C GLU BA 371 -0.49 -18.80 -107.32
N GLY BA 372 0.51 -19.05 -106.50
CA GLY BA 372 0.87 -20.40 -106.13
C GLY BA 372 1.97 -20.97 -107.01
N VAL BA 373 2.49 -22.11 -106.56
CA VAL BA 373 3.62 -22.77 -107.20
C VAL BA 373 3.24 -24.09 -107.83
N GLY BA 374 2.22 -24.77 -107.32
CA GLY BA 374 1.89 -26.10 -107.81
C GLY BA 374 1.20 -26.08 -109.15
N GLN BA 375 1.73 -25.31 -110.09
CA GLN BA 375 1.25 -25.34 -111.47
C GLN BA 375 2.22 -26.16 -112.29
N TYR BA 376 3.22 -26.74 -111.61
CA TYR BA 376 4.23 -27.55 -112.25
C TYR BA 376 3.84 -29.01 -112.33
N TYR BA 377 2.69 -29.39 -111.76
CA TYR BA 377 2.37 -30.80 -111.63
C TYR BA 377 0.99 -31.16 -112.15
N VAL BA 378 0.03 -30.24 -112.03
CA VAL BA 378 -1.35 -30.53 -112.35
C VAL BA 378 -1.91 -29.42 -113.23
N ARG BA 379 -2.73 -29.82 -114.19
CA ARG BA 379 -3.41 -28.86 -115.05
C ARG BA 379 -4.37 -28.03 -114.21
N PRO BA 380 -4.41 -26.71 -114.38
CA PRO BA 380 -5.37 -25.90 -113.63
C PRO BA 380 -6.81 -26.30 -113.97
N TYR BA 381 -7.67 -26.25 -112.96
CA TYR BA 381 -9.07 -26.64 -113.14
C TYR BA 381 -9.93 -26.01 -112.06
N TYR BA 382 -11.02 -25.37 -112.49
CA TYR BA 382 -12.03 -24.86 -111.58
C TYR BA 382 -13.41 -25.06 -112.19
N ASN BA 383 -14.35 -25.50 -111.36
CA ASN BA 383 -15.71 -25.77 -111.82
C ASN BA 383 -16.68 -25.59 -110.67
N GLU BA 384 -17.92 -25.23 -111.00
CA GLU BA 384 -18.99 -25.07 -110.02
C GLU BA 384 -20.26 -25.73 -110.56
N ALA BA 385 -21.16 -26.10 -109.65
CA ALA BA 385 -22.41 -26.74 -110.04
C ALA BA 385 -23.47 -26.43 -108.99
N THR BA 386 -24.73 -26.66 -109.36
CA THR BA 386 -25.87 -26.40 -108.50
C THR BA 386 -26.73 -27.65 -108.38
N ILE BA 387 -27.42 -27.79 -107.26
CA ILE BA 387 -28.36 -28.87 -107.05
C ILE BA 387 -29.72 -28.26 -106.70
N ASP BA 388 -30.76 -28.69 -107.39
CA ASP BA 388 -32.13 -28.25 -107.11
C ASP BA 388 -32.85 -29.38 -106.42
N VAL BA 389 -32.82 -29.38 -105.08
CA VAL BA 389 -33.42 -30.47 -104.32
C VAL BA 389 -34.93 -30.44 -104.46
N LEU BA 390 -35.49 -29.30 -104.86
CA LEU BA 390 -36.93 -29.20 -105.02
C LEU BA 390 -37.44 -30.13 -106.12
N ASN BA 391 -36.72 -30.19 -107.24
CA ASN BA 391 -37.19 -30.92 -108.41
C ASN BA 391 -36.42 -32.21 -108.69
N ASP BA 392 -35.14 -32.27 -108.32
CA ASP BA 392 -34.36 -33.50 -108.46
C ASP BA 392 -34.47 -34.39 -107.24
N LEU BA 393 -35.65 -34.93 -106.97
CA LEU BA 393 -35.87 -35.78 -105.82
C LEU BA 393 -37.05 -36.70 -106.11
N ASN BA 394 -36.82 -38.00 -106.16
CA ASN BA 394 -37.89 -38.98 -106.27
C ASN BA 394 -37.97 -39.75 -104.97
N ASN BA 395 -39.19 -39.91 -104.46
CA ASN BA 395 -39.40 -40.49 -103.15
C ASN BA 395 -40.40 -41.64 -103.23
N LEU BA 396 -40.13 -42.67 -102.45
CA LEU BA 396 -41.06 -43.78 -102.27
C LEU BA 396 -41.86 -43.62 -101.00
N THR BA 397 -41.17 -43.49 -99.87
CA THR BA 397 -41.83 -43.43 -98.58
C THR BA 397 -41.27 -42.24 -97.79
N SER BA 398 -42.17 -41.57 -97.08
CA SER BA 398 -41.77 -40.46 -96.22
C SER BA 398 -40.88 -40.92 -95.07
N ALA BA 399 -40.84 -42.23 -94.79
CA ALA BA 399 -39.88 -42.75 -93.82
C ALA BA 399 -38.53 -43.03 -94.47
N ALA BA 400 -38.44 -42.89 -95.79
CA ALA BA 400 -37.19 -43.06 -96.51
C ALA BA 400 -36.74 -41.81 -97.25
N LYS BA 401 -37.44 -40.69 -97.05
CA LYS BA 401 -37.15 -39.48 -97.82
C LYS BA 401 -35.75 -38.95 -97.51
N GLN BA 402 -35.41 -38.87 -96.23
CA GLN BA 402 -34.18 -38.22 -95.80
C GLN BA 402 -32.95 -38.93 -96.36
N THR BA 403 -32.96 -40.27 -96.30
CA THR BA 403 -31.87 -41.04 -96.88
C THR BA 403 -31.74 -40.78 -98.37
N ASP BA 404 -32.87 -40.68 -99.07
CA ASP BA 404 -32.82 -40.45 -100.50
C ASP BA 404 -32.24 -39.08 -100.82
N ILE BA 405 -32.55 -38.07 -100.01
CA ILE BA 405 -31.94 -36.76 -100.18
C ILE BA 405 -30.43 -36.85 -100.02
N GLN BA 406 -30.00 -37.55 -98.97
CA GLN BA 406 -28.56 -37.67 -98.73
C GLN BA 406 -27.86 -38.39 -99.87
N GLY BA 407 -28.49 -39.44 -100.40
CA GLY BA 407 -27.93 -40.10 -101.56
C GLY BA 407 -27.86 -39.20 -102.78
N LEU BA 408 -28.91 -38.38 -102.98
CA LEU BA 408 -28.89 -37.40 -104.05
C LEU BA 408 -27.66 -36.53 -103.98
N ILE BA 409 -27.37 -35.98 -102.80
CA ILE BA 409 -26.22 -35.07 -102.69
C ILE BA 409 -24.91 -35.85 -102.85
N VAL BA 410 -24.82 -37.03 -102.24
CA VAL BA 410 -23.57 -37.78 -102.25
C VAL BA 410 -23.18 -38.18 -103.66
N SER BA 411 -24.15 -38.63 -104.47
CA SER BA 411 -23.84 -39.06 -105.82
C SER BA 411 -23.25 -37.93 -106.65
N LYS BA 412 -23.82 -36.73 -106.52
CA LYS BA 412 -23.30 -35.56 -107.22
C LYS BA 412 -21.89 -35.24 -106.76
N ILE BA 413 -21.65 -35.30 -105.45
CA ILE BA 413 -20.30 -35.12 -104.92
C ILE BA 413 -19.34 -36.10 -105.58
N ASN BA 414 -19.72 -37.37 -105.62
CA ASN BA 414 -18.84 -38.39 -106.16
C ASN BA 414 -18.53 -38.15 -107.63
N GLU BA 415 -19.55 -37.79 -108.41
CA GLU BA 415 -19.32 -37.63 -109.84
C GLU BA 415 -18.40 -36.45 -110.10
N MET BA 416 -18.58 -35.36 -109.36
CA MET BA 416 -17.68 -34.22 -109.53
C MET BA 416 -16.25 -34.56 -109.12
N VAL BA 417 -16.08 -35.33 -108.04
CA VAL BA 417 -14.73 -35.72 -107.65
C VAL BA 417 -14.07 -36.54 -108.74
N TYR BA 418 -14.79 -37.52 -109.29
CA TYR BA 418 -14.22 -38.35 -110.35
C TYR BA 418 -13.85 -37.51 -111.56
N THR BA 419 -14.72 -36.57 -111.95
CA THR BA 419 -14.44 -35.75 -113.12
C THR BA 419 -13.19 -34.91 -112.91
N ALA BA 420 -13.10 -34.24 -111.75
CA ALA BA 420 -11.93 -33.42 -111.47
C ALA BA 420 -10.67 -34.26 -111.49
N ASP BA 421 -10.71 -35.44 -110.87
CA ASP BA 421 -9.54 -36.30 -110.85
C ASP BA 421 -9.13 -36.70 -112.25
N GLN BA 422 -10.09 -37.10 -113.08
CA GLN BA 422 -9.75 -37.54 -114.43
C GLN BA 422 -9.13 -36.41 -115.24
N LEU BA 423 -9.71 -35.22 -115.18
CA LEU BA 423 -9.16 -34.13 -115.97
C LEU BA 423 -7.79 -33.66 -115.48
N THR BA 424 -7.59 -33.57 -114.16
CA THR BA 424 -6.35 -32.98 -113.68
C THR BA 424 -5.19 -33.96 -113.61
N GLY BA 425 -5.45 -35.26 -113.72
CA GLY BA 425 -4.38 -36.23 -113.57
C GLY BA 425 -3.70 -36.20 -112.22
N TYR BA 426 -4.48 -36.07 -111.14
CA TYR BA 426 -3.89 -35.92 -109.82
C TYR BA 426 -3.11 -37.17 -109.42
N THR BA 427 -3.60 -38.36 -109.80
CA THR BA 427 -2.96 -39.60 -109.40
C THR BA 427 -1.53 -39.69 -109.92
N ALA BA 428 -1.32 -39.27 -111.16
CA ALA BA 428 0.03 -39.29 -111.72
C ALA BA 428 0.97 -38.39 -110.91
N ALA BA 429 0.50 -37.19 -110.55
CA ALA BA 429 1.33 -36.30 -109.75
C ALA BA 429 1.64 -36.90 -108.38
N LEU BA 430 0.65 -37.51 -107.74
CA LEU BA 430 0.89 -38.11 -106.43
C LEU BA 430 1.88 -39.26 -106.52
N GLU BA 431 1.78 -40.05 -107.59
CA GLU BA 431 2.70 -41.18 -107.74
C GLU BA 431 4.10 -40.69 -108.08
N ALA BA 432 4.20 -39.57 -108.79
CA ALA BA 432 5.52 -39.06 -109.18
C ALA BA 432 6.23 -38.40 -108.01
N ALA BA 433 5.55 -37.50 -107.32
CA ALA BA 433 6.21 -36.72 -106.26
C ALA BA 433 6.62 -37.60 -105.09
N PHE BA 434 6.03 -38.78 -104.95
CA PHE BA 434 6.37 -39.70 -103.87
C PHE BA 434 6.89 -40.99 -104.48
N SER BA 435 8.12 -41.36 -104.13
CA SER BA 435 8.69 -42.62 -104.57
C SER BA 435 8.40 -43.71 -103.56
N GLY BA 436 7.97 -44.86 -104.05
CA GLY BA 436 7.70 -46.00 -103.20
C GLY BA 436 6.36 -45.97 -102.49
N ARG BA 437 5.49 -45.02 -102.81
CA ARG BA 437 4.14 -44.99 -102.28
C ARG BA 437 3.16 -44.81 -103.42
N SER BA 438 1.97 -45.34 -103.25
CA SER BA 438 0.91 -45.14 -104.23
C SER BA 438 -0.35 -44.70 -103.51
N PRO BA 439 -0.34 -43.52 -102.88
CA PRO BA 439 -1.47 -43.14 -102.03
C PRO BA 439 -2.68 -42.68 -102.83
N LYS BA 440 -3.81 -43.17 -102.41
CA LYS BA 440 -5.08 -42.76 -102.96
C LYS BA 440 -5.40 -41.32 -102.56
N PRO BA 441 -6.04 -40.56 -103.46
CA PRO BA 441 -6.25 -39.14 -103.20
C PRO BA 441 -7.14 -38.90 -101.99
N HIS BA 442 -6.93 -37.75 -101.35
CA HIS BA 442 -7.71 -37.35 -100.19
C HIS BA 442 -8.53 -36.12 -100.55
N VAL BA 443 -9.82 -36.16 -100.20
CA VAL BA 443 -10.75 -35.08 -100.53
C VAL BA 443 -11.21 -34.42 -99.24
N ALA BA 444 -11.19 -33.09 -99.22
CA ALA BA 444 -11.59 -32.33 -98.03
C ALA BA 444 -12.98 -31.73 -98.25
N ILE BA 445 -13.80 -31.76 -97.20
CA ILE BA 445 -15.19 -31.32 -97.27
C ILE BA 445 -15.33 -30.09 -96.39
N GLY BA 446 -15.45 -28.92 -97.00
CA GLY BA 446 -15.77 -27.70 -96.29
C GLY BA 446 -17.25 -27.38 -96.49
N THR BA 447 -17.96 -27.25 -95.39
CA THR BA 447 -19.41 -27.07 -95.44
C THR BA 447 -19.88 -26.39 -94.17
N ASP BA 448 -21.13 -25.94 -94.19
CA ASP BA 448 -21.73 -25.28 -93.04
C ASP BA 448 -22.12 -26.32 -92.01
N MET BA 449 -22.94 -25.93 -91.02
CA MET BA 449 -23.33 -26.86 -89.97
C MET BA 449 -24.75 -27.37 -90.13
N ARG BA 450 -25.38 -27.19 -91.29
CA ARG BA 450 -26.68 -27.77 -91.58
C ARG BA 450 -26.57 -29.02 -92.45
N LEU BA 451 -25.76 -28.96 -93.50
CA LEU BA 451 -25.48 -30.10 -94.36
C LEU BA 451 -24.79 -31.28 -93.68
N PRO BA 452 -23.74 -31.09 -92.88
CA PRO BA 452 -22.84 -32.22 -92.56
C PRO BA 452 -23.53 -33.38 -91.84
N GLN BA 453 -24.78 -33.24 -91.43
CA GLN BA 453 -25.56 -34.39 -91.03
C GLN BA 453 -26.21 -35.10 -92.21
N TYR BA 454 -26.04 -34.56 -93.41
CA TYR BA 454 -26.60 -35.14 -94.62
C TYR BA 454 -25.55 -35.84 -95.46
N ILE BA 455 -24.43 -36.23 -94.87
CA ILE BA 455 -23.42 -37.02 -95.54
C ILE BA 455 -23.16 -38.23 -94.64
N GLN BA 456 -24.20 -38.66 -93.94
CA GLN BA 456 -24.10 -39.68 -92.90
C GLN BA 456 -24.67 -41.04 -93.30
N ILE BA 457 -25.51 -41.10 -94.35
CA ILE BA 457 -26.24 -42.34 -94.64
C ILE BA 457 -25.30 -43.49 -94.96
N ASN BA 458 -25.78 -44.70 -94.65
CA ASN BA 458 -25.29 -45.94 -95.24
C ASN BA 458 -26.24 -46.42 -96.33
N GLY BA 459 -27.16 -45.55 -96.77
CA GLY BA 459 -28.06 -45.91 -97.86
C GLY BA 459 -27.32 -46.29 -99.11
N ASP BA 460 -26.27 -45.54 -99.46
CA ASP BA 460 -25.31 -45.95 -100.47
C ASP BA 460 -23.95 -46.13 -99.83
N ASP BA 461 -23.23 -47.16 -100.26
CA ASP BA 461 -21.92 -47.45 -99.67
C ASP BA 461 -20.96 -46.29 -99.89
N ARG BA 462 -21.05 -45.63 -101.04
CA ARG BA 462 -20.18 -44.50 -101.31
C ARG BA 462 -20.57 -43.31 -100.43
N THR BA 463 -19.62 -42.86 -99.61
CA THR BA 463 -19.78 -41.64 -98.86
C THR BA 463 -19.18 -40.44 -99.56
N VAL BA 464 -17.97 -40.56 -100.09
CA VAL BA 464 -17.43 -39.59 -101.04
C VAL BA 464 -16.92 -40.39 -102.22
N GLY BA 465 -17.12 -41.70 -102.18
CA GLY BA 465 -16.61 -42.59 -103.21
C GLY BA 465 -15.60 -43.58 -102.68
N ILE BA 466 -15.57 -44.76 -103.28
CA ILE BA 466 -14.65 -45.82 -102.90
C ILE BA 466 -13.23 -45.39 -103.25
N GLY BA 467 -12.26 -46.01 -102.60
CA GLY BA 467 -10.86 -45.63 -102.80
C GLY BA 467 -10.56 -44.22 -102.38
N TYR BA 468 -11.37 -43.63 -101.51
CA TYR BA 468 -11.20 -42.24 -101.10
C TYR BA 468 -11.40 -42.12 -99.60
N ASP BA 469 -10.55 -41.32 -98.98
CA ASP BA 469 -10.74 -40.87 -97.61
C ASP BA 469 -11.13 -39.41 -97.60
N TYR BA 470 -11.93 -39.04 -96.62
CA TYR BA 470 -12.54 -37.72 -96.57
C TYR BA 470 -12.60 -37.24 -95.13
N THR BA 471 -12.68 -35.93 -94.96
CA THR BA 471 -12.93 -35.32 -93.65
C THR BA 471 -13.95 -34.22 -93.83
N ILE BA 472 -14.95 -34.19 -92.96
CA ILE BA 472 -16.00 -33.17 -93.00
C ILE BA 472 -15.67 -32.13 -91.94
N ALA BA 473 -15.69 -30.86 -92.35
CA ALA BA 473 -15.37 -29.76 -91.45
C ALA BA 473 -16.55 -28.82 -91.36
N ARG BA 474 -16.78 -28.30 -90.16
CA ARG BA 474 -17.86 -27.36 -89.89
C ARG BA 474 -17.33 -25.93 -89.90
N ILE BA 475 -18.27 -24.98 -89.89
CA ILE BA 475 -17.96 -23.58 -89.70
C ILE BA 475 -19.26 -22.85 -89.41
N SER BA 476 -19.17 -21.75 -88.65
CA SER BA 476 -20.38 -21.03 -88.26
C SER BA 476 -20.65 -19.81 -89.10
N ASP BA 477 -19.67 -19.34 -89.88
CA ASP BA 477 -19.84 -18.11 -90.63
C ASP BA 477 -20.98 -18.23 -91.63
N LEU BA 478 -21.80 -17.18 -91.70
CA LEU BA 478 -22.99 -17.18 -92.52
C LEU BA 478 -22.71 -16.99 -94.00
N ARG BA 479 -21.53 -16.51 -94.37
CA ARG BA 479 -21.29 -16.19 -95.77
C ARG BA 479 -21.25 -17.43 -96.65
N MET BA 480 -21.05 -18.62 -96.09
CA MET BA 480 -21.05 -19.85 -96.86
C MET BA 480 -22.32 -20.65 -96.60
N LYS BA 481 -23.47 -19.97 -96.50
CA LYS BA 481 -24.78 -20.59 -96.30
C LYS BA 481 -25.11 -21.62 -97.36
N ASP BA 482 -25.23 -22.89 -96.97
CA ASP BA 482 -25.61 -23.96 -97.88
C ASP BA 482 -24.67 -24.04 -99.08
N LYS BA 483 -23.38 -23.91 -98.82
CA LYS BA 483 -22.36 -24.00 -99.86
C LYS BA 483 -21.29 -24.99 -99.44
N ILE BA 484 -20.97 -25.93 -100.34
CA ILE BA 484 -19.96 -26.94 -100.11
C ILE BA 484 -18.73 -26.60 -100.94
N VAL BA 485 -17.56 -26.61 -100.30
CA VAL BA 485 -16.28 -26.36 -100.95
C VAL BA 485 -15.46 -27.63 -100.84
N MET BA 486 -14.92 -28.09 -101.97
CA MET BA 486 -14.16 -29.33 -102.01
C MET BA 486 -12.83 -29.09 -102.72
N THR BA 487 -11.83 -29.87 -102.33
CA THR BA 487 -10.48 -29.71 -102.86
C THR BA 487 -9.69 -30.98 -102.62
N PHE BA 488 -8.40 -30.91 -102.91
CA PHE BA 488 -7.47 -31.99 -102.63
C PHE BA 488 -6.44 -31.52 -101.61
N ILE BA 489 -6.24 -32.32 -100.56
CA ILE BA 489 -5.24 -32.03 -99.53
C ILE BA 489 -4.39 -33.27 -99.36
N LEU BA 490 -3.53 -33.24 -98.35
CA LEU BA 490 -2.69 -34.37 -98.01
C LEU BA 490 -2.41 -34.37 -96.51
N PRO BA 491 -2.88 -35.38 -95.78
CA PRO BA 491 -2.81 -35.33 -94.32
C PRO BA 491 -1.50 -35.84 -93.74
N ASN BA 492 -0.72 -36.56 -94.53
CA ASN BA 492 0.54 -37.11 -94.07
C ASN BA 492 1.64 -36.06 -93.94
N GLU BA 493 1.54 -34.96 -94.68
CA GLU BA 493 2.58 -33.95 -94.73
C GLU BA 493 2.49 -33.00 -93.54
N SER BA 494 3.64 -32.43 -93.19
CA SER BA 494 3.65 -31.36 -92.19
C SER BA 494 4.57 -30.21 -92.61
N GLU BA 495 4.96 -30.15 -93.87
CA GLU BA 495 5.99 -29.27 -94.39
C GLU BA 495 5.45 -28.62 -95.65
N PRO BA 496 6.02 -27.49 -96.09
CA PRO BA 496 5.47 -26.86 -97.28
C PRO BA 496 5.90 -27.53 -98.58
N HIS BA 497 4.92 -28.15 -99.24
CA HIS BA 497 5.15 -29.02 -100.38
C HIS BA 497 4.09 -28.73 -101.42
N PRO BA 498 4.42 -28.77 -102.71
CA PRO BA 498 3.49 -28.27 -103.74
C PRO BA 498 2.25 -29.12 -103.96
N LEU BA 499 1.98 -30.13 -103.13
CA LEU BA 499 0.81 -30.97 -103.32
C LEU BA 499 -0.27 -30.76 -102.28
N GLN BA 500 0.01 -30.05 -101.20
CA GLN BA 500 -1.03 -29.67 -100.26
C GLN BA 500 -1.64 -28.34 -100.67
N HIS BA 501 -2.88 -28.10 -100.22
CA HIS BA 501 -3.60 -26.93 -100.69
C HIS BA 501 -2.89 -25.65 -100.30
N GLY BA 502 -2.37 -25.58 -99.08
CA GLY BA 502 -1.68 -24.40 -98.64
C GLY BA 502 -1.21 -24.55 -97.22
N VAL BA 503 -0.33 -23.63 -96.83
CA VAL BA 503 0.28 -23.66 -95.51
C VAL BA 503 0.02 -22.34 -94.82
N LEU BA 504 0.05 -22.37 -93.49
CA LEU BA 504 -0.13 -21.18 -92.68
C LEU BA 504 1.22 -20.78 -92.10
N GLY BA 505 1.85 -19.77 -92.69
CA GLY BA 505 3.04 -19.19 -92.08
C GLY BA 505 2.68 -18.45 -90.80
N PHE BA 506 3.04 -19.04 -89.67
CA PHE BA 506 2.60 -18.56 -88.36
C PHE BA 506 3.81 -18.48 -87.44
N ILE BA 507 3.99 -17.32 -86.82
CA ILE BA 507 5.07 -17.09 -85.88
C ILE BA 507 4.46 -16.43 -84.66
N PRO BA 508 4.61 -16.98 -83.47
CA PRO BA 508 3.92 -16.45 -82.30
C PRO BA 508 4.52 -15.12 -81.86
N GLU BA 509 3.72 -14.33 -81.18
CA GLU BA 509 4.17 -13.09 -80.57
C GLU BA 509 3.55 -12.97 -79.20
N TYR BA 510 4.19 -12.16 -78.36
CA TYR BA 510 3.77 -11.95 -76.98
C TYR BA 510 3.31 -10.52 -76.79
N LEU BA 511 2.37 -10.36 -75.86
CA LEU BA 511 1.76 -9.06 -75.58
C LEU BA 511 2.64 -8.24 -74.65
N VAL BA 512 2.33 -6.95 -74.54
CA VAL BA 512 3.07 -6.02 -73.69
C VAL BA 512 2.11 -4.99 -73.13
N ASP BA 513 2.36 -4.56 -71.89
CA ASP BA 513 1.54 -3.56 -71.22
C ASP BA 513 2.45 -2.47 -70.66
N PHE BA 514 2.14 -1.22 -70.97
CA PHE BA 514 2.96 -0.09 -70.55
C PHE BA 514 2.20 1.22 -70.73
N ASN BA 515 2.65 2.22 -69.97
CA ASN BA 515 1.92 3.49 -69.85
C ASN BA 515 2.12 4.34 -71.09
N MET BA 516 1.02 4.65 -71.77
CA MET BA 516 1.01 5.58 -72.89
C MET BA 516 0.45 6.92 -72.42
N ILE BA 517 1.10 8.00 -72.84
CA ILE BA 517 0.63 9.35 -72.55
C ILE BA 517 0.40 10.03 -73.88
N ARG BA 518 -0.81 9.92 -74.41
CA ARG BA 518 -1.10 10.38 -75.77
C ARG BA 518 -2.15 11.48 -75.69
N ASN BA 519 -1.88 12.59 -76.37
CA ASN BA 519 -2.68 13.80 -76.30
C ASN BA 519 -2.92 14.21 -74.85
N GLN BA 520 -1.87 14.02 -74.04
CA GLN BA 520 -1.81 14.47 -72.66
C GLN BA 520 -2.88 13.80 -71.79
N ARG BA 521 -3.00 12.48 -71.92
CA ARG BA 521 -3.94 11.69 -71.15
C ARG BA 521 -3.19 10.59 -70.41
N ILE BA 522 -3.82 10.03 -69.38
CA ILE BA 522 -3.20 9.00 -68.56
C ILE BA 522 -4.01 7.71 -68.72
N GLY BA 523 -3.34 6.62 -69.05
CA GLY BA 523 -3.99 5.32 -69.10
C GLY BA 523 -2.99 4.22 -69.42
N ARG BA 524 -3.33 3.01 -68.99
CA ARG BA 524 -2.53 1.83 -69.30
C ARG BA 524 -3.17 1.08 -70.46
N GLU BA 525 -2.36 0.60 -71.38
CA GLU BA 525 -2.83 -0.13 -72.54
C GLU BA 525 -2.08 -1.44 -72.68
N ILE BA 526 -2.81 -2.49 -73.07
CA ILE BA 526 -2.25 -3.81 -73.31
C ILE BA 526 -2.33 -4.08 -74.81
N ARG BA 527 -1.19 -4.36 -75.43
CA ARG BA 527 -1.09 -4.49 -76.86
C ARG BA 527 -0.75 -5.94 -77.21
N LEU BA 528 -1.39 -6.47 -78.25
CA LEU BA 528 -1.13 -7.82 -78.73
C LEU BA 528 -0.93 -7.74 -80.24
N THR BA 529 0.25 -8.15 -80.70
CA THR BA 529 0.59 -8.04 -82.11
C THR BA 529 0.52 -9.39 -82.78
N PRO BA 530 -0.50 -9.66 -83.60
CA PRO BA 530 -0.56 -10.92 -84.34
C PRO BA 530 0.13 -10.78 -85.69
N ARG BA 531 0.92 -11.79 -86.02
CA ARG BA 531 1.65 -11.76 -87.28
C ARG BA 531 1.67 -13.14 -87.90
N TYR BA 532 1.19 -13.21 -89.15
CA TYR BA 532 0.92 -14.45 -89.86
C TYR BA 532 0.49 -14.11 -91.29
N ARG BA 533 0.17 -15.15 -92.06
CA ARG BA 533 -0.29 -14.98 -93.43
C ARG BA 533 -0.80 -16.31 -93.95
N TYR BA 534 -1.78 -16.26 -94.85
CA TYR BA 534 -2.35 -17.44 -95.47
C TYR BA 534 -1.85 -17.54 -96.91
N PHE BA 535 -1.51 -18.74 -97.35
CA PHE BA 535 -0.97 -18.97 -98.68
C PHE BA 535 -1.70 -20.10 -99.37
N ASN BA 536 -1.76 -20.04 -100.70
CA ASN BA 536 -2.44 -21.05 -101.51
C ASN BA 536 -1.43 -21.75 -102.41
N PHE BA 537 -1.55 -23.06 -102.54
CA PHE BA 537 -0.69 -23.82 -103.44
C PHE BA 537 -1.49 -24.48 -104.56
N LEU BA 538 -2.49 -25.29 -104.24
CA LEU BA 538 -3.15 -26.10 -105.25
C LEU BA 538 -4.11 -25.25 -106.07
N PRO BA 539 -3.97 -25.19 -107.39
CA PRO BA 539 -4.93 -24.43 -108.19
C PRO BA 539 -6.11 -25.27 -108.63
N ILE BA 540 -6.74 -25.99 -107.69
CA ILE BA 540 -7.89 -26.85 -107.97
C ILE BA 540 -8.89 -26.66 -106.84
N MET BA 541 -10.17 -26.55 -107.19
CA MET BA 541 -11.23 -26.52 -106.20
C MET BA 541 -12.58 -26.68 -106.88
N LEU BA 542 -13.49 -27.39 -106.21
CA LEU BA 542 -14.83 -27.64 -106.71
C LEU BA 542 -15.84 -27.13 -105.71
N VAL BA 543 -16.86 -26.43 -106.20
CA VAL BA 543 -17.86 -25.79 -105.35
C VAL BA 543 -19.23 -26.33 -105.73
N ILE BA 544 -20.03 -26.70 -104.74
CA ILE BA 544 -21.37 -27.22 -104.94
C ILE BA 544 -22.34 -26.37 -104.14
N ASN BA 545 -23.45 -26.00 -104.76
CA ASN BA 545 -24.49 -25.20 -104.11
C ASN BA 545 -25.74 -26.04 -103.92
N VAL BA 546 -26.39 -25.89 -102.77
CA VAL BA 546 -27.65 -26.56 -102.48
C VAL BA 546 -28.69 -25.46 -102.25
N ILE BA 547 -29.79 -25.51 -102.99
CA ILE BA 547 -30.81 -24.46 -102.97
C ILE BA 547 -32.16 -25.08 -102.69
N ASN BA 548 -32.93 -24.42 -101.82
CA ASN BA 548 -34.29 -24.82 -101.47
C ASN BA 548 -34.35 -26.19 -100.82
N LEU BA 549 -33.38 -26.50 -99.95
CA LEU BA 549 -33.41 -27.76 -99.22
C LEU BA 549 -34.64 -27.86 -98.34
N GLU BA 550 -35.04 -26.73 -97.74
CA GLU BA 550 -36.16 -26.73 -96.80
C GLU BA 550 -37.47 -27.05 -97.52
N GLU BA 551 -37.65 -26.52 -98.72
CA GLU BA 551 -38.91 -26.72 -99.44
C GLU BA 551 -39.16 -28.19 -99.73
N ALA BA 552 -38.10 -28.93 -100.07
CA ALA BA 552 -38.27 -30.35 -100.42
C ALA BA 552 -38.85 -31.13 -99.25
N ILE BA 553 -38.35 -30.88 -98.05
CA ILE BA 553 -38.94 -31.52 -96.87
C ILE BA 553 -40.33 -30.96 -96.58
N ALA BA 554 -40.52 -29.65 -96.77
CA ALA BA 554 -41.74 -28.98 -96.33
C ALA BA 554 -43.00 -29.48 -97.02
N GLN BA 555 -43.04 -29.53 -98.34
CA GLN BA 555 -44.23 -29.90 -99.07
C GLN BA 555 -44.08 -31.33 -99.58
N ARG BA 556 -45.17 -31.85 -100.11
CA ARG BA 556 -45.14 -33.19 -100.71
C ARG BA 556 -44.26 -33.17 -101.93
N THR BA 557 -43.29 -34.08 -101.97
CA THR BA 557 -42.54 -34.33 -103.19
C THR BA 557 -42.61 -35.82 -103.49
N ALA BA 558 -43.70 -36.21 -104.15
CA ALA BA 558 -43.88 -37.58 -104.55
C ALA BA 558 -43.17 -37.81 -105.87
N LEU BA 559 -43.46 -38.92 -106.53
CA LEU BA 559 -42.91 -39.19 -107.84
C LEU BA 559 -43.20 -38.02 -108.77
N ASP BA 560 -42.16 -37.33 -109.21
CA ASP BA 560 -42.30 -36.29 -110.23
C ASP BA 560 -42.45 -37.02 -111.55
N VAL BA 561 -43.41 -37.95 -111.59
CA VAL BA 561 -43.51 -38.93 -112.66
C VAL BA 561 -43.77 -38.23 -113.98
N ASN BA 562 -42.80 -38.32 -114.88
CA ASN BA 562 -42.96 -37.77 -116.21
C ASN BA 562 -43.78 -38.71 -117.10
N GLU BA 563 -45.01 -38.31 -117.37
CA GLU BA 563 -45.94 -39.12 -118.18
C GLU BA 563 -45.55 -39.04 -119.66
N THR BA 564 -44.69 -39.96 -120.08
CA THR BA 564 -43.95 -39.74 -121.32
C THR BA 564 -44.68 -40.29 -122.54
N GLN BA 565 -45.89 -39.79 -122.77
CA GLN BA 565 -46.45 -39.59 -124.12
C GLN BA 565 -46.42 -40.87 -124.98
N VAL BA 566 -47.22 -41.85 -124.58
CA VAL BA 566 -47.77 -42.80 -125.54
C VAL BA 566 -49.28 -42.57 -125.52
N THR BA 567 -49.71 -41.64 -126.34
CA THR BA 567 -50.97 -40.91 -126.31
C THR BA 567 -51.14 -40.14 -127.61
N PRO BA 568 -52.33 -39.56 -127.86
CA PRO BA 568 -52.50 -38.74 -129.07
C PRO BA 568 -51.58 -37.53 -129.13
N ALA BA 569 -51.24 -37.12 -130.35
CA ALA BA 569 -50.57 -35.86 -130.66
C ALA BA 569 -49.12 -35.82 -130.19
N SER BA 570 -48.57 -36.96 -129.79
CA SER BA 570 -47.15 -37.04 -129.44
C SER BA 570 -46.69 -38.49 -129.32
N HIS CA 1 -22.94 -83.81 -132.69
CA HIS CA 1 -23.55 -82.69 -131.99
C HIS CA 1 -24.60 -83.17 -131.01
N GLU CA 2 -25.24 -82.22 -130.33
CA GLU CA 2 -26.28 -82.55 -129.38
C GLU CA 2 -27.66 -82.29 -129.95
N PHE CA 3 -27.77 -81.28 -130.82
CA PHE CA 3 -29.09 -80.86 -131.28
C PHE CA 3 -29.79 -81.96 -132.06
N ALA CA 4 -29.12 -82.53 -133.05
CA ALA CA 4 -29.75 -83.56 -133.87
C ALA CA 4 -29.96 -84.84 -133.07
N GLU CA 5 -28.96 -85.23 -132.28
CA GLU CA 5 -29.06 -86.48 -131.54
C GLU CA 5 -30.16 -86.43 -130.49
N LEU CA 6 -30.39 -85.27 -129.88
CA LEU CA 6 -31.42 -85.16 -128.86
C LEU CA 6 -32.80 -85.41 -129.45
N PHE CA 7 -33.06 -84.88 -130.64
CA PHE CA 7 -34.39 -84.96 -131.23
C PHE CA 7 -34.63 -86.26 -131.98
N TYR CA 8 -33.65 -86.74 -132.74
CA TYR CA 8 -33.84 -87.94 -133.57
C TYR CA 8 -32.73 -88.92 -133.23
N ARG CA 9 -33.08 -90.01 -132.56
CA ARG CA 9 -32.08 -90.95 -132.10
C ARG CA 9 -31.62 -91.86 -133.23
N THR CA 10 -30.33 -92.21 -133.20
CA THR CA 10 -29.76 -93.09 -134.20
C THR CA 10 -30.33 -94.50 -134.08
N TYR CA 11 -30.51 -95.15 -135.22
CA TYR CA 11 -31.06 -96.51 -135.28
C TYR CA 11 -30.28 -97.27 -136.34
N ILE CA 12 -29.24 -97.99 -135.91
CA ILE CA 12 -28.30 -98.62 -136.83
C ILE CA 12 -28.93 -99.90 -137.38
N VAL CA 13 -28.68 -100.18 -138.65
CA VAL CA 13 -29.20 -101.36 -139.31
C VAL CA 13 -28.10 -101.99 -140.15
N THR CA 14 -28.28 -103.28 -140.46
CA THR CA 14 -27.38 -104.00 -141.35
C THR CA 14 -27.63 -103.52 -142.77
N PRO CA 15 -26.62 -103.52 -143.64
CA PRO CA 15 -26.82 -102.97 -144.99
C PRO CA 15 -27.82 -103.74 -145.83
N ASP CA 16 -28.05 -105.01 -145.54
CA ASP CA 16 -28.93 -105.82 -146.37
C ASP CA 16 -30.39 -105.40 -146.30
N GLN CA 17 -30.82 -104.85 -145.17
CA GLN CA 17 -32.20 -104.40 -145.04
C GLN CA 17 -32.44 -103.17 -145.91
N ALA CA 18 -33.72 -102.89 -146.18
CA ALA CA 18 -34.10 -101.69 -146.90
C ALA CA 18 -35.01 -100.77 -146.09
N GLY CA 19 -35.71 -101.29 -145.09
CA GLY CA 19 -36.58 -100.47 -144.27
C GLY CA 19 -37.14 -101.28 -143.12
N PHE CA 20 -37.65 -100.56 -142.13
CA PHE CA 20 -38.12 -101.19 -140.90
C PHE CA 20 -39.62 -101.02 -140.76
N GLN CA 21 -40.24 -102.04 -140.17
CA GLN CA 21 -41.68 -102.16 -140.05
C GLN CA 21 -42.07 -102.22 -138.57
N LEU CA 22 -43.17 -101.58 -138.23
CA LEU CA 22 -43.70 -101.63 -136.87
C LEU CA 22 -45.18 -101.98 -136.91
N SER CA 23 -45.58 -102.89 -136.04
CA SER CA 23 -46.97 -103.33 -135.90
C SER CA 23 -47.46 -102.90 -134.53
N ILE CA 24 -48.60 -102.23 -134.49
CA ILE CA 24 -49.07 -101.58 -133.27
C ILE CA 24 -50.42 -102.18 -132.90
N ARG CA 25 -50.72 -102.17 -131.60
CA ARG CA 25 -51.94 -102.77 -131.07
C ARG CA 25 -52.89 -101.68 -130.60
N ARG CA 26 -54.19 -101.98 -130.60
CA ARG CA 26 -55.20 -101.06 -130.10
C ARG CA 26 -56.46 -101.81 -129.73
N ASN CA 27 -57.10 -101.38 -128.64
CA ASN CA 27 -58.34 -101.97 -128.16
C ASN CA 27 -59.48 -101.01 -128.44
N LEU CA 28 -60.55 -101.52 -129.04
CA LEU CA 28 -61.61 -100.68 -129.59
C LEU CA 28 -62.96 -101.06 -129.00
N VAL CA 29 -63.71 -100.05 -128.59
CA VAL CA 29 -65.05 -100.22 -128.04
C VAL CA 29 -66.04 -99.46 -128.93
N TRP CA 30 -67.09 -100.14 -129.36
CA TRP CA 30 -67.95 -99.59 -130.40
C TRP CA 30 -69.31 -100.24 -130.29
N GLU CA 31 -70.34 -99.47 -130.68
CA GLU CA 31 -71.72 -99.85 -130.36
C GLU CA 31 -72.08 -101.21 -130.95
N GLY CA 32 -71.58 -101.52 -132.13
CA GLY CA 32 -71.63 -102.86 -132.64
C GLY CA 32 -72.59 -103.07 -133.80
N TRP CA 33 -72.13 -103.89 -134.75
CA TRP CA 33 -72.99 -104.64 -135.65
C TRP CA 33 -73.90 -103.79 -136.53
N THR CA 34 -73.32 -103.13 -137.53
CA THR CA 34 -74.08 -102.50 -138.61
C THR CA 34 -75.01 -103.55 -139.21
N GLY CA 35 -76.31 -103.27 -139.18
CA GLY CA 35 -77.26 -104.32 -139.53
C GLY CA 35 -77.19 -105.43 -138.52
N GLU CA 36 -77.09 -106.67 -139.02
CA GLU CA 36 -76.90 -107.84 -138.18
C GLU CA 36 -75.89 -108.79 -138.82
N GLY CA 37 -74.92 -109.22 -138.01
CA GLY CA 37 -73.97 -110.23 -138.43
C GLY CA 37 -73.15 -109.81 -139.64
N LEU CA 38 -73.26 -110.64 -140.68
CA LEU CA 38 -72.48 -110.45 -141.89
C LEU CA 38 -73.35 -109.77 -142.96
N SER CA 39 -72.68 -109.19 -143.97
CA SER CA 39 -73.40 -108.48 -145.03
C SER CA 39 -72.50 -108.33 -146.25
N GLY CA 40 -73.07 -107.69 -147.28
CA GLY CA 40 -72.36 -107.38 -148.50
C GLY CA 40 -71.88 -105.94 -148.54
N GLU CA 41 -71.12 -105.62 -149.59
CA GLU CA 41 -70.48 -104.31 -149.72
C GLU CA 41 -69.70 -103.89 -148.49
N LYS CA 42 -69.53 -102.58 -148.33
CA LYS CA 42 -68.66 -102.01 -147.30
C LYS CA 42 -69.41 -101.23 -146.24
N GLN CA 43 -70.41 -100.43 -146.65
CA GLN CA 43 -71.29 -99.70 -145.74
C GLN CA 43 -70.47 -98.69 -144.93
N GLU CA 44 -70.91 -98.37 -143.71
CA GLU CA 44 -70.20 -97.45 -142.83
C GLU CA 44 -70.07 -98.11 -141.46
N ILE CA 45 -68.88 -98.06 -140.89
CA ILE CA 45 -68.60 -98.66 -139.58
C ILE CA 45 -68.05 -97.58 -138.66
N SER CA 46 -68.48 -97.61 -137.40
CA SER CA 46 -68.03 -96.65 -136.39
C SER CA 46 -67.00 -97.29 -135.48
N LYS CA 47 -65.96 -96.52 -135.13
CA LYS CA 47 -64.83 -97.03 -134.38
C LYS CA 47 -64.42 -96.00 -133.35
N ARG CA 48 -63.98 -96.44 -132.17
CA ARG CA 48 -63.50 -95.53 -131.13
C ARG CA 48 -62.40 -96.19 -130.31
N ASN CA 49 -61.31 -95.45 -130.09
CA ASN CA 49 -60.28 -95.89 -129.17
C ASN CA 49 -60.76 -95.77 -127.74
N ILE CA 50 -60.24 -96.64 -126.86
CA ILE CA 50 -60.68 -96.65 -125.48
C ILE CA 50 -60.21 -95.41 -124.71
N LEU CA 51 -59.04 -94.87 -125.06
CA LEU CA 51 -58.47 -93.78 -124.28
C LEU CA 51 -59.40 -92.57 -124.20
N GLN CA 52 -60.26 -92.37 -125.19
CA GLN CA 52 -61.23 -91.28 -125.11
C GLN CA 52 -62.12 -91.42 -123.89
N GLY CA 53 -62.25 -92.63 -123.35
CA GLY CA 53 -62.96 -92.80 -122.09
C GLY CA 53 -62.37 -91.97 -120.98
N LEU CA 54 -61.06 -91.71 -121.02
CA LEU CA 54 -60.45 -90.87 -120.00
C LEU CA 54 -60.75 -89.39 -120.22
N LEU CA 55 -60.94 -88.97 -121.47
CA LEU CA 55 -61.19 -87.57 -121.77
C LEU CA 55 -62.59 -87.35 -122.33
N ASP CA 56 -63.54 -88.19 -121.97
CA ASP CA 56 -64.92 -88.06 -122.40
C ASP CA 56 -65.76 -89.06 -121.62
N TYR CA 57 -67.07 -89.03 -121.85
CA TYR CA 57 -67.96 -89.94 -121.15
C TYR CA 57 -68.95 -90.55 -122.13
N THR CA 58 -69.08 -89.94 -123.32
CA THR CA 58 -70.04 -90.41 -124.30
C THR CA 58 -69.59 -91.68 -124.99
N THR CA 59 -68.29 -91.91 -125.09
CA THR CA 59 -67.78 -93.12 -125.73
C THR CA 59 -68.17 -94.38 -124.96
N LEU CA 60 -68.63 -94.21 -123.73
CA LEU CA 60 -69.02 -95.32 -122.89
C LEU CA 60 -70.29 -94.90 -122.14
N GLU CA 61 -70.64 -95.66 -121.11
CA GLU CA 61 -71.73 -95.28 -120.21
C GLU CA 61 -73.04 -95.13 -120.98
N THR CA 62 -73.58 -96.24 -121.46
CA THR CA 62 -74.86 -96.26 -122.16
C THR CA 62 -75.85 -97.07 -121.35
N ASN CA 63 -77.13 -96.68 -121.41
CA ASN CA 63 -78.20 -97.38 -120.73
C ASN CA 63 -78.99 -98.22 -121.72
N SER CA 64 -79.14 -99.51 -121.42
CA SER CA 64 -79.82 -100.42 -122.33
C SER CA 64 -80.81 -101.31 -121.60
N THR CA 65 -81.11 -100.97 -120.35
CA THR CA 65 -81.93 -101.81 -119.49
C THR CA 65 -83.12 -101.06 -118.89
N GLU CA 66 -82.99 -99.76 -118.65
CA GLU CA 66 -84.01 -99.01 -117.92
C GLU CA 66 -85.35 -99.08 -118.64
N LEU CA 67 -86.42 -99.20 -117.86
CA LEU CA 67 -87.77 -99.31 -118.41
C LEU CA 67 -88.34 -97.90 -118.58
N ILE CA 68 -88.16 -97.34 -119.77
CA ILE CA 68 -88.79 -96.09 -120.12
C ILE CA 68 -90.09 -96.41 -120.85
N PRO CA 69 -91.24 -95.97 -120.35
CA PRO CA 69 -92.50 -96.29 -121.02
C PRO CA 69 -92.54 -95.70 -122.41
N VAL CA 70 -93.25 -96.39 -123.32
CA VAL CA 70 -93.32 -95.99 -124.72
C VAL CA 70 -94.78 -95.76 -125.06
N ILE CA 71 -95.04 -94.95 -126.09
CA ILE CA 71 -96.38 -94.54 -126.45
C ILE CA 71 -96.81 -95.31 -127.69
N GLN CA 72 -98.03 -95.84 -127.66
CA GLN CA 72 -98.65 -96.47 -128.81
C GLN CA 72 -100.10 -96.01 -128.92
N SER CA 73 -100.46 -95.55 -130.12
CA SER CA 73 -101.79 -94.99 -130.35
C SER CA 73 -102.81 -96.12 -130.44
N GLY CA 74 -103.91 -95.96 -129.72
CA GLY CA 74 -105.04 -96.87 -129.81
C GLY CA 74 -104.95 -98.12 -128.97
N GLU CA 75 -103.84 -98.35 -128.26
CA GLU CA 75 -103.72 -99.53 -127.42
C GLU CA 75 -103.16 -99.15 -126.06
N ASN CA 76 -102.52 -97.99 -125.99
CA ASN CA 76 -101.73 -97.61 -124.82
C ASN CA 76 -102.16 -96.26 -124.25
N ASP CA 77 -103.08 -95.57 -124.91
CA ASP CA 77 -103.47 -94.22 -124.51
C ASP CA 77 -104.46 -94.20 -123.35
N GLU CA 78 -104.79 -95.34 -122.77
CA GLU CA 78 -105.76 -95.37 -121.68
C GLU CA 78 -105.24 -94.65 -120.45
N GLN CA 79 -103.95 -94.80 -120.15
CA GLN CA 79 -103.41 -94.24 -118.92
C GLN CA 79 -102.14 -93.42 -119.13
N PHE CA 80 -102.02 -92.78 -120.28
CA PHE CA 80 -101.18 -91.60 -120.42
C PHE CA 80 -102.05 -90.35 -120.37
N ILE CA 81 -101.49 -89.29 -119.80
CA ILE CA 81 -102.16 -88.02 -119.68
C ILE CA 81 -102.47 -87.49 -121.08
N ASP CA 82 -103.43 -86.59 -121.17
CA ASP CA 82 -103.78 -86.00 -122.45
C ASP CA 82 -102.60 -85.25 -123.03
N PRO CA 83 -102.30 -85.38 -124.31
CA PRO CA 83 -101.16 -84.66 -124.88
C PRO CA 83 -101.40 -83.17 -124.95
N SER CA 84 -102.66 -82.76 -124.81
CA SER CA 84 -103.04 -81.36 -124.83
C SER CA 84 -102.72 -80.64 -123.53
N VAL CA 85 -102.28 -81.39 -122.52
CA VAL CA 85 -101.84 -80.80 -121.26
C VAL CA 85 -100.33 -80.61 -121.32
N LEU CA 86 -99.62 -81.63 -121.79
CA LEU CA 86 -98.19 -81.55 -122.03
C LEU CA 86 -97.87 -82.24 -123.35
N PRO CA 87 -97.16 -81.58 -124.27
CA PRO CA 87 -96.82 -82.23 -125.53
C PRO CA 87 -95.90 -83.43 -125.31
N ALA CA 88 -95.96 -84.37 -126.26
CA ALA CA 88 -95.16 -85.58 -126.15
C ALA CA 88 -93.67 -85.25 -126.18
N GLN CA 89 -92.90 -86.03 -125.43
CA GLN CA 89 -91.45 -85.87 -125.34
C GLN CA 89 -90.79 -87.01 -126.10
N THR CA 90 -89.75 -86.69 -126.87
CA THR CA 90 -89.01 -87.72 -127.60
C THR CA 90 -87.66 -87.94 -126.93
N VAL CA 91 -87.24 -89.20 -126.85
CA VAL CA 91 -86.01 -89.56 -126.17
C VAL CA 91 -85.37 -90.72 -126.92
N LYS CA 92 -84.04 -90.73 -126.93
CA LYS CA 92 -83.25 -91.79 -127.54
C LYS CA 92 -82.68 -92.65 -126.42
N GLN CA 93 -83.07 -93.92 -126.41
CA GLN CA 93 -82.58 -94.88 -125.42
C GLN CA 93 -81.90 -96.01 -126.18
N GLY CA 94 -80.60 -96.15 -126.01
CA GLY CA 94 -79.84 -97.10 -126.79
C GLY CA 94 -79.79 -96.69 -128.25
N LYS CA 95 -80.48 -97.43 -129.11
CA LYS CA 95 -80.51 -97.12 -130.52
C LYS CA 95 -81.88 -96.61 -130.99
N ASP CA 96 -82.97 -97.08 -130.38
CA ASP CA 96 -84.32 -96.73 -130.80
C ASP CA 96 -84.64 -95.30 -130.37
N THR CA 97 -85.53 -94.65 -131.12
CA THR CA 97 -86.01 -93.32 -130.78
C THR CA 97 -87.53 -93.34 -130.80
N PHE CA 98 -88.14 -93.07 -129.64
CA PHE CA 98 -89.59 -93.08 -129.51
C PHE CA 98 -90.03 -91.93 -128.61
N ASP CA 99 -91.28 -91.98 -128.17
CA ASP CA 99 -91.84 -90.91 -127.38
C ASP CA 99 -92.37 -91.44 -126.04
N THR CA 100 -92.19 -90.63 -125.00
CA THR CA 100 -92.63 -90.98 -123.66
C THR CA 100 -93.43 -89.84 -123.08
N ASN CA 101 -94.17 -90.14 -122.01
CA ASN CA 101 -95.00 -89.14 -121.35
C ASN CA 101 -95.31 -89.58 -119.94
N PHE CA 102 -95.82 -88.64 -119.14
CA PHE CA 102 -96.10 -88.91 -117.74
C PHE CA 102 -97.32 -89.81 -117.59
N LEU CA 103 -97.30 -90.65 -116.55
CA LEU CA 103 -98.42 -91.54 -116.27
C LEU CA 103 -99.46 -90.83 -115.42
N LYS CA 104 -100.72 -91.07 -115.74
CA LYS CA 104 -101.83 -90.41 -115.07
C LYS CA 104 -102.21 -91.12 -113.78
N PHE CA 105 -102.69 -90.35 -112.81
CA PHE CA 105 -103.06 -90.91 -111.52
C PHE CA 105 -104.49 -91.45 -111.55
N SER CA 106 -104.71 -92.51 -110.80
CA SER CA 106 -106.05 -93.03 -110.55
C SER CA 106 -106.12 -93.45 -109.10
N GLU CA 107 -107.33 -93.42 -108.54
CA GLU CA 107 -107.48 -93.76 -107.12
C GLU CA 107 -108.57 -94.80 -106.91
N ASN CA 108 -109.48 -94.92 -107.88
CA ASN CA 108 -110.56 -95.91 -107.73
C ASN CA 108 -110.69 -96.83 -108.94
N GLY CA 109 -109.69 -96.90 -109.82
CA GLY CA 109 -109.81 -97.63 -111.04
C GLY CA 109 -108.69 -98.64 -111.25
N GLU CA 110 -108.54 -99.06 -112.50
CA GLU CA 110 -107.58 -100.08 -112.87
C GLU CA 110 -106.16 -99.62 -112.54
N GLY CA 111 -105.31 -100.58 -112.18
CA GLY CA 111 -103.91 -100.29 -112.02
C GLY CA 111 -103.21 -100.20 -113.36
N PHE CA 112 -101.89 -100.10 -113.35
CA PHE CA 112 -101.10 -100.07 -114.56
C PHE CA 112 -100.16 -101.26 -114.60
N ASN CA 113 -99.88 -101.75 -115.80
CA ASN CA 113 -98.92 -102.82 -115.99
C ASN CA 113 -97.66 -102.21 -116.58
N LEU CA 114 -96.59 -102.20 -115.80
CA LEU CA 114 -95.35 -101.58 -116.24
C LEU CA 114 -94.72 -102.35 -117.40
N LEU CA 115 -94.75 -103.69 -117.34
CA LEU CA 115 -94.13 -104.49 -118.39
C LEU CA 115 -94.81 -104.29 -119.72
N MET CA 116 -96.14 -104.31 -119.75
CA MET CA 116 -96.86 -104.14 -121.01
C MET CA 116 -96.71 -102.72 -121.54
N LEU CA 117 -96.24 -101.80 -120.72
CA LEU CA 117 -96.04 -100.41 -121.13
C LEU CA 117 -94.59 -100.10 -121.46
N ALA CA 118 -93.74 -101.11 -121.60
CA ALA CA 118 -92.31 -100.83 -121.71
C ALA CA 118 -91.69 -101.50 -122.92
N GLN CA 119 -92.49 -101.98 -123.85
CA GLN CA 119 -91.98 -102.71 -125.02
C GLN CA 119 -91.39 -101.71 -126.00
N THR CA 120 -90.07 -101.52 -125.93
CA THR CA 120 -89.38 -100.74 -126.93
C THR CA 120 -89.33 -101.54 -128.23
N PRO CA 121 -89.09 -100.89 -129.37
CA PRO CA 121 -88.93 -101.64 -130.63
C PRO CA 121 -87.84 -102.70 -130.53
N SER CA 122 -86.77 -102.40 -129.80
CA SER CA 122 -85.73 -103.41 -129.59
C SER CA 122 -86.26 -104.60 -128.83
N ARG CA 123 -87.09 -104.36 -127.80
CA ARG CA 123 -87.74 -105.47 -127.11
C ARG CA 123 -88.66 -106.23 -128.04
N LEU CA 124 -89.43 -105.50 -128.86
CA LEU CA 124 -90.51 -106.13 -129.61
C LEU CA 124 -90.02 -107.12 -130.65
N LYS CA 125 -88.91 -106.82 -131.33
CA LYS CA 125 -88.43 -107.73 -132.36
C LYS CA 125 -88.01 -109.08 -131.78
N LYS CA 126 -87.55 -109.09 -130.53
CA LYS CA 126 -87.03 -110.31 -129.92
C LYS CA 126 -88.13 -111.29 -129.52
N GLY CA 127 -89.37 -110.84 -129.42
CA GLY CA 127 -90.43 -111.68 -128.89
C GLY CA 127 -91.45 -110.89 -128.10
N SER CA 128 -91.68 -111.29 -126.85
CA SER CA 128 -92.60 -110.57 -125.98
C SER CA 128 -92.16 -110.74 -124.54
N MET CA 129 -93.01 -110.34 -123.61
CA MET CA 129 -92.68 -110.44 -122.19
C MET CA 129 -93.00 -111.84 -121.68
N THR CA 130 -92.10 -112.39 -120.88
CA THR CA 130 -92.19 -113.78 -120.46
C THR CA 130 -92.01 -113.92 -118.95
N PHE CA 131 -91.89 -115.17 -118.50
CA PHE CA 131 -91.76 -115.47 -117.08
C PHE CA 131 -90.41 -115.08 -116.52
N THR CA 132 -89.35 -115.17 -117.31
CA THR CA 132 -88.00 -114.91 -116.85
C THR CA 132 -87.63 -113.43 -116.92
N ASP CA 133 -88.61 -112.54 -116.91
CA ASP CA 133 -88.36 -111.12 -116.75
C ASP CA 133 -88.75 -110.70 -115.35
N SER CA 134 -87.81 -110.08 -114.64
CA SER CA 134 -88.02 -109.71 -113.25
C SER CA 134 -87.56 -108.28 -113.03
N LEU CA 135 -88.22 -107.60 -112.09
CA LEU CA 135 -87.88 -106.21 -111.80
C LEU CA 135 -86.69 -106.13 -110.85
N ASP CA 136 -85.94 -105.03 -110.94
CA ASP CA 136 -84.79 -104.82 -110.07
C ASP CA 136 -85.27 -104.53 -108.67
N SER CA 137 -84.35 -104.57 -107.70
CA SER CA 137 -84.72 -104.41 -106.30
C SER CA 137 -85.33 -103.04 -106.02
N ARG CA 138 -84.77 -101.99 -106.62
CA ARG CA 138 -85.18 -100.63 -106.25
C ARG CA 138 -86.20 -100.11 -107.24
N ILE CA 139 -87.19 -99.37 -106.73
CA ILE CA 139 -88.15 -98.63 -107.53
C ILE CA 139 -88.28 -97.24 -106.91
N ALA CA 140 -88.24 -96.20 -107.74
CA ALA CA 140 -88.31 -94.84 -107.24
C ALA CA 140 -88.91 -93.93 -108.29
N LEU CA 141 -89.43 -92.79 -107.83
CA LEU CA 141 -90.01 -91.81 -108.74
C LEU CA 141 -88.91 -91.07 -109.50
N LYS CA 142 -89.13 -90.82 -110.78
CA LYS CA 142 -88.22 -89.97 -111.52
C LYS CA 142 -88.55 -88.49 -111.35
N GLN CA 143 -89.71 -88.07 -111.82
CA GLN CA 143 -90.10 -86.66 -111.72
C GLN CA 143 -91.57 -86.58 -111.36
N LEU CA 144 -91.91 -85.53 -110.63
CA LEU CA 144 -93.30 -85.24 -110.29
C LEU CA 144 -93.75 -84.02 -111.08
N LEU CA 145 -94.89 -84.13 -111.75
CA LEU CA 145 -95.40 -83.07 -112.61
C LEU CA 145 -96.57 -82.39 -111.91
N ILE CA 146 -96.45 -81.09 -111.69
CA ILE CA 146 -97.45 -80.33 -110.96
C ILE CA 146 -98.02 -79.26 -111.87
N SER CA 147 -99.28 -78.91 -111.62
CA SER CA 147 -99.98 -77.88 -112.38
C SER CA 147 -100.31 -76.73 -111.45
N VAL CA 148 -99.76 -75.56 -111.74
CA VAL CA 148 -100.05 -74.33 -111.02
C VAL CA 148 -100.97 -73.47 -111.88
N THR CA 149 -102.20 -73.28 -111.41
CA THR CA 149 -103.22 -72.58 -112.16
C THR CA 149 -103.75 -71.42 -111.33
N LYS CA 150 -103.87 -70.25 -111.95
CA LYS CA 150 -104.37 -69.06 -111.28
C LYS CA 150 -104.98 -68.14 -112.32
N GLY CA 151 -106.30 -67.97 -112.27
CA GLY CA 151 -106.99 -67.09 -113.20
C GLY CA 151 -106.92 -67.54 -114.64
N GLY CA 152 -107.08 -68.84 -114.88
CA GLY CA 152 -107.08 -69.38 -116.23
C GLY CA 152 -105.70 -69.65 -116.80
N THR CA 153 -104.70 -68.87 -116.38
CA THR CA 153 -103.34 -69.06 -116.83
C THR CA 153 -102.74 -70.27 -116.10
N THR CA 154 -102.05 -71.12 -116.85
CA THR CA 154 -101.51 -72.37 -116.33
C THR CA 154 -100.00 -72.39 -116.46
N GLU CA 155 -99.33 -72.85 -115.41
CA GLU CA 155 -97.89 -73.08 -115.41
C GLU CA 155 -97.60 -74.47 -114.89
N LEU CA 156 -96.75 -75.20 -115.59
CA LEU CA 156 -96.37 -76.55 -115.20
C LEU CA 156 -94.93 -76.55 -114.69
N PHE CA 157 -94.65 -77.46 -113.77
CA PHE CA 157 -93.32 -77.57 -113.17
C PHE CA 157 -92.86 -79.01 -113.27
N ALA CA 158 -91.56 -79.19 -113.52
CA ALA CA 158 -90.96 -80.52 -113.50
C ALA CA 158 -90.06 -80.63 -112.28
N LEU CA 159 -90.65 -81.01 -111.14
CA LEU CA 159 -89.90 -81.23 -109.92
C LEU CA 159 -89.21 -82.60 -110.00
N ASP CA 160 -87.89 -82.59 -110.12
CA ASP CA 160 -87.14 -83.83 -110.13
C ASP CA 160 -87.06 -84.42 -108.72
N VAL CA 161 -88.18 -84.98 -108.27
CA VAL CA 161 -88.31 -85.48 -106.91
C VAL CA 161 -87.36 -86.67 -106.67
N ASN CA 162 -86.89 -87.30 -107.74
CA ASN CA 162 -85.88 -88.36 -107.64
C ASN CA 162 -84.73 -87.82 -106.82
N ARG CA 163 -84.05 -88.72 -106.10
CA ARG CA 163 -83.12 -88.30 -105.05
C ARG CA 163 -83.85 -87.51 -103.97
N ASP CA 164 -84.75 -88.19 -103.25
CA ASP CA 164 -85.40 -87.66 -102.07
C ASP CA 164 -85.15 -88.62 -100.91
N GLN CA 165 -85.35 -88.13 -99.67
CA GLN CA 165 -85.19 -89.01 -98.52
C GLN CA 165 -86.22 -90.13 -98.55
N TYR CA 166 -87.47 -89.81 -98.87
CA TYR CA 166 -88.51 -90.83 -98.94
C TYR CA 166 -89.01 -90.88 -100.38
N ALA CA 167 -88.32 -91.62 -101.24
CA ALA CA 167 -88.78 -91.76 -102.61
C ALA CA 167 -88.51 -93.15 -103.15
N ALA CA 168 -87.95 -94.03 -102.32
CA ALA CA 168 -87.57 -95.36 -102.74
C ALA CA 168 -88.53 -96.38 -102.13
N TYR CA 169 -89.09 -97.23 -102.96
CA TYR CA 169 -90.01 -98.26 -102.50
C TYR CA 169 -89.31 -99.16 -101.50
N THR CA 170 -90.03 -99.58 -100.47
CA THR CA 170 -89.49 -100.45 -99.45
C THR CA 170 -90.26 -101.77 -99.41
N ALA CA 171 -89.51 -102.84 -99.16
CA ALA CA 171 -90.12 -104.17 -99.14
C ALA CA 171 -90.91 -104.37 -97.85
N THR CA 172 -92.11 -104.91 -97.98
CA THR CA 172 -92.96 -105.18 -96.83
C THR CA 172 -93.58 -106.56 -96.98
N ARG CA 173 -93.70 -107.26 -95.85
CA ARG CA 173 -94.48 -108.49 -95.81
C ARG CA 173 -95.82 -108.22 -95.13
N GLU CA 174 -96.85 -107.98 -95.93
CA GLU CA 174 -98.15 -107.64 -95.36
C GLU CA 174 -99.23 -108.55 -95.94
N TYR CA 175 -99.19 -108.82 -97.25
CA TYR CA 175 -100.04 -109.87 -97.80
C TYR CA 175 -99.31 -110.74 -98.81
N ASN CA 176 -98.21 -110.25 -99.38
CA ASN CA 176 -97.56 -111.02 -100.43
C ASN CA 176 -96.06 -111.21 -100.14
N PHE CA 177 -95.47 -112.18 -100.83
CA PHE CA 177 -94.06 -112.53 -100.69
C PHE CA 177 -93.15 -111.60 -101.49
N ARG CA 178 -93.70 -110.77 -102.36
CA ARG CA 178 -92.88 -110.00 -103.29
C ARG CA 178 -93.33 -108.54 -103.41
N LEU CA 179 -94.41 -108.17 -102.72
CA LEU CA 179 -95.02 -106.87 -102.91
C LEU CA 179 -94.10 -105.76 -102.40
N MET CA 180 -94.02 -104.67 -103.16
CA MET CA 180 -93.28 -103.47 -102.76
C MET CA 180 -94.24 -102.31 -102.60
N GLN CA 181 -94.20 -101.67 -101.43
CA GLN CA 181 -95.11 -100.56 -101.09
C GLN CA 181 -94.32 -99.28 -100.95
N LEU CA 182 -94.96 -98.16 -101.30
CA LEU CA 182 -94.37 -96.83 -101.25
C LEU CA 182 -95.18 -95.94 -100.32
N LYS CA 183 -94.50 -95.30 -99.37
CA LYS CA 183 -95.12 -94.33 -98.46
C LYS CA 183 -94.41 -93.00 -98.65
N PHE CA 184 -94.93 -92.17 -99.55
CA PHE CA 184 -94.33 -90.88 -99.87
C PHE CA 184 -95.12 -89.79 -99.16
N HIS CA 185 -94.62 -89.36 -98.00
CA HIS CA 185 -95.13 -88.20 -97.28
C HIS CA 185 -93.97 -87.24 -97.02
N THR CA 186 -94.09 -86.02 -97.54
CA THR CA 186 -93.11 -84.99 -97.31
C THR CA 186 -93.69 -83.65 -97.77
N SER CA 187 -92.85 -82.62 -97.69
CA SER CA 187 -93.19 -81.30 -98.20
C SER CA 187 -92.28 -81.01 -99.38
N LEU CA 188 -92.86 -80.44 -100.43
CA LEU CA 188 -92.14 -80.12 -101.65
C LEU CA 188 -91.93 -78.61 -101.75
N GLY CA 189 -90.75 -78.22 -102.21
CA GLY CA 189 -90.35 -76.82 -102.22
C GLY CA 189 -90.24 -76.23 -103.61
N LEU CA 190 -90.74 -75.01 -103.77
CA LEU CA 190 -90.63 -74.23 -105.00
C LEU CA 190 -89.78 -73.01 -104.72
N GLY CA 191 -88.54 -73.03 -105.18
CA GLY CA 191 -87.62 -71.93 -104.98
C GLY CA 191 -88.01 -70.71 -105.79
N GLU CA 192 -87.56 -69.55 -105.32
CA GLU CA 192 -87.83 -68.29 -105.99
C GLU CA 192 -87.03 -68.12 -107.27
N GLU CA 193 -86.29 -69.15 -107.68
CA GLU CA 193 -85.70 -69.20 -109.01
C GLU CA 193 -85.95 -70.51 -109.74
N SER CA 194 -86.65 -71.46 -109.13
CA SER CA 194 -86.96 -72.71 -109.82
C SER CA 194 -87.83 -72.43 -111.04
N THR CA 195 -87.24 -72.56 -112.21
CA THR CA 195 -87.89 -72.19 -113.46
C THR CA 195 -88.84 -73.29 -113.91
N THR CA 196 -89.98 -72.88 -114.43
CA THR CA 196 -90.87 -73.80 -115.11
C THR CA 196 -90.23 -74.28 -116.40
N VAL CA 197 -90.63 -75.48 -116.84
CA VAL CA 197 -90.28 -75.86 -118.20
C VAL CA 197 -91.42 -75.40 -119.08
N ALA CA 198 -91.47 -74.08 -119.32
CA ALA CA 198 -92.33 -73.46 -120.31
C ALA CA 198 -91.60 -72.27 -120.91
N GLY CA 199 -90.35 -72.07 -120.47
CA GLY CA 199 -89.62 -70.87 -120.76
C GLY CA 199 -89.50 -69.96 -119.55
N ALA CA 200 -88.27 -69.81 -119.04
CA ALA CA 200 -87.95 -68.94 -117.90
C ALA CA 200 -88.71 -69.41 -116.67
N GLU CA 201 -88.97 -68.49 -115.75
CA GLU CA 201 -89.60 -68.81 -114.47
C GLU CA 201 -91.11 -68.90 -114.63
N SER CA 202 -91.78 -69.15 -113.51
CA SER CA 202 -93.24 -69.28 -113.48
C SER CA 202 -93.90 -67.95 -113.83
N ALA CA 203 -95.11 -67.99 -114.40
CA ALA CA 203 -95.79 -66.79 -114.83
C ALA CA 203 -96.92 -66.38 -113.89
N LEU CA 204 -97.05 -67.00 -112.74
CA LEU CA 204 -98.07 -66.61 -111.76
C LEU CA 204 -97.47 -66.16 -110.44
N LEU CA 205 -96.23 -66.52 -110.13
CA LEU CA 205 -95.60 -66.20 -108.86
C LEU CA 205 -94.50 -65.15 -108.95
N LYS CA 206 -94.62 -64.20 -109.87
CA LYS CA 206 -93.68 -63.07 -109.85
C LYS CA 206 -93.75 -62.29 -108.55
N ASP CA 207 -94.96 -62.07 -108.04
CA ASP CA 207 -95.15 -61.13 -106.95
C ASP CA 207 -94.46 -61.61 -105.68
N LEU CA 208 -94.61 -62.89 -105.34
CA LEU CA 208 -93.89 -63.42 -104.18
C LEU CA 208 -92.41 -63.55 -104.45
N PHE CA 209 -92.04 -63.96 -105.66
CA PHE CA 209 -90.63 -64.21 -105.97
C PHE CA 209 -89.80 -62.95 -105.88
N ASP CA 210 -90.31 -61.83 -106.42
CA ASP CA 210 -89.58 -60.57 -106.29
C ASP CA 210 -89.47 -60.14 -104.84
N LEU CA 211 -90.54 -60.31 -104.06
CA LEU CA 211 -90.52 -59.97 -102.64
C LEU CA 211 -89.61 -60.89 -101.83
N GLY CA 212 -88.99 -61.89 -102.46
CA GLY CA 212 -88.06 -62.76 -101.79
C GLY CA 212 -88.70 -63.78 -100.87
N TYR CA 213 -89.47 -64.70 -101.43
CA TYR CA 213 -90.18 -65.69 -100.63
C TYR CA 213 -90.18 -67.02 -101.34
N ARG CA 214 -90.42 -68.08 -100.57
CA ARG CA 214 -90.53 -69.43 -101.09
C ARG CA 214 -91.84 -70.05 -100.64
N ILE CA 215 -92.30 -71.04 -101.39
CA ILE CA 215 -93.57 -71.71 -101.13
C ILE CA 215 -93.32 -73.18 -100.85
N GLU CA 216 -94.02 -73.70 -99.84
CA GLU CA 216 -93.97 -75.11 -99.49
C GLU CA 216 -95.28 -75.76 -99.90
N LEU CA 217 -95.22 -77.00 -100.36
CA LEU CA 217 -96.41 -77.77 -100.68
C LEU CA 217 -96.44 -79.05 -99.85
N ASP CA 218 -97.62 -79.41 -99.37
CA ASP CA 218 -97.79 -80.66 -98.64
C ASP CA 218 -98.15 -81.77 -99.61
N VAL CA 219 -97.34 -82.82 -99.64
CA VAL CA 219 -97.47 -83.89 -100.63
C VAL CA 219 -97.76 -85.19 -99.90
N LYS CA 220 -98.83 -85.87 -100.31
CA LYS CA 220 -99.17 -87.19 -99.81
C LYS CA 220 -99.49 -88.09 -101.00
N VAL CA 221 -98.55 -88.95 -101.35
CA VAL CA 221 -98.69 -89.87 -102.47
C VAL CA 221 -98.36 -91.27 -101.99
N ASP CA 222 -99.24 -92.24 -102.30
CA ASP CA 222 -99.01 -93.62 -101.96
C ASP CA 222 -99.18 -94.51 -103.18
N GLY CA 223 -98.47 -95.64 -103.16
CA GLY CA 223 -98.54 -96.60 -104.25
C GLY CA 223 -97.97 -97.94 -103.83
N GLU CA 224 -98.23 -98.93 -104.65
CA GLU CA 224 -97.76 -100.30 -104.42
C GLU CA 224 -97.30 -100.90 -105.74
N MET CA 225 -96.21 -101.65 -105.70
CA MET CA 225 -95.64 -102.27 -106.87
C MET CA 225 -95.35 -103.74 -106.61
N ASN CA 226 -95.60 -104.57 -107.62
CA ASN CA 226 -95.26 -105.99 -107.56
C ASN CA 226 -94.07 -106.22 -108.49
N VAL CA 227 -93.16 -107.09 -108.08
CA VAL CA 227 -91.90 -107.27 -108.81
C VAL CA 227 -91.94 -108.53 -109.65
N GLU CA 228 -93.13 -108.99 -110.03
CA GLU CA 228 -93.24 -110.17 -110.87
C GLU CA 228 -94.01 -109.95 -112.17
N ASN CA 229 -95.14 -109.24 -112.13
CA ASN CA 229 -96.00 -109.17 -113.30
C ASN CA 229 -96.28 -107.73 -113.69
N GLY CA 230 -95.61 -106.79 -113.05
CA GLY CA 230 -95.77 -105.40 -113.41
C GLY CA 230 -97.11 -104.79 -113.03
N ASN CA 231 -97.93 -105.50 -112.27
CA ASN CA 231 -99.22 -104.95 -111.88
C ASN CA 231 -99.08 -104.10 -110.61
N GLY CA 232 -99.55 -102.87 -110.69
CA GLY CA 232 -99.44 -101.95 -109.56
C GLY CA 232 -100.16 -100.66 -109.84
N ASP CA 233 -100.21 -99.80 -108.82
CA ASP CA 233 -100.89 -98.53 -108.93
C ASP CA 233 -100.30 -97.56 -107.92
N THR CA 234 -100.53 -96.27 -108.15
CA THR CA 234 -100.10 -95.20 -107.26
C THR CA 234 -101.22 -94.20 -107.14
N SER CA 235 -101.44 -93.68 -105.92
CA SER CA 235 -102.61 -92.85 -105.63
C SER CA 235 -102.19 -91.56 -104.95
N LEU CA 236 -102.90 -90.48 -105.26
CA LEU CA 236 -102.68 -89.17 -104.65
C LEU CA 236 -103.69 -88.95 -103.52
N ARG CA 237 -103.23 -89.00 -102.28
CA ARG CA 237 -104.13 -88.77 -101.16
C ARG CA 237 -104.54 -87.31 -101.03
N ALA CA 238 -103.59 -86.38 -101.09
CA ALA CA 238 -103.94 -84.96 -100.99
C ALA CA 238 -102.74 -84.12 -101.40
N LEU CA 239 -103.02 -82.89 -101.81
CA LEU CA 239 -102.01 -81.92 -102.21
C LEU CA 239 -102.51 -80.53 -101.88
N ARG CA 240 -101.65 -79.70 -101.30
CA ARG CA 240 -102.11 -78.39 -100.83
C ARG CA 240 -100.91 -77.47 -100.63
N LEU CA 241 -101.21 -76.17 -100.59
CA LEU CA 241 -100.21 -75.17 -100.24
C LEU CA 241 -100.30 -74.86 -98.75
N ALA CA 242 -99.21 -75.07 -98.03
CA ALA CA 242 -99.26 -75.02 -96.57
C ALA CA 242 -98.42 -73.91 -95.96
N ARG CA 243 -97.11 -73.89 -96.22
CA ARG CA 243 -96.24 -72.94 -95.54
C ARG CA 243 -95.59 -72.01 -96.55
N VAL CA 244 -95.23 -70.82 -96.08
CA VAL CA 244 -94.50 -69.83 -96.86
C VAL CA 244 -93.35 -69.31 -96.02
N PHE CA 245 -92.13 -69.42 -96.53
CA PHE CA 245 -90.95 -68.89 -95.88
C PHE CA 245 -90.42 -67.70 -96.66
N ASP CA 246 -89.74 -66.80 -95.95
CA ASP CA 246 -89.05 -65.69 -96.58
C ASP CA 246 -87.62 -66.10 -96.95
N LYS CA 247 -87.02 -65.31 -97.83
CA LYS CA 247 -85.64 -65.59 -98.23
C LYS CA 247 -84.68 -65.42 -97.07
N GLU CA 248 -85.02 -64.55 -96.11
CA GLU CA 248 -84.10 -64.31 -95.00
C GLU CA 248 -83.96 -65.55 -94.14
N GLY CA 249 -85.06 -66.25 -93.89
CA GLY CA 249 -85.01 -67.45 -93.08
C GLY CA 249 -86.07 -67.53 -92.01
N LYS CA 250 -87.05 -66.64 -92.06
CA LYS CA 250 -88.16 -66.66 -91.13
C LYS CA 250 -89.38 -67.32 -91.77
N GLU CA 251 -90.41 -67.50 -90.95
CA GLU CA 251 -91.68 -68.06 -91.41
C GLU CA 251 -92.73 -66.96 -91.26
N ILE CA 252 -93.49 -66.72 -92.31
CA ILE CA 252 -94.61 -65.79 -92.30
C ILE CA 252 -95.89 -66.61 -92.32
N ALA CA 253 -96.89 -66.14 -91.58
CA ALA CA 253 -98.20 -66.76 -91.65
C ALA CA 253 -98.88 -66.38 -92.96
N LEU CA 254 -99.83 -67.19 -93.41
CA LEU CA 254 -100.59 -66.88 -94.61
C LEU CA 254 -101.59 -65.75 -94.40
N THR CA 255 -101.76 -65.31 -93.15
CA THR CA 255 -102.69 -64.22 -92.86
C THR CA 255 -102.22 -62.89 -93.43
N ASP CA 256 -100.91 -62.69 -93.54
CA ASP CA 256 -100.39 -61.41 -94.00
C ASP CA 256 -100.92 -61.09 -95.39
N SER CA 257 -101.23 -59.80 -95.60
CA SER CA 257 -101.78 -59.38 -96.89
C SER CA 257 -100.78 -59.58 -98.01
N ARG CA 258 -99.49 -59.31 -97.75
CA ARG CA 258 -98.49 -59.36 -98.80
C ARG CA 258 -98.42 -60.75 -99.44
N VAL CA 259 -98.25 -61.78 -98.63
CA VAL CA 259 -98.14 -63.13 -99.17
C VAL CA 259 -99.48 -63.62 -99.69
N SER CA 260 -100.55 -63.38 -98.94
CA SER CA 260 -101.85 -63.95 -99.29
C SER CA 260 -102.46 -63.24 -100.50
N ALA CA 261 -101.89 -62.11 -100.92
CA ALA CA 261 -102.46 -61.36 -102.04
C ALA CA 261 -102.45 -62.18 -103.32
N ALA CA 262 -101.26 -62.52 -103.81
CA ALA CA 262 -101.17 -63.26 -105.07
C ALA CA 262 -101.59 -64.72 -104.92
N LEU CA 263 -101.49 -65.29 -103.73
CA LEU CA 263 -101.84 -66.69 -103.53
C LEU CA 263 -103.34 -66.92 -103.40
N SER CA 264 -104.13 -65.85 -103.37
CA SER CA 264 -105.59 -66.01 -103.38
C SER CA 264 -106.03 -66.42 -104.79
N GLY CA 265 -106.78 -67.51 -104.88
CA GLY CA 265 -107.17 -68.06 -106.16
C GLY CA 265 -106.16 -69.00 -106.77
N LEU CA 266 -104.99 -69.15 -106.16
CA LEU CA 266 -103.99 -70.08 -106.66
C LEU CA 266 -104.41 -71.50 -106.31
N THR CA 267 -104.46 -72.37 -107.31
CA THR CA 267 -104.85 -73.76 -107.12
C THR CA 267 -103.73 -74.68 -107.61
N VAL CA 268 -103.46 -75.72 -106.85
CA VAL CA 268 -102.40 -76.68 -107.17
C VAL CA 268 -103.03 -78.06 -107.28
N THR CA 269 -102.81 -78.73 -108.41
CA THR CA 269 -103.40 -80.03 -108.68
C THR CA 269 -102.38 -80.95 -109.33
N GLY CA 270 -102.24 -82.14 -108.77
CA GLY CA 270 -101.29 -83.11 -109.32
C GLY CA 270 -101.85 -83.72 -110.60
N VAL CA 271 -100.97 -83.98 -111.55
CA VAL CA 271 -101.37 -84.50 -112.85
C VAL CA 271 -100.64 -85.79 -113.21
N GLY CA 272 -99.33 -85.85 -113.00
CA GLY CA 272 -98.60 -87.00 -113.52
C GLY CA 272 -97.29 -87.25 -112.80
N TYR CA 273 -96.67 -88.36 -113.15
CA TYR CA 273 -95.43 -88.80 -112.55
C TYR CA 273 -94.75 -89.78 -113.49
N SER CA 274 -93.47 -90.04 -113.23
CA SER CA 274 -92.68 -90.97 -114.03
C SER CA 274 -91.90 -91.90 -113.12
N LEU CA 275 -91.61 -93.10 -113.64
CA LEU CA 275 -90.97 -94.16 -112.88
C LEU CA 275 -89.76 -94.70 -113.61
N GLU CA 276 -88.75 -95.10 -112.83
CA GLU CA 276 -87.54 -95.73 -113.34
C GLU CA 276 -87.49 -97.18 -112.84
N ALA CA 277 -87.15 -98.10 -113.73
CA ALA CA 277 -87.10 -99.51 -113.38
C ALA CA 277 -86.17 -100.23 -114.36
N ARG CA 278 -85.45 -101.23 -113.84
CA ARG CA 278 -84.43 -101.92 -114.60
C ARG CA 278 -84.69 -103.42 -114.61
N LEU CA 279 -84.57 -104.00 -115.80
CA LEU CA 279 -84.82 -105.43 -115.97
C LEU CA 279 -83.57 -106.23 -115.68
N THR CA 280 -83.47 -106.77 -114.48
CA THR CA 280 -82.36 -107.64 -114.12
C THR CA 280 -82.56 -109.00 -114.77
N ASN CA 281 -82.27 -109.08 -116.06
CA ASN CA 281 -82.53 -110.29 -116.83
C ASN CA 281 -81.60 -111.39 -116.34
N ILE CA 282 -82.20 -112.55 -116.07
CA ILE CA 282 -81.41 -113.72 -115.71
C ILE CA 282 -81.12 -114.55 -116.94
N ASN CA 283 -82.00 -114.50 -117.94
CA ASN CA 283 -81.75 -115.22 -119.18
C ASN CA 283 -80.80 -114.46 -120.09
N GLN CA 284 -80.59 -113.17 -119.79
CA GLN CA 284 -79.71 -112.27 -120.55
C GLN CA 284 -80.28 -111.97 -121.93
N LEU CA 285 -80.49 -110.68 -122.21
CA LEU CA 285 -80.96 -110.28 -123.54
C LEU CA 285 -80.22 -109.06 -124.06
N GLU CA 286 -79.50 -108.34 -123.21
CA GLU CA 286 -78.94 -107.06 -123.61
C GLU CA 286 -77.69 -107.25 -124.47
N MET CA 287 -77.64 -106.53 -125.59
CA MET CA 287 -76.48 -106.58 -126.47
C MET CA 287 -75.22 -106.08 -125.76
N GLY CA 288 -75.38 -105.14 -124.84
CA GLY CA 288 -74.24 -104.61 -124.12
C GLY CA 288 -73.35 -103.78 -125.01
N LEU CA 289 -72.04 -104.02 -124.90
CA LEU CA 289 -71.05 -103.32 -125.69
C LEU CA 289 -70.11 -104.34 -126.32
N LEU CA 290 -69.21 -103.87 -127.19
CA LEU CA 290 -68.29 -104.76 -127.88
C LEU CA 290 -66.87 -104.22 -127.75
N ILE CA 291 -65.90 -105.13 -127.64
CA ILE CA 291 -64.50 -104.77 -127.51
C ILE CA 291 -63.70 -105.59 -128.51
N ASP CA 292 -62.86 -104.92 -129.30
CA ASP CA 292 -62.15 -105.55 -130.41
C ASP CA 292 -60.70 -105.09 -130.42
N SER CA 293 -59.91 -105.76 -131.26
CA SER CA 293 -58.50 -105.41 -131.45
C SER CA 293 -58.18 -105.43 -132.94
N ASP CA 294 -57.57 -104.36 -133.42
CA ASP CA 294 -57.20 -104.24 -134.82
C ASP CA 294 -55.71 -103.91 -134.93
N VAL CA 295 -55.23 -103.78 -136.16
CA VAL CA 295 -53.81 -103.65 -136.43
C VAL CA 295 -53.58 -102.49 -137.40
N GLN CA 296 -52.65 -101.61 -137.04
CA GLN CA 296 -52.13 -100.60 -137.95
C GLN CA 296 -50.65 -100.87 -138.20
N LYS CA 297 -50.27 -100.85 -139.46
CA LYS CA 297 -48.89 -101.08 -139.89
C LYS CA 297 -48.44 -99.94 -140.79
N GLN CA 298 -47.15 -99.59 -140.70
CA GLN CA 298 -46.60 -98.49 -141.48
C GLN CA 298 -45.22 -98.88 -142.01
N GLY CA 299 -44.95 -98.51 -143.26
CA GLY CA 299 -43.65 -98.76 -143.87
C GLY CA 299 -42.79 -97.51 -143.82
N PHE CA 300 -41.48 -97.72 -143.74
CA PHE CA 300 -40.51 -96.64 -143.69
C PHE CA 300 -39.27 -97.06 -144.48
N MET CA 301 -39.16 -96.60 -145.72
CA MET CA 301 -38.05 -96.96 -146.58
C MET CA 301 -36.90 -95.98 -146.38
N ILE CA 302 -35.70 -96.42 -146.73
CA ILE CA 302 -34.49 -95.64 -146.51
C ILE CA 302 -33.78 -95.43 -147.85
N PRO CA 303 -33.52 -94.19 -148.25
CA PRO CA 303 -32.91 -93.95 -149.56
C PRO CA 303 -31.40 -93.79 -149.52
N THR CA 304 -30.79 -93.62 -150.69
CA THR CA 304 -29.37 -93.35 -150.85
C THR CA 304 -29.17 -91.89 -151.25
N LEU CA 305 -28.02 -91.31 -150.87
CA LEU CA 305 -27.81 -89.89 -151.05
C LEU CA 305 -26.58 -89.58 -151.89
N PRO CA 306 -26.52 -88.40 -152.53
CA PRO CA 306 -25.39 -88.07 -153.41
C PRO CA 306 -24.05 -88.13 -152.70
N PRO CA 307 -22.99 -88.53 -153.41
CA PRO CA 307 -21.70 -88.74 -152.76
C PRO CA 307 -20.77 -87.53 -152.79
N LEU CA 308 -19.86 -87.46 -151.84
CA LEU CA 308 -18.80 -86.46 -151.80
C LEU CA 308 -17.49 -87.15 -152.14
N VAL CA 309 -16.80 -86.66 -153.18
CA VAL CA 309 -15.66 -87.36 -153.75
C VAL CA 309 -14.47 -86.42 -153.92
N ILE CA 310 -13.28 -86.90 -153.61
CA ILE CA 310 -12.03 -86.20 -153.87
C ILE CA 310 -11.34 -86.86 -155.06
N VAL CA 311 -10.60 -86.07 -155.82
CA VAL CA 311 -9.63 -86.58 -156.79
C VAL CA 311 -8.29 -85.91 -156.51
N LYS CA 312 -7.23 -86.69 -156.58
CA LYS CA 312 -5.87 -86.18 -156.41
C LYS CA 312 -4.97 -86.85 -157.44
N PRO CA 313 -3.92 -86.17 -157.89
CA PRO CA 313 -3.04 -86.79 -158.90
C PRO CA 313 -2.47 -88.10 -158.40
N ALA CA 314 -2.36 -89.06 -159.32
CA ALA CA 314 -2.17 -90.47 -158.98
C ALA CA 314 -0.80 -90.93 -159.45
N MET CA 315 0.22 -90.11 -159.20
CA MET CA 315 1.59 -90.53 -159.40
C MET CA 315 2.41 -90.13 -158.18
N VAL CA 316 1.90 -89.14 -157.43
CA VAL CA 316 2.51 -88.69 -156.18
C VAL CA 316 1.39 -88.44 -155.18
N GLU CA 317 1.74 -88.41 -153.90
CA GLU CA 317 0.75 -88.25 -152.83
C GLU CA 317 0.85 -86.86 -152.21
N ASP CA 318 -0.30 -86.36 -151.76
CA ASP CA 318 -0.42 -85.04 -151.16
C ASP CA 318 -0.97 -85.18 -149.74
N ASP CA 319 -0.35 -84.50 -148.79
CA ASP CA 319 -0.82 -84.45 -147.41
C ASP CA 319 -1.03 -83.03 -146.92
N LYS CA 320 -0.78 -82.02 -147.74
CA LYS CA 320 -0.92 -80.63 -147.37
C LYS CA 320 -1.98 -79.91 -148.20
N THR CA 321 -2.18 -80.33 -149.45
CA THR CA 321 -3.22 -79.76 -150.29
C THR CA 321 -4.49 -80.58 -150.12
N TYR CA 322 -4.40 -81.87 -150.32
CA TYR CA 322 -5.53 -82.64 -149.84
C TYR CA 322 -5.15 -83.42 -148.60
N PRO CA 323 -5.77 -83.13 -147.47
CA PRO CA 323 -5.43 -83.83 -146.24
C PRO CA 323 -5.93 -85.26 -146.25
N ARG CA 324 -5.79 -85.94 -145.13
CA ARG CA 324 -6.19 -87.34 -145.03
C ARG CA 324 -7.70 -87.49 -145.27
N LEU CA 325 -8.15 -88.74 -145.27
CA LEU CA 325 -9.56 -89.05 -145.47
C LEU CA 325 -10.41 -88.45 -144.36
N GLU CA 326 -9.78 -88.12 -143.23
CA GLU CA 326 -10.52 -87.62 -142.08
C GLU CA 326 -11.30 -86.34 -142.42
N ALA CA 327 -10.75 -85.50 -143.31
CA ALA CA 327 -11.43 -84.27 -143.67
C ALA CA 327 -12.77 -84.56 -144.34
N LEU CA 328 -12.78 -85.54 -145.25
CA LEU CA 328 -14.03 -85.90 -145.92
C LEU CA 328 -15.05 -86.45 -144.92
N THR CA 329 -14.59 -87.28 -143.98
CA THR CA 329 -15.49 -87.82 -142.98
C THR CA 329 -16.07 -86.72 -142.12
N THR CA 330 -15.25 -85.74 -141.75
CA THR CA 330 -15.76 -84.63 -140.94
C THR CA 330 -16.77 -83.80 -141.73
N ALA CA 331 -16.50 -83.57 -143.02
CA ALA CA 331 -17.46 -82.84 -143.83
C ALA CA 331 -18.79 -83.59 -143.91
N TYR CA 332 -18.72 -84.91 -144.10
CA TYR CA 332 -19.92 -85.73 -144.11
C TYR CA 332 -20.67 -85.65 -142.79
N ARG CA 333 -19.95 -85.72 -141.68
CA ARG CA 333 -20.58 -85.64 -140.37
C ARG CA 333 -21.28 -84.30 -140.18
N ILE CA 334 -20.63 -83.20 -140.56
CA ILE CA 334 -21.27 -81.90 -140.48
C ILE CA 334 -22.55 -81.89 -141.30
N GLN CA 335 -22.44 -82.29 -142.57
CA GLN CA 335 -23.60 -82.26 -143.45
C GLN CA 335 -24.78 -83.04 -142.85
N GLN CA 336 -24.57 -84.33 -142.61
CA GLN CA 336 -25.66 -85.15 -142.09
C GLN CA 336 -26.16 -84.62 -140.76
N MET CA 337 -25.31 -84.63 -139.73
CA MET CA 337 -25.77 -84.38 -138.38
C MET CA 337 -26.21 -82.94 -138.16
N ARG CA 338 -26.07 -82.05 -139.14
CA ARG CA 338 -26.74 -80.78 -138.92
C ARG CA 338 -27.82 -80.46 -139.94
N ASN CA 339 -27.45 -80.39 -141.22
CA ASN CA 339 -28.31 -79.68 -142.16
C ASN CA 339 -29.57 -80.47 -142.47
N ASN CA 340 -29.42 -81.77 -142.72
CA ASN CA 340 -30.60 -82.57 -143.02
C ASN CA 340 -31.51 -82.66 -141.80
N ALA CA 341 -30.94 -82.76 -140.61
CA ALA CA 341 -31.75 -82.82 -139.40
C ALA CA 341 -32.56 -81.54 -139.22
N VAL CA 342 -31.92 -80.39 -139.37
CA VAL CA 342 -32.65 -79.13 -139.18
C VAL CA 342 -33.68 -78.95 -140.27
N THR CA 343 -33.37 -79.39 -141.50
CA THR CA 343 -34.34 -79.31 -142.58
C THR CA 343 -35.57 -80.15 -142.26
N THR CA 344 -35.36 -81.37 -141.75
CA THR CA 344 -36.50 -82.20 -141.37
C THR CA 344 -37.31 -81.55 -140.26
N LEU CA 345 -36.64 -80.99 -139.25
CA LEU CA 345 -37.37 -80.36 -138.16
C LEU CA 345 -38.25 -79.22 -138.66
N LEU CA 346 -37.68 -78.33 -139.47
CA LEU CA 346 -38.45 -77.18 -139.92
C LEU CA 346 -39.54 -77.56 -140.92
N ASN CA 347 -39.28 -78.53 -141.79
CA ASN CA 347 -40.34 -78.97 -142.69
C ASN CA 347 -41.49 -79.60 -141.92
N ARG CA 348 -41.17 -80.37 -140.87
CA ARG CA 348 -42.21 -80.90 -140.00
C ARG CA 348 -43.00 -79.76 -139.36
N ALA CA 349 -42.32 -78.75 -138.86
CA ALA CA 349 -43.02 -77.61 -138.28
C ALA CA 349 -43.99 -77.00 -139.27
N ASP CA 350 -43.52 -76.75 -140.49
CA ASP CA 350 -44.36 -76.09 -141.49
C ASP CA 350 -45.54 -76.96 -141.89
N THR CA 351 -45.33 -78.27 -142.06
CA THR CA 351 -46.45 -79.10 -142.50
C THR CA 351 -47.50 -79.25 -141.41
N LEU CA 352 -47.07 -79.35 -140.14
CA LEU CA 352 -48.05 -79.35 -139.06
C LEU CA 352 -48.80 -78.04 -139.01
N LYS CA 353 -48.09 -76.92 -139.19
CA LYS CA 353 -48.74 -75.62 -139.33
C LYS CA 353 -49.83 -75.67 -140.39
N SER CA 354 -49.49 -76.19 -141.56
CA SER CA 354 -50.44 -76.21 -142.67
C SER CA 354 -51.66 -77.06 -142.34
N TYR CA 355 -51.44 -78.20 -141.68
CA TYR CA 355 -52.53 -79.17 -141.57
C TYR CA 355 -53.42 -78.94 -140.35
N LEU CA 356 -52.83 -78.73 -139.17
CA LEU CA 356 -53.62 -78.77 -137.95
C LEU CA 356 -54.14 -77.42 -137.49
N GLY CA 357 -53.76 -76.33 -138.13
CA GLY CA 357 -54.19 -75.02 -137.69
C GLY CA 357 -53.48 -74.61 -136.41
N VAL CA 358 -54.04 -73.60 -135.76
CA VAL CA 358 -53.44 -73.03 -134.55
C VAL CA 358 -54.19 -73.53 -133.33
N GLY CA 359 -53.50 -74.29 -132.48
CA GLY CA 359 -54.01 -74.64 -131.17
C GLY CA 359 -55.27 -75.47 -131.14
N VAL CA 360 -55.59 -76.16 -132.23
CA VAL CA 360 -56.84 -76.93 -132.32
C VAL CA 360 -56.49 -78.40 -132.19
N PRO CA 361 -56.92 -79.08 -131.14
CA PRO CA 361 -56.67 -80.51 -131.01
C PRO CA 361 -57.52 -81.32 -131.99
N HIS CA 362 -57.07 -82.55 -132.24
CA HIS CA 362 -57.87 -83.42 -133.10
C HIS CA 362 -57.98 -84.80 -132.49
N PRO CA 363 -59.14 -85.46 -132.63
CA PRO CA 363 -59.34 -86.75 -132.00
C PRO CA 363 -58.43 -87.82 -132.58
N ILE CA 364 -58.30 -88.91 -131.82
CA ILE CA 364 -57.37 -89.97 -132.18
C ILE CA 364 -57.77 -90.61 -133.50
N GLU CA 365 -56.77 -90.92 -134.33
CA GLU CA 365 -56.94 -91.60 -135.61
C GLU CA 365 -57.74 -90.78 -136.62
N SER CA 366 -57.97 -89.50 -136.33
CA SER CA 366 -58.90 -88.72 -137.14
C SER CA 366 -58.26 -88.13 -138.38
N ASN CA 367 -57.00 -87.74 -138.33
CA ASN CA 367 -56.33 -87.14 -139.48
C ASN CA 367 -55.21 -88.04 -139.94
N LEU CA 368 -55.09 -88.19 -141.25
CA LEU CA 368 -54.05 -89.03 -141.81
C LEU CA 368 -53.09 -88.28 -142.72
N GLY CA 369 -52.88 -86.98 -142.52
CA GLY CA 369 -52.03 -86.23 -143.42
C GLY CA 369 -50.57 -86.15 -143.04
N LEU CA 370 -50.17 -86.83 -141.96
CA LEU CA 370 -48.84 -86.64 -141.39
C LEU CA 370 -48.21 -87.98 -141.04
N GLU CA 371 -46.88 -87.99 -141.00
CA GLU CA 371 -46.13 -89.21 -140.70
C GLU CA 371 -46.34 -89.63 -139.25
N GLY CA 372 -45.67 -90.70 -138.87
CA GLY CA 372 -45.60 -91.13 -137.49
C GLY CA 372 -46.79 -91.97 -137.08
N VAL CA 373 -46.58 -92.71 -135.99
CA VAL CA 373 -47.62 -93.53 -135.39
C VAL CA 373 -48.00 -93.02 -134.01
N GLY CA 374 -47.47 -91.86 -133.60
CA GLY CA 374 -47.80 -91.31 -132.31
C GLY CA 374 -49.26 -90.96 -132.15
N GLN CA 375 -49.98 -90.79 -133.25
CA GLN CA 375 -51.39 -90.44 -133.18
C GLN CA 375 -52.26 -91.58 -132.67
N TYR CA 376 -51.70 -92.78 -132.51
CA TYR CA 376 -52.44 -93.86 -131.88
C TYR CA 376 -52.38 -93.81 -130.36
N TYR CA 377 -51.73 -92.80 -129.79
CA TYR CA 377 -51.62 -92.68 -128.34
C TYR CA 377 -52.04 -91.32 -127.82
N VAL CA 378 -51.82 -90.26 -128.59
CA VAL CA 378 -52.09 -88.90 -128.14
C VAL CA 378 -52.75 -88.11 -129.25
N ARG CA 379 -53.67 -87.23 -128.88
CA ARG CA 379 -54.35 -86.40 -129.86
C ARG CA 379 -53.40 -85.33 -130.39
N PRO CA 380 -53.29 -85.19 -131.71
CA PRO CA 380 -52.35 -84.22 -132.28
C PRO CA 380 -52.72 -82.78 -131.89
N TYR CA 381 -51.69 -81.93 -131.79
CA TYR CA 381 -51.87 -80.57 -131.29
C TYR CA 381 -50.66 -79.73 -131.68
N TYR CA 382 -50.91 -78.55 -132.24
CA TYR CA 382 -49.85 -77.63 -132.65
C TYR CA 382 -50.23 -76.20 -132.29
N ASN CA 383 -49.28 -75.46 -131.71
CA ASN CA 383 -49.54 -74.09 -131.30
C ASN CA 383 -48.25 -73.28 -131.35
N GLU CA 384 -48.40 -71.96 -131.53
CA GLU CA 384 -47.27 -71.05 -131.53
C GLU CA 384 -47.72 -69.72 -130.97
N ALA CA 385 -46.77 -68.92 -130.47
CA ALA CA 385 -47.04 -67.58 -130.00
C ALA CA 385 -45.79 -66.74 -130.14
N THR CA 386 -45.99 -65.47 -130.48
CA THR CA 386 -44.90 -64.52 -130.67
C THR CA 386 -44.83 -63.59 -129.47
N ILE CA 387 -43.66 -63.46 -128.88
CA ILE CA 387 -43.45 -62.62 -127.70
C ILE CA 387 -42.83 -61.32 -128.17
N ASP CA 388 -43.66 -60.31 -128.37
CA ASP CA 388 -43.19 -58.97 -128.70
C ASP CA 388 -42.57 -58.38 -127.45
N VAL CA 389 -41.24 -58.42 -127.37
CA VAL CA 389 -40.55 -57.98 -126.16
C VAL CA 389 -40.82 -56.50 -125.90
N LEU CA 390 -40.91 -55.71 -126.97
CA LEU CA 390 -41.10 -54.27 -126.80
C LEU CA 390 -42.43 -53.93 -126.13
N ASN CA 391 -43.43 -54.80 -126.20
CA ASN CA 391 -44.74 -54.50 -125.66
C ASN CA 391 -45.25 -55.58 -124.71
N ASP CA 392 -44.36 -56.20 -123.92
CA ASP CA 392 -44.79 -57.19 -122.93
C ASP CA 392 -44.04 -57.04 -121.61
N LEU CA 393 -42.92 -56.34 -121.57
CA LEU CA 393 -42.01 -56.39 -120.45
C LEU CA 393 -42.34 -55.32 -119.42
N ASN CA 394 -42.40 -55.72 -118.15
CA ASN CA 394 -42.62 -54.83 -117.02
C ASN CA 394 -41.30 -54.51 -116.34
N ASN CA 395 -41.11 -53.25 -115.96
CA ASN CA 395 -39.86 -52.83 -115.37
C ASN CA 395 -40.06 -51.65 -114.44
N LEU CA 396 -39.23 -51.58 -113.41
CA LEU CA 396 -39.11 -50.39 -112.58
C LEU CA 396 -37.69 -49.83 -112.61
N THR CA 397 -36.69 -50.66 -112.35
CA THR CA 397 -35.32 -50.23 -112.29
C THR CA 397 -34.53 -50.87 -113.43
N SER CA 398 -33.64 -50.09 -114.03
CA SER CA 398 -32.80 -50.61 -115.10
C SER CA 398 -31.60 -51.36 -114.54
N ALA CA 399 -31.86 -52.20 -113.54
CA ALA CA 399 -30.83 -53.03 -112.94
C ALA CA 399 -31.29 -54.48 -112.89
N ALA CA 400 -32.59 -54.67 -112.74
CA ALA CA 400 -33.22 -55.99 -112.74
C ALA CA 400 -33.93 -56.27 -114.05
N LYS CA 401 -33.77 -55.40 -115.05
CA LYS CA 401 -34.47 -55.54 -116.32
C LYS CA 401 -34.12 -56.86 -117.00
N GLN CA 402 -32.86 -57.28 -116.91
CA GLN CA 402 -32.48 -58.55 -117.51
C GLN CA 402 -33.24 -59.70 -116.85
N THR CA 403 -33.38 -59.64 -115.53
CA THR CA 403 -34.12 -60.68 -114.82
C THR CA 403 -35.58 -60.72 -115.27
N ASP CA 404 -36.19 -59.56 -115.47
CA ASP CA 404 -37.58 -59.52 -115.95
C ASP CA 404 -37.67 -60.10 -117.36
N ILE CA 405 -36.68 -59.80 -118.20
CA ILE CA 405 -36.63 -60.39 -119.53
C ILE CA 405 -36.64 -61.91 -119.42
N GLN CA 406 -35.81 -62.46 -118.55
CA GLN CA 406 -35.77 -63.90 -118.38
C GLN CA 406 -37.10 -64.44 -117.84
N GLY CA 407 -37.70 -63.72 -116.90
CA GLY CA 407 -38.94 -64.19 -116.30
C GLY CA 407 -40.06 -64.30 -117.31
N LEU CA 408 -40.13 -63.34 -118.24
CA LEU CA 408 -41.17 -63.39 -119.26
C LEU CA 408 -41.07 -64.66 -120.09
N ILE CA 409 -39.87 -64.97 -120.61
CA ILE CA 409 -39.69 -66.13 -121.45
C ILE CA 409 -39.99 -67.41 -120.68
N VAL CA 410 -39.47 -67.52 -119.47
CA VAL CA 410 -39.68 -68.75 -118.70
C VAL CA 410 -41.16 -68.94 -118.40
N SER CA 411 -41.85 -67.87 -118.00
CA SER CA 411 -43.28 -67.98 -117.71
C SER CA 411 -44.05 -68.43 -118.93
N LYS CA 412 -43.76 -67.83 -120.09
CA LYS CA 412 -44.49 -68.18 -121.30
C LYS CA 412 -44.26 -69.63 -121.69
N ILE CA 413 -43.02 -70.10 -121.58
CA ILE CA 413 -42.73 -71.47 -121.99
C ILE CA 413 -43.39 -72.46 -121.02
N ASN CA 414 -43.43 -72.11 -119.73
CA ASN CA 414 -44.15 -72.95 -118.78
C ASN CA 414 -45.63 -73.03 -119.15
N GLU CA 415 -46.22 -71.90 -119.51
CA GLU CA 415 -47.63 -71.90 -119.88
C GLU CA 415 -47.87 -72.81 -121.08
N MET CA 416 -47.02 -72.70 -122.11
CA MET CA 416 -47.20 -73.54 -123.29
C MET CA 416 -47.07 -75.02 -122.98
N VAL CA 417 -46.04 -75.41 -122.23
CA VAL CA 417 -45.85 -76.84 -121.96
C VAL CA 417 -47.01 -77.37 -121.13
N TYR CA 418 -47.48 -76.58 -120.16
CA TYR CA 418 -48.61 -77.03 -119.34
C TYR CA 418 -49.86 -77.20 -120.17
N THR CA 419 -50.19 -76.24 -121.02
CA THR CA 419 -51.41 -76.36 -121.81
C THR CA 419 -51.29 -77.51 -122.81
N ALA CA 420 -50.06 -77.83 -123.24
CA ALA CA 420 -49.88 -78.99 -124.09
C ALA CA 420 -50.20 -80.27 -123.33
N ASP CA 421 -49.62 -80.43 -122.13
CA ASP CA 421 -49.93 -81.61 -121.32
C ASP CA 421 -51.43 -81.69 -121.03
N GLN CA 422 -52.10 -80.55 -120.97
CA GLN CA 422 -53.55 -80.59 -120.81
C GLN CA 422 -54.23 -81.13 -122.06
N LEU CA 423 -54.06 -80.46 -123.19
CA LEU CA 423 -54.88 -80.77 -124.35
C LEU CA 423 -54.55 -82.11 -124.98
N THR CA 424 -53.28 -82.51 -125.02
CA THR CA 424 -52.96 -83.75 -125.71
C THR CA 424 -53.04 -84.97 -124.82
N GLY CA 425 -53.13 -84.78 -123.51
CA GLY CA 425 -53.19 -85.91 -122.60
C GLY CA 425 -51.97 -86.81 -122.67
N TYR CA 426 -50.79 -86.21 -122.88
CA TYR CA 426 -49.58 -87.01 -123.08
C TYR CA 426 -49.20 -87.75 -121.80
N THR CA 427 -49.45 -87.12 -120.64
CA THR CA 427 -49.08 -87.75 -119.38
C THR CA 427 -49.84 -89.05 -119.16
N ALA CA 428 -51.14 -89.06 -119.46
CA ALA CA 428 -51.92 -90.28 -119.31
C ALA CA 428 -51.42 -91.38 -120.24
N ALA CA 429 -51.09 -91.02 -121.48
CA ALA CA 429 -50.58 -92.01 -122.41
C ALA CA 429 -49.25 -92.57 -121.93
N LEU CA 430 -48.39 -91.71 -121.38
CA LEU CA 430 -47.13 -92.19 -120.82
C LEU CA 430 -47.39 -93.16 -119.67
N GLU CA 431 -48.34 -92.83 -118.80
CA GLU CA 431 -48.69 -93.72 -117.70
C GLU CA 431 -49.21 -95.05 -118.23
N ALA CA 432 -49.90 -95.02 -119.37
CA ALA CA 432 -50.47 -96.25 -119.91
C ALA CA 432 -49.41 -97.11 -120.58
N ALA CA 433 -48.44 -96.50 -121.26
CA ALA CA 433 -47.48 -97.26 -122.04
C ALA CA 433 -46.58 -98.13 -121.19
N PHE CA 434 -46.29 -97.73 -119.95
CA PHE CA 434 -45.43 -98.49 -119.06
C PHE CA 434 -46.14 -98.72 -117.75
N SER CA 435 -45.82 -99.81 -117.08
CA SER CA 435 -46.48 -100.22 -115.85
C SER CA 435 -45.49 -100.16 -114.70
N GLY CA 436 -45.94 -99.63 -113.57
CA GLY CA 436 -45.15 -99.62 -112.35
C GLY CA 436 -44.31 -98.39 -112.12
N ARG CA 437 -44.20 -97.50 -113.11
CA ARG CA 437 -43.40 -96.29 -112.95
C ARG CA 437 -43.99 -95.20 -113.82
N SER CA 438 -44.48 -94.15 -113.16
CA SER CA 438 -45.22 -93.08 -113.82
C SER CA 438 -44.23 -92.11 -114.44
N PRO CA 439 -44.19 -91.97 -115.75
CA PRO CA 439 -43.19 -91.12 -116.40
C PRO CA 439 -43.60 -89.66 -116.42
N LYS CA 440 -42.82 -88.86 -115.73
CA LYS CA 440 -42.90 -87.43 -115.91
C LYS CA 440 -42.35 -87.04 -117.28
N PRO CA 441 -43.09 -86.26 -118.04
CA PRO CA 441 -42.63 -85.87 -119.37
C PRO CA 441 -41.34 -85.07 -119.31
N HIS CA 442 -40.50 -85.21 -120.32
CA HIS CA 442 -39.26 -84.47 -120.43
C HIS CA 442 -39.39 -83.45 -121.56
N VAL CA 443 -38.97 -82.22 -121.30
CA VAL CA 443 -39.15 -81.12 -122.24
C VAL CA 443 -37.80 -80.79 -122.86
N ALA CA 444 -37.70 -80.91 -124.18
CA ALA CA 444 -36.45 -80.65 -124.87
C ALA CA 444 -36.46 -79.23 -125.43
N ILE CA 445 -35.36 -78.52 -125.23
CA ILE CA 445 -35.24 -77.12 -125.62
C ILE CA 445 -34.31 -77.04 -126.82
N GLY CA 446 -34.87 -76.64 -127.96
CA GLY CA 446 -34.09 -76.38 -129.16
C GLY CA 446 -34.07 -74.90 -129.45
N THR CA 447 -32.86 -74.33 -129.44
CA THR CA 447 -32.68 -72.91 -129.69
C THR CA 447 -31.25 -72.68 -130.18
N ASP CA 448 -31.04 -71.53 -130.81
CA ASP CA 448 -29.73 -71.19 -131.34
C ASP CA 448 -28.84 -70.67 -130.22
N MET CA 449 -27.64 -70.25 -130.60
CA MET CA 449 -26.64 -69.77 -129.64
C MET CA 449 -26.98 -68.43 -129.05
N ARG CA 450 -28.03 -67.76 -129.55
CA ARG CA 450 -28.43 -66.45 -129.06
C ARG CA 450 -29.13 -66.48 -127.71
N LEU CA 451 -29.93 -67.50 -127.44
CA LEU CA 451 -30.73 -67.44 -126.21
C LEU CA 451 -30.51 -68.59 -125.23
N PRO CA 452 -29.27 -68.99 -124.91
CA PRO CA 452 -29.08 -69.83 -123.72
C PRO CA 452 -28.85 -69.04 -122.45
N GLN CA 453 -28.35 -67.82 -122.57
CA GLN CA 453 -27.98 -67.02 -121.41
C GLN CA 453 -29.17 -66.36 -120.75
N TYR CA 454 -30.34 -66.41 -121.36
CA TYR CA 454 -31.55 -65.86 -120.78
C TYR CA 454 -32.43 -66.95 -120.18
N ILE CA 455 -31.82 -68.01 -119.68
CA ILE CA 455 -32.53 -69.16 -119.12
C ILE CA 455 -31.81 -69.55 -117.83
N GLN CA 456 -32.54 -70.18 -116.90
CA GLN CA 456 -31.98 -70.77 -115.70
C GLN CA 456 -31.30 -69.74 -114.79
N ILE CA 457 -32.08 -68.85 -114.18
CA ILE CA 457 -31.62 -68.01 -113.08
C ILE CA 457 -32.64 -68.12 -111.94
N ASN CA 458 -32.32 -67.47 -110.82
CA ASN CA 458 -33.19 -67.44 -109.64
C ASN CA 458 -34.34 -66.46 -109.79
N GLY CA 459 -34.46 -65.80 -110.95
CA GLY CA 459 -35.61 -64.95 -111.18
C GLY CA 459 -36.92 -65.72 -111.15
N ASP CA 460 -36.95 -66.91 -111.76
CA ASP CA 460 -38.09 -67.81 -111.67
C ASP CA 460 -37.62 -69.16 -111.16
N ASP CA 461 -38.21 -69.60 -110.04
CA ASP CA 461 -37.92 -70.92 -109.49
C ASP CA 461 -38.25 -72.04 -110.48
N ARG CA 462 -39.14 -71.79 -111.43
CA ARG CA 462 -39.50 -72.78 -112.43
C ARG CA 462 -38.44 -72.74 -113.52
N THR CA 463 -37.51 -73.70 -113.48
CA THR CA 463 -36.50 -73.76 -114.52
C THR CA 463 -37.14 -73.93 -115.89
N VAL CA 464 -38.00 -74.93 -116.04
CA VAL CA 464 -38.89 -75.04 -117.17
C VAL CA 464 -40.26 -75.37 -116.60
N GLY CA 465 -40.38 -75.25 -115.29
CA GLY CA 465 -41.59 -75.68 -114.60
C GLY CA 465 -41.27 -76.68 -113.51
N ILE CA 466 -41.94 -76.56 -112.38
CA ILE CA 466 -41.68 -77.41 -111.21
C ILE CA 466 -42.00 -78.86 -111.59
N GLY CA 467 -41.03 -79.75 -111.37
CA GLY CA 467 -41.23 -81.15 -111.66
C GLY CA 467 -40.99 -81.57 -113.09
N TYR CA 468 -40.26 -80.77 -113.87
CA TYR CA 468 -39.93 -81.11 -115.24
C TYR CA 468 -38.43 -81.11 -115.46
N ASP CA 469 -37.95 -82.20 -116.06
CA ASP CA 469 -36.57 -82.29 -116.49
C ASP CA 469 -36.42 -81.78 -117.91
N TYR CA 470 -35.28 -81.16 -118.18
CA TYR CA 470 -35.13 -80.36 -119.39
C TYR CA 470 -33.67 -80.35 -119.80
N THR CA 471 -33.45 -80.17 -121.10
CA THR CA 471 -32.11 -80.06 -121.66
C THR CA 471 -32.09 -78.96 -122.71
N ILE CA 472 -31.18 -78.00 -122.55
CA ILE CA 472 -31.00 -76.93 -123.51
C ILE CA 472 -29.85 -77.31 -124.44
N ALA CA 473 -30.13 -77.33 -125.74
CA ALA CA 473 -29.13 -77.64 -126.75
C ALA CA 473 -28.89 -76.43 -127.61
N ARG CA 474 -27.62 -76.18 -127.95
CA ARG CA 474 -27.25 -75.08 -128.81
C ARG CA 474 -27.00 -75.58 -130.23
N ILE CA 475 -27.39 -74.75 -131.20
CA ILE CA 475 -27.10 -75.02 -132.60
C ILE CA 475 -26.72 -73.68 -133.25
N SER CA 476 -25.70 -73.72 -134.09
CA SER CA 476 -25.13 -72.50 -134.65
C SER CA 476 -25.77 -72.09 -135.96
N ASP CA 477 -26.62 -72.92 -136.55
CA ASP CA 477 -27.16 -72.62 -137.87
C ASP CA 477 -27.98 -71.35 -137.83
N LEU CA 478 -27.89 -70.55 -138.90
CA LEU CA 478 -28.47 -69.22 -138.93
C LEU CA 478 -29.93 -69.23 -139.37
N ARG CA 479 -30.44 -70.38 -139.82
CA ARG CA 479 -31.86 -70.44 -140.13
C ARG CA 479 -32.70 -70.33 -138.87
N MET CA 480 -32.24 -70.90 -137.77
CA MET CA 480 -32.90 -70.78 -136.48
C MET CA 480 -32.46 -69.47 -135.83
N LYS CA 481 -33.07 -68.37 -136.25
CA LYS CA 481 -32.76 -67.04 -135.71
C LYS CA 481 -33.80 -66.72 -134.65
N ASP CA 482 -33.42 -66.84 -133.39
CA ASP CA 482 -34.30 -66.55 -132.26
C ASP CA 482 -35.55 -67.43 -132.28
N LYS CA 483 -35.32 -68.74 -132.28
CA LYS CA 483 -36.40 -69.72 -132.29
C LYS CA 483 -36.32 -70.60 -131.05
N ILE CA 484 -37.50 -70.91 -130.51
CA ILE CA 484 -37.64 -71.75 -129.32
C ILE CA 484 -38.59 -72.87 -129.68
N VAL CA 485 -38.06 -74.08 -129.86
CA VAL CA 485 -38.85 -75.22 -130.31
C VAL CA 485 -38.87 -76.27 -129.20
N MET CA 486 -40.06 -76.58 -128.71
CA MET CA 486 -40.29 -77.58 -127.68
C MET CA 486 -41.00 -78.79 -128.25
N THR CA 487 -40.55 -79.97 -127.86
CA THR CA 487 -41.25 -81.21 -128.12
C THR CA 487 -40.93 -82.17 -126.99
N PHE CA 488 -41.70 -83.24 -126.90
CA PHE CA 488 -41.57 -84.20 -125.82
C PHE CA 488 -40.69 -85.37 -126.27
N ILE CA 489 -39.76 -85.75 -125.39
CA ILE CA 489 -38.73 -86.73 -125.71
C ILE CA 489 -38.68 -87.76 -124.60
N LEU CA 490 -38.31 -88.98 -124.97
CA LEU CA 490 -38.07 -90.05 -124.01
C LEU CA 490 -36.62 -90.50 -124.15
N PRO CA 491 -35.71 -89.88 -123.41
CA PRO CA 491 -34.26 -90.16 -123.60
C PRO CA 491 -33.73 -91.34 -122.77
N ASN CA 492 -34.43 -92.48 -122.86
CA ASN CA 492 -34.00 -93.64 -122.10
C ASN CA 492 -34.15 -94.94 -122.90
N GLU CA 493 -34.47 -94.82 -124.18
CA GLU CA 493 -34.66 -96.00 -125.00
C GLU CA 493 -33.82 -95.88 -126.27
N SER CA 494 -33.25 -97.02 -126.69
CA SER CA 494 -32.46 -97.09 -127.91
C SER CA 494 -33.22 -97.78 -129.03
N GLU CA 495 -34.52 -98.01 -128.86
CA GLU CA 495 -35.33 -98.75 -129.79
C GLU CA 495 -36.50 -97.88 -130.27
N PRO CA 496 -36.99 -98.07 -131.48
CA PRO CA 496 -38.06 -97.20 -131.96
C PRO CA 496 -39.38 -97.48 -131.23
N HIS CA 497 -40.06 -96.40 -130.86
CA HIS CA 497 -41.25 -96.51 -130.04
C HIS CA 497 -42.19 -95.37 -130.42
N PRO CA 498 -43.49 -95.64 -130.50
CA PRO CA 498 -44.41 -94.63 -131.02
C PRO CA 498 -44.43 -93.33 -130.23
N LEU CA 499 -44.06 -93.35 -128.96
CA LEU CA 499 -44.01 -92.13 -128.18
C LEU CA 499 -42.78 -91.28 -128.48
N GLN CA 500 -41.68 -91.89 -128.88
CA GLN CA 500 -40.47 -91.14 -129.16
C GLN CA 500 -40.69 -90.21 -130.35
N HIS CA 501 -40.05 -89.03 -130.30
CA HIS CA 501 -40.32 -88.02 -131.31
C HIS CA 501 -39.87 -88.47 -132.69
N GLY CA 502 -38.68 -89.04 -132.80
CA GLY CA 502 -38.19 -89.47 -134.09
C GLY CA 502 -36.97 -90.34 -133.96
N VAL CA 503 -36.74 -91.14 -135.00
CA VAL CA 503 -35.61 -92.07 -135.04
C VAL CA 503 -34.86 -91.85 -136.34
N LEU CA 504 -33.53 -91.97 -136.26
CA LEU CA 504 -32.64 -91.68 -137.37
C LEU CA 504 -32.19 -92.99 -138.02
N GLY CA 505 -32.82 -93.34 -139.14
CA GLY CA 505 -32.35 -94.46 -139.93
C GLY CA 505 -30.95 -94.18 -140.44
N PHE CA 506 -30.04 -95.12 -140.26
CA PHE CA 506 -28.62 -94.89 -140.52
C PHE CA 506 -27.95 -96.20 -140.88
N ILE CA 507 -27.16 -96.19 -141.94
CA ILE CA 507 -26.49 -97.38 -142.45
C ILE CA 507 -24.99 -97.11 -142.48
N PRO CA 508 -24.17 -97.98 -141.91
CA PRO CA 508 -22.74 -97.69 -141.85
C PRO CA 508 -22.06 -97.94 -143.19
N GLU CA 509 -22.11 -96.95 -144.08
CA GLU CA 509 -21.60 -97.10 -145.43
C GLU CA 509 -20.09 -96.88 -145.42
N TYR CA 510 -19.38 -97.66 -146.24
CA TYR CA 510 -17.93 -97.56 -146.31
C TYR CA 510 -17.48 -96.98 -147.64
N LEU CA 511 -16.46 -96.15 -147.59
CA LEU CA 511 -15.94 -95.49 -148.78
C LEU CA 511 -15.12 -96.46 -149.62
N VAL CA 512 -14.91 -96.11 -150.89
CA VAL CA 512 -14.24 -96.97 -151.86
C VAL CA 512 -13.10 -96.19 -152.50
N ASP CA 513 -11.99 -96.88 -152.74
CA ASP CA 513 -10.76 -96.27 -153.24
C ASP CA 513 -10.29 -97.00 -154.48
N PHE CA 514 -10.58 -96.44 -155.65
CA PHE CA 514 -10.20 -97.08 -156.90
C PHE CA 514 -9.79 -96.03 -157.92
N ASN CA 515 -8.83 -96.38 -158.75
CA ASN CA 515 -8.42 -95.54 -159.87
C ASN CA 515 -9.54 -95.50 -160.90
N MET CA 516 -9.73 -94.36 -161.54
CA MET CA 516 -10.75 -94.19 -162.56
C MET CA 516 -10.24 -93.24 -163.64
N ILE CA 517 -10.59 -93.50 -164.88
CA ILE CA 517 -10.11 -92.74 -166.03
C ILE CA 517 -11.31 -92.16 -166.76
N ARG CA 518 -11.28 -90.85 -167.00
CA ARG CA 518 -12.25 -90.20 -167.86
C ARG CA 518 -11.59 -88.99 -168.52
N ASN CA 519 -11.73 -88.89 -169.83
CA ASN CA 519 -11.04 -87.91 -170.67
C ASN CA 519 -9.53 -88.01 -170.58
N GLN CA 520 -8.99 -89.24 -170.64
CA GLN CA 520 -7.58 -89.50 -170.89
C GLN CA 520 -6.65 -88.99 -169.80
N ARG CA 521 -7.16 -88.70 -168.61
CA ARG CA 521 -6.31 -88.42 -167.45
C ARG CA 521 -6.53 -89.47 -166.38
N ILE CA 522 -5.47 -89.73 -165.61
CA ILE CA 522 -5.50 -90.74 -164.57
C ILE CA 522 -5.54 -90.06 -163.21
N GLY CA 523 -6.59 -90.31 -162.45
CA GLY CA 523 -6.65 -89.86 -161.08
C GLY CA 523 -7.34 -90.89 -160.22
N ARG CA 524 -6.86 -91.00 -158.98
CA ARG CA 524 -7.49 -91.88 -158.00
C ARG CA 524 -8.52 -91.09 -157.21
N GLU CA 525 -9.79 -91.47 -157.35
CA GLU CA 525 -10.89 -90.78 -156.71
C GLU CA 525 -11.41 -91.59 -155.54
N ILE CA 526 -11.82 -90.90 -154.49
CA ILE CA 526 -12.30 -91.53 -153.27
C ILE CA 526 -13.77 -91.16 -153.07
N ARG CA 527 -14.64 -92.16 -153.17
CA ARG CA 527 -16.09 -91.96 -153.10
C ARG CA 527 -16.58 -92.31 -151.70
N LEU CA 528 -17.42 -91.46 -151.14
CA LEU CA 528 -18.06 -91.71 -149.86
C LEU CA 528 -19.56 -91.60 -150.04
N THR CA 529 -20.25 -92.74 -150.01
CA THR CA 529 -21.67 -92.79 -150.29
C THR CA 529 -22.45 -92.66 -148.99
N PRO CA 530 -23.34 -91.68 -148.87
CA PRO CA 530 -24.18 -91.59 -147.66
C PRO CA 530 -25.54 -92.24 -147.83
N ARG CA 531 -26.01 -92.94 -146.80
CA ARG CA 531 -27.37 -93.49 -146.77
C ARG CA 531 -27.96 -93.28 -145.38
N TYR CA 532 -29.03 -92.49 -145.31
CA TYR CA 532 -29.73 -92.27 -144.05
C TYR CA 532 -31.03 -91.52 -144.33
N ARG CA 533 -31.85 -91.43 -143.29
CA ARG CA 533 -33.13 -90.74 -143.39
C ARG CA 533 -33.62 -90.41 -141.98
N TYR CA 534 -34.32 -89.28 -141.86
CA TYR CA 534 -34.94 -88.88 -140.61
C TYR CA 534 -36.44 -89.15 -140.71
N PHE CA 535 -37.00 -89.77 -139.68
CA PHE CA 535 -38.42 -90.05 -139.61
C PHE CA 535 -39.01 -89.43 -138.34
N ASN CA 536 -40.18 -88.82 -138.47
CA ASN CA 536 -40.86 -88.18 -137.36
C ASN CA 536 -42.01 -89.05 -136.89
N PHE CA 537 -42.12 -89.22 -135.58
CA PHE CA 537 -43.18 -90.04 -135.01
C PHE CA 537 -44.17 -89.24 -134.18
N LEU CA 538 -43.72 -88.52 -133.17
CA LEU CA 538 -44.64 -87.84 -132.26
C LEU CA 538 -45.20 -86.59 -132.92
N PRO CA 539 -46.51 -86.48 -133.09
CA PRO CA 539 -47.08 -85.31 -133.75
C PRO CA 539 -47.38 -84.15 -132.82
N ILE CA 540 -46.44 -83.75 -131.98
CA ILE CA 540 -46.64 -82.64 -131.05
C ILE CA 540 -45.39 -81.76 -131.06
N MET CA 541 -45.59 -80.45 -131.07
CA MET CA 541 -44.52 -79.51 -130.83
C MET CA 541 -45.09 -78.14 -130.48
N LEU CA 542 -44.31 -77.36 -129.76
CA LEU CA 542 -44.66 -75.98 -129.43
C LEU CA 542 -43.54 -75.08 -129.88
N VAL CA 543 -43.88 -74.04 -130.65
CA VAL CA 543 -42.91 -73.15 -131.26
C VAL CA 543 -43.12 -71.75 -130.73
N ILE CA 544 -42.06 -71.12 -130.23
CA ILE CA 544 -42.10 -69.77 -129.70
C ILE CA 544 -41.06 -68.94 -130.43
N ASN CA 545 -41.51 -67.85 -131.04
CA ASN CA 545 -40.63 -66.92 -131.74
C ASN CA 545 -40.43 -65.69 -130.89
N VAL CA 546 -39.18 -65.33 -130.63
CA VAL CA 546 -38.83 -64.17 -129.83
C VAL CA 546 -38.27 -63.11 -130.77
N ILE CA 547 -38.84 -61.91 -130.69
CA ILE CA 547 -38.50 -60.83 -131.62
C ILE CA 547 -38.30 -59.55 -130.82
N ASN CA 548 -37.56 -58.61 -131.42
CA ASN CA 548 -37.43 -57.23 -130.95
C ASN CA 548 -36.60 -57.11 -129.68
N LEU CA 549 -35.94 -58.20 -129.26
CA LEU CA 549 -35.15 -58.16 -128.03
C LEU CA 549 -33.98 -57.18 -128.16
N GLU CA 550 -33.29 -57.20 -129.29
CA GLU CA 550 -32.13 -56.33 -129.47
C GLU CA 550 -32.51 -54.86 -129.37
N GLU CA 551 -33.65 -54.50 -129.97
CA GLU CA 551 -34.11 -53.11 -129.87
C GLU CA 551 -34.59 -52.79 -128.47
N ALA CA 552 -35.28 -53.74 -127.83
CA ALA CA 552 -35.86 -53.50 -126.52
C ALA CA 552 -34.79 -53.27 -125.46
N ILE CA 553 -33.67 -54.00 -125.53
CA ILE CA 553 -32.65 -53.88 -124.49
C ILE CA 553 -32.05 -52.49 -124.46
N ALA CA 554 -31.90 -51.84 -125.62
CA ALA CA 554 -31.30 -50.51 -125.69
C ALA CA 554 -32.30 -49.40 -125.44
N GLN CA 555 -33.59 -49.71 -125.44
CA GLN CA 555 -34.62 -48.71 -125.25
C GLN CA 555 -35.15 -48.76 -123.81
N ARG CA 556 -35.50 -47.59 -123.29
CA ARG CA 556 -36.11 -47.49 -121.96
C ARG CA 556 -37.56 -47.93 -122.07
N THR CA 557 -37.89 -49.02 -121.39
CA THR CA 557 -39.27 -49.48 -121.31
C THR CA 557 -39.78 -49.36 -119.89
N ALA CA 558 -41.00 -48.88 -119.77
CA ALA CA 558 -41.60 -48.62 -118.46
C ALA CA 558 -42.96 -49.31 -118.39
N LEU CA 559 -43.58 -49.17 -117.22
CA LEU CA 559 -44.88 -49.76 -116.95
C LEU CA 559 -45.93 -49.23 -117.91
N ASP CA 560 -46.70 -50.12 -118.52
CA ASP CA 560 -47.79 -49.71 -119.40
C ASP CA 560 -48.93 -49.19 -118.55
N VAL CA 561 -48.70 -48.04 -117.92
CA VAL CA 561 -49.61 -47.51 -116.91
C VAL CA 561 -50.87 -47.00 -117.59
N ASN CA 562 -51.92 -47.82 -117.55
CA ASN CA 562 -53.18 -47.44 -118.14
C ASN CA 562 -53.97 -46.53 -117.20
N GLU CA 563 -54.15 -45.27 -117.60
CA GLU CA 563 -54.97 -44.36 -116.81
C GLU CA 563 -56.42 -44.79 -116.88
N THR CA 564 -56.90 -45.51 -115.86
CA THR CA 564 -58.11 -46.30 -116.01
C THR CA 564 -59.31 -45.62 -115.37
N GLN CA 565 -59.93 -44.73 -116.14
CA GLN CA 565 -61.38 -44.48 -116.11
C GLN CA 565 -61.91 -44.27 -114.69
N VAL CA 566 -61.37 -43.24 -114.04
CA VAL CA 566 -62.16 -42.52 -113.04
C VAL CA 566 -62.12 -41.07 -113.46
N THR CA 567 -63.02 -40.71 -114.32
CA THR CA 567 -63.10 -39.47 -115.06
C THR CA 567 -64.29 -39.51 -115.98
N PRO CA 568 -64.83 -38.35 -116.40
CA PRO CA 568 -65.92 -38.35 -117.38
C PRO CA 568 -65.62 -39.18 -118.62
N ALA CA 569 -66.69 -39.60 -119.31
CA ALA CA 569 -66.62 -40.38 -120.54
C ALA CA 569 -66.07 -41.79 -120.31
N SER CA 570 -66.55 -42.47 -119.28
CA SER CA 570 -66.18 -43.86 -119.04
C SER CA 570 -67.21 -44.57 -118.17
N HIS DA 1 -86.81 -51.15 66.56
CA HIS DA 1 -87.77 -51.57 65.54
C HIS DA 1 -87.37 -51.01 64.18
N GLU DA 2 -87.79 -51.69 63.11
CA GLU DA 2 -87.35 -51.31 61.77
C GLU DA 2 -87.85 -49.92 61.38
N PHE DA 3 -89.12 -49.62 61.64
CA PHE DA 3 -89.69 -48.36 61.16
C PHE DA 3 -89.02 -47.17 61.82
N ALA DA 4 -88.80 -47.24 63.14
CA ALA DA 4 -88.11 -46.15 63.83
C ALA DA 4 -86.69 -45.98 63.32
N GLU DA 5 -86.00 -47.08 63.04
CA GLU DA 5 -84.66 -47.00 62.48
C GLU DA 5 -84.67 -46.37 61.10
N LEU DA 6 -85.72 -46.60 60.32
CA LEU DA 6 -85.75 -46.12 58.94
C LEU DA 6 -85.71 -44.59 58.89
N PHE DA 7 -86.38 -43.92 59.82
CA PHE DA 7 -86.54 -42.48 59.72
C PHE DA 7 -85.54 -41.68 60.55
N TYR DA 8 -85.30 -42.07 61.80
CA TYR DA 8 -84.36 -41.36 62.65
C TYR DA 8 -83.20 -42.30 62.94
N ARG DA 9 -82.17 -42.23 62.12
CA ARG DA 9 -81.03 -43.14 62.24
C ARG DA 9 -80.31 -42.90 63.55
N THR DA 10 -79.95 -43.98 64.23
CA THR DA 10 -79.42 -43.90 65.59
C THR DA 10 -78.04 -43.27 65.60
N TYR DA 11 -77.83 -42.35 66.54
CA TYR DA 11 -76.52 -41.75 66.80
C TYR DA 11 -76.28 -41.82 68.30
N ILE DA 12 -75.35 -42.68 68.72
CA ILE DA 12 -75.09 -42.93 70.12
C ILE DA 12 -74.10 -41.89 70.62
N VAL DA 13 -74.23 -41.51 71.90
CA VAL DA 13 -73.28 -40.62 72.56
C VAL DA 13 -72.92 -41.19 73.92
N THR DA 14 -71.62 -41.21 74.23
CA THR DA 14 -71.17 -41.69 75.52
C THR DA 14 -71.63 -40.75 76.63
N PRO DA 15 -71.95 -41.28 77.81
CA PRO DA 15 -72.50 -40.43 78.87
C PRO DA 15 -71.48 -39.49 79.49
N ASP DA 16 -70.77 -38.74 78.64
CA ASP DA 16 -69.87 -37.69 79.12
C ASP DA 16 -70.23 -36.37 78.44
N GLN DA 17 -71.22 -36.41 77.55
CA GLN DA 17 -71.66 -35.23 76.84
C GLN DA 17 -73.16 -35.07 77.02
N ALA DA 18 -73.60 -33.82 77.14
CA ALA DA 18 -75.01 -33.52 77.23
C ALA DA 18 -75.65 -33.28 75.88
N GLY DA 19 -74.87 -33.25 74.80
CA GLY DA 19 -75.43 -33.07 73.48
C GLY DA 19 -74.37 -32.76 72.45
N PHE DA 20 -74.82 -32.54 71.22
CA PHE DA 20 -73.93 -32.26 70.11
C PHE DA 20 -74.27 -30.90 69.51
N GLN DA 21 -73.22 -30.20 69.07
CA GLN DA 21 -73.35 -28.93 68.37
C GLN DA 21 -72.89 -29.10 66.94
N LEU DA 22 -73.77 -28.75 66.00
CA LEU DA 22 -73.55 -29.00 64.59
C LEU DA 22 -73.21 -27.70 63.87
N SER DA 23 -72.06 -27.66 63.21
CA SER DA 23 -71.55 -26.46 62.56
C SER DA 23 -71.57 -26.64 61.05
N ILE DA 24 -72.25 -25.73 60.34
CA ILE DA 24 -72.35 -25.78 58.89
C ILE DA 24 -71.87 -24.45 58.32
N ARG DA 25 -71.31 -24.50 57.12
CA ARG DA 25 -70.79 -23.33 56.44
C ARG DA 25 -71.71 -22.98 55.26
N ARG DA 26 -71.75 -21.70 54.91
CA ARG DA 26 -72.62 -21.19 53.87
C ARG DA 26 -71.81 -20.35 52.89
N ASN DA 27 -72.23 -20.33 51.62
CA ASN DA 27 -71.66 -19.44 50.63
C ASN DA 27 -72.71 -18.40 50.23
N LEU DA 28 -72.36 -17.13 50.35
CA LEU DA 28 -73.32 -16.05 50.17
C LEU DA 28 -72.82 -15.02 49.18
N VAL DA 29 -73.75 -14.53 48.36
CA VAL DA 29 -73.52 -13.42 47.43
C VAL DA 29 -74.53 -12.32 47.74
N TRP DA 30 -74.05 -11.10 47.89
CA TRP DA 30 -74.95 -10.00 48.25
C TRP DA 30 -74.52 -8.75 47.50
N GLU DA 31 -75.52 -7.95 47.16
CA GLU DA 31 -75.37 -6.86 46.19
C GLU DA 31 -74.80 -5.64 46.89
N GLY DA 32 -73.48 -5.47 46.78
CA GLY DA 32 -72.81 -4.29 47.28
C GLY DA 32 -72.79 -4.17 48.79
N TRP DA 33 -71.97 -3.26 49.30
CA TRP DA 33 -71.92 -3.03 50.73
C TRP DA 33 -73.21 -2.35 51.20
N THR DA 34 -73.37 -2.32 52.51
CA THR DA 34 -74.53 -1.68 53.13
C THR DA 34 -74.04 -0.66 54.14
N GLY DA 35 -74.83 0.40 54.30
CA GLY DA 35 -74.39 1.53 55.07
C GLY DA 35 -73.88 2.67 54.23
N GLU DA 36 -73.75 2.45 52.91
CA GLU DA 36 -73.31 3.49 51.99
C GLU DA 36 -74.11 4.76 52.11
N GLY DA 37 -75.41 4.67 52.35
CA GLY DA 37 -76.21 5.84 52.68
C GLY DA 37 -75.76 6.46 53.97
N LEU DA 38 -75.53 7.76 53.97
CA LEU DA 38 -75.11 8.48 55.16
C LEU DA 38 -76.32 8.75 56.05
N SER DA 39 -76.10 9.55 57.08
CA SER DA 39 -77.13 10.02 57.99
C SER DA 39 -77.70 8.91 58.85
N GLY DA 40 -77.27 7.67 58.64
CA GLY DA 40 -77.71 6.56 59.46
C GLY DA 40 -78.33 5.41 58.72
N GLU DA 41 -77.79 4.21 58.93
CA GLU DA 41 -78.35 2.96 58.42
C GLU DA 41 -78.23 1.87 59.48
N LYS DA 42 -79.16 0.92 59.41
CA LYS DA 42 -79.12 -0.24 60.31
C LYS DA 42 -78.68 -1.50 59.59
N GLN DA 43 -77.86 -1.36 58.55
CA GLN DA 43 -77.10 -2.45 57.95
C GLN DA 43 -78.00 -3.59 57.46
N GLU DA 44 -78.80 -3.31 56.43
CA GLU DA 44 -79.68 -4.31 55.85
C GLU DA 44 -78.91 -5.58 55.52
N ILE DA 45 -79.52 -6.72 55.81
CA ILE DA 45 -78.97 -8.02 55.50
C ILE DA 45 -79.43 -8.40 54.10
N SER DA 46 -78.51 -8.42 53.14
CA SER DA 46 -78.87 -8.70 51.76
C SER DA 46 -78.30 -10.03 51.30
N LYS DA 47 -77.89 -10.89 52.24
CA LYS DA 47 -77.32 -12.18 51.88
C LYS DA 47 -78.37 -13.08 51.27
N ARG DA 48 -78.03 -13.69 50.12
CA ARG DA 48 -78.82 -14.75 49.53
C ARG DA 48 -77.93 -15.95 49.28
N ASN DA 49 -78.44 -17.14 49.55
CA ASN DA 49 -77.66 -18.35 49.31
C ASN DA 49 -77.55 -18.58 47.80
N ILE DA 50 -76.37 -19.05 47.38
CA ILE DA 50 -76.10 -19.19 45.95
C ILE DA 50 -76.93 -20.29 45.30
N LEU DA 51 -77.28 -21.36 46.04
CA LEU DA 51 -78.00 -22.46 45.41
C LEU DA 51 -79.34 -22.02 44.87
N GLN DA 52 -79.89 -20.91 45.36
CA GLN DA 52 -81.07 -20.33 44.72
C GLN DA 52 -80.77 -19.98 43.27
N GLY DA 53 -79.55 -19.50 42.99
CA GLY DA 53 -79.16 -19.26 41.62
C GLY DA 53 -79.14 -20.50 40.77
N LEU DA 54 -78.81 -21.65 41.36
CA LEU DA 54 -78.87 -22.91 40.62
C LEU DA 54 -80.27 -23.14 40.06
N LEU DA 55 -81.30 -22.74 40.80
CA LEU DA 55 -82.68 -22.94 40.36
C LEU DA 55 -83.26 -21.66 39.76
N ASP DA 56 -83.28 -20.58 40.55
CA ASP DA 56 -83.98 -19.38 40.14
C ASP DA 56 -83.11 -18.56 39.19
N TYR DA 57 -83.74 -17.57 38.56
CA TYR DA 57 -83.12 -16.79 37.50
C TYR DA 57 -82.67 -15.40 37.93
N THR DA 58 -83.45 -14.70 38.73
CA THR DA 58 -83.13 -13.32 39.11
C THR DA 58 -82.23 -13.25 40.33
N THR DA 59 -81.84 -14.38 40.90
CA THR DA 59 -81.02 -14.36 42.11
C THR DA 59 -79.62 -13.81 41.83
N LEU DA 60 -79.01 -14.23 40.73
CA LEU DA 60 -77.60 -13.95 40.50
C LEU DA 60 -77.37 -12.99 39.34
N GLU DA 61 -78.38 -12.75 38.51
CA GLU DA 61 -78.25 -11.81 37.40
C GLU DA 61 -78.30 -10.40 37.96
N THR DA 62 -77.28 -9.61 37.66
CA THR DA 62 -77.20 -8.23 38.13
C THR DA 62 -76.45 -7.40 37.10
N ASN DA 63 -77.16 -6.48 36.47
CA ASN DA 63 -76.56 -5.55 35.51
C ASN DA 63 -76.47 -4.17 36.13
N SER DA 64 -75.28 -3.57 36.08
CA SER DA 64 -75.12 -2.25 36.69
C SER DA 64 -74.35 -1.30 35.79
N THR DA 65 -73.77 -1.82 34.71
CA THR DA 65 -73.09 -0.98 33.74
C THR DA 65 -73.94 -0.67 32.52
N GLU DA 66 -75.16 -1.20 32.46
CA GLU DA 66 -76.03 -0.93 31.32
C GLU DA 66 -76.39 0.54 31.26
N LEU DA 67 -76.24 1.13 30.08
CA LEU DA 67 -76.54 2.53 29.87
C LEU DA 67 -77.88 2.62 29.15
N ILE DA 68 -78.96 2.79 29.92
CA ILE DA 68 -80.30 2.89 29.38
C ILE DA 68 -80.79 4.32 29.60
N PRO DA 69 -81.46 4.92 28.62
CA PRO DA 69 -81.83 6.34 28.74
C PRO DA 69 -82.72 6.61 29.94
N VAL DA 70 -82.53 7.76 30.57
CA VAL DA 70 -83.26 8.13 31.78
C VAL DA 70 -84.08 9.37 31.47
N ILE DA 71 -85.40 9.25 31.63
CA ILE DA 71 -86.28 10.36 31.34
C ILE DA 71 -86.22 11.40 32.44
N GLN DA 72 -85.91 12.63 32.05
CA GLN DA 72 -86.01 13.78 32.94
C GLN DA 72 -87.11 14.69 32.43
N SER DA 73 -88.01 15.08 33.33
CA SER DA 73 -89.16 15.89 32.97
C SER DA 73 -88.88 17.34 33.38
N GLY DA 74 -88.89 18.23 32.40
CA GLY DA 74 -88.70 19.65 32.68
C GLY DA 74 -87.56 20.28 31.93
N GLU DA 75 -86.48 19.51 31.72
CA GLU DA 75 -85.29 20.04 31.05
C GLU DA 75 -84.81 19.19 29.89
N ASN DA 76 -85.44 18.05 29.63
CA ASN DA 76 -84.87 17.05 28.72
C ASN DA 76 -85.93 16.56 27.75
N ASP DA 77 -86.04 17.25 26.61
CA ASP DA 77 -86.72 16.68 25.45
C ASP DA 77 -85.82 16.89 24.23
N GLU DA 78 -84.82 16.03 24.09
CA GLU DA 78 -83.97 16.05 22.91
C GLU DA 78 -84.45 15.06 21.88
N GLN DA 79 -84.41 13.78 22.25
CA GLN DA 79 -84.80 12.68 21.39
C GLN DA 79 -85.68 11.75 22.20
N PHE DA 80 -86.98 12.03 22.22
CA PHE DA 80 -87.95 11.19 22.90
C PHE DA 80 -89.28 11.34 22.17
N ILE DA 81 -89.87 10.20 21.84
CA ILE DA 81 -91.22 10.19 21.31
C ILE DA 81 -92.12 10.81 22.38
N ASP DA 82 -93.13 11.55 21.94
CA ASP DA 82 -93.98 12.18 22.92
C ASP DA 82 -94.74 11.14 23.73
N PRO DA 83 -94.87 11.34 25.04
CA PRO DA 83 -95.50 10.31 25.88
C PRO DA 83 -96.97 10.09 25.55
N SER DA 84 -97.54 10.99 24.75
CA SER DA 84 -98.92 10.88 24.32
C SER DA 84 -99.12 9.77 23.30
N VAL DA 85 -98.05 9.18 22.78
CA VAL DA 85 -98.15 8.05 21.86
C VAL DA 85 -97.91 6.77 22.63
N LEU DA 86 -96.82 6.72 23.38
CA LEU DA 86 -96.52 5.57 24.24
C LEU DA 86 -95.99 6.07 25.57
N PRO DA 87 -96.72 5.86 26.68
CA PRO DA 87 -96.25 6.34 27.98
C PRO DA 87 -94.93 5.70 28.41
N ALA DA 88 -94.22 6.36 29.32
CA ALA DA 88 -92.91 5.90 29.74
C ALA DA 88 -93.00 4.54 30.43
N GLN DA 89 -91.97 3.72 30.21
CA GLN DA 89 -91.84 2.44 30.86
C GLN DA 89 -91.06 2.58 32.17
N THR DA 90 -91.48 1.85 33.19
CA THR DA 90 -90.82 1.92 34.49
C THR DA 90 -89.85 0.75 34.64
N VAL DA 91 -88.57 1.05 34.83
CA VAL DA 91 -87.54 0.03 35.00
C VAL DA 91 -86.72 0.36 36.23
N LYS DA 92 -86.09 -0.66 36.81
CA LYS DA 92 -85.27 -0.52 38.00
C LYS DA 92 -83.86 -0.99 37.69
N GLN DA 93 -82.87 -0.14 37.97
CA GLN DA 93 -81.47 -0.44 37.71
C GLN DA 93 -80.73 -0.39 39.04
N GLY DA 94 -80.47 -1.56 39.61
CA GLY DA 94 -79.86 -1.61 40.93
C GLY DA 94 -80.85 -1.21 42.01
N LYS DA 95 -80.66 -0.02 42.58
CA LYS DA 95 -81.56 0.50 43.60
C LYS DA 95 -82.30 1.76 43.18
N ASP DA 96 -82.18 2.17 41.92
CA ASP DA 96 -82.81 3.39 41.44
C ASP DA 96 -84.05 3.05 40.63
N THR DA 97 -85.04 3.95 40.66
CA THR DA 97 -86.21 3.85 39.81
C THR DA 97 -86.31 5.10 38.94
N PHE DA 98 -86.68 4.90 37.68
CA PHE DA 98 -86.78 6.01 36.73
C PHE DA 98 -87.55 5.54 35.51
N ASP DA 99 -87.71 6.45 34.54
CA ASP DA 99 -88.52 6.19 33.37
C ASP DA 99 -87.66 6.10 32.12
N THR DA 100 -88.11 5.30 31.16
CA THR DA 100 -87.41 5.12 29.89
C THR DA 100 -88.42 5.13 28.76
N ASN DA 101 -87.93 5.42 27.55
CA ASN DA 101 -88.78 5.50 26.37
C ASN DA 101 -87.90 5.45 25.13
N PHE DA 102 -88.56 5.31 23.98
CA PHE DA 102 -87.85 5.27 22.71
C PHE DA 102 -87.37 6.67 22.32
N LEU DA 103 -86.12 6.75 21.87
CA LEU DA 103 -85.54 8.01 21.44
C LEU DA 103 -86.16 8.44 20.12
N LYS DA 104 -86.36 9.74 19.96
CA LYS DA 104 -86.88 10.27 18.71
C LYS DA 104 -85.84 10.13 17.61
N PHE DA 105 -86.31 9.80 16.42
CA PHE DA 105 -85.43 9.63 15.28
C PHE DA 105 -84.71 10.93 14.96
N SER DA 106 -83.50 10.81 14.44
CA SER DA 106 -82.70 11.98 14.13
C SER DA 106 -83.33 12.76 12.98
N GLU DA 107 -83.00 14.05 12.93
CA GLU DA 107 -83.46 14.91 11.85
C GLU DA 107 -82.28 15.61 11.21
N ASN DA 108 -82.55 16.64 10.41
CA ASN DA 108 -81.49 17.34 9.69
C ASN DA 108 -80.43 17.90 10.62
N GLY DA 109 -80.78 18.22 11.86
CA GLY DA 109 -79.84 18.91 12.73
C GLY DA 109 -79.15 18.08 13.79
N GLU DA 110 -79.44 18.40 15.05
CA GLU DA 110 -78.71 17.88 16.19
C GLU DA 110 -78.84 16.37 16.31
N GLY DA 111 -77.89 15.77 17.00
CA GLY DA 111 -77.94 14.36 17.35
C GLY DA 111 -78.22 14.15 18.82
N PHE DA 112 -77.86 12.97 19.31
CA PHE DA 112 -78.07 12.61 20.70
C PHE DA 112 -76.74 12.16 21.30
N ASN DA 113 -76.59 12.38 22.60
CA ASN DA 113 -75.41 11.95 23.33
C ASN DA 113 -75.87 11.01 24.44
N LEU DA 114 -75.89 9.71 24.14
CA LEU DA 114 -76.39 8.72 25.08
C LEU DA 114 -75.56 8.71 26.37
N LEU DA 115 -74.26 9.01 26.27
CA LEU DA 115 -73.38 8.86 27.43
C LEU DA 115 -73.86 9.71 28.59
N MET DA 116 -73.99 11.01 28.39
CA MET DA 116 -74.38 11.88 29.50
C MET DA 116 -75.89 11.97 29.61
N LEU DA 117 -76.62 11.57 28.56
CA LEU DA 117 -78.08 11.62 28.61
C LEU DA 117 -78.62 10.75 29.73
N ALA DA 118 -78.08 9.54 29.87
CA ALA DA 118 -78.61 8.55 30.82
C ALA DA 118 -77.79 8.56 32.11
N GLN DA 119 -78.05 9.55 32.96
CA GLN DA 119 -77.44 9.61 34.28
C GLN DA 119 -78.46 9.16 35.32
N THR DA 120 -78.24 7.96 35.86
CA THR DA 120 -79.08 7.46 36.94
C THR DA 120 -78.65 8.13 38.25
N PRO DA 121 -79.56 8.26 39.21
CA PRO DA 121 -79.21 8.97 40.46
C PRO DA 121 -78.07 8.35 41.24
N SER DA 122 -77.81 7.05 41.08
CA SER DA 122 -76.69 6.44 41.80
C SER DA 122 -75.36 7.04 41.36
N ARG DA 123 -75.17 7.24 40.06
CA ARG DA 123 -73.92 7.81 39.58
C ARG DA 123 -73.82 9.29 39.92
N LEU DA 124 -74.95 9.94 40.18
CA LEU DA 124 -74.91 11.36 40.48
C LEU DA 124 -74.19 11.65 41.79
N LYS DA 125 -74.43 10.84 42.83
CA LYS DA 125 -73.76 11.08 44.11
C LYS DA 125 -72.26 10.92 44.01
N LYS DA 126 -71.77 10.17 43.02
CA LYS DA 126 -70.39 10.24 42.59
C LYS DA 126 -69.99 11.60 42.08
N GLY DA 127 -70.87 12.28 41.36
CA GLY DA 127 -70.52 13.54 40.73
C GLY DA 127 -70.88 13.54 39.25
N SER DA 128 -70.04 14.14 38.43
CA SER DA 128 -70.26 14.16 36.99
C SER DA 128 -69.45 13.04 36.33
N MET DA 129 -70.05 12.42 35.32
CA MET DA 129 -69.42 11.30 34.63
C MET DA 129 -68.10 11.73 34.01
N THR DA 130 -67.13 10.82 34.07
CA THR DA 130 -65.74 11.16 33.79
C THR DA 130 -65.47 11.26 32.30
N PHE DA 131 -64.30 11.79 31.96
CA PHE DA 131 -63.84 11.80 30.59
C PHE DA 131 -62.63 10.90 30.38
N THR DA 132 -62.47 9.88 31.21
CA THR DA 132 -61.55 8.79 30.96
C THR DA 132 -62.26 7.47 30.68
N ASP DA 133 -63.59 7.44 30.81
CA ASP DA 133 -64.39 6.25 30.54
C ASP DA 133 -64.92 6.31 29.12
N SER DA 134 -65.29 5.15 28.59
CA SER DA 134 -65.70 5.05 27.19
C SER DA 134 -66.85 4.06 27.07
N LEU DA 135 -67.36 3.94 25.85
CA LEU DA 135 -68.41 2.98 25.56
C LEU DA 135 -67.80 1.65 25.15
N ASP DA 136 -68.55 0.57 25.39
CA ASP DA 136 -68.05 -0.76 25.06
C ASP DA 136 -68.01 -0.93 23.54
N SER DA 137 -67.37 -2.02 23.10
CA SER DA 137 -67.15 -2.22 21.68
C SER DA 137 -68.44 -2.51 20.93
N ARG DA 138 -69.48 -2.97 21.63
CA ARG DA 138 -70.72 -3.37 20.97
C ARG DA 138 -71.82 -2.36 21.24
N ILE DA 139 -72.47 -1.92 20.16
CA ILE DA 139 -73.68 -1.12 20.22
C ILE DA 139 -74.67 -1.73 19.22
N ALA DA 140 -75.94 -1.77 19.59
CA ALA DA 140 -76.90 -2.50 18.77
C ALA DA 140 -78.31 -1.93 18.95
N LEU DA 141 -79.19 -2.33 18.05
CA LEU DA 141 -80.59 -1.92 18.11
C LEU DA 141 -81.42 -2.98 18.79
N LYS DA 142 -82.27 -2.57 19.73
CA LYS DA 142 -83.14 -3.51 20.42
C LYS DA 142 -84.55 -3.53 19.82
N GLN DA 143 -85.23 -2.39 19.79
CA GLN DA 143 -86.58 -2.34 19.27
C GLN DA 143 -86.73 -1.24 18.22
N LEU DA 144 -87.45 -1.56 17.16
CA LEU DA 144 -87.90 -0.59 16.17
C LEU DA 144 -89.39 -0.37 16.36
N LEU DA 145 -89.76 0.86 16.66
CA LEU DA 145 -91.15 1.20 16.91
C LEU DA 145 -91.72 1.89 15.66
N ILE DA 146 -92.60 1.19 14.96
CA ILE DA 146 -93.20 1.71 13.74
C ILE DA 146 -94.70 1.78 13.93
N SER DA 147 -95.35 2.64 13.16
CA SER DA 147 -96.77 2.90 13.27
C SER DA 147 -97.47 2.42 12.00
N VAL DA 148 -98.55 1.65 12.17
CA VAL DA 148 -99.43 1.27 11.08
C VAL DA 148 -100.71 2.09 11.24
N THR DA 149 -101.11 2.77 10.17
CA THR DA 149 -102.20 3.73 10.23
C THR DA 149 -103.16 3.51 9.06
N LYS DA 150 -104.45 3.54 9.36
CA LYS DA 150 -105.50 3.48 8.34
C LYS DA 150 -106.63 4.40 8.78
N GLY DA 151 -106.77 5.53 8.09
CA GLY DA 151 -107.82 6.47 8.41
C GLY DA 151 -107.70 7.11 9.79
N GLY DA 152 -106.49 7.47 10.18
CA GLY DA 152 -106.28 8.14 11.45
C GLY DA 152 -106.19 7.24 12.66
N THR DA 153 -106.19 5.92 12.47
CA THR DA 153 -106.07 4.98 13.59
C THR DA 153 -104.63 4.50 13.68
N THR DA 154 -104.04 4.67 14.86
CA THR DA 154 -102.61 4.42 15.07
C THR DA 154 -102.41 3.20 15.95
N GLU DA 155 -101.55 2.29 15.49
CA GLU DA 155 -101.11 1.15 16.28
C GLU DA 155 -99.59 1.12 16.29
N LEU DA 156 -99.01 0.66 17.40
CA LEU DA 156 -97.58 0.59 17.56
C LEU DA 156 -97.12 -0.86 17.49
N PHE DA 157 -96.07 -1.11 16.72
CA PHE DA 157 -95.48 -2.43 16.60
C PHE DA 157 -94.06 -2.39 17.13
N ALA DA 158 -93.74 -3.33 18.02
CA ALA DA 158 -92.40 -3.44 18.57
C ALA DA 158 -91.70 -4.61 17.92
N LEU DA 159 -90.71 -4.33 17.08
CA LEU DA 159 -89.94 -5.35 16.38
C LEU DA 159 -88.63 -5.58 17.13
N ASP DA 160 -88.45 -6.79 17.65
CA ASP DA 160 -87.21 -7.13 18.31
C ASP DA 160 -86.12 -7.31 17.26
N VAL DA 161 -85.36 -6.25 17.02
CA VAL DA 161 -84.37 -6.20 15.94
C VAL DA 161 -83.00 -6.69 16.41
N ASN DA 162 -82.83 -6.88 17.70
CA ASN DA 162 -81.58 -7.44 18.20
C ASN DA 162 -81.41 -8.86 17.68
N ARG DA 163 -80.15 -9.27 17.50
CA ARG DA 163 -79.82 -10.57 16.93
C ARG DA 163 -80.38 -10.73 15.51
N ASP DA 164 -80.13 -9.72 14.69
CA ASP DA 164 -80.39 -9.79 13.26
C ASP DA 164 -79.06 -9.68 12.50
N GLN DA 165 -79.14 -9.63 11.17
CA GLN DA 165 -77.91 -9.61 10.38
C GLN DA 165 -77.09 -8.36 10.63
N TYR DA 166 -77.70 -7.19 10.53
CA TYR DA 166 -76.94 -5.96 10.36
C TYR DA 166 -77.32 -4.95 11.44
N ALA DA 167 -77.92 -5.43 12.52
CA ALA DA 167 -78.39 -4.57 13.58
C ALA DA 167 -77.27 -4.12 14.52
N ALA DA 168 -76.07 -4.64 14.34
CA ALA DA 168 -74.95 -4.34 15.21
C ALA DA 168 -73.96 -3.42 14.50
N TYR DA 169 -73.51 -2.39 15.19
CA TYR DA 169 -72.54 -1.45 14.62
C TYR DA 169 -71.26 -2.18 14.25
N THR DA 170 -70.75 -1.91 13.05
CA THR DA 170 -69.43 -2.32 12.65
C THR DA 170 -68.55 -1.09 12.42
N ALA DA 171 -67.29 -1.21 12.81
CA ALA DA 171 -66.40 -0.06 12.74
C ALA DA 171 -66.00 0.23 11.30
N THR DA 172 -66.16 1.49 10.89
CA THR DA 172 -65.74 1.92 9.56
C THR DA 172 -64.56 2.88 9.69
N ARG DA 173 -64.67 3.84 10.62
CA ARG DA 173 -63.54 4.65 11.04
C ARG DA 173 -62.89 5.41 9.89
N GLU DA 174 -63.61 6.33 9.28
CA GLU DA 174 -63.04 7.05 8.14
C GLU DA 174 -62.79 8.51 8.46
N TYR DA 175 -63.21 8.98 9.63
CA TYR DA 175 -62.83 10.31 10.07
C TYR DA 175 -62.04 10.26 11.38
N ASN DA 176 -62.56 9.54 12.36
CA ASN DA 176 -61.92 9.46 13.65
C ASN DA 176 -61.57 8.01 13.98
N PHE DA 177 -60.82 7.82 15.05
CA PHE DA 177 -60.31 6.50 15.40
C PHE DA 177 -61.31 5.70 16.20
N ARG DA 178 -62.28 6.36 16.86
CA ARG DA 178 -63.32 5.65 17.59
C ARG DA 178 -64.71 5.91 17.00
N LEU DA 179 -64.83 5.99 15.69
CA LEU DA 179 -66.13 6.25 15.05
C LEU DA 179 -66.80 4.91 14.75
N MET DA 180 -67.97 4.70 15.32
CA MET DA 180 -68.76 3.50 15.09
C MET DA 180 -69.85 3.81 14.08
N GLN DA 181 -70.12 2.85 13.20
CA GLN DA 181 -70.98 3.06 12.05
C GLN DA 181 -72.15 2.09 12.07
N LEU DA 182 -73.29 2.54 11.57
CA LEU DA 182 -74.50 1.72 11.47
C LEU DA 182 -74.87 1.57 10.01
N LYS DA 183 -75.20 0.34 9.61
CA LYS DA 183 -75.64 0.05 8.24
C LYS DA 183 -76.76 -0.98 8.31
N PHE DA 184 -78.00 -0.50 8.27
CA PHE DA 184 -79.19 -1.34 8.35
C PHE DA 184 -79.97 -1.21 7.05
N HIS DA 185 -79.89 -2.23 6.20
CA HIS DA 185 -80.70 -2.32 4.99
C HIS DA 185 -81.20 -3.76 4.84
N THR DA 186 -82.37 -4.05 5.40
CA THR DA 186 -82.96 -5.38 5.32
C THR DA 186 -84.46 -5.23 5.12
N SER DA 187 -85.13 -6.38 5.11
CA SER DA 187 -86.58 -6.44 5.01
C SER DA 187 -87.15 -7.10 6.26
N LEU DA 188 -88.11 -6.44 6.89
CA LEU DA 188 -88.77 -6.95 8.08
C LEU DA 188 -90.23 -7.21 7.76
N GLY DA 189 -90.75 -8.34 8.24
CA GLY DA 189 -92.12 -8.74 7.97
C GLY DA 189 -92.96 -8.78 9.24
N LEU DA 190 -94.27 -8.62 9.07
CA LEU DA 190 -95.23 -8.76 10.15
C LEU DA 190 -96.05 -10.01 9.90
N GLY DA 191 -95.83 -11.02 10.72
CA GLY DA 191 -96.51 -12.30 10.58
C GLY DA 191 -97.96 -12.21 10.98
N GLU DA 192 -98.70 -13.27 10.64
CA GLU DA 192 -100.12 -13.32 10.95
C GLU DA 192 -100.39 -13.34 12.45
N GLU DA 193 -99.45 -13.83 13.25
CA GLU DA 193 -99.63 -13.93 14.69
C GLU DA 193 -98.94 -12.78 15.40
N SER DA 194 -98.32 -11.88 14.65
CA SER DA 194 -97.59 -10.75 15.22
C SER DA 194 -98.51 -9.91 16.09
N THR DA 195 -97.99 -9.47 17.22
CA THR DA 195 -98.79 -8.83 18.26
C THR DA 195 -98.45 -7.35 18.36
N THR DA 196 -99.49 -6.55 18.58
CA THR DA 196 -99.31 -5.13 18.81
C THR DA 196 -98.77 -4.88 20.21
N VAL DA 197 -98.47 -3.61 20.49
CA VAL DA 197 -98.02 -3.24 21.83
C VAL DA 197 -99.12 -3.52 22.85
N ALA DA 198 -100.36 -3.17 22.52
CA ALA DA 198 -101.47 -3.48 23.41
C ALA DA 198 -101.72 -4.97 23.50
N GLY DA 199 -101.46 -5.70 22.42
CA GLY DA 199 -101.65 -7.14 22.37
C GLY DA 199 -102.61 -7.54 21.28
N ALA DA 200 -102.75 -8.86 21.14
CA ALA DA 200 -103.68 -9.48 20.20
C ALA DA 200 -103.33 -9.18 18.75
N GLU DA 201 -103.98 -9.88 17.82
CA GLU DA 201 -103.76 -9.67 16.40
C GLU DA 201 -104.13 -8.26 15.99
N SER DA 202 -103.39 -7.71 15.03
CA SER DA 202 -103.71 -6.37 14.54
C SER DA 202 -105.08 -6.34 13.90
N ALA DA 203 -105.87 -5.33 14.26
CA ALA DA 203 -107.22 -5.20 13.74
C ALA DA 203 -107.27 -4.73 12.29
N LEU DA 204 -106.42 -3.77 11.91
CA LEU DA 204 -106.44 -3.22 10.57
C LEU DA 204 -105.91 -4.20 9.51
N LEU DA 205 -105.30 -5.30 9.93
CA LEU DA 205 -104.85 -6.34 9.03
C LEU DA 205 -105.67 -7.61 9.17
N LYS DA 206 -106.82 -7.55 9.85
CA LYS DA 206 -107.60 -8.74 10.13
C LYS DA 206 -108.07 -9.41 8.84
N ASP DA 207 -108.56 -8.63 7.88
CA ASP DA 207 -109.01 -9.20 6.62
C ASP DA 207 -107.83 -9.84 5.87
N LEU DA 208 -106.67 -9.20 5.90
CA LEU DA 208 -105.51 -9.76 5.23
C LEU DA 208 -105.06 -11.06 5.88
N PHE DA 209 -105.06 -11.10 7.22
CA PHE DA 209 -104.63 -12.31 7.91
C PHE DA 209 -105.63 -13.44 7.78
N ASP DA 210 -106.93 -13.13 7.68
CA ASP DA 210 -107.90 -14.16 7.37
C ASP DA 210 -107.67 -14.75 6.00
N LEU DA 211 -107.32 -13.90 5.03
CA LEU DA 211 -106.85 -14.38 3.74
C LEU DA 211 -105.45 -14.97 3.82
N GLY DA 212 -104.77 -14.80 4.95
CA GLY DA 212 -103.52 -15.48 5.19
C GLY DA 212 -102.31 -15.00 4.41
N TYR DA 213 -102.17 -13.69 4.20
CA TYR DA 213 -100.98 -13.13 3.61
C TYR DA 213 -100.25 -12.29 4.65
N ARG DA 214 -98.95 -12.09 4.44
CA ARG DA 214 -98.14 -11.31 5.36
C ARG DA 214 -97.49 -10.16 4.61
N ILE DA 215 -97.21 -9.09 5.33
CA ILE DA 215 -96.60 -7.89 4.76
C ILE DA 215 -95.10 -7.97 4.96
N GLU DA 216 -94.37 -7.43 3.98
CA GLU DA 216 -92.92 -7.32 4.07
C GLU DA 216 -92.53 -5.85 3.98
N LEU DA 217 -91.80 -5.37 4.98
CA LEU DA 217 -91.40 -3.98 5.08
C LEU DA 217 -89.88 -3.89 4.92
N ASP DA 218 -89.43 -3.07 3.98
CA ASP DA 218 -88.00 -2.82 3.82
C ASP DA 218 -87.61 -1.62 4.67
N VAL DA 219 -86.52 -1.74 5.41
CA VAL DA 219 -86.10 -0.74 6.38
C VAL DA 219 -84.72 -0.23 6.00
N LYS DA 220 -84.57 1.08 5.91
CA LYS DA 220 -83.29 1.73 5.68
C LYS DA 220 -82.97 2.59 6.90
N VAL DA 221 -82.04 2.12 7.73
CA VAL DA 221 -81.64 2.84 8.93
C VAL DA 221 -80.14 3.08 8.85
N ASP DA 222 -79.73 4.32 9.08
CA ASP DA 222 -78.32 4.68 9.16
C ASP DA 222 -78.08 5.51 10.41
N GLY DA 223 -76.89 5.33 11.00
CA GLY DA 223 -76.53 6.09 12.18
C GLY DA 223 -75.04 6.10 12.38
N GLU DA 224 -74.57 7.17 13.01
CA GLU DA 224 -73.16 7.32 13.35
C GLU DA 224 -73.04 7.60 14.82
N MET DA 225 -72.12 6.89 15.49
CA MET DA 225 -71.95 7.00 16.93
C MET DA 225 -70.47 6.93 17.26
N ASN DA 226 -70.05 7.78 18.20
CA ASN DA 226 -68.70 7.77 18.73
C ASN DA 226 -68.69 7.06 20.07
N VAL DA 227 -67.62 6.34 20.35
CA VAL DA 227 -67.40 5.74 21.65
C VAL DA 227 -66.37 6.52 22.45
N GLU DA 228 -66.14 7.79 22.12
CA GLU DA 228 -65.23 8.63 22.87
C GLU DA 228 -65.93 9.68 23.71
N ASN DA 229 -66.99 10.31 23.20
CA ASN DA 229 -67.68 11.33 23.96
C ASN DA 229 -69.19 11.23 23.80
N GLY DA 230 -69.64 10.22 23.06
CA GLY DA 230 -71.04 9.88 22.99
C GLY DA 230 -71.89 10.65 22.00
N ASN DA 231 -71.31 11.55 21.21
CA ASN DA 231 -72.09 12.26 20.21
C ASN DA 231 -72.51 11.30 19.11
N GLY DA 232 -73.79 11.32 18.77
CA GLY DA 232 -74.30 10.41 17.76
C GLY DA 232 -75.69 10.79 17.30
N ASP DA 233 -76.09 10.17 16.19
CA ASP DA 233 -77.41 10.38 15.62
C ASP DA 233 -77.78 9.17 14.77
N THR DA 234 -79.08 8.87 14.72
CA THR DA 234 -79.60 7.72 13.99
C THR DA 234 -80.77 8.19 13.14
N SER DA 235 -80.60 8.15 11.82
CA SER DA 235 -81.54 8.77 10.89
C SER DA 235 -82.25 7.70 10.07
N LEU DA 236 -83.57 7.80 10.01
CA LEU DA 236 -84.35 6.92 9.13
C LEU DA 236 -84.26 7.41 7.70
N ARG DA 237 -84.17 6.46 6.77
CA ARG DA 237 -83.98 6.76 5.37
C ARG DA 237 -85.12 6.32 4.47
N ALA DA 238 -85.78 5.20 4.79
CA ALA DA 238 -86.88 4.72 3.96
C ALA DA 238 -87.70 3.64 4.67
N LEU DA 239 -89.03 3.79 4.66
CA LEU DA 239 -89.94 2.78 5.17
C LEU DA 239 -91.11 2.66 4.20
N ARG DA 240 -91.41 1.42 3.78
CA ARG DA 240 -92.43 1.19 2.79
C ARG DA 240 -92.83 -0.28 2.79
N LEU DA 241 -94.07 -0.55 2.40
CA LEU DA 241 -94.50 -1.92 2.15
C LEU DA 241 -94.11 -2.33 0.74
N ALA DA 242 -93.44 -3.48 0.62
CA ALA DA 242 -92.86 -3.90 -0.65
C ALA DA 242 -93.44 -5.19 -1.21
N ARG DA 243 -93.45 -6.25 -0.42
CA ARG DA 243 -93.75 -7.58 -0.94
C ARG DA 243 -94.88 -8.20 -0.13
N VAL DA 244 -95.63 -9.07 -0.79
CA VAL DA 244 -96.71 -9.83 -0.14
C VAL DA 244 -96.53 -11.30 -0.51
N PHE DA 245 -96.62 -12.17 0.50
CA PHE DA 245 -96.44 -13.61 0.33
C PHE DA 245 -97.72 -14.32 0.68
N ASP DA 246 -97.80 -15.60 0.32
CA ASP DA 246 -98.93 -16.47 0.61
C ASP DA 246 -98.49 -17.61 1.52
N LYS DA 247 -99.44 -18.47 1.89
CA LYS DA 247 -99.09 -19.69 2.62
C LYS DA 247 -98.22 -20.63 1.82
N GLU DA 248 -98.36 -20.65 0.49
CA GLU DA 248 -97.60 -21.55 -0.34
C GLU DA 248 -96.13 -21.17 -0.45
N GLY DA 249 -95.75 -20.00 0.04
CA GLY DA 249 -94.39 -19.53 -0.08
C GLY DA 249 -94.08 -18.97 -1.46
N LYS DA 250 -95.03 -18.24 -2.03
CA LYS DA 250 -94.84 -17.65 -3.35
C LYS DA 250 -95.22 -16.17 -3.29
N GLU DA 251 -94.48 -15.37 -4.07
CA GLU DA 251 -94.74 -13.94 -4.13
C GLU DA 251 -95.98 -13.66 -4.96
N ILE DA 252 -96.82 -12.76 -4.46
CA ILE DA 252 -98.01 -12.31 -5.17
C ILE DA 252 -97.87 -10.83 -5.43
N ALA DA 253 -98.26 -10.39 -6.62
CA ALA DA 253 -98.11 -9.00 -6.98
C ALA DA 253 -99.00 -8.11 -6.12
N LEU DA 254 -98.47 -6.92 -5.80
CA LEU DA 254 -99.26 -5.91 -5.10
C LEU DA 254 -100.45 -5.45 -5.93
N THR DA 255 -100.40 -5.64 -7.25
CA THR DA 255 -101.47 -5.25 -8.16
C THR DA 255 -102.61 -6.24 -8.20
N ASP DA 256 -102.51 -7.34 -7.45
CA ASP DA 256 -103.59 -8.32 -7.37
C ASP DA 256 -104.80 -7.68 -6.69
N SER DA 257 -105.99 -8.24 -6.95
CA SER DA 257 -107.21 -7.66 -6.42
C SER DA 257 -107.22 -7.68 -4.89
N ARG DA 258 -106.87 -8.82 -4.29
CA ARG DA 258 -106.92 -8.93 -2.83
C ARG DA 258 -105.90 -8.02 -2.17
N VAL DA 259 -104.67 -8.03 -2.68
CA VAL DA 259 -103.61 -7.22 -2.08
C VAL DA 259 -103.94 -5.74 -2.18
N SER DA 260 -104.37 -5.29 -3.37
CA SER DA 260 -104.71 -3.90 -3.56
C SER DA 260 -105.89 -3.49 -2.69
N ALA DA 261 -106.91 -4.36 -2.59
CA ALA DA 261 -108.09 -4.03 -1.80
C ALA DA 261 -107.74 -3.91 -0.32
N ALA DA 262 -106.93 -4.85 0.20
CA ALA DA 262 -106.61 -4.85 1.61
C ALA DA 262 -105.59 -3.79 2.00
N LEU DA 263 -104.67 -3.44 1.11
CA LEU DA 263 -103.54 -2.59 1.45
C LEU DA 263 -103.74 -1.13 1.05
N SER DA 264 -104.94 -0.75 0.64
CA SER DA 264 -105.18 0.63 0.24
C SER DA 264 -105.16 1.56 1.46
N GLY DA 265 -104.42 2.66 1.34
CA GLY DA 265 -104.41 3.69 2.35
C GLY DA 265 -103.44 3.47 3.50
N LEU DA 266 -102.74 2.34 3.53
CA LEU DA 266 -101.80 2.05 4.61
C LEU DA 266 -100.49 2.78 4.35
N THR DA 267 -100.04 3.54 5.35
CA THR DA 267 -98.78 4.27 5.28
C THR DA 267 -97.97 3.95 6.52
N VAL DA 268 -96.74 3.50 6.32
CA VAL DA 268 -95.85 3.13 7.41
C VAL DA 268 -94.97 4.33 7.73
N THR DA 269 -94.80 4.61 9.02
CA THR DA 269 -93.94 5.69 9.47
C THR DA 269 -93.23 5.25 10.75
N GLY DA 270 -91.92 5.50 10.80
CA GLY DA 270 -91.16 5.17 11.99
C GLY DA 270 -91.55 6.08 13.14
N VAL DA 271 -91.46 5.56 14.36
CA VAL DA 271 -91.78 6.32 15.56
C VAL DA 271 -90.55 6.57 16.41
N GLY DA 272 -89.86 5.51 16.80
CA GLY DA 272 -88.69 5.66 17.66
C GLY DA 272 -87.93 4.37 17.73
N TYR DA 273 -86.88 4.37 18.56
CA TYR DA 273 -86.04 3.20 18.72
C TYR DA 273 -85.34 3.28 20.07
N SER DA 274 -84.68 2.20 20.45
CA SER DA 274 -83.93 2.14 21.69
C SER DA 274 -82.57 1.51 21.46
N LEU DA 275 -81.62 1.87 22.31
CA LEU DA 275 -80.25 1.37 22.22
C LEU DA 275 -79.83 0.72 23.52
N GLU DA 276 -79.17 -0.43 23.39
CA GLU DA 276 -78.50 -1.08 24.50
C GLU DA 276 -77.01 -0.73 24.38
N ALA DA 277 -76.47 -0.09 25.40
CA ALA DA 277 -75.08 0.33 25.40
C ALA DA 277 -74.45 -0.01 26.73
N ARG DA 278 -73.14 -0.20 26.71
CA ARG DA 278 -72.41 -0.64 27.89
C ARG DA 278 -71.33 0.37 28.22
N LEU DA 279 -71.40 0.92 29.42
CA LEU DA 279 -70.37 1.83 29.90
C LEU DA 279 -69.19 1.04 30.40
N THR DA 280 -68.23 0.77 29.51
CA THR DA 280 -67.09 -0.07 29.83
C THR DA 280 -66.19 0.67 30.82
N ASN DA 281 -66.23 0.22 32.07
CA ASN DA 281 -65.40 0.84 33.08
C ASN DA 281 -63.95 0.41 32.89
N ILE DA 282 -63.07 1.39 32.65
CA ILE DA 282 -61.65 1.13 32.67
C ILE DA 282 -61.16 1.76 33.97
N ASN DA 283 -62.04 2.57 34.56
CA ASN DA 283 -61.86 3.09 35.90
C ASN DA 283 -63.05 2.69 36.78
N GLN DA 284 -62.95 1.49 37.33
CA GLN DA 284 -64.12 0.82 37.90
C GLN DA 284 -64.77 1.63 39.01
N LEU DA 285 -66.10 1.68 38.96
CA LEU DA 285 -66.92 2.26 40.02
C LEU DA 285 -67.85 1.24 40.66
N GLU DA 286 -68.09 0.12 39.99
CA GLU DA 286 -69.07 -0.82 40.50
C GLU DA 286 -68.47 -1.74 41.54
N MET DA 287 -69.35 -2.24 42.41
CA MET DA 287 -68.96 -3.16 43.47
C MET DA 287 -69.10 -4.61 43.02
N GLY DA 288 -69.57 -4.83 41.79
CA GLY DA 288 -69.79 -6.17 41.30
C GLY DA 288 -70.77 -6.95 42.14
N LEU DA 289 -70.42 -8.17 42.49
CA LEU DA 289 -71.21 -8.99 43.40
C LEU DA 289 -70.31 -9.62 44.45
N LEU DA 290 -70.40 -9.12 45.67
CA LEU DA 290 -69.58 -9.60 46.77
C LEU DA 290 -69.88 -11.06 47.05
N ILE DA 291 -68.84 -11.81 47.41
CA ILE DA 291 -68.96 -13.23 47.73
C ILE DA 291 -68.43 -13.44 49.13
N ASP DA 292 -69.34 -13.67 50.08
CA ASP DA 292 -68.99 -13.81 51.48
C ASP DA 292 -69.46 -15.16 52.00
N SER DA 293 -68.96 -15.54 53.17
CA SER DA 293 -69.35 -16.80 53.79
C SER DA 293 -69.57 -16.59 55.28
N ASP DA 294 -70.62 -17.22 55.80
CA ASP DA 294 -70.93 -17.22 57.22
C ASP DA 294 -71.30 -18.63 57.65
N VAL DA 295 -71.04 -18.94 58.91
CA VAL DA 295 -71.29 -20.26 59.45
C VAL DA 295 -72.23 -20.14 60.64
N GLN DA 296 -73.28 -20.96 60.63
CA GLN DA 296 -74.21 -21.06 61.75
C GLN DA 296 -74.09 -22.44 62.36
N LYS DA 297 -74.06 -22.52 63.68
CA LYS DA 297 -74.04 -23.79 64.39
C LYS DA 297 -75.05 -23.81 65.52
N GLN DA 298 -75.74 -24.94 65.66
CA GLN DA 298 -76.86 -25.06 66.59
C GLN DA 298 -76.45 -25.94 67.76
N GLY DA 299 -77.15 -25.80 68.88
CA GLY DA 299 -76.96 -26.66 70.03
C GLY DA 299 -78.13 -27.60 70.21
N PHE DA 300 -77.82 -28.87 70.46
CA PHE DA 300 -78.82 -29.90 70.72
C PHE DA 300 -78.55 -30.51 72.08
N MET DA 301 -79.56 -30.55 72.93
CA MET DA 301 -79.42 -31.04 74.30
C MET DA 301 -80.21 -32.33 74.48
N ILE DA 302 -79.60 -33.31 75.14
CA ILE DA 302 -80.21 -34.63 75.32
C ILE DA 302 -80.83 -34.75 76.71
N PRO DA 303 -82.14 -34.86 76.80
CA PRO DA 303 -82.80 -34.84 78.12
C PRO DA 303 -82.99 -36.22 78.71
N THR DA 304 -83.59 -36.26 79.91
CA THR DA 304 -83.96 -37.50 80.55
C THR DA 304 -85.45 -37.76 80.41
N LEU DA 305 -85.89 -38.93 80.89
CA LEU DA 305 -87.29 -39.32 80.81
C LEU DA 305 -87.75 -39.88 82.15
N PRO DA 306 -89.06 -39.88 82.41
CA PRO DA 306 -89.57 -40.41 83.68
C PRO DA 306 -89.21 -41.88 83.84
N PRO DA 307 -88.93 -42.31 85.06
CA PRO DA 307 -88.38 -43.66 85.26
C PRO DA 307 -89.44 -44.73 85.10
N LEU DA 308 -88.96 -45.95 84.82
CA LEU DA 308 -89.79 -47.15 84.79
C LEU DA 308 -89.33 -48.08 85.90
N VAL DA 309 -90.25 -48.53 86.75
CA VAL DA 309 -89.90 -49.25 87.96
C VAL DA 309 -90.80 -50.45 88.13
N ILE DA 310 -90.27 -51.50 88.75
CA ILE DA 310 -91.01 -52.67 89.18
C ILE DA 310 -90.69 -52.91 90.65
N VAL DA 311 -91.69 -53.32 91.43
CA VAL DA 311 -91.55 -53.53 92.87
C VAL DA 311 -92.09 -54.91 93.21
N LYS DA 312 -91.54 -55.53 94.26
CA LYS DA 312 -91.92 -56.88 94.63
C LYS DA 312 -92.57 -56.90 96.01
N PRO DA 313 -93.90 -56.84 96.10
CA PRO DA 313 -94.57 -56.83 97.41
C PRO DA 313 -94.61 -58.20 98.03
N ALA DA 314 -95.38 -58.35 99.11
CA ALA DA 314 -95.47 -59.60 99.86
C ALA DA 314 -96.75 -60.34 99.49
N MET DA 315 -96.91 -60.68 98.21
CA MET DA 315 -97.91 -61.66 97.81
C MET DA 315 -97.31 -62.83 97.03
N VAL DA 316 -96.44 -62.54 96.06
CA VAL DA 316 -95.69 -63.55 95.32
C VAL DA 316 -94.35 -62.92 94.94
N GLU DA 317 -93.28 -63.66 95.18
CA GLU DA 317 -91.93 -63.19 94.88
C GLU DA 317 -91.27 -64.25 94.00
N ASP DA 318 -91.52 -64.17 92.70
CA ASP DA 318 -91.17 -65.24 91.77
C ASP DA 318 -90.84 -64.63 90.42
N ASP DA 319 -90.67 -65.48 89.41
CA ASP DA 319 -90.26 -65.05 88.09
C ASP DA 319 -91.14 -65.61 86.98
N LYS DA 320 -92.00 -66.57 87.27
CA LYS DA 320 -92.80 -67.21 86.23
C LYS DA 320 -94.20 -66.62 86.10
N THR DA 321 -94.84 -66.32 87.24
CA THR DA 321 -96.12 -65.62 87.23
C THR DA 321 -95.94 -64.22 87.81
N TYR DA 322 -94.71 -63.88 88.19
CA TYR DA 322 -94.34 -62.54 88.59
C TYR DA 322 -93.41 -61.96 87.55
N PRO DA 323 -93.63 -60.71 87.15
CA PRO DA 323 -92.87 -60.14 86.03
C PRO DA 323 -91.37 -60.27 86.19
N ARG DA 324 -90.73 -60.84 85.16
CA ARG DA 324 -89.29 -60.97 85.10
C ARG DA 324 -88.71 -59.67 84.56
N LEU DA 325 -87.39 -59.62 84.40
CA LEU DA 325 -86.75 -58.44 83.86
C LEU DA 325 -87.05 -58.24 82.38
N GLU DA 326 -87.49 -59.27 81.67
CA GLU DA 326 -87.70 -59.14 80.23
C GLU DA 326 -88.87 -58.23 79.91
N ALA DA 327 -89.94 -58.30 80.70
CA ALA DA 327 -91.08 -57.43 80.47
C ALA DA 327 -90.68 -55.96 80.62
N LEU DA 328 -89.74 -55.68 81.52
CA LEU DA 328 -89.25 -54.32 81.70
C LEU DA 328 -88.64 -53.79 80.39
N THR DA 329 -87.70 -54.55 79.83
CA THR DA 329 -87.05 -54.14 78.59
C THR DA 329 -88.05 -54.06 77.45
N THR DA 330 -89.01 -54.98 77.40
CA THR DA 330 -90.01 -54.93 76.34
C THR DA 330 -90.84 -53.66 76.42
N ALA DA 331 -91.28 -53.29 77.63
CA ALA DA 331 -92.05 -52.06 77.78
C ALA DA 331 -91.21 -50.85 77.38
N TYR DA 332 -89.94 -50.85 77.78
CA TYR DA 332 -89.06 -49.75 77.40
C TYR DA 332 -88.93 -49.64 75.89
N ARG DA 333 -88.68 -50.77 75.22
CA ARG DA 333 -88.49 -50.75 73.77
C ARG DA 333 -89.76 -50.30 73.06
N ILE DA 334 -90.92 -50.78 73.52
CA ILE DA 334 -92.18 -50.35 72.93
C ILE DA 334 -92.34 -48.85 73.09
N GLN DA 335 -92.21 -48.35 74.31
CA GLN DA 335 -92.41 -46.92 74.56
C GLN DA 335 -91.48 -46.09 73.69
N GLN DA 336 -90.24 -46.53 73.53
CA GLN DA 336 -89.28 -45.71 72.79
C GLN DA 336 -89.55 -45.78 71.28
N MET DA 337 -89.50 -46.97 70.70
CA MET DA 337 -89.55 -47.05 69.24
C MET DA 337 -90.96 -47.14 68.65
N ARG DA 338 -92.02 -47.00 69.43
CA ARG DA 338 -93.34 -46.88 68.82
C ARG DA 338 -93.96 -45.52 69.12
N ASN DA 339 -94.17 -45.20 70.40
CA ASN DA 339 -95.09 -44.14 70.75
C ASN DA 339 -94.50 -42.77 70.46
N ASN DA 340 -93.36 -42.48 71.09
CA ASN DA 340 -92.75 -41.17 70.90
C ASN DA 340 -92.35 -40.96 69.45
N ALA DA 341 -91.85 -42.00 68.78
CA ALA DA 341 -91.43 -41.86 67.39
C ALA DA 341 -92.61 -41.49 66.49
N VAL DA 342 -93.69 -42.27 66.54
CA VAL DA 342 -94.82 -41.97 65.65
C VAL DA 342 -95.46 -40.64 66.02
N THR DA 343 -95.50 -40.33 67.32
CA THR DA 343 -96.08 -39.06 67.74
C THR DA 343 -95.26 -37.89 67.21
N THR DA 344 -93.94 -37.99 67.29
CA THR DA 344 -93.08 -36.95 66.73
C THR DA 344 -93.29 -36.80 65.24
N LEU DA 345 -93.42 -37.92 64.53
CA LEU DA 345 -93.66 -37.87 63.10
C LEU DA 345 -94.95 -37.11 62.78
N LEU DA 346 -96.04 -37.48 63.43
CA LEU DA 346 -97.32 -36.85 63.12
C LEU DA 346 -97.33 -35.39 63.54
N ASN DA 347 -96.70 -35.07 64.66
CA ASN DA 347 -96.61 -33.68 65.08
C ASN DA 347 -95.84 -32.85 64.05
N ARG DA 348 -94.73 -33.40 63.56
CA ARG DA 348 -93.98 -32.72 62.50
C ARG DA 348 -94.85 -32.53 61.27
N ALA DA 349 -95.62 -33.56 60.89
CA ALA DA 349 -96.48 -33.45 59.72
C ALA DA 349 -97.46 -32.30 59.87
N ASP DA 350 -98.20 -32.26 60.98
CA ASP DA 350 -99.20 -31.22 61.14
C ASP DA 350 -98.56 -29.84 61.24
N THR DA 351 -97.44 -29.74 61.96
CA THR DA 351 -96.78 -28.44 62.07
C THR DA 351 -96.32 -27.93 60.71
N LEU DA 352 -95.73 -28.83 59.90
CA LEU DA 352 -95.25 -28.42 58.60
C LEU DA 352 -96.40 -28.01 57.69
N LYS DA 353 -97.51 -28.77 57.74
CA LYS DA 353 -98.69 -28.40 56.98
C LYS DA 353 -99.17 -27.01 57.36
N SER DA 354 -99.25 -26.73 58.65
CA SER DA 354 -99.67 -25.41 59.09
C SER DA 354 -98.70 -24.33 58.61
N TYR DA 355 -97.41 -24.63 58.62
CA TYR DA 355 -96.43 -23.59 58.32
C TYR DA 355 -96.36 -23.26 56.83
N LEU DA 356 -96.44 -24.26 55.96
CA LEU DA 356 -96.17 -24.01 54.55
C LEU DA 356 -97.34 -24.26 53.62
N GLY DA 357 -98.52 -24.58 54.12
CA GLY DA 357 -99.64 -24.86 53.25
C GLY DA 357 -99.44 -26.16 52.50
N VAL DA 358 -100.24 -26.34 51.45
CA VAL DA 358 -100.22 -27.56 50.65
C VAL DA 358 -99.84 -27.18 49.21
N GLY DA 359 -98.84 -27.87 48.68
CA GLY DA 359 -98.54 -27.79 47.27
C GLY DA 359 -97.69 -26.63 46.82
N VAL DA 360 -97.12 -25.86 47.75
CA VAL DA 360 -96.32 -24.70 47.38
C VAL DA 360 -95.00 -24.69 48.14
N PRO DA 361 -93.87 -24.45 47.48
CA PRO DA 361 -92.60 -24.35 48.18
C PRO DA 361 -92.33 -22.96 48.73
N HIS DA 362 -91.13 -22.80 49.28
CA HIS DA 362 -90.60 -21.52 49.75
C HIS DA 362 -89.11 -21.41 49.43
N PRO DA 363 -88.58 -20.18 49.30
CA PRO DA 363 -87.18 -20.03 48.91
C PRO DA 363 -86.24 -20.56 49.98
N ILE DA 364 -85.01 -20.88 49.55
CA ILE DA 364 -84.01 -21.42 50.47
C ILE DA 364 -83.69 -20.38 51.54
N GLU DA 365 -83.67 -20.82 52.80
CA GLU DA 365 -83.48 -19.94 53.94
C GLU DA 365 -84.56 -18.86 53.98
N SER DA 366 -85.81 -19.30 54.14
CA SER DA 366 -86.94 -18.38 54.24
C SER DA 366 -87.66 -18.47 55.56
N ASN DA 367 -87.33 -19.44 56.42
CA ASN DA 367 -88.01 -19.60 57.68
C ASN DA 367 -86.99 -19.95 58.76
N LEU DA 368 -87.12 -19.27 59.89
CA LEU DA 368 -86.22 -19.50 61.01
C LEU DA 368 -87.02 -19.96 62.23
N GLY DA 369 -88.22 -20.47 61.99
CA GLY DA 369 -89.08 -20.93 63.05
C GLY DA 369 -89.37 -22.41 63.07
N LEU DA 370 -88.89 -23.14 62.08
CA LEU DA 370 -89.08 -24.58 62.00
C LEU DA 370 -87.82 -25.31 62.45
N GLU DA 371 -87.99 -26.42 63.16
CA GLU DA 371 -86.86 -27.26 63.52
C GLU DA 371 -86.13 -27.73 62.27
N GLY DA 372 -84.80 -27.66 62.31
CA GLY DA 372 -84.02 -28.25 61.24
C GLY DA 372 -83.09 -27.32 60.50
N VAL DA 373 -81.83 -27.76 60.35
CA VAL DA 373 -80.83 -27.03 59.56
C VAL DA 373 -80.99 -27.37 58.10
N GLY DA 374 -81.78 -28.40 57.79
CA GLY DA 374 -81.95 -28.83 56.42
C GLY DA 374 -82.49 -27.74 55.50
N GLN DA 375 -83.19 -26.75 56.06
CA GLN DA 375 -83.68 -25.65 55.25
C GLN DA 375 -82.57 -24.74 54.77
N TYR DA 376 -81.35 -24.90 55.28
CA TYR DA 376 -80.20 -24.14 54.80
C TYR DA 376 -79.58 -24.74 53.54
N TYR DA 377 -80.19 -25.75 52.94
CA TYR DA 377 -79.73 -26.29 51.66
C TYR DA 377 -80.83 -26.46 50.64
N VAL DA 378 -82.07 -26.71 51.06
CA VAL DA 378 -83.14 -27.05 50.15
C VAL DA 378 -84.32 -26.13 50.41
N ARG DA 379 -85.17 -25.99 49.40
CA ARG DA 379 -86.43 -25.28 49.56
C ARG DA 379 -87.39 -26.13 50.37
N PRO DA 380 -88.01 -25.58 51.41
CA PRO DA 380 -88.99 -26.35 52.17
C PRO DA 380 -90.15 -26.75 51.26
N TYR DA 381 -90.66 -27.97 51.46
CA TYR DA 381 -91.65 -28.50 50.54
C TYR DA 381 -92.51 -29.52 51.27
N TYR DA 382 -93.82 -29.31 51.25
CA TYR DA 382 -94.79 -30.23 51.82
C TYR DA 382 -95.97 -30.36 50.88
N ASN DA 383 -96.41 -31.60 50.63
CA ASN DA 383 -97.49 -31.84 49.69
C ASN DA 383 -98.29 -33.06 50.10
N GLU DA 384 -99.53 -33.11 49.63
CA GLU DA 384 -100.46 -34.19 49.95
C GLU DA 384 -101.37 -34.44 48.77
N ALA DA 385 -101.86 -35.66 48.62
CA ALA DA 385 -102.82 -36.00 47.58
C ALA DA 385 -103.68 -37.17 48.04
N THR DA 386 -104.83 -37.33 47.41
CA THR DA 386 -105.77 -38.39 47.73
C THR DA 386 -106.01 -39.24 46.49
N ILE DA 387 -106.29 -40.52 46.71
CA ILE DA 387 -106.53 -41.46 45.63
C ILE DA 387 -107.92 -42.06 45.82
N ASP DA 388 -108.71 -42.12 44.76
CA ASP DA 388 -110.05 -42.70 44.82
C ASP DA 388 -110.09 -43.88 43.86
N VAL DA 389 -109.81 -45.07 44.38
CA VAL DA 389 -109.76 -46.26 43.54
C VAL DA 389 -111.16 -46.65 43.07
N LEU DA 390 -112.20 -46.16 43.76
CA LEU DA 390 -113.56 -46.44 43.32
C LEU DA 390 -113.83 -45.82 41.95
N ASN DA 391 -113.41 -44.58 41.75
CA ASN DA 391 -113.74 -43.85 40.53
C ASN DA 391 -112.57 -43.73 39.56
N ASP DA 392 -111.38 -44.20 39.94
CA ASP DA 392 -110.20 -44.11 39.08
C ASP DA 392 -109.53 -45.48 39.01
N LEU DA 393 -109.94 -46.28 38.03
CA LEU DA 393 -109.38 -47.62 37.88
C LEU DA 393 -109.65 -48.20 36.50
N ASN DA 394 -108.60 -48.69 35.85
CA ASN DA 394 -108.69 -49.26 34.51
C ASN DA 394 -108.52 -50.77 34.58
N ASN DA 395 -109.63 -51.50 34.51
CA ASN DA 395 -109.60 -52.95 34.45
C ASN DA 395 -110.60 -53.43 33.40
N LEU DA 396 -110.09 -54.16 32.43
CA LEU DA 396 -110.93 -54.79 31.41
C LEU DA 396 -111.25 -56.23 31.76
N THR DA 397 -110.33 -56.93 32.39
CA THR DA 397 -110.47 -58.34 32.69
C THR DA 397 -110.44 -58.53 34.20
N SER DA 398 -111.50 -59.13 34.74
CA SER DA 398 -111.61 -59.24 36.19
C SER DA 398 -110.57 -60.18 36.75
N ALA DA 399 -109.86 -60.91 35.89
CA ALA DA 399 -108.80 -61.78 36.36
C ALA DA 399 -107.52 -61.02 36.67
N ALA DA 400 -107.46 -59.72 36.39
CA ALA DA 400 -106.26 -58.94 36.61
C ALA DA 400 -106.50 -57.65 37.38
N LYS DA 401 -107.65 -57.52 38.04
CA LYS DA 401 -108.00 -56.27 38.71
C LYS DA 401 -106.98 -55.90 39.77
N GLN DA 402 -106.50 -56.90 40.52
CA GLN DA 402 -105.53 -56.62 41.58
C GLN DA 402 -104.27 -55.97 41.03
N THR DA 403 -103.71 -56.54 39.95
CA THR DA 403 -102.52 -55.95 39.36
C THR DA 403 -102.78 -54.54 38.87
N ASP DA 404 -103.98 -54.29 38.35
CA ASP DA 404 -104.30 -52.95 37.87
C ASP DA 404 -104.30 -51.94 39.00
N ILE DA 405 -104.98 -52.25 40.10
CA ILE DA 405 -104.99 -51.34 41.25
C ILE DA 405 -103.57 -51.14 41.75
N GLN DA 406 -102.81 -52.22 41.79
CA GLN DA 406 -101.49 -52.19 42.40
C GLN DA 406 -100.52 -51.33 41.58
N GLY DA 407 -100.58 -51.48 40.25
CA GLY DA 407 -99.83 -50.59 39.39
C GLY DA 407 -100.31 -49.15 39.46
N LEU DA 408 -101.61 -48.94 39.66
CA LEU DA 408 -102.11 -47.58 39.84
C LEU DA 408 -101.44 -46.91 41.03
N ILE DA 409 -101.38 -47.61 42.16
CA ILE DA 409 -100.76 -47.03 43.34
C ILE DA 409 -99.28 -46.74 43.09
N VAL DA 410 -98.58 -47.69 42.45
CA VAL DA 410 -97.16 -47.47 42.19
C VAL DA 410 -96.96 -46.25 41.29
N SER DA 411 -97.75 -46.13 40.23
CA SER DA 411 -97.61 -45.01 39.32
C SER DA 411 -97.87 -43.68 40.03
N LYS DA 412 -98.93 -43.63 40.84
CA LYS DA 412 -99.25 -42.38 41.51
C LYS DA 412 -98.13 -41.95 42.46
N ILE DA 413 -97.61 -42.89 43.25
CA ILE DA 413 -96.56 -42.51 44.20
C ILE DA 413 -95.29 -42.12 43.46
N ASN DA 414 -95.01 -42.78 42.33
CA ASN DA 414 -93.84 -42.39 41.54
C ASN DA 414 -94.00 -40.98 41.00
N GLU DA 415 -95.19 -40.63 40.54
CA GLU DA 415 -95.42 -39.27 40.06
C GLU DA 415 -95.23 -38.26 41.17
N MET DA 416 -95.73 -38.57 42.37
CA MET DA 416 -95.51 -37.68 43.50
C MET DA 416 -94.02 -37.47 43.77
N VAL DA 417 -93.24 -38.56 43.77
CA VAL DA 417 -91.81 -38.44 44.05
C VAL DA 417 -91.14 -37.56 43.00
N TYR DA 418 -91.47 -37.79 41.72
CA TYR DA 418 -90.90 -36.98 40.65
C TYR DA 418 -91.22 -35.50 40.85
N THR DA 419 -92.49 -35.18 41.08
CA THR DA 419 -92.89 -33.78 41.19
C THR DA 419 -92.21 -33.13 42.38
N ALA DA 420 -92.11 -33.86 43.50
CA ALA DA 420 -91.46 -33.30 44.68
C ALA DA 420 -89.99 -33.00 44.39
N ASP DA 421 -89.27 -33.98 43.85
CA ASP DA 421 -87.83 -33.80 43.66
C ASP DA 421 -87.55 -32.69 42.67
N GLN DA 422 -88.37 -32.56 41.63
CA GLN DA 422 -88.15 -31.51 40.65
C GLN DA 422 -88.26 -30.13 41.28
N LEU DA 423 -89.30 -29.91 42.09
CA LEU DA 423 -89.54 -28.59 42.64
C LEU DA 423 -88.59 -28.25 43.77
N THR DA 424 -88.24 -29.23 44.61
CA THR DA 424 -87.50 -28.93 45.82
C THR DA 424 -86.02 -28.67 45.59
N GLY DA 425 -85.47 -29.04 44.43
CA GLY DA 425 -84.06 -28.86 44.20
C GLY DA 425 -83.17 -29.77 45.02
N TYR DA 426 -83.68 -30.91 45.47
CA TYR DA 426 -82.92 -31.78 46.36
C TYR DA 426 -81.68 -32.35 45.67
N THR DA 427 -81.80 -32.69 44.39
CA THR DA 427 -80.67 -33.33 43.70
C THR DA 427 -79.46 -32.41 43.65
N ALA DA 428 -79.69 -31.11 43.42
CA ALA DA 428 -78.57 -30.17 43.38
C ALA DA 428 -77.84 -30.15 44.71
N ALA DA 429 -78.57 -30.24 45.82
CA ALA DA 429 -77.92 -30.24 47.12
C ALA DA 429 -76.97 -31.43 47.26
N LEU DA 430 -77.41 -32.62 46.84
CA LEU DA 430 -76.51 -33.77 46.90
C LEU DA 430 -75.32 -33.60 45.97
N GLU DA 431 -75.56 -33.05 44.78
CA GLU DA 431 -74.47 -32.86 43.83
C GLU DA 431 -73.37 -31.97 44.41
N ALA DA 432 -73.74 -31.05 45.29
CA ALA DA 432 -72.75 -30.15 45.87
C ALA DA 432 -72.16 -30.72 47.15
N ALA DA 433 -72.99 -31.18 48.07
CA ALA DA 433 -72.50 -31.64 49.37
C ALA DA 433 -71.68 -32.91 49.24
N PHE DA 434 -71.72 -33.57 48.10
CA PHE DA 434 -70.91 -34.76 47.85
C PHE DA 434 -70.28 -34.66 46.48
N SER DA 435 -68.99 -34.97 46.41
CA SER DA 435 -68.24 -34.98 45.16
C SER DA 435 -67.54 -36.32 45.01
N GLY DA 436 -67.63 -36.90 43.82
CA GLY DA 436 -67.00 -38.18 43.55
C GLY DA 436 -67.96 -39.16 42.95
N ARG DA 437 -69.21 -39.13 43.43
CA ARG DA 437 -70.29 -39.91 42.86
C ARG DA 437 -71.57 -39.13 43.03
N SER DA 438 -72.55 -39.43 42.17
CA SER DA 438 -73.84 -38.77 42.24
C SER DA 438 -74.81 -39.66 42.99
N PRO DA 439 -75.11 -39.38 44.25
CA PRO DA 439 -76.04 -40.24 44.99
C PRO DA 439 -77.42 -40.24 44.38
N LYS DA 440 -78.06 -41.37 44.34
CA LYS DA 440 -79.46 -41.29 43.98
C LYS DA 440 -80.27 -41.03 45.23
N PRO DA 441 -81.33 -40.24 45.15
CA PRO DA 441 -82.18 -40.04 46.33
C PRO DA 441 -82.74 -41.36 46.84
N HIS DA 442 -82.78 -41.54 48.15
CA HIS DA 442 -83.39 -42.71 48.76
C HIS DA 442 -84.76 -42.34 49.28
N VAL DA 443 -85.78 -43.03 48.79
CA VAL DA 443 -87.16 -42.75 49.18
C VAL DA 443 -87.60 -43.82 50.17
N ALA DA 444 -87.82 -43.42 51.40
CA ALA DA 444 -88.33 -44.32 52.42
C ALA DA 444 -89.84 -44.37 52.34
N ILE DA 445 -90.42 -45.56 52.50
CA ILE DA 445 -91.85 -45.76 52.40
C ILE DA 445 -92.33 -46.43 53.68
N GLY DA 446 -93.15 -45.71 54.44
CA GLY DA 446 -93.72 -46.23 55.68
C GLY DA 446 -95.23 -46.32 55.59
N THR DA 447 -95.74 -47.52 55.83
CA THR DA 447 -97.17 -47.78 55.70
C THR DA 447 -97.61 -48.63 56.88
N ASP DA 448 -98.84 -49.13 56.82
CA ASP DA 448 -99.36 -50.07 57.79
C ASP DA 448 -99.83 -51.32 57.06
N MET DA 449 -99.88 -52.43 57.78
CA MET DA 449 -100.27 -53.69 57.18
C MET DA 449 -101.62 -53.56 56.50
N ARG DA 450 -101.68 -54.02 55.24
CA ARG DA 450 -102.62 -53.62 54.19
C ARG DA 450 -101.87 -53.26 52.91
N LEU DA 451 -101.14 -52.16 52.98
CA LEU DA 451 -100.59 -51.52 51.80
C LEU DA 451 -99.31 -52.17 51.27
N PRO DA 452 -98.37 -52.62 52.12
CA PRO DA 452 -97.16 -53.24 51.57
C PRO DA 452 -97.44 -54.40 50.64
N GLN DA 453 -98.58 -55.06 50.82
CA GLN DA 453 -98.95 -56.12 49.90
C GLN DA 453 -99.56 -55.59 48.62
N TYR DA 454 -99.66 -54.26 48.48
CA TYR DA 454 -100.04 -53.64 47.23
C TYR DA 454 -99.01 -52.64 46.70
N ILE DA 455 -98.34 -51.89 47.57
CA ILE DA 455 -97.28 -51.03 47.09
C ILE DA 455 -96.18 -51.85 46.42
N GLN DA 456 -96.03 -53.11 46.83
CA GLN DA 456 -95.16 -54.06 46.17
C GLN DA 456 -95.95 -54.83 45.12
N ILE DA 457 -95.49 -54.76 43.87
CA ILE DA 457 -96.23 -55.34 42.75
C ILE DA 457 -95.89 -56.82 42.63
N ASN DA 458 -96.93 -57.64 42.50
CA ASN DA 458 -96.81 -59.10 42.51
C ASN DA 458 -97.51 -59.68 41.28
N GLY DA 459 -96.78 -60.50 40.52
CA GLY DA 459 -97.35 -61.16 39.36
C GLY DA 459 -96.79 -60.61 38.06
N ASP DA 460 -96.64 -59.29 38.02
CA ASP DA 460 -96.05 -58.60 36.89
C ASP DA 460 -95.01 -57.64 37.42
N ASP DA 461 -94.12 -57.20 36.54
CA ASP DA 461 -92.93 -56.48 36.97
C ASP DA 461 -93.08 -54.98 36.79
N ARG DA 462 -93.15 -54.26 37.92
CA ARG DA 462 -93.00 -52.81 37.96
C ARG DA 462 -92.78 -52.35 39.39
N THR DA 463 -91.82 -51.45 39.59
CA THR DA 463 -91.47 -51.02 40.95
C THR DA 463 -91.50 -49.50 41.02
N VAL DA 464 -91.68 -49.00 42.24
CA VAL DA 464 -91.74 -47.57 42.45
C VAL DA 464 -90.41 -46.93 42.11
N GLY DA 465 -90.46 -45.77 41.48
CA GLY DA 465 -89.25 -45.06 41.10
C GLY DA 465 -88.50 -45.74 39.96
N ILE DA 466 -87.76 -44.96 39.20
CA ILE DA 466 -86.93 -45.46 38.11
C ILE DA 466 -85.50 -45.08 38.48
N GLY DA 467 -84.65 -46.07 38.74
CA GLY DA 467 -83.34 -45.80 39.26
C GLY DA 467 -83.35 -45.37 40.72
N TYR DA 468 -84.52 -45.33 41.34
CA TYR DA 468 -84.65 -44.98 42.74
C TYR DA 468 -84.66 -46.24 43.59
N ASP DA 469 -83.80 -46.27 44.59
CA ASP DA 469 -83.76 -47.37 45.54
C ASP DA 469 -84.64 -47.03 46.73
N TYR DA 470 -85.56 -47.95 47.05
CA TYR DA 470 -86.59 -47.67 48.01
C TYR DA 470 -86.54 -48.70 49.13
N THR DA 471 -86.97 -48.29 50.31
CA THR DA 471 -87.04 -49.16 51.47
C THR DA 471 -88.45 -49.08 52.05
N ILE DA 472 -89.05 -50.23 52.32
CA ILE DA 472 -90.43 -50.31 52.80
C ILE DA 472 -90.42 -50.87 54.21
N ALA DA 473 -90.98 -50.12 55.15
CA ALA DA 473 -91.16 -50.56 56.52
C ALA DA 473 -92.63 -50.42 56.89
N ARG DA 474 -93.19 -51.48 57.47
CA ARG DA 474 -94.59 -51.50 57.88
C ARG DA 474 -94.68 -51.38 59.40
N ILE DA 475 -95.71 -50.68 59.87
CA ILE DA 475 -95.91 -50.44 61.28
C ILE DA 475 -97.34 -50.82 61.64
N SER DA 476 -97.56 -51.14 62.91
CA SER DA 476 -98.85 -51.65 63.34
C SER DA 476 -99.73 -50.62 64.03
N ASP DA 477 -99.26 -49.38 64.17
CA ASP DA 477 -100.04 -48.38 64.90
C ASP DA 477 -101.34 -48.06 64.18
N LEU DA 478 -102.38 -47.82 64.98
CA LEU DA 478 -103.70 -47.54 64.42
C LEU DA 478 -103.79 -46.16 63.78
N ARG DA 479 -102.99 -45.20 64.24
CA ARG DA 479 -103.08 -43.85 63.70
C ARG DA 479 -102.71 -43.80 62.22
N MET DA 480 -101.74 -44.61 61.80
CA MET DA 480 -101.27 -44.57 60.42
C MET DA 480 -102.09 -45.48 59.50
N LYS DA 481 -103.32 -45.79 59.86
CA LYS DA 481 -104.18 -46.58 58.99
C LYS DA 481 -104.40 -45.88 57.66
N ASP DA 482 -104.03 -46.54 56.56
CA ASP DA 482 -104.22 -46.09 55.19
C ASP DA 482 -103.50 -44.78 54.88
N LYS DA 483 -102.37 -44.51 55.52
CA LYS DA 483 -101.60 -43.30 55.25
C LYS DA 483 -100.19 -43.69 54.86
N ILE DA 484 -99.64 -43.01 53.85
CA ILE DA 484 -98.33 -43.35 53.29
C ILE DA 484 -97.44 -42.11 53.36
N VAL DA 485 -96.22 -42.29 53.84
CA VAL DA 485 -95.27 -41.20 54.04
C VAL DA 485 -94.01 -41.48 53.23
N MET DA 486 -93.54 -40.47 52.50
CA MET DA 486 -92.30 -40.56 51.76
C MET DA 486 -91.35 -39.46 52.21
N THR DA 487 -90.06 -39.75 52.18
CA THR DA 487 -89.05 -38.76 52.56
C THR DA 487 -87.71 -39.22 51.99
N PHE DA 488 -86.88 -38.23 51.64
CA PHE DA 488 -85.55 -38.48 51.11
C PHE DA 488 -84.53 -38.52 52.24
N ILE DA 489 -83.83 -39.64 52.35
CA ILE DA 489 -82.86 -39.87 53.41
C ILE DA 489 -81.55 -40.33 52.81
N LEU DA 490 -80.58 -40.63 53.67
CA LEU DA 490 -79.36 -41.12 53.06
C LEU DA 490 -79.04 -42.52 53.57
N PRO DA 491 -78.35 -43.33 52.76
CA PRO DA 491 -78.02 -44.71 53.17
C PRO DA 491 -76.74 -44.84 53.97
N ASN DA 492 -75.88 -43.83 53.96
CA ASN DA 492 -74.60 -43.89 54.67
C ASN DA 492 -74.66 -42.96 55.87
N GLU DA 493 -73.51 -42.83 56.53
CA GLU DA 493 -73.30 -41.90 57.63
C GLU DA 493 -74.07 -42.30 58.87
N SER DA 494 -73.48 -42.05 60.04
CA SER DA 494 -74.14 -42.26 61.32
C SER DA 494 -73.94 -41.01 62.17
N GLU DA 495 -73.96 -39.85 61.51
CA GLU DA 495 -73.67 -38.58 62.15
C GLU DA 495 -74.78 -37.62 61.82
N PRO DA 496 -75.03 -36.64 62.66
CA PRO DA 496 -76.01 -35.61 62.32
C PRO DA 496 -75.57 -34.88 61.07
N HIS DA 497 -76.37 -34.96 60.01
CA HIS DA 497 -75.98 -34.37 58.75
C HIS DA 497 -77.13 -33.51 58.27
N PRO DA 498 -76.85 -32.40 57.58
CA PRO DA 498 -77.94 -31.53 57.13
C PRO DA 498 -78.94 -32.21 56.21
N LEU DA 499 -78.55 -33.30 55.56
CA LEU DA 499 -79.42 -33.95 54.58
C LEU DA 499 -80.21 -35.12 55.15
N GLN DA 500 -79.93 -35.56 56.38
CA GLN DA 500 -80.74 -36.60 56.97
C GLN DA 500 -82.13 -36.08 57.29
N HIS DA 501 -83.11 -36.97 57.24
CA HIS DA 501 -84.43 -36.60 57.71
C HIS DA 501 -84.44 -36.31 59.19
N GLY DA 502 -83.83 -37.17 59.98
CA GLY DA 502 -83.75 -36.96 61.41
C GLY DA 502 -82.81 -37.97 62.05
N VAL DA 503 -82.40 -37.65 63.26
CA VAL DA 503 -81.46 -38.48 64.00
C VAL DA 503 -82.01 -38.68 65.41
N LEU DA 504 -81.61 -39.79 66.02
CA LEU DA 504 -82.06 -40.14 67.36
C LEU DA 504 -80.87 -40.05 68.30
N GLY DA 505 -80.94 -39.13 69.26
CA GLY DA 505 -79.95 -39.08 70.31
C GLY DA 505 -80.18 -40.22 71.28
N PHE DA 506 -79.32 -41.23 71.26
CA PHE DA 506 -79.48 -42.41 72.09
C PHE DA 506 -78.27 -42.54 73.01
N ILE DA 507 -78.49 -42.32 74.30
CA ILE DA 507 -77.45 -42.50 75.31
C ILE DA 507 -77.78 -43.75 76.09
N PRO DA 508 -76.82 -44.67 76.29
CA PRO DA 508 -77.14 -45.95 76.93
C PRO DA 508 -77.65 -45.75 78.35
N GLU DA 509 -78.52 -46.66 78.77
CA GLU DA 509 -79.14 -46.55 80.08
C GLU DA 509 -79.09 -47.88 80.81
N TYR DA 510 -78.93 -47.81 82.13
CA TYR DA 510 -78.66 -48.96 82.96
C TYR DA 510 -79.58 -48.97 84.16
N LEU DA 511 -79.80 -50.17 84.72
CA LEU DA 511 -80.74 -50.35 85.80
C LEU DA 511 -80.02 -50.39 87.15
N VAL DA 512 -80.78 -50.19 88.23
CA VAL DA 512 -80.27 -50.27 89.59
C VAL DA 512 -81.19 -51.18 90.39
N ASP DA 513 -80.64 -51.82 91.43
CA ASP DA 513 -81.38 -52.78 92.23
C ASP DA 513 -80.95 -52.64 93.69
N PHE DA 514 -81.92 -52.42 94.58
CA PHE DA 514 -81.63 -52.25 95.99
C PHE DA 514 -82.92 -52.27 96.79
N ASN DA 515 -82.76 -52.28 98.12
CA ASN DA 515 -83.88 -52.08 99.03
C ASN DA 515 -84.03 -50.60 99.35
N MET DA 516 -85.26 -50.12 99.35
CA MET DA 516 -85.54 -48.73 99.69
C MET DA 516 -86.73 -48.68 100.64
N ILE DA 517 -86.69 -47.75 101.59
CA ILE DA 517 -87.68 -47.65 102.65
C ILE DA 517 -88.48 -46.39 102.43
N ARG DA 518 -89.77 -46.54 102.13
CA ARG DA 518 -90.64 -45.41 101.83
C ARG DA 518 -91.84 -45.44 102.76
N ASN DA 519 -92.10 -44.31 103.41
CA ASN DA 519 -93.26 -44.14 104.28
C ASN DA 519 -93.33 -45.26 105.32
N GLN DA 520 -92.17 -45.66 105.84
CA GLN DA 520 -92.06 -46.69 106.87
C GLN DA 520 -92.62 -48.04 106.39
N ARG DA 521 -92.17 -48.47 105.21
CA ARG DA 521 -92.42 -49.82 104.72
C ARG DA 521 -91.30 -50.25 103.78
N ILE DA 522 -91.03 -51.55 103.76
CA ILE DA 522 -89.89 -52.11 103.04
C ILE DA 522 -90.33 -52.46 101.62
N GLY DA 523 -89.50 -52.10 100.65
CA GLY DA 523 -89.76 -52.44 99.27
C GLY DA 523 -88.47 -52.66 98.49
N ARG DA 524 -88.51 -53.63 97.59
CA ARG DA 524 -87.41 -53.87 96.67
C ARG DA 524 -87.79 -53.29 95.31
N GLU DA 525 -87.05 -52.30 94.85
CA GLU DA 525 -87.40 -51.57 93.63
C GLU DA 525 -86.29 -51.73 92.61
N ILE DA 526 -86.69 -51.80 91.33
CA ILE DA 526 -85.75 -51.88 90.21
C ILE DA 526 -86.08 -50.76 89.25
N ARG DA 527 -85.12 -49.88 89.02
CA ARG DA 527 -85.32 -48.68 88.21
C ARG DA 527 -84.66 -48.85 86.86
N LEU DA 528 -85.32 -48.36 85.82
CA LEU DA 528 -84.76 -48.34 84.46
C LEU DA 528 -85.01 -46.97 83.87
N THR DA 529 -84.03 -46.10 83.97
CA THR DA 529 -84.17 -44.72 83.51
C THR DA 529 -84.01 -44.66 82.00
N PRO DA 530 -84.97 -44.10 81.26
CA PRO DA 530 -84.78 -43.86 79.83
C PRO DA 530 -84.31 -42.44 79.56
N ARG DA 531 -83.48 -42.30 78.52
CA ARG DA 531 -83.01 -40.98 78.07
C ARG DA 531 -82.83 -41.02 76.57
N TYR DA 532 -83.61 -40.24 75.85
CA TYR DA 532 -83.47 -40.10 74.40
C TYR DA 532 -84.29 -38.93 73.92
N ARG DA 533 -84.26 -38.73 72.60
CA ARG DA 533 -85.03 -37.68 71.95
C ARG DA 533 -85.04 -37.94 70.45
N TYR DA 534 -86.08 -37.45 69.77
CA TYR DA 534 -86.13 -37.46 68.32
C TYR DA 534 -85.93 -36.04 67.81
N PHE DA 535 -85.05 -35.87 66.84
CA PHE DA 535 -84.75 -34.57 66.26
C PHE DA 535 -85.02 -34.58 64.77
N ASN DA 536 -85.64 -33.50 64.28
CA ASN DA 536 -86.03 -33.38 62.89
C ASN DA 536 -85.10 -32.43 62.16
N PHE DA 537 -84.63 -32.82 60.98
CA PHE DA 537 -83.75 -31.93 60.23
C PHE DA 537 -84.35 -31.51 58.89
N LEU DA 538 -84.70 -32.47 58.05
CA LEU DA 538 -85.00 -32.16 56.66
C LEU DA 538 -86.50 -31.88 56.51
N PRO DA 539 -86.87 -30.69 56.04
CA PRO DA 539 -88.29 -30.33 55.97
C PRO DA 539 -88.95 -30.72 54.65
N ILE DA 540 -88.97 -32.01 54.33
CA ILE DA 540 -89.69 -32.52 53.16
C ILE DA 540 -90.46 -33.75 53.59
N MET DA 541 -91.76 -33.76 53.34
CA MET DA 541 -92.60 -34.93 53.55
C MET DA 541 -93.71 -34.99 52.50
N LEU DA 542 -94.17 -36.20 52.20
CA LEU DA 542 -95.25 -36.41 51.26
C LEU DA 542 -96.26 -37.35 51.90
N VAL DA 543 -97.53 -36.97 51.87
CA VAL DA 543 -98.60 -37.75 52.48
C VAL DA 543 -99.60 -38.15 51.41
N ILE DA 544 -99.82 -39.45 51.26
CA ILE DA 544 -100.77 -40.00 50.30
C ILE DA 544 -101.86 -40.73 51.06
N ASN DA 545 -103.11 -40.33 50.82
CA ASN DA 545 -104.26 -40.98 51.43
C ASN DA 545 -104.95 -41.87 50.42
N VAL DA 546 -105.04 -43.16 50.76
CA VAL DA 546 -105.80 -44.13 49.97
C VAL DA 546 -107.06 -44.47 50.75
N ILE DA 547 -108.21 -44.32 50.10
CA ILE DA 547 -109.49 -44.51 50.76
C ILE DA 547 -110.39 -45.34 49.86
N ASN DA 548 -111.47 -45.85 50.44
CA ASN DA 548 -112.57 -46.45 49.68
C ASN DA 548 -112.09 -47.72 48.97
N LEU DA 549 -110.99 -48.29 49.46
CA LEU DA 549 -110.34 -49.40 48.76
C LEU DA 549 -111.16 -50.68 48.84
N GLU DA 550 -111.63 -51.03 50.04
CA GLU DA 550 -112.10 -52.40 50.28
C GLU DA 550 -113.26 -52.76 49.38
N GLU DA 551 -114.24 -51.86 49.24
CA GLU DA 551 -115.43 -52.17 48.46
C GLU DA 551 -115.12 -52.23 46.98
N ALA DA 552 -114.02 -51.60 46.54
CA ALA DA 552 -113.73 -51.52 45.12
C ALA DA 552 -113.51 -52.91 44.53
N ILE DA 553 -112.90 -53.81 45.30
CA ILE DA 553 -112.73 -55.18 44.84
C ILE DA 553 -114.06 -55.87 44.60
N ALA DA 554 -115.00 -55.73 45.55
CA ALA DA 554 -116.23 -56.50 45.48
C ALA DA 554 -117.18 -56.03 44.40
N GLN DA 555 -117.41 -54.73 44.28
CA GLN DA 555 -118.46 -54.23 43.40
C GLN DA 555 -117.88 -54.10 41.98
N ARG DA 556 -118.75 -53.77 41.03
CA ARG DA 556 -118.38 -53.85 39.62
C ARG DA 556 -117.48 -52.67 39.23
N THR DA 557 -116.33 -52.98 38.66
CA THR DA 557 -115.43 -51.98 38.12
C THR DA 557 -115.12 -52.31 36.67
N ALA DA 558 -115.35 -51.34 35.80
CA ALA DA 558 -114.99 -51.44 34.40
C ALA DA 558 -114.39 -50.10 33.98
N LEU DA 559 -113.94 -50.04 32.73
CA LEU DA 559 -113.34 -48.81 32.25
C LEU DA 559 -114.38 -47.71 32.26
N ASP DA 560 -114.04 -46.59 32.90
CA ASP DA 560 -114.94 -45.45 33.03
C ASP DA 560 -115.03 -44.78 31.66
N VAL DA 561 -115.70 -45.45 30.73
CA VAL DA 561 -115.52 -45.20 29.31
C VAL DA 561 -115.93 -43.78 28.96
N ASN DA 562 -114.94 -42.98 28.57
CA ASN DA 562 -115.19 -41.64 28.05
C ASN DA 562 -115.60 -41.74 26.59
N GLU DA 563 -116.82 -42.22 26.33
CA GLU DA 563 -117.34 -42.23 24.97
C GLU DA 563 -117.27 -40.81 24.43
N THR DA 564 -116.75 -40.63 23.22
CA THR DA 564 -116.50 -39.27 22.74
C THR DA 564 -117.35 -38.93 21.53
N GLN DA 565 -118.60 -38.55 21.79
CA GLN DA 565 -119.35 -37.54 21.04
C GLN DA 565 -119.03 -37.49 19.55
N VAL DA 566 -119.25 -38.61 18.86
CA VAL DA 566 -119.39 -38.49 17.41
C VAL DA 566 -120.78 -38.99 17.06
N THR DA 567 -121.70 -38.11 17.11
CA THR DA 567 -123.09 -37.74 17.00
C THR DA 567 -123.21 -36.22 17.05
N PRO DA 568 -124.20 -35.64 16.38
CA PRO DA 568 -124.28 -34.17 16.36
C PRO DA 568 -124.65 -33.62 17.72
N ALA DA 569 -123.63 -33.13 18.44
CA ALA DA 569 -123.83 -32.45 19.72
C ALA DA 569 -122.82 -31.31 19.83
N SER DA 570 -121.95 -31.21 18.83
CA SER DA 570 -120.88 -30.24 18.84
C SER DA 570 -120.17 -30.24 17.49
N HIS EA 1 -113.17 -88.15 58.89
CA HIS EA 1 -113.58 -87.07 57.99
C HIS EA 1 -112.76 -85.80 58.25
N GLU EA 2 -112.76 -84.91 57.25
CA GLU EA 2 -111.82 -83.79 57.26
C GLU EA 2 -112.40 -82.57 57.99
N PHE EA 3 -113.63 -82.19 57.66
CA PHE EA 3 -114.11 -80.86 58.03
C PHE EA 3 -114.15 -80.68 59.53
N ALA EA 4 -114.72 -81.65 60.26
CA ALA EA 4 -114.77 -81.53 61.71
C ALA EA 4 -113.36 -81.52 62.30
N GLU EA 5 -112.45 -82.27 61.69
CA GLU EA 5 -111.07 -82.28 62.16
C GLU EA 5 -110.43 -80.92 62.00
N LEU EA 6 -110.76 -80.21 60.92
CA LEU EA 6 -110.08 -78.95 60.62
C LEU EA 6 -110.45 -77.85 61.60
N PHE EA 7 -111.71 -77.82 62.03
CA PHE EA 7 -112.21 -76.68 62.79
C PHE EA 7 -112.24 -76.90 64.30
N TYR EA 8 -112.44 -78.12 64.76
CA TYR EA 8 -112.46 -78.43 66.19
C TYR EA 8 -111.56 -79.63 66.42
N ARG EA 9 -110.30 -79.37 66.74
CA ARG EA 9 -109.32 -80.44 66.88
C ARG EA 9 -109.65 -81.34 68.06
N THR EA 10 -109.55 -82.64 67.84
CA THR EA 10 -109.94 -83.63 68.85
C THR EA 10 -108.95 -83.64 70.00
N TYR EA 11 -109.44 -84.00 71.20
CA TYR EA 11 -108.63 -84.07 72.40
C TYR EA 11 -109.18 -85.17 73.30
N ILE EA 12 -108.45 -86.26 73.41
CA ILE EA 12 -108.90 -87.44 74.15
C ILE EA 12 -108.83 -87.15 75.64
N VAL EA 13 -109.86 -87.54 76.38
CA VAL EA 13 -109.88 -87.40 77.83
C VAL EA 13 -110.23 -88.75 78.42
N THR EA 14 -109.46 -89.19 79.41
CA THR EA 14 -109.73 -90.46 80.07
C THR EA 14 -111.06 -90.40 80.83
N PRO EA 15 -111.76 -91.53 80.94
CA PRO EA 15 -113.05 -91.54 81.64
C PRO EA 15 -113.00 -91.12 83.09
N ASP EA 16 -111.89 -91.36 83.80
CA ASP EA 16 -111.81 -90.98 85.21
C ASP EA 16 -111.91 -89.48 85.42
N GLN EA 17 -111.50 -88.67 84.45
CA GLN EA 17 -111.63 -87.23 84.53
C GLN EA 17 -113.05 -86.83 84.15
N ALA EA 18 -113.41 -85.60 84.51
CA ALA EA 18 -114.70 -85.04 84.15
C ALA EA 18 -114.59 -83.66 83.54
N GLY EA 19 -113.39 -83.20 83.22
CA GLY EA 19 -113.23 -81.88 82.63
C GLY EA 19 -111.76 -81.52 82.50
N PHE EA 20 -111.51 -80.27 82.15
CA PHE EA 20 -110.16 -79.77 81.99
C PHE EA 20 -110.15 -78.27 82.19
N GLN EA 21 -109.14 -77.79 82.91
CA GLN EA 21 -109.00 -76.39 83.28
C GLN EA 21 -107.88 -75.75 82.49
N LEU EA 22 -107.97 -74.43 82.33
CA LEU EA 22 -107.01 -73.66 81.55
C LEU EA 22 -106.63 -72.40 82.32
N SER EA 23 -105.33 -72.21 82.53
CA SER EA 23 -104.81 -71.05 83.23
C SER EA 23 -104.02 -70.17 82.27
N ILE EA 24 -104.39 -68.89 82.21
CA ILE EA 24 -103.78 -67.93 81.30
C ILE EA 24 -102.95 -66.96 82.12
N ARG EA 25 -101.70 -66.77 81.73
CA ARG EA 25 -100.81 -65.79 82.34
C ARG EA 25 -100.96 -64.48 81.59
N ARG EA 26 -100.82 -63.36 82.30
CA ARG EA 26 -100.87 -62.03 81.71
C ARG EA 26 -99.92 -61.11 82.46
N ASN EA 27 -99.09 -60.40 81.71
CA ASN EA 27 -98.23 -59.36 82.27
C ASN EA 27 -98.92 -58.01 82.08
N LEU EA 28 -99.18 -57.33 83.18
CA LEU EA 28 -100.00 -56.13 83.19
C LEU EA 28 -99.12 -54.92 83.42
N VAL EA 29 -99.63 -53.73 83.10
CA VAL EA 29 -99.00 -52.48 83.45
C VAL EA 29 -100.06 -51.56 84.04
N TRP EA 30 -99.74 -50.96 85.21
CA TRP EA 30 -100.72 -50.12 85.88
C TRP EA 30 -99.98 -49.14 86.77
N GLU EA 31 -100.65 -48.04 87.10
CA GLU EA 31 -99.96 -46.89 87.67
C GLU EA 31 -99.54 -47.14 89.12
N GLY EA 32 -100.35 -47.86 89.88
CA GLY EA 32 -99.97 -48.25 91.22
C GLY EA 32 -101.12 -48.14 92.21
N TRP EA 33 -100.81 -48.49 93.45
CA TRP EA 33 -101.81 -48.55 94.51
C TRP EA 33 -102.47 -47.20 94.72
N THR EA 34 -103.63 -47.22 95.38
CA THR EA 34 -104.38 -46.01 95.69
C THR EA 34 -104.07 -45.60 97.12
N GLY EA 35 -102.87 -45.09 97.34
CA GLY EA 35 -102.50 -44.71 98.69
C GLY EA 35 -102.26 -45.92 99.58
N GLU EA 36 -102.01 -45.64 100.85
CA GLU EA 36 -101.84 -46.69 101.86
C GLU EA 36 -103.07 -46.77 102.77
N GLY EA 37 -103.51 -45.64 103.31
CA GLY EA 37 -104.83 -45.49 103.89
C GLY EA 37 -105.01 -46.25 105.19
N LEU EA 38 -106.16 -46.00 105.82
CA LEU EA 38 -106.62 -46.72 106.99
C LEU EA 38 -108.03 -47.27 106.75
N SER EA 39 -108.16 -48.60 106.82
CA SER EA 39 -109.45 -49.29 106.74
C SER EA 39 -110.21 -48.88 105.49
N GLY EA 40 -109.58 -49.09 104.34
CA GLY EA 40 -110.20 -48.78 103.08
C GLY EA 40 -109.34 -47.90 102.20
N GLU EA 41 -109.20 -48.31 100.94
CA GLU EA 41 -108.51 -47.56 99.91
C GLU EA 41 -109.51 -47.00 98.93
N LYS EA 42 -108.99 -46.39 97.86
CA LYS EA 42 -109.82 -45.99 96.75
C LYS EA 42 -110.03 -47.19 95.84
N GLN EA 43 -111.27 -47.42 95.42
CA GLN EA 43 -111.62 -48.60 94.65
C GLN EA 43 -111.41 -48.34 93.16
N GLU EA 44 -110.23 -48.71 92.67
CA GLU EA 44 -109.83 -48.36 91.30
C GLU EA 44 -108.94 -49.44 90.70
N ILE EA 45 -109.15 -49.73 89.42
CA ILE EA 45 -108.38 -50.73 88.69
C ILE EA 45 -107.93 -50.15 87.38
N SER EA 46 -106.66 -50.40 87.02
CA SER EA 46 -106.20 -49.95 85.71
C SER EA 46 -105.54 -51.08 84.91
N LYS EA 47 -105.80 -52.34 85.24
CA LYS EA 47 -105.09 -53.46 84.62
C LYS EA 47 -105.32 -53.49 83.11
N ARG EA 48 -104.23 -53.38 82.36
CA ARG EA 48 -104.24 -53.30 80.91
C ARG EA 48 -103.07 -54.08 80.32
N ASN EA 49 -103.33 -54.74 79.19
CA ASN EA 49 -102.36 -55.64 78.61
C ASN EA 49 -101.26 -54.88 77.90
N ILE EA 50 -100.04 -55.44 77.95
CA ILE EA 50 -98.91 -54.81 77.28
C ILE EA 50 -99.08 -54.85 75.77
N LEU EA 51 -99.72 -55.90 75.24
CA LEU EA 51 -99.90 -55.99 73.80
C LEU EA 51 -100.81 -54.89 73.26
N GLN EA 52 -101.61 -54.29 74.13
CA GLN EA 52 -102.42 -53.15 73.70
C GLN EA 52 -101.55 -52.02 73.19
N GLY EA 53 -100.32 -51.90 73.69
CA GLY EA 53 -99.41 -50.90 73.21
C GLY EA 53 -99.09 -51.01 71.74
N LEU EA 54 -99.26 -52.20 71.16
CA LEU EA 54 -99.00 -52.36 69.73
C LEU EA 54 -100.04 -51.64 68.88
N LEU EA 55 -101.12 -51.15 69.48
CA LEU EA 55 -102.12 -50.38 68.76
C LEU EA 55 -102.29 -48.97 69.28
N ASP EA 56 -102.40 -48.79 70.59
CA ASP EA 56 -102.62 -47.47 71.18
C ASP EA 56 -101.28 -46.80 71.49
N TYR EA 57 -101.29 -45.47 71.52
CA TYR EA 57 -100.08 -44.73 71.87
C TYR EA 57 -100.19 -44.03 73.23
N THR EA 58 -101.32 -44.13 73.90
CA THR EA 58 -101.52 -43.48 75.19
C THR EA 58 -101.39 -44.47 76.34
N THR EA 59 -101.05 -45.72 76.06
CA THR EA 59 -101.00 -46.73 77.11
C THR EA 59 -99.75 -46.59 77.97
N LEU EA 60 -98.61 -46.30 77.36
CA LEU EA 60 -97.33 -46.33 78.06
C LEU EA 60 -96.66 -44.96 78.14
N GLU EA 61 -97.37 -43.89 77.84
CA GLU EA 61 -96.81 -42.55 77.99
C GLU EA 61 -97.24 -42.02 79.35
N THR EA 62 -96.28 -41.89 80.26
CA THR EA 62 -96.53 -41.35 81.59
C THR EA 62 -95.49 -40.29 81.91
N ASN EA 63 -95.92 -39.25 82.62
CA ASN EA 63 -95.02 -38.22 83.09
C ASN EA 63 -95.26 -37.96 84.57
N SER EA 64 -94.16 -37.98 85.33
CA SER EA 64 -94.28 -37.72 86.76
C SER EA 64 -93.08 -36.91 87.25
N THR EA 65 -92.18 -36.54 86.35
CA THR EA 65 -90.96 -35.84 86.72
C THR EA 65 -90.98 -34.38 86.30
N GLU EA 66 -91.97 -33.96 85.53
CA GLU EA 66 -92.08 -32.55 85.16
C GLU EA 66 -92.37 -31.72 86.39
N LEU EA 67 -91.67 -30.61 86.53
CA LEU EA 67 -91.83 -29.71 87.66
C LEU EA 67 -92.85 -28.64 87.25
N ILE EA 68 -94.10 -29.06 87.12
CA ILE EA 68 -95.20 -28.17 86.72
C ILE EA 68 -95.59 -27.36 87.95
N PRO EA 69 -95.57 -26.03 87.87
CA PRO EA 69 -95.86 -25.22 89.06
C PRO EA 69 -97.25 -25.46 89.64
N VAL EA 70 -97.41 -25.17 90.92
CA VAL EA 70 -98.66 -25.41 91.64
C VAL EA 70 -99.08 -24.10 92.30
N ILE EA 71 -100.35 -23.74 92.17
CA ILE EA 71 -100.83 -22.49 92.74
C ILE EA 71 -101.32 -22.73 94.16
N GLN EA 72 -101.09 -21.75 95.03
CA GLN EA 72 -101.63 -21.75 96.38
C GLN EA 72 -102.36 -20.43 96.62
N SER EA 73 -103.35 -20.48 97.49
CA SER EA 73 -104.18 -19.32 97.78
C SER EA 73 -103.48 -18.41 98.79
N GLY EA 74 -103.26 -17.16 98.40
CA GLY EA 74 -102.71 -16.19 99.32
C GLY EA 74 -101.28 -16.46 99.76
N GLU EA 75 -100.58 -17.33 99.06
CA GLU EA 75 -99.21 -17.64 99.47
C GLU EA 75 -98.20 -17.59 98.34
N ASN EA 76 -98.59 -17.86 97.09
CA ASN EA 76 -97.67 -17.74 95.97
C ASN EA 76 -98.33 -17.04 94.80
N ASP EA 77 -99.34 -16.23 95.10
CA ASP EA 77 -100.03 -15.49 94.04
C ASP EA 77 -99.11 -14.51 93.34
N GLU EA 78 -98.13 -13.96 94.06
CA GLU EA 78 -97.26 -12.93 93.48
C GLU EA 78 -96.36 -13.48 92.39
N GLN EA 79 -96.11 -14.78 92.37
CA GLN EA 79 -95.32 -15.39 91.30
C GLN EA 79 -96.17 -15.90 90.14
N PHE EA 80 -97.48 -15.75 90.21
CA PHE EA 80 -98.38 -16.13 89.13
C PHE EA 80 -99.13 -14.90 88.63
N ILE EA 81 -99.45 -14.91 87.33
CA ILE EA 81 -100.27 -13.85 86.78
C ILE EA 81 -101.62 -13.83 87.48
N ASP EA 82 -102.25 -12.67 87.49
CA ASP EA 82 -103.53 -12.54 88.18
C ASP EA 82 -104.61 -13.35 87.45
N PRO EA 83 -105.63 -13.83 88.17
CA PRO EA 83 -106.67 -14.63 87.53
C PRO EA 83 -107.57 -13.84 86.58
N SER EA 84 -107.44 -12.52 86.54
CA SER EA 84 -108.30 -11.70 85.70
C SER EA 84 -107.97 -11.83 84.22
N VAL EA 85 -106.76 -12.24 83.88
CA VAL EA 85 -106.33 -12.25 82.48
C VAL EA 85 -106.57 -13.64 81.87
N LEU EA 86 -106.42 -14.68 82.68
CA LEU EA 86 -106.58 -16.06 82.20
C LEU EA 86 -107.12 -16.91 83.32
N PRO EA 87 -108.31 -17.52 83.16
CA PRO EA 87 -108.86 -18.37 84.21
C PRO EA 87 -107.96 -19.54 84.59
N ALA EA 88 -108.33 -20.23 85.66
CA ALA EA 88 -107.52 -21.33 86.15
C ALA EA 88 -107.48 -22.48 85.13
N GLN EA 89 -106.29 -23.03 84.93
CA GLN EA 89 -106.09 -24.18 84.06
C GLN EA 89 -105.80 -25.42 84.89
N THR EA 90 -106.65 -26.43 84.76
CA THR EA 90 -106.51 -27.65 85.54
C THR EA 90 -105.86 -28.74 84.69
N VAL EA 91 -104.89 -29.43 85.27
CA VAL EA 91 -104.18 -30.51 84.59
C VAL EA 91 -104.05 -31.67 85.55
N LYS EA 92 -103.60 -32.80 85.02
CA LYS EA 92 -103.46 -34.04 85.79
C LYS EA 92 -102.05 -34.59 85.61
N GLN EA 93 -101.42 -34.96 86.72
CA GLN EA 93 -100.15 -35.67 86.71
C GLN EA 93 -100.25 -36.82 87.70
N GLY EA 94 -99.93 -38.02 87.26
CA GLY EA 94 -100.13 -39.19 88.09
C GLY EA 94 -101.60 -39.34 88.41
N LYS EA 95 -101.91 -39.49 89.70
CA LYS EA 95 -103.30 -39.50 90.15
C LYS EA 95 -103.64 -38.25 90.95
N ASP EA 96 -102.88 -37.17 90.77
CA ASP EA 96 -103.09 -35.95 91.52
C ASP EA 96 -103.76 -34.92 90.62
N THR EA 97 -104.55 -34.03 91.22
CA THR EA 97 -105.19 -32.95 90.50
C THR EA 97 -104.78 -31.64 91.15
N PHE EA 98 -104.40 -30.66 90.33
CA PHE EA 98 -103.96 -29.37 90.81
C PHE EA 98 -104.00 -28.38 89.66
N ASP EA 99 -104.14 -27.10 90.00
CA ASP EA 99 -104.30 -26.05 89.01
C ASP EA 99 -102.95 -25.42 88.67
N THR EA 100 -102.83 -24.95 87.43
CA THR EA 100 -101.57 -24.42 86.93
C THR EA 100 -101.83 -23.17 86.10
N ASN EA 101 -100.85 -22.28 86.08
CA ASN EA 101 -100.90 -21.08 85.25
C ASN EA 101 -99.49 -20.70 84.83
N PHE EA 102 -99.39 -19.66 84.01
CA PHE EA 102 -98.12 -19.26 83.46
C PHE EA 102 -97.39 -18.30 84.41
N LEU EA 103 -96.06 -18.26 84.29
CA LEU EA 103 -95.25 -17.41 85.14
C LEU EA 103 -95.13 -16.01 84.55
N LYS EA 104 -95.22 -15.00 85.40
CA LYS EA 104 -95.22 -13.60 84.96
C LYS EA 104 -93.80 -13.08 84.81
N PHE EA 105 -93.59 -12.28 83.76
CA PHE EA 105 -92.31 -11.64 83.56
C PHE EA 105 -92.10 -10.53 84.59
N SER EA 106 -91.03 -10.65 85.37
CA SER EA 106 -90.60 -9.60 86.29
C SER EA 106 -89.19 -9.17 85.91
N GLU EA 107 -88.96 -7.86 85.96
CA GLU EA 107 -87.72 -7.33 85.43
C GLU EA 107 -86.78 -6.83 86.52
N ASN EA 108 -87.24 -5.90 87.35
CA ASN EA 108 -86.38 -5.28 88.34
C ASN EA 108 -86.28 -6.07 89.63
N GLY EA 109 -87.36 -6.71 90.06
CA GLY EA 109 -87.44 -7.30 91.37
C GLY EA 109 -86.88 -8.70 91.44
N GLU EA 110 -87.30 -9.41 92.48
CA GLU EA 110 -86.82 -10.76 92.74
C GLU EA 110 -87.28 -11.72 91.66
N GLY EA 111 -86.54 -12.82 91.51
CA GLY EA 111 -86.87 -13.85 90.56
C GLY EA 111 -87.92 -14.82 91.06
N PHE EA 112 -87.68 -16.11 90.92
CA PHE EA 112 -88.57 -17.13 91.45
C PHE EA 112 -87.76 -18.36 91.84
N ASN EA 113 -88.34 -19.18 92.71
CA ASN EA 113 -87.72 -20.43 93.16
C ASN EA 113 -88.51 -21.60 92.61
N LEU EA 114 -87.93 -22.32 91.66
CA LEU EA 114 -88.68 -23.39 90.99
C LEU EA 114 -88.91 -24.58 91.92
N LEU EA 115 -87.87 -25.03 92.62
CA LEU EA 115 -88.02 -26.21 93.46
C LEU EA 115 -89.01 -25.98 94.59
N MET EA 116 -89.08 -24.75 95.10
CA MET EA 116 -90.08 -24.44 96.12
C MET EA 116 -91.46 -24.28 95.51
N LEU EA 117 -91.53 -23.79 94.27
CA LEU EA 117 -92.82 -23.50 93.67
C LEU EA 117 -93.47 -24.74 93.08
N ALA EA 118 -92.72 -25.83 92.92
CA ALA EA 118 -93.21 -27.01 92.21
C ALA EA 118 -93.59 -28.15 93.14
N GLN EA 119 -94.22 -27.87 94.27
CA GLN EA 119 -94.64 -28.93 95.18
C GLN EA 119 -96.09 -29.30 94.91
N THR EA 120 -96.32 -30.55 94.53
CA THR EA 120 -97.66 -31.08 94.36
C THR EA 120 -98.14 -31.69 95.67
N PRO EA 121 -99.45 -31.89 95.82
CA PRO EA 121 -99.94 -32.59 97.01
C PRO EA 121 -99.29 -33.95 97.22
N SER EA 122 -98.99 -34.65 96.13
CA SER EA 122 -98.29 -35.93 96.25
C SER EA 122 -96.89 -35.72 96.82
N ARG EA 123 -96.18 -34.69 96.36
CA ARG EA 123 -94.86 -34.41 96.92
C ARG EA 123 -94.95 -33.79 98.31
N LEU EA 124 -96.08 -33.16 98.64
CA LEU EA 124 -96.22 -32.57 99.97
C LEU EA 124 -96.15 -33.62 101.06
N LYS EA 125 -96.77 -34.78 100.84
CA LYS EA 125 -96.74 -35.85 101.83
C LYS EA 125 -95.32 -36.34 102.11
N LYS EA 126 -94.49 -36.43 101.08
CA LYS EA 126 -93.14 -36.94 101.25
C LYS EA 126 -92.26 -36.02 102.09
N GLY EA 127 -92.72 -34.79 102.37
CA GLY EA 127 -91.96 -33.84 103.14
C GLY EA 127 -91.66 -32.59 102.34
N SER EA 128 -90.79 -31.76 102.89
CA SER EA 128 -90.36 -30.54 102.19
C SER EA 128 -89.46 -30.94 101.03
N MET EA 129 -88.92 -29.95 100.31
CA MET EA 129 -87.99 -30.26 99.25
C MET EA 129 -86.75 -30.89 99.85
N THR EA 130 -86.26 -31.95 99.23
CA THR EA 130 -85.20 -32.73 99.84
C THR EA 130 -83.83 -32.19 99.41
N PHE EA 131 -82.79 -32.74 100.04
CA PHE EA 131 -81.45 -32.21 99.84
C PHE EA 131 -80.98 -32.39 98.41
N THR EA 132 -80.77 -33.63 97.97
CA THR EA 132 -80.08 -33.92 96.71
C THR EA 132 -80.95 -33.71 95.48
N ASP EA 133 -82.07 -33.02 95.59
CA ASP EA 133 -82.87 -32.68 94.42
C ASP EA 133 -82.05 -31.80 93.50
N SER EA 134 -81.83 -32.26 92.27
CA SER EA 134 -81.03 -31.52 91.30
C SER EA 134 -81.78 -31.44 89.98
N LEU EA 135 -81.76 -30.26 89.38
CA LEU EA 135 -82.41 -30.03 88.10
C LEU EA 135 -81.69 -30.76 86.98
N ASP EA 136 -82.42 -31.04 85.90
CA ASP EA 136 -81.88 -31.78 84.77
C ASP EA 136 -80.92 -30.92 83.96
N SER EA 137 -80.21 -31.55 83.02
CA SER EA 137 -79.33 -30.80 82.12
C SER EA 137 -80.08 -30.10 81.00
N ARG EA 138 -81.36 -30.39 80.79
CA ARG EA 138 -82.18 -29.65 79.84
C ARG EA 138 -83.26 -28.87 80.56
N ILE EA 139 -83.32 -27.58 80.28
CA ILE EA 139 -84.45 -26.73 80.65
C ILE EA 139 -84.80 -25.88 79.45
N ALA EA 140 -86.09 -25.85 79.08
CA ALA EA 140 -86.51 -25.13 77.88
C ALA EA 140 -87.88 -24.51 78.10
N LEU EA 141 -88.12 -23.42 77.37
CA LEU EA 141 -89.43 -22.78 77.38
C LEU EA 141 -90.46 -23.74 76.77
N LYS EA 142 -91.60 -23.87 77.43
CA LYS EA 142 -92.64 -24.77 76.90
C LYS EA 142 -93.66 -24.03 76.04
N GLN EA 143 -94.37 -23.07 76.63
CA GLN EA 143 -95.35 -22.28 75.92
C GLN EA 143 -95.18 -20.82 76.27
N LEU EA 144 -95.28 -19.95 75.27
CA LEU EA 144 -95.14 -18.52 75.46
C LEU EA 144 -96.48 -17.84 75.16
N LEU EA 145 -96.94 -17.01 76.07
CA LEU EA 145 -98.26 -16.39 75.99
C LEU EA 145 -98.09 -14.91 75.66
N ILE EA 146 -98.83 -14.44 74.65
CA ILE EA 146 -98.82 -13.04 74.27
C ILE EA 146 -100.25 -12.54 74.19
N SER EA 147 -100.41 -11.23 74.33
CA SER EA 147 -101.69 -10.57 74.20
C SER EA 147 -101.59 -9.51 73.12
N VAL EA 148 -102.51 -9.56 72.17
CA VAL EA 148 -102.62 -8.56 71.11
C VAL EA 148 -103.89 -7.74 71.37
N THR EA 149 -103.73 -6.42 71.44
CA THR EA 149 -104.84 -5.53 71.72
C THR EA 149 -104.93 -4.49 70.62
N LYS EA 150 -106.13 -4.29 70.10
CA LYS EA 150 -106.37 -3.32 69.04
C LYS EA 150 -107.80 -2.85 69.13
N GLY EA 151 -108.01 -1.59 69.52
CA GLY EA 151 -109.34 -1.04 69.67
C GLY EA 151 -110.00 -1.35 71.01
N GLY EA 152 -109.28 -1.97 71.94
CA GLY EA 152 -109.82 -2.31 73.24
C GLY EA 152 -110.18 -3.78 73.40
N THR EA 153 -110.27 -4.53 72.32
CA THR EA 153 -110.56 -5.95 72.40
C THR EA 153 -109.29 -6.72 72.73
N THR EA 154 -109.37 -7.61 73.70
CA THR EA 154 -108.23 -8.37 74.19
C THR EA 154 -108.31 -9.80 73.69
N GLU EA 155 -107.23 -10.28 73.09
CA GLU EA 155 -107.12 -11.66 72.61
C GLU EA 155 -105.87 -12.30 73.18
N LEU EA 156 -106.00 -13.56 73.61
CA LEU EA 156 -104.92 -14.29 74.23
C LEU EA 156 -104.44 -15.39 73.28
N PHE EA 157 -103.15 -15.34 72.94
CA PHE EA 157 -102.57 -16.24 71.94
C PHE EA 157 -101.56 -17.14 72.64
N ALA EA 158 -101.83 -18.44 72.63
CA ALA EA 158 -100.90 -19.42 73.21
C ALA EA 158 -99.97 -19.88 72.09
N LEU EA 159 -98.67 -19.62 72.25
CA LEU EA 159 -97.68 -19.99 71.26
C LEU EA 159 -96.80 -21.10 71.82
N ASP EA 160 -96.66 -22.19 71.08
CA ASP EA 160 -95.75 -23.26 71.45
C ASP EA 160 -94.35 -22.92 70.94
N VAL EA 161 -93.38 -22.87 71.84
CA VAL EA 161 -92.02 -22.48 71.50
C VAL EA 161 -91.08 -23.68 71.45
N ASN EA 162 -91.59 -24.88 71.69
CA ASN EA 162 -90.76 -26.06 71.54
C ASN EA 162 -90.44 -26.28 70.07
N ARG EA 163 -89.49 -27.17 69.81
CA ARG EA 163 -89.08 -27.51 68.46
C ARG EA 163 -88.54 -26.28 67.73
N ASP EA 164 -88.19 -25.25 68.48
CA ASP EA 164 -87.53 -24.08 67.91
C ASP EA 164 -86.04 -24.33 67.79
N GLN EA 165 -85.39 -23.57 66.90
CA GLN EA 165 -83.94 -23.68 66.77
C GLN EA 165 -83.25 -23.27 68.06
N TYR EA 166 -83.75 -22.23 68.72
CA TYR EA 166 -83.06 -21.65 69.87
C TYR EA 166 -84.02 -21.64 71.04
N ALA EA 167 -84.09 -22.76 71.78
CA ALA EA 167 -84.95 -22.78 72.96
C ALA EA 167 -84.31 -23.58 74.09
N ALA EA 168 -83.10 -24.09 73.89
CA ALA EA 168 -82.43 -24.92 74.87
C ALA EA 168 -81.38 -24.11 75.59
N TYR EA 169 -81.39 -24.19 76.92
CA TYR EA 169 -80.44 -23.42 77.72
C TYR EA 169 -79.01 -23.87 77.44
N THR EA 170 -78.07 -22.96 77.66
CA THR EA 170 -76.66 -23.19 77.34
C THR EA 170 -75.80 -22.90 78.56
N ALA EA 171 -74.66 -23.57 78.64
CA ALA EA 171 -73.74 -23.36 79.74
C ALA EA 171 -73.15 -21.96 79.70
N THR EA 172 -72.80 -21.44 80.88
CA THR EA 172 -72.27 -20.09 80.98
C THR EA 172 -70.76 -20.12 81.09
N ARG EA 173 -70.15 -18.93 81.17
CA ARG EA 173 -68.71 -18.85 81.34
C ARG EA 173 -68.32 -18.23 82.68
N GLU EA 174 -69.19 -17.45 83.29
CA GLU EA 174 -68.86 -16.80 84.55
C GLU EA 174 -69.71 -17.40 85.67
N TYR EA 175 -69.23 -17.20 86.89
CA TYR EA 175 -69.88 -17.60 88.14
C TYR EA 175 -69.77 -19.12 88.24
N ASN EA 176 -70.69 -19.78 88.93
CA ASN EA 176 -70.59 -21.19 89.25
C ASN EA 176 -70.75 -22.04 87.99
N PHE EA 177 -70.37 -23.31 88.11
CA PHE EA 177 -70.55 -24.27 87.03
C PHE EA 177 -71.98 -24.79 86.95
N ARG EA 178 -72.88 -24.28 87.80
CA ARG EA 178 -74.28 -24.68 87.77
C ARG EA 178 -75.20 -23.57 87.29
N LEU EA 179 -74.75 -22.73 86.34
CA LEU EA 179 -75.57 -21.69 85.77
C LEU EA 179 -75.84 -22.01 84.30
N MET EA 180 -77.10 -22.09 83.93
CA MET EA 180 -77.50 -22.28 82.54
C MET EA 180 -78.01 -20.97 81.97
N GLN EA 181 -77.54 -20.62 80.78
CA GLN EA 181 -77.84 -19.36 80.12
C GLN EA 181 -79.03 -19.55 79.19
N LEU EA 182 -79.85 -18.51 79.09
CA LEU EA 182 -80.95 -18.47 78.14
C LEU EA 182 -80.95 -17.13 77.42
N LYS EA 183 -80.70 -17.15 76.12
CA LYS EA 183 -80.76 -15.96 75.28
C LYS EA 183 -81.69 -16.29 74.13
N PHE EA 184 -82.99 -16.16 74.38
CA PHE EA 184 -84.03 -16.47 73.40
C PHE EA 184 -84.27 -15.20 72.61
N HIS EA 185 -83.84 -15.20 71.36
CA HIS EA 185 -83.98 -14.03 70.48
C HIS EA 185 -84.08 -14.51 69.04
N THR EA 186 -85.26 -14.36 68.46
CA THR EA 186 -85.52 -14.76 67.08
C THR EA 186 -86.85 -14.17 66.66
N SER EA 187 -87.33 -14.60 65.50
CA SER EA 187 -88.60 -14.18 64.94
C SER EA 187 -89.62 -15.28 65.15
N LEU EA 188 -90.74 -14.94 65.77
CA LEU EA 188 -91.83 -15.88 65.99
C LEU EA 188 -92.99 -15.52 65.07
N GLY EA 189 -93.47 -16.50 64.33
CA GLY EA 189 -94.49 -16.30 63.32
C GLY EA 189 -95.83 -16.87 63.74
N LEU EA 190 -96.90 -16.30 63.19
CA LEU EA 190 -98.26 -16.77 63.40
C LEU EA 190 -98.86 -17.16 62.07
N GLY EA 191 -99.57 -18.28 62.04
CA GLY EA 191 -100.23 -18.70 60.82
C GLY EA 191 -101.47 -17.89 60.51
N GLU EA 192 -101.84 -17.84 59.22
CA GLU EA 192 -103.10 -17.26 58.80
C GLU EA 192 -104.28 -18.10 59.27
N GLU EA 193 -104.01 -19.33 59.69
CA GLU EA 193 -105.04 -20.16 60.32
C GLU EA 193 -104.74 -20.37 61.80
N SER EA 194 -103.68 -19.76 62.32
CA SER EA 194 -103.28 -19.95 63.70
C SER EA 194 -104.44 -19.67 64.65
N THR EA 195 -104.66 -20.59 65.59
CA THR EA 195 -105.84 -20.52 66.44
C THR EA 195 -105.45 -20.04 67.84
N THR EA 196 -106.23 -19.08 68.34
CA THR EA 196 -106.07 -18.56 69.69
C THR EA 196 -106.93 -19.38 70.65
N VAL EA 197 -106.82 -19.07 71.94
CA VAL EA 197 -107.69 -19.75 72.88
C VAL EA 197 -108.98 -18.95 73.03
N ALA EA 198 -109.82 -19.01 72.00
CA ALA EA 198 -111.22 -18.61 72.08
C ALA EA 198 -112.04 -19.48 71.14
N GLY EA 199 -111.37 -20.41 70.47
CA GLY EA 199 -111.95 -21.11 69.34
C GLY EA 199 -111.92 -20.26 68.07
N ALA EA 200 -111.76 -20.94 66.94
CA ALA EA 200 -111.74 -20.31 65.63
C ALA EA 200 -110.66 -19.24 65.51
N GLU EA 201 -110.77 -18.39 64.50
CA GLU EA 201 -109.75 -17.37 64.23
C GLU EA 201 -109.86 -16.21 65.21
N SER EA 202 -108.85 -15.35 65.18
CA SER EA 202 -108.76 -14.23 66.11
C SER EA 202 -109.78 -13.15 65.80
N ALA EA 203 -110.02 -12.29 66.79
CA ALA EA 203 -110.97 -11.19 66.67
C ALA EA 203 -110.38 -9.93 66.06
N LEU EA 204 -109.06 -9.87 65.90
CA LEU EA 204 -108.42 -8.66 65.36
C LEU EA 204 -107.73 -8.89 64.03
N LEU EA 205 -107.57 -10.13 63.59
CA LEU EA 205 -106.78 -10.44 62.41
C LEU EA 205 -107.59 -11.06 61.29
N LYS EA 206 -108.81 -10.58 61.04
CA LYS EA 206 -109.54 -11.05 59.86
C LYS EA 206 -108.85 -10.65 58.57
N ASP EA 207 -108.41 -9.39 58.46
CA ASP EA 207 -107.98 -8.89 57.15
C ASP EA 207 -106.74 -9.61 56.64
N LEU EA 208 -105.70 -9.69 57.48
CA LEU EA 208 -104.45 -10.30 57.04
C LEU EA 208 -104.66 -11.76 56.65
N PHE EA 209 -105.49 -12.48 57.41
CA PHE EA 209 -105.70 -13.89 57.12
C PHE EA 209 -106.59 -14.07 55.89
N ASP EA 210 -107.63 -13.24 55.76
CA ASP EA 210 -108.54 -13.35 54.63
C ASP EA 210 -107.84 -13.04 53.31
N LEU EA 211 -106.97 -12.03 53.27
CA LEU EA 211 -106.14 -11.85 52.10
C LEU EA 211 -104.89 -12.72 52.14
N GLY EA 212 -104.84 -13.70 53.04
CA GLY EA 212 -103.82 -14.73 53.04
C GLY EA 212 -102.39 -14.31 53.37
N TYR EA 213 -102.20 -13.49 54.38
CA TYR EA 213 -100.85 -13.19 54.84
C TYR EA 213 -100.61 -13.76 56.23
N ARG EA 214 -99.33 -13.88 56.57
CA ARG EA 214 -98.88 -14.27 57.90
C ARG EA 214 -98.23 -13.09 58.59
N ILE EA 215 -98.03 -13.23 59.89
CA ILE EA 215 -97.42 -12.20 60.73
C ILE EA 215 -96.30 -12.84 61.53
N GLU EA 216 -95.18 -12.13 61.67
CA GLU EA 216 -94.09 -12.57 62.53
C GLU EA 216 -93.67 -11.43 63.44
N LEU EA 217 -93.20 -11.77 64.64
CA LEU EA 217 -92.83 -10.80 65.65
C LEU EA 217 -91.42 -11.10 66.14
N ASP EA 218 -90.69 -10.07 66.53
CA ASP EA 218 -89.39 -10.26 67.16
C ASP EA 218 -89.58 -10.32 68.67
N VAL EA 219 -89.05 -11.38 69.29
CA VAL EA 219 -89.19 -11.62 70.72
C VAL EA 219 -87.81 -11.71 71.33
N LYS EA 220 -87.61 -11.02 72.45
CA LYS EA 220 -86.34 -11.01 73.15
C LYS EA 220 -86.58 -11.42 74.59
N VAL EA 221 -86.14 -12.62 74.95
CA VAL EA 221 -86.32 -13.17 76.29
C VAL EA 221 -84.97 -13.62 76.82
N ASP EA 222 -84.60 -13.11 77.99
CA ASP EA 222 -83.33 -13.40 78.63
C ASP EA 222 -83.57 -13.71 80.10
N GLY EA 223 -82.62 -14.44 80.69
CA GLY EA 223 -82.71 -14.71 82.11
C GLY EA 223 -81.55 -15.55 82.61
N GLU EA 224 -81.56 -15.77 83.92
CA GLU EA 224 -80.61 -16.65 84.59
C GLU EA 224 -81.37 -17.75 85.29
N MET EA 225 -80.83 -18.97 85.23
CA MET EA 225 -81.43 -20.10 85.91
C MET EA 225 -80.33 -20.92 86.57
N ASN EA 226 -80.62 -21.45 87.75
CA ASN EA 226 -79.66 -22.24 88.52
C ASN EA 226 -80.09 -23.69 88.53
N VAL EA 227 -79.17 -24.60 88.27
CA VAL EA 227 -79.44 -26.02 88.36
C VAL EA 227 -78.98 -26.59 89.70
N GLU EA 228 -78.85 -25.74 90.71
CA GLU EA 228 -78.36 -26.16 92.01
C GLU EA 228 -79.34 -25.92 93.15
N ASN EA 229 -79.96 -24.75 93.21
CA ASN EA 229 -80.77 -24.39 94.38
C ASN EA 229 -82.12 -23.85 93.97
N GLY EA 230 -82.44 -23.90 92.68
CA GLY EA 230 -83.76 -23.51 92.23
C GLY EA 230 -84.01 -22.04 92.09
N ASN EA 231 -83.04 -21.18 92.39
CA ASN EA 231 -83.19 -19.76 92.15
C ASN EA 231 -83.15 -19.49 90.65
N GLY EA 232 -84.09 -18.68 90.17
CA GLY EA 232 -84.12 -18.34 88.75
C GLY EA 232 -84.84 -17.03 88.52
N ASP EA 233 -84.49 -16.39 87.40
CA ASP EA 233 -85.14 -15.16 86.98
C ASP EA 233 -85.06 -15.06 85.46
N THR EA 234 -86.13 -14.53 84.87
CA THR EA 234 -86.24 -14.38 83.43
C THR EA 234 -87.12 -13.17 83.15
N SER EA 235 -86.76 -12.40 82.13
CA SER EA 235 -87.45 -11.15 81.83
C SER EA 235 -87.64 -10.99 80.33
N LEU EA 236 -88.64 -10.19 79.96
CA LEU EA 236 -88.92 -9.89 78.56
C LEU EA 236 -88.30 -8.55 78.20
N ARG EA 237 -87.52 -8.51 77.13
CA ARG EA 237 -86.85 -7.28 76.72
C ARG EA 237 -87.54 -6.56 75.58
N ALA EA 238 -87.99 -7.28 74.56
CA ALA EA 238 -88.56 -6.62 73.40
C ALA EA 238 -89.59 -7.51 72.73
N LEU EA 239 -90.71 -6.91 72.33
CA LEU EA 239 -91.78 -7.60 71.61
C LEU EA 239 -92.44 -6.59 70.69
N ARG EA 240 -92.40 -6.86 69.38
CA ARG EA 240 -92.74 -5.84 68.40
C ARG EA 240 -92.93 -6.51 67.04
N LEU EA 241 -93.97 -6.10 66.33
CA LEU EA 241 -94.25 -6.68 65.01
C LEU EA 241 -93.22 -6.21 64.00
N ALA EA 242 -92.51 -7.17 63.41
CA ALA EA 242 -91.39 -6.87 62.52
C ALA EA 242 -91.79 -6.88 61.05
N ARG EA 243 -92.33 -7.99 60.56
CA ARG EA 243 -92.49 -8.16 59.11
C ARG EA 243 -93.76 -8.93 58.82
N VAL EA 244 -94.21 -8.84 57.56
CA VAL EA 244 -95.40 -9.53 57.07
C VAL EA 244 -95.03 -10.32 55.82
N PHE EA 245 -95.40 -11.60 55.81
CA PHE EA 245 -95.18 -12.47 54.67
C PHE EA 245 -96.43 -12.57 53.83
N ASP EA 246 -96.27 -13.02 52.60
CA ASP EA 246 -97.39 -13.29 51.69
C ASP EA 246 -97.45 -14.80 51.44
N LYS EA 247 -98.49 -15.23 50.71
CA LYS EA 247 -98.66 -16.66 50.44
C LYS EA 247 -97.42 -17.26 49.78
N GLU EA 248 -96.75 -16.50 48.93
CA GLU EA 248 -95.57 -17.00 48.23
C GLU EA 248 -94.31 -16.92 49.07
N GLY EA 249 -94.41 -16.52 50.34
CA GLY EA 249 -93.23 -16.41 51.18
C GLY EA 249 -92.34 -15.24 50.85
N LYS EA 250 -92.89 -14.18 50.28
CA LYS EA 250 -92.12 -12.98 49.98
C LYS EA 250 -92.61 -11.83 50.85
N GLU EA 251 -91.65 -10.99 51.24
CA GLU EA 251 -91.93 -9.90 52.18
C GLU EA 251 -92.83 -8.87 51.53
N ILE EA 252 -93.80 -8.38 52.29
CA ILE EA 252 -94.68 -7.29 51.88
C ILE EA 252 -94.47 -6.14 52.84
N ALA EA 253 -94.09 -4.98 52.30
CA ALA EA 253 -93.69 -3.86 53.13
C ALA EA 253 -94.81 -3.42 54.06
N LEU EA 254 -94.46 -3.14 55.32
CA LEU EA 254 -95.45 -2.70 56.29
C LEU EA 254 -96.14 -1.43 55.86
N THR EA 255 -95.49 -0.58 55.07
CA THR EA 255 -96.06 0.68 54.62
C THR EA 255 -96.94 0.53 53.39
N ASP EA 256 -97.07 -0.69 52.87
CA ASP EA 256 -98.00 -0.92 51.77
C ASP EA 256 -99.42 -0.64 52.21
N SER EA 257 -100.24 -0.16 51.27
CA SER EA 257 -101.61 0.25 51.58
C SER EA 257 -102.38 -0.86 52.27
N ARG EA 258 -102.33 -2.08 51.70
CA ARG EA 258 -103.16 -3.16 52.22
C ARG EA 258 -102.76 -3.53 53.65
N VAL EA 259 -101.46 -3.69 53.90
CA VAL EA 259 -101.01 -4.06 55.22
C VAL EA 259 -101.17 -2.90 56.19
N SER EA 260 -100.79 -1.69 55.75
CA SER EA 260 -100.80 -0.54 56.66
C SER EA 260 -102.21 -0.22 57.12
N ALA EA 261 -103.19 -0.32 56.22
CA ALA EA 261 -104.57 -0.02 56.60
C ALA EA 261 -105.07 -1.00 57.67
N ALA EA 262 -104.67 -2.28 57.56
CA ALA EA 262 -105.21 -3.28 58.46
C ALA EA 262 -104.49 -3.31 59.80
N LEU EA 263 -103.21 -2.92 59.84
CA LEU EA 263 -102.42 -3.07 61.05
C LEU EA 263 -102.59 -1.94 62.05
N SER EA 264 -103.41 -0.94 61.75
CA SER EA 264 -103.58 0.20 62.64
C SER EA 264 -104.12 -0.25 63.99
N GLY EA 265 -103.67 0.39 65.06
CA GLY EA 265 -104.12 0.08 66.39
C GLY EA 265 -103.45 -1.11 67.05
N LEU EA 266 -102.41 -1.67 66.43
CA LEU EA 266 -101.76 -2.86 66.94
C LEU EA 266 -100.97 -2.55 68.21
N THR EA 267 -101.05 -3.44 69.19
CA THR EA 267 -100.22 -3.39 70.37
C THR EA 267 -100.09 -4.80 70.94
N VAL EA 268 -98.86 -5.31 70.97
CA VAL EA 268 -98.58 -6.65 71.46
C VAL EA 268 -97.72 -6.54 72.71
N THR EA 269 -98.20 -7.12 73.81
CA THR EA 269 -97.53 -7.02 75.09
C THR EA 269 -97.37 -8.41 75.69
N GLY EA 270 -96.19 -8.66 76.26
CA GLY EA 270 -95.92 -9.93 76.91
C GLY EA 270 -96.66 -10.02 78.24
N VAL EA 271 -97.20 -11.20 78.52
CA VAL EA 271 -97.96 -11.46 79.73
C VAL EA 271 -97.27 -12.51 80.60
N GLY EA 272 -96.76 -13.57 80.00
CA GLY EA 272 -96.16 -14.62 80.78
C GLY EA 272 -95.69 -15.76 79.92
N TYR EA 273 -95.24 -16.83 80.59
CA TYR EA 273 -94.68 -17.97 79.90
C TYR EA 273 -94.82 -19.21 80.77
N SER EA 274 -94.42 -20.34 80.21
CA SER EA 274 -94.39 -21.61 80.92
C SER EA 274 -93.06 -22.30 80.66
N LEU EA 275 -92.63 -23.11 81.61
CA LEU EA 275 -91.36 -23.81 81.54
C LEU EA 275 -91.57 -25.30 81.72
N GLU EA 276 -90.69 -26.09 81.11
CA GLU EA 276 -90.63 -27.53 81.34
C GLU EA 276 -89.22 -27.88 81.80
N ALA EA 277 -89.13 -28.63 82.90
CA ALA EA 277 -87.85 -29.03 83.47
C ALA EA 277 -88.12 -30.13 84.48
N ARG EA 278 -87.35 -31.21 84.38
CA ARG EA 278 -87.65 -32.42 85.12
C ARG EA 278 -86.67 -32.60 86.26
N LEU EA 279 -87.22 -32.87 87.44
CA LEU EA 279 -86.41 -33.09 88.63
C LEU EA 279 -85.65 -34.40 88.49
N THR EA 280 -84.34 -34.31 88.31
CA THR EA 280 -83.49 -35.48 88.07
C THR EA 280 -83.29 -36.21 89.37
N ASN EA 281 -84.04 -37.29 89.56
CA ASN EA 281 -83.89 -38.15 90.73
C ASN EA 281 -82.64 -39.02 90.58
N ILE EA 282 -81.55 -38.58 91.20
CA ILE EA 282 -80.39 -39.46 91.32
C ILE EA 282 -80.74 -40.64 92.22
N ASN EA 283 -81.72 -40.47 93.10
CA ASN EA 283 -82.10 -41.47 94.08
C ASN EA 283 -83.61 -41.70 94.18
N GLN EA 284 -84.36 -41.37 93.12
CA GLN EA 284 -85.69 -41.95 92.89
C GLN EA 284 -86.78 -41.68 93.92
N LEU EA 285 -87.27 -40.44 94.03
CA LEU EA 285 -88.60 -40.22 94.59
C LEU EA 285 -89.72 -40.86 93.78
N GLU EA 286 -89.55 -41.01 92.47
CA GLU EA 286 -90.67 -41.25 91.57
C GLU EA 286 -91.23 -42.67 91.74
N MET EA 287 -92.49 -42.83 91.31
CA MET EA 287 -93.16 -44.11 91.27
C MET EA 287 -93.26 -44.72 89.89
N GLY EA 288 -92.89 -44.00 88.84
CA GLY EA 288 -92.97 -44.50 87.48
C GLY EA 288 -94.30 -45.15 87.14
N LEU EA 289 -94.26 -46.18 86.30
CA LEU EA 289 -95.42 -47.00 86.01
C LEU EA 289 -95.07 -48.45 86.31
N LEU EA 290 -96.00 -49.15 86.96
CA LEU EA 290 -95.71 -50.46 87.55
C LEU EA 290 -96.02 -51.59 86.59
N ILE EA 291 -95.46 -52.76 86.87
CA ILE EA 291 -95.71 -53.98 86.12
C ILE EA 291 -96.04 -55.08 87.10
N ASP EA 292 -97.14 -55.79 86.85
CA ASP EA 292 -97.58 -56.89 87.70
C ASP EA 292 -98.19 -57.94 86.78
N SER EA 293 -98.35 -59.16 87.31
CA SER EA 293 -98.88 -60.26 86.53
C SER EA 293 -99.82 -61.10 87.38
N ASP EA 294 -100.92 -61.54 86.79
CA ASP EA 294 -101.87 -62.41 87.47
C ASP EA 294 -102.40 -63.45 86.47
N VAL EA 295 -103.33 -64.28 86.94
CA VAL EA 295 -103.82 -65.41 86.17
C VAL EA 295 -105.34 -65.48 86.28
N GLN EA 296 -105.98 -65.85 85.18
CA GLN EA 296 -107.40 -66.20 85.15
C GLN EA 296 -107.51 -67.67 84.77
N LYS EA 297 -108.54 -68.34 85.30
CA LYS EA 297 -108.77 -69.75 85.01
C LYS EA 297 -110.20 -69.96 84.54
N GLN EA 298 -110.41 -70.97 83.71
CA GLN EA 298 -111.72 -71.25 83.13
C GLN EA 298 -112.05 -72.72 83.28
N GLY EA 299 -113.33 -73.03 83.43
CA GLY EA 299 -113.79 -74.39 83.69
C GLY EA 299 -114.53 -74.98 82.50
N PHE EA 300 -114.07 -76.13 82.05
CA PHE EA 300 -114.58 -76.80 80.85
C PHE EA 300 -114.92 -78.24 81.20
N MET EA 301 -116.21 -78.58 81.16
CA MET EA 301 -116.69 -79.90 81.54
C MET EA 301 -117.55 -80.50 80.44
N ILE EA 302 -117.85 -81.78 80.58
CA ILE EA 302 -118.35 -82.61 79.47
C ILE EA 302 -119.73 -83.16 79.82
N PRO EA 303 -120.70 -83.05 78.93
CA PRO EA 303 -122.05 -83.56 79.19
C PRO EA 303 -122.28 -84.98 78.66
N THR EA 304 -123.52 -85.45 78.85
CA THR EA 304 -124.01 -86.67 78.20
C THR EA 304 -124.97 -86.30 77.08
N LEU EA 305 -125.31 -87.28 76.25
CA LEU EA 305 -126.20 -87.09 75.11
C LEU EA 305 -127.25 -88.19 75.06
N PRO EA 306 -128.32 -88.01 74.28
CA PRO EA 306 -129.32 -89.07 74.16
C PRO EA 306 -128.72 -90.31 73.52
N PRO EA 307 -129.24 -91.49 73.86
CA PRO EA 307 -128.66 -92.74 73.36
C PRO EA 307 -129.27 -93.23 72.06
N LEU EA 308 -128.58 -94.19 71.45
CA LEU EA 308 -129.04 -94.85 70.24
C LEU EA 308 -129.13 -96.36 70.52
N VAL EA 309 -130.18 -97.00 70.01
CA VAL EA 309 -130.47 -98.38 70.37
C VAL EA 309 -131.10 -99.13 69.19
N ILE EA 310 -130.74 -100.39 69.04
CA ILE EA 310 -131.36 -101.31 68.09
C ILE EA 310 -132.08 -102.38 68.89
N VAL EA 311 -133.20 -102.87 68.36
CA VAL EA 311 -134.07 -103.81 69.07
C VAL EA 311 -134.31 -105.02 68.18
N LYS EA 312 -134.38 -106.20 68.81
CA LYS EA 312 -134.60 -107.45 68.11
C LYS EA 312 -135.25 -108.44 69.06
N PRO EA 313 -136.10 -109.33 68.56
CA PRO EA 313 -136.55 -110.46 69.38
C PRO EA 313 -135.36 -111.28 69.86
N ALA EA 314 -135.40 -111.68 71.12
CA ALA EA 314 -134.27 -112.35 71.77
C ALA EA 314 -134.45 -113.87 71.77
N MET EA 315 -134.66 -114.43 70.57
CA MET EA 315 -134.69 -115.88 70.41
C MET EA 315 -133.85 -116.33 69.22
N VAL EA 316 -133.62 -115.43 68.27
CA VAL EA 316 -132.96 -115.75 67.01
C VAL EA 316 -132.02 -114.60 66.66
N GLU EA 317 -130.88 -114.92 66.06
CA GLU EA 317 -129.96 -113.92 65.55
C GLU EA 317 -130.12 -113.78 64.04
N ASP EA 318 -130.03 -112.55 63.55
CA ASP EA 318 -130.25 -112.23 62.14
C ASP EA 318 -129.09 -111.38 61.64
N ASP EA 319 -128.95 -111.34 60.32
CA ASP EA 319 -128.02 -110.44 59.65
C ASP EA 319 -128.73 -109.54 58.65
N LYS EA 320 -130.06 -109.66 58.55
CA LYS EA 320 -130.83 -108.96 57.54
C LYS EA 320 -131.75 -107.91 58.18
N THR EA 321 -132.63 -108.36 59.08
CA THR EA 321 -133.39 -107.43 59.89
C THR EA 321 -132.54 -106.81 60.99
N TYR EA 322 -131.53 -107.53 61.45
CA TYR EA 322 -130.65 -107.07 62.51
C TYR EA 322 -129.29 -106.80 61.91
N PRO EA 323 -129.01 -105.57 61.47
CA PRO EA 323 -127.67 -105.26 60.98
C PRO EA 323 -126.65 -105.32 62.10
N ARG EA 324 -125.41 -105.62 61.73
CA ARG EA 324 -124.33 -105.73 62.70
C ARG EA 324 -124.11 -104.42 63.44
N LEU EA 325 -123.26 -104.46 64.47
CA LEU EA 325 -122.97 -103.28 65.28
C LEU EA 325 -122.39 -102.15 64.45
N GLU EA 326 -121.81 -102.50 63.28
CA GLU EA 326 -121.26 -101.49 62.40
C GLU EA 326 -122.31 -100.45 62.03
N ALA EA 327 -123.57 -100.86 61.94
CA ALA EA 327 -124.64 -99.90 61.67
C ALA EA 327 -124.73 -98.84 62.76
N LEU EA 328 -124.72 -99.28 64.02
CA LEU EA 328 -124.74 -98.32 65.12
C LEU EA 328 -123.49 -97.45 65.12
N THR EA 329 -122.34 -98.04 64.83
CA THR EA 329 -121.10 -97.25 64.81
C THR EA 329 -121.16 -96.16 63.75
N THR EA 330 -121.65 -96.50 62.55
CA THR EA 330 -121.76 -95.51 61.50
C THR EA 330 -122.78 -94.43 61.86
N ALA EA 331 -123.91 -94.84 62.43
CA ALA EA 331 -124.90 -93.84 62.85
C ALA EA 331 -124.30 -92.88 63.86
N TYR EA 332 -123.56 -93.40 64.83
CA TYR EA 332 -122.93 -92.54 65.82
C TYR EA 332 -121.92 -91.60 65.17
N ARG EA 333 -121.04 -92.13 64.32
CA ARG EA 333 -120.03 -91.28 63.71
C ARG EA 333 -120.67 -90.14 62.93
N ILE EA 334 -121.66 -90.47 62.10
CA ILE EA 334 -122.28 -89.43 61.29
C ILE EA 334 -122.99 -88.40 62.18
N GLN EA 335 -123.81 -88.87 63.12
CA GLN EA 335 -124.58 -87.94 63.95
C GLN EA 335 -123.66 -87.02 64.72
N GLN EA 336 -122.62 -87.57 65.33
CA GLN EA 336 -121.70 -86.74 66.09
C GLN EA 336 -120.96 -85.78 65.19
N MET EA 337 -120.18 -86.30 64.25
CA MET EA 337 -119.11 -85.51 63.64
C MET EA 337 -119.54 -84.87 62.33
N ARG EA 338 -120.83 -84.93 61.98
CA ARG EA 338 -121.37 -84.12 60.90
C ARG EA 338 -122.36 -83.09 61.41
N ASN EA 339 -123.46 -83.54 62.02
CA ASN EA 339 -124.55 -82.62 62.31
C ASN EA 339 -124.20 -81.68 63.45
N ASN EA 340 -123.63 -82.23 64.52
CA ASN EA 340 -123.24 -81.38 65.63
C ASN EA 340 -122.14 -80.39 65.22
N ALA EA 341 -121.19 -80.82 64.39
CA ALA EA 341 -120.15 -79.91 63.93
C ALA EA 341 -120.75 -78.74 63.15
N VAL EA 342 -121.62 -79.05 62.19
CA VAL EA 342 -122.22 -77.98 61.40
C VAL EA 342 -123.04 -77.04 62.28
N THR EA 343 -123.86 -77.62 63.16
CA THR EA 343 -124.72 -76.79 64.01
C THR EA 343 -123.88 -75.90 64.92
N THR EA 344 -122.82 -76.45 65.50
CA THR EA 344 -121.99 -75.66 66.39
C THR EA 344 -121.31 -74.52 65.64
N LEU EA 345 -120.79 -74.79 64.44
CA LEU EA 345 -120.14 -73.73 63.69
C LEU EA 345 -121.11 -72.61 63.34
N LEU EA 346 -122.30 -72.97 62.85
CA LEU EA 346 -123.27 -71.94 62.47
C LEU EA 346 -123.78 -71.19 63.70
N ASN EA 347 -124.01 -71.90 64.80
CA ASN EA 347 -124.47 -71.24 66.01
C ASN EA 347 -123.43 -70.26 66.53
N ARG EA 348 -122.15 -70.66 66.50
CA ARG EA 348 -121.08 -69.75 66.89
C ARG EA 348 -121.07 -68.52 65.99
N ALA EA 349 -121.23 -68.72 64.68
CA ALA EA 349 -121.26 -67.58 63.77
C ALA EA 349 -122.39 -66.63 64.11
N ASP EA 350 -123.59 -67.15 64.34
CA ASP EA 350 -124.74 -66.30 64.62
C ASP EA 350 -124.58 -65.56 65.94
N THR EA 351 -124.06 -66.27 66.96
CA THR EA 351 -123.86 -65.63 68.25
C THR EA 351 -122.85 -64.49 68.14
N LEU EA 352 -121.78 -64.70 67.38
CA LEU EA 352 -120.81 -63.64 67.17
C LEU EA 352 -121.46 -62.46 66.47
N LYS EA 353 -122.27 -62.74 65.44
CA LYS EA 353 -123.03 -61.69 64.78
C LYS EA 353 -123.82 -60.86 65.78
N SER EA 354 -124.57 -61.54 66.65
CA SER EA 354 -125.44 -60.82 67.58
C SER EA 354 -124.65 -60.00 68.57
N TYR EA 355 -123.59 -60.58 69.15
CA TYR EA 355 -122.88 -59.89 70.22
C TYR EA 355 -121.98 -58.79 69.70
N LEU EA 356 -121.50 -58.90 68.47
CA LEU EA 356 -120.37 -58.11 68.01
C LEU EA 356 -120.77 -56.95 67.09
N GLY EA 357 -121.70 -57.17 66.17
CA GLY EA 357 -121.94 -56.20 65.12
C GLY EA 357 -121.01 -56.46 63.94
N VAL EA 358 -121.26 -55.79 62.82
CA VAL EA 358 -120.53 -56.06 61.58
C VAL EA 358 -119.53 -54.94 61.33
N GLY EA 359 -118.26 -55.29 61.26
CA GLY EA 359 -117.22 -54.37 60.79
C GLY EA 359 -116.55 -53.54 61.85
N VAL EA 360 -116.77 -53.81 63.14
CA VAL EA 360 -116.22 -53.00 64.21
C VAL EA 360 -115.53 -53.89 65.23
N PRO EA 361 -114.22 -53.79 65.42
CA PRO EA 361 -113.54 -54.53 66.49
C PRO EA 361 -113.66 -53.81 67.82
N HIS EA 362 -113.18 -54.47 68.87
CA HIS EA 362 -113.20 -53.92 70.22
C HIS EA 362 -111.87 -54.15 70.92
N PRO EA 363 -111.55 -53.36 71.94
CA PRO EA 363 -110.27 -53.56 72.62
C PRO EA 363 -110.24 -54.87 73.40
N ILE EA 364 -109.03 -55.39 73.58
CA ILE EA 364 -108.85 -56.65 74.30
C ILE EA 364 -109.19 -56.46 75.78
N GLU EA 365 -109.34 -57.59 76.48
CA GLU EA 365 -109.52 -57.60 77.93
C GLU EA 365 -110.78 -56.88 78.36
N SER EA 366 -111.61 -56.45 77.41
CA SER EA 366 -112.77 -55.65 77.74
C SER EA 366 -114.08 -56.42 77.61
N ASN EA 367 -114.14 -57.46 76.79
CA ASN EA 367 -115.36 -58.21 76.59
C ASN EA 367 -115.32 -59.48 77.43
N LEU EA 368 -116.45 -59.79 78.08
CA LEU EA 368 -116.58 -61.05 78.78
C LEU EA 368 -117.85 -61.81 78.43
N GLY EA 369 -118.82 -61.20 77.78
CA GLY EA 369 -120.04 -61.87 77.38
C GLY EA 369 -119.90 -62.74 76.15
N LEU EA 370 -118.69 -62.93 75.64
CA LEU EA 370 -118.43 -63.77 74.49
C LEU EA 370 -117.72 -65.03 74.93
N GLU EA 371 -117.81 -66.06 74.08
CA GLU EA 371 -117.18 -67.33 74.37
C GLU EA 371 -115.67 -67.22 74.24
N GLY EA 372 -114.97 -68.27 74.65
CA GLY EA 372 -113.57 -68.42 74.33
C GLY EA 372 -112.60 -67.65 75.19
N VAL EA 373 -111.33 -68.04 75.15
CA VAL EA 373 -110.27 -67.39 75.90
C VAL EA 373 -109.31 -66.63 75.00
N GLY EA 374 -109.43 -66.77 73.68
CA GLY EA 374 -108.61 -65.97 72.78
C GLY EA 374 -108.84 -64.49 72.93
N GLN EA 375 -109.96 -64.10 73.55
CA GLN EA 375 -110.22 -62.70 73.84
C GLN EA 375 -109.19 -62.11 74.80
N TYR EA 376 -108.24 -62.91 75.27
CA TYR EA 376 -107.13 -62.40 76.07
C TYR EA 376 -105.92 -62.04 75.23
N TYR EA 377 -105.94 -62.32 73.92
CA TYR EA 377 -104.79 -62.10 73.06
C TYR EA 377 -105.09 -61.35 71.79
N VAL EA 378 -106.29 -61.48 71.22
CA VAL EA 378 -106.61 -60.88 69.94
C VAL EA 378 -107.88 -60.05 70.08
N ARG EA 379 -107.95 -58.96 69.34
CA ARG EA 379 -109.17 -58.16 69.33
C ARG EA 379 -110.25 -58.91 68.57
N PRO EA 380 -111.39 -59.19 69.19
CA PRO EA 380 -112.46 -59.89 68.48
C PRO EA 380 -112.95 -59.09 67.29
N TYR EA 381 -113.18 -59.80 66.18
CA TYR EA 381 -113.59 -59.14 64.95
C TYR EA 381 -114.34 -60.11 64.06
N TYR EA 382 -115.41 -59.63 63.46
CA TYR EA 382 -116.22 -60.40 62.53
C TYR EA 382 -116.63 -59.51 61.37
N ASN EA 383 -116.60 -60.07 60.16
CA ASN EA 383 -116.99 -59.33 58.97
C ASN EA 383 -117.51 -60.30 57.93
N GLU EA 384 -118.40 -59.81 57.07
CA GLU EA 384 -118.98 -60.62 56.01
C GLU EA 384 -119.22 -59.77 54.77
N ALA EA 385 -119.31 -60.42 53.63
CA ALA EA 385 -119.59 -59.76 52.36
C ALA EA 385 -120.31 -60.73 51.43
N THR EA 386 -121.03 -60.17 50.47
CA THR EA 386 -121.79 -60.94 49.50
C THR EA 386 -121.34 -60.56 48.09
N ILE EA 387 -121.03 -61.55 47.28
CA ILE EA 387 -120.55 -61.33 45.92
C ILE EA 387 -121.70 -61.64 44.96
N ASP EA 388 -122.11 -60.66 44.17
CA ASP EA 388 -123.12 -60.85 43.14
C ASP EA 388 -122.42 -61.10 41.82
N VAL EA 389 -122.03 -62.34 41.59
CA VAL EA 389 -121.16 -62.67 40.46
C VAL EA 389 -121.88 -62.43 39.14
N LEU EA 390 -123.20 -62.21 39.20
CA LEU EA 390 -123.94 -61.94 37.98
C LEU EA 390 -123.54 -60.59 37.38
N ASN EA 391 -123.31 -59.59 38.23
CA ASN EA 391 -123.03 -58.24 37.76
C ASN EA 391 -121.64 -57.76 38.12
N ASP EA 392 -120.71 -58.67 38.40
CA ASP EA 392 -119.38 -58.28 38.85
C ASP EA 392 -118.31 -59.10 38.15
N LEU EA 393 -118.38 -59.17 36.83
CA LEU EA 393 -117.37 -59.87 36.04
C LEU EA 393 -117.11 -59.07 34.77
N ASN EA 394 -115.89 -58.55 34.64
CA ASN EA 394 -115.49 -57.90 33.40
C ASN EA 394 -114.72 -58.89 32.55
N ASN EA 395 -115.35 -59.35 31.47
CA ASN EA 395 -114.77 -60.36 30.61
C ASN EA 395 -114.95 -59.95 29.16
N LEU EA 396 -114.06 -60.45 28.31
CA LEU EA 396 -114.15 -60.20 26.88
C LEU EA 396 -114.24 -61.48 26.06
N THR EA 397 -113.47 -62.50 26.40
CA THR EA 397 -113.45 -63.74 25.65
C THR EA 397 -114.04 -64.85 26.50
N SER EA 398 -115.04 -65.53 25.96
CA SER EA 398 -115.64 -66.66 26.65
C SER EA 398 -114.63 -67.78 26.89
N ALA EA 399 -113.53 -67.80 26.15
CA ALA EA 399 -112.51 -68.82 26.35
C ALA EA 399 -111.83 -68.69 27.70
N ALA EA 400 -112.03 -67.57 28.40
CA ALA EA 400 -111.43 -67.35 29.70
C ALA EA 400 -112.43 -66.88 30.76
N LYS EA 401 -113.72 -67.13 30.56
CA LYS EA 401 -114.72 -66.67 31.51
C LYS EA 401 -114.52 -67.29 32.89
N GLN EA 402 -114.21 -68.59 32.93
CA GLN EA 402 -114.00 -69.27 34.20
C GLN EA 402 -112.88 -68.62 35.00
N THR EA 403 -111.80 -68.22 34.32
CA THR EA 403 -110.71 -67.54 35.00
C THR EA 403 -111.16 -66.25 35.64
N ASP EA 404 -111.99 -65.47 34.95
CA ASP EA 404 -112.48 -64.23 35.51
C ASP EA 404 -113.36 -64.50 36.73
N ILE EA 405 -114.28 -65.47 36.60
CA ILE EA 405 -115.14 -65.85 37.72
C ILE EA 405 -114.29 -66.20 38.93
N GLN EA 406 -113.24 -66.96 38.71
CA GLN EA 406 -112.46 -67.50 39.81
C GLN EA 406 -111.56 -66.43 40.43
N GLY EA 407 -111.00 -65.55 39.58
CA GLY EA 407 -110.20 -64.47 40.09
C GLY EA 407 -110.99 -63.51 40.96
N LEU EA 408 -112.27 -63.33 40.64
CA LEU EA 408 -113.13 -62.52 41.51
C LEU EA 408 -113.12 -63.05 42.94
N ILE EA 409 -113.39 -64.34 43.12
CA ILE EA 409 -113.47 -64.90 44.46
C ILE EA 409 -112.11 -64.87 45.13
N VAL EA 410 -111.05 -65.19 44.39
CA VAL EA 410 -109.72 -65.20 45.01
C VAL EA 410 -109.34 -63.81 45.50
N SER EA 411 -109.60 -62.78 44.69
CA SER EA 411 -109.29 -61.43 45.13
C SER EA 411 -110.09 -61.03 46.35
N LYS EA 412 -111.40 -61.34 46.36
CA LYS EA 412 -112.21 -60.97 47.51
C LYS EA 412 -111.73 -61.67 48.77
N ILE EA 413 -111.37 -62.95 48.67
CA ILE EA 413 -110.92 -63.66 49.87
C ILE EA 413 -109.57 -63.12 50.33
N ASN EA 414 -108.72 -62.71 49.39
CA ASN EA 414 -107.48 -62.03 49.79
C ASN EA 414 -107.80 -60.81 50.63
N GLU EA 415 -108.72 -59.96 50.16
CA GLU EA 415 -109.05 -58.76 50.90
C GLU EA 415 -109.61 -59.10 52.27
N MET EA 416 -110.51 -60.09 52.32
CA MET EA 416 -111.18 -60.39 53.57
C MET EA 416 -110.20 -60.92 54.61
N VAL EA 417 -109.26 -61.78 54.21
CA VAL EA 417 -108.28 -62.29 55.15
C VAL EA 417 -107.37 -61.16 55.63
N TYR EA 418 -106.95 -60.30 54.70
CA TYR EA 418 -106.06 -59.20 55.07
C TYR EA 418 -106.72 -58.29 56.09
N THR EA 419 -108.05 -58.15 55.99
CA THR EA 419 -108.76 -57.31 56.95
C THR EA 419 -108.57 -57.80 58.38
N ALA EA 420 -108.77 -59.11 58.60
CA ALA EA 420 -108.56 -59.66 59.92
C ALA EA 420 -107.09 -59.56 60.33
N ASP EA 421 -106.19 -59.86 59.40
CA ASP EA 421 -104.76 -59.81 59.72
C ASP EA 421 -104.36 -58.42 60.19
N GLN EA 422 -105.01 -57.38 59.66
CA GLN EA 422 -104.71 -56.03 60.12
C GLN EA 422 -105.41 -55.73 61.44
N LEU EA 423 -106.70 -55.97 61.52
CA LEU EA 423 -107.49 -55.44 62.64
C LEU EA 423 -107.26 -56.20 63.93
N THR EA 424 -106.89 -57.48 63.87
CA THR EA 424 -106.77 -58.23 65.11
C THR EA 424 -105.35 -58.25 65.68
N GLY EA 425 -104.35 -57.92 64.86
CA GLY EA 425 -102.98 -58.09 65.30
C GLY EA 425 -102.62 -59.55 65.47
N TYR EA 426 -103.12 -60.40 64.58
CA TYR EA 426 -102.99 -61.84 64.75
C TYR EA 426 -101.52 -62.27 64.77
N THR EA 427 -100.70 -61.71 63.88
CA THR EA 427 -99.29 -62.08 63.85
C THR EA 427 -98.61 -61.71 65.16
N ALA EA 428 -98.98 -60.57 65.75
CA ALA EA 428 -98.42 -60.21 67.04
C ALA EA 428 -98.79 -61.24 68.10
N ALA EA 429 -100.02 -61.72 68.09
CA ALA EA 429 -100.40 -62.76 69.04
C ALA EA 429 -99.60 -64.04 68.82
N LEU EA 430 -99.41 -64.43 67.57
CA LEU EA 430 -98.68 -65.66 67.29
C LEU EA 430 -97.23 -65.55 67.73
N GLU EA 431 -96.60 -64.40 67.53
CA GLU EA 431 -95.22 -64.25 67.97
C GLU EA 431 -95.14 -64.11 69.47
N ALA EA 432 -96.21 -63.62 70.11
CA ALA EA 432 -96.23 -63.53 71.56
C ALA EA 432 -96.32 -64.89 72.21
N ALA EA 433 -97.25 -65.72 71.74
CA ALA EA 433 -97.44 -67.03 72.36
C ALA EA 433 -96.24 -67.94 72.13
N PHE EA 434 -95.66 -67.89 70.93
CA PHE EA 434 -94.56 -68.77 70.55
C PHE EA 434 -93.31 -67.93 70.36
N SER EA 435 -92.25 -68.29 71.08
CA SER EA 435 -90.98 -67.57 71.02
C SER EA 435 -89.96 -68.40 70.28
N GLY EA 436 -89.12 -67.74 69.49
CA GLY EA 436 -88.11 -68.42 68.72
C GLY EA 436 -88.58 -68.98 67.40
N ARG EA 437 -89.87 -68.87 67.10
CA ARG EA 437 -90.41 -69.30 65.81
C ARG EA 437 -91.60 -68.40 65.47
N SER EA 438 -91.52 -67.80 64.29
CA SER EA 438 -92.57 -66.90 63.83
C SER EA 438 -93.38 -67.59 62.75
N PRO EA 439 -94.55 -68.13 63.06
CA PRO EA 439 -95.34 -68.80 62.03
C PRO EA 439 -96.06 -67.78 61.16
N LYS EA 440 -96.65 -68.28 60.09
CA LYS EA 440 -97.51 -67.48 59.25
C LYS EA 440 -98.94 -67.94 59.44
N PRO EA 441 -99.90 -67.03 59.47
CA PRO EA 441 -101.28 -67.42 59.72
C PRO EA 441 -101.76 -68.45 58.70
N HIS EA 442 -102.42 -69.49 59.19
CA HIS EA 442 -102.98 -70.55 58.37
C HIS EA 442 -104.46 -70.27 58.16
N VAL EA 443 -104.82 -69.88 56.94
CA VAL EA 443 -106.21 -69.63 56.62
C VAL EA 443 -106.88 -70.97 56.28
N ALA EA 444 -107.99 -71.24 56.95
CA ALA EA 444 -108.75 -72.47 56.73
C ALA EA 444 -109.98 -72.15 55.90
N ILE EA 445 -110.20 -72.91 54.84
CA ILE EA 445 -111.25 -72.65 53.88
C ILE EA 445 -112.29 -73.76 54.03
N GLY EA 446 -113.47 -73.43 54.53
CA GLY EA 446 -114.55 -74.37 54.65
C GLY EA 446 -115.67 -74.04 53.67
N THR EA 447 -116.13 -75.05 52.96
CA THR EA 447 -117.14 -74.84 51.94
C THR EA 447 -117.79 -76.17 51.60
N ASP EA 448 -118.92 -76.09 50.89
CA ASP EA 448 -119.56 -77.28 50.35
C ASP EA 448 -118.78 -77.74 49.12
N MET EA 449 -119.18 -78.87 48.53
CA MET EA 449 -118.44 -79.43 47.41
C MET EA 449 -118.81 -78.82 46.07
N ARG EA 450 -119.56 -77.71 46.06
CA ARG EA 450 -119.87 -77.03 44.81
C ARG EA 450 -118.78 -76.05 44.40
N LEU EA 451 -118.21 -75.30 45.33
CA LEU EA 451 -117.19 -74.34 44.93
C LEU EA 451 -115.84 -74.55 45.60
N PRO EA 452 -115.31 -75.78 45.72
CA PRO EA 452 -113.86 -75.91 45.86
C PRO EA 452 -113.16 -75.99 44.54
N GLN EA 453 -113.79 -76.55 43.52
CA GLN EA 453 -113.12 -76.66 42.23
C GLN EA 453 -113.05 -75.34 41.51
N TYR EA 454 -113.76 -74.33 42.01
CA TYR EA 454 -113.58 -72.96 41.55
C TYR EA 454 -112.58 -72.15 42.37
N ILE EA 455 -111.78 -72.78 43.24
CA ILE EA 455 -110.68 -72.03 43.83
C ILE EA 455 -109.35 -72.51 43.25
N GLN EA 456 -109.29 -73.75 42.78
CA GLN EA 456 -108.13 -74.26 42.07
C GLN EA 456 -107.98 -73.60 40.71
N ILE EA 457 -106.84 -72.95 40.50
CA ILE EA 457 -106.59 -72.11 39.31
C ILE EA 457 -105.61 -72.85 38.41
N ASN EA 458 -105.94 -72.93 37.13
CA ASN EA 458 -105.05 -73.48 36.11
C ASN EA 458 -104.78 -72.44 35.04
N GLY EA 459 -103.78 -71.57 35.29
CA GLY EA 459 -103.42 -70.58 34.30
C GLY EA 459 -103.18 -69.19 34.85
N ASP EA 460 -103.72 -68.89 36.02
CA ASP EA 460 -103.55 -67.59 36.65
C ASP EA 460 -102.80 -67.72 37.97
N ASP EA 461 -102.12 -66.63 38.34
CA ASP EA 461 -101.16 -66.64 39.44
C ASP EA 461 -101.80 -66.65 40.82
N ARG EA 462 -102.95 -66.00 41.00
CA ARG EA 462 -103.55 -65.86 42.32
C ARG EA 462 -104.13 -67.20 42.77
N THR EA 463 -103.75 -67.65 43.97
CA THR EA 463 -104.32 -68.89 44.49
C THR EA 463 -105.12 -68.68 45.76
N VAL EA 464 -104.49 -68.28 46.86
CA VAL EA 464 -105.22 -67.92 48.08
C VAL EA 464 -104.55 -66.68 48.65
N GLY EA 465 -103.39 -66.35 48.15
CA GLY EA 465 -102.64 -65.23 48.66
C GLY EA 465 -101.24 -65.61 49.09
N ILE EA 466 -100.30 -64.74 48.74
CA ILE EA 466 -98.88 -64.99 49.02
C ILE EA 466 -98.66 -64.98 50.53
N GLY EA 467 -97.66 -65.73 50.97
CA GLY EA 467 -97.34 -65.80 52.39
C GLY EA 467 -98.45 -66.38 53.23
N TYR EA 468 -99.11 -67.43 52.74
CA TYR EA 468 -100.19 -68.07 53.46
C TYR EA 468 -100.22 -69.56 53.17
N ASP EA 469 -100.79 -70.30 54.10
CA ASP EA 469 -101.16 -71.69 53.89
C ASP EA 469 -102.68 -71.75 53.85
N TYR EA 470 -103.20 -72.60 52.96
CA TYR EA 470 -104.63 -72.78 52.84
C TYR EA 470 -104.92 -74.27 52.82
N THR EA 471 -106.06 -74.63 53.38
CA THR EA 471 -106.51 -76.01 53.39
C THR EA 471 -107.95 -76.05 52.91
N ILE EA 472 -108.28 -77.04 52.09
CA ILE EA 472 -109.60 -77.16 51.48
C ILE EA 472 -110.27 -78.42 52.01
N ALA EA 473 -111.44 -78.25 52.61
CA ALA EA 473 -112.26 -79.36 53.06
C ALA EA 473 -113.62 -79.26 52.40
N ARG EA 474 -114.11 -80.40 51.90
CA ARG EA 474 -115.42 -80.48 51.28
C ARG EA 474 -116.41 -81.11 52.26
N ILE EA 475 -117.58 -80.51 52.36
CA ILE EA 475 -118.62 -81.01 53.24
C ILE EA 475 -119.95 -81.00 52.49
N SER EA 476 -120.72 -82.07 52.66
CA SER EA 476 -121.88 -82.29 51.82
C SER EA 476 -123.18 -81.77 52.42
N ASP EA 477 -123.14 -81.14 53.59
CA ASP EA 477 -124.38 -80.71 54.21
C ASP EA 477 -125.07 -79.64 53.36
N LEU EA 478 -126.40 -79.69 53.32
CA LEU EA 478 -127.16 -78.73 52.55
C LEU EA 478 -127.19 -77.35 53.19
N ARG EA 479 -127.06 -77.26 54.51
CA ARG EA 479 -127.11 -75.97 55.16
C ARG EA 479 -125.93 -75.09 54.80
N MET EA 480 -124.89 -75.64 54.21
CA MET EA 480 -123.76 -74.85 53.74
C MET EA 480 -123.75 -74.76 52.21
N LYS EA 481 -124.92 -74.57 51.60
CA LYS EA 481 -124.99 -74.29 50.17
C LYS EA 481 -124.54 -72.87 49.89
N ASP EA 482 -123.66 -72.72 48.90
CA ASP EA 482 -123.20 -71.40 48.45
C ASP EA 482 -122.60 -70.59 49.58
N LYS EA 483 -121.74 -71.20 50.38
CA LYS EA 483 -121.12 -70.53 51.52
C LYS EA 483 -119.66 -70.97 51.63
N ILE EA 484 -118.80 -70.02 51.98
CA ILE EA 484 -117.42 -70.29 52.35
C ILE EA 484 -117.15 -69.63 53.69
N VAL EA 485 -116.54 -70.35 54.61
CA VAL EA 485 -116.32 -69.89 55.97
C VAL EA 485 -114.83 -69.79 56.22
N MET EA 486 -114.40 -68.67 56.79
CA MET EA 486 -113.00 -68.39 57.05
C MET EA 486 -112.71 -68.48 58.54
N THR EA 487 -111.46 -68.80 58.86
CA THR EA 487 -111.01 -68.84 60.24
C THR EA 487 -109.49 -68.88 60.27
N PHE EA 488 -108.95 -68.88 61.49
CA PHE EA 488 -107.53 -69.04 61.71
C PHE EA 488 -107.28 -70.23 62.63
N ILE EA 489 -106.30 -71.06 62.28
CA ILE EA 489 -106.04 -72.32 62.99
C ILE EA 489 -104.55 -72.50 63.15
N LEU EA 490 -104.17 -73.61 63.80
CA LEU EA 490 -102.78 -74.00 64.03
C LEU EA 490 -102.61 -75.49 63.83
N PRO EA 491 -102.22 -75.94 62.64
CA PRO EA 491 -102.11 -77.38 62.37
C PRO EA 491 -100.93 -78.06 63.04
N ASN EA 492 -100.05 -77.31 63.70
CA ASN EA 492 -98.82 -77.88 64.24
C ASN EA 492 -98.91 -78.23 65.72
N GLU EA 493 -100.08 -78.07 66.34
CA GLU EA 493 -100.24 -78.33 67.77
C GLU EA 493 -101.50 -79.17 67.97
N SER EA 494 -101.48 -80.01 69.00
CA SER EA 494 -102.62 -80.87 69.28
C SER EA 494 -102.93 -80.92 70.78
N GLU EA 495 -102.87 -79.78 71.45
CA GLU EA 495 -103.22 -79.65 72.85
C GLU EA 495 -104.01 -78.36 73.04
N PRO EA 496 -104.77 -78.26 74.14
CA PRO EA 496 -105.51 -77.02 74.40
C PRO EA 496 -104.59 -75.82 74.40
N HIS EA 497 -105.03 -74.76 73.74
CA HIS EA 497 -104.21 -73.59 73.50
C HIS EA 497 -105.13 -72.43 73.16
N PRO EA 498 -104.93 -71.26 73.79
CA PRO EA 498 -105.84 -70.14 73.54
C PRO EA 498 -105.81 -69.59 72.12
N LEU EA 499 -105.02 -70.18 71.23
CA LEU EA 499 -105.03 -69.80 69.81
C LEU EA 499 -105.66 -70.88 68.93
N GLN EA 500 -106.29 -71.89 69.52
CA GLN EA 500 -107.03 -72.88 68.75
C GLN EA 500 -108.44 -72.37 68.51
N HIS EA 501 -108.94 -72.56 67.29
CA HIS EA 501 -110.30 -72.13 67.01
C HIS EA 501 -111.30 -72.95 67.78
N GLY EA 502 -111.05 -74.26 67.90
CA GLY EA 502 -111.99 -75.11 68.60
C GLY EA 502 -111.33 -76.39 69.03
N VAL EA 503 -111.83 -76.92 70.16
CA VAL EA 503 -111.32 -78.15 70.74
C VAL EA 503 -112.48 -79.05 71.09
N LEU EA 504 -112.32 -80.33 70.78
CA LEU EA 504 -113.37 -81.33 70.97
C LEU EA 504 -113.09 -82.10 72.25
N GLY EA 505 -113.87 -81.82 73.29
CA GLY EA 505 -113.82 -82.66 74.48
C GLY EA 505 -114.46 -84.00 74.17
N PHE EA 506 -113.70 -85.07 74.37
CA PHE EA 506 -114.12 -86.38 73.90
C PHE EA 506 -113.92 -87.41 75.00
N ILE EA 507 -114.94 -88.25 75.21
CA ILE EA 507 -114.87 -89.37 76.14
C ILE EA 507 -115.24 -90.63 75.36
N PRO EA 508 -114.53 -91.74 75.56
CA PRO EA 508 -114.83 -92.96 74.79
C PRO EA 508 -116.26 -93.46 74.98
N GLU EA 509 -116.78 -94.13 73.96
CA GLU EA 509 -118.17 -94.55 73.94
C GLU EA 509 -118.42 -95.67 74.94
N TYR EA 510 -119.70 -95.94 75.21
CA TYR EA 510 -120.12 -96.95 76.16
C TYR EA 510 -121.21 -97.82 75.55
N LEU EA 511 -120.97 -99.12 75.51
CA LEU EA 511 -121.91 -100.09 74.97
C LEU EA 511 -122.46 -100.96 76.10
N VAL EA 512 -123.73 -101.33 76.00
CA VAL EA 512 -124.34 -102.24 76.97
C VAL EA 512 -125.21 -103.23 76.21
N ASP EA 513 -125.25 -104.47 76.70
CA ASP EA 513 -125.92 -105.58 76.03
C ASP EA 513 -126.63 -106.44 77.07
N PHE EA 514 -127.95 -106.45 77.03
CA PHE EA 514 -128.72 -107.29 77.95
C PHE EA 514 -130.18 -107.33 77.53
N ASN EA 515 -130.93 -108.18 78.22
CA ASN EA 515 -132.35 -108.38 77.92
C ASN EA 515 -133.20 -107.59 78.90
N MET EA 516 -134.14 -106.81 78.37
CA MET EA 516 -134.82 -105.77 79.11
C MET EA 516 -136.30 -105.72 78.80
N ILE EA 517 -137.12 -105.61 79.85
CA ILE EA 517 -138.55 -105.90 79.77
C ILE EA 517 -139.32 -104.62 80.06
N ARG EA 518 -139.90 -104.04 79.02
CA ARG EA 518 -140.75 -102.86 79.12
C ARG EA 518 -142.13 -103.12 78.57
N ASN EA 519 -143.14 -102.86 79.40
CA ASN EA 519 -144.54 -102.96 79.01
C ASN EA 519 -144.88 -104.35 78.47
N GLN EA 520 -144.42 -105.39 79.16
CA GLN EA 520 -144.71 -106.78 78.84
C GLN EA 520 -144.25 -107.18 77.45
N ARG EA 521 -143.21 -106.56 76.92
CA ARG EA 521 -142.65 -106.93 75.62
C ARG EA 521 -141.25 -107.49 75.84
N ILE EA 522 -140.87 -108.42 74.98
CA ILE EA 522 -139.60 -109.12 75.14
C ILE EA 522 -138.67 -108.68 74.01
N GLY EA 523 -137.50 -108.18 74.36
CA GLY EA 523 -136.52 -107.80 73.37
C GLY EA 523 -135.17 -107.55 74.01
N ARG EA 524 -134.12 -107.76 73.20
CA ARG EA 524 -132.77 -107.42 73.60
C ARG EA 524 -132.36 -106.15 72.89
N GLU EA 525 -131.51 -105.35 73.53
CA GLU EA 525 -131.12 -104.06 72.97
C GLU EA 525 -129.63 -103.82 73.13
N ILE EA 526 -129.10 -102.97 72.25
CA ILE EA 526 -127.73 -102.49 72.32
C ILE EA 526 -127.79 -100.97 72.39
N ARG EA 527 -127.28 -100.41 73.48
CA ARG EA 527 -127.33 -98.97 73.69
C ARG EA 527 -125.96 -98.37 73.44
N LEU EA 528 -125.93 -97.24 72.74
CA LEU EA 528 -124.70 -96.51 72.46
C LEU EA 528 -124.82 -95.10 73.02
N THR EA 529 -124.14 -94.85 74.13
CA THR EA 529 -124.25 -93.57 74.82
C THR EA 529 -123.09 -92.66 74.43
N PRO EA 530 -123.36 -91.53 73.78
CA PRO EA 530 -122.27 -90.65 73.37
C PRO EA 530 -121.84 -89.66 74.44
N ARG EA 531 -120.56 -89.28 74.39
CA ARG EA 531 -119.90 -88.47 75.41
C ARG EA 531 -118.97 -87.48 74.74
N TYR EA 532 -119.46 -86.29 74.40
CA TYR EA 532 -118.61 -85.31 73.75
C TYR EA 532 -119.26 -83.93 73.77
N ARG EA 533 -118.45 -82.93 73.41
CA ARG EA 533 -118.93 -81.59 73.11
C ARG EA 533 -117.88 -80.85 72.31
N TYR EA 534 -118.32 -79.84 71.55
CA TYR EA 534 -117.44 -78.93 70.84
C TYR EA 534 -117.25 -77.67 71.68
N PHE EA 535 -116.06 -77.10 71.62
CA PHE EA 535 -115.74 -75.90 72.39
C PHE EA 535 -115.16 -74.84 71.45
N ASN EA 536 -115.43 -73.57 71.75
CA ASN EA 536 -114.98 -72.46 70.93
C ASN EA 536 -114.01 -71.59 71.71
N PHE EA 537 -112.92 -71.18 71.05
CA PHE EA 537 -111.99 -70.25 71.69
C PHE EA 537 -111.85 -68.93 70.95
N LEU EA 538 -111.50 -68.98 69.67
CA LEU EA 538 -111.15 -67.76 68.97
C LEU EA 538 -112.40 -66.97 68.60
N PRO EA 539 -112.45 -65.69 68.91
CA PRO EA 539 -113.58 -64.87 68.49
C PRO EA 539 -113.32 -64.22 67.13
N ILE EA 540 -112.94 -65.01 66.13
CA ILE EA 540 -112.66 -64.52 64.79
C ILE EA 540 -113.32 -65.45 63.79
N MET EA 541 -114.15 -64.89 62.91
CA MET EA 541 -114.74 -65.64 61.82
C MET EA 541 -115.11 -64.69 60.68
N LEU EA 542 -115.21 -65.24 59.48
CA LEU EA 542 -115.57 -64.47 58.30
C LEU EA 542 -116.50 -65.30 57.42
N VAL EA 543 -117.50 -64.65 56.83
CA VAL EA 543 -118.48 -65.33 56.00
C VAL EA 543 -118.59 -64.61 54.66
N ILE EA 544 -118.51 -65.37 53.58
CA ILE EA 544 -118.67 -64.84 52.23
C ILE EA 544 -119.77 -65.61 51.53
N ASN EA 545 -120.77 -64.91 51.02
CA ASN EA 545 -121.92 -65.52 50.38
C ASN EA 545 -121.84 -65.30 48.87
N VAL EA 546 -121.83 -66.39 48.12
CA VAL EA 546 -121.74 -66.35 46.67
C VAL EA 546 -123.10 -66.80 46.11
N ILE EA 547 -123.71 -65.94 45.32
CA ILE EA 547 -125.03 -66.21 44.77
C ILE EA 547 -125.05 -65.90 43.28
N ASN EA 548 -126.00 -66.50 42.58
CA ASN EA 548 -126.23 -66.30 41.15
C ASN EA 548 -125.07 -66.75 40.28
N LEU EA 549 -124.31 -67.75 40.71
CA LEU EA 549 -123.29 -68.31 39.83
C LEU EA 549 -123.91 -68.97 38.62
N GLU EA 550 -125.07 -69.60 38.81
CA GLU EA 550 -125.65 -70.45 37.77
C GLU EA 550 -125.93 -69.67 36.49
N GLU EA 551 -126.85 -68.70 36.54
CA GLU EA 551 -127.20 -67.98 35.32
C GLU EA 551 -126.06 -67.09 34.87
N ALA EA 552 -125.12 -66.77 35.77
CA ALA EA 552 -123.94 -66.03 35.35
C ALA EA 552 -123.10 -66.84 34.37
N ILE EA 553 -122.78 -68.09 34.73
CA ILE EA 553 -122.00 -68.92 33.82
C ILE EA 553 -122.84 -69.34 32.62
N ALA EA 554 -124.15 -69.50 32.81
CA ALA EA 554 -124.99 -69.99 31.72
C ALA EA 554 -125.30 -68.91 30.69
N GLN EA 555 -125.49 -67.67 31.12
CA GLN EA 555 -126.02 -66.61 30.27
C GLN EA 555 -124.94 -65.57 30.00
N ARG EA 556 -125.03 -64.99 28.80
CA ARG EA 556 -123.99 -64.09 28.31
C ARG EA 556 -123.75 -62.92 29.26
N THR EA 557 -122.48 -62.61 29.51
CA THR EA 557 -122.09 -61.49 30.35
C THR EA 557 -121.25 -60.55 29.51
N ALA EA 558 -121.88 -59.53 28.95
CA ALA EA 558 -121.14 -58.51 28.21
C ALA EA 558 -120.50 -57.53 29.18
N LEU EA 559 -119.54 -56.75 28.70
CA LEU EA 559 -118.83 -55.83 29.57
C LEU EA 559 -119.77 -54.72 30.03
N ASP EA 560 -119.72 -54.43 31.33
CA ASP EA 560 -120.56 -53.39 31.92
C ASP EA 560 -119.95 -52.03 31.64
N VAL EA 561 -120.20 -51.46 30.47
CA VAL EA 561 -119.48 -50.25 30.07
C VAL EA 561 -119.84 -49.11 31.01
N ASN EA 562 -118.87 -48.71 31.82
CA ASN EA 562 -119.10 -47.57 32.71
C ASN EA 562 -119.11 -46.29 31.90
N GLU EA 563 -120.30 -45.89 31.47
CA GLU EA 563 -120.49 -44.63 30.78
C GLU EA 563 -119.94 -43.49 31.63
N THR EA 564 -119.21 -42.58 31.02
CA THR EA 564 -118.85 -41.38 31.76
C THR EA 564 -119.15 -40.12 30.94
N GLN EA 565 -120.44 -39.77 30.91
CA GLN EA 565 -120.96 -38.43 30.63
C GLN EA 565 -120.12 -37.57 29.69
N VAL EA 566 -119.81 -38.05 28.51
CA VAL EA 566 -119.27 -37.15 27.49
C VAL EA 566 -120.28 -37.11 26.36
N THR EA 567 -121.24 -36.24 26.51
CA THR EA 567 -122.38 -35.76 25.77
C THR EA 567 -123.02 -34.64 26.57
N PRO EA 568 -123.69 -33.69 25.95
CA PRO EA 568 -124.25 -32.57 26.73
C PRO EA 568 -125.38 -33.01 27.64
N ALA EA 569 -125.04 -33.73 28.71
CA ALA EA 569 -126.03 -34.15 29.71
C ALA EA 569 -125.46 -34.06 31.12
N SER EA 570 -124.42 -33.25 31.31
CA SER EA 570 -123.78 -33.10 32.61
C SER EA 570 -122.81 -31.92 32.61
N HIS FA 1 -121.16 -101.76 18.70
CA HIS FA 1 -121.11 -100.38 18.27
C HIS FA 1 -120.80 -99.50 19.47
N GLU FA 2 -119.95 -98.49 19.29
CA GLU FA 2 -119.44 -97.73 20.41
C GLU FA 2 -120.54 -97.03 21.19
N PHE FA 3 -121.45 -96.35 20.49
CA PHE FA 3 -122.44 -95.53 21.19
C PHE FA 3 -123.36 -96.39 22.03
N ALA FA 4 -123.88 -97.47 21.46
CA ALA FA 4 -124.74 -98.36 22.23
C ALA FA 4 -123.97 -99.03 23.36
N GLU FA 5 -122.69 -99.34 23.13
CA GLU FA 5 -121.89 -99.97 24.17
C GLU FA 5 -121.70 -99.06 25.38
N LEU FA 6 -121.43 -97.78 25.13
CA LEU FA 6 -121.07 -96.89 26.22
C LEU FA 6 -122.20 -96.74 27.23
N PHE FA 7 -123.41 -96.47 26.76
CA PHE FA 7 -124.53 -96.24 27.66
C PHE FA 7 -125.10 -97.52 28.24
N TYR FA 8 -125.34 -98.52 27.41
CA TYR FA 8 -126.03 -99.73 27.82
C TYR FA 8 -125.06 -100.89 27.65
N ARG FA 9 -124.83 -101.65 28.71
CA ARG FA 9 -123.88 -102.76 28.63
C ARG FA 9 -124.60 -104.07 28.40
N THR FA 10 -124.00 -104.92 27.56
CA THR FA 10 -124.55 -106.23 27.25
C THR FA 10 -124.48 -107.12 28.48
N TYR FA 11 -125.38 -108.10 28.55
CA TYR FA 11 -125.45 -109.04 29.66
C TYR FA 11 -126.18 -110.29 29.18
N ILE FA 12 -125.42 -111.34 28.91
CA ILE FA 12 -125.94 -112.55 28.27
C ILE FA 12 -126.74 -113.35 29.28
N VAL FA 13 -127.89 -113.87 28.85
CA VAL FA 13 -128.68 -114.82 29.62
C VAL FA 13 -128.93 -116.04 28.73
N THR FA 14 -128.71 -117.22 29.28
CA THR FA 14 -128.89 -118.45 28.53
C THR FA 14 -130.35 -118.59 28.08
N PRO FA 15 -130.57 -119.17 26.89
CA PRO FA 15 -131.95 -119.26 26.38
C PRO FA 15 -132.78 -120.33 27.06
N ASP FA 16 -132.79 -120.31 28.39
CA ASP FA 16 -133.65 -121.23 29.14
C ASP FA 16 -134.27 -120.50 30.33
N GLN FA 17 -134.23 -119.17 30.29
CA GLN FA 17 -134.81 -118.35 31.35
C GLN FA 17 -135.70 -117.30 30.71
N ALA FA 18 -136.18 -116.36 31.51
CA ALA FA 18 -137.04 -115.29 31.01
C ALA FA 18 -136.68 -113.92 31.58
N GLY FA 19 -135.68 -113.84 32.45
CA GLY FA 19 -135.34 -112.56 33.03
C GLY FA 19 -134.45 -112.74 34.25
N PHE FA 20 -134.35 -111.68 35.04
CA PHE FA 20 -133.50 -111.70 36.23
C PHE FA 20 -134.09 -110.77 37.29
N GLN FA 21 -133.72 -111.04 38.54
CA GLN FA 21 -134.25 -110.36 39.70
C GLN FA 21 -133.14 -109.56 40.38
N LEU FA 22 -133.52 -108.43 40.97
CA LEU FA 22 -132.60 -107.59 41.73
C LEU FA 22 -133.09 -107.50 43.17
N SER FA 23 -132.43 -108.22 44.06
CA SER FA 23 -132.71 -108.17 45.48
C SER FA 23 -131.67 -107.26 46.14
N ILE FA 24 -132.11 -106.08 46.56
CA ILE FA 24 -131.21 -105.07 47.12
C ILE FA 24 -131.70 -104.72 48.52
N ARG FA 25 -130.77 -104.30 49.38
CA ARG FA 25 -131.08 -104.07 50.78
C ARG FA 25 -130.87 -102.60 51.13
N ARG FA 26 -131.68 -102.10 52.06
CA ARG FA 26 -131.62 -100.71 52.49
C ARG FA 26 -131.72 -100.67 54.02
N ASN FA 27 -130.83 -99.89 54.64
CA ASN FA 27 -130.85 -99.69 56.09
C ASN FA 27 -131.73 -98.48 56.40
N LEU FA 28 -132.63 -98.64 57.36
CA LEU FA 28 -133.62 -97.61 57.66
C LEU FA 28 -133.45 -97.11 59.09
N VAL FA 29 -133.46 -95.78 59.23
CA VAL FA 29 -133.54 -95.13 60.53
C VAL FA 29 -134.91 -94.48 60.65
N TRP FA 30 -135.59 -94.75 61.77
CA TRP FA 30 -136.98 -94.37 61.88
C TRP FA 30 -137.36 -94.24 63.35
N GLU FA 31 -138.25 -93.29 63.61
CA GLU FA 31 -138.76 -93.06 64.94
C GLU FA 31 -139.67 -94.22 65.30
N GLY FA 32 -139.91 -94.40 66.60
CA GLY FA 32 -140.72 -95.49 67.11
C GLY FA 32 -142.05 -95.68 66.40
N TRP FA 33 -142.44 -96.94 66.23
CA TRP FA 33 -143.71 -97.30 65.61
C TRP FA 33 -144.91 -96.65 66.28
N THR FA 34 -146.05 -96.69 65.61
CA THR FA 34 -147.28 -96.08 66.08
C THR FA 34 -147.75 -96.66 67.41
N GLY FA 35 -147.25 -97.84 67.76
CA GLY FA 35 -147.63 -98.54 68.96
C GLY FA 35 -147.91 -99.98 68.61
N GLU FA 36 -147.19 -100.91 69.25
CA GLU FA 36 -147.34 -102.33 68.96
C GLU FA 36 -148.38 -102.96 69.86
N GLY FA 37 -149.35 -102.16 70.31
CA GLY FA 37 -150.52 -102.70 70.98
C GLY FA 37 -151.46 -103.29 69.96
N LEU FA 38 -152.65 -103.71 70.39
CA LEU FA 38 -153.63 -104.30 69.49
C LEU FA 38 -154.36 -103.21 68.70
N SER FA 39 -154.36 -103.36 67.38
CA SER FA 39 -155.11 -102.48 66.49
C SER FA 39 -155.21 -103.14 65.13
N GLY FA 40 -156.12 -102.62 64.30
CA GLY FA 40 -156.32 -103.17 62.98
C GLY FA 40 -155.48 -102.47 61.93
N GLU FA 41 -155.88 -102.59 60.67
CA GLU FA 41 -155.17 -101.99 59.54
C GLU FA 41 -153.73 -102.46 59.46
N LYS FA 42 -152.89 -101.64 58.85
CA LYS FA 42 -151.48 -101.96 58.66
C LYS FA 42 -150.56 -100.99 59.39
N GLN FA 43 -151.09 -99.85 59.86
CA GLN FA 43 -150.38 -98.70 60.43
C GLN FA 43 -149.72 -97.90 59.30
N GLU FA 44 -149.41 -96.64 59.55
CA GLU FA 44 -148.91 -95.74 58.52
C GLU FA 44 -147.74 -94.93 59.06
N ILE FA 45 -146.52 -95.32 58.67
CA ILE FA 45 -145.30 -94.80 59.28
C ILE FA 45 -144.36 -94.38 58.17
N SER FA 46 -143.43 -93.49 58.50
CA SER FA 46 -142.38 -93.09 57.58
C SER FA 46 -141.11 -93.88 57.82
N LYS FA 47 -140.46 -94.26 56.71
CA LYS FA 47 -139.16 -94.91 56.75
C LYS FA 47 -138.20 -94.07 55.93
N ARG FA 48 -137.07 -93.70 56.53
CA ARG FA 48 -136.12 -92.79 55.91
C ARG FA 48 -134.77 -93.46 55.73
N ASN FA 49 -134.31 -93.49 54.48
CA ASN FA 49 -133.04 -94.14 54.15
C ASN FA 49 -131.88 -93.42 54.83
N ILE FA 50 -130.94 -94.19 55.34
CA ILE FA 50 -129.85 -93.61 56.15
C ILE FA 50 -128.97 -92.70 55.31
N LEU FA 51 -128.79 -93.01 54.03
CA LEU FA 51 -127.96 -92.17 53.18
C LEU FA 51 -128.52 -90.77 53.04
N GLN FA 52 -129.85 -90.64 52.93
CA GLN FA 52 -130.48 -89.33 52.94
C GLN FA 52 -130.18 -88.57 54.23
N GLY FA 53 -129.83 -89.27 55.30
CA GLY FA 53 -129.38 -88.60 56.51
C GLY FA 53 -128.06 -87.89 56.34
N LEU FA 54 -127.27 -88.28 55.34
CA LEU FA 54 -126.01 -87.58 55.10
C LEU FA 54 -126.25 -86.17 54.58
N LEU FA 55 -127.41 -85.92 53.97
CA LEU FA 55 -127.68 -84.63 53.36
C LEU FA 55 -128.49 -83.69 54.23
N ASP FA 56 -129.05 -84.17 55.34
CA ASP FA 56 -129.90 -83.33 56.18
C ASP FA 56 -129.53 -83.53 57.66
N TYR FA 57 -130.22 -82.82 58.54
CA TYR FA 57 -129.84 -82.83 59.94
C TYR FA 57 -131.01 -83.22 60.84
N THR FA 58 -132.20 -83.33 60.28
CA THR FA 58 -133.38 -83.73 61.04
C THR FA 58 -133.61 -85.23 61.00
N THR FA 59 -132.82 -85.97 60.23
CA THR FA 59 -132.91 -87.42 60.20
C THR FA 59 -132.43 -88.07 61.49
N LEU FA 60 -131.68 -87.34 62.31
CA LEU FA 60 -131.17 -87.84 63.57
C LEU FA 60 -131.07 -86.67 64.55
N GLU FA 61 -130.25 -86.88 65.57
CA GLU FA 61 -129.99 -85.92 66.66
C GLU FA 61 -131.28 -85.32 67.19
N THR FA 62 -132.14 -86.18 67.77
CA THR FA 62 -133.30 -85.70 68.47
C THR FA 62 -133.04 -85.80 69.97
N ASN FA 63 -133.27 -84.69 70.67
CA ASN FA 63 -133.12 -84.69 72.10
C ASN FA 63 -134.27 -85.42 72.77
N SER FA 64 -133.93 -86.36 73.66
CA SER FA 64 -134.92 -87.28 74.20
C SER FA 64 -134.78 -87.46 75.71
N THR FA 65 -133.64 -87.09 76.27
CA THR FA 65 -133.38 -87.34 77.67
C THR FA 65 -132.87 -86.05 78.31
N GLU FA 66 -133.58 -84.96 78.04
CA GLU FA 66 -133.22 -83.64 78.52
C GLU FA 66 -134.28 -83.17 79.50
N LEU FA 67 -133.83 -82.65 80.62
CA LEU FA 67 -134.70 -82.46 81.79
C LEU FA 67 -135.34 -81.08 81.63
N ILE FA 68 -136.35 -81.00 80.76
CA ILE FA 68 -137.00 -79.74 80.41
C ILE FA 68 -138.10 -79.46 81.42
N PRO FA 69 -138.21 -78.25 81.94
CA PRO FA 69 -139.37 -77.90 82.76
C PRO FA 69 -140.66 -78.04 81.98
N VAL FA 70 -141.73 -78.39 82.67
CA VAL FA 70 -143.06 -78.55 82.08
C VAL FA 70 -144.06 -77.82 82.95
N ILE FA 71 -145.04 -77.16 82.32
CA ILE FA 71 -146.10 -76.51 83.08
C ILE FA 71 -147.26 -77.47 83.26
N GLN FA 72 -147.77 -77.57 84.48
CA GLN FA 72 -148.92 -78.38 84.81
C GLN FA 72 -149.92 -77.49 85.54
N SER FA 73 -150.82 -76.87 84.79
CA SER FA 73 -151.72 -75.87 85.36
C SER FA 73 -152.55 -76.47 86.49
N GLY FA 74 -152.62 -75.73 87.60
CA GLY FA 74 -153.41 -76.14 88.74
C GLY FA 74 -152.68 -76.85 89.85
N GLU FA 75 -151.45 -77.29 89.62
CA GLU FA 75 -150.70 -77.93 90.71
C GLU FA 75 -149.40 -77.18 90.97
N ASN FA 76 -148.88 -76.51 89.94
CA ASN FA 76 -147.65 -75.74 90.12
C ASN FA 76 -147.66 -74.51 89.22
N ASP FA 77 -148.12 -73.40 89.79
CA ASP FA 77 -148.06 -72.12 89.11
C ASP FA 77 -147.29 -71.11 89.94
N GLU FA 78 -147.00 -71.46 91.19
CA GLU FA 78 -146.16 -70.66 92.06
C GLU FA 78 -144.70 -70.74 91.66
N GLN FA 79 -144.29 -71.85 91.05
CA GLN FA 79 -142.89 -72.04 90.72
C GLN FA 79 -142.50 -71.44 89.38
N PHE FA 80 -143.46 -71.05 88.55
CA PHE FA 80 -143.18 -70.37 87.31
C PHE FA 80 -143.57 -68.90 87.43
N ILE FA 81 -142.91 -68.06 86.62
CA ILE FA 81 -143.37 -66.69 86.46
C ILE FA 81 -144.81 -66.70 86.01
N ASP FA 82 -145.58 -65.72 86.46
CA ASP FA 82 -147.00 -65.69 86.15
C ASP FA 82 -147.19 -65.49 84.65
N PRO FA 83 -148.25 -66.05 84.06
CA PRO FA 83 -148.46 -65.88 82.63
C PRO FA 83 -149.19 -64.59 82.32
N SER FA 84 -148.74 -63.49 82.93
CA SER FA 84 -149.24 -62.17 82.64
C SER FA 84 -148.17 -61.26 82.06
N VAL FA 85 -146.91 -61.69 82.05
CA VAL FA 85 -145.80 -60.93 81.48
C VAL FA 85 -145.34 -61.55 80.16
N LEU FA 86 -145.30 -62.87 80.09
CA LEU FA 86 -144.90 -63.57 78.87
C LEU FA 86 -145.82 -64.77 78.67
N PRO FA 87 -146.49 -64.87 77.52
CA PRO FA 87 -147.41 -65.99 77.30
C PRO FA 87 -146.68 -67.33 77.24
N ALA FA 88 -147.47 -68.39 77.29
CA ALA FA 88 -146.91 -69.75 77.32
C ALA FA 88 -146.11 -70.04 76.05
N GLN FA 89 -144.95 -70.64 76.24
CA GLN FA 89 -144.07 -71.02 75.14
C GLN FA 89 -144.16 -72.52 74.92
N THR FA 90 -144.38 -72.94 73.68
CA THR FA 90 -144.63 -74.35 73.38
C THR FA 90 -143.38 -74.98 72.78
N VAL FA 91 -143.15 -76.25 73.12
CA VAL FA 91 -141.98 -76.97 72.67
C VAL FA 91 -142.37 -78.42 72.40
N LYS FA 92 -141.57 -79.09 71.58
CA LYS FA 92 -141.82 -80.48 71.21
C LYS FA 92 -140.85 -81.39 71.94
N GLN FA 93 -141.31 -82.60 72.26
CA GLN FA 93 -140.49 -83.62 72.91
C GLN FA 93 -140.95 -84.98 72.44
N GLY FA 94 -140.19 -85.59 71.53
CA GLY FA 94 -140.57 -86.88 71.00
C GLY FA 94 -141.92 -86.78 70.31
N LYS FA 95 -142.93 -87.38 70.94
CA LYS FA 95 -144.30 -87.30 70.47
C LYS FA 95 -145.16 -86.37 71.32
N ASP FA 96 -144.62 -85.85 72.42
CA ASP FA 96 -145.37 -85.04 73.37
C ASP FA 96 -145.16 -83.57 73.08
N THR FA 97 -146.23 -82.79 73.16
CA THR FA 97 -146.17 -81.34 73.03
C THR FA 97 -146.72 -80.71 74.31
N PHE FA 98 -146.00 -79.73 74.83
CA PHE FA 98 -146.38 -79.07 76.08
C PHE FA 98 -145.83 -77.66 76.09
N ASP FA 99 -146.29 -76.88 77.07
CA ASP FA 99 -145.92 -75.48 77.20
C ASP FA 99 -144.87 -75.30 78.27
N THR FA 100 -144.13 -74.19 78.20
CA THR FA 100 -143.10 -73.90 79.18
C THR FA 100 -142.94 -72.39 79.36
N ASN FA 101 -142.39 -72.01 80.51
CA ASN FA 101 -142.08 -70.64 80.85
C ASN FA 101 -140.84 -70.64 81.75
N PHE FA 102 -140.28 -69.45 81.96
CA PHE FA 102 -139.04 -69.34 82.71
C PHE FA 102 -139.28 -69.50 84.20
N LEU FA 103 -138.42 -70.27 84.85
CA LEU FA 103 -138.50 -70.47 86.29
C LEU FA 103 -138.25 -69.16 87.02
N LYS FA 104 -139.04 -68.92 88.06
CA LYS FA 104 -139.01 -67.65 88.76
C LYS FA 104 -138.02 -67.66 89.92
N PHE FA 105 -137.36 -66.52 90.13
CA PHE FA 105 -136.47 -66.37 91.27
C PHE FA 105 -137.25 -66.47 92.57
N SER FA 106 -136.59 -66.98 93.60
CA SER FA 106 -137.15 -67.01 94.95
C SER FA 106 -136.03 -66.68 95.92
N GLU FA 107 -136.20 -65.61 96.69
CA GLU FA 107 -135.15 -65.14 97.58
C GLU FA 107 -135.28 -65.65 99.01
N ASN FA 108 -136.48 -65.77 99.54
CA ASN FA 108 -136.65 -66.33 100.86
C ASN FA 108 -137.55 -67.55 100.88
N GLY FA 109 -138.05 -68.00 99.74
CA GLY FA 109 -139.02 -69.07 99.70
C GLY FA 109 -138.39 -70.44 99.56
N GLU FA 110 -139.25 -71.40 99.31
CA GLU FA 110 -138.83 -72.78 99.15
C GLU FA 110 -138.00 -72.95 97.87
N GLY FA 111 -137.14 -73.96 97.89
CA GLY FA 111 -136.43 -74.32 96.68
C GLY FA 111 -137.30 -75.09 95.72
N PHE FA 112 -136.81 -75.30 94.52
CA PHE FA 112 -137.54 -76.02 93.48
C PHE FA 112 -136.90 -77.38 93.24
N ASN FA 113 -137.73 -78.37 92.95
CA ASN FA 113 -137.27 -79.74 92.73
C ASN FA 113 -137.39 -80.04 91.25
N LEU FA 114 -136.25 -80.13 90.57
CA LEU FA 114 -136.24 -80.22 89.12
C LEU FA 114 -136.88 -81.52 88.63
N LEU FA 115 -136.55 -82.64 89.26
CA LEU FA 115 -137.19 -83.90 88.88
C LEU FA 115 -138.69 -83.87 89.12
N MET FA 116 -139.12 -83.36 90.26
CA MET FA 116 -140.53 -83.39 90.63
C MET FA 116 -141.40 -82.57 89.68
N LEU FA 117 -140.84 -81.56 89.01
CA LEU FA 117 -141.56 -80.85 87.96
C LEU FA 117 -140.75 -81.00 86.67
N ALA FA 118 -140.86 -82.16 86.05
CA ALA FA 118 -140.24 -82.40 84.76
C ALA FA 118 -141.07 -83.35 83.91
N GLN FA 119 -142.22 -83.75 84.44
CA GLN FA 119 -142.91 -84.93 83.92
C GLN FA 119 -143.58 -84.65 82.59
N THR FA 120 -142.88 -84.99 81.52
CA THR FA 120 -143.45 -85.10 80.19
C THR FA 120 -144.44 -86.27 80.18
N PRO FA 121 -145.54 -86.15 79.44
CA PRO FA 121 -146.53 -87.25 79.44
C PRO FA 121 -145.93 -88.60 79.06
N SER FA 122 -144.89 -88.62 78.22
CA SER FA 122 -144.22 -89.87 77.92
C SER FA 122 -143.66 -90.51 79.18
N ARG FA 123 -143.03 -89.71 80.05
CA ARG FA 123 -142.54 -90.24 81.31
C ARG FA 123 -143.69 -90.46 82.29
N LEU FA 124 -144.77 -89.70 82.15
CA LEU FA 124 -145.94 -89.92 83.00
C LEU FA 124 -146.53 -91.30 82.79
N LYS FA 125 -146.63 -91.75 81.54
CA LYS FA 125 -147.24 -93.05 81.28
C LYS FA 125 -146.45 -94.20 81.89
N LYS FA 126 -145.12 -94.17 81.77
CA LYS FA 126 -144.30 -95.27 82.26
C LYS FA 126 -144.26 -95.35 83.77
N GLY FA 127 -144.68 -94.30 84.48
CA GLY FA 127 -144.65 -94.30 85.92
C GLY FA 127 -144.32 -92.92 86.45
N SER FA 128 -143.69 -92.88 87.62
CA SER FA 128 -143.31 -91.64 88.27
C SER FA 128 -141.79 -91.53 88.34
N MET FA 129 -141.31 -90.49 89.02
CA MET FA 129 -139.87 -90.26 89.14
C MET FA 129 -139.22 -91.29 90.04
N THR FA 130 -138.38 -92.14 89.44
CA THR FA 130 -137.75 -93.25 90.15
C THR FA 130 -136.60 -92.78 91.02
N PHE FA 131 -136.04 -93.69 91.82
CA PHE FA 131 -134.90 -93.39 92.66
C PHE FA 131 -133.65 -93.06 91.86
N THR FA 132 -133.26 -93.91 90.91
CA THR FA 132 -131.94 -93.85 90.29
C THR FA 132 -131.85 -92.83 89.17
N ASP FA 133 -132.78 -91.89 89.09
CA ASP FA 133 -132.70 -90.81 88.13
C ASP FA 133 -131.71 -89.77 88.65
N SER FA 134 -130.53 -89.72 88.04
CA SER FA 134 -129.45 -88.87 88.52
C SER FA 134 -129.11 -87.82 87.48
N LEU FA 135 -128.89 -86.59 87.96
CA LEU FA 135 -128.52 -85.48 87.10
C LEU FA 135 -127.10 -85.63 86.61
N ASP FA 136 -126.87 -85.21 85.37
CA ASP FA 136 -125.53 -85.20 84.80
C ASP FA 136 -124.67 -84.14 85.49
N SER FA 137 -123.36 -84.26 85.30
CA SER FA 137 -122.44 -83.28 85.86
C SER FA 137 -122.70 -81.88 85.30
N ARG FA 138 -123.00 -81.77 84.01
CA ARG FA 138 -123.20 -80.47 83.37
C ARG FA 138 -124.58 -79.91 83.70
N ILE FA 139 -124.60 -78.80 84.42
CA ILE FA 139 -125.77 -77.96 84.59
C ILE FA 139 -125.32 -76.53 84.34
N ALA FA 140 -126.11 -75.78 83.56
CA ALA FA 140 -125.72 -74.41 83.23
C ALA FA 140 -126.95 -73.58 82.93
N LEU FA 141 -126.86 -72.29 83.26
CA LEU FA 141 -127.92 -71.35 82.93
C LEU FA 141 -128.03 -71.23 81.41
N LYS FA 142 -129.25 -71.24 80.90
CA LYS FA 142 -129.43 -71.14 79.46
C LYS FA 142 -129.81 -69.74 79.01
N GLN FA 143 -130.89 -69.19 79.56
CA GLN FA 143 -131.30 -67.83 79.22
C GLN FA 143 -131.65 -67.07 80.49
N LEU FA 144 -131.33 -65.78 80.50
CA LEU FA 144 -131.77 -64.86 81.53
C LEU FA 144 -132.70 -63.83 80.91
N LEU FA 145 -133.87 -63.66 81.51
CA LEU FA 145 -134.88 -62.75 81.00
C LEU FA 145 -134.90 -61.49 81.85
N ILE FA 146 -134.24 -60.44 81.36
CA ILE FA 146 -134.19 -59.16 82.06
C ILE FA 146 -135.20 -58.23 81.42
N SER FA 147 -135.74 -57.32 82.22
CA SER FA 147 -136.77 -56.39 81.79
C SER FA 147 -136.23 -54.97 81.86
N VAL FA 148 -135.95 -54.39 80.70
CA VAL FA 148 -135.63 -52.97 80.59
C VAL FA 148 -136.95 -52.22 80.60
N THR FA 149 -137.12 -51.32 81.57
CA THR FA 149 -138.35 -50.58 81.74
C THR FA 149 -138.03 -49.08 81.80
N LYS FA 150 -138.76 -48.29 81.02
CA LYS FA 150 -138.56 -46.85 80.97
C LYS FA 150 -139.90 -46.17 80.84
N GLY FA 151 -140.31 -45.46 81.90
CA GLY FA 151 -141.56 -44.72 81.87
C GLY FA 151 -142.80 -45.58 81.77
N GLY FA 152 -142.82 -46.74 82.41
CA GLY FA 152 -143.98 -47.60 82.43
C GLY FA 152 -144.06 -48.59 81.28
N THR FA 153 -143.24 -48.43 80.24
CA THR FA 153 -143.22 -49.36 79.12
C THR FA 153 -142.12 -50.39 79.34
N THR FA 154 -142.47 -51.66 79.19
CA THR FA 154 -141.58 -52.77 79.48
C THR FA 154 -141.32 -53.58 78.22
N GLU FA 155 -140.07 -53.98 78.03
CA GLU FA 155 -139.66 -54.87 76.96
C GLU FA 155 -138.83 -55.99 77.56
N LEU FA 156 -138.92 -57.18 76.97
CA LEU FA 156 -138.30 -58.36 77.55
C LEU FA 156 -137.20 -58.88 76.62
N PHE FA 157 -136.03 -59.13 77.20
CA PHE FA 157 -134.86 -59.54 76.44
C PHE FA 157 -134.48 -60.97 76.80
N ALA FA 158 -134.44 -61.84 75.80
CA ALA FA 158 -134.00 -63.21 75.97
C ALA FA 158 -132.56 -63.31 75.51
N LEU FA 159 -131.63 -63.39 76.46
CA LEU FA 159 -130.21 -63.39 76.16
C LEU FA 159 -129.61 -64.77 76.41
N ASP FA 160 -128.93 -65.31 75.40
CA ASP FA 160 -128.26 -66.60 75.54
C ASP FA 160 -127.03 -66.42 76.44
N VAL FA 161 -126.88 -67.29 77.42
CA VAL FA 161 -125.77 -67.22 78.36
C VAL FA 161 -125.06 -68.55 78.51
N ASN FA 162 -125.55 -69.60 77.87
CA ASN FA 162 -124.92 -70.91 78.02
C ASN FA 162 -123.53 -70.90 77.42
N ARG FA 163 -122.66 -71.77 77.94
CA ARG FA 163 -121.25 -71.91 77.60
C ARG FA 163 -120.40 -70.72 78.04
N ASP FA 164 -120.98 -69.68 78.61
CA ASP FA 164 -120.22 -68.50 78.98
C ASP FA 164 -119.12 -68.86 79.99
N GLN FA 165 -118.17 -67.93 80.15
CA GLN FA 165 -117.00 -68.20 80.96
C GLN FA 165 -117.35 -68.54 82.41
N TYR FA 166 -118.53 -68.14 82.88
CA TYR FA 166 -118.86 -68.34 84.29
C TYR FA 166 -120.30 -68.80 84.48
N ALA FA 167 -120.87 -69.49 83.49
CA ALA FA 167 -122.27 -69.89 83.55
C ALA FA 167 -122.46 -71.37 83.87
N ALA FA 168 -121.40 -72.08 84.21
CA ALA FA 168 -121.48 -73.51 84.46
C ALA FA 168 -121.31 -73.80 85.94
N TYR FA 169 -122.13 -74.72 86.45
CA TYR FA 169 -122.05 -75.12 87.84
C TYR FA 169 -120.74 -75.85 88.11
N THR FA 170 -120.20 -75.68 89.32
CA THR FA 170 -118.91 -76.24 89.71
C THR FA 170 -119.00 -76.91 91.08
N ALA FA 171 -118.14 -77.88 91.30
CA ALA FA 171 -118.14 -78.64 92.54
C ALA FA 171 -117.54 -77.84 93.68
N THR FA 172 -118.06 -78.07 94.89
CA THR FA 172 -117.60 -77.41 96.10
C THR FA 172 -117.18 -78.44 97.14
N ARG FA 173 -116.88 -77.95 98.35
CA ARG FA 173 -116.37 -78.79 99.42
C ARG FA 173 -116.97 -78.46 100.78
N GLU FA 174 -118.16 -77.89 100.83
CA GLU FA 174 -118.85 -77.62 102.09
C GLU FA 174 -120.18 -78.36 102.10
N TYR FA 175 -120.66 -78.69 103.30
CA TYR FA 175 -121.99 -79.24 103.53
C TYR FA 175 -122.04 -80.71 103.10
N ASN FA 176 -122.38 -80.95 101.85
CA ASN FA 176 -122.49 -82.30 101.32
C ASN FA 176 -121.35 -82.56 100.35
N PHE FA 177 -121.18 -83.82 99.95
CA PHE FA 177 -120.16 -84.14 98.96
C PHE FA 177 -120.74 -84.20 97.56
N ARG FA 178 -122.01 -83.85 97.37
CA ARG FA 178 -122.62 -83.82 96.05
C ARG FA 178 -123.36 -82.52 95.80
N LEU FA 179 -123.25 -81.57 96.73
CA LEU FA 179 -123.86 -80.25 96.55
C LEU FA 179 -123.18 -79.55 95.39
N MET FA 180 -123.96 -78.91 94.54
CA MET FA 180 -123.46 -78.41 93.27
C MET FA 180 -123.76 -76.92 93.18
N GLN FA 181 -122.72 -76.09 93.28
CA GLN FA 181 -122.90 -74.64 93.41
C GLN FA 181 -122.62 -73.94 92.08
N LEU FA 182 -123.17 -72.73 91.98
CA LEU FA 182 -123.01 -71.85 90.83
C LEU FA 182 -122.60 -70.46 91.30
N LYS FA 183 -121.57 -69.89 90.69
CA LYS FA 183 -121.16 -68.52 90.95
C LYS FA 183 -121.04 -67.81 89.60
N PHE FA 184 -122.09 -67.07 89.24
CA PHE FA 184 -122.19 -66.39 87.96
C PHE FA 184 -122.01 -64.91 88.20
N HIS FA 185 -120.79 -64.41 87.97
CA HIS FA 185 -120.42 -63.02 88.25
C HIS FA 185 -119.73 -62.43 87.04
N THR FA 186 -120.47 -61.67 86.23
CA THR FA 186 -119.91 -61.11 85.01
C THR FA 186 -120.82 -60.00 84.51
N SER FA 187 -120.40 -59.36 83.43
CA SER FA 187 -121.14 -58.28 82.80
C SER FA 187 -121.66 -58.73 81.45
N LEU FA 188 -122.96 -58.53 81.23
CA LEU FA 188 -123.60 -58.85 79.96
C LEU FA 188 -124.03 -57.56 79.28
N GLY FA 189 -123.83 -57.49 77.96
CA GLY FA 189 -124.01 -56.28 77.20
C GLY FA 189 -125.24 -56.33 76.30
N LEU FA 190 -125.79 -55.16 76.04
CA LEU FA 190 -126.93 -55.00 75.13
C LEU FA 190 -126.43 -54.33 73.86
N GLY FA 191 -126.34 -55.09 72.77
CA GLY FA 191 -125.87 -54.56 71.51
C GLY FA 191 -126.91 -53.66 70.87
N GLU FA 192 -126.49 -52.97 69.81
CA GLU FA 192 -127.35 -52.04 69.12
C GLU FA 192 -128.35 -52.72 68.20
N GLU FA 193 -128.23 -54.03 68.01
CA GLU FA 193 -129.24 -54.78 67.26
C GLU FA 193 -129.80 -55.90 68.12
N SER FA 194 -129.65 -55.75 69.44
CA SER FA 194 -130.17 -56.77 70.36
C SER FA 194 -131.67 -56.88 70.23
N THR FA 195 -132.13 -57.97 69.62
CA THR FA 195 -133.55 -58.14 69.33
C THR FA 195 -134.30 -58.54 70.59
N THR FA 196 -135.50 -57.99 70.74
CA THR FA 196 -136.36 -58.34 71.86
C THR FA 196 -137.01 -59.71 71.62
N VAL FA 197 -137.63 -60.24 72.67
CA VAL FA 197 -138.35 -61.51 72.53
C VAL FA 197 -139.59 -61.35 71.65
N ALA FA 198 -140.07 -60.13 71.47
CA ALA FA 198 -141.20 -59.86 70.59
C ALA FA 198 -140.79 -59.57 69.15
N GLY FA 199 -139.49 -59.63 68.86
CA GLY FA 199 -138.99 -59.38 67.52
C GLY FA 199 -138.66 -57.93 67.25
N ALA FA 200 -137.74 -57.71 66.31
CA ALA FA 200 -137.33 -56.37 65.86
C ALA FA 200 -136.66 -55.56 66.96
N GLU FA 201 -136.32 -54.32 66.64
CA GLU FA 201 -135.56 -53.48 67.56
C GLU FA 201 -136.40 -53.03 68.74
N SER FA 202 -135.74 -52.93 69.90
CA SER FA 202 -136.37 -52.38 71.09
C SER FA 202 -136.58 -50.88 70.94
N ALA FA 203 -137.59 -50.35 71.64
CA ALA FA 203 -137.92 -48.94 71.54
C ALA FA 203 -137.36 -48.08 72.67
N LEU FA 204 -137.05 -48.69 73.82
CA LEU FA 204 -136.59 -47.89 74.96
C LEU FA 204 -135.14 -47.44 74.78
N LEU FA 205 -134.31 -48.27 74.15
CA LEU FA 205 -132.92 -47.93 73.92
C LEU FA 205 -132.65 -47.50 72.48
N LYS FA 206 -133.67 -47.00 71.78
CA LYS FA 206 -133.48 -46.57 70.40
C LYS FA 206 -132.50 -45.40 70.32
N ASP FA 207 -132.61 -44.44 71.24
CA ASP FA 207 -131.77 -43.24 71.19
C ASP FA 207 -130.30 -43.60 71.34
N LEU FA 208 -129.98 -44.48 72.30
CA LEU FA 208 -128.59 -44.84 72.53
C LEU FA 208 -128.00 -45.60 71.34
N PHE FA 209 -128.78 -46.51 70.74
CA PHE FA 209 -128.26 -47.28 69.62
C PHE FA 209 -128.15 -46.42 68.37
N ASP FA 210 -129.00 -45.40 68.24
CA ASP FA 210 -128.85 -44.46 67.14
C ASP FA 210 -127.50 -43.77 67.18
N LEU FA 211 -126.99 -43.48 68.37
CA LEU FA 211 -125.63 -42.97 68.54
C LEU FA 211 -124.59 -44.03 68.23
N GLY FA 212 -124.98 -45.29 68.09
CA GLY FA 212 -124.06 -46.39 67.95
C GLY FA 212 -123.49 -46.89 69.25
N TYR FA 213 -123.94 -46.36 70.38
CA TYR FA 213 -123.41 -46.75 71.68
C TYR FA 213 -124.03 -48.06 72.14
N ARG FA 214 -123.41 -48.66 73.14
CA ARG FA 214 -123.92 -49.87 73.77
C ARG FA 214 -123.79 -49.75 75.28
N ILE FA 215 -124.52 -50.58 75.99
CA ILE FA 215 -124.52 -50.53 77.44
C ILE FA 215 -124.15 -51.91 77.97
N GLU FA 216 -123.47 -51.91 79.12
CA GLU FA 216 -123.09 -53.13 79.83
C GLU FA 216 -123.81 -53.16 81.17
N LEU FA 217 -124.41 -54.30 81.48
CA LEU FA 217 -125.05 -54.51 82.76
C LEU FA 217 -124.26 -55.55 83.56
N ASP FA 218 -123.97 -55.23 84.81
CA ASP FA 218 -123.32 -56.16 85.72
C ASP FA 218 -124.39 -56.98 86.44
N VAL FA 219 -124.20 -58.29 86.48
CA VAL FA 219 -125.18 -59.19 87.06
C VAL FA 219 -124.49 -60.01 88.15
N LYS FA 220 -125.17 -60.20 89.27
CA LYS FA 220 -124.73 -61.07 90.34
C LYS FA 220 -125.83 -62.07 90.65
N VAL FA 221 -125.68 -63.29 90.13
CA VAL FA 221 -126.65 -64.36 90.31
C VAL FA 221 -125.88 -65.60 90.76
N ASP FA 222 -126.35 -66.22 91.83
CA ASP FA 222 -125.75 -67.44 92.35
C ASP FA 222 -126.82 -68.49 92.58
N GLY FA 223 -126.39 -69.72 92.81
CA GLY FA 223 -127.33 -70.80 93.03
C GLY FA 223 -126.66 -72.05 93.54
N GLU FA 224 -127.50 -72.97 94.01
CA GLU FA 224 -127.06 -74.27 94.49
C GLU FA 224 -128.04 -75.32 94.01
N MET FA 225 -127.53 -76.30 93.26
CA MET FA 225 -128.32 -77.43 92.81
C MET FA 225 -127.78 -78.69 93.46
N ASN FA 226 -128.64 -79.70 93.63
CA ASN FA 226 -128.20 -80.99 94.13
C ASN FA 226 -128.38 -82.02 93.02
N VAL FA 227 -127.30 -82.75 92.72
CA VAL FA 227 -127.30 -83.64 91.57
C VAL FA 227 -127.85 -85.01 91.96
N GLU FA 228 -128.39 -85.12 93.16
CA GLU FA 228 -128.86 -86.41 93.64
C GLU FA 228 -130.37 -86.48 93.81
N ASN FA 229 -130.99 -85.46 94.39
CA ASN FA 229 -132.42 -85.49 94.62
C ASN FA 229 -133.11 -84.32 93.93
N GLY FA 230 -132.35 -83.49 93.24
CA GLY FA 230 -132.95 -82.39 92.53
C GLY FA 230 -133.41 -81.23 93.38
N ASN FA 231 -133.10 -81.23 94.67
CA ASN FA 231 -133.40 -80.07 95.50
C ASN FA 231 -132.42 -78.95 95.19
N GLY FA 232 -132.95 -77.74 95.01
CA GLY FA 232 -132.06 -76.62 94.72
C GLY FA 232 -132.78 -75.31 94.67
N ASP FA 233 -131.98 -74.24 94.71
CA ASP FA 233 -132.47 -72.88 94.62
C ASP FA 233 -131.36 -71.98 94.10
N THR FA 234 -131.75 -70.89 93.45
CA THR FA 234 -130.80 -69.88 92.97
C THR FA 234 -131.32 -68.51 93.36
N SER FA 235 -130.41 -67.54 93.47
CA SER FA 235 -130.74 -66.20 93.94
C SER FA 235 -130.10 -65.15 93.03
N LEU FA 236 -130.71 -63.98 92.99
CA LEU FA 236 -130.14 -62.83 92.29
C LEU FA 236 -129.63 -61.84 93.32
N ARG FA 237 -128.35 -61.47 93.23
CA ARG FA 237 -127.76 -60.58 94.23
C ARG FA 237 -127.76 -59.13 93.81
N ALA FA 238 -127.35 -58.81 92.58
CA ALA FA 238 -127.25 -57.42 92.17
C ALA FA 238 -127.41 -57.31 90.67
N LEU FA 239 -128.07 -56.24 90.24
CA LEU FA 239 -128.27 -55.95 88.82
C LEU FA 239 -128.48 -54.45 88.67
N ARG FA 240 -127.69 -53.82 87.81
CA ARG FA 240 -127.73 -52.37 87.67
C ARG FA 240 -126.98 -51.94 86.42
N LEU FA 241 -127.12 -50.66 86.08
CA LEU FA 241 -126.45 -50.10 84.92
C LEU FA 241 -125.04 -49.66 85.30
N ALA FA 242 -124.04 -50.13 84.55
CA ALA FA 242 -122.65 -49.96 84.95
C ALA FA 242 -121.86 -49.07 84.01
N ARG FA 243 -121.73 -49.43 82.75
CA ARG FA 243 -120.84 -48.70 81.85
C ARG FA 243 -121.52 -48.47 80.52
N VAL FA 244 -121.02 -47.46 79.80
CA VAL FA 244 -121.45 -47.14 78.45
C VAL FA 244 -120.23 -47.15 77.54
N PHE FA 245 -120.31 -47.95 76.47
CA PHE FA 245 -119.25 -48.05 75.48
C PHE FA 245 -119.70 -47.41 74.18
N ASP FA 246 -118.73 -46.94 73.39
CA ASP FA 246 -119.01 -46.40 72.08
C ASP FA 246 -118.53 -47.37 71.00
N LYS FA 247 -118.89 -47.10 69.75
CA LYS FA 247 -118.58 -48.01 68.65
C LYS FA 247 -117.11 -47.99 68.25
N GLU FA 248 -116.26 -47.31 69.03
CA GLU FA 248 -114.84 -47.25 68.72
C GLU FA 248 -113.95 -47.66 69.89
N GLY FA 249 -114.51 -47.93 71.06
CA GLY FA 249 -113.72 -48.43 72.16
C GLY FA 249 -113.39 -47.42 73.24
N LYS FA 250 -114.02 -46.25 73.24
CA LYS FA 250 -113.81 -45.29 74.32
C LYS FA 250 -114.97 -45.36 75.31
N GLU FA 251 -114.63 -45.42 76.59
CA GLU FA 251 -115.63 -45.49 77.64
C GLU FA 251 -116.17 -44.09 77.91
N ILE FA 252 -117.48 -43.93 77.80
CA ILE FA 252 -118.15 -42.67 78.06
C ILE FA 252 -118.77 -42.73 79.45
N ALA FA 253 -118.46 -41.75 80.29
CA ALA FA 253 -118.93 -41.73 81.66
C ALA FA 253 -120.45 -41.57 81.72
N LEU FA 254 -121.05 -42.20 82.73
CA LEU FA 254 -122.49 -42.15 82.87
C LEU FA 254 -123.00 -40.74 83.13
N THR FA 255 -122.24 -39.94 83.87
CA THR FA 255 -122.66 -38.58 84.19
C THR FA 255 -122.59 -37.65 83.00
N ASP FA 256 -122.00 -38.08 81.89
CA ASP FA 256 -121.87 -37.22 80.72
C ASP FA 256 -123.24 -36.90 80.14
N SER FA 257 -123.34 -35.74 79.48
CA SER FA 257 -124.63 -35.26 79.00
C SER FA 257 -125.23 -36.19 77.95
N ARG FA 258 -124.40 -36.71 77.04
CA ARG FA 258 -124.93 -37.52 75.95
C ARG FA 258 -125.62 -38.78 76.49
N VAL FA 259 -124.99 -39.47 77.43
CA VAL FA 259 -125.59 -40.68 77.99
C VAL FA 259 -126.78 -40.33 78.87
N SER FA 260 -126.63 -39.32 79.72
CA SER FA 260 -127.69 -39.00 80.68
C SER FA 260 -128.96 -38.54 79.99
N ALA FA 261 -128.83 -37.77 78.91
CA ALA FA 261 -130.01 -37.28 78.21
C ALA FA 261 -130.82 -38.41 77.62
N ALA FA 262 -130.15 -39.40 77.02
CA ALA FA 262 -130.87 -40.51 76.39
C ALA FA 262 -131.25 -41.59 77.38
N LEU FA 263 -130.70 -41.58 78.60
CA LEU FA 263 -130.96 -42.62 79.57
C LEU FA 263 -131.46 -41.96 80.85
N SER FA 264 -132.76 -42.07 81.10
CA SER FA 264 -133.38 -41.39 82.25
C SER FA 264 -134.48 -42.28 82.80
N GLY FA 265 -134.55 -42.39 84.12
CA GLY FA 265 -135.59 -43.15 84.77
C GLY FA 265 -135.62 -44.62 84.40
N LEU FA 266 -134.45 -45.21 84.20
CA LEU FA 266 -134.37 -46.60 83.78
C LEU FA 266 -134.44 -47.53 84.98
N THR FA 267 -135.28 -48.55 84.89
CA THR FA 267 -135.36 -49.60 85.90
C THR FA 267 -135.12 -50.94 85.23
N VAL FA 268 -134.15 -51.69 85.76
CA VAL FA 268 -133.82 -53.02 85.26
C VAL FA 268 -134.02 -54.01 86.39
N THR FA 269 -134.86 -55.02 86.16
CA THR FA 269 -135.23 -55.96 87.20
C THR FA 269 -135.11 -57.38 86.67
N GLY FA 270 -134.96 -58.33 87.59
CA GLY FA 270 -134.94 -59.73 87.23
C GLY FA 270 -136.35 -60.28 87.14
N VAL FA 271 -136.52 -61.27 86.25
CA VAL FA 271 -137.81 -61.91 86.03
C VAL FA 271 -137.71 -63.42 86.19
N GLY FA 272 -136.84 -64.05 85.43
CA GLY FA 272 -136.74 -65.51 85.49
C GLY FA 272 -135.50 -65.98 84.76
N TYR FA 273 -135.42 -67.30 84.60
CA TYR FA 273 -134.29 -67.90 83.91
C TYR FA 273 -134.62 -69.34 83.55
N SER FA 274 -133.66 -70.01 82.93
CA SER FA 274 -133.83 -71.36 82.43
C SER FA 274 -132.60 -72.21 82.78
N LEU FA 275 -132.81 -73.52 82.80
CA LEU FA 275 -131.74 -74.46 83.12
C LEU FA 275 -131.61 -75.51 82.02
N GLU FA 276 -130.38 -75.76 81.60
CA GLU FA 276 -130.07 -76.84 80.66
C GLU FA 276 -129.45 -77.99 81.44
N ALA FA 277 -130.29 -78.90 81.92
CA ALA FA 277 -129.81 -80.04 82.69
C ALA FA 277 -130.31 -81.32 82.02
N ARG FA 278 -129.42 -82.31 81.94
CA ARG FA 278 -129.72 -83.55 81.25
C ARG FA 278 -129.71 -84.71 82.24
N LEU FA 279 -130.72 -85.54 82.14
CA LEU FA 279 -130.88 -86.70 83.00
C LEU FA 279 -130.01 -87.85 82.51
N THR FA 280 -129.12 -88.32 83.37
CA THR FA 280 -128.23 -89.44 83.05
C THR FA 280 -128.93 -90.73 83.48
N ASN FA 281 -129.49 -91.44 82.52
CA ASN FA 281 -130.32 -92.61 82.81
C ASN FA 281 -129.42 -93.80 83.05
N ILE FA 282 -129.59 -94.42 84.22
CA ILE FA 282 -128.94 -95.70 84.50
C ILE FA 282 -129.97 -96.82 84.48
N ASN FA 283 -131.20 -96.54 84.91
CA ASN FA 283 -132.27 -97.51 84.74
C ASN FA 283 -132.60 -97.68 83.26
N GLN FA 284 -132.20 -96.72 82.43
CA GLN FA 284 -132.18 -96.89 80.98
C GLN FA 284 -133.55 -97.15 80.39
N LEU FA 285 -134.45 -96.17 80.48
CA LEU FA 285 -135.83 -96.34 80.05
C LEU FA 285 -136.22 -95.28 79.02
N GLU FA 286 -135.41 -95.15 77.96
CA GLU FA 286 -135.69 -94.26 76.84
C GLU FA 286 -135.79 -95.06 75.55
N MET FA 287 -136.65 -94.59 74.64
CA MET FA 287 -136.95 -95.33 73.42
C MET FA 287 -135.75 -95.42 72.49
N GLY FA 288 -135.08 -94.29 72.24
CA GLY FA 288 -133.98 -94.26 71.30
C GLY FA 288 -134.42 -94.23 69.85
N LEU FA 289 -133.48 -94.35 68.94
CA LEU FA 289 -133.74 -94.33 67.50
C LEU FA 289 -133.42 -95.71 66.94
N LEU FA 290 -134.36 -96.28 66.19
CA LEU FA 290 -134.26 -97.66 65.74
C LEU FA 290 -133.59 -97.74 64.37
N ILE FA 291 -132.78 -98.77 64.19
CA ILE FA 291 -132.11 -99.04 62.92
C ILE FA 291 -132.58 -100.38 62.41
N ASP FA 292 -133.27 -100.38 61.26
CA ASP FA 292 -133.87 -101.58 60.71
C ASP FA 292 -133.57 -101.66 59.23
N SER FA 293 -134.00 -102.77 58.62
CA SER FA 293 -133.75 -103.02 57.21
C SER FA 293 -134.87 -103.85 56.60
N ASP FA 294 -135.26 -103.49 55.38
CA ASP FA 294 -136.22 -104.26 54.60
C ASP FA 294 -135.76 -104.31 53.15
N VAL FA 295 -136.13 -105.40 52.48
CA VAL FA 295 -135.65 -105.68 51.12
C VAL FA 295 -136.69 -105.17 50.12
N GLN FA 296 -136.24 -104.84 48.92
CA GLN FA 296 -137.11 -104.56 47.80
C GLN FA 296 -136.67 -105.37 46.60
N LYS FA 297 -137.62 -106.04 45.96
CA LYS FA 297 -137.37 -106.89 44.79
C LYS FA 297 -137.94 -106.20 43.55
N GLN FA 298 -137.44 -106.62 42.39
CA GLN FA 298 -137.94 -106.11 41.10
C GLN FA 298 -137.87 -107.23 40.07
N GLY FA 299 -138.81 -107.23 39.13
CA GLY FA 299 -138.90 -108.27 38.11
C GLY FA 299 -138.76 -107.70 36.71
N PHE FA 300 -137.95 -108.37 35.90
CA PHE FA 300 -137.61 -107.93 34.55
C PHE FA 300 -137.94 -109.04 33.56
N MET FA 301 -138.46 -108.66 32.39
CA MET FA 301 -138.90 -109.60 31.37
C MET FA 301 -138.26 -109.25 30.03
N ILE FA 302 -137.82 -110.28 29.31
CA ILE FA 302 -137.17 -110.12 28.01
C ILE FA 302 -138.10 -110.68 26.94
N PRO FA 303 -138.68 -109.86 26.08
CA PRO FA 303 -139.63 -110.35 25.08
C PRO FA 303 -138.93 -110.69 23.77
N THR FA 304 -139.70 -111.33 22.89
CA THR FA 304 -139.23 -111.74 21.58
C THR FA 304 -139.83 -110.87 20.49
N LEU FA 305 -138.97 -110.30 19.61
CA LEU FA 305 -139.27 -109.28 18.61
C LEU FA 305 -139.59 -109.90 17.26
N PRO FA 306 -140.26 -109.15 16.38
CA PRO FA 306 -140.66 -109.69 15.08
C PRO FA 306 -139.46 -110.12 14.25
N PRO FA 307 -139.64 -111.07 13.33
CA PRO FA 307 -138.51 -111.65 12.62
C PRO FA 307 -138.12 -110.80 11.41
N LEU FA 308 -136.84 -110.88 11.04
CA LEU FA 308 -136.35 -110.25 9.82
C LEU FA 308 -136.03 -111.35 8.82
N VAL FA 309 -136.81 -111.42 7.75
CA VAL FA 309 -137.05 -112.66 7.01
C VAL FA 309 -136.60 -112.52 5.57
N ILE FA 310 -136.03 -113.59 5.03
CA ILE FA 310 -135.61 -113.66 3.64
C ILE FA 310 -136.32 -114.82 2.95
N VAL FA 311 -136.51 -114.69 1.64
CA VAL FA 311 -137.04 -115.77 0.79
C VAL FA 311 -136.13 -115.92 -0.42
N LYS FA 312 -135.89 -117.16 -0.82
CA LYS FA 312 -134.96 -117.48 -1.89
C LYS FA 312 -135.49 -118.67 -2.67
N PRO FA 313 -135.65 -118.54 -3.99
CA PRO FA 313 -136.07 -119.70 -4.79
C PRO FA 313 -134.94 -120.72 -4.84
N ALA FA 314 -135.32 -122.00 -4.69
CA ALA FA 314 -134.36 -123.06 -4.42
C ALA FA 314 -134.52 -124.20 -5.43
N MET FA 315 -133.92 -124.01 -6.59
CA MET FA 315 -133.51 -125.09 -7.48
C MET FA 315 -132.11 -124.87 -8.04
N VAL FA 316 -131.66 -123.63 -8.06
CA VAL FA 316 -130.29 -123.29 -8.32
C VAL FA 316 -129.75 -122.53 -7.11
N GLU FA 317 -128.50 -122.10 -7.20
CA GLU FA 317 -127.85 -121.42 -6.09
C GLU FA 317 -127.41 -120.02 -6.50
N ASP FA 318 -127.55 -119.07 -5.60
CA ASP FA 318 -127.15 -117.68 -5.81
C ASP FA 318 -126.22 -117.25 -4.68
N ASP FA 319 -125.35 -116.29 -4.99
CA ASP FA 319 -124.55 -115.62 -3.97
C ASP FA 319 -124.43 -114.14 -4.29
N LYS FA 320 -125.05 -113.71 -5.40
CA LYS FA 320 -124.98 -112.32 -5.84
C LYS FA 320 -126.37 -111.72 -6.02
N THR FA 321 -127.37 -112.53 -6.33
CA THR FA 321 -128.74 -112.06 -6.34
C THR FA 321 -129.23 -112.00 -4.90
N TYR FA 322 -129.08 -113.12 -4.19
CA TYR FA 322 -129.15 -113.12 -2.74
C TYR FA 322 -127.73 -113.28 -2.24
N PRO FA 323 -127.17 -112.31 -1.54
CA PRO FA 323 -125.85 -112.49 -0.95
C PRO FA 323 -125.89 -113.52 0.17
N ARG FA 324 -124.73 -113.85 0.71
CA ARG FA 324 -124.66 -114.81 1.80
C ARG FA 324 -125.37 -114.25 3.04
N LEU FA 325 -125.38 -115.07 4.10
CA LEU FA 325 -126.04 -114.71 5.35
C LEU FA 325 -125.47 -113.43 5.94
N GLU FA 326 -124.27 -113.05 5.52
CA GLU FA 326 -123.58 -111.92 6.11
C GLU FA 326 -124.41 -110.64 6.00
N ALA FA 327 -125.02 -110.40 4.84
CA ALA FA 327 -125.85 -109.21 4.68
C ALA FA 327 -127.02 -109.23 5.66
N LEU FA 328 -127.64 -110.39 5.82
CA LEU FA 328 -128.78 -110.53 6.71
C LEU FA 328 -128.36 -110.24 8.15
N THR FA 329 -127.22 -110.81 8.57
CA THR FA 329 -126.74 -110.58 9.93
C THR FA 329 -126.38 -109.12 10.14
N THR FA 330 -125.77 -108.49 9.14
CA THR FA 330 -125.44 -107.07 9.26
C THR FA 330 -126.70 -106.23 9.41
N ALA FA 331 -127.73 -106.55 8.63
CA ALA FA 331 -129.00 -105.84 8.78
C ALA FA 331 -129.54 -105.99 10.20
N TYR FA 332 -129.52 -107.22 10.73
CA TYR FA 332 -129.96 -107.43 12.10
C TYR FA 332 -129.14 -106.62 13.09
N ARG FA 333 -127.82 -106.62 12.92
CA ARG FA 333 -126.95 -105.95 13.89
C ARG FA 333 -127.20 -104.45 13.89
N ILE FA 334 -127.37 -103.86 12.71
CA ILE FA 334 -127.73 -102.43 12.66
C ILE FA 334 -129.05 -102.20 13.36
N GLN FA 335 -130.08 -102.98 12.98
CA GLN FA 335 -131.42 -102.78 13.48
C GLN FA 335 -131.46 -102.85 14.99
N GLN FA 336 -130.69 -103.76 15.57
CA GLN FA 336 -130.62 -103.83 17.02
C GLN FA 336 -129.81 -102.68 17.61
N MET FA 337 -128.53 -102.59 17.27
CA MET FA 337 -127.60 -101.81 18.06
C MET FA 337 -127.61 -100.32 17.73
N ARG FA 338 -128.41 -99.86 16.78
CA ARG FA 338 -128.47 -98.41 16.63
C ARG FA 338 -129.83 -97.83 16.96
N ASN FA 339 -130.85 -98.29 16.22
CA ASN FA 339 -132.13 -97.61 16.24
C ASN FA 339 -132.86 -97.86 17.55
N ASN FA 340 -132.87 -99.11 18.01
CA ASN FA 340 -133.57 -99.41 19.26
C ASN FA 340 -132.91 -98.69 20.44
N ALA FA 341 -131.58 -98.68 20.48
CA ALA FA 341 -130.88 -97.99 21.57
C ALA FA 341 -131.20 -96.51 21.59
N VAL FA 342 -131.13 -95.85 20.43
CA VAL FA 342 -131.41 -94.42 20.40
C VAL FA 342 -132.86 -94.15 20.79
N THR FA 343 -133.77 -95.01 20.32
CA THR FA 343 -135.18 -94.85 20.65
C THR FA 343 -135.40 -94.95 22.16
N THR FA 344 -134.80 -95.95 22.80
CA THR FA 344 -134.96 -96.10 24.24
C THR FA 344 -134.39 -94.90 24.97
N LEU FA 345 -133.23 -94.42 24.56
CA LEU FA 345 -132.61 -93.29 25.27
C LEU FA 345 -133.48 -92.04 25.16
N LEU FA 346 -133.98 -91.74 23.96
CA LEU FA 346 -134.79 -90.54 23.80
C LEU FA 346 -136.12 -90.66 24.51
N ASN FA 347 -136.72 -91.85 24.49
CA ASN FA 347 -137.96 -92.04 25.22
C ASN FA 347 -137.73 -91.87 26.73
N ARG FA 348 -136.60 -92.35 27.23
CA ARG FA 348 -136.27 -92.15 28.63
C ARG FA 348 -136.13 -90.68 28.96
N ALA FA 349 -135.48 -89.92 28.06
CA ALA FA 349 -135.39 -88.48 28.26
C ALA FA 349 -136.77 -87.85 28.36
N ASP FA 350 -137.67 -88.23 27.45
CA ASP FA 350 -139.01 -87.66 27.46
C ASP FA 350 -139.74 -88.00 28.75
N THR FA 351 -139.64 -89.25 29.20
CA THR FA 351 -140.34 -89.67 30.40
C THR FA 351 -139.79 -88.95 31.64
N LEU FA 352 -138.47 -88.79 31.71
CA LEU FA 352 -137.89 -88.06 32.83
C LEU FA 352 -138.38 -86.61 32.83
N LYS FA 353 -138.47 -86.00 31.65
CA LYS FA 353 -139.09 -84.69 31.56
C LYS FA 353 -140.49 -84.70 32.14
N SER FA 354 -141.29 -85.70 31.76
CA SER FA 354 -142.68 -85.74 32.19
C SER FA 354 -142.79 -85.86 33.70
N TYR FA 355 -141.96 -86.68 34.33
CA TYR FA 355 -142.19 -86.97 35.74
C TYR FA 355 -141.42 -86.04 36.66
N LEU FA 356 -140.13 -85.85 36.43
CA LEU FA 356 -139.28 -85.21 37.42
C LEU FA 356 -139.43 -83.70 37.48
N GLY FA 357 -140.00 -83.07 36.45
CA GLY FA 357 -139.98 -81.62 36.40
C GLY FA 357 -138.63 -81.12 35.94
N VAL FA 358 -138.55 -79.84 35.62
CA VAL FA 358 -137.34 -79.27 35.01
C VAL FA 358 -136.43 -78.79 36.14
N GLY FA 359 -135.32 -79.49 36.32
CA GLY FA 359 -134.27 -79.02 37.20
C GLY FA 359 -134.56 -79.09 38.68
N VAL FA 360 -135.66 -79.73 39.08
CA VAL FA 360 -136.08 -79.78 40.48
C VAL FA 360 -135.82 -81.18 41.00
N PRO FA 361 -135.02 -81.37 42.04
CA PRO FA 361 -134.77 -82.70 42.58
C PRO FA 361 -135.95 -83.21 43.40
N HIS FA 362 -135.88 -84.49 43.73
CA HIS FA 362 -136.87 -85.14 44.58
C HIS FA 362 -136.16 -85.95 45.65
N PRO FA 363 -136.81 -86.21 46.79
CA PRO FA 363 -136.16 -87.01 47.83
C PRO FA 363 -135.82 -88.41 47.38
N ILE FA 364 -135.18 -89.19 48.25
CA ILE FA 364 -134.76 -90.53 47.86
C ILE FA 364 -135.95 -91.46 48.11
N GLU FA 365 -136.13 -92.45 47.23
CA GLU FA 365 -137.32 -93.29 47.14
C GLU FA 365 -138.56 -92.51 46.73
N SER FA 366 -138.42 -91.23 46.43
CA SER FA 366 -139.57 -90.40 46.12
C SER FA 366 -140.03 -90.66 44.69
N ASN FA 367 -141.35 -90.79 44.52
CA ASN FA 367 -142.00 -91.07 43.24
C ASN FA 367 -141.65 -92.46 42.75
N LEU FA 368 -142.64 -93.16 42.20
CA LEU FA 368 -142.45 -94.53 41.75
C LEU FA 368 -142.47 -94.64 40.23
N GLY FA 369 -142.34 -93.52 39.52
CA GLY FA 369 -142.27 -93.56 38.08
C GLY FA 369 -140.86 -93.73 37.55
N LEU FA 370 -139.90 -94.05 38.42
CA LEU FA 370 -138.51 -94.08 38.03
C LEU FA 370 -138.02 -95.51 37.94
N GLU FA 371 -137.56 -95.90 36.76
CA GLU FA 371 -137.23 -97.29 36.48
C GLU FA 371 -135.96 -97.72 37.20
N GLY FA 372 -135.77 -99.02 37.27
CA GLY FA 372 -134.58 -99.60 37.85
C GLY FA 372 -134.57 -99.45 39.37
N VAL FA 373 -133.41 -99.78 39.93
CA VAL FA 373 -133.21 -99.67 41.37
C VAL FA 373 -132.18 -98.60 41.73
N GLY FA 374 -131.86 -97.71 40.79
CA GLY FA 374 -130.95 -96.62 41.11
C GLY FA 374 -131.53 -95.64 42.12
N GLN FA 375 -132.85 -95.47 42.14
CA GLN FA 375 -133.48 -94.52 43.04
C GLN FA 375 -133.32 -94.94 44.50
N TYR FA 376 -132.86 -96.16 44.74
CA TYR FA 376 -132.56 -96.60 46.09
C TYR FA 376 -131.20 -96.12 46.57
N TYR FA 377 -130.45 -95.42 45.71
CA TYR FA 377 -129.11 -94.98 46.05
C TYR FA 377 -128.90 -93.49 45.89
N VAL FA 378 -129.64 -92.85 44.98
CA VAL FA 378 -129.43 -91.44 44.67
C VAL FA 378 -130.78 -90.74 44.57
N ARG FA 379 -130.74 -89.43 44.74
CA ARG FA 379 -131.91 -88.61 44.45
C ARG FA 379 -132.20 -88.65 42.95
N PRO FA 380 -133.47 -88.65 42.54
CA PRO FA 380 -133.78 -88.50 41.12
C PRO FA 380 -133.62 -87.05 40.69
N TYR FA 381 -133.17 -86.84 39.46
CA TYR FA 381 -132.85 -85.49 39.00
C TYR FA 381 -132.88 -85.44 37.49
N TYR FA 382 -133.41 -84.35 36.94
CA TYR FA 382 -133.46 -84.11 35.51
C TYR FA 382 -133.39 -82.62 35.23
N ASN FA 383 -132.34 -82.20 34.53
CA ASN FA 383 -132.22 -80.82 34.10
C ASN FA 383 -131.80 -80.78 32.64
N GLU FA 384 -132.27 -79.74 31.93
CA GLU FA 384 -131.97 -79.55 30.53
C GLU FA 384 -131.75 -78.06 30.28
N ALA FA 385 -130.96 -77.75 29.26
CA ALA FA 385 -130.64 -76.37 28.94
C ALA FA 385 -130.45 -76.23 27.43
N THR FA 386 -130.64 -75.01 26.94
CA THR FA 386 -130.47 -74.69 25.53
C THR FA 386 -129.50 -73.53 25.41
N ILE FA 387 -128.54 -73.65 24.50
CA ILE FA 387 -127.56 -72.62 24.25
C ILE FA 387 -127.84 -72.00 22.89
N ASP FA 388 -128.18 -70.71 22.89
CA ASP FA 388 -128.29 -69.94 21.67
C ASP FA 388 -126.94 -69.28 21.43
N VAL FA 389 -126.08 -69.95 20.66
CA VAL FA 389 -124.73 -69.46 20.44
C VAL FA 389 -124.73 -68.09 19.77
N LEU FA 390 -125.80 -67.74 19.07
CA LEU FA 390 -125.88 -66.43 18.44
C LEU FA 390 -125.96 -65.32 19.48
N ASN FA 391 -126.67 -65.55 20.57
CA ASN FA 391 -126.91 -64.50 21.57
C ASN FA 391 -126.24 -64.74 22.91
N ASP FA 392 -125.19 -65.56 22.98
CA ASP FA 392 -124.50 -65.79 24.24
C ASP FA 392 -122.99 -65.65 24.14
N LEU FA 393 -122.43 -65.68 22.94
CA LEU FA 393 -120.98 -65.71 22.80
C LEU FA 393 -120.36 -64.34 23.08
N ASN FA 394 -119.18 -64.35 23.69
CA ASN FA 394 -118.34 -63.17 23.82
C ASN FA 394 -117.09 -63.38 22.99
N ASN FA 395 -116.85 -62.48 22.04
CA ASN FA 395 -115.81 -62.70 21.05
C ASN FA 395 -115.12 -61.39 20.66
N LEU FA 396 -113.84 -61.49 20.35
CA LEU FA 396 -113.01 -60.31 20.09
C LEU FA 396 -112.64 -60.17 18.61
N THR FA 397 -112.01 -61.19 18.03
CA THR FA 397 -111.65 -61.18 16.62
C THR FA 397 -111.90 -62.58 16.05
N SER FA 398 -112.28 -62.63 14.79
CA SER FA 398 -112.62 -63.91 14.17
C SER FA 398 -111.32 -64.67 13.90
N ALA FA 399 -110.56 -64.91 14.96
CA ALA FA 399 -109.39 -65.78 14.93
C ALA FA 399 -109.46 -66.69 16.14
N ALA FA 400 -110.21 -66.24 17.15
CA ALA FA 400 -110.54 -67.03 18.32
C ALA FA 400 -112.02 -67.39 18.35
N LYS FA 401 -112.72 -67.22 17.23
CA LYS FA 401 -114.16 -67.45 17.19
C LYS FA 401 -114.51 -68.86 17.64
N GLN FA 402 -113.90 -69.86 17.00
CA GLN FA 402 -114.19 -71.24 17.36
C GLN FA 402 -113.74 -71.55 18.78
N THR FA 403 -112.59 -71.00 19.19
CA THR FA 403 -112.14 -71.19 20.56
C THR FA 403 -113.14 -70.61 21.56
N ASP FA 404 -113.65 -69.42 21.27
CA ASP FA 404 -114.64 -68.82 22.15
C ASP FA 404 -115.90 -69.69 22.20
N ILE FA 405 -116.34 -70.18 21.05
CA ILE FA 405 -117.52 -71.03 21.02
C ILE FA 405 -117.31 -72.27 21.87
N GLN FA 406 -116.17 -72.93 21.72
CA GLN FA 406 -115.97 -74.18 22.44
C GLN FA 406 -115.82 -73.93 23.93
N GLY FA 407 -115.23 -72.79 24.29
CA GLY FA 407 -115.17 -72.42 25.70
C GLY FA 407 -116.55 -72.22 26.29
N LEU FA 408 -117.42 -71.55 25.55
CA LEU FA 408 -118.79 -71.34 26.04
C LEU FA 408 -119.53 -72.66 26.20
N ILE FA 409 -119.36 -73.58 25.25
CA ILE FA 409 -120.05 -74.87 25.37
C ILE FA 409 -119.47 -75.69 26.52
N VAL FA 410 -118.14 -75.73 26.66
CA VAL FA 410 -117.52 -76.55 27.68
C VAL FA 410 -117.84 -76.02 29.07
N SER FA 411 -117.90 -74.70 29.24
CA SER FA 411 -118.25 -74.15 30.56
C SER FA 411 -119.65 -74.58 30.97
N LYS FA 412 -120.60 -74.53 30.03
CA LYS FA 412 -121.95 -75.00 30.32
C LYS FA 412 -121.97 -76.48 30.68
N ILE FA 413 -121.29 -77.30 29.89
CA ILE FA 413 -121.22 -78.73 30.20
C ILE FA 413 -120.65 -78.94 31.61
N ASN FA 414 -119.59 -78.21 31.92
CA ASN FA 414 -118.93 -78.35 33.21
C ASN FA 414 -119.86 -78.00 34.35
N GLU FA 415 -120.51 -76.83 34.27
CA GLU FA 415 -121.36 -76.41 35.38
C GLU FA 415 -122.55 -77.33 35.54
N MET FA 416 -123.10 -77.83 34.43
CA MET FA 416 -124.18 -78.79 34.52
C MET FA 416 -123.75 -80.06 35.26
N VAL FA 417 -122.60 -80.61 34.90
CA VAL FA 417 -122.14 -81.82 35.56
C VAL FA 417 -121.87 -81.57 37.04
N TYR FA 418 -121.27 -80.42 37.36
CA TYR FA 418 -120.99 -80.10 38.76
C TYR FA 418 -122.28 -80.03 39.56
N THR FA 419 -123.28 -79.32 39.03
CA THR FA 419 -124.55 -79.20 39.74
C THR FA 419 -125.20 -80.56 39.92
N ALA FA 420 -125.15 -81.40 38.89
CA ALA FA 420 -125.71 -82.75 39.01
C ALA FA 420 -124.99 -83.53 40.10
N ASP FA 421 -123.66 -83.47 40.12
CA ASP FA 421 -122.90 -84.20 41.12
C ASP FA 421 -123.20 -83.68 42.52
N GLN FA 422 -123.52 -82.39 42.65
CA GLN FA 422 -123.83 -81.86 43.97
C GLN FA 422 -125.20 -82.30 44.44
N LEU FA 423 -126.21 -82.14 43.60
CA LEU FA 423 -127.60 -82.28 44.06
C LEU FA 423 -128.06 -83.72 44.18
N THR FA 424 -127.25 -84.70 43.76
CA THR FA 424 -127.65 -86.09 43.87
C THR FA 424 -126.80 -86.90 44.83
N GLY FA 425 -125.74 -86.31 45.39
CA GLY FA 425 -124.87 -87.05 46.27
C GLY FA 425 -124.24 -88.26 45.61
N TYR FA 426 -123.87 -88.14 44.34
CA TYR FA 426 -123.41 -89.30 43.58
C TYR FA 426 -122.11 -89.85 44.15
N THR FA 427 -121.20 -88.97 44.56
CA THR FA 427 -119.92 -89.42 45.10
C THR FA 427 -120.12 -90.23 46.37
N ALA FA 428 -120.99 -89.77 47.26
CA ALA FA 428 -121.29 -90.53 48.47
C ALA FA 428 -121.90 -91.88 48.11
N ALA FA 429 -122.74 -91.90 47.08
CA ALA FA 429 -123.31 -93.17 46.64
C ALA FA 429 -122.24 -94.13 46.14
N LEU FA 430 -121.27 -93.62 45.39
CA LEU FA 430 -120.16 -94.46 44.95
C LEU FA 430 -119.38 -94.99 46.13
N GLU FA 431 -119.14 -94.13 47.13
CA GLU FA 431 -118.41 -94.58 48.31
C GLU FA 431 -119.16 -95.67 49.04
N ALA FA 432 -120.48 -95.51 49.19
CA ALA FA 432 -121.28 -96.51 49.87
C ALA FA 432 -121.31 -97.82 49.09
N ALA FA 433 -121.41 -97.74 47.77
CA ALA FA 433 -121.52 -98.96 46.96
C ALA FA 433 -120.22 -99.73 46.91
N PHE FA 434 -119.08 -99.04 46.89
CA PHE FA 434 -117.78 -99.69 46.78
C PHE FA 434 -116.89 -99.18 47.90
N SER FA 435 -116.41 -100.10 48.74
CA SER FA 435 -115.50 -99.75 49.82
C SER FA 435 -114.07 -99.95 49.34
N GLY FA 436 -113.16 -99.08 49.80
CA GLY FA 436 -111.75 -99.19 49.47
C GLY FA 436 -111.28 -98.27 48.39
N ARG FA 437 -112.17 -97.69 47.60
CA ARG FA 437 -111.78 -96.75 46.57
C ARG FA 437 -112.94 -95.81 46.29
N SER FA 438 -112.61 -94.60 45.85
CA SER FA 438 -113.60 -93.60 45.47
C SER FA 438 -113.28 -93.17 44.05
N PRO FA 439 -113.61 -93.97 43.05
CA PRO FA 439 -113.20 -93.64 41.68
C PRO FA 439 -113.83 -92.35 41.18
N LYS FA 440 -113.12 -91.66 40.30
CA LYS FA 440 -113.67 -90.44 39.73
C LYS FA 440 -114.90 -90.79 38.90
N PRO FA 441 -116.05 -90.20 39.20
CA PRO FA 441 -117.26 -90.51 38.42
C PRO FA 441 -117.07 -90.17 36.95
N HIS FA 442 -117.07 -91.20 36.12
CA HIS FA 442 -116.80 -91.08 34.71
C HIS FA 442 -118.03 -90.53 34.00
N VAL FA 443 -117.85 -89.49 33.19
CA VAL FA 443 -118.95 -88.82 32.50
C VAL FA 443 -118.97 -89.31 31.05
N ALA FA 444 -120.15 -89.69 30.57
CA ALA FA 444 -120.31 -90.20 29.21
C ALA FA 444 -120.87 -89.08 28.32
N ILE FA 445 -120.42 -89.06 27.07
CA ILE FA 445 -120.82 -88.05 26.10
C ILE FA 445 -121.25 -88.77 24.82
N GLY FA 446 -122.47 -88.51 24.37
CA GLY FA 446 -122.97 -89.04 23.12
C GLY FA 446 -123.61 -87.91 22.30
N THR FA 447 -123.18 -87.81 21.04
CA THR FA 447 -123.64 -86.74 20.18
C THR FA 447 -123.49 -87.16 18.73
N ASP FA 448 -123.92 -86.28 17.83
CA ASP FA 448 -123.84 -86.55 16.39
C ASP FA 448 -122.44 -86.30 15.86
N MET FA 449 -122.29 -86.21 14.55
CA MET FA 449 -120.99 -86.02 13.92
C MET FA 449 -120.59 -84.56 13.76
N ARG FA 450 -121.41 -83.62 14.21
CA ARG FA 450 -121.14 -82.19 14.02
C ARG FA 450 -120.40 -81.55 15.18
N LEU FA 451 -120.94 -81.64 16.38
CA LEU FA 451 -120.34 -81.00 17.55
C LEU FA 451 -119.01 -81.59 18.04
N PRO FA 452 -118.76 -82.92 17.96
CA PRO FA 452 -117.53 -83.43 18.59
C PRO FA 452 -116.27 -82.88 17.96
N GLN FA 453 -116.41 -82.15 16.86
CA GLN FA 453 -115.33 -81.35 16.32
C GLN FA 453 -115.27 -79.97 16.95
N TYR FA 454 -115.88 -79.81 18.13
CA TYR FA 454 -115.76 -78.59 18.89
C TYR FA 454 -115.52 -78.84 20.37
N ILE FA 455 -115.07 -80.03 20.75
CA ILE FA 455 -114.62 -80.30 22.10
C ILE FA 455 -113.24 -80.91 21.94
N GLN FA 456 -112.58 -80.57 20.84
CA GLN FA 456 -111.32 -81.16 20.44
C GLN FA 456 -110.11 -80.56 21.13
N ILE FA 457 -110.07 -79.24 21.31
CA ILE FA 457 -108.80 -78.59 21.60
C ILE FA 457 -108.43 -78.76 23.06
N ASN FA 458 -107.14 -78.57 23.35
CA ASN FA 458 -106.65 -78.46 24.73
C ASN FA 458 -106.57 -77.01 25.18
N GLY FA 459 -107.07 -76.05 24.38
CA GLY FA 459 -107.00 -74.65 24.76
C GLY FA 459 -107.69 -74.36 26.08
N ASP FA 460 -108.70 -75.15 26.45
CA ASP FA 460 -109.25 -75.11 27.79
C ASP FA 460 -108.68 -76.25 28.62
N ASP FA 461 -108.07 -75.90 29.75
CA ASP FA 461 -107.50 -76.89 30.66
C ASP FA 461 -108.57 -77.75 31.29
N ARG FA 462 -109.84 -77.50 31.00
CA ARG FA 462 -110.95 -78.31 31.47
C ARG FA 462 -111.75 -78.76 30.26
N THR FA 463 -111.91 -80.07 30.11
CA THR FA 463 -112.72 -80.62 29.04
C THR FA 463 -114.11 -81.01 29.50
N VAL FA 464 -114.24 -81.81 30.55
CA VAL FA 464 -115.53 -82.07 31.18
C VAL FA 464 -115.35 -81.76 32.66
N GLY FA 465 -114.17 -81.32 33.03
CA GLY FA 465 -113.86 -80.95 34.39
C GLY FA 465 -112.62 -81.67 34.93
N ILE FA 466 -112.03 -81.04 35.93
CA ILE FA 466 -110.83 -81.54 36.59
C ILE FA 466 -111.22 -82.73 37.46
N GLY FA 467 -110.44 -83.79 37.40
CA GLY FA 467 -110.80 -85.01 38.10
C GLY FA 467 -112.00 -85.72 37.52
N TYR FA 468 -112.29 -85.49 36.25
CA TYR FA 468 -113.39 -86.17 35.57
C TYR FA 468 -112.87 -86.80 34.29
N ASP FA 469 -113.25 -88.04 34.07
CA ASP FA 469 -112.87 -88.78 32.89
C ASP FA 469 -114.07 -88.92 31.96
N TYR FA 470 -113.83 -88.75 30.67
CA TYR FA 470 -114.92 -88.63 29.72
C TYR FA 470 -114.65 -89.52 28.53
N THR FA 471 -115.74 -89.99 27.91
CA THR FA 471 -115.69 -90.76 26.68
C THR FA 471 -116.66 -90.16 25.70
N ILE FA 472 -116.21 -89.97 24.45
CA ILE FA 472 -117.00 -89.32 23.41
C ILE FA 472 -117.48 -90.38 22.43
N ALA FA 473 -118.79 -90.51 22.28
CA ALA FA 473 -119.38 -91.46 21.36
C ALA FA 473 -120.11 -90.72 20.25
N ARG FA 474 -119.88 -91.15 19.02
CA ARG FA 474 -120.48 -90.53 17.85
C ARG FA 474 -121.45 -91.50 17.18
N ILE FA 475 -122.56 -90.97 16.71
CA ILE FA 475 -123.60 -91.76 16.07
C ILE FA 475 -124.30 -90.90 15.03
N SER FA 476 -124.67 -91.53 13.91
CA SER FA 476 -125.04 -90.80 12.70
C SER FA 476 -126.53 -90.58 12.57
N ASP FA 477 -127.33 -90.95 13.56
CA ASP FA 477 -128.78 -90.80 13.46
C ASP FA 477 -129.15 -89.32 13.45
N LEU FA 478 -130.16 -88.97 12.64
CA LEU FA 478 -130.57 -87.58 12.54
C LEU FA 478 -131.35 -87.09 13.75
N ARG FA 479 -132.10 -87.97 14.43
CA ARG FA 479 -132.87 -87.52 15.57
C ARG FA 479 -131.99 -87.03 16.71
N MET FA 480 -130.71 -87.35 16.69
CA MET FA 480 -129.76 -86.80 17.65
C MET FA 480 -129.00 -85.61 17.11
N LYS FA 481 -129.39 -85.06 15.96
CA LYS FA 481 -128.69 -83.88 15.42
C LYS FA 481 -128.85 -82.71 16.38
N ASP FA 482 -127.73 -82.09 16.73
CA ASP FA 482 -127.61 -80.93 17.62
C ASP FA 482 -127.95 -81.27 19.07
N LYS FA 483 -127.86 -82.54 19.49
CA LYS FA 483 -128.15 -82.92 20.86
C LYS FA 483 -126.90 -83.44 21.55
N ILE FA 484 -126.77 -83.08 22.83
CA ILE FA 484 -125.71 -83.57 23.69
C ILE FA 484 -126.36 -84.11 24.96
N VAL FA 485 -126.01 -85.35 25.32
CA VAL FA 485 -126.65 -86.06 26.42
C VAL FA 485 -125.60 -86.52 27.40
N MET FA 486 -125.79 -86.15 28.68
CA MET FA 486 -124.87 -86.47 29.76
C MET FA 486 -125.47 -87.51 30.67
N THR FA 487 -124.59 -88.28 31.31
CA THR FA 487 -124.98 -89.26 32.31
C THR FA 487 -123.74 -89.70 33.08
N PHE FA 488 -123.97 -90.47 34.14
CA PHE FA 488 -122.88 -91.02 34.93
C PHE FA 488 -122.74 -92.52 34.68
N ILE FA 489 -121.52 -92.96 34.41
CA ILE FA 489 -121.24 -94.33 34.01
C ILE FA 489 -120.02 -94.85 34.76
N LEU FA 490 -120.07 -96.13 35.13
CA LEU FA 490 -118.92 -96.84 35.66
C LEU FA 490 -118.36 -97.77 34.60
N PRO FA 491 -117.16 -97.52 34.09
CA PRO FA 491 -116.67 -98.33 32.97
C PRO FA 491 -116.30 -99.75 33.35
N ASN FA 492 -115.67 -99.95 34.51
CA ASN FA 492 -115.11 -101.25 34.84
C ASN FA 492 -116.15 -102.28 35.27
N GLU FA 493 -117.34 -101.84 35.68
CA GLU FA 493 -118.35 -102.80 36.10
C GLU FA 493 -118.85 -103.61 34.90
N SER FA 494 -119.17 -104.89 35.16
CA SER FA 494 -119.68 -105.76 34.11
C SER FA 494 -120.87 -106.59 34.56
N GLU FA 495 -121.32 -106.43 35.80
CA GLU FA 495 -122.51 -107.09 36.32
C GLU FA 495 -123.53 -106.02 36.68
N PRO FA 496 -124.82 -106.34 36.65
CA PRO FA 496 -125.83 -105.31 36.91
C PRO FA 496 -125.72 -104.78 38.34
N HIS FA 497 -125.66 -103.45 38.45
CA HIS FA 497 -125.69 -102.74 39.72
C HIS FA 497 -126.70 -101.62 39.61
N PRO FA 498 -127.27 -101.18 40.73
CA PRO FA 498 -128.19 -100.02 40.67
C PRO FA 498 -127.50 -98.76 40.22
N LEU FA 499 -126.17 -98.71 40.27
CA LEU FA 499 -125.42 -97.52 39.86
C LEU FA 499 -125.13 -97.49 38.37
N GLN FA 500 -125.56 -98.49 37.61
CA GLN FA 500 -125.47 -98.43 36.15
C GLN FA 500 -126.63 -97.64 35.56
N HIS FA 501 -126.34 -96.98 34.43
CA HIS FA 501 -127.41 -96.28 33.72
C HIS FA 501 -128.41 -97.26 33.13
N GLY FA 502 -127.91 -98.32 32.49
CA GLY FA 502 -128.79 -99.31 31.91
C GLY FA 502 -127.98 -100.44 31.33
N VAL FA 503 -128.65 -101.59 31.17
CA VAL FA 503 -128.00 -102.79 30.67
C VAL FA 503 -128.89 -103.43 29.61
N LEU FA 504 -128.24 -104.07 28.64
CA LEU FA 504 -128.93 -104.77 27.56
C LEU FA 504 -129.15 -106.22 27.97
N GLY FA 505 -130.41 -106.57 28.21
CA GLY FA 505 -130.76 -107.98 28.30
C GLY FA 505 -130.69 -108.60 26.91
N PHE FA 506 -129.68 -109.43 26.71
CA PHE FA 506 -129.39 -109.99 25.38
C PHE FA 506 -129.45 -111.50 25.46
N ILE FA 507 -130.22 -112.11 24.56
CA ILE FA 507 -130.37 -113.55 24.47
C ILE FA 507 -129.72 -114.00 23.16
N PRO FA 508 -128.75 -114.93 23.20
CA PRO FA 508 -128.20 -115.44 21.94
C PRO FA 508 -129.27 -116.15 21.15
N GLU FA 509 -129.42 -115.76 19.88
CA GLU FA 509 -130.54 -116.20 19.07
C GLU FA 509 -130.04 -116.96 17.85
N TYR FA 510 -130.74 -118.04 17.50
CA TYR FA 510 -130.40 -118.84 16.34
C TYR FA 510 -131.52 -118.79 15.30
N LEU FA 511 -131.22 -119.30 14.11
CA LEU FA 511 -132.10 -119.22 12.96
C LEU FA 511 -132.56 -120.61 12.54
N VAL FA 512 -133.43 -120.65 11.54
CA VAL FA 512 -133.98 -121.89 11.01
C VAL FA 512 -133.74 -121.92 9.51
N ASP FA 513 -133.32 -123.08 9.00
CA ASP FA 513 -133.05 -123.27 7.58
C ASP FA 513 -133.88 -124.46 7.09
N PHE FA 514 -135.00 -124.16 6.45
CA PHE FA 514 -135.93 -125.20 6.04
C PHE FA 514 -136.72 -124.75 4.83
N ASN FA 515 -137.31 -125.72 4.15
CA ASN FA 515 -138.10 -125.44 2.96
C ASN FA 515 -139.54 -125.15 3.34
N MET FA 516 -140.05 -123.99 2.92
CA MET FA 516 -141.40 -123.55 3.23
C MET FA 516 -142.23 -123.48 1.96
N ILE FA 517 -143.43 -124.04 2.02
CA ILE FA 517 -144.40 -123.95 0.93
C ILE FA 517 -145.51 -123.00 1.37
N ARG FA 518 -145.72 -121.93 0.62
CA ARG FA 518 -146.73 -120.95 0.93
C ARG FA 518 -147.51 -120.61 -0.33
N ASN FA 519 -148.75 -121.06 -0.38
CA ASN FA 519 -149.67 -120.79 -1.48
C ASN FA 519 -149.12 -121.26 -2.82
N GLN FA 520 -148.89 -122.57 -2.96
CA GLN FA 520 -148.46 -123.20 -4.20
C GLN FA 520 -147.16 -122.61 -4.74
N ARG FA 521 -146.27 -122.20 -3.84
CA ARG FA 521 -144.94 -121.72 -4.19
C ARG FA 521 -143.91 -122.55 -3.45
N ILE FA 522 -142.74 -122.73 -4.06
CA ILE FA 522 -141.65 -123.48 -3.44
C ILE FA 522 -140.43 -122.56 -3.35
N GLY FA 523 -139.87 -122.46 -2.14
CA GLY FA 523 -138.65 -121.71 -1.96
C GLY FA 523 -138.11 -121.87 -0.55
N ARG FA 524 -136.79 -122.00 -0.47
CA ARG FA 524 -136.12 -122.04 0.83
C ARG FA 524 -136.27 -120.68 1.51
N GLU FA 525 -136.41 -120.69 2.83
CA GLU FA 525 -136.59 -119.47 3.60
C GLU FA 525 -135.69 -119.50 4.81
N ILE FA 526 -135.33 -118.32 5.31
CA ILE FA 526 -134.54 -118.21 6.53
C ILE FA 526 -135.17 -117.15 7.42
N ARG FA 527 -135.38 -117.49 8.69
CA ARG FA 527 -135.93 -116.59 9.69
C ARG FA 527 -134.82 -116.22 10.65
N LEU FA 528 -134.71 -114.94 10.99
CA LEU FA 528 -133.83 -114.49 12.05
C LEU FA 528 -134.67 -113.90 13.17
N THR FA 529 -134.77 -114.63 14.27
CA THR FA 529 -135.59 -114.22 15.40
C THR FA 529 -134.73 -113.43 16.38
N PRO FA 530 -134.98 -112.13 16.56
CA PRO FA 530 -134.17 -111.36 17.51
C PRO FA 530 -134.73 -111.45 18.93
N ARG FA 531 -133.84 -111.35 19.92
CA ARG FA 531 -134.27 -111.34 21.32
C ARG FA 531 -133.39 -110.37 22.10
N TYR FA 532 -133.95 -109.21 22.46
CA TYR FA 532 -133.22 -108.21 23.22
C TYR FA 532 -134.17 -107.09 23.63
N ARG FA 533 -133.82 -106.40 24.70
CA ARG FA 533 -134.46 -105.13 25.04
C ARG FA 533 -133.57 -104.39 26.04
N TYR FA 534 -133.40 -103.09 25.83
CA TYR FA 534 -132.58 -102.26 26.70
C TYR FA 534 -133.38 -101.80 27.91
N PHE FA 535 -132.83 -102.01 29.10
CA PHE FA 535 -133.46 -101.59 30.35
C PHE FA 535 -132.80 -100.32 30.88
N ASN FA 536 -133.27 -99.86 32.03
CA ASN FA 536 -132.78 -98.62 32.63
C ASN FA 536 -132.72 -98.77 34.15
N PHE FA 537 -131.66 -98.23 34.76
CA PHE FA 537 -131.56 -98.16 36.21
C PHE FA 537 -131.38 -96.74 36.73
N LEU FA 538 -130.42 -96.01 36.20
CA LEU FA 538 -130.04 -94.74 36.83
C LEU FA 538 -130.97 -93.63 36.35
N PRO FA 539 -131.69 -92.97 37.25
CA PRO FA 539 -132.60 -91.89 36.87
C PRO FA 539 -131.95 -90.52 36.83
N ILE FA 540 -130.85 -90.40 36.08
CA ILE FA 540 -130.11 -89.14 35.96
C ILE FA 540 -129.67 -88.98 34.52
N MET FA 541 -130.00 -87.84 33.92
CA MET FA 541 -129.44 -87.48 32.63
C MET FA 541 -129.64 -85.98 32.40
N LEU FA 542 -128.70 -85.39 31.66
CA LEU FA 542 -128.67 -83.94 31.42
C LEU FA 542 -128.66 -83.70 29.92
N VAL FA 543 -129.52 -82.81 29.46
CA VAL FA 543 -129.73 -82.60 28.02
C VAL FA 543 -129.34 -81.17 27.66
N ILE FA 544 -128.49 -81.04 26.64
CA ILE FA 544 -128.02 -79.75 26.15
C ILE FA 544 -128.29 -79.69 24.65
N ASN FA 545 -128.93 -78.61 24.21
CA ASN FA 545 -129.23 -78.40 22.80
C ASN FA 545 -128.46 -77.18 22.30
N VAL FA 546 -127.69 -77.38 21.23
CA VAL FA 546 -126.93 -76.31 20.58
C VAL FA 546 -127.67 -75.93 19.31
N ILE FA 547 -128.07 -74.67 19.22
CA ILE FA 547 -128.90 -74.20 18.12
C ILE FA 547 -128.22 -73.01 17.47
N ASN FA 548 -128.47 -72.86 16.16
CA ASN FA 548 -127.95 -71.77 15.35
C ASN FA 548 -126.43 -71.71 15.35
N LEU FA 549 -125.76 -72.87 15.46
CA LEU FA 549 -124.31 -72.87 15.52
C LEU FA 549 -123.70 -72.28 14.26
N GLU FA 550 -124.22 -72.65 13.10
CA GLU FA 550 -123.65 -72.15 11.85
C GLU FA 550 -123.83 -70.64 11.71
N GLU FA 551 -124.93 -70.11 12.25
CA GLU FA 551 -125.27 -68.71 12.00
C GLU FA 551 -124.22 -67.77 12.57
N ALA FA 552 -123.80 -68.01 13.82
CA ALA FA 552 -122.80 -67.13 14.42
C ALA FA 552 -121.48 -67.18 13.66
N ILE FA 553 -121.07 -68.38 13.23
CA ILE FA 553 -119.82 -68.49 12.49
C ILE FA 553 -119.88 -67.68 11.20
N ALA FA 554 -120.95 -67.85 10.42
CA ALA FA 554 -121.05 -67.14 9.15
C ALA FA 554 -121.34 -65.67 9.34
N GLN FA 555 -122.27 -65.31 10.21
CA GLN FA 555 -122.64 -63.92 10.41
C GLN FA 555 -121.57 -63.23 11.25
N ARG FA 556 -121.60 -61.90 11.28
CA ARG FA 556 -120.63 -61.13 12.04
C ARG FA 556 -120.66 -61.52 13.51
N THR FA 557 -119.52 -61.33 14.17
CA THR FA 557 -119.39 -61.58 15.59
C THR FA 557 -120.47 -60.82 16.36
N ALA FA 558 -121.13 -61.53 17.26
CA ALA FA 558 -122.12 -60.91 18.13
C ALA FA 558 -121.39 -60.40 19.37
N LEU FA 559 -120.89 -59.16 19.29
CA LEU FA 559 -120.23 -58.54 20.42
C LEU FA 559 -121.21 -57.65 21.15
N ASP FA 560 -121.75 -58.15 22.25
CA ASP FA 560 -122.69 -57.37 23.05
C ASP FA 560 -121.95 -56.34 23.89
N VAL FA 561 -122.64 -55.25 24.19
CA VAL FA 561 -122.13 -54.24 25.11
C VAL FA 561 -123.27 -53.84 26.04
N ASN FA 562 -123.05 -54.03 27.35
CA ASN FA 562 -124.04 -53.60 28.33
C ASN FA 562 -123.77 -52.16 28.75
N GLU FA 563 -124.60 -51.22 28.30
CA GLU FA 563 -124.50 -49.88 28.87
C GLU FA 563 -124.82 -49.93 30.36
N THR FA 564 -124.13 -49.13 31.15
CA THR FA 564 -124.43 -49.04 32.57
C THR FA 564 -124.75 -47.60 32.95
N GLN FA 565 -125.98 -47.19 32.64
CA GLN FA 565 -126.78 -46.20 33.38
C GLN FA 565 -125.94 -45.14 34.10
N VAL FA 566 -125.17 -44.40 33.31
CA VAL FA 566 -124.56 -43.15 33.78
C VAL FA 566 -125.08 -42.06 32.85
N THR FA 567 -126.04 -42.40 32.06
CA THR FA 567 -126.86 -41.39 31.43
C THR FA 567 -128.08 -41.14 32.30
N PRO FA 568 -128.44 -39.88 32.54
CA PRO FA 568 -129.44 -39.60 33.58
C PRO FA 568 -130.81 -40.15 33.26
N ALA FA 569 -130.96 -41.48 33.42
CA ALA FA 569 -132.24 -42.16 33.27
C ALA FA 569 -132.40 -43.23 34.33
N SER FA 570 -131.68 -43.07 35.44
CA SER FA 570 -131.75 -44.01 36.57
C SER FA 570 -131.10 -43.43 37.81
N HIS GA 1 -78.04 -42.17 -8.78
CA HIS GA 1 -78.73 -42.30 -7.51
C HIS GA 1 -79.56 -43.58 -7.47
N GLU GA 2 -80.00 -43.96 -6.27
CA GLU GA 2 -80.74 -45.20 -6.10
C GLU GA 2 -82.00 -45.21 -6.95
N PHE GA 3 -82.74 -44.11 -6.96
CA PHE GA 3 -84.04 -44.09 -7.62
C PHE GA 3 -83.92 -44.32 -9.12
N ALA GA 4 -83.03 -43.56 -9.77
CA ALA GA 4 -82.83 -43.73 -11.20
C ALA GA 4 -82.35 -45.13 -11.52
N GLU GA 5 -81.41 -45.65 -10.73
CA GLU GA 5 -80.97 -47.03 -10.92
C GLU GA 5 -82.08 -48.01 -10.57
N LEU GA 6 -82.98 -47.62 -9.67
CA LEU GA 6 -84.09 -48.50 -9.32
C LEU GA 6 -85.04 -48.69 -10.50
N PHE GA 7 -85.37 -47.61 -11.21
CA PHE GA 7 -86.36 -47.71 -12.27
C PHE GA 7 -85.76 -47.76 -13.67
N TYR GA 8 -84.65 -47.09 -13.93
CA TYR GA 8 -84.11 -46.99 -15.28
C TYR GA 8 -82.64 -47.39 -15.24
N ARG GA 9 -82.36 -48.63 -15.60
CA ARG GA 9 -81.01 -49.15 -15.53
C ARG GA 9 -80.13 -48.50 -16.60
N THR GA 10 -78.93 -48.08 -16.18
CA THR GA 10 -78.00 -47.43 -17.09
C THR GA 10 -77.48 -48.43 -18.11
N TYR GA 11 -77.42 -48.02 -19.38
CA TYR GA 11 -76.88 -48.82 -20.46
C TYR GA 11 -75.76 -48.04 -21.12
N ILE GA 12 -74.52 -48.48 -20.92
CA ILE GA 12 -73.35 -47.80 -21.46
C ILE GA 12 -73.20 -48.18 -22.92
N VAL GA 13 -73.08 -47.19 -23.80
CA VAL GA 13 -72.89 -47.42 -25.23
C VAL GA 13 -71.75 -46.54 -25.71
N THR GA 14 -70.83 -47.13 -26.47
CA THR GA 14 -69.70 -46.41 -27.02
C THR GA 14 -70.17 -45.35 -28.00
N PRO GA 15 -69.60 -44.15 -27.93
CA PRO GA 15 -70.01 -43.08 -28.86
C PRO GA 15 -69.55 -43.31 -30.30
N ASP GA 16 -69.89 -44.49 -30.81
CA ASP GA 16 -69.62 -44.83 -32.21
C ASP GA 16 -70.88 -45.41 -32.85
N GLN GA 17 -71.84 -45.78 -32.01
CA GLN GA 17 -73.15 -46.23 -32.45
C GLN GA 17 -74.16 -45.12 -32.16
N ALA GA 18 -75.39 -45.33 -32.61
CA ALA GA 18 -76.46 -44.37 -32.38
C ALA GA 18 -77.74 -44.98 -31.85
N GLY GA 19 -77.74 -46.26 -31.48
CA GLY GA 19 -78.96 -46.87 -30.97
C GLY GA 19 -78.78 -48.36 -30.80
N PHE GA 20 -79.91 -49.05 -30.71
CA PHE GA 20 -79.91 -50.49 -30.50
C PHE GA 20 -81.26 -51.06 -30.94
N GLN GA 21 -81.21 -52.28 -31.47
CA GLN GA 21 -82.36 -52.94 -32.05
C GLN GA 21 -82.71 -54.17 -31.22
N LEU GA 22 -84.00 -54.32 -30.93
CA LEU GA 22 -84.51 -55.46 -30.18
C LEU GA 22 -85.25 -56.39 -31.13
N SER GA 23 -84.83 -57.64 -31.19
CA SER GA 23 -85.48 -58.64 -32.01
C SER GA 23 -86.40 -59.48 -31.13
N ILE GA 24 -87.68 -59.49 -31.46
CA ILE GA 24 -88.69 -60.21 -30.69
C ILE GA 24 -89.28 -61.28 -31.59
N ARG GA 25 -89.11 -62.54 -31.19
CA ARG GA 25 -89.65 -63.68 -31.94
C ARG GA 25 -90.98 -64.09 -31.32
N ARG GA 26 -92.04 -64.01 -32.11
CA ARG GA 26 -93.39 -64.28 -31.66
C ARG GA 26 -93.81 -65.68 -32.11
N ASN GA 27 -94.43 -66.42 -31.21
CA ASN GA 27 -94.99 -67.72 -31.54
C ASN GA 27 -96.50 -67.58 -31.68
N LEU GA 28 -96.98 -67.58 -32.92
CA LEU GA 28 -98.37 -67.26 -33.22
C LEU GA 28 -99.12 -68.50 -33.66
N VAL GA 29 -100.39 -68.58 -33.30
CA VAL GA 29 -101.32 -69.56 -33.83
C VAL GA 29 -102.46 -68.81 -34.50
N TRP GA 30 -102.69 -69.11 -35.78
CA TRP GA 30 -103.77 -68.46 -36.49
C TRP GA 30 -104.63 -69.52 -37.15
N GLU GA 31 -105.91 -69.51 -36.76
CA GLU GA 31 -106.89 -70.51 -37.17
C GLU GA 31 -107.15 -70.35 -38.65
N GLY GA 32 -107.25 -71.45 -39.36
CA GLY GA 32 -107.70 -71.36 -40.72
C GLY GA 32 -106.66 -70.75 -41.62
N TRP GA 33 -107.14 -70.19 -42.73
CA TRP GA 33 -106.29 -69.92 -43.87
C TRP GA 33 -106.98 -68.94 -44.80
N THR GA 34 -106.19 -68.24 -45.61
CA THR GA 34 -106.69 -67.22 -46.51
C THR GA 34 -106.38 -67.56 -47.96
N GLY GA 35 -107.17 -67.03 -48.88
CA GLY GA 35 -106.90 -67.21 -50.29
C GLY GA 35 -108.10 -67.59 -51.14
N GLU GA 36 -109.28 -67.61 -50.53
CA GLU GA 36 -110.49 -67.92 -51.27
C GLU GA 36 -110.92 -66.73 -52.12
N GLY GA 37 -111.99 -66.92 -52.87
CA GLY GA 37 -112.60 -65.85 -53.63
C GLY GA 37 -111.77 -65.48 -54.85
N LEU GA 38 -112.32 -64.57 -55.64
CA LEU GA 38 -111.68 -64.07 -56.84
C LEU GA 38 -111.94 -62.58 -56.99
N SER GA 39 -110.90 -61.77 -56.76
CA SER GA 39 -110.98 -60.32 -56.92
C SER GA 39 -109.61 -59.69 -56.71
N GLY GA 40 -109.51 -58.38 -56.95
CA GLY GA 40 -108.29 -57.65 -56.67
C GLY GA 40 -107.96 -57.74 -55.19
N GLU GA 41 -108.83 -57.18 -54.36
CA GLU GA 41 -108.79 -57.37 -52.91
C GLU GA 41 -107.50 -56.89 -52.25
N LYS GA 42 -107.47 -56.99 -50.92
CA LYS GA 42 -106.28 -56.72 -50.12
C LYS GA 42 -105.96 -57.83 -49.13
N GLN GA 43 -106.95 -58.60 -48.69
CA GLN GA 43 -106.84 -59.67 -47.71
C GLN GA 43 -106.51 -59.18 -46.31
N GLU GA 44 -107.08 -59.84 -45.32
CA GLU GA 44 -106.80 -59.57 -43.92
C GLU GA 44 -106.23 -60.83 -43.30
N ILE GA 45 -105.13 -60.68 -42.57
CA ILE GA 45 -104.49 -61.79 -41.87
C ILE GA 45 -104.69 -61.56 -40.38
N SER GA 46 -105.28 -62.53 -39.70
CA SER GA 46 -105.53 -62.44 -38.28
C SER GA 46 -104.66 -63.45 -37.54
N LYS GA 47 -103.86 -62.95 -36.61
CA LYS GA 47 -103.00 -63.79 -35.79
C LYS GA 47 -103.40 -63.64 -34.32
N ARG GA 48 -103.30 -64.73 -33.58
CA ARG GA 48 -103.58 -64.71 -32.15
C ARG GA 48 -102.33 -65.15 -31.41
N ASN GA 49 -101.96 -64.41 -30.37
CA ASN GA 49 -100.82 -64.80 -29.56
C ASN GA 49 -101.21 -66.01 -28.72
N ILE GA 50 -100.36 -67.05 -28.77
CA ILE GA 50 -100.66 -68.27 -28.05
C ILE GA 50 -100.65 -68.02 -26.55
N LEU GA 51 -99.95 -66.98 -26.10
CA LEU GA 51 -99.86 -66.70 -24.67
C LEU GA 51 -101.20 -66.30 -24.07
N GLN GA 52 -102.12 -65.74 -24.87
CA GLN GA 52 -103.42 -65.38 -24.33
C GLN GA 52 -104.22 -66.60 -23.88
N GLY GA 53 -104.11 -67.72 -24.59
CA GLY GA 53 -104.81 -68.92 -24.18
C GLY GA 53 -104.45 -69.38 -22.79
N LEU GA 54 -103.27 -68.99 -22.30
CA LEU GA 54 -102.91 -69.28 -20.92
C LEU GA 54 -103.79 -68.49 -19.96
N LEU GA 55 -104.43 -67.41 -20.44
CA LEU GA 55 -105.41 -66.69 -19.66
C LEU GA 55 -106.79 -66.64 -20.28
N ASP GA 56 -106.93 -66.94 -21.57
CA ASP GA 56 -108.22 -66.95 -22.25
C ASP GA 56 -108.59 -68.39 -22.58
N TYR GA 57 -109.72 -68.55 -23.27
CA TYR GA 57 -110.13 -69.87 -23.72
C TYR GA 57 -110.57 -69.82 -25.17
N THR GA 58 -110.68 -68.62 -25.72
CA THR GA 58 -111.16 -68.43 -27.09
C THR GA 58 -110.03 -68.16 -28.06
N THR GA 59 -108.89 -67.64 -27.59
CA THR GA 59 -107.71 -67.53 -28.44
C THR GA 59 -107.33 -68.89 -28.99
N LEU GA 60 -107.42 -69.93 -28.16
CA LEU GA 60 -107.35 -71.30 -28.62
C LEU GA 60 -108.76 -71.87 -28.74
N GLU GA 61 -108.81 -73.18 -28.99
CA GLU GA 61 -110.04 -73.97 -29.10
C GLU GA 61 -110.61 -73.81 -30.50
N THR GA 62 -110.96 -74.91 -31.15
CA THR GA 62 -111.27 -74.87 -32.56
C THR GA 62 -112.35 -75.89 -32.91
N ASN GA 63 -112.92 -75.71 -34.09
CA ASN GA 63 -113.95 -76.58 -34.63
C ASN GA 63 -113.75 -76.70 -36.13
N SER GA 64 -113.01 -77.72 -36.55
CA SER GA 64 -112.62 -77.82 -37.95
C SER GA 64 -112.93 -79.19 -38.55
N THR GA 65 -113.63 -80.04 -37.82
CA THR GA 65 -113.93 -81.37 -38.30
C THR GA 65 -115.37 -81.80 -38.08
N GLU GA 66 -116.07 -81.20 -37.12
CA GLU GA 66 -117.39 -81.70 -36.73
C GLU GA 66 -118.37 -81.56 -37.88
N LEU GA 67 -119.13 -82.62 -38.13
CA LEU GA 67 -120.14 -82.62 -39.19
C LEU GA 67 -121.43 -82.07 -38.63
N ILE GA 68 -121.54 -80.75 -38.54
CA ILE GA 68 -122.76 -80.09 -38.11
C ILE GA 68 -123.64 -79.92 -39.34
N PRO GA 69 -124.97 -79.90 -39.20
CA PRO GA 69 -125.83 -79.67 -40.35
C PRO GA 69 -125.56 -78.30 -40.97
N VAL GA 70 -125.66 -78.25 -42.30
CA VAL GA 70 -125.54 -77.01 -43.06
C VAL GA 70 -126.78 -76.86 -43.94
N ILE GA 71 -127.34 -75.67 -43.97
CA ILE GA 71 -128.59 -75.46 -44.70
C ILE GA 71 -128.29 -75.20 -46.16
N GLN GA 72 -129.07 -75.81 -47.04
CA GLN GA 72 -129.02 -75.54 -48.47
C GLN GA 72 -130.43 -75.29 -48.97
N SER GA 73 -130.78 -74.02 -49.16
CA SER GA 73 -132.13 -73.66 -49.54
C SER GA 73 -132.49 -74.29 -50.88
N GLY GA 74 -133.67 -74.91 -50.93
CA GLY GA 74 -134.14 -75.52 -52.16
C GLY GA 74 -133.54 -76.87 -52.48
N GLU GA 75 -132.76 -77.45 -51.57
CA GLU GA 75 -132.22 -78.79 -51.79
C GLU GA 75 -132.40 -79.73 -50.61
N ASN GA 76 -132.52 -79.24 -49.38
CA ASN GA 76 -132.62 -80.12 -48.22
C ASN GA 76 -133.64 -79.61 -47.23
N ASP GA 77 -134.56 -78.77 -47.68
CA ASP GA 77 -135.53 -78.13 -46.80
C ASP GA 77 -136.40 -79.16 -46.08
N GLU GA 78 -136.68 -80.29 -46.73
CA GLU GA 78 -137.56 -81.30 -46.16
C GLU GA 78 -136.89 -82.13 -45.07
N GLN GA 79 -135.60 -81.94 -44.84
CA GLN GA 79 -134.87 -82.64 -43.80
C GLN GA 79 -134.73 -81.81 -42.52
N PHE GA 80 -135.17 -80.57 -42.53
CA PHE GA 80 -135.01 -79.66 -41.39
C PHE GA 80 -136.36 -79.20 -40.87
N ILE GA 81 -136.31 -78.58 -39.68
CA ILE GA 81 -137.50 -78.01 -39.07
C ILE GA 81 -138.02 -76.87 -39.93
N ASP GA 82 -139.33 -76.65 -39.86
CA ASP GA 82 -139.94 -75.54 -40.60
C ASP GA 82 -139.41 -74.22 -40.06
N PRO GA 83 -139.05 -73.29 -40.93
CA PRO GA 83 -138.47 -72.01 -40.47
C PRO GA 83 -139.49 -71.12 -39.78
N SER GA 84 -140.72 -71.58 -39.65
CA SER GA 84 -141.79 -70.82 -39.02
C SER GA 84 -141.81 -71.04 -37.51
N VAL GA 85 -140.87 -71.80 -36.98
CA VAL GA 85 -140.82 -72.07 -35.55
C VAL GA 85 -139.62 -71.35 -34.95
N LEU GA 86 -138.43 -71.61 -35.49
CA LEU GA 86 -137.23 -70.86 -35.14
C LEU GA 86 -136.60 -70.30 -36.40
N PRO GA 87 -136.17 -69.04 -36.38
CA PRO GA 87 -135.30 -68.55 -37.45
C PRO GA 87 -133.96 -69.25 -37.42
N ALA GA 88 -133.33 -69.33 -38.59
CA ALA GA 88 -132.04 -69.98 -38.69
C ALA GA 88 -131.00 -69.24 -37.85
N GLN GA 89 -130.17 -70.00 -37.15
CA GLN GA 89 -129.09 -69.44 -36.35
C GLN GA 89 -127.79 -69.51 -37.14
N THR GA 90 -126.99 -68.46 -37.06
CA THR GA 90 -125.69 -68.42 -37.71
C THR GA 90 -124.66 -69.05 -36.77
N VAL GA 91 -123.75 -69.84 -37.35
CA VAL GA 91 -122.67 -70.46 -36.60
C VAL GA 91 -121.39 -70.30 -37.40
N LYS GA 92 -120.26 -70.49 -36.74
CA LYS GA 92 -118.97 -70.26 -37.37
C LYS GA 92 -118.16 -71.55 -37.33
N GLN GA 93 -117.40 -71.80 -38.39
CA GLN GA 93 -116.52 -72.96 -38.46
C GLN GA 93 -115.43 -72.69 -39.49
N GLY GA 94 -114.20 -72.55 -39.01
CA GLY GA 94 -113.11 -72.20 -39.91
C GLY GA 94 -113.32 -70.82 -40.50
N LYS GA 95 -113.31 -70.75 -41.84
CA LYS GA 95 -113.68 -69.54 -42.57
C LYS GA 95 -114.99 -69.67 -43.31
N ASP GA 96 -115.80 -70.67 -42.99
CA ASP GA 96 -117.11 -70.84 -43.60
C ASP GA 96 -118.15 -70.23 -42.67
N THR GA 97 -119.00 -69.38 -43.23
CA THR GA 97 -120.11 -68.79 -42.50
C THR GA 97 -121.41 -69.21 -43.16
N PHE GA 98 -122.32 -69.76 -42.36
CA PHE GA 98 -123.55 -70.34 -42.87
C PHE GA 98 -124.54 -70.52 -41.73
N ASP GA 99 -125.65 -71.20 -42.03
CA ASP GA 99 -126.75 -71.31 -41.10
C ASP GA 99 -127.06 -72.76 -40.80
N THR GA 100 -127.35 -73.07 -39.54
CA THR GA 100 -127.71 -74.40 -39.10
C THR GA 100 -128.99 -74.35 -38.28
N ASN GA 101 -129.63 -75.50 -38.15
CA ASN GA 101 -130.88 -75.57 -37.42
C ASN GA 101 -131.17 -77.02 -37.05
N PHE GA 102 -132.06 -77.20 -36.07
CA PHE GA 102 -132.35 -78.54 -35.57
C PHE GA 102 -133.02 -79.40 -36.64
N LEU GA 103 -132.61 -80.66 -36.70
CA LEU GA 103 -133.21 -81.59 -37.65
C LEU GA 103 -134.60 -81.99 -37.19
N LYS GA 104 -135.48 -82.21 -38.16
CA LYS GA 104 -136.83 -82.65 -37.85
C LYS GA 104 -136.83 -84.13 -37.47
N PHE GA 105 -137.69 -84.48 -36.51
CA PHE GA 105 -137.78 -85.87 -36.08
C PHE GA 105 -138.25 -86.76 -37.22
N SER GA 106 -137.38 -87.67 -37.65
CA SER GA 106 -137.69 -88.59 -38.73
C SER GA 106 -138.71 -89.60 -38.24
N GLU GA 107 -139.96 -89.43 -38.66
CA GLU GA 107 -141.06 -90.23 -38.15
C GLU GA 107 -141.55 -91.30 -39.12
N ASN GA 108 -141.25 -91.19 -40.41
CA ASN GA 108 -141.69 -92.17 -41.38
C ASN GA 108 -140.69 -92.24 -42.51
N GLY GA 109 -140.75 -93.34 -43.25
CA GLY GA 109 -140.03 -93.48 -44.50
C GLY GA 109 -138.55 -93.21 -44.43
N GLU GA 110 -138.07 -92.38 -45.34
CA GLU GA 110 -136.64 -92.18 -45.52
C GLU GA 110 -135.99 -91.66 -44.25
N GLY GA 111 -134.76 -92.10 -44.01
CA GLY GA 111 -133.96 -91.57 -42.93
C GLY GA 111 -133.18 -90.36 -43.39
N PHE GA 112 -132.04 -90.10 -42.76
CA PHE GA 112 -131.21 -88.96 -43.07
C PHE GA 112 -129.78 -89.41 -43.27
N ASN GA 113 -129.13 -88.84 -44.28
CA ASN GA 113 -127.76 -89.19 -44.65
C ASN GA 113 -126.79 -88.09 -44.24
N LEU GA 114 -126.19 -88.27 -43.06
CA LEU GA 114 -125.49 -87.18 -42.40
C LEU GA 114 -124.36 -86.61 -43.25
N LEU GA 115 -123.63 -87.48 -43.96
CA LEU GA 115 -122.53 -87.01 -44.78
C LEU GA 115 -123.00 -86.03 -45.85
N MET GA 116 -124.09 -86.35 -46.54
CA MET GA 116 -124.59 -85.46 -47.58
C MET GA 116 -125.06 -84.15 -47.00
N LEU GA 117 -125.39 -84.11 -45.71
CA LEU GA 117 -125.97 -82.94 -45.07
C LEU GA 117 -124.91 -82.05 -44.42
N ALA GA 118 -123.63 -82.39 -44.53
CA ALA GA 118 -122.60 -81.60 -43.87
C ALA GA 118 -121.63 -81.00 -44.88
N GLN GA 119 -122.14 -80.52 -46.01
CA GLN GA 119 -121.32 -79.91 -47.05
C GLN GA 119 -121.33 -78.40 -46.88
N THR GA 120 -120.41 -77.89 -46.07
CA THR GA 120 -120.14 -76.48 -46.01
C THR GA 120 -119.37 -76.06 -47.25
N PRO GA 121 -119.42 -74.77 -47.62
CA PRO GA 121 -118.66 -74.32 -48.80
C PRO GA 121 -117.19 -74.68 -48.77
N SER GA 122 -116.58 -74.85 -47.60
CA SER GA 122 -115.22 -75.35 -47.54
C SER GA 122 -115.15 -76.79 -48.05
N ARG GA 123 -116.13 -77.62 -47.67
CA ARG GA 123 -116.17 -78.99 -48.15
C ARG GA 123 -116.36 -79.05 -49.67
N LEU GA 124 -117.20 -78.16 -50.20
CA LEU GA 124 -117.59 -78.26 -51.61
C LEU GA 124 -116.40 -78.11 -52.54
N LYS GA 125 -115.43 -77.27 -52.19
CA LYS GA 125 -114.29 -77.05 -53.08
C LYS GA 125 -113.52 -78.33 -53.35
N LYS GA 126 -113.58 -79.30 -52.44
CA LYS GA 126 -112.82 -80.53 -52.64
C LYS GA 126 -113.65 -81.62 -53.31
N GLY GA 127 -114.88 -81.33 -53.73
CA GLY GA 127 -115.75 -82.30 -54.33
C GLY GA 127 -116.66 -82.97 -53.32
N SER GA 128 -117.67 -83.68 -53.84
CA SER GA 128 -118.64 -84.33 -52.98
C SER GA 128 -117.97 -85.42 -52.14
N MET GA 129 -118.62 -85.76 -51.02
CA MET GA 129 -118.05 -86.73 -50.09
C MET GA 129 -117.80 -88.08 -50.77
N THR GA 130 -116.58 -88.57 -50.64
CA THR GA 130 -116.22 -89.87 -51.17
C THR GA 130 -116.59 -90.97 -50.19
N PHE GA 131 -116.11 -92.19 -50.47
CA PHE GA 131 -116.40 -93.34 -49.63
C PHE GA 131 -115.30 -93.61 -48.59
N THR GA 132 -114.19 -92.90 -48.63
CA THR GA 132 -113.13 -93.09 -47.66
C THR GA 132 -113.29 -92.20 -46.44
N ASP GA 133 -114.38 -91.48 -46.32
CA ASP GA 133 -114.67 -90.66 -45.15
C ASP GA 133 -115.51 -91.48 -44.18
N SER GA 134 -115.06 -91.57 -42.93
CA SER GA 134 -115.70 -92.42 -41.94
C SER GA 134 -116.09 -91.60 -40.72
N LEU GA 135 -117.26 -91.90 -40.17
CA LEU GA 135 -117.72 -91.23 -38.97
C LEU GA 135 -116.98 -91.73 -37.74
N ASP GA 136 -117.07 -90.94 -36.67
CA ASP GA 136 -116.33 -91.25 -35.45
C ASP GA 136 -116.97 -92.41 -34.71
N SER GA 137 -116.26 -92.92 -33.71
CA SER GA 137 -116.79 -94.00 -32.89
C SER GA 137 -117.85 -93.50 -31.91
N ARG GA 138 -117.80 -92.23 -31.52
CA ARG GA 138 -118.70 -91.69 -30.51
C ARG GA 138 -119.65 -90.70 -31.14
N ILE GA 139 -120.95 -90.90 -30.92
CA ILE GA 139 -122.01 -90.00 -31.35
C ILE GA 139 -123.02 -89.93 -30.22
N ALA GA 140 -123.62 -88.76 -30.03
CA ALA GA 140 -124.61 -88.62 -28.97
C ALA GA 140 -125.56 -87.47 -29.29
N LEU GA 141 -126.72 -87.50 -28.63
CA LEU GA 141 -127.65 -86.37 -28.71
C LEU GA 141 -127.00 -85.14 -28.10
N LYS GA 142 -127.20 -83.99 -28.73
CA LYS GA 142 -126.57 -82.75 -28.28
C LYS GA 142 -127.58 -81.81 -27.61
N GLN GA 143 -128.67 -81.48 -28.29
CA GLN GA 143 -129.79 -80.80 -27.66
C GLN GA 143 -131.09 -81.50 -28.04
N LEU GA 144 -132.04 -81.47 -27.12
CA LEU GA 144 -133.39 -81.95 -27.36
C LEU GA 144 -134.35 -80.78 -27.25
N LEU GA 145 -134.83 -80.30 -28.38
CA LEU GA 145 -135.74 -79.16 -28.40
C LEU GA 145 -137.17 -79.66 -28.23
N ILE GA 146 -137.79 -79.29 -27.11
CA ILE GA 146 -139.19 -79.64 -26.85
C ILE GA 146 -139.98 -78.36 -26.71
N SER GA 147 -141.28 -78.46 -27.01
CA SER GA 147 -142.18 -77.33 -26.98
C SER GA 147 -143.24 -77.53 -25.91
N VAL GA 148 -143.47 -76.51 -25.11
CA VAL GA 148 -144.49 -76.52 -24.07
C VAL GA 148 -145.62 -75.59 -24.51
N THR GA 149 -146.83 -76.13 -24.57
CA THR GA 149 -148.00 -75.37 -24.98
C THR GA 149 -149.04 -75.39 -23.88
N LYS GA 150 -149.55 -74.21 -23.52
CA LYS GA 150 -150.58 -74.08 -22.49
C LYS GA 150 -151.66 -73.14 -23.01
N GLY GA 151 -152.80 -73.71 -23.39
CA GLY GA 151 -153.92 -72.90 -23.85
C GLY GA 151 -153.67 -72.21 -25.18
N GLY GA 152 -152.72 -72.74 -25.95
CA GLY GA 152 -152.37 -72.17 -27.24
C GLY GA 152 -151.12 -71.31 -27.24
N THR GA 153 -150.53 -71.05 -26.08
CA THR GA 153 -149.29 -70.28 -25.99
C THR GA 153 -148.11 -71.24 -26.14
N THR GA 154 -147.22 -70.94 -27.08
CA THR GA 154 -146.14 -71.83 -27.45
C THR GA 154 -144.81 -71.25 -27.01
N GLU GA 155 -144.06 -72.03 -26.22
CA GLU GA 155 -142.71 -71.69 -25.81
C GLU GA 155 -141.82 -72.91 -25.99
N LEU GA 156 -140.55 -72.69 -26.29
CA LEU GA 156 -139.61 -73.76 -26.55
C LEU GA 156 -138.40 -73.64 -25.65
N PHE GA 157 -137.89 -74.77 -25.18
CA PHE GA 157 -136.74 -74.83 -24.29
C PHE GA 157 -135.62 -75.59 -24.99
N ALA GA 158 -134.41 -75.07 -24.89
CA ALA GA 158 -133.23 -75.72 -25.44
C ALA GA 158 -132.52 -76.48 -24.32
N LEU GA 159 -132.74 -77.78 -24.26
CA LEU GA 159 -132.18 -78.61 -23.20
C LEU GA 159 -131.01 -79.43 -23.75
N ASP GA 160 -129.87 -79.34 -23.07
CA ASP GA 160 -128.68 -80.10 -23.45
C ASP GA 160 -128.72 -81.46 -22.76
N VAL GA 161 -129.27 -82.45 -23.45
CA VAL GA 161 -129.45 -83.78 -22.88
C VAL GA 161 -128.14 -84.56 -22.86
N ASN GA 162 -127.04 -83.96 -23.29
CA ASN GA 162 -125.76 -84.64 -23.24
C ASN GA 162 -125.39 -84.96 -21.80
N ARG GA 163 -124.40 -85.84 -21.63
CA ARG GA 163 -123.97 -86.29 -20.31
C ARG GA 163 -125.14 -86.91 -19.53
N ASP GA 164 -125.73 -87.96 -20.10
CA ASP GA 164 -126.78 -88.73 -19.45
C ASP GA 164 -126.38 -90.21 -19.39
N GLN GA 165 -127.03 -90.94 -18.50
CA GLN GA 165 -126.67 -92.34 -18.26
C GLN GA 165 -126.82 -93.17 -19.54
N TYR GA 166 -127.85 -92.89 -20.33
CA TYR GA 166 -128.17 -93.68 -21.52
C TYR GA 166 -128.24 -92.76 -22.74
N ALA GA 167 -127.24 -91.90 -22.89
CA ALA GA 167 -127.29 -90.88 -23.94
C ALA GA 167 -126.41 -91.19 -25.14
N ALA GA 168 -125.34 -91.97 -24.97
CA ALA GA 168 -124.38 -92.22 -26.03
C ALA GA 168 -124.77 -93.45 -26.83
N TYR GA 169 -124.43 -93.45 -28.11
CA TYR GA 169 -124.68 -94.60 -28.97
C TYR GA 169 -123.81 -95.78 -28.56
N THR GA 170 -124.24 -96.99 -28.91
CA THR GA 170 -123.49 -98.21 -28.68
C THR GA 170 -123.58 -99.12 -29.90
N ALA GA 171 -122.63 -100.04 -30.00
CA ALA GA 171 -122.65 -101.02 -31.09
C ALA GA 171 -123.57 -102.18 -30.75
N THR GA 172 -123.94 -102.95 -31.78
CA THR GA 172 -124.85 -104.07 -31.63
C THR GA 172 -124.36 -105.26 -32.45
N ARG GA 173 -124.77 -106.45 -32.01
CA ARG GA 173 -124.64 -107.67 -32.80
C ARG GA 173 -125.84 -107.92 -33.69
N GLU GA 174 -126.85 -107.07 -33.62
CA GLU GA 174 -128.01 -107.20 -34.47
C GLU GA 174 -127.72 -106.63 -35.86
N TYR GA 175 -128.25 -107.28 -36.88
CA TYR GA 175 -128.22 -106.77 -38.25
C TYR GA 175 -126.81 -106.74 -38.80
N ASN GA 176 -126.39 -105.60 -39.35
CA ASN GA 176 -125.06 -105.45 -39.89
C ASN GA 176 -124.05 -105.31 -38.76
N PHE GA 177 -122.77 -105.51 -39.09
CA PHE GA 177 -121.71 -105.27 -38.13
C PHE GA 177 -121.13 -103.87 -38.23
N ARG GA 178 -121.94 -102.89 -38.68
CA ARG GA 178 -121.50 -101.50 -38.64
C ARG GA 178 -122.59 -100.54 -38.16
N LEU GA 179 -123.67 -101.02 -37.53
CA LEU GA 179 -124.78 -100.16 -37.14
C LEU GA 179 -124.60 -99.76 -35.68
N MET GA 180 -125.05 -98.55 -35.35
CA MET GA 180 -125.12 -98.07 -33.96
C MET GA 180 -126.57 -97.83 -33.61
N GLN GA 181 -126.95 -98.17 -32.37
CA GLN GA 181 -128.29 -97.94 -31.89
C GLN GA 181 -128.27 -96.93 -30.75
N LEU GA 182 -129.40 -96.25 -30.55
CA LEU GA 182 -129.56 -95.29 -29.47
C LEU GA 182 -130.71 -95.73 -28.57
N LYS GA 183 -130.39 -95.93 -27.29
CA LYS GA 183 -131.38 -96.37 -26.30
C LYS GA 183 -131.47 -95.27 -25.25
N PHE GA 184 -132.31 -94.28 -25.51
CA PHE GA 184 -132.46 -93.14 -24.63
C PHE GA 184 -133.71 -93.36 -23.79
N HIS GA 185 -133.53 -93.57 -22.49
CA HIS GA 185 -134.63 -93.85 -21.58
C HIS GA 185 -134.33 -93.16 -20.26
N THR GA 186 -134.97 -92.02 -20.03
CA THR GA 186 -134.71 -91.26 -18.81
C THR GA 186 -135.83 -90.24 -18.63
N SER GA 187 -135.81 -89.59 -17.47
CA SER GA 187 -136.73 -88.51 -17.15
C SER GA 187 -136.01 -87.18 -17.27
N LEU GA 188 -136.39 -86.39 -18.26
CA LEU GA 188 -135.80 -85.08 -18.48
C LEU GA 188 -136.55 -84.04 -17.66
N GLY GA 189 -135.86 -83.44 -16.70
CA GLY GA 189 -136.46 -82.51 -15.77
C GLY GA 189 -135.94 -81.09 -15.98
N LEU GA 190 -136.86 -80.14 -16.02
CA LEU GA 190 -136.54 -78.72 -16.14
C LEU GA 190 -136.94 -78.03 -14.85
N GLY GA 191 -136.07 -77.15 -14.36
CA GLY GA 191 -136.29 -76.49 -13.10
C GLY GA 191 -136.61 -75.02 -13.24
N GLU GA 192 -136.69 -74.36 -12.09
CA GLU GA 192 -136.91 -72.93 -12.01
C GLU GA 192 -135.80 -72.13 -12.67
N GLU GA 193 -134.54 -72.52 -12.49
CA GLU GA 193 -133.42 -71.82 -13.08
C GLU GA 193 -133.33 -72.00 -14.58
N SER GA 194 -134.11 -72.91 -15.15
CA SER GA 194 -134.13 -73.09 -16.60
C SER GA 194 -134.76 -71.88 -17.27
N THR GA 195 -134.31 -71.61 -18.50
CA THR GA 195 -134.79 -70.48 -19.27
C THR GA 195 -135.21 -70.93 -20.65
N THR GA 196 -136.12 -70.15 -21.24
CA THR GA 196 -136.64 -70.47 -22.57
C THR GA 196 -135.59 -70.19 -23.64
N VAL GA 197 -135.88 -70.65 -24.85
CA VAL GA 197 -135.03 -70.33 -26.00
C VAL GA 197 -135.06 -68.83 -26.27
N ALA GA 198 -136.25 -68.23 -26.21
CA ALA GA 198 -136.38 -66.80 -26.45
C ALA GA 198 -135.89 -65.97 -25.27
N GLY GA 199 -135.63 -66.59 -24.13
CA GLY GA 199 -135.16 -65.88 -22.96
C GLY GA 199 -136.23 -65.70 -21.90
N ALA GA 200 -135.77 -65.36 -20.69
CA ALA GA 200 -136.62 -65.09 -19.53
C ALA GA 200 -137.34 -66.35 -19.05
N GLU GA 201 -137.81 -66.32 -17.79
CA GLU GA 201 -138.53 -67.46 -17.23
C GLU GA 201 -139.82 -67.72 -18.00
N SER GA 202 -140.19 -68.99 -18.10
CA SER GA 202 -141.42 -69.35 -18.79
C SER GA 202 -142.63 -69.00 -17.94
N ALA GA 203 -143.50 -68.15 -18.49
CA ALA GA 203 -144.69 -67.71 -17.77
C ALA GA 203 -145.71 -68.82 -17.59
N LEU GA 204 -145.75 -69.80 -18.48
CA LEU GA 204 -146.69 -70.91 -18.35
C LEU GA 204 -146.43 -71.70 -17.07
N LEU GA 205 -145.16 -71.96 -16.77
CA LEU GA 205 -144.76 -72.67 -15.57
C LEU GA 205 -144.35 -71.74 -14.44
N LYS GA 206 -144.73 -70.46 -14.52
CA LYS GA 206 -144.31 -69.48 -13.52
C LYS GA 206 -144.84 -69.86 -12.14
N ASP GA 207 -146.09 -70.31 -12.07
CA ASP GA 207 -146.69 -70.62 -10.78
C ASP GA 207 -145.95 -71.76 -10.08
N LEU GA 208 -145.67 -72.84 -10.81
CA LEU GA 208 -144.98 -73.97 -10.19
C LEU GA 208 -143.60 -73.57 -9.70
N PHE GA 209 -142.92 -72.69 -10.44
CA PHE GA 209 -141.62 -72.21 -10.02
C PHE GA 209 -141.73 -71.32 -8.79
N ASP GA 210 -142.79 -70.51 -8.71
CA ASP GA 210 -142.96 -69.64 -7.54
C ASP GA 210 -143.07 -70.44 -6.26
N LEU GA 211 -143.85 -71.51 -6.28
CA LEU GA 211 -143.94 -72.42 -5.16
C LEU GA 211 -142.70 -73.31 -5.03
N GLY GA 212 -141.72 -73.14 -5.90
CA GLY GA 212 -140.53 -73.95 -5.87
C GLY GA 212 -140.67 -75.32 -6.51
N TYR GA 213 -141.87 -75.67 -6.97
CA TYR GA 213 -142.08 -76.98 -7.55
C TYR GA 213 -141.30 -77.13 -8.85
N ARG GA 214 -140.91 -78.37 -9.15
CA ARG GA 214 -140.21 -78.69 -10.38
C ARG GA 214 -140.94 -79.82 -11.09
N ILE GA 215 -140.79 -79.87 -12.42
CA ILE GA 215 -141.52 -80.81 -13.24
C ILE GA 215 -140.52 -81.66 -14.02
N GLU GA 216 -140.76 -82.97 -14.02
CA GLU GA 216 -139.97 -83.92 -14.80
C GLU GA 216 -140.83 -84.50 -15.91
N LEU GA 217 -140.25 -84.64 -17.09
CA LEU GA 217 -140.93 -85.19 -18.24
C LEU GA 217 -140.32 -86.56 -18.56
N ASP GA 218 -141.18 -87.55 -18.79
CA ASP GA 218 -140.71 -88.87 -19.17
C ASP GA 218 -140.41 -88.90 -20.67
N VAL GA 219 -139.22 -89.37 -21.03
CA VAL GA 219 -138.73 -89.36 -22.40
C VAL GA 219 -138.40 -90.77 -22.82
N LYS GA 220 -138.87 -91.16 -24.01
CA LYS GA 220 -138.44 -92.40 -24.64
C LYS GA 220 -138.02 -92.07 -26.08
N VAL GA 221 -136.73 -92.22 -26.36
CA VAL GA 221 -136.16 -91.89 -27.65
C VAL GA 221 -135.32 -93.05 -28.13
N ASP GA 222 -135.58 -93.51 -29.36
CA ASP GA 222 -134.84 -94.58 -29.99
C ASP GA 222 -134.27 -94.10 -31.31
N GLY GA 223 -133.26 -94.81 -31.81
CA GLY GA 223 -132.67 -94.41 -33.08
C GLY GA 223 -131.63 -95.40 -33.53
N GLU GA 224 -131.29 -95.30 -34.82
CA GLU GA 224 -130.29 -96.14 -35.45
C GLU GA 224 -129.35 -95.29 -36.28
N MET GA 225 -128.09 -95.73 -36.34
CA MET GA 225 -127.07 -95.04 -37.12
C MET GA 225 -126.10 -96.04 -37.71
N ASN GA 226 -125.67 -95.78 -38.94
CA ASN GA 226 -124.58 -96.52 -39.58
C ASN GA 226 -123.40 -95.58 -39.72
N VAL GA 227 -122.20 -96.12 -39.51
CA VAL GA 227 -120.99 -95.29 -39.56
C VAL GA 227 -120.18 -95.49 -40.83
N GLU GA 228 -120.81 -95.89 -41.93
CA GLU GA 228 -120.07 -96.04 -43.17
C GLU GA 228 -120.70 -95.32 -44.34
N ASN GA 229 -121.97 -94.92 -44.25
CA ASN GA 229 -122.62 -94.24 -45.36
C ASN GA 229 -123.45 -93.05 -44.90
N GLY GA 230 -123.57 -92.88 -43.59
CA GLY GA 230 -124.36 -91.80 -43.04
C GLY GA 230 -125.84 -92.07 -43.00
N ASN GA 231 -126.28 -93.20 -43.53
CA ASN GA 231 -127.70 -93.56 -43.45
C ASN GA 231 -128.06 -93.94 -42.02
N GLY GA 232 -129.22 -93.48 -41.58
CA GLY GA 232 -129.66 -93.77 -40.22
C GLY GA 232 -131.01 -93.15 -39.97
N ASP GA 233 -131.56 -93.47 -38.81
CA ASP GA 233 -132.86 -92.94 -38.40
C ASP GA 233 -132.87 -92.70 -36.90
N THR GA 234 -133.65 -91.71 -36.49
CA THR GA 234 -133.89 -91.41 -35.09
C THR GA 234 -135.32 -90.90 -34.96
N SER GA 235 -136.12 -91.58 -34.15
CA SER GA 235 -137.54 -91.30 -34.03
C SER GA 235 -137.92 -91.19 -32.57
N LEU GA 236 -138.90 -90.36 -32.28
CA LEU GA 236 -139.44 -90.23 -30.93
C LEU GA 236 -140.61 -91.21 -30.77
N ARG GA 237 -140.66 -91.89 -29.62
CA ARG GA 237 -141.72 -92.86 -29.37
C ARG GA 237 -142.77 -92.38 -28.38
N ALA GA 238 -142.38 -91.68 -27.32
CA ALA GA 238 -143.35 -91.20 -26.35
C ALA GA 238 -142.76 -90.05 -25.55
N LEU GA 239 -143.64 -89.13 -25.12
CA LEU GA 239 -143.24 -87.99 -24.30
C LEU GA 239 -144.45 -87.53 -23.49
N ARG GA 240 -144.31 -87.51 -22.16
CA ARG GA 240 -145.44 -87.23 -21.28
C ARG GA 240 -144.94 -86.60 -19.99
N LEU GA 241 -145.84 -85.90 -19.31
CA LEU GA 241 -145.55 -85.44 -17.95
C LEU GA 241 -145.78 -86.58 -16.97
N ALA GA 242 -144.75 -86.90 -16.19
CA ALA GA 242 -144.80 -88.05 -15.31
C ALA GA 242 -145.00 -87.70 -13.85
N ARG GA 243 -144.12 -86.89 -13.27
CA ARG GA 243 -144.13 -86.68 -11.83
C ARG GA 243 -143.59 -85.30 -11.51
N VAL GA 244 -143.99 -84.80 -10.34
CA VAL GA 244 -143.65 -83.44 -9.90
C VAL GA 244 -143.00 -83.52 -8.53
N PHE GA 245 -141.80 -82.93 -8.42
CA PHE GA 245 -141.06 -82.91 -7.17
C PHE GA 245 -141.19 -81.56 -6.50
N ASP GA 246 -141.16 -81.58 -5.16
CA ASP GA 246 -141.32 -80.40 -4.34
C ASP GA 246 -139.94 -79.81 -4.02
N LYS GA 247 -139.91 -78.74 -3.23
CA LYS GA 247 -138.65 -78.08 -2.91
C LYS GA 247 -137.82 -78.82 -1.88
N GLU GA 248 -138.37 -79.87 -1.26
CA GLU GA 248 -137.58 -80.75 -0.42
C GLU GA 248 -137.43 -82.14 -1.01
N GLY GA 249 -137.75 -82.32 -2.29
CA GLY GA 249 -137.45 -83.56 -2.97
C GLY GA 249 -138.30 -84.74 -2.57
N LYS GA 250 -139.51 -84.52 -2.07
CA LYS GA 250 -140.45 -85.60 -1.81
C LYS GA 250 -141.62 -85.47 -2.77
N GLU GA 251 -141.92 -86.57 -3.46
CA GLU GA 251 -142.89 -86.54 -4.56
C GLU GA 251 -144.25 -86.07 -4.06
N ILE GA 252 -144.84 -85.14 -4.81
CA ILE GA 252 -146.17 -84.61 -4.51
C ILE GA 252 -147.09 -85.10 -5.61
N ALA GA 253 -148.23 -85.67 -5.22
CA ALA GA 253 -149.14 -86.26 -6.18
C ALA GA 253 -149.64 -85.22 -7.16
N LEU GA 254 -149.60 -85.58 -8.45
CA LEU GA 254 -150.15 -84.73 -9.50
C LEU GA 254 -151.66 -84.62 -9.41
N THR GA 255 -152.32 -85.53 -8.71
CA THR GA 255 -153.75 -85.47 -8.47
C THR GA 255 -154.11 -84.44 -7.41
N ASP GA 256 -153.12 -83.88 -6.71
CA ASP GA 256 -153.37 -82.88 -5.69
C ASP GA 256 -154.03 -81.66 -6.32
N SER GA 257 -154.92 -81.01 -5.55
CA SER GA 257 -155.72 -79.93 -6.11
C SER GA 257 -154.84 -78.81 -6.67
N ARG GA 258 -153.82 -78.41 -5.92
CA ARG GA 258 -152.97 -77.32 -6.38
C ARG GA 258 -152.19 -77.71 -7.65
N VAL GA 259 -151.49 -78.85 -7.60
CA VAL GA 259 -150.66 -79.25 -8.72
C VAL GA 259 -151.54 -79.58 -9.93
N SER GA 260 -152.62 -80.31 -9.72
CA SER GA 260 -153.51 -80.64 -10.84
C SER GA 260 -154.14 -79.40 -11.44
N ALA GA 261 -154.57 -78.45 -10.61
CA ALA GA 261 -155.15 -77.22 -11.12
C ALA GA 261 -154.15 -76.42 -11.93
N ALA GA 262 -152.92 -76.31 -11.43
CA ALA GA 262 -151.91 -75.53 -12.15
C ALA GA 262 -151.35 -76.28 -13.36
N LEU GA 263 -151.55 -77.59 -13.44
CA LEU GA 263 -151.03 -78.40 -14.53
C LEU GA 263 -152.01 -78.56 -15.68
N SER GA 264 -153.23 -78.03 -15.56
CA SER GA 264 -154.26 -78.23 -16.58
C SER GA 264 -153.87 -77.59 -17.91
N GLY GA 265 -154.04 -78.34 -19.00
CA GLY GA 265 -153.80 -77.83 -20.33
C GLY GA 265 -152.39 -77.97 -20.86
N LEU GA 266 -151.44 -78.41 -20.03
CA LEU GA 266 -150.07 -78.56 -20.47
C LEU GA 266 -149.97 -79.71 -21.46
N THR GA 267 -149.38 -79.44 -22.62
CA THR GA 267 -149.09 -80.45 -23.62
C THR GA 267 -147.67 -80.25 -24.10
N VAL GA 268 -146.88 -81.32 -24.12
CA VAL GA 268 -145.47 -81.25 -24.48
C VAL GA 268 -145.23 -82.19 -25.66
N THR GA 269 -144.57 -81.68 -26.68
CA THR GA 269 -144.31 -82.44 -27.90
C THR GA 269 -142.89 -82.16 -28.37
N GLY GA 270 -142.23 -83.19 -28.88
CA GLY GA 270 -140.89 -83.02 -29.39
C GLY GA 270 -140.89 -82.27 -30.71
N VAL GA 271 -139.78 -81.61 -31.00
CA VAL GA 271 -139.63 -80.85 -32.24
C VAL GA 271 -138.39 -81.27 -33.01
N GLY GA 272 -137.22 -81.24 -32.38
CA GLY GA 272 -136.01 -81.56 -33.10
C GLY GA 272 -134.88 -81.88 -32.15
N TYR GA 273 -133.72 -82.13 -32.73
CA TYR GA 273 -132.51 -82.43 -31.98
C TYR GA 273 -131.29 -82.11 -32.84
N SER GA 274 -130.13 -82.12 -32.22
CA SER GA 274 -128.87 -81.92 -32.92
C SER GA 274 -127.91 -83.06 -32.57
N LEU GA 275 -127.01 -83.32 -33.49
CA LEU GA 275 -126.03 -84.39 -33.33
C LEU GA 275 -124.62 -83.84 -33.51
N GLU GA 276 -123.72 -84.27 -32.62
CA GLU GA 276 -122.30 -83.98 -32.76
C GLU GA 276 -121.63 -85.21 -33.35
N ALA GA 277 -120.90 -85.02 -34.44
CA ALA GA 277 -120.17 -86.12 -35.09
C ALA GA 277 -118.83 -85.61 -35.57
N ARG GA 278 -117.80 -86.44 -35.39
CA ARG GA 278 -116.48 -86.15 -35.94
C ARG GA 278 -116.23 -87.06 -37.14
N LEU GA 279 -115.66 -86.46 -38.17
CA LEU GA 279 -115.23 -87.21 -39.35
C LEU GA 279 -113.80 -87.67 -39.13
N THR GA 280 -113.61 -88.97 -38.99
CA THR GA 280 -112.29 -89.53 -38.70
C THR GA 280 -111.46 -89.40 -39.97
N ASN GA 281 -110.82 -88.24 -40.12
CA ASN GA 281 -110.22 -87.84 -41.39
C ASN GA 281 -108.96 -88.68 -41.65
N ILE GA 282 -109.20 -89.92 -42.09
CA ILE GA 282 -108.10 -90.76 -42.54
C ILE GA 282 -107.54 -90.28 -43.88
N ASN GA 283 -108.41 -89.91 -44.83
CA ASN GA 283 -107.91 -89.28 -46.05
C ASN GA 283 -107.35 -87.88 -45.75
N GLN GA 284 -107.64 -87.36 -44.56
CA GLN GA 284 -107.11 -86.09 -44.10
C GLN GA 284 -107.52 -84.94 -45.00
N LEU GA 285 -108.83 -84.68 -45.09
CA LEU GA 285 -109.34 -83.55 -45.85
C LEU GA 285 -109.37 -82.27 -45.02
N GLU GA 286 -108.66 -82.22 -43.90
CA GLU GA 286 -108.76 -81.13 -42.95
C GLU GA 286 -107.58 -80.18 -43.06
N MET GA 287 -107.65 -79.08 -42.31
CA MET GA 287 -106.56 -78.12 -42.30
C MET GA 287 -105.95 -77.95 -40.91
N GLY GA 288 -106.79 -77.88 -39.88
CA GLY GA 288 -106.32 -77.81 -38.51
C GLY GA 288 -105.81 -76.45 -38.07
N LEU GA 289 -105.23 -76.39 -36.89
CA LEU GA 289 -104.68 -75.16 -36.34
C LEU GA 289 -103.21 -75.03 -36.72
N LEU GA 290 -102.91 -74.10 -37.62
CA LEU GA 290 -101.54 -73.86 -38.04
C LEU GA 290 -100.78 -73.12 -36.95
N ILE GA 291 -99.47 -73.32 -36.92
CA ILE GA 291 -98.57 -72.60 -36.03
C ILE GA 291 -97.50 -71.94 -36.90
N ASP GA 292 -97.30 -70.64 -36.72
CA ASP GA 292 -96.33 -69.90 -37.52
C ASP GA 292 -95.44 -69.09 -36.60
N SER GA 293 -94.39 -68.52 -37.19
CA SER GA 293 -93.46 -67.67 -36.46
C SER GA 293 -93.13 -66.44 -37.29
N ASP GA 294 -92.96 -65.32 -36.62
CA ASP GA 294 -92.46 -64.10 -37.24
C ASP GA 294 -91.87 -63.23 -36.15
N VAL GA 295 -91.04 -62.27 -36.55
CA VAL GA 295 -90.29 -61.45 -35.60
C VAL GA 295 -90.69 -60.00 -35.80
N GLN GA 296 -90.92 -59.31 -34.68
CA GLN GA 296 -91.19 -57.89 -34.66
C GLN GA 296 -90.03 -57.19 -33.97
N LYS GA 297 -89.68 -56.01 -34.46
CA LYS GA 297 -88.42 -55.36 -34.15
C LYS GA 297 -88.49 -53.85 -34.37
N GLN GA 298 -87.95 -53.10 -33.41
CA GLN GA 298 -88.13 -51.66 -33.32
C GLN GA 298 -86.79 -51.01 -33.03
N GLY GA 299 -86.66 -49.72 -33.32
CA GLY GA 299 -85.42 -48.99 -33.15
C GLY GA 299 -85.57 -47.85 -32.16
N PHE GA 300 -84.49 -47.56 -31.44
CA PHE GA 300 -84.44 -46.51 -30.44
C PHE GA 300 -83.25 -45.61 -30.74
N MET GA 301 -83.46 -44.30 -30.68
CA MET GA 301 -82.43 -43.33 -31.01
C MET GA 301 -82.02 -42.54 -29.77
N ILE GA 302 -80.72 -42.29 -29.64
CA ILE GA 302 -80.18 -41.52 -28.52
C ILE GA 302 -79.77 -40.13 -28.98
N PRO GA 303 -80.50 -39.09 -28.60
CA PRO GA 303 -80.17 -37.75 -29.08
C PRO GA 303 -79.19 -37.01 -28.19
N THR GA 304 -78.83 -35.79 -28.57
CA THR GA 304 -77.99 -34.92 -27.77
C THR GA 304 -78.86 -34.05 -26.88
N LEU GA 305 -78.22 -33.21 -26.07
CA LEU GA 305 -78.96 -32.36 -25.16
C LEU GA 305 -78.42 -30.94 -25.16
N PRO GA 306 -79.19 -29.97 -24.68
CA PRO GA 306 -78.70 -28.59 -24.60
C PRO GA 306 -77.46 -28.50 -23.73
N PRO GA 307 -76.52 -27.63 -24.10
CA PRO GA 307 -75.24 -27.58 -23.39
C PRO GA 307 -75.30 -26.72 -22.15
N LEU GA 308 -74.39 -27.01 -21.23
CA LEU GA 308 -74.25 -26.25 -19.99
C LEU GA 308 -72.84 -25.68 -19.92
N VAL GA 309 -72.72 -24.37 -19.77
CA VAL GA 309 -71.44 -23.67 -19.92
C VAL GA 309 -71.26 -22.67 -18.79
N ILE GA 310 -70.02 -22.56 -18.31
CA ILE GA 310 -69.62 -21.56 -17.32
C ILE GA 310 -68.84 -20.47 -18.06
N VAL GA 311 -69.40 -19.27 -18.11
CA VAL GA 311 -68.78 -18.15 -18.82
C VAL GA 311 -68.53 -17.02 -17.84
N LYS GA 312 -67.27 -16.62 -17.73
CA LYS GA 312 -66.77 -15.53 -16.90
C LYS GA 312 -65.55 -14.93 -17.58
N PRO GA 313 -65.37 -13.60 -17.45
CA PRO GA 313 -64.19 -12.96 -18.02
C PRO GA 313 -62.91 -13.59 -17.49
N ALA GA 314 -61.93 -13.72 -18.36
CA ALA GA 314 -60.76 -14.55 -18.06
C ALA GA 314 -59.50 -13.88 -18.57
N MET GA 315 -58.80 -13.18 -17.68
CA MET GA 315 -57.37 -12.94 -17.79
C MET GA 315 -56.68 -13.13 -16.45
N VAL GA 316 -57.46 -13.36 -15.38
CA VAL GA 316 -56.98 -13.86 -14.10
C VAL GA 316 -57.96 -14.94 -13.65
N GLU GA 317 -57.46 -15.94 -12.95
CA GLU GA 317 -58.26 -17.12 -12.61
C GLU GA 317 -58.36 -17.28 -11.10
N ASP GA 318 -59.54 -17.68 -10.64
CA ASP GA 318 -59.82 -17.85 -9.22
C ASP GA 318 -60.53 -19.19 -9.03
N ASP GA 319 -60.98 -19.45 -7.81
CA ASP GA 319 -61.80 -20.61 -7.50
C ASP GA 319 -63.16 -20.26 -6.93
N LYS GA 320 -63.21 -19.43 -5.88
CA LYS GA 320 -64.45 -18.98 -5.29
C LYS GA 320 -65.02 -17.77 -6.00
N THR GA 321 -64.25 -17.16 -6.88
CA THR GA 321 -64.79 -16.20 -7.85
C THR GA 321 -64.84 -16.78 -9.24
N TYR GA 322 -64.08 -17.83 -9.52
CA TYR GA 322 -64.12 -18.54 -10.81
C TYR GA 322 -64.34 -20.02 -10.51
N PRO GA 323 -65.58 -20.50 -10.46
CA PRO GA 323 -65.85 -21.86 -10.00
C PRO GA 323 -65.13 -22.93 -10.82
N ARG GA 324 -64.65 -23.96 -10.12
CA ARG GA 324 -63.95 -25.06 -10.79
C ARG GA 324 -64.94 -25.98 -11.50
N LEU GA 325 -64.39 -26.87 -12.31
CA LEU GA 325 -65.17 -27.76 -13.16
C LEU GA 325 -66.01 -28.72 -12.33
N GLU GA 326 -65.64 -28.90 -11.06
CA GLU GA 326 -66.39 -29.80 -10.19
C GLU GA 326 -67.83 -29.35 -10.02
N ALA GA 327 -68.06 -28.04 -9.84
CA ALA GA 327 -69.43 -27.54 -9.71
C ALA GA 327 -70.22 -27.78 -10.98
N LEU GA 328 -69.60 -27.61 -12.13
CA LEU GA 328 -70.28 -27.85 -13.40
C LEU GA 328 -70.68 -29.31 -13.54
N THR GA 329 -69.75 -30.22 -13.20
CA THR GA 329 -70.10 -31.64 -13.22
C THR GA 329 -71.19 -31.94 -12.21
N THR GA 330 -71.19 -31.25 -11.07
CA THR GA 330 -72.24 -31.45 -10.07
C THR GA 330 -73.60 -31.06 -10.63
N ALA GA 331 -73.68 -29.91 -11.30
CA ALA GA 331 -74.95 -29.49 -11.88
C ALA GA 331 -75.42 -30.48 -12.93
N TYR GA 332 -74.52 -30.90 -13.81
CA TYR GA 332 -74.87 -31.94 -14.78
C TYR GA 332 -75.39 -33.20 -14.09
N ARG GA 333 -74.67 -33.68 -13.10
CA ARG GA 333 -75.05 -34.92 -12.43
C ARG GA 333 -76.42 -34.78 -11.77
N ILE GA 334 -76.67 -33.67 -11.08
CA ILE GA 334 -77.95 -33.53 -10.39
C ILE GA 334 -79.10 -33.46 -11.40
N GLN GA 335 -78.90 -32.69 -12.48
CA GLN GA 335 -79.97 -32.58 -13.47
C GLN GA 335 -80.29 -33.93 -14.09
N GLN GA 336 -79.25 -34.65 -14.52
CA GLN GA 336 -79.47 -35.96 -15.14
C GLN GA 336 -80.05 -36.95 -14.14
N MET GA 337 -79.60 -36.87 -12.89
CA MET GA 337 -79.83 -37.89 -11.88
C MET GA 337 -81.19 -37.79 -11.21
N ARG GA 338 -81.77 -36.60 -11.09
CA ARG GA 338 -83.06 -36.54 -10.42
C ARG GA 338 -84.17 -36.07 -11.34
N ASN GA 339 -83.94 -34.91 -11.97
CA ASN GA 339 -85.05 -34.16 -12.56
C ASN GA 339 -85.66 -34.91 -13.74
N ASN GA 340 -84.81 -35.34 -14.68
CA ASN GA 340 -85.34 -35.97 -15.88
C ASN GA 340 -86.02 -37.28 -15.56
N ALA GA 341 -85.47 -38.06 -14.62
CA ALA GA 341 -86.09 -39.31 -14.23
C ALA GA 341 -87.46 -39.08 -13.64
N VAL GA 342 -87.58 -38.15 -12.69
CA VAL GA 342 -88.88 -37.90 -12.07
C VAL GA 342 -89.88 -37.42 -13.12
N THR GA 343 -89.44 -36.52 -14.00
CA THR GA 343 -90.34 -35.98 -15.01
C THR GA 343 -90.85 -37.08 -15.93
N THR GA 344 -89.96 -37.96 -16.39
CA THR GA 344 -90.40 -39.00 -17.32
C THR GA 344 -91.30 -40.00 -16.63
N LEU GA 345 -91.04 -40.30 -15.36
CA LEU GA 345 -91.93 -41.21 -14.65
C LEU GA 345 -93.34 -40.64 -14.53
N LEU GA 346 -93.44 -39.37 -14.13
CA LEU GA 346 -94.77 -38.76 -14.03
C LEU GA 346 -95.45 -38.66 -15.39
N ASN GA 347 -94.70 -38.35 -16.44
CA ASN GA 347 -95.30 -38.28 -17.76
C ASN GA 347 -95.84 -39.64 -18.19
N ARG GA 348 -95.07 -40.71 -17.93
CA ARG GA 348 -95.55 -42.05 -18.25
C ARG GA 348 -96.83 -42.35 -17.48
N ALA GA 349 -96.85 -41.99 -16.19
CA ALA GA 349 -98.04 -42.25 -15.39
C ALA GA 349 -99.26 -41.55 -15.97
N ASP GA 350 -99.11 -40.27 -16.33
CA ASP GA 350 -100.26 -39.51 -16.81
C ASP GA 350 -100.75 -40.04 -18.15
N THR GA 351 -99.82 -40.33 -19.06
CA THR GA 351 -100.23 -40.85 -20.37
C THR GA 351 -100.91 -42.21 -20.24
N LEU GA 352 -100.38 -43.07 -19.37
CA LEU GA 352 -100.99 -44.38 -19.21
C LEU GA 352 -102.37 -44.27 -18.59
N LYS GA 353 -102.53 -43.33 -17.65
CA LYS GA 353 -103.86 -42.99 -17.15
C LYS GA 353 -104.79 -42.62 -18.29
N SER GA 354 -104.31 -41.76 -19.19
CA SER GA 354 -105.18 -41.30 -20.28
C SER GA 354 -105.58 -42.46 -21.18
N TYR GA 355 -104.67 -43.38 -21.45
CA TYR GA 355 -105.01 -44.48 -22.35
C TYR GA 355 -105.86 -45.55 -21.69
N LEU GA 356 -105.33 -46.24 -20.66
CA LEU GA 356 -106.01 -47.44 -20.17
C LEU GA 356 -107.08 -47.17 -19.13
N GLY GA 357 -107.32 -45.93 -18.75
CA GLY GA 357 -108.29 -45.67 -17.72
C GLY GA 357 -107.81 -46.14 -16.36
N VAL GA 358 -108.75 -46.69 -15.59
CA VAL GA 358 -108.49 -47.12 -14.22
C VAL GA 358 -108.90 -48.58 -14.10
N GLY GA 359 -107.94 -49.45 -13.78
CA GLY GA 359 -108.25 -50.81 -13.39
C GLY GA 359 -108.89 -51.69 -14.42
N VAL GA 360 -108.76 -51.35 -15.70
CA VAL GA 360 -109.35 -52.13 -16.78
C VAL GA 360 -108.23 -52.61 -17.69
N PRO GA 361 -107.89 -53.90 -17.66
CA PRO GA 361 -106.85 -54.41 -18.56
C PRO GA 361 -107.35 -54.59 -19.98
N HIS GA 362 -106.40 -54.80 -20.89
CA HIS GA 362 -106.65 -55.04 -22.29
C HIS GA 362 -105.91 -56.30 -22.74
N PRO GA 363 -106.37 -56.94 -23.82
CA PRO GA 363 -105.73 -58.19 -24.25
C PRO GA 363 -104.29 -57.97 -24.68
N ILE GA 364 -103.58 -59.08 -24.85
CA ILE GA 364 -102.22 -59.03 -25.36
C ILE GA 364 -102.27 -58.52 -26.78
N GLU GA 365 -101.23 -57.76 -27.18
CA GLU GA 365 -101.13 -57.21 -28.52
C GLU GA 365 -102.26 -56.24 -28.80
N SER GA 366 -102.86 -55.66 -27.76
CA SER GA 366 -104.01 -54.80 -27.96
C SER GA 366 -103.62 -53.49 -28.63
N ASN GA 367 -102.65 -52.78 -28.06
CA ASN GA 367 -102.29 -51.45 -28.51
C ASN GA 367 -100.93 -51.52 -29.19
N LEU GA 368 -100.80 -50.85 -30.34
CA LEU GA 368 -99.54 -50.78 -31.05
C LEU GA 368 -98.98 -49.37 -31.05
N GLY GA 369 -99.67 -48.41 -30.44
CA GLY GA 369 -99.20 -47.05 -30.40
C GLY GA 369 -98.70 -46.65 -29.04
N LEU GA 370 -98.91 -47.52 -28.05
CA LEU GA 370 -98.40 -47.27 -26.70
C LEU GA 370 -96.91 -47.54 -26.66
N GLU GA 371 -96.21 -46.84 -25.76
CA GLU GA 371 -94.78 -46.97 -25.59
C GLU GA 371 -94.36 -48.36 -25.18
N GLY GA 372 -93.20 -48.80 -25.64
CA GLY GA 372 -92.56 -49.97 -25.08
C GLY GA 372 -92.87 -51.23 -25.87
N VAL GA 373 -91.95 -52.18 -25.80
CA VAL GA 373 -92.11 -53.48 -26.42
C VAL GA 373 -92.48 -54.56 -25.43
N GLY GA 374 -92.36 -54.30 -24.14
CA GLY GA 374 -92.77 -55.27 -23.14
C GLY GA 374 -94.25 -55.58 -23.20
N GLN GA 375 -95.01 -54.71 -23.88
CA GLN GA 375 -96.43 -54.94 -24.09
C GLN GA 375 -96.72 -56.25 -24.80
N TYR GA 376 -95.76 -56.78 -25.56
CA TYR GA 376 -95.95 -58.03 -26.27
C TYR GA 376 -96.04 -59.23 -25.34
N TYR GA 377 -95.73 -59.07 -24.05
CA TYR GA 377 -95.69 -60.18 -23.12
C TYR GA 377 -96.77 -60.14 -22.06
N VAL GA 378 -97.21 -58.96 -21.62
CA VAL GA 378 -98.09 -58.86 -20.46
C VAL GA 378 -99.25 -57.94 -20.82
N ARG GA 379 -100.38 -58.14 -20.16
CA ARG GA 379 -101.57 -57.34 -20.39
C ARG GA 379 -101.36 -55.94 -19.85
N PRO GA 380 -101.58 -54.90 -20.64
CA PRO GA 380 -101.50 -53.53 -20.10
C PRO GA 380 -102.52 -53.35 -18.98
N TYR GA 381 -102.13 -52.62 -17.94
CA TYR GA 381 -102.95 -52.50 -16.75
C TYR GA 381 -102.46 -51.31 -15.92
N TYR GA 382 -103.42 -50.54 -15.38
CA TYR GA 382 -103.13 -49.40 -14.54
C TYR GA 382 -104.19 -49.32 -13.44
N ASN GA 383 -103.77 -48.96 -12.23
CA ASN GA 383 -104.68 -48.91 -11.10
C ASN GA 383 -104.27 -47.78 -10.16
N GLU GA 384 -105.24 -47.23 -9.44
CA GLU GA 384 -105.03 -46.15 -8.50
C GLU GA 384 -105.66 -46.49 -7.15
N ALA GA 385 -105.08 -45.95 -6.08
CA ALA GA 385 -105.54 -46.24 -4.73
C ALA GA 385 -105.23 -45.06 -3.82
N THR GA 386 -106.11 -44.83 -2.86
CA THR GA 386 -105.95 -43.77 -1.86
C THR GA 386 -106.17 -44.35 -0.48
N ILE GA 387 -105.53 -43.75 0.52
CA ILE GA 387 -105.71 -44.12 1.92
C ILE GA 387 -105.95 -42.85 2.70
N ASP GA 388 -107.02 -42.82 3.50
CA ASP GA 388 -107.28 -41.71 4.40
C ASP GA 388 -106.95 -42.21 5.81
N VAL GA 389 -105.70 -42.01 6.22
CA VAL GA 389 -105.21 -42.60 7.47
C VAL GA 389 -105.99 -42.06 8.66
N LEU GA 390 -106.52 -40.84 8.54
CA LEU GA 390 -107.29 -40.26 9.64
C LEU GA 390 -108.52 -41.10 9.96
N ASN GA 391 -109.21 -41.60 8.94
CA ASN GA 391 -110.46 -42.31 9.12
C ASN GA 391 -110.34 -43.82 8.99
N ASP GA 392 -109.12 -44.35 8.87
CA ASP GA 392 -108.91 -45.77 8.60
C ASP GA 392 -107.84 -46.34 9.50
N LEU GA 393 -107.92 -46.07 10.80
CA LEU GA 393 -106.91 -46.51 11.76
C LEU GA 393 -107.55 -46.96 13.06
N ASN GA 394 -107.05 -48.07 13.60
CA ASN GA 394 -107.53 -48.60 14.88
C ASN GA 394 -106.39 -48.51 15.88
N ASN GA 395 -106.70 -48.11 17.10
CA ASN GA 395 -105.67 -47.87 18.12
C ASN GA 395 -106.17 -48.36 19.47
N LEU GA 396 -105.80 -49.59 19.83
CA LEU GA 396 -106.09 -50.04 21.19
C LEU GA 396 -105.37 -49.20 22.22
N THR GA 397 -104.06 -49.04 22.10
CA THR GA 397 -103.29 -48.24 23.04
C THR GA 397 -102.36 -47.33 22.25
N SER GA 398 -102.01 -46.21 22.87
CA SER GA 398 -101.10 -45.26 22.26
C SER GA 398 -99.66 -45.77 22.21
N ALA GA 399 -99.44 -47.03 22.62
CA ALA GA 399 -98.10 -47.60 22.55
C ALA GA 399 -97.87 -48.31 21.22
N ALA GA 400 -98.89 -48.40 20.38
CA ALA GA 400 -98.81 -49.20 19.16
C ALA GA 400 -99.24 -48.45 17.91
N LYS GA 401 -99.12 -47.12 17.89
CA LYS GA 401 -99.68 -46.36 16.77
C LYS GA 401 -98.89 -46.58 15.48
N GLN GA 402 -97.56 -46.52 15.54
CA GLN GA 402 -96.77 -46.78 14.33
C GLN GA 402 -97.01 -48.19 13.82
N THR GA 403 -97.17 -49.16 14.73
CA THR GA 403 -97.49 -50.50 14.28
C THR GA 403 -98.79 -50.52 13.50
N ASP GA 404 -99.78 -49.78 13.98
CA ASP GA 404 -101.07 -49.73 13.31
C ASP GA 404 -100.96 -49.11 11.92
N ILE GA 405 -100.25 -47.98 11.84
CA ILE GA 405 -100.09 -47.32 10.54
C ILE GA 405 -99.32 -48.22 9.58
N GLN GA 406 -98.25 -48.86 10.07
CA GLN GA 406 -97.46 -49.75 9.24
C GLN GA 406 -98.31 -50.90 8.72
N GLY GA 407 -99.11 -51.50 9.61
CA GLY GA 407 -99.97 -52.58 9.18
C GLY GA 407 -100.96 -52.16 8.10
N LEU GA 408 -101.58 -51.00 8.28
CA LEU GA 408 -102.50 -50.48 7.27
C LEU GA 408 -101.79 -50.33 5.93
N ILE GA 409 -100.65 -49.64 5.93
CA ILE GA 409 -99.96 -49.36 4.67
C ILE GA 409 -99.51 -50.66 4.01
N VAL GA 410 -98.92 -51.58 4.77
CA VAL GA 410 -98.40 -52.79 4.17
C VAL GA 410 -99.54 -53.65 3.64
N SER GA 411 -100.69 -53.68 4.33
CA SER GA 411 -101.83 -54.42 3.82
C SER GA 411 -102.27 -53.85 2.47
N LYS GA 412 -102.31 -52.53 2.36
CA LYS GA 412 -102.63 -51.93 1.07
C LYS GA 412 -101.61 -52.35 0.01
N ILE GA 413 -100.32 -52.31 0.37
CA ILE GA 413 -99.27 -52.59 -0.62
C ILE GA 413 -99.40 -54.00 -1.16
N ASN GA 414 -99.49 -54.99 -0.26
CA ASN GA 414 -99.47 -56.36 -0.77
C ASN GA 414 -100.80 -56.70 -1.44
N GLU GA 415 -101.90 -56.02 -1.05
CA GLU GA 415 -103.13 -56.24 -1.80
C GLU GA 415 -103.02 -55.75 -3.22
N MET GA 416 -102.47 -54.54 -3.42
CA MET GA 416 -102.31 -54.05 -4.79
C MET GA 416 -101.37 -54.95 -5.59
N VAL GA 417 -100.27 -55.39 -4.97
CA VAL GA 417 -99.33 -56.26 -5.68
C VAL GA 417 -100.01 -57.56 -6.07
N TYR GA 418 -100.78 -58.16 -5.15
CA TYR GA 418 -101.46 -59.41 -5.45
C TYR GA 418 -102.47 -59.23 -6.58
N THR GA 419 -103.23 -58.13 -6.55
CA THR GA 419 -104.21 -57.92 -7.61
C THR GA 419 -103.54 -57.75 -8.96
N ALA GA 420 -102.44 -56.99 -9.01
CA ALA GA 420 -101.72 -56.85 -10.27
C ALA GA 420 -101.22 -58.19 -10.77
N ASP GA 421 -100.62 -58.97 -9.87
CA ASP GA 421 -100.11 -60.29 -10.25
C ASP GA 421 -101.23 -61.15 -10.79
N GLN GA 422 -102.39 -61.11 -10.14
CA GLN GA 422 -103.53 -61.89 -10.59
C GLN GA 422 -103.96 -61.50 -11.99
N LEU GA 423 -104.21 -60.21 -12.21
CA LEU GA 423 -104.82 -59.77 -13.46
C LEU GA 423 -103.88 -59.78 -14.66
N THR GA 424 -102.65 -59.31 -14.50
CA THR GA 424 -101.82 -59.11 -15.69
C THR GA 424 -101.15 -60.36 -16.20
N GLY GA 425 -101.17 -61.45 -15.43
CA GLY GA 425 -100.46 -62.65 -15.85
C GLY GA 425 -98.96 -62.48 -15.96
N TYR GA 426 -98.39 -61.62 -15.11
CA TYR GA 426 -96.96 -61.37 -15.18
C TYR GA 426 -96.15 -62.61 -14.86
N THR GA 427 -96.59 -63.40 -13.88
CA THR GA 427 -95.81 -64.56 -13.46
C THR GA 427 -95.66 -65.56 -14.60
N ALA GA 428 -96.77 -65.85 -15.30
CA ALA GA 428 -96.71 -66.79 -16.41
C ALA GA 428 -95.82 -66.26 -17.53
N ALA GA 429 -95.87 -64.96 -17.79
CA ALA GA 429 -95.00 -64.39 -18.80
C ALA GA 429 -93.53 -64.54 -18.40
N LEU GA 430 -93.23 -64.31 -17.13
CA LEU GA 430 -91.86 -64.50 -16.65
C LEU GA 430 -91.40 -65.93 -16.83
N GLU GA 431 -92.29 -66.87 -16.50
CA GLU GA 431 -91.96 -68.29 -16.68
C GLU GA 431 -91.73 -68.61 -18.15
N ALA GA 432 -92.50 -67.99 -19.04
CA ALA GA 432 -92.33 -68.24 -20.46
C ALA GA 432 -91.02 -67.66 -20.98
N ALA GA 433 -90.65 -66.48 -20.48
CA ALA GA 433 -89.47 -65.79 -21.01
C ALA GA 433 -88.19 -66.57 -20.79
N PHE GA 434 -87.99 -67.13 -19.60
CA PHE GA 434 -86.79 -67.89 -19.29
C PHE GA 434 -87.10 -69.37 -19.22
N SER GA 435 -86.09 -70.17 -19.52
CA SER GA 435 -86.15 -71.62 -19.34
C SER GA 435 -85.08 -72.02 -18.35
N GLY GA 436 -85.47 -72.74 -17.31
CA GLY GA 436 -84.53 -73.16 -16.30
C GLY GA 436 -84.52 -72.33 -15.03
N ARG GA 437 -85.40 -71.34 -14.92
CA ARG GA 437 -85.55 -70.59 -13.68
C ARG GA 437 -86.90 -69.89 -13.68
N SER GA 438 -87.49 -69.82 -12.49
CA SER GA 438 -88.75 -69.12 -12.30
C SER GA 438 -88.65 -68.26 -11.05
N PRO GA 439 -87.84 -67.20 -11.06
CA PRO GA 439 -87.71 -66.37 -9.87
C PRO GA 439 -89.02 -65.71 -9.51
N LYS GA 440 -89.20 -65.48 -8.21
CA LYS GA 440 -90.41 -64.82 -7.75
C LYS GA 440 -90.47 -63.40 -8.30
N PRO GA 441 -91.67 -62.86 -8.55
CA PRO GA 441 -91.77 -61.48 -9.01
C PRO GA 441 -91.11 -60.52 -8.04
N HIS GA 442 -90.27 -59.63 -8.58
CA HIS GA 442 -89.57 -58.64 -7.77
C HIS GA 442 -90.32 -57.32 -7.87
N VAL GA 443 -90.43 -56.62 -6.74
CA VAL GA 443 -91.21 -55.40 -6.64
C VAL GA 443 -90.27 -54.24 -6.38
N ALA GA 444 -90.44 -53.16 -7.15
CA ALA GA 444 -89.70 -51.94 -6.91
C ALA GA 444 -90.63 -50.91 -6.29
N ILE GA 445 -90.23 -50.35 -5.15
CA ILE GA 445 -91.03 -49.39 -4.41
C ILE GA 445 -90.21 -48.11 -4.27
N GLY GA 446 -90.73 -47.02 -4.82
CA GLY GA 446 -90.10 -45.72 -4.68
C GLY GA 446 -91.05 -44.74 -4.01
N THR GA 447 -90.50 -43.93 -3.11
CA THR GA 447 -91.29 -42.94 -2.39
C THR GA 447 -90.35 -41.90 -1.81
N ASP GA 448 -90.94 -40.81 -1.32
CA ASP GA 448 -90.16 -39.71 -0.76
C ASP GA 448 -89.60 -40.09 0.61
N MET GA 449 -88.96 -39.14 1.28
CA MET GA 449 -88.31 -39.42 2.56
C MET GA 449 -89.30 -39.50 3.72
N ARG GA 450 -90.59 -39.31 3.47
CA ARG GA 450 -91.58 -39.38 4.53
C ARG GA 450 -91.83 -40.82 4.98
N LEU GA 451 -92.37 -41.64 4.10
CA LEU GA 451 -92.92 -42.94 4.45
C LEU GA 451 -91.91 -43.99 4.91
N PRO GA 452 -90.77 -44.18 4.24
CA PRO GA 452 -89.91 -45.34 4.57
C PRO GA 452 -89.62 -45.51 6.06
N GLN GA 453 -89.83 -44.48 6.86
CA GLN GA 453 -89.81 -44.66 8.30
C GLN GA 453 -91.00 -45.48 8.78
N TYR GA 454 -92.10 -45.51 8.02
CA TYR GA 454 -93.31 -46.19 8.43
C TYR GA 454 -93.55 -47.49 7.68
N ILE GA 455 -92.73 -47.81 6.68
CA ILE GA 455 -92.86 -49.07 5.96
C ILE GA 455 -91.86 -50.09 6.47
N GLN GA 456 -90.78 -49.63 7.10
CA GLN GA 456 -89.83 -50.52 7.74
C GLN GA 456 -90.46 -51.16 8.97
N ILE GA 457 -90.02 -52.38 9.29
CA ILE GA 457 -90.64 -53.11 10.40
C ILE GA 457 -89.66 -53.28 11.54
N ASN GA 458 -90.19 -53.26 12.76
CA ASN GA 458 -89.37 -53.45 13.96
C ASN GA 458 -90.03 -54.43 14.92
N GLY GA 459 -91.35 -54.59 14.83
CA GLY GA 459 -92.05 -55.58 15.62
C GLY GA 459 -93.23 -56.18 14.89
N ASP GA 460 -93.32 -55.92 13.59
CA ASP GA 460 -94.48 -56.31 12.79
C ASP GA 460 -94.03 -57.18 11.62
N ASP GA 461 -94.96 -57.96 11.11
CA ASP GA 461 -94.67 -58.95 10.08
C ASP GA 461 -94.98 -58.42 8.69
N ARG GA 462 -94.15 -58.85 7.73
CA ARG GA 462 -94.39 -58.68 6.30
C ARG GA 462 -94.28 -57.24 5.84
N THR GA 463 -93.49 -57.00 4.80
CA THR GA 463 -93.31 -55.69 4.21
C THR GA 463 -93.91 -55.60 2.81
N VAL GA 464 -93.87 -56.69 2.05
CA VAL GA 464 -94.58 -56.75 0.78
C VAL GA 464 -95.36 -58.05 0.73
N GLY GA 465 -95.18 -58.87 1.75
CA GLY GA 465 -95.87 -60.15 1.79
C GLY GA 465 -94.93 -61.32 1.52
N ILE GA 466 -95.35 -62.49 1.99
CA ILE GA 466 -94.54 -63.69 1.82
C ILE GA 466 -94.43 -64.04 0.34
N GLY GA 467 -93.22 -64.39 -0.08
CA GLY GA 467 -92.98 -64.77 -1.45
C GLY GA 467 -92.61 -63.64 -2.38
N TYR GA 468 -92.52 -62.42 -1.88
CA TYR GA 468 -92.12 -61.28 -2.68
C TYR GA 468 -90.95 -60.58 -2.01
N ASP GA 469 -90.01 -60.12 -2.84
CA ASP GA 469 -88.90 -59.32 -2.38
C ASP GA 469 -88.97 -57.93 -3.03
N TYR GA 470 -88.31 -56.98 -2.39
CA TYR GA 470 -88.54 -55.58 -2.70
C TYR GA 470 -87.28 -54.76 -2.48
N THR GA 471 -87.29 -53.55 -3.04
CA THR GA 471 -86.24 -52.58 -2.81
C THR GA 471 -86.88 -51.23 -2.51
N ILE GA 472 -86.38 -50.54 -1.50
CA ILE GA 472 -86.92 -49.25 -1.07
C ILE GA 472 -85.93 -48.16 -1.43
N ALA GA 473 -86.38 -47.16 -2.17
CA ALA GA 473 -85.56 -46.03 -2.55
C ALA GA 473 -86.24 -44.74 -2.12
N ARG GA 474 -85.44 -43.76 -1.73
CA ARG GA 474 -85.94 -42.47 -1.28
C ARG GA 474 -85.59 -41.38 -2.28
N ILE GA 475 -86.50 -40.41 -2.42
CA ILE GA 475 -86.33 -39.29 -3.31
C ILE GA 475 -86.63 -38.02 -2.53
N SER GA 476 -86.02 -36.91 -2.96
CA SER GA 476 -86.18 -35.64 -2.27
C SER GA 476 -87.13 -34.68 -2.98
N ASP GA 477 -87.50 -34.96 -4.23
CA ASP GA 477 -88.34 -34.05 -4.99
C ASP GA 477 -89.67 -33.81 -4.29
N LEU GA 478 -90.12 -32.56 -4.29
CA LEU GA 478 -91.41 -32.20 -3.76
C LEU GA 478 -92.56 -32.74 -4.60
N ARG GA 479 -92.29 -33.20 -5.82
CA ARG GA 479 -93.33 -33.76 -6.66
C ARG GA 479 -93.66 -35.20 -6.29
N MET GA 480 -92.91 -35.80 -5.36
CA MET GA 480 -93.24 -37.12 -4.85
C MET GA 480 -93.70 -37.06 -3.40
N LYS GA 481 -94.21 -35.91 -2.95
CA LYS GA 481 -94.66 -35.75 -1.58
C LYS GA 481 -95.85 -36.65 -1.29
N ASP GA 482 -95.68 -37.62 -0.40
CA ASP GA 482 -96.75 -38.52 0.02
C ASP GA 482 -97.33 -39.29 -1.15
N LYS GA 483 -96.47 -39.93 -1.95
CA LYS GA 483 -96.91 -40.77 -3.03
C LYS GA 483 -96.10 -42.06 -3.04
N ILE GA 484 -96.70 -43.11 -3.59
CA ILE GA 484 -96.04 -44.41 -3.70
C ILE GA 484 -96.14 -44.85 -5.15
N VAL GA 485 -95.01 -45.28 -5.72
CA VAL GA 485 -94.99 -45.89 -7.04
C VAL GA 485 -94.46 -47.30 -6.88
N MET GA 486 -95.21 -48.28 -7.39
CA MET GA 486 -94.82 -49.68 -7.32
C MET GA 486 -94.83 -50.28 -8.72
N THR GA 487 -93.73 -50.95 -9.07
CA THR GA 487 -93.58 -51.51 -10.40
C THR GA 487 -92.65 -52.71 -10.30
N PHE GA 488 -92.81 -53.65 -11.23
CA PHE GA 488 -91.97 -54.84 -11.30
C PHE GA 488 -90.73 -54.56 -12.12
N ILE GA 489 -89.57 -55.01 -11.62
CA ILE GA 489 -88.30 -54.84 -12.30
C ILE GA 489 -87.50 -56.14 -12.21
N LEU GA 490 -86.49 -56.25 -13.07
CA LEU GA 490 -85.57 -57.38 -13.05
C LEU GA 490 -84.20 -56.88 -12.61
N PRO GA 491 -83.74 -57.21 -11.42
CA PRO GA 491 -82.53 -56.57 -10.90
C PRO GA 491 -81.23 -57.19 -11.39
N ASN GA 492 -81.27 -58.46 -11.80
CA ASN GA 492 -80.02 -59.17 -12.07
C ASN GA 492 -79.54 -59.03 -13.50
N GLU GA 493 -80.34 -58.50 -14.41
CA GLU GA 493 -79.95 -58.38 -15.81
C GLU GA 493 -79.34 -57.00 -16.07
N SER GA 494 -78.61 -56.90 -17.17
CA SER GA 494 -77.91 -55.66 -17.50
C SER GA 494 -78.05 -55.32 -18.98
N GLU GA 495 -78.99 -55.95 -19.65
CA GLU GA 495 -79.26 -55.72 -21.06
C GLU GA 495 -80.73 -55.37 -21.25
N PRO GA 496 -81.08 -54.76 -22.38
CA PRO GA 496 -82.50 -54.43 -22.60
C PRO GA 496 -83.35 -55.67 -22.74
N HIS GA 497 -84.14 -55.94 -21.71
CA HIS GA 497 -85.06 -57.06 -21.69
C HIS GA 497 -86.48 -56.55 -21.55
N PRO GA 498 -87.37 -56.89 -22.48
CA PRO GA 498 -88.72 -56.33 -22.48
C PRO GA 498 -89.47 -56.45 -21.17
N LEU GA 499 -88.98 -57.25 -20.21
CA LEU GA 499 -89.64 -57.34 -18.91
C LEU GA 499 -89.06 -56.39 -17.89
N GLN GA 500 -88.08 -55.57 -18.25
CA GLN GA 500 -87.60 -54.50 -17.41
C GLN GA 500 -88.39 -53.24 -17.69
N HIS GA 501 -88.58 -52.41 -16.66
CA HIS GA 501 -89.43 -51.25 -16.83
C HIS GA 501 -88.86 -50.27 -17.84
N GLY GA 502 -87.55 -50.05 -17.81
CA GLY GA 502 -86.94 -49.12 -18.75
C GLY GA 502 -85.44 -49.22 -18.68
N VAL GA 503 -84.80 -48.77 -19.75
CA VAL GA 503 -83.35 -48.80 -19.88
C VAL GA 503 -82.85 -47.40 -20.19
N LEU GA 504 -81.75 -47.02 -19.55
CA LEU GA 504 -81.17 -45.70 -19.71
C LEU GA 504 -80.03 -45.79 -20.70
N GLY GA 505 -80.32 -45.51 -21.98
CA GLY GA 505 -79.27 -45.40 -22.97
C GLY GA 505 -78.39 -44.22 -22.63
N PHE GA 506 -77.17 -44.48 -22.16
CA PHE GA 506 -76.31 -43.46 -21.58
C PHE GA 506 -75.05 -43.35 -22.42
N ILE GA 507 -74.74 -42.14 -22.86
CA ILE GA 507 -73.52 -41.87 -23.62
C ILE GA 507 -72.62 -40.98 -22.77
N PRO GA 508 -71.59 -41.53 -22.14
CA PRO GA 508 -70.64 -40.67 -21.43
C PRO GA 508 -70.00 -39.70 -22.40
N GLU GA 509 -69.89 -38.44 -21.98
CA GLU GA 509 -69.45 -37.39 -22.87
C GLU GA 509 -68.50 -36.44 -22.15
N TYR GA 510 -67.64 -35.82 -22.94
CA TYR GA 510 -66.50 -35.07 -22.45
C TYR GA 510 -66.70 -33.58 -22.68
N LEU GA 511 -66.01 -32.79 -21.88
CA LEU GA 511 -66.16 -31.35 -21.89
C LEU GA 511 -65.20 -30.69 -22.86
N VAL GA 512 -65.45 -29.42 -23.16
CA VAL GA 512 -64.67 -28.64 -24.11
C VAL GA 512 -64.41 -27.27 -23.51
N ASP GA 513 -63.19 -26.75 -23.69
CA ASP GA 513 -62.83 -25.43 -23.23
C ASP GA 513 -61.98 -24.74 -24.29
N PHE GA 514 -62.44 -23.59 -24.76
CA PHE GA 514 -61.69 -22.85 -25.76
C PHE GA 514 -62.04 -21.37 -25.66
N ASN GA 515 -61.08 -20.53 -26.04
CA ASN GA 515 -61.21 -19.09 -25.87
C ASN GA 515 -62.22 -18.54 -26.86
N MET GA 516 -63.34 -18.03 -26.34
CA MET GA 516 -64.47 -17.62 -27.16
C MET GA 516 -64.42 -16.12 -27.40
N ILE GA 517 -64.67 -15.72 -28.64
CA ILE GA 517 -64.71 -14.31 -29.02
C ILE GA 517 -66.08 -14.05 -29.61
N ARG GA 518 -67.01 -13.55 -28.78
CA ARG GA 518 -68.38 -13.32 -29.21
C ARG GA 518 -68.78 -11.91 -28.80
N ASN GA 519 -69.41 -11.19 -29.73
CA ASN GA 519 -69.83 -9.80 -29.52
C ASN GA 519 -68.67 -8.94 -29.03
N GLN GA 520 -67.48 -9.17 -29.59
CA GLN GA 520 -66.29 -8.40 -29.28
C GLN GA 520 -65.98 -8.43 -27.78
N ARG GA 521 -65.91 -9.64 -27.23
CA ARG GA 521 -65.62 -9.84 -25.81
C ARG GA 521 -64.88 -11.15 -25.66
N ILE GA 522 -63.70 -11.10 -25.06
CA ILE GA 522 -62.88 -12.29 -24.86
C ILE GA 522 -63.17 -12.87 -23.48
N GLY GA 523 -63.78 -14.04 -23.45
CA GLY GA 523 -64.03 -14.74 -22.20
C GLY GA 523 -64.01 -16.24 -22.40
N ARG GA 524 -63.21 -16.91 -21.57
CA ARG GA 524 -63.10 -18.36 -21.65
C ARG GA 524 -64.44 -19.01 -21.36
N GLU GA 525 -64.76 -20.06 -22.12
CA GLU GA 525 -66.02 -20.78 -21.96
C GLU GA 525 -65.73 -22.28 -21.88
N ILE GA 526 -66.27 -22.92 -20.86
CA ILE GA 526 -66.13 -24.36 -20.64
C ILE GA 526 -67.52 -24.99 -20.65
N ARG GA 527 -67.71 -26.01 -21.48
CA ARG GA 527 -69.03 -26.55 -21.73
C ARG GA 527 -69.07 -28.05 -21.52
N LEU GA 528 -70.21 -28.54 -21.01
CA LEU GA 528 -70.52 -29.95 -20.96
C LEU GA 528 -71.65 -30.22 -21.93
N THR GA 529 -71.54 -31.30 -22.70
CA THR GA 529 -72.56 -31.65 -23.69
C THR GA 529 -73.05 -33.06 -23.41
N PRO GA 530 -73.99 -33.24 -22.49
CA PRO GA 530 -74.47 -34.59 -22.15
C PRO GA 530 -75.32 -35.19 -23.26
N ARG GA 531 -75.30 -36.52 -23.32
CA ARG GA 531 -76.20 -37.25 -24.21
C ARG GA 531 -76.77 -38.43 -23.44
N TYR GA 532 -78.07 -38.38 -23.15
CA TYR GA 532 -78.77 -39.44 -22.43
C TYR GA 532 -80.26 -39.28 -22.67
N ARG GA 533 -81.01 -40.33 -22.34
CA ARG GA 533 -82.45 -40.30 -22.49
C ARG GA 533 -83.07 -41.50 -21.78
N TYR GA 534 -84.16 -41.25 -21.07
CA TYR GA 534 -84.88 -42.29 -20.35
C TYR GA 534 -85.91 -42.91 -21.28
N PHE GA 535 -85.86 -44.23 -21.43
CA PHE GA 535 -86.82 -44.98 -22.24
C PHE GA 535 -87.75 -45.77 -21.34
N ASN GA 536 -88.83 -46.28 -21.93
CA ASN GA 536 -89.91 -46.89 -21.18
C ASN GA 536 -90.43 -48.12 -21.90
N PHE GA 537 -90.20 -49.29 -21.32
CA PHE GA 537 -90.73 -50.52 -21.91
C PHE GA 537 -92.04 -50.98 -21.27
N LEU GA 538 -92.01 -51.28 -19.98
CA LEU GA 538 -93.08 -52.02 -19.34
C LEU GA 538 -94.33 -51.16 -19.15
N PRO GA 539 -95.48 -51.59 -19.67
CA PRO GA 539 -96.72 -50.84 -19.43
C PRO GA 539 -97.48 -51.33 -18.21
N ILE GA 540 -96.81 -51.39 -17.05
CA ILE GA 540 -97.44 -51.75 -15.78
C ILE GA 540 -96.92 -50.80 -14.73
N MET GA 541 -97.81 -50.30 -13.88
CA MET GA 541 -97.41 -49.40 -12.80
C MET GA 541 -98.56 -49.22 -11.83
N LEU GA 542 -98.22 -49.09 -10.55
CA LEU GA 542 -99.19 -48.93 -9.48
C LEU GA 542 -98.82 -47.71 -8.64
N VAL GA 543 -99.81 -46.88 -8.34
CA VAL GA 543 -99.60 -45.64 -7.60
C VAL GA 543 -100.61 -45.55 -6.46
N ILE GA 544 -100.13 -45.15 -5.27
CA ILE GA 544 -100.95 -45.03 -4.08
C ILE GA 544 -100.70 -43.66 -3.47
N ASN GA 545 -101.77 -42.99 -3.04
CA ASN GA 545 -101.68 -41.70 -2.37
C ASN GA 545 -102.02 -41.85 -0.89
N VAL GA 546 -101.18 -41.28 -0.03
CA VAL GA 546 -101.41 -41.24 1.41
C VAL GA 546 -101.68 -39.80 1.80
N ILE GA 547 -102.77 -39.57 2.53
CA ILE GA 547 -103.21 -38.23 2.89
C ILE GA 547 -103.43 -38.17 4.39
N ASN GA 548 -103.31 -36.97 4.97
CA ASN GA 548 -103.57 -36.68 6.36
C ASN GA 548 -102.69 -37.46 7.32
N LEU GA 549 -101.46 -37.79 6.93
CA LEU GA 549 -100.60 -38.59 7.81
C LEU GA 549 -100.35 -37.90 9.13
N GLU GA 550 -99.98 -36.62 9.09
CA GLU GA 550 -99.63 -35.91 10.31
C GLU GA 550 -100.85 -35.74 11.22
N GLU GA 551 -102.01 -35.49 10.63
CA GLU GA 551 -103.20 -35.21 11.45
C GLU GA 551 -103.58 -36.41 12.29
N ALA GA 552 -103.58 -37.61 11.70
CA ALA GA 552 -104.03 -38.80 12.42
C ALA GA 552 -103.14 -39.11 13.61
N ILE GA 553 -101.82 -39.02 13.41
CA ILE GA 553 -100.90 -39.30 14.52
C ILE GA 553 -100.99 -38.20 15.57
N ALA GA 554 -101.26 -36.96 15.16
CA ALA GA 554 -101.37 -35.86 16.11
C ALA GA 554 -102.67 -35.91 16.89
N GLN GA 555 -103.79 -35.79 16.18
CA GLN GA 555 -105.11 -35.82 16.80
C GLN GA 555 -105.38 -37.19 17.41
N ARG GA 556 -106.12 -37.18 18.52
CA ARG GA 556 -106.44 -38.43 19.20
C ARG GA 556 -107.47 -39.16 18.35
N THR GA 557 -106.97 -39.92 17.38
CA THR GA 557 -107.81 -40.81 16.58
C THR GA 557 -107.75 -42.16 17.27
N ALA GA 558 -108.43 -42.26 18.40
CA ALA GA 558 -108.47 -43.50 19.15
C ALA GA 558 -109.43 -44.47 18.48
N LEU GA 559 -109.76 -45.56 19.17
CA LEU GA 559 -110.70 -46.53 18.62
C LEU GA 559 -111.98 -45.80 18.22
N ASP GA 560 -112.19 -45.67 16.92
CA ASP GA 560 -113.37 -45.01 16.38
C ASP GA 560 -114.43 -46.09 16.26
N VAL GA 561 -114.86 -46.62 17.42
CA VAL GA 561 -115.63 -47.84 17.46
C VAL GA 561 -116.97 -47.61 16.77
N ASN GA 562 -117.11 -48.17 15.58
CA ASN GA 562 -118.32 -47.97 14.81
C ASN GA 562 -119.51 -48.73 15.41
N GLU GA 563 -120.23 -48.03 16.28
CA GLU GA 563 -121.49 -48.46 16.89
C GLU GA 563 -122.41 -49.14 15.90
N THR GA 564 -123.21 -50.10 16.35
CA THR GA 564 -124.26 -50.66 15.51
C THR GA 564 -125.59 -50.77 16.24
N GLN GA 565 -126.31 -49.65 16.28
CA GLN GA 565 -127.78 -49.60 16.17
C GLN GA 565 -128.55 -50.80 16.72
N VAL GA 566 -128.37 -51.14 18.00
CA VAL GA 566 -129.31 -52.11 18.58
C VAL GA 566 -129.94 -51.52 19.83
N THR GA 567 -131.03 -50.89 19.64
CA THR GA 567 -132.12 -50.11 20.21
C THR GA 567 -133.17 -49.91 19.14
N PRO GA 568 -134.44 -49.63 19.50
CA PRO GA 568 -135.47 -49.51 18.46
C PRO GA 568 -135.26 -48.30 17.56
N ALA GA 569 -134.21 -48.36 16.73
CA ALA GA 569 -133.94 -47.34 15.73
C ALA GA 569 -133.43 -47.98 14.45
N SER GA 570 -133.42 -49.31 14.41
CA SER GA 570 -132.91 -50.03 13.25
C SER GA 570 -133.32 -51.50 13.31
N HIS HA 1 -71.24 -27.22 32.41
CA HIS HA 1 -72.48 -27.98 32.28
C HIS HA 1 -72.68 -28.45 30.85
N GLU HA 2 -73.36 -29.57 30.70
CA GLU HA 2 -73.48 -30.22 29.40
C GLU HA 2 -74.39 -29.44 28.45
N PHE HA 3 -75.41 -28.78 28.98
CA PHE HA 3 -76.45 -28.23 28.12
C PHE HA 3 -75.90 -27.19 27.15
N ALA HA 4 -75.07 -26.27 27.66
CA ALA HA 4 -74.52 -25.24 26.78
C ALA HA 4 -73.68 -25.85 25.67
N GLU HA 5 -72.85 -26.85 26.01
CA GLU HA 5 -72.08 -27.53 24.98
C GLU HA 5 -73.00 -28.25 24.00
N LEU HA 6 -74.20 -28.62 24.44
CA LEU HA 6 -75.09 -29.38 23.58
C LEU HA 6 -75.69 -28.53 22.47
N PHE HA 7 -75.73 -27.21 22.63
CA PHE HA 7 -76.34 -26.34 21.65
C PHE HA 7 -75.42 -25.26 21.10
N TYR HA 8 -74.49 -24.75 21.90
CA TYR HA 8 -73.55 -23.73 21.44
C TYR HA 8 -72.14 -24.25 21.66
N ARG HA 9 -71.44 -24.56 20.57
CA ARG HA 9 -70.11 -25.14 20.68
C ARG HA 9 -69.11 -24.11 21.20
N THR HA 10 -68.22 -24.56 22.07
CA THR HA 10 -67.21 -23.68 22.66
C THR HA 10 -66.14 -23.37 21.62
N TYR HA 11 -66.11 -22.12 21.16
CA TYR HA 11 -65.07 -21.64 20.26
C TYR HA 11 -64.23 -20.61 21.00
N ILE HA 12 -62.97 -20.94 21.25
CA ILE HA 12 -62.05 -20.05 21.93
C ILE HA 12 -61.44 -19.12 20.90
N VAL HA 13 -61.49 -17.81 21.17
CA VAL HA 13 -60.95 -16.80 20.29
C VAL HA 13 -59.77 -16.15 20.98
N THR HA 14 -58.81 -15.68 20.20
CA THR HA 14 -57.66 -15.00 20.78
C THR HA 14 -58.12 -13.71 21.46
N PRO HA 15 -57.66 -13.43 22.69
CA PRO HA 15 -58.16 -12.26 23.43
C PRO HA 15 -57.58 -10.93 22.95
N ASP HA 16 -57.64 -10.70 21.65
CA ASP HA 16 -57.21 -9.43 21.08
C ASP HA 16 -58.17 -8.99 19.98
N GLN HA 17 -59.24 -9.75 19.77
CA GLN HA 17 -60.12 -9.54 18.63
C GLN HA 17 -61.47 -9.01 19.11
N ALA HA 18 -62.04 -8.10 18.31
CA ALA HA 18 -63.39 -7.63 18.58
C ALA HA 18 -64.44 -8.69 18.23
N GLY HA 19 -64.18 -9.46 17.18
CA GLY HA 19 -65.12 -10.51 16.79
C GLY HA 19 -64.61 -11.23 15.56
N PHE HA 20 -65.22 -12.38 15.27
CA PHE HA 20 -64.76 -13.22 14.19
C PHE HA 20 -65.71 -13.10 13.01
N GLN HA 21 -65.14 -13.31 11.82
CA GLN HA 21 -65.86 -13.16 10.57
C GLN HA 21 -65.95 -14.48 9.85
N LEU HA 22 -67.12 -14.79 9.30
CA LEU HA 22 -67.36 -16.01 8.55
C LEU HA 22 -67.59 -15.65 7.10
N SER HA 23 -66.73 -16.16 6.22
CA SER HA 23 -66.83 -15.92 4.79
C SER HA 23 -67.28 -17.21 4.13
N ILE HA 24 -68.48 -17.19 3.54
CA ILE HA 24 -69.06 -18.37 2.90
C ILE HA 24 -69.29 -18.07 1.43
N ARG HA 25 -68.82 -18.97 0.58
CA ARG HA 25 -68.99 -18.88 -0.87
C ARG HA 25 -70.26 -19.63 -1.25
N ARG HA 26 -70.88 -19.22 -2.35
CA ARG HA 26 -72.09 -19.85 -2.83
C ARG HA 26 -71.97 -20.09 -4.33
N ASN HA 27 -72.58 -21.17 -4.80
CA ASN HA 27 -72.62 -21.49 -6.21
C ASN HA 27 -74.00 -21.14 -6.76
N LEU HA 28 -74.02 -20.31 -7.81
CA LEU HA 28 -75.27 -19.75 -8.32
C LEU HA 28 -75.46 -20.12 -9.78
N VAL HA 29 -76.73 -20.28 -10.16
CA VAL HA 29 -77.12 -20.52 -11.54
C VAL HA 29 -78.19 -19.52 -11.93
N TRP HA 30 -78.07 -18.94 -13.12
CA TRP HA 30 -79.00 -17.91 -13.55
C TRP HA 30 -78.80 -17.69 -15.05
N GLU HA 31 -79.91 -17.40 -15.71
CA GLU HA 31 -80.04 -17.57 -17.15
C GLU HA 31 -79.35 -16.50 -17.98
N GLY HA 32 -78.64 -15.58 -17.35
CA GLY HA 32 -77.98 -14.52 -18.08
C GLY HA 32 -78.81 -13.24 -18.12
N TRP HA 33 -78.10 -12.11 -18.09
CA TRP HA 33 -78.71 -10.80 -18.07
C TRP HA 33 -78.38 -10.03 -19.33
N THR HA 34 -79.35 -9.27 -19.83
CA THR HA 34 -79.15 -8.40 -20.98
C THR HA 34 -79.84 -7.07 -20.70
N GLY HA 35 -79.73 -6.15 -21.64
CA GLY HA 35 -80.34 -4.86 -21.56
C GLY HA 35 -81.60 -4.75 -22.41
N GLU HA 36 -81.52 -3.88 -23.41
CA GLU HA 36 -82.59 -3.69 -24.39
C GLU HA 36 -83.89 -3.24 -23.75
N GLY HA 37 -83.84 -2.84 -22.48
CA GLY HA 37 -85.01 -2.31 -21.83
C GLY HA 37 -85.11 -0.81 -21.96
N LEU HA 38 -86.24 -0.27 -21.50
CA LEU HA 38 -86.43 1.17 -21.44
C LEU HA 38 -85.45 1.76 -20.44
N SER HA 39 -85.03 3.00 -20.66
CA SER HA 39 -84.03 3.59 -19.78
C SER HA 39 -84.57 3.73 -18.36
N GLY HA 40 -83.70 3.45 -17.39
CA GLY HA 40 -84.07 3.53 -15.99
C GLY HA 40 -84.23 2.19 -15.30
N GLU HA 41 -85.11 2.14 -14.31
CA GLU HA 41 -85.55 0.91 -13.67
C GLU HA 41 -84.47 0.24 -12.81
N LYS HA 42 -84.91 -0.77 -12.05
CA LYS HA 42 -84.05 -1.54 -11.17
C LYS HA 42 -83.41 -2.68 -11.97
N GLN HA 43 -84.24 -3.57 -12.50
CA GLN HA 43 -83.83 -4.61 -13.44
C GLN HA 43 -82.76 -5.55 -12.88
N GLU HA 44 -83.13 -6.35 -11.87
CA GLU HA 44 -82.24 -7.37 -11.34
C GLU HA 44 -82.79 -8.75 -11.68
N ILE HA 45 -81.90 -9.66 -12.08
CA ILE HA 45 -82.29 -11.03 -12.42
C ILE HA 45 -81.93 -11.94 -11.25
N SER HA 46 -82.89 -12.77 -10.86
CA SER HA 46 -82.76 -13.56 -9.63
C SER HA 46 -81.59 -14.53 -9.70
N LYS HA 47 -80.91 -14.67 -8.57
CA LYS HA 47 -79.88 -15.68 -8.39
C LYS HA 47 -80.47 -16.83 -7.55
N ARG HA 48 -80.36 -18.04 -8.06
CA ARG HA 48 -80.88 -19.22 -7.37
C ARG HA 48 -79.73 -20.14 -7.00
N ASN HA 49 -79.69 -20.55 -5.73
CA ASN HA 49 -78.67 -21.49 -5.28
C ASN HA 49 -78.87 -22.84 -5.96
N ILE HA 50 -77.76 -23.53 -6.25
CA ILE HA 50 -77.85 -24.82 -6.91
C ILE HA 50 -78.47 -25.87 -6.00
N LEU HA 51 -78.17 -25.83 -4.69
CA LEU HA 51 -78.81 -26.76 -3.77
C LEU HA 51 -80.29 -26.50 -3.62
N GLN HA 52 -80.74 -25.25 -3.79
CA GLN HA 52 -82.17 -24.99 -3.81
C GLN HA 52 -82.85 -25.71 -4.97
N GLY HA 53 -82.11 -25.95 -6.06
CA GLY HA 53 -82.69 -26.66 -7.19
C GLY HA 53 -82.94 -28.13 -6.91
N LEU HA 54 -82.35 -28.68 -5.85
CA LEU HA 54 -82.58 -30.08 -5.54
C LEU HA 54 -84.03 -30.35 -5.17
N LEU HA 55 -84.66 -29.44 -4.43
CA LEU HA 55 -86.04 -29.60 -4.02
C LEU HA 55 -87.04 -29.13 -5.08
N ASP HA 56 -86.56 -28.55 -6.18
CA ASP HA 56 -87.42 -28.13 -7.26
C ASP HA 56 -86.98 -28.80 -8.56
N TYR HA 57 -87.63 -28.44 -9.67
CA TYR HA 57 -87.35 -29.12 -10.93
C TYR HA 57 -87.29 -28.16 -12.09
N THR HA 58 -87.33 -26.86 -11.83
CA THR HA 58 -87.57 -25.91 -12.91
C THR HA 58 -86.46 -24.87 -13.03
N THR HA 59 -85.40 -25.01 -12.25
CA THR HA 59 -84.29 -24.08 -12.31
C THR HA 59 -83.05 -24.68 -12.97
N LEU HA 60 -83.10 -25.93 -13.39
CA LEU HA 60 -82.02 -26.56 -14.15
C LEU HA 60 -82.57 -27.07 -15.48
N GLU HA 61 -83.74 -26.55 -15.86
CA GLU HA 61 -84.37 -26.93 -17.11
C GLU HA 61 -84.21 -25.80 -18.10
N THR HA 62 -83.66 -26.14 -19.27
CA THR HA 62 -83.46 -25.15 -20.32
C THR HA 62 -83.39 -25.80 -21.68
N ASN HA 63 -83.86 -25.09 -22.71
CA ASN HA 63 -83.81 -25.57 -24.08
C ASN HA 63 -83.33 -24.45 -24.98
N SER HA 64 -82.12 -24.61 -25.49
CA SER HA 64 -81.49 -23.56 -26.27
C SER HA 64 -81.12 -23.98 -27.69
N THR HA 65 -81.25 -25.26 -28.03
CA THR HA 65 -80.78 -25.74 -29.32
C THR HA 65 -81.89 -26.26 -30.22
N GLU HA 66 -83.08 -26.50 -29.70
CA GLU HA 66 -84.18 -26.97 -30.54
C GLU HA 66 -84.54 -25.92 -31.58
N LEU HA 67 -84.86 -26.40 -32.79
CA LEU HA 67 -85.16 -25.52 -33.92
C LEU HA 67 -86.67 -25.37 -34.04
N ILE HA 68 -87.20 -24.30 -33.48
CA ILE HA 68 -88.63 -24.02 -33.55
C ILE HA 68 -88.90 -23.17 -34.78
N PRO HA 69 -89.88 -23.55 -35.61
CA PRO HA 69 -90.19 -22.75 -36.80
C PRO HA 69 -90.60 -21.33 -36.43
N VAL HA 70 -90.18 -20.37 -37.25
CA VAL HA 70 -90.41 -18.95 -36.99
C VAL HA 70 -91.04 -18.34 -38.23
N ILE HA 71 -92.02 -17.47 -38.03
CA ILE HA 71 -92.78 -16.88 -39.13
C ILE HA 71 -92.28 -15.47 -39.41
N GLN HA 72 -91.97 -15.20 -40.67
CA GLN HA 72 -91.70 -13.85 -41.15
C GLN HA 72 -92.82 -13.46 -42.10
N SER HA 73 -93.49 -12.35 -41.81
CA SER HA 73 -94.65 -11.96 -42.60
C SER HA 73 -94.25 -11.64 -44.04
N GLY HA 74 -94.90 -12.31 -44.98
CA GLY HA 74 -94.71 -12.01 -46.39
C GLY HA 74 -93.39 -12.45 -46.97
N GLU HA 75 -92.62 -13.26 -46.24
CA GLU HA 75 -91.33 -13.70 -46.73
C GLU HA 75 -91.09 -15.20 -46.63
N ASN HA 76 -91.76 -15.91 -45.73
CA ASN HA 76 -91.69 -17.37 -45.71
C ASN HA 76 -93.07 -17.95 -45.46
N ASP HA 77 -94.10 -17.13 -45.61
CA ASP HA 77 -95.45 -17.47 -45.21
C ASP HA 77 -96.03 -18.65 -45.99
N GLU HA 78 -95.46 -18.97 -47.15
CA GLU HA 78 -95.94 -20.09 -47.95
C GLU HA 78 -95.38 -21.43 -47.48
N GLN HA 79 -94.46 -21.43 -46.52
CA GLN HA 79 -94.01 -22.65 -45.86
C GLN HA 79 -94.74 -22.91 -44.56
N PHE HA 80 -95.91 -22.31 -44.37
CA PHE HA 80 -96.78 -22.56 -43.23
C PHE HA 80 -98.21 -22.66 -43.70
N ILE HA 81 -99.05 -23.30 -42.90
CA ILE HA 81 -100.46 -23.45 -43.26
C ILE HA 81 -101.11 -22.07 -43.29
N ASP HA 82 -102.17 -21.96 -44.07
CA ASP HA 82 -102.88 -20.69 -44.16
C ASP HA 82 -103.50 -20.36 -42.81
N PRO HA 83 -103.22 -19.17 -42.28
CA PRO HA 83 -103.64 -18.87 -40.90
C PRO HA 83 -105.15 -18.84 -40.71
N SER HA 84 -105.94 -19.03 -41.76
CA SER HA 84 -107.39 -19.06 -41.60
C SER HA 84 -107.83 -20.24 -40.74
N VAL HA 85 -107.22 -21.41 -40.95
CA VAL HA 85 -107.58 -22.61 -40.19
C VAL HA 85 -107.06 -22.57 -38.77
N LEU HA 86 -106.03 -21.77 -38.49
CA LEU HA 86 -105.51 -21.64 -37.13
C LEU HA 86 -104.76 -20.33 -36.96
N PRO HA 87 -105.15 -19.50 -36.00
CA PRO HA 87 -104.36 -18.30 -35.70
C PRO HA 87 -102.97 -18.66 -35.20
N ALA HA 88 -102.02 -17.77 -35.46
CA ALA HA 88 -100.65 -17.99 -35.05
C ALA HA 88 -100.53 -18.02 -33.54
N GLN HA 89 -99.56 -18.79 -33.05
CA GLN HA 89 -99.30 -18.94 -31.63
C GLN HA 89 -97.96 -18.28 -31.29
N THR HA 90 -97.92 -17.64 -30.12
CA THR HA 90 -96.70 -17.01 -29.64
C THR HA 90 -96.11 -17.85 -28.52
N VAL HA 91 -94.85 -18.25 -28.68
CA VAL HA 91 -94.16 -19.08 -27.70
C VAL HA 91 -92.85 -18.40 -27.32
N LYS HA 92 -92.32 -18.79 -26.16
CA LYS HA 92 -91.13 -18.19 -25.60
C LYS HA 92 -90.09 -19.27 -25.35
N GLN HA 93 -88.89 -19.06 -25.87
CA GLN HA 93 -87.75 -19.95 -25.61
C GLN HA 93 -86.56 -19.08 -25.29
N GLY HA 94 -85.87 -19.38 -24.19
CA GLY HA 94 -84.81 -18.52 -23.72
C GLY HA 94 -85.32 -17.12 -23.43
N LYS HA 95 -84.72 -16.11 -24.04
CA LYS HA 95 -85.16 -14.73 -23.90
C LYS HA 95 -85.85 -14.19 -25.14
N ASP HA 96 -86.32 -15.06 -26.01
CA ASP HA 96 -86.93 -14.65 -27.28
C ASP HA 96 -88.43 -14.90 -27.26
N THR HA 97 -89.18 -13.98 -27.85
CA THR HA 97 -90.61 -14.15 -28.10
C THR HA 97 -90.85 -14.00 -29.59
N PHE HA 98 -91.51 -15.00 -30.18
CA PHE HA 98 -91.77 -15.00 -31.62
C PHE HA 98 -92.93 -15.93 -31.92
N ASP HA 99 -93.58 -15.67 -33.06
CA ASP HA 99 -94.73 -16.45 -33.49
C ASP HA 99 -94.29 -17.75 -34.17
N THR HA 100 -95.23 -18.69 -34.29
CA THR HA 100 -94.98 -19.96 -34.93
C THR HA 100 -96.29 -20.61 -35.33
N ASN HA 101 -96.19 -21.66 -36.13
CA ASN HA 101 -97.36 -22.40 -36.59
C ASN HA 101 -96.90 -23.73 -37.17
N PHE HA 102 -97.86 -24.63 -37.37
CA PHE HA 102 -97.57 -25.92 -37.97
C PHE HA 102 -97.18 -25.75 -39.44
N LEU HA 103 -96.21 -26.54 -39.89
CA LEU HA 103 -95.81 -26.52 -41.29
C LEU HA 103 -96.90 -27.17 -42.14
N LYS HA 104 -96.93 -26.81 -43.43
CA LYS HA 104 -97.93 -27.33 -44.34
C LYS HA 104 -97.41 -28.56 -45.07
N PHE HA 105 -98.27 -29.58 -45.17
CA PHE HA 105 -97.94 -30.75 -45.98
C PHE HA 105 -97.74 -30.35 -47.43
N SER HA 106 -96.61 -30.77 -47.99
CA SER HA 106 -96.26 -30.45 -49.36
C SER HA 106 -96.23 -31.74 -50.17
N GLU HA 107 -97.14 -31.86 -51.13
CA GLU HA 107 -97.14 -33.02 -52.02
C GLU HA 107 -96.73 -32.60 -53.43
N ASN HA 108 -97.48 -31.71 -54.07
CA ASN HA 108 -97.04 -31.13 -55.33
C ASN HA 108 -96.00 -30.06 -55.13
N GLY HA 109 -95.97 -29.45 -53.95
CA GLY HA 109 -95.05 -28.36 -53.71
C GLY HA 109 -93.66 -28.86 -53.38
N GLU HA 110 -92.70 -27.96 -53.52
CA GLU HA 110 -91.31 -28.32 -53.34
C GLU HA 110 -90.92 -28.17 -51.87
N GLY HA 111 -89.94 -28.96 -51.44
CA GLY HA 111 -89.60 -29.08 -50.03
C GLY HA 111 -89.15 -27.82 -49.33
N PHE HA 112 -88.82 -27.95 -48.05
CA PHE HA 112 -88.44 -26.83 -47.20
C PHE HA 112 -86.99 -26.97 -46.78
N ASN HA 113 -86.41 -25.86 -46.35
CA ASN HA 113 -85.09 -25.86 -45.71
C ASN HA 113 -85.31 -25.47 -44.25
N LEU HA 114 -85.13 -26.44 -43.35
CA LEU HA 114 -85.45 -26.22 -41.94
C LEU HA 114 -84.55 -25.16 -41.32
N LEU HA 115 -83.29 -25.08 -41.78
CA LEU HA 115 -82.36 -24.13 -41.18
C LEU HA 115 -82.84 -22.70 -41.33
N MET HA 116 -83.32 -22.34 -42.52
CA MET HA 116 -83.85 -20.99 -42.72
C MET HA 116 -85.10 -20.74 -41.87
N LEU HA 117 -85.87 -21.78 -41.60
CA LEU HA 117 -87.00 -21.63 -40.69
C LEU HA 117 -86.55 -21.60 -39.23
N ALA HA 118 -85.35 -22.12 -38.96
CA ALA HA 118 -84.90 -22.27 -37.58
C ALA HA 118 -84.37 -20.96 -36.98
N GLN HA 119 -84.19 -19.93 -37.80
CA GLN HA 119 -83.55 -18.72 -37.31
C GLN HA 119 -84.50 -17.93 -36.40
N THR HA 120 -83.98 -17.47 -35.28
CA THR HA 120 -84.68 -16.65 -34.31
C THR HA 120 -84.09 -15.25 -34.30
N PRO HA 121 -84.80 -14.27 -33.72
CA PRO HA 121 -84.22 -12.92 -33.59
C PRO HA 121 -82.81 -12.91 -33.00
N SER HA 122 -82.55 -13.75 -32.00
CA SER HA 122 -81.19 -13.81 -31.46
C SER HA 122 -80.20 -14.29 -32.50
N ARG HA 123 -80.55 -15.33 -33.25
CA ARG HA 123 -79.64 -15.81 -34.29
C ARG HA 123 -79.47 -14.78 -35.39
N LEU HA 124 -80.46 -13.91 -35.60
CA LEU HA 124 -80.37 -12.94 -36.68
C LEU HA 124 -79.24 -11.95 -36.44
N LYS HA 125 -79.19 -11.34 -35.25
CA LYS HA 125 -78.10 -10.41 -34.95
C LYS HA 125 -76.76 -11.13 -34.93
N LYS HA 126 -76.75 -12.43 -34.65
CA LYS HA 126 -75.54 -13.24 -34.65
C LYS HA 126 -74.88 -13.30 -36.01
N GLY HA 127 -75.65 -13.47 -37.08
CA GLY HA 127 -75.07 -13.76 -38.39
C GLY HA 127 -75.47 -15.14 -38.87
N SER HA 128 -76.42 -15.19 -39.79
CA SER HA 128 -77.11 -16.42 -40.13
C SER HA 128 -76.25 -17.32 -41.00
N MET HA 129 -76.70 -18.57 -41.18
CA MET HA 129 -76.09 -19.53 -42.09
C MET HA 129 -74.64 -19.77 -41.68
N THR HA 130 -74.44 -20.33 -40.49
CA THR HA 130 -73.08 -20.67 -40.08
C THR HA 130 -72.66 -21.96 -40.75
N PHE HA 131 -71.34 -22.15 -40.85
CA PHE HA 131 -70.76 -23.21 -41.66
C PHE HA 131 -70.66 -24.56 -40.95
N THR HA 132 -71.32 -24.75 -39.80
CA THR HA 132 -71.37 -26.06 -39.18
C THR HA 132 -72.75 -26.45 -38.68
N ASP HA 133 -73.77 -25.61 -38.87
CA ASP HA 133 -75.10 -25.91 -38.39
C ASP HA 133 -75.53 -27.29 -38.89
N SER HA 134 -75.69 -28.22 -37.96
CA SER HA 134 -75.93 -29.62 -38.27
C SER HA 134 -77.12 -30.12 -37.47
N LEU HA 135 -77.85 -31.06 -38.05
CA LEU HA 135 -79.00 -31.63 -37.38
C LEU HA 135 -78.59 -32.78 -36.48
N ASP HA 136 -79.38 -33.02 -35.43
CA ASP HA 136 -79.08 -34.07 -34.48
C ASP HA 136 -79.20 -35.43 -35.13
N SER HA 137 -78.54 -36.43 -34.52
CA SER HA 137 -78.71 -37.80 -34.98
C SER HA 137 -80.16 -38.25 -34.81
N ARG HA 138 -80.93 -37.55 -34.00
CA ARG HA 138 -82.37 -37.81 -33.85
C ARG HA 138 -83.17 -36.69 -34.48
N ILE HA 139 -84.12 -37.05 -35.33
CA ILE HA 139 -85.17 -36.16 -35.82
C ILE HA 139 -86.47 -36.95 -35.85
N ALA HA 140 -87.54 -36.35 -35.36
CA ALA HA 140 -88.83 -37.02 -35.35
C ALA HA 140 -89.96 -36.01 -35.33
N LEU HA 141 -91.16 -36.47 -35.67
CA LEU HA 141 -92.34 -35.62 -35.60
C LEU HA 141 -92.68 -35.29 -34.15
N LYS HA 142 -93.09 -34.05 -33.90
CA LYS HA 142 -93.49 -33.67 -32.55
C LYS HA 142 -94.99 -33.81 -32.37
N GLN HA 143 -95.77 -33.10 -33.18
CA GLN HA 143 -97.23 -33.20 -33.15
C GLN HA 143 -97.75 -33.37 -34.56
N LEU HA 144 -98.82 -34.15 -34.70
CA LEU HA 144 -99.51 -34.34 -35.97
C LEU HA 144 -100.90 -33.72 -35.86
N LEU HA 145 -101.29 -32.97 -36.89
CA LEU HA 145 -102.53 -32.21 -36.86
C LEU HA 145 -103.54 -32.83 -37.82
N ILE HA 146 -104.75 -33.07 -37.32
CA ILE HA 146 -105.83 -33.63 -38.12
C ILE HA 146 -107.06 -32.75 -37.96
N SER HA 147 -107.92 -32.78 -38.97
CA SER HA 147 -109.15 -32.00 -38.99
C SER HA 147 -110.35 -32.93 -39.10
N VAL HA 148 -111.28 -32.79 -38.18
CA VAL HA 148 -112.51 -33.58 -38.16
C VAL HA 148 -113.66 -32.67 -38.59
N THR HA 149 -114.42 -33.11 -39.59
CA THR HA 149 -115.45 -32.29 -40.20
C THR HA 149 -116.79 -33.01 -40.13
N LYS HA 150 -117.83 -32.26 -39.77
CA LYS HA 150 -119.21 -32.75 -39.80
C LYS HA 150 -120.15 -31.57 -39.96
N GLY HA 151 -120.71 -31.42 -41.16
CA GLY HA 151 -121.64 -30.35 -41.43
C GLY HA 151 -121.03 -28.97 -41.53
N GLY HA 152 -119.72 -28.87 -41.72
CA GLY HA 152 -119.06 -27.57 -41.81
C GLY HA 152 -118.33 -27.14 -40.56
N THR HA 153 -118.54 -27.82 -39.43
CA THR HA 153 -117.85 -27.49 -38.19
C THR HA 153 -116.49 -28.17 -38.17
N THR HA 154 -115.46 -27.41 -37.82
CA THR HA 154 -114.08 -27.88 -37.84
C THR HA 154 -113.55 -27.97 -36.42
N GLU HA 155 -113.02 -29.15 -36.06
CA GLU HA 155 -112.39 -29.38 -34.77
C GLU HA 155 -110.94 -29.77 -35.00
N LEU HA 156 -110.04 -29.17 -34.22
CA LEU HA 156 -108.61 -29.40 -34.36
C LEU HA 156 -108.11 -30.25 -33.19
N PHE HA 157 -107.43 -31.33 -33.52
CA PHE HA 157 -106.86 -32.23 -32.51
C PHE HA 157 -105.36 -32.15 -32.56
N ALA HA 158 -104.75 -31.78 -31.44
CA ALA HA 158 -103.30 -31.75 -31.31
C ALA HA 158 -102.85 -33.09 -30.73
N LEU HA 159 -102.29 -33.93 -31.58
CA LEU HA 159 -101.86 -35.27 -31.20
C LEU HA 159 -100.39 -35.24 -30.79
N ASP HA 160 -100.11 -35.78 -29.61
CA ASP HA 160 -98.72 -35.88 -29.15
C ASP HA 160 -98.17 -37.21 -29.66
N VAL HA 161 -97.62 -37.19 -30.87
CA VAL HA 161 -97.08 -38.40 -31.49
C VAL HA 161 -95.58 -38.49 -31.30
N ASN HA 162 -94.98 -37.53 -30.62
CA ASN HA 162 -93.56 -37.63 -30.30
C ASN HA 162 -93.35 -38.85 -29.41
N ARG HA 163 -92.13 -39.41 -29.49
CA ARG HA 163 -91.78 -40.68 -28.85
C ARG HA 163 -92.88 -41.73 -28.99
N ASP HA 164 -93.38 -41.92 -30.20
CA ASP HA 164 -94.28 -43.02 -30.51
C ASP HA 164 -93.42 -44.24 -30.86
N GLN HA 165 -94.05 -45.30 -31.36
CA GLN HA 165 -93.31 -46.51 -31.72
C GLN HA 165 -92.33 -46.29 -32.85
N TYR HA 166 -92.64 -45.41 -33.82
CA TYR HA 166 -91.79 -45.30 -34.99
C TYR HA 166 -91.52 -43.86 -35.42
N ALA HA 167 -91.73 -42.88 -34.53
CA ALA HA 167 -91.59 -41.48 -34.94
C ALA HA 167 -90.16 -41.15 -35.34
N ALA HA 168 -89.18 -41.73 -34.65
CA ALA HA 168 -87.78 -41.40 -34.90
C ALA HA 168 -87.33 -41.88 -36.28
N TYR HA 169 -86.54 -41.04 -36.94
CA TYR HA 169 -86.03 -41.38 -38.27
C TYR HA 169 -84.96 -42.46 -38.15
N THR HA 170 -84.72 -43.17 -39.25
CA THR HA 170 -83.73 -44.22 -39.30
C THR HA 170 -82.70 -43.96 -40.39
N ALA HA 171 -81.58 -44.68 -40.32
CA ALA HA 171 -80.50 -44.48 -41.27
C ALA HA 171 -80.79 -45.21 -42.58
N THR HA 172 -80.62 -44.49 -43.69
CA THR HA 172 -80.94 -45.05 -44.99
C THR HA 172 -79.83 -45.98 -45.46
N ARG HA 173 -80.21 -46.97 -46.26
CA ARG HA 173 -79.28 -47.85 -46.95
C ARG HA 173 -79.17 -47.52 -48.43
N GLU HA 174 -79.46 -46.28 -48.81
CA GLU HA 174 -79.45 -45.84 -50.19
C GLU HA 174 -79.15 -44.35 -50.21
N TYR HA 175 -78.61 -43.89 -51.35
CA TYR HA 175 -78.41 -42.47 -51.63
C TYR HA 175 -77.30 -41.93 -50.74
N ASN HA 176 -77.25 -40.61 -50.56
CA ASN HA 176 -76.21 -39.98 -49.77
C ASN HA 176 -76.27 -40.46 -48.33
N PHE HA 177 -75.10 -40.54 -47.71
CA PHE HA 177 -74.97 -41.01 -46.34
C PHE HA 177 -75.30 -39.94 -45.32
N ARG HA 178 -75.63 -38.74 -45.77
CA ARG HA 178 -76.17 -37.71 -44.89
C ARG HA 178 -77.69 -37.65 -44.94
N LEU HA 179 -78.33 -38.61 -45.60
CA LEU HA 179 -79.78 -38.59 -45.76
C LEU HA 179 -80.43 -39.52 -44.74
N MET HA 180 -81.30 -38.97 -43.90
CA MET HA 180 -82.23 -39.75 -43.10
C MET HA 180 -83.57 -39.80 -43.83
N GLN HA 181 -84.27 -40.92 -43.71
CA GLN HA 181 -85.59 -41.06 -44.32
C GLN HA 181 -86.62 -41.34 -43.24
N LEU HA 182 -87.83 -40.81 -43.44
CA LEU HA 182 -88.95 -41.02 -42.53
C LEU HA 182 -89.98 -41.92 -43.20
N LYS HA 183 -90.24 -43.07 -42.59
CA LYS HA 183 -91.35 -43.93 -42.98
C LYS HA 183 -92.13 -44.22 -41.69
N PHE HA 184 -93.04 -43.31 -41.36
CA PHE HA 184 -93.87 -43.42 -40.16
C PHE HA 184 -95.19 -44.04 -40.58
N HIS HA 185 -95.36 -45.32 -40.27
CA HIS HA 185 -96.58 -46.04 -40.64
C HIS HA 185 -97.09 -46.78 -39.42
N THR HA 186 -98.17 -46.26 -38.84
CA THR HA 186 -98.80 -46.86 -37.68
C THR HA 186 -100.15 -46.19 -37.47
N SER HA 187 -100.77 -46.51 -36.34
CA SER HA 187 -102.13 -46.07 -36.06
C SER HA 187 -102.14 -45.09 -34.90
N LEU HA 188 -103.00 -44.07 -35.00
CA LEU HA 188 -103.19 -43.09 -33.94
C LEU HA 188 -104.61 -43.21 -33.40
N GLY HA 189 -104.75 -43.03 -32.08
CA GLY HA 189 -106.04 -43.13 -31.43
C GLY HA 189 -106.42 -41.86 -30.69
N LEU HA 190 -107.73 -41.67 -30.51
CA LEU HA 190 -108.27 -40.54 -29.79
C LEU HA 190 -108.95 -41.03 -28.52
N GLY HA 191 -108.40 -40.65 -27.37
CA GLY HA 191 -108.93 -41.09 -26.10
C GLY HA 191 -110.28 -40.46 -25.79
N GLU HA 192 -111.01 -41.14 -24.90
CA GLU HA 192 -112.36 -40.70 -24.53
C GLU HA 192 -112.37 -39.39 -23.76
N GLU HA 193 -111.22 -38.95 -23.25
CA GLU HA 193 -111.09 -37.65 -22.61
C GLU HA 193 -110.29 -36.67 -23.44
N SER HA 194 -109.82 -37.08 -24.61
CA SER HA 194 -108.97 -36.23 -25.43
C SER HA 194 -109.64 -34.90 -25.74
N THR HA 195 -109.01 -33.82 -25.31
CA THR HA 195 -109.56 -32.49 -25.47
C THR HA 195 -108.99 -31.83 -26.72
N THR HA 196 -109.78 -30.97 -27.34
CA THR HA 196 -109.33 -30.23 -28.50
C THR HA 196 -108.32 -29.16 -28.12
N VAL HA 197 -107.65 -28.61 -29.13
CA VAL HA 197 -106.66 -27.56 -28.92
C VAL HA 197 -107.31 -26.18 -28.86
N ALA HA 198 -108.55 -26.06 -29.31
CA ALA HA 198 -109.30 -24.80 -29.28
C ALA HA 198 -110.64 -25.05 -28.58
N GLY HA 199 -110.64 -24.90 -27.26
CA GLY HA 199 -111.83 -25.16 -26.48
C GLY HA 199 -111.68 -26.32 -25.53
N ALA HA 200 -112.72 -27.15 -25.41
CA ALA HA 200 -112.68 -28.31 -24.53
C ALA HA 200 -113.64 -29.37 -25.06
N GLU HA 201 -113.10 -30.54 -25.41
CA GLU HA 201 -113.86 -31.70 -25.87
C GLU HA 201 -114.49 -31.47 -27.23
N SER HA 202 -114.73 -32.56 -27.97
CA SER HA 202 -115.27 -32.47 -29.31
C SER HA 202 -116.75 -32.10 -29.28
N ALA HA 203 -117.13 -31.20 -30.18
CA ALA HA 203 -118.52 -30.81 -30.37
C ALA HA 203 -119.20 -31.59 -31.47
N LEU HA 204 -118.48 -32.50 -32.14
CA LEU HA 204 -119.06 -33.35 -33.18
C LEU HA 204 -119.02 -34.83 -32.85
N LEU HA 205 -118.00 -35.30 -32.14
CA LEU HA 205 -117.93 -36.68 -31.71
C LEU HA 205 -118.50 -36.89 -30.31
N LYS HA 206 -118.99 -35.82 -29.67
CA LYS HA 206 -119.54 -35.95 -28.32
C LYS HA 206 -120.65 -36.99 -28.27
N ASP HA 207 -121.42 -37.11 -29.35
CA ASP HA 207 -122.50 -38.08 -29.39
C ASP HA 207 -121.99 -39.51 -29.19
N LEU HA 208 -120.72 -39.74 -29.50
CA LEU HA 208 -120.16 -41.09 -29.33
C LEU HA 208 -119.39 -41.21 -28.03
N PHE HA 209 -118.71 -40.14 -27.62
CA PHE HA 209 -117.84 -40.22 -26.45
C PHE HA 209 -118.61 -40.52 -25.18
N ASP HA 210 -119.93 -40.31 -25.19
CA ASP HA 210 -120.76 -40.62 -24.04
C ASP HA 210 -120.70 -42.09 -23.67
N LEU HA 211 -120.60 -42.98 -24.64
CA LEU HA 211 -120.54 -44.41 -24.38
C LEU HA 211 -119.12 -44.90 -24.14
N GLY HA 212 -118.16 -44.00 -23.93
CA GLY HA 212 -116.81 -44.39 -23.58
C GLY HA 212 -116.02 -45.02 -24.70
N TYR HA 213 -116.37 -44.73 -25.95
CA TYR HA 213 -115.71 -45.38 -27.08
C TYR HA 213 -114.50 -44.58 -27.54
N ARG HA 214 -113.63 -45.22 -28.30
CA ARG HA 214 -112.48 -44.58 -28.92
C ARG HA 214 -112.54 -44.78 -30.43
N ILE HA 215 -111.96 -43.84 -31.16
CA ILE HA 215 -111.87 -43.94 -32.62
C ILE HA 215 -110.43 -44.15 -32.99
N GLU HA 216 -110.17 -45.12 -33.86
CA GLU HA 216 -108.83 -45.51 -34.25
C GLU HA 216 -108.59 -45.09 -35.69
N LEU HA 217 -107.43 -44.49 -35.94
CA LEU HA 217 -107.06 -43.98 -37.25
C LEU HA 217 -105.79 -44.70 -37.70
N ASP HA 218 -105.69 -44.97 -39.00
CA ASP HA 218 -104.42 -45.42 -39.55
C ASP HA 218 -103.73 -44.27 -40.27
N VAL HA 219 -102.42 -44.14 -40.08
CA VAL HA 219 -101.67 -42.98 -40.52
C VAL HA 219 -100.56 -43.44 -41.46
N LYS HA 220 -100.36 -42.68 -42.53
CA LYS HA 220 -99.32 -42.98 -43.51
C LYS HA 220 -98.59 -41.68 -43.82
N VAL HA 221 -97.38 -41.55 -43.29
CA VAL HA 221 -96.57 -40.33 -43.41
C VAL HA 221 -95.18 -40.71 -43.89
N ASP HA 222 -94.63 -39.92 -44.80
CA ASP HA 222 -93.30 -40.14 -45.34
C ASP HA 222 -92.50 -38.83 -45.31
N GLY HA 223 -91.18 -38.96 -45.29
CA GLY HA 223 -90.33 -37.78 -45.26
C GLY HA 223 -88.86 -38.02 -45.52
N GLU HA 224 -88.16 -36.96 -45.91
CA GLU HA 224 -86.72 -37.00 -46.15
C GLU HA 224 -86.07 -35.85 -45.40
N MET HA 225 -84.82 -36.04 -44.99
CA MET HA 225 -84.10 -35.00 -44.27
C MET HA 225 -82.61 -35.15 -44.49
N ASN HA 226 -81.92 -34.02 -44.66
CA ASN HA 226 -80.46 -34.01 -44.79
C ASN HA 226 -79.87 -33.32 -43.56
N VAL HA 227 -78.85 -33.95 -42.98
CA VAL HA 227 -78.29 -33.48 -41.72
C VAL HA 227 -77.06 -32.64 -41.97
N GLU HA 228 -76.89 -32.14 -43.19
CA GLU HA 228 -75.77 -31.27 -43.50
C GLU HA 228 -76.25 -30.04 -44.25
N ASN HA 229 -77.44 -30.15 -44.85
CA ASN HA 229 -77.99 -29.09 -45.68
C ASN HA 229 -79.20 -28.43 -45.06
N GLY HA 230 -80.02 -29.21 -44.34
CA GLY HA 230 -81.29 -28.73 -43.84
C GLY HA 230 -82.43 -28.85 -44.82
N ASN HA 231 -82.17 -29.32 -46.04
CA ASN HA 231 -83.23 -29.50 -47.01
C ASN HA 231 -83.99 -30.80 -46.72
N GLY HA 232 -85.31 -30.72 -46.79
CA GLY HA 232 -86.15 -31.87 -46.54
C GLY HA 232 -87.57 -31.57 -46.97
N ASP HA 233 -88.38 -32.63 -46.96
CA ASP HA 233 -89.79 -32.50 -47.29
C ASP HA 233 -90.54 -33.72 -46.78
N THR HA 234 -91.84 -33.53 -46.55
CA THR HA 234 -92.72 -34.59 -46.09
C THR HA 234 -94.06 -34.44 -46.79
N SER HA 235 -94.82 -35.52 -46.88
CA SER HA 235 -96.16 -35.49 -47.44
C SER HA 235 -97.05 -36.44 -46.66
N LEU HA 236 -98.35 -36.15 -46.68
CA LEU HA 236 -99.33 -37.07 -46.12
C LEU HA 236 -99.83 -38.00 -47.20
N ARG HA 237 -99.68 -39.30 -46.98
CA ARG HA 237 -100.01 -40.30 -47.99
C ARG HA 237 -101.39 -40.91 -47.81
N ALA HA 238 -101.75 -41.28 -46.58
CA ALA HA 238 -103.05 -41.90 -46.35
C ALA HA 238 -103.47 -41.71 -44.90
N LEU HA 239 -104.75 -41.43 -44.70
CA LEU HA 239 -105.30 -41.19 -43.37
C LEU HA 239 -106.80 -41.40 -43.43
N ARG HA 240 -107.30 -42.39 -42.70
CA ARG HA 240 -108.69 -42.81 -42.83
C ARG HA 240 -109.13 -43.51 -41.55
N LEU HA 241 -110.43 -43.40 -41.25
CA LEU HA 241 -110.99 -44.05 -40.06
C LEU HA 241 -110.96 -45.57 -40.24
N ALA HA 242 -110.42 -46.26 -39.25
CA ALA HA 242 -110.22 -47.71 -39.35
C ALA HA 242 -111.08 -48.51 -38.39
N ARG HA 243 -111.00 -48.24 -37.09
CA ARG HA 243 -111.67 -49.08 -36.11
C ARG HA 243 -112.22 -48.22 -34.98
N VAL HA 244 -113.13 -48.80 -34.21
CA VAL HA 244 -113.68 -48.16 -33.02
C VAL HA 244 -113.48 -49.10 -31.84
N PHE HA 245 -112.91 -48.57 -30.76
CA PHE HA 245 -112.60 -49.34 -29.57
C PHE HA 245 -113.58 -49.03 -28.46
N ASP HA 246 -113.97 -50.06 -27.72
CA ASP HA 246 -114.85 -49.88 -26.58
C ASP HA 246 -114.05 -49.58 -25.32
N LYS HA 247 -114.76 -49.45 -24.20
CA LYS HA 247 -114.08 -49.22 -22.93
C LYS HA 247 -113.37 -50.47 -22.41
N GLU HA 248 -113.76 -51.65 -22.88
CA GLU HA 248 -113.12 -52.89 -22.46
C GLU HA 248 -112.03 -53.35 -23.42
N GLY HA 249 -111.78 -52.61 -24.49
CA GLY HA 249 -110.72 -52.92 -25.43
C GLY HA 249 -111.11 -53.86 -26.54
N LYS HA 250 -112.33 -54.39 -26.55
CA LYS HA 250 -112.76 -55.32 -27.57
C LYS HA 250 -113.27 -54.57 -28.79
N GLU HA 251 -112.94 -55.09 -29.97
CA GLU HA 251 -113.29 -54.44 -31.22
C GLU HA 251 -114.80 -54.45 -31.43
N ILE HA 252 -115.33 -53.35 -31.96
CA ILE HA 252 -116.72 -53.25 -32.36
C ILE HA 252 -116.76 -52.87 -33.84
N ALA HA 253 -117.62 -53.53 -34.60
CA ALA HA 253 -117.67 -53.31 -36.04
C ALA HA 253 -118.06 -51.88 -36.37
N LEU HA 254 -117.49 -51.37 -37.48
CA LEU HA 254 -117.88 -50.07 -38.00
C LEU HA 254 -119.34 -50.07 -38.46
N THR HA 255 -119.78 -51.15 -39.10
CA THR HA 255 -121.11 -51.23 -39.69
C THR HA 255 -122.21 -51.38 -38.65
N ASP HA 256 -121.88 -51.34 -37.35
CA ASP HA 256 -122.87 -51.46 -36.29
C ASP HA 256 -123.81 -50.26 -36.32
N SER HA 257 -125.09 -50.51 -36.02
CA SER HA 257 -126.09 -49.46 -36.14
C SER HA 257 -125.75 -48.26 -35.27
N ARG HA 258 -125.42 -48.49 -34.00
CA ARG HA 258 -124.99 -47.38 -33.15
C ARG HA 258 -123.72 -46.75 -33.67
N VAL HA 259 -122.74 -47.56 -34.05
CA VAL HA 259 -121.49 -47.04 -34.57
C VAL HA 259 -121.72 -46.31 -35.88
N SER HA 260 -122.55 -46.87 -36.77
CA SER HA 260 -122.83 -46.20 -38.03
C SER HA 260 -123.51 -44.86 -37.81
N ALA HA 261 -124.47 -44.80 -36.89
CA ALA HA 261 -125.15 -43.54 -36.59
C ALA HA 261 -124.17 -42.51 -36.04
N ALA HA 262 -123.29 -42.95 -35.14
CA ALA HA 262 -122.32 -42.01 -34.56
C ALA HA 262 -121.21 -41.64 -35.54
N LEU HA 263 -121.03 -42.41 -36.60
CA LEU HA 263 -119.93 -42.19 -37.54
C LEU HA 263 -120.37 -41.97 -38.97
N SER HA 264 -121.61 -41.53 -39.20
CA SER HA 264 -122.08 -41.23 -40.54
C SER HA 264 -121.84 -39.77 -40.85
N GLY HA 265 -120.81 -39.48 -41.64
CA GLY HA 265 -120.53 -38.11 -42.03
C GLY HA 265 -119.19 -37.57 -41.58
N LEU HA 266 -118.28 -38.47 -41.20
CA LEU HA 266 -116.99 -38.06 -40.66
C LEU HA 266 -115.93 -38.15 -41.75
N THR HA 267 -115.25 -37.03 -41.98
CA THR HA 267 -114.16 -36.96 -42.94
C THR HA 267 -112.93 -36.36 -42.26
N VAL HA 268 -111.83 -37.10 -42.30
CA VAL HA 268 -110.62 -36.73 -41.57
C VAL HA 268 -109.53 -36.37 -42.58
N THR HA 269 -108.95 -35.19 -42.41
CA THR HA 269 -107.97 -34.66 -43.34
C THR HA 269 -106.76 -34.14 -42.57
N GLY HA 270 -105.58 -34.39 -43.13
CA GLY HA 270 -104.36 -33.88 -42.53
C GLY HA 270 -104.15 -32.43 -42.88
N VAL HA 271 -103.71 -31.65 -41.89
CA VAL HA 271 -103.51 -30.22 -42.06
C VAL HA 271 -102.04 -29.84 -41.97
N GLY HA 272 -101.35 -30.31 -40.93
CA GLY HA 272 -99.96 -29.95 -40.78
C GLY HA 272 -99.28 -30.81 -39.73
N TYR HA 273 -98.05 -30.44 -39.42
CA TYR HA 273 -97.27 -31.13 -38.41
C TYR HA 273 -96.14 -30.22 -37.95
N SER HA 274 -95.46 -30.64 -36.88
CA SER HA 274 -94.33 -29.91 -36.35
C SER HA 274 -93.20 -30.88 -36.04
N LEU HA 275 -91.97 -30.41 -36.23
CA LEU HA 275 -90.78 -31.23 -36.07
C LEU HA 275 -90.08 -30.89 -34.77
N GLU HA 276 -89.54 -31.93 -34.13
CA GLU HA 276 -88.70 -31.78 -32.95
C GLU HA 276 -87.27 -32.13 -33.36
N ALA HA 277 -86.47 -31.10 -33.64
CA ALA HA 277 -85.10 -31.29 -34.08
C ALA HA 277 -84.16 -30.46 -33.23
N ARG HA 278 -83.00 -31.02 -32.93
CA ARG HA 278 -81.99 -30.37 -32.12
C ARG HA 278 -80.79 -30.03 -32.98
N LEU HA 279 -80.22 -28.86 -32.71
CA LEU HA 279 -79.06 -28.39 -33.46
C LEU HA 279 -77.80 -29.03 -32.90
N THR HA 280 -77.11 -29.81 -33.73
CA THR HA 280 -75.83 -30.37 -33.34
C THR HA 280 -74.82 -29.24 -33.40
N ASN HA 281 -74.90 -28.32 -32.45
CA ASN HA 281 -73.96 -27.21 -32.37
C ASN HA 281 -72.59 -27.80 -32.07
N ILE HA 282 -71.57 -27.27 -32.74
CA ILE HA 282 -70.24 -27.84 -32.56
C ILE HA 282 -69.37 -26.89 -31.75
N ASN HA 283 -69.63 -25.59 -31.85
CA ASN HA 283 -69.03 -24.61 -30.96
C ASN HA 283 -70.02 -24.08 -29.92
N GLN HA 284 -71.27 -24.54 -29.98
CA GLN HA 284 -72.28 -24.24 -28.96
C GLN HA 284 -72.54 -22.74 -28.80
N LEU HA 285 -73.17 -22.15 -29.81
CA LEU HA 285 -73.54 -20.73 -29.79
C LEU HA 285 -74.54 -20.39 -28.69
N GLU HA 286 -74.87 -21.34 -27.84
CA GLU HA 286 -75.87 -21.16 -26.81
C GLU HA 286 -75.22 -20.97 -25.45
N MET HA 287 -75.82 -20.08 -24.66
CA MET HA 287 -75.32 -19.80 -23.32
C MET HA 287 -75.80 -20.80 -22.28
N GLY HA 288 -76.76 -21.66 -22.63
CA GLY HA 288 -77.26 -22.66 -21.69
C GLY HA 288 -77.70 -22.04 -20.38
N LEU HA 289 -77.12 -22.49 -19.28
CA LEU HA 289 -77.29 -21.85 -17.98
C LEU HA 289 -75.91 -21.46 -17.46
N LEU HA 290 -75.76 -20.20 -17.08
CA LEU HA 290 -74.51 -19.72 -16.52
C LEU HA 290 -74.38 -20.15 -15.07
N ILE HA 291 -73.16 -20.49 -14.66
CA ILE HA 291 -72.85 -20.83 -13.29
C ILE HA 291 -71.95 -19.74 -12.71
N ASP HA 292 -72.38 -19.14 -11.61
CA ASP HA 292 -71.67 -18.02 -11.01
C ASP HA 292 -71.36 -18.33 -9.56
N SER HA 293 -70.48 -17.51 -8.98
CA SER HA 293 -70.15 -17.63 -7.57
C SER HA 293 -70.17 -16.25 -6.93
N ASP HA 294 -70.88 -16.15 -5.82
CA ASP HA 294 -70.97 -14.92 -5.06
C ASP HA 294 -70.76 -15.25 -3.59
N VAL HA 295 -70.08 -14.36 -2.88
CA VAL HA 295 -69.63 -14.63 -1.52
C VAL HA 295 -70.34 -13.68 -0.57
N GLN HA 296 -70.95 -14.24 0.46
CA GLN HA 296 -71.64 -13.47 1.49
C GLN HA 296 -70.70 -13.29 2.67
N LYS HA 297 -70.98 -12.30 3.50
CA LYS HA 297 -70.29 -12.12 4.77
C LYS HA 297 -71.33 -12.01 5.88
N GLN HA 298 -70.94 -12.36 7.11
CA GLN HA 298 -71.75 -12.11 8.29
C GLN HA 298 -70.83 -11.78 9.46
N GLY HA 299 -71.11 -10.67 10.13
CA GLY HA 299 -70.24 -10.18 11.20
C GLY HA 299 -70.82 -10.48 12.57
N PHE HA 300 -70.04 -11.18 13.38
CA PHE HA 300 -70.38 -11.49 14.76
C PHE HA 300 -69.29 -10.92 15.66
N MET HA 301 -69.68 -10.05 16.58
CA MET HA 301 -68.73 -9.29 17.37
C MET HA 301 -69.13 -9.30 18.84
N ILE HA 302 -68.13 -9.41 19.71
CA ILE HA 302 -68.30 -9.82 21.09
C ILE HA 302 -68.30 -8.58 21.98
N PRO HA 303 -69.22 -8.47 22.95
CA PRO HA 303 -69.20 -7.35 23.89
C PRO HA 303 -68.43 -7.70 25.16
N THR HA 304 -68.48 -6.76 26.11
CA THR HA 304 -67.95 -6.93 27.46
C THR HA 304 -69.08 -6.81 28.47
N LEU HA 305 -68.94 -7.50 29.61
CA LEU HA 305 -70.05 -7.65 30.55
C LEU HA 305 -69.68 -7.13 31.93
N PRO HA 306 -70.67 -6.86 32.79
CA PRO HA 306 -70.41 -6.24 34.10
C PRO HA 306 -69.53 -7.13 34.96
N PRO HA 307 -68.72 -6.54 35.84
CA PRO HA 307 -67.70 -7.32 36.55
C PRO HA 307 -68.29 -8.08 37.72
N LEU HA 308 -67.80 -9.31 37.90
CA LEU HA 308 -68.09 -10.10 39.08
C LEU HA 308 -66.89 -10.01 40.01
N VAL HA 309 -67.06 -9.36 41.15
CA VAL HA 309 -65.95 -8.84 41.93
C VAL HA 309 -66.03 -9.36 43.36
N ILE HA 310 -64.90 -9.80 43.90
CA ILE HA 310 -64.79 -10.24 45.28
C ILE HA 310 -63.86 -9.29 46.02
N VAL HA 311 -64.33 -8.73 47.13
CA VAL HA 311 -63.57 -7.80 47.94
C VAL HA 311 -63.46 -8.36 49.35
N LYS HA 312 -62.26 -8.39 49.89
CA LYS HA 312 -62.06 -8.85 51.25
C LYS HA 312 -61.34 -7.79 52.06
N PRO HA 313 -61.75 -7.57 53.32
CA PRO HA 313 -60.92 -6.73 54.18
C PRO HA 313 -59.72 -7.53 54.63
N ALA HA 314 -58.58 -7.32 53.98
CA ALA HA 314 -57.42 -8.17 54.25
C ALA HA 314 -56.16 -7.54 53.69
N MET HA 315 -55.26 -7.14 54.57
CA MET HA 315 -53.85 -7.15 54.23
C MET HA 315 -53.19 -8.43 54.70
N VAL HA 316 -53.78 -9.10 55.69
CA VAL HA 316 -53.52 -10.49 56.01
C VAL HA 316 -54.73 -11.27 55.51
N GLU HA 317 -54.49 -12.26 54.66
CA GLU HA 317 -55.57 -12.87 53.89
C GLU HA 317 -56.47 -13.74 54.76
N ASP HA 318 -57.78 -13.60 54.53
CA ASP HA 318 -58.80 -14.41 55.19
C ASP HA 318 -59.27 -15.52 54.25
N ASP HA 319 -59.25 -16.75 54.75
CA ASP HA 319 -59.80 -17.89 54.04
C ASP HA 319 -61.02 -18.40 54.80
N LYS HA 320 -61.54 -17.56 55.70
CA LYS HA 320 -62.60 -17.96 56.61
C LYS HA 320 -63.93 -17.30 56.28
N THR HA 321 -63.94 -15.97 56.22
CA THR HA 321 -65.12 -15.23 55.76
C THR HA 321 -65.30 -15.29 54.25
N TYR HA 322 -64.21 -15.30 53.50
CA TYR HA 322 -64.26 -15.51 52.06
C TYR HA 322 -63.52 -16.80 51.75
N PRO HA 323 -64.16 -17.81 51.16
CA PRO HA 323 -63.43 -19.05 50.88
C PRO HA 323 -62.65 -18.99 49.59
N ARG HA 324 -62.05 -20.11 49.22
CA ARG HA 324 -61.15 -20.18 48.06
C ARG HA 324 -61.84 -19.79 46.76
N LEU HA 325 -61.05 -19.61 45.70
CA LEU HA 325 -61.51 -19.11 44.42
C LEU HA 325 -62.58 -19.99 43.79
N GLU HA 326 -62.65 -21.25 44.21
CA GLU HA 326 -63.61 -22.19 43.60
C GLU HA 326 -65.02 -21.62 43.63
N ALA HA 327 -65.40 -20.96 44.72
CA ALA HA 327 -66.73 -20.36 44.79
C ALA HA 327 -66.90 -19.28 43.73
N LEU HA 328 -65.85 -18.49 43.50
CA LEU HA 328 -65.94 -17.42 42.51
C LEU HA 328 -66.20 -17.97 41.12
N THR HA 329 -65.38 -18.94 40.70
CA THR HA 329 -65.55 -19.50 39.36
C THR HA 329 -66.86 -20.28 39.26
N THR HA 330 -67.30 -20.89 40.36
CA THR HA 330 -68.59 -21.57 40.33
C THR HA 330 -69.72 -20.58 40.09
N ALA HA 331 -69.68 -19.44 40.78
CA ALA HA 331 -70.67 -18.40 40.53
C ALA HA 331 -70.58 -17.89 39.10
N TYR HA 332 -69.35 -17.80 38.58
CA TYR HA 332 -69.17 -17.42 37.19
C TYR HA 332 -69.87 -18.40 36.26
N ARG HA 333 -69.69 -19.70 36.49
CA ARG HA 333 -70.35 -20.71 35.67
C ARG HA 333 -71.86 -20.61 35.79
N ILE HA 334 -72.38 -20.37 36.99
CA ILE HA 334 -73.83 -20.25 37.16
C ILE HA 334 -74.36 -19.07 36.35
N GLN HA 335 -73.66 -17.94 36.41
CA GLN HA 335 -74.10 -16.77 35.65
C GLN HA 335 -73.98 -17.02 34.14
N GLN HA 336 -72.98 -17.77 33.74
CA GLN HA 336 -72.63 -17.94 32.32
C GLN HA 336 -73.46 -19.03 31.65
N MET HA 337 -73.22 -20.28 32.02
CA MET HA 337 -73.50 -21.41 31.14
C MET HA 337 -74.95 -21.90 31.24
N ARG HA 338 -75.73 -21.42 32.20
CA ARG HA 338 -77.12 -21.86 32.29
C ARG HA 338 -78.11 -20.73 32.03
N ASN HA 339 -78.00 -19.63 32.79
CA ASN HA 339 -79.03 -18.61 32.78
C ASN HA 339 -79.09 -17.90 31.43
N ASN HA 340 -77.95 -17.40 30.95
CA ASN HA 340 -77.96 -16.73 29.66
C ASN HA 340 -78.24 -17.72 28.54
N ALA HA 341 -77.83 -18.98 28.70
CA ALA HA 341 -78.13 -19.98 27.68
C ALA HA 341 -79.64 -20.16 27.51
N VAL HA 342 -80.35 -20.37 28.61
CA VAL HA 342 -81.79 -20.57 28.51
C VAL HA 342 -82.47 -19.29 28.05
N THR HA 343 -81.96 -18.13 28.49
CA THR HA 343 -82.52 -16.87 28.03
C THR HA 343 -82.42 -16.74 26.52
N THR HA 344 -81.25 -17.05 25.96
CA THR HA 344 -81.05 -16.95 24.53
C THR HA 344 -81.92 -17.95 23.79
N LEU HA 345 -82.04 -19.17 24.31
CA LEU HA 345 -82.86 -20.16 23.63
C LEU HA 345 -84.33 -19.72 23.57
N LEU HA 346 -84.87 -19.27 24.71
CA LEU HA 346 -86.26 -18.81 24.71
C LEU HA 346 -86.45 -17.59 23.81
N ASN HA 347 -85.53 -16.64 23.85
CA ASN HA 347 -85.69 -15.46 23.00
C ASN HA 347 -85.62 -15.83 21.53
N ARG HA 348 -84.72 -16.76 21.18
CA ARG HA 348 -84.66 -17.25 19.81
C ARG HA 348 -85.97 -17.88 19.40
N ALA HA 349 -86.56 -18.71 20.27
CA ALA HA 349 -87.83 -19.33 19.94
C ALA HA 349 -88.91 -18.28 19.69
N ASP HA 350 -88.97 -17.27 20.56
CA ASP HA 350 -90.01 -16.26 20.41
C ASP HA 350 -89.81 -15.43 19.15
N THR HA 351 -88.58 -15.05 18.84
CA THR HA 351 -88.33 -14.29 17.62
C THR HA 351 -88.67 -15.13 16.38
N LEU HA 352 -88.35 -16.42 16.41
CA LEU HA 352 -88.71 -17.28 15.29
C LEU HA 352 -90.22 -17.35 15.13
N LYS HA 353 -90.94 -17.48 16.24
CA LYS HA 353 -92.40 -17.39 16.17
C LYS HA 353 -92.83 -16.09 15.49
N SER HA 354 -92.25 -14.97 15.92
CA SER HA 354 -92.68 -13.67 15.40
C SER HA 354 -92.44 -13.56 13.91
N TYR HA 355 -91.28 -14.01 13.45
CA TYR HA 355 -90.89 -13.75 12.06
C TYR HA 355 -91.43 -14.80 11.11
N LEU HA 356 -91.19 -16.09 11.39
CA LEU HA 356 -91.37 -17.13 10.39
C LEU HA 356 -92.78 -17.70 10.35
N GLY HA 357 -93.66 -17.28 11.26
CA GLY HA 357 -94.95 -17.93 11.32
C GLY HA 357 -94.82 -19.31 11.96
N VAL HA 358 -95.89 -20.09 11.84
CA VAL HA 358 -95.93 -21.45 12.36
C VAL HA 358 -96.26 -22.41 11.23
N GLY HA 359 -95.42 -23.42 11.07
CA GLY HA 359 -95.65 -24.44 10.05
C GLY HA 359 -95.68 -23.92 8.63
N VAL HA 360 -94.91 -22.88 8.32
CA VAL HA 360 -94.90 -22.31 6.97
C VAL HA 360 -93.45 -22.12 6.53
N PRO HA 361 -92.90 -23.01 5.70
CA PRO HA 361 -91.52 -22.83 5.25
C PRO HA 361 -91.43 -21.75 4.20
N HIS HA 362 -90.18 -21.35 3.93
CA HIS HA 362 -89.92 -20.34 2.91
C HIS HA 362 -88.69 -20.72 2.09
N PRO HA 363 -88.65 -20.34 0.83
CA PRO HA 363 -87.46 -20.61 0.02
C PRO HA 363 -86.25 -19.87 0.58
N ILE HA 364 -85.05 -20.42 0.36
CA ILE HA 364 -83.85 -19.84 0.94
C ILE HA 364 -83.61 -18.46 0.35
N GLU HA 365 -82.75 -17.68 1.03
CA GLU HA 365 -82.35 -16.34 0.58
C GLU HA 365 -83.53 -15.38 0.57
N SER HA 366 -84.48 -15.55 1.50
CA SER HA 366 -85.66 -14.71 1.47
C SER HA 366 -86.23 -14.57 2.87
N ASN HA 367 -86.81 -13.39 3.14
CA ASN HA 367 -87.58 -13.12 4.35
C ASN HA 367 -86.78 -13.45 5.61
N LEU HA 368 -85.50 -13.08 5.58
CA LEU HA 368 -84.58 -13.55 6.61
C LEU HA 368 -84.75 -12.80 7.92
N GLY HA 369 -84.46 -11.49 7.90
CA GLY HA 369 -84.51 -10.66 9.09
C GLY HA 369 -83.98 -11.30 10.35
N LEU HA 370 -83.00 -12.19 10.21
CA LEU HA 370 -82.54 -13.02 11.31
C LEU HA 370 -81.03 -13.23 11.23
N GLU HA 371 -80.41 -13.39 12.39
CA GLU HA 371 -78.98 -13.66 12.47
C GLU HA 371 -78.67 -15.05 11.94
N GLY HA 372 -77.46 -15.22 11.42
CA GLY HA 372 -76.94 -16.55 11.10
C GLY HA 372 -76.43 -16.70 9.68
N VAL HA 373 -75.67 -17.77 9.46
CA VAL HA 373 -75.24 -18.16 8.12
C VAL HA 373 -75.92 -19.43 7.66
N GLY HA 374 -76.69 -20.08 8.52
CA GLY HA 374 -77.40 -21.28 8.15
C GLY HA 374 -78.60 -21.06 7.28
N GLN HA 375 -79.05 -19.82 7.14
CA GLN HA 375 -80.17 -19.48 6.26
C GLN HA 375 -79.74 -19.38 4.81
N TYR HA 376 -78.50 -19.76 4.49
CA TYR HA 376 -78.07 -19.84 3.11
C TYR HA 376 -77.90 -21.27 2.63
N TYR HA 377 -78.29 -22.28 3.42
CA TYR HA 377 -78.13 -23.67 3.06
C TYR HA 377 -79.44 -24.46 3.08
N VAL HA 378 -80.34 -24.20 4.02
CA VAL HA 378 -81.56 -24.97 4.19
C VAL HA 378 -82.74 -24.01 4.29
N ARG HA 379 -83.92 -24.53 4.01
CA ARG HA 379 -85.13 -23.74 4.04
C ARG HA 379 -85.52 -23.43 5.48
N PRO HA 380 -85.77 -22.18 5.85
CA PRO HA 380 -86.20 -21.87 7.22
C PRO HA 380 -87.52 -22.54 7.55
N TYR HA 381 -87.68 -22.92 8.81
CA TYR HA 381 -88.87 -23.65 9.26
C TYR HA 381 -88.90 -23.64 10.78
N TYR HA 382 -90.05 -23.26 11.34
CA TYR HA 382 -90.25 -23.28 12.78
C TYR HA 382 -91.69 -23.63 13.10
N ASN HA 383 -91.88 -24.60 13.98
CA ASN HA 383 -93.20 -25.09 14.34
C ASN HA 383 -93.17 -25.65 15.75
N GLU HA 384 -94.36 -25.78 16.34
CA GLU HA 384 -94.51 -26.28 17.70
C GLU HA 384 -95.85 -27.00 17.81
N ALA HA 385 -95.95 -27.92 18.77
CA ALA HA 385 -97.16 -28.71 18.98
C ALA HA 385 -97.49 -28.80 20.46
N THR HA 386 -98.76 -29.04 20.74
CA THR HA 386 -99.26 -29.17 22.11
C THR HA 386 -99.85 -30.56 22.29
N ILE HA 387 -99.60 -31.17 23.44
CA ILE HA 387 -100.14 -32.47 23.78
C ILE HA 387 -100.96 -32.33 25.06
N ASP HA 388 -102.25 -32.64 24.98
CA ASP HA 388 -103.13 -32.63 26.15
C ASP HA 388 -103.31 -34.06 26.60
N VAL HA 389 -102.54 -34.45 27.62
CA VAL HA 389 -102.53 -35.85 28.04
C VAL HA 389 -103.88 -36.25 28.64
N LEU HA 390 -104.60 -35.29 29.24
CA LEU HA 390 -105.92 -35.63 29.76
C LEU HA 390 -106.88 -36.03 28.65
N ASN HA 391 -106.69 -35.50 27.45
CA ASN HA 391 -107.58 -35.82 26.33
C ASN HA 391 -106.95 -36.85 25.40
N ASP HA 392 -105.77 -36.54 24.88
CA ASP HA 392 -105.19 -37.26 23.77
C ASP HA 392 -104.44 -38.49 24.26
N LEU HA 393 -105.18 -39.55 24.58
CA LEU HA 393 -104.54 -40.72 25.17
C LEU HA 393 -105.41 -41.95 25.08
N ASN HA 394 -104.81 -43.13 25.18
CA ASN HA 394 -105.52 -44.41 25.21
C ASN HA 394 -105.03 -45.23 26.39
N ASN HA 395 -105.90 -45.47 27.35
CA ASN HA 395 -105.60 -46.32 28.49
C ASN HA 395 -106.63 -47.42 28.58
N LEU HA 396 -106.18 -48.67 28.47
CA LEU HA 396 -107.07 -49.81 28.62
C LEU HA 396 -106.76 -50.62 29.86
N THR HA 397 -105.65 -50.30 30.54
CA THR HA 397 -105.30 -50.91 31.81
C THR HA 397 -104.30 -49.99 32.50
N SER HA 398 -104.49 -49.82 33.81
CA SER HA 398 -103.61 -48.95 34.58
C SER HA 398 -102.17 -49.42 34.56
N ALA HA 399 -101.93 -50.70 34.28
CA ALA HA 399 -100.56 -51.21 34.29
C ALA HA 399 -99.76 -50.67 33.13
N ALA HA 400 -100.42 -50.15 32.10
CA ALA HA 400 -99.75 -49.66 30.91
C ALA HA 400 -99.81 -48.15 30.75
N LYS HA 401 -100.31 -47.43 31.75
CA LYS HA 401 -100.58 -46.01 31.59
C LYS HA 401 -99.28 -45.24 31.32
N GLN HA 402 -98.23 -45.53 32.08
CA GLN HA 402 -96.94 -44.90 31.81
C GLN HA 402 -96.44 -45.28 30.43
N THR HA 403 -96.61 -46.54 30.04
CA THR HA 403 -96.24 -46.96 28.69
C THR HA 403 -97.01 -46.17 27.65
N ASP HA 404 -98.31 -45.96 27.87
CA ASP HA 404 -99.10 -45.17 26.93
C ASP HA 404 -98.57 -43.75 26.81
N ILE HA 405 -98.25 -43.12 27.94
CA ILE HA 405 -97.76 -41.74 27.91
C ILE HA 405 -96.43 -41.67 27.16
N GLN HA 406 -95.52 -42.58 27.47
CA GLN HA 406 -94.21 -42.58 26.83
C GLN HA 406 -94.36 -42.80 25.33
N GLY HA 407 -95.22 -43.74 24.93
CA GLY HA 407 -95.45 -43.98 23.52
C GLY HA 407 -96.00 -42.75 22.82
N LEU HA 408 -96.95 -42.07 23.47
CA LEU HA 408 -97.50 -40.84 22.88
C LEU HA 408 -96.42 -39.81 22.64
N ILE HA 409 -95.58 -39.55 23.66
CA ILE HA 409 -94.61 -38.47 23.52
C ILE HA 409 -93.55 -38.82 22.48
N VAL HA 410 -93.10 -40.08 22.46
CA VAL HA 410 -92.07 -40.45 21.50
C VAL HA 410 -92.65 -40.44 20.08
N SER HA 411 -93.91 -40.84 19.93
CA SER HA 411 -94.55 -40.76 18.62
C SER HA 411 -94.60 -39.33 18.12
N LYS HA 412 -95.04 -38.41 18.99
CA LYS HA 412 -95.08 -37.00 18.60
C LYS HA 412 -93.71 -36.51 18.16
N ILE HA 413 -92.69 -36.77 18.97
CA ILE HA 413 -91.38 -36.20 18.67
C ILE HA 413 -90.82 -36.80 17.39
N ASN HA 414 -91.03 -38.11 17.18
CA ASN HA 414 -90.55 -38.74 15.96
C ASN HA 414 -91.20 -38.12 14.73
N GLU HA 415 -92.53 -37.99 14.75
CA GLU HA 415 -93.21 -37.48 13.57
C GLU HA 415 -92.81 -36.05 13.29
N MET HA 416 -92.61 -35.27 14.36
CA MET HA 416 -92.16 -33.89 14.17
C MET HA 416 -90.78 -33.85 13.51
N VAL HA 417 -89.87 -34.72 13.95
CA VAL HA 417 -88.55 -34.76 13.33
C VAL HA 417 -88.66 -35.11 11.86
N TYR HA 418 -89.46 -36.12 11.53
CA TYR HA 418 -89.53 -36.54 10.13
C TYR HA 418 -90.15 -35.44 9.27
N THR HA 419 -91.17 -34.76 9.77
CA THR HA 419 -91.77 -33.67 8.99
C THR HA 419 -90.75 -32.57 8.74
N ALA HA 420 -90.00 -32.18 9.77
CA ALA HA 420 -88.99 -31.15 9.59
C ALA HA 420 -87.94 -31.59 8.56
N ASP HA 421 -87.48 -32.83 8.66
CA ASP HA 421 -86.47 -33.34 7.74
C ASP HA 421 -86.98 -33.29 6.30
N GLN HA 422 -88.20 -33.77 6.07
CA GLN HA 422 -88.72 -33.80 4.71
C GLN HA 422 -88.92 -32.40 4.15
N LEU HA 423 -89.43 -31.48 4.98
CA LEU HA 423 -89.74 -30.15 4.45
C LEU HA 423 -88.48 -29.33 4.20
N THR HA 424 -87.49 -29.37 5.09
CA THR HA 424 -86.37 -28.45 4.94
C THR HA 424 -85.22 -29.04 4.13
N GLY HA 425 -85.25 -30.32 3.81
CA GLY HA 425 -84.16 -30.93 3.07
C GLY HA 425 -82.84 -30.92 3.79
N TYR HA 426 -82.85 -31.13 5.10
CA TYR HA 426 -81.62 -31.03 5.90
C TYR HA 426 -80.61 -32.09 5.50
N THR HA 427 -81.05 -33.34 5.37
CA THR HA 427 -80.13 -34.42 5.01
C THR HA 427 -79.49 -34.17 3.65
N ALA HA 428 -80.24 -33.53 2.75
CA ALA HA 428 -79.65 -33.12 1.49
C ALA HA 428 -78.48 -32.17 1.71
N ALA HA 429 -78.65 -31.21 2.62
CA ALA HA 429 -77.55 -30.31 2.94
C ALA HA 429 -76.37 -31.06 3.54
N LEU HA 430 -76.65 -32.05 4.37
CA LEU HA 430 -75.57 -32.86 4.93
C LEU HA 430 -74.80 -33.59 3.84
N GLU HA 431 -75.52 -34.08 2.83
CA GLU HA 431 -74.86 -34.79 1.74
C GLU HA 431 -73.84 -33.90 1.04
N ALA HA 432 -74.21 -32.64 0.79
CA ALA HA 432 -73.31 -31.75 0.07
C ALA HA 432 -72.19 -31.21 0.97
N ALA HA 433 -72.53 -30.74 2.16
CA ALA HA 433 -71.54 -30.10 3.01
C ALA HA 433 -70.48 -31.08 3.49
N PHE HA 434 -70.86 -32.32 3.77
CA PHE HA 434 -69.94 -33.36 4.21
C PHE HA 434 -69.82 -34.39 3.10
N SER HA 435 -68.59 -34.63 2.65
CA SER HA 435 -68.34 -35.62 1.62
C SER HA 435 -67.61 -36.81 2.21
N GLY HA 436 -67.75 -37.96 1.56
CA GLY HA 436 -67.09 -39.17 2.02
C GLY HA 436 -67.85 -39.91 3.10
N ARG HA 437 -68.96 -39.34 3.58
CA ARG HA 437 -69.80 -39.99 4.57
C ARG HA 437 -71.10 -39.22 4.66
N SER HA 438 -72.19 -39.97 4.79
CA SER HA 438 -73.50 -39.37 4.97
C SER HA 438 -73.93 -39.57 6.40
N PRO HA 439 -73.58 -38.65 7.31
CA PRO HA 439 -73.84 -38.88 8.74
C PRO HA 439 -75.34 -38.92 9.02
N LYS HA 440 -75.73 -39.79 9.94
CA LYS HA 440 -77.09 -39.77 10.44
C LYS HA 440 -77.31 -38.46 11.17
N PRO HA 441 -78.42 -37.77 10.93
CA PRO HA 441 -78.68 -36.52 11.65
C PRO HA 441 -78.73 -36.78 13.15
N HIS HA 442 -78.13 -35.88 13.91
CA HIS HA 442 -78.13 -35.95 15.36
C HIS HA 442 -79.11 -34.91 15.90
N VAL HA 443 -80.03 -35.34 16.73
CA VAL HA 443 -81.06 -34.48 17.31
C VAL HA 443 -80.78 -34.35 18.80
N ALA HA 444 -80.85 -33.12 19.31
CA ALA HA 444 -80.62 -32.86 20.71
C ALA HA 444 -81.94 -32.63 21.42
N ILE HA 445 -82.05 -33.13 22.65
CA ILE HA 445 -83.26 -33.02 23.45
C ILE HA 445 -82.93 -32.29 24.73
N GLY HA 446 -83.51 -31.10 24.90
CA GLY HA 446 -83.34 -30.34 26.12
C GLY HA 446 -84.69 -30.13 26.79
N THR HA 447 -84.77 -30.53 28.04
CA THR HA 447 -86.01 -30.42 28.79
C THR HA 447 -85.71 -30.45 30.28
N ASP HA 448 -86.75 -30.25 31.08
CA ASP HA 448 -86.58 -30.00 32.50
C ASP HA 448 -86.22 -31.27 33.25
N MET HA 449 -86.29 -31.18 34.58
CA MET HA 449 -85.78 -32.18 35.50
C MET HA 449 -86.77 -33.34 35.64
N ARG HA 450 -87.84 -33.32 34.85
CA ARG HA 450 -88.98 -34.20 35.06
C ARG HA 450 -89.30 -35.12 33.90
N LEU HA 451 -89.46 -34.58 32.70
CA LEU HA 451 -89.98 -35.34 31.57
C LEU HA 451 -89.14 -36.54 31.16
N PRO HA 452 -87.81 -36.45 31.10
CA PRO HA 452 -87.03 -37.59 30.55
C PRO HA 452 -87.29 -38.91 31.25
N GLN HA 453 -87.69 -38.90 32.51
CA GLN HA 453 -88.10 -40.15 33.14
C GLN HA 453 -89.32 -40.76 32.46
N TYR HA 454 -90.04 -39.97 31.66
CA TYR HA 454 -91.06 -40.50 30.77
C TYR HA 454 -90.56 -40.64 29.34
N ILE HA 455 -89.24 -40.58 29.12
CA ILE HA 455 -88.65 -40.91 27.84
C ILE HA 455 -87.83 -42.19 27.91
N GLN HA 456 -87.24 -42.49 29.07
CA GLN HA 456 -86.53 -43.73 29.31
C GLN HA 456 -87.49 -44.91 29.36
N ILE HA 457 -87.11 -46.00 28.71
CA ILE HA 457 -88.02 -47.12 28.51
C ILE HA 457 -88.24 -47.87 29.83
N ASN HA 458 -89.41 -48.50 29.95
CA ASN HA 458 -89.80 -49.25 31.13
C ASN HA 458 -90.24 -50.66 30.73
N GLY HA 459 -89.68 -51.17 29.63
CA GLY HA 459 -90.20 -52.35 28.98
C GLY HA 459 -90.87 -51.93 27.68
N ASP HA 460 -90.62 -50.68 27.31
CA ASP HA 460 -91.26 -50.08 26.15
C ASP HA 460 -90.78 -50.75 24.87
N ASP HA 461 -91.61 -50.65 23.82
CA ASP HA 461 -91.22 -51.17 22.51
C ASP HA 461 -90.65 -50.07 21.64
N ARG HA 462 -90.89 -48.81 21.99
CA ARG HA 462 -90.54 -47.66 21.16
C ARG HA 462 -89.19 -47.07 21.55
N THR HA 463 -88.58 -46.36 20.60
CA THR HA 463 -87.39 -45.56 20.83
C THR HA 463 -87.53 -44.22 20.11
N VAL HA 464 -86.81 -43.22 20.59
CA VAL HA 464 -86.88 -41.90 19.98
C VAL HA 464 -86.18 -41.94 18.63
N GLY HA 465 -86.96 -42.05 17.56
CA GLY HA 465 -86.43 -42.18 16.23
C GLY HA 465 -85.66 -43.48 16.05
N ILE HA 466 -85.39 -43.80 14.79
CA ILE HA 466 -84.57 -44.95 14.44
C ILE HA 466 -83.46 -44.46 13.52
N GLY HA 467 -82.25 -44.96 13.73
CA GLY HA 467 -81.11 -44.47 12.98
C GLY HA 467 -80.70 -43.07 13.36
N TYR HA 468 -81.35 -42.48 14.36
CA TYR HA 468 -81.04 -41.14 14.84
C TYR HA 468 -80.33 -41.24 16.18
N ASP HA 469 -79.18 -40.58 16.26
CA ASP HA 469 -78.50 -40.42 17.54
C ASP HA 469 -79.09 -39.22 18.26
N TYR HA 470 -79.49 -39.45 19.51
CA TYR HA 470 -80.15 -38.42 20.29
C TYR HA 470 -79.57 -38.41 21.70
N THR HA 471 -79.41 -37.22 22.25
CA THR HA 471 -78.94 -37.05 23.62
C THR HA 471 -79.95 -36.22 24.39
N ILE HA 472 -80.20 -36.61 25.63
CA ILE HA 472 -81.16 -35.93 26.49
C ILE HA 472 -80.39 -34.96 27.38
N ALA HA 473 -80.97 -33.79 27.61
CA ALA HA 473 -80.35 -32.77 28.45
C ALA HA 473 -81.12 -32.64 29.74
N ARG HA 474 -80.43 -32.20 30.79
CA ARG HA 474 -81.00 -32.03 32.11
C ARG HA 474 -80.81 -30.59 32.57
N ILE HA 475 -81.92 -29.92 32.87
CA ILE HA 475 -81.88 -28.56 33.38
C ILE HA 475 -82.86 -28.43 34.53
N SER HA 476 -82.41 -27.77 35.60
CA SER HA 476 -83.25 -27.55 36.77
C SER HA 476 -83.89 -26.17 36.79
N ASP HA 477 -83.69 -25.35 35.75
CA ASP HA 477 -84.21 -23.99 35.76
C ASP HA 477 -85.74 -23.99 35.83
N LEU HA 478 -86.28 -22.96 36.45
CA LEU HA 478 -87.72 -22.87 36.67
C LEU HA 478 -88.42 -22.06 35.59
N ARG HA 479 -87.88 -22.07 34.37
CA ARG HA 479 -88.60 -21.58 33.20
C ARG HA 479 -88.79 -22.67 32.15
N MET HA 480 -88.06 -23.78 32.25
CA MET HA 480 -88.13 -24.87 31.30
C MET HA 480 -89.12 -25.95 31.73
N LYS HA 481 -89.86 -25.71 32.81
CA LYS HA 481 -90.80 -26.70 33.32
C LYS HA 481 -91.76 -27.12 32.22
N ASP HA 482 -91.78 -28.41 31.90
CA ASP HA 482 -92.62 -29.00 30.89
C ASP HA 482 -92.39 -28.41 29.50
N LYS HA 483 -91.15 -28.13 29.15
CA LYS HA 483 -90.81 -27.61 27.83
C LYS HA 483 -89.86 -28.57 27.12
N ILE HA 484 -90.18 -28.88 25.87
CA ILE HA 484 -89.33 -29.74 25.04
C ILE HA 484 -88.85 -28.90 23.86
N VAL HA 485 -87.54 -28.67 23.79
CA VAL HA 485 -86.93 -27.93 22.70
C VAL HA 485 -85.89 -28.81 22.05
N MET HA 486 -85.98 -28.97 20.72
CA MET HA 486 -85.10 -29.86 19.98
C MET HA 486 -84.65 -29.20 18.68
N THR HA 487 -83.54 -29.71 18.14
CA THR HA 487 -82.98 -29.17 16.91
C THR HA 487 -82.00 -30.18 16.32
N PHE HA 488 -81.26 -29.72 15.31
CA PHE HA 488 -80.20 -30.52 14.68
C PHE HA 488 -78.84 -29.96 15.05
N ILE HA 489 -77.91 -30.86 15.37
CA ILE HA 489 -76.54 -30.50 15.73
C ILE HA 489 -75.57 -31.47 15.07
N LEU HA 490 -74.28 -31.13 15.12
CA LEU HA 490 -73.19 -31.96 14.61
C LEU HA 490 -72.15 -32.19 15.69
N PRO HA 491 -72.26 -33.27 16.46
CA PRO HA 491 -71.35 -33.47 17.60
C PRO HA 491 -69.88 -33.57 17.22
N ASN HA 492 -69.55 -34.01 16.01
CA ASN HA 492 -68.16 -34.30 15.69
C ASN HA 492 -67.30 -33.04 15.58
N GLU HA 493 -67.76 -32.07 14.80
CA GLU HA 493 -66.92 -30.97 14.36
C GLU HA 493 -66.76 -29.97 15.51
N SER HA 494 -65.72 -29.11 15.44
CA SER HA 494 -65.44 -28.20 16.55
C SER HA 494 -65.01 -26.80 16.13
N GLU HA 495 -65.30 -26.36 14.91
CA GLU HA 495 -65.15 -24.98 14.50
C GLU HA 495 -66.36 -24.58 13.66
N PRO HA 496 -66.67 -23.28 13.57
CA PRO HA 496 -67.99 -22.86 13.07
C PRO HA 496 -68.33 -23.37 11.68
N HIS HA 497 -69.61 -23.65 11.46
CA HIS HA 497 -70.10 -24.12 10.17
C HIS HA 497 -71.52 -23.62 9.96
N PRO HA 498 -71.95 -23.45 8.72
CA PRO HA 498 -73.35 -23.05 8.47
C PRO HA 498 -74.38 -24.02 9.02
N LEU HA 499 -74.08 -25.32 9.06
CA LEU HA 499 -75.06 -26.33 9.45
C LEU HA 499 -75.10 -26.60 10.94
N GLN HA 500 -74.30 -25.90 11.73
CA GLN HA 500 -74.34 -26.10 13.17
C GLN HA 500 -75.39 -25.17 13.79
N HIS HA 501 -76.01 -25.64 14.87
CA HIS HA 501 -77.05 -24.82 15.50
C HIS HA 501 -76.49 -23.52 16.04
N GLY HA 502 -75.34 -23.57 16.72
CA GLY HA 502 -74.78 -22.37 17.29
C GLY HA 502 -73.47 -22.67 17.98
N VAL HA 503 -72.73 -21.61 18.24
CA VAL HA 503 -71.42 -21.70 18.89
C VAL HA 503 -71.34 -20.66 19.99
N LEU HA 504 -70.45 -20.91 20.95
CA LEU HA 504 -70.25 -20.02 22.08
C LEU HA 504 -69.03 -19.14 21.81
N GLY HA 505 -69.28 -17.88 21.45
CA GLY HA 505 -68.20 -16.93 21.30
C GLY HA 505 -67.58 -16.62 22.64
N PHE HA 506 -66.36 -17.09 22.86
CA PHE HA 506 -65.75 -17.08 24.20
C PHE HA 506 -64.36 -16.47 24.11
N ILE HA 507 -64.18 -15.35 24.80
CA ILE HA 507 -62.86 -14.77 25.06
C ILE HA 507 -62.36 -15.34 26.38
N PRO HA 508 -61.18 -15.93 26.43
CA PRO HA 508 -60.71 -16.48 27.70
C PRO HA 508 -60.31 -15.39 28.68
N GLU HA 509 -61.13 -15.19 29.70
CA GLU HA 509 -60.88 -14.17 30.70
C GLU HA 509 -60.49 -14.81 32.03
N TYR HA 510 -59.39 -14.34 32.59
CA TYR HA 510 -58.88 -14.83 33.86
C TYR HA 510 -58.90 -13.70 34.86
N LEU HA 511 -58.85 -14.08 36.13
CA LEU HA 511 -58.83 -13.10 37.20
C LEU HA 511 -57.56 -12.27 37.15
N VAL HA 512 -57.70 -11.00 37.49
CA VAL HA 512 -56.56 -10.13 37.77
C VAL HA 512 -56.54 -9.87 39.28
N ASP HA 513 -55.45 -10.27 39.92
CA ASP HA 513 -55.28 -10.11 41.35
C ASP HA 513 -54.32 -8.94 41.57
N PHE HA 514 -54.84 -7.83 42.06
CA PHE HA 514 -54.04 -6.63 42.21
C PHE HA 514 -54.62 -5.83 43.35
N ASN HA 515 -53.83 -4.88 43.85
CA ASN HA 515 -54.26 -4.07 44.99
C ASN HA 515 -54.84 -2.75 44.49
N MET HA 516 -56.16 -2.61 44.59
CA MET HA 516 -56.84 -1.37 44.20
C MET HA 516 -57.35 -0.66 45.45
N ILE HA 517 -57.12 0.64 45.50
CA ILE HA 517 -57.49 1.46 46.66
C ILE HA 517 -58.70 2.30 46.27
N ARG HA 518 -59.83 2.04 46.92
CA ARG HA 518 -61.09 2.71 46.62
C ARG HA 518 -61.56 3.43 47.87
N ASN HA 519 -62.06 4.65 47.71
CA ASN HA 519 -62.50 5.49 48.81
C ASN HA 519 -61.44 5.65 49.88
N GLN HA 520 -60.16 5.59 49.50
CA GLN HA 520 -59.03 5.46 50.41
C GLN HA 520 -59.18 4.25 51.32
N ARG HA 521 -59.75 3.16 50.82
CA ARG HA 521 -59.77 1.91 51.54
C ARG HA 521 -58.72 0.98 50.95
N ILE HA 522 -58.08 0.19 51.81
CA ILE HA 522 -57.06 -0.75 51.35
C ILE HA 522 -57.55 -2.18 51.54
N GLY HA 523 -57.66 -2.90 50.43
CA GLY HA 523 -57.96 -4.32 50.47
C GLY HA 523 -57.74 -4.93 49.10
N ARG HA 524 -57.30 -6.18 49.12
CA ARG HA 524 -57.10 -6.90 47.87
C ARG HA 524 -58.46 -7.23 47.28
N GLU HA 525 -58.62 -6.94 46.00
CA GLU HA 525 -59.86 -7.18 45.29
C GLU HA 525 -59.56 -8.06 44.09
N ILE HA 526 -60.46 -9.01 43.81
CA ILE HA 526 -60.33 -9.91 42.68
C ILE HA 526 -61.48 -9.62 41.73
N ARG HA 527 -61.14 -9.22 40.50
CA ARG HA 527 -62.11 -8.87 39.49
C ARG HA 527 -62.25 -10.01 38.49
N LEU HA 528 -63.49 -10.36 38.18
CA LEU HA 528 -63.80 -11.26 37.07
C LEU HA 528 -64.63 -10.50 36.06
N THR HA 529 -63.99 -10.07 34.98
CA THR HA 529 -64.71 -9.41 33.89
C THR HA 529 -65.05 -10.46 32.85
N PRO HA 530 -66.34 -10.74 32.61
CA PRO HA 530 -66.70 -11.78 31.64
C PRO HA 530 -66.85 -11.23 30.24
N ARG HA 531 -66.44 -12.04 29.27
CA ARG HA 531 -66.63 -11.74 27.85
C ARG HA 531 -67.21 -12.98 27.17
N TYR HA 532 -68.50 -12.92 26.84
CA TYR HA 532 -69.15 -14.01 26.14
C TYR HA 532 -70.41 -13.51 25.48
N ARG HA 533 -70.83 -14.23 24.45
CA ARG HA 533 -72.05 -13.96 23.71
C ARG HA 533 -72.39 -15.19 22.90
N TYR HA 534 -73.62 -15.67 23.05
CA TYR HA 534 -74.10 -16.82 22.29
C TYR HA 534 -74.50 -16.36 20.89
N PHE HA 535 -74.20 -17.18 19.89
CA PHE HA 535 -74.62 -16.94 18.53
C PHE HA 535 -75.45 -18.11 18.04
N ASN HA 536 -76.51 -17.82 17.30
CA ASN HA 536 -77.34 -18.84 16.68
C ASN HA 536 -77.09 -18.83 15.18
N PHE HA 537 -76.97 -20.03 14.59
CA PHE HA 537 -76.67 -20.15 13.18
C PHE HA 537 -77.83 -20.74 12.38
N LEU HA 538 -78.27 -21.93 12.73
CA LEU HA 538 -79.23 -22.65 11.92
C LEU HA 538 -80.64 -22.34 12.38
N PRO HA 539 -81.50 -21.81 11.52
CA PRO HA 539 -82.82 -21.35 11.97
C PRO HA 539 -83.88 -22.44 11.93
N ILE HA 540 -83.71 -23.51 12.70
CA ILE HA 540 -84.71 -24.57 12.82
C ILE HA 540 -84.85 -24.93 14.28
N MET HA 541 -86.09 -25.04 14.76
CA MET HA 541 -86.36 -25.70 16.02
C MET HA 541 -87.82 -26.14 16.04
N LEU HA 542 -88.09 -27.20 16.80
CA LEU HA 542 -89.44 -27.68 17.02
C LEU HA 542 -89.68 -27.74 18.53
N VAL HA 543 -90.80 -27.18 18.97
CA VAL HA 543 -91.09 -27.08 20.40
C VAL HA 543 -92.29 -27.96 20.71
N ILE HA 544 -92.12 -28.88 21.65
CA ILE HA 544 -93.20 -29.72 22.14
C ILE HA 544 -93.56 -29.23 23.53
N ASN HA 545 -94.78 -28.74 23.70
CA ASN HA 545 -95.23 -28.20 24.97
C ASN HA 545 -96.29 -29.13 25.54
N VAL HA 546 -95.97 -29.77 26.66
CA VAL HA 546 -96.85 -30.73 27.31
C VAL HA 546 -97.46 -30.04 28.52
N ILE HA 547 -98.77 -30.22 28.69
CA ILE HA 547 -99.50 -29.67 29.83
C ILE HA 547 -100.33 -30.78 30.42
N ASN HA 548 -100.76 -30.58 31.67
CA ASN HA 548 -101.71 -31.45 32.36
C ASN HA 548 -101.15 -32.84 32.65
N LEU HA 549 -99.83 -33.03 32.54
CA LEU HA 549 -99.25 -34.34 32.77
C LEU HA 549 -99.54 -34.84 34.17
N GLU HA 550 -99.51 -33.94 35.16
CA GLU HA 550 -99.85 -34.32 36.52
C GLU HA 550 -101.28 -34.85 36.61
N GLU HA 551 -102.23 -34.09 36.06
CA GLU HA 551 -103.63 -34.44 36.21
C GLU HA 551 -103.96 -35.74 35.50
N ALA HA 552 -103.34 -36.00 34.34
CA ALA HA 552 -103.65 -37.21 33.60
C ALA HA 552 -103.31 -38.46 34.41
N ILE HA 553 -102.14 -38.47 35.07
CA ILE HA 553 -101.79 -39.60 35.90
C ILE HA 553 -102.67 -39.64 37.15
N ALA HA 554 -102.86 -38.49 37.80
CA ALA HA 554 -103.57 -38.48 39.07
C ALA HA 554 -105.07 -38.76 38.90
N GLN HA 555 -105.71 -38.10 37.95
CA GLN HA 555 -107.16 -38.12 37.79
C GLN HA 555 -107.54 -39.21 36.79
N ARG HA 556 -108.83 -39.52 36.74
CA ARG HA 556 -109.32 -40.51 35.79
C ARG HA 556 -109.12 -39.99 34.38
N THR HA 557 -108.09 -40.50 33.72
CA THR HA 557 -107.82 -40.21 32.32
C THR HA 557 -107.82 -41.53 31.58
N ALA HA 558 -109.00 -41.99 31.21
CA ALA HA 558 -109.15 -43.28 30.58
C ALA HA 558 -109.98 -43.13 29.32
N LEU HA 559 -109.34 -43.42 28.18
CA LEU HA 559 -110.05 -43.65 26.94
C LEU HA 559 -110.53 -42.36 26.29
N ASP HA 560 -110.31 -42.23 24.99
CA ASP HA 560 -111.14 -41.41 24.13
C ASP HA 560 -111.90 -42.36 23.23
N VAL HA 561 -112.97 -42.96 23.76
CA VAL HA 561 -113.70 -43.97 23.02
C VAL HA 561 -114.54 -43.27 21.97
N ASN HA 562 -114.04 -43.26 20.74
CA ASN HA 562 -114.73 -42.57 19.67
C ASN HA 562 -115.88 -43.42 19.16
N GLU HA 563 -117.03 -43.37 19.84
CA GLU HA 563 -118.25 -43.84 19.20
C GLU HA 563 -118.40 -43.08 17.90
N THR HA 564 -118.73 -43.75 16.81
CA THR HA 564 -118.73 -43.09 15.51
C THR HA 564 -119.95 -43.46 14.67
N GLN HA 565 -121.01 -42.66 14.83
CA GLN HA 565 -122.00 -42.38 13.78
C GLN HA 565 -122.40 -43.61 12.96
N VAL HA 566 -122.97 -44.60 13.64
CA VAL HA 566 -123.90 -45.49 12.95
C VAL HA 566 -125.17 -45.52 13.77
N THR HA 567 -126.07 -44.58 13.46
CA THR HA 567 -127.33 -44.34 14.13
C THR HA 567 -128.21 -43.55 13.18
N PRO HA 568 -129.46 -43.24 13.55
CA PRO HA 568 -130.24 -42.27 12.78
C PRO HA 568 -129.49 -40.96 12.52
N ALA HA 569 -129.89 -40.23 11.48
CA ALA HA 569 -129.26 -38.98 11.06
C ALA HA 569 -127.82 -39.20 10.62
N SER HA 570 -127.54 -40.37 10.03
CA SER HA 570 -126.23 -40.69 9.46
C SER HA 570 -125.10 -40.58 10.48
N HIS IA 1 -100.49 -80.27 -15.83
CA HIS IA 1 -100.76 -79.27 -14.80
C HIS IA 1 -101.36 -79.92 -13.57
N GLU IA 2 -101.19 -79.27 -12.42
CA GLU IA 2 -101.51 -79.92 -11.15
C GLU IA 2 -103.01 -79.98 -10.91
N PHE IA 3 -103.76 -78.99 -11.40
CA PHE IA 3 -105.17 -78.86 -11.02
C PHE IA 3 -106.01 -80.00 -11.60
N ALA IA 4 -105.85 -80.27 -12.89
CA ALA IA 4 -106.63 -81.33 -13.51
C ALA IA 4 -106.31 -82.69 -12.89
N GLU IA 5 -105.04 -82.92 -12.56
CA GLU IA 5 -104.69 -84.11 -11.80
C GLU IA 5 -105.38 -84.13 -10.45
N LEU IA 6 -105.49 -82.98 -9.81
CA LEU IA 6 -106.14 -82.92 -8.49
C LEU IA 6 -107.60 -83.34 -8.59
N PHE IA 7 -108.32 -82.87 -9.61
CA PHE IA 7 -109.72 -83.24 -9.69
C PHE IA 7 -110.01 -84.48 -10.53
N TYR IA 8 -109.18 -84.82 -11.51
CA TYR IA 8 -109.49 -85.92 -12.40
C TYR IA 8 -108.28 -86.84 -12.53
N ARG IA 9 -108.46 -88.11 -12.18
CA ARG IA 9 -107.38 -89.08 -12.28
C ARG IA 9 -107.17 -89.52 -13.72
N THR IA 10 -105.92 -89.80 -14.06
CA THR IA 10 -105.57 -90.20 -15.42
C THR IA 10 -105.73 -91.71 -15.57
N TYR IA 11 -106.63 -92.13 -16.44
CA TYR IA 11 -106.90 -93.54 -16.70
C TYR IA 11 -106.39 -93.88 -18.08
N ILE IA 12 -105.30 -94.63 -18.14
CA ILE IA 12 -104.69 -95.01 -19.41
C ILE IA 12 -105.44 -96.22 -19.97
N VAL IA 13 -105.68 -96.21 -21.28
CA VAL IA 13 -106.35 -97.30 -21.97
C VAL IA 13 -105.59 -97.56 -23.26
N THR IA 14 -105.38 -98.83 -23.58
CA THR IA 14 -104.70 -99.20 -24.82
C THR IA 14 -105.57 -98.77 -26.00
N PRO IA 15 -104.97 -98.44 -27.15
CA PRO IA 15 -105.74 -97.81 -28.22
C PRO IA 15 -106.62 -98.79 -28.99
N ASP IA 16 -106.80 -99.98 -28.46
CA ASP IA 16 -107.64 -100.99 -29.10
C ASP IA 16 -109.06 -100.95 -28.57
N GLN IA 17 -109.26 -100.50 -27.33
CA GLN IA 17 -110.56 -100.51 -26.72
C GLN IA 17 -111.15 -99.10 -26.80
N ALA IA 18 -112.41 -99.03 -27.19
CA ALA IA 18 -113.08 -97.76 -27.42
C ALA IA 18 -113.72 -97.19 -26.16
N GLY IA 19 -113.62 -97.89 -25.03
CA GLY IA 19 -114.17 -97.38 -23.80
C GLY IA 19 -114.32 -98.49 -22.78
N PHE IA 20 -114.83 -98.11 -21.61
CA PHE IA 20 -114.96 -99.05 -20.50
C PHE IA 20 -116.39 -99.07 -20.01
N GLN IA 21 -116.92 -100.29 -19.86
CA GLN IA 21 -118.23 -100.53 -19.30
C GLN IA 21 -118.09 -100.90 -17.83
N LEU IA 22 -118.91 -100.29 -16.99
CA LEU IA 22 -118.79 -100.42 -15.54
C LEU IA 22 -119.97 -101.18 -14.97
N SER IA 23 -119.70 -102.15 -14.10
CA SER IA 23 -120.73 -102.97 -13.48
C SER IA 23 -120.80 -102.63 -12.00
N ILE IA 24 -121.96 -102.17 -11.55
CA ILE IA 24 -122.16 -101.74 -10.17
C ILE IA 24 -123.08 -102.75 -9.47
N ARG IA 25 -122.80 -103.00 -8.19
CA ARG IA 25 -123.53 -103.97 -7.40
C ARG IA 25 -124.25 -103.26 -6.26
N ARG IA 26 -125.49 -103.65 -6.00
CA ARG IA 26 -126.32 -103.00 -4.99
C ARG IA 26 -127.07 -104.06 -4.18
N ASN IA 27 -127.11 -103.89 -2.87
CA ASN IA 27 -127.89 -104.76 -1.99
C ASN IA 27 -129.14 -104.03 -1.53
N LEU IA 28 -130.30 -104.62 -1.76
CA LEU IA 28 -131.56 -103.94 -1.56
C LEU IA 28 -132.43 -104.70 -0.56
N VAL IA 29 -133.34 -103.97 0.09
CA VAL IA 29 -134.36 -104.53 0.96
C VAL IA 29 -135.70 -103.95 0.55
N TRP IA 30 -136.73 -104.77 0.57
CA TRP IA 30 -138.07 -104.31 0.27
C TRP IA 30 -139.07 -105.29 0.86
N GLU IA 31 -140.33 -104.86 0.91
CA GLU IA 31 -141.37 -105.63 1.56
C GLU IA 31 -142.45 -105.97 0.54
N GLY IA 32 -143.18 -107.03 0.80
CA GLY IA 32 -144.27 -107.41 -0.07
C GLY IA 32 -143.80 -107.90 -1.43
N TRP IA 33 -144.72 -107.95 -2.39
CA TRP IA 33 -144.42 -108.39 -3.74
C TRP IA 33 -145.33 -107.67 -4.73
N THR IA 34 -144.74 -107.22 -5.83
CA THR IA 34 -145.50 -106.81 -7.00
C THR IA 34 -145.56 -107.99 -7.94
N GLY IA 35 -146.19 -109.06 -7.47
CA GLY IA 35 -146.25 -110.33 -8.17
C GLY IA 35 -145.02 -111.21 -8.00
N GLU IA 36 -145.25 -112.48 -7.71
CA GLU IA 36 -144.25 -113.52 -7.90
C GLU IA 36 -144.69 -114.43 -9.03
N GLY IA 37 -145.92 -114.92 -8.98
CA GLY IA 37 -146.64 -115.38 -10.14
C GLY IA 37 -148.00 -114.70 -10.14
N LEU IA 38 -148.27 -114.00 -9.04
CA LEU IA 38 -149.53 -113.31 -8.81
C LEU IA 38 -149.40 -112.40 -7.59
N SER IA 39 -149.96 -111.19 -7.70
CA SER IA 39 -150.18 -110.31 -6.56
C SER IA 39 -151.04 -109.14 -7.02
N GLY IA 40 -151.84 -108.62 -6.09
CA GLY IA 40 -152.82 -107.61 -6.45
C GLY IA 40 -152.23 -106.28 -6.82
N GLU IA 41 -150.92 -106.13 -6.66
CA GLU IA 41 -150.24 -104.86 -6.90
C GLU IA 41 -149.18 -105.02 -7.99
N LYS IA 42 -149.17 -104.07 -8.93
CA LYS IA 42 -148.20 -104.06 -10.02
C LYS IA 42 -147.81 -102.63 -10.35
N GLN IA 43 -146.85 -102.50 -11.27
CA GLN IA 43 -146.29 -101.22 -11.68
C GLN IA 43 -145.68 -100.48 -10.48
N GLU IA 44 -145.17 -101.23 -9.51
CA GLU IA 44 -144.66 -100.65 -8.27
C GLU IA 44 -143.23 -101.09 -8.01
N ILE IA 45 -142.39 -100.12 -7.71
CA ILE IA 45 -141.01 -100.36 -7.29
C ILE IA 45 -140.82 -99.69 -5.94
N SER IA 46 -140.31 -100.46 -4.97
CA SER IA 46 -140.15 -99.93 -3.62
C SER IA 46 -138.77 -100.23 -3.03
N LYS IA 47 -137.76 -100.43 -3.87
CA LYS IA 47 -136.41 -100.72 -3.40
C LYS IA 47 -135.89 -99.57 -2.54
N ARG IA 48 -135.37 -99.89 -1.36
CA ARG IA 48 -134.62 -98.93 -0.57
C ARG IA 48 -133.24 -99.50 -0.26
N ASN IA 49 -132.22 -98.65 -0.37
CA ASN IA 49 -130.86 -99.11 -0.12
C ASN IA 49 -130.66 -99.41 1.36
N ILE IA 50 -129.86 -100.43 1.65
CA ILE IA 50 -129.60 -100.81 3.03
C ILE IA 50 -128.81 -99.75 3.77
N LEU IA 51 -127.76 -99.19 3.15
CA LEU IA 51 -126.97 -98.15 3.81
C LEU IA 51 -127.81 -96.95 4.20
N GLN IA 52 -128.89 -96.67 3.46
CA GLN IA 52 -129.75 -95.55 3.80
C GLN IA 52 -130.40 -95.74 5.17
N GLY IA 53 -130.49 -96.97 5.65
CA GLY IA 53 -131.01 -97.21 6.98
C GLY IA 53 -130.14 -96.67 8.10
N LEU IA 54 -128.83 -96.58 7.88
CA LEU IA 54 -127.94 -96.03 8.89
C LEU IA 54 -128.28 -94.59 9.25
N LEU IA 55 -128.97 -93.87 8.37
CA LEU IA 55 -129.15 -92.44 8.53
C LEU IA 55 -130.56 -92.12 9.01
N ASP IA 56 -131.56 -92.64 8.31
CA ASP IA 56 -132.95 -92.40 8.70
C ASP IA 56 -133.40 -93.47 9.68
N TYR IA 57 -134.43 -93.16 10.45
CA TYR IA 57 -134.99 -94.08 11.43
C TYR IA 57 -135.81 -95.20 10.84
N THR IA 58 -136.62 -94.94 9.83
CA THR IA 58 -137.61 -95.91 9.36
C THR IA 58 -137.26 -96.32 7.94
N THR IA 59 -136.35 -97.27 7.81
CA THR IA 59 -136.15 -97.95 6.54
C THR IA 59 -136.13 -99.46 6.76
N LEU IA 60 -135.56 -99.87 7.89
CA LEU IA 60 -135.23 -101.27 8.14
C LEU IA 60 -136.03 -101.89 9.28
N GLU IA 61 -136.79 -101.10 10.03
CA GLU IA 61 -137.58 -101.63 11.13
C GLU IA 61 -138.99 -101.92 10.63
N THR IA 62 -139.56 -103.04 11.09
CA THR IA 62 -140.93 -103.40 10.75
C THR IA 62 -141.56 -104.12 11.94
N ASN IA 63 -142.88 -103.98 12.06
CA ASN IA 63 -143.62 -104.72 13.05
C ASN IA 63 -144.72 -105.49 12.34
N SER IA 64 -144.68 -106.81 12.45
CA SER IA 64 -145.67 -107.64 11.76
C SER IA 64 -146.21 -108.77 12.64
N THR IA 65 -145.95 -108.74 13.94
CA THR IA 65 -146.43 -109.79 14.83
C THR IA 65 -147.16 -109.16 16.00
N GLU IA 66 -146.91 -107.87 16.22
CA GLU IA 66 -147.51 -107.18 17.36
C GLU IA 66 -149.02 -107.08 17.19
N LEU IA 67 -149.74 -107.47 18.24
CA LEU IA 67 -151.20 -107.48 18.21
C LEU IA 67 -151.71 -106.08 18.55
N ILE IA 68 -152.40 -105.47 17.60
CA ILE IA 68 -153.04 -104.18 17.80
C ILE IA 68 -154.53 -104.36 17.58
N PRO IA 69 -155.37 -103.99 18.54
CA PRO IA 69 -156.83 -104.14 18.35
C PRO IA 69 -157.31 -103.36 17.14
N VAL IA 70 -158.29 -103.93 16.44
CA VAL IA 70 -158.82 -103.38 15.20
C VAL IA 70 -160.29 -103.08 15.41
N ILE IA 71 -160.75 -101.96 14.87
CA ILE IA 71 -162.13 -101.53 15.04
C ILE IA 71 -162.93 -101.89 13.80
N GLN IA 72 -163.90 -102.78 13.97
CA GLN IA 72 -164.94 -103.02 12.97
C GLN IA 72 -166.28 -102.74 13.61
N SER IA 73 -167.01 -101.78 13.05
CA SER IA 73 -168.21 -101.28 13.71
C SER IA 73 -169.31 -102.32 13.72
N GLY IA 74 -170.02 -102.40 14.85
CA GLY IA 74 -171.26 -103.16 14.92
C GLY IA 74 -171.13 -104.65 15.08
N GLU IA 75 -169.91 -105.17 15.21
CA GLU IA 75 -169.73 -106.61 15.38
C GLU IA 75 -169.04 -107.01 16.68
N ASN IA 76 -167.90 -106.41 17.00
CA ASN IA 76 -167.19 -106.74 18.24
C ASN IA 76 -166.68 -105.48 18.90
N ASP IA 77 -167.50 -104.43 18.90
CA ASP IA 77 -167.12 -103.14 19.44
C ASP IA 77 -167.49 -102.97 20.91
N GLU IA 78 -168.13 -103.95 21.53
CA GLU IA 78 -168.55 -103.84 22.92
C GLU IA 78 -167.41 -104.08 23.91
N GLN IA 79 -166.23 -104.47 23.45
CA GLN IA 79 -165.06 -104.54 24.31
C GLN IA 79 -164.23 -103.27 24.24
N PHE IA 80 -164.72 -102.23 23.55
CA PHE IA 80 -163.98 -101.00 23.36
C PHE IA 80 -164.71 -99.86 24.05
N ILE IA 81 -163.94 -98.86 24.50
CA ILE IA 81 -164.53 -97.59 24.90
C ILE IA 81 -165.23 -96.96 23.71
N ASP IA 82 -166.33 -96.27 23.98
CA ASP IA 82 -167.07 -95.65 22.91
C ASP IA 82 -166.25 -94.55 22.24
N PRO IA 83 -166.41 -94.36 20.94
CA PRO IA 83 -165.71 -93.27 20.25
C PRO IA 83 -166.20 -91.89 20.62
N SER IA 84 -167.20 -91.77 21.50
CA SER IA 84 -167.77 -90.50 21.88
C SER IA 84 -166.97 -89.80 22.97
N VAL IA 85 -165.95 -90.44 23.51
CA VAL IA 85 -165.08 -89.80 24.50
C VAL IA 85 -163.75 -89.47 23.83
N LEU IA 86 -163.25 -90.37 23.00
CA LEU IA 86 -162.04 -90.15 22.23
C LEU IA 86 -162.16 -90.83 20.88
N PRO IA 87 -161.98 -90.11 19.78
CA PRO IA 87 -162.21 -90.70 18.45
C PRO IA 87 -161.12 -91.69 18.09
N ALA IA 88 -161.44 -92.55 17.12
CA ALA IA 88 -160.50 -93.59 16.70
C ALA IA 88 -159.29 -92.98 16.01
N GLN IA 89 -158.16 -93.69 16.08
CA GLN IA 89 -156.94 -93.30 15.40
C GLN IA 89 -156.62 -94.31 14.32
N THR IA 90 -156.05 -93.84 13.22
CA THR IA 90 -155.62 -94.71 12.13
C THR IA 90 -154.16 -95.06 12.34
N VAL IA 91 -153.88 -96.35 12.48
CA VAL IA 91 -152.51 -96.82 12.66
C VAL IA 91 -152.17 -97.77 11.52
N LYS IA 92 -150.97 -97.59 10.99
CA LYS IA 92 -150.51 -98.32 9.82
C LYS IA 92 -149.57 -99.44 10.26
N GLN IA 93 -149.88 -100.66 9.87
CA GLN IA 93 -149.09 -101.84 10.22
C GLN IA 93 -149.01 -102.74 9.01
N GLY IA 94 -147.79 -103.05 8.58
CA GLY IA 94 -147.61 -103.81 7.36
C GLY IA 94 -148.15 -103.03 6.18
N LYS IA 95 -149.00 -103.68 5.39
CA LYS IA 95 -149.70 -103.02 4.30
C LYS IA 95 -151.17 -102.82 4.58
N ASP IA 96 -151.60 -103.00 5.83
CA ASP IA 96 -153.00 -102.93 6.20
C ASP IA 96 -153.25 -101.64 6.97
N THR IA 97 -154.32 -100.94 6.62
CA THR IA 97 -154.72 -99.70 7.26
C THR IA 97 -156.05 -99.93 7.97
N PHE IA 98 -156.14 -99.45 9.20
CA PHE IA 98 -157.29 -99.74 10.04
C PHE IA 98 -157.31 -98.80 11.24
N ASP IA 99 -158.19 -99.10 12.20
CA ASP IA 99 -158.46 -98.21 13.31
C ASP IA 99 -158.29 -98.92 14.65
N THR IA 100 -157.73 -98.22 15.63
CA THR IA 100 -157.51 -98.75 16.95
C THR IA 100 -157.99 -97.76 18.01
N ASN IA 101 -158.24 -98.28 19.20
CA ASN IA 101 -158.71 -97.47 20.32
C ASN IA 101 -158.50 -98.25 21.61
N PHE IA 102 -158.54 -97.53 22.74
CA PHE IA 102 -158.32 -98.14 24.03
C PHE IA 102 -159.45 -99.12 24.37
N LEU IA 103 -159.13 -100.08 25.23
CA LEU IA 103 -160.09 -101.09 25.64
C LEU IA 103 -160.69 -100.74 27.00
N LYS IA 104 -162.02 -100.84 27.08
CA LYS IA 104 -162.75 -100.49 28.29
C LYS IA 104 -162.46 -101.49 29.39
N PHE IA 105 -162.26 -100.98 30.62
CA PHE IA 105 -162.01 -101.88 31.75
C PHE IA 105 -163.21 -102.79 31.96
N SER IA 106 -162.97 -104.09 31.96
CA SER IA 106 -164.05 -105.06 32.09
C SER IA 106 -164.16 -105.51 33.54
N GLU IA 107 -165.38 -105.60 34.06
CA GLU IA 107 -165.56 -106.00 35.44
C GLU IA 107 -166.69 -107.00 35.64
N ASN IA 108 -167.46 -107.35 34.61
CA ASN IA 108 -168.57 -108.28 34.74
C ASN IA 108 -168.68 -109.11 33.48
N GLY IA 109 -169.06 -110.37 33.66
CA GLY IA 109 -169.26 -111.28 32.55
C GLY IA 109 -168.03 -111.44 31.69
N GLU IA 110 -168.22 -111.50 30.37
CA GLU IA 110 -167.10 -111.63 29.46
C GLU IA 110 -166.18 -110.42 29.56
N GLY IA 111 -164.88 -110.70 29.56
CA GLY IA 111 -163.90 -109.65 29.44
C GLY IA 111 -163.57 -109.41 27.98
N PHE IA 112 -162.32 -109.67 27.61
CA PHE IA 112 -161.87 -109.54 26.24
C PHE IA 112 -161.08 -110.76 25.83
N ASN IA 113 -161.25 -111.19 24.58
CA ASN IA 113 -160.40 -112.21 23.99
C ASN IA 113 -159.48 -111.50 23.00
N LEU IA 114 -158.21 -111.38 23.35
CA LEU IA 114 -157.27 -110.63 22.52
C LEU IA 114 -157.13 -111.26 21.14
N LEU IA 115 -157.03 -112.59 21.09
CA LEU IA 115 -156.74 -113.26 19.82
C LEU IA 115 -157.86 -113.02 18.82
N MET IA 116 -159.11 -113.09 19.27
CA MET IA 116 -160.24 -112.82 18.40
C MET IA 116 -160.24 -111.39 17.87
N LEU IA 117 -159.85 -110.43 18.70
CA LEU IA 117 -159.86 -109.03 18.28
C LEU IA 117 -158.87 -108.76 17.16
N ALA IA 118 -157.66 -109.32 17.24
CA ALA IA 118 -156.56 -108.92 16.38
C ALA IA 118 -156.69 -109.50 14.96
N GLN IA 119 -157.80 -109.20 14.29
CA GLN IA 119 -158.04 -109.70 12.94
C GLN IA 119 -157.63 -108.63 11.93
N THR IA 120 -156.32 -108.50 11.72
CA THR IA 120 -155.84 -107.66 10.64
C THR IA 120 -156.19 -108.30 9.30
N PRO IA 121 -156.52 -107.50 8.30
CA PRO IA 121 -156.93 -108.09 7.01
C PRO IA 121 -155.89 -109.02 6.40
N SER IA 122 -154.60 -108.77 6.63
CA SER IA 122 -153.58 -109.69 6.13
C SER IA 122 -153.76 -111.09 6.72
N ARG IA 123 -153.91 -111.17 8.04
CA ARG IA 123 -154.16 -112.48 8.65
C ARG IA 123 -155.44 -113.10 8.14
N LEU IA 124 -156.49 -112.29 7.94
CA LEU IA 124 -157.73 -112.83 7.38
C LEU IA 124 -157.50 -113.37 5.98
N LYS IA 125 -156.67 -112.69 5.18
CA LYS IA 125 -156.33 -113.21 3.86
C LYS IA 125 -155.61 -114.54 3.94
N LYS IA 126 -154.69 -114.69 4.88
CA LYS IA 126 -153.98 -115.95 5.04
C LYS IA 126 -154.83 -117.05 5.67
N GLY IA 127 -156.05 -116.75 6.07
CA GLY IA 127 -156.93 -117.73 6.67
C GLY IA 127 -157.19 -117.45 8.14
N SER IA 128 -158.27 -118.05 8.64
CA SER IA 128 -158.72 -117.75 9.99
C SER IA 128 -157.71 -118.22 11.03
N MET IA 129 -157.92 -117.78 12.26
CA MET IA 129 -156.97 -118.03 13.34
C MET IA 129 -156.99 -119.49 13.76
N THR IA 130 -155.84 -120.00 14.18
CA THR IA 130 -155.66 -121.42 14.39
C THR IA 130 -155.65 -121.77 15.87
N PHE IA 131 -155.42 -123.06 16.14
CA PHE IA 131 -155.31 -123.58 17.49
C PHE IA 131 -153.88 -123.63 17.99
N THR IA 132 -152.89 -123.38 17.14
CA THR IA 132 -151.49 -123.42 17.54
C THR IA 132 -150.82 -122.05 17.59
N ASP IA 133 -151.58 -120.97 17.57
CA ASP IA 133 -151.02 -119.63 17.70
C ASP IA 133 -150.84 -119.33 19.19
N SER IA 134 -149.74 -118.65 19.53
CA SER IA 134 -149.35 -118.51 20.93
C SER IA 134 -149.06 -117.06 21.24
N LEU IA 135 -149.48 -116.65 22.44
CA LEU IA 135 -149.15 -115.32 22.95
C LEU IA 135 -147.69 -115.28 23.39
N ASP IA 136 -147.12 -114.08 23.42
CA ASP IA 136 -145.70 -113.91 23.68
C ASP IA 136 -145.32 -114.30 25.10
N SER IA 137 -144.02 -114.46 25.35
CA SER IA 137 -143.51 -114.63 26.70
C SER IA 137 -143.72 -113.40 27.58
N ARG IA 138 -144.08 -112.26 26.99
CA ARG IA 138 -144.26 -111.02 27.74
C ARG IA 138 -145.48 -110.28 27.23
N ILE IA 139 -146.23 -109.68 28.14
CA ILE IA 139 -147.30 -108.74 27.83
C ILE IA 139 -147.20 -107.59 28.81
N ALA IA 140 -147.54 -106.38 28.38
CA ALA IA 140 -147.38 -105.21 29.25
C ALA IA 140 -148.39 -104.14 28.88
N LEU IA 141 -148.60 -103.21 29.82
CA LEU IA 141 -149.46 -102.06 29.59
C LEU IA 141 -148.72 -101.00 28.77
N LYS IA 142 -149.43 -100.38 27.83
CA LYS IA 142 -148.80 -99.37 26.99
C LYS IA 142 -149.17 -97.94 27.43
N GLN IA 143 -150.45 -97.62 27.47
CA GLN IA 143 -150.89 -96.30 27.88
C GLN IA 143 -152.03 -96.43 28.89
N LEU IA 144 -152.14 -95.44 29.77
CA LEU IA 144 -153.22 -95.33 30.73
C LEU IA 144 -153.96 -94.01 30.50
N LEU IA 145 -155.28 -94.07 30.46
CA LEU IA 145 -156.10 -92.90 30.19
C LEU IA 145 -156.85 -92.50 31.45
N ILE IA 146 -156.63 -91.27 31.90
CA ILE IA 146 -157.34 -90.72 33.06
C ILE IA 146 -158.10 -89.49 32.62
N SER IA 147 -159.36 -89.43 33.02
CA SER IA 147 -160.26 -88.34 32.65
C SER IA 147 -160.43 -87.42 33.85
N VAL IA 148 -159.54 -86.43 33.97
CA VAL IA 148 -159.63 -85.42 35.01
C VAL IA 148 -160.75 -84.47 34.65
N THR IA 149 -161.80 -84.46 35.46
CA THR IA 149 -162.99 -83.66 35.20
C THR IA 149 -163.15 -82.63 36.30
N LYS IA 150 -163.35 -81.37 35.91
CA LYS IA 150 -163.54 -80.28 36.86
C LYS IA 150 -164.73 -79.44 36.40
N GLY IA 151 -165.84 -79.53 37.12
CA GLY IA 151 -167.01 -78.74 36.78
C GLY IA 151 -167.61 -79.04 35.42
N GLY IA 152 -167.68 -80.32 35.06
CA GLY IA 152 -168.26 -80.71 33.79
C GLY IA 152 -167.35 -80.61 32.60
N THR IA 153 -166.10 -80.19 32.78
CA THR IA 153 -165.14 -80.10 31.69
C THR IA 153 -164.13 -81.23 31.79
N THR IA 154 -163.94 -81.96 30.70
CA THR IA 154 -163.13 -83.16 30.69
C THR IA 154 -161.87 -82.94 29.87
N GLU IA 155 -160.73 -83.21 30.48
CA GLU IA 155 -159.44 -83.25 29.80
C GLU IA 155 -158.86 -84.64 29.95
N LEU IA 156 -158.46 -85.24 28.83
CA LEU IA 156 -157.95 -86.61 28.80
C LEU IA 156 -156.44 -86.58 28.77
N PHE IA 157 -155.82 -87.49 29.52
CA PHE IA 157 -154.38 -87.55 29.65
C PHE IA 157 -153.88 -88.92 29.25
N ALA IA 158 -152.78 -88.96 28.50
CA ALA IA 158 -152.14 -90.21 28.10
C ALA IA 158 -150.85 -90.37 28.89
N LEU IA 159 -150.88 -91.20 29.91
CA LEU IA 159 -149.71 -91.47 30.74
C LEU IA 159 -148.95 -92.65 30.16
N ASP IA 160 -147.70 -92.40 29.77
CA ASP IA 160 -146.87 -93.47 29.20
C ASP IA 160 -146.48 -94.43 30.32
N VAL IA 161 -147.23 -95.50 30.46
CA VAL IA 161 -147.07 -96.43 31.58
C VAL IA 161 -146.27 -97.65 31.19
N ASN IA 162 -145.80 -97.74 29.95
CA ASN IA 162 -144.87 -98.78 29.56
C ASN IA 162 -143.54 -98.49 30.23
N ARG IA 163 -142.76 -99.54 30.48
CA ARG IA 163 -141.49 -99.41 31.19
C ARG IA 163 -141.71 -98.71 32.52
N ASP IA 164 -142.57 -99.28 33.36
CA ASP IA 164 -142.76 -98.87 34.74
C ASP IA 164 -142.36 -100.01 35.67
N GLN IA 165 -142.62 -99.85 36.96
CA GLN IA 165 -142.16 -100.79 37.98
C GLN IA 165 -142.94 -102.09 38.00
N TYR IA 166 -144.22 -102.07 37.64
CA TYR IA 166 -145.05 -103.26 37.75
C TYR IA 166 -145.96 -103.39 36.55
N ALA IA 167 -145.52 -102.91 35.40
CA ALA IA 167 -146.34 -102.96 34.19
C ALA IA 167 -146.11 -104.22 33.38
N ALA IA 168 -145.29 -105.14 33.87
CA ALA IA 168 -145.02 -106.40 33.18
C ALA IA 168 -145.69 -107.55 33.89
N TYR IA 169 -146.50 -108.30 33.15
CA TYR IA 169 -147.21 -109.46 33.68
C TYR IA 169 -146.21 -110.50 34.16
N THR IA 170 -146.51 -111.16 35.27
CA THR IA 170 -145.67 -112.23 35.79
C THR IA 170 -146.49 -113.50 35.99
N ALA IA 171 -145.78 -114.61 36.15
CA ALA IA 171 -146.44 -115.90 36.26
C ALA IA 171 -147.00 -116.11 37.66
N THR IA 172 -147.99 -117.00 37.77
CA THR IA 172 -148.59 -117.37 39.04
C THR IA 172 -148.81 -118.87 39.11
N ARG IA 173 -149.17 -119.32 40.31
CA ARG IA 173 -149.29 -120.76 40.58
C ARG IA 173 -150.73 -121.24 40.53
N GLU IA 174 -151.67 -120.34 40.82
CA GLU IA 174 -153.08 -120.73 40.89
C GLU IA 174 -153.59 -121.18 39.52
N TYR IA 175 -154.50 -122.14 39.53
CA TYR IA 175 -155.27 -122.57 38.37
C TYR IA 175 -154.40 -123.39 37.41
N ASN IA 176 -153.86 -122.74 36.38
CA ASN IA 176 -153.07 -123.41 35.37
C ASN IA 176 -151.65 -122.88 35.37
N PHE IA 177 -150.78 -123.59 34.67
CA PHE IA 177 -149.40 -123.15 34.46
C PHE IA 177 -149.25 -122.24 33.26
N ARG IA 178 -150.35 -121.91 32.58
CA ARG IA 178 -150.35 -120.97 31.47
C ARG IA 178 -151.12 -119.70 31.77
N LEU IA 179 -151.33 -119.37 33.05
CA LEU IA 179 -152.02 -118.15 33.43
C LEU IA 179 -151.00 -117.07 33.75
N MET IA 180 -151.25 -115.86 33.29
CA MET IA 180 -150.32 -114.75 33.48
C MET IA 180 -151.05 -113.62 34.21
N GLN IA 181 -150.42 -113.07 35.24
CA GLN IA 181 -151.11 -112.22 36.20
C GLN IA 181 -150.58 -110.80 36.16
N LEU IA 182 -151.38 -109.88 36.68
CA LEU IA 182 -151.00 -108.47 36.83
C LEU IA 182 -151.08 -108.09 38.29
N LYS IA 183 -150.05 -107.40 38.77
CA LYS IA 183 -150.04 -106.80 40.11
C LYS IA 183 -149.47 -105.40 39.93
N PHE IA 184 -150.35 -104.44 39.63
CA PHE IA 184 -149.92 -103.07 39.32
C PHE IA 184 -150.50 -102.14 40.36
N HIS IA 185 -149.69 -101.76 41.34
CA HIS IA 185 -150.04 -100.74 42.32
C HIS IA 185 -148.85 -99.81 42.49
N THR IA 186 -149.04 -98.54 42.15
CA THR IA 186 -147.95 -97.58 42.17
C THR IA 186 -148.51 -96.17 42.23
N SER IA 187 -147.62 -95.23 42.49
CA SER IA 187 -147.95 -93.81 42.53
C SER IA 187 -147.66 -93.20 41.17
N LEU IA 188 -148.67 -92.63 40.54
CA LEU IA 188 -148.51 -91.95 39.26
C LEU IA 188 -148.71 -90.46 39.45
N GLY IA 189 -147.77 -89.68 38.94
CA GLY IA 189 -147.75 -88.25 39.17
C GLY IA 189 -147.96 -87.45 37.91
N LEU IA 190 -148.61 -86.31 38.05
CA LEU IA 190 -148.74 -85.32 36.99
C LEU IA 190 -147.82 -84.15 37.29
N GLY IA 191 -146.81 -83.97 36.45
CA GLY IA 191 -145.87 -82.89 36.67
C GLY IA 191 -146.43 -81.53 36.32
N GLU IA 192 -145.66 -80.48 36.58
CA GLU IA 192 -146.09 -79.11 36.31
C GLU IA 192 -145.95 -78.76 34.83
N GLU IA 193 -145.68 -79.75 34.00
CA GLU IA 193 -145.54 -79.54 32.57
C GLU IA 193 -146.21 -80.67 31.81
N SER IA 194 -147.05 -81.44 32.50
CA SER IA 194 -147.70 -82.60 31.88
C SER IA 194 -148.45 -82.19 30.63
N THR IA 195 -148.12 -82.84 29.52
CA THR IA 195 -148.67 -82.47 28.23
C THR IA 195 -150.06 -83.07 28.04
N THR IA 196 -150.98 -82.26 27.55
CA THR IA 196 -152.34 -82.71 27.25
C THR IA 196 -152.33 -83.56 25.98
N VAL IA 197 -153.31 -84.46 25.88
CA VAL IA 197 -153.49 -85.23 24.66
C VAL IA 197 -153.73 -84.30 23.47
N ALA IA 198 -154.42 -83.19 23.71
CA ALA IA 198 -154.64 -82.17 22.69
C ALA IA 198 -153.45 -81.21 22.56
N GLY IA 199 -152.42 -81.37 23.39
CA GLY IA 199 -151.24 -80.53 23.33
C GLY IA 199 -151.18 -79.54 24.48
N ALA IA 200 -149.97 -79.07 24.74
CA ALA IA 200 -149.67 -78.08 25.77
C ALA IA 200 -150.10 -78.55 27.16
N GLU IA 201 -150.07 -77.63 28.13
CA GLU IA 201 -150.41 -77.98 29.50
C GLU IA 201 -151.92 -77.99 29.70
N SER IA 202 -152.35 -78.61 30.80
CA SER IA 202 -153.77 -78.69 31.10
C SER IA 202 -154.31 -77.33 31.51
N ALA IA 203 -155.46 -76.95 30.91
CA ALA IA 203 -156.07 -75.67 31.25
C ALA IA 203 -156.78 -75.73 32.59
N LEU IA 204 -157.40 -76.86 32.92
CA LEU IA 204 -158.22 -76.96 34.11
C LEU IA 204 -157.42 -76.93 35.41
N LEU IA 205 -156.13 -77.25 35.34
CA LEU IA 205 -155.31 -77.34 36.55
C LEU IA 205 -154.25 -76.25 36.61
N LYS IA 206 -154.39 -75.19 35.82
CA LYS IA 206 -153.37 -74.15 35.76
C LYS IA 206 -153.22 -73.43 37.10
N ASP IA 207 -154.32 -73.27 37.84
CA ASP IA 207 -154.29 -72.47 39.06
C ASP IA 207 -153.34 -73.08 40.10
N LEU IA 208 -153.25 -74.39 40.14
CA LEU IA 208 -152.24 -75.02 41.00
C LEU IA 208 -150.86 -74.95 40.35
N PHE IA 209 -150.81 -75.01 39.03
CA PHE IA 209 -149.54 -75.12 38.32
C PHE IA 209 -148.71 -73.86 38.47
N ASP IA 210 -149.32 -72.69 38.26
CA ASP IA 210 -148.57 -71.44 38.29
C ASP IA 210 -147.92 -71.21 39.66
N LEU IA 211 -148.57 -71.65 40.73
CA LEU IA 211 -147.99 -71.57 42.05
C LEU IA 211 -146.86 -72.57 42.26
N GLY IA 212 -146.64 -73.48 41.32
CA GLY IA 212 -145.54 -74.42 41.39
C GLY IA 212 -145.78 -75.62 42.29
N TYR IA 213 -146.79 -76.42 41.97
CA TYR IA 213 -147.02 -77.68 42.66
C TYR IA 213 -147.26 -78.78 41.62
N ARG IA 214 -147.25 -80.02 42.10
CA ARG IA 214 -147.58 -81.17 41.28
C ARG IA 214 -148.42 -82.16 42.08
N ILE IA 215 -149.23 -82.92 41.36
CA ILE IA 215 -150.16 -83.87 41.97
C ILE IA 215 -149.55 -85.26 41.92
N GLU IA 216 -149.85 -86.05 42.95
CA GLU IA 216 -149.45 -87.45 43.00
C GLU IA 216 -150.70 -88.30 43.14
N LEU IA 217 -150.83 -89.31 42.28
CA LEU IA 217 -152.03 -90.15 42.21
C LEU IA 217 -151.67 -91.60 42.49
N ASP IA 218 -152.47 -92.24 43.33
CA ASP IA 218 -152.31 -93.68 43.56
C ASP IA 218 -153.17 -94.45 42.58
N VAL IA 219 -152.56 -95.45 41.93
CA VAL IA 219 -153.23 -96.23 40.90
C VAL IA 219 -153.29 -97.68 41.38
N LYS IA 220 -154.45 -98.30 41.26
CA LYS IA 220 -154.67 -99.68 41.67
C LYS IA 220 -155.33 -100.43 40.53
N VAL IA 221 -154.54 -101.23 39.81
CA VAL IA 221 -155.01 -101.98 38.65
C VAL IA 221 -154.60 -103.43 38.82
N ASP IA 222 -155.53 -104.34 38.57
CA ASP IA 222 -155.27 -105.77 38.60
C ASP IA 222 -155.88 -106.43 37.37
N GLY IA 223 -155.28 -107.54 36.95
CA GLY IA 223 -155.77 -108.24 35.78
C GLY IA 223 -155.19 -109.62 35.69
N GLU IA 224 -155.82 -110.42 34.82
CA GLU IA 224 -155.41 -111.79 34.55
C GLU IA 224 -155.34 -111.99 33.05
N MET IA 225 -154.46 -112.88 32.60
CA MET IA 225 -154.24 -113.13 31.18
C MET IA 225 -153.80 -114.56 30.96
N ASN IA 226 -154.29 -115.16 29.88
CA ASN IA 226 -153.91 -116.52 29.50
C ASN IA 226 -153.07 -116.45 28.22
N VAL IA 227 -152.04 -117.30 28.15
CA VAL IA 227 -151.16 -117.29 26.98
C VAL IA 227 -151.54 -118.33 25.94
N GLU IA 228 -152.76 -118.84 25.98
CA GLU IA 228 -153.15 -119.90 25.05
C GLU IA 228 -154.47 -119.62 24.34
N ASN IA 229 -155.34 -118.77 24.89
CA ASN IA 229 -156.62 -118.55 24.24
C ASN IA 229 -156.93 -117.07 24.07
N GLY IA 230 -156.15 -116.21 24.73
CA GLY IA 230 -156.44 -114.80 24.67
C GLY IA 230 -157.55 -114.34 25.59
N ASN IA 231 -158.14 -115.23 26.37
CA ASN IA 231 -159.14 -114.82 27.35
C ASN IA 231 -158.46 -114.17 28.54
N GLY IA 232 -158.92 -112.99 28.92
CA GLY IA 232 -158.34 -112.30 30.06
C GLY IA 232 -159.13 -111.05 30.38
N ASP IA 233 -158.92 -110.55 31.59
CA ASP IA 233 -159.61 -109.36 32.08
C ASP IA 233 -158.59 -108.37 32.62
N THR IA 234 -159.08 -107.18 32.94
CA THR IA 234 -158.34 -106.17 33.68
C THR IA 234 -159.34 -105.34 34.45
N SER IA 235 -159.03 -105.02 35.70
CA SER IA 235 -159.97 -104.38 36.59
C SER IA 235 -159.40 -103.07 37.12
N LEU IA 236 -160.28 -102.06 37.23
CA LEU IA 236 -159.93 -100.83 37.90
C LEU IA 236 -160.42 -100.88 39.34
N ARG IA 237 -159.50 -101.01 40.27
CA ARG IA 237 -159.86 -101.18 41.68
C ARG IA 237 -159.86 -99.88 42.46
N ALA IA 238 -158.91 -98.98 42.21
CA ALA IA 238 -158.86 -97.74 42.96
C ALA IA 238 -157.98 -96.73 42.23
N LEU IA 239 -158.45 -95.49 42.18
CA LEU IA 239 -157.69 -94.36 41.65
C LEU IA 239 -158.16 -93.10 42.34
N ARG IA 240 -157.37 -92.59 43.28
CA ARG IA 240 -157.78 -91.47 44.10
C ARG IA 240 -156.61 -90.51 44.26
N LEU IA 241 -156.92 -89.26 44.62
CA LEU IA 241 -155.89 -88.27 44.88
C LEU IA 241 -155.08 -88.66 46.10
N ALA IA 242 -153.76 -88.71 45.96
CA ALA IA 242 -152.90 -89.19 47.04
C ALA IA 242 -152.23 -88.06 47.81
N ARG IA 243 -151.44 -87.24 47.14
CA ARG IA 243 -150.63 -86.24 47.83
C ARG IA 243 -150.43 -85.05 46.92
N VAL IA 244 -150.27 -83.88 47.54
CA VAL IA 244 -149.96 -82.65 46.83
C VAL IA 244 -148.65 -82.11 47.37
N PHE IA 245 -147.66 -81.97 46.50
CA PHE IA 245 -146.34 -81.52 46.90
C PHE IA 245 -146.00 -80.22 46.19
N ASP IA 246 -145.33 -79.33 46.91
CA ASP IA 246 -144.69 -78.17 46.29
C ASP IA 246 -143.36 -78.59 45.69
N LYS IA 247 -142.81 -77.73 44.84
CA LYS IA 247 -141.56 -78.05 44.15
C LYS IA 247 -140.34 -77.80 45.03
N GLU IA 248 -140.37 -78.30 46.27
CA GLU IA 248 -139.26 -78.17 47.19
C GLU IA 248 -139.07 -79.42 48.03
N GLY IA 249 -139.80 -80.49 47.73
CA GLY IA 249 -139.70 -81.70 48.52
C GLY IA 249 -140.45 -81.64 49.84
N LYS IA 250 -141.48 -80.80 49.94
CA LYS IA 250 -142.26 -80.66 51.15
C LYS IA 250 -143.71 -80.99 50.87
N GLU IA 251 -144.38 -81.61 51.84
CA GLU IA 251 -145.78 -81.96 51.67
C GLU IA 251 -146.66 -80.83 52.16
N ILE IA 252 -147.73 -80.55 51.43
CA ILE IA 252 -148.76 -79.61 51.85
C ILE IA 252 -150.07 -80.37 51.96
N ALA IA 253 -150.80 -80.14 53.04
CA ALA IA 253 -152.01 -80.91 53.31
C ALA IA 253 -153.14 -80.47 52.38
N LEU IA 254 -154.18 -81.29 52.34
CA LEU IA 254 -155.38 -80.98 51.59
C LEU IA 254 -156.27 -79.97 52.28
N THR IA 255 -155.97 -79.61 53.53
CA THR IA 255 -156.74 -78.63 54.28
C THR IA 255 -156.18 -77.23 54.13
N ASP IA 256 -155.05 -77.06 53.46
CA ASP IA 256 -154.49 -75.74 53.18
C ASP IA 256 -155.45 -74.97 52.29
N SER IA 257 -155.48 -73.66 52.48
CA SER IA 257 -156.42 -72.83 51.72
C SER IA 257 -156.16 -72.93 50.22
N ARG IA 258 -154.89 -72.83 49.82
CA ARG IA 258 -154.57 -72.78 48.39
C ARG IA 258 -154.91 -74.09 47.70
N VAL IA 259 -154.45 -75.21 48.25
CA VAL IA 259 -154.69 -76.50 47.62
C VAL IA 259 -156.18 -76.82 47.63
N SER IA 260 -156.87 -76.50 48.74
CA SER IA 260 -158.31 -76.75 48.81
C SER IA 260 -159.06 -75.94 47.77
N ALA IA 261 -158.69 -74.67 47.60
CA ALA IA 261 -159.33 -73.86 46.58
C ALA IA 261 -159.07 -74.41 45.18
N ALA IA 262 -157.84 -74.86 44.92
CA ALA IA 262 -157.53 -75.38 43.60
C ALA IA 262 -158.23 -76.69 43.31
N LEU IA 263 -158.39 -77.56 44.31
CA LEU IA 263 -158.95 -78.89 44.10
C LEU IA 263 -160.44 -78.97 44.38
N SER IA 264 -161.12 -77.84 44.58
CA SER IA 264 -162.55 -77.87 44.85
C SER IA 264 -163.32 -78.45 43.68
N GLY IA 265 -163.91 -79.63 43.87
CA GLY IA 265 -164.70 -80.26 42.83
C GLY IA 265 -163.92 -81.08 41.82
N LEU IA 266 -162.61 -81.23 41.99
CA LEU IA 266 -161.82 -82.04 41.07
C LEU IA 266 -162.10 -83.52 41.34
N THR IA 267 -162.34 -84.28 40.26
CA THR IA 267 -162.58 -85.71 40.34
C THR IA 267 -161.70 -86.41 39.30
N VAL IA 268 -161.36 -87.66 39.58
CA VAL IA 268 -160.53 -88.45 38.69
C VAL IA 268 -161.23 -89.78 38.43
N THR IA 269 -161.36 -90.14 37.15
CA THR IA 269 -161.90 -91.43 36.76
C THR IA 269 -161.04 -92.01 35.64
N GLY IA 270 -160.82 -93.32 35.70
CA GLY IA 270 -160.11 -93.99 34.62
C GLY IA 270 -161.06 -94.35 33.50
N VAL IA 271 -160.53 -94.40 32.28
CA VAL IA 271 -161.33 -94.72 31.11
C VAL IA 271 -160.94 -96.06 30.51
N GLY IA 272 -159.71 -96.19 30.01
CA GLY IA 272 -159.31 -97.39 29.34
C GLY IA 272 -157.81 -97.51 29.27
N TYR IA 273 -157.36 -98.58 28.62
CA TYR IA 273 -155.93 -98.88 28.54
C TYR IA 273 -155.64 -99.56 27.22
N SER IA 274 -154.36 -99.86 27.01
CA SER IA 274 -153.90 -100.59 25.84
C SER IA 274 -152.84 -101.59 26.25
N LEU IA 275 -152.69 -102.64 25.44
CA LEU IA 275 -151.76 -103.72 25.71
C LEU IA 275 -150.74 -103.83 24.59
N GLU IA 276 -149.51 -104.17 24.94
CA GLU IA 276 -148.47 -104.48 23.97
C GLU IA 276 -148.19 -105.99 24.04
N ALA IA 277 -148.81 -106.74 23.13
CA ALA IA 277 -148.60 -108.17 23.07
C ALA IA 277 -148.07 -108.54 21.70
N ARG IA 278 -147.18 -109.52 21.67
CA ARG IA 278 -146.55 -109.97 20.43
C ARG IA 278 -146.95 -111.41 20.16
N LEU IA 279 -147.04 -111.75 18.88
CA LEU IA 279 -147.46 -113.08 18.48
C LEU IA 279 -146.24 -113.93 18.13
N THR IA 280 -145.91 -114.87 19.02
CA THR IA 280 -144.81 -115.81 18.78
C THR IA 280 -145.36 -116.98 17.99
N ASN IA 281 -145.08 -117.01 16.69
CA ASN IA 281 -145.64 -118.02 15.81
C ASN IA 281 -144.60 -119.10 15.57
N ILE IA 282 -145.02 -120.35 15.75
CA ILE IA 282 -144.16 -121.48 15.44
C ILE IA 282 -144.42 -121.96 14.01
N ASN IA 283 -145.65 -121.81 13.54
CA ASN IA 283 -145.95 -122.17 12.16
C ASN IA 283 -145.49 -121.10 11.18
N GLN IA 284 -145.30 -119.86 11.66
CA GLN IA 284 -144.86 -118.73 10.85
C GLN IA 284 -145.91 -118.30 9.82
N LEU IA 285 -146.38 -117.05 9.93
CA LEU IA 285 -147.25 -116.46 8.91
C LEU IA 285 -146.73 -115.05 8.65
N GLU IA 286 -145.42 -114.89 8.64
CA GLU IA 286 -144.79 -113.59 8.53
C GLU IA 286 -143.87 -113.55 7.33
N MET IA 287 -143.85 -112.42 6.63
CA MET IA 287 -143.07 -112.32 5.40
C MET IA 287 -141.76 -111.61 5.61
N GLY IA 288 -141.71 -110.64 6.52
CA GLY IA 288 -140.47 -110.00 6.90
C GLY IA 288 -139.88 -109.03 5.90
N LEU IA 289 -138.56 -109.03 5.76
CA LEU IA 289 -137.86 -108.04 4.96
C LEU IA 289 -137.10 -108.72 3.82
N LEU IA 290 -137.73 -108.79 2.66
CA LEU IA 290 -137.13 -109.40 1.49
C LEU IA 290 -135.87 -108.65 1.11
N ILE IA 291 -134.87 -109.39 0.63
CA ILE IA 291 -133.57 -108.84 0.28
C ILE IA 291 -133.13 -109.43 -1.06
N ASP IA 292 -132.98 -108.57 -2.06
CA ASP IA 292 -132.55 -108.97 -3.38
C ASP IA 292 -131.49 -107.98 -3.84
N SER IA 293 -130.66 -108.40 -4.80
CA SER IA 293 -129.60 -107.55 -5.31
C SER IA 293 -129.74 -107.41 -6.81
N ASP IA 294 -129.47 -106.20 -7.30
CA ASP IA 294 -129.56 -105.88 -8.72
C ASP IA 294 -128.20 -105.42 -9.22
N VAL IA 295 -128.10 -105.29 -10.53
CA VAL IA 295 -126.88 -104.82 -11.20
C VAL IA 295 -127.27 -103.78 -12.24
N GLN IA 296 -126.42 -102.77 -12.40
CA GLN IA 296 -126.61 -101.74 -13.41
C GLN IA 296 -125.33 -101.61 -14.24
N LYS IA 297 -125.48 -101.47 -15.56
CA LYS IA 297 -124.35 -101.34 -16.46
C LYS IA 297 -124.27 -99.93 -17.01
N GLN IA 298 -123.08 -99.34 -16.98
CA GLN IA 298 -122.83 -98.01 -17.51
C GLN IA 298 -121.70 -98.06 -18.52
N GLY IA 299 -121.86 -97.35 -19.63
CA GLY IA 299 -120.87 -97.35 -20.71
C GLY IA 299 -120.23 -95.99 -20.89
N PHE IA 300 -118.91 -95.98 -20.94
CA PHE IA 300 -118.12 -94.77 -21.06
C PHE IA 300 -117.12 -94.94 -22.20
N MET IA 301 -117.25 -94.15 -23.25
CA MET IA 301 -116.42 -94.27 -24.44
C MET IA 301 -115.77 -92.93 -24.79
N ILE IA 302 -114.67 -93.01 -25.52
CA ILE IA 302 -113.77 -91.88 -25.74
C ILE IA 302 -113.79 -91.50 -27.21
N PRO IA 303 -114.02 -90.24 -27.56
CA PRO IA 303 -114.01 -89.84 -28.98
C PRO IA 303 -112.65 -89.35 -29.46
N THR IA 304 -112.60 -88.86 -30.70
CA THR IA 304 -111.45 -88.16 -31.23
C THR IA 304 -111.70 -86.65 -31.26
N LEU IA 305 -110.70 -85.89 -31.70
CA LEU IA 305 -110.80 -84.44 -31.69
C LEU IA 305 -110.17 -83.82 -32.93
N PRO IA 306 -110.49 -82.57 -33.25
CA PRO IA 306 -109.83 -81.87 -34.36
C PRO IA 306 -108.32 -81.85 -34.18
N PRO IA 307 -107.56 -82.11 -35.24
CA PRO IA 307 -106.11 -82.28 -35.07
C PRO IA 307 -105.38 -80.95 -35.00
N LEU IA 308 -104.08 -81.03 -34.69
CA LEU IA 308 -103.18 -79.89 -34.67
C LEU IA 308 -102.17 -80.08 -35.78
N VAL IA 309 -101.94 -79.02 -36.57
CA VAL IA 309 -101.20 -79.13 -37.82
C VAL IA 309 -100.10 -78.07 -37.85
N ILE IA 310 -98.92 -78.49 -38.32
CA ILE IA 310 -97.82 -77.58 -38.64
C ILE IA 310 -97.49 -77.79 -40.12
N VAL IA 311 -96.97 -76.75 -40.76
CA VAL IA 311 -96.65 -76.80 -42.18
C VAL IA 311 -95.22 -76.34 -42.41
N LYS IA 312 -94.50 -77.06 -43.25
CA LYS IA 312 -93.17 -76.70 -43.72
C LYS IA 312 -93.02 -77.14 -45.17
N PRO IA 313 -92.44 -76.29 -46.01
CA PRO IA 313 -92.09 -76.73 -47.36
C PRO IA 313 -90.83 -77.56 -47.35
N ALA IA 314 -90.75 -78.60 -48.19
CA ALA IA 314 -89.63 -79.53 -48.09
C ALA IA 314 -88.79 -79.48 -49.37
N MET IA 315 -87.97 -78.44 -49.46
CA MET IA 315 -86.69 -78.46 -50.16
C MET IA 315 -85.62 -77.78 -49.31
N VAL IA 316 -86.03 -76.82 -48.45
CA VAL IA 316 -85.22 -76.29 -47.36
C VAL IA 316 -85.99 -76.47 -46.06
N GLU IA 317 -85.25 -76.75 -44.98
CA GLU IA 317 -85.83 -76.87 -43.65
C GLU IA 317 -85.56 -75.59 -42.87
N ASP IA 318 -86.47 -75.27 -41.95
CA ASP IA 318 -86.41 -74.03 -41.19
C ASP IA 318 -86.49 -74.34 -39.70
N ASP IA 319 -85.84 -73.50 -38.91
CA ASP IA 319 -86.04 -73.44 -37.47
C ASP IA 319 -86.38 -72.04 -36.97
N LYS IA 320 -85.92 -70.99 -37.64
CA LYS IA 320 -86.21 -69.62 -37.21
C LYS IA 320 -87.71 -69.32 -37.31
N THR IA 321 -88.41 -69.99 -38.23
CA THR IA 321 -89.86 -69.86 -38.32
C THR IA 321 -90.55 -71.15 -37.89
N TYR IA 322 -89.79 -72.18 -37.55
CA TYR IA 322 -90.34 -73.46 -37.12
C TYR IA 322 -90.11 -73.64 -35.64
N PRO IA 323 -91.12 -73.47 -34.81
CA PRO IA 323 -91.04 -74.04 -33.47
C PRO IA 323 -91.05 -75.55 -33.56
N ARG IA 324 -90.28 -76.24 -32.73
CA ARG IA 324 -90.22 -77.69 -32.80
C ARG IA 324 -91.52 -78.31 -32.31
N LEU IA 325 -91.52 -79.64 -32.24
CA LEU IA 325 -92.67 -80.40 -31.77
C LEU IA 325 -93.08 -79.95 -30.38
N GLU IA 326 -92.14 -79.39 -29.62
CA GLU IA 326 -92.46 -78.85 -28.30
C GLU IA 326 -93.62 -77.87 -28.37
N ALA IA 327 -93.70 -77.08 -29.44
CA ALA IA 327 -94.83 -76.18 -29.59
C ALA IA 327 -96.14 -76.94 -29.69
N LEU IA 328 -96.16 -78.02 -30.48
CA LEU IA 328 -97.37 -78.82 -30.61
C LEU IA 328 -97.76 -79.42 -29.27
N THR IA 329 -96.79 -79.95 -28.53
CA THR IA 329 -97.10 -80.54 -27.23
C THR IA 329 -97.61 -79.50 -26.26
N THR IA 330 -97.01 -78.30 -26.27
CA THR IA 330 -97.49 -77.24 -25.40
C THR IA 330 -98.91 -76.84 -25.75
N ALA IA 331 -99.21 -76.75 -27.04
CA ALA IA 331 -100.59 -76.44 -27.45
C ALA IA 331 -101.54 -77.53 -26.98
N TYR IA 332 -101.15 -78.78 -27.15
CA TYR IA 332 -101.99 -79.90 -26.73
C TYR IA 332 -102.28 -79.86 -25.24
N ARG IA 333 -101.25 -79.63 -24.43
CA ARG IA 333 -101.44 -79.60 -22.98
C ARG IA 333 -102.28 -78.41 -22.56
N ILE IA 334 -101.96 -77.22 -23.06
CA ILE IA 334 -102.71 -76.02 -22.66
C ILE IA 334 -104.15 -76.14 -23.14
N GLN IA 335 -104.38 -76.91 -24.20
CA GLN IA 335 -105.75 -77.23 -24.58
C GLN IA 335 -106.41 -78.12 -23.54
N GLN IA 336 -105.85 -79.31 -23.33
CA GLN IA 336 -106.59 -80.36 -22.64
C GLN IA 336 -106.61 -80.12 -21.13
N MET IA 337 -105.46 -79.97 -20.50
CA MET IA 337 -105.36 -80.11 -19.07
C MET IA 337 -105.87 -78.90 -18.31
N ARG IA 338 -106.07 -77.76 -18.97
CA ARG IA 338 -106.56 -76.60 -18.23
C ARG IA 338 -107.93 -76.14 -18.69
N ASN IA 339 -108.06 -75.76 -19.96
CA ASN IA 339 -109.29 -75.10 -20.41
C ASN IA 339 -110.47 -76.05 -20.38
N ASN IA 340 -110.30 -77.26 -20.91
CA ASN IA 340 -111.40 -78.21 -20.90
C ASN IA 340 -111.77 -78.61 -19.49
N ALA IA 341 -110.78 -78.75 -18.60
CA ALA IA 341 -111.09 -79.06 -17.21
C ALA IA 341 -111.92 -77.97 -16.57
N VAL IA 342 -111.55 -76.70 -16.79
CA VAL IA 342 -112.32 -75.59 -16.24
C VAL IA 342 -113.73 -75.60 -16.81
N THR IA 343 -113.85 -75.88 -18.12
CA THR IA 343 -115.16 -75.92 -18.76
C THR IA 343 -116.06 -76.96 -18.11
N THR IA 344 -115.54 -78.18 -17.97
CA THR IA 344 -116.33 -79.26 -17.38
C THR IA 344 -116.72 -78.93 -15.94
N LEU IA 345 -115.77 -78.41 -15.15
CA LEU IA 345 -116.08 -78.11 -13.76
C LEU IA 345 -117.16 -77.05 -13.65
N LEU IA 346 -117.09 -75.99 -14.45
CA LEU IA 346 -118.08 -74.93 -14.36
C LEU IA 346 -119.44 -75.40 -14.83
N ASN IA 347 -119.49 -76.16 -15.93
CA ASN IA 347 -120.78 -76.69 -16.37
C ASN IA 347 -121.36 -77.63 -15.33
N ARG IA 348 -120.51 -78.44 -14.68
CA ARG IA 348 -120.96 -79.32 -13.63
C ARG IA 348 -121.58 -78.53 -12.49
N ALA IA 349 -120.92 -77.44 -12.08
CA ALA IA 349 -121.46 -76.60 -11.02
C ALA IA 349 -122.82 -76.05 -11.40
N ASP IA 350 -122.94 -75.50 -12.60
CA ASP IA 350 -124.20 -74.91 -13.01
C ASP IA 350 -125.31 -75.95 -13.03
N THR IA 351 -125.03 -77.11 -13.61
CA THR IA 351 -126.06 -78.15 -13.69
C THR IA 351 -126.47 -78.60 -12.29
N LEU IA 352 -125.50 -78.83 -11.40
CA LEU IA 352 -125.83 -79.28 -10.06
C LEU IA 352 -126.72 -78.27 -9.36
N LYS IA 353 -126.35 -76.99 -9.39
CA LYS IA 353 -127.14 -75.98 -8.72
C LYS IA 353 -128.54 -75.91 -9.31
N SER IA 354 -128.65 -75.96 -10.63
CA SER IA 354 -129.96 -75.86 -11.27
C SER IA 354 -130.82 -77.06 -10.96
N TYR IA 355 -130.22 -78.24 -10.77
CA TYR IA 355 -131.00 -79.46 -10.78
C TYR IA 355 -131.34 -79.92 -9.37
N LEU IA 356 -130.41 -79.80 -8.42
CA LEU IA 356 -130.64 -80.30 -7.06
C LEU IA 356 -131.11 -79.23 -6.10
N GLY IA 357 -130.94 -77.95 -6.43
CA GLY IA 357 -131.27 -76.91 -5.49
C GLY IA 357 -130.19 -76.73 -4.45
N VAL IA 358 -130.48 -75.87 -3.48
CA VAL IA 358 -129.55 -75.54 -2.41
C VAL IA 358 -130.11 -76.05 -1.09
N GLY IA 359 -129.26 -76.70 -0.31
CA GLY IA 359 -129.65 -77.18 1.00
C GLY IA 359 -130.72 -78.24 1.02
N VAL IA 360 -130.76 -79.08 -0.02
CA VAL IA 360 -131.75 -80.15 -0.07
C VAL IA 360 -131.03 -81.47 -0.34
N PRO IA 361 -130.74 -82.27 0.68
CA PRO IA 361 -130.14 -83.58 0.45
C PRO IA 361 -131.17 -84.59 -0.06
N HIS IA 362 -131.08 -84.94 -1.34
CA HIS IA 362 -132.03 -85.87 -1.93
C HIS IA 362 -131.75 -87.27 -1.42
N PRO IA 363 -132.78 -88.10 -1.23
CA PRO IA 363 -132.55 -89.42 -0.63
C PRO IA 363 -131.75 -90.31 -1.57
N ILE IA 364 -131.13 -91.34 -0.97
CA ILE IA 364 -130.32 -92.28 -1.72
C ILE IA 364 -131.13 -92.91 -2.84
N GLU IA 365 -130.56 -92.93 -4.04
CA GLU IA 365 -131.21 -93.48 -5.23
C GLU IA 365 -132.52 -92.75 -5.53
N SER IA 366 -132.43 -91.46 -5.83
CA SER IA 366 -133.63 -90.69 -6.12
C SER IA 366 -133.39 -89.74 -7.30
N ASN IA 367 -132.29 -89.90 -8.00
CA ASN IA 367 -132.01 -89.07 -9.17
C ASN IA 367 -131.22 -89.89 -10.18
N LEU IA 368 -131.64 -89.83 -11.45
CA LEU IA 368 -131.02 -90.58 -12.53
C LEU IA 368 -130.66 -89.65 -13.67
N GLY IA 369 -130.61 -88.35 -13.40
CA GLY IA 369 -130.31 -87.38 -14.44
C GLY IA 369 -128.94 -86.76 -14.28
N LEU IA 370 -128.10 -87.35 -13.45
CA LEU IA 370 -126.74 -86.89 -13.24
C LEU IA 370 -125.76 -87.97 -13.61
N GLU IA 371 -124.78 -87.61 -14.44
CA GLU IA 371 -123.72 -88.53 -14.77
C GLU IA 371 -122.94 -88.90 -13.52
N GLY IA 372 -122.70 -90.18 -13.34
CA GLY IA 372 -121.91 -90.66 -12.22
C GLY IA 372 -122.56 -91.85 -11.52
N VAL IA 373 -121.72 -92.76 -11.06
CA VAL IA 373 -122.16 -93.88 -10.24
C VAL IA 373 -122.05 -93.59 -8.75
N GLY IA 374 -121.39 -92.49 -8.36
CA GLY IA 374 -121.39 -92.08 -6.97
C GLY IA 374 -122.77 -91.76 -6.45
N GLN IA 375 -123.71 -91.45 -7.34
CA GLN IA 375 -125.09 -91.26 -6.92
C GLN IA 375 -125.70 -92.53 -6.34
N TYR IA 376 -125.17 -93.70 -6.72
CA TYR IA 376 -125.60 -94.96 -6.14
C TYR IA 376 -125.14 -95.14 -4.71
N TYR IA 377 -124.24 -94.30 -4.21
CA TYR IA 377 -123.67 -94.49 -2.88
C TYR IA 377 -123.97 -93.39 -1.90
N VAL IA 378 -123.87 -92.11 -2.28
CA VAL IA 378 -123.98 -91.00 -1.35
C VAL IA 378 -125.13 -90.10 -1.77
N ARG IA 379 -125.71 -89.42 -0.79
CA ARG IA 379 -126.86 -88.59 -1.07
C ARG IA 379 -126.42 -87.34 -1.82
N PRO IA 380 -127.05 -87.03 -2.95
CA PRO IA 380 -126.71 -85.80 -3.69
C PRO IA 380 -126.95 -84.57 -2.83
N TYR IA 381 -126.08 -83.57 -2.99
CA TYR IA 381 -126.12 -82.38 -2.14
C TYR IA 381 -125.26 -81.30 -2.75
N TYR IA 382 -125.83 -80.11 -2.89
CA TYR IA 382 -125.10 -78.93 -3.37
C TYR IA 382 -125.47 -77.74 -2.51
N ASN IA 383 -124.46 -77.00 -2.06
CA ASN IA 383 -124.68 -75.83 -1.24
C ASN IA 383 -123.76 -74.71 -1.66
N GLU IA 384 -124.25 -73.48 -1.51
CA GLU IA 384 -123.53 -72.27 -1.89
C GLU IA 384 -123.61 -71.27 -0.75
N ALA IA 385 -122.53 -70.53 -0.54
CA ALA IA 385 -122.48 -69.50 0.49
C ALA IA 385 -121.62 -68.35 0.01
N THR IA 386 -121.89 -67.17 0.57
CA THR IA 386 -121.15 -65.95 0.25
C THR IA 386 -120.57 -65.38 1.53
N ILE IA 387 -119.33 -64.92 1.45
CA ILE IA 387 -118.65 -64.32 2.59
C ILE IA 387 -118.62 -62.81 2.37
N ASP IA 388 -119.51 -62.10 3.04
CA ASP IA 388 -119.58 -60.65 2.91
C ASP IA 388 -118.56 -60.07 3.88
N VAL IA 389 -117.35 -59.85 3.38
CA VAL IA 389 -116.22 -59.53 4.24
C VAL IA 389 -116.42 -58.18 4.93
N LEU IA 390 -117.00 -57.22 4.20
CA LEU IA 390 -117.15 -55.87 4.76
C LEU IA 390 -118.00 -55.86 6.02
N ASN IA 391 -119.05 -56.67 6.06
CA ASN IA 391 -119.98 -56.67 7.18
C ASN IA 391 -119.78 -57.86 8.12
N ASP IA 392 -118.65 -58.57 7.99
CA ASP IA 392 -118.41 -59.73 8.85
C ASP IA 392 -117.05 -59.76 9.52
N LEU IA 393 -116.03 -59.10 8.99
CA LEU IA 393 -114.74 -59.07 9.67
C LEU IA 393 -114.83 -58.14 10.88
N ASN IA 394 -114.06 -58.47 11.92
CA ASN IA 394 -114.07 -57.69 13.14
C ASN IA 394 -112.65 -57.48 13.65
N ASN IA 395 -112.14 -56.25 13.52
CA ASN IA 395 -110.77 -55.93 13.87
C ASN IA 395 -110.73 -54.95 15.03
N LEU IA 396 -109.80 -55.18 15.95
CA LEU IA 396 -109.44 -54.20 16.97
C LEU IA 396 -108.16 -53.46 16.62
N THR IA 397 -107.21 -54.14 15.99
CA THR IA 397 -105.91 -53.59 15.66
C THR IA 397 -105.74 -53.58 14.15
N SER IA 398 -105.34 -52.43 13.62
CA SER IA 398 -105.11 -52.28 12.19
C SER IA 398 -103.84 -52.96 11.73
N ALA IA 399 -103.19 -53.74 12.60
CA ALA IA 399 -102.02 -54.51 12.23
C ALA IA 399 -102.28 -56.01 12.24
N ALA IA 400 -103.43 -56.45 12.76
CA ALA IA 400 -103.81 -57.85 12.76
C ALA IA 400 -104.88 -58.16 11.73
N LYS IA 401 -105.08 -57.28 10.74
CA LYS IA 401 -106.16 -57.42 9.79
C LYS IA 401 -106.03 -58.71 8.98
N GLN IA 402 -104.83 -59.00 8.49
CA GLN IA 402 -104.65 -60.13 7.59
C GLN IA 402 -104.90 -61.46 8.30
N THR IA 403 -104.38 -61.61 9.52
CA THR IA 403 -104.59 -62.86 10.24
C THR IA 403 -106.07 -63.09 10.47
N ASP IA 404 -106.81 -62.05 10.85
CA ASP IA 404 -108.22 -62.21 11.15
C ASP IA 404 -109.01 -62.52 9.89
N ILE IA 405 -108.69 -61.84 8.78
CA ILE IA 405 -109.42 -62.11 7.54
C ILE IA 405 -109.16 -63.53 7.07
N GLN IA 406 -107.94 -64.03 7.30
CA GLN IA 406 -107.65 -65.43 7.03
C GLN IA 406 -108.48 -66.34 7.93
N GLY IA 407 -108.60 -65.97 9.20
CA GLY IA 407 -109.38 -66.76 10.13
C GLY IA 407 -110.83 -66.90 9.73
N LEU IA 408 -111.41 -65.80 9.22
CA LEU IA 408 -112.81 -65.86 8.81
C LEU IA 408 -113.02 -66.91 7.72
N ILE IA 409 -112.17 -66.89 6.70
CA ILE IA 409 -112.32 -67.83 5.59
C ILE IA 409 -112.09 -69.27 6.06
N VAL IA 410 -111.07 -69.48 6.88
CA VAL IA 410 -110.79 -70.85 7.31
C VAL IA 410 -111.93 -71.39 8.17
N SER IA 411 -112.49 -70.54 9.04
CA SER IA 411 -113.62 -70.97 9.84
C SER IA 411 -114.82 -71.31 8.97
N LYS IA 412 -115.11 -70.48 7.97
CA LYS IA 412 -116.26 -70.74 7.13
C LYS IA 412 -116.11 -72.03 6.35
N ILE IA 413 -114.93 -72.27 5.77
CA ILE IA 413 -114.76 -73.50 4.98
C ILE IA 413 -114.80 -74.72 5.90
N ASN IA 414 -114.27 -74.58 7.12
CA ASN IA 414 -114.38 -75.68 8.07
C ASN IA 414 -115.83 -76.00 8.37
N GLU IA 415 -116.64 -74.96 8.58
CA GLU IA 415 -118.05 -75.16 8.87
C GLU IA 415 -118.75 -75.87 7.72
N MET IA 416 -118.48 -75.44 6.49
CA MET IA 416 -119.09 -76.08 5.33
C MET IA 416 -118.70 -77.54 5.22
N VAL IA 417 -117.42 -77.87 5.41
CA VAL IA 417 -116.97 -79.24 5.29
C VAL IA 417 -117.63 -80.11 6.35
N TYR IA 418 -117.72 -79.61 7.59
CA TYR IA 418 -118.36 -80.39 8.63
C TYR IA 418 -119.83 -80.64 8.32
N THR IA 419 -120.53 -79.62 7.83
CA THR IA 419 -121.94 -79.83 7.49
C THR IA 419 -122.09 -80.87 6.38
N ALA IA 420 -121.23 -80.80 5.37
CA ALA IA 420 -121.31 -81.76 4.27
C ALA IA 420 -121.09 -83.18 4.78
N ASP IA 421 -120.09 -83.38 5.64
CA ASP IA 421 -119.85 -84.71 6.19
C ASP IA 421 -121.03 -85.18 7.03
N GLN IA 422 -121.60 -84.29 7.83
CA GLN IA 422 -122.76 -84.67 8.64
C GLN IA 422 -123.92 -85.13 7.77
N LEU IA 423 -124.25 -84.34 6.75
CA LEU IA 423 -125.51 -84.55 6.06
C LEU IA 423 -125.43 -85.61 4.97
N THR IA 424 -124.32 -85.66 4.24
CA THR IA 424 -124.22 -86.56 3.10
C THR IA 424 -123.91 -88.00 3.47
N GLY IA 425 -123.29 -88.24 4.62
CA GLY IA 425 -122.87 -89.57 4.98
C GLY IA 425 -121.76 -90.12 4.12
N TYR IA 426 -120.78 -89.29 3.78
CA TYR IA 426 -119.66 -89.74 2.96
C TYR IA 426 -118.80 -90.75 3.72
N THR IA 427 -118.38 -90.41 4.93
CA THR IA 427 -117.51 -91.29 5.70
C THR IA 427 -118.18 -92.64 5.94
N ALA IA 428 -119.51 -92.63 6.10
CA ALA IA 428 -120.25 -93.87 6.28
C ALA IA 428 -120.12 -94.77 5.05
N ALA IA 429 -120.18 -94.17 3.86
CA ALA IA 429 -119.92 -94.95 2.66
C ALA IA 429 -118.49 -95.46 2.64
N LEU IA 430 -117.55 -94.63 3.12
CA LEU IA 430 -116.15 -95.03 3.05
C LEU IA 430 -115.82 -96.26 3.87
N GLU IA 431 -116.23 -96.31 5.15
CA GLU IA 431 -115.66 -97.38 5.98
C GLU IA 431 -116.06 -98.74 5.43
N ALA IA 432 -117.21 -98.81 4.77
CA ALA IA 432 -117.67 -100.06 4.17
C ALA IA 432 -117.16 -100.24 2.75
N ALA IA 433 -116.89 -99.13 2.05
CA ALA IA 433 -116.39 -99.23 0.68
C ALA IA 433 -115.02 -99.88 0.62
N PHE IA 434 -114.31 -99.93 1.74
CA PHE IA 434 -113.03 -100.59 1.85
C PHE IA 434 -113.01 -101.40 3.14
N SER IA 435 -111.88 -102.06 3.37
CA SER IA 435 -111.67 -102.83 4.59
C SER IA 435 -110.29 -102.51 5.14
N GLY IA 436 -110.14 -102.62 6.46
CA GLY IA 436 -108.87 -102.35 7.07
C GLY IA 436 -108.70 -100.89 7.43
N ARG IA 437 -107.74 -100.21 6.81
CA ARG IA 437 -107.54 -98.80 7.05
C ARG IA 437 -108.73 -98.01 6.55
N SER IA 438 -109.14 -97.01 7.33
CA SER IA 438 -110.25 -96.18 6.90
C SER IA 438 -109.72 -94.86 6.40
N PRO IA 439 -109.65 -94.65 5.09
CA PRO IA 439 -109.11 -93.39 4.58
C PRO IA 439 -110.02 -92.22 4.92
N LYS IA 440 -109.44 -91.22 5.56
CA LYS IA 440 -110.21 -90.04 5.94
C LYS IA 440 -110.59 -89.25 4.70
N PRO IA 441 -111.70 -88.52 4.75
CA PRO IA 441 -112.07 -87.70 3.59
C PRO IA 441 -111.04 -86.63 3.28
N HIS IA 442 -110.89 -86.31 2.00
CA HIS IA 442 -110.01 -85.24 1.55
C HIS IA 442 -110.84 -84.10 1.01
N VAL IA 443 -110.41 -82.87 1.27
CA VAL IA 443 -111.03 -81.70 0.66
C VAL IA 443 -110.03 -81.06 -0.30
N ALA IA 444 -110.37 -81.06 -1.58
CA ALA IA 444 -109.52 -80.46 -2.59
C ALA IA 444 -110.02 -79.05 -2.89
N ILE IA 445 -109.29 -78.05 -2.41
CA ILE IA 445 -109.71 -76.66 -2.52
C ILE IA 445 -109.00 -76.06 -3.72
N GLY IA 446 -109.77 -75.82 -4.78
CA GLY IA 446 -109.26 -75.17 -5.98
C GLY IA 446 -109.78 -73.76 -6.07
N THR IA 447 -108.94 -72.87 -6.58
CA THR IA 447 -109.29 -71.45 -6.67
C THR IA 447 -108.33 -70.77 -7.62
N ASP IA 448 -108.44 -69.45 -7.70
CA ASP IA 448 -107.54 -68.65 -8.52
C ASP IA 448 -106.24 -68.41 -7.77
N MET IA 449 -105.39 -67.50 -8.27
CA MET IA 449 -104.07 -67.32 -7.67
C MET IA 449 -104.03 -66.20 -6.64
N ARG IA 450 -105.18 -65.58 -6.34
CA ARG IA 450 -105.21 -64.44 -5.44
C ARG IA 450 -105.56 -64.80 -4.01
N LEU IA 451 -106.67 -65.49 -3.79
CA LEU IA 451 -107.11 -65.91 -2.47
C LEU IA 451 -106.13 -66.82 -1.74
N PRO IA 452 -105.35 -67.70 -2.42
CA PRO IA 452 -104.40 -68.55 -1.68
C PRO IA 452 -103.38 -67.79 -0.86
N GLN IA 453 -103.38 -66.46 -0.97
CA GLN IA 453 -102.55 -65.63 -0.12
C GLN IA 453 -103.26 -65.23 1.16
N TYR IA 454 -104.43 -65.79 1.42
CA TYR IA 454 -105.14 -65.51 2.65
C TYR IA 454 -105.59 -66.83 3.29
N ILE IA 455 -105.10 -67.94 2.75
CA ILE IA 455 -105.40 -69.26 3.30
C ILE IA 455 -104.11 -70.00 3.59
N GLN IA 456 -103.17 -69.97 2.64
CA GLN IA 456 -102.00 -70.83 2.71
C GLN IA 456 -101.11 -70.50 3.90
N ILE IA 457 -100.87 -69.20 4.15
CA ILE IA 457 -99.98 -68.82 5.24
C ILE IA 457 -100.56 -69.26 6.56
N ASN IA 458 -99.69 -69.68 7.47
CA ASN IA 458 -100.12 -70.14 8.79
C ASN IA 458 -100.34 -68.97 9.73
N GLY IA 459 -100.82 -69.27 10.93
CA GLY IA 459 -101.09 -68.25 11.93
C GLY IA 459 -102.39 -68.53 12.66
N ASP IA 460 -103.33 -69.17 11.97
CA ASP IA 460 -104.57 -69.60 12.58
C ASP IA 460 -104.37 -70.92 13.31
N ASP IA 461 -105.40 -71.32 14.04
CA ASP IA 461 -105.42 -72.61 14.72
C ASP IA 461 -106.12 -73.69 13.90
N ARG IA 462 -106.51 -73.39 12.67
CA ARG IA 462 -107.23 -74.33 11.83
C ARG IA 462 -106.54 -74.40 10.48
N THR IA 463 -106.77 -75.49 9.75
CA THR IA 463 -106.24 -75.56 8.40
C THR IA 463 -107.36 -75.58 7.37
N VAL IA 464 -108.18 -76.63 7.40
CA VAL IA 464 -109.43 -76.68 6.66
C VAL IA 464 -110.46 -77.30 7.59
N GLY IA 465 -109.98 -77.88 8.69
CA GLY IA 465 -110.79 -78.72 9.53
C GLY IA 465 -109.95 -79.81 10.16
N ILE IA 466 -110.34 -80.23 11.36
CA ILE IA 466 -109.53 -81.14 12.16
C ILE IA 466 -109.50 -82.51 11.50
N GLY IA 467 -108.31 -82.98 11.13
CA GLY IA 467 -108.15 -84.30 10.59
C GLY IA 467 -108.56 -84.46 9.15
N TYR IA 468 -108.40 -83.41 8.34
CA TYR IA 468 -108.68 -83.50 6.92
C TYR IA 468 -107.47 -83.06 6.13
N ASP IA 469 -107.10 -83.87 5.16
CA ASP IA 469 -105.97 -83.56 4.29
C ASP IA 469 -106.47 -82.86 3.03
N TYR IA 470 -105.68 -81.91 2.55
CA TYR IA 470 -106.15 -81.01 1.51
C TYR IA 470 -104.99 -80.65 0.59
N THR IA 471 -105.33 -80.25 -0.63
CA THR IA 471 -104.35 -79.75 -1.58
C THR IA 471 -104.84 -78.42 -2.13
N ILE IA 472 -104.01 -77.40 -2.04
CA ILE IA 472 -104.35 -76.07 -2.55
C ILE IA 472 -103.90 -75.99 -4.01
N ALA IA 473 -104.85 -75.72 -4.89
CA ALA IA 473 -104.61 -75.69 -6.33
C ALA IA 473 -104.92 -74.29 -6.87
N ARG IA 474 -104.06 -73.81 -7.75
CA ARG IA 474 -104.15 -72.46 -8.27
C ARG IA 474 -104.32 -72.49 -9.78
N ILE IA 475 -105.13 -71.55 -10.28
CA ILE IA 475 -105.45 -71.50 -11.71
C ILE IA 475 -105.30 -70.07 -12.18
N SER IA 476 -104.62 -69.89 -13.31
CA SER IA 476 -104.41 -68.55 -13.87
C SER IA 476 -105.58 -68.08 -14.70
N ASP IA 477 -106.60 -68.92 -14.90
CA ASP IA 477 -107.71 -68.53 -15.75
C ASP IA 477 -108.57 -67.46 -15.08
N LEU IA 478 -109.31 -66.72 -15.91
CA LEU IA 478 -110.17 -65.66 -15.44
C LEU IA 478 -111.63 -66.11 -15.29
N ARG IA 479 -111.88 -67.40 -15.43
CA ARG IA 479 -113.18 -67.97 -15.07
C ARG IA 479 -113.30 -68.20 -13.57
N MET IA 480 -112.19 -68.22 -12.86
CA MET IA 480 -112.17 -68.51 -11.43
C MET IA 480 -112.01 -67.26 -10.58
N LYS IA 481 -112.52 -66.12 -11.05
CA LYS IA 481 -112.48 -64.89 -10.26
C LYS IA 481 -113.30 -65.06 -9.00
N ASP IA 482 -112.62 -65.14 -7.87
CA ASP IA 482 -113.21 -65.08 -6.54
C ASP IA 482 -114.20 -66.20 -6.25
N LYS IA 483 -113.93 -67.42 -6.72
CA LYS IA 483 -114.74 -68.58 -6.39
C LYS IA 483 -113.88 -69.62 -5.69
N ILE IA 484 -114.38 -70.13 -4.58
CA ILE IA 484 -113.70 -71.17 -3.82
C ILE IA 484 -114.52 -72.45 -3.94
N VAL IA 485 -113.94 -73.45 -4.58
CA VAL IA 485 -114.62 -74.72 -4.83
C VAL IA 485 -113.87 -75.83 -4.10
N MET IA 486 -114.60 -76.66 -3.37
CA MET IA 486 -114.01 -77.82 -2.71
C MET IA 486 -114.91 -79.02 -2.91
N THR IA 487 -114.31 -80.21 -2.81
CA THR IA 487 -115.02 -81.46 -2.98
C THR IA 487 -114.19 -82.58 -2.34
N PHE IA 488 -114.64 -83.80 -2.53
CA PHE IA 488 -113.97 -84.97 -1.98
C PHE IA 488 -113.36 -85.81 -3.10
N ILE IA 489 -112.12 -86.24 -2.90
CA ILE IA 489 -111.43 -87.12 -3.84
C ILE IA 489 -110.72 -88.20 -3.06
N LEU IA 490 -110.25 -89.22 -3.80
CA LEU IA 490 -109.47 -90.31 -3.25
C LEU IA 490 -108.12 -90.33 -3.94
N PRO IA 491 -107.06 -89.78 -3.35
CA PRO IA 491 -105.79 -89.61 -4.06
C PRO IA 491 -104.91 -90.85 -4.13
N ASN IA 492 -105.37 -91.99 -3.61
CA ASN IA 492 -104.54 -93.18 -3.56
C ASN IA 492 -104.99 -94.27 -4.53
N GLU IA 493 -106.12 -94.10 -5.19
CA GLU IA 493 -106.64 -95.10 -6.12
C GLU IA 493 -106.14 -94.80 -7.52
N SER IA 494 -106.05 -95.85 -8.34
CA SER IA 494 -105.53 -95.72 -9.69
C SER IA 494 -106.54 -96.18 -10.73
N GLU IA 495 -107.53 -96.94 -10.30
CA GLU IA 495 -108.56 -97.41 -11.21
C GLU IA 495 -109.85 -96.64 -10.94
N PRO IA 496 -110.60 -96.29 -11.97
CA PRO IA 496 -111.84 -95.53 -11.76
C PRO IA 496 -112.75 -96.13 -10.71
N HIS IA 497 -112.88 -95.46 -9.59
CA HIS IA 497 -113.61 -95.97 -8.46
C HIS IA 497 -114.93 -95.21 -8.31
N PRO IA 498 -116.01 -95.89 -7.94
CA PRO IA 498 -117.31 -95.23 -7.84
C PRO IA 498 -117.36 -94.07 -6.86
N LEU IA 499 -116.29 -93.77 -6.14
CA LEU IA 499 -116.25 -92.62 -5.24
C LEU IA 499 -115.38 -91.50 -5.77
N GLN IA 500 -114.69 -91.71 -6.89
CA GLN IA 500 -113.86 -90.65 -7.46
C GLN IA 500 -114.73 -89.51 -7.95
N HIS IA 501 -114.17 -88.31 -7.90
CA HIS IA 501 -114.88 -87.16 -8.41
C HIS IA 501 -114.89 -87.12 -9.94
N GLY IA 502 -113.90 -87.70 -10.59
CA GLY IA 502 -113.88 -87.72 -12.04
C GLY IA 502 -112.62 -88.39 -12.54
N VAL IA 503 -112.77 -89.12 -13.65
CA VAL IA 503 -111.67 -89.87 -14.22
C VAL IA 503 -111.41 -89.38 -15.64
N LEU IA 504 -110.14 -89.26 -15.99
CA LEU IA 504 -109.71 -88.87 -17.33
C LEU IA 504 -109.72 -90.09 -18.24
N GLY IA 505 -110.76 -90.23 -19.04
CA GLY IA 505 -110.71 -91.15 -20.16
C GLY IA 505 -109.62 -90.69 -21.11
N PHE IA 506 -108.51 -91.41 -21.15
CA PHE IA 506 -107.32 -90.93 -21.83
C PHE IA 506 -106.79 -92.00 -22.76
N ILE IA 507 -106.76 -91.70 -24.05
CA ILE IA 507 -106.17 -92.56 -25.07
C ILE IA 507 -104.94 -91.88 -25.62
N PRO IA 508 -103.72 -92.37 -25.32
CA PRO IA 508 -102.52 -91.73 -25.88
C PRO IA 508 -102.49 -91.89 -27.38
N GLU IA 509 -101.94 -90.91 -28.07
CA GLU IA 509 -101.86 -90.93 -29.52
C GLU IA 509 -100.49 -90.45 -29.96
N TYR IA 510 -100.00 -91.01 -31.07
CA TYR IA 510 -98.67 -90.69 -31.58
C TYR IA 510 -98.78 -89.88 -32.87
N LEU IA 511 -97.97 -88.84 -32.96
CA LEU IA 511 -98.01 -87.91 -34.09
C LEU IA 511 -97.58 -88.62 -35.37
N VAL IA 512 -98.06 -88.11 -36.51
CA VAL IA 512 -97.77 -88.66 -37.82
C VAL IA 512 -97.16 -87.56 -38.69
N ASP IA 513 -96.20 -87.93 -39.53
CA ASP IA 513 -95.50 -87.00 -40.41
C ASP IA 513 -95.34 -87.64 -41.78
N PHE IA 514 -95.64 -86.86 -42.83
CA PHE IA 514 -95.50 -87.35 -44.20
C PHE IA 514 -95.70 -86.21 -45.17
N ASN IA 515 -95.00 -86.29 -46.30
CA ASN IA 515 -95.17 -85.33 -47.38
C ASN IA 515 -96.56 -85.49 -47.99
N MET IA 516 -97.32 -84.41 -48.05
CA MET IA 516 -98.68 -84.44 -48.54
C MET IA 516 -98.88 -83.30 -49.52
N ILE IA 517 -99.59 -83.56 -50.60
CA ILE IA 517 -99.73 -82.62 -51.70
C ILE IA 517 -101.22 -82.31 -51.87
N ARG IA 518 -101.70 -81.27 -51.22
CA ARG IA 518 -103.08 -80.83 -51.33
C ARG IA 518 -103.11 -79.65 -52.28
N ASN IA 519 -103.82 -79.79 -53.39
CA ASN IA 519 -103.89 -78.82 -54.47
C ASN IA 519 -102.51 -78.46 -55.01
N GLN IA 520 -101.66 -79.47 -55.24
CA GLN IA 520 -100.37 -79.31 -55.91
C GLN IA 520 -99.44 -78.34 -55.23
N ARG IA 521 -99.30 -78.42 -53.91
CA ARG IA 521 -98.30 -77.67 -53.17
C ARG IA 521 -97.57 -78.59 -52.21
N ILE IA 522 -96.39 -79.06 -52.62
CA ILE IA 522 -95.64 -80.03 -51.84
C ILE IA 522 -95.19 -79.38 -50.54
N GLY IA 523 -95.65 -79.95 -49.43
CA GLY IA 523 -95.15 -79.58 -48.12
C GLY IA 523 -95.27 -80.77 -47.18
N ARG IA 524 -94.33 -80.83 -46.23
CA ARG IA 524 -94.41 -81.84 -45.20
C ARG IA 524 -95.20 -81.27 -44.02
N GLU IA 525 -96.05 -82.10 -43.44
CA GLU IA 525 -96.91 -81.68 -42.34
C GLU IA 525 -96.78 -82.66 -41.20
N ILE IA 526 -96.99 -82.17 -39.99
CA ILE IA 526 -97.02 -83.00 -38.79
C ILE IA 526 -98.39 -82.83 -38.16
N ARG IA 527 -99.04 -83.94 -37.86
CA ARG IA 527 -100.40 -83.94 -37.35
C ARG IA 527 -100.43 -84.62 -35.99
N LEU IA 528 -101.19 -84.03 -35.07
CA LEU IA 528 -101.32 -84.57 -33.72
C LEU IA 528 -102.80 -84.70 -33.40
N THR IA 529 -103.29 -85.93 -33.39
CA THR IA 529 -104.70 -86.21 -33.14
C THR IA 529 -104.90 -86.50 -31.66
N PRO IA 530 -105.67 -85.68 -30.95
CA PRO IA 530 -105.89 -85.95 -29.53
C PRO IA 530 -107.18 -86.72 -29.28
N ARG IA 531 -107.15 -87.66 -28.33
CA ARG IA 531 -108.35 -88.36 -27.88
C ARG IA 531 -108.38 -88.35 -26.36
N TYR IA 532 -109.39 -87.74 -25.78
CA TYR IA 532 -109.59 -87.75 -24.33
C TYR IA 532 -111.01 -87.33 -24.03
N ARG IA 533 -111.39 -87.46 -22.77
CA ARG IA 533 -112.73 -87.10 -22.34
C ARG IA 533 -112.75 -86.90 -20.84
N TYR IA 534 -113.64 -86.02 -20.38
CA TYR IA 534 -113.86 -85.81 -18.95
C TYR IA 534 -115.14 -86.48 -18.51
N PHE IA 535 -115.05 -87.38 -17.54
CA PHE IA 535 -116.22 -88.00 -16.94
C PHE IA 535 -116.28 -87.58 -15.47
N ASN IA 536 -117.50 -87.43 -14.97
CA ASN IA 536 -117.73 -86.94 -13.62
C ASN IA 536 -118.57 -87.94 -12.83
N PHE IA 537 -118.22 -88.15 -11.58
CA PHE IA 537 -119.01 -88.93 -10.64
C PHE IA 537 -119.26 -88.10 -9.39
N LEU IA 538 -119.77 -88.77 -8.36
CA LEU IA 538 -119.88 -88.21 -7.02
C LEU IA 538 -120.64 -86.89 -7.01
N PRO IA 539 -121.95 -86.91 -7.15
CA PRO IA 539 -122.69 -85.64 -7.23
C PRO IA 539 -122.74 -84.90 -5.90
N ILE IA 540 -121.59 -84.44 -5.43
CA ILE IA 540 -121.49 -83.59 -4.26
C ILE IA 540 -120.39 -82.56 -4.51
N MET IA 541 -120.63 -81.33 -4.08
CA MET IA 541 -119.68 -80.25 -4.31
C MET IA 541 -120.13 -79.00 -3.58
N LEU IA 542 -119.19 -78.24 -3.05
CA LEU IA 542 -119.46 -77.03 -2.30
C LEU IA 542 -118.82 -75.85 -3.01
N VAL IA 543 -119.55 -74.75 -3.15
CA VAL IA 543 -119.08 -73.56 -3.84
C VAL IA 543 -119.15 -72.38 -2.89
N ILE IA 544 -118.05 -71.65 -2.77
CA ILE IA 544 -117.94 -70.51 -1.86
C ILE IA 544 -117.46 -69.30 -2.66
N ASN IA 545 -118.13 -68.17 -2.49
CA ASN IA 545 -117.77 -66.94 -3.18
C ASN IA 545 -117.30 -65.89 -2.18
N VAL IA 546 -116.09 -65.38 -2.39
CA VAL IA 546 -115.51 -64.33 -1.56
C VAL IA 546 -115.65 -63.01 -2.31
N ILE IA 547 -116.32 -62.05 -1.69
CA ILE IA 547 -116.64 -60.77 -2.33
C ILE IA 547 -116.26 -59.64 -1.39
N ASN IA 548 -116.01 -58.46 -1.98
CA ASN IA 548 -115.77 -57.19 -1.28
C ASN IA 548 -114.42 -57.14 -0.58
N LEU IA 549 -113.51 -58.07 -0.88
CA LEU IA 549 -112.23 -58.11 -0.17
C LEU IA 549 -111.43 -56.83 -0.43
N GLU IA 550 -111.43 -56.36 -1.67
CA GLU IA 550 -110.69 -55.15 -2.01
C GLU IA 550 -111.17 -53.97 -1.17
N GLU IA 551 -112.48 -53.79 -1.10
CA GLU IA 551 -113.04 -52.65 -0.38
C GLU IA 551 -112.81 -52.78 1.12
N ALA IA 552 -112.71 -54.00 1.62
CA ALA IA 552 -112.64 -54.20 3.06
C ALA IA 552 -111.31 -53.76 3.66
N ILE IA 553 -110.23 -53.83 2.89
CA ILE IA 553 -108.93 -53.48 3.48
C ILE IA 553 -108.73 -51.98 3.61
N ALA IA 554 -108.87 -51.23 2.52
CA ALA IA 554 -108.69 -49.79 2.58
C ALA IA 554 -109.74 -49.11 3.45
N GLN IA 555 -111.00 -49.50 3.30
CA GLN IA 555 -112.07 -49.02 4.15
C GLN IA 555 -111.97 -49.70 5.51
N ARG IA 556 -112.28 -48.94 6.55
CA ARG IA 556 -112.12 -49.43 7.92
C ARG IA 556 -113.26 -50.36 8.30
N THR IA 557 -112.95 -51.64 8.47
CA THR IA 557 -113.88 -52.61 9.01
C THR IA 557 -113.64 -52.69 10.52
N ALA IA 558 -114.27 -51.81 11.28
CA ALA IA 558 -114.02 -51.70 12.70
C ALA IA 558 -115.09 -52.48 13.47
N LEU IA 559 -114.88 -52.58 14.79
CA LEU IA 559 -115.75 -53.37 15.65
C LEU IA 559 -117.19 -52.89 15.62
N ASP IA 560 -118.07 -53.69 15.05
CA ASP IA 560 -119.50 -53.37 15.02
C ASP IA 560 -120.00 -53.56 16.45
N VAL IA 561 -119.68 -52.60 17.30
CA VAL IA 561 -119.96 -52.67 18.73
C VAL IA 561 -121.47 -52.57 18.92
N ASN IA 562 -122.10 -53.70 19.20
CA ASN IA 562 -123.54 -53.74 19.27
C ASN IA 562 -124.02 -53.41 20.69
N GLU IA 563 -124.28 -52.13 20.92
CA GLU IA 563 -124.71 -51.63 22.22
C GLU IA 563 -126.08 -52.22 22.61
N THR IA 564 -126.10 -53.12 23.59
CA THR IA 564 -127.28 -53.95 23.81
C THR IA 564 -128.17 -53.37 24.89
N GLN IA 565 -128.94 -52.34 24.52
CA GLN IA 565 -130.23 -51.98 25.12
C GLN IA 565 -130.30 -52.20 26.62
N VAL IA 566 -129.29 -51.71 27.34
CA VAL IA 566 -129.46 -51.56 28.78
C VAL IA 566 -129.12 -50.14 29.18
N THR IA 567 -130.11 -49.27 29.11
CA THR IA 567 -130.90 -48.06 29.17
C THR IA 567 -132.36 -48.43 29.04
N PRO IA 568 -133.33 -47.64 29.52
CA PRO IA 568 -134.72 -48.06 29.29
C PRO IA 568 -135.03 -48.02 27.81
N ALA IA 569 -134.85 -49.19 27.17
CA ALA IA 569 -135.17 -49.45 25.78
C ALA IA 569 -135.62 -50.90 25.66
N SER IA 570 -136.27 -51.40 26.71
CA SER IA 570 -136.47 -52.83 26.96
C SER IA 570 -135.13 -53.49 27.29
#